data_9OL5
#
_entry.id   9OL5
#
loop_
_entity.id
_entity.type
_entity.pdbx_description
1 polymer 'Ryanodine receptor 1'
2 polymer 'Peptidyl-prolyl cis-trans isomerase FKBP1B'
3 non-polymer 'CALCIUM ION'
4 non-polymer '7-[2-(4-FLUORO-PHENYL)-5-ISOPROPYL-3-PHENYL-4-PHENYLCARBAMOYL-PYRROL-1-YL]- 3,5-DIHYDROXY-HEPTANOIC ACID'
5 non-polymer 'ZINC ION'
#
loop_
_entity_poly.entity_id
_entity_poly.type
_entity_poly.pdbx_seq_one_letter_code
_entity_poly.pdbx_strand_id
1 'polypeptide(L)'
;MGDGGEGEDEVQFLRTDDEVVLQCSATVLKEQLKLCLAAEGFGNRLCFLEPTSNAQNVPPDLAICCFTLEQSLSVRALQE
MLANTVEAGVESSQGGGHRTLLYGHAILLRHAHSRMYLSCLTTSRSMTDKLAFDVGLQEDATGEACWWTMHPASKQRSEG
EKVRVGDDLILVSVSSERYLHLSTASGELQVDASFMQTLWNMNPICSCCEEGYVTGGHVLRLFHGHMDECLTISAADSDD
QRRLVYYEGGAVCTHARSLWRLEPLRISWSGSHLRWGQPLRIRHVTTGRYLALTEDQGLVVVDACKAHTKATSFCFRVSK
EKLDTAPKRDVEGMGPPEIKYGESLCFVQHVASGLWLTYAAPDPKALRLGVLKKKAILHQEGHMDDALFLTRCQQEESQA
ARMIHSTAGLYNQFIKGLDSFSGKPRGSGPPAGPALPIEAVILSLQDLIGYFEPPSEELQHEEKQSKLRSLRNRQSLFQE
EGMLSLVLNCIDRLNVYTTAAHFAEYAGEEAAESWKEIVNLLYELLASLIRGNRANCALFSTNLDWVVSKLDRLEASSGI
LEVLYCVLIESPEVLNIIQENHIKSIISLLDKHGRNHKVLDVLCSLCVCNGVAVRSNQDLITENLLPGRELLLQTNLINY
VTSIRPNIFVGRAEGSTQYGKWYFEVMVDEVVPFLTAQATHLRVGWALTEGYSPYPGGGEGWGGNGVGDDLYSYGFDGLH
LWTGHVARPVTSPGQHLLAPEDVVSCCLDLSVPSISFRINGCPVQGVFEAFNLDGLFFPVVSFSAGVKVRFLLGGRHGEF
KFLPPPGYAPCHEAVLPRERLRLEPIKEYRREGPRGPHLVGPSRCLSHTDFVPCPVDTVQIVLPPHLERIREKLAENIHE
LWALTRIEQGWTYGPVRDDNKRLHPCLVNFHSLPEPERNYNLQMSGETLKTLLALGCHVGMADEKAEDNLKKTKLPKTYM
MSNGYKPAPLDLSHVRLTPAQTTLVDRLAENGHNVWARDRVAQGWSYSAVQDIPARRNPRLVPYRLLDEATKRSNRDSLC
QAVRTLLGYGYNIEPPDQEPSQVENQSRWDRVRIFRAEKSYTVQSGRWYFEFEAVTTGEMRVGWARPELRPDVELGADEL
AYVFNGHRGQRWHLGSEPFGRPWQSGDVVGCMIDLTENTIIFTLNGEVLMSDSGSETAFREIEIGDGFLPVCSLGPGQVG
HLNLGQDVSSLRFFAICGLQEGFEPFAINMQRPVTTWFSKSLPQFEPVPPEHPHYEVARMDGTVDTPPCLRLAHRTWGSQ
NSLVEMLFLRLSLPVQFHQHFRCTAGATPLAPPGLQPPAEDEARAAEPDPDYENLRRSAGGWGEAEGGKEGTAKEGTPGG
TPQPGVEAQPVRAENEKDATTEKNKKRGFLFKAKKAAMMTQPPATPALPRLPHDVVPADNRDDPEIILNTTTYYYSVRVF
AGQEPSCVWVGWVTPDYHQHDMNFDLSKVRAVTVTMGDEQGNVHSSLKCSNCYMVWGGDFVSPGQQGRISHTDLVIGCLV
DLATGLMTFTANGKESNTFFQVEPNTKLFPAVFVLPTHQNVIQFELGKQKNIMPLSAAMFLSERKNPAPQCPPRLEVQML
MPVSWSRMPNHFLQVETRRAGERLGWAVQCQDPLTMMALHIPEENRCMDILELSERLDLQRFHSHTLRLYRAVCALGNNR
VAHALCSHVDQAQLLHALEDAHLPGPLRAGYYDLLISIHLESACRSRRSMLSEYIVPLTPETRAITLFPPGRKGGNARRH
GLPGVGVTTSLRPPHHFSPPCFVAALPAAGVAEAPARLSPAIPLEALRDKALRMLGEAVRDGGQHARDPVGGSVEFQFVP
VLKLVSTLLVMGIFGDEDVKQILKMIEPEVFTEEEEEEEEEEEEEEEEEEDEEEKEEDEEEEEKEDAEKEEEEAPEGEKE
DLEEGLLQMKLPESVKLQMCNLLEYFCDQELQHRVESLAAFAERYVDKLQANQRSRYALLMRAFTMSAAETARRTREFRS
PPQEQINMLLHFKDEADEEDCPLPEDIRQDLQDFHQDLLAHCGIQLEGEEEEPEEETSLSSRLRSLLETVRLVKKKEEKP
EEELPAEEKKPQSLQELVSHMVVRWAQEDYVQSPELVRAMFSLLHRQYDGLGELLRALPRAYTISPSSVEDTMSLLECLG
QIRSLLIVQMGPQEENLMIQSIGNIMNNKVFYQHPNLMRALGMHETVMEVMVNVLGGGETKEIRFPKMVTSCCRFLCYFC
RISRQNQRSMFDHLSYLLENSGIGLGMQGSTPLDVAAASVIDNNELALALQEQDLEKVVSYLAGCGLQSCPMLLAKGYPD
IGWNPCGGERYLDFLRFAVFVNGESVEENANVVVRLLIRKPECFGPALRGEGGSGLLAAIEEAIRISEDPARDGPGVRRD
RRREHFGEEPPEENRVHLGHAIMSFYAALIDLLGRCAPEMHLIQAGKGEALRIRAILRSLVPLDDLVGIISLPLQIPTLG
KDGALVQPKMSASFVPDHKASMVLFLDRVYGIENQDFLLHVLDVGFLPDMRAAASLDTATFSTTEMALALNRYLCLAVLP
LITKCAPLFAGTEHRAIMVDSMLHTVYRLSRGRSLTKAQRDVIEDCLMALCRYIRPSMLQHLLRRLVFDVPILNEFAKMP
LKLLTNHYERCWKYYCLPTGWANFGVTSEEELHLTRKLFWGIFDSLAHKKYDQELYRMAMPCLCAIAGALPPDYVDASYS
SKAEKKATVDAEGNFDPRPVETLNVIIPEKLDSFINKFAEYTHEKWAFDKIQNNWSYGENVDEELKTHPMLRPYKTFSEK
DKEIYRWPIKESLKAMIAWEWTIEKAREGEEERTEKKKTRKISQTAQTYDPREGYNPQPPDLSGVTLSRELQAMAEQLAE
NYHNTWGRKKKQELEAKGGGTHPLLVPYDTLTAKEKARDREKAQELLKFLQMNGYAVTRGLKDMELDTSSIEKRFAFGFL
QQLLRWMDISQEFIAHLEAVVSSGRVEKSPHEQEIKFFAKILLPLINQYFTNHCLYFLSTPAKVLGSGGHASNKEKEMIT
SLFCKLAALVRHRVSLFGTDAPAVVNCLHILARSLDARTVMKSGPEIVKAGLRSFFESASEDIEKMVENLRLGKVSQART
QVKGVGQNLTYTTVALLPVLTTLFQHIAQHQFGDDVILDDVQVSCYRTLCSIYSLGTTKNTYVEKLRPALGECLARLAAA
MPVAFLEPQLNEYNACSVYTTKSPRERAILGLPNSVEEMCPDIPVLDRLMADIGGLAESGARYTEMPHVIEITLPMLCSY
LPRWWERGPEAPPPALPAGAPPPCTAVTSDHLNSLLGNILRIIVNNLGIDEATWMKRLAVFAQPIVSRARPELLHSHFIP
TIGRLRKRAGKVVAEEEQLRLEAKAEAEEGELLVRDEFSVLCRDLYALYPLLIRYVDNNRAHWLTEPNANAEELFRMVGE
IFIYWSKSHNFKREEQNFVVQNEINNMSFLTADSKSKMAKAGDAQSGGSDQERTKKKRRGDRYSVQTSLIVATLKKMLPI
GLNMCAPTDQDLIMLAKTRYALKDTDEEVREFLQNNLHLQGKVEGSPSLRWQMALYRGLPGREEDADDPEKIVRRVQEVS
AVLYHLEQTEHPYKSKKAVWHKLLSKQRRRAVVACFRMTPLYNLPTHRACNMFLESYKAAWILTEDHSFEDRMIDDLSKA
GEQEEEEEEVEEKKPDPLHQLVLHFSRTALTEKSKLDEDYLYMAYADIMAKSCHLEEGGENGEAEEEEVEVSFEEKEMEK
QRLLYQQSRLHTRGAAEMVLQMISACKGETGAMVSSTLKLGISILNGGNAEVQQKMLDYLKDKKEVGFFQSIQALMQTCS
VLDLNAFERQNKAEGLGMVNEDGTVINRQNGEKVMADDEFTQDLFRFLQLLCEGHNNDFQNYLRTQTGNTTTINIIICTV
DYLLRLQESISDFYWYYSGKDVIEEQGKRNFSKAMSVAKQVFNSLTEYIQGPCTGNQQSLAHSRLWDAVVGFLHVFAHMM
MKLAQDSSQIELLKELLDLQKDMVVMLLSLLEGNVVNGMIARQMVDMLVESSSNVEMILKFFDMFLKLKDIVGSEAFQDY
VTDPRGLISKKDFQKAMDSQKQFTGPEIQFLLSCSEADENEMINFEEFANRFQEPARDIGFNVAVLLTNLSEHVPHDPRL
RNFLELAESILEYFRPYLGRIEIMGASRRIERIYFEISETNRAQWEMPQVKESKRQFIFDVVNEGGEAEKMELFVSFCED
TIFEMQIAAQISEPEGEPEADEDEGMGEAAAEGAEEGAAGAEGAAGTVAAGATARLAAAAARALRGLSYRSLRRRVRRLR
RLTAREAATALAALLWAVVARAGAAGAGAAAGALRLLWGSLFGGGLVEGAKKVTVTELLAGMPDPTSDEVHGEQPAGPGG
DADGAGEGEGEGDAAEGDGDEEVAGHEAGPGGAEGVVAVADGGPFRPEGAGGLGDMGDTTPAEPPTPEGSPILKRKLGVD
GEEEELVPEPEPEPEPEPEKADEENGEKEEVPEAPPEPPKKAPPSPPAKKEEAGGAGMEFWGELEVQRVKFLNYLSRNFY
TLRFLALFLAFAINFILLFYKVSDSPPGEDDMEGSAAGDLAGAGSGGGSGWGSGAGEEAEGDEDENMVYYFLEESTGYME
PALWCLSLLHTLVAFLCIIGYNCLKVPLVIFKREKELARKLEFDGLYITEQPGDDDVKGQWDRLVLNTPSFPSNYWDKFV
KRKVLDKHGDIFGRERIAELLGMDLASLEITAHNERKPDPPPGLLTWLMSIDVKYQIWKFGVIFTDNSFLYLGWYMVMSL
LGHYNNFFFAAHLLDIAMGVKTLRTILSSVTHNGKQLVMTVGLLAVVVYLYTVVAFNFFRKFYNKSEDEDEPDMKCDDMM
TCYLFHMYVGVRAGGGIGDEIEDPAGDEYELYRVVFDITFFFFVIVILLAIIQGLIIDAFGELRDQQEQVKEDMETKCFI
CGIGSDYFDTTPHGFETHTLEEHNLANYMFFLMYLINKDETEHTGQESYVWKMYQERCWDFFPAGDCFRKQYEDQLS
;
A,G,M,S
2 'polypeptide(L)'
;SNAMGVEIETISPGDGRTFPKKGQTCVVHYTGMLQNGKKFDSSRDRNKPFKFRIGKQEVIKGFEEGAAQMSLGQRAKLTC
TPDVAYGATGHPGVIPPNATLIFDVELLNLE
;
B,H,N,T
#
# COMPACT_ATOMS: atom_id res chain seq x y z
N GLU A 10 20.91 19.53 3.01
CA GLU A 10 21.48 20.26 4.16
C GLU A 10 23.00 20.41 4.00
N VAL A 11 23.50 21.60 4.27
CA VAL A 11 24.93 21.91 4.17
C VAL A 11 25.48 22.09 5.57
N GLN A 12 26.56 21.37 5.88
CA GLN A 12 27.16 21.43 7.20
C GLN A 12 28.03 22.68 7.34
N PHE A 13 28.00 23.26 8.53
CA PHE A 13 28.80 24.44 8.86
C PHE A 13 29.77 24.11 9.98
N LEU A 14 31.00 24.54 9.82
CA LEU A 14 32.03 24.29 10.82
C LEU A 14 31.80 25.18 12.05
N ARG A 15 31.94 24.58 13.22
CA ARG A 15 31.70 25.27 14.48
C ARG A 15 32.91 25.06 15.40
N THR A 16 32.94 25.84 16.49
CA THR A 16 34.02 25.71 17.45
C THR A 16 33.90 24.38 18.20
N ASP A 17 35.02 23.99 18.82
CA ASP A 17 35.15 22.73 19.55
C ASP A 17 35.07 21.52 18.63
N ASP A 18 35.15 21.73 17.33
CA ASP A 18 35.10 20.64 16.35
C ASP A 18 36.52 20.22 15.97
N GLU A 19 36.69 18.91 15.78
CA GLU A 19 37.96 18.34 15.35
C GLU A 19 38.05 18.36 13.84
N VAL A 20 39.15 18.88 13.31
CA VAL A 20 39.33 18.98 11.87
C VAL A 20 40.71 18.47 11.49
N VAL A 21 40.88 18.18 10.21
CA VAL A 21 42.18 17.81 9.65
C VAL A 21 42.50 18.75 8.49
N LEU A 22 43.71 19.30 8.50
CA LEU A 22 44.21 20.14 7.42
C LEU A 22 44.77 19.25 6.32
N GLN A 23 44.12 19.24 5.16
CA GLN A 23 44.46 18.32 4.08
C GLN A 23 44.78 19.12 2.83
N CYS A 24 45.90 18.81 2.19
CA CYS A 24 46.26 19.44 0.93
C CYS A 24 46.50 18.38 -0.13
N SER A 25 46.73 18.85 -1.36
CA SER A 25 46.94 18.00 -2.51
C SER A 25 48.19 18.45 -3.24
N ALA A 26 48.92 17.49 -3.80
CA ALA A 26 50.13 17.78 -4.56
C ALA A 26 50.17 16.89 -5.79
N THR A 27 51.02 17.27 -6.74
CA THR A 27 51.22 16.53 -7.98
C THR A 27 52.59 15.89 -7.95
N VAL A 28 52.62 14.55 -8.04
CA VAL A 28 53.87 13.79 -8.04
C VAL A 28 53.80 12.83 -9.23
N LEU A 29 54.71 13.01 -10.18
CA LEU A 29 54.75 12.19 -11.41
C LEU A 29 53.37 12.11 -12.03
N LYS A 30 52.71 13.26 -12.16
CA LYS A 30 51.38 13.39 -12.73
C LYS A 30 50.31 12.71 -11.89
N GLU A 31 50.63 12.31 -10.67
CA GLU A 31 49.69 11.65 -9.77
C GLU A 31 49.36 12.60 -8.62
N GLN A 32 48.07 12.67 -8.29
CA GLN A 32 47.58 13.50 -7.18
C GLN A 32 47.71 12.78 -5.85
N LEU A 33 48.60 13.29 -4.99
CA LEU A 33 48.88 12.74 -3.67
C LEU A 33 48.28 13.66 -2.61
N LYS A 34 47.46 13.07 -1.74
CA LYS A 34 46.82 13.82 -0.66
C LYS A 34 47.61 13.64 0.63
N LEU A 35 47.89 14.75 1.31
CA LEU A 35 48.73 14.77 2.49
C LEU A 35 47.98 15.44 3.64
N CYS A 36 48.20 14.94 4.86
CA CYS A 36 47.62 15.51 6.06
C CYS A 36 48.71 16.08 6.95
N LEU A 37 48.48 17.28 7.47
CA LEU A 37 49.43 17.90 8.39
C LEU A 37 49.46 17.13 9.72
N ALA A 38 50.66 16.76 10.16
CA ALA A 38 50.83 15.96 11.36
C ALA A 38 51.97 16.53 12.19
N ALA A 39 51.95 16.23 13.49
CA ALA A 39 53.02 16.64 14.39
C ALA A 39 53.04 15.71 15.59
N GLU A 40 54.25 15.32 16.01
CA GLU A 40 54.39 14.43 17.15
C GLU A 40 54.20 15.16 18.46
N GLY A 41 54.69 16.40 18.56
CA GLY A 41 54.58 17.18 19.77
C GLY A 41 55.73 16.98 20.73
N PHE A 42 55.78 15.82 21.38
CA PHE A 42 56.84 15.53 22.34
C PHE A 42 58.08 15.03 21.61
N GLY A 43 59.20 15.72 21.81
CA GLY A 43 60.45 15.34 21.21
C GLY A 43 60.73 15.97 19.86
N ASN A 44 59.70 16.49 19.19
CA ASN A 44 59.89 17.14 17.90
C ASN A 44 58.73 18.10 17.67
N ARG A 45 59.01 19.39 17.77
CA ARG A 45 57.95 20.39 17.59
C ARG A 45 57.58 20.58 16.13
N LEU A 46 58.50 20.32 15.21
CA LEU A 46 58.26 20.60 13.79
C LEU A 46 57.14 19.71 13.25
N CYS A 47 56.38 20.27 12.31
CA CYS A 47 55.27 19.58 11.69
C CYS A 47 55.68 18.99 10.34
N PHE A 48 55.16 17.82 10.03
CA PHE A 48 55.41 17.18 8.74
C PHE A 48 54.12 16.79 8.04
N LEU A 49 54.22 16.06 6.93
CA LEU A 49 53.07 15.66 6.12
C LEU A 49 53.00 14.15 6.05
N GLU A 50 51.83 13.60 6.41
CA GLU A 50 51.57 12.18 6.32
C GLU A 50 50.74 11.89 5.07
N PRO A 51 51.25 11.13 4.10
CA PRO A 51 50.43 10.80 2.93
C PRO A 51 49.25 9.91 3.31
N THR A 52 48.15 10.06 2.57
CA THR A 52 46.94 9.29 2.81
C THR A 52 46.35 8.66 1.56
N SER A 53 46.94 8.90 0.38
CA SER A 53 46.36 8.37 -0.85
C SER A 53 46.52 6.86 -0.95
N ASN A 54 47.52 6.28 -0.28
CA ASN A 54 47.78 4.86 -0.32
C ASN A 54 47.30 4.14 0.93
N ALA A 55 46.18 4.60 1.52
CA ALA A 55 45.68 3.99 2.74
C ALA A 55 45.26 2.54 2.54
N GLN A 56 45.01 2.13 1.29
CA GLN A 56 44.63 0.74 1.04
C GLN A 56 45.78 -0.21 1.36
N ASN A 57 47.00 0.19 1.03
CA ASN A 57 48.17 -0.66 1.21
C ASN A 57 48.97 -0.31 2.45
N VAL A 58 49.06 0.96 2.81
CA VAL A 58 49.76 1.38 4.01
C VAL A 58 48.87 2.35 4.78
N PRO A 59 48.33 1.97 5.94
CA PRO A 59 47.46 2.88 6.68
C PRO A 59 48.24 4.06 7.23
N PRO A 60 47.71 5.27 7.08
CA PRO A 60 48.41 6.45 7.61
C PRO A 60 48.23 6.58 9.12
N ASP A 61 49.14 7.35 9.71
CA ASP A 61 49.10 7.63 11.15
C ASP A 61 48.31 8.91 11.38
N LEU A 62 46.99 8.76 11.43
CA LEU A 62 46.07 9.87 11.58
C LEU A 62 45.81 10.25 13.04
N ALA A 63 46.36 9.50 13.99
CA ALA A 63 46.16 9.79 15.40
C ALA A 63 46.80 11.10 15.83
N ILE A 64 47.77 11.61 15.08
CA ILE A 64 48.46 12.85 15.42
C ILE A 64 48.16 13.96 14.42
N CYS A 65 47.08 13.82 13.65
CA CYS A 65 46.68 14.82 12.66
C CYS A 65 45.47 15.62 13.08
N CYS A 66 44.89 15.35 14.25
CA CYS A 66 43.65 15.99 14.67
C CYS A 66 43.95 17.26 15.45
N PHE A 67 43.24 18.34 15.11
CA PHE A 67 43.35 19.62 15.79
C PHE A 67 41.97 20.09 16.20
N THR A 68 41.88 20.68 17.39
CA THR A 68 40.62 21.20 17.92
C THR A 68 40.57 22.72 17.80
N LEU A 69 39.47 23.22 17.24
CA LEU A 69 39.22 24.65 17.13
C LEU A 69 38.76 25.15 18.49
N GLU A 70 39.69 25.68 19.28
CA GLU A 70 39.34 26.09 20.64
C GLU A 70 38.58 27.42 20.64
N GLN A 71 39.05 28.43 19.91
CA GLN A 71 38.43 29.78 19.93
C GLN A 71 38.19 30.30 18.51
N SER A 72 37.15 31.11 18.31
CA SER A 72 36.83 31.74 17.01
C SER A 72 36.32 33.15 17.28
N LEU A 73 37.06 34.18 16.84
CA LEU A 73 36.70 35.59 17.10
C LEU A 73 37.37 36.41 16.00
N SER A 74 36.83 37.56 15.63
CA SER A 74 37.40 38.38 14.53
C SER A 74 38.82 38.81 14.88
N VAL A 75 39.56 39.36 13.93
CA VAL A 75 40.95 39.85 14.17
C VAL A 75 40.82 41.18 14.92
N ARG A 76 39.63 41.79 14.94
CA ARG A 76 39.38 42.99 15.77
C ARG A 76 39.45 42.49 17.20
N ALA A 77 38.72 41.42 17.51
CA ALA A 77 38.64 40.86 18.88
C ALA A 77 39.93 40.15 19.29
N LEU A 78 40.78 39.79 18.34
CA LEU A 78 42.03 39.04 18.63
C LEU A 78 43.14 40.00 19.07
N GLN A 79 43.39 41.07 18.30
CA GLN A 79 44.41 42.10 18.65
C GLN A 79 43.90 42.88 19.87
N GLU A 80 42.60 42.85 20.14
CA GLU A 80 42.01 43.50 21.33
C GLU A 80 42.27 42.61 22.54
N MET A 81 42.25 41.29 22.38
CA MET A 81 42.53 40.30 23.46
C MET A 81 44.00 40.44 23.84
N LEU A 82 44.85 40.76 22.86
CA LEU A 82 46.29 40.93 23.06
C LEU A 82 46.58 42.17 23.89
N ALA A 83 45.80 43.24 23.65
CA ALA A 83 45.99 44.47 24.41
C ALA A 83 45.67 44.26 25.88
N ASN A 84 44.49 43.72 26.19
CA ASN A 84 44.14 43.48 27.58
C ASN A 84 44.67 42.13 28.04
N HIS A 98 30.13 27.15 21.08
CA HIS A 98 29.76 26.62 19.78
C HIS A 98 29.51 27.74 18.77
N ARG A 99 30.46 28.65 18.68
CA ARG A 99 30.36 29.76 17.74
C ARG A 99 30.57 29.26 16.31
N THR A 100 29.84 29.85 15.38
CA THR A 100 29.99 29.49 13.97
C THR A 100 31.17 30.22 13.36
N LEU A 101 31.93 29.51 12.54
CA LEU A 101 33.11 30.06 11.90
C LEU A 101 32.71 31.01 10.77
N LEU A 102 33.33 32.19 10.74
CA LEU A 102 33.10 33.17 9.70
C LEU A 102 34.41 33.50 8.99
N TYR A 103 34.33 33.75 7.70
CA TYR A 103 35.50 34.14 6.92
C TYR A 103 36.08 35.43 7.45
N GLY A 104 37.41 35.50 7.51
CA GLY A 104 38.10 36.66 8.03
C GLY A 104 38.43 36.61 9.50
N HIS A 105 37.89 35.65 10.24
CA HIS A 105 38.19 35.52 11.65
C HIS A 105 39.51 34.78 11.88
N ALA A 106 40.04 34.94 13.09
CA ALA A 106 41.26 34.27 13.52
C ALA A 106 40.90 33.09 14.41
N ILE A 107 41.48 31.94 14.12
CA ILE A 107 41.16 30.70 14.81
C ILE A 107 42.37 30.24 15.63
N LEU A 108 42.08 29.45 16.66
CA LEU A 108 43.11 28.87 17.52
C LEU A 108 43.01 27.35 17.46
N LEU A 109 44.06 26.72 16.94
CA LEU A 109 44.11 25.27 16.75
C LEU A 109 44.97 24.66 17.84
N ARG A 110 44.39 23.73 18.60
CA ARG A 110 45.10 23.02 19.65
C ARG A 110 45.33 21.58 19.21
N HIS A 111 46.57 21.12 19.34
CA HIS A 111 46.89 19.74 18.97
C HIS A 111 46.21 18.78 19.95
N ALA A 112 45.54 17.76 19.41
CA ALA A 112 44.75 16.87 20.24
C ALA A 112 45.62 16.07 21.20
N HIS A 113 46.77 15.57 20.73
CA HIS A 113 47.57 14.67 21.54
C HIS A 113 48.40 15.43 22.58
N SER A 114 49.28 16.32 22.13
CA SER A 114 50.18 17.03 23.03
C SER A 114 49.51 18.21 23.72
N ARG A 115 48.31 18.58 23.32
CA ARG A 115 47.59 19.71 23.89
C ARG A 115 48.33 21.04 23.69
N MET A 116 49.25 21.08 22.75
CA MET A 116 49.95 22.32 22.41
C MET A 116 49.16 23.07 21.35
N TYR A 117 49.65 24.25 20.98
CA TYR A 117 48.98 25.13 20.04
C TYR A 117 49.85 25.32 18.82
N LEU A 118 49.22 25.21 17.64
CA LEU A 118 49.92 25.47 16.39
C LEU A 118 50.41 26.91 16.33
N SER A 119 51.67 27.10 15.94
CA SER A 119 52.30 28.41 15.98
C SER A 119 53.30 28.51 14.84
N CYS A 120 53.65 29.74 14.49
CA CYS A 120 54.69 30.03 13.50
C CYS A 120 55.99 30.30 14.23
N LEU A 121 56.93 29.35 14.12
CA LEU A 121 58.20 29.49 14.82
C LEU A 121 59.01 30.63 14.21
N THR A 122 59.84 31.26 15.06
CA THR A 122 60.67 32.37 14.61
C THR A 122 61.95 31.93 13.92
N THR A 123 62.29 30.65 13.99
CA THR A 123 63.48 30.13 13.35
C THR A 123 63.18 29.71 11.92
N SER A 124 64.23 29.31 11.21
CA SER A 124 64.09 28.88 9.82
C SER A 124 65.25 27.95 9.48
N ARG A 125 64.95 26.68 9.24
CA ARG A 125 65.95 25.69 8.88
C ARG A 125 66.03 25.45 7.38
N SER A 126 65.25 26.19 6.58
CA SER A 126 65.24 26.02 5.13
C SER A 126 66.35 26.82 4.48
N MET A 127 66.98 26.24 3.47
CA MET A 127 68.04 26.90 2.73
C MET A 127 67.59 27.40 1.36
N THR A 128 66.55 26.77 0.78
CA THR A 128 66.09 27.19 -0.55
C THR A 128 65.36 28.52 -0.46
N ASP A 129 64.48 28.67 0.52
CA ASP A 129 63.70 29.89 0.71
C ASP A 129 64.28 30.65 1.88
N LYS A 130 64.81 31.85 1.60
CA LYS A 130 65.45 32.65 2.63
C LYS A 130 64.46 33.41 3.50
N LEU A 131 63.23 33.57 3.03
CA LEU A 131 62.21 34.34 3.75
C LEU A 131 61.18 33.45 4.44
N ALA A 132 61.42 32.15 4.51
CA ALA A 132 60.46 31.24 5.11
C ALA A 132 60.73 31.07 6.60
N PHE A 133 59.68 30.71 7.33
CA PHE A 133 59.76 30.49 8.76
C PHE A 133 59.22 29.10 9.10
N ASP A 134 59.78 28.49 10.13
CA ASP A 134 59.33 27.17 10.55
C ASP A 134 58.00 27.26 11.28
N VAL A 135 57.15 26.27 11.04
CA VAL A 135 55.84 26.16 11.67
C VAL A 135 55.86 24.96 12.61
N GLY A 136 55.56 25.21 13.89
CA GLY A 136 55.60 24.16 14.88
C GLY A 136 54.56 24.33 15.96
N LEU A 137 54.76 23.67 17.10
CA LEU A 137 53.84 23.71 18.22
C LEU A 137 54.43 24.51 19.37
N GLN A 138 53.59 25.30 20.02
CA GLN A 138 53.97 26.12 21.15
C GLN A 138 53.25 25.62 22.40
N GLU A 139 53.98 25.61 23.52
CA GLU A 139 53.42 25.05 24.75
C GLU A 139 52.23 25.86 25.24
N ASP A 140 52.29 27.18 25.12
CA ASP A 140 51.25 28.07 25.62
C ASP A 140 50.62 28.85 24.48
N ALA A 141 49.43 29.38 24.74
CA ALA A 141 48.68 30.16 23.77
C ALA A 141 48.97 31.65 23.84
N THR A 142 49.95 32.06 24.65
CA THR A 142 50.26 33.47 24.77
C THR A 142 50.88 34.00 23.48
N GLY A 143 50.74 35.31 23.28
CA GLY A 143 51.26 35.95 22.10
C GLY A 143 50.34 35.80 20.91
N GLU A 144 50.75 36.42 19.81
CA GLU A 144 49.99 36.42 18.57
C GLU A 144 50.50 35.40 17.55
N ALA A 145 51.50 34.61 17.90
CA ALA A 145 52.09 33.67 16.97
C ALA A 145 51.25 32.41 16.79
N CYS A 146 50.22 32.21 17.62
CA CYS A 146 49.40 31.00 17.58
C CYS A 146 48.00 31.26 17.04
N TRP A 147 47.81 32.37 16.33
CA TRP A 147 46.53 32.70 15.72
C TRP A 147 46.70 32.81 14.22
N TRP A 148 45.73 32.25 13.49
CA TRP A 148 45.77 32.21 12.03
C TRP A 148 44.43 32.70 11.50
N THR A 149 44.45 33.55 10.48
CA THR A 149 43.24 34.08 9.91
C THR A 149 42.85 33.29 8.66
N MET A 150 41.60 32.86 8.61
CA MET A 150 41.04 32.10 7.50
C MET A 150 40.43 33.05 6.47
N HIS A 151 40.81 32.87 5.21
CA HIS A 151 40.33 33.68 4.11
C HIS A 151 39.76 32.80 3.01
N PRO A 152 38.73 33.26 2.32
CA PRO A 152 38.15 32.47 1.22
C PRO A 152 39.13 32.34 0.07
N ALA A 153 39.16 31.17 -0.55
CA ALA A 153 40.13 30.90 -1.61
C ALA A 153 39.73 31.52 -2.94
N SER A 154 38.44 31.68 -3.21
CA SER A 154 37.95 32.15 -4.49
C SER A 154 36.89 33.22 -4.30
N LYS A 155 36.49 33.82 -5.43
CA LYS A 155 35.47 34.86 -5.43
C LYS A 155 34.08 34.32 -5.11
N GLN A 156 33.90 33.00 -5.09
CA GLN A 156 32.58 32.44 -4.82
C GLN A 156 32.06 32.89 -3.46
N ARG A 157 32.94 32.91 -2.45
CA ARG A 157 32.59 33.31 -1.11
C ARG A 157 33.21 34.67 -0.80
N SER A 158 32.53 35.43 0.07
CA SER A 158 32.98 36.75 0.49
C SER A 158 33.04 36.79 2.01
N GLU A 159 33.70 37.83 2.52
CA GLU A 159 33.87 37.97 3.96
C GLU A 159 32.52 38.07 4.65
N GLY A 160 32.41 37.41 5.80
CA GLY A 160 31.19 37.35 6.57
C GLY A 160 30.34 36.13 6.33
N GLU A 161 30.58 35.41 5.24
CA GLU A 161 29.82 34.20 4.96
C GLU A 161 30.26 33.06 5.88
N LYS A 162 29.35 32.13 6.12
CA LYS A 162 29.66 30.95 6.91
C LYS A 162 30.57 30.01 6.12
N VAL A 163 31.55 29.43 6.81
CA VAL A 163 32.46 28.49 6.18
C VAL A 163 31.80 27.11 6.17
N ARG A 164 31.70 26.52 4.98
CA ARG A 164 31.06 25.23 4.80
C ARG A 164 32.10 24.15 4.52
N VAL A 165 31.72 22.91 4.83
CA VAL A 165 32.62 21.78 4.64
C VAL A 165 32.96 21.63 3.16
N GLY A 166 34.24 21.39 2.88
CA GLY A 166 34.71 21.24 1.52
C GLY A 166 35.23 22.51 0.88
N ASP A 167 35.14 23.65 1.57
CA ASP A 167 35.62 24.90 1.01
C ASP A 167 37.14 24.94 1.02
N ASP A 168 37.70 25.65 0.04
CA ASP A 168 39.14 25.89 -0.04
C ASP A 168 39.48 27.14 0.75
N LEU A 169 40.45 27.04 1.65
CA LEU A 169 40.78 28.11 2.57
C LEU A 169 42.22 28.58 2.38
N ILE A 170 42.47 29.82 2.77
CA ILE A 170 43.80 30.42 2.80
C ILE A 170 44.09 30.85 4.24
N LEU A 171 45.11 30.24 4.85
CA LEU A 171 45.44 30.52 6.24
C LEU A 171 46.64 31.46 6.26
N VAL A 172 46.48 32.60 6.93
CA VAL A 172 47.53 33.62 7.01
C VAL A 172 47.93 33.83 8.46
N SER A 173 49.24 33.78 8.72
CA SER A 173 49.75 34.02 10.07
C SER A 173 49.55 35.48 10.46
N VAL A 174 48.99 35.71 11.65
CA VAL A 174 48.83 37.08 12.13
C VAL A 174 50.19 37.71 12.39
N SER A 175 51.08 36.98 13.06
CA SER A 175 52.38 37.54 13.40
C SER A 175 53.28 37.65 12.18
N SER A 176 53.26 36.63 11.32
CA SER A 176 54.19 36.52 10.20
C SER A 176 53.59 36.94 8.86
N GLU A 177 52.28 37.20 8.81
CA GLU A 177 51.58 37.55 7.57
C GLU A 177 52.13 36.74 6.39
N ARG A 178 52.28 35.43 6.61
CA ARG A 178 52.73 34.50 5.58
C ARG A 178 51.74 33.36 5.43
N TYR A 179 51.66 32.83 4.22
CA TYR A 179 50.76 31.74 3.90
C TYR A 179 51.36 30.40 4.35
N LEU A 180 50.47 29.46 4.67
CA LEU A 180 50.87 28.07 4.90
C LEU A 180 51.22 27.39 3.59
N HIS A 181 52.50 27.29 3.30
CA HIS A 181 52.97 26.93 1.97
C HIS A 181 53.57 25.53 2.03
N LEU A 182 53.31 24.76 0.98
CA LEU A 182 53.95 23.46 0.80
C LEU A 182 55.09 23.61 -0.19
N SER A 183 56.31 23.31 0.26
CA SER A 183 57.52 23.49 -0.52
C SER A 183 57.98 22.13 -1.03
N THR A 184 58.24 22.06 -2.34
CA THR A 184 58.75 20.86 -3.00
C THR A 184 60.13 21.10 -3.59
N ALA A 185 60.83 22.17 -3.16
CA ALA A 185 62.13 22.47 -3.73
C ALA A 185 63.10 21.32 -3.52
N SER A 186 63.11 20.74 -2.32
CA SER A 186 63.93 19.58 -2.05
C SER A 186 63.26 18.33 -2.60
N GLY A 187 63.90 17.18 -2.38
CA GLY A 187 63.33 15.93 -2.86
C GLY A 187 62.07 15.53 -2.14
N GLU A 188 61.83 16.07 -0.95
CA GLU A 188 60.65 15.76 -0.15
C GLU A 188 59.69 16.94 -0.12
N LEU A 189 58.54 16.72 0.50
CA LEU A 189 57.52 17.75 0.65
C LEU A 189 57.56 18.27 2.08
N GLN A 190 57.70 19.59 2.23
CA GLN A 190 57.87 20.20 3.54
C GLN A 190 56.86 21.33 3.68
N VAL A 191 56.43 21.57 4.92
CA VAL A 191 55.45 22.63 5.20
C VAL A 191 56.17 23.77 5.90
N ASP A 192 55.95 24.99 5.43
CA ASP A 192 56.58 26.16 6.03
C ASP A 192 55.64 27.35 5.88
N ALA A 193 56.05 28.49 6.45
CA ALA A 193 55.29 29.72 6.37
C ALA A 193 56.01 30.61 5.36
N SER A 194 55.46 30.70 4.15
CA SER A 194 56.07 31.46 3.07
C SER A 194 55.08 32.47 2.52
N PHE A 195 55.50 33.20 1.49
CA PHE A 195 54.67 34.22 0.85
C PHE A 195 53.82 33.69 -0.30
N MET A 196 53.94 32.42 -0.65
CA MET A 196 53.09 31.82 -1.68
C MET A 196 51.99 31.00 -1.02
N GLN A 197 50.76 31.20 -1.48
CA GLN A 197 49.60 30.57 -0.89
C GLN A 197 49.48 29.12 -1.33
N THR A 198 48.66 28.37 -0.59
CA THR A 198 48.43 26.96 -0.88
C THR A 198 47.01 26.59 -0.46
N LEU A 199 46.38 25.73 -1.25
CA LEU A 199 45.00 25.33 -1.02
C LEU A 199 44.92 24.32 0.11
N TRP A 200 44.01 24.53 1.05
CA TRP A 200 43.82 23.64 2.18
C TRP A 200 42.35 23.30 2.34
N ASN A 201 42.08 22.11 2.88
CA ASN A 201 40.74 21.65 3.20
C ASN A 201 40.69 21.28 4.68
N MET A 202 39.70 21.82 5.39
CA MET A 202 39.47 21.51 6.80
C MET A 202 38.39 20.44 6.87
N ASN A 203 38.80 19.19 6.70
CA ASN A 203 37.82 18.10 6.75
C ASN A 203 37.41 17.80 8.19
N PRO A 204 36.12 17.88 8.51
CA PRO A 204 35.69 17.60 9.90
C PRO A 204 35.80 16.13 10.25
N ILE A 205 36.02 15.87 11.54
CA ILE A 205 36.02 14.53 12.10
C ILE A 205 34.78 14.28 12.96
N CYS A 206 34.53 15.19 13.92
CA CYS A 206 33.36 15.13 14.77
C CYS A 206 33.02 16.52 15.29
N SER A 207 31.72 16.76 15.44
CA SER A 207 31.24 18.01 16.02
C SER A 207 30.85 17.85 17.49
N CYS A 208 29.90 16.94 17.76
CA CYS A 208 29.46 16.69 19.12
C CYS A 208 29.07 15.21 19.21
N CYS A 209 29.57 14.52 20.23
CA CYS A 209 29.36 13.10 20.40
C CYS A 209 28.48 12.83 21.61
N GLU A 210 27.50 11.94 21.45
CA GLU A 210 26.60 11.60 22.53
C GLU A 210 27.32 10.81 23.63
N GLU A 211 26.78 10.92 24.84
CA GLU A 211 27.38 10.24 25.98
C GLU A 211 27.30 8.73 25.84
N GLY A 212 28.38 8.05 26.23
CA GLY A 212 28.37 6.61 26.38
C GLY A 212 28.12 5.83 25.12
N TYR A 213 28.36 6.42 23.94
CA TYR A 213 28.31 5.69 22.69
C TYR A 213 29.68 5.70 22.04
N VAL A 214 30.12 4.53 21.59
CA VAL A 214 31.44 4.37 21.01
C VAL A 214 31.46 4.91 19.59
N THR A 215 32.51 5.67 19.27
CA THR A 215 32.72 6.22 17.94
C THR A 215 34.07 5.78 17.41
N GLY A 216 34.26 5.94 16.10
CA GLY A 216 35.50 5.52 15.48
C GLY A 216 36.68 6.34 15.97
N GLY A 217 37.86 5.72 15.91
CA GLY A 217 39.09 6.37 16.33
C GLY A 217 39.37 6.32 17.81
N HIS A 218 38.51 5.68 18.60
CA HIS A 218 38.70 5.62 20.04
C HIS A 218 39.62 4.48 20.45
N VAL A 219 40.25 4.66 21.60
CA VAL A 219 41.07 3.65 22.26
C VAL A 219 40.29 3.08 23.43
N LEU A 220 40.27 1.75 23.54
CA LEU A 220 39.41 1.07 24.51
C LEU A 220 40.04 -0.26 24.90
N ARG A 221 39.39 -0.94 25.84
CA ARG A 221 39.76 -2.29 26.26
C ARG A 221 38.62 -3.23 25.93
N LEU A 222 38.98 -4.46 25.58
CA LEU A 222 38.03 -5.51 25.18
C LEU A 222 37.90 -6.62 26.23
N PHE A 223 36.84 -6.58 27.04
CA PHE A 223 36.64 -7.59 28.08
C PHE A 223 35.83 -8.76 27.53
N HIS A 224 36.24 -9.96 27.91
CA HIS A 224 35.56 -11.17 27.42
C HIS A 224 34.28 -11.42 28.20
N GLY A 225 34.39 -11.61 29.52
CA GLY A 225 33.25 -11.92 30.34
C GLY A 225 32.81 -10.77 31.23
N HIS A 226 32.77 -11.01 32.53
CA HIS A 226 32.28 -10.03 33.50
C HIS A 226 33.45 -9.29 34.14
N MET A 227 34.11 -8.47 33.31
CA MET A 227 35.23 -7.65 33.77
C MET A 227 36.33 -8.51 34.39
N ASP A 228 36.53 -9.69 33.83
CA ASP A 228 37.53 -10.64 34.34
C ASP A 228 38.70 -10.83 33.40
N GLU A 229 38.44 -11.19 32.14
CA GLU A 229 39.48 -11.40 31.14
C GLU A 229 39.37 -10.37 30.04
N CYS A 230 40.52 -9.91 29.54
CA CYS A 230 40.58 -8.91 28.50
C CYS A 230 41.57 -9.35 27.42
N LEU A 231 41.33 -8.87 26.21
CA LEU A 231 42.20 -9.15 25.08
C LEU A 231 43.50 -8.37 25.24
N THR A 232 44.63 -9.05 25.08
CA THR A 232 45.92 -8.41 25.28
C THR A 232 46.99 -9.21 24.57
N ILE A 233 48.19 -8.68 24.56
CA ILE A 233 49.35 -9.38 24.04
C ILE A 233 50.30 -9.72 25.20
N SER A 234 51.34 -10.47 24.87
CA SER A 234 52.30 -10.88 25.89
C SER A 234 53.08 -9.67 26.39
N ALA A 235 53.64 -9.82 27.59
CA ALA A 235 54.40 -8.75 28.20
C ALA A 235 55.71 -8.53 27.43
N ALA A 236 56.47 -7.54 27.88
CA ALA A 236 57.72 -7.20 27.23
C ALA A 236 58.74 -8.34 27.35
N ASP A 237 59.76 -8.27 26.51
CA ASP A 237 60.82 -9.28 26.44
C ASP A 237 60.25 -10.69 26.54
N SER A 238 59.34 -10.99 25.63
CA SER A 238 58.70 -12.30 25.53
C SER A 238 59.29 -13.07 24.36
N ASP A 239 59.20 -14.40 24.47
CA ASP A 239 59.77 -15.26 23.44
C ASP A 239 58.99 -15.19 22.14
N ASP A 240 57.69 -14.90 22.20
CA ASP A 240 56.84 -14.84 21.02
C ASP A 240 56.93 -13.51 20.29
N GLN A 241 57.86 -12.64 20.69
CA GLN A 241 58.03 -11.33 20.05
C GLN A 241 56.78 -10.46 20.18
N ARG A 242 55.94 -10.75 21.16
CA ARG A 242 54.71 -9.98 21.39
C ARG A 242 53.83 -9.95 20.14
N ARG A 243 53.75 -11.10 19.45
CA ARG A 243 52.97 -11.22 18.24
C ARG A 243 51.82 -12.21 18.38
N LEU A 244 51.42 -12.53 19.61
CA LEU A 244 50.31 -13.44 19.86
C LEU A 244 49.30 -12.76 20.78
N VAL A 245 48.04 -13.12 20.62
CA VAL A 245 46.93 -12.48 21.33
C VAL A 245 46.34 -13.48 22.32
N TYR A 246 46.10 -13.02 23.54
CA TYR A 246 45.60 -13.86 24.62
C TYR A 246 44.45 -13.17 25.34
N TYR A 247 43.61 -13.99 25.94
CA TYR A 247 42.61 -13.56 26.91
C TYR A 247 43.22 -13.72 28.29
N GLU A 248 43.55 -12.59 28.94
CA GLU A 248 44.26 -12.60 30.20
C GLU A 248 43.53 -11.73 31.20
N GLY A 249 43.56 -12.13 32.48
CA GLY A 249 42.94 -11.38 33.54
C GLY A 249 43.93 -11.00 34.63
N GLY A 250 43.45 -10.16 35.54
CA GLY A 250 44.25 -9.70 36.67
C GLY A 250 44.67 -8.25 36.56
N ALA A 251 45.95 -7.98 36.84
CA ALA A 251 46.47 -6.62 36.80
C ALA A 251 46.60 -6.09 35.37
N VAL A 252 46.54 -6.97 34.37
CA VAL A 252 46.65 -6.54 32.98
C VAL A 252 45.48 -5.65 32.58
N CYS A 253 44.36 -5.74 33.29
CA CYS A 253 43.18 -4.94 32.98
C CYS A 253 43.41 -3.46 33.22
N THR A 254 44.46 -3.08 33.93
CA THR A 254 44.80 -1.68 34.17
C THR A 254 46.12 -1.28 33.53
N HIS A 255 46.70 -2.13 32.70
CA HIS A 255 47.95 -1.86 32.03
C HIS A 255 47.71 -1.31 30.63
N ALA A 256 48.78 -0.82 30.02
CA ALA A 256 48.72 -0.18 28.71
C ALA A 256 48.78 -1.15 27.54
N ARG A 257 49.14 -2.40 27.78
CA ARG A 257 49.24 -3.39 26.71
C ARG A 257 47.91 -4.05 26.36
N SER A 258 46.83 -3.69 27.04
CA SER A 258 45.49 -4.19 26.72
C SER A 258 44.64 -3.15 26.00
N LEU A 259 45.26 -2.10 25.48
CA LEU A 259 44.54 -1.01 24.82
C LEU A 259 44.58 -1.19 23.30
N TRP A 260 43.44 -0.98 22.66
CA TRP A 260 43.33 -1.09 21.22
C TRP A 260 42.66 0.16 20.67
N ARG A 261 43.06 0.56 19.46
CA ARG A 261 42.51 1.72 18.78
C ARG A 261 41.73 1.26 17.54
N LEU A 262 40.48 1.71 17.45
CA LEU A 262 39.60 1.35 16.35
C LEU A 262 39.73 2.37 15.22
N GLU A 263 40.19 1.92 14.06
CA GLU A 263 40.46 2.82 12.93
C GLU A 263 39.55 2.49 11.76
N PRO A 264 38.52 3.30 11.49
CA PRO A 264 37.70 3.07 10.30
C PRO A 264 38.50 3.29 9.02
N LEU A 265 37.98 2.72 7.93
CA LEU A 265 38.70 2.76 6.67
C LEU A 265 38.59 4.13 5.99
N ARG A 266 37.44 4.79 6.10
CA ARG A 266 37.28 6.10 5.50
C ARG A 266 38.00 7.15 6.34
N ILE A 267 38.26 8.30 5.71
CA ILE A 267 38.94 9.41 6.36
C ILE A 267 37.91 10.43 6.83
N SER A 268 37.10 10.92 5.89
CA SER A 268 36.09 11.92 6.24
C SER A 268 35.02 11.30 7.12
N TRP A 269 34.67 12.00 8.19
CA TRP A 269 33.67 11.51 9.15
C TRP A 269 34.07 10.15 9.72
N SER A 270 35.38 9.94 9.88
CA SER A 270 35.86 8.70 10.48
C SER A 270 35.50 8.59 11.95
N GLY A 271 35.13 9.69 12.58
CA GLY A 271 34.71 9.68 13.97
C GLY A 271 33.22 9.51 14.17
N SER A 272 32.48 9.22 13.10
CA SER A 272 31.01 9.02 13.18
C SER A 272 30.71 7.71 13.92
N HIS A 273 29.49 7.55 14.43
CA HIS A 273 29.10 6.36 15.18
C HIS A 273 29.35 5.12 14.34
N LEU A 274 29.91 4.09 14.98
CA LEU A 274 30.19 2.83 14.32
C LEU A 274 28.90 2.15 13.90
N ARG A 275 28.97 1.39 12.80
CA ARG A 275 27.82 0.69 12.25
C ARG A 275 28.10 -0.80 12.21
N TRP A 276 27.06 -1.59 12.40
CA TRP A 276 27.19 -3.04 12.35
C TRP A 276 27.67 -3.48 10.98
N GLY A 277 28.68 -4.34 10.97
CA GLY A 277 29.25 -4.82 9.73
C GLY A 277 30.20 -3.86 9.05
N GLN A 278 30.46 -2.69 9.65
CA GLN A 278 31.34 -1.71 9.04
C GLN A 278 32.79 -2.15 9.20
N PRO A 279 33.55 -2.29 8.11
CA PRO A 279 34.95 -2.74 8.24
C PRO A 279 35.82 -1.71 8.95
N LEU A 280 36.82 -2.20 9.68
CA LEU A 280 37.73 -1.33 10.39
C LEU A 280 38.99 -2.10 10.76
N ARG A 281 40.09 -1.37 10.91
CA ARG A 281 41.34 -1.92 11.41
C ARG A 281 41.43 -1.79 12.93
N ILE A 282 42.16 -2.73 13.54
CA ILE A 282 42.40 -2.75 14.98
C ILE A 282 43.90 -2.59 15.20
N ARG A 283 44.28 -1.50 15.87
CA ARG A 283 45.69 -1.15 16.02
C ARG A 283 46.08 -1.25 17.49
N HIS A 284 47.22 -1.90 17.76
CA HIS A 284 47.74 -1.94 19.12
C HIS A 284 48.50 -0.65 19.39
N VAL A 285 48.14 0.03 20.47
CA VAL A 285 48.60 1.40 20.68
C VAL A 285 50.10 1.43 20.94
N THR A 286 50.59 0.57 21.83
CA THR A 286 51.97 0.67 22.27
C THR A 286 52.95 0.21 21.19
N THR A 287 52.58 -0.82 20.44
CA THR A 287 53.47 -1.39 19.44
C THR A 287 53.25 -0.83 18.04
N GLY A 288 52.08 -0.25 17.76
CA GLY A 288 51.80 0.29 16.46
C GLY A 288 51.50 -0.76 15.40
N ARG A 289 51.29 -2.00 15.79
CA ARG A 289 51.00 -3.08 14.85
C ARG A 289 49.50 -3.24 14.66
N TYR A 290 49.13 -3.89 13.57
CA TYR A 290 47.72 -4.06 13.21
C TYR A 290 47.34 -5.53 13.28
N LEU A 291 46.18 -5.80 13.88
CA LEU A 291 45.64 -7.15 13.89
C LEU A 291 45.41 -7.67 12.48
N ALA A 292 45.87 -8.88 12.21
CA ALA A 292 45.86 -9.42 10.87
C ALA A 292 45.65 -10.93 10.93
N LEU A 293 45.19 -11.48 9.81
CA LEU A 293 45.07 -12.92 9.61
C LEU A 293 46.02 -13.35 8.50
N THR A 294 47.03 -14.15 8.84
CA THR A 294 48.01 -14.64 7.89
C THR A 294 47.77 -16.13 7.67
N GLU A 295 47.98 -16.57 6.43
CA GLU A 295 47.76 -17.97 6.09
C GLU A 295 48.73 -18.91 6.79
N ASP A 296 49.86 -18.39 7.28
CA ASP A 296 50.88 -19.22 7.91
C ASP A 296 50.71 -19.29 9.43
N GLN A 297 50.73 -18.14 10.10
CA GLN A 297 50.59 -18.10 11.56
C GLN A 297 49.16 -17.88 12.02
N GLY A 298 48.21 -17.68 11.10
CA GLY A 298 46.84 -17.46 11.50
C GLY A 298 46.60 -16.03 11.97
N LEU A 299 46.10 -15.87 13.19
CA LEU A 299 45.77 -14.58 13.76
C LEU A 299 47.01 -14.05 14.48
N VAL A 300 47.59 -12.97 13.96
CA VAL A 300 48.77 -12.34 14.54
C VAL A 300 48.60 -10.82 14.44
N VAL A 301 49.61 -10.10 14.93
CA VAL A 301 49.72 -8.66 14.74
C VAL A 301 50.92 -8.40 13.86
N VAL A 302 50.72 -7.64 12.78
CA VAL A 302 51.77 -7.42 11.78
C VAL A 302 52.12 -5.94 11.74
N ASP A 303 53.30 -5.67 11.17
CA ASP A 303 53.75 -4.30 11.03
C ASP A 303 52.90 -3.57 9.99
N ALA A 304 53.03 -2.24 9.98
CA ALA A 304 52.21 -1.42 9.10
C ALA A 304 52.54 -1.60 7.63
N CYS A 305 53.74 -2.05 7.28
CA CYS A 305 54.06 -2.24 5.88
C CYS A 305 53.41 -3.46 5.26
N LYS A 306 52.80 -4.33 6.07
CA LYS A 306 52.16 -5.55 5.59
C LYS A 306 50.69 -5.60 5.95
N ALA A 307 50.11 -4.46 6.35
CA ALA A 307 48.74 -4.40 6.83
C ALA A 307 47.84 -3.94 5.68
N HIS A 308 47.33 -4.93 4.95
CA HIS A 308 46.44 -4.67 3.82
C HIS A 308 45.03 -5.09 4.20
N THR A 309 44.04 -4.42 3.60
CA THR A 309 42.66 -4.59 4.02
C THR A 309 42.23 -6.05 3.98
N LYS A 310 42.75 -6.84 3.05
CA LYS A 310 42.35 -8.23 2.94
C LYS A 310 42.59 -8.98 4.24
N ALA A 311 43.77 -8.78 4.84
CA ALA A 311 44.09 -9.44 6.10
C ALA A 311 43.66 -8.65 7.32
N THR A 312 43.41 -7.35 7.18
CA THR A 312 43.17 -6.46 8.32
C THR A 312 41.74 -5.94 8.36
N SER A 313 40.81 -6.60 7.67
CA SER A 313 39.41 -6.20 7.64
C SER A 313 38.63 -7.03 8.65
N PHE A 314 38.06 -6.37 9.66
CA PHE A 314 37.22 -7.02 10.65
C PHE A 314 35.92 -6.23 10.77
N CYS A 315 34.90 -6.87 11.34
CA CYS A 315 33.64 -6.18 11.55
C CYS A 315 32.96 -6.68 12.82
N PHE A 316 32.15 -5.80 13.41
CA PHE A 316 31.33 -6.12 14.57
C PHE A 316 29.93 -6.46 14.12
N ARG A 317 29.39 -7.56 14.64
CA ARG A 317 28.04 -8.01 14.29
C ARG A 317 27.25 -8.22 15.57
N VAL A 318 25.96 -7.87 15.53
CA VAL A 318 25.11 -8.04 16.70
C VAL A 318 24.77 -9.51 16.92
N SER A 319 24.85 -10.34 15.88
CA SER A 319 24.55 -11.76 16.00
C SER A 319 25.26 -12.50 14.88
N LYS A 320 25.33 -13.82 15.02
CA LYS A 320 25.97 -14.68 14.02
C LYS A 320 25.03 -15.08 12.90
N GLU A 321 23.80 -14.59 12.91
CA GLU A 321 22.85 -14.93 11.85
C GLU A 321 23.34 -14.40 10.51
N LYS A 322 23.12 -15.18 9.46
CA LYS A 322 23.57 -14.82 8.11
C LYS A 322 22.53 -13.88 7.49
N ASP A 330 27.53 4.55 3.46
CA ASP A 330 27.90 5.50 4.50
C ASP A 330 27.26 6.86 4.25
N VAL A 331 26.97 7.57 5.33
CA VAL A 331 26.39 8.90 5.26
C VAL A 331 27.46 9.92 5.61
N GLU A 332 27.24 11.16 5.17
CA GLU A 332 28.17 12.26 5.41
C GLU A 332 27.74 12.99 6.68
N GLY A 333 28.05 12.38 7.82
CA GLY A 333 27.69 12.97 9.09
C GLY A 333 27.99 12.01 10.22
N MET A 334 27.57 12.41 11.42
CA MET A 334 27.77 11.56 12.59
C MET A 334 26.96 10.28 12.51
N GLY A 335 25.81 10.31 11.84
CA GLY A 335 24.98 9.15 11.72
C GLY A 335 24.17 8.88 12.97
N PRO A 336 23.31 7.87 12.92
CA PRO A 336 22.49 7.55 14.08
C PRO A 336 23.29 6.83 15.16
N PRO A 337 23.11 7.19 16.43
CA PRO A 337 23.84 6.49 17.51
C PRO A 337 23.29 5.08 17.69
N GLU A 338 24.18 4.10 17.61
CA GLU A 338 23.79 2.69 17.69
C GLU A 338 24.41 1.96 18.86
N ILE A 339 25.73 2.02 19.02
CA ILE A 339 26.46 1.18 19.95
C ILE A 339 26.76 1.96 21.22
N LYS A 340 26.44 1.38 22.36
CA LYS A 340 26.67 1.98 23.66
C LYS A 340 27.92 1.38 24.32
N TYR A 341 28.46 2.12 25.28
CA TYR A 341 29.65 1.68 26.01
C TYR A 341 29.25 0.75 27.14
N GLY A 342 29.77 -0.49 27.10
CA GLY A 342 29.59 -1.41 28.20
C GLY A 342 28.27 -2.15 28.22
N GLU A 343 27.40 -1.92 27.25
CA GLU A 343 26.11 -2.62 27.19
C GLU A 343 25.94 -3.46 25.94
N SER A 344 26.30 -2.95 24.77
CA SER A 344 26.16 -3.70 23.53
C SER A 344 27.21 -4.80 23.46
N LEU A 345 26.77 -6.02 23.14
CA LEU A 345 27.66 -7.16 22.96
C LEU A 345 27.85 -7.39 21.46
N CYS A 346 29.11 -7.35 21.02
CA CYS A 346 29.46 -7.44 19.60
C CYS A 346 30.33 -8.66 19.34
N PHE A 347 30.04 -9.37 18.26
CA PHE A 347 30.83 -10.50 17.80
C PHE A 347 31.75 -10.03 16.69
N VAL A 348 33.05 -10.22 16.87
CA VAL A 348 34.04 -9.80 15.89
C VAL A 348 34.23 -10.90 14.86
N GLN A 349 34.04 -10.56 13.59
CA GLN A 349 34.16 -11.49 12.47
C GLN A 349 35.16 -10.94 11.47
N HIS A 350 36.03 -11.79 10.97
CA HIS A 350 36.93 -11.41 9.89
C HIS A 350 36.14 -11.33 8.58
N VAL A 351 36.22 -10.17 7.93
CA VAL A 351 35.34 -9.90 6.79
C VAL A 351 35.69 -10.83 5.62
N ALA A 352 36.97 -10.93 5.28
CA ALA A 352 37.35 -11.66 4.07
C ALA A 352 37.02 -13.14 4.18
N SER A 353 37.28 -13.74 5.33
CA SER A 353 37.11 -15.19 5.50
C SER A 353 35.81 -15.57 6.17
N GLY A 354 35.20 -14.68 6.94
CA GLY A 354 34.00 -14.99 7.68
C GLY A 354 34.22 -15.76 8.95
N LEU A 355 35.46 -16.04 9.33
CA LEU A 355 35.73 -16.76 10.55
C LEU A 355 35.39 -15.89 11.76
N TRP A 356 35.14 -16.55 12.89
CA TRP A 356 34.76 -15.87 14.12
C TRP A 356 35.94 -15.87 15.09
N LEU A 357 36.12 -14.77 15.80
CA LEU A 357 37.17 -14.63 16.79
C LEU A 357 36.78 -15.33 18.08
N THR A 358 37.60 -16.27 18.53
CA THR A 358 37.32 -17.02 19.76
C THR A 358 38.63 -17.50 20.35
N TYR A 359 38.53 -18.19 21.49
CA TYR A 359 39.70 -18.71 22.16
C TYR A 359 39.96 -20.16 21.74
N ALA A 360 41.15 -20.63 22.08
CA ALA A 360 41.54 -22.02 21.85
C ALA A 360 41.37 -22.80 23.15
N ALA A 361 40.75 -23.98 23.05
CA ALA A 361 40.48 -24.80 24.23
C ALA A 361 41.78 -25.09 24.99
N PRO A 362 42.01 -24.45 26.14
CA PRO A 362 43.29 -24.65 26.84
C PRO A 362 43.49 -26.11 27.23
N ASP A 363 44.74 -26.55 27.13
CA ASP A 363 45.06 -27.93 27.51
C ASP A 363 44.85 -28.12 29.01
N PRO A 364 44.35 -29.27 29.44
CA PRO A 364 44.19 -29.49 30.89
C PRO A 364 45.51 -29.43 31.65
N LYS A 365 46.61 -29.84 31.03
CA LYS A 365 47.89 -29.86 31.71
C LYS A 365 48.49 -28.48 31.90
N ALA A 366 47.88 -27.43 31.33
CA ALA A 366 48.39 -26.08 31.46
C ALA A 366 47.83 -25.36 32.68
N LEU A 367 46.79 -25.87 33.32
CA LEU A 367 46.27 -25.23 34.53
C LEU A 367 47.26 -25.36 35.68
N ARG A 368 48.00 -26.47 35.73
CA ARG A 368 49.00 -26.64 36.78
C ARG A 368 50.14 -25.64 36.64
N LEU A 369 50.45 -25.23 35.41
CA LEU A 369 51.48 -24.23 35.17
C LEU A 369 51.07 -22.83 35.58
N GLY A 370 49.81 -22.61 35.93
CA GLY A 370 49.33 -21.28 36.26
C GLY A 370 49.06 -20.40 35.07
N VAL A 371 48.98 -20.94 33.86
CA VAL A 371 48.77 -20.16 32.65
C VAL A 371 47.28 -19.89 32.50
N LEU A 372 46.82 -18.76 33.04
CA LEU A 372 45.42 -18.37 32.89
C LEU A 372 45.13 -17.73 31.55
N LYS A 373 46.16 -17.31 30.81
CA LYS A 373 45.94 -16.70 29.51
C LYS A 373 45.51 -17.76 28.50
N LYS A 374 44.50 -17.43 27.71
CA LYS A 374 43.96 -18.34 26.69
C LYS A 374 44.22 -17.77 25.30
N LYS A 375 44.89 -18.54 24.45
CA LYS A 375 45.25 -18.05 23.12
C LYS A 375 44.01 -17.79 22.28
N ALA A 376 44.00 -16.64 21.59
CA ALA A 376 42.90 -16.24 20.73
C ALA A 376 43.09 -16.81 19.33
N ILE A 377 42.04 -17.43 18.79
CA ILE A 377 42.09 -18.05 17.47
C ILE A 377 40.89 -17.64 16.65
N LEU A 378 41.00 -17.84 15.34
CA LEU A 378 39.90 -17.67 14.39
C LEU A 378 39.34 -19.02 13.99
N HIS A 379 38.04 -19.21 14.20
CA HIS A 379 37.38 -20.49 13.94
C HIS A 379 36.12 -20.25 13.13
N GLN A 380 35.76 -21.25 12.32
CA GLN A 380 34.62 -21.11 11.42
C GLN A 380 33.31 -20.99 12.17
N GLU A 381 33.18 -21.68 13.31
CA GLU A 381 31.96 -21.67 14.10
C GLU A 381 32.06 -20.79 15.34
N GLY A 382 33.17 -20.87 16.07
CA GLY A 382 33.32 -20.10 17.27
C GLY A 382 32.53 -20.71 18.42
N HIS A 383 32.26 -19.87 19.43
CA HIS A 383 31.57 -20.30 20.64
C HIS A 383 30.41 -19.36 20.94
N MET A 384 29.54 -19.81 21.86
CA MET A 384 28.36 -19.03 22.21
C MET A 384 28.70 -17.87 23.15
N ASP A 385 29.76 -17.99 23.94
CA ASP A 385 30.12 -16.97 24.91
C ASP A 385 31.13 -15.96 24.38
N ASP A 386 31.13 -15.72 23.07
CA ASP A 386 32.07 -14.81 22.43
C ASP A 386 31.74 -13.34 22.65
N ALA A 387 30.63 -13.03 23.33
CA ALA A 387 30.24 -11.63 23.52
C ALA A 387 31.34 -10.87 24.25
N LEU A 388 31.56 -9.63 23.82
CA LEU A 388 32.63 -8.79 24.35
C LEU A 388 32.07 -7.47 24.83
N PHE A 389 32.65 -6.95 25.91
CA PHE A 389 32.32 -5.63 26.45
C PHE A 389 33.40 -4.64 26.03
N LEU A 390 32.97 -3.46 25.56
CA LEU A 390 33.87 -2.37 25.20
C LEU A 390 33.96 -1.35 26.33
N THR A 391 35.14 -1.18 26.91
CA THR A 391 35.34 -0.25 28.01
C THR A 391 36.23 0.90 27.57
N ARG A 392 35.84 2.13 27.90
CA ARG A 392 36.63 3.29 27.51
C ARG A 392 37.99 3.30 28.20
N CYS A 393 38.94 3.99 27.57
CA CYS A 393 40.24 4.28 28.16
C CYS A 393 40.41 5.79 28.29
N GLN A 394 40.98 6.21 29.41
CA GLN A 394 41.16 7.63 29.68
C GLN A 394 42.19 8.26 28.73
N GLN A 395 41.96 9.54 28.43
CA GLN A 395 42.87 10.28 27.57
C GLN A 395 44.26 10.35 28.16
N GLU A 396 44.37 10.36 29.48
CA GLU A 396 45.68 10.36 30.12
C GLU A 396 46.45 9.10 29.79
N GLU A 397 45.78 7.95 29.87
CA GLU A 397 46.45 6.69 29.57
C GLU A 397 46.77 6.59 28.08
N SER A 398 45.86 7.05 27.22
CA SER A 398 46.14 6.99 25.78
C SER A 398 47.34 7.85 25.43
N GLN A 399 47.42 9.05 26.00
CA GLN A 399 48.55 9.93 25.75
C GLN A 399 49.84 9.33 26.29
N ALA A 400 49.78 8.72 27.48
CA ALA A 400 50.99 8.13 28.02
C ALA A 400 51.46 6.99 27.15
N ALA A 401 50.54 6.17 26.66
CA ALA A 401 50.90 5.05 25.81
C ALA A 401 51.54 5.51 24.51
N ARG A 402 50.99 6.57 23.90
CA ARG A 402 51.62 7.08 22.68
C ARG A 402 53.01 7.67 22.95
N MET A 403 53.19 8.37 24.07
CA MET A 403 54.52 8.89 24.38
C MET A 403 55.50 7.75 24.61
N ILE A 404 55.04 6.69 25.29
CA ILE A 404 55.89 5.51 25.50
C ILE A 404 56.28 4.88 24.17
N HIS A 405 55.35 4.80 23.23
CA HIS A 405 55.66 4.22 21.93
C HIS A 405 56.74 5.01 21.21
N SER A 406 56.62 6.34 21.23
CA SER A 406 57.60 7.16 20.52
C SER A 406 58.94 7.16 21.24
N THR A 407 58.92 7.21 22.58
CA THR A 407 60.16 7.21 23.32
C THR A 407 60.91 5.90 23.13
N ALA A 408 60.17 4.78 23.14
CA ALA A 408 60.82 3.48 22.96
C ALA A 408 61.44 3.39 21.58
N GLY A 409 60.74 3.87 20.55
CA GLY A 409 61.31 3.80 19.22
C GLY A 409 62.55 4.66 19.08
N LEU A 410 62.54 5.84 19.72
CA LEU A 410 63.66 6.75 19.63
C LEU A 410 64.87 6.17 20.36
N TYR A 411 64.67 5.65 21.56
CA TYR A 411 65.80 5.14 22.33
C TYR A 411 66.35 3.86 21.72
N ASN A 412 65.49 3.01 21.16
CA ASN A 412 66.00 1.83 20.46
C ASN A 412 66.84 2.22 19.25
N GLN A 413 66.43 3.26 18.52
CA GLN A 413 67.26 3.78 17.43
C GLN A 413 68.59 4.32 17.95
N PHE A 414 68.56 5.02 19.08
CA PHE A 414 69.80 5.54 19.66
C PHE A 414 70.72 4.42 20.11
N ILE A 415 70.14 3.36 20.68
CA ILE A 415 70.95 2.24 21.15
C ILE A 415 71.63 1.56 19.98
N LYS A 416 70.87 1.27 18.93
CA LYS A 416 71.48 0.61 17.78
C LYS A 416 72.49 1.52 17.09
N GLY A 417 72.30 2.84 17.19
CA GLY A 417 73.31 3.74 16.66
C GLY A 417 74.59 3.67 17.46
N LEU A 418 74.49 3.57 18.78
CA LEU A 418 75.69 3.40 19.60
C LEU A 418 76.37 2.07 19.30
N ASP A 419 75.59 1.01 19.14
CA ASP A 419 76.12 -0.31 18.82
C ASP A 419 76.71 -0.39 17.41
N SER A 420 76.41 0.58 16.56
CA SER A 420 76.97 0.57 15.21
C SER A 420 78.50 0.70 15.22
N PHE A 421 79.05 1.56 16.09
CA PHE A 421 80.49 1.74 16.20
C PHE A 421 81.02 1.25 17.55
N SER A 422 80.55 0.09 17.99
CA SER A 422 80.96 -0.43 19.29
C SER A 422 82.47 -0.64 19.35
N GLY A 423 83.06 -1.20 18.30
CA GLY A 423 84.47 -1.48 18.28
C GLY A 423 85.18 -1.05 17.02
N LYS A 424 84.72 0.04 16.39
CA LYS A 424 85.26 0.52 15.13
C LYS A 424 85.79 1.94 15.32
N PRO A 425 87.06 2.11 15.64
CA PRO A 425 87.61 3.46 15.75
C PRO A 425 87.48 4.22 14.45
N ARG A 426 87.15 5.51 14.56
CA ARG A 426 86.94 6.34 13.38
C ARG A 426 88.25 6.76 12.71
N GLY A 427 89.36 6.71 13.44
CA GLY A 427 90.60 7.21 12.87
C GLY A 427 90.51 8.68 12.57
N SER A 428 91.11 9.09 11.45
CA SER A 428 91.06 10.47 11.00
C SER A 428 89.87 10.76 10.10
N GLY A 429 89.06 9.75 9.77
CA GLY A 429 87.93 9.93 8.90
C GLY A 429 86.61 9.96 9.66
N PRO A 430 85.51 10.02 8.92
CA PRO A 430 84.19 10.06 9.57
C PRO A 430 83.89 8.76 10.28
N PRO A 431 82.98 8.77 11.26
CA PRO A 431 82.63 7.52 11.95
C PRO A 431 82.01 6.46 11.04
N ALA A 432 81.69 6.81 9.79
CA ALA A 432 81.15 5.85 8.82
C ALA A 432 79.85 5.22 9.33
N GLY A 433 78.84 6.07 9.48
CA GLY A 433 77.53 5.62 9.90
C GLY A 433 76.53 6.76 9.99
N PRO A 434 75.26 6.42 10.18
CA PRO A 434 74.22 7.45 10.30
C PRO A 434 74.42 8.30 11.55
N ALA A 435 74.02 9.57 11.42
CA ALA A 435 74.17 10.51 12.53
C ALA A 435 73.24 10.13 13.68
N LEU A 436 73.74 10.27 14.89
CA LEU A 436 72.94 9.96 16.07
C LEU A 436 71.87 11.03 16.28
N PRO A 437 70.67 10.65 16.73
CA PRO A 437 69.63 11.65 17.06
C PRO A 437 69.87 12.32 18.41
N ILE A 438 70.97 13.07 18.49
CA ILE A 438 71.38 13.68 19.76
C ILE A 438 70.33 14.69 20.20
N GLU A 439 69.91 15.58 19.30
CA GLU A 439 68.96 16.61 19.68
C GLU A 439 67.61 16.02 20.04
N ALA A 440 67.20 14.97 19.32
CA ALA A 440 65.93 14.34 19.63
C ALA A 440 65.98 13.68 21.00
N VAL A 441 67.10 13.02 21.32
CA VAL A 441 67.22 12.36 22.61
C VAL A 441 67.20 13.40 23.72
N ILE A 442 67.92 14.51 23.52
CA ILE A 442 67.98 15.55 24.54
C ILE A 442 66.60 16.14 24.79
N LEU A 443 65.87 16.45 23.71
CA LEU A 443 64.54 17.03 23.88
C LEU A 443 63.57 16.03 24.53
N SER A 444 63.65 14.75 24.15
CA SER A 444 62.79 13.76 24.77
C SER A 444 63.08 13.63 26.26
N LEU A 445 64.37 13.63 26.62
CA LEU A 445 64.73 13.53 28.03
C LEU A 445 64.22 14.73 28.81
N GLN A 446 64.37 15.93 28.25
CA GLN A 446 63.90 17.12 28.95
C GLN A 446 62.39 17.10 29.11
N ASP A 447 61.68 16.67 28.06
CA ASP A 447 60.23 16.58 28.15
C ASP A 447 59.79 15.59 29.21
N LEU A 448 60.44 14.43 29.28
CA LEU A 448 60.05 13.44 30.28
C LEU A 448 60.38 13.93 31.69
N ILE A 449 61.51 14.63 31.84
CA ILE A 449 61.88 15.17 33.14
C ILE A 449 60.85 16.17 33.61
N GLY A 450 60.42 17.07 32.73
CA GLY A 450 59.33 17.97 33.08
C GLY A 450 57.98 17.29 33.20
N TYR A 451 57.82 16.12 32.59
CA TYR A 451 56.57 15.38 32.72
C TYR A 451 56.44 14.70 34.07
N PHE A 452 57.55 14.27 34.66
CA PHE A 452 57.54 13.52 35.90
C PHE A 452 57.86 14.39 37.12
N GLU A 453 57.71 15.70 37.01
CA GLU A 453 58.06 16.57 38.13
C GLU A 453 57.10 16.30 39.29
N PRO A 454 57.59 16.16 40.52
CA PRO A 454 56.68 15.95 41.64
C PRO A 454 55.91 17.22 41.93
N PRO A 455 54.70 17.10 42.48
CA PRO A 455 53.91 18.30 42.81
C PRO A 455 54.59 19.12 43.90
N SER A 456 54.34 20.43 43.85
CA SER A 456 54.91 21.34 44.83
C SER A 456 54.34 21.09 46.22
N LEU A 459 50.46 23.49 47.80
CA LEU A 459 49.11 23.15 47.39
C LEU A 459 48.33 22.54 48.55
N GLN A 460 47.00 22.58 48.45
CA GLN A 460 46.18 22.01 49.49
C GLN A 460 46.26 20.48 49.47
N HIS A 461 45.83 19.89 50.59
CA HIS A 461 46.00 18.45 50.79
C HIS A 461 45.25 17.64 49.73
N GLU A 462 44.05 18.08 49.37
CA GLU A 462 43.22 17.27 48.48
C GLU A 462 43.85 17.15 47.11
N GLU A 463 44.24 18.28 46.52
CA GLU A 463 44.80 18.22 45.18
C GLU A 463 46.22 17.68 45.23
N LYS A 464 46.93 17.87 46.35
CA LYS A 464 48.26 17.30 46.45
C LYS A 464 48.19 15.77 46.42
N GLN A 465 47.21 15.20 47.14
CA GLN A 465 47.03 13.76 47.12
C GLN A 465 46.57 13.28 45.75
N SER A 466 45.71 14.06 45.08
CA SER A 466 45.28 13.69 43.74
C SER A 466 46.46 13.67 42.76
N LYS A 467 47.35 14.65 42.87
CA LYS A 467 48.52 14.69 42.00
C LYS A 467 49.48 13.56 42.34
N LEU A 468 49.61 13.21 43.62
CA LEU A 468 50.44 12.08 43.99
C LEU A 468 49.89 10.79 43.42
N ARG A 469 48.57 10.61 43.46
CA ARG A 469 47.96 9.40 42.91
C ARG A 469 48.19 9.31 41.40
N SER A 470 48.04 10.43 40.70
CA SER A 470 48.30 10.42 39.26
C SER A 470 49.76 10.12 38.96
N LEU A 471 50.67 10.69 39.77
CA LEU A 471 52.09 10.46 39.54
C LEU A 471 52.44 9.00 39.76
N ARG A 472 51.89 8.39 40.81
CA ARG A 472 52.16 6.97 41.05
C ARG A 472 51.61 6.12 39.92
N ASN A 473 50.42 6.46 39.41
CA ASN A 473 49.86 5.69 38.31
C ASN A 473 50.72 5.79 37.06
N ARG A 474 51.20 6.98 36.74
CA ARG A 474 52.03 7.14 35.55
C ARG A 474 53.38 6.46 35.71
N GLN A 475 53.94 6.50 36.92
CA GLN A 475 55.20 5.79 37.17
C GLN A 475 55.02 4.29 36.99
N SER A 476 53.91 3.74 37.49
CA SER A 476 53.67 2.31 37.31
C SER A 476 53.46 1.97 35.85
N LEU A 477 52.75 2.84 35.12
CA LEU A 477 52.50 2.56 33.71
C LEU A 477 53.81 2.52 32.92
N PHE A 478 54.70 3.48 33.17
CA PHE A 478 55.98 3.49 32.48
C PHE A 478 56.85 2.31 32.89
N GLN A 479 56.85 1.96 34.18
CA GLN A 479 57.67 0.85 34.66
C GLN A 479 57.24 -0.47 34.05
N GLU A 480 55.93 -0.70 33.93
CA GLU A 480 55.44 -1.96 33.41
C GLU A 480 55.80 -2.20 31.94
N GLU A 481 56.16 -1.16 31.20
CA GLU A 481 56.55 -1.31 29.80
C GLU A 481 58.06 -1.44 29.59
N GLY A 482 58.85 -1.57 30.66
CA GLY A 482 60.27 -1.82 30.50
C GLY A 482 61.11 -0.59 30.18
N MET A 483 60.57 0.61 30.39
CA MET A 483 61.31 1.83 30.11
C MET A 483 62.56 1.94 30.97
N LEU A 484 62.47 1.52 32.23
CA LEU A 484 63.62 1.56 33.13
C LEU A 484 64.77 0.69 32.64
N SER A 485 64.48 -0.51 32.14
CA SER A 485 65.57 -1.32 31.60
C SER A 485 66.15 -0.69 30.34
N LEU A 486 65.33 -0.01 29.55
CA LEU A 486 65.88 0.65 28.37
C LEU A 486 66.84 1.77 28.78
N VAL A 487 66.47 2.52 29.82
CA VAL A 487 67.36 3.58 30.30
C VAL A 487 68.64 2.99 30.85
N LEU A 488 68.52 1.86 31.57
CA LEU A 488 69.71 1.23 32.11
C LEU A 488 70.64 0.77 30.99
N ASN A 489 70.07 0.21 29.93
CA ASN A 489 70.89 -0.22 28.80
C ASN A 489 71.60 0.96 28.14
N CYS A 490 70.89 2.09 28.01
CA CYS A 490 71.53 3.28 27.45
C CYS A 490 72.66 3.76 28.35
N ILE A 491 72.45 3.75 29.67
CA ILE A 491 73.51 4.19 30.57
C ILE A 491 74.70 3.25 30.48
N ASP A 492 74.47 1.94 30.48
CA ASP A 492 75.58 1.02 30.46
C ASP A 492 76.41 1.20 29.19
N ARG A 493 75.74 1.36 28.04
CA ARG A 493 76.47 1.51 26.78
C ARG A 493 77.19 2.86 26.70
N LEU A 494 76.64 3.92 27.30
CA LEU A 494 77.36 5.19 27.33
C LEU A 494 78.45 5.25 28.38
N ASN A 495 78.43 4.34 29.37
CA ASN A 495 79.40 4.37 30.45
C ASN A 495 80.71 3.68 30.09
N VAL A 496 80.78 3.00 28.95
CA VAL A 496 82.00 2.28 28.59
C VAL A 496 83.13 3.20 28.15
N TYR A 497 82.87 4.50 28.05
CA TYR A 497 83.87 5.49 27.68
C TYR A 497 84.27 6.29 28.90
N THR A 498 85.58 6.34 29.18
CA THR A 498 86.06 6.96 30.40
C THR A 498 85.90 8.48 30.37
N THR A 499 85.94 9.09 29.20
CA THR A 499 85.86 10.54 29.12
C THR A 499 85.37 10.95 27.74
N ALA A 500 85.13 12.26 27.60
CA ALA A 500 84.60 12.80 26.36
C ALA A 500 85.58 12.61 25.22
N ALA A 501 86.88 12.80 25.47
CA ALA A 501 87.87 12.60 24.42
C ALA A 501 87.89 11.15 23.95
N HIS A 502 87.78 10.20 24.87
CA HIS A 502 87.69 8.81 24.50
C HIS A 502 86.44 8.54 23.67
N PHE A 503 85.31 9.14 24.05
CA PHE A 503 84.12 8.96 23.22
C PHE A 503 84.30 9.63 21.85
N ALA A 504 85.09 10.71 21.81
CA ALA A 504 85.35 11.38 20.54
C ALA A 504 86.20 10.53 19.61
N GLU A 505 86.99 9.61 20.19
CA GLU A 505 87.82 8.78 19.34
C GLU A 505 87.00 7.79 18.52
N TYR A 506 85.72 7.65 18.81
CA TYR A 506 84.86 6.72 18.11
C TYR A 506 83.61 7.36 17.52
N ALA A 507 83.12 8.46 18.10
CA ALA A 507 81.91 9.10 17.63
C ALA A 507 82.13 10.54 17.15
N GLY A 508 83.33 11.06 17.27
CA GLY A 508 83.63 12.40 16.81
C GLY A 508 83.37 13.47 17.87
N GLU A 509 83.93 14.65 17.62
CA GLU A 509 83.84 15.75 18.57
C GLU A 509 82.42 16.32 18.62
N GLU A 510 81.76 16.39 17.46
CA GLU A 510 80.42 16.98 17.41
C GLU A 510 79.43 16.15 18.20
N ALA A 511 79.68 14.84 18.30
CA ALA A 511 78.84 13.99 19.12
C ALA A 511 79.32 13.94 20.56
N ALA A 512 80.62 14.18 20.77
CA ALA A 512 81.19 14.12 22.11
C ALA A 512 80.85 15.32 22.97
N GLU A 513 80.57 16.49 22.38
CA GLU A 513 80.25 17.64 23.24
C GLU A 513 78.93 17.51 23.98
N SER A 514 78.08 16.55 23.64
CA SER A 514 76.86 16.30 24.40
C SER A 514 76.87 15.01 25.23
N TRP A 515 77.98 14.30 25.29
CA TRP A 515 78.01 13.04 26.04
C TRP A 515 77.74 13.26 27.53
N LYS A 516 78.36 14.29 28.12
CA LYS A 516 78.17 14.54 29.55
C LYS A 516 76.75 15.02 29.82
N GLU A 517 76.19 15.83 28.91
CA GLU A 517 74.85 16.32 29.10
C GLU A 517 73.86 15.17 29.03
N ILE A 518 74.08 14.25 28.09
CA ILE A 518 73.14 13.16 27.93
C ILE A 518 73.18 12.26 29.15
N VAL A 519 74.38 11.94 29.64
CA VAL A 519 74.46 11.03 30.79
C VAL A 519 73.82 11.67 32.02
N ASN A 520 74.02 12.99 32.20
CA ASN A 520 73.39 13.67 33.33
C ASN A 520 71.87 13.65 33.20
N LEU A 521 71.36 13.88 31.99
CA LEU A 521 69.91 13.83 31.81
C LEU A 521 69.37 12.42 32.04
N LEU A 522 70.14 11.41 31.64
CA LEU A 522 69.72 10.03 31.83
C LEU A 522 69.59 9.71 33.31
N TYR A 523 70.56 10.13 34.12
CA TYR A 523 70.47 9.89 35.55
C TYR A 523 69.35 10.70 36.18
N GLU A 524 69.12 11.93 35.71
CA GLU A 524 68.02 12.73 36.25
C GLU A 524 66.68 12.10 35.94
N LEU A 525 66.51 11.57 34.72
CA LEU A 525 65.28 10.88 34.39
C LEU A 525 65.13 9.60 35.21
N LEU A 526 66.22 8.87 35.42
CA LEU A 526 66.13 7.65 36.21
C LEU A 526 65.67 7.97 37.63
N ALA A 527 66.21 9.06 38.19
CA ALA A 527 65.77 9.47 39.52
C ALA A 527 64.30 9.85 39.54
N SER A 528 63.84 10.57 38.50
CA SER A 528 62.43 10.94 38.51
C SER A 528 61.55 9.71 38.35
N LEU A 529 62.04 8.71 37.60
CA LEU A 529 61.33 7.46 37.35
C LEU A 529 61.28 6.57 38.58
N ILE A 530 62.18 6.75 39.54
CA ILE A 530 62.27 5.84 40.67
C ILE A 530 61.93 6.51 42.00
N ARG A 531 61.79 7.83 42.04
CA ARG A 531 61.45 8.51 43.28
C ARG A 531 60.03 8.17 43.72
N GLY A 532 59.90 7.61 44.93
CA GLY A 532 58.61 7.41 45.56
C GLY A 532 57.86 6.14 45.22
N ASN A 533 58.43 5.24 44.43
CA ASN A 533 57.77 3.99 44.04
C ASN A 533 58.45 2.83 44.77
N ARG A 534 57.73 2.21 45.70
CA ARG A 534 58.34 1.14 46.48
C ARG A 534 58.67 -0.07 45.62
N ALA A 535 57.80 -0.40 44.66
CA ALA A 535 58.04 -1.54 43.80
C ALA A 535 59.29 -1.32 42.95
N ASN A 536 59.43 -0.11 42.43
CA ASN A 536 60.59 0.21 41.62
C ASN A 536 61.85 0.22 42.47
N CYS A 537 61.77 0.73 43.71
CA CYS A 537 62.98 0.70 44.50
C CYS A 537 63.34 -0.72 44.87
N ALA A 538 62.33 -1.58 45.05
CA ALA A 538 62.61 -2.98 45.36
C ALA A 538 63.23 -3.70 44.17
N LEU A 539 63.09 -3.14 42.97
CA LEU A 539 63.69 -3.76 41.80
C LEU A 539 65.23 -3.72 41.86
N PHE A 540 65.78 -2.78 42.61
CA PHE A 540 67.23 -2.62 42.75
C PHE A 540 67.85 -3.52 43.81
N SER A 541 67.05 -4.33 44.50
CA SER A 541 67.60 -5.29 45.46
C SER A 541 68.44 -6.38 44.81
N THR A 542 68.41 -6.50 43.49
CA THR A 542 69.20 -7.49 42.78
C THR A 542 70.49 -6.95 42.18
N ASN A 543 70.51 -5.68 41.77
CA ASN A 543 71.70 -5.12 41.12
C ASN A 543 72.17 -3.86 41.83
N LEU A 544 72.33 -3.92 43.15
CA LEU A 544 72.81 -2.76 43.90
C LEU A 544 74.27 -2.45 43.57
N ASP A 545 75.08 -3.47 43.28
CA ASP A 545 76.47 -3.19 42.92
C ASP A 545 76.57 -2.37 41.65
N TRP A 546 75.53 -2.41 40.81
CA TRP A 546 75.51 -1.61 39.60
C TRP A 546 75.57 -0.13 39.94
N VAL A 547 74.80 0.29 40.94
CA VAL A 547 74.80 1.68 41.37
C VAL A 547 76.05 1.99 42.18
N VAL A 548 76.43 1.11 43.09
CA VAL A 548 77.53 1.44 44.01
C VAL A 548 78.85 1.58 43.26
N SER A 549 79.12 0.68 42.31
CA SER A 549 80.40 0.71 41.60
C SER A 549 80.57 1.97 40.75
N LYS A 550 79.50 2.70 40.46
CA LYS A 550 79.59 3.92 39.67
C LYS A 550 79.72 5.17 40.52
N LEU A 551 79.80 5.05 41.85
CA LEU A 551 79.86 6.22 42.71
C LEU A 551 81.14 7.02 42.48
N ASP A 552 82.22 6.35 42.06
CA ASP A 552 83.51 7.02 41.90
C ASP A 552 83.64 7.76 40.58
N ARG A 553 82.65 7.67 39.69
CA ARG A 553 82.70 8.40 38.44
C ARG A 553 82.66 9.89 38.70
N LEU A 554 83.49 10.64 37.97
CA LEU A 554 83.60 12.07 38.18
C LEU A 554 82.42 12.83 37.61
N GLU A 555 81.70 12.26 36.65
CA GLU A 555 80.55 12.89 36.03
C GLU A 555 79.27 12.27 36.55
N ALA A 556 78.26 13.10 36.77
CA ALA A 556 76.97 12.66 37.30
C ALA A 556 77.10 12.09 38.71
N SER A 557 78.13 12.51 39.44
CA SER A 557 78.31 12.04 40.82
C SER A 557 77.09 12.39 41.66
N SER A 558 76.58 13.61 41.51
CA SER A 558 75.44 14.04 42.31
C SER A 558 74.19 13.30 41.91
N GLY A 559 74.01 13.06 40.61
CA GLY A 559 72.81 12.37 40.17
C GLY A 559 72.79 10.94 40.67
N ILE A 560 73.94 10.27 40.61
CA ILE A 560 74.00 8.88 41.06
C ILE A 560 73.81 8.82 42.57
N LEU A 561 74.37 9.79 43.30
CA LEU A 561 74.16 9.82 44.74
C LEU A 561 72.69 10.03 45.06
N GLU A 562 72.00 10.88 44.29
CA GLU A 562 70.57 11.10 44.50
C GLU A 562 69.79 9.83 44.21
N VAL A 563 70.18 9.09 43.18
CA VAL A 563 69.50 7.83 42.88
C VAL A 563 69.66 6.85 44.04
N LEU A 564 70.86 6.75 44.57
CA LEU A 564 71.08 5.85 45.70
C LEU A 564 70.27 6.29 46.91
N TYR A 565 70.20 7.60 47.15
CA TYR A 565 69.45 8.09 48.30
C TYR A 565 67.97 7.76 48.15
N CYS A 566 67.44 7.92 46.94
CA CYS A 566 66.02 7.63 46.73
C CYS A 566 65.75 6.14 46.93
N VAL A 567 66.66 5.28 46.46
CA VAL A 567 66.44 3.85 46.63
C VAL A 567 66.47 3.48 48.10
N LEU A 568 67.45 4.01 48.83
CA LEU A 568 67.65 3.61 50.22
C LEU A 568 66.55 4.13 51.13
N ILE A 569 66.04 5.34 50.85
CA ILE A 569 65.01 5.92 51.70
C ILE A 569 63.66 5.24 51.53
N GLU A 570 63.54 4.33 50.57
CA GLU A 570 62.26 3.70 50.25
C GLU A 570 62.27 2.20 50.44
N SER A 571 63.35 1.50 50.07
CA SER A 571 63.32 0.04 50.05
C SER A 571 64.07 -0.54 51.23
N PRO A 572 63.40 -1.14 52.22
CA PRO A 572 64.12 -1.81 53.32
C PRO A 572 64.90 -3.04 52.87
N GLU A 573 64.56 -3.65 51.73
CA GLU A 573 65.27 -4.83 51.26
C GLU A 573 66.71 -4.49 50.92
N VAL A 574 66.94 -3.30 50.36
CA VAL A 574 68.29 -2.95 50.00
C VAL A 574 69.13 -2.83 51.26
N LEU A 575 68.55 -2.34 52.35
CA LEU A 575 69.34 -2.25 53.58
C LEU A 575 69.71 -3.64 54.06
N ASN A 576 68.86 -4.63 53.80
CA ASN A 576 69.15 -5.99 54.23
C ASN A 576 70.17 -6.66 53.32
N ILE A 577 70.40 -6.09 52.14
CA ILE A 577 71.40 -6.62 51.22
C ILE A 577 72.69 -5.80 51.20
N ILE A 578 72.72 -4.66 51.88
CA ILE A 578 73.92 -3.82 51.90
C ILE A 578 75.01 -4.49 52.72
N GLN A 579 76.23 -4.48 52.19
CA GLN A 579 77.36 -5.17 52.80
C GLN A 579 78.50 -4.20 53.16
N GLU A 580 79.53 -4.79 53.77
CA GLU A 580 80.67 -4.02 54.26
C GLU A 580 81.39 -3.33 53.12
N ASN A 581 81.57 -4.01 51.99
CA ASN A 581 82.28 -3.37 50.89
C ASN A 581 81.49 -2.17 50.37
N HIS A 582 80.17 -2.24 50.42
CA HIS A 582 79.34 -1.10 50.05
C HIS A 582 79.56 0.06 50.99
N ILE A 583 79.61 -0.22 52.30
CA ILE A 583 79.77 0.86 53.26
C ILE A 583 81.16 1.47 53.13
N LYS A 584 82.17 0.64 52.94
CA LYS A 584 83.53 1.15 52.75
C LYS A 584 83.63 1.99 51.49
N SER A 585 82.90 1.62 50.43
CA SER A 585 82.88 2.43 49.22
C SER A 585 82.26 3.80 49.48
N ILE A 586 81.17 3.84 50.25
CA ILE A 586 80.55 5.12 50.55
C ILE A 586 81.47 5.98 51.41
N ILE A 587 82.14 5.37 52.39
CA ILE A 587 83.07 6.17 53.18
C ILE A 587 84.22 6.66 52.30
N SER A 588 84.70 5.84 51.38
CA SER A 588 85.75 6.35 50.49
C SER A 588 85.21 7.48 49.63
N LEU A 589 83.89 7.49 49.38
CA LEU A 589 83.32 8.59 48.64
C LEU A 589 83.41 9.87 49.43
N LEU A 590 83.19 9.76 50.74
CA LEU A 590 83.37 10.92 51.63
C LEU A 590 84.82 11.36 51.63
N ASP A 591 85.74 10.40 51.67
CA ASP A 591 87.17 10.69 51.75
C ASP A 591 87.68 11.39 50.50
N LYS A 592 87.14 11.03 49.34
CA LYS A 592 87.66 11.51 48.07
C LYS A 592 86.91 12.72 47.54
N HIS A 593 85.64 12.89 47.87
CA HIS A 593 84.86 14.01 47.37
C HIS A 593 84.60 15.07 48.44
N GLY A 594 85.11 14.90 49.65
CA GLY A 594 85.04 15.96 50.63
C GLY A 594 83.86 15.85 51.57
N ARG A 595 83.72 16.89 52.38
CA ARG A 595 82.70 16.94 53.43
C ARG A 595 81.38 17.37 52.81
N ASN A 596 80.63 16.39 52.33
CA ASN A 596 79.30 16.60 51.77
C ASN A 596 78.27 16.03 52.74
N HIS A 597 77.30 16.86 53.14
CA HIS A 597 76.29 16.42 54.10
C HIS A 597 75.33 15.39 53.52
N LYS A 598 75.22 15.29 52.19
CA LYS A 598 74.32 14.28 51.64
C LYS A 598 74.82 12.87 51.89
N VAL A 599 76.14 12.66 51.88
CA VAL A 599 76.68 11.35 52.21
C VAL A 599 76.37 11.01 53.67
N LEU A 600 76.43 12.01 54.55
CA LEU A 600 76.06 11.80 55.94
C LEU A 600 74.59 11.43 56.06
N ASP A 601 73.73 12.09 55.29
CA ASP A 601 72.31 11.75 55.32
C ASP A 601 72.08 10.33 54.81
N VAL A 602 72.84 9.91 53.81
CA VAL A 602 72.75 8.53 53.32
C VAL A 602 73.16 7.54 54.40
N LEU A 603 74.23 7.85 55.11
CA LEU A 603 74.64 6.95 56.19
C LEU A 603 73.62 6.93 57.31
N CYS A 604 72.99 8.06 57.59
CA CYS A 604 71.94 8.09 58.60
C CYS A 604 70.77 7.21 58.17
N SER A 605 70.41 7.28 56.89
CA SER A 605 69.30 6.49 56.37
C SER A 605 69.62 5.00 56.35
N LEU A 606 70.89 4.64 56.28
CA LEU A 606 71.25 3.23 56.24
C LEU A 606 70.99 2.50 57.56
N CYS A 607 70.78 3.24 58.66
CA CYS A 607 70.70 2.62 59.96
C CYS A 607 69.29 2.11 60.29
N VAL A 608 68.30 2.98 60.20
CA VAL A 608 66.94 2.66 60.60
C VAL A 608 65.98 2.98 59.46
N CYS A 609 65.06 2.05 59.20
CA CYS A 609 64.01 2.24 58.21
C CYS A 609 62.70 1.75 58.78
N ASN A 610 61.69 2.61 58.78
CA ASN A 610 60.35 2.26 59.27
C ASN A 610 60.39 1.83 60.73
N GLY A 611 61.23 2.51 61.52
CA GLY A 611 61.27 2.28 62.95
C GLY A 611 62.01 1.04 63.40
N VAL A 612 62.72 0.36 62.52
CA VAL A 612 63.51 -0.81 62.87
C VAL A 612 64.96 -0.57 62.47
N ALA A 613 65.87 -0.82 63.40
CA ALA A 613 67.30 -0.57 63.21
C ALA A 613 68.03 -1.84 62.80
N VAL A 614 69.10 -1.67 62.04
CA VAL A 614 69.95 -2.77 61.60
C VAL A 614 71.23 -2.74 62.40
N ARG A 615 71.39 -3.73 63.30
CA ARG A 615 72.56 -3.77 64.16
C ARG A 615 73.83 -3.94 63.34
N SER A 616 73.79 -4.77 62.30
CA SER A 616 74.99 -5.01 61.50
C SER A 616 75.46 -3.74 60.84
N ASN A 617 74.54 -2.96 60.27
CA ASN A 617 74.91 -1.71 59.62
C ASN A 617 75.43 -0.71 60.64
N GLN A 618 74.80 -0.63 61.81
CA GLN A 618 75.27 0.32 62.82
C GLN A 618 76.67 -0.03 63.28
N ASP A 619 76.94 -1.32 63.48
CA ASP A 619 78.25 -1.74 63.94
C ASP A 619 79.30 -1.52 62.86
N LEU A 620 78.97 -1.83 61.61
CA LEU A 620 79.97 -1.64 60.54
C LEU A 620 80.31 -0.17 60.36
N ILE A 621 79.30 0.71 60.42
CA ILE A 621 79.57 2.14 60.31
C ILE A 621 80.42 2.62 61.47
N THR A 622 80.10 2.17 62.69
CA THR A 622 80.89 2.58 63.85
C THR A 622 82.33 2.09 63.72
N GLU A 623 82.52 0.85 63.26
CA GLU A 623 83.85 0.29 63.19
C GLU A 623 84.70 0.99 62.12
N ASN A 624 84.09 1.32 60.99
CA ASN A 624 84.82 1.81 59.83
C ASN A 624 84.82 3.32 59.70
N LEU A 625 84.22 4.05 60.63
CA LEU A 625 84.16 5.51 60.46
C LEU A 625 84.66 6.28 61.68
N LEU A 626 84.35 5.84 62.88
CA LEU A 626 84.67 6.62 64.08
C LEU A 626 86.14 6.53 64.47
N PRO A 627 86.71 5.33 64.63
CA PRO A 627 88.04 5.23 65.25
C PRO A 627 89.14 5.93 64.49
N GLY A 628 88.96 6.19 63.19
CA GLY A 628 90.01 6.87 62.45
C GLY A 628 90.31 8.25 62.99
N ARG A 629 89.27 9.01 63.34
CA ARG A 629 89.43 10.36 63.89
C ARG A 629 90.20 11.25 62.92
N GLU A 630 89.94 11.09 61.63
CA GLU A 630 90.57 11.89 60.60
C GLU A 630 89.60 12.70 59.76
N LEU A 631 88.36 12.24 59.60
CA LEU A 631 87.38 12.94 58.77
C LEU A 631 86.50 13.87 59.58
N LEU A 632 85.82 13.33 60.59
CA LEU A 632 84.90 14.12 61.39
C LEU A 632 85.66 15.10 62.28
N LEU A 633 85.04 16.26 62.50
CA LEU A 633 85.63 17.29 63.34
C LEU A 633 85.62 16.86 64.81
N GLN A 634 86.69 17.20 65.52
CA GLN A 634 86.89 16.82 66.90
C GLN A 634 86.69 18.01 67.82
N THR A 635 86.12 17.75 69.00
CA THR A 635 85.85 18.78 70.00
C THR A 635 86.46 18.38 71.34
N ASN A 636 86.91 19.39 72.09
CA ASN A 636 87.46 19.15 73.41
C ASN A 636 87.58 20.49 74.14
N LEU A 637 87.60 20.41 75.46
CA LEU A 637 87.75 21.58 76.33
C LEU A 637 89.22 21.86 76.63
N ILE A 638 89.65 23.11 76.42
CA ILE A 638 91.03 23.50 76.65
C ILE A 638 91.07 24.76 77.51
N ASN A 639 92.18 24.94 78.21
CA ASN A 639 92.41 26.11 79.04
C ASN A 639 93.04 27.25 78.26
N TYR A 640 92.79 28.48 78.73
CA TYR A 640 93.44 29.66 78.20
C TYR A 640 94.86 29.80 78.74
N VAL A 641 95.77 30.29 77.90
CA VAL A 641 97.16 30.50 78.26
C VAL A 641 97.57 31.93 77.90
N THR A 642 98.28 32.59 78.81
CA THR A 642 98.73 33.96 78.61
C THR A 642 100.24 34.06 78.83
N SER A 643 100.87 34.95 78.06
CA SER A 643 102.31 35.19 78.13
C SER A 643 102.61 36.58 78.70
N ILE A 644 103.65 36.65 79.53
CA ILE A 644 104.10 37.90 80.14
C ILE A 644 105.59 38.07 79.89
N ARG A 645 105.99 39.28 79.52
CA ARG A 645 107.41 39.56 79.20
C ARG A 645 107.84 40.90 79.78
N PRO A 646 109.07 41.05 80.29
CA PRO A 646 109.60 42.36 80.61
C PRO A 646 109.90 43.17 79.36
N ASN A 647 109.99 44.49 79.56
CA ASN A 647 110.27 45.42 78.46
C ASN A 647 111.77 45.63 78.24
N ILE A 648 112.52 44.54 78.04
CA ILE A 648 113.94 44.59 77.74
C ILE A 648 114.18 43.88 76.43
N PHE A 649 114.83 44.58 75.48
CA PHE A 649 115.05 44.06 74.14
C PHE A 649 116.55 44.11 73.83
N VAL A 650 117.10 42.98 73.41
CA VAL A 650 118.51 42.87 73.05
C VAL A 650 118.60 42.18 71.70
N GLY A 651 119.69 42.46 70.99
CA GLY A 651 119.89 41.87 69.68
C GLY A 651 121.32 42.07 69.21
N ARG A 652 121.61 41.50 68.05
CA ARG A 652 122.93 41.57 67.44
C ARG A 652 122.82 42.10 66.02
N ALA A 653 123.72 43.00 65.66
CA ALA A 653 123.77 43.55 64.31
C ALA A 653 125.17 44.08 64.05
N GLU A 654 125.47 44.27 62.77
CA GLU A 654 126.80 44.76 62.39
C GLU A 654 126.95 46.21 62.84
N GLY A 655 127.94 46.46 63.69
CA GLY A 655 128.17 47.78 64.23
C GLY A 655 127.29 48.15 65.39
N SER A 656 126.49 47.22 65.91
CA SER A 656 125.60 47.52 67.01
C SER A 656 126.39 47.72 68.30
N THR A 657 125.80 48.48 69.22
CA THR A 657 126.42 48.78 70.50
C THR A 657 125.95 47.86 71.61
N GLN A 658 125.13 46.86 71.30
CA GLN A 658 124.53 46.00 72.32
C GLN A 658 125.47 44.86 72.69
N TYR A 659 125.42 44.47 73.96
CA TYR A 659 126.21 43.35 74.46
C TYR A 659 125.61 42.02 74.00
N GLY A 660 126.43 40.97 74.07
CA GLY A 660 126.09 39.69 73.48
C GLY A 660 125.56 38.62 74.41
N LYS A 661 125.89 38.69 75.70
CA LYS A 661 125.56 37.65 76.66
C LYS A 661 124.69 38.21 77.78
N TRP A 662 123.58 37.54 78.05
CA TRP A 662 122.60 38.00 79.03
C TRP A 662 122.14 36.83 79.89
N TYR A 663 121.64 37.16 81.08
CA TYR A 663 121.29 36.17 82.09
C TYR A 663 120.12 36.69 82.92
N PHE A 664 119.18 35.79 83.26
CA PHE A 664 118.09 36.14 84.16
C PHE A 664 117.56 34.89 84.84
N GLU A 665 116.79 35.08 85.92
CA GLU A 665 116.25 33.96 86.67
C GLU A 665 114.76 34.14 86.90
N VAL A 666 114.05 33.01 86.98
CA VAL A 666 112.63 32.98 87.33
C VAL A 666 112.43 32.00 88.48
N MET A 667 111.82 32.47 89.57
CA MET A 667 111.55 31.63 90.73
C MET A 667 110.06 31.32 90.84
N VAL A 668 109.73 30.04 91.01
CA VAL A 668 108.34 29.58 91.10
C VAL A 668 107.94 29.50 92.56
N ASP A 669 106.84 30.15 92.94
CA ASP A 669 106.40 30.16 94.33
C ASP A 669 105.20 29.26 94.59
N GLU A 670 104.25 29.17 93.66
CA GLU A 670 103.05 28.36 93.90
C GLU A 670 102.44 27.93 92.57
N VAL A 671 102.28 26.63 92.39
CA VAL A 671 101.64 26.06 91.20
C VAL A 671 100.67 24.98 91.65
N VAL A 672 99.43 25.06 91.17
CA VAL A 672 98.42 24.03 91.43
C VAL A 672 98.50 23.00 90.30
N PRO A 673 98.87 21.75 90.60
CA PRO A 673 99.04 20.78 89.51
C PRO A 673 97.80 20.57 88.66
N PHE A 674 96.62 20.50 89.28
CA PHE A 674 95.37 20.28 88.56
C PHE A 674 94.29 21.19 89.14
N LEU A 675 94.19 22.41 88.60
CA LEU A 675 93.05 23.26 88.92
C LEU A 675 91.80 22.82 88.17
N THR A 676 91.97 22.31 86.96
CA THR A 676 90.87 21.77 86.16
C THR A 676 91.22 20.38 85.67
N ALA A 677 90.41 19.83 84.76
CA ALA A 677 90.68 18.50 84.22
C ALA A 677 91.97 18.47 83.41
N GLN A 678 92.46 19.61 82.94
CA GLN A 678 93.66 19.67 82.13
C GLN A 678 94.84 20.16 82.95
N ALA A 679 96.02 19.64 82.62
CA ALA A 679 97.22 19.96 83.36
C ALA A 679 97.58 21.44 83.23
N THR A 680 98.15 21.99 84.30
CA THR A 680 98.53 23.39 84.32
C THR A 680 99.71 23.64 83.39
N HIS A 681 99.61 24.73 82.62
CA HIS A 681 100.64 25.12 81.66
C HIS A 681 101.57 26.14 82.29
N LEU A 682 102.88 25.91 82.14
CA LEU A 682 103.90 26.82 82.68
C LEU A 682 105.21 26.59 81.94
N ARG A 683 105.63 27.59 81.16
CA ARG A 683 106.89 27.52 80.42
C ARG A 683 107.64 28.84 80.56
N VAL A 684 108.96 28.76 80.50
CA VAL A 684 109.87 29.90 80.63
C VAL A 684 110.88 29.86 79.49
N GLY A 685 111.17 31.02 78.92
CA GLY A 685 112.18 31.06 77.86
C GLY A 685 112.27 32.43 77.21
N TRP A 686 112.78 32.41 75.97
CA TRP A 686 112.98 33.62 75.19
C TRP A 686 112.07 33.61 73.96
N ALA A 687 111.72 34.80 73.49
CA ALA A 687 110.91 34.96 72.30
C ALA A 687 111.44 36.10 71.46
N LEU A 688 111.11 36.06 70.17
CA LEU A 688 111.54 37.06 69.21
C LEU A 688 110.43 38.07 68.99
N THR A 689 110.83 39.34 68.81
CA THR A 689 109.84 40.40 68.66
C THR A 689 108.97 40.18 67.42
N GLU A 690 109.58 39.79 66.31
CA GLU A 690 108.87 39.59 65.07
C GLU A 690 108.40 38.14 64.96
N GLY A 691 107.10 37.97 64.76
CA GLY A 691 106.51 36.67 64.54
C GLY A 691 105.79 36.09 65.74
N TYR A 692 106.23 36.42 66.95
CA TYR A 692 105.63 35.87 68.17
C TYR A 692 104.44 36.75 68.54
N SER A 693 103.25 36.35 68.07
CA SER A 693 102.00 37.06 68.35
C SER A 693 100.94 36.03 68.71
N PRO A 694 101.02 35.44 69.90
CA PRO A 694 100.04 34.43 70.32
C PRO A 694 98.72 35.09 70.71
N TYR A 695 97.66 34.79 69.98
CA TYR A 695 96.37 35.34 70.34
C TYR A 695 95.60 34.37 71.24
N PRO A 696 94.80 34.87 72.17
CA PRO A 696 94.02 33.97 73.03
C PRO A 696 93.06 33.12 72.22
N GLY A 697 92.85 31.90 72.68
CA GLY A 697 91.90 31.00 72.08
C GLY A 697 92.57 29.93 71.22
N GLY A 698 92.15 29.84 69.96
CA GLY A 698 92.61 28.81 69.07
C GLY A 698 94.01 29.06 68.53
N GLY A 699 94.48 28.09 67.75
CA GLY A 699 95.81 28.18 67.17
C GLY A 699 96.25 26.84 66.62
N GLU A 700 97.57 26.65 66.60
CA GLU A 700 98.15 25.44 66.04
C GLU A 700 97.78 24.24 66.91
N GLY A 701 97.48 23.13 66.26
CA GLY A 701 97.14 21.92 67.01
C GLY A 701 95.93 22.18 67.87
N TRP A 702 96.09 21.94 69.17
CA TRP A 702 95.07 22.26 70.15
C TRP A 702 95.44 23.58 70.81
N GLY A 703 94.45 24.43 71.02
CA GLY A 703 94.70 25.76 71.56
C GLY A 703 95.51 25.75 72.84
N GLY A 704 95.91 26.93 73.29
CA GLY A 704 96.76 27.06 74.46
C GLY A 704 98.21 27.25 74.08
N ASN A 705 98.45 28.06 73.05
CA ASN A 705 99.80 28.24 72.55
C ASN A 705 100.60 29.14 73.49
N GLY A 706 101.80 28.71 73.81
CA GLY A 706 102.72 29.47 74.64
C GLY A 706 104.12 29.47 74.06
N VAL A 707 105.10 29.48 74.96
CA VAL A 707 106.49 29.47 74.55
C VAL A 707 106.84 28.12 73.96
N GLY A 708 107.49 28.12 72.80
CA GLY A 708 107.90 26.90 72.13
C GLY A 708 106.86 26.29 71.22
N ASP A 709 105.72 26.95 71.03
CA ASP A 709 104.70 26.47 70.11
C ASP A 709 104.89 26.99 68.70
N ASP A 710 105.95 27.75 68.45
CA ASP A 710 106.30 28.21 67.11
C ASP A 710 107.81 28.20 66.99
N LEU A 711 108.31 28.71 65.86
CA LEU A 711 109.74 28.77 65.60
C LEU A 711 110.36 30.11 66.01
N TYR A 712 109.59 30.98 66.65
CA TYR A 712 110.09 32.25 67.15
C TYR A 712 110.34 32.24 68.66
N SER A 713 110.08 31.14 69.34
CA SER A 713 110.24 31.05 70.78
C SER A 713 110.91 29.75 71.16
N TYR A 714 111.58 29.76 72.31
CA TYR A 714 112.35 28.60 72.78
C TYR A 714 112.15 28.49 74.29
N GLY A 715 111.38 27.48 74.71
CA GLY A 715 110.96 27.35 76.09
C GLY A 715 111.53 26.13 76.78
N PHE A 716 111.19 26.02 78.07
CA PHE A 716 111.66 24.91 78.91
C PHE A 716 110.71 24.76 80.08
N ASP A 717 110.08 23.58 80.20
CA ASP A 717 109.08 23.33 81.23
C ASP A 717 109.58 22.43 82.34
N GLY A 718 110.88 22.13 82.40
CA GLY A 718 111.46 21.30 83.42
C GLY A 718 111.80 19.89 82.96
N LEU A 719 111.02 19.34 82.03
CA LEU A 719 111.22 18.00 81.54
C LEU A 719 111.49 17.92 80.05
N HIS A 720 111.02 18.89 79.27
CA HIS A 720 111.14 18.86 77.82
C HIS A 720 111.63 20.20 77.32
N LEU A 721 112.28 20.17 76.16
CA LEU A 721 112.63 21.37 75.41
C LEU A 721 111.61 21.58 74.31
N TRP A 722 110.92 22.72 74.34
CA TRP A 722 109.82 23.00 73.43
C TRP A 722 110.31 23.93 72.32
N THR A 723 110.11 23.51 71.07
CA THR A 723 110.34 24.37 69.93
C THR A 723 109.56 23.82 68.74
N GLY A 724 108.95 24.71 67.98
CA GLY A 724 108.16 24.29 66.84
C GLY A 724 107.01 23.38 67.19
N HIS A 725 106.39 23.59 68.36
CA HIS A 725 105.27 22.78 68.81
C HIS A 725 105.66 21.31 68.95
N VAL A 726 106.93 21.04 69.27
CA VAL A 726 107.43 19.68 69.47
C VAL A 726 108.16 19.61 70.80
N ALA A 727 107.79 18.63 71.62
CA ALA A 727 108.39 18.41 72.92
C ALA A 727 109.47 17.35 72.81
N ARG A 728 110.71 17.72 73.17
CA ARG A 728 111.83 16.79 73.14
C ARG A 728 112.33 16.54 74.55
N PRO A 729 112.27 15.32 75.07
CA PRO A 729 112.71 15.08 76.45
C PRO A 729 114.18 15.41 76.65
N VAL A 730 114.49 15.93 77.84
CA VAL A 730 115.84 16.27 78.22
C VAL A 730 116.14 15.66 79.58
N THR A 731 117.42 15.39 79.83
CA THR A 731 117.85 14.72 81.04
C THR A 731 118.50 15.73 81.98
N SER A 732 118.06 15.73 83.24
CA SER A 732 118.61 16.59 84.28
C SER A 732 118.64 15.82 85.58
N PRO A 733 119.55 16.16 86.49
CA PRO A 733 119.58 15.50 87.80
C PRO A 733 118.27 15.72 88.56
N GLY A 734 117.55 14.63 88.80
CA GLY A 734 116.29 14.71 89.49
C GLY A 734 115.21 15.34 88.65
N GLN A 735 114.87 14.70 87.54
CA GLN A 735 113.86 15.25 86.64
C GLN A 735 112.52 15.31 87.33
N HIS A 736 111.86 16.46 87.24
CA HIS A 736 110.51 16.62 87.75
C HIS A 736 109.92 17.90 87.18
N LEU A 737 108.60 17.94 87.10
CA LEU A 737 107.92 19.14 86.64
C LEU A 737 108.16 20.29 87.60
N LEU A 738 108.08 21.51 87.07
CA LEU A 738 108.34 22.70 87.86
C LEU A 738 107.48 22.70 89.12
N ALA A 739 108.15 22.78 90.26
CA ALA A 739 107.53 22.72 91.57
C ALA A 739 107.94 23.94 92.38
N PRO A 740 107.19 24.28 93.43
CA PRO A 740 107.53 25.46 94.22
C PRO A 740 108.96 25.40 94.77
N GLU A 741 109.56 26.57 94.91
CA GLU A 741 110.93 26.75 95.37
C GLU A 741 111.96 26.39 94.31
N ASP A 742 111.55 26.28 93.04
CA ASP A 742 112.46 26.03 91.94
C ASP A 742 112.88 27.33 91.29
N VAL A 743 114.16 27.44 90.98
CA VAL A 743 114.75 28.62 90.34
C VAL A 743 115.34 28.19 89.01
N VAL A 744 114.88 28.82 87.93
CA VAL A 744 115.34 28.53 86.58
C VAL A 744 116.19 29.69 86.09
N SER A 745 117.43 29.40 85.73
CA SER A 745 118.39 30.40 85.23
C SER A 745 118.53 30.23 83.73
N CYS A 746 118.26 31.29 82.99
CA CYS A 746 118.35 31.30 81.53
C CYS A 746 119.48 32.20 81.06
N CYS A 747 120.33 31.64 80.20
CA CYS A 747 121.48 32.33 79.63
C CYS A 747 121.30 32.41 78.12
N LEU A 748 121.54 33.60 77.56
CA LEU A 748 121.43 33.87 76.13
C LEU A 748 122.76 34.40 75.62
N ASP A 749 123.44 33.63 74.77
CA ASP A 749 124.70 34.05 74.16
C ASP A 749 124.51 34.23 72.67
N LEU A 750 124.92 35.40 72.16
CA LEU A 750 124.73 35.75 70.76
C LEU A 750 125.99 35.65 69.91
N SER A 751 127.17 35.53 70.53
CA SER A 751 128.39 35.43 69.73
C SER A 751 128.37 34.16 68.89
N VAL A 752 127.91 33.06 69.49
CA VAL A 752 127.49 31.87 68.76
C VAL A 752 126.09 31.58 69.25
N PRO A 753 125.05 31.70 68.40
CA PRO A 753 123.68 31.67 68.91
C PRO A 753 123.41 30.47 69.80
N SER A 754 123.17 30.71 71.09
CA SER A 754 122.87 29.61 71.99
C SER A 754 122.02 30.10 73.16
N ILE A 755 121.13 29.22 73.59
CA ILE A 755 120.28 29.44 74.77
C ILE A 755 120.50 28.25 75.70
N SER A 756 120.86 28.53 76.95
CA SER A 756 121.10 27.46 77.91
C SER A 756 120.30 27.70 79.18
N PHE A 757 120.00 26.61 79.87
CA PHE A 757 119.19 26.63 81.07
C PHE A 757 119.91 25.93 82.21
N ARG A 758 119.60 26.35 83.43
CA ARG A 758 120.04 25.65 84.64
C ARG A 758 118.88 25.62 85.62
N ILE A 759 118.64 24.47 86.22
CA ILE A 759 117.58 24.29 87.19
C ILE A 759 118.20 23.95 88.54
N ASN A 760 117.94 24.79 89.53
CA ASN A 760 118.45 24.58 90.89
C ASN A 760 119.96 24.40 90.89
N GLY A 761 120.64 25.04 89.94
CA GLY A 761 122.09 24.99 89.86
C GLY A 761 122.64 23.86 89.01
N CYS A 762 121.81 22.87 88.65
CA CYS A 762 122.29 21.75 87.85
C CYS A 762 122.06 22.03 86.37
N PRO A 763 123.08 21.90 85.52
CA PRO A 763 122.87 22.16 84.09
C PRO A 763 121.95 21.14 83.46
N VAL A 764 121.20 21.59 82.46
CA VAL A 764 120.33 20.74 81.66
C VAL A 764 121.04 20.42 80.36
N GLN A 765 121.13 19.13 80.02
CA GLN A 765 121.93 18.65 78.90
C GLN A 765 121.15 18.79 77.59
N GLY A 766 120.98 20.05 77.18
CA GLY A 766 120.31 20.34 75.92
C GLY A 766 120.33 21.81 75.58
N VAL A 767 120.67 22.14 74.32
CA VAL A 767 120.81 23.53 73.90
C VAL A 767 120.18 23.74 72.53
N PHE A 768 119.53 24.90 72.39
CA PHE A 768 119.13 25.43 71.09
C PHE A 768 120.28 26.21 70.47
N GLU A 769 120.44 26.09 69.16
CA GLU A 769 121.53 26.78 68.48
C GLU A 769 121.19 26.97 67.01
N ALA A 770 121.99 27.80 66.35
CA ALA A 770 121.88 28.02 64.91
C ALA A 770 120.49 28.52 64.52
N PHE A 771 119.98 29.48 65.28
CA PHE A 771 118.68 30.09 64.99
C PHE A 771 118.87 31.44 64.33
N ASN A 772 117.75 32.00 63.87
CA ASN A 772 117.77 33.25 63.14
C ASN A 772 118.06 34.43 64.06
N LEU A 773 118.52 35.53 63.46
CA LEU A 773 118.88 36.76 64.17
C LEU A 773 118.23 37.96 63.49
N ASP A 774 116.97 37.81 63.09
CA ASP A 774 116.25 38.84 62.37
C ASP A 774 115.50 39.80 63.28
N GLY A 775 115.65 39.68 64.59
CA GLY A 775 114.91 40.53 65.51
C GLY A 775 115.56 40.65 66.88
N LEU A 776 114.78 41.12 67.86
CA LEU A 776 115.25 41.30 69.21
C LEU A 776 114.64 40.24 70.11
N PHE A 777 115.43 39.77 71.08
CA PHE A 777 115.01 38.71 71.98
C PHE A 777 114.66 39.27 73.35
N PHE A 778 113.55 38.81 73.92
CA PHE A 778 113.13 39.23 75.25
C PHE A 778 112.74 38.02 76.08
N PRO A 779 112.96 38.08 77.40
CA PRO A 779 112.44 37.03 78.29
C PRO A 779 110.93 36.99 78.30
N VAL A 780 110.39 35.79 78.47
CA VAL A 780 108.95 35.57 78.43
C VAL A 780 108.62 34.33 79.24
N VAL A 781 107.48 34.39 79.94
CA VAL A 781 106.91 33.25 80.62
C VAL A 781 105.47 33.09 80.18
N SER A 782 105.09 31.88 79.80
CA SER A 782 103.72 31.55 79.44
C SER A 782 103.12 30.69 80.54
N PHE A 783 101.86 30.94 80.87
CA PHE A 783 101.26 30.27 82.01
C PHE A 783 99.75 30.22 81.86
N SER A 784 99.15 29.27 82.55
CA SER A 784 97.71 29.19 82.70
C SER A 784 97.31 29.64 84.10
N ALA A 785 96.02 29.52 84.40
CA ALA A 785 95.52 29.91 85.72
C ALA A 785 96.09 28.99 86.80
N GLY A 786 96.37 29.58 87.95
CA GLY A 786 96.90 28.85 89.08
C GLY A 786 98.39 28.96 89.28
N VAL A 787 98.98 30.11 88.97
CA VAL A 787 100.43 30.29 89.06
C VAL A 787 100.78 31.51 89.87
N LYS A 788 102.04 31.51 90.35
CA LYS A 788 102.60 32.63 91.10
C LYS A 788 104.13 32.55 90.94
N VAL A 789 104.67 33.41 90.08
CA VAL A 789 106.09 33.37 89.76
C VAL A 789 106.71 34.75 90.00
N ARG A 790 108.03 34.77 90.17
CA ARG A 790 108.75 36.01 90.38
C ARG A 790 109.94 36.11 89.43
N PHE A 791 110.06 37.25 88.75
CA PHE A 791 111.20 37.55 87.91
C PHE A 791 112.34 38.09 88.77
N LEU A 792 113.52 37.49 88.63
CA LEU A 792 114.77 37.94 89.25
C LEU A 792 115.68 38.46 88.15
N LEU A 793 115.94 39.76 88.15
CA LEU A 793 116.74 40.41 87.13
C LEU A 793 118.06 40.98 87.65
N GLY A 794 118.33 40.87 88.94
CA GLY A 794 119.61 41.30 89.48
C GLY A 794 119.66 42.78 89.81
N GLY A 795 120.78 43.17 90.40
CA GLY A 795 120.99 44.56 90.78
C GLY A 795 120.02 44.99 91.86
N ARG A 796 119.40 46.15 91.66
CA ARG A 796 118.42 46.65 92.62
C ARG A 796 117.13 45.84 92.60
N HIS A 797 116.96 44.98 91.60
CA HIS A 797 115.80 44.12 91.48
C HIS A 797 116.12 42.76 92.10
N GLY A 798 115.28 41.77 91.81
CA GLY A 798 115.45 40.44 92.36
C GLY A 798 116.89 39.95 92.33
N GLU A 799 117.47 39.79 93.52
CA GLU A 799 118.86 39.34 93.62
C GLU A 799 118.99 37.91 93.11
N PHE A 800 120.06 37.67 92.35
CA PHE A 800 120.29 36.34 91.79
C PHE A 800 120.67 35.37 92.91
N LYS A 801 120.05 34.19 92.89
CA LYS A 801 120.38 33.17 93.87
C LYS A 801 121.71 32.49 93.57
N PHE A 802 122.09 32.42 92.30
CA PHE A 802 123.34 31.80 91.89
C PHE A 802 124.14 32.79 91.05
N LEU A 803 125.46 32.69 91.14
CA LEU A 803 126.32 33.61 90.42
C LEU A 803 126.21 33.37 88.91
N PRO A 804 126.06 34.43 88.10
CA PRO A 804 125.99 34.21 86.66
C PRO A 804 127.30 33.68 86.13
N PRO A 805 127.27 32.94 85.01
CA PRO A 805 128.52 32.46 84.43
C PRO A 805 129.39 33.63 84.00
N PRO A 806 130.70 33.44 83.97
CA PRO A 806 131.60 34.56 83.65
C PRO A 806 131.29 35.16 82.29
N GLY A 807 131.38 36.48 82.21
CA GLY A 807 131.16 37.20 80.97
C GLY A 807 129.73 37.62 80.72
N TYR A 808 128.77 37.05 81.45
CA TYR A 808 127.36 37.37 81.26
C TYR A 808 126.97 38.57 82.10
N ALA A 809 126.09 39.41 81.55
CA ALA A 809 125.67 40.62 82.22
C ALA A 809 124.22 40.51 82.68
N PRO A 810 123.87 41.08 83.84
CA PRO A 810 122.48 41.09 84.27
C PRO A 810 121.59 41.84 83.28
N CYS A 811 120.35 41.37 83.15
CA CYS A 811 119.42 41.95 82.20
C CYS A 811 118.97 43.36 82.60
N HIS A 812 119.08 43.72 83.87
CA HIS A 812 118.67 45.05 84.30
C HIS A 812 119.55 46.15 83.69
N GLU A 813 120.75 45.81 83.22
CA GLU A 813 121.63 46.78 82.60
C GLU A 813 121.18 47.15 81.19
N ALA A 814 120.22 46.45 80.62
CA ALA A 814 119.78 46.68 79.24
C ALA A 814 118.60 47.63 79.15
N VAL A 815 118.18 48.22 80.27
CA VAL A 815 117.05 49.15 80.25
C VAL A 815 117.48 50.43 79.54
N LEU A 816 116.63 50.90 78.63
CA LEU A 816 116.95 52.10 77.88
C LEU A 816 116.88 53.33 78.76
N PRO A 817 117.63 54.38 78.44
CA PRO A 817 117.61 55.58 79.30
C PRO A 817 116.25 56.23 79.41
N ARG A 818 115.44 56.20 78.36
CA ARG A 818 114.17 56.89 78.33
C ARG A 818 113.01 56.05 78.85
N GLU A 819 113.25 54.80 79.22
CA GLU A 819 112.20 53.88 79.64
C GLU A 819 112.47 53.36 81.04
N ARG A 820 111.40 53.06 81.75
CA ARG A 820 111.44 52.48 83.08
C ARG A 820 111.00 51.02 83.02
N LEU A 821 111.63 50.19 83.85
CA LEU A 821 111.32 48.77 83.85
C LEU A 821 109.88 48.53 84.27
N ARG A 822 109.19 47.66 83.55
CA ARG A 822 107.81 47.31 83.85
C ARG A 822 107.48 45.98 83.19
N LEU A 823 106.36 45.41 83.61
CA LEU A 823 105.85 44.17 83.05
C LEU A 823 104.59 44.47 82.22
N GLU A 824 104.56 43.99 80.99
CA GLU A 824 103.47 44.28 80.07
C GLU A 824 103.11 43.03 79.28
N PRO A 825 101.86 42.94 78.80
CA PRO A 825 101.50 41.85 77.88
C PRO A 825 102.15 42.01 76.52
N ILE A 826 101.82 41.12 75.59
CA ILE A 826 102.42 41.08 74.27
C ILE A 826 101.32 41.31 73.24
N LYS A 827 101.39 42.43 72.53
CA LYS A 827 100.49 42.73 71.42
C LYS A 827 99.02 42.57 71.81
N GLU A 828 98.65 43.18 72.93
CA GLU A 828 97.26 43.14 73.37
C GLU A 828 96.40 44.04 72.49
N TYR A 829 95.21 43.56 72.17
CA TYR A 829 94.24 44.33 71.40
C TYR A 829 93.08 44.83 72.26
N ARG A 830 93.18 44.71 73.59
CA ARG A 830 92.08 45.05 74.47
C ARG A 830 92.64 45.21 75.88
N ARG A 831 92.10 46.17 76.62
CA ARG A 831 92.54 46.37 78.00
C ARG A 831 91.39 46.93 78.83
N GLU A 832 91.55 46.82 80.15
CA GLU A 832 90.57 47.39 81.06
C GLU A 832 90.78 48.89 81.21
N GLY A 833 89.68 49.62 81.44
CA GLY A 833 89.74 51.03 81.70
C GLY A 833 88.78 51.42 82.81
N PRO A 834 88.70 52.72 83.09
CA PRO A 834 87.78 53.15 84.16
C PRO A 834 86.33 52.80 83.90
N ARG A 835 85.81 53.19 82.74
CA ARG A 835 84.40 53.00 82.41
C ARG A 835 84.13 51.76 81.57
N GLY A 836 85.16 50.99 81.21
CA GLY A 836 84.95 49.81 80.39
C GLY A 836 86.16 49.38 79.60
N PRO A 837 85.97 48.40 78.72
CA PRO A 837 87.09 47.95 77.88
C PRO A 837 87.53 49.03 76.89
N HIS A 838 88.84 49.13 76.71
CA HIS A 838 89.45 50.03 75.75
C HIS A 838 90.07 49.20 74.64
N LEU A 839 89.71 49.51 73.40
CA LEU A 839 90.32 48.89 72.23
C LEU A 839 91.63 49.59 71.90
N VAL A 840 92.65 48.79 71.60
CA VAL A 840 94.01 49.26 71.36
C VAL A 840 94.46 48.78 69.99
N GLY A 841 95.07 49.68 69.23
CA GLY A 841 95.59 49.34 67.92
C GLY A 841 96.98 48.73 68.00
N PRO A 842 97.61 48.54 66.83
CA PRO A 842 98.95 47.97 66.79
C PRO A 842 99.96 48.84 67.53
N SER A 843 100.97 48.17 68.10
CA SER A 843 102.02 48.83 68.87
C SER A 843 103.29 48.91 68.05
N ARG A 844 103.89 50.10 68.02
CA ARG A 844 105.17 50.29 67.34
C ARG A 844 106.29 49.60 68.10
N CYS A 845 107.12 48.85 67.36
CA CYS A 845 108.21 48.08 67.95
C CYS A 845 109.53 48.46 67.30
N LEU A 846 110.59 48.45 68.10
CA LEU A 846 111.91 48.80 67.61
C LEU A 846 112.50 47.66 66.78
N SER A 847 113.57 47.99 66.06
CA SER A 847 114.29 47.03 65.23
C SER A 847 115.77 47.01 65.61
N HIS A 848 116.43 45.91 65.25
CA HIS A 848 117.85 45.75 65.55
C HIS A 848 118.72 46.77 64.83
N THR A 849 118.24 47.33 63.72
CA THR A 849 118.98 48.36 63.02
C THR A 849 118.91 49.72 63.71
N ASP A 850 117.94 49.93 64.60
CA ASP A 850 117.83 51.20 65.30
C ASP A 850 118.96 51.45 66.29
N PHE A 851 119.74 50.42 66.62
CA PHE A 851 120.88 50.57 67.53
C PHE A 851 122.21 50.71 66.82
N VAL A 852 122.27 50.85 65.48
CA VAL A 852 123.53 51.10 64.74
C VAL A 852 123.66 52.59 64.40
N PRO A 853 124.76 53.26 64.75
CA PRO A 853 124.94 54.66 64.40
C PRO A 853 125.24 54.84 62.91
N CYS A 854 124.59 55.78 62.26
CA CYS A 854 124.71 56.01 60.82
C CYS A 854 125.04 57.49 60.50
N PRO A 855 126.29 57.93 60.70
CA PRO A 855 126.70 59.30 60.45
C PRO A 855 126.79 59.61 58.95
N VAL A 856 126.64 60.88 58.59
CA VAL A 856 126.80 61.33 57.17
C VAL A 856 128.31 61.31 56.88
N ASP A 857 129.16 61.32 57.91
CA ASP A 857 130.63 61.33 57.74
C ASP A 857 131.05 60.49 56.54
N THR A 858 131.51 61.12 55.46
CA THR A 858 132.02 60.42 54.24
C THR A 858 133.48 60.83 54.07
N VAL A 859 134.21 60.17 53.17
CA VAL A 859 135.64 60.48 52.93
C VAL A 859 135.78 61.89 52.33
N GLN A 860 134.72 62.40 51.69
CA GLN A 860 134.73 63.75 51.07
C GLN A 860 135.29 64.80 52.04
N ILE A 861 136.20 65.65 51.57
CA ILE A 861 136.72 66.76 52.42
C ILE A 861 136.37 68.09 51.73
N VAL A 862 136.05 69.13 52.51
CA VAL A 862 135.67 70.47 51.96
C VAL A 862 136.92 71.35 51.95
N LEU A 863 137.47 71.69 53.11
CA LEU A 863 138.66 72.57 53.23
C LEU A 863 138.42 73.88 52.47
N PRO A 864 137.27 74.57 52.65
CA PRO A 864 136.98 75.81 51.93
C PRO A 864 137.96 76.93 52.33
N PRO A 865 138.80 77.48 51.43
CA PRO A 865 139.77 78.50 51.84
C PRO A 865 139.05 79.72 52.39
N HIS A 866 137.82 79.95 51.91
CA HIS A 866 137.02 81.14 52.31
C HIS A 866 136.44 80.98 53.72
N LEU A 867 136.52 79.79 54.34
CA LEU A 867 136.02 79.59 55.71
C LEU A 867 137.13 79.39 56.73
N GLU A 868 138.38 79.52 56.33
CA GLU A 868 139.50 79.32 57.25
C GLU A 868 139.59 80.40 58.33
N ARG A 869 139.32 81.67 57.98
CA ARG A 869 139.37 82.73 59.00
C ARG A 869 138.28 82.50 60.03
N ILE A 870 137.08 82.17 59.57
CA ILE A 870 136.00 82.05 60.51
C ILE A 870 136.24 80.79 61.38
N ARG A 871 136.94 79.77 60.85
CA ARG A 871 137.28 78.61 61.68
C ARG A 871 138.04 79.05 62.93
N GLU A 872 139.03 79.92 62.74
CA GLU A 872 139.84 80.46 63.84
C GLU A 872 138.99 81.29 64.83
N LYS A 873 138.20 82.22 64.31
CA LYS A 873 137.38 83.06 65.18
C LYS A 873 136.34 82.24 65.93
N LEU A 874 135.77 81.21 65.27
CA LEU A 874 134.82 80.33 65.92
C LEU A 874 135.50 79.58 67.08
N ALA A 875 136.68 79.03 66.82
CA ALA A 875 137.37 78.30 67.90
C ALA A 875 137.64 79.23 69.08
N GLU A 876 138.03 80.47 68.79
CA GLU A 876 138.33 81.44 69.88
C GLU A 876 137.07 81.67 70.71
N ASN A 877 135.93 81.90 70.08
CA ASN A 877 134.76 82.17 70.89
C ASN A 877 134.25 80.95 71.65
N ILE A 878 134.36 79.77 71.03
CA ILE A 878 134.00 78.55 71.72
C ILE A 878 134.84 78.37 73.01
N HIS A 879 136.12 78.72 72.92
CA HIS A 879 136.99 78.66 74.11
C HIS A 879 136.56 79.63 75.19
N GLU A 880 136.24 80.86 74.80
CA GLU A 880 135.77 81.85 75.77
C GLU A 880 134.51 81.37 76.46
N LEU A 881 133.57 80.79 75.69
CA LEU A 881 132.35 80.30 76.28
C LEU A 881 132.60 79.12 77.22
N TRP A 882 133.50 78.25 76.81
CA TRP A 882 133.85 77.07 77.64
C TRP A 882 134.45 77.53 78.95
N ALA A 883 135.39 78.48 78.85
CA ALA A 883 136.05 78.97 80.05
C ALA A 883 135.05 79.63 81.01
N LEU A 884 134.15 80.45 80.46
CA LEU A 884 133.10 81.04 81.28
C LEU A 884 132.27 79.98 82.02
N THR A 885 131.89 78.90 81.31
CA THR A 885 131.08 77.80 81.90
C THR A 885 131.86 77.16 83.05
N ARG A 886 133.18 76.94 82.90
CA ARG A 886 134.05 76.36 83.96
C ARG A 886 134.13 77.32 85.13
N ILE A 887 134.36 78.60 84.88
CA ILE A 887 134.59 79.57 85.94
C ILE A 887 133.31 79.80 86.74
N GLU A 888 132.16 79.80 86.07
CA GLU A 888 130.89 79.83 86.82
C GLU A 888 130.73 78.69 87.81
N GLN A 889 131.25 77.52 87.43
CA GLN A 889 131.20 76.35 88.30
C GLN A 889 132.37 76.20 89.25
N GLY A 890 133.09 77.29 89.52
CA GLY A 890 134.10 77.30 90.57
C GLY A 890 135.47 76.88 90.10
N TRP A 891 135.67 76.66 88.80
CA TRP A 891 137.02 76.32 88.30
C TRP A 891 137.91 77.54 88.27
N THR A 892 139.17 77.31 88.57
CA THR A 892 140.20 78.34 88.55
C THR A 892 141.45 77.78 87.89
N TYR A 893 142.39 78.65 87.56
CA TYR A 893 143.61 78.21 86.87
C TYR A 893 144.59 77.46 87.75
N GLY A 894 145.11 76.37 87.20
CA GLY A 894 146.33 75.81 87.74
C GLY A 894 147.05 75.03 86.65
N PRO A 895 148.38 74.85 86.81
CA PRO A 895 149.14 74.26 85.70
C PRO A 895 148.90 72.78 85.53
N VAL A 896 148.40 72.11 86.57
CA VAL A 896 148.06 70.70 86.49
C VAL A 896 146.60 70.54 86.89
N ARG A 897 145.83 69.87 86.05
CA ARG A 897 144.44 69.64 86.33
C ARG A 897 144.22 68.95 87.68
N ASP A 898 143.22 69.43 88.43
CA ASP A 898 142.84 68.80 89.70
C ASP A 898 141.34 68.93 89.79
N ASP A 899 140.65 67.81 89.62
CA ASP A 899 139.19 67.81 89.60
C ASP A 899 138.57 68.16 90.97
N ASN A 900 139.22 67.78 92.05
CA ASN A 900 138.69 68.04 93.39
C ASN A 900 138.79 69.53 93.75
N LYS A 901 139.95 70.12 93.53
CA LYS A 901 140.16 71.56 93.74
C LYS A 901 139.64 72.43 92.55
N ARG A 902 139.20 71.78 91.47
CA ARG A 902 138.69 72.40 90.26
C ARG A 902 139.71 73.38 89.69
N LEU A 903 140.91 72.86 89.47
CA LEU A 903 141.98 73.59 88.83
C LEU A 903 142.13 73.08 87.39
N HIS A 904 142.28 73.97 86.43
CA HIS A 904 142.39 73.55 85.01
C HIS A 904 143.38 74.43 84.30
N PRO A 905 144.31 73.83 83.55
CA PRO A 905 145.32 74.63 82.84
C PRO A 905 144.81 75.33 81.60
N CYS A 906 143.63 75.03 81.13
CA CYS A 906 143.15 75.66 79.91
C CYS A 906 142.47 76.98 80.18
N LEU A 907 142.44 77.41 81.44
CA LEU A 907 141.85 78.72 81.76
C LEU A 907 142.89 79.82 81.58
N VAL A 908 143.20 80.02 80.30
CA VAL A 908 144.23 80.91 79.77
C VAL A 908 143.67 81.51 78.49
N ASN A 909 144.32 82.57 77.99
CA ASN A 909 143.97 83.07 76.66
C ASN A 909 144.12 81.98 75.61
N PHE A 910 143.24 81.97 74.61
CA PHE A 910 143.29 80.95 73.57
C PHE A 910 144.68 80.81 72.96
N HIS A 911 145.31 81.94 72.65
CA HIS A 911 146.62 82.01 72.02
C HIS A 911 147.74 81.49 72.94
N SER A 912 147.41 81.37 74.23
CA SER A 912 148.37 80.85 75.22
C SER A 912 148.21 79.36 75.53
N LEU A 913 147.20 78.72 74.95
CA LEU A 913 147.12 77.27 75.04
C LEU A 913 148.31 76.62 74.36
N PRO A 914 148.72 75.43 74.84
CA PRO A 914 149.69 74.60 74.12
C PRO A 914 149.25 74.36 72.69
N GLU A 915 150.20 74.27 71.77
CA GLU A 915 149.88 74.18 70.35
C GLU A 915 148.97 73.00 70.04
N PRO A 916 149.20 71.83 70.66
CA PRO A 916 148.31 70.70 70.36
C PRO A 916 146.86 70.91 70.78
N GLU A 917 146.65 71.68 71.85
CA GLU A 917 145.31 71.96 72.34
C GLU A 917 144.65 72.99 71.43
N ARG A 918 145.41 74.01 71.02
CA ARG A 918 144.91 74.98 70.05
C ARG A 918 144.51 74.25 68.75
N ASN A 919 145.37 73.34 68.31
CA ASN A 919 145.12 72.64 67.06
C ASN A 919 143.87 71.74 67.18
N TYR A 920 143.71 71.05 68.30
CA TYR A 920 142.48 70.27 68.52
C TYR A 920 141.24 71.17 68.45
N ASN A 921 141.28 72.35 69.08
CA ASN A 921 140.15 73.25 69.08
C ASN A 921 139.83 73.74 67.66
N LEU A 922 140.87 74.02 66.89
CA LEU A 922 140.70 74.46 65.51
C LEU A 922 140.13 73.31 64.69
N GLN A 923 140.60 72.09 64.93
CA GLN A 923 140.04 70.95 64.21
C GLN A 923 138.56 70.78 64.50
N MET A 924 138.16 70.95 65.75
CA MET A 924 136.75 70.77 66.14
C MET A 924 135.85 71.87 65.52
N SER A 925 136.33 73.12 65.55
CA SER A 925 135.64 74.22 64.90
C SER A 925 135.47 73.95 63.40
N GLY A 926 136.53 73.46 62.77
CA GLY A 926 136.51 73.12 61.36
C GLY A 926 135.52 72.00 61.09
N GLU A 927 135.42 71.04 62.02
CA GLU A 927 134.50 69.94 61.76
C GLU A 927 133.05 70.36 62.01
N THR A 928 132.79 71.38 62.84
CA THR A 928 131.43 71.95 62.89
C THR A 928 131.06 72.54 61.53
N LEU A 929 131.99 73.29 60.98
CA LEU A 929 131.79 73.92 59.69
C LEU A 929 131.63 72.86 58.59
N LYS A 930 132.50 71.84 58.57
CA LYS A 930 132.41 70.81 57.55
C LYS A 930 131.11 70.01 57.67
N THR A 931 130.64 69.81 58.90
CA THR A 931 129.39 69.05 59.08
C THR A 931 128.20 69.91 58.61
N LEU A 932 128.22 71.22 58.88
CA LEU A 932 127.20 72.10 58.29
C LEU A 932 127.17 71.96 56.77
N LEU A 933 128.35 71.98 56.13
CA LEU A 933 128.40 71.85 54.68
C LEU A 933 127.91 70.46 54.21
N ALA A 934 128.21 69.41 54.98
CA ALA A 934 127.79 68.06 54.60
C ALA A 934 126.29 67.94 54.71
N LEU A 935 125.70 68.69 55.62
CA LEU A 935 124.23 68.74 55.77
C LEU A 935 123.60 69.62 54.70
N GLY A 936 124.41 70.16 53.79
CA GLY A 936 123.88 70.91 52.66
C GLY A 936 123.70 72.40 52.90
N CYS A 937 124.15 72.92 54.05
CA CYS A 937 124.03 74.35 54.32
C CYS A 937 124.89 75.16 53.35
N HIS A 938 124.37 76.32 52.97
CA HIS A 938 125.09 77.36 52.23
C HIS A 938 125.62 78.32 53.29
N VAL A 939 126.94 78.49 53.38
CA VAL A 939 127.55 79.35 54.41
C VAL A 939 128.42 80.37 53.71
N GLY A 940 128.09 81.64 53.87
CA GLY A 940 128.80 82.68 53.13
C GLY A 940 128.65 84.05 53.76
N MET A 941 129.61 84.93 53.53
CA MET A 941 129.55 86.27 54.10
C MET A 941 128.38 87.05 53.53
N ALA A 942 127.59 87.66 54.42
CA ALA A 942 126.46 88.49 54.02
C ALA A 942 126.53 89.94 54.51
N ASP A 943 127.06 90.15 55.70
CA ASP A 943 127.13 91.49 56.29
C ASP A 943 128.56 91.76 56.70
N GLU A 944 129.29 92.47 55.83
CA GLU A 944 130.71 92.73 56.10
C GLU A 944 130.92 93.70 57.26
N LYS A 945 129.86 94.38 57.69
CA LYS A 945 129.96 95.32 58.82
C LYS A 945 129.77 94.65 60.17
N ALA A 946 129.26 93.43 60.18
CA ALA A 946 128.86 92.83 61.44
C ALA A 946 130.02 92.62 62.40
N GLU A 947 131.16 92.17 61.88
CA GLU A 947 132.29 91.85 62.75
C GLU A 947 132.76 93.09 63.55
N ASP A 948 132.93 94.24 62.92
CA ASP A 948 133.46 95.37 63.69
C ASP A 948 132.40 96.03 64.56
N ASN A 949 131.16 95.56 64.44
CA ASN A 949 130.11 95.98 65.39
C ASN A 949 129.92 95.02 66.56
N LEU A 950 130.58 93.88 66.54
CA LEU A 950 130.52 92.94 67.67
C LEU A 950 131.15 93.55 68.93
N LYS A 951 130.54 93.22 70.07
CA LYS A 951 131.09 93.58 71.36
C LYS A 951 131.25 92.33 72.18
N LYS A 952 132.17 92.37 73.13
CA LYS A 952 132.36 91.25 74.03
C LYS A 952 131.62 91.48 75.33
N THR A 953 131.18 90.39 75.94
CA THR A 953 130.61 90.44 77.29
C THR A 953 131.66 90.85 78.29
N LYS A 954 131.34 91.85 79.13
CA LYS A 954 132.26 92.35 80.14
C LYS A 954 131.91 91.80 81.51
N LEU A 955 132.68 90.82 81.93
CA LEU A 955 132.43 90.15 83.21
C LEU A 955 133.10 90.88 84.35
N PRO A 956 132.55 90.78 85.58
CA PRO A 956 133.25 91.39 86.71
C PRO A 956 134.55 90.68 87.10
N LYS A 957 135.33 91.32 87.94
CA LYS A 957 136.69 90.86 88.26
C LYS A 957 136.68 89.52 88.98
N THR A 958 135.52 89.14 89.47
CA THR A 958 135.33 87.84 90.11
C THR A 958 135.43 86.68 89.12
N TYR A 959 135.52 86.99 87.82
CA TYR A 959 135.73 86.00 86.79
C TYR A 959 137.18 85.95 86.30
N MET A 960 138.05 86.70 86.97
CA MET A 960 139.46 86.80 86.65
C MET A 960 140.28 85.66 87.26
N MET A 961 141.12 85.01 86.45
CA MET A 961 142.02 83.99 86.98
C MET A 961 143.31 84.62 87.48
N SER A 962 144.10 83.82 88.20
CA SER A 962 145.31 84.33 88.82
C SER A 962 146.40 84.71 87.82
N ASN A 963 146.24 84.24 86.59
CA ASN A 963 147.17 84.54 85.51
C ASN A 963 146.72 85.74 84.69
N GLY A 964 145.68 86.42 85.15
CA GLY A 964 145.15 87.59 84.45
C GLY A 964 144.12 87.34 83.36
N TYR A 965 143.86 86.07 83.07
CA TYR A 965 142.87 85.71 82.06
C TYR A 965 141.47 85.88 82.60
N LYS A 966 140.65 86.61 81.86
CA LYS A 966 139.21 86.71 82.13
C LYS A 966 138.48 86.44 80.82
N PRO A 967 137.56 85.49 80.79
CA PRO A 967 136.90 85.25 79.53
C PRO A 967 136.07 86.42 79.06
N ALA A 968 135.96 86.53 77.74
CA ALA A 968 135.20 87.62 77.13
C ALA A 968 134.51 87.10 75.87
N PRO A 969 133.53 86.24 76.07
CA PRO A 969 132.82 85.75 74.90
C PRO A 969 132.05 86.86 74.22
N LEU A 970 131.78 86.65 72.93
CA LEU A 970 130.98 87.63 72.21
C LEU A 970 129.59 87.80 72.81
N ASP A 971 129.12 89.04 72.81
CA ASP A 971 127.71 89.31 73.13
C ASP A 971 126.90 89.04 71.88
N LEU A 972 126.25 87.88 71.86
CA LEU A 972 125.41 87.50 70.73
C LEU A 972 123.93 87.66 71.04
N SER A 973 123.60 88.53 71.99
CA SER A 973 122.19 88.65 72.41
C SER A 973 121.26 89.11 71.30
N HIS A 974 121.78 89.79 70.29
CA HIS A 974 121.00 90.28 69.18
C HIS A 974 120.73 89.21 68.09
N VAL A 975 121.46 88.11 68.15
CA VAL A 975 121.35 87.08 67.11
C VAL A 975 120.11 86.22 67.35
N ARG A 976 119.37 85.98 66.28
CA ARG A 976 118.20 85.13 66.33
C ARG A 976 118.26 84.08 65.21
N LEU A 977 118.38 82.81 65.55
CA LEU A 977 118.33 81.72 64.55
C LEU A 977 117.00 81.77 63.78
N THR A 978 117.08 81.63 62.46
CA THR A 978 115.90 81.43 61.62
C THR A 978 115.39 79.99 61.83
N PRO A 979 114.19 79.69 61.35
CA PRO A 979 113.75 78.28 61.47
C PRO A 979 114.70 77.28 60.78
N ALA A 980 115.18 77.60 59.59
CA ALA A 980 116.12 76.71 58.90
C ALA A 980 117.40 76.54 59.68
N GLN A 981 117.85 77.60 60.36
CA GLN A 981 119.07 77.52 61.17
C GLN A 981 118.88 76.69 62.46
N THR A 982 117.73 76.85 63.09
CA THR A 982 117.39 76.02 64.23
C THR A 982 117.40 74.55 63.83
N THR A 983 116.85 74.28 62.65
CA THR A 983 116.82 72.92 62.15
C THR A 983 118.22 72.42 61.86
N LEU A 984 119.05 73.33 61.38
CA LEU A 984 120.46 73.06 61.11
C LEU A 984 121.20 72.71 62.38
N VAL A 985 120.90 73.38 63.50
CA VAL A 985 121.51 73.07 64.81
C VAL A 985 121.06 71.69 65.32
N ASP A 986 119.77 71.40 65.15
CA ASP A 986 119.19 70.12 65.57
C ASP A 986 119.83 68.97 64.77
N ARG A 987 120.15 69.23 63.50
CA ARG A 987 120.79 68.22 62.60
C ARG A 987 122.29 68.11 62.86
N LEU A 988 122.96 69.21 63.18
CA LEU A 988 124.44 69.24 63.33
C LEU A 988 124.81 68.46 64.60
N ALA A 989 123.99 68.52 65.64
CA ALA A 989 124.31 67.89 66.93
C ALA A 989 124.04 66.39 66.87
N GLU A 990 122.94 65.99 66.21
CA GLU A 990 122.64 64.58 66.11
C GLU A 990 123.73 63.86 65.33
N ASN A 991 124.18 64.46 64.21
CA ASN A 991 125.22 63.82 63.43
C ASN A 991 126.52 63.75 64.22
N GLY A 992 126.88 64.83 64.92
CA GLY A 992 128.12 64.83 65.70
C GLY A 992 128.11 63.76 66.77
N HIS A 993 126.97 63.59 67.44
CA HIS A 993 126.85 62.54 68.43
C HIS A 993 126.96 61.17 67.79
N ASN A 994 126.34 60.97 66.62
CA ASN A 994 126.42 59.66 65.98
C ASN A 994 127.84 59.33 65.53
N VAL A 995 128.57 60.31 65.01
CA VAL A 995 129.96 60.09 64.63
C VAL A 995 130.80 59.72 65.85
N TRP A 996 130.60 60.42 66.97
CA TRP A 996 131.33 60.05 68.18
C TRP A 996 130.94 58.65 68.64
N ALA A 997 129.66 58.31 68.50
CA ALA A 997 129.19 57.00 68.95
C ALA A 997 129.87 55.91 68.14
N ARG A 998 129.88 56.06 66.81
CA ARG A 998 130.47 55.04 65.96
C ARG A 998 131.98 54.99 66.15
N ASP A 999 132.61 56.12 66.48
CA ASP A 999 134.03 56.10 66.79
C ASP A 999 134.28 55.27 68.04
N ARG A 1000 133.43 55.42 69.06
CA ARG A 1000 133.63 54.63 70.28
C ARG A 1000 133.34 53.16 70.00
N VAL A 1001 132.35 52.87 69.15
CA VAL A 1001 132.05 51.48 68.81
C VAL A 1001 133.26 50.87 68.12
N ALA A 1002 133.87 51.60 67.20
CA ALA A 1002 135.08 51.13 66.54
C ALA A 1002 136.19 50.92 67.55
N GLN A 1003 136.22 51.74 68.61
CA GLN A 1003 137.20 51.57 69.67
C GLN A 1003 136.85 50.43 70.61
N GLY A 1004 135.67 49.86 70.48
CA GLY A 1004 135.30 48.66 71.23
C GLY A 1004 134.41 48.87 72.43
N TRP A 1005 133.86 50.06 72.67
CA TRP A 1005 132.94 50.29 73.83
C TRP A 1005 131.52 49.76 73.54
N SER A 1006 130.66 49.55 74.56
CA SER A 1006 129.26 49.08 74.41
C SER A 1006 128.34 49.78 75.43
N TYR A 1007 127.07 50.05 75.11
CA TYR A 1007 126.08 50.77 75.97
C TYR A 1007 125.74 50.06 77.29
N SER A 1008 125.69 50.75 78.45
CA SER A 1008 125.27 50.16 79.76
C SER A 1008 124.92 51.17 80.86
N ALA A 1009 123.76 51.01 81.52
CA ALA A 1009 123.31 51.85 82.67
C ALA A 1009 124.42 51.97 83.71
N VAL A 1010 124.92 50.85 84.22
CA VAL A 1010 126.02 50.84 85.22
C VAL A 1010 127.33 51.15 84.48
N GLN A 1011 127.71 52.43 84.44
CA GLN A 1011 128.98 52.83 83.78
C GLN A 1011 130.11 51.97 84.37
N ASP A 1012 131.01 51.45 83.54
CA ASP A 1012 132.09 50.57 83.97
C ASP A 1012 133.27 50.83 83.05
N ILE A 1013 134.18 51.70 83.48
CA ILE A 1013 135.33 52.05 82.65
C ILE A 1013 136.22 50.83 82.37
N PRO A 1014 136.62 50.05 83.37
CA PRO A 1014 137.42 48.85 83.06
C PRO A 1014 136.69 47.87 82.15
N ALA A 1015 135.38 47.78 82.26
CA ALA A 1015 134.59 46.91 81.41
C ALA A 1015 134.21 47.55 80.08
N ARG A 1016 134.63 48.79 79.84
CA ARG A 1016 134.36 49.50 78.60
C ARG A 1016 132.85 49.58 78.33
N ARG A 1017 132.09 49.87 79.37
CA ARG A 1017 130.64 50.04 79.26
C ARG A 1017 130.27 51.47 79.63
N ASN A 1018 129.50 52.13 78.77
CA ASN A 1018 129.17 53.53 78.94
C ASN A 1018 127.65 53.70 78.87
N PRO A 1019 127.04 54.42 79.81
CA PRO A 1019 125.57 54.54 79.79
C PRO A 1019 125.02 55.30 78.59
N ARG A 1020 125.79 56.23 78.01
CA ARG A 1020 125.31 57.04 76.91
C ARG A 1020 125.82 56.59 75.56
N LEU A 1021 126.43 55.41 75.47
CA LEU A 1021 126.94 54.89 74.20
C LEU A 1021 125.78 54.33 73.38
N VAL A 1022 124.89 55.23 72.99
CA VAL A 1022 123.72 54.87 72.19
C VAL A 1022 123.50 55.94 71.14
N PRO A 1023 122.85 55.58 70.03
CA PRO A 1023 122.54 56.58 69.01
C PRO A 1023 121.72 57.73 69.59
N TYR A 1024 121.77 58.87 68.88
CA TYR A 1024 121.09 60.10 69.30
C TYR A 1024 119.57 59.89 69.28
N ARG A 1025 119.00 59.10 68.35
CA ARG A 1025 117.53 58.99 68.39
C ARG A 1025 117.10 58.63 69.81
N LEU A 1026 117.77 57.65 70.41
CA LEU A 1026 117.41 57.20 71.79
C LEU A 1026 118.45 57.73 72.78
N LEU A 1027 118.32 58.98 73.22
CA LEU A 1027 119.25 59.62 74.19
C LEU A 1027 118.42 60.35 75.25
N ASP A 1028 119.01 60.74 76.38
CA ASP A 1028 118.28 61.54 77.36
C ASP A 1028 118.21 63.00 76.93
N GLU A 1029 117.10 63.64 77.28
CA GLU A 1029 116.87 65.02 76.87
C GLU A 1029 117.87 65.95 77.53
N ALA A 1030 118.33 65.62 78.74
CA ALA A 1030 119.25 66.50 79.44
C ALA A 1030 120.55 66.67 78.65
N THR A 1031 121.13 65.55 78.20
CA THR A 1031 122.34 65.67 77.40
C THR A 1031 122.05 66.13 75.98
N LYS A 1032 120.89 65.76 75.40
CA LYS A 1032 120.63 66.25 74.06
C LYS A 1032 120.56 67.77 74.07
N ARG A 1033 119.90 68.32 75.08
CA ARG A 1033 119.82 69.78 75.22
C ARG A 1033 121.17 70.38 75.55
N SER A 1034 121.99 69.69 76.37
CA SER A 1034 123.27 70.28 76.72
C SER A 1034 124.16 70.43 75.49
N ASN A 1035 124.42 69.32 74.79
CA ASN A 1035 125.34 69.31 73.63
C ASN A 1035 124.73 70.17 72.54
N ARG A 1036 123.40 70.23 72.51
CA ARG A 1036 122.70 71.05 71.51
C ARG A 1036 123.05 72.50 71.73
N ASP A 1037 123.33 72.96 72.97
CA ASP A 1037 123.47 74.40 73.16
C ASP A 1037 124.82 74.90 72.69
N SER A 1038 125.85 74.07 72.82
CA SER A 1038 127.17 74.44 72.35
C SER A 1038 127.14 74.64 70.83
N LEU A 1039 126.46 73.72 70.13
CA LEU A 1039 126.34 73.86 68.69
C LEU A 1039 125.49 75.07 68.31
N CYS A 1040 124.46 75.37 69.09
CA CYS A 1040 123.67 76.58 68.86
C CYS A 1040 124.57 77.80 68.97
N GLN A 1041 125.41 77.86 70.01
CA GLN A 1041 126.28 79.01 70.13
C GLN A 1041 127.30 79.07 69.02
N ALA A 1042 127.79 77.92 68.54
CA ALA A 1042 128.68 77.93 67.37
C ALA A 1042 128.01 78.56 66.16
N VAL A 1043 126.80 78.12 65.85
CA VAL A 1043 126.07 78.69 64.72
C VAL A 1043 125.76 80.18 64.97
N ARG A 1044 125.39 80.57 66.18
CA ARG A 1044 125.12 81.98 66.44
C ARG A 1044 126.40 82.82 66.34
N THR A 1045 127.55 82.24 66.67
CA THR A 1045 128.84 82.92 66.46
C THR A 1045 129.07 83.22 64.97
N LEU A 1046 128.79 82.22 64.11
CA LEU A 1046 128.96 82.43 62.67
C LEU A 1046 128.08 83.57 62.19
N LEU A 1047 126.82 83.54 62.64
CA LEU A 1047 125.89 84.61 62.29
C LEU A 1047 126.34 85.97 62.81
N GLY A 1048 126.86 85.98 64.03
CA GLY A 1048 127.37 87.21 64.62
C GLY A 1048 128.49 87.85 63.81
N TYR A 1049 129.32 87.01 63.18
CA TYR A 1049 130.39 87.51 62.32
C TYR A 1049 129.94 87.93 60.94
N GLY A 1050 128.65 87.80 60.65
CA GLY A 1050 128.08 88.30 59.41
C GLY A 1050 127.80 87.23 58.36
N TYR A 1051 127.99 85.96 58.70
CA TYR A 1051 127.70 84.89 57.74
C TYR A 1051 126.18 84.63 57.70
N ASN A 1052 125.69 84.41 56.49
CA ASN A 1052 124.35 83.84 56.32
C ASN A 1052 124.49 82.33 56.24
N ILE A 1053 123.49 81.64 56.75
CA ILE A 1053 123.44 80.17 56.73
C ILE A 1053 122.03 79.80 56.26
N GLU A 1054 121.93 79.13 55.11
CA GLU A 1054 120.62 78.78 54.53
C GLU A 1054 120.60 77.35 54.05
N SER A 1067 104.84 45.85 58.96
CA SER A 1067 104.47 45.47 57.60
C SER A 1067 103.31 46.33 57.11
N ARG A 1068 102.90 46.11 55.86
CA ARG A 1068 101.84 46.91 55.27
C ARG A 1068 100.49 46.60 55.91
N TRP A 1069 100.30 45.38 56.42
CA TRP A 1069 99.01 44.94 56.91
C TRP A 1069 98.83 45.14 58.41
N ASP A 1070 99.91 45.03 59.19
CA ASP A 1070 99.81 45.21 60.63
C ASP A 1070 99.86 46.68 60.99
N ARG A 1071 98.97 47.48 60.39
CA ARG A 1071 98.90 48.91 60.64
C ARG A 1071 97.53 49.36 61.10
N VAL A 1072 96.46 48.81 60.53
CA VAL A 1072 95.09 49.19 60.86
C VAL A 1072 94.36 47.96 61.38
N ARG A 1073 93.65 48.12 62.50
CA ARG A 1073 92.90 47.04 63.12
C ARG A 1073 91.42 47.40 63.13
N ILE A 1074 90.61 46.56 62.47
CA ILE A 1074 89.19 46.81 62.27
C ILE A 1074 88.38 45.97 63.25
N PHE A 1075 87.47 46.63 63.96
CA PHE A 1075 86.53 46.01 64.89
C PHE A 1075 85.11 46.22 64.38
N ARG A 1076 84.31 45.15 64.36
CA ARG A 1076 82.93 45.25 63.92
C ARG A 1076 82.04 44.32 64.74
N ALA A 1077 80.75 44.63 64.74
CA ALA A 1077 79.77 43.77 65.40
C ALA A 1077 79.53 42.51 64.58
N GLU A 1078 78.90 41.54 65.23
CA GLU A 1078 78.55 40.29 64.57
C GLU A 1078 77.40 40.50 63.57
N LYS A 1079 77.38 39.65 62.54
CA LYS A 1079 76.38 39.76 61.48
C LYS A 1079 74.96 39.48 61.96
N SER A 1080 74.80 38.76 63.08
CA SER A 1080 73.47 38.47 63.59
C SER A 1080 72.76 39.70 64.13
N TYR A 1081 73.46 40.82 64.33
CA TYR A 1081 72.87 42.05 64.82
C TYR A 1081 72.53 43.02 63.71
N THR A 1082 72.49 42.55 62.45
CA THR A 1082 72.22 43.43 61.33
C THR A 1082 70.85 44.07 61.47
N VAL A 1083 70.79 45.39 61.25
CA VAL A 1083 69.56 46.17 61.34
C VAL A 1083 69.18 46.63 59.95
N GLN A 1084 67.91 46.49 59.60
CA GLN A 1084 67.39 46.92 58.32
C GLN A 1084 66.32 48.00 58.43
N SER A 1085 66.02 48.49 59.62
CA SER A 1085 65.00 49.51 59.80
C SER A 1085 65.23 50.22 61.12
N GLY A 1086 64.55 51.35 61.29
CA GLY A 1086 64.58 52.09 62.53
C GLY A 1086 65.68 53.13 62.60
N ARG A 1087 65.77 53.75 63.77
CA ARG A 1087 66.76 54.77 64.06
C ARG A 1087 67.63 54.33 65.23
N TRP A 1088 68.95 54.39 65.03
CA TRP A 1088 69.91 53.82 65.97
C TRP A 1088 71.02 54.81 66.29
N TYR A 1089 71.61 54.64 67.46
CA TYR A 1089 72.59 55.57 68.03
C TYR A 1089 73.68 54.80 68.76
N PHE A 1090 74.93 55.26 68.62
CA PHE A 1090 76.00 54.74 69.46
C PHE A 1090 77.12 55.78 69.55
N GLU A 1091 77.99 55.60 70.55
CA GLU A 1091 79.05 56.57 70.82
C GLU A 1091 80.43 55.93 70.69
N PHE A 1092 81.40 56.74 70.29
CA PHE A 1092 82.80 56.32 70.23
C PHE A 1092 83.68 57.40 70.84
N GLU A 1093 84.39 57.07 71.90
CA GLU A 1093 85.28 58.02 72.58
C GLU A 1093 86.70 57.81 72.09
N ALA A 1094 87.35 58.88 71.66
CA ALA A 1094 88.73 58.83 71.16
C ALA A 1094 89.69 59.16 72.30
N VAL A 1095 90.28 58.13 72.92
CA VAL A 1095 91.25 58.40 73.96
C VAL A 1095 92.46 59.14 73.38
N THR A 1096 92.93 58.68 72.23
CA THR A 1096 94.02 59.32 71.51
C THR A 1096 93.45 60.22 70.40
N THR A 1097 94.34 60.88 69.68
CA THR A 1097 93.95 61.80 68.61
C THR A 1097 94.51 61.39 67.25
N GLY A 1098 95.05 60.18 67.12
CA GLY A 1098 95.67 59.74 65.89
C GLY A 1098 94.68 59.30 64.85
N GLU A 1099 95.09 58.33 64.03
CA GLU A 1099 94.30 57.86 62.89
C GLU A 1099 93.22 56.92 63.40
N MET A 1100 91.98 57.40 63.45
CA MET A 1100 90.85 56.55 63.79
C MET A 1100 89.65 56.92 62.93
N ARG A 1101 88.93 55.88 62.50
CA ARG A 1101 87.73 56.02 61.69
C ARG A 1101 86.60 55.26 62.37
N VAL A 1102 85.39 55.79 62.26
CA VAL A 1102 84.24 55.16 62.90
C VAL A 1102 83.00 55.39 62.03
N GLY A 1103 82.14 54.39 61.94
CA GLY A 1103 80.94 54.55 61.15
C GLY A 1103 80.10 53.30 60.99
N TRP A 1104 79.50 53.12 59.82
CA TRP A 1104 78.65 51.97 59.54
C TRP A 1104 79.17 51.20 58.33
N ALA A 1105 79.09 49.88 58.41
CA ALA A 1105 79.60 49.00 57.36
C ALA A 1105 78.59 47.91 57.06
N ARG A 1106 78.65 47.41 55.83
CA ARG A 1106 77.81 46.31 55.41
C ARG A 1106 78.39 44.98 55.87
N PRO A 1107 77.56 43.94 55.95
CA PRO A 1107 78.06 42.65 56.47
C PRO A 1107 79.22 42.07 55.67
N GLU A 1108 79.30 42.36 54.37
CA GLU A 1108 80.32 41.79 53.50
C GLU A 1108 81.62 42.59 53.53
N LEU A 1109 81.87 43.36 54.59
CA LEU A 1109 83.07 44.16 54.67
C LEU A 1109 84.31 43.27 54.58
N ARG A 1110 85.29 43.73 53.79
CA ARG A 1110 86.52 42.98 53.59
C ARG A 1110 87.57 43.40 54.61
N PRO A 1111 88.26 42.46 55.26
CA PRO A 1111 89.18 42.83 56.34
C PRO A 1111 90.48 43.46 55.88
N ASP A 1112 90.86 43.26 54.62
CA ASP A 1112 92.16 43.72 54.13
C ASP A 1112 92.07 45.06 53.40
N VAL A 1113 90.92 45.72 53.43
CA VAL A 1113 90.72 47.01 52.76
C VAL A 1113 90.46 48.06 53.82
N GLU A 1114 91.14 49.19 53.71
CA GLU A 1114 90.90 50.30 54.62
C GLU A 1114 89.46 50.78 54.52
N LEU A 1115 88.89 51.17 55.65
CA LEU A 1115 87.50 51.58 55.69
C LEU A 1115 87.26 52.79 54.80
N GLY A 1116 86.20 52.74 54.01
CA GLY A 1116 85.80 53.83 53.16
C GLY A 1116 86.43 53.85 51.78
N ALA A 1117 87.44 53.02 51.53
CA ALA A 1117 88.03 52.94 50.20
C ALA A 1117 87.09 52.31 49.18
N ASP A 1118 86.02 51.67 49.63
CA ASP A 1118 85.06 51.05 48.73
C ASP A 1118 83.63 51.47 49.08
N GLU A 1119 82.65 50.83 48.45
CA GLU A 1119 81.25 51.18 48.64
C GLU A 1119 80.61 50.44 49.82
N LEU A 1120 81.39 49.69 50.58
CA LEU A 1120 80.86 48.86 51.65
C LEU A 1120 80.90 49.54 53.01
N ALA A 1121 81.30 50.81 53.09
CA ALA A 1121 81.40 51.47 54.38
C ALA A 1121 81.18 52.96 54.23
N TYR A 1122 80.52 53.53 55.24
CA TYR A 1122 80.30 54.97 55.38
C TYR A 1122 80.92 55.35 56.72
N VAL A 1123 82.15 55.90 56.68
CA VAL A 1123 82.89 56.14 57.92
C VAL A 1123 83.32 57.59 57.99
N PHE A 1124 83.60 58.03 59.21
CA PHE A 1124 84.13 59.36 59.49
C PHE A 1124 85.54 59.22 60.05
N ASN A 1125 86.49 59.89 59.42
CA ASN A 1125 87.90 59.88 59.81
C ASN A 1125 88.14 61.12 60.67
N GLY A 1126 88.44 60.89 61.96
CA GLY A 1126 88.57 61.97 62.91
C GLY A 1126 89.94 62.58 63.11
N HIS A 1127 91.00 61.99 62.55
CA HIS A 1127 92.31 62.62 62.66
C HIS A 1127 92.31 63.97 61.95
N ARG A 1128 91.71 64.01 60.76
CA ARG A 1128 91.42 65.24 60.04
C ARG A 1128 89.98 65.07 59.58
N GLY A 1129 89.13 66.03 59.92
CA GLY A 1129 87.71 65.85 59.68
C GLY A 1129 87.44 65.47 58.24
N GLN A 1130 87.12 64.19 58.01
CA GLN A 1130 86.81 63.73 56.67
C GLN A 1130 85.69 62.69 56.73
N ARG A 1131 84.91 62.61 55.66
CA ARG A 1131 83.96 61.53 55.50
C ARG A 1131 84.38 60.65 54.34
N TRP A 1132 84.33 59.34 54.54
CA TRP A 1132 84.87 58.36 53.62
C TRP A 1132 83.75 57.45 53.14
N HIS A 1133 83.50 57.49 51.83
CA HIS A 1133 82.68 56.50 51.14
C HIS A 1133 83.03 56.59 49.66
N LEU A 1134 83.71 55.56 49.14
CA LEU A 1134 84.19 55.58 47.76
C LEU A 1134 85.04 56.83 47.50
N GLY A 1135 85.83 57.21 48.49
CA GLY A 1135 86.66 58.39 48.42
C GLY A 1135 86.53 59.23 49.67
N SER A 1136 87.32 60.29 49.71
CA SER A 1136 87.40 61.19 50.85
C SER A 1136 86.92 62.58 50.46
N GLU A 1137 86.18 63.23 51.35
CA GLU A 1137 85.77 64.61 51.18
C GLU A 1137 85.76 65.31 52.53
N PRO A 1138 86.08 66.60 52.56
CA PRO A 1138 86.16 67.30 53.85
C PRO A 1138 84.82 67.30 54.56
N PHE A 1139 84.87 67.19 55.89
CA PHE A 1139 83.65 67.19 56.69
C PHE A 1139 84.02 67.41 58.14
N GLY A 1140 83.38 68.41 58.77
CA GLY A 1140 83.60 68.65 60.17
C GLY A 1140 84.98 69.22 60.48
N ARG A 1141 85.39 69.02 61.72
CA ARG A 1141 86.66 69.51 62.25
C ARG A 1141 87.38 68.41 62.99
N PRO A 1142 88.70 68.50 63.11
CA PRO A 1142 89.44 67.49 63.87
C PRO A 1142 89.05 67.49 65.35
N TRP A 1143 89.10 66.29 65.93
CA TRP A 1143 88.72 66.11 67.35
C TRP A 1143 89.93 66.30 68.25
N GLN A 1144 89.73 66.25 69.56
CA GLN A 1144 90.77 66.31 70.58
C GLN A 1144 90.64 65.10 71.50
N SER A 1145 91.56 65.00 72.44
CA SER A 1145 91.56 63.88 73.37
C SER A 1145 90.30 63.88 74.23
N GLY A 1146 89.65 62.72 74.31
CA GLY A 1146 88.45 62.57 75.11
C GLY A 1146 87.16 62.88 74.39
N ASP A 1147 87.22 63.32 73.14
CA ASP A 1147 86.00 63.66 72.41
C ASP A 1147 85.19 62.41 72.07
N VAL A 1148 83.87 62.55 72.15
CA VAL A 1148 82.92 61.47 71.89
C VAL A 1148 82.17 61.79 70.61
N VAL A 1149 82.16 60.85 69.68
CA VAL A 1149 81.47 60.99 68.41
C VAL A 1149 80.20 60.15 68.48
N GLY A 1150 79.05 60.79 68.27
CA GLY A 1150 77.77 60.12 68.27
C GLY A 1150 77.24 59.82 66.88
N CYS A 1151 77.31 58.55 66.50
CA CYS A 1151 76.86 58.08 65.20
C CYS A 1151 75.39 57.66 65.24
N MET A 1152 74.56 58.29 64.40
CA MET A 1152 73.13 58.05 64.36
C MET A 1152 72.76 57.67 62.93
N ILE A 1153 72.00 56.59 62.78
CA ILE A 1153 71.52 56.16 61.47
C ILE A 1153 70.01 56.11 61.47
N ASP A 1154 69.40 56.62 60.41
CA ASP A 1154 67.95 56.65 60.21
C ASP A 1154 67.62 55.90 58.93
N LEU A 1155 67.05 54.69 59.08
CA LEU A 1155 66.73 53.86 57.93
C LEU A 1155 65.38 54.20 57.30
N THR A 1156 64.59 55.07 57.91
CA THR A 1156 63.34 55.52 57.30
C THR A 1156 63.55 56.70 56.37
N GLU A 1157 64.48 57.60 56.74
CA GLU A 1157 64.87 58.70 55.87
C GLU A 1157 66.14 58.39 55.10
N ASN A 1158 66.77 57.24 55.34
CA ASN A 1158 67.98 56.84 54.63
C ASN A 1158 69.09 57.88 54.81
N THR A 1159 69.40 58.20 56.06
CA THR A 1159 70.41 59.21 56.35
C THR A 1159 71.33 58.77 57.48
N ILE A 1160 72.55 59.31 57.47
CA ILE A 1160 73.53 59.08 58.52
C ILE A 1160 73.99 60.43 59.06
N ILE A 1161 73.95 60.60 60.37
CA ILE A 1161 74.28 61.85 61.04
C ILE A 1161 75.40 61.58 62.03
N PHE A 1162 76.43 62.42 62.00
CA PHE A 1162 77.54 62.36 62.95
C PHE A 1162 77.49 63.60 63.83
N THR A 1163 77.64 63.41 65.15
CA THR A 1163 77.68 64.49 66.11
C THR A 1163 79.00 64.45 66.87
N LEU A 1164 79.48 65.64 67.25
CA LEU A 1164 80.72 65.78 68.01
C LEU A 1164 80.43 66.52 69.31
N ASN A 1165 80.58 65.84 70.43
CA ASN A 1165 80.39 66.43 71.75
C ASN A 1165 79.01 67.07 71.88
N GLY A 1166 78.01 66.41 71.30
CA GLY A 1166 76.65 66.90 71.35
C GLY A 1166 76.30 67.92 70.29
N GLU A 1167 77.27 68.37 69.50
CA GLU A 1167 77.05 69.36 68.46
C GLU A 1167 77.06 68.63 67.11
N VAL A 1168 76.03 68.86 66.32
CA VAL A 1168 75.92 68.21 65.02
C VAL A 1168 76.97 68.77 64.08
N LEU A 1169 77.72 67.89 63.42
CA LEU A 1169 78.75 68.32 62.50
C LEU A 1169 78.14 68.99 61.29
N MET A 1170 78.90 69.91 60.69
CA MET A 1170 78.42 70.74 59.59
C MET A 1170 79.35 70.57 58.40
N SER A 1171 78.77 70.46 57.22
CA SER A 1171 79.55 70.34 55.99
C SER A 1171 79.92 71.72 55.47
N ASP A 1172 80.46 71.77 54.25
CA ASP A 1172 80.81 73.04 53.64
C ASP A 1172 79.62 73.68 52.94
N SER A 1173 78.72 72.87 52.39
CA SER A 1173 77.56 73.36 51.65
C SER A 1173 76.33 73.56 52.53
N GLY A 1174 76.45 73.35 53.84
CA GLY A 1174 75.35 73.51 54.75
C GLY A 1174 74.47 72.30 54.92
N SER A 1175 74.82 71.17 54.29
CA SER A 1175 74.02 69.96 54.43
C SER A 1175 74.20 69.38 55.83
N GLU A 1176 73.08 69.22 56.54
CA GLU A 1176 73.12 68.66 57.89
C GLU A 1176 73.31 67.16 57.91
N THR A 1177 73.25 66.49 56.77
CA THR A 1177 73.41 65.05 56.68
C THR A 1177 74.68 64.73 55.90
N ALA A 1178 75.47 63.79 56.42
CA ALA A 1178 76.71 63.41 55.74
C ALA A 1178 76.42 62.61 54.48
N PHE A 1179 75.47 61.68 54.55
CA PHE A 1179 75.12 60.85 53.42
C PHE A 1179 73.61 60.75 53.30
N ARG A 1180 73.13 60.64 52.07
CA ARG A 1180 71.71 60.58 51.80
C ARG A 1180 71.44 59.56 50.69
N GLU A 1181 70.19 59.12 50.61
CA GLU A 1181 69.76 58.15 49.60
C GLU A 1181 70.58 56.87 49.69
N ILE A 1182 70.81 56.40 50.91
CA ILE A 1182 71.54 55.16 51.12
C ILE A 1182 70.59 53.98 50.95
N GLU A 1183 71.00 52.99 50.19
CA GLU A 1183 70.17 51.83 49.91
C GLU A 1183 70.14 50.89 51.11
N ILE A 1184 68.97 50.30 51.35
CA ILE A 1184 68.81 49.42 52.51
C ILE A 1184 69.66 48.16 52.33
N GLY A 1185 69.37 47.39 51.29
CA GLY A 1185 70.13 46.19 51.01
C GLY A 1185 70.10 45.21 52.16
N ASP A 1186 71.28 44.67 52.49
CA ASP A 1186 71.37 43.69 53.57
C ASP A 1186 71.20 44.33 54.94
N GLY A 1187 71.68 45.56 55.11
CA GLY A 1187 71.64 46.26 56.36
C GLY A 1187 72.98 46.89 56.67
N PHE A 1188 73.14 47.34 57.91
CA PHE A 1188 74.33 48.05 58.35
C PHE A 1188 74.76 47.58 59.72
N LEU A 1189 76.05 47.71 60.00
CA LEU A 1189 76.64 47.33 61.26
C LEU A 1189 77.60 48.41 61.73
N PRO A 1190 77.64 48.70 63.03
CA PRO A 1190 78.68 49.62 63.54
C PRO A 1190 80.08 49.05 63.32
N VAL A 1191 81.00 49.93 62.98
CA VAL A 1191 82.36 49.53 62.61
C VAL A 1191 83.32 50.63 63.04
N CYS A 1192 84.56 50.23 63.35
CA CYS A 1192 85.59 51.20 63.65
C CYS A 1192 86.95 50.63 63.29
N SER A 1193 87.88 51.51 62.94
CA SER A 1193 89.24 51.12 62.61
C SER A 1193 90.21 52.03 63.35
N LEU A 1194 91.28 51.41 63.86
CA LEU A 1194 92.29 52.11 64.64
C LEU A 1194 93.66 51.92 64.01
N GLY A 1195 94.45 52.99 63.96
CA GLY A 1195 95.81 52.91 63.51
C GLY A 1195 96.74 52.51 64.63
N PRO A 1196 98.05 52.58 64.38
CA PRO A 1196 99.03 52.19 65.40
C PRO A 1196 99.02 53.14 66.59
N GLY A 1197 99.01 52.57 67.80
CA GLY A 1197 99.07 53.37 69.01
C GLY A 1197 97.82 54.15 69.34
N GLN A 1198 96.66 53.72 68.85
CA GLN A 1198 95.41 54.42 69.05
C GLN A 1198 94.54 53.66 70.04
N VAL A 1199 93.83 54.40 70.90
CA VAL A 1199 92.97 53.82 71.92
C VAL A 1199 91.58 54.43 71.82
N GLY A 1200 90.57 53.58 71.81
CA GLY A 1200 89.21 54.06 71.73
C GLY A 1200 88.23 53.23 72.54
N HIS A 1201 87.17 53.88 72.99
CA HIS A 1201 86.10 53.24 73.76
C HIS A 1201 84.83 53.23 72.92
N LEU A 1202 84.28 52.04 72.70
CA LEU A 1202 83.04 51.90 71.94
C LEU A 1202 81.89 51.65 72.88
N ASN A 1203 80.84 52.48 72.80
CA ASN A 1203 79.68 52.36 73.67
C ASN A 1203 78.45 52.17 72.79
N LEU A 1204 77.90 50.96 72.81
CA LEU A 1204 76.71 50.62 72.06
C LEU A 1204 75.42 50.96 72.80
N GLY A 1205 75.52 51.51 74.00
CA GLY A 1205 74.34 51.97 74.71
C GLY A 1205 73.54 50.89 75.40
N GLN A 1206 74.19 49.82 75.86
CA GLN A 1206 73.47 48.81 76.65
C GLN A 1206 72.95 49.42 77.94
N ASP A 1207 73.73 50.28 78.57
CA ASP A 1207 73.30 51.03 79.75
C ASP A 1207 73.05 52.46 79.32
N VAL A 1208 71.77 52.86 79.30
CA VAL A 1208 71.40 54.17 78.80
C VAL A 1208 72.00 55.28 79.65
N SER A 1209 72.21 55.03 80.93
CA SER A 1209 72.80 56.04 81.80
C SER A 1209 74.27 56.30 81.49
N SER A 1210 74.96 55.35 80.85
CA SER A 1210 76.37 55.54 80.53
C SER A 1210 76.58 56.53 79.39
N LEU A 1211 75.57 56.71 78.54
CA LEU A 1211 75.70 57.65 77.44
C LEU A 1211 75.80 59.08 77.96
N ARG A 1212 76.69 59.86 77.36
CA ARG A 1212 77.01 61.19 77.86
C ARG A 1212 76.31 62.31 77.11
N PHE A 1213 75.86 62.08 75.87
CA PHE A 1213 75.22 63.12 75.08
C PHE A 1213 73.95 62.62 74.39
N PHE A 1214 73.46 61.44 74.74
CA PHE A 1214 72.26 60.91 74.10
C PHE A 1214 71.06 61.79 74.40
N ALA A 1215 70.94 62.25 75.65
CA ALA A 1215 69.84 63.16 75.99
C ALA A 1215 70.02 64.52 75.32
N ILE A 1216 71.26 64.97 75.20
CA ILE A 1216 71.50 66.28 74.60
C ILE A 1216 71.10 66.29 73.14
N CYS A 1217 71.47 65.24 72.40
CA CYS A 1217 71.15 65.17 70.98
C CYS A 1217 70.91 63.71 70.60
N GLY A 1218 69.66 63.39 70.27
CA GLY A 1218 69.32 62.05 69.84
C GLY A 1218 68.06 61.52 70.51
N LEU A 1219 67.83 61.94 71.74
CA LEU A 1219 66.70 61.44 72.50
C LEU A 1219 65.37 61.94 71.93
N GLN A 1220 65.27 63.24 71.67
CA GLN A 1220 64.00 63.82 71.24
C GLN A 1220 63.70 63.54 69.78
N GLU A 1221 64.69 63.14 68.99
CA GLU A 1221 64.49 62.85 67.58
C GLU A 1221 64.00 61.44 67.33
N GLY A 1222 63.86 60.62 68.37
CA GLY A 1222 63.37 59.27 68.22
C GLY A 1222 64.43 58.19 68.10
N PHE A 1223 65.69 58.53 68.30
CA PHE A 1223 66.77 57.55 68.17
C PHE A 1223 66.85 56.68 69.41
N GLU A 1224 67.19 55.41 69.20
CA GLU A 1224 67.34 54.46 70.29
C GLU A 1224 68.75 53.90 70.33
N PRO A 1225 69.24 53.53 71.51
CA PRO A 1225 70.55 52.87 71.58
C PRO A 1225 70.57 51.57 70.78
N PHE A 1226 71.72 51.29 70.18
CA PHE A 1226 71.83 50.13 69.30
C PHE A 1226 71.62 48.83 70.05
N ALA A 1227 71.94 48.80 71.34
CA ALA A 1227 71.88 47.57 72.14
C ALA A 1227 70.97 47.75 73.35
N ILE A 1228 69.82 48.38 73.15
CA ILE A 1228 68.86 48.57 74.22
C ILE A 1228 68.08 47.27 74.41
N ASN A 1229 67.81 46.92 75.66
CA ASN A 1229 67.08 45.70 76.00
C ASN A 1229 67.81 44.47 75.45
N MET A 1230 68.99 44.23 76.03
CA MET A 1230 69.83 43.10 75.66
C MET A 1230 70.43 42.49 76.91
N GLN A 1231 70.38 41.17 77.01
CA GLN A 1231 70.82 40.50 78.21
C GLN A 1231 72.34 40.40 78.30
N ARG A 1232 73.03 40.28 77.17
CA ARG A 1232 74.47 40.08 77.16
C ARG A 1232 75.15 41.07 76.23
N PRO A 1233 76.41 41.39 76.49
CA PRO A 1233 77.13 42.31 75.60
C PRO A 1233 77.24 41.78 74.18
N VAL A 1234 77.26 42.70 73.23
CA VAL A 1234 77.33 42.34 71.81
C VAL A 1234 78.70 41.75 71.50
N THR A 1235 78.69 40.58 70.86
CA THR A 1235 79.94 39.95 70.44
C THR A 1235 80.59 40.73 69.31
N THR A 1236 81.90 40.87 69.36
CA THR A 1236 82.66 41.63 68.38
C THR A 1236 83.68 40.76 67.65
N TRP A 1237 83.87 41.06 66.38
CA TRP A 1237 84.87 40.40 65.54
C TRP A 1237 85.93 41.42 65.12
N PHE A 1238 87.18 40.97 65.11
CA PHE A 1238 88.30 41.84 64.75
C PHE A 1238 89.09 41.21 63.61
N SER A 1239 89.75 42.06 62.84
CA SER A 1239 90.56 41.59 61.72
C SER A 1239 91.94 41.13 62.21
N LYS A 1240 92.14 39.82 62.23
CA LYS A 1240 93.40 39.22 62.69
C LYS A 1240 94.36 39.11 61.51
N SER A 1241 95.56 39.68 61.67
CA SER A 1241 96.57 39.68 60.62
C SER A 1241 97.47 38.45 60.70
N LEU A 1242 96.87 37.27 60.71
CA LEU A 1242 97.62 36.02 60.72
C LEU A 1242 97.44 35.32 59.37
N PRO A 1243 98.47 35.20 58.55
CA PRO A 1243 98.28 34.59 57.22
C PRO A 1243 97.77 33.16 57.31
N GLN A 1244 96.86 32.82 56.41
CA GLN A 1244 96.28 31.48 56.33
C GLN A 1244 96.11 31.10 54.86
N PHE A 1245 96.16 29.79 54.60
CA PHE A 1245 95.96 29.28 53.25
C PHE A 1245 94.48 29.07 52.99
N GLU A 1246 93.98 29.67 51.91
CA GLU A 1246 92.59 29.55 51.52
C GLU A 1246 92.47 29.19 50.05
N PRO A 1247 91.39 28.52 49.66
CA PRO A 1247 91.22 28.16 48.25
C PRO A 1247 91.18 29.39 47.35
N VAL A 1248 91.73 29.21 46.14
CA VAL A 1248 91.72 30.30 45.16
C VAL A 1248 90.29 30.54 44.70
N PRO A 1249 89.77 31.76 44.77
CA PRO A 1249 88.40 32.00 44.32
C PRO A 1249 88.23 31.66 42.85
N PRO A 1250 87.10 31.07 42.46
CA PRO A 1250 86.90 30.76 41.04
C PRO A 1250 86.85 31.98 40.15
N GLU A 1251 86.54 33.15 40.70
CA GLU A 1251 86.38 34.38 39.93
C GLU A 1251 87.47 35.40 40.22
N HIS A 1252 88.66 34.93 40.58
CA HIS A 1252 89.73 35.85 40.90
C HIS A 1252 90.10 36.66 39.65
N PRO A 1253 90.21 37.98 39.75
CA PRO A 1253 90.46 38.78 38.54
C PRO A 1253 91.78 38.49 37.86
N HIS A 1254 92.77 37.99 38.59
CA HIS A 1254 94.13 37.85 38.05
C HIS A 1254 94.59 36.41 37.87
N TYR A 1255 94.08 35.47 38.65
CA TYR A 1255 94.61 34.12 38.70
C TYR A 1255 93.55 33.10 38.30
N GLU A 1256 93.91 32.20 37.40
CA GLU A 1256 93.02 31.13 36.95
C GLU A 1256 93.73 29.79 37.04
N VAL A 1257 93.00 28.78 37.52
CA VAL A 1257 93.53 27.43 37.66
C VAL A 1257 92.69 26.49 36.80
N ALA A 1258 93.35 25.75 35.91
CA ALA A 1258 92.69 24.82 35.01
C ALA A 1258 93.08 23.38 35.35
N ARG A 1259 92.09 22.52 35.50
CA ARG A 1259 92.30 21.10 35.80
C ARG A 1259 92.40 20.31 34.48
N MET A 1260 93.60 19.84 34.16
CA MET A 1260 93.84 19.11 32.93
C MET A 1260 93.76 17.60 33.19
N ASP A 1261 92.97 16.91 32.37
CA ASP A 1261 92.87 15.47 32.49
C ASP A 1261 94.11 14.79 31.94
N GLY A 1262 94.39 13.59 32.46
CA GLY A 1262 95.54 12.83 32.05
C GLY A 1262 95.33 12.10 30.74
N THR A 1263 96.19 12.37 29.75
CA THR A 1263 96.10 11.73 28.46
C THR A 1263 96.89 10.42 28.49
N VAL A 1264 97.09 9.83 27.30
CA VAL A 1264 97.82 8.57 27.23
C VAL A 1264 99.28 8.78 27.60
N ASP A 1265 99.86 9.90 27.22
CA ASP A 1265 101.27 10.17 27.43
C ASP A 1265 101.55 11.20 28.51
N THR A 1266 100.52 11.80 29.09
CA THR A 1266 100.71 12.82 30.12
C THR A 1266 99.88 12.49 31.35
N PRO A 1267 100.38 12.81 32.53
CA PRO A 1267 99.60 12.59 33.75
C PRO A 1267 98.69 13.76 34.04
N PRO A 1268 97.81 13.65 35.02
CA PRO A 1268 96.97 14.78 35.40
C PRO A 1268 97.82 15.98 35.85
N CYS A 1269 97.35 17.16 35.51
CA CYS A 1269 98.07 18.39 35.82
C CYS A 1269 97.13 19.46 36.33
N LEU A 1270 97.70 20.38 37.09
CA LEU A 1270 97.04 21.59 37.58
C LEU A 1270 97.84 22.79 37.11
N ARG A 1271 97.41 23.45 36.03
CA ARG A 1271 98.20 24.51 35.41
C ARG A 1271 97.69 25.85 35.92
N LEU A 1272 98.61 26.74 36.30
CA LEU A 1272 98.25 28.08 36.74
C LEU A 1272 98.55 29.07 35.63
N ALA A 1273 97.60 29.95 35.33
CA ALA A 1273 97.78 30.97 34.30
C ALA A 1273 97.38 32.35 34.79
N HIS A 1274 98.11 33.36 34.32
CA HIS A 1274 97.84 34.76 34.63
C HIS A 1274 96.92 35.32 33.55
N ARG A 1275 95.70 35.71 33.93
CA ARG A 1275 94.71 36.12 32.95
C ARG A 1275 94.76 37.62 32.62
N THR A 1276 95.68 38.38 33.20
CA THR A 1276 95.75 39.81 32.92
C THR A 1276 97.18 40.29 32.72
N TRP A 1277 98.10 39.40 32.35
CA TRP A 1277 99.48 39.80 32.17
C TRP A 1277 99.63 40.75 30.99
N GLY A 1278 100.50 41.74 31.14
CA GLY A 1278 100.82 42.68 30.10
C GLY A 1278 99.92 43.90 30.03
N SER A 1279 98.65 43.75 30.39
CA SER A 1279 97.71 44.85 30.30
C SER A 1279 97.91 45.82 31.47
N GLN A 1280 97.30 46.99 31.35
CA GLN A 1280 97.35 47.97 32.42
C GLN A 1280 96.67 47.42 33.68
N ASN A 1281 97.13 47.90 34.84
CA ASN A 1281 96.61 47.56 36.15
C ASN A 1281 96.91 46.11 36.54
N SER A 1282 97.74 45.41 35.76
CA SER A 1282 98.10 44.04 36.11
C SER A 1282 98.81 44.01 37.46
N LEU A 1283 98.48 42.99 38.26
CA LEU A 1283 99.05 42.81 39.59
C LEU A 1283 100.16 41.78 39.52
N VAL A 1284 101.37 42.18 39.93
CA VAL A 1284 102.53 41.30 39.96
C VAL A 1284 103.08 41.28 41.38
N GLU A 1285 103.03 40.11 42.02
CA GLU A 1285 103.51 39.98 43.38
C GLU A 1285 103.79 38.52 43.69
N MET A 1286 104.50 38.30 44.78
CA MET A 1286 104.85 36.95 45.22
C MET A 1286 103.60 36.13 45.52
N LEU A 1287 103.55 34.91 45.00
CA LEU A 1287 102.42 34.01 45.17
C LEU A 1287 102.85 32.75 45.89
N PHE A 1288 102.15 32.42 46.97
CA PHE A 1288 102.43 31.26 47.82
C PHE A 1288 101.30 30.26 47.62
N LEU A 1289 101.58 29.16 46.94
CA LEU A 1289 100.59 28.14 46.61
C LEU A 1289 100.93 26.82 47.29
N ARG A 1290 99.90 26.06 47.64
CA ARG A 1290 100.10 24.72 48.19
C ARG A 1290 98.91 23.84 47.82
N LEU A 1291 99.14 22.54 47.86
CA LEU A 1291 98.07 21.58 47.64
C LEU A 1291 97.26 21.38 48.92
N SER A 1292 96.00 21.00 48.76
CA SER A 1292 95.08 20.94 49.89
C SER A 1292 95.35 19.75 50.82
N LEU A 1293 96.10 18.74 50.38
CA LEU A 1293 96.25 17.55 51.18
C LEU A 1293 97.72 17.27 51.51
N PRO A 1294 98.02 16.84 52.74
CA PRO A 1294 99.40 16.55 53.12
C PRO A 1294 99.76 15.08 52.96
N VAL A 1295 101.06 14.81 53.06
CA VAL A 1295 101.59 13.46 53.18
C VAL A 1295 102.18 13.30 54.58
N GLN A 1296 101.83 12.20 55.24
CA GLN A 1296 102.23 11.94 56.62
C GLN A 1296 103.24 10.81 56.66
N PHE A 1297 104.37 11.05 57.29
CA PHE A 1297 105.41 10.03 57.40
C PHE A 1297 105.01 8.97 58.43
N HIS A 1298 105.59 7.79 58.29
CA HIS A 1298 105.24 6.67 59.14
C HIS A 1298 105.67 6.92 60.58
N GLN A 1299 104.97 6.26 61.51
CA GLN A 1299 105.23 6.46 62.93
C GLN A 1299 106.62 5.96 63.32
N HIS A 1300 107.04 4.82 62.80
CA HIS A 1300 108.32 4.21 63.14
C HIS A 1300 109.16 3.97 61.91
N PHE A 1301 110.44 4.31 62.00
CA PHE A 1301 111.39 4.10 60.92
C PHE A 1301 112.10 2.76 61.08
N ARG A 1302 112.56 2.23 59.95
CA ARG A 1302 113.31 0.99 59.96
C ARG A 1302 114.67 1.20 60.64
N CYS A 1303 115.44 0.12 60.73
CA CYS A 1303 116.77 0.18 61.33
C CYS A 1303 117.69 1.06 60.51
N ASN A 1420 110.91 0.42 31.48
CA ASN A 1420 109.67 1.21 31.43
C ASN A 1420 108.50 0.44 32.02
N ARG A 1421 108.73 -0.81 32.42
CA ARG A 1421 107.71 -1.66 33.01
C ARG A 1421 108.03 -1.89 34.48
N ASP A 1422 107.03 -1.66 35.33
CA ASP A 1422 107.22 -1.77 36.78
C ASP A 1422 107.26 -3.23 37.21
N ASP A 1423 108.18 -3.53 38.13
CA ASP A 1423 108.21 -4.85 38.75
C ASP A 1423 107.06 -4.94 39.76
N PRO A 1424 106.15 -5.91 39.63
CA PRO A 1424 104.97 -5.90 40.52
C PRO A 1424 105.30 -6.01 42.00
N GLU A 1425 106.31 -6.79 42.39
CA GLU A 1425 106.61 -6.91 43.81
C GLU A 1425 107.30 -5.68 44.35
N ILE A 1426 108.16 -5.05 43.56
CA ILE A 1426 108.82 -3.85 44.04
C ILE A 1426 107.80 -2.74 44.15
N ILE A 1427 106.95 -2.59 43.13
CA ILE A 1427 106.01 -1.49 43.13
C ILE A 1427 104.99 -1.70 44.24
N LEU A 1428 104.72 -2.95 44.62
CA LEU A 1428 103.78 -3.23 45.69
C LEU A 1428 104.40 -3.18 47.07
N ASN A 1429 105.74 -3.14 47.17
CA ASN A 1429 106.39 -3.04 48.46
C ASN A 1429 107.13 -1.72 48.67
N THR A 1430 107.14 -0.82 47.70
CA THR A 1430 107.89 0.43 47.82
C THR A 1430 107.15 1.44 48.67
N THR A 1431 107.93 2.35 49.30
CA THR A 1431 107.41 3.44 50.11
C THR A 1431 107.85 4.80 49.59
N THR A 1432 108.28 4.87 48.34
CA THR A 1432 108.76 6.11 47.73
C THR A 1432 107.67 6.69 46.83
N TYR A 1433 107.42 7.99 46.97
CA TYR A 1433 106.40 8.70 46.22
C TYR A 1433 107.02 9.89 45.50
N TYR A 1434 106.45 10.24 44.35
CA TYR A 1434 107.02 11.20 43.42
C TYR A 1434 105.96 12.19 42.96
N TYR A 1435 106.38 13.44 42.76
CA TYR A 1435 105.54 14.42 42.06
C TYR A 1435 106.44 15.47 41.44
N SER A 1436 105.99 16.09 40.35
CA SER A 1436 106.85 17.03 39.65
C SER A 1436 106.13 18.33 39.35
N VAL A 1437 106.90 19.40 39.18
CA VAL A 1437 106.37 20.71 38.83
C VAL A 1437 107.04 21.18 37.56
N ARG A 1438 106.24 21.52 36.54
CA ARG A 1438 106.73 22.00 35.25
C ARG A 1438 106.61 23.52 35.20
N VAL A 1439 107.74 24.20 35.17
CA VAL A 1439 107.77 25.64 34.96
C VAL A 1439 107.89 25.88 33.46
N PHE A 1440 106.88 26.55 32.89
CA PHE A 1440 106.84 26.76 31.45
C PHE A 1440 107.95 27.70 30.99
N ALA A 1441 108.35 27.54 29.73
CA ALA A 1441 109.32 28.44 29.14
C ALA A 1441 108.79 29.86 29.11
N GLY A 1442 109.65 30.82 29.46
CA GLY A 1442 109.29 32.21 29.60
C GLY A 1442 109.26 32.69 31.03
N GLN A 1443 108.92 31.81 31.96
CA GLN A 1443 108.97 32.13 33.38
C GLN A 1443 110.39 31.92 33.90
N GLU A 1444 110.93 32.94 34.57
CA GLU A 1444 112.31 32.89 35.01
C GLU A 1444 112.49 31.82 36.07
N PRO A 1445 113.38 30.85 35.89
CA PRO A 1445 113.63 29.86 36.95
C PRO A 1445 114.14 30.47 38.23
N SER A 1446 114.82 31.62 38.15
CA SER A 1446 115.34 32.28 39.34
C SER A 1446 114.26 32.78 40.28
N CYS A 1447 113.00 32.84 39.85
CA CYS A 1447 111.90 33.30 40.68
C CYS A 1447 110.96 32.18 41.10
N VAL A 1448 111.41 30.93 41.10
CA VAL A 1448 110.57 29.78 41.45
C VAL A 1448 111.27 28.97 42.54
N TRP A 1449 110.52 28.65 43.59
CA TRP A 1449 110.97 27.74 44.64
C TRP A 1449 109.98 26.59 44.76
N VAL A 1450 110.48 25.37 44.73
CA VAL A 1450 109.66 24.16 44.71
C VAL A 1450 110.09 23.27 45.87
N GLY A 1451 109.11 22.75 46.62
CA GLY A 1451 109.39 21.84 47.71
C GLY A 1451 108.18 21.53 48.57
N TRP A 1452 108.36 21.56 49.89
CA TRP A 1452 107.32 21.21 50.84
C TRP A 1452 107.29 22.24 51.96
N VAL A 1453 106.12 22.38 52.57
CA VAL A 1453 105.94 23.24 53.73
C VAL A 1453 105.20 22.49 54.81
N THR A 1454 105.58 22.73 56.06
CA THR A 1454 104.84 22.21 57.20
C THR A 1454 103.58 23.04 57.42
N PRO A 1455 102.59 22.48 58.13
CA PRO A 1455 101.33 23.20 58.32
C PRO A 1455 101.44 24.47 59.16
N ASP A 1456 102.61 24.79 59.69
CA ASP A 1456 102.79 25.96 60.54
C ASP A 1456 103.61 27.04 59.84
N TYR A 1457 103.38 27.23 58.55
CA TYR A 1457 104.06 28.27 57.78
C TYR A 1457 103.13 29.48 57.66
N HIS A 1458 103.54 30.60 58.23
CA HIS A 1458 102.77 31.84 58.19
C HIS A 1458 103.68 33.04 57.94
N GLN A 1459 104.63 32.91 57.01
CA GLN A 1459 105.62 33.96 56.81
C GLN A 1459 105.08 35.06 55.90
N HIS A 1460 104.78 34.73 54.64
CA HIS A 1460 104.24 35.68 53.67
C HIS A 1460 105.16 36.90 53.53
N ASP A 1461 106.35 36.65 53.01
CA ASP A 1461 107.37 37.68 52.81
C ASP A 1461 107.39 38.09 51.34
N MET A 1462 107.30 39.40 51.09
CA MET A 1462 107.34 39.91 49.74
C MET A 1462 108.74 39.94 49.13
N ASN A 1463 109.77 39.66 49.92
CA ASN A 1463 111.15 39.57 49.45
C ASN A 1463 111.75 38.23 49.85
N PHE A 1464 111.01 37.17 49.58
CA PHE A 1464 111.37 35.85 50.06
C PHE A 1464 112.65 35.35 49.41
N ASP A 1465 113.49 34.71 50.24
CA ASP A 1465 114.76 34.09 49.79
C ASP A 1465 114.92 32.85 50.66
N LEU A 1466 115.81 31.92 50.30
CA LEU A 1466 116.08 30.75 51.11
C LEU A 1466 116.82 31.07 52.39
N SER A 1467 117.41 32.26 52.50
CA SER A 1467 118.07 32.65 53.73
C SER A 1467 117.10 33.08 54.82
N LYS A 1468 115.87 33.42 54.46
CA LYS A 1468 114.86 33.80 55.45
C LYS A 1468 114.15 32.61 56.07
N VAL A 1469 114.40 31.40 55.59
CA VAL A 1469 113.70 30.24 56.13
C VAL A 1469 114.13 29.99 57.56
N ARG A 1470 113.15 29.80 58.44
CA ARG A 1470 113.43 29.55 59.85
C ARG A 1470 114.11 28.20 60.01
N ALA A 1471 115.12 28.17 60.88
CA ALA A 1471 115.88 26.96 61.14
C ALA A 1471 116.37 26.98 62.58
N VAL A 1472 116.55 25.79 63.15
CA VAL A 1472 117.07 25.71 64.52
C VAL A 1472 117.57 24.29 64.75
N THR A 1473 118.68 24.17 65.48
CA THR A 1473 119.30 22.90 65.82
C THR A 1473 119.20 22.66 67.33
N VAL A 1474 118.62 21.51 67.69
CA VAL A 1474 118.51 21.08 69.07
C VAL A 1474 119.58 20.02 69.32
N THR A 1475 120.50 20.33 70.24
CA THR A 1475 121.66 19.50 70.53
C THR A 1475 121.57 18.95 71.94
N MET A 1476 121.71 17.65 72.08
CA MET A 1476 121.70 16.95 73.36
C MET A 1476 123.07 16.34 73.63
N GLY A 1477 123.40 16.25 74.91
CA GLY A 1477 124.67 15.70 75.33
C GLY A 1477 124.53 15.06 76.69
N ASP A 1478 125.63 14.47 77.16
CA ASP A 1478 125.64 13.83 78.47
C ASP A 1478 126.04 14.85 79.53
N GLU A 1479 126.32 14.37 80.74
CA GLU A 1479 126.71 15.26 81.82
C GLU A 1479 127.98 16.04 81.50
N GLN A 1480 128.83 15.53 80.61
CA GLN A 1480 130.10 16.17 80.29
C GLN A 1480 130.29 16.36 78.79
N GLY A 1481 129.22 16.50 78.02
CA GLY A 1481 129.33 16.76 76.60
C GLY A 1481 128.97 15.56 75.74
N ASN A 1482 129.89 15.16 74.87
CA ASN A 1482 129.72 13.96 74.05
C ASN A 1482 128.37 14.00 73.29
N VAL A 1483 128.29 14.96 72.37
CA VAL A 1483 127.05 15.16 71.63
C VAL A 1483 126.60 13.84 71.03
N HIS A 1484 125.43 13.37 71.45
CA HIS A 1484 124.85 12.15 70.93
C HIS A 1484 123.58 12.35 70.10
N SER A 1485 123.07 13.57 69.98
CA SER A 1485 121.87 13.81 69.18
C SER A 1485 121.82 15.27 68.76
N SER A 1486 121.72 15.53 67.46
CA SER A 1486 121.69 16.89 66.92
C SER A 1486 120.62 16.94 65.84
N LEU A 1487 119.39 17.29 66.22
CA LEU A 1487 118.30 17.38 65.26
C LEU A 1487 118.17 18.78 64.70
N LYS A 1488 117.72 18.86 63.44
CA LYS A 1488 117.54 20.12 62.74
C LYS A 1488 116.07 20.29 62.39
N CYS A 1489 115.51 21.46 62.72
CA CYS A 1489 114.09 21.74 62.57
C CYS A 1489 113.91 22.96 61.67
N SER A 1490 112.92 22.87 60.78
CA SER A 1490 112.55 23.94 59.88
C SER A 1490 111.11 23.71 59.43
N ASN A 1491 110.50 24.76 58.88
CA ASN A 1491 109.14 24.69 58.38
C ASN A 1491 109.03 24.76 56.87
N CYS A 1492 110.15 24.87 56.16
CA CYS A 1492 110.13 25.00 54.70
C CYS A 1492 111.34 24.28 54.13
N TYR A 1493 111.08 23.22 53.37
CA TYR A 1493 112.13 22.44 52.72
C TYR A 1493 111.98 22.59 51.21
N MET A 1494 112.74 23.51 50.62
CA MET A 1494 112.59 23.84 49.21
C MET A 1494 113.96 23.97 48.57
N VAL A 1495 113.97 23.95 47.23
CA VAL A 1495 115.16 24.20 46.43
C VAL A 1495 114.89 25.40 45.54
N TRP A 1496 115.97 26.07 45.14
CA TRP A 1496 115.86 27.25 44.29
C TRP A 1496 115.99 26.84 42.83
N GLY A 1497 115.07 27.34 42.00
CA GLY A 1497 115.12 27.07 40.58
C GLY A 1497 116.31 27.67 39.87
N GLY A 1498 116.95 28.67 40.47
CA GLY A 1498 118.13 29.29 39.90
C GLY A 1498 119.41 28.48 40.00
N ASP A 1499 119.38 27.37 40.73
CA ASP A 1499 120.53 26.48 40.83
C ASP A 1499 120.57 25.44 39.72
N PHE A 1500 119.56 25.40 38.87
CA PHE A 1500 119.47 24.40 37.79
C PHE A 1500 119.51 25.06 36.42
N VAL A 1501 120.12 26.25 36.34
CA VAL A 1501 120.21 26.97 35.08
C VAL A 1501 121.53 26.67 34.39
N HIS A 1511 114.55 28.73 27.02
CA HIS A 1511 113.64 28.50 25.90
C HIS A 1511 113.07 27.09 25.93
N THR A 1512 113.02 26.52 27.13
CA THR A 1512 112.57 25.14 27.30
C THR A 1512 112.00 24.98 28.71
N ASP A 1513 110.89 24.25 28.80
CA ASP A 1513 110.26 24.02 30.09
C ASP A 1513 111.18 23.22 31.01
N LEU A 1514 111.10 23.52 32.30
CA LEU A 1514 111.91 22.85 33.32
C LEU A 1514 110.99 22.05 34.24
N VAL A 1515 111.26 20.75 34.36
CA VAL A 1515 110.42 19.85 35.15
C VAL A 1515 111.18 19.32 36.36
N ILE A 1516 111.02 20.01 37.49
CA ILE A 1516 111.68 19.64 38.73
C ILE A 1516 110.85 18.60 39.47
N GLY A 1517 111.44 17.43 39.73
CA GLY A 1517 110.78 16.35 40.42
C GLY A 1517 111.20 16.21 41.88
N CYS A 1518 110.25 15.78 42.72
CA CYS A 1518 110.47 15.62 44.14
C CYS A 1518 110.11 14.19 44.54
N LEU A 1519 111.01 13.54 45.28
CA LEU A 1519 110.85 12.18 45.77
C LEU A 1519 110.90 12.17 47.29
N VAL A 1520 109.93 11.51 47.91
CA VAL A 1520 109.88 11.35 49.37
C VAL A 1520 109.73 9.88 49.70
N ASP A 1521 110.55 9.39 50.64
CA ASP A 1521 110.47 8.01 51.10
C ASP A 1521 109.86 8.01 52.51
N LEU A 1522 108.62 7.54 52.61
CA LEU A 1522 107.89 7.63 53.86
C LEU A 1522 108.41 6.68 54.93
N ALA A 1523 109.20 5.68 54.56
CA ALA A 1523 109.69 4.70 55.52
C ALA A 1523 111.04 5.09 56.11
N THR A 1524 111.68 6.14 55.62
CA THR A 1524 112.96 6.60 56.13
C THR A 1524 113.00 8.08 56.43
N GLY A 1525 112.02 8.86 56.00
CA GLY A 1525 112.04 10.29 56.23
C GLY A 1525 113.02 11.04 55.35
N LEU A 1526 113.39 10.48 54.21
CA LEU A 1526 114.36 11.09 53.31
C LEU A 1526 113.67 11.71 52.10
N MET A 1527 114.10 12.94 51.77
CA MET A 1527 113.53 13.71 50.68
C MET A 1527 114.66 14.10 49.73
N THR A 1528 114.44 13.86 48.43
CA THR A 1528 115.41 14.13 47.39
C THR A 1528 114.73 14.83 46.22
N PHE A 1529 115.54 15.45 45.36
CA PHE A 1529 115.02 16.22 44.24
C PHE A 1529 115.80 15.86 42.98
N THR A 1530 115.13 16.00 41.84
CA THR A 1530 115.71 15.77 40.53
C THR A 1530 115.47 16.97 39.63
N ALA A 1531 116.49 17.33 38.85
CA ALA A 1531 116.41 18.43 37.88
C ALA A 1531 116.66 17.85 36.50
N ASN A 1532 115.60 17.81 35.68
CA ASN A 1532 115.68 17.32 34.30
C ASN A 1532 116.27 15.92 34.24
N GLY A 1533 115.92 15.08 35.22
CA GLY A 1533 116.42 13.73 35.28
C GLY A 1533 117.76 13.57 35.96
N LYS A 1534 118.40 14.66 36.36
CA LYS A 1534 119.70 14.62 37.02
C LYS A 1534 119.52 14.81 38.52
N GLU A 1535 120.12 13.91 39.30
CA GLU A 1535 120.01 13.97 40.74
C GLU A 1535 120.68 15.22 41.29
N SER A 1536 120.00 15.91 42.19
CA SER A 1536 120.54 17.09 42.84
C SER A 1536 121.30 16.71 44.10
N ASN A 1537 122.19 17.60 44.53
CA ASN A 1537 122.99 17.35 45.71
C ASN A 1537 122.19 17.54 47.00
N THR A 1538 121.18 18.42 46.97
CA THR A 1538 120.44 18.73 48.19
C THR A 1538 119.53 17.58 48.58
N PHE A 1539 119.39 17.38 49.89
CA PHE A 1539 118.48 16.38 50.43
C PHE A 1539 118.05 16.81 51.82
N PHE A 1540 116.96 16.23 52.30
CA PHE A 1540 116.45 16.55 53.63
C PHE A 1540 116.06 15.29 54.39
N GLN A 1541 116.12 15.39 55.72
CA GLN A 1541 115.72 14.31 56.62
C GLN A 1541 114.71 14.87 57.62
N VAL A 1542 113.61 14.13 57.82
CA VAL A 1542 112.51 14.58 58.66
C VAL A 1542 112.17 13.50 59.68
N GLU A 1543 111.38 13.88 60.67
CA GLU A 1543 110.97 13.02 61.77
C GLU A 1543 109.80 12.13 61.36
N PRO A 1544 109.54 11.05 62.11
CA PRO A 1544 108.53 10.08 61.69
C PRO A 1544 107.11 10.62 61.53
N ASN A 1545 106.68 11.53 62.41
CA ASN A 1545 105.29 11.98 62.43
C ASN A 1545 105.08 13.26 61.63
N THR A 1546 106.01 13.60 60.73
CA THR A 1546 105.92 14.85 60.00
C THR A 1546 104.83 14.81 58.93
N LYS A 1547 104.09 15.91 58.84
CA LYS A 1547 103.14 16.18 57.77
C LYS A 1547 103.75 17.22 56.83
N LEU A 1548 103.75 16.94 55.53
CA LEU A 1548 104.32 17.85 54.55
C LEU A 1548 103.31 18.15 53.45
N PHE A 1549 103.12 19.45 53.15
CA PHE A 1549 102.26 19.91 52.07
C PHE A 1549 103.08 20.30 50.84
N PRO A 1550 102.76 19.77 49.67
CA PRO A 1550 103.43 20.23 48.43
C PRO A 1550 103.14 21.71 48.15
N ALA A 1551 104.21 22.51 48.04
CA ALA A 1551 104.06 23.95 47.96
C ALA A 1551 105.02 24.54 46.93
N VAL A 1552 104.56 25.61 46.28
CA VAL A 1552 105.36 26.35 45.30
C VAL A 1552 105.24 27.84 45.60
N PHE A 1553 106.40 28.51 45.71
CA PHE A 1553 106.47 29.96 45.86
C PHE A 1553 107.00 30.53 44.55
N VAL A 1554 106.22 31.42 43.91
CA VAL A 1554 106.57 31.89 42.57
C VAL A 1554 106.25 33.37 42.43
N LEU A 1555 107.12 34.08 41.72
CA LEU A 1555 106.83 35.44 41.26
C LEU A 1555 106.48 35.41 39.78
N PRO A 1556 105.23 35.62 39.39
CA PRO A 1556 104.87 35.48 37.97
C PRO A 1556 105.61 36.47 37.08
N THR A 1557 105.99 36.00 35.89
CA THR A 1557 106.59 36.86 34.87
C THR A 1557 106.08 36.54 33.48
N HIS A 1558 105.00 35.78 33.34
CA HIS A 1558 104.50 35.35 32.04
C HIS A 1558 103.06 34.91 32.22
N GLN A 1559 102.37 34.76 31.08
CA GLN A 1559 100.97 34.33 31.13
C GLN A 1559 100.85 32.94 31.73
N ASN A 1560 101.69 32.01 31.28
CA ASN A 1560 101.73 30.65 31.82
C ASN A 1560 102.86 30.57 32.84
N VAL A 1561 102.52 30.21 34.08
CA VAL A 1561 103.47 30.28 35.18
C VAL A 1561 103.99 28.91 35.54
N ILE A 1562 103.11 28.01 36.01
CA ILE A 1562 103.55 26.70 36.44
C ILE A 1562 102.50 25.63 36.14
N GLN A 1563 102.83 24.38 36.47
CA GLN A 1563 101.90 23.27 36.26
C GLN A 1563 102.31 22.12 37.17
N PHE A 1564 101.48 21.82 38.17
CA PHE A 1564 101.67 20.64 39.00
C PHE A 1564 101.39 19.38 38.19
N GLU A 1565 102.40 18.52 38.05
CA GLU A 1565 102.28 17.26 37.32
C GLU A 1565 102.24 16.12 38.34
N LEU A 1566 101.08 15.48 38.46
CA LEU A 1566 100.88 14.39 39.42
C LEU A 1566 101.14 13.04 38.74
N GLY A 1567 102.35 12.89 38.21
CA GLY A 1567 102.74 11.69 37.51
C GLY A 1567 103.44 10.69 38.39
N LYS A 1568 104.21 9.81 37.75
CA LYS A 1568 104.95 8.78 38.46
C LYS A 1568 106.18 8.39 37.67
N GLN A 1569 107.11 7.73 38.34
CA GLN A 1569 108.31 7.19 37.73
C GLN A 1569 108.30 5.67 37.81
N LYS A 1570 109.40 5.06 37.39
CA LYS A 1570 109.51 3.61 37.43
C LYS A 1570 109.61 3.11 38.85
N ASN A 1571 108.73 2.17 39.21
CA ASN A 1571 108.72 1.56 40.54
C ASN A 1571 108.52 2.59 41.65
N ILE A 1572 107.77 3.66 41.35
CA ILE A 1572 107.47 4.70 42.34
C ILE A 1572 105.99 5.04 42.22
N MET A 1573 105.29 5.01 43.35
CA MET A 1573 103.86 5.27 43.37
C MET A 1573 103.57 6.77 43.31
N PRO A 1574 102.38 7.13 42.83
CA PRO A 1574 102.00 8.54 42.78
C PRO A 1574 101.54 9.05 44.15
N LEU A 1575 101.23 10.35 44.19
CA LEU A 1575 100.86 11.00 45.44
C LEU A 1575 99.50 10.53 45.96
N SER A 1576 98.56 10.24 45.05
CA SER A 1576 97.23 9.81 45.46
C SER A 1576 97.26 8.51 46.27
N ALA A 1577 98.31 7.71 46.09
CA ALA A 1577 98.43 6.48 46.88
C ALA A 1577 98.76 6.78 48.33
N ALA A 1578 99.36 7.93 48.59
CA ALA A 1578 99.70 8.29 49.96
C ALA A 1578 98.64 9.19 50.56
N MET A 1579 97.95 9.96 49.71
CA MET A 1579 96.93 10.88 50.20
C MET A 1579 95.62 10.17 50.49
N PHE A 1580 95.34 9.05 49.81
CA PHE A 1580 94.06 8.37 49.94
C PHE A 1580 94.27 6.93 50.36
N LEU A 1581 93.52 6.51 51.39
CA LEU A 1581 93.67 5.16 51.91
C LEU A 1581 93.17 4.12 50.91
N SER A 1582 92.08 4.40 50.22
CA SER A 1582 91.51 3.42 49.29
C SER A 1582 92.38 3.20 48.06
N GLU A 1583 93.38 4.05 47.84
CA GLU A 1583 94.25 3.98 46.68
C GLU A 1583 95.68 3.61 47.06
N ARG A 1584 95.87 3.03 48.25
CA ARG A 1584 97.21 2.73 48.73
C ARG A 1584 97.93 1.77 47.78
N LYS A 1585 97.20 0.81 47.21
CA LYS A 1585 97.78 -0.18 46.32
C LYS A 1585 97.39 0.05 44.87
N ASN A 1586 96.93 1.26 44.54
CA ASN A 1586 96.52 1.58 43.17
C ASN A 1586 97.61 2.42 42.51
N PRO A 1587 98.37 1.88 41.54
CA PRO A 1587 99.39 2.68 40.88
C PRO A 1587 98.85 3.64 39.83
N ALA A 1588 97.58 3.59 39.52
CA ALA A 1588 97.02 4.48 38.51
C ALA A 1588 96.90 5.89 39.08
N PRO A 1589 97.53 6.90 38.45
CA PRO A 1589 97.41 8.26 38.97
C PRO A 1589 95.96 8.75 38.95
N GLN A 1590 95.60 9.51 39.98
CA GLN A 1590 94.27 10.08 40.11
C GLN A 1590 94.38 11.50 40.64
N CYS A 1591 93.40 12.32 40.28
CA CYS A 1591 93.29 13.70 40.78
C CYS A 1591 91.86 13.94 41.23
N PRO A 1592 91.48 13.45 42.41
CA PRO A 1592 90.11 13.62 42.89
C PRO A 1592 89.80 15.08 43.15
N PRO A 1593 88.51 15.45 43.13
CA PRO A 1593 88.16 16.87 43.28
C PRO A 1593 88.64 17.50 44.57
N ARG A 1594 88.76 16.72 45.65
CA ARG A 1594 89.15 17.29 46.93
C ARG A 1594 90.54 17.92 46.88
N LEU A 1595 91.39 17.44 45.98
CA LEU A 1595 92.74 17.99 45.85
C LEU A 1595 92.68 19.26 45.02
N GLU A 1596 93.05 20.39 45.64
CA GLU A 1596 92.95 21.68 44.98
C GLU A 1596 94.08 22.57 45.45
N VAL A 1597 94.28 23.65 44.69
CA VAL A 1597 95.34 24.62 44.96
C VAL A 1597 94.81 25.70 45.89
N GLN A 1598 95.56 25.97 46.96
CA GLN A 1598 95.24 27.01 47.93
C GLN A 1598 96.33 28.05 47.91
N MET A 1599 95.95 29.30 48.09
CA MET A 1599 96.89 30.42 48.09
C MET A 1599 96.92 31.06 49.48
N LEU A 1600 98.05 31.67 49.82
CA LEU A 1600 98.22 32.24 51.14
C LEU A 1600 97.59 33.63 51.21
N MET A 1601 96.57 33.78 52.05
CA MET A 1601 95.89 35.06 52.25
C MET A 1601 96.36 35.72 53.54
N PRO A 1602 96.58 37.04 53.55
CA PRO A 1602 97.22 37.65 54.72
C PRO A 1602 96.33 37.78 55.95
N VAL A 1603 95.06 38.14 55.80
CA VAL A 1603 94.23 38.55 56.93
C VAL A 1603 92.91 37.79 56.96
N SER A 1604 92.40 37.56 58.17
CA SER A 1604 91.13 36.86 58.32
C SER A 1604 90.38 37.40 59.54
N TRP A 1605 89.07 37.20 59.54
CA TRP A 1605 88.22 37.62 60.66
C TRP A 1605 88.32 36.64 61.82
N SER A 1606 88.40 37.17 63.04
CA SER A 1606 88.44 36.34 64.25
C SER A 1606 87.49 36.92 65.30
N ARG A 1607 86.89 36.02 66.08
CA ARG A 1607 85.92 36.39 67.10
C ARG A 1607 86.62 36.71 68.42
N MET A 1608 86.25 37.84 69.03
CA MET A 1608 86.83 38.23 70.31
C MET A 1608 86.26 37.38 71.44
N PRO A 1609 87.09 36.84 72.33
CA PRO A 1609 86.55 36.09 73.47
C PRO A 1609 85.72 36.97 74.39
N ASN A 1610 84.74 36.35 75.05
CA ASN A 1610 83.88 37.09 75.96
C ASN A 1610 84.58 37.46 77.26
N HIS A 1611 85.52 36.64 77.71
CA HIS A 1611 86.21 36.88 78.98
C HIS A 1611 87.71 36.68 78.82
N PHE A 1612 88.47 37.36 79.66
CA PHE A 1612 89.93 37.34 79.61
C PHE A 1612 90.50 37.05 80.99
N LEU A 1613 91.67 36.43 81.01
CA LEU A 1613 92.34 36.07 82.25
C LEU A 1613 92.76 37.30 83.03
N GLN A 1614 92.54 37.26 84.35
CA GLN A 1614 92.93 38.33 85.26
C GLN A 1614 94.35 38.05 85.78
N VAL A 1615 95.31 38.83 85.32
CA VAL A 1615 96.72 38.67 85.68
C VAL A 1615 97.12 39.86 86.55
N GLU A 1616 97.70 39.57 87.71
CA GLU A 1616 98.15 40.60 88.64
C GLU A 1616 99.68 40.67 88.61
N THR A 1617 100.22 41.82 88.23
CA THR A 1617 101.65 42.07 88.18
C THR A 1617 102.00 43.19 89.14
N ARG A 1618 103.02 42.97 89.95
CA ARG A 1618 103.42 43.98 90.93
C ARG A 1618 104.88 43.77 91.28
N ARG A 1619 105.52 44.80 91.83
CA ARG A 1619 106.90 44.71 92.29
C ARG A 1619 106.89 44.25 93.75
N ALA A 1620 107.27 42.99 93.99
CA ALA A 1620 107.21 42.45 95.34
C ALA A 1620 108.23 43.07 96.26
N GLY A 1621 109.28 43.67 95.73
CA GLY A 1621 110.30 44.29 96.54
C GLY A 1621 111.61 44.37 95.79
N GLU A 1622 112.58 44.99 96.46
CA GLU A 1622 113.91 45.13 95.86
C GLU A 1622 114.59 43.77 95.71
N ARG A 1623 114.47 42.90 96.71
CA ARG A 1623 115.15 41.62 96.69
C ARG A 1623 114.27 40.48 96.16
N LEU A 1624 112.95 40.62 96.27
CA LEU A 1624 112.04 39.57 95.82
C LEU A 1624 111.79 39.63 94.32
N GLY A 1625 112.00 40.78 93.69
CA GLY A 1625 111.82 40.93 92.26
C GLY A 1625 110.39 41.29 91.88
N TRP A 1626 109.99 40.93 90.66
CA TRP A 1626 108.67 41.28 90.16
C TRP A 1626 107.75 40.06 90.16
N ALA A 1627 106.58 40.17 90.77
CA ALA A 1627 105.70 39.03 90.95
C ALA A 1627 104.54 39.07 89.96
N VAL A 1628 104.25 37.89 89.39
CA VAL A 1628 103.12 37.62 88.51
C VAL A 1628 102.23 36.60 89.21
N GLN A 1629 100.92 36.82 89.15
CA GLN A 1629 99.95 36.00 89.85
C GLN A 1629 98.70 35.83 89.01
N CYS A 1630 98.20 34.59 88.94
CA CYS A 1630 96.96 34.30 88.23
C CYS A 1630 96.25 33.12 88.88
N GLN A 1631 94.96 33.29 89.16
CA GLN A 1631 94.18 32.30 89.91
C GLN A 1631 92.92 31.84 89.20
N ASP A 1632 92.21 32.72 88.52
CA ASP A 1632 90.88 32.39 88.01
C ASP A 1632 90.97 31.50 86.78
N PRO A 1633 90.35 30.31 86.80
CA PRO A 1633 90.38 29.44 85.62
C PRO A 1633 89.40 29.87 84.53
N LEU A 1634 89.74 29.52 83.29
CA LEU A 1634 88.86 29.74 82.15
C LEU A 1634 89.03 28.60 81.16
N THR A 1635 87.91 28.13 80.59
CA THR A 1635 87.93 27.02 79.65
C THR A 1635 87.02 27.32 78.48
N MET A 1636 87.47 26.94 77.27
CA MET A 1636 86.67 27.05 76.05
C MET A 1636 86.64 25.71 75.34
N MET A 1637 85.58 25.50 74.56
CA MET A 1637 85.40 24.28 73.77
C MET A 1637 85.98 24.50 72.38
N ALA A 1638 87.08 23.80 72.07
CA ALA A 1638 87.82 24.00 70.84
C ALA A 1638 87.39 22.98 69.80
N LEU A 1639 87.18 23.44 68.56
CA LEU A 1639 86.88 22.59 67.43
C LEU A 1639 88.14 22.41 66.58
N HIS A 1640 88.60 21.16 66.46
CA HIS A 1640 89.87 20.83 65.82
C HIS A 1640 89.63 20.22 64.45
N ILE A 1641 90.33 20.75 63.45
CA ILE A 1641 90.30 20.20 62.10
C ILE A 1641 91.49 19.25 61.95
N PRO A 1642 91.27 17.96 61.72
CA PRO A 1642 92.41 17.01 61.76
C PRO A 1642 93.47 17.28 60.71
N GLU A 1643 93.07 17.43 59.45
CA GLU A 1643 94.05 17.47 58.37
C GLU A 1643 94.94 18.71 58.43
N GLU A 1644 94.42 19.82 58.95
CA GLU A 1644 95.20 21.05 59.05
C GLU A 1644 95.88 21.20 60.41
N ASN A 1645 95.57 20.34 61.37
CA ASN A 1645 96.21 20.37 62.67
C ASN A 1645 96.09 21.76 63.33
N ARG A 1646 94.89 22.34 63.21
CA ARG A 1646 94.59 23.62 63.83
C ARG A 1646 93.16 23.57 64.36
N CYS A 1647 92.89 24.45 65.33
CA CYS A 1647 91.58 24.50 65.97
C CYS A 1647 91.07 25.94 66.02
N MET A 1648 89.75 26.06 66.06
CA MET A 1648 89.09 27.35 66.18
C MET A 1648 88.00 27.23 67.23
N ASP A 1649 87.59 28.38 67.77
CA ASP A 1649 86.46 28.40 68.68
C ASP A 1649 85.20 27.93 67.98
N ILE A 1650 84.45 27.07 68.67
CA ILE A 1650 83.22 26.52 68.12
C ILE A 1650 82.16 27.60 67.90
N LEU A 1651 82.29 28.73 68.59
CA LEU A 1651 81.34 29.82 68.41
C LEU A 1651 81.45 30.48 67.04
N GLU A 1652 82.56 30.26 66.32
CA GLU A 1652 82.69 30.80 64.98
C GLU A 1652 81.75 30.12 63.99
N LEU A 1653 81.11 29.01 64.38
CA LEU A 1653 80.19 28.36 63.47
C LEU A 1653 78.91 29.16 63.30
N SER A 1654 78.71 30.21 64.08
CA SER A 1654 77.56 31.10 63.88
C SER A 1654 77.69 31.83 62.55
N GLU A 1655 78.91 32.04 62.08
CA GLU A 1655 79.17 32.66 60.79
C GLU A 1655 79.67 31.68 59.75
N ARG A 1656 80.35 30.61 60.16
CA ARG A 1656 80.77 29.57 59.23
C ARG A 1656 79.65 28.54 59.14
N LEU A 1657 78.70 28.79 58.24
CA LEU A 1657 77.48 28.00 58.19
C LEU A 1657 77.68 26.62 57.58
N ASP A 1658 78.65 26.48 56.66
CA ASP A 1658 78.91 25.19 56.05
C ASP A 1658 79.40 24.17 57.09
N LEU A 1659 80.29 24.61 57.98
CA LEU A 1659 80.75 23.70 59.02
C LEU A 1659 79.68 23.49 60.08
N GLN A 1660 78.84 24.49 60.32
CA GLN A 1660 77.78 24.31 61.30
C GLN A 1660 76.82 23.23 60.83
N ARG A 1661 76.46 23.27 59.55
CA ARG A 1661 75.58 22.27 58.97
C ARG A 1661 76.23 20.89 58.97
N PHE A 1662 77.52 20.83 58.61
CA PHE A 1662 78.18 19.53 58.57
C PHE A 1662 78.27 18.91 59.96
N HIS A 1663 78.57 19.73 60.98
CA HIS A 1663 78.67 19.19 62.33
C HIS A 1663 77.31 18.81 62.88
N SER A 1664 76.26 19.56 62.52
CA SER A 1664 74.92 19.19 62.94
C SER A 1664 74.50 17.86 62.35
N HIS A 1665 74.83 17.63 61.07
CA HIS A 1665 74.53 16.32 60.49
C HIS A 1665 75.43 15.24 61.06
N THR A 1666 76.63 15.59 61.51
CA THR A 1666 77.46 14.60 62.19
C THR A 1666 76.82 14.16 63.51
N LEU A 1667 76.26 15.11 64.25
CA LEU A 1667 75.52 14.76 65.47
C LEU A 1667 74.28 13.93 65.15
N ARG A 1668 73.63 14.24 64.03
CA ARG A 1668 72.48 13.43 63.61
C ARG A 1668 72.93 12.00 63.31
N LEU A 1669 74.09 11.83 62.69
CA LEU A 1669 74.59 10.49 62.45
C LEU A 1669 74.94 9.77 63.74
N TYR A 1670 75.46 10.50 64.73
CA TYR A 1670 75.73 9.89 66.02
C TYR A 1670 74.45 9.38 66.66
N ARG A 1671 73.36 10.16 66.56
CA ARG A 1671 72.10 9.69 67.11
C ARG A 1671 71.58 8.51 66.32
N ALA A 1672 71.81 8.49 65.01
CA ALA A 1672 71.31 7.41 64.21
C ALA A 1672 72.02 6.10 64.58
N VAL A 1673 73.34 6.18 64.74
CA VAL A 1673 74.11 4.96 65.00
C VAL A 1673 73.81 4.43 66.40
N CYS A 1674 73.52 5.30 67.37
CA CYS A 1674 73.21 4.82 68.72
C CYS A 1674 71.71 4.72 68.97
N ALA A 1675 70.89 4.85 67.94
CA ALA A 1675 69.45 4.80 68.13
C ALA A 1675 68.98 3.39 68.45
N LEU A 1676 67.89 3.31 69.23
CA LEU A 1676 67.16 2.06 69.48
C LEU A 1676 68.02 1.02 70.20
N GLY A 1677 68.52 1.40 71.37
CA GLY A 1677 69.04 0.43 72.31
C GLY A 1677 70.42 -0.10 72.02
N ASN A 1678 71.19 0.53 71.13
CA ASN A 1678 72.54 0.07 70.83
C ASN A 1678 73.49 0.62 71.90
N ASN A 1679 73.47 -0.03 73.06
CA ASN A 1679 74.26 0.46 74.18
C ASN A 1679 75.74 0.34 73.91
N ARG A 1680 76.16 -0.65 73.12
CA ARG A 1680 77.58 -0.80 72.81
C ARG A 1680 78.08 0.42 72.03
N VAL A 1681 77.30 0.86 71.05
CA VAL A 1681 77.66 2.07 70.33
C VAL A 1681 77.57 3.28 71.24
N ALA A 1682 76.60 3.29 72.16
CA ALA A 1682 76.50 4.43 73.07
C ALA A 1682 77.76 4.56 73.92
N HIS A 1683 78.29 3.42 74.38
CA HIS A 1683 79.56 3.43 75.10
C HIS A 1683 80.69 3.91 74.21
N ALA A 1684 80.70 3.48 72.94
CA ALA A 1684 81.77 3.95 72.07
C ALA A 1684 81.68 5.46 71.88
N LEU A 1685 80.47 5.99 71.73
CA LEU A 1685 80.26 7.41 71.56
C LEU A 1685 80.67 8.20 72.80
N CYS A 1686 80.63 7.56 73.96
CA CYS A 1686 81.06 8.23 75.18
C CYS A 1686 82.54 8.60 75.16
N SER A 1687 83.34 7.89 74.35
CA SER A 1687 84.74 8.25 74.20
C SER A 1687 84.94 9.49 73.34
N HIS A 1688 83.96 9.84 72.49
CA HIS A 1688 84.06 11.01 71.64
C HIS A 1688 83.34 12.24 72.20
N VAL A 1689 82.16 12.07 72.77
CA VAL A 1689 81.38 13.16 73.34
C VAL A 1689 81.21 12.87 74.82
N ASP A 1690 82.10 13.42 75.64
CA ASP A 1690 82.13 13.09 77.06
C ASP A 1690 81.19 13.99 77.88
N GLN A 1691 81.11 13.64 79.16
CA GLN A 1691 80.15 14.28 80.06
C GLN A 1691 80.48 15.76 80.24
N ALA A 1692 81.76 16.12 80.36
CA ALA A 1692 82.09 17.51 80.58
C ALA A 1692 81.67 18.37 79.39
N GLN A 1693 81.90 17.86 78.18
CA GLN A 1693 81.50 18.60 76.98
C GLN A 1693 80.00 18.75 76.93
N LEU A 1694 79.26 17.67 77.24
CA LEU A 1694 77.80 17.75 77.19
C LEU A 1694 77.27 18.76 78.20
N LEU A 1695 77.78 18.71 79.43
CA LEU A 1695 77.31 19.63 80.45
C LEU A 1695 77.67 21.07 80.11
N HIS A 1696 78.86 21.30 79.54
CA HIS A 1696 79.21 22.65 79.13
C HIS A 1696 78.28 23.13 78.02
N ALA A 1697 77.93 22.23 77.10
CA ALA A 1697 77.08 22.62 75.98
C ALA A 1697 75.68 22.95 76.46
N LEU A 1698 75.23 22.32 77.55
CA LEU A 1698 73.89 22.61 78.04
C LEU A 1698 73.81 24.06 78.51
N GLU A 1699 74.83 24.55 79.20
CA GLU A 1699 74.83 25.89 79.75
C GLU A 1699 75.41 26.93 78.82
N ASP A 1700 75.96 26.53 77.66
CA ASP A 1700 76.54 27.51 76.75
C ASP A 1700 75.42 28.33 76.13
N ALA A 1701 75.37 29.61 76.48
CA ALA A 1701 74.28 30.49 76.05
C ALA A 1701 74.51 31.10 74.68
N HIS A 1702 75.72 31.02 74.14
CA HIS A 1702 76.01 31.58 72.82
C HIS A 1702 76.01 30.52 71.73
N LEU A 1703 75.71 29.28 72.05
CA LEU A 1703 75.71 28.22 71.05
C LEU A 1703 74.57 28.45 70.06
N PRO A 1704 74.78 28.16 68.77
CA PRO A 1704 73.68 28.22 67.82
C PRO A 1704 72.59 27.21 68.15
N GLY A 1705 71.37 27.53 67.74
CA GLY A 1705 70.20 26.74 68.03
C GLY A 1705 70.29 25.30 67.57
N PRO A 1706 70.65 25.08 66.30
CA PRO A 1706 70.80 23.71 65.82
C PRO A 1706 71.82 22.89 66.59
N LEU A 1707 72.91 23.49 67.04
CA LEU A 1707 73.91 22.75 67.79
C LEU A 1707 73.41 22.47 69.21
N ARG A 1708 72.75 23.44 69.83
CA ARG A 1708 72.21 23.23 71.16
C ARG A 1708 71.17 22.11 71.15
N ALA A 1709 70.28 22.12 70.17
CA ALA A 1709 69.29 21.05 70.05
C ALA A 1709 69.97 19.72 69.75
N GLY A 1710 71.02 19.73 68.93
CA GLY A 1710 71.69 18.49 68.59
C GLY A 1710 72.34 17.86 69.80
N TYR A 1711 72.98 18.68 70.64
CA TYR A 1711 73.66 18.14 71.81
C TYR A 1711 72.65 17.69 72.87
N TYR A 1712 71.53 18.39 72.99
CA TYR A 1712 70.48 17.94 73.91
C TYR A 1712 69.92 16.59 73.48
N ASP A 1713 69.67 16.43 72.17
CA ASP A 1713 69.16 15.16 71.68
C ASP A 1713 70.21 14.06 71.77
N LEU A 1714 71.48 14.40 71.58
CA LEU A 1714 72.52 13.40 71.71
C LEU A 1714 72.60 12.88 73.14
N LEU A 1715 72.50 13.79 74.12
CA LEU A 1715 72.50 13.37 75.51
C LEU A 1715 71.32 12.47 75.83
N ILE A 1716 70.14 12.83 75.33
CA ILE A 1716 68.95 12.02 75.58
C ILE A 1716 69.10 10.64 74.93
N SER A 1717 69.60 10.61 73.70
CA SER A 1717 69.74 9.34 72.99
C SER A 1717 70.75 8.43 73.69
N ILE A 1718 71.87 9.01 74.13
CA ILE A 1718 72.93 8.21 74.73
C ILE A 1718 72.54 7.68 76.09
N HIS A 1719 71.92 8.50 76.94
CA HIS A 1719 71.80 8.13 78.34
C HIS A 1719 70.39 7.75 78.81
N LEU A 1720 69.33 8.32 78.23
CA LEU A 1720 68.01 8.19 78.82
C LEU A 1720 66.98 7.43 77.97
N GLU A 1721 67.25 7.24 76.68
CA GLU A 1721 66.19 6.76 75.79
C GLU A 1721 65.72 5.35 76.14
N SER A 1722 66.66 4.43 76.40
CA SER A 1722 66.27 3.05 76.68
C SER A 1722 65.50 2.93 77.99
N ALA A 1723 65.96 3.62 79.03
CA ALA A 1723 65.28 3.53 80.32
C ALA A 1723 63.91 4.16 80.22
N CYS A 1724 63.81 5.30 79.52
CA CYS A 1724 62.52 5.96 79.41
C CYS A 1724 61.55 5.09 78.63
N ARG A 1725 62.00 4.46 77.56
CA ARG A 1725 61.12 3.63 76.75
C ARG A 1725 60.63 2.41 77.53
N SER A 1726 61.53 1.74 78.27
CA SER A 1726 61.10 0.59 79.05
C SER A 1726 60.12 0.99 80.14
N ARG A 1727 60.38 2.12 80.82
CA ARG A 1727 59.45 2.55 81.84
C ARG A 1727 58.11 2.92 81.22
N ARG A 1728 58.14 3.59 80.07
CA ARG A 1728 56.90 3.99 79.43
C ARG A 1728 56.08 2.77 79.05
N SER A 1729 56.76 1.70 78.64
CA SER A 1729 56.07 0.46 78.32
C SER A 1729 55.42 -0.14 79.57
N MET A 1730 56.11 -0.03 80.71
CA MET A 1730 55.59 -0.58 81.96
C MET A 1730 54.54 0.28 82.65
N LEU A 1731 54.36 1.53 82.22
CA LEU A 1731 53.41 2.44 82.87
C LEU A 1731 51.94 2.10 82.61
N SER A 1732 51.63 1.27 81.62
CA SER A 1732 50.23 0.95 81.34
C SER A 1732 49.63 -0.12 82.24
N GLU A 1733 50.40 -0.75 83.12
CA GLU A 1733 49.88 -1.78 84.00
C GLU A 1733 49.94 -1.34 85.45
N TYR A 1734 49.01 -1.85 86.26
CA TYR A 1734 48.87 -1.48 87.67
C TYR A 1734 48.82 -2.75 88.53
N ILE A 1735 49.99 -3.23 88.94
CA ILE A 1735 50.12 -4.35 89.85
C ILE A 1735 50.29 -3.79 91.26
N VAL A 1736 49.26 -3.90 92.09
CA VAL A 1736 49.21 -3.24 93.38
C VAL A 1736 49.37 -4.30 94.48
N PRO A 1737 50.51 -4.39 95.15
CA PRO A 1737 50.62 -5.29 96.30
C PRO A 1737 49.78 -4.83 97.49
N LEU A 1738 49.37 -5.80 98.30
CA LEU A 1738 48.57 -5.53 99.49
C LEU A 1738 49.48 -5.29 100.69
N THR A 1739 50.14 -4.13 100.67
CA THR A 1739 51.04 -3.73 101.73
C THR A 1739 50.40 -2.65 102.60
N PRO A 1740 50.88 -2.48 103.83
CA PRO A 1740 50.32 -1.43 104.70
C PRO A 1740 50.40 -0.03 104.11
N GLU A 1741 51.43 0.26 103.31
CA GLU A 1741 51.47 1.56 102.65
C GLU A 1741 50.30 1.68 101.69
N THR A 1742 49.96 0.61 100.98
CA THR A 1742 48.81 0.62 100.10
C THR A 1742 47.54 0.83 100.90
N ARG A 1743 47.44 0.15 102.05
CA ARG A 1743 46.30 0.31 102.94
C ARG A 1743 46.11 1.76 103.36
N ALA A 1744 47.19 2.47 103.62
CA ALA A 1744 47.12 3.86 104.09
C ALA A 1744 46.64 4.83 103.02
N ILE A 1745 46.53 4.39 101.76
CA ILE A 1745 46.19 5.29 100.67
C ILE A 1745 44.73 5.69 100.75
N THR A 1746 44.46 6.98 100.58
CA THR A 1746 43.10 7.52 100.55
C THR A 1746 42.95 8.44 99.35
N LEU A 1747 41.70 8.61 98.90
CA LEU A 1747 41.43 9.45 97.74
C LEU A 1747 41.78 10.90 98.01
N PHE A 1748 41.38 11.42 99.18
CA PHE A 1748 41.61 12.80 99.54
C PHE A 1748 42.51 12.88 100.77
N PRO A 1749 43.28 13.96 100.91
CA PRO A 1749 44.11 14.11 102.11
C PRO A 1749 43.23 14.26 103.34
N PRO A 1750 43.72 13.86 104.51
CA PRO A 1750 42.89 13.99 105.72
C PRO A 1750 42.47 15.42 106.02
N GLY A 1751 43.32 16.40 105.72
CA GLY A 1751 43.02 17.78 106.00
C GLY A 1751 41.76 18.26 105.31
N ASN A 1756 31.99 14.05 101.86
CA ASN A 1756 31.54 13.84 100.48
C ASN A 1756 32.59 14.34 99.49
N ALA A 1757 33.21 15.47 99.81
CA ALA A 1757 34.21 16.07 98.93
C ALA A 1757 35.02 17.07 99.73
N ARG A 1758 36.34 16.96 99.65
CA ARG A 1758 37.26 17.90 100.28
C ARG A 1758 38.09 18.57 99.18
N ARG A 1759 39.12 19.30 99.60
CA ARG A 1759 39.99 19.98 98.66
C ARG A 1759 40.84 18.97 97.90
N HIS A 1760 40.99 19.19 96.60
CA HIS A 1760 41.78 18.29 95.79
C HIS A 1760 43.26 18.38 96.13
N GLY A 1761 43.93 17.23 96.19
CA GLY A 1761 45.35 17.20 96.41
C GLY A 1761 46.16 17.55 95.17
N LEU A 1762 47.44 17.78 95.40
CA LEU A 1762 48.35 18.10 94.30
C LEU A 1762 48.60 16.86 93.44
N PRO A 1763 48.47 16.97 92.12
CA PRO A 1763 48.74 15.80 91.27
C PRO A 1763 50.21 15.41 91.29
N GLY A 1764 50.47 14.11 91.22
CA GLY A 1764 51.82 13.59 91.11
C GLY A 1764 52.62 13.56 92.39
N VAL A 1765 52.03 13.95 93.51
CA VAL A 1765 52.72 13.95 94.80
C VAL A 1765 51.96 13.02 95.74
N GLY A 1766 52.69 12.13 96.41
CA GLY A 1766 52.12 11.16 97.31
C GLY A 1766 52.86 9.85 97.20
N VAL A 1767 52.23 8.80 97.73
CA VAL A 1767 52.82 7.47 97.80
C VAL A 1767 52.17 6.60 96.73
N THR A 1768 52.99 6.01 95.87
CA THR A 1768 52.53 5.08 94.84
C THR A 1768 53.20 3.74 95.05
N THR A 1769 52.40 2.68 95.09
CA THR A 1769 52.89 1.33 95.36
C THR A 1769 52.91 0.44 94.12
N SER A 1770 52.58 0.97 92.95
CA SER A 1770 52.60 0.17 91.74
C SER A 1770 54.02 -0.30 91.45
N LEU A 1771 54.14 -1.55 91.02
CA LEU A 1771 55.44 -2.16 90.79
C LEU A 1771 56.05 -1.65 89.50
N ARG A 1772 57.28 -1.15 89.58
CA ARG A 1772 58.03 -0.74 88.40
C ARG A 1772 59.49 -1.20 88.55
N PRO A 1773 60.02 -1.95 87.58
CA PRO A 1773 61.39 -2.46 87.71
C PRO A 1773 62.38 -1.31 87.77
N PRO A 1774 63.45 -1.44 88.57
CA PRO A 1774 64.44 -0.37 88.65
C PRO A 1774 65.30 -0.28 87.41
N HIS A 1775 65.86 0.90 87.20
CA HIS A 1775 66.81 1.13 86.11
C HIS A 1775 68.17 0.54 86.46
N HIS A 1776 68.88 0.10 85.42
CA HIS A 1776 70.22 -0.47 85.55
C HIS A 1776 71.18 0.28 84.66
N PHE A 1777 72.30 0.72 85.24
CA PHE A 1777 73.33 1.44 84.51
C PHE A 1777 74.70 0.88 84.86
N SER A 1778 75.65 1.07 83.94
CA SER A 1778 77.02 0.65 84.15
C SER A 1778 77.98 1.81 83.92
N PRO A 1779 79.03 1.94 84.73
CA PRO A 1779 80.01 3.02 84.51
C PRO A 1779 80.82 2.77 83.25
N PRO A 1780 81.03 3.80 82.43
CA PRO A 1780 81.88 3.63 81.24
C PRO A 1780 83.34 3.49 81.63
N CYS A 1781 84.08 2.76 80.80
CA CYS A 1781 85.51 2.55 81.01
C CYS A 1781 86.10 1.92 79.77
N PHE A 1782 87.27 2.42 79.36
CA PHE A 1782 87.93 1.96 78.15
C PHE A 1782 89.31 1.38 78.43
N VAL A 1783 89.59 1.01 79.68
CA VAL A 1783 90.84 0.35 80.04
C VAL A 1783 90.63 -1.04 80.62
N ALA A 1784 89.39 -1.45 80.85
CA ALA A 1784 89.14 -2.78 81.38
C ALA A 1784 89.46 -3.85 80.35
N ALA A 1785 89.88 -5.02 80.85
CA ALA A 1785 90.22 -6.12 79.97
C ALA A 1785 88.99 -6.54 79.16
N LEU A 1786 89.19 -6.69 77.86
CA LEU A 1786 88.08 -7.04 76.98
C LEU A 1786 87.65 -8.48 77.23
N PRO A 1787 86.37 -8.75 77.43
CA PRO A 1787 85.94 -10.14 77.67
C PRO A 1787 86.21 -11.01 76.45
N ALA A 1794 77.29 -13.34 75.24
CA ALA A 1794 77.66 -12.50 76.36
C ALA A 1794 76.46 -11.68 76.83
N PRO A 1795 76.45 -11.30 78.10
CA PRO A 1795 75.32 -10.51 78.61
C PRO A 1795 75.22 -9.16 77.94
N ALA A 1796 73.99 -8.67 77.82
CA ALA A 1796 73.75 -7.39 77.17
C ALA A 1796 74.36 -6.25 77.97
N ARG A 1797 74.99 -5.31 77.27
CA ARG A 1797 75.58 -4.16 77.92
C ARG A 1797 74.51 -3.20 78.42
N LEU A 1798 74.79 -2.57 79.55
CA LEU A 1798 73.89 -1.60 80.14
C LEU A 1798 74.22 -0.19 79.67
N SER A 1799 73.26 0.71 79.86
CA SER A 1799 73.43 2.09 79.46
C SER A 1799 74.44 2.82 80.36
N PRO A 1800 75.18 3.79 79.82
CA PRO A 1800 76.12 4.54 80.66
C PRO A 1800 75.42 5.32 81.77
N ALA A 1801 76.11 5.44 82.90
CA ALA A 1801 75.58 6.11 84.08
C ALA A 1801 76.01 7.58 84.11
N ILE A 1802 75.07 8.45 84.47
CA ILE A 1802 75.34 9.88 84.61
C ILE A 1802 74.67 10.40 85.88
N PRO A 1803 75.27 11.37 86.59
CA PRO A 1803 74.66 11.84 87.86
C PRO A 1803 73.29 12.46 87.66
N LEU A 1804 72.26 11.74 88.12
CA LEU A 1804 70.89 12.17 87.86
C LEU A 1804 70.46 13.31 88.77
N GLU A 1805 70.90 13.30 90.03
CA GLU A 1805 70.50 14.37 90.95
C GLU A 1805 71.07 15.72 90.50
N ALA A 1806 72.32 15.71 90.04
CA ALA A 1806 72.90 16.94 89.49
C ALA A 1806 72.23 17.32 88.18
N LEU A 1807 71.91 16.33 87.34
CA LEU A 1807 71.29 16.68 86.07
C LEU A 1807 69.92 17.31 86.29
N ARG A 1808 69.13 16.76 87.23
CA ARG A 1808 67.81 17.30 87.48
C ARG A 1808 67.86 18.67 88.13
N ASP A 1809 68.86 18.91 89.00
CA ASP A 1809 68.98 20.24 89.59
C ASP A 1809 69.38 21.26 88.54
N LYS A 1810 70.28 20.88 87.64
CA LYS A 1810 70.68 21.77 86.57
C LYS A 1810 69.51 22.07 85.64
N ALA A 1811 68.71 21.05 85.31
CA ALA A 1811 67.55 21.26 84.45
C ALA A 1811 66.53 22.19 85.09
N LEU A 1812 66.28 22.02 86.39
CA LEU A 1812 65.35 22.92 87.08
C LEU A 1812 65.86 24.36 87.09
N ARG A 1813 67.15 24.54 87.37
CA ARG A 1813 67.69 25.90 87.41
C ARG A 1813 67.65 26.55 86.04
N MET A 1814 68.00 25.79 85.00
CA MET A 1814 67.98 26.33 83.65
C MET A 1814 66.58 26.69 83.21
N LEU A 1815 65.59 25.84 83.53
CA LEU A 1815 64.21 26.16 83.16
C LEU A 1815 63.72 27.41 83.89
N GLY A 1816 64.06 27.54 85.17
CA GLY A 1816 63.64 28.74 85.90
C GLY A 1816 64.27 30.00 85.32
N GLU A 1817 65.55 29.92 84.96
CA GLU A 1817 66.20 31.08 84.35
C GLU A 1817 65.55 31.41 83.00
N ALA A 1818 65.21 30.39 82.21
CA ALA A 1818 64.58 30.64 80.93
C ALA A 1818 63.23 31.30 81.12
N VAL A 1819 62.49 30.87 82.13
CA VAL A 1819 61.18 31.45 82.43
C VAL A 1819 61.33 32.93 82.81
N ARG A 1820 62.31 33.24 83.66
CA ARG A 1820 62.54 34.64 84.01
C ARG A 1820 62.95 35.48 82.80
N ASP A 1821 63.85 34.96 81.96
CA ASP A 1821 64.25 35.73 80.79
C ASP A 1821 63.07 35.94 79.84
N GLY A 1822 62.25 34.91 79.65
CA GLY A 1822 61.05 35.07 78.85
C GLY A 1822 60.11 36.10 79.43
N GLY A 1823 60.03 36.19 80.75
CA GLY A 1823 59.22 37.25 81.33
C GLY A 1823 59.81 38.61 81.02
N GLN A 1824 61.14 38.69 80.99
CA GLN A 1824 61.79 39.97 80.73
C GLN A 1824 61.65 40.38 79.28
N HIS A 1825 61.38 39.43 78.38
CA HIS A 1825 61.21 39.71 76.95
C HIS A 1825 62.49 40.29 76.35
N ALA A 1826 63.61 39.61 76.59
CA ALA A 1826 64.88 40.05 76.03
C ALA A 1826 64.86 39.98 74.51
N ARG A 1827 65.51 40.95 73.88
CA ARG A 1827 65.58 41.01 72.43
C ARG A 1827 66.59 40.02 71.83
N ASP A 1828 67.38 39.34 72.67
CA ASP A 1828 68.37 38.36 72.20
C ASP A 1828 68.14 37.07 72.95
N PRO A 1829 67.13 36.29 72.56
CA PRO A 1829 66.86 35.02 73.24
C PRO A 1829 67.99 34.02 73.02
N VAL A 1830 68.16 33.14 74.01
CA VAL A 1830 69.21 32.13 73.94
C VAL A 1830 68.89 31.14 72.83
N GLY A 1831 69.87 30.89 71.98
CA GLY A 1831 69.70 30.00 70.84
C GLY A 1831 69.16 30.65 69.61
N GLY A 1832 68.82 31.94 69.66
CA GLY A 1832 68.30 32.66 68.52
C GLY A 1832 66.80 32.71 68.44
N SER A 1833 66.09 31.89 69.22
CA SER A 1833 64.63 31.91 69.18
C SER A 1833 64.08 31.29 70.46
N VAL A 1834 62.83 31.63 70.74
CA VAL A 1834 62.16 31.09 71.93
C VAL A 1834 62.00 29.58 71.80
N GLU A 1835 61.77 29.09 70.58
CA GLU A 1835 61.66 27.65 70.38
C GLU A 1835 62.97 26.98 70.75
N PHE A 1836 64.09 27.53 70.29
CA PHE A 1836 65.39 26.93 70.57
C PHE A 1836 65.78 27.12 72.03
N GLN A 1837 65.11 28.02 72.74
CA GLN A 1837 65.39 28.26 74.14
C GLN A 1837 64.60 27.32 75.06
N PHE A 1838 63.37 27.00 74.69
CA PHE A 1838 62.46 26.23 75.53
C PHE A 1838 62.33 24.75 75.16
N VAL A 1839 62.30 24.40 73.87
CA VAL A 1839 62.02 23.01 73.49
C VAL A 1839 63.03 22.02 74.04
N PRO A 1840 64.34 22.24 73.93
CA PRO A 1840 65.28 21.26 74.53
C PRO A 1840 65.13 21.09 76.02
N VAL A 1841 64.85 22.18 76.74
CA VAL A 1841 64.71 22.08 78.19
C VAL A 1841 63.43 21.33 78.53
N LEU A 1842 62.35 21.63 77.83
CA LEU A 1842 61.10 20.95 78.15
C LEU A 1842 61.18 19.47 77.81
N LYS A 1843 61.90 19.12 76.75
CA LYS A 1843 62.11 17.71 76.43
C LYS A 1843 62.90 17.01 77.53
N LEU A 1844 63.93 17.67 78.04
CA LEU A 1844 64.72 17.07 79.12
C LEU A 1844 63.88 16.89 80.38
N VAL A 1845 63.09 17.90 80.73
CA VAL A 1845 62.25 17.80 81.92
C VAL A 1845 61.20 16.72 81.76
N SER A 1846 60.58 16.63 80.58
CA SER A 1846 59.59 15.58 80.37
C SER A 1846 60.22 14.20 80.47
N THR A 1847 61.41 14.03 79.91
CA THR A 1847 62.07 12.73 79.99
C THR A 1847 62.38 12.36 81.43
N LEU A 1848 62.87 13.32 82.22
CA LEU A 1848 63.17 13.00 83.61
C LEU A 1848 61.91 12.75 84.42
N LEU A 1849 60.83 13.45 84.08
CA LEU A 1849 59.56 13.21 84.78
C LEU A 1849 59.07 11.80 84.50
N VAL A 1850 59.15 11.37 83.24
CA VAL A 1850 58.73 10.02 82.90
C VAL A 1850 59.59 9.00 83.63
N MET A 1851 60.90 9.23 83.66
CA MET A 1851 61.79 8.32 84.37
C MET A 1851 61.56 8.36 85.88
N GLY A 1852 60.86 9.38 86.37
CA GLY A 1852 60.53 9.44 87.78
C GLY A 1852 61.65 9.86 88.70
N ILE A 1853 62.64 10.59 88.18
CA ILE A 1853 63.75 11.01 89.03
C ILE A 1853 63.32 12.09 90.01
N PHE A 1854 62.44 12.99 89.58
CA PHE A 1854 62.09 14.14 90.40
C PHE A 1854 61.36 13.70 91.67
N GLY A 1855 61.68 14.36 92.77
CA GLY A 1855 61.02 14.14 94.04
C GLY A 1855 59.81 15.04 94.23
N ASP A 1856 59.26 14.97 95.44
CA ASP A 1856 58.05 15.73 95.75
C ASP A 1856 58.30 17.23 95.68
N GLU A 1857 59.42 17.69 96.24
CA GLU A 1857 59.72 19.12 96.19
C GLU A 1857 59.97 19.58 94.76
N ASP A 1858 60.66 18.76 93.96
CA ASP A 1858 60.91 19.17 92.58
C ASP A 1858 59.61 19.25 91.79
N VAL A 1859 58.71 18.29 91.99
CA VAL A 1859 57.45 18.35 91.26
C VAL A 1859 56.65 19.57 91.69
N LYS A 1860 56.69 19.91 92.99
CA LYS A 1860 56.00 21.10 93.45
C LYS A 1860 56.57 22.35 92.80
N GLN A 1861 57.89 22.43 92.67
CA GLN A 1861 58.49 23.60 92.01
C GLN A 1861 58.09 23.68 90.54
N ILE A 1862 58.05 22.53 89.85
CA ILE A 1862 57.63 22.55 88.45
C ILE A 1862 56.19 23.03 88.34
N LEU A 1863 55.32 22.54 89.22
CA LEU A 1863 53.93 22.96 89.17
C LEU A 1863 53.80 24.44 89.48
N LYS A 1864 54.63 24.95 90.39
CA LYS A 1864 54.59 26.38 90.69
C LYS A 1864 54.99 27.20 89.47
N MET A 1865 56.03 26.78 88.73
CA MET A 1865 56.40 27.53 87.54
C MET A 1865 55.32 27.45 86.48
N ILE A 1866 54.67 26.29 86.33
CA ILE A 1866 53.63 26.16 85.33
C ILE A 1866 52.43 27.03 85.68
N GLU A 1867 52.01 27.03 86.94
CA GLU A 1867 50.86 27.83 87.37
C GLU A 1867 50.99 28.13 88.86
N PRO A 1868 51.61 29.25 89.21
CA PRO A 1868 51.84 29.54 90.63
C PRO A 1868 50.58 29.81 91.44
N GLU A 1869 49.46 30.16 90.79
CA GLU A 1869 48.26 30.50 91.53
C GLU A 1869 47.36 29.29 91.78
N VAL A 1870 47.18 28.43 90.77
CA VAL A 1870 46.30 27.28 90.94
C VAL A 1870 46.94 26.26 91.88
N PHE A 1871 48.23 26.01 91.71
CA PHE A 1871 48.93 24.96 92.46
C PHE A 1871 49.61 25.54 93.69
N THR A 1872 48.89 26.35 94.45
CA THR A 1872 49.35 26.91 95.70
C THR A 1872 48.65 26.21 96.85
N GLU A 1873 49.42 25.67 97.78
CA GLU A 1873 48.86 24.99 98.94
C GLU A 1873 48.63 25.96 100.10
N GLU A 1923 55.05 37.08 89.79
CA GLU A 1923 55.48 36.01 88.89
C GLU A 1923 54.37 35.67 87.91
N GLU A 1924 54.75 35.04 86.80
CA GLU A 1924 53.80 34.68 85.76
C GLU A 1924 54.17 33.31 85.19
N GLY A 1925 53.14 32.52 84.88
CA GLY A 1925 53.34 31.16 84.43
C GLY A 1925 53.54 31.02 82.92
N LEU A 1926 53.90 29.79 82.53
CA LEU A 1926 54.05 29.42 81.14
C LEU A 1926 52.70 29.38 80.42
N LEU A 1927 51.64 28.99 81.13
CA LEU A 1927 50.32 28.78 80.54
C LEU A 1927 49.69 30.06 80.01
N GLN A 1928 50.15 31.24 80.43
CA GLN A 1928 49.56 32.50 80.00
C GLN A 1928 50.47 33.29 79.08
N MET A 1929 51.66 32.78 78.78
CA MET A 1929 52.56 33.45 77.85
C MET A 1929 52.35 32.88 76.46
N LYS A 1930 52.42 33.76 75.46
CA LYS A 1930 52.26 33.31 74.07
C LYS A 1930 53.49 32.55 73.63
N LEU A 1931 53.30 31.28 73.27
CA LEU A 1931 54.38 30.38 72.90
C LEU A 1931 54.04 29.67 71.61
N PRO A 1932 55.04 29.17 70.89
CA PRO A 1932 54.77 28.41 69.65
C PRO A 1932 54.18 27.03 69.87
N GLU A 1933 53.89 26.37 68.74
CA GLU A 1933 53.16 25.11 68.77
C GLU A 1933 54.00 24.00 69.39
N SER A 1934 55.31 24.02 69.17
CA SER A 1934 56.17 22.98 69.76
C SER A 1934 56.13 23.05 71.28
N VAL A 1935 56.16 24.27 71.83
CA VAL A 1935 56.08 24.41 73.27
C VAL A 1935 54.69 24.00 73.76
N LYS A 1936 53.65 24.34 73.01
CA LYS A 1936 52.32 23.92 73.43
C LYS A 1936 52.22 22.39 73.45
N LEU A 1937 52.88 21.74 72.50
CA LEU A 1937 52.93 20.29 72.46
C LEU A 1937 53.64 19.70 73.67
N GLN A 1938 54.74 20.32 74.09
CA GLN A 1938 55.41 19.82 75.28
C GLN A 1938 54.58 20.05 76.53
N MET A 1939 53.84 21.16 76.59
CA MET A 1939 52.97 21.38 77.73
C MET A 1939 51.85 20.34 77.76
N CYS A 1940 51.36 19.96 76.59
CA CYS A 1940 50.36 18.90 76.53
C CYS A 1940 50.92 17.58 77.01
N ASN A 1941 52.18 17.29 76.69
CA ASN A 1941 52.80 16.06 77.18
C ASN A 1941 52.91 16.06 78.71
N LEU A 1942 53.28 17.21 79.28
CA LEU A 1942 53.36 17.33 80.73
C LEU A 1942 52.01 17.11 81.38
N LEU A 1943 50.98 17.77 80.86
CA LEU A 1943 49.66 17.62 81.46
C LEU A 1943 49.14 16.19 81.27
N GLU A 1944 49.53 15.52 80.18
CA GLU A 1944 49.17 14.12 80.00
C GLU A 1944 49.79 13.25 81.08
N TYR A 1945 51.05 13.56 81.43
CA TYR A 1945 51.71 12.82 82.48
C TYR A 1945 50.99 12.99 83.82
N PHE A 1946 50.59 14.22 84.14
CA PHE A 1946 49.93 14.43 85.41
C PHE A 1946 48.53 13.83 85.46
N CYS A 1947 47.83 13.80 84.32
CA CYS A 1947 46.56 13.09 84.26
C CYS A 1947 46.73 11.59 84.47
N ASP A 1948 47.81 11.02 83.94
CA ASP A 1948 48.08 9.61 84.19
C ASP A 1948 48.36 9.36 85.67
N GLN A 1949 49.07 10.27 86.32
CA GLN A 1949 49.34 10.11 87.75
C GLN A 1949 48.05 10.15 88.57
N GLU A 1950 47.13 11.05 88.19
CA GLU A 1950 45.83 11.10 88.87
C GLU A 1950 45.05 9.81 88.69
N LEU A 1951 45.08 9.24 87.48
CA LEU A 1951 44.39 7.96 87.26
C LEU A 1951 45.01 6.85 88.10
N GLN A 1952 46.33 6.80 88.18
CA GLN A 1952 46.97 5.77 89.01
C GLN A 1952 46.59 5.94 90.48
N HIS A 1953 46.50 7.19 90.95
CA HIS A 1953 46.11 7.42 92.33
C HIS A 1953 44.70 6.92 92.60
N ARG A 1954 43.79 7.15 91.64
CA ARG A 1954 42.42 6.67 91.80
C ARG A 1954 42.38 5.15 91.86
N VAL A 1955 43.16 4.49 91.01
CA VAL A 1955 43.17 3.02 90.99
C VAL A 1955 43.69 2.46 92.31
N GLU A 1956 44.78 3.04 92.83
CA GLU A 1956 45.32 2.55 94.10
C GLU A 1956 44.35 2.78 95.25
N SER A 1957 43.67 3.92 95.29
CA SER A 1957 42.69 4.16 96.34
C SER A 1957 41.53 3.18 96.25
N LEU A 1958 41.08 2.89 95.04
CA LEU A 1958 40.02 1.89 94.86
C LEU A 1958 40.44 0.50 95.32
N ALA A 1959 41.67 0.11 95.03
CA ALA A 1959 42.14 -1.19 95.52
C ALA A 1959 42.22 -1.23 97.04
N ALA A 1960 42.65 -0.14 97.67
CA ALA A 1960 42.70 -0.13 99.13
C ALA A 1960 41.31 -0.28 99.73
N PHE A 1961 40.34 0.43 99.15
CA PHE A 1961 38.97 0.30 99.67
C PHE A 1961 38.43 -1.09 99.41
N ALA A 1962 38.79 -1.71 98.28
CA ALA A 1962 38.33 -3.05 98.01
C ALA A 1962 38.85 -4.02 99.07
N GLU A 1963 40.11 -3.87 99.46
CA GLU A 1963 40.69 -4.73 100.48
C GLU A 1963 39.96 -4.58 101.82
N ARG A 1964 39.64 -3.34 102.20
CA ARG A 1964 38.97 -3.15 103.48
C ARG A 1964 37.53 -3.68 103.42
N TYR A 1965 36.85 -3.47 102.30
CA TYR A 1965 35.46 -3.87 102.26
C TYR A 1965 35.35 -5.38 102.16
N VAL A 1966 36.27 -6.03 101.46
CA VAL A 1966 36.23 -7.49 101.39
C VAL A 1966 36.46 -8.07 102.77
N ASP A 1967 37.39 -7.48 103.53
CA ASP A 1967 37.65 -7.98 104.88
C ASP A 1967 36.40 -7.87 105.76
N LYS A 1968 35.69 -6.75 105.66
CA LYS A 1968 34.45 -6.59 106.42
C LYS A 1968 33.37 -7.56 105.95
N LEU A 1969 33.28 -7.79 104.64
CA LEU A 1969 32.31 -8.74 104.11
C LEU A 1969 32.59 -10.15 104.61
N GLN A 1970 33.85 -10.56 104.63
CA GLN A 1970 34.18 -11.90 105.09
C GLN A 1970 33.89 -12.05 106.57
N ALA A 1971 34.21 -11.05 107.38
CA ALA A 1971 33.90 -11.16 108.81
C ALA A 1971 32.39 -11.23 109.04
N ASN A 1972 31.62 -10.44 108.30
CA ASN A 1972 30.17 -10.48 108.48
C ASN A 1972 29.60 -11.81 108.03
N GLN A 1973 30.06 -12.34 106.89
CA GLN A 1973 29.53 -13.62 106.42
C GLN A 1973 29.89 -14.73 107.38
N ARG A 1974 31.09 -14.69 107.95
CA ARG A 1974 31.47 -15.69 108.95
C ARG A 1974 30.56 -15.63 110.16
N SER A 1975 30.23 -14.42 110.63
CA SER A 1975 29.34 -14.32 111.79
C SER A 1975 27.92 -14.77 111.44
N ARG A 1976 27.43 -14.43 110.25
CA ARG A 1976 26.10 -14.85 109.86
C ARG A 1976 26.03 -16.36 109.72
N TYR A 1977 27.06 -16.99 109.16
CA TYR A 1977 27.05 -18.45 109.06
C TYR A 1977 27.13 -19.09 110.43
N ALA A 1978 27.88 -18.46 111.34
CA ALA A 1978 28.03 -19.01 112.68
C ALA A 1978 26.69 -19.03 113.39
N LEU A 1979 25.93 -17.94 113.29
CA LEU A 1979 24.63 -17.96 113.95
C LEU A 1979 23.61 -18.79 113.17
N LEU A 1980 23.77 -18.89 111.84
CA LEU A 1980 22.85 -19.67 111.03
C LEU A 1980 22.99 -21.17 111.27
N MET A 1981 24.15 -21.63 111.74
CA MET A 1981 24.29 -23.06 112.00
C MET A 1981 23.45 -23.55 113.16
N ARG A 1982 22.92 -22.67 113.99
CA ARG A 1982 22.05 -23.05 115.10
C ARG A 1982 20.61 -22.70 114.74
N THR A 1991 13.78 -23.15 104.24
CA THR A 1991 15.17 -23.37 104.63
C THR A 1991 16.10 -23.23 103.43
N ALA A 1992 15.57 -23.50 102.24
CA ALA A 1992 16.36 -23.32 101.02
C ALA A 1992 16.78 -21.86 100.89
N ARG A 1993 15.91 -20.94 101.28
CA ARG A 1993 16.25 -19.52 101.26
C ARG A 1993 17.38 -19.20 102.22
N ARG A 1994 17.36 -19.80 103.41
CA ARG A 1994 18.43 -19.54 104.36
C ARG A 1994 19.76 -20.17 103.95
N THR A 1995 19.73 -21.33 103.28
CA THR A 1995 20.94 -22.05 102.94
C THR A 1995 21.41 -21.86 101.50
N ARG A 1996 20.69 -21.11 100.68
CA ARG A 1996 21.07 -20.95 99.28
C ARG A 1996 22.39 -20.21 99.12
N GLU A 1997 22.64 -19.22 99.98
CA GLU A 1997 23.82 -18.37 99.78
C GLU A 1997 25.11 -19.18 99.85
N PHE A 1998 25.21 -20.09 100.81
CA PHE A 1998 26.45 -20.81 101.05
C PHE A 1998 26.68 -21.97 100.08
N ARG A 1999 25.70 -22.31 99.25
CA ARG A 1999 25.82 -23.37 98.26
C ARG A 1999 25.85 -22.80 96.85
N SER A 2000 26.47 -21.64 96.68
CA SER A 2000 26.57 -20.98 95.39
C SER A 2000 28.01 -20.54 95.14
N PRO A 2001 28.41 -20.38 93.88
CA PRO A 2001 29.78 -20.01 93.59
C PRO A 2001 30.10 -18.63 94.18
N PRO A 2002 31.35 -18.42 94.60
CA PRO A 2002 31.68 -17.14 95.27
C PRO A 2002 31.41 -15.90 94.44
N GLN A 2003 31.58 -15.97 93.12
CA GLN A 2003 31.23 -14.82 92.29
C GLN A 2003 29.74 -14.49 92.39
N GLU A 2004 28.88 -15.51 92.39
CA GLU A 2004 27.46 -15.23 92.55
C GLU A 2004 27.15 -14.76 93.97
N GLN A 2005 27.90 -15.27 94.96
CA GLN A 2005 27.68 -14.80 96.32
C GLN A 2005 27.98 -13.32 96.44
N ILE A 2006 29.09 -12.87 95.84
CA ILE A 2006 29.43 -11.47 95.97
C ILE A 2006 28.58 -10.61 95.06
N ASN A 2007 28.04 -11.18 93.98
CA ASN A 2007 27.09 -10.43 93.16
C ASN A 2007 25.82 -10.17 93.94
N MET A 2008 25.34 -11.16 94.69
CA MET A 2008 24.14 -10.96 95.48
C MET A 2008 24.43 -9.99 96.62
N LEU A 2009 25.63 -10.08 97.21
CA LEU A 2009 25.95 -9.21 98.33
C LEU A 2009 26.05 -7.76 97.89
N LEU A 2010 26.54 -7.52 96.67
CA LEU A 2010 26.69 -6.16 96.16
C LEU A 2010 25.48 -5.67 95.37
N HIS A 2011 24.46 -6.50 95.17
CA HIS A 2011 23.27 -6.07 94.43
C HIS A 2011 22.27 -5.41 95.38
N PHE A 2012 22.67 -4.23 95.88
CA PHE A 2012 21.80 -3.43 96.74
C PHE A 2012 21.93 -1.95 96.45
N LYS A 2013 22.22 -1.57 95.20
CA LYS A 2013 22.44 -0.16 94.92
C LYS A 2013 21.14 0.63 94.93
N ASP A 2014 20.09 0.08 94.34
CA ASP A 2014 18.81 0.77 94.26
C ASP A 2014 18.00 0.48 95.51
N GLU A 2015 17.17 1.45 95.90
CA GLU A 2015 16.31 1.31 97.07
C GLU A 2015 15.07 0.47 96.78
N ALA A 2016 14.87 0.03 95.55
CA ALA A 2016 13.76 -0.85 95.21
C ALA A 2016 14.12 -2.33 95.27
N ASP A 2017 15.38 -2.66 95.56
CA ASP A 2017 15.80 -4.04 95.70
C ASP A 2017 16.59 -4.27 96.99
N GLU A 2018 16.45 -3.39 97.97
CA GLU A 2018 17.16 -3.52 99.24
C GLU A 2018 16.35 -4.34 100.25
N GLU A 2019 15.86 -5.51 99.81
CA GLU A 2019 15.09 -6.41 100.66
C GLU A 2019 15.77 -7.75 100.87
N ASP A 2020 16.31 -8.34 99.81
CA ASP A 2020 17.01 -9.62 99.90
C ASP A 2020 18.43 -9.49 100.43
N CYS A 2021 19.02 -8.29 100.39
CA CYS A 2021 20.40 -8.12 100.80
C CYS A 2021 20.52 -8.30 102.32
N PRO A 2022 21.33 -9.24 102.81
CA PRO A 2022 21.49 -9.41 104.25
C PRO A 2022 22.59 -8.54 104.87
N LEU A 2023 23.20 -7.64 104.10
CA LEU A 2023 24.28 -6.83 104.63
C LEU A 2023 23.73 -5.78 105.60
N PRO A 2024 24.49 -5.45 106.64
CA PRO A 2024 24.03 -4.39 107.55
C PRO A 2024 24.01 -3.01 106.90
N GLU A 2025 23.13 -2.15 107.44
CA GLU A 2025 22.97 -0.82 106.89
C GLU A 2025 24.23 0.00 107.04
N ASP A 2026 25.00 -0.22 108.12
CA ASP A 2026 26.23 0.54 108.30
C ASP A 2026 27.24 0.22 107.21
N ILE A 2027 27.35 -1.06 106.83
CA ILE A 2027 28.24 -1.43 105.75
C ILE A 2027 27.73 -0.89 104.42
N ARG A 2028 26.41 -0.92 104.22
CA ARG A 2028 25.91 -0.36 102.97
C ARG A 2028 26.23 1.13 102.93
N GLN A 2029 26.14 1.81 104.07
CA GLN A 2029 26.40 3.23 104.10
C GLN A 2029 27.85 3.49 103.78
N ASP A 2030 28.73 2.61 104.26
CA ASP A 2030 30.17 2.81 104.02
C ASP A 2030 30.47 2.71 102.53
N LEU A 2031 29.84 1.73 101.87
CA LEU A 2031 30.03 1.60 100.43
C LEU A 2031 29.45 2.78 99.67
N GLN A 2032 28.28 3.26 100.09
CA GLN A 2032 27.70 4.41 99.41
C GLN A 2032 28.53 5.66 99.62
N ASP A 2033 29.12 5.82 100.80
CA ASP A 2033 30.03 6.93 101.06
C ASP A 2033 31.25 6.87 100.17
N PHE A 2034 31.81 5.67 99.97
CA PHE A 2034 32.96 5.59 99.09
C PHE A 2034 32.58 5.83 97.64
N HIS A 2035 31.37 5.41 97.23
CA HIS A 2035 30.95 5.67 95.85
C HIS A 2035 30.75 7.17 95.64
N GLN A 2036 30.29 7.86 96.68
CA GLN A 2036 30.06 9.29 96.58
C GLN A 2036 31.39 10.03 96.49
N ASP A 2037 32.36 9.65 97.32
CA ASP A 2037 33.63 10.37 97.25
C ASP A 2037 34.46 9.95 96.04
N LEU A 2038 34.12 8.82 95.42
CA LEU A 2038 34.73 8.47 94.14
C LEU A 2038 34.16 9.35 93.03
N LEU A 2039 32.85 9.54 93.01
CA LEU A 2039 32.27 10.44 92.02
C LEU A 2039 32.78 11.86 92.23
N ALA A 2040 32.90 12.29 93.48
CA ALA A 2040 33.42 13.63 93.73
C ALA A 2040 34.87 13.74 93.26
N HIS A 2041 35.69 12.71 93.49
CA HIS A 2041 37.06 12.77 93.01
C HIS A 2041 37.11 12.78 91.49
N CYS A 2042 36.14 12.18 90.83
CA CYS A 2042 36.05 12.25 89.38
C CYS A 2042 35.33 13.51 88.91
N GLY A 2043 34.90 14.36 89.83
CA GLY A 2043 34.30 15.63 89.47
C GLY A 2043 32.94 15.54 88.80
N ILE A 2044 32.12 14.57 89.18
CA ILE A 2044 30.74 14.52 88.71
C ILE A 2044 29.88 15.28 89.71
N GLN A 2045 29.25 16.35 89.24
CA GLN A 2045 28.41 17.16 90.12
C GLN A 2045 27.30 16.29 90.71
N LEU A 2046 27.10 16.41 92.02
CA LEU A 2046 26.08 15.64 92.71
C LEU A 2046 24.73 16.35 92.64
N LYS A 2090 37.40 31.47 88.20
CA LYS A 2090 38.82 31.17 88.17
C LYS A 2090 39.06 29.68 88.42
N PRO A 2091 39.82 29.02 87.55
CA PRO A 2091 40.05 27.58 87.72
C PRO A 2091 40.71 27.27 89.07
N GLN A 2092 40.31 26.15 89.66
CA GLN A 2092 40.87 25.68 90.92
C GLN A 2092 41.29 24.22 90.85
N SER A 2093 41.32 23.63 89.66
CA SER A 2093 41.66 22.23 89.52
C SER A 2093 42.26 21.98 88.14
N LEU A 2094 42.95 20.85 88.02
CA LEU A 2094 43.64 20.53 86.78
C LEU A 2094 42.67 20.37 85.63
N GLN A 2095 41.51 19.76 85.88
CA GLN A 2095 40.54 19.55 84.80
C GLN A 2095 40.05 20.87 84.22
N GLU A 2096 39.74 21.84 85.08
CA GLU A 2096 39.27 23.12 84.59
C GLU A 2096 40.40 23.91 83.97
N LEU A 2097 41.61 23.76 84.49
CA LEU A 2097 42.75 24.47 83.93
C LEU A 2097 43.00 23.99 82.51
N VAL A 2098 42.98 22.67 82.32
CA VAL A 2098 43.25 22.09 81.01
C VAL A 2098 42.15 22.47 80.03
N SER A 2099 40.90 22.37 80.46
CA SER A 2099 39.80 22.70 79.56
C SER A 2099 39.87 24.16 79.12
N HIS A 2100 40.07 25.06 80.09
CA HIS A 2100 40.14 26.48 79.75
C HIS A 2100 41.30 26.77 78.82
N MET A 2101 42.48 26.21 79.11
CA MET A 2101 43.64 26.49 78.27
C MET A 2101 43.44 25.99 76.85
N VAL A 2102 42.91 24.77 76.72
CA VAL A 2102 42.72 24.20 75.38
C VAL A 2102 41.70 24.99 74.59
N VAL A 2103 40.58 25.35 75.22
CA VAL A 2103 39.56 26.12 74.50
C VAL A 2103 40.11 27.48 74.09
N ARG A 2104 40.81 28.15 75.01
CA ARG A 2104 41.39 29.48 74.73
C ARG A 2104 42.34 29.34 73.53
N TRP A 2105 43.21 28.33 73.53
CA TRP A 2105 44.17 28.14 72.45
C TRP A 2105 43.45 27.93 71.13
N ALA A 2106 42.40 27.11 71.13
CA ALA A 2106 41.73 26.79 69.88
C ALA A 2106 40.94 27.98 69.33
N GLN A 2107 40.39 28.82 70.20
CA GLN A 2107 39.61 29.97 69.75
C GLN A 2107 40.44 31.23 69.58
N GLU A 2108 41.73 31.19 69.90
CA GLU A 2108 42.59 32.34 69.65
C GLU A 2108 43.25 32.31 68.28
N ASP A 2109 43.50 31.13 67.72
CA ASP A 2109 44.16 31.05 66.43
C ASP A 2109 43.85 29.71 65.78
N TYR A 2110 44.05 29.66 64.46
CA TYR A 2110 43.84 28.44 63.69
C TYR A 2110 45.09 27.58 63.78
N VAL A 2111 45.02 26.49 64.56
CA VAL A 2111 46.17 25.63 64.77
C VAL A 2111 46.50 24.91 63.47
N GLN A 2112 47.79 24.91 63.10
CA GLN A 2112 48.24 24.29 61.86
C GLN A 2112 48.91 22.94 62.06
N SER A 2113 49.28 22.60 63.29
CA SER A 2113 49.97 21.34 63.55
C SER A 2113 48.95 20.25 63.87
N PRO A 2114 48.74 19.26 63.00
CA PRO A 2114 47.78 18.19 63.32
C PRO A 2114 48.15 17.41 64.55
N GLU A 2115 49.45 17.22 64.83
CA GLU A 2115 49.85 16.51 66.04
C GLU A 2115 49.43 17.29 67.28
N LEU A 2116 49.60 18.62 67.26
CA LEU A 2116 49.18 19.42 68.39
C LEU A 2116 47.67 19.38 68.55
N VAL A 2117 46.95 19.45 67.43
CA VAL A 2117 45.49 19.44 67.48
C VAL A 2117 44.99 18.13 68.09
N ARG A 2118 45.58 17.01 67.66
CA ARG A 2118 45.20 15.72 68.21
C ARG A 2118 45.52 15.65 69.69
N ALA A 2119 46.68 16.18 70.09
CA ALA A 2119 47.06 16.10 71.49
C ALA A 2119 46.08 16.89 72.36
N MET A 2120 45.70 18.08 71.92
CA MET A 2120 44.84 18.92 72.77
C MET A 2120 43.43 18.38 72.81
N PHE A 2121 42.93 17.82 71.71
CA PHE A 2121 41.58 17.27 71.75
C PHE A 2121 41.53 15.93 72.49
N SER A 2122 42.59 15.13 72.42
CA SER A 2122 42.66 13.94 73.26
C SER A 2122 42.68 14.30 74.73
N LEU A 2123 43.44 15.33 75.10
CA LEU A 2123 43.45 15.75 76.49
C LEU A 2123 42.10 16.28 76.92
N LEU A 2124 41.43 17.04 76.05
CA LEU A 2124 40.12 17.57 76.43
C LEU A 2124 39.14 16.44 76.63
N HIS A 2125 39.18 15.44 75.74
CA HIS A 2125 38.25 14.33 75.87
C HIS A 2125 38.52 13.60 77.17
N ARG A 2126 39.79 13.49 77.56
CA ARG A 2126 40.12 12.79 78.79
C ARG A 2126 39.57 13.54 79.99
N GLN A 2127 39.64 14.87 79.97
CA GLN A 2127 39.15 15.63 81.11
C GLN A 2127 37.63 15.51 81.22
N TYR A 2128 36.94 15.58 80.09
CA TYR A 2128 35.47 15.48 80.12
C TYR A 2128 34.99 14.08 80.46
N ASP A 2129 35.71 13.04 80.07
CA ASP A 2129 35.31 11.66 80.32
C ASP A 2129 36.35 11.00 81.21
N GLY A 2130 36.18 11.15 82.52
CA GLY A 2130 37.07 10.56 83.50
C GLY A 2130 36.64 9.20 84.00
N LEU A 2131 35.32 9.05 84.21
CA LEU A 2131 34.79 7.77 84.66
C LEU A 2131 34.98 6.68 83.61
N GLY A 2132 34.78 7.00 82.34
CA GLY A 2132 35.01 6.02 81.29
C GLY A 2132 36.46 5.60 81.17
N GLU A 2133 37.39 6.54 81.38
CA GLU A 2133 38.80 6.19 81.36
C GLU A 2133 39.14 5.21 82.48
N LEU A 2134 38.61 5.44 83.68
CA LEU A 2134 38.83 4.50 84.76
C LEU A 2134 38.16 3.15 84.45
N LEU A 2135 37.00 3.20 83.82
CA LEU A 2135 36.31 1.95 83.49
C LEU A 2135 37.14 1.13 82.52
N ARG A 2136 37.78 1.79 81.56
CA ARG A 2136 38.61 1.09 80.59
C ARG A 2136 39.99 0.75 81.12
N ALA A 2137 40.38 1.32 82.27
CA ALA A 2137 41.67 1.01 82.87
C ALA A 2137 41.59 -0.06 83.95
N LEU A 2138 40.41 -0.29 84.53
CA LEU A 2138 40.27 -1.33 85.54
C LEU A 2138 40.64 -2.73 85.05
N PRO A 2139 40.33 -3.14 83.82
CA PRO A 2139 40.72 -4.47 83.36
C PRO A 2139 42.21 -4.77 83.43
N ARG A 2140 43.07 -3.74 83.44
CA ARG A 2140 44.51 -3.94 83.57
C ARG A 2140 45.02 -3.79 85.01
N ALA A 2141 44.12 -3.79 85.99
CA ALA A 2141 44.51 -3.71 87.39
C ALA A 2141 44.42 -5.08 88.04
N TYR A 2142 45.39 -5.39 88.91
CA TYR A 2142 45.49 -6.70 89.53
C TYR A 2142 46.24 -6.58 90.84
N THR A 2143 45.68 -7.17 91.90
CA THR A 2143 46.29 -7.17 93.22
C THR A 2143 46.97 -8.52 93.48
N ILE A 2144 48.17 -8.46 94.05
CA ILE A 2144 48.97 -9.65 94.32
C ILE A 2144 49.42 -9.65 95.78
N SER A 2145 49.79 -10.84 96.24
CA SER A 2145 50.32 -10.99 97.60
C SER A 2145 51.73 -10.42 97.69
N PRO A 2146 52.11 -9.89 98.85
CA PRO A 2146 53.47 -9.34 99.02
C PRO A 2146 54.57 -10.38 98.91
N SER A 2147 54.27 -11.67 99.07
CA SER A 2147 55.29 -12.70 98.98
C SER A 2147 55.69 -13.06 97.56
N SER A 2148 54.95 -12.61 96.55
CA SER A 2148 55.25 -12.90 95.15
C SER A 2148 55.80 -11.67 94.43
N VAL A 2149 56.28 -10.68 95.17
CA VAL A 2149 56.76 -9.44 94.56
C VAL A 2149 58.05 -9.69 93.78
N GLU A 2150 59.00 -10.42 94.36
CA GLU A 2150 60.28 -10.58 93.68
C GLU A 2150 60.12 -11.37 92.39
N ASP A 2151 59.26 -12.39 92.39
CA ASP A 2151 59.01 -13.14 91.17
C ASP A 2151 58.25 -12.30 90.15
N THR A 2152 57.30 -11.47 90.62
CA THR A 2152 56.59 -10.62 89.66
C THR A 2152 57.52 -9.61 89.03
N MET A 2153 58.43 -9.02 89.82
CA MET A 2153 59.40 -8.07 89.27
C MET A 2153 60.33 -8.75 88.27
N SER A 2154 60.79 -9.97 88.57
CA SER A 2154 61.63 -10.68 87.62
C SER A 2154 60.88 -10.96 86.32
N LEU A 2155 59.61 -11.35 86.43
CA LEU A 2155 58.81 -11.61 85.24
C LEU A 2155 58.62 -10.34 84.43
N LEU A 2156 58.42 -9.20 85.11
CA LEU A 2156 58.28 -7.93 84.41
C LEU A 2156 59.58 -7.55 83.70
N GLU A 2157 60.73 -7.83 84.33
CA GLU A 2157 62.00 -7.56 83.68
C GLU A 2157 62.16 -8.39 82.41
N CYS A 2158 61.81 -9.67 82.47
CA CYS A 2158 61.93 -10.49 81.26
C CYS A 2158 60.95 -10.04 80.19
N LEU A 2159 59.73 -9.67 80.59
CA LEU A 2159 58.77 -9.19 79.61
C LEU A 2159 59.25 -7.89 78.99
N GLY A 2160 59.89 -7.03 79.78
CA GLY A 2160 60.44 -5.81 79.23
C GLY A 2160 61.53 -6.07 78.22
N GLN A 2161 62.36 -7.09 78.47
CA GLN A 2161 63.38 -7.44 77.49
C GLN A 2161 62.74 -7.93 76.19
N ILE A 2162 61.70 -8.75 76.31
CA ILE A 2162 61.06 -9.25 75.11
C ILE A 2162 60.41 -8.09 74.35
N ARG A 2163 59.74 -7.20 75.06
CA ARG A 2163 59.14 -6.07 74.37
C ARG A 2163 60.20 -5.17 73.75
N SER A 2164 61.39 -5.09 74.36
CA SER A 2164 62.46 -4.29 73.77
C SER A 2164 63.01 -4.96 72.52
N LEU A 2165 62.73 -6.25 72.34
CA LEU A 2165 63.22 -6.99 71.18
C LEU A 2165 62.27 -6.88 69.99
N LEU A 2166 61.15 -6.19 70.14
CA LEU A 2166 60.19 -6.00 69.07
C LEU A 2166 60.58 -4.92 68.05
N ILE A 2167 61.58 -4.11 68.35
CA ILE A 2167 61.95 -3.00 67.47
C ILE A 2167 63.38 -3.16 66.92
N VAL A 2168 63.88 -4.40 66.85
CA VAL A 2168 65.23 -4.67 66.38
C VAL A 2168 65.18 -5.81 65.39
N GLN A 2169 65.98 -5.70 64.33
CA GLN A 2169 66.08 -6.78 63.36
C GLN A 2169 66.63 -8.03 64.03
N MET A 2170 66.09 -9.18 63.64
CA MET A 2170 66.39 -10.42 64.33
C MET A 2170 67.84 -10.83 64.08
N GLY A 2171 68.50 -11.33 65.13
CA GLY A 2171 69.84 -11.84 65.01
C GLY A 2171 70.10 -12.99 65.97
N PRO A 2172 71.27 -13.63 65.84
CA PRO A 2172 71.60 -14.75 66.73
C PRO A 2172 71.65 -14.38 68.21
N GLN A 2173 72.14 -13.18 68.51
CA GLN A 2173 72.21 -12.76 69.91
C GLN A 2173 70.83 -12.47 70.45
N GLU A 2174 69.99 -11.78 69.68
CA GLU A 2174 68.65 -11.52 70.20
C GLU A 2174 67.89 -12.83 70.30
N GLU A 2175 68.19 -13.80 69.43
CA GLU A 2175 67.55 -15.11 69.53
C GLU A 2175 67.91 -15.80 70.84
N ASN A 2176 69.19 -15.74 71.20
CA ASN A 2176 69.62 -16.34 72.47
C ASN A 2176 68.99 -15.63 73.65
N LEU A 2177 68.91 -14.30 73.59
CA LEU A 2177 68.28 -13.55 74.66
C LEU A 2177 66.81 -13.91 74.80
N MET A 2178 66.12 -14.07 73.66
CA MET A 2178 64.71 -14.44 73.69
C MET A 2178 64.53 -15.83 74.30
N ILE A 2179 65.42 -16.74 73.94
CA ILE A 2179 65.30 -18.11 74.44
C ILE A 2179 65.51 -18.15 75.94
N GLN A 2180 66.53 -17.44 76.43
CA GLN A 2180 66.79 -17.48 77.86
C GLN A 2180 65.71 -16.74 78.62
N SER A 2181 65.12 -15.70 78.03
CA SER A 2181 64.01 -15.00 78.67
C SER A 2181 62.81 -15.92 78.80
N ILE A 2182 62.52 -16.70 77.76
CA ILE A 2182 61.41 -17.65 77.82
C ILE A 2182 61.68 -18.71 78.87
N GLY A 2183 62.90 -19.22 78.94
CA GLY A 2183 63.23 -20.21 79.95
C GLY A 2183 63.07 -19.67 81.35
N ASN A 2184 63.49 -18.42 81.56
CA ASN A 2184 63.33 -17.80 82.87
C ASN A 2184 61.86 -17.61 83.21
N ILE A 2185 61.04 -17.24 82.23
CA ILE A 2185 59.61 -17.09 82.47
C ILE A 2185 58.99 -18.42 82.87
N MET A 2186 59.32 -19.48 82.14
CA MET A 2186 58.77 -20.79 82.49
C MET A 2186 59.35 -21.35 83.78
N ASN A 2187 60.44 -20.79 84.29
CA ASN A 2187 60.97 -21.23 85.56
C ASN A 2187 60.33 -20.55 86.76
N ASN A 2188 59.32 -19.70 86.54
CA ASN A 2188 58.69 -18.93 87.60
C ASN A 2188 57.34 -19.55 87.99
N LYS A 2189 57.12 -19.67 89.30
CA LYS A 2189 55.88 -20.25 89.80
C LYS A 2189 54.69 -19.32 89.58
N VAL A 2190 54.92 -18.01 89.54
CA VAL A 2190 53.82 -17.06 89.34
C VAL A 2190 53.16 -17.26 88.00
N PHE A 2191 53.94 -17.64 86.99
CA PHE A 2191 53.40 -17.87 85.65
C PHE A 2191 52.30 -18.92 85.68
N TYR A 2192 52.36 -19.85 86.63
CA TYR A 2192 51.34 -20.88 86.76
C TYR A 2192 50.32 -20.56 87.84
N GLN A 2193 50.71 -19.81 88.87
CA GLN A 2193 49.79 -19.49 89.96
C GLN A 2193 48.77 -18.41 89.57
N HIS A 2194 49.13 -17.47 88.69
CA HIS A 2194 48.26 -16.34 88.36
C HIS A 2194 48.07 -16.26 86.85
N PRO A 2195 47.33 -17.20 86.27
CA PRO A 2195 47.10 -17.19 84.81
C PRO A 2195 46.31 -15.99 84.31
N ASN A 2196 45.38 -15.46 85.09
CA ASN A 2196 44.60 -14.31 84.62
C ASN A 2196 45.50 -13.10 84.42
N LEU A 2197 46.45 -12.90 85.32
CA LEU A 2197 47.39 -11.79 85.18
C LEU A 2197 48.24 -11.94 83.93
N MET A 2198 48.68 -13.16 83.64
CA MET A 2198 49.48 -13.38 82.43
C MET A 2198 48.68 -13.05 81.18
N ARG A 2199 47.39 -13.43 81.13
CA ARG A 2199 46.59 -13.08 79.97
C ARG A 2199 46.43 -11.58 79.87
N ALA A 2200 46.25 -10.90 81.00
CA ALA A 2200 46.13 -9.45 80.96
C ALA A 2200 47.43 -8.82 80.46
N LEU A 2201 48.57 -9.43 80.77
CA LEU A 2201 49.84 -8.95 80.25
C LEU A 2201 49.99 -9.23 78.75
N GLY A 2202 49.30 -10.23 78.24
CA GLY A 2202 49.28 -10.47 76.80
C GLY A 2202 50.58 -10.93 76.16
N MET A 2203 51.28 -11.87 76.79
CA MET A 2203 52.52 -12.40 76.25
C MET A 2203 52.32 -13.16 74.95
N HIS A 2204 51.22 -13.93 74.85
CA HIS A 2204 51.01 -14.74 73.65
C HIS A 2204 50.78 -13.88 72.41
N GLU A 2205 50.12 -12.74 72.53
CA GLU A 2205 49.99 -11.88 71.35
C GLU A 2205 51.36 -11.42 70.89
N THR A 2206 52.21 -11.02 71.85
CA THR A 2206 53.53 -10.53 71.52
C THR A 2206 54.37 -11.62 70.88
N VAL A 2207 54.30 -12.84 71.41
CA VAL A 2207 55.07 -13.95 70.83
C VAL A 2207 54.58 -14.26 69.43
N MET A 2208 53.27 -14.24 69.21
CA MET A 2208 52.78 -14.51 67.86
C MET A 2208 53.26 -13.46 66.89
N GLU A 2209 53.25 -12.19 67.32
CA GLU A 2209 53.69 -11.11 66.45
C GLU A 2209 55.18 -11.25 66.15
N VAL A 2210 55.97 -11.68 67.15
CA VAL A 2210 57.40 -11.93 66.91
C VAL A 2210 57.57 -13.04 65.91
N MET A 2211 56.77 -14.10 66.04
CA MET A 2211 56.90 -15.25 65.15
C MET A 2211 56.58 -14.82 63.73
N VAL A 2212 55.52 -14.04 63.53
CA VAL A 2212 55.18 -13.70 62.15
C VAL A 2212 56.23 -12.75 61.60
N ASN A 2213 56.84 -11.92 62.46
CA ASN A 2213 57.93 -11.06 62.01
C ASN A 2213 59.13 -11.84 61.53
N VAL A 2214 59.49 -12.91 62.25
CA VAL A 2214 60.60 -13.74 61.77
C VAL A 2214 60.21 -14.46 60.48
N LEU A 2215 59.00 -14.98 60.39
CA LEU A 2215 58.61 -15.63 59.14
C LEU A 2215 58.47 -14.58 58.04
N ILE A 2223 62.42 -20.96 56.81
CA ILE A 2223 62.70 -20.85 58.24
C ILE A 2223 64.18 -20.55 58.46
N ARG A 2224 64.46 -19.45 59.17
CA ARG A 2224 65.83 -19.05 59.45
C ARG A 2224 66.24 -19.32 60.89
N PHE A 2225 65.28 -19.45 61.81
CA PHE A 2225 65.57 -19.57 63.24
C PHE A 2225 64.69 -20.67 63.83
N PRO A 2226 64.95 -21.92 63.44
CA PRO A 2226 64.06 -23.00 63.92
C PRO A 2226 64.04 -23.14 65.42
N LYS A 2227 65.15 -22.87 66.11
CA LYS A 2227 65.11 -23.01 67.56
C LYS A 2227 64.17 -21.98 68.16
N MET A 2228 64.17 -20.76 67.60
CA MET A 2228 63.26 -19.73 68.06
C MET A 2228 61.82 -20.09 67.77
N VAL A 2229 61.54 -20.62 66.58
CA VAL A 2229 60.16 -20.95 66.23
C VAL A 2229 59.64 -22.05 67.15
N THR A 2230 60.44 -23.10 67.36
CA THR A 2230 60.00 -24.18 68.22
C THR A 2230 59.97 -23.78 69.69
N SER A 2231 60.71 -22.74 70.08
CA SER A 2231 60.61 -22.24 71.44
C SER A 2231 59.30 -21.48 71.63
N CYS A 2232 58.94 -20.68 70.63
CA CYS A 2232 57.66 -19.97 70.71
C CYS A 2232 56.51 -20.94 70.67
N CYS A 2233 56.59 -21.97 69.81
CA CYS A 2233 55.51 -22.94 69.73
C CYS A 2233 55.37 -23.70 71.05
N ARG A 2234 56.49 -24.10 71.66
CA ARG A 2234 56.40 -24.79 72.94
C ARG A 2234 55.83 -23.87 74.03
N PHE A 2235 56.19 -22.58 73.99
CA PHE A 2235 55.62 -21.66 74.97
C PHE A 2235 54.11 -21.56 74.82
N LEU A 2236 53.62 -21.44 73.58
CA LEU A 2236 52.18 -21.33 73.39
C LEU A 2236 51.49 -22.65 73.73
N CYS A 2237 52.13 -23.78 73.46
CA CYS A 2237 51.52 -25.06 73.82
C CYS A 2237 51.36 -25.19 75.33
N TYR A 2238 52.40 -24.79 76.07
CA TYR A 2238 52.36 -24.78 77.54
C TYR A 2238 51.26 -23.81 77.95
N PHE A 2239 51.15 -22.65 77.31
CA PHE A 2239 50.16 -21.64 77.67
C PHE A 2239 48.77 -22.20 77.52
N CYS A 2240 48.53 -22.94 76.43
CA CYS A 2240 47.23 -23.53 76.22
C CYS A 2240 46.95 -24.61 77.26
N ARG A 2241 48.01 -25.33 77.66
CA ARG A 2241 47.81 -26.44 78.58
C ARG A 2241 47.65 -26.00 80.02
N ILE A 2242 47.87 -24.71 80.32
CA ILE A 2242 47.69 -24.26 81.70
C ILE A 2242 46.21 -24.22 82.06
N SER A 2243 45.39 -23.65 81.20
CA SER A 2243 43.98 -23.46 81.52
C SER A 2243 43.15 -23.39 80.23
N ARG A 2244 41.84 -23.62 80.40
CA ARG A 2244 40.91 -23.59 79.28
C ARG A 2244 40.72 -22.18 78.74
N GLN A 2245 40.79 -21.16 79.60
CA GLN A 2245 40.67 -19.78 79.14
C GLN A 2245 41.80 -19.41 78.19
N ASN A 2246 43.01 -19.88 78.49
CA ASN A 2246 44.11 -19.69 77.55
C ASN A 2246 43.83 -20.43 76.24
N GLN A 2247 43.29 -21.64 76.33
CA GLN A 2247 42.97 -22.38 75.11
C GLN A 2247 41.90 -21.67 74.29
N ARG A 2248 40.89 -21.11 74.96
CA ARG A 2248 39.88 -20.35 74.23
C ARG A 2248 40.48 -19.11 73.58
N SER A 2249 41.38 -18.43 74.31
CA SER A 2249 42.01 -17.24 73.76
C SER A 2249 42.82 -17.56 72.51
N MET A 2250 43.57 -18.67 72.55
CA MET A 2250 44.33 -19.11 71.39
C MET A 2250 43.46 -19.68 70.27
N PHE A 2251 42.24 -20.11 70.57
CA PHE A 2251 41.38 -20.62 69.50
C PHE A 2251 40.93 -19.51 68.56
N ASP A 2252 40.88 -18.27 69.03
CA ASP A 2252 40.49 -17.16 68.16
C ASP A 2252 41.51 -16.88 67.06
N HIS A 2253 42.75 -17.33 67.21
CA HIS A 2253 43.77 -17.16 66.18
C HIS A 2253 44.07 -18.44 65.42
N LEU A 2254 43.14 -19.39 65.41
CA LEU A 2254 43.39 -20.67 64.73
C LEU A 2254 43.63 -20.46 63.24
N SER A 2255 42.80 -19.63 62.61
CA SER A 2255 42.98 -19.32 61.19
C SER A 2255 44.29 -18.58 60.94
N TYR A 2256 44.68 -17.71 61.87
CA TYR A 2256 45.93 -16.97 61.71
C TYR A 2256 47.13 -17.92 61.71
N LEU A 2257 47.09 -18.95 62.55
CA LEU A 2257 48.18 -19.92 62.58
C LEU A 2257 48.19 -20.79 61.32
N LEU A 2258 47.00 -21.18 60.85
CA LEU A 2258 46.90 -22.08 59.71
C LEU A 2258 47.45 -21.44 58.44
N GLU A 2259 47.17 -20.16 58.23
CA GLU A 2259 47.64 -19.49 57.02
C GLU A 2259 49.15 -19.35 56.99
N ASN A 2260 49.82 -19.38 58.15
CA ASN A 2260 51.27 -19.37 58.20
C ASN A 2260 51.86 -20.77 58.34
N SER A 2261 51.04 -21.77 58.61
CA SER A 2261 51.53 -23.15 58.76
C SER A 2261 51.50 -23.89 57.42
N GLY A 2262 52.13 -23.28 56.43
CA GLY A 2262 52.25 -23.86 55.11
C GLY A 2262 53.45 -24.76 54.99
N ILE A 2263 53.84 -25.03 53.75
CA ILE A 2263 55.02 -25.87 53.50
C ILE A 2263 56.25 -25.17 54.07
N GLY A 2264 57.02 -25.91 54.87
CA GLY A 2264 58.15 -25.35 55.61
C GLY A 2264 57.86 -25.44 57.09
N LEU A 2265 57.27 -26.56 57.54
CA LEU A 2265 56.97 -26.80 58.98
C LEU A 2265 58.31 -26.81 59.71
N GLY A 2266 59.39 -27.15 58.99
CA GLY A 2266 60.71 -27.37 59.62
C GLY A 2266 60.73 -28.83 59.99
N MET A 2267 61.85 -29.54 59.85
CA MET A 2267 61.97 -30.94 60.34
C MET A 2267 62.66 -30.89 61.71
N GLN A 2268 62.38 -29.87 62.54
CA GLN A 2268 63.06 -29.64 63.85
C GLN A 2268 62.14 -30.01 65.01
N GLY A 2269 61.27 -29.11 65.49
CA GLY A 2269 60.45 -29.35 66.70
C GLY A 2269 59.00 -28.88 66.56
N SER A 2270 58.37 -28.38 67.63
CA SER A 2270 56.97 -28.04 67.62
C SER A 2270 56.70 -26.95 66.58
N THR A 2271 55.55 -27.03 65.95
CA THR A 2271 55.19 -26.20 64.81
C THR A 2271 53.87 -25.49 65.07
N PRO A 2272 53.58 -24.41 64.34
CA PRO A 2272 52.29 -23.74 64.53
C PRO A 2272 51.11 -24.67 64.36
N LEU A 2273 51.24 -25.67 63.49
CA LEU A 2273 50.17 -26.66 63.39
C LEU A 2273 50.03 -27.46 64.67
N ASP A 2274 51.15 -27.78 65.33
CA ASP A 2274 51.05 -28.47 66.61
C ASP A 2274 50.39 -27.60 67.68
N VAL A 2275 50.70 -26.31 67.73
CA VAL A 2275 50.04 -25.45 68.71
C VAL A 2275 48.54 -25.38 68.41
N ALA A 2276 48.17 -25.26 67.14
CA ALA A 2276 46.76 -25.24 66.79
C ALA A 2276 46.06 -26.53 67.18
N ALA A 2277 46.72 -27.68 66.97
CA ALA A 2277 46.12 -28.93 67.41
C ALA A 2277 45.98 -28.98 68.92
N ALA A 2278 46.99 -28.48 69.64
CA ALA A 2278 46.95 -28.48 71.09
C ALA A 2278 45.92 -27.51 71.64
N SER A 2279 45.43 -26.60 70.81
CA SER A 2279 44.46 -25.61 71.25
C SER A 2279 43.01 -26.05 71.10
N VAL A 2280 42.76 -27.29 70.67
CA VAL A 2280 41.40 -27.77 70.47
C VAL A 2280 41.18 -29.10 71.18
N ILE A 2281 42.17 -29.55 71.94
CA ILE A 2281 42.10 -30.88 72.54
C ILE A 2281 41.10 -30.86 73.70
N ASP A 2282 40.21 -31.86 73.71
CA ASP A 2282 39.29 -32.07 74.83
C ASP A 2282 38.45 -30.83 75.11
N ASN A 2283 37.93 -30.23 74.04
CA ASN A 2283 37.06 -29.05 74.16
C ASN A 2283 35.94 -29.20 73.14
N ASN A 2284 34.78 -29.67 73.61
CA ASN A 2284 33.65 -29.87 72.70
C ASN A 2284 33.13 -28.55 72.16
N GLU A 2285 33.14 -27.50 72.98
CA GLU A 2285 32.62 -26.21 72.53
C GLU A 2285 33.44 -25.68 71.36
N LEU A 2286 34.77 -25.78 71.45
CA LEU A 2286 35.62 -25.31 70.36
C LEU A 2286 35.60 -26.28 69.18
N ALA A 2287 35.43 -27.57 69.43
CA ALA A 2287 35.33 -28.51 68.32
C ALA A 2287 34.08 -28.21 67.51
N LEU A 2288 32.97 -27.93 68.18
CA LEU A 2288 31.73 -27.58 67.50
C LEU A 2288 31.79 -26.19 66.89
N ALA A 2289 32.64 -25.31 67.42
CA ALA A 2289 32.84 -24.00 66.85
C ALA A 2289 33.89 -24.00 65.76
N LEU A 2290 34.48 -25.16 65.46
CA LEU A 2290 35.48 -25.25 64.40
C LEU A 2290 34.81 -25.00 63.05
N GLN A 2291 35.27 -23.97 62.34
CA GLN A 2291 34.68 -23.62 61.06
C GLN A 2291 35.04 -24.63 59.98
N GLU A 2292 34.17 -24.74 58.98
CA GLU A 2292 34.42 -25.62 57.85
C GLU A 2292 35.55 -25.10 56.96
N GLN A 2293 35.72 -23.78 56.90
CA GLN A 2293 36.77 -23.21 56.06
C GLN A 2293 38.15 -23.67 56.51
N ASP A 2294 38.37 -23.79 57.81
CA ASP A 2294 39.66 -24.28 58.30
C ASP A 2294 39.91 -25.71 57.84
N LEU A 2295 38.88 -26.57 57.92
CA LEU A 2295 39.05 -27.94 57.45
C LEU A 2295 39.28 -28.03 55.95
N GLU A 2296 38.58 -27.24 55.14
CA GLU A 2296 38.86 -27.29 53.71
C GLU A 2296 40.29 -26.83 53.43
N LYS A 2297 40.75 -25.83 54.18
CA LYS A 2297 42.13 -25.36 54.00
C LYS A 2297 43.13 -26.44 54.34
N VAL A 2298 42.87 -27.19 55.41
CA VAL A 2298 43.80 -28.24 55.80
C VAL A 2298 43.79 -29.36 54.77
N VAL A 2299 42.61 -29.75 54.30
CA VAL A 2299 42.55 -30.81 53.32
C VAL A 2299 43.22 -30.39 52.01
N SER A 2300 43.07 -29.11 51.65
CA SER A 2300 43.76 -28.58 50.46
C SER A 2300 45.27 -28.63 50.62
N TYR A 2301 45.77 -28.29 51.82
CA TYR A 2301 47.21 -28.44 52.07
C TYR A 2301 47.64 -29.89 51.97
N LEU A 2302 46.85 -30.81 52.52
CA LEU A 2302 47.23 -32.21 52.45
C LEU A 2302 47.22 -32.70 51.01
N ALA A 2303 46.24 -32.24 50.21
CA ALA A 2303 46.21 -32.62 48.81
C ALA A 2303 47.45 -32.12 48.08
N GLY A 2304 47.87 -30.89 48.39
CA GLY A 2304 49.07 -30.37 47.76
C GLY A 2304 50.28 -31.18 48.17
N CYS A 2305 50.32 -31.58 49.44
CA CYS A 2305 51.42 -32.39 49.96
C CYS A 2305 51.45 -33.77 49.32
N GLY A 2306 50.29 -34.27 48.90
CA GLY A 2306 50.18 -35.61 48.34
C GLY A 2306 50.52 -35.75 46.87
N LEU A 2307 51.00 -34.69 46.22
CA LEU A 2307 51.28 -34.74 44.79
C LEU A 2307 52.72 -34.41 44.42
N GLN A 2308 53.52 -33.90 45.36
CA GLN A 2308 54.89 -33.50 45.07
C GLN A 2308 55.83 -34.10 46.10
N SER A 2309 57.06 -34.35 45.67
CA SER A 2309 58.08 -34.87 46.57
C SER A 2309 58.54 -33.80 47.55
N CYS A 2310 59.12 -34.25 48.66
CA CYS A 2310 59.56 -33.34 49.70
C CYS A 2310 60.83 -32.61 49.24
N PRO A 2311 60.81 -31.28 49.14
CA PRO A 2311 62.01 -30.57 48.64
C PRO A 2311 63.24 -30.73 49.51
N MET A 2312 63.08 -30.84 50.83
CA MET A 2312 64.25 -31.03 51.68
C MET A 2312 64.86 -32.40 51.43
N LEU A 2313 64.02 -33.42 51.26
CA LEU A 2313 64.56 -34.75 51.00
C LEU A 2313 65.27 -34.76 49.66
N LEU A 2314 64.69 -34.08 48.66
CA LEU A 2314 65.34 -34.03 47.36
C LEU A 2314 66.67 -33.32 47.46
N ALA A 2315 66.73 -32.23 48.25
CA ALA A 2315 67.99 -31.54 48.44
C ALA A 2315 68.97 -32.37 49.25
N LYS A 2316 68.50 -33.44 49.89
CA LYS A 2316 69.35 -34.33 50.65
C LYS A 2316 69.64 -35.61 49.90
N GLY A 2317 69.19 -35.70 48.65
CA GLY A 2317 69.57 -36.79 47.77
C GLY A 2317 68.73 -38.05 47.88
N TYR A 2318 67.62 -38.01 48.59
CA TYR A 2318 66.77 -39.18 48.69
C TYR A 2318 66.12 -39.49 47.34
N PRO A 2319 65.82 -40.75 47.07
CA PRO A 2319 65.15 -41.09 45.81
C PRO A 2319 63.80 -40.39 45.71
N ASP A 2320 63.41 -40.08 44.47
CA ASP A 2320 62.24 -39.26 44.19
C ASP A 2320 60.99 -40.13 44.14
N ILE A 2321 59.99 -39.77 44.96
CA ILE A 2321 58.65 -40.34 44.86
C ILE A 2321 57.66 -39.17 44.86
N GLY A 2322 56.54 -39.37 44.17
CA GLY A 2322 55.63 -38.29 43.87
C GLY A 2322 54.71 -37.84 44.99
N TRP A 2323 55.13 -37.98 46.24
CA TRP A 2323 54.29 -37.52 47.36
C TRP A 2323 55.13 -37.39 48.61
N ASN A 2324 54.52 -36.81 49.65
CA ASN A 2324 55.20 -36.46 50.90
C ASN A 2324 54.45 -37.09 52.07
N PRO A 2325 54.75 -38.36 52.37
CA PRO A 2325 54.06 -39.03 53.48
C PRO A 2325 54.23 -38.34 54.81
N CYS A 2326 55.37 -37.71 55.07
CA CYS A 2326 55.59 -37.08 56.37
C CYS A 2326 54.64 -35.90 56.56
N GLY A 2327 54.52 -35.04 55.55
CA GLY A 2327 53.62 -33.92 55.67
C GLY A 2327 52.17 -34.39 55.73
N GLY A 2328 51.85 -35.41 54.94
CA GLY A 2328 50.47 -35.87 54.96
C GLY A 2328 50.13 -36.44 56.33
N GLU A 2329 51.08 -37.12 56.96
CA GLU A 2329 50.85 -37.66 58.29
C GLU A 2329 50.64 -36.54 59.29
N ARG A 2330 51.41 -35.46 59.14
CA ARG A 2330 51.30 -34.35 60.08
C ARG A 2330 49.92 -33.71 59.99
N TYR A 2331 49.38 -33.58 58.77
CA TYR A 2331 48.02 -33.05 58.65
C TYR A 2331 46.98 -34.07 59.11
N LEU A 2332 47.27 -35.36 58.93
CA LEU A 2332 46.32 -36.39 59.33
C LEU A 2332 46.12 -36.42 60.84
N ASP A 2333 47.19 -36.26 61.61
CA ASP A 2333 47.00 -36.33 63.05
C ASP A 2333 46.27 -35.10 63.56
N PHE A 2334 46.42 -33.97 62.85
CA PHE A 2334 45.65 -32.79 63.20
C PHE A 2334 44.17 -33.03 62.98
N LEU A 2335 43.83 -33.63 61.83
CA LEU A 2335 42.41 -33.95 61.62
C LEU A 2335 41.93 -35.01 62.61
N ARG A 2336 42.83 -35.89 63.07
CA ARG A 2336 42.44 -36.87 64.07
C ARG A 2336 42.04 -36.20 65.37
N PHE A 2337 42.79 -35.15 65.77
CA PHE A 2337 42.42 -34.44 66.98
C PHE A 2337 41.21 -33.54 66.74
N ALA A 2338 40.99 -33.14 65.49
CA ALA A 2338 39.86 -32.28 65.18
C ALA A 2338 38.55 -33.05 65.16
N VAL A 2339 38.63 -34.36 64.87
CA VAL A 2339 37.44 -35.19 64.71
C VAL A 2339 37.20 -36.14 65.87
N PHE A 2340 38.16 -36.34 66.76
CA PHE A 2340 37.99 -37.25 67.89
C PHE A 2340 38.24 -36.50 69.18
N VAL A 2341 37.19 -36.34 70.00
CA VAL A 2341 37.26 -35.60 71.25
C VAL A 2341 36.64 -36.45 72.35
N ASN A 2342 37.38 -36.59 73.46
CA ASN A 2342 36.86 -37.20 74.68
C ASN A 2342 36.32 -38.60 74.44
N GLY A 2343 36.95 -39.33 73.53
CA GLY A 2343 36.59 -40.72 73.31
C GLY A 2343 35.37 -40.94 72.46
N GLU A 2344 34.72 -39.88 71.96
CA GLU A 2344 33.53 -40.00 71.15
C GLU A 2344 33.75 -39.26 69.84
N SER A 2345 33.05 -39.71 68.80
CA SER A 2345 33.17 -39.14 67.46
C SER A 2345 32.19 -37.99 67.28
N VAL A 2346 32.69 -36.84 66.86
CA VAL A 2346 31.86 -35.69 66.54
C VAL A 2346 31.40 -35.84 65.09
N GLU A 2347 30.12 -36.15 64.92
CA GLU A 2347 29.62 -36.53 63.61
C GLU A 2347 29.57 -35.36 62.62
N GLU A 2348 29.35 -34.14 63.09
CA GLU A 2348 29.31 -33.00 62.16
C GLU A 2348 30.65 -32.78 61.48
N ASN A 2349 31.74 -32.82 62.24
CA ASN A 2349 33.04 -32.64 61.62
C ASN A 2349 33.45 -33.91 60.90
N ALA A 2350 33.10 -35.07 61.44
CA ALA A 2350 33.53 -36.29 60.76
C ALA A 2350 32.89 -36.36 59.38
N ASN A 2351 31.60 -36.02 59.30
CA ASN A 2351 30.91 -36.04 58.01
C ASN A 2351 31.49 -35.01 57.06
N VAL A 2352 31.80 -33.80 57.56
CA VAL A 2352 32.35 -32.79 56.66
C VAL A 2352 33.71 -33.23 56.13
N VAL A 2353 34.57 -33.73 57.02
CA VAL A 2353 35.92 -34.12 56.61
C VAL A 2353 35.87 -35.28 55.64
N VAL A 2354 35.02 -36.27 55.91
CA VAL A 2354 34.91 -37.43 55.02
C VAL A 2354 34.41 -37.01 53.65
N ARG A 2355 33.40 -36.12 53.60
CA ARG A 2355 32.90 -35.68 52.31
C ARG A 2355 33.96 -34.92 51.54
N LEU A 2356 34.75 -34.09 52.22
CA LEU A 2356 35.84 -33.39 51.55
C LEU A 2356 36.89 -34.38 51.04
N LEU A 2357 37.16 -35.41 51.85
CA LEU A 2357 38.18 -36.38 51.47
C LEU A 2357 37.75 -37.13 50.22
N ILE A 2358 36.48 -37.53 50.17
CA ILE A 2358 36.04 -38.30 49.01
C ILE A 2358 35.92 -37.38 47.80
N ARG A 2359 35.69 -36.08 48.04
CA ARG A 2359 35.67 -35.12 46.94
C ARG A 2359 37.06 -34.88 46.38
N LYS A 2360 38.10 -35.16 47.16
CA LYS A 2360 39.49 -35.08 46.70
C LYS A 2360 40.14 -36.43 46.93
N PRO A 2361 39.93 -37.39 46.02
CA PRO A 2361 40.50 -38.73 46.23
C PRO A 2361 42.01 -38.82 46.05
N GLU A 2362 42.65 -37.84 45.40
CA GLU A 2362 44.11 -37.89 45.25
C GLU A 2362 44.84 -37.75 46.58
N CYS A 2363 44.16 -37.33 47.64
CA CYS A 2363 44.72 -37.27 48.98
C CYS A 2363 45.05 -38.62 49.58
N PHE A 2364 44.55 -39.72 49.01
CA PHE A 2364 44.80 -41.04 49.56
C PHE A 2364 46.10 -41.66 49.08
N GLY A 2365 46.85 -40.97 48.22
CA GLY A 2365 48.16 -41.47 47.82
C GLY A 2365 48.10 -42.39 46.63
N PRO A 2366 49.27 -42.89 46.22
CA PRO A 2366 49.32 -43.82 45.08
C PRO A 2366 48.44 -45.03 45.27
N ALA A 2367 48.35 -45.56 46.49
CA ALA A 2367 47.39 -46.60 46.78
C ALA A 2367 46.00 -46.02 46.91
N LEU A 2368 44.99 -46.87 46.72
CA LEU A 2368 43.59 -46.47 46.72
C LEU A 2368 43.29 -45.43 45.66
N ARG A 2369 44.20 -45.23 44.71
CA ARG A 2369 44.03 -44.18 43.71
C ARG A 2369 43.01 -44.56 42.64
N GLY A 2370 42.92 -45.84 42.30
CA GLY A 2370 42.05 -46.28 41.23
C GLY A 2370 42.71 -46.19 39.88
N GLU A 2371 41.98 -46.65 38.86
CA GLU A 2371 42.45 -46.68 37.48
C GLU A 2371 43.92 -47.11 37.41
N GLY A 2372 44.25 -48.08 38.27
CA GLY A 2372 45.61 -48.57 38.35
C GLY A 2372 46.24 -48.30 39.69
N GLY A 2373 46.44 -49.35 40.48
CA GLY A 2373 47.01 -49.22 41.80
C GLY A 2373 46.61 -50.37 42.70
N SER A 2374 47.59 -50.96 43.37
CA SER A 2374 47.34 -52.11 44.24
C SER A 2374 46.84 -51.67 45.61
N GLY A 2375 46.33 -52.65 46.37
CA GLY A 2375 45.74 -52.40 47.65
C GLY A 2375 46.74 -52.11 48.76
N LEU A 2376 46.19 -51.93 49.96
CA LEU A 2376 46.99 -51.59 51.14
C LEU A 2376 48.01 -52.68 51.43
N LEU A 2377 47.62 -53.96 51.31
CA LEU A 2377 48.58 -55.02 51.59
C LEU A 2377 49.73 -54.99 50.60
N ALA A 2378 49.44 -54.76 49.31
CA ALA A 2378 50.51 -54.70 48.34
C ALA A 2378 51.43 -53.53 48.62
N ALA A 2379 50.85 -52.39 49.03
CA ALA A 2379 51.66 -51.22 49.34
C ALA A 2379 52.58 -51.50 50.53
N ILE A 2380 52.05 -52.15 51.56
CA ILE A 2380 52.85 -52.47 52.73
C ILE A 2380 53.97 -53.45 52.38
N GLU A 2381 53.66 -54.47 51.57
CA GLU A 2381 54.71 -55.40 51.16
C GLU A 2381 55.79 -54.70 50.35
N GLU A 2382 55.41 -53.78 49.46
CA GLU A 2382 56.40 -53.02 48.72
C GLU A 2382 57.25 -52.18 49.68
N ALA A 2383 56.60 -51.57 50.68
CA ALA A 2383 57.36 -50.76 51.63
C ALA A 2383 58.34 -51.62 52.41
N ILE A 2384 57.93 -52.85 52.74
CA ILE A 2384 58.81 -53.77 53.44
C ILE A 2384 60.02 -54.12 52.58
N ARG A 2385 59.79 -54.37 51.30
CA ARG A 2385 60.92 -54.64 50.41
C ARG A 2385 61.84 -53.43 50.27
N ILE A 2386 61.26 -52.22 50.28
CA ILE A 2386 62.09 -51.03 50.26
C ILE A 2386 62.93 -50.95 51.52
N SER A 2387 62.33 -51.25 52.67
CA SER A 2387 63.07 -51.18 53.92
C SER A 2387 64.21 -52.19 53.93
N GLU A 2388 63.95 -53.38 53.38
CA GLU A 2388 64.97 -54.42 53.34
C GLU A 2388 66.06 -54.11 52.32
N ASP A 2389 65.78 -53.24 51.35
CA ASP A 2389 66.81 -52.83 50.41
C ASP A 2389 67.32 -51.45 50.81
N PRO A 2390 68.56 -51.31 51.27
CA PRO A 2390 69.03 -49.98 51.68
C PRO A 2390 69.10 -48.97 50.55
N ALA A 2391 69.38 -49.41 49.33
CA ALA A 2391 69.55 -48.45 48.24
C ALA A 2391 68.27 -47.67 47.98
N ARG A 2392 67.13 -48.33 48.06
CA ARG A 2392 65.84 -47.67 47.85
C ARG A 2392 65.34 -46.92 49.08
N ASP A 2393 66.01 -47.05 50.23
CA ASP A 2393 65.54 -46.43 51.46
C ASP A 2393 66.22 -45.09 51.73
N GLY A 2394 67.55 -45.08 51.82
CA GLY A 2394 68.27 -43.87 52.12
C GLY A 2394 68.99 -43.28 50.93
N PRO A 2395 69.70 -42.17 51.15
CA PRO A 2395 70.42 -41.53 50.04
C PRO A 2395 71.47 -42.42 49.42
N ARG A 2415 67.21 -39.03 60.74
CA ARG A 2415 67.21 -39.71 59.45
C ARG A 2415 65.86 -40.36 59.20
N VAL A 2416 65.29 -40.08 58.03
CA VAL A 2416 63.97 -40.56 57.65
C VAL A 2416 64.10 -41.81 56.80
N HIS A 2417 63.34 -42.84 57.14
CA HIS A 2417 63.27 -44.08 56.38
C HIS A 2417 61.94 -44.11 55.63
N LEU A 2418 62.00 -44.20 54.31
CA LEU A 2418 60.80 -44.05 53.50
C LEU A 2418 59.80 -45.17 53.74
N GLY A 2419 60.28 -46.39 53.97
CA GLY A 2419 59.36 -47.48 54.27
C GLY A 2419 58.54 -47.23 55.52
N HIS A 2420 59.20 -46.78 56.59
CA HIS A 2420 58.49 -46.47 57.82
C HIS A 2420 57.58 -45.26 57.63
N ALA A 2421 58.02 -44.27 56.85
CA ALA A 2421 57.17 -43.10 56.66
C ALA A 2421 55.89 -43.50 55.93
N ILE A 2422 56.00 -44.36 54.93
CA ILE A 2422 54.84 -44.81 54.17
C ILE A 2422 53.90 -45.61 55.06
N MET A 2423 54.44 -46.53 55.86
CA MET A 2423 53.58 -47.30 56.75
C MET A 2423 52.90 -46.39 57.76
N SER A 2424 53.63 -45.41 58.31
CA SER A 2424 53.03 -44.51 59.28
C SER A 2424 51.92 -43.70 58.64
N PHE A 2425 52.11 -43.31 57.38
CA PHE A 2425 51.09 -42.54 56.67
C PHE A 2425 49.81 -43.35 56.52
N TYR A 2426 49.93 -44.59 56.02
CA TYR A 2426 48.72 -45.39 55.83
C TYR A 2426 48.07 -45.75 57.16
N ALA A 2427 48.87 -46.02 58.20
CA ALA A 2427 48.31 -46.27 59.52
C ALA A 2427 47.53 -45.07 60.05
N ALA A 2428 48.07 -43.86 59.86
CA ALA A 2428 47.33 -42.66 60.27
C ALA A 2428 46.06 -42.47 59.47
N LEU A 2429 46.10 -42.74 58.16
CA LEU A 2429 44.90 -42.60 57.36
C LEU A 2429 43.81 -43.58 57.79
N ILE A 2430 44.19 -44.83 58.04
CA ILE A 2430 43.22 -45.82 58.48
C ILE A 2430 42.69 -45.47 59.86
N ASP A 2431 43.55 -44.95 60.74
CA ASP A 2431 43.08 -44.53 62.06
C ASP A 2431 42.07 -43.41 61.94
N LEU A 2432 42.32 -42.44 61.06
CA LEU A 2432 41.38 -41.34 60.89
C LEU A 2432 40.05 -41.83 60.34
N LEU A 2433 40.07 -42.70 59.34
CA LEU A 2433 38.81 -43.20 58.81
C LEU A 2433 38.08 -44.02 59.84
N GLY A 2434 38.80 -44.80 60.65
CA GLY A 2434 38.16 -45.56 61.71
C GLY A 2434 37.51 -44.68 62.75
N ARG A 2435 38.17 -43.58 63.10
CA ARG A 2435 37.63 -42.65 64.10
C ARG A 2435 36.49 -41.82 63.53
N CYS A 2436 36.37 -41.72 62.22
CA CYS A 2436 35.24 -41.03 61.61
C CYS A 2436 33.97 -41.88 61.57
N ALA A 2437 34.02 -43.12 62.04
CA ALA A 2437 32.88 -44.02 61.93
C ALA A 2437 31.70 -43.54 62.77
N PRO A 2438 30.46 -43.78 62.30
CA PRO A 2438 29.29 -43.38 63.10
C PRO A 2438 29.12 -44.22 64.35
N GLU A 2439 28.41 -43.66 65.32
CA GLU A 2439 28.17 -44.30 66.60
C GLU A 2439 27.14 -45.42 66.50
N MET A 2440 27.23 -46.34 67.45
CA MET A 2440 26.37 -47.52 67.44
C MET A 2440 24.91 -47.11 67.69
N HIS A 2441 24.68 -46.15 68.57
CA HIS A 2441 23.31 -45.72 68.86
C HIS A 2441 22.69 -45.07 67.63
N LEU A 2442 23.52 -44.48 66.78
CA LEU A 2442 23.05 -43.92 65.51
C LEU A 2442 22.73 -45.03 64.51
N ILE A 2443 23.56 -46.07 64.46
CA ILE A 2443 23.26 -47.16 63.55
C ILE A 2443 21.96 -47.82 63.95
N GLN A 2444 21.76 -48.05 65.25
CA GLN A 2444 20.50 -48.63 65.70
C GLN A 2444 19.33 -47.70 65.43
N ALA A 2445 19.54 -46.39 65.58
CA ALA A 2445 18.49 -45.45 65.19
C ALA A 2445 18.25 -45.44 63.70
N GLY A 2446 19.14 -46.04 62.91
CA GLY A 2446 18.90 -46.18 61.50
C GLY A 2446 19.05 -44.91 60.70
N LYS A 2447 19.86 -43.97 61.19
CA LYS A 2447 20.03 -42.71 60.48
C LYS A 2447 20.60 -42.98 59.10
N GLY A 2448 19.95 -42.38 58.09
CA GLY A 2448 20.37 -42.62 56.72
C GLY A 2448 21.79 -42.14 56.47
N GLU A 2449 22.13 -40.96 57.00
CA GLU A 2449 23.46 -40.43 56.79
C GLU A 2449 24.51 -41.33 57.44
N ALA A 2450 24.23 -41.83 58.64
CA ALA A 2450 25.18 -42.70 59.31
C ALA A 2450 25.39 -43.99 58.52
N LEU A 2451 24.30 -44.57 58.02
CA LEU A 2451 24.43 -45.79 57.24
C LEU A 2451 25.19 -45.51 55.96
N ARG A 2452 24.94 -44.36 55.35
CA ARG A 2452 25.62 -43.99 54.12
C ARG A 2452 27.12 -43.85 54.36
N ILE A 2453 27.49 -43.21 55.47
CA ILE A 2453 28.89 -43.02 55.79
C ILE A 2453 29.57 -44.36 56.02
N ARG A 2454 28.92 -45.23 56.79
CA ARG A 2454 29.53 -46.54 57.05
C ARG A 2454 29.68 -47.34 55.76
N ALA A 2455 28.69 -47.25 54.87
CA ALA A 2455 28.80 -47.96 53.60
C ALA A 2455 29.96 -47.43 52.77
N ILE A 2456 30.15 -46.11 52.77
CA ILE A 2456 31.28 -45.54 52.02
C ILE A 2456 32.61 -46.00 52.61
N LEU A 2457 32.72 -45.99 53.95
CA LEU A 2457 33.97 -46.42 54.57
C LEU A 2457 34.24 -47.89 54.28
N ARG A 2458 33.20 -48.72 54.33
CA ARG A 2458 33.36 -50.13 54.03
C ARG A 2458 33.79 -50.33 52.58
N SER A 2459 33.24 -49.54 51.67
CA SER A 2459 33.65 -49.65 50.27
C SER A 2459 35.10 -49.25 50.10
N LEU A 2460 35.55 -48.23 50.82
CA LEU A 2460 36.93 -47.78 50.70
C LEU A 2460 37.90 -48.83 51.24
N VAL A 2461 37.58 -49.41 52.40
CA VAL A 2461 38.51 -50.32 53.06
C VAL A 2461 37.95 -51.74 53.08
N PRO A 2462 38.42 -52.64 52.23
CA PRO A 2462 37.97 -54.03 52.29
C PRO A 2462 38.47 -54.73 53.55
N LEU A 2463 37.69 -55.71 54.00
CA LEU A 2463 38.02 -56.45 55.21
C LEU A 2463 39.20 -57.40 54.98
N ASP A 2464 39.27 -57.99 53.79
CA ASP A 2464 40.34 -58.94 53.51
C ASP A 2464 41.71 -58.28 53.56
N ASP A 2465 41.80 -57.04 53.09
CA ASP A 2465 43.08 -56.33 53.15
C ASP A 2465 43.48 -56.09 54.60
N LEU A 2466 42.50 -55.79 55.46
CA LEU A 2466 42.77 -55.62 56.87
C LEU A 2466 43.30 -56.90 57.49
N VAL A 2467 42.68 -58.04 57.16
CA VAL A 2467 43.14 -59.30 57.72
C VAL A 2467 44.52 -59.63 57.20
N GLY A 2468 44.79 -59.34 55.94
CA GLY A 2468 46.10 -59.62 55.39
C GLY A 2468 47.18 -58.82 56.09
N ILE A 2469 46.90 -57.55 56.37
CA ILE A 2469 47.88 -56.71 57.06
C ILE A 2469 48.07 -57.19 58.49
N ILE A 2470 46.99 -57.54 59.18
CA ILE A 2470 47.11 -58.04 60.54
C ILE A 2470 47.88 -59.35 60.59
N SER A 2471 47.79 -60.16 59.53
CA SER A 2471 48.49 -61.44 59.52
C SER A 2471 49.99 -61.30 59.26
N LEU A 2472 50.47 -60.09 58.97
CA LEU A 2472 51.88 -59.93 58.64
C LEU A 2472 52.76 -60.24 59.85
N PRO A 2473 53.87 -60.94 59.66
CA PRO A 2473 54.76 -61.25 60.78
C PRO A 2473 55.51 -60.02 61.27
N LEU A 2474 55.90 -60.05 62.55
CA LEU A 2474 56.70 -59.01 63.17
C LEU A 2474 58.05 -59.58 63.55
N GLN A 2475 59.12 -58.84 63.26
CA GLN A 2475 60.46 -59.24 63.65
C GLN A 2475 60.60 -59.14 65.17
N ILE A 2476 61.12 -60.20 65.78
CA ILE A 2476 61.24 -60.28 67.23
C ILE A 2476 62.71 -60.26 67.62
N PRO A 2477 63.07 -59.64 68.75
CA PRO A 2477 64.49 -59.65 69.15
C PRO A 2477 65.00 -61.07 69.31
N THR A 2478 66.24 -61.29 68.88
CA THR A 2478 66.86 -62.60 68.93
C THR A 2478 68.29 -62.46 69.41
N LEU A 2479 69.00 -63.59 69.46
CA LEU A 2479 70.37 -63.63 69.95
C LEU A 2479 71.27 -64.31 68.93
N GLY A 2480 72.51 -63.82 68.84
CA GLY A 2480 73.51 -64.37 67.96
C GLY A 2480 74.66 -64.93 68.76
N LYS A 2481 75.61 -65.52 68.04
CA LYS A 2481 76.79 -66.07 68.69
C LYS A 2481 77.57 -64.96 69.38
N ASP A 2482 78.05 -65.22 70.60
CA ASP A 2482 78.75 -64.19 71.43
C ASP A 2482 77.65 -63.28 71.99
N GLY A 2483 76.41 -63.78 72.12
CA GLY A 2483 75.28 -63.03 72.67
C GLY A 2483 75.06 -61.71 71.94
N ALA A 2484 75.22 -61.68 70.62
CA ALA A 2484 75.03 -60.47 69.79
C ALA A 2484 73.53 -60.16 69.72
N LEU A 2485 72.98 -59.36 70.63
CA LEU A 2485 71.51 -59.14 70.68
C LEU A 2485 71.03 -58.48 69.39
N VAL A 2486 70.23 -59.17 68.56
CA VAL A 2486 69.69 -58.61 67.34
C VAL A 2486 68.33 -58.01 67.67
N GLN A 2487 68.30 -56.69 67.81
CA GLN A 2487 67.07 -55.94 68.02
C GLN A 2487 66.72 -55.17 66.74
N PRO A 2488 65.44 -55.09 66.37
CA PRO A 2488 65.08 -54.27 65.22
C PRO A 2488 65.20 -52.79 65.53
N LYS A 2489 65.41 -52.01 64.47
CA LYS A 2489 65.45 -50.55 64.56
C LYS A 2489 64.03 -50.03 64.39
N MET A 2490 63.48 -49.44 65.46
CA MET A 2490 62.08 -49.02 65.46
C MET A 2490 61.79 -47.96 64.41
N SER A 2491 62.79 -47.23 63.95
CA SER A 2491 62.57 -46.19 62.96
C SER A 2491 62.58 -46.70 61.53
N ALA A 2492 62.80 -48.00 61.32
CA ALA A 2492 62.88 -48.55 59.97
C ALA A 2492 62.22 -49.91 59.87
N SER A 2493 61.18 -50.17 60.67
CA SER A 2493 60.59 -51.50 60.70
C SER A 2493 59.10 -51.42 60.99
N PHE A 2494 58.41 -52.51 60.70
CA PHE A 2494 56.98 -52.63 60.98
C PHE A 2494 56.74 -52.71 62.49
N VAL A 2495 55.74 -51.95 62.95
CA VAL A 2495 55.51 -51.82 64.39
C VAL A 2495 54.08 -52.19 64.76
N PRO A 2496 53.84 -52.61 66.00
CA PRO A 2496 52.47 -53.00 66.41
C PRO A 2496 51.45 -51.89 66.36
N ASP A 2497 51.86 -50.61 66.43
CA ASP A 2497 50.89 -49.53 66.34
C ASP A 2497 50.14 -49.52 65.01
N HIS A 2498 50.78 -49.94 63.92
CA HIS A 2498 50.06 -50.04 62.66
C HIS A 2498 48.95 -51.07 62.75
N LYS A 2499 49.22 -52.20 63.40
CA LYS A 2499 48.15 -53.17 63.55
C LYS A 2499 47.10 -52.64 64.50
N ALA A 2500 47.50 -51.83 65.48
CA ALA A 2500 46.51 -51.33 66.41
C ALA A 2500 45.53 -50.44 65.68
N SER A 2501 46.03 -49.65 64.73
CA SER A 2501 45.15 -48.81 63.94
C SER A 2501 44.22 -49.65 63.07
N MET A 2502 44.74 -50.74 62.50
CA MET A 2502 43.88 -51.59 61.69
C MET A 2502 42.80 -52.24 62.55
N VAL A 2503 43.16 -52.65 63.76
CA VAL A 2503 42.19 -53.27 64.66
C VAL A 2503 41.12 -52.26 65.04
N LEU A 2504 41.51 -51.01 65.27
CA LEU A 2504 40.52 -49.99 65.60
C LEU A 2504 39.54 -49.79 64.47
N PHE A 2505 40.05 -49.75 63.24
CA PHE A 2505 39.16 -49.62 62.08
C PHE A 2505 38.24 -50.82 61.96
N LEU A 2506 38.78 -52.02 62.15
CA LEU A 2506 37.98 -53.24 62.03
C LEU A 2506 36.88 -53.25 63.08
N ASP A 2507 37.19 -52.85 64.31
CA ASP A 2507 36.21 -52.85 65.38
C ASP A 2507 35.11 -51.83 65.11
N ARG A 2508 35.49 -50.59 64.79
CA ARG A 2508 34.48 -49.54 64.69
C ARG A 2508 33.66 -49.65 63.42
N VAL A 2509 34.24 -50.11 62.32
CA VAL A 2509 33.53 -50.15 61.04
C VAL A 2509 32.80 -51.47 60.84
N TYR A 2510 33.52 -52.59 60.95
CA TYR A 2510 32.93 -53.90 60.64
C TYR A 2510 32.35 -54.57 61.88
N GLY A 2511 33.14 -54.72 62.92
CA GLY A 2511 32.72 -55.45 64.11
C GLY A 2511 32.85 -56.95 63.94
N ILE A 2512 32.63 -57.65 65.05
CA ILE A 2512 32.72 -59.11 65.10
C ILE A 2512 31.34 -59.64 65.44
N GLU A 2513 30.68 -60.27 64.47
CA GLU A 2513 29.33 -60.76 64.65
C GLU A 2513 29.20 -62.28 64.56
N ASN A 2514 30.16 -62.98 63.95
CA ASN A 2514 30.03 -64.41 63.74
C ASN A 2514 31.23 -65.16 64.31
N GLN A 2515 30.93 -66.35 64.86
CA GLN A 2515 31.95 -67.13 65.54
C GLN A 2515 33.04 -67.58 64.59
N ASP A 2516 32.65 -68.03 63.39
CA ASP A 2516 33.65 -68.58 62.48
C ASP A 2516 34.65 -67.50 62.07
N PHE A 2517 34.16 -66.29 61.81
CA PHE A 2517 35.07 -65.21 61.50
C PHE A 2517 35.94 -64.86 62.69
N LEU A 2518 35.36 -64.89 63.90
CA LEU A 2518 36.16 -64.59 65.08
C LEU A 2518 37.31 -65.59 65.23
N LEU A 2519 37.02 -66.87 65.03
CA LEU A 2519 38.07 -67.88 65.12
C LEU A 2519 39.10 -67.71 64.01
N HIS A 2520 38.66 -67.33 62.81
CA HIS A 2520 39.63 -67.14 61.73
C HIS A 2520 40.57 -65.98 62.05
N VAL A 2521 40.03 -64.91 62.63
CA VAL A 2521 40.87 -63.78 62.97
C VAL A 2521 41.80 -64.17 64.09
N LEU A 2522 41.32 -64.96 65.04
CA LEU A 2522 42.14 -65.33 66.17
C LEU A 2522 43.32 -66.14 65.68
N ASP A 2523 43.03 -67.18 64.90
CA ASP A 2523 43.99 -68.20 64.51
C ASP A 2523 44.93 -67.73 63.42
N VAL A 2524 44.67 -66.58 62.78
CA VAL A 2524 45.54 -66.07 61.74
C VAL A 2524 46.27 -64.80 62.18
N GLY A 2525 45.62 -63.93 62.96
CA GLY A 2525 46.24 -62.65 63.29
C GLY A 2525 46.75 -62.45 64.70
N PHE A 2526 46.02 -62.94 65.70
CA PHE A 2526 46.30 -62.58 67.08
C PHE A 2526 47.19 -63.61 67.78
N LEU A 2527 46.87 -64.89 67.64
CA LEU A 2527 47.57 -65.91 68.41
C LEU A 2527 49.07 -65.92 68.20
N PRO A 2528 49.60 -65.79 66.98
CA PRO A 2528 51.06 -65.70 66.84
C PRO A 2528 51.69 -64.54 67.59
N ASP A 2529 51.00 -63.39 67.65
CA ASP A 2529 51.54 -62.28 68.41
C ASP A 2529 51.46 -62.51 69.91
N MET A 2530 50.37 -63.12 70.37
CA MET A 2530 50.27 -63.42 71.79
C MET A 2530 51.34 -64.41 72.22
N ARG A 2531 51.59 -65.44 71.39
CA ARG A 2531 52.66 -66.38 71.70
C ARG A 2531 54.02 -65.70 71.68
N ALA A 2532 54.24 -64.80 70.72
CA ALA A 2532 55.53 -64.12 70.65
C ALA A 2532 55.76 -63.27 71.90
N ALA A 2533 54.71 -62.57 72.35
CA ALA A 2533 54.84 -61.79 73.56
C ALA A 2533 55.08 -62.67 74.78
N ALA A 2534 54.41 -63.82 74.84
CA ALA A 2534 54.62 -64.72 75.97
C ALA A 2534 56.05 -65.25 75.97
N SER A 2535 56.58 -65.56 74.79
CA SER A 2535 57.95 -66.05 74.70
C SER A 2535 58.95 -64.97 75.05
N LEU A 2536 58.63 -63.71 74.77
CA LEU A 2536 59.52 -62.59 75.08
C LEU A 2536 59.51 -62.21 76.55
N ASP A 2537 58.89 -63.02 77.41
CA ASP A 2537 58.82 -62.71 78.83
C ASP A 2537 60.12 -63.01 79.58
N THR A 2538 61.10 -63.61 78.91
CA THR A 2538 62.37 -63.90 79.55
C THR A 2538 62.97 -62.62 80.13
N ALA A 2539 63.90 -62.80 81.08
CA ALA A 2539 64.51 -61.66 81.74
C ALA A 2539 65.30 -60.81 80.76
N THR A 2540 66.03 -61.46 79.84
CA THR A 2540 66.87 -60.71 78.91
C THR A 2540 66.04 -59.83 77.99
N PHE A 2541 64.92 -60.36 77.50
CA PHE A 2541 64.08 -59.68 76.52
C PHE A 2541 62.93 -58.90 77.16
N SER A 2542 62.84 -58.87 78.49
CA SER A 2542 61.69 -58.27 79.14
C SER A 2542 61.60 -56.77 78.87
N THR A 2543 62.74 -56.08 78.88
CA THR A 2543 62.76 -54.63 78.76
C THR A 2543 62.95 -54.16 77.33
N THR A 2544 62.92 -55.07 76.35
CA THR A 2544 63.16 -54.68 74.98
C THR A 2544 62.01 -53.84 74.43
N GLU A 2545 62.37 -52.87 73.58
CA GLU A 2545 61.39 -51.96 73.02
C GLU A 2545 60.28 -52.72 72.31
N MET A 2546 60.64 -53.79 71.61
CA MET A 2546 59.62 -54.58 70.92
C MET A 2546 58.68 -55.23 71.91
N ALA A 2547 59.21 -55.73 73.03
CA ALA A 2547 58.35 -56.37 74.02
C ALA A 2547 57.38 -55.35 74.63
N LEU A 2548 57.86 -54.15 74.96
CA LEU A 2548 56.94 -53.15 75.49
C LEU A 2548 55.90 -52.73 74.46
N ALA A 2549 56.29 -52.60 73.19
CA ALA A 2549 55.32 -52.24 72.18
C ALA A 2549 54.28 -53.34 72.00
N LEU A 2550 54.71 -54.60 72.06
CA LEU A 2550 53.76 -55.70 71.96
C LEU A 2550 52.79 -55.68 73.14
N ASN A 2551 53.30 -55.41 74.34
CA ASN A 2551 52.44 -55.37 75.51
C ASN A 2551 51.41 -54.27 75.38
N ARG A 2552 51.82 -53.08 74.92
CA ARG A 2552 50.86 -52.00 74.71
C ARG A 2552 49.84 -52.35 73.64
N TYR A 2553 50.28 -53.00 72.56
CA TYR A 2553 49.36 -53.37 71.50
C TYR A 2553 48.32 -54.36 71.98
N LEU A 2554 48.74 -55.33 72.80
CA LEU A 2554 47.81 -56.34 73.28
C LEU A 2554 46.87 -55.76 74.32
N CYS A 2555 47.40 -54.92 75.21
CA CYS A 2555 46.61 -54.39 76.32
C CYS A 2555 45.76 -53.21 75.91
N LEU A 2556 45.89 -52.72 74.66
CA LEU A 2556 45.08 -51.62 74.20
C LEU A 2556 44.18 -51.94 73.00
N ALA A 2557 44.48 -52.94 72.19
CA ALA A 2557 43.66 -53.25 71.02
C ALA A 2557 43.09 -54.64 71.04
N VAL A 2558 43.91 -55.65 71.32
CA VAL A 2558 43.52 -57.05 71.10
C VAL A 2558 42.62 -57.54 72.23
N LEU A 2559 43.14 -57.54 73.45
CA LEU A 2559 42.42 -58.12 74.57
C LEU A 2559 41.05 -57.51 74.83
N PRO A 2560 40.87 -56.18 74.80
CA PRO A 2560 39.49 -55.66 74.94
C PRO A 2560 38.52 -56.18 73.89
N LEU A 2561 38.99 -56.38 72.66
CA LEU A 2561 38.13 -56.93 71.63
C LEU A 2561 37.73 -58.37 71.96
N ILE A 2562 38.68 -59.16 72.44
CA ILE A 2562 38.36 -60.54 72.79
C ILE A 2562 37.40 -60.57 73.97
N THR A 2563 37.57 -59.64 74.92
CA THR A 2563 36.67 -59.57 76.05
C THR A 2563 35.26 -59.24 75.60
N LYS A 2564 35.12 -58.34 74.63
CA LYS A 2564 33.80 -58.06 74.08
C LYS A 2564 33.23 -59.29 73.38
N CYS A 2565 34.05 -60.01 72.64
CA CYS A 2565 33.61 -61.18 71.88
C CYS A 2565 33.64 -62.46 72.70
N ALA A 2566 33.76 -62.36 74.02
CA ALA A 2566 33.76 -63.55 74.87
C ALA A 2566 32.50 -64.40 74.73
N PRO A 2567 31.29 -63.84 74.67
CA PRO A 2567 30.09 -64.68 74.55
C PRO A 2567 30.05 -65.54 73.30
N LEU A 2568 30.83 -65.21 72.28
CA LEU A 2568 30.83 -65.97 71.04
C LEU A 2568 31.60 -67.29 71.15
N PHE A 2569 32.21 -67.58 72.30
CA PHE A 2569 32.95 -68.81 72.50
C PHE A 2569 32.11 -69.93 73.10
N ALA A 2570 30.78 -69.80 73.09
CA ALA A 2570 29.93 -70.78 73.75
C ALA A 2570 30.01 -72.14 73.07
N GLY A 2571 30.03 -72.17 71.74
CA GLY A 2571 29.96 -73.43 71.01
C GLY A 2571 31.20 -73.74 70.18
N THR A 2572 32.38 -73.50 70.74
CA THR A 2572 33.65 -73.75 70.06
C THR A 2572 34.27 -75.08 70.48
N GLU A 2573 33.43 -76.10 70.66
CA GLU A 2573 33.95 -77.42 71.03
C GLU A 2573 34.82 -78.02 69.92
N HIS A 2574 34.50 -77.74 68.66
CA HIS A 2574 35.22 -78.37 67.56
C HIS A 2574 36.68 -77.91 67.47
N ARG A 2575 37.02 -76.76 68.05
CA ARG A 2575 38.39 -76.26 68.07
C ARG A 2575 38.89 -76.12 69.51
N ALA A 2576 38.62 -77.15 70.31
CA ALA A 2576 39.01 -77.13 71.70
C ALA A 2576 40.52 -77.03 71.87
N ILE A 2577 41.28 -77.60 70.93
CA ILE A 2577 42.73 -77.55 71.03
C ILE A 2577 43.22 -76.11 70.91
N MET A 2578 42.67 -75.37 69.95
CA MET A 2578 43.07 -73.98 69.78
C MET A 2578 42.59 -73.14 70.96
N VAL A 2579 41.37 -73.40 71.44
CA VAL A 2579 40.88 -72.61 72.57
C VAL A 2579 41.75 -72.84 73.80
N ASP A 2580 42.12 -74.09 74.04
CA ASP A 2580 42.99 -74.41 75.18
C ASP A 2580 44.34 -73.76 75.04
N SER A 2581 44.91 -73.75 73.82
CA SER A 2581 46.19 -73.09 73.63
C SER A 2581 46.06 -71.59 73.89
N MET A 2582 44.95 -70.98 73.47
CA MET A 2582 44.74 -69.57 73.73
C MET A 2582 44.67 -69.30 75.23
N LEU A 2583 43.95 -70.15 75.96
CA LEU A 2583 43.81 -69.97 77.40
C LEU A 2583 45.17 -70.10 78.08
N HIS A 2584 45.96 -71.10 77.69
CA HIS A 2584 47.28 -71.27 78.28
C HIS A 2584 48.17 -70.07 77.98
N THR A 2585 48.11 -69.56 76.75
CA THR A 2585 48.90 -68.40 76.38
C THR A 2585 48.52 -67.18 77.22
N VAL A 2586 47.22 -66.94 77.39
CA VAL A 2586 46.78 -65.79 78.16
C VAL A 2586 47.15 -65.94 79.63
N TYR A 2587 47.09 -67.17 80.17
CA TYR A 2587 47.53 -67.37 81.54
C TYR A 2587 49.02 -67.11 81.69
N ARG A 2588 49.83 -67.55 80.73
CA ARG A 2588 51.26 -67.29 80.82
C ARG A 2588 51.56 -65.81 80.66
N LEU A 2589 50.74 -65.11 79.87
CA LEU A 2589 50.87 -63.66 79.74
C LEU A 2589 50.52 -62.94 81.03
N SER A 2590 49.55 -63.47 81.79
CA SER A 2590 49.14 -62.82 83.03
C SER A 2590 50.27 -62.76 84.04
N ARG A 2591 51.06 -63.83 84.17
CA ARG A 2591 52.15 -63.87 85.13
C ARG A 2591 53.44 -63.29 84.56
N GLY A 2592 53.35 -62.37 83.60
CA GLY A 2592 54.52 -61.79 82.99
C GLY A 2592 55.06 -60.61 83.80
N ARG A 2593 56.38 -60.60 83.98
CA ARG A 2593 57.03 -59.52 84.68
C ARG A 2593 57.05 -58.26 83.82
N SER A 2594 57.41 -57.13 84.45
CA SER A 2594 57.50 -55.84 83.77
C SER A 2594 56.17 -55.44 83.16
N LEU A 2595 55.09 -55.77 83.86
CA LEU A 2595 53.73 -55.40 83.44
C LEU A 2595 53.14 -54.43 84.46
N THR A 2596 52.54 -53.36 83.94
CA THR A 2596 51.91 -52.38 84.81
C THR A 2596 50.62 -52.96 85.42
N LYS A 2597 50.16 -52.30 86.48
CA LYS A 2597 48.97 -52.75 87.18
C LYS A 2597 47.73 -52.70 86.29
N ALA A 2598 47.61 -51.65 85.48
CA ALA A 2598 46.47 -51.55 84.58
C ALA A 2598 46.48 -52.67 83.56
N GLN A 2599 47.65 -52.99 83.01
CA GLN A 2599 47.71 -54.08 82.06
C GLN A 2599 47.38 -55.40 82.74
N ARG A 2600 47.89 -55.59 83.97
CA ARG A 2600 47.69 -56.87 84.62
C ARG A 2600 46.21 -57.09 84.89
N ASP A 2601 45.51 -56.05 85.36
CA ASP A 2601 44.09 -56.23 85.63
C ASP A 2601 43.30 -56.41 84.35
N VAL A 2602 43.73 -55.78 83.26
CA VAL A 2602 43.05 -55.99 81.98
C VAL A 2602 43.16 -57.46 81.55
N ILE A 2603 44.36 -58.04 81.70
CA ILE A 2603 44.54 -59.45 81.36
C ILE A 2603 43.70 -60.34 82.28
N GLU A 2604 43.67 -60.03 83.57
CA GLU A 2604 42.88 -60.86 84.47
C GLU A 2604 41.39 -60.77 84.14
N ASP A 2605 40.90 -59.57 83.83
CA ASP A 2605 39.49 -59.43 83.48
C ASP A 2605 39.16 -60.20 82.21
N CYS A 2606 40.06 -60.16 81.23
CA CYS A 2606 39.84 -60.92 80.01
C CYS A 2606 39.79 -62.41 80.27
N LEU A 2607 40.70 -62.91 81.12
CA LEU A 2607 40.70 -64.34 81.42
C LEU A 2607 39.44 -64.75 82.16
N MET A 2608 38.99 -63.92 83.11
CA MET A 2608 37.75 -64.24 83.82
C MET A 2608 36.57 -64.25 82.86
N ALA A 2609 36.50 -63.29 81.94
CA ALA A 2609 35.38 -63.26 81.03
C ALA A 2609 35.39 -64.48 80.12
N LEU A 2610 36.56 -64.88 79.64
CA LEU A 2610 36.64 -66.05 78.76
C LEU A 2610 36.20 -67.30 79.49
N CYS A 2611 36.70 -67.49 80.73
CA CYS A 2611 36.40 -68.70 81.46
C CYS A 2611 34.94 -68.76 81.90
N ARG A 2612 34.30 -67.60 82.13
CA ARG A 2612 32.91 -67.65 82.56
C ARG A 2612 31.97 -68.17 81.49
N TYR A 2613 32.42 -68.26 80.23
CA TYR A 2613 31.62 -68.87 79.17
C TYR A 2613 32.20 -70.15 78.60
N ILE A 2614 33.50 -70.39 78.74
CA ILE A 2614 34.08 -71.62 78.18
C ILE A 2614 33.50 -72.84 78.92
N ARG A 2615 33.24 -73.89 78.17
CA ARG A 2615 32.65 -75.10 78.73
C ARG A 2615 33.62 -75.75 79.73
N PRO A 2616 33.08 -76.41 80.76
CA PRO A 2616 33.95 -77.01 81.79
C PRO A 2616 34.90 -78.07 81.28
N SER A 2617 34.51 -78.82 80.25
CA SER A 2617 35.38 -79.90 79.75
C SER A 2617 36.66 -79.36 79.13
N MET A 2618 36.63 -78.15 78.58
CA MET A 2618 37.78 -77.56 77.93
C MET A 2618 38.71 -76.84 78.90
N LEU A 2619 38.34 -76.76 80.18
CA LEU A 2619 39.15 -76.13 81.21
C LEU A 2619 40.03 -77.11 81.98
N GLN A 2620 40.08 -78.38 81.56
CA GLN A 2620 40.79 -79.39 82.34
C GLN A 2620 42.28 -79.08 82.44
N HIS A 2621 42.91 -78.70 81.33
CA HIS A 2621 44.34 -78.44 81.34
C HIS A 2621 44.65 -77.19 82.17
N LEU A 2622 43.80 -76.19 82.06
CA LEU A 2622 43.99 -74.99 82.87
C LEU A 2622 43.87 -75.33 84.35
N LEU A 2623 42.90 -76.18 84.71
CA LEU A 2623 42.78 -76.60 86.09
C LEU A 2623 44.03 -77.34 86.54
N ARG A 2624 44.62 -78.13 85.65
CA ARG A 2624 45.84 -78.84 86.01
C ARG A 2624 46.97 -77.86 86.33
N ARG A 2625 47.08 -76.79 85.53
CA ARG A 2625 48.08 -75.79 85.84
C ARG A 2625 47.78 -75.10 87.17
N LEU A 2626 46.51 -74.80 87.44
CA LEU A 2626 46.24 -74.16 88.73
C LEU A 2626 46.49 -75.13 89.87
N VAL A 2627 46.33 -76.43 89.65
CA VAL A 2627 46.62 -77.38 90.70
C VAL A 2627 48.10 -77.31 91.03
N PHE A 2628 48.93 -77.07 90.01
CA PHE A 2628 50.37 -76.99 90.26
C PHE A 2628 50.77 -75.64 90.87
N ASP A 2629 50.02 -74.58 90.60
CA ASP A 2629 50.43 -73.22 90.97
C ASP A 2629 49.76 -72.67 92.23
N VAL A 2630 48.46 -72.87 92.36
CA VAL A 2630 47.71 -72.26 93.47
C VAL A 2630 48.22 -72.67 94.83
N PRO A 2631 48.53 -73.95 95.11
CA PRO A 2631 48.94 -74.33 96.47
C PRO A 2631 50.16 -73.58 97.00
N ILE A 2632 50.96 -72.95 96.14
CA ILE A 2632 52.05 -72.14 96.68
C ILE A 2632 51.48 -70.97 97.49
N LEU A 2633 50.32 -70.46 97.08
CA LEU A 2633 49.62 -69.40 97.80
C LEU A 2633 50.48 -68.15 97.94
N ASN A 2634 51.08 -67.74 96.83
CA ASN A 2634 51.85 -66.51 96.78
C ASN A 2634 50.92 -65.35 96.41
N GLU A 2635 51.50 -64.18 96.14
CA GLU A 2635 50.72 -63.01 95.76
C GLU A 2635 50.06 -63.15 94.40
N PHE A 2636 50.55 -64.06 93.56
CA PHE A 2636 49.97 -64.30 92.24
C PHE A 2636 48.74 -65.19 92.27
N ALA A 2637 48.38 -65.74 93.43
CA ALA A 2637 47.27 -66.68 93.55
C ALA A 2637 45.91 -66.02 93.73
N LYS A 2638 45.83 -64.70 93.81
CA LYS A 2638 44.54 -64.06 94.06
C LYS A 2638 43.59 -64.26 92.89
N MET A 2639 44.06 -63.99 91.67
CA MET A 2639 43.19 -64.17 90.50
C MET A 2639 42.81 -65.63 90.33
N PRO A 2640 43.72 -66.59 90.38
CA PRO A 2640 43.28 -67.98 90.24
C PRO A 2640 42.29 -68.40 91.33
N LEU A 2641 42.45 -67.88 92.54
CA LEU A 2641 41.49 -68.20 93.60
C LEU A 2641 40.09 -67.72 93.26
N LYS A 2642 39.99 -66.49 92.76
CA LYS A 2642 38.68 -65.98 92.34
C LYS A 2642 38.13 -66.74 91.14
N LEU A 2643 39.01 -67.10 90.20
CA LEU A 2643 38.59 -67.85 89.03
C LEU A 2643 38.03 -69.20 89.42
N LEU A 2644 38.71 -69.90 90.33
CA LEU A 2644 38.22 -71.22 90.75
C LEU A 2644 36.92 -71.09 91.52
N THR A 2645 36.78 -70.04 92.34
CA THR A 2645 35.55 -69.87 93.09
C THR A 2645 34.37 -69.68 92.14
N ASN A 2646 34.54 -68.83 91.12
CA ASN A 2646 33.45 -68.61 90.18
C ASN A 2646 33.19 -69.84 89.33
N HIS A 2647 34.26 -70.57 88.98
CA HIS A 2647 34.11 -71.74 88.13
C HIS A 2647 33.29 -72.80 88.83
N TYR A 2648 33.63 -73.11 90.08
CA TYR A 2648 32.94 -74.18 90.78
C TYR A 2648 31.55 -73.77 91.21
N GLU A 2649 31.34 -72.48 91.53
CA GLU A 2649 30.00 -72.04 91.85
C GLU A 2649 29.08 -72.16 90.63
N ARG A 2650 29.60 -71.82 89.44
CA ARG A 2650 28.77 -71.91 88.24
C ARG A 2650 28.56 -73.36 87.81
N CYS A 2651 29.58 -74.21 87.92
CA CYS A 2651 29.53 -75.56 87.37
C CYS A 2651 29.57 -76.63 88.46
N TRP A 2652 28.91 -76.38 89.61
CA TRP A 2652 28.90 -77.39 90.66
C TRP A 2652 28.06 -78.61 90.28
N LYS A 2653 27.00 -78.43 89.50
CA LYS A 2653 26.20 -79.58 89.07
C LYS A 2653 26.97 -80.52 88.14
N TYR A 2654 27.94 -80.00 87.41
CA TYR A 2654 28.72 -80.83 86.50
C TYR A 2654 29.53 -81.89 87.23
N TYR A 2655 29.93 -81.61 88.47
CA TYR A 2655 30.78 -82.51 89.24
C TYR A 2655 30.03 -83.33 90.28
N CYS A 2656 28.93 -82.82 90.83
CA CYS A 2656 28.29 -83.49 91.95
C CYS A 2656 27.19 -84.45 91.50
N LEU A 2657 26.25 -84.00 90.68
CA LEU A 2657 25.14 -84.86 90.29
C LEU A 2657 25.66 -86.02 89.44
N PRO A 2658 25.25 -87.26 89.71
CA PRO A 2658 25.71 -88.38 88.88
C PRO A 2658 25.30 -88.25 87.42
N THR A 2659 24.11 -87.71 87.15
CA THR A 2659 23.65 -87.53 85.78
C THR A 2659 24.31 -86.35 85.09
N GLY A 2660 24.99 -85.47 85.83
CA GLY A 2660 25.67 -84.34 85.24
C GLY A 2660 24.73 -83.21 84.88
N TRP A 2661 25.34 -82.13 84.41
CA TRP A 2661 24.58 -80.96 83.98
C TRP A 2661 23.88 -81.24 82.66
N ALA A 2662 22.72 -80.61 82.47
CA ALA A 2662 21.94 -80.83 81.27
C ALA A 2662 22.71 -80.42 80.02
N ASN A 2663 22.66 -81.28 79.00
CA ASN A 2663 23.25 -81.02 77.69
C ASN A 2663 24.73 -80.61 77.77
N PHE A 2664 25.40 -80.90 78.88
CA PHE A 2664 26.81 -80.62 79.03
C PHE A 2664 27.65 -81.85 79.30
N GLY A 2665 27.04 -83.00 79.58
CA GLY A 2665 27.80 -84.19 79.89
C GLY A 2665 28.03 -84.36 81.38
N VAL A 2666 28.90 -85.32 81.70
CA VAL A 2666 29.25 -85.62 83.08
C VAL A 2666 30.75 -85.55 83.24
N THR A 2667 31.18 -85.32 84.48
CA THR A 2667 32.59 -85.27 84.79
C THR A 2667 33.21 -86.67 84.70
N SER A 2668 34.53 -86.71 84.57
CA SER A 2668 35.28 -87.94 84.48
C SER A 2668 35.93 -88.23 85.83
N GLU A 2669 36.80 -89.24 85.87
CA GLU A 2669 37.45 -89.66 87.10
C GLU A 2669 38.76 -88.91 87.36
N GLU A 2670 39.21 -88.06 86.46
CA GLU A 2670 40.46 -87.33 86.63
C GLU A 2670 40.26 -85.90 87.12
N GLU A 2671 39.21 -85.22 86.67
CA GLU A 2671 38.94 -83.88 87.18
C GLU A 2671 38.62 -83.91 88.66
N LEU A 2672 37.90 -84.94 89.11
CA LEU A 2672 37.63 -85.08 90.54
C LEU A 2672 38.91 -85.26 91.34
N HIS A 2673 39.84 -86.07 90.81
CA HIS A 2673 41.13 -86.25 91.47
C HIS A 2673 41.92 -84.95 91.53
N LEU A 2674 41.90 -84.18 90.44
CA LEU A 2674 42.56 -82.88 90.46
C LEU A 2674 41.92 -81.93 91.46
N THR A 2675 40.59 -81.93 91.54
CA THR A 2675 39.91 -81.06 92.49
C THR A 2675 40.24 -81.45 93.92
N ARG A 2676 40.29 -82.75 94.19
CA ARG A 2676 40.62 -83.22 95.54
C ARG A 2676 42.04 -82.84 95.92
N LYS A 2677 42.99 -83.00 95.00
CA LYS A 2677 44.35 -82.59 95.31
C LYS A 2677 44.44 -81.09 95.50
N LEU A 2678 43.71 -80.31 94.71
CA LEU A 2678 43.73 -78.86 94.87
C LEU A 2678 43.19 -78.47 96.23
N PHE A 2679 42.13 -79.15 96.66
CA PHE A 2679 41.52 -78.88 97.95
C PHE A 2679 42.49 -79.16 99.07
N TRP A 2680 43.09 -80.35 99.08
CA TRP A 2680 43.97 -80.66 100.21
C TRP A 2680 45.25 -79.84 100.16
N GLY A 2681 45.72 -79.47 98.96
CA GLY A 2681 46.88 -78.61 98.87
C GLY A 2681 46.62 -77.24 99.47
N ILE A 2682 45.46 -76.66 99.19
CA ILE A 2682 45.12 -75.37 99.78
C ILE A 2682 44.90 -75.52 101.27
N PHE A 2683 44.22 -76.58 101.70
CA PHE A 2683 43.91 -76.71 103.12
C PHE A 2683 45.20 -76.84 103.92
N ASP A 2684 46.13 -77.67 103.44
CA ASP A 2684 47.40 -77.86 104.15
C ASP A 2684 48.24 -76.59 104.14
N SER A 2685 48.31 -75.89 102.99
CA SER A 2685 49.11 -74.68 102.97
C SER A 2685 48.52 -73.61 103.89
N LEU A 2686 47.20 -73.46 103.87
CA LEU A 2686 46.55 -72.45 104.72
C LEU A 2686 46.67 -72.80 106.19
N ALA A 2687 46.76 -74.10 106.52
CA ALA A 2687 46.90 -74.48 107.91
C ALA A 2687 48.24 -74.06 108.50
N HIS A 2688 49.24 -73.77 107.66
CA HIS A 2688 50.53 -73.32 108.13
C HIS A 2688 50.83 -71.87 107.81
N LYS A 2689 50.14 -71.26 106.85
CA LYS A 2689 50.38 -69.86 106.53
C LYS A 2689 49.96 -68.96 107.68
N LYS A 2690 50.74 -67.90 107.89
CA LYS A 2690 50.44 -66.92 108.92
C LYS A 2690 49.15 -66.16 108.59
N TYR A 2691 48.50 -65.66 109.64
CA TYR A 2691 47.20 -65.02 109.51
C TYR A 2691 47.27 -63.75 108.68
N ASP A 2692 46.63 -63.76 107.52
CA ASP A 2692 46.44 -62.57 106.69
C ASP A 2692 44.96 -62.43 106.39
N GLN A 2693 44.40 -61.26 106.70
CA GLN A 2693 42.96 -61.09 106.60
C GLN A 2693 42.49 -61.22 105.15
N GLU A 2694 43.23 -60.63 104.21
CA GLU A 2694 42.87 -60.73 102.79
C GLU A 2694 42.96 -62.16 102.30
N LEU A 2695 44.02 -62.86 102.72
CA LEU A 2695 44.20 -64.23 102.29
C LEU A 2695 43.07 -65.09 102.82
N TYR A 2696 42.70 -64.93 104.10
CA TYR A 2696 41.60 -65.75 104.59
C TYR A 2696 40.30 -65.36 103.91
N ARG A 2697 40.20 -64.07 103.55
CA ARG A 2697 38.97 -63.53 102.97
C ARG A 2697 38.67 -64.16 101.63
N MET A 2698 39.71 -64.51 100.87
CA MET A 2698 39.49 -65.04 99.55
C MET A 2698 39.82 -66.52 99.47
N ALA A 2699 40.53 -67.08 100.45
CA ALA A 2699 40.76 -68.51 100.51
C ALA A 2699 39.52 -69.26 100.97
N MET A 2700 38.77 -68.68 101.92
CA MET A 2700 37.58 -69.36 102.42
C MET A 2700 36.51 -69.63 101.37
N PRO A 2701 36.11 -68.68 100.54
CA PRO A 2701 35.11 -69.01 99.50
C PRO A 2701 35.56 -70.09 98.54
N CYS A 2702 36.85 -70.17 98.22
CA CYS A 2702 37.32 -71.24 97.34
C CYS A 2702 37.13 -72.59 97.99
N LEU A 2703 37.46 -72.71 99.28
CA LEU A 2703 37.28 -73.97 99.97
C LEU A 2703 35.81 -74.34 100.09
N CYS A 2704 34.96 -73.36 100.38
CA CYS A 2704 33.54 -73.66 100.47
C CYS A 2704 32.97 -74.12 99.14
N ALA A 2705 33.35 -73.47 98.05
CA ALA A 2705 32.87 -73.88 96.73
C ALA A 2705 33.37 -75.26 96.35
N ILE A 2706 34.65 -75.54 96.62
CA ILE A 2706 35.19 -76.85 96.26
C ILE A 2706 34.51 -77.94 97.08
N ALA A 2707 34.33 -77.73 98.38
CA ALA A 2707 33.69 -78.76 99.18
C ALA A 2707 32.24 -78.93 98.75
N GLY A 2708 31.56 -77.85 98.38
CA GLY A 2708 30.19 -77.98 97.93
C GLY A 2708 30.05 -78.56 96.55
N ALA A 2709 31.15 -78.66 95.81
CA ALA A 2709 31.13 -79.25 94.47
C ALA A 2709 31.55 -80.70 94.45
N LEU A 2710 32.54 -81.06 95.24
CA LEU A 2710 33.06 -82.43 95.23
C LEU A 2710 32.02 -83.39 95.80
N PRO A 2711 31.75 -84.52 95.14
CA PRO A 2711 30.84 -85.52 95.73
C PRO A 2711 31.37 -86.04 97.05
N PRO A 2712 30.50 -86.25 98.04
CA PRO A 2712 30.99 -86.77 99.33
C PRO A 2712 31.62 -88.14 99.25
N ASP A 2713 31.13 -89.00 98.36
CA ASP A 2713 31.54 -90.40 98.31
C ASP A 2713 32.61 -90.68 97.26
N TYR A 2714 33.21 -89.65 96.67
CA TYR A 2714 34.24 -89.87 95.67
C TYR A 2714 35.43 -90.59 96.30
N VAL A 2715 35.93 -91.61 95.62
CA VAL A 2715 37.07 -92.39 96.08
C VAL A 2715 38.11 -92.39 94.98
N ASP A 2716 39.31 -91.94 95.30
CA ASP A 2716 40.41 -91.92 94.34
C ASP A 2716 40.98 -93.32 94.18
N ALA A 2717 41.12 -93.76 92.92
CA ALA A 2717 41.63 -95.10 92.66
C ALA A 2717 43.07 -95.25 93.11
N SER A 2718 43.90 -94.23 92.84
CA SER A 2718 45.32 -94.33 93.16
C SER A 2718 45.55 -94.36 94.68
N TYR A 2719 45.17 -93.29 95.36
CA TYR A 2719 45.37 -93.17 96.81
C TYR A 2719 46.85 -93.40 97.17
N PRO A 2737 61.00 -82.09 89.19
CA PRO A 2737 61.29 -83.53 89.19
C PRO A 2737 62.62 -83.90 89.87
N ARG A 2738 62.59 -84.91 90.73
CA ARG A 2738 63.78 -85.36 91.42
C ARG A 2738 63.87 -86.87 91.32
N PRO A 2739 64.29 -87.37 90.16
CA PRO A 2739 64.43 -88.82 89.96
C PRO A 2739 65.43 -89.40 90.99
N VAL A 2740 65.22 -90.63 91.44
CA VAL A 2740 66.09 -91.20 92.46
C VAL A 2740 67.55 -91.31 91.95
N GLU A 2741 68.48 -91.00 92.85
CA GLU A 2741 69.90 -90.93 92.54
C GLU A 2741 70.47 -92.35 92.46
N THR A 2742 70.95 -92.76 91.29
CA THR A 2742 71.36 -94.17 91.02
C THR A 2742 72.87 -94.31 90.84
N LEU A 2743 73.59 -93.19 90.92
CA LEU A 2743 74.97 -93.22 90.45
C LEU A 2743 75.84 -94.18 91.27
N ASN A 2744 75.70 -94.17 92.58
CA ASN A 2744 76.47 -95.04 93.45
C ASN A 2744 75.72 -96.32 93.87
N VAL A 2745 74.60 -96.64 93.20
CA VAL A 2745 73.84 -97.84 93.54
C VAL A 2745 74.47 -99.01 92.78
N ILE A 2746 74.79 -100.09 93.50
CA ILE A 2746 75.44 -101.27 92.90
C ILE A 2746 74.42 -102.40 92.70
N ILE A 2747 74.27 -102.90 91.49
CA ILE A 2747 73.44 -104.08 91.26
C ILE A 2747 74.24 -105.31 91.66
N PRO A 2748 73.66 -106.22 92.46
CA PRO A 2748 74.37 -107.47 92.74
C PRO A 2748 74.68 -108.30 91.48
N GLU A 2749 75.85 -108.89 91.48
CA GLU A 2749 76.33 -109.73 90.41
C GLU A 2749 75.30 -110.71 89.90
N LYS A 2750 74.51 -111.32 90.79
CA LYS A 2750 73.63 -112.40 90.35
C LYS A 2750 72.42 -111.92 89.52
N LEU A 2751 72.27 -110.59 89.35
CA LEU A 2751 71.29 -110.08 88.43
C LEU A 2751 71.80 -109.90 87.06
N ASP A 2752 73.12 -110.08 86.86
CA ASP A 2752 73.63 -109.84 85.50
C ASP A 2752 72.96 -110.70 84.41
N SER A 2753 72.64 -111.93 84.79
CA SER A 2753 72.02 -112.87 83.86
C SER A 2753 70.60 -112.37 83.47
N PHE A 2754 69.82 -111.91 84.45
CA PHE A 2754 68.48 -111.33 84.20
C PHE A 2754 68.58 -110.09 83.30
N ILE A 2755 69.57 -109.25 83.56
CA ILE A 2755 69.80 -108.05 82.79
C ILE A 2755 70.03 -108.40 81.30
N ASN A 2756 70.93 -109.32 81.01
CA ASN A 2756 71.09 -109.71 79.61
C ASN A 2756 69.88 -110.36 78.98
N LYS A 2757 69.18 -111.20 79.71
CA LYS A 2757 67.97 -111.85 79.14
C LYS A 2757 66.88 -110.83 78.82
N PHE A 2758 66.69 -109.89 79.74
CA PHE A 2758 65.68 -108.88 79.54
C PHE A 2758 66.14 -107.92 78.46
N ALA A 2759 67.44 -107.63 78.39
CA ALA A 2759 67.94 -106.79 77.28
C ALA A 2759 67.68 -107.48 75.94
N GLU A 2760 67.99 -108.76 75.88
CA GLU A 2760 67.74 -109.52 74.67
C GLU A 2760 66.25 -109.52 74.32
N TYR A 2761 65.40 -109.71 75.33
CA TYR A 2761 63.95 -109.59 75.12
C TYR A 2761 63.53 -108.24 74.50
N THR A 2762 63.98 -107.13 75.10
CA THR A 2762 63.61 -105.80 74.64
C THR A 2762 64.06 -105.59 73.18
N HIS A 2763 65.28 -106.03 72.88
CA HIS A 2763 65.74 -105.97 71.48
C HIS A 2763 64.84 -106.79 70.49
N GLU A 2764 64.52 -108.03 70.87
CA GLU A 2764 63.70 -108.93 70.05
C GLU A 2764 62.31 -108.38 69.81
N LYS A 2765 61.74 -107.76 70.85
CA LYS A 2765 60.44 -107.13 70.72
C LYS A 2765 60.46 -106.00 69.66
N TRP A 2766 61.48 -105.13 69.77
CA TRP A 2766 61.71 -104.03 68.85
C TRP A 2766 61.92 -104.54 67.43
N ALA A 2767 62.76 -105.58 67.30
CA ALA A 2767 63.09 -106.17 66.02
C ALA A 2767 61.86 -106.79 65.38
N PHE A 2768 61.11 -107.56 66.18
CA PHE A 2768 59.82 -108.14 65.78
C PHE A 2768 58.90 -107.06 65.21
N ASP A 2769 58.75 -105.93 65.91
CA ASP A 2769 57.85 -104.89 65.42
C ASP A 2769 58.40 -104.29 64.08
N LYS A 2770 59.72 -104.08 64.00
CA LYS A 2770 60.36 -103.63 62.74
C LYS A 2770 60.14 -104.56 61.53
N ILE A 2771 60.38 -105.84 61.76
CA ILE A 2771 60.22 -106.87 60.73
C ILE A 2771 58.77 -107.01 60.24
N GLN A 2772 57.80 -106.86 61.15
CA GLN A 2772 56.36 -106.84 60.78
C GLN A 2772 55.99 -105.65 59.88
N ASN A 2773 56.78 -104.58 59.95
CA ASN A 2773 56.64 -103.47 59.04
C ASN A 2773 57.69 -103.53 57.94
N ASN A 2774 58.14 -104.74 57.63
CA ASN A 2774 59.02 -104.99 56.50
C ASN A 2774 60.39 -104.30 56.48
N TRP A 2775 60.91 -103.93 57.67
CA TRP A 2775 62.31 -103.52 57.81
C TRP A 2775 63.21 -104.75 57.65
N SER A 2776 64.46 -104.56 57.25
CA SER A 2776 65.38 -105.68 57.12
C SER A 2776 66.75 -105.20 57.55
N TYR A 2777 67.67 -106.13 57.79
CA TYR A 2777 69.04 -105.74 58.05
C TYR A 2777 69.55 -104.90 56.90
N GLY A 2778 70.37 -103.91 57.22
CA GLY A 2778 71.12 -103.15 56.23
C GLY A 2778 72.30 -102.56 56.99
N GLU A 2779 73.37 -102.19 56.28
CA GLU A 2779 74.59 -101.73 56.96
C GLU A 2779 74.38 -100.37 57.60
N ASN A 2780 73.50 -99.57 56.98
CA ASN A 2780 73.13 -98.22 57.47
C ASN A 2780 71.67 -98.14 57.82
N VAL A 2781 71.32 -97.26 58.77
CA VAL A 2781 69.92 -96.86 59.02
C VAL A 2781 69.42 -96.02 57.83
N ASP A 2782 68.28 -96.42 57.27
CA ASP A 2782 67.77 -95.79 56.05
C ASP A 2782 66.27 -95.90 56.12
N GLU A 2783 65.61 -94.77 56.38
CA GLU A 2783 64.14 -94.70 56.51
C GLU A 2783 63.38 -94.93 55.20
N GLU A 2784 63.99 -94.61 54.06
CA GLU A 2784 63.35 -94.86 52.77
C GLU A 2784 63.37 -96.36 52.47
N LEU A 2785 64.54 -96.98 52.59
CA LEU A 2785 64.71 -98.42 52.36
C LEU A 2785 64.28 -99.31 53.56
N LYS A 2786 63.98 -98.72 54.71
CA LYS A 2786 63.63 -99.49 55.93
C LYS A 2786 64.68 -100.54 56.24
N THR A 2787 65.96 -100.11 56.29
CA THR A 2787 67.05 -100.96 56.76
C THR A 2787 67.51 -100.45 58.13
N HIS A 2788 67.98 -101.38 58.96
CA HIS A 2788 68.61 -101.02 60.21
C HIS A 2788 69.69 -102.06 60.57
N PRO A 2789 70.92 -101.61 60.91
CA PRO A 2789 72.01 -102.54 61.21
C PRO A 2789 71.80 -103.30 62.53
N MET A 2790 70.86 -102.85 63.34
CA MET A 2790 70.56 -103.63 64.55
C MET A 2790 69.53 -104.74 64.34
N LEU A 2791 69.04 -104.86 63.11
CA LEU A 2791 68.13 -105.96 62.78
C LEU A 2791 68.88 -107.25 62.55
N ARG A 2792 69.38 -107.80 63.65
CA ARG A 2792 70.11 -109.05 63.71
C ARG A 2792 70.09 -109.51 65.17
N PRO A 2793 70.53 -110.77 65.43
CA PRO A 2793 70.48 -111.31 66.80
C PRO A 2793 71.25 -110.52 67.82
N TYR A 2794 70.65 -110.30 68.99
CA TYR A 2794 71.32 -109.64 70.11
C TYR A 2794 72.64 -110.34 70.40
N LYS A 2795 72.68 -111.65 70.23
CA LYS A 2795 73.90 -112.40 70.52
C LYS A 2795 75.08 -111.95 69.66
N THR A 2796 74.79 -111.37 68.49
CA THR A 2796 75.86 -110.96 67.58
C THR A 2796 76.35 -109.53 67.81
N PHE A 2797 75.80 -108.84 68.81
CA PHE A 2797 76.23 -107.48 69.13
C PHE A 2797 77.57 -107.40 69.87
N SER A 2798 78.28 -106.30 69.67
CA SER A 2798 79.38 -105.89 70.55
C SER A 2798 78.82 -105.56 71.96
N GLU A 2799 79.68 -105.44 72.96
CA GLU A 2799 79.25 -104.95 74.28
C GLU A 2799 78.62 -103.55 74.21
N LYS A 2800 79.21 -102.64 73.43
CA LYS A 2800 78.61 -101.31 73.26
C LYS A 2800 77.14 -101.37 72.77
N ASP A 2801 76.86 -102.23 71.79
CA ASP A 2801 75.51 -102.33 71.28
C ASP A 2801 74.53 -103.07 72.22
N LYS A 2802 75.02 -104.03 72.98
CA LYS A 2802 74.19 -104.67 74.00
C LYS A 2802 73.83 -103.62 75.06
N GLU A 2803 74.80 -102.77 75.39
CA GLU A 2803 74.60 -101.74 76.39
C GLU A 2803 73.47 -100.75 76.08
N ILE A 2804 73.17 -100.60 74.79
CA ILE A 2804 72.02 -99.79 74.37
C ILE A 2804 70.73 -100.30 75.06
N TYR A 2805 70.61 -101.62 75.18
CA TYR A 2805 69.46 -102.24 75.78
C TYR A 2805 69.66 -102.45 77.30
N ARG A 2806 70.88 -102.80 77.71
CA ARG A 2806 71.15 -103.07 79.15
C ARG A 2806 71.12 -101.79 80.07
N TRP A 2807 71.61 -100.65 79.57
CA TRP A 2807 71.66 -99.38 80.34
C TRP A 2807 70.33 -99.02 81.02
N PRO A 2808 69.24 -98.94 80.21
CA PRO A 2808 67.96 -98.51 80.82
C PRO A 2808 67.41 -99.53 81.82
N ILE A 2809 67.70 -100.81 81.60
CA ILE A 2809 67.28 -101.85 82.53
C ILE A 2809 68.06 -101.71 83.81
N LYS A 2810 69.38 -101.51 83.70
CA LYS A 2810 70.19 -101.20 84.89
C LYS A 2810 69.69 -99.99 85.66
N GLU A 2811 69.28 -98.95 84.96
CA GLU A 2811 68.76 -97.77 85.65
C GLU A 2811 67.44 -98.07 86.41
N SER A 2812 66.55 -98.85 85.81
CA SER A 2812 65.35 -99.31 86.52
C SER A 2812 65.70 -100.12 87.78
N LEU A 2813 66.57 -101.13 87.63
CA LEU A 2813 66.93 -101.93 88.81
C LEU A 2813 67.62 -101.14 89.93
N LYS A 2814 68.50 -100.22 89.56
CA LYS A 2814 69.13 -99.34 90.52
C LYS A 2814 68.11 -98.48 91.28
N ALA A 2815 67.07 -97.96 90.62
CA ALA A 2815 66.00 -97.26 91.37
C ALA A 2815 65.30 -98.20 92.39
N MET A 2816 64.93 -99.41 91.94
CA MET A 2816 64.33 -100.36 92.88
C MET A 2816 65.24 -100.65 94.10
N ILE A 2817 66.56 -100.84 93.85
CA ILE A 2817 67.53 -101.13 94.93
C ILE A 2817 67.66 -99.89 95.83
N ALA A 2818 67.75 -98.71 95.21
CA ALA A 2818 67.75 -97.45 95.96
C ALA A 2818 66.56 -97.29 96.93
N TRP A 2819 65.40 -97.81 96.53
CA TRP A 2819 64.16 -97.72 97.34
C TRP A 2819 64.06 -98.85 98.38
N GLU A 2820 65.10 -99.68 98.44
CA GLU A 2820 65.24 -100.87 99.32
C GLU A 2820 64.21 -101.96 99.08
N TRP A 2821 63.88 -102.18 97.79
CA TRP A 2821 63.00 -103.24 97.42
C TRP A 2821 63.89 -104.49 97.35
N THR A 2822 63.34 -105.65 97.61
CA THR A 2822 64.14 -106.88 97.48
C THR A 2822 63.79 -107.56 96.18
N ILE A 2823 64.78 -108.12 95.53
CA ILE A 2823 64.60 -108.83 94.27
C ILE A 2823 65.27 -110.18 94.45
N GLU A 2824 64.49 -111.25 94.56
CA GLU A 2824 65.06 -112.58 94.88
C GLU A 2824 64.49 -113.66 93.95
N LYS A 2825 65.37 -114.54 93.45
CA LYS A 2825 64.93 -115.64 92.57
C LYS A 2825 64.26 -116.71 93.44
N ALA A 2826 62.94 -116.65 93.56
CA ALA A 2826 62.20 -117.51 94.48
C ALA A 2826 61.79 -118.84 93.83
N ARG A 2827 61.65 -118.82 92.50
CA ARG A 2827 61.19 -119.97 91.74
C ARG A 2827 62.01 -120.20 90.49
N GLU A 2828 61.85 -121.37 89.89
CA GLU A 2828 62.36 -121.60 88.54
C GLU A 2828 61.55 -120.68 87.58
N GLY A 2829 62.16 -120.22 86.48
CA GLY A 2829 61.44 -119.41 85.45
C GLY A 2829 60.48 -120.26 84.63
N GLU A 2830 59.57 -119.62 83.87
CA GLU A 2830 58.45 -120.32 83.15
C GLU A 2830 58.87 -121.23 81.99
N TYR A 2855 67.01 -113.44 59.68
CA TYR A 2855 66.77 -113.27 61.12
C TYR A 2855 65.28 -113.18 61.43
N ASN A 2856 64.84 -114.01 62.36
CA ASN A 2856 63.41 -114.20 62.62
C ASN A 2856 63.05 -114.21 64.13
N PRO A 2857 63.04 -113.01 64.76
CA PRO A 2857 62.79 -112.93 66.21
C PRO A 2857 61.37 -113.30 66.55
N GLN A 2858 61.20 -114.20 67.50
CA GLN A 2858 59.87 -114.49 68.05
C GLN A 2858 59.98 -114.36 69.58
N PRO A 2859 59.84 -113.11 70.10
CA PRO A 2859 60.00 -112.93 71.55
C PRO A 2859 58.81 -113.49 72.32
N PRO A 2860 59.00 -113.87 73.60
CA PRO A 2860 57.87 -114.35 74.38
C PRO A 2860 56.75 -113.31 74.43
N ASP A 2861 55.52 -113.79 74.59
CA ASP A 2861 54.38 -112.90 74.75
C ASP A 2861 54.17 -112.65 76.26
N LEU A 2862 54.04 -111.38 76.67
CA LEU A 2862 53.87 -111.05 78.10
C LEU A 2862 52.42 -110.62 78.40
N SER A 2863 51.54 -110.95 77.47
CA SER A 2863 50.13 -110.56 77.54
C SER A 2863 49.42 -111.27 78.66
N GLY A 2864 49.85 -112.50 78.91
CA GLY A 2864 49.22 -113.40 79.85
C GLY A 2864 49.83 -113.35 81.24
N VAL A 2865 50.75 -112.41 81.46
CA VAL A 2865 51.35 -112.29 82.79
C VAL A 2865 50.52 -111.28 83.58
N THR A 2866 49.99 -111.75 84.72
CA THR A 2866 49.19 -110.93 85.62
C THR A 2866 50.03 -110.50 86.81
N LEU A 2867 50.04 -109.20 87.08
CA LEU A 2867 50.77 -108.70 88.24
C LEU A 2867 49.77 -108.51 89.38
N SER A 2868 50.19 -108.88 90.58
CA SER A 2868 49.37 -108.62 91.77
C SER A 2868 49.03 -107.13 91.85
N ARG A 2869 48.01 -106.78 92.62
CA ARG A 2869 47.78 -105.35 92.91
C ARG A 2869 49.00 -104.67 93.48
N GLU A 2870 49.70 -105.37 94.39
CA GLU A 2870 50.93 -104.90 95.02
C GLU A 2870 52.05 -104.54 94.01
N LEU A 2871 52.28 -105.45 93.07
CA LEU A 2871 53.25 -105.20 91.98
C LEU A 2871 52.81 -104.08 91.03
N GLN A 2872 51.50 -104.02 90.74
CA GLN A 2872 50.96 -102.91 89.94
C GLN A 2872 51.22 -101.58 90.68
N ALA A 2873 51.05 -101.57 92.01
CA ALA A 2873 51.38 -100.36 92.82
C ALA A 2873 52.85 -99.97 92.72
N MET A 2874 53.72 -100.98 92.85
CA MET A 2874 55.16 -100.77 92.62
C MET A 2874 55.47 -100.22 91.22
N ALA A 2875 54.79 -100.73 90.20
CA ALA A 2875 54.91 -100.20 88.83
C ALA A 2875 54.62 -98.70 88.79
N GLU A 2876 53.70 -98.20 89.64
CA GLU A 2876 53.38 -96.74 89.69
C GLU A 2876 54.54 -95.91 90.17
N GLN A 2877 55.31 -96.41 91.16
CA GLN A 2877 56.49 -95.71 91.63
C GLN A 2877 57.60 -95.73 90.56
N LEU A 2878 57.78 -96.88 89.90
CA LEU A 2878 58.72 -96.91 88.78
C LEU A 2878 58.32 -95.93 87.65
N ALA A 2879 57.03 -95.94 87.26
CA ALA A 2879 56.56 -95.06 86.20
C ALA A 2879 56.78 -93.60 86.55
N GLU A 2880 56.45 -93.23 87.79
CA GLU A 2880 56.66 -91.86 88.22
C GLU A 2880 58.12 -91.50 88.16
N ASN A 2881 59.01 -92.43 88.54
CA ASN A 2881 60.43 -92.17 88.41
C ASN A 2881 60.88 -92.01 86.93
N TYR A 2882 60.39 -92.86 86.03
CA TYR A 2882 60.69 -92.62 84.61
C TYR A 2882 60.24 -91.23 84.16
N HIS A 2883 59.02 -90.84 84.57
CA HIS A 2883 58.55 -89.48 84.24
C HIS A 2883 59.46 -88.37 84.82
N ASN A 2884 59.95 -88.55 86.05
CA ASN A 2884 60.80 -87.55 86.67
C ASN A 2884 62.15 -87.51 86.02
N THR A 2885 62.64 -88.68 85.59
CA THR A 2885 63.92 -88.71 84.85
C THR A 2885 63.79 -87.96 83.50
N TRP A 2886 62.74 -88.29 82.75
CA TRP A 2886 62.42 -87.57 81.50
C TRP A 2886 62.27 -86.08 81.76
N GLY A 2887 61.55 -85.68 82.81
CA GLY A 2887 61.20 -84.28 83.03
C GLY A 2887 62.47 -83.50 83.42
N ARG A 2888 63.35 -84.12 84.22
CA ARG A 2888 64.59 -83.44 84.63
C ARG A 2888 65.53 -83.24 83.44
N LYS A 2889 65.68 -84.30 82.65
CA LYS A 2889 66.47 -84.21 81.43
C LYS A 2889 65.88 -83.19 80.47
N LYS A 2890 64.55 -83.17 80.38
CA LYS A 2890 63.86 -82.27 79.46
C LYS A 2890 64.06 -80.80 79.85
N LYS A 2891 64.01 -80.52 81.15
CA LYS A 2891 64.28 -79.14 81.60
C LYS A 2891 65.69 -78.74 81.24
N GLN A 2892 66.65 -79.68 81.35
CA GLN A 2892 68.01 -79.32 80.98
C GLN A 2892 68.13 -79.06 79.49
N GLU A 2893 67.47 -79.89 78.71
CA GLU A 2893 67.50 -79.78 77.26
C GLU A 2893 66.91 -78.43 76.82
N LEU A 2894 65.76 -78.08 77.39
CA LEU A 2894 65.14 -76.79 77.05
C LEU A 2894 66.05 -75.60 77.37
N GLU A 2895 66.65 -75.61 78.56
CA GLU A 2895 67.55 -74.52 78.97
C GLU A 2895 68.76 -74.46 78.03
N ALA A 2896 69.31 -75.62 77.69
CA ALA A 2896 70.47 -75.67 76.78
C ALA A 2896 70.17 -75.06 75.40
N LYS A 2897 68.89 -75.08 75.01
CA LYS A 2897 68.44 -74.66 73.68
C LYS A 2897 67.78 -73.28 73.68
N GLY A 2898 67.80 -72.56 74.80
CA GLY A 2898 67.28 -71.21 74.79
C GLY A 2898 66.06 -70.96 75.62
N GLY A 2899 65.54 -72.01 76.26
CA GLY A 2899 64.40 -71.87 77.14
C GLY A 2899 63.15 -72.39 76.44
N GLY A 2900 62.02 -72.21 77.09
CA GLY A 2900 60.79 -72.74 76.51
C GLY A 2900 60.14 -73.73 77.46
N THR A 2901 59.11 -74.39 76.98
CA THR A 2901 58.27 -75.18 77.87
C THR A 2901 57.82 -76.46 77.18
N HIS A 2902 57.15 -77.32 77.94
CA HIS A 2902 56.66 -78.59 77.43
C HIS A 2902 55.40 -78.93 78.23
N PRO A 2903 54.32 -79.30 77.53
CA PRO A 2903 53.06 -79.50 78.28
C PRO A 2903 53.13 -80.69 79.27
N LEU A 2904 54.05 -81.65 79.06
CA LEU A 2904 54.15 -82.76 80.03
C LEU A 2904 55.05 -82.48 81.24
N LEU A 2905 55.64 -81.27 81.34
CA LEU A 2905 56.39 -80.91 82.55
C LEU A 2905 55.44 -80.60 83.72
N VAL A 2906 54.67 -81.62 84.13
CA VAL A 2906 53.83 -81.54 85.32
C VAL A 2906 54.07 -82.84 86.13
N PRO A 2907 53.66 -82.84 87.43
CA PRO A 2907 53.80 -84.05 88.24
C PRO A 2907 53.06 -85.20 87.62
N TYR A 2908 53.71 -86.38 87.68
CA TYR A 2908 53.16 -87.62 87.15
C TYR A 2908 51.67 -87.81 87.53
N ASP A 2909 51.34 -87.54 88.79
CA ASP A 2909 49.95 -87.77 89.27
C ASP A 2909 48.90 -86.90 88.62
N THR A 2910 49.33 -85.79 88.01
CA THR A 2910 48.41 -84.86 87.37
C THR A 2910 48.26 -85.26 85.89
N LEU A 2911 49.10 -86.18 85.38
CA LEU A 2911 48.99 -86.64 84.01
C LEU A 2911 47.65 -87.38 83.79
N THR A 2912 47.18 -87.40 82.53
CA THR A 2912 46.01 -88.18 82.18
C THR A 2912 46.40 -89.66 82.10
N ALA A 2913 45.39 -90.53 82.17
CA ALA A 2913 45.66 -91.94 81.90
C ALA A 2913 46.41 -92.12 80.59
N LYS A 2914 46.00 -91.41 79.54
CA LYS A 2914 46.70 -91.56 78.27
C LYS A 2914 48.20 -91.20 78.36
N GLU A 2915 48.47 -90.10 79.05
CA GLU A 2915 49.82 -89.55 79.25
C GLU A 2915 50.70 -90.46 80.14
N LYS A 2916 50.07 -91.18 81.05
CA LYS A 2916 50.81 -92.13 81.94
C LYS A 2916 51.14 -93.46 81.27
N ALA A 2917 50.46 -93.79 80.17
CA ALA A 2917 50.53 -95.16 79.62
C ALA A 2917 51.94 -95.68 79.31
N ARG A 2918 52.76 -94.83 78.69
CA ARG A 2918 54.06 -95.26 78.20
C ARG A 2918 54.96 -95.58 79.43
N ASP A 2919 54.83 -94.82 80.51
CA ASP A 2919 55.70 -95.07 81.68
C ASP A 2919 55.18 -96.31 82.43
N ARG A 2920 53.85 -96.48 82.44
CA ARG A 2920 53.23 -97.67 83.06
C ARG A 2920 53.62 -98.92 82.28
N GLU A 2921 53.62 -98.81 80.97
CA GLU A 2921 53.94 -99.98 80.18
C GLU A 2921 55.37 -100.46 80.36
N LYS A 2922 56.29 -99.51 80.42
CA LYS A 2922 57.71 -99.82 80.69
C LYS A 2922 57.92 -100.49 82.07
N ALA A 2923 57.32 -99.88 83.10
CA ALA A 2923 57.35 -100.44 84.48
C ALA A 2923 56.69 -101.84 84.55
N GLN A 2924 55.51 -102.02 83.92
CA GLN A 2924 54.89 -103.35 83.89
C GLN A 2924 55.77 -104.38 83.15
N GLU A 2925 56.39 -104.01 82.00
CA GLU A 2925 57.16 -104.99 81.25
C GLU A 2925 58.29 -105.55 82.12
N LEU A 2926 58.97 -104.67 82.84
CA LEU A 2926 60.07 -105.09 83.72
C LEU A 2926 59.60 -106.04 84.81
N LEU A 2927 58.51 -105.64 85.48
CA LEU A 2927 58.01 -106.46 86.60
C LEU A 2927 57.45 -107.79 86.07
N LYS A 2928 56.79 -107.76 84.91
CA LYS A 2928 56.32 -109.03 84.28
C LYS A 2928 57.47 -109.97 83.90
N PHE A 2929 58.55 -109.40 83.38
CA PHE A 2929 59.68 -110.29 82.94
C PHE A 2929 60.43 -110.89 84.17
N LEU A 2930 60.56 -110.08 85.21
CA LEU A 2930 61.04 -110.54 86.49
C LEU A 2930 60.19 -111.71 86.98
N GLN A 2931 58.88 -111.51 87.02
CA GLN A 2931 57.97 -112.56 87.52
C GLN A 2931 58.12 -113.82 86.70
N MET A 2932 58.13 -113.66 85.38
CA MET A 2932 58.25 -114.78 84.47
C MET A 2932 59.54 -115.57 84.67
N ASN A 2933 60.60 -114.88 85.04
CA ASN A 2933 61.89 -115.53 85.32
C ASN A 2933 62.01 -116.04 86.77
N GLY A 2934 60.89 -116.00 87.52
CA GLY A 2934 60.78 -116.52 88.92
C GLY A 2934 61.27 -115.60 90.04
N TYR A 2935 61.36 -114.29 89.77
CA TYR A 2935 61.84 -113.36 90.79
C TYR A 2935 60.63 -112.87 91.54
N ALA A 2936 60.78 -112.86 92.85
CA ALA A 2936 59.83 -112.15 93.73
C ALA A 2936 60.41 -110.76 94.02
N VAL A 2937 59.59 -109.73 93.82
CA VAL A 2937 59.92 -108.34 94.10
C VAL A 2937 59.01 -107.84 95.24
N THR A 2938 59.62 -107.43 96.35
CA THR A 2938 58.86 -107.03 97.54
C THR A 2938 59.45 -105.75 98.14
N ARG A 2939 58.74 -105.06 99.01
CA ARG A 2939 59.37 -103.87 99.56
C ARG A 2939 59.42 -103.81 101.07
N ASP A 2947 46.23 -102.04 103.19
CA ASP A 2947 45.03 -102.87 103.32
C ASP A 2947 43.84 -102.02 103.78
N THR A 2948 43.72 -100.83 103.21
CA THR A 2948 42.66 -99.89 103.57
C THR A 2948 41.42 -100.19 102.73
N SER A 2949 40.27 -100.26 103.39
CA SER A 2949 39.02 -100.53 102.69
C SER A 2949 38.57 -99.30 101.91
N SER A 2950 37.65 -99.54 100.97
CA SER A 2950 37.18 -98.45 100.12
C SER A 2950 36.41 -97.40 100.92
N ILE A 2951 35.68 -97.84 101.96
CA ILE A 2951 34.88 -96.90 102.73
C ILE A 2951 35.76 -95.89 103.44
N GLU A 2952 36.88 -96.34 104.01
CA GLU A 2952 37.77 -95.46 104.74
C GLU A 2952 38.50 -94.47 103.84
N LYS A 2953 38.45 -94.66 102.53
CA LYS A 2953 39.11 -93.77 101.58
C LYS A 2953 38.25 -92.58 101.18
N ARG A 2954 37.02 -92.49 101.69
CA ARG A 2954 36.12 -91.45 101.26
C ARG A 2954 36.57 -90.05 101.71
N PHE A 2955 36.25 -89.08 100.86
CA PHE A 2955 36.60 -87.69 101.16
C PHE A 2955 35.90 -87.22 102.43
N ALA A 2956 34.64 -87.59 102.61
CA ALA A 2956 33.92 -87.19 103.82
C ALA A 2956 34.55 -87.83 105.04
N PHE A 2957 35.01 -89.07 104.92
CA PHE A 2957 35.64 -89.75 106.05
C PHE A 2957 36.92 -89.04 106.46
N GLY A 2958 37.75 -88.67 105.49
CA GLY A 2958 38.97 -87.96 105.80
C GLY A 2958 38.71 -86.55 106.32
N PHE A 2959 37.72 -85.87 105.74
CA PHE A 2959 37.38 -84.52 106.17
C PHE A 2959 36.88 -84.53 107.61
N LEU A 2960 36.01 -85.47 107.96
CA LEU A 2960 35.53 -85.56 109.32
C LEU A 2960 36.66 -85.91 110.28
N GLN A 2961 37.58 -86.78 109.86
CA GLN A 2961 38.68 -87.14 110.75
C GLN A 2961 39.55 -85.92 111.04
N GLN A 2962 39.79 -85.10 110.02
CA GLN A 2962 40.56 -83.87 110.23
C GLN A 2962 39.79 -82.89 111.10
N LEU A 2963 38.47 -82.81 110.93
CA LEU A 2963 37.67 -81.93 111.76
C LEU A 2963 37.73 -82.35 113.23
N LEU A 2964 37.76 -83.65 113.51
CA LEU A 2964 37.81 -84.17 114.91
C LEU A 2964 39.21 -83.96 115.48
N ARG A 2965 40.24 -83.84 114.61
CA ARG A 2965 41.65 -83.59 115.03
C ARG A 2965 41.78 -82.13 115.43
N TRP A 2966 40.99 -81.24 114.81
CA TRP A 2966 41.01 -79.79 115.14
C TRP A 2966 40.17 -79.56 116.39
N MET A 2967 39.16 -80.39 116.65
CA MET A 2967 38.35 -80.27 117.88
C MET A 2967 39.33 -80.38 119.06
N ASP A 2968 40.27 -81.30 118.98
CA ASP A 2968 41.29 -81.49 120.05
C ASP A 2968 42.10 -80.20 120.22
N ILE A 2969 42.47 -79.55 119.10
CA ILE A 2969 43.22 -78.26 119.11
C ILE A 2969 42.31 -77.18 119.68
N SER A 2970 41.00 -77.21 119.40
CA SER A 2970 40.02 -76.21 119.89
C SER A 2970 39.91 -76.32 121.39
N GLN A 2971 39.88 -77.54 121.93
CA GLN A 2971 39.84 -77.76 123.40
C GLN A 2971 41.08 -77.10 123.99
N GLU A 2972 42.22 -77.16 123.29
CA GLU A 2972 43.49 -76.54 123.75
C GLU A 2972 43.35 -75.01 123.72
N PHE A 2973 42.88 -74.46 122.60
CA PHE A 2973 42.77 -72.99 122.46
C PHE A 2973 41.88 -72.46 123.59
N ILE A 2974 40.71 -73.07 123.80
CA ILE A 2974 39.72 -72.57 124.81
C ILE A 2974 40.19 -72.95 126.21
N ALA A 2975 41.02 -73.98 126.36
CA ALA A 2975 41.59 -74.32 127.68
C ALA A 2975 42.43 -73.13 128.14
N HIS A 2976 43.24 -72.58 127.23
CA HIS A 2976 44.12 -71.42 127.54
C HIS A 2976 43.29 -70.16 127.80
N LEU A 2977 42.26 -69.91 127.01
CA LEU A 2977 41.39 -68.70 127.19
C LEU A 2977 40.57 -68.81 128.49
N PRO A 2990 49.87 -67.46 122.56
CA PRO A 2990 50.81 -68.44 122.02
C PRO A 2990 50.16 -69.33 120.97
N HIS A 2991 48.83 -69.22 120.78
CA HIS A 2991 48.07 -70.04 119.80
C HIS A 2991 47.20 -69.12 118.95
N GLU A 2992 47.65 -67.91 118.61
CA GLU A 2992 46.85 -66.90 117.92
C GLU A 2992 46.50 -67.34 116.49
N GLN A 2993 47.45 -67.97 115.80
CA GLN A 2993 47.16 -68.50 114.47
C GLN A 2993 46.08 -69.57 114.52
N GLU A 2994 46.15 -70.46 115.51
CA GLU A 2994 45.13 -71.51 115.62
C GLU A 2994 43.77 -70.90 115.90
N ILE A 2995 43.72 -69.88 116.75
CA ILE A 2995 42.45 -69.24 117.10
C ILE A 2995 41.85 -68.61 115.86
N LYS A 2996 42.67 -67.88 115.10
CA LYS A 2996 42.15 -67.20 113.92
C LYS A 2996 41.70 -68.20 112.87
N PHE A 2997 42.46 -69.28 112.67
CA PHE A 2997 42.07 -70.28 111.67
C PHE A 2997 40.77 -70.96 112.07
N PHE A 2998 40.63 -71.30 113.36
CA PHE A 2998 39.42 -71.96 113.83
C PHE A 2998 38.21 -71.05 113.68
N ALA A 2999 38.35 -69.77 114.03
CA ALA A 2999 37.21 -68.89 114.02
C ALA A 2999 36.83 -68.46 112.61
N LYS A 3000 37.81 -68.21 111.75
CA LYS A 3000 37.54 -67.62 110.44
C LYS A 3000 37.38 -68.63 109.30
N ILE A 3001 37.79 -69.88 109.46
CA ILE A 3001 37.75 -70.86 108.37
C ILE A 3001 36.86 -72.04 108.70
N LEU A 3002 37.10 -72.69 109.84
CA LEU A 3002 36.49 -73.98 110.12
C LEU A 3002 34.97 -73.89 110.26
N LEU A 3003 34.49 -72.93 111.04
CA LEU A 3003 33.05 -72.81 111.27
C LEU A 3003 32.23 -72.54 110.01
N PRO A 3004 32.59 -71.59 109.16
CA PRO A 3004 31.86 -71.45 107.88
C PRO A 3004 31.95 -72.68 107.01
N LEU A 3005 33.07 -73.40 107.05
CA LEU A 3005 33.21 -74.58 106.20
C LEU A 3005 32.30 -75.69 106.67
N ILE A 3006 32.24 -75.95 107.98
CA ILE A 3006 31.33 -76.95 108.50
C ILE A 3006 29.88 -76.54 108.22
N ASN A 3007 29.61 -75.24 108.35
CA ASN A 3007 28.26 -74.73 108.15
C ASN A 3007 27.79 -75.00 106.74
N GLN A 3008 28.66 -74.79 105.76
CA GLN A 3008 28.18 -74.89 104.39
C GLN A 3008 28.28 -76.32 103.91
N TYR A 3009 29.28 -77.08 104.38
CA TYR A 3009 29.40 -78.44 103.90
C TYR A 3009 28.19 -79.24 104.35
N PHE A 3010 27.84 -79.15 105.64
CA PHE A 3010 26.69 -79.92 106.10
C PHE A 3010 25.37 -79.28 105.73
N THR A 3011 25.34 -78.00 105.36
CA THR A 3011 24.13 -77.44 104.80
C THR A 3011 23.85 -78.02 103.43
N ASN A 3012 24.89 -78.17 102.62
CA ASN A 3012 24.70 -78.71 101.27
C ASN A 3012 24.46 -80.21 101.32
N HIS A 3013 25.16 -80.93 102.20
CA HIS A 3013 25.10 -82.39 102.26
C HIS A 3013 24.33 -82.90 103.47
N CYS A 3014 23.30 -82.17 103.93
CA CYS A 3014 22.48 -82.67 105.02
C CYS A 3014 21.78 -83.97 104.64
N LEU A 3015 21.26 -84.06 103.41
CA LEU A 3015 20.50 -85.24 103.01
C LEU A 3015 21.39 -86.48 102.86
N TYR A 3016 22.66 -86.30 102.54
CA TYR A 3016 23.55 -87.45 102.39
C TYR A 3016 23.69 -88.22 103.69
N PHE A 3017 23.85 -87.51 104.80
CA PHE A 3017 24.02 -88.17 106.10
C PHE A 3017 22.72 -88.70 106.65
N LEU A 3018 21.59 -88.07 106.32
CA LEU A 3018 20.30 -88.53 106.79
C LEU A 3018 19.76 -89.71 105.98
N SER A 3019 20.36 -90.00 104.83
CA SER A 3019 19.87 -91.09 103.99
C SER A 3019 20.25 -92.44 104.59
N THR A 3020 19.45 -93.45 104.26
CA THR A 3020 19.67 -94.82 104.70
C THR A 3020 19.39 -95.75 103.53
N PRO A 3021 19.99 -96.95 103.52
CA PRO A 3021 19.71 -97.87 102.41
C PRO A 3021 18.23 -98.19 102.25
N ALA A 3022 17.48 -98.24 103.36
CA ALA A 3022 16.04 -98.47 103.26
C ALA A 3022 15.35 -97.32 102.55
N LYS A 3023 15.78 -96.09 102.83
CA LYS A 3023 15.14 -94.89 102.30
C LYS A 3023 16.22 -93.94 101.79
N VAL A 3024 16.31 -93.77 100.48
CA VAL A 3024 17.29 -92.90 99.85
C VAL A 3024 16.60 -91.57 99.60
N LEU A 3025 16.79 -90.62 100.52
CA LEU A 3025 16.15 -89.31 100.38
C LEU A 3025 16.87 -88.45 99.35
N GLY A 3026 18.20 -88.56 99.28
CA GLY A 3026 18.98 -87.74 98.37
C GLY A 3026 19.00 -88.31 96.97
N SER A 3027 19.80 -87.66 96.12
CA SER A 3027 19.92 -88.10 94.74
C SER A 3027 20.54 -89.48 94.66
N GLY A 3028 21.59 -89.74 95.43
CA GLY A 3028 22.23 -91.03 95.42
C GLY A 3028 23.24 -91.15 96.54
N GLY A 3029 23.52 -92.39 96.92
CA GLY A 3029 24.48 -92.67 97.97
C GLY A 3029 23.93 -92.37 99.35
N HIS A 3030 24.50 -93.06 100.34
CA HIS A 3030 24.10 -92.90 101.72
C HIS A 3030 25.34 -92.93 102.61
N ALA A 3031 25.28 -92.17 103.70
CA ALA A 3031 26.40 -92.13 104.64
C ALA A 3031 26.50 -93.44 105.40
N SER A 3032 27.73 -93.84 105.69
CA SER A 3032 27.98 -95.06 106.43
C SER A 3032 27.80 -94.84 107.93
N ASN A 3033 27.77 -95.97 108.65
CA ASN A 3033 27.63 -95.93 110.11
C ASN A 3033 28.79 -95.17 110.74
N LYS A 3034 30.01 -95.39 110.25
CA LYS A 3034 31.16 -94.71 110.80
C LYS A 3034 31.05 -93.20 110.61
N GLU A 3035 30.57 -92.76 109.44
CA GLU A 3035 30.36 -91.34 109.20
C GLU A 3035 29.31 -90.76 110.14
N LYS A 3036 28.23 -91.51 110.39
CA LYS A 3036 27.23 -91.04 111.35
C LYS A 3036 27.80 -90.97 112.76
N GLU A 3037 28.67 -91.92 113.11
CA GLU A 3037 29.32 -91.88 114.41
C GLU A 3037 30.23 -90.66 114.52
N MET A 3038 30.97 -90.36 113.45
CA MET A 3038 31.90 -89.24 113.52
C MET A 3038 31.15 -87.93 113.64
N ILE A 3039 30.06 -87.76 112.89
CA ILE A 3039 29.30 -86.52 112.99
C ILE A 3039 28.63 -86.40 114.35
N THR A 3040 28.27 -87.53 114.96
CA THR A 3040 27.70 -87.47 116.31
C THR A 3040 28.75 -87.07 117.33
N SER A 3041 29.95 -87.65 117.25
CA SER A 3041 30.99 -87.26 118.18
C SER A 3041 31.41 -85.81 117.95
N LEU A 3042 31.37 -85.34 116.70
CA LEU A 3042 31.66 -83.94 116.45
C LEU A 3042 30.64 -83.03 117.13
N PHE A 3043 29.36 -83.40 117.05
CA PHE A 3043 28.34 -82.61 117.71
C PHE A 3043 28.53 -82.61 119.22
N CYS A 3044 28.80 -83.77 119.80
CA CYS A 3044 28.96 -83.86 121.25
C CYS A 3044 30.18 -83.07 121.72
N LYS A 3045 31.29 -83.19 121.00
CA LYS A 3045 32.50 -82.47 121.37
C LYS A 3045 32.30 -80.97 121.25
N LEU A 3046 31.63 -80.52 120.19
CA LEU A 3046 31.38 -79.09 120.04
C LEU A 3046 30.47 -78.57 121.15
N ALA A 3047 29.44 -79.34 121.51
CA ALA A 3047 28.55 -78.91 122.57
C ALA A 3047 29.30 -78.81 123.89
N ALA A 3048 30.15 -79.78 124.20
CA ALA A 3048 30.92 -79.67 125.44
C ALA A 3048 31.93 -78.53 125.34
N LEU A 3049 32.38 -78.20 124.13
CA LEU A 3049 33.30 -77.08 123.95
C LEU A 3049 32.62 -75.77 124.33
N VAL A 3050 31.37 -75.61 123.90
CA VAL A 3050 30.65 -74.35 124.13
C VAL A 3050 29.91 -74.33 125.47
N ARG A 3051 29.89 -75.44 126.21
CA ARG A 3051 29.18 -75.44 127.48
C ARG A 3051 29.81 -74.45 128.45
N HIS A 3052 29.04 -73.42 128.82
CA HIS A 3052 29.42 -72.43 129.82
C HIS A 3052 30.64 -71.59 129.43
N ARG A 3053 30.91 -71.45 128.14
CA ARG A 3053 32.03 -70.61 127.69
C ARG A 3053 31.62 -69.73 126.51
N VAL A 3054 30.36 -69.28 126.51
CA VAL A 3054 29.86 -68.48 125.41
C VAL A 3054 30.58 -67.13 125.34
N SER A 3055 30.90 -66.55 126.48
CA SER A 3055 31.49 -65.21 126.51
C SER A 3055 32.88 -65.20 125.89
N LEU A 3056 33.66 -66.26 126.09
CA LEU A 3056 35.03 -66.29 125.61
C LEU A 3056 35.12 -66.29 124.08
N PHE A 3057 34.05 -66.67 123.38
CA PHE A 3057 34.06 -66.64 121.93
C PHE A 3057 33.72 -65.28 121.34
N GLY A 3058 33.28 -64.33 122.15
CA GLY A 3058 32.99 -63.00 121.61
C GLY A 3058 31.92 -63.04 120.55
N THR A 3059 32.22 -62.44 119.40
CA THR A 3059 31.31 -62.36 118.26
C THR A 3059 31.19 -63.66 117.48
N ASP A 3060 32.01 -64.68 117.78
CA ASP A 3060 31.91 -65.96 117.09
C ASP A 3060 30.83 -66.88 117.65
N ALA A 3061 30.23 -66.52 118.79
CA ALA A 3061 29.18 -67.36 119.35
C ALA A 3061 27.99 -67.56 118.42
N PRO A 3062 27.48 -66.56 117.72
CA PRO A 3062 26.41 -66.84 116.75
C PRO A 3062 26.82 -67.82 115.68
N ALA A 3063 28.08 -67.80 115.25
CA ALA A 3063 28.54 -68.78 114.26
C ALA A 3063 28.55 -70.18 114.88
N VAL A 3064 28.97 -70.27 116.14
CA VAL A 3064 29.05 -71.57 116.80
C VAL A 3064 27.65 -72.15 116.95
N VAL A 3065 26.70 -71.33 117.40
CA VAL A 3065 25.34 -71.84 117.61
C VAL A 3065 24.69 -72.20 116.28
N ASN A 3066 24.99 -71.44 115.22
CA ASN A 3066 24.45 -71.81 113.91
C ASN A 3066 24.99 -73.16 113.45
N CYS A 3067 26.27 -73.41 113.70
CA CYS A 3067 26.84 -74.71 113.40
C CYS A 3067 26.18 -75.81 114.23
N LEU A 3068 25.89 -75.51 115.50
CA LEU A 3068 25.20 -76.48 116.34
C LEU A 3068 23.82 -76.79 115.81
N HIS A 3069 23.15 -75.76 115.31
CA HIS A 3069 21.79 -75.90 114.74
C HIS A 3069 21.88 -76.81 113.53
N ILE A 3070 22.89 -76.67 112.65
CA ILE A 3070 22.97 -77.48 111.43
C ILE A 3070 23.36 -78.91 111.77
N LEU A 3071 24.28 -79.10 112.71
CA LEU A 3071 24.62 -80.46 113.12
C LEU A 3071 23.42 -81.16 113.73
N ALA A 3072 22.62 -80.44 114.51
CA ALA A 3072 21.42 -81.06 115.07
C ALA A 3072 20.46 -81.47 113.96
N ARG A 3073 20.32 -80.62 112.94
CA ARG A 3073 19.45 -80.98 111.83
C ARG A 3073 20.04 -82.09 110.98
N SER A 3074 21.31 -82.43 111.19
CA SER A 3074 21.98 -83.46 110.42
C SER A 3074 22.43 -84.64 111.29
N LEU A 3075 21.80 -84.81 112.46
CA LEU A 3075 22.08 -85.94 113.34
C LEU A 3075 21.09 -87.07 113.08
N ASP A 3076 21.59 -88.21 112.59
CA ASP A 3076 20.79 -89.43 112.43
C ASP A 3076 20.98 -90.35 113.64
N ALA A 3077 20.33 -89.98 114.74
CA ALA A 3077 20.56 -90.62 116.03
C ALA A 3077 19.92 -92.00 116.17
N ARG A 3078 18.96 -92.36 115.32
CA ARG A 3078 18.34 -93.68 115.44
C ARG A 3078 19.35 -94.80 115.22
N THR A 3079 20.13 -94.72 114.13
CA THR A 3079 21.10 -95.77 113.86
C THR A 3079 22.20 -95.77 114.90
N VAL A 3080 22.61 -94.59 115.34
CA VAL A 3080 23.71 -94.49 116.30
C VAL A 3080 23.29 -95.13 117.62
N MET A 3081 22.07 -94.83 118.07
CA MET A 3081 21.62 -95.36 119.35
C MET A 3081 21.29 -96.84 119.27
N LYS A 3082 20.87 -97.33 118.10
CA LYS A 3082 20.56 -98.76 117.99
C LYS A 3082 21.84 -99.58 117.88
N SER A 3083 22.64 -99.31 116.84
CA SER A 3083 23.90 -100.01 116.62
C SER A 3083 24.99 -98.95 116.51
N GLY A 3084 25.58 -98.60 117.66
CA GLY A 3084 26.61 -97.59 117.70
C GLY A 3084 27.55 -97.76 118.88
N PRO A 3085 28.69 -97.09 118.85
CA PRO A 3085 29.67 -97.24 119.94
C PRO A 3085 29.17 -96.73 121.28
N GLU A 3086 29.66 -97.40 122.33
CA GLU A 3086 29.29 -97.04 123.69
C GLU A 3086 29.77 -95.65 124.05
N ILE A 3087 30.96 -95.27 123.59
CA ILE A 3087 31.50 -93.96 123.93
C ILE A 3087 30.62 -92.85 123.37
N VAL A 3088 30.19 -92.98 122.11
CA VAL A 3088 29.34 -91.96 121.51
C VAL A 3088 27.98 -91.93 122.20
N LYS A 3089 27.40 -93.10 122.48
CA LYS A 3089 26.10 -93.08 123.15
C LYS A 3089 26.21 -92.48 124.54
N ALA A 3090 27.27 -92.80 125.27
CA ALA A 3090 27.45 -92.22 126.60
C ALA A 3090 27.65 -90.72 126.51
N GLY A 3091 28.29 -90.25 125.43
CA GLY A 3091 28.45 -88.82 125.24
C GLY A 3091 27.12 -88.12 125.03
N LEU A 3092 26.25 -88.72 124.23
CA LEU A 3092 24.94 -88.13 124.00
C LEU A 3092 24.10 -88.14 125.27
N ARG A 3093 24.19 -89.24 126.03
CA ARG A 3093 23.46 -89.29 127.30
C ARG A 3093 23.98 -88.21 128.25
N SER A 3094 25.30 -88.02 128.29
CA SER A 3094 25.86 -86.99 129.16
C SER A 3094 25.42 -85.62 128.70
N PHE A 3095 25.22 -85.44 127.40
CA PHE A 3095 24.75 -84.16 126.88
C PHE A 3095 23.35 -83.86 127.39
N PHE A 3096 22.45 -84.85 127.30
CA PHE A 3096 21.10 -84.64 127.81
C PHE A 3096 21.10 -84.43 129.32
N GLU A 3097 21.91 -85.20 130.06
CA GLU A 3097 21.97 -85.03 131.50
C GLU A 3097 22.48 -83.65 131.88
N SER A 3098 23.51 -83.15 131.20
CA SER A 3098 24.00 -81.82 131.48
C SER A 3098 22.95 -80.76 131.15
N ALA A 3099 22.21 -80.96 130.05
CA ALA A 3099 21.17 -79.98 129.72
C ALA A 3099 20.10 -79.95 130.81
N SER A 3100 19.72 -81.14 131.31
CA SER A 3100 18.73 -81.20 132.37
C SER A 3100 19.22 -80.51 133.63
N GLU A 3101 20.49 -80.74 133.99
CA GLU A 3101 21.04 -80.12 135.19
C GLU A 3101 21.09 -78.61 135.04
N ASP A 3102 21.48 -78.12 133.85
CA ASP A 3102 21.54 -76.68 133.64
C ASP A 3102 20.16 -76.05 133.70
N ILE A 3103 19.14 -76.72 133.16
CA ILE A 3103 17.80 -76.16 133.23
C ILE A 3103 17.30 -76.15 134.67
N GLU A 3104 17.61 -77.21 135.42
CA GLU A 3104 17.22 -77.25 136.83
C GLU A 3104 17.88 -76.13 137.62
N LYS A 3105 19.15 -75.88 137.34
CA LYS A 3105 19.84 -74.77 137.99
C LYS A 3105 19.26 -73.42 137.57
N MET A 3106 18.82 -73.30 136.32
CA MET A 3106 18.23 -72.03 135.90
C MET A 3106 16.94 -71.78 136.64
N VAL A 3107 16.07 -72.78 136.71
CA VAL A 3107 14.77 -72.55 137.32
C VAL A 3107 14.93 -72.34 138.82
N GLU A 3108 15.86 -73.08 139.46
CA GLU A 3108 16.05 -72.89 140.89
C GLU A 3108 16.71 -71.56 141.22
N ASN A 3109 17.50 -70.99 140.29
CA ASN A 3109 18.03 -69.64 140.48
C ASN A 3109 17.00 -68.55 140.20
N LEU A 3110 16.14 -68.75 139.20
CA LEU A 3110 15.04 -67.82 138.95
C LEU A 3110 14.01 -67.79 140.08
N ARG A 3111 13.74 -68.92 140.74
CA ARG A 3111 12.80 -68.90 141.87
C ARG A 3111 13.50 -68.26 143.07
N LEU A 3112 13.74 -66.96 142.95
CA LEU A 3112 14.42 -66.20 143.98
C LEU A 3112 13.68 -66.27 145.31
N VAL A 3125 26.28 -66.51 137.90
CA VAL A 3125 24.85 -66.54 137.61
C VAL A 3125 24.59 -65.99 136.21
N GLY A 3126 25.26 -64.86 135.92
CA GLY A 3126 25.13 -64.26 134.61
C GLY A 3126 25.67 -65.12 133.48
N GLN A 3127 26.82 -65.77 133.71
CA GLN A 3127 27.39 -66.62 132.67
C GLN A 3127 26.45 -67.80 132.37
N ASN A 3128 25.94 -68.40 133.44
CA ASN A 3128 25.03 -69.55 133.30
C ASN A 3128 23.85 -69.04 132.50
N LEU A 3129 23.22 -67.93 132.89
CA LEU A 3129 21.96 -67.46 132.31
C LEU A 3129 22.15 -67.12 130.84
N THR A 3130 23.24 -66.45 130.50
CA THR A 3130 23.43 -66.07 129.11
C THR A 3130 23.82 -67.26 128.26
N TYR A 3131 24.47 -68.27 128.87
CA TYR A 3131 24.81 -69.46 128.12
C TYR A 3131 23.56 -70.25 127.81
N THR A 3132 22.66 -70.36 128.78
CA THR A 3132 21.48 -71.18 128.55
C THR A 3132 20.55 -70.51 127.56
N THR A 3133 20.35 -69.19 127.74
CA THR A 3133 19.40 -68.45 126.93
C THR A 3133 19.91 -68.15 125.53
N VAL A 3134 21.22 -68.26 125.28
CA VAL A 3134 21.73 -67.93 123.97
C VAL A 3134 22.09 -69.20 123.20
N ALA A 3135 22.44 -70.27 123.91
CA ALA A 3135 22.83 -71.50 123.23
C ALA A 3135 21.87 -72.66 123.49
N LEU A 3136 21.59 -72.97 124.75
CA LEU A 3136 21.02 -74.27 125.08
C LEU A 3136 19.59 -74.41 124.58
N LEU A 3137 18.75 -73.42 124.87
CA LEU A 3137 17.34 -73.54 124.52
C LEU A 3137 17.11 -73.61 123.01
N PRO A 3138 17.68 -72.74 122.18
CA PRO A 3138 17.44 -72.90 120.72
C PRO A 3138 17.95 -74.21 120.15
N VAL A 3139 19.09 -74.71 120.61
CA VAL A 3139 19.61 -75.96 120.06
C VAL A 3139 18.75 -77.13 120.52
N LEU A 3140 18.38 -77.15 121.79
CA LEU A 3140 17.54 -78.23 122.30
C LEU A 3140 16.18 -78.22 121.62
N THR A 3141 15.64 -77.03 121.36
CA THR A 3141 14.40 -76.92 120.63
C THR A 3141 14.52 -77.46 119.22
N THR A 3142 15.62 -77.13 118.53
CA THR A 3142 15.81 -77.62 117.17
C THR A 3142 15.95 -79.14 117.17
N LEU A 3143 16.70 -79.68 118.14
CA LEU A 3143 16.91 -81.12 118.18
C LEU A 3143 15.60 -81.85 118.45
N PHE A 3144 14.78 -81.33 119.38
CA PHE A 3144 13.49 -81.96 119.64
C PHE A 3144 12.58 -81.88 118.43
N GLN A 3145 12.58 -80.75 117.72
CA GLN A 3145 11.77 -80.64 116.52
C GLN A 3145 12.23 -81.62 115.45
N HIS A 3146 13.54 -81.79 115.30
CA HIS A 3146 14.05 -82.75 114.33
C HIS A 3146 13.65 -84.17 114.70
N ILE A 3147 13.72 -84.50 115.99
CA ILE A 3147 13.32 -85.84 116.42
C ILE A 3147 11.84 -86.05 116.15
N ALA A 3148 11.01 -85.05 116.45
CA ALA A 3148 9.58 -85.23 116.25
C ALA A 3148 9.28 -85.39 114.77
N GLN A 3149 9.95 -84.59 113.93
CA GLN A 3149 9.68 -84.64 112.50
C GLN A 3149 10.08 -85.98 111.91
N HIS A 3150 11.19 -86.55 112.37
CA HIS A 3150 11.70 -87.81 111.81
C HIS A 3150 11.25 -89.03 112.60
N GLN A 3151 10.40 -88.86 113.61
CA GLN A 3151 9.80 -89.97 114.33
C GLN A 3151 10.86 -90.89 114.95
N PHE A 3152 11.92 -90.29 115.46
CA PHE A 3152 12.97 -91.04 116.15
C PHE A 3152 12.72 -91.19 117.64
N GLY A 3153 11.59 -90.66 118.13
CA GLY A 3153 11.36 -90.65 119.57
C GLY A 3153 11.27 -92.04 120.18
N ASP A 3154 10.63 -92.97 119.47
CA ASP A 3154 10.47 -94.32 120.01
C ASP A 3154 11.76 -95.12 120.03
N ASP A 3155 12.83 -94.62 119.41
CA ASP A 3155 14.09 -95.34 119.35
C ASP A 3155 15.23 -94.67 120.12
N VAL A 3156 15.16 -93.35 120.32
CA VAL A 3156 16.23 -92.60 120.96
C VAL A 3156 15.94 -92.33 122.43
N ILE A 3157 14.73 -91.88 122.74
CA ILE A 3157 14.43 -91.40 124.11
C ILE A 3157 14.01 -92.63 124.91
N LEU A 3158 14.97 -93.40 125.44
CA LEU A 3158 14.66 -94.71 126.08
C LEU A 3158 14.99 -94.82 127.57
N ASP A 3159 16.27 -94.80 127.99
CA ASP A 3159 16.63 -95.08 129.41
C ASP A 3159 17.06 -93.81 130.15
N ASP A 3160 18.33 -93.40 130.06
CA ASP A 3160 18.86 -92.25 130.83
C ASP A 3160 18.28 -90.96 130.27
N VAL A 3161 17.82 -90.96 129.02
CA VAL A 3161 17.34 -89.72 128.34
C VAL A 3161 15.83 -89.55 128.55
N GLN A 3162 15.13 -90.59 129.02
CA GLN A 3162 13.68 -90.49 129.34
C GLN A 3162 13.55 -89.91 130.75
N VAL A 3163 14.44 -90.24 131.69
CA VAL A 3163 14.47 -89.64 133.03
C VAL A 3163 14.90 -88.18 132.97
N SER A 3164 15.91 -87.87 132.16
CA SER A 3164 16.34 -86.48 132.00
C SER A 3164 15.25 -85.62 131.39
N CYS A 3165 14.54 -86.13 130.38
CA CYS A 3165 13.47 -85.34 129.78
C CYS A 3165 12.31 -85.18 130.75
N TYR A 3166 12.04 -86.20 131.58
CA TYR A 3166 11.00 -86.05 132.59
C TYR A 3166 11.36 -84.96 133.58
N ARG A 3167 12.60 -84.94 134.04
CA ARG A 3167 13.05 -83.91 134.98
C ARG A 3167 13.01 -82.52 134.36
N THR A 3168 13.41 -82.41 133.10
CA THR A 3168 13.31 -81.13 132.38
C THR A 3168 11.87 -80.66 132.24
N LEU A 3169 10.95 -81.56 131.90
CA LEU A 3169 9.55 -81.17 131.82
C LEU A 3169 9.01 -80.77 133.20
N CYS A 3170 9.41 -81.50 134.24
CA CYS A 3170 9.03 -81.15 135.60
C CYS A 3170 9.47 -79.73 135.91
N SER A 3171 10.72 -79.42 135.59
CA SER A 3171 11.28 -78.16 136.05
C SER A 3171 10.65 -77.04 135.25
N ILE A 3172 10.49 -77.24 133.94
CA ILE A 3172 9.96 -76.18 133.10
C ILE A 3172 8.54 -75.85 133.56
N TYR A 3173 7.72 -76.88 133.82
CA TYR A 3173 6.37 -76.63 134.28
C TYR A 3173 6.33 -76.05 135.69
N SER A 3174 7.39 -76.24 136.48
CA SER A 3174 7.38 -75.71 137.84
C SER A 3174 7.47 -74.19 137.90
N LEU A 3175 7.50 -73.52 136.75
CA LEU A 3175 7.54 -72.07 136.68
C LEU A 3175 6.17 -71.41 136.79
N GLY A 3176 5.10 -72.18 136.90
CA GLY A 3176 3.77 -71.58 136.92
C GLY A 3176 3.55 -70.64 138.09
N THR A 3177 4.14 -70.95 139.25
CA THR A 3177 3.94 -70.17 140.46
C THR A 3177 5.00 -69.09 140.64
N THR A 3178 5.61 -68.61 139.55
CA THR A 3178 6.66 -67.60 139.61
C THR A 3178 6.28 -66.42 138.72
N LYS A 3179 6.45 -65.20 139.25
CA LYS A 3179 6.08 -63.97 138.56
C LYS A 3179 7.24 -62.99 138.63
N ASN A 3180 7.92 -62.79 137.49
CA ASN A 3180 9.01 -61.83 137.40
C ASN A 3180 9.04 -61.26 136.00
N THR A 3181 9.84 -60.20 135.83
CA THR A 3181 9.96 -59.57 134.52
C THR A 3181 10.74 -60.45 133.56
N TYR A 3182 11.79 -61.11 134.07
CA TYR A 3182 12.54 -62.01 133.22
C TYR A 3182 11.64 -63.17 132.80
N VAL A 3183 10.82 -63.67 133.72
CA VAL A 3183 9.93 -64.77 133.36
C VAL A 3183 8.93 -64.28 132.33
N GLU A 3184 8.49 -63.02 132.46
CA GLU A 3184 7.50 -62.49 131.55
C GLU A 3184 8.05 -62.48 130.13
N LYS A 3185 9.30 -62.06 129.98
CA LYS A 3185 9.89 -62.02 128.64
C LYS A 3185 10.41 -63.38 128.18
N LEU A 3186 10.57 -64.34 129.09
CA LEU A 3186 11.09 -65.66 128.77
C LEU A 3186 10.02 -66.72 128.56
N ARG A 3187 8.75 -66.42 128.79
CA ARG A 3187 7.70 -67.42 128.59
C ARG A 3187 7.60 -67.96 127.17
N PRO A 3188 7.64 -67.15 126.12
CA PRO A 3188 7.54 -67.73 124.76
C PRO A 3188 8.60 -68.75 124.40
N ALA A 3189 9.84 -68.55 124.85
CA ALA A 3189 10.90 -69.52 124.55
C ALA A 3189 10.70 -70.81 125.33
N LEU A 3190 10.36 -70.70 126.61
CA LEU A 3190 10.14 -71.89 127.41
C LEU A 3190 8.95 -72.66 126.87
N GLY A 3191 7.89 -71.96 126.48
CA GLY A 3191 6.72 -72.63 125.96
C GLY A 3191 7.00 -73.35 124.66
N GLU A 3192 7.78 -72.72 123.77
CA GLU A 3192 8.11 -73.38 122.51
C GLU A 3192 8.97 -74.61 122.75
N CYS A 3193 9.91 -74.52 123.69
CA CYS A 3193 10.73 -75.68 124.00
C CYS A 3193 9.89 -76.81 124.59
N LEU A 3194 8.93 -76.46 125.45
CA LEU A 3194 8.09 -77.49 126.05
C LEU A 3194 7.19 -78.12 125.00
N ALA A 3195 6.70 -77.32 124.05
CA ALA A 3195 5.86 -77.86 123.00
C ALA A 3195 6.64 -78.86 122.14
N ARG A 3196 7.88 -78.52 121.79
CA ARG A 3196 8.68 -79.46 121.00
C ARG A 3196 9.01 -80.70 121.82
N LEU A 3197 9.25 -80.54 123.12
CA LEU A 3197 9.52 -81.72 123.95
C LEU A 3197 8.28 -82.61 123.98
N ALA A 3198 7.10 -82.02 124.07
CA ALA A 3198 5.87 -82.81 124.08
C ALA A 3198 5.71 -83.54 122.76
N ALA A 3199 6.07 -82.89 121.66
CA ALA A 3199 5.97 -83.53 120.35
C ALA A 3199 6.94 -84.69 120.22
N ALA A 3200 8.10 -84.61 120.86
CA ALA A 3200 9.10 -85.67 120.74
C ALA A 3200 9.03 -86.71 121.84
N MET A 3201 8.25 -86.50 122.89
CA MET A 3201 8.20 -87.45 123.99
C MET A 3201 7.40 -88.68 123.59
N PRO A 3202 7.96 -89.89 123.71
CA PRO A 3202 7.23 -91.09 123.29
C PRO A 3202 6.26 -91.68 124.31
N VAL A 3203 6.17 -91.12 125.51
CA VAL A 3203 5.29 -91.65 126.55
C VAL A 3203 4.21 -90.62 126.85
N ALA A 3204 3.01 -91.11 127.14
CA ALA A 3204 1.86 -90.26 127.47
C ALA A 3204 1.89 -89.95 128.96
N PHE A 3205 2.72 -88.96 129.31
CA PHE A 3205 2.88 -88.59 130.72
C PHE A 3205 1.61 -88.01 131.32
N LEU A 3206 0.66 -87.58 130.49
CA LEU A 3206 -0.59 -87.02 130.99
C LEU A 3206 -1.65 -88.08 131.30
N GLU A 3207 -1.39 -89.35 130.96
CA GLU A 3207 -2.32 -90.44 131.22
C GLU A 3207 -1.56 -91.60 131.87
N PRO A 3208 -1.12 -91.41 133.11
CA PRO A 3208 -0.35 -92.48 133.78
C PRO A 3208 -1.16 -93.73 134.05
N GLN A 3209 -2.49 -93.64 134.05
CA GLN A 3209 -3.30 -94.82 134.36
C GLN A 3209 -3.22 -95.89 133.27
N LEU A 3210 -2.82 -95.51 132.06
CA LEU A 3210 -2.68 -96.46 130.95
C LEU A 3210 -1.22 -96.73 130.59
N ASN A 3211 -0.28 -96.39 131.47
CA ASN A 3211 1.13 -96.58 131.15
C ASN A 3211 1.51 -98.05 131.05
N GLU A 3212 0.75 -98.95 131.70
CA GLU A 3212 1.09 -100.37 131.67
C GLU A 3212 0.98 -100.97 130.28
N TYR A 3213 0.32 -100.29 129.33
CA TYR A 3213 0.16 -100.78 127.98
C TYR A 3213 1.16 -100.14 127.01
N ASN A 3214 2.14 -99.40 127.52
CA ASN A 3214 3.15 -98.75 126.70
C ASN A 3214 4.43 -99.57 126.76
N ALA A 3215 4.89 -100.04 125.61
CA ALA A 3215 6.08 -100.89 125.56
C ALA A 3215 7.34 -100.07 125.78
N CYS A 3216 7.32 -98.78 125.45
CA CYS A 3216 8.51 -97.94 125.54
C CYS A 3216 8.70 -97.31 126.91
N SER A 3217 7.75 -97.49 127.83
CA SER A 3217 7.90 -96.93 129.16
C SER A 3217 9.05 -97.62 129.91
N VAL A 3218 9.77 -96.85 130.72
CA VAL A 3218 10.89 -97.41 131.46
C VAL A 3218 10.40 -98.41 132.50
N TYR A 3219 9.19 -98.23 133.02
CA TYR A 3219 8.65 -99.12 134.04
C TYR A 3219 8.20 -100.45 133.48
N THR A 3220 8.16 -100.58 132.15
CA THR A 3220 7.87 -101.84 131.49
C THR A 3220 9.10 -102.44 130.82
N THR A 3221 9.96 -101.59 130.24
CA THR A 3221 11.17 -102.08 129.61
C THR A 3221 12.15 -102.59 130.65
N LYS A 3222 12.23 -101.92 131.80
CA LYS A 3222 13.17 -102.28 132.85
C LYS A 3222 12.45 -103.05 133.95
N SER A 3223 13.15 -104.01 134.54
CA SER A 3223 12.58 -104.81 135.62
C SER A 3223 12.48 -103.97 136.88
N PRO A 3224 11.58 -104.33 137.81
CA PRO A 3224 11.49 -103.57 139.06
C PRO A 3224 12.78 -103.57 139.86
N ARG A 3225 13.61 -104.60 139.71
CA ARG A 3225 14.90 -104.64 140.40
C ARG A 3225 15.82 -103.55 139.88
N GLU A 3226 15.97 -103.44 138.56
CA GLU A 3226 17.03 -102.59 138.04
C GLU A 3226 16.72 -101.10 138.17
N ARG A 3227 15.53 -100.74 138.62
CA ARG A 3227 15.13 -99.36 138.76
C ARG A 3227 15.44 -98.77 140.13
N ALA A 3228 16.12 -99.52 141.00
CA ALA A 3228 16.40 -99.08 142.36
C ALA A 3228 17.83 -98.62 142.57
N ILE A 3229 18.77 -99.04 141.72
CA ILE A 3229 20.15 -98.58 141.87
C ILE A 3229 20.22 -97.06 141.79
N LEU A 3230 19.46 -96.46 140.88
CA LEU A 3230 19.41 -95.01 140.74
C LEU A 3230 18.10 -94.47 141.30
N GLY A 3231 17.95 -93.15 141.20
CA GLY A 3231 16.88 -92.42 141.85
C GLY A 3231 15.55 -92.36 141.12
N LEU A 3232 14.75 -93.43 141.18
CA LEU A 3232 13.39 -93.36 140.69
C LEU A 3232 12.43 -93.81 141.78
N PRO A 3233 11.21 -93.27 141.80
CA PRO A 3233 10.25 -93.69 142.82
C PRO A 3233 9.71 -95.07 142.51
N ASN A 3234 9.22 -95.75 143.55
CA ASN A 3234 8.59 -97.05 143.35
C ASN A 3234 7.23 -96.94 142.68
N SER A 3235 6.75 -95.73 142.42
CA SER A 3235 5.45 -95.52 141.79
C SER A 3235 5.59 -94.53 140.65
N VAL A 3236 5.19 -94.96 139.46
CA VAL A 3236 5.12 -94.08 138.31
C VAL A 3236 4.02 -93.03 138.49
N GLU A 3237 2.93 -93.39 139.17
CA GLU A 3237 1.83 -92.45 139.35
C GLU A 3237 2.21 -91.23 140.17
N GLU A 3238 3.30 -91.29 140.95
CA GLU A 3238 3.65 -90.17 141.81
C GLU A 3238 4.72 -89.29 141.17
N MET A 3239 5.27 -89.71 140.03
CA MET A 3239 6.16 -88.85 139.27
C MET A 3239 5.37 -87.70 138.67
N CYS A 3240 6.04 -86.57 138.48
CA CYS A 3240 5.43 -85.39 137.88
C CYS A 3240 4.19 -84.96 138.68
N PRO A 3241 4.31 -84.83 140.00
CA PRO A 3241 3.12 -84.60 140.82
C PRO A 3241 2.48 -83.24 140.62
N ASP A 3242 3.19 -82.29 140.02
CA ASP A 3242 2.65 -80.94 139.83
C ASP A 3242 1.89 -80.78 138.53
N ILE A 3243 1.80 -81.82 137.71
CA ILE A 3243 1.09 -81.76 136.44
C ILE A 3243 -0.29 -82.37 136.64
N PRO A 3244 -1.37 -81.62 136.49
CA PRO A 3244 -2.70 -82.23 136.52
C PRO A 3244 -2.91 -83.13 135.33
N VAL A 3245 -3.78 -84.13 135.51
CA VAL A 3245 -4.09 -85.07 134.44
C VAL A 3245 -4.83 -84.34 133.33
N LEU A 3246 -4.95 -84.99 132.17
CA LEU A 3246 -5.53 -84.33 131.01
C LEU A 3246 -6.99 -83.92 131.25
N ASP A 3247 -7.77 -84.79 131.88
CA ASP A 3247 -9.16 -84.47 132.16
C ASP A 3247 -9.30 -83.26 133.09
N ARG A 3248 -8.48 -83.22 134.14
CA ARG A 3248 -8.52 -82.07 135.05
C ARG A 3248 -8.10 -80.81 134.33
N LEU A 3249 -7.03 -80.89 133.52
CA LEU A 3249 -6.53 -79.70 132.85
C LEU A 3249 -7.55 -79.17 131.85
N MET A 3250 -8.20 -80.06 131.11
CA MET A 3250 -9.23 -79.65 130.17
C MET A 3250 -10.42 -79.04 130.90
N ALA A 3251 -10.80 -79.60 132.04
CA ALA A 3251 -11.92 -79.02 132.78
C ALA A 3251 -11.57 -77.63 133.26
N ASP A 3252 -10.34 -77.44 133.74
CA ASP A 3252 -9.93 -76.13 134.24
C ASP A 3252 -9.92 -75.10 133.12
N ILE A 3253 -9.39 -75.48 131.95
CA ILE A 3253 -9.36 -74.54 130.84
C ILE A 3253 -10.77 -74.22 130.35
N GLY A 3254 -11.64 -75.22 130.26
CA GLY A 3254 -13.01 -74.94 129.85
C GLY A 3254 -13.74 -74.05 130.82
N GLY A 3255 -13.55 -74.27 132.12
CA GLY A 3255 -14.20 -73.43 133.11
C GLY A 3255 -13.69 -72.00 133.07
N LEU A 3256 -12.37 -71.82 132.92
CA LEU A 3256 -11.84 -70.47 132.82
C LEU A 3256 -12.33 -69.78 131.57
N ALA A 3257 -12.37 -70.51 130.45
CA ALA A 3257 -12.80 -69.92 129.20
C ALA A 3257 -14.25 -69.47 129.28
N GLU A 3258 -15.11 -70.31 129.86
CA GLU A 3258 -16.55 -70.00 129.99
C GLU A 3258 -16.73 -68.87 130.99
N SER A 3259 -15.88 -68.78 132.02
CA SER A 3259 -15.99 -67.77 133.05
C SER A 3259 -15.51 -66.42 132.55
N GLY A 3260 -14.67 -66.40 131.52
CA GLY A 3260 -14.11 -65.16 131.02
C GLY A 3260 -12.95 -64.67 131.85
N ALA A 3261 -11.84 -64.34 131.18
CA ALA A 3261 -10.64 -63.88 131.86
C ALA A 3261 -9.68 -63.32 130.83
N ARG A 3262 -9.02 -62.21 131.18
CA ARG A 3262 -8.13 -61.53 130.27
C ARG A 3262 -6.72 -62.11 130.31
N TYR A 3263 -5.86 -61.60 129.42
CA TYR A 3263 -4.50 -62.11 129.35
C TYR A 3263 -3.73 -61.83 130.62
N THR A 3264 -4.06 -60.74 131.33
CA THR A 3264 -3.26 -60.40 132.50
C THR A 3264 -3.46 -61.45 133.58
N GLU A 3265 -4.66 -62.02 133.67
CA GLU A 3265 -4.97 -63.04 134.66
C GLU A 3265 -4.79 -64.45 134.11
N MET A 3266 -4.46 -64.59 132.83
CA MET A 3266 -4.20 -65.90 132.21
C MET A 3266 -2.96 -65.85 131.31
N PRO A 3267 -1.81 -65.46 131.84
CA PRO A 3267 -0.63 -65.47 130.97
C PRO A 3267 0.11 -66.80 130.94
N HIS A 3268 0.08 -67.54 132.05
CA HIS A 3268 0.78 -68.83 132.09
C HIS A 3268 0.10 -69.85 131.18
N VAL A 3269 -1.24 -69.89 131.22
CA VAL A 3269 -1.99 -70.88 130.45
C VAL A 3269 -1.82 -70.66 128.97
N ILE A 3270 -1.91 -69.41 128.53
CA ILE A 3270 -1.86 -69.11 127.10
C ILE A 3270 -0.45 -69.37 126.57
N GLU A 3271 0.57 -68.94 127.29
CA GLU A 3271 1.92 -69.03 126.79
C GLU A 3271 2.52 -70.43 126.94
N ILE A 3272 1.97 -71.28 127.81
CA ILE A 3272 2.59 -72.58 128.06
C ILE A 3272 1.64 -73.74 127.83
N THR A 3273 0.49 -73.72 128.51
CA THR A 3273 -0.38 -74.90 128.58
C THR A 3273 -1.02 -75.20 127.24
N LEU A 3274 -1.54 -74.19 126.56
CA LEU A 3274 -2.22 -74.43 125.28
C LEU A 3274 -1.31 -75.03 124.22
N PRO A 3275 -0.10 -74.52 123.98
CA PRO A 3275 0.78 -75.19 123.00
C PRO A 3275 1.11 -76.61 123.38
N MET A 3276 1.19 -76.90 124.67
CA MET A 3276 1.47 -78.27 125.11
C MET A 3276 0.36 -79.20 124.67
N LEU A 3277 -0.90 -78.82 124.90
CA LEU A 3277 -2.00 -79.70 124.50
C LEU A 3277 -2.13 -79.73 122.99
N CYS A 3278 -1.88 -78.59 122.34
CA CYS A 3278 -1.96 -78.48 120.89
C CYS A 3278 -0.93 -79.34 120.20
N SER A 3279 0.08 -79.79 120.91
CA SER A 3279 1.07 -80.71 120.34
C SER A 3279 0.95 -82.12 120.89
N TYR A 3280 0.45 -82.27 122.12
CA TYR A 3280 0.29 -83.59 122.72
C TYR A 3280 -0.85 -84.36 122.06
N LEU A 3281 -2.01 -83.71 121.88
CA LEU A 3281 -3.17 -84.41 121.35
C LEU A 3281 -2.97 -84.95 119.94
N PRO A 3282 -2.45 -84.18 118.98
CA PRO A 3282 -2.27 -84.75 117.63
C PRO A 3282 -1.36 -85.96 117.58
N ARG A 3283 -0.34 -86.01 118.44
CA ARG A 3283 0.57 -87.15 118.41
C ARG A 3283 -0.13 -88.43 118.85
N TRP A 3284 -0.93 -88.37 119.91
CA TRP A 3284 -1.56 -89.56 120.47
C TRP A 3284 -2.92 -89.86 119.87
N TRP A 3285 -3.47 -88.98 119.03
CA TRP A 3285 -4.69 -89.34 118.32
C TRP A 3285 -4.43 -90.42 117.28
N GLU A 3286 -3.23 -90.46 116.72
CA GLU A 3286 -2.92 -91.49 115.74
C GLU A 3286 -2.64 -92.84 116.37
N ARG A 3287 -2.49 -92.90 117.70
CA ARG A 3287 -2.31 -94.14 118.41
C ARG A 3287 -3.45 -94.44 119.37
N GLY A 3288 -4.47 -93.60 119.41
CA GLY A 3288 -5.62 -93.86 120.26
C GLY A 3288 -6.55 -94.89 119.64
N PRO A 3289 -7.74 -95.03 120.21
CA PRO A 3289 -8.70 -96.00 119.65
C PRO A 3289 -9.19 -95.63 118.26
N GLU A 3290 -9.31 -94.34 117.96
CA GLU A 3290 -9.84 -93.90 116.67
C GLU A 3290 -8.86 -94.08 115.52
N ALA A 3291 -7.65 -94.55 115.79
CA ALA A 3291 -6.69 -94.80 114.72
C ALA A 3291 -7.18 -95.95 113.85
N PRO A 3292 -6.71 -96.00 112.59
CA PRO A 3292 -7.10 -97.11 111.71
C PRO A 3292 -6.39 -98.39 112.11
N PRO A 3293 -7.13 -99.44 112.47
CA PRO A 3293 -6.49 -100.69 112.89
C PRO A 3293 -5.62 -101.25 111.78
N PRO A 3294 -4.46 -101.83 112.10
CA PRO A 3294 -3.63 -102.49 111.09
C PRO A 3294 -4.07 -103.94 110.85
N PRO A 3301 -2.92 -105.70 122.62
CA PRO A 3301 -2.34 -104.41 122.99
C PRO A 3301 -3.37 -103.29 123.01
N PRO A 3302 -4.04 -103.09 124.15
CA PRO A 3302 -5.00 -102.01 124.25
C PRO A 3302 -4.32 -100.67 124.07
N PRO A 3303 -5.01 -99.68 123.51
CA PRO A 3303 -4.41 -98.35 123.37
C PRO A 3303 -4.06 -97.75 124.72
N CYS A 3304 -2.94 -97.05 124.77
CA CYS A 3304 -2.47 -96.39 125.98
C CYS A 3304 -3.03 -94.99 126.16
N THR A 3305 -3.89 -94.53 125.24
CA THR A 3305 -4.47 -93.20 125.32
C THR A 3305 -5.95 -93.27 124.97
N ALA A 3306 -6.69 -92.25 125.41
CA ALA A 3306 -8.13 -92.16 125.17
C ALA A 3306 -8.50 -90.85 124.49
N VAL A 3307 -7.58 -90.26 123.74
CA VAL A 3307 -7.83 -88.97 123.09
C VAL A 3307 -8.61 -89.21 121.80
N THR A 3308 -9.74 -88.53 121.67
CA THR A 3308 -10.58 -88.59 120.48
C THR A 3308 -10.75 -87.20 119.89
N SER A 3309 -11.54 -87.12 118.82
CA SER A 3309 -11.80 -85.84 118.16
C SER A 3309 -12.62 -84.89 119.03
N ASP A 3310 -13.31 -85.41 120.05
CA ASP A 3310 -14.04 -84.54 120.95
C ASP A 3310 -13.09 -83.61 121.70
N HIS A 3311 -11.96 -84.15 122.15
CA HIS A 3311 -10.99 -83.34 122.88
C HIS A 3311 -10.46 -82.21 122.01
N LEU A 3312 -10.10 -82.52 120.76
CA LEU A 3312 -9.59 -81.51 119.86
C LEU A 3312 -10.65 -80.45 119.53
N ASN A 3313 -11.90 -80.88 119.31
CA ASN A 3313 -12.95 -79.91 119.02
C ASN A 3313 -13.20 -79.01 120.21
N SER A 3314 -13.21 -79.57 121.42
CA SER A 3314 -13.41 -78.76 122.61
C SER A 3314 -12.26 -77.79 122.80
N LEU A 3315 -11.03 -78.24 122.58
CA LEU A 3315 -9.88 -77.36 122.74
C LEU A 3315 -9.94 -76.22 121.73
N LEU A 3316 -10.31 -76.53 120.49
CA LEU A 3316 -10.36 -75.48 119.47
C LEU A 3316 -11.44 -74.46 119.82
N GLY A 3317 -12.59 -74.92 120.31
CA GLY A 3317 -13.63 -74.00 120.73
C GLY A 3317 -13.20 -73.11 121.89
N ASN A 3318 -12.49 -73.70 122.85
CA ASN A 3318 -11.99 -72.91 123.97
C ASN A 3318 -10.97 -71.89 123.50
N ILE A 3319 -10.11 -72.27 122.55
CA ILE A 3319 -9.11 -71.34 122.04
C ILE A 3319 -9.81 -70.17 121.35
N LEU A 3320 -10.84 -70.46 120.56
CA LEU A 3320 -11.57 -69.39 119.89
C LEU A 3320 -12.24 -68.47 120.90
N ARG A 3321 -12.82 -69.03 121.97
CA ARG A 3321 -13.43 -68.13 122.94
C ARG A 3321 -12.38 -67.31 123.69
N ILE A 3322 -11.20 -67.89 123.94
CA ILE A 3322 -10.15 -67.12 124.60
C ILE A 3322 -9.72 -65.96 123.71
N ILE A 3323 -9.55 -66.23 122.42
CA ILE A 3323 -9.11 -65.18 121.51
C ILE A 3323 -10.16 -64.08 121.42
N VAL A 3324 -11.43 -64.48 121.29
CA VAL A 3324 -12.51 -63.51 121.12
C VAL A 3324 -12.78 -62.71 122.39
N ASN A 3325 -12.40 -63.24 123.56
CA ASN A 3325 -12.54 -62.47 124.80
C ASN A 3325 -11.64 -61.24 124.83
N ASN A 3326 -10.48 -61.27 124.16
CA ASN A 3326 -9.57 -60.12 124.11
C ASN A 3326 -9.56 -59.38 122.77
N LEU A 3327 -10.73 -59.14 122.18
CA LEU A 3327 -10.78 -58.33 120.97
C LEU A 3327 -10.28 -56.91 121.22
N GLY A 3328 -10.69 -56.31 122.33
CA GLY A 3328 -10.51 -54.89 122.54
C GLY A 3328 -9.24 -54.47 123.23
N ILE A 3329 -8.28 -55.38 123.45
CA ILE A 3329 -7.04 -54.98 124.10
C ILE A 3329 -6.19 -54.17 123.12
N ASP A 3330 -5.43 -53.23 123.67
CA ASP A 3330 -4.63 -52.34 122.82
C ASP A 3330 -3.45 -53.06 122.22
N GLU A 3331 -2.72 -53.84 123.03
CA GLU A 3331 -1.50 -54.51 122.59
C GLU A 3331 -1.56 -55.97 123.01
N ALA A 3332 -1.35 -56.87 122.04
CA ALA A 3332 -1.29 -58.30 122.33
C ALA A 3332 -0.48 -58.95 121.21
N THR A 3333 0.79 -59.24 121.48
CA THR A 3333 1.67 -59.89 120.52
C THR A 3333 1.61 -61.40 120.57
N TRP A 3334 0.90 -61.97 121.54
CA TRP A 3334 0.79 -63.42 121.71
C TRP A 3334 -0.25 -64.04 120.78
N MET A 3335 -1.11 -63.23 120.16
CA MET A 3335 -2.17 -63.77 119.32
C MET A 3335 -1.62 -64.53 118.12
N LYS A 3336 -0.59 -63.98 117.48
CA LYS A 3336 0.00 -64.65 116.32
C LYS A 3336 0.66 -65.96 116.72
N ARG A 3337 1.32 -66.00 117.88
CA ARG A 3337 1.92 -67.24 118.33
C ARG A 3337 0.87 -68.27 118.65
N LEU A 3338 -0.25 -67.85 119.25
CA LEU A 3338 -1.28 -68.83 119.55
C LEU A 3338 -1.90 -69.34 118.26
N ALA A 3339 -2.04 -68.48 117.25
CA ALA A 3339 -2.64 -68.90 116.00
C ALA A 3339 -1.76 -69.94 115.32
N VAL A 3340 -0.45 -69.69 115.29
CA VAL A 3340 0.45 -70.61 114.62
C VAL A 3340 0.54 -71.92 115.39
N PHE A 3341 0.39 -71.87 116.72
CA PHE A 3341 0.46 -73.13 117.46
C PHE A 3341 -0.83 -73.92 117.30
N ALA A 3342 -1.96 -73.23 117.14
CA ALA A 3342 -3.26 -73.88 117.04
C ALA A 3342 -3.58 -74.35 115.63
N GLN A 3343 -2.82 -73.91 114.63
CA GLN A 3343 -3.14 -74.32 113.25
C GLN A 3343 -3.19 -75.83 113.07
N PRO A 3344 -2.23 -76.62 113.59
CA PRO A 3344 -2.25 -78.06 113.29
C PRO A 3344 -3.51 -78.79 113.71
N ILE A 3345 -4.18 -78.34 114.79
CA ILE A 3345 -5.33 -79.07 115.31
C ILE A 3345 -6.63 -78.72 114.62
N VAL A 3346 -6.65 -77.69 113.77
CA VAL A 3346 -7.89 -77.30 113.13
C VAL A 3346 -8.30 -78.27 112.03
N SER A 3347 -7.38 -79.12 111.56
CA SER A 3347 -7.74 -80.02 110.46
C SER A 3347 -8.84 -80.99 110.89
N ARG A 3348 -8.96 -81.25 112.19
CA ARG A 3348 -9.97 -82.15 112.74
C ARG A 3348 -11.06 -81.28 113.36
N ALA A 3349 -12.28 -81.36 112.82
CA ALA A 3349 -13.36 -80.55 113.35
C ALA A 3349 -14.67 -80.99 112.70
N ARG A 3350 -15.74 -80.95 113.48
CA ARG A 3350 -17.06 -81.30 113.00
C ARG A 3350 -17.78 -80.05 112.47
N PRO A 3351 -18.74 -80.25 111.57
CA PRO A 3351 -19.42 -79.09 110.95
C PRO A 3351 -20.19 -78.21 111.92
N GLU A 3352 -20.54 -78.71 113.10
CA GLU A 3352 -21.32 -77.92 114.05
C GLU A 3352 -20.55 -76.70 114.55
N LEU A 3353 -19.20 -76.75 114.48
CA LEU A 3353 -18.41 -75.62 114.95
C LEU A 3353 -18.56 -74.40 114.06
N LEU A 3354 -18.98 -74.61 112.81
CA LEU A 3354 -19.19 -73.53 111.86
C LEU A 3354 -20.28 -72.58 112.36
N HIS A 3355 -21.35 -73.14 112.89
CA HIS A 3355 -22.48 -72.37 113.37
C HIS A 3355 -22.28 -71.96 114.82
N SER A 3356 -21.67 -72.82 115.64
CA SER A 3356 -21.55 -72.49 117.05
C SER A 3356 -20.52 -71.38 117.31
N HIS A 3357 -19.38 -71.37 116.61
CA HIS A 3357 -18.31 -70.43 116.95
C HIS A 3357 -17.99 -69.44 115.85
N PHE A 3358 -17.77 -69.90 114.63
CA PHE A 3358 -17.20 -69.04 113.59
C PHE A 3358 -18.12 -67.89 113.21
N ILE A 3359 -19.42 -68.16 113.04
CA ILE A 3359 -20.35 -67.12 112.60
C ILE A 3359 -20.46 -65.95 113.58
N PRO A 3360 -20.65 -66.16 114.88
CA PRO A 3360 -20.69 -65.00 115.80
C PRO A 3360 -19.41 -64.18 115.80
N THR A 3361 -18.25 -64.82 115.66
CA THR A 3361 -16.99 -64.08 115.73
C THR A 3361 -16.85 -63.19 114.51
N ILE A 3362 -17.10 -63.76 113.32
CA ILE A 3362 -16.97 -62.95 112.12
C ILE A 3362 -18.03 -61.86 112.12
N GLY A 3363 -19.22 -62.14 112.65
CA GLY A 3363 -20.23 -61.09 112.74
C GLY A 3363 -19.79 -59.93 113.61
N ARG A 3364 -19.13 -60.23 114.73
CA ARG A 3364 -18.58 -59.18 115.59
C ARG A 3364 -17.51 -58.38 114.87
N LEU A 3365 -16.64 -59.06 114.12
CA LEU A 3365 -15.62 -58.35 113.35
C LEU A 3365 -16.27 -57.48 112.28
N ARG A 3366 -17.34 -57.98 111.66
CA ARG A 3366 -18.02 -57.24 110.60
C ARG A 3366 -18.63 -55.96 111.15
N LYS A 3367 -19.27 -56.05 112.32
CA LYS A 3367 -19.87 -54.85 112.88
C LYS A 3367 -18.80 -53.88 113.38
N ARG A 3368 -17.67 -54.39 113.87
CA ARG A 3368 -16.58 -53.48 114.22
C ARG A 3368 -16.06 -52.74 112.99
N ALA A 3369 -15.91 -53.46 111.88
CA ALA A 3369 -15.47 -52.83 110.63
C ALA A 3369 -16.46 -51.79 110.15
N GLY A 3370 -17.76 -52.10 110.23
CA GLY A 3370 -18.75 -51.11 109.81
C GLY A 3370 -18.73 -49.89 110.70
N LYS A 3371 -18.49 -50.08 112.00
CA LYS A 3371 -18.42 -48.94 112.90
C LYS A 3371 -17.22 -48.07 112.56
N VAL A 3372 -16.10 -48.71 112.24
CA VAL A 3372 -14.89 -47.94 111.97
C VAL A 3372 -15.05 -47.17 110.66
N VAL A 3373 -15.55 -47.82 109.61
CA VAL A 3373 -15.70 -47.09 108.36
C VAL A 3373 -16.77 -46.01 108.46
N ALA A 3374 -17.79 -46.20 109.31
CA ALA A 3374 -18.75 -45.13 109.57
C ALA A 3374 -18.09 -43.95 110.25
N GLU A 3375 -17.20 -44.20 111.20
CA GLU A 3375 -16.47 -43.11 111.82
C GLU A 3375 -15.54 -42.43 110.83
N GLU A 3376 -14.90 -43.20 109.95
CA GLU A 3376 -13.98 -42.60 109.00
C GLU A 3376 -14.72 -41.67 108.05
N GLU A 3377 -15.88 -42.10 107.54
CA GLU A 3377 -16.61 -41.22 106.65
C GLU A 3377 -17.22 -40.05 107.40
N GLN A 3378 -17.56 -40.23 108.67
CA GLN A 3378 -18.03 -39.09 109.45
C GLN A 3378 -16.93 -38.05 109.59
N LEU A 3379 -15.69 -38.52 109.80
CA LEU A 3379 -14.56 -37.63 109.92
C LEU A 3379 -14.31 -36.90 108.60
N ARG A 3380 -14.42 -37.63 107.49
CA ARG A 3380 -14.05 -37.07 106.20
C ARG A 3380 -15.10 -36.11 105.68
N LEU A 3381 -16.37 -36.29 106.10
CA LEU A 3381 -17.42 -35.41 105.61
C LEU A 3381 -17.26 -34.00 106.14
N GLU A 3382 -16.67 -33.83 107.31
CA GLU A 3382 -16.42 -32.51 107.90
C GLU A 3382 -14.91 -32.34 108.07
N ALA A 3383 -14.25 -31.88 107.00
CA ALA A 3383 -12.82 -31.64 107.05
C ALA A 3383 -12.51 -30.41 107.88
N LYS A 3384 -11.52 -30.53 108.77
CA LYS A 3384 -11.11 -29.41 109.62
C LYS A 3384 -9.71 -29.70 110.15
N ALA A 3385 -9.22 -28.79 111.00
CA ALA A 3385 -7.89 -28.94 111.57
C ALA A 3385 -7.78 -30.14 112.51
N GLU A 3386 -8.89 -30.66 113.01
CA GLU A 3386 -8.87 -31.84 113.85
C GLU A 3386 -8.71 -33.13 113.04
N ALA A 3387 -8.80 -33.03 111.71
CA ALA A 3387 -8.70 -34.22 110.87
C ALA A 3387 -7.38 -34.95 111.07
N GLU A 3388 -6.31 -34.23 111.40
CA GLU A 3388 -5.01 -34.88 111.56
C GLU A 3388 -4.98 -35.81 112.77
N GLU A 3389 -5.56 -35.39 113.89
CA GLU A 3389 -5.60 -36.32 115.02
C GLU A 3389 -6.68 -37.37 114.81
N GLY A 3390 -7.77 -37.04 114.12
CA GLY A 3390 -8.84 -37.99 114.05
C GLY A 3390 -8.45 -39.08 113.07
N GLU A 3391 -7.65 -38.73 112.06
CA GLU A 3391 -7.02 -39.71 111.20
C GLU A 3391 -6.00 -40.56 111.96
N LEU A 3392 -5.25 -40.00 112.90
CA LEU A 3392 -4.40 -40.91 113.69
C LEU A 3392 -5.25 -41.84 114.55
N LEU A 3393 -6.39 -41.36 115.03
CA LEU A 3393 -7.27 -42.20 115.84
C LEU A 3393 -7.79 -43.36 115.01
N VAL A 3394 -8.22 -43.06 113.79
CA VAL A 3394 -8.74 -44.10 112.92
C VAL A 3394 -7.62 -45.01 112.44
N ARG A 3395 -6.39 -44.50 112.33
CA ARG A 3395 -5.26 -45.37 112.02
C ARG A 3395 -5.01 -46.40 113.13
N ASP A 3396 -5.10 -45.97 114.39
CA ASP A 3396 -4.96 -46.95 115.47
C ASP A 3396 -6.11 -47.96 115.46
N GLU A 3397 -7.33 -47.49 115.18
CA GLU A 3397 -8.46 -48.41 115.11
C GLU A 3397 -8.31 -49.41 113.97
N PHE A 3398 -7.77 -48.98 112.83
CA PHE A 3398 -7.51 -49.90 111.73
C PHE A 3398 -6.40 -50.87 112.09
N SER A 3399 -5.38 -50.41 112.81
CA SER A 3399 -4.29 -51.31 113.16
C SER A 3399 -4.79 -52.43 114.07
N VAL A 3400 -5.61 -52.09 115.06
CA VAL A 3400 -6.15 -53.13 115.94
C VAL A 3400 -7.11 -54.03 115.17
N LEU A 3401 -7.86 -53.47 114.22
CA LEU A 3401 -8.76 -54.30 113.42
C LEU A 3401 -7.97 -55.29 112.58
N CYS A 3402 -6.89 -54.84 111.95
CA CYS A 3402 -6.06 -55.72 111.15
C CYS A 3402 -5.40 -56.78 112.03
N ARG A 3403 -5.06 -56.45 113.27
CA ARG A 3403 -4.51 -57.45 114.17
C ARG A 3403 -5.53 -58.54 114.44
N ASP A 3404 -6.78 -58.17 114.67
CA ASP A 3404 -7.80 -59.20 114.92
C ASP A 3404 -8.03 -60.04 113.66
N LEU A 3405 -8.05 -59.39 112.50
CA LEU A 3405 -8.25 -60.13 111.26
C LEU A 3405 -7.13 -61.13 111.04
N TYR A 3406 -5.88 -60.72 111.27
CA TYR A 3406 -4.77 -61.65 111.08
C TYR A 3406 -4.67 -62.64 112.23
N ALA A 3407 -5.43 -62.45 113.30
CA ALA A 3407 -5.53 -63.43 114.37
C ALA A 3407 -6.65 -64.43 114.17
N LEU A 3408 -7.54 -64.21 113.19
CA LEU A 3408 -8.66 -65.13 112.97
C LEU A 3408 -8.71 -65.76 111.58
N TYR A 3409 -8.34 -65.02 110.53
CA TYR A 3409 -8.40 -65.56 109.17
C TYR A 3409 -7.59 -66.82 108.90
N PRO A 3410 -6.35 -66.97 109.36
CA PRO A 3410 -5.60 -68.22 109.08
C PRO A 3410 -6.26 -69.51 109.55
N LEU A 3411 -6.98 -69.53 110.68
CA LEU A 3411 -7.73 -70.73 111.04
C LEU A 3411 -8.93 -70.95 110.14
N LEU A 3412 -9.62 -69.87 109.77
CA LEU A 3412 -10.81 -70.00 108.92
C LEU A 3412 -10.45 -70.50 107.53
N ILE A 3413 -9.34 -70.02 106.97
CA ILE A 3413 -8.98 -70.44 105.61
C ILE A 3413 -8.76 -71.95 105.57
N ARG A 3414 -8.03 -72.48 106.55
CA ARG A 3414 -7.80 -73.92 106.58
C ARG A 3414 -9.10 -74.69 106.81
N TYR A 3415 -10.00 -74.18 107.67
CA TYR A 3415 -11.26 -74.87 107.88
C TYR A 3415 -12.10 -74.90 106.60
N VAL A 3416 -12.12 -73.78 105.87
CA VAL A 3416 -12.89 -73.76 104.62
C VAL A 3416 -12.28 -74.74 103.65
N ASP A 3417 -10.94 -74.79 103.58
CA ASP A 3417 -10.31 -75.68 102.62
C ASP A 3417 -10.68 -77.13 102.93
N ASN A 3418 -10.72 -77.48 104.22
CA ASN A 3418 -11.04 -78.85 104.61
C ASN A 3418 -12.54 -79.16 104.62
N ASN A 3419 -13.41 -78.18 104.42
CA ASN A 3419 -14.85 -78.43 104.49
C ASN A 3419 -15.65 -77.91 103.29
N ARG A 3420 -15.00 -77.29 102.31
CA ARG A 3420 -15.69 -76.73 101.15
C ARG A 3420 -16.32 -77.79 100.26
N ALA A 3421 -15.71 -78.96 100.12
CA ALA A 3421 -16.30 -79.98 99.25
C ALA A 3421 -17.67 -80.40 99.75
N HIS A 3422 -17.85 -80.55 101.05
CA HIS A 3422 -19.16 -80.89 101.59
C HIS A 3422 -20.17 -79.79 101.29
N TRP A 3423 -19.75 -78.53 101.40
CA TRP A 3423 -20.66 -77.42 101.15
C TRP A 3423 -21.11 -77.38 99.69
N LEU A 3424 -20.22 -77.70 98.77
CA LEU A 3424 -20.60 -77.74 97.35
C LEU A 3424 -21.48 -78.94 97.06
N THR A 3425 -21.19 -80.07 97.68
CA THR A 3425 -22.03 -81.25 97.47
C THR A 3425 -23.44 -81.01 97.98
N GLU A 3426 -23.57 -80.38 99.14
CA GLU A 3426 -24.87 -80.06 99.72
C GLU A 3426 -24.89 -78.58 100.10
N PRO A 3427 -25.77 -77.77 99.51
CA PRO A 3427 -25.78 -76.33 99.84
C PRO A 3427 -26.02 -76.08 101.31
N ASN A 3428 -25.36 -75.04 101.84
CA ASN A 3428 -25.44 -74.71 103.26
C ASN A 3428 -25.79 -73.25 103.45
N ALA A 3429 -26.89 -73.00 104.15
CA ALA A 3429 -27.33 -71.64 104.43
C ALA A 3429 -26.31 -70.89 105.28
N ASN A 3430 -25.73 -71.58 106.27
CA ASN A 3430 -24.74 -70.92 107.11
C ASN A 3430 -23.51 -70.55 106.29
N ALA A 3431 -23.10 -71.43 105.38
CA ALA A 3431 -21.96 -71.11 104.53
C ALA A 3431 -22.26 -69.91 103.64
N GLU A 3432 -23.48 -69.81 103.13
CA GLU A 3432 -23.85 -68.64 102.34
C GLU A 3432 -23.82 -67.38 103.19
N GLU A 3433 -24.27 -67.46 104.44
CA GLU A 3433 -24.21 -66.30 105.31
C GLU A 3433 -22.77 -65.89 105.56
N LEU A 3434 -21.89 -66.86 105.75
CA LEU A 3434 -20.47 -66.54 105.93
C LEU A 3434 -19.94 -65.88 104.66
N PHE A 3435 -20.43 -66.31 103.51
CA PHE A 3435 -20.01 -65.68 102.26
C PHE A 3435 -20.43 -64.22 102.22
N ARG A 3436 -21.65 -63.93 102.69
CA ARG A 3436 -22.11 -62.54 102.71
C ARG A 3436 -21.25 -61.71 103.64
N MET A 3437 -20.86 -62.28 104.79
CA MET A 3437 -20.03 -61.56 105.74
C MET A 3437 -18.65 -61.25 105.16
N VAL A 3438 -18.01 -62.25 104.58
CA VAL A 3438 -16.68 -62.00 104.01
C VAL A 3438 -16.77 -61.09 102.79
N GLY A 3439 -17.87 -61.14 102.04
CA GLY A 3439 -18.02 -60.24 100.93
C GLY A 3439 -18.12 -58.80 101.39
N GLU A 3440 -18.91 -58.56 102.45
CA GLU A 3440 -19.06 -57.21 102.95
C GLU A 3440 -17.76 -56.71 103.56
N ILE A 3441 -17.00 -57.61 104.20
CA ILE A 3441 -15.70 -57.22 104.72
C ILE A 3441 -14.76 -56.83 103.58
N PHE A 3442 -14.78 -57.59 102.48
CA PHE A 3442 -13.94 -57.23 101.34
C PHE A 3442 -14.35 -55.89 100.74
N ILE A 3443 -15.66 -55.63 100.65
CA ILE A 3443 -16.12 -54.35 100.11
C ILE A 3443 -15.69 -53.20 101.01
N TYR A 3444 -15.81 -53.37 102.33
CA TYR A 3444 -15.33 -52.35 103.26
C TYR A 3444 -13.84 -52.12 103.11
N TRP A 3445 -13.07 -53.20 102.98
CA TRP A 3445 -11.63 -53.06 102.83
C TRP A 3445 -11.27 -52.33 101.55
N SER A 3446 -11.97 -52.62 100.45
CA SER A 3446 -11.71 -51.99 99.13
C SER A 3446 -12.19 -50.54 99.17
N LYS A 3447 -13.08 -50.20 100.10
CA LYS A 3447 -13.64 -48.83 100.24
C LYS A 3447 -12.64 -47.89 100.92
N SER A 3448 -11.76 -48.38 101.80
CA SER A 3448 -10.86 -47.52 102.63
C SER A 3448 -9.40 -47.50 102.15
N HIS A 3449 -8.85 -46.32 101.82
CA HIS A 3449 -7.41 -46.15 101.47
C HIS A 3449 -6.56 -46.41 102.71
N ASN A 3450 -6.93 -45.87 103.88
CA ASN A 3450 -6.22 -46.15 105.12
C ASN A 3450 -6.16 -47.63 105.45
N PHE A 3451 -7.18 -48.41 105.07
CA PHE A 3451 -7.24 -49.87 105.35
C PHE A 3451 -6.05 -50.55 104.67
N LYS A 3452 -5.72 -50.17 103.44
CA LYS A 3452 -4.57 -50.73 102.72
C LYS A 3452 -3.26 -50.29 103.37
N ARG A 3453 -3.17 -49.02 103.77
CA ARG A 3453 -1.93 -48.52 104.38
C ARG A 3453 -1.64 -49.24 105.68
N GLU A 3454 -2.66 -49.37 106.52
CA GLU A 3454 -2.48 -50.03 107.81
C GLU A 3454 -2.15 -51.50 107.61
N GLU A 3455 -2.77 -52.16 106.64
CA GLU A 3455 -2.45 -53.56 106.38
C GLU A 3455 -0.99 -53.70 105.94
N GLN A 3456 -0.54 -52.79 105.07
CA GLN A 3456 0.86 -52.82 104.64
C GLN A 3456 1.80 -52.58 105.80
N ASN A 3457 1.45 -51.63 106.68
CA ASN A 3457 2.30 -51.38 107.84
C ASN A 3457 2.34 -52.60 108.74
N PHE A 3458 1.19 -53.26 108.96
CA PHE A 3458 1.18 -54.42 109.83
C PHE A 3458 2.05 -55.53 109.26
N VAL A 3459 1.95 -55.76 107.95
CA VAL A 3459 2.70 -56.86 107.34
C VAL A 3459 4.19 -56.56 107.40
N VAL A 3460 4.59 -55.34 107.04
CA VAL A 3460 6.02 -55.04 106.96
C VAL A 3460 6.62 -55.00 108.37
N GLN A 3461 5.89 -54.45 109.34
CA GLN A 3461 6.45 -54.33 110.68
C GLN A 3461 6.48 -55.67 111.40
N ASN A 3462 5.53 -56.56 111.12
CA ASN A 3462 5.50 -57.87 111.72
C ASN A 3462 6.17 -58.88 110.81
N GLU A 3463 7.04 -59.72 111.37
CA GLU A 3463 7.74 -60.75 110.62
C GLU A 3463 6.77 -61.90 110.34
N ILE A 3464 5.80 -61.62 109.48
CA ILE A 3464 4.77 -62.57 109.09
C ILE A 3464 4.91 -62.84 107.60
N ASN A 3465 4.99 -64.12 107.24
CA ASN A 3465 5.12 -64.55 105.85
C ASN A 3465 4.00 -65.52 105.52
N ASN A 3466 3.30 -65.26 104.43
CA ASN A 3466 2.20 -66.13 104.04
C ASN A 3466 2.72 -67.48 103.59
N MET A 3467 2.13 -68.55 104.13
CA MET A 3467 2.49 -69.91 103.79
C MET A 3467 1.36 -70.69 103.12
N SER A 3468 0.13 -70.47 103.56
CA SER A 3468 -1.03 -71.10 102.94
C SER A 3468 -1.24 -70.57 101.52
N GLN A 3506 2.18 -57.93 98.15
CA GLN A 3506 1.76 -59.32 98.25
C GLN A 3506 0.24 -59.43 98.23
N THR A 3507 -0.25 -60.66 98.27
CA THR A 3507 -1.69 -60.93 98.23
C THR A 3507 -2.21 -61.04 99.66
N SER A 3508 -3.13 -60.15 100.02
CA SER A 3508 -3.69 -60.13 101.36
C SER A 3508 -4.52 -61.38 101.63
N LEU A 3509 -4.59 -61.74 102.90
CA LEU A 3509 -5.40 -62.89 103.30
C LEU A 3509 -6.88 -62.65 103.05
N ILE A 3510 -7.30 -61.39 103.05
CA ILE A 3510 -8.71 -61.06 102.80
C ILE A 3510 -9.10 -61.45 101.38
N VAL A 3511 -8.20 -61.23 100.43
CA VAL A 3511 -8.55 -61.58 99.06
C VAL A 3511 -8.18 -63.02 98.76
N ALA A 3512 -7.20 -63.59 99.45
CA ALA A 3512 -6.95 -65.01 99.17
C ALA A 3512 -8.11 -65.84 99.68
N THR A 3513 -8.64 -65.50 100.86
CA THR A 3513 -9.80 -66.21 101.38
C THR A 3513 -11.02 -65.96 100.52
N LEU A 3514 -11.22 -64.71 100.04
CA LEU A 3514 -12.37 -64.46 99.20
C LEU A 3514 -12.28 -65.26 97.91
N LYS A 3515 -11.11 -65.27 97.27
CA LYS A 3515 -10.95 -66.01 96.02
C LYS A 3515 -11.14 -67.51 96.22
N LYS A 3516 -10.75 -68.02 97.38
CA LYS A 3516 -10.99 -69.43 97.70
C LYS A 3516 -12.44 -69.75 98.05
N MET A 3517 -13.17 -68.79 98.59
CA MET A 3517 -14.60 -68.95 98.90
C MET A 3517 -15.54 -68.51 97.78
N LEU A 3518 -15.02 -67.94 96.71
CA LEU A 3518 -15.88 -67.48 95.62
C LEU A 3518 -16.74 -68.55 94.95
N PRO A 3519 -16.24 -69.76 94.66
CA PRO A 3519 -17.11 -70.76 94.03
C PRO A 3519 -18.38 -71.11 94.78
N ILE A 3520 -18.40 -71.06 96.11
CA ILE A 3520 -19.66 -71.32 96.81
C ILE A 3520 -20.69 -70.26 96.46
N GLY A 3521 -20.27 -69.00 96.42
CA GLY A 3521 -21.20 -67.95 96.06
C GLY A 3521 -21.68 -68.06 94.63
N LEU A 3522 -20.77 -68.34 93.69
CA LEU A 3522 -21.29 -68.50 92.33
C LEU A 3522 -22.20 -69.72 92.23
N ASN A 3523 -21.95 -70.74 93.06
CA ASN A 3523 -22.80 -71.92 93.06
C ASN A 3523 -24.20 -71.59 93.56
N MET A 3524 -24.29 -70.57 94.41
CA MET A 3524 -25.60 -70.14 94.90
C MET A 3524 -26.45 -69.60 93.76
N CYS A 3525 -25.85 -68.83 92.85
CA CYS A 3525 -26.61 -68.22 91.77
C CYS A 3525 -26.96 -69.27 90.70
N ALA A 3526 -28.17 -69.14 90.15
CA ALA A 3526 -28.63 -70.05 89.11
C ALA A 3526 -27.98 -69.71 87.75
N PRO A 3527 -27.89 -70.69 86.85
CA PRO A 3527 -27.27 -70.43 85.53
C PRO A 3527 -27.98 -69.39 84.70
N THR A 3528 -29.29 -69.22 84.88
CA THR A 3528 -30.02 -68.19 84.15
C THR A 3528 -29.65 -66.76 84.56
N ASP A 3529 -28.98 -66.58 85.69
CA ASP A 3529 -28.65 -65.25 86.19
C ASP A 3529 -27.35 -64.64 85.68
N GLN A 3530 -26.58 -65.30 84.81
CA GLN A 3530 -25.32 -64.70 84.37
C GLN A 3530 -25.53 -63.39 83.60
N ASP A 3531 -26.56 -63.33 82.75
CA ASP A 3531 -26.83 -62.09 82.04
C ASP A 3531 -27.19 -60.98 83.02
N LEU A 3532 -28.01 -61.31 84.03
CA LEU A 3532 -28.37 -60.33 85.03
C LEU A 3532 -27.15 -59.89 85.82
N ILE A 3533 -26.23 -60.81 86.10
CA ILE A 3533 -25.03 -60.46 86.84
C ILE A 3533 -24.19 -59.47 86.05
N MET A 3534 -24.02 -59.73 84.76
CA MET A 3534 -23.23 -58.80 83.95
C MET A 3534 -23.90 -57.43 83.86
N LEU A 3535 -25.23 -57.41 83.73
CA LEU A 3535 -25.96 -56.15 83.68
C LEU A 3535 -25.82 -55.40 85.00
N ALA A 3536 -25.92 -56.10 86.12
CA ALA A 3536 -25.79 -55.46 87.42
C ALA A 3536 -24.37 -54.96 87.60
N LYS A 3537 -23.41 -55.73 87.10
CA LYS A 3537 -22.01 -55.33 87.19
C LYS A 3537 -21.78 -54.05 86.41
N THR A 3538 -22.48 -53.88 85.27
CA THR A 3538 -22.39 -52.62 84.55
C THR A 3538 -22.97 -51.48 85.39
N ARG A 3539 -24.05 -51.77 86.12
CA ARG A 3539 -24.62 -50.72 86.98
C ARG A 3539 -23.62 -50.33 88.06
N TYR A 3540 -22.92 -51.31 88.64
CA TYR A 3540 -21.85 -51.01 89.60
C TYR A 3540 -20.66 -50.31 88.96
N ALA A 3541 -20.34 -50.62 87.70
CA ALA A 3541 -19.27 -49.92 87.00
C ALA A 3541 -19.61 -48.46 86.80
N LEU A 3542 -20.89 -48.13 86.74
CA LEU A 3542 -21.29 -46.74 86.97
C LEU A 3542 -21.65 -46.59 88.44
N LYS A 3543 -21.54 -45.36 88.94
CA LYS A 3543 -21.76 -45.07 90.38
C LYS A 3543 -23.23 -45.18 90.72
N ASP A 3544 -23.60 -46.10 91.63
CA ASP A 3544 -24.96 -46.27 92.10
C ASP A 3544 -24.94 -47.16 93.33
N THR A 3545 -25.82 -46.84 94.29
CA THR A 3545 -25.85 -47.59 95.54
C THR A 3545 -26.73 -48.83 95.43
N ASP A 3546 -26.71 -49.63 96.50
CA ASP A 3546 -27.37 -50.92 96.49
C ASP A 3546 -28.88 -50.80 96.44
N GLU A 3547 -29.45 -49.70 96.95
CA GLU A 3547 -30.90 -49.56 96.85
C GLU A 3547 -31.31 -49.22 95.43
N GLU A 3548 -30.52 -48.36 94.77
CA GLU A 3548 -30.88 -47.97 93.42
C GLU A 3548 -30.75 -49.18 92.51
N VAL A 3549 -29.71 -49.99 92.72
CA VAL A 3549 -29.54 -51.18 91.90
C VAL A 3549 -30.63 -52.20 92.20
N ARG A 3550 -31.02 -52.32 93.47
CA ARG A 3550 -32.05 -53.29 93.81
C ARG A 3550 -33.36 -52.95 93.13
N GLU A 3551 -33.75 -51.67 93.19
CA GLU A 3551 -34.99 -51.28 92.52
C GLU A 3551 -34.87 -51.33 91.01
N PHE A 3552 -33.68 -51.07 90.46
CA PHE A 3552 -33.49 -51.22 89.03
C PHE A 3552 -33.69 -52.67 88.58
N LEU A 3553 -33.15 -53.63 89.33
CA LEU A 3553 -33.40 -55.02 88.93
C LEU A 3553 -34.84 -55.41 89.20
N GLN A 3554 -35.47 -54.83 90.23
CA GLN A 3554 -36.86 -55.14 90.49
C GLN A 3554 -37.72 -54.73 89.31
N ASN A 3555 -37.42 -53.58 88.72
CA ASN A 3555 -38.12 -53.15 87.52
C ASN A 3555 -37.58 -53.80 86.26
N ASN A 3556 -36.44 -54.48 86.33
CA ASN A 3556 -35.80 -55.16 85.17
C ASN A 3556 -35.79 -56.67 85.40
N LEU A 3557 -36.81 -57.22 86.10
CA LEU A 3557 -36.86 -58.65 86.38
C LEU A 3557 -37.17 -59.52 85.16
N HIS A 3558 -37.68 -58.95 84.08
CA HIS A 3558 -38.06 -59.70 82.89
C HIS A 3558 -36.91 -59.95 81.91
N LEU A 3559 -35.71 -59.44 82.24
CA LEU A 3559 -34.50 -59.58 81.37
C LEU A 3559 -33.85 -60.95 81.55
N GLN A 3560 -34.24 -61.72 82.57
CA GLN A 3560 -33.54 -62.97 82.86
C GLN A 3560 -33.53 -63.86 81.62
N GLY A 3561 -32.47 -64.66 81.50
CA GLY A 3561 -32.31 -65.48 80.31
C GLY A 3561 -33.41 -66.50 80.16
N LYS A 3562 -33.60 -66.94 78.92
CA LYS A 3562 -34.63 -67.91 78.56
C LYS A 3562 -34.02 -69.30 78.41
N VAL A 3563 -34.81 -70.32 78.73
CA VAL A 3563 -34.32 -71.70 78.69
C VAL A 3563 -33.90 -72.06 77.27
N GLU A 3564 -34.75 -71.72 76.29
CA GLU A 3564 -34.49 -72.07 74.88
C GLU A 3564 -33.39 -71.17 74.35
N GLY A 3565 -32.35 -71.73 73.75
CA GLY A 3565 -31.22 -70.96 73.21
C GLY A 3565 -30.00 -71.84 73.06
N SER A 3566 -28.80 -71.33 73.39
CA SER A 3566 -27.58 -72.12 73.30
C SER A 3566 -27.69 -73.32 74.24
N PRO A 3567 -27.27 -74.51 73.80
CA PRO A 3567 -27.35 -75.69 74.68
C PRO A 3567 -26.46 -75.61 75.90
N SER A 3568 -25.64 -74.56 76.02
CA SER A 3568 -24.82 -74.50 77.22
C SER A 3568 -25.70 -74.38 78.44
N LEU A 3569 -26.75 -73.53 78.37
CA LEU A 3569 -27.60 -73.44 79.53
C LEU A 3569 -28.45 -74.70 79.65
N ARG A 3570 -28.55 -75.45 78.56
CA ARG A 3570 -29.32 -76.69 78.55
C ARG A 3570 -28.68 -77.69 79.49
N TRP A 3571 -27.38 -77.92 79.31
CA TRP A 3571 -26.72 -78.90 80.16
C TRP A 3571 -26.41 -78.30 81.52
N GLN A 3572 -26.19 -76.99 81.60
CA GLN A 3572 -25.96 -76.39 82.91
C GLN A 3572 -27.21 -76.56 83.77
N MET A 3573 -28.38 -76.31 83.20
CA MET A 3573 -29.65 -76.47 83.91
C MET A 3573 -29.88 -77.93 84.28
N ALA A 3574 -29.56 -78.85 83.36
CA ALA A 3574 -29.72 -80.27 83.66
C ALA A 3574 -28.84 -80.68 84.83
N LEU A 3575 -27.61 -80.18 84.87
CA LEU A 3575 -26.71 -80.46 85.99
C LEU A 3575 -27.20 -79.80 87.27
N TYR A 3576 -27.77 -78.59 87.18
CA TYR A 3576 -28.23 -77.93 88.40
C TYR A 3576 -29.36 -78.71 89.05
N ARG A 3577 -30.32 -79.19 88.26
CA ARG A 3577 -31.42 -79.91 88.88
C ARG A 3577 -30.97 -81.30 89.31
N GLY A 3578 -31.56 -81.79 90.39
CA GLY A 3578 -31.22 -83.06 90.99
C GLY A 3578 -30.52 -82.95 92.33
N LEU A 3579 -30.15 -81.74 92.73
CA LEU A 3579 -29.53 -81.55 94.04
C LEU A 3579 -30.56 -81.77 95.14
N PRO A 3580 -30.11 -82.19 96.33
CA PRO A 3580 -31.08 -82.48 97.40
C PRO A 3580 -31.96 -81.28 97.74
N GLY A 3581 -31.41 -80.07 97.68
CA GLY A 3581 -32.15 -78.89 98.08
C GLY A 3581 -33.10 -78.42 97.00
N PRO A 3589 -38.65 -63.50 93.63
CA PRO A 3589 -38.15 -62.25 93.04
C PRO A 3589 -37.23 -61.50 93.99
N GLU A 3590 -37.56 -61.56 95.28
CA GLU A 3590 -36.71 -60.90 96.27
C GLU A 3590 -35.43 -61.69 96.45
N LYS A 3591 -35.52 -63.02 96.48
CA LYS A 3591 -34.32 -63.82 96.65
C LYS A 3591 -33.42 -63.66 95.43
N ILE A 3592 -34.04 -63.47 94.27
CA ILE A 3592 -33.27 -63.29 93.04
C ILE A 3592 -32.52 -61.97 93.09
N VAL A 3593 -33.21 -60.89 93.50
CA VAL A 3593 -32.53 -59.60 93.48
C VAL A 3593 -31.45 -59.59 94.54
N ARG A 3594 -31.67 -60.31 95.64
CA ARG A 3594 -30.67 -60.38 96.71
C ARG A 3594 -29.40 -61.07 96.22
N ARG A 3595 -29.56 -62.23 95.57
CA ARG A 3595 -28.39 -62.98 95.16
C ARG A 3595 -27.67 -62.29 94.02
N VAL A 3596 -28.41 -61.70 93.09
CA VAL A 3596 -27.76 -60.99 91.99
C VAL A 3596 -26.99 -59.78 92.50
N GLN A 3597 -27.60 -58.99 93.41
CA GLN A 3597 -26.88 -57.82 93.91
C GLN A 3597 -25.63 -58.21 94.68
N GLU A 3598 -25.72 -59.23 95.53
CA GLU A 3598 -24.55 -59.62 96.31
C GLU A 3598 -23.43 -60.16 95.43
N VAL A 3599 -23.77 -61.02 94.47
CA VAL A 3599 -22.74 -61.61 93.63
C VAL A 3599 -22.15 -60.55 92.71
N SER A 3600 -23.00 -59.69 92.15
CA SER A 3600 -22.49 -58.66 91.24
C SER A 3600 -21.57 -57.70 91.96
N ALA A 3601 -21.91 -57.31 93.19
CA ALA A 3601 -21.04 -56.44 93.97
C ALA A 3601 -19.70 -57.09 94.27
N VAL A 3602 -19.71 -58.38 94.64
CA VAL A 3602 -18.45 -59.06 94.89
C VAL A 3602 -17.61 -59.16 93.63
N LEU A 3603 -18.24 -59.54 92.51
CA LEU A 3603 -17.50 -59.68 91.26
C LEU A 3603 -16.93 -58.34 90.80
N TYR A 3604 -17.73 -57.27 90.94
CA TYR A 3604 -17.28 -55.97 90.49
C TYR A 3604 -16.07 -55.52 91.30
N HIS A 3605 -16.14 -55.57 92.62
CA HIS A 3605 -14.98 -55.12 93.37
C HIS A 3605 -13.81 -56.07 93.21
N LEU A 3606 -14.08 -57.33 92.88
CA LEU A 3606 -12.98 -58.26 92.68
C LEU A 3606 -12.21 -57.87 91.44
N GLU A 3607 -12.90 -57.53 90.35
CA GLU A 3607 -12.15 -57.12 89.18
C GLU A 3607 -11.61 -55.70 89.30
N GLN A 3608 -12.18 -54.88 90.18
CA GLN A 3608 -11.57 -53.59 90.50
C GLN A 3608 -10.26 -53.72 91.25
N THR A 3609 -10.06 -54.82 91.98
CA THR A 3609 -8.84 -54.95 92.77
C THR A 3609 -7.67 -55.58 92.00
N GLU A 3610 -7.66 -55.45 90.67
CA GLU A 3610 -6.58 -56.01 89.85
C GLU A 3610 -6.73 -55.58 88.40
N MET A 3638 30.12 -25.68 97.46
CA MET A 3638 30.54 -24.29 97.19
C MET A 3638 31.28 -23.74 98.41
N THR A 3639 32.59 -23.95 98.51
CA THR A 3639 33.42 -23.45 99.64
C THR A 3639 33.05 -22.00 99.91
N PRO A 3640 32.86 -21.56 101.18
CA PRO A 3640 32.39 -20.20 101.43
C PRO A 3640 33.43 -19.15 101.03
N LEU A 3641 32.93 -17.93 100.81
CA LEU A 3641 33.78 -16.84 100.35
C LEU A 3641 34.85 -16.48 101.36
N TYR A 3642 34.56 -16.59 102.66
CA TYR A 3642 35.52 -16.18 103.68
C TYR A 3642 36.71 -17.13 103.78
N ASN A 3643 36.66 -18.29 103.15
CA ASN A 3643 37.80 -19.20 103.14
C ASN A 3643 38.73 -18.97 101.96
N LEU A 3644 38.38 -18.07 101.06
CA LEU A 3644 39.24 -17.77 99.92
C LEU A 3644 40.39 -16.84 100.32
N PRO A 3645 41.50 -16.89 99.60
CA PRO A 3645 42.58 -15.93 99.86
C PRO A 3645 42.16 -14.51 99.57
N THR A 3646 42.80 -13.57 100.27
CA THR A 3646 42.34 -12.19 100.28
C THR A 3646 42.51 -11.50 98.93
N HIS A 3647 43.66 -11.70 98.27
CA HIS A 3647 43.90 -10.99 97.01
C HIS A 3647 42.94 -11.45 95.90
N ARG A 3648 42.66 -12.75 95.84
CA ARG A 3648 41.70 -13.25 94.87
C ARG A 3648 40.31 -12.72 95.13
N ALA A 3649 39.91 -12.66 96.41
CA ALA A 3649 38.60 -12.13 96.74
C ALA A 3649 38.53 -10.66 96.39
N CYS A 3650 39.62 -9.93 96.59
CA CYS A 3650 39.65 -8.52 96.22
C CYS A 3650 39.49 -8.35 94.72
N ASN A 3651 40.15 -9.20 93.93
CA ASN A 3651 40.00 -9.12 92.48
C ASN A 3651 38.56 -9.41 92.05
N MET A 3652 37.93 -10.39 92.69
CA MET A 3652 36.52 -10.65 92.37
C MET A 3652 35.65 -9.47 92.80
N PHE A 3653 35.99 -8.84 93.93
CA PHE A 3653 35.22 -7.69 94.36
C PHE A 3653 35.33 -6.57 93.34
N LEU A 3654 36.54 -6.33 92.82
CA LEU A 3654 36.73 -5.26 91.86
C LEU A 3654 35.94 -5.51 90.59
N GLU A 3655 35.95 -6.75 90.09
CA GLU A 3655 35.16 -7.04 88.90
C GLU A 3655 33.67 -6.89 89.15
N SER A 3656 33.19 -7.34 90.32
CA SER A 3656 31.76 -7.20 90.61
C SER A 3656 31.39 -5.73 90.77
N TYR A 3657 32.25 -4.95 91.43
CA TYR A 3657 31.94 -3.55 91.66
C TYR A 3657 31.88 -2.81 90.34
N LYS A 3658 32.82 -3.09 89.45
CA LYS A 3658 32.86 -2.41 88.17
C LYS A 3658 31.67 -2.81 87.32
N ALA A 3659 31.23 -4.05 87.42
CA ALA A 3659 30.12 -4.53 86.62
C ALA A 3659 28.78 -4.01 87.13
N ALA A 3660 28.61 -3.85 88.44
CA ALA A 3660 27.33 -3.49 89.01
C ALA A 3660 27.14 -2.02 89.36
N TRP A 3661 28.21 -1.24 89.53
CA TRP A 3661 28.07 0.11 90.04
C TRP A 3661 28.62 1.21 89.14
N ILE A 3662 29.70 0.95 88.40
CA ILE A 3662 30.35 2.01 87.64
C ILE A 3662 29.70 2.21 86.29
N LEU A 3663 29.50 1.13 85.53
CA LEU A 3663 28.87 1.26 84.21
C LEU A 3663 27.44 1.75 84.32
N THR A 3664 26.71 1.32 85.34
CA THR A 3664 25.31 1.69 85.47
C THR A 3664 25.11 3.18 85.69
N GLU A 3665 26.16 3.90 86.10
CA GLU A 3665 26.02 5.32 86.34
C GLU A 3665 25.79 6.07 85.02
N ASP A 3666 24.91 7.06 85.07
CA ASP A 3666 24.55 7.87 83.89
C ASP A 3666 25.14 9.26 84.06
N HIS A 3667 25.92 9.69 83.06
CA HIS A 3667 26.53 11.02 83.07
C HIS A 3667 26.42 11.60 81.67
N SER A 3668 25.55 12.60 81.51
CA SER A 3668 25.32 13.25 80.22
C SER A 3668 26.15 14.53 80.15
N PHE A 3669 27.18 14.53 79.31
CA PHE A 3669 28.04 15.68 79.12
C PHE A 3669 28.19 16.09 77.66
N GLU A 3670 27.58 15.37 76.72
CA GLU A 3670 27.78 15.63 75.31
C GLU A 3670 27.26 17.00 74.90
N ASP A 3671 26.06 17.36 75.38
CA ASP A 3671 25.49 18.66 75.05
C ASP A 3671 26.34 19.79 75.59
N ARG A 3672 26.82 19.66 76.82
CA ARG A 3672 27.63 20.72 77.40
C ARG A 3672 28.96 20.84 76.66
N MET A 3673 29.54 19.70 76.27
CA MET A 3673 30.82 19.75 75.58
C MET A 3673 30.68 20.38 74.20
N ILE A 3674 29.62 20.01 73.46
CA ILE A 3674 29.43 20.60 72.15
C ILE A 3674 29.13 22.08 72.27
N ASP A 3675 28.36 22.48 73.28
CA ASP A 3675 28.08 23.90 73.48
C ASP A 3675 29.37 24.66 73.78
N ASP A 3676 30.24 24.09 74.61
CA ASP A 3676 31.48 24.77 74.93
C ASP A 3676 32.37 24.90 73.71
N LEU A 3677 32.42 23.85 72.88
CA LEU A 3677 33.28 23.88 71.70
C LEU A 3677 32.73 24.71 70.57
N SER A 3678 31.43 25.03 70.58
CA SER A 3678 30.83 25.76 69.48
C SER A 3678 30.84 27.27 69.66
N LYS A 3679 31.44 27.79 70.73
CA LYS A 3679 31.45 29.21 71.01
C LYS A 3679 32.82 29.81 70.71
N ALA A 3680 32.82 30.91 69.97
CA ALA A 3680 34.01 31.72 69.78
C ALA A 3680 34.09 32.74 70.93
N GLY A 3681 35.03 33.67 70.86
CA GLY A 3681 35.20 34.61 71.95
C GLY A 3681 36.12 35.79 71.67
N GLU A 3682 35.62 36.99 71.96
CA GLU A 3682 36.42 38.22 71.97
C GLU A 3682 37.42 38.27 70.83
N GLU A 3692 37.81 37.22 56.92
CA GLU A 3692 37.60 35.78 56.89
C GLU A 3692 37.61 35.26 58.32
N LYS A 3693 36.50 34.63 58.72
CA LYS A 3693 36.36 34.17 60.10
C LYS A 3693 37.07 32.84 60.26
N LYS A 3694 38.12 32.84 61.08
CA LYS A 3694 38.85 31.61 61.32
C LYS A 3694 37.94 30.57 61.97
N PRO A 3695 38.06 29.30 61.60
CA PRO A 3695 37.12 28.30 62.11
C PRO A 3695 37.18 28.14 63.62
N ASP A 3696 36.02 27.87 64.21
CA ASP A 3696 35.94 27.57 65.63
C ASP A 3696 36.46 26.16 65.91
N PRO A 3697 36.71 25.85 67.18
CA PRO A 3697 37.36 24.57 67.51
C PRO A 3697 36.66 23.32 66.98
N LEU A 3698 35.33 23.31 66.99
CA LEU A 3698 34.61 22.17 66.43
C LEU A 3698 34.85 22.07 64.93
N HIS A 3699 34.88 23.21 64.24
CA HIS A 3699 35.13 23.18 62.80
C HIS A 3699 36.53 22.67 62.53
N GLN A 3700 37.51 23.10 63.34
CA GLN A 3700 38.87 22.61 63.14
C GLN A 3700 38.96 21.12 63.40
N LEU A 3701 38.19 20.61 64.35
CA LEU A 3701 38.17 19.18 64.61
C LEU A 3701 37.64 18.41 63.41
N VAL A 3702 36.56 18.93 62.82
CA VAL A 3702 35.98 18.27 61.66
C VAL A 3702 36.94 18.34 60.48
N LEU A 3703 37.60 19.48 60.29
CA LEU A 3703 38.55 19.59 59.21
C LEU A 3703 39.70 18.61 59.38
N HIS A 3704 40.14 18.41 60.63
CA HIS A 3704 41.21 17.47 60.91
C HIS A 3704 40.80 16.05 60.56
N PHE A 3705 39.58 15.66 60.93
CA PHE A 3705 39.14 14.31 60.58
C PHE A 3705 38.90 14.17 59.08
N SER A 3706 38.44 15.22 58.40
CA SER A 3706 38.36 15.14 56.95
C SER A 3706 39.74 15.03 56.31
N ARG A 3707 40.75 15.64 56.93
CA ARG A 3707 42.10 15.56 56.39
C ARG A 3707 42.61 14.13 56.49
N THR A 3708 42.42 13.50 57.65
CA THR A 3708 42.92 12.15 57.79
C THR A 3708 42.05 11.16 57.01
N ALA A 3709 40.82 11.54 56.68
CA ALA A 3709 40.00 10.68 55.84
C ALA A 3709 40.43 10.78 54.39
N LEU A 3710 40.87 11.96 53.95
CA LEU A 3710 41.33 12.15 52.59
C LEU A 3710 42.78 11.75 52.39
N THR A 3711 43.51 11.45 53.47
CA THR A 3711 44.89 11.01 53.31
C THR A 3711 44.92 9.72 52.50
N GLU A 3712 45.77 9.70 51.48
CA GLU A 3712 45.86 8.55 50.56
C GLU A 3712 46.66 7.44 51.22
N LYS A 3713 45.95 6.41 51.70
CA LYS A 3713 46.59 5.25 52.39
C LYS A 3713 45.77 4.01 52.06
N SER A 3714 46.41 2.85 51.90
CA SER A 3714 45.73 1.62 51.48
C SER A 3714 44.58 1.27 52.41
N LYS A 3715 44.80 1.38 53.72
CA LYS A 3715 43.77 1.04 54.70
C LYS A 3715 43.78 2.05 55.83
N LEU A 3716 42.60 2.44 56.29
CA LEU A 3716 42.46 3.41 57.37
C LEU A 3716 42.65 2.73 58.71
N ASP A 3717 43.61 3.22 59.49
CA ASP A 3717 43.87 2.66 60.81
C ASP A 3717 42.77 3.04 61.80
N GLU A 3718 42.56 2.17 62.78
CA GLU A 3718 41.55 2.37 63.80
C GLU A 3718 41.99 3.47 64.78
N ASP A 3719 41.11 4.41 65.08
CA ASP A 3719 41.40 5.49 66.02
C ASP A 3719 40.26 5.70 67.00
N TYR A 3720 40.54 5.36 68.26
CA TYR A 3720 39.57 5.48 69.33
C TYR A 3720 39.13 6.93 69.51
N LEU A 3721 40.01 7.89 69.23
CA LEU A 3721 39.63 9.28 69.39
C LEU A 3721 38.50 9.64 68.43
N TYR A 3722 38.62 9.21 67.18
CA TYR A 3722 37.56 9.46 66.22
C TYR A 3722 36.29 8.73 66.64
N MET A 3723 36.40 7.49 67.10
CA MET A 3723 35.19 6.79 67.51
C MET A 3723 34.50 7.50 68.67
N ALA A 3724 35.29 7.98 69.63
CA ALA A 3724 34.74 8.68 70.79
C ALA A 3724 34.05 9.97 70.38
N TYR A 3725 34.67 10.75 69.50
CA TYR A 3725 34.05 12.01 69.15
C TYR A 3725 32.87 11.80 68.21
N ALA A 3726 32.91 10.77 67.37
CA ALA A 3726 31.76 10.46 66.54
C ALA A 3726 30.56 10.06 67.39
N ASP A 3727 30.80 9.27 68.44
CA ASP A 3727 29.71 8.91 69.34
C ASP A 3727 29.19 10.13 70.08
N ILE A 3728 30.09 11.02 70.51
CA ILE A 3728 29.66 12.22 71.22
C ILE A 3728 28.81 13.10 70.31
N MET A 3729 29.26 13.29 69.07
CA MET A 3729 28.52 14.10 68.13
C MET A 3729 27.17 13.49 67.82
N ALA A 3730 27.11 12.16 67.65
CA ALA A 3730 25.83 11.53 67.35
C ALA A 3730 24.88 11.65 68.54
N LYS A 3731 25.38 11.44 69.76
CA LYS A 3731 24.54 11.48 70.94
C LYS A 3731 24.10 12.89 71.29
N SER A 3732 24.77 13.91 70.75
CA SER A 3732 24.41 15.28 71.10
C SER A 3732 23.37 15.88 70.16
N CYS A 3733 22.93 15.15 69.13
CA CYS A 3733 22.03 15.72 68.15
C CYS A 3733 20.58 15.27 68.29
N HIS A 3734 20.32 14.11 68.89
CA HIS A 3734 18.95 13.61 68.99
C HIS A 3734 18.28 14.02 70.30
N LEU A 3735 18.84 13.61 71.44
CA LEU A 3735 18.24 13.89 72.74
C LEU A 3735 16.77 13.49 72.75
N VAL A 3751 0.54 14.56 73.07
CA VAL A 3751 1.55 15.59 72.90
C VAL A 3751 0.93 16.72 72.08
N SER A 3752 1.01 17.94 72.60
CA SER A 3752 0.33 19.05 71.94
C SER A 3752 1.12 19.55 70.72
N PHE A 3753 0.40 20.28 69.87
CA PHE A 3753 0.96 20.77 68.63
C PHE A 3753 2.14 21.69 68.92
N GLU A 3754 2.01 22.49 69.97
CA GLU A 3754 3.03 23.50 70.24
C GLU A 3754 4.36 22.85 70.56
N GLU A 3755 4.38 21.91 71.52
CA GLU A 3755 5.68 21.33 71.85
C GLU A 3755 6.14 20.31 70.82
N LYS A 3756 5.25 19.71 70.01
CA LYS A 3756 5.78 18.89 68.93
C LYS A 3756 6.60 19.75 67.97
N GLU A 3757 6.08 20.93 67.63
CA GLU A 3757 6.84 21.84 66.79
C GLU A 3757 8.07 22.38 67.51
N MET A 3758 7.99 22.59 68.81
CA MET A 3758 9.16 23.06 69.54
C MET A 3758 10.26 22.01 69.48
N GLU A 3759 9.88 20.73 69.61
CA GLU A 3759 10.84 19.64 69.48
C GLU A 3759 11.45 19.58 68.09
N LYS A 3760 10.63 19.76 67.04
CA LYS A 3760 11.19 19.74 65.69
C LYS A 3760 12.19 20.87 65.50
N GLN A 3761 11.86 22.07 65.95
CA GLN A 3761 12.79 23.20 65.79
C GLN A 3761 14.07 23.01 66.59
N ARG A 3762 13.98 22.48 67.81
CA ARG A 3762 15.19 22.19 68.57
C ARG A 3762 16.05 21.13 67.89
N LEU A 3763 15.42 20.11 67.32
CA LEU A 3763 16.16 19.11 66.57
C LEU A 3763 16.84 19.74 65.36
N LEU A 3764 16.15 20.63 64.67
CA LEU A 3764 16.75 21.26 63.50
C LEU A 3764 17.95 22.10 63.90
N TYR A 3765 17.85 22.82 65.01
CA TYR A 3765 18.98 23.64 65.46
C TYR A 3765 20.18 22.77 65.81
N GLN A 3766 19.93 21.67 66.52
CA GLN A 3766 21.02 20.77 66.89
C GLN A 3766 21.67 20.15 65.66
N GLN A 3767 20.87 19.77 64.67
CA GLN A 3767 21.47 19.28 63.43
C GLN A 3767 22.20 20.37 62.67
N SER A 3768 21.73 21.62 62.76
CA SER A 3768 22.41 22.70 62.05
C SER A 3768 23.78 22.96 62.62
N ARG A 3769 23.95 22.72 63.93
CA ARG A 3769 25.26 22.94 64.53
C ARG A 3769 26.31 22.01 63.97
N LEU A 3770 25.88 20.88 63.39
CA LEU A 3770 26.79 19.90 62.83
C LEU A 3770 26.91 20.07 61.32
N HIS A 3771 25.77 20.03 60.61
CA HIS A 3771 25.82 20.05 59.16
C HIS A 3771 26.28 21.40 58.62
N THR A 3772 26.30 22.44 59.44
CA THR A 3772 26.91 23.68 58.99
C THR A 3772 28.42 23.69 59.14
N ARG A 3773 29.01 22.62 59.70
CA ARG A 3773 30.46 22.52 59.85
C ARG A 3773 31.04 21.31 59.11
N GLY A 3774 30.38 20.84 58.06
CA GLY A 3774 30.95 19.83 57.19
C GLY A 3774 30.81 18.39 57.63
N ALA A 3775 29.93 18.11 58.58
CA ALA A 3775 29.81 16.74 59.08
C ALA A 3775 29.31 15.79 57.99
N ALA A 3776 28.42 16.28 57.11
CA ALA A 3776 27.91 15.41 56.05
C ALA A 3776 29.03 14.99 55.11
N GLU A 3777 29.90 15.92 54.74
CA GLU A 3777 31.01 15.57 53.88
C GLU A 3777 31.98 14.66 54.61
N MET A 3778 32.16 14.88 55.92
CA MET A 3778 33.08 14.02 56.65
C MET A 3778 32.56 12.60 56.64
N VAL A 3779 31.24 12.44 56.79
CA VAL A 3779 30.62 11.11 56.78
C VAL A 3779 30.84 10.43 55.44
N LEU A 3780 30.60 11.17 54.35
CA LEU A 3780 30.79 10.56 53.03
C LEU A 3780 32.25 10.18 52.79
N GLN A 3781 33.18 11.05 53.19
CA GLN A 3781 34.59 10.75 52.99
C GLN A 3781 35.03 9.55 53.80
N MET A 3782 34.57 9.44 55.05
CA MET A 3782 34.95 8.30 55.87
C MET A 3782 34.37 7.00 55.32
N ILE A 3783 33.14 7.05 54.82
CA ILE A 3783 32.54 5.86 54.21
C ILE A 3783 33.31 5.45 52.97
N SER A 3784 33.70 6.41 52.13
CA SER A 3784 34.49 6.06 50.96
C SER A 3784 35.87 5.55 51.35
N ALA A 3785 36.39 6.02 52.49
CA ALA A 3785 37.73 5.62 52.91
C ALA A 3785 37.74 4.20 53.45
N CYS A 3786 36.65 3.77 54.07
CA CYS A 3786 36.62 2.42 54.66
C CYS A 3786 36.65 1.33 53.59
N LYS A 3787 36.29 1.65 52.35
CA LYS A 3787 36.41 0.69 51.24
C LYS A 3787 35.63 -0.59 51.48
N GLY A 3788 34.51 -0.50 52.18
CA GLY A 3788 33.66 -1.66 52.35
C GLY A 3788 34.12 -2.66 53.38
N GLU A 3789 34.98 -2.27 54.31
CA GLU A 3789 35.43 -3.13 55.39
C GLU A 3789 34.61 -2.84 56.64
N THR A 3790 33.80 -3.83 57.07
CA THR A 3790 32.92 -3.67 58.25
C THR A 3790 33.77 -3.50 59.49
N GLY A 3791 33.26 -2.83 60.52
CA GLY A 3791 34.02 -2.58 61.76
C GLY A 3791 33.37 -1.49 62.59
N ALA A 3792 34.06 -1.01 63.64
CA ALA A 3792 33.56 0.04 64.51
C ALA A 3792 33.64 1.41 63.84
N MET A 3793 34.61 1.58 62.94
CA MET A 3793 34.75 2.86 62.25
C MET A 3793 33.54 3.15 61.39
N VAL A 3794 33.17 2.16 60.56
CA VAL A 3794 32.03 2.34 59.67
C VAL A 3794 30.73 2.40 60.47
N SER A 3795 30.64 1.60 61.54
CA SER A 3795 29.41 1.64 62.33
C SER A 3795 29.22 3.01 62.98
N SER A 3796 30.30 3.58 63.52
CA SER A 3796 30.21 4.92 64.10
C SER A 3796 29.87 5.96 63.04
N THR A 3797 30.44 5.82 61.84
CA THR A 3797 30.13 6.78 60.78
C THR A 3797 28.66 6.69 60.41
N LEU A 3798 28.13 5.47 60.28
CA LEU A 3798 26.73 5.30 59.92
C LEU A 3798 25.82 5.85 61.00
N LYS A 3799 26.16 5.62 62.27
CA LYS A 3799 25.35 6.15 63.35
C LYS A 3799 25.34 7.66 63.35
N LEU A 3800 26.50 8.28 63.09
CA LEU A 3800 26.55 9.74 62.99
C LEU A 3800 25.73 10.26 61.82
N GLY A 3801 25.81 9.58 60.68
CA GLY A 3801 25.02 9.99 59.54
C GLY A 3801 23.53 9.91 59.80
N ILE A 3802 23.10 8.85 60.49
CA ILE A 3802 21.68 8.75 60.84
C ILE A 3802 21.31 9.87 61.81
N SER A 3803 22.21 10.17 62.75
CA SER A 3803 21.90 11.19 63.75
C SER A 3803 21.72 12.54 63.10
N ILE A 3804 22.55 12.86 62.10
CA ILE A 3804 22.45 14.13 61.40
C ILE A 3804 21.44 14.12 60.25
N LEU A 3805 20.89 12.96 59.90
CA LEU A 3805 19.93 12.88 58.82
C LEU A 3805 18.51 12.58 59.30
N ASN A 3806 18.32 12.39 60.60
CA ASN A 3806 16.99 12.07 61.12
C ASN A 3806 16.03 13.23 60.84
N GLY A 3807 14.82 12.90 60.36
CA GLY A 3807 13.85 13.93 59.94
C GLY A 3807 14.08 14.31 58.49
N GLY A 3808 14.90 13.55 57.75
CA GLY A 3808 15.18 13.79 56.32
C GLY A 3808 15.49 15.24 56.01
N ASN A 3809 16.40 15.88 56.77
CA ASN A 3809 16.81 17.29 56.55
C ASN A 3809 17.08 17.52 55.06
N ALA A 3810 16.35 18.41 54.38
CA ALA A 3810 16.53 18.70 52.96
C ALA A 3810 17.88 19.36 52.72
N GLU A 3811 18.32 20.20 53.64
CA GLU A 3811 19.60 20.88 53.46
C GLU A 3811 20.75 19.89 53.45
N VAL A 3812 20.71 18.91 54.34
CA VAL A 3812 21.74 17.89 54.37
C VAL A 3812 21.67 17.02 53.12
N GLN A 3813 20.46 16.70 52.66
CA GLN A 3813 20.34 15.91 51.45
C GLN A 3813 20.93 16.65 50.25
N GLN A 3814 20.67 17.96 50.18
CA GLN A 3814 21.22 18.77 49.10
C GLN A 3814 22.74 18.83 49.16
N LYS A 3815 23.30 19.00 50.36
CA LYS A 3815 24.74 19.07 50.50
C LYS A 3815 25.40 17.75 50.11
N MET A 3816 24.82 16.64 50.53
CA MET A 3816 25.38 15.33 50.15
C MET A 3816 25.30 15.11 48.65
N LEU A 3817 24.17 15.46 48.03
CA LEU A 3817 24.04 15.25 46.60
C LEU A 3817 24.99 16.13 45.82
N ASP A 3818 25.15 17.39 46.24
CA ASP A 3818 26.08 18.28 45.54
C ASP A 3818 27.50 17.77 45.67
N TYR A 3819 27.88 17.33 46.88
CA TYR A 3819 29.25 16.86 47.07
C TYR A 3819 29.52 15.64 46.22
N LEU A 3820 28.56 14.71 46.17
CA LEU A 3820 28.75 13.51 45.37
C LEU A 3820 28.84 13.85 43.90
N LYS A 3821 28.04 14.81 43.43
CA LYS A 3821 28.02 15.10 42.01
C LYS A 3821 29.28 15.85 41.59
N ASP A 3822 29.81 16.70 42.47
CA ASP A 3822 31.01 17.42 42.09
C ASP A 3822 32.26 16.55 42.19
N LYS A 3823 32.32 15.65 43.19
CA LYS A 3823 33.48 14.79 43.31
C LYS A 3823 33.48 13.69 42.25
N LYS A 3824 32.30 13.15 41.93
CA LYS A 3824 32.18 12.09 40.92
C LYS A 3824 33.02 10.86 41.30
N GLU A 3825 33.03 10.53 42.59
CA GLU A 3825 33.77 9.37 43.08
C GLU A 3825 32.87 8.15 43.16
N VAL A 3826 33.44 6.99 42.82
CA VAL A 3826 32.71 5.72 42.86
C VAL A 3826 32.98 4.92 44.13
N GLY A 3827 33.94 5.33 44.95
CA GLY A 3827 34.27 4.57 46.14
C GLY A 3827 33.10 4.43 47.09
N PHE A 3828 32.24 5.45 47.15
CA PHE A 3828 31.14 5.43 48.09
C PHE A 3828 30.19 4.28 47.78
N PHE A 3829 29.79 4.17 46.53
CA PHE A 3829 28.85 3.11 46.15
C PHE A 3829 29.53 1.76 46.06
N GLN A 3830 30.82 1.71 45.74
CA GLN A 3830 31.53 0.44 45.80
C GLN A 3830 31.58 -0.09 47.24
N SER A 3831 31.80 0.80 48.21
CA SER A 3831 31.78 0.41 49.61
C SER A 3831 30.39 -0.03 50.04
N ILE A 3832 29.36 0.69 49.59
CA ILE A 3832 28.00 0.31 49.97
C ILE A 3832 27.66 -1.07 49.42
N GLN A 3833 28.02 -1.32 48.16
CA GLN A 3833 27.75 -2.62 47.56
C GLN A 3833 28.49 -3.73 48.28
N ALA A 3834 29.76 -3.49 48.65
CA ALA A 3834 30.51 -4.52 49.35
C ALA A 3834 29.90 -4.81 50.72
N LEU A 3835 29.46 -3.76 51.43
CA LEU A 3835 28.84 -3.98 52.73
C LEU A 3835 27.55 -4.77 52.59
N MET A 3836 26.77 -4.47 51.57
CA MET A 3836 25.52 -5.20 51.36
C MET A 3836 25.80 -6.65 50.99
N GLN A 3837 26.90 -6.90 50.29
CA GLN A 3837 27.27 -8.26 49.96
C GLN A 3837 27.80 -9.02 51.16
N THR A 3838 28.35 -8.30 52.16
CA THR A 3838 28.87 -8.92 53.36
C THR A 3838 27.85 -9.03 54.48
N CYS A 3839 26.65 -8.46 54.31
CA CYS A 3839 25.63 -8.61 55.33
C CYS A 3839 25.22 -10.08 55.46
N SER A 3840 25.10 -10.56 56.69
CA SER A 3840 24.86 -11.96 57.01
C SER A 3840 23.38 -12.26 57.20
N VAL A 3841 23.04 -13.54 57.05
CA VAL A 3841 21.70 -14.06 57.26
C VAL A 3841 21.78 -15.24 58.23
N LEU A 3842 20.63 -15.90 58.43
CA LEU A 3842 20.54 -17.02 59.34
C LEU A 3842 21.40 -18.19 58.85
N ASP A 3843 21.71 -19.11 59.77
CA ASP A 3843 22.51 -20.29 59.45
C ASP A 3843 22.05 -21.44 60.33
N LEU A 3844 21.47 -22.47 59.71
CA LEU A 3844 20.96 -23.60 60.48
C LEU A 3844 22.10 -24.46 61.03
N ASN A 3845 23.19 -24.59 60.28
CA ASN A 3845 24.32 -25.35 60.78
C ASN A 3845 24.90 -24.71 62.03
N ALA A 3846 25.02 -23.38 62.02
CA ALA A 3846 25.47 -22.66 63.20
C ALA A 3846 24.47 -22.79 64.34
N PHE A 3847 23.18 -22.76 64.03
CA PHE A 3847 22.18 -22.88 65.09
C PHE A 3847 22.27 -24.27 65.74
N GLU A 3848 22.44 -25.32 64.93
CA GLU A 3848 22.55 -26.66 65.46
C GLU A 3848 23.82 -26.80 66.31
N ARG A 3849 24.92 -26.18 65.85
CA ARG A 3849 26.15 -26.25 66.60
C ARG A 3849 25.97 -25.57 67.94
N GLN A 3850 25.28 -24.43 67.95
CA GLN A 3850 25.07 -23.71 69.20
C GLN A 3850 24.20 -24.53 70.14
N ASN A 3851 23.20 -25.22 69.58
CA ASN A 3851 22.31 -26.03 70.41
C ASN A 3851 23.09 -27.15 71.08
N LYS A 3852 24.01 -27.78 70.35
CA LYS A 3852 24.85 -28.80 70.97
C LYS A 3852 25.79 -28.17 72.00
N ALA A 3853 26.33 -26.99 71.71
CA ALA A 3853 27.25 -26.38 72.66
C ALA A 3853 26.54 -26.09 73.96
N GLU A 3854 25.32 -25.54 73.90
CA GLU A 3854 24.60 -25.27 75.13
C GLU A 3854 24.09 -26.56 75.76
N GLY A 3855 24.01 -27.65 74.99
CA GLY A 3855 23.62 -28.92 75.58
C GLY A 3855 24.75 -29.63 76.26
N LEU A 3856 25.99 -29.19 76.00
CA LEU A 3856 27.14 -29.81 76.66
C LEU A 3856 27.23 -29.38 78.12
N GLY A 3857 27.02 -28.09 78.40
CA GLY A 3857 26.99 -27.59 79.75
C GLY A 3857 28.35 -27.52 80.44
N LYS A 3873 27.90 -17.04 65.96
CA LYS A 3873 26.49 -16.84 66.32
C LYS A 3873 25.62 -16.70 65.08
N VAL A 3874 24.36 -16.37 65.28
CA VAL A 3874 23.39 -16.24 64.21
C VAL A 3874 22.98 -14.77 64.09
N MET A 3875 23.29 -14.17 62.95
CA MET A 3875 22.93 -12.78 62.64
C MET A 3875 23.45 -11.82 63.71
N ALA A 3876 24.77 -11.83 63.87
CA ALA A 3876 25.40 -10.95 64.85
C ALA A 3876 25.31 -9.48 64.44
N ASP A 3877 25.41 -9.20 63.14
CA ASP A 3877 25.46 -7.83 62.63
C ASP A 3877 24.09 -7.31 62.21
N ASP A 3878 23.04 -7.77 62.89
CA ASP A 3878 21.69 -7.32 62.54
C ASP A 3878 21.53 -5.82 62.76
N GLU A 3879 22.12 -5.30 63.83
CA GLU A 3879 22.06 -3.86 64.08
C GLU A 3879 22.77 -3.07 63.00
N PHE A 3880 23.89 -3.60 62.50
CA PHE A 3880 24.59 -2.91 61.42
C PHE A 3880 23.76 -2.93 60.14
N THR A 3881 23.11 -4.06 59.86
CA THR A 3881 22.26 -4.11 58.66
C THR A 3881 21.11 -3.13 58.79
N GLN A 3882 20.51 -3.06 59.98
CA GLN A 3882 19.39 -2.16 60.19
C GLN A 3882 19.81 -0.71 60.01
N ASP A 3883 20.95 -0.32 60.56
CA ASP A 3883 21.34 1.08 60.43
C ASP A 3883 21.80 1.39 59.01
N LEU A 3884 22.34 0.41 58.29
CA LEU A 3884 22.70 0.62 56.90
C LEU A 3884 21.47 0.91 56.04
N PHE A 3885 20.40 0.15 56.26
CA PHE A 3885 19.20 0.42 55.47
C PHE A 3885 18.42 1.60 56.01
N ARG A 3886 18.51 1.91 57.30
CA ARG A 3886 17.91 3.15 57.78
C ARG A 3886 18.57 4.36 57.14
N PHE A 3887 19.90 4.32 57.00
CA PHE A 3887 20.63 5.39 56.34
C PHE A 3887 20.21 5.52 54.88
N LEU A 3888 20.08 4.38 54.18
CA LEU A 3888 19.66 4.46 52.79
C LEU A 3888 18.24 4.98 52.67
N GLN A 3889 17.35 4.58 53.60
CA GLN A 3889 15.99 5.10 53.58
C GLN A 3889 15.97 6.61 53.80
N LEU A 3890 16.77 7.09 54.75
CA LEU A 3890 16.81 8.51 55.05
C LEU A 3890 17.40 9.32 53.91
N LEU A 3891 18.22 8.69 53.06
CA LEU A 3891 18.70 9.41 51.89
C LEU A 3891 17.59 9.72 50.90
N CYS A 3892 16.53 8.91 50.88
CA CYS A 3892 15.39 9.13 49.99
C CYS A 3892 14.13 9.62 50.68
N GLU A 3893 14.17 9.81 52.00
CA GLU A 3893 12.98 10.29 52.69
C GLU A 3893 12.59 11.68 52.19
N GLY A 3894 11.28 11.94 52.18
CA GLY A 3894 10.76 13.19 51.67
C GLY A 3894 10.53 13.25 50.18
N HIS A 3895 10.52 12.10 49.50
CA HIS A 3895 10.26 12.05 48.06
C HIS A 3895 11.29 12.85 47.28
N ASN A 3896 12.56 12.65 47.61
CA ASN A 3896 13.66 13.31 46.89
C ASN A 3896 13.89 12.57 45.58
N ASN A 3897 13.24 13.05 44.52
CA ASN A 3897 13.32 12.39 43.23
C ASN A 3897 14.75 12.44 42.68
N ASP A 3898 15.45 13.55 42.93
CA ASP A 3898 16.81 13.68 42.44
C ASP A 3898 17.72 12.62 43.04
N PHE A 3899 17.58 12.40 44.35
CA PHE A 3899 18.40 11.41 45.08
C PHE A 3899 17.94 10.00 44.71
N GLN A 3900 16.66 9.76 44.39
CA GLN A 3900 16.20 8.44 43.95
C GLN A 3900 16.79 8.09 42.58
N ASN A 3901 16.80 9.06 41.68
CA ASN A 3901 17.40 8.82 40.37
C ASN A 3901 18.90 8.66 40.49
N TYR A 3902 19.54 9.40 41.40
CA TYR A 3902 20.99 9.29 41.49
C TYR A 3902 21.37 7.91 42.00
N LEU A 3903 20.56 7.38 42.92
CA LEU A 3903 20.80 6.03 43.43
C LEU A 3903 20.61 5.00 42.33
N ARG A 3904 19.59 5.20 41.48
CA ARG A 3904 19.38 4.25 40.40
C ARG A 3904 20.53 4.29 39.39
N THR A 3905 20.99 5.49 39.04
CA THR A 3905 22.05 5.64 38.06
C THR A 3905 22.85 6.90 38.35
N GLN A 3906 24.16 6.81 38.13
CA GLN A 3906 25.07 7.95 38.26
C GLN A 3906 25.57 8.31 36.86
N THR A 3907 25.00 9.38 36.30
CA THR A 3907 25.28 9.72 34.91
C THR A 3907 26.72 10.17 34.73
N GLY A 3908 27.20 11.06 35.61
CA GLY A 3908 28.54 11.62 35.43
C GLY A 3908 29.65 10.65 35.76
N ASN A 3909 29.38 9.65 36.59
CA ASN A 3909 30.41 8.72 37.00
C ASN A 3909 30.77 7.77 35.87
N THR A 3910 32.00 7.25 35.93
CA THR A 3910 32.45 6.30 34.92
C THR A 3910 31.71 4.97 35.01
N THR A 3911 31.32 4.58 36.21
CA THR A 3911 30.60 3.33 36.44
C THR A 3911 29.35 3.59 37.26
N THR A 3912 28.34 2.74 37.03
CA THR A 3912 27.04 2.88 37.68
C THR A 3912 26.72 1.62 38.47
N ILE A 3913 26.22 1.81 39.69
CA ILE A 3913 25.85 0.72 40.58
C ILE A 3913 24.39 0.87 40.96
N ASN A 3914 23.61 -0.19 40.77
CA ASN A 3914 22.18 -0.22 41.08
C ASN A 3914 21.98 -0.79 42.48
N ILE A 3915 21.76 0.09 43.45
CA ILE A 3915 21.54 -0.30 44.83
C ILE A 3915 20.25 -1.08 45.00
N ILE A 3916 19.23 -0.75 44.20
CA ILE A 3916 17.93 -1.40 44.28
C ILE A 3916 18.04 -2.90 44.03
N ILE A 3917 18.81 -3.30 43.01
CA ILE A 3917 18.95 -4.72 42.75
C ILE A 3917 19.70 -5.42 43.87
N CYS A 3918 20.73 -4.76 44.43
CA CYS A 3918 21.45 -5.39 45.53
C CYS A 3918 20.52 -5.60 46.73
N THR A 3919 19.61 -4.64 46.94
CA THR A 3919 18.64 -4.77 48.02
C THR A 3919 17.70 -5.94 47.77
N VAL A 3920 17.26 -6.12 46.52
CA VAL A 3920 16.39 -7.24 46.22
C VAL A 3920 17.13 -8.56 46.41
N ASP A 3921 18.41 -8.59 46.06
CA ASP A 3921 19.19 -9.80 46.22
C ASP A 3921 19.30 -10.21 47.69
N TYR A 3922 19.53 -9.23 48.57
CA TYR A 3922 19.57 -9.54 49.99
C TYR A 3922 18.20 -9.95 50.49
N LEU A 3923 17.14 -9.33 49.97
CA LEU A 3923 15.80 -9.70 50.40
C LEU A 3923 15.49 -11.14 50.03
N LEU A 3924 15.93 -11.57 48.85
CA LEU A 3924 15.76 -12.95 48.42
C LEU A 3924 16.51 -13.93 49.33
N ARG A 3925 17.76 -13.59 49.68
CA ARG A 3925 18.52 -14.48 50.55
C ARG A 3925 17.86 -14.59 51.92
N LEU A 3926 17.37 -13.48 52.45
CA LEU A 3926 16.68 -13.49 53.73
C LEU A 3926 15.39 -14.31 53.64
N GLN A 3927 14.65 -14.17 52.56
CA GLN A 3927 13.41 -14.93 52.42
C GLN A 3927 13.67 -16.42 52.38
N GLU A 3928 14.70 -16.85 51.66
CA GLU A 3928 15.01 -18.27 51.60
C GLU A 3928 15.41 -18.80 52.98
N SER A 3929 16.18 -18.00 53.73
CA SER A 3929 16.54 -18.42 55.08
C SER A 3929 15.32 -18.54 55.98
N ILE A 3930 14.38 -17.60 55.87
CA ILE A 3930 13.18 -17.67 56.68
C ILE A 3930 12.35 -18.90 56.32
N SER A 3931 12.26 -19.21 55.03
CA SER A 3931 11.52 -20.40 54.60
C SER A 3931 12.16 -21.67 55.15
N ASP A 3932 13.49 -21.76 55.10
CA ASP A 3932 14.14 -22.95 55.66
C ASP A 3932 13.90 -23.06 57.15
N PHE A 3933 13.92 -21.93 57.86
CA PHE A 3933 13.73 -21.90 59.33
C PHE A 3933 12.29 -22.32 59.66
N TYR A 3934 11.31 -21.97 58.81
CA TYR A 3934 9.94 -22.40 59.04
C TYR A 3934 9.80 -23.89 58.82
N TRP A 3935 10.38 -24.42 57.75
CA TRP A 3935 10.27 -25.86 57.55
C TRP A 3935 10.97 -26.63 58.67
N TYR A 3936 12.08 -26.12 59.18
CA TYR A 3936 12.77 -26.80 60.26
C TYR A 3936 11.88 -26.93 61.49
N TYR A 3937 11.14 -25.88 61.83
CA TYR A 3937 10.25 -25.95 62.99
C TYR A 3937 8.81 -26.33 62.67
N SER A 3938 8.47 -26.58 61.41
CA SER A 3938 7.09 -26.92 61.07
C SER A 3938 6.64 -28.22 61.73
N GLY A 3939 7.49 -29.25 61.69
CA GLY A 3939 7.08 -30.53 62.24
C GLY A 3939 6.87 -30.49 63.73
N LYS A 3940 7.74 -29.82 64.46
CA LYS A 3940 7.64 -29.73 65.91
C LYS A 3940 6.50 -28.79 66.30
N ASP A 3941 5.78 -29.15 67.35
CA ASP A 3941 4.66 -28.34 67.82
C ASP A 3941 5.15 -27.12 68.60
N VAL A 3942 6.21 -27.28 69.38
CA VAL A 3942 6.71 -26.24 70.27
C VAL A 3942 7.95 -25.60 69.67
N ILE A 3943 8.03 -24.28 69.76
CA ILE A 3943 9.16 -23.50 69.28
C ILE A 3943 9.84 -22.85 70.48
N GLU A 3944 11.16 -23.05 70.58
CA GLU A 3944 11.90 -22.59 71.74
C GLU A 3944 12.23 -21.10 71.65
N GLU A 3945 12.80 -20.60 72.76
CA GLU A 3945 13.06 -19.17 72.90
C GLU A 3945 14.06 -18.69 71.85
N GLN A 3946 15.14 -19.44 71.63
CA GLN A 3946 16.15 -19.00 70.68
C GLN A 3946 15.57 -18.91 69.28
N GLY A 3947 14.72 -19.87 68.91
CA GLY A 3947 14.09 -19.81 67.61
C GLY A 3947 13.15 -18.62 67.50
N LYS A 3948 12.42 -18.32 68.58
CA LYS A 3948 11.54 -17.17 68.54
C LYS A 3948 12.32 -15.87 68.40
N ARG A 3949 13.45 -15.76 69.10
CA ARG A 3949 14.27 -14.56 69.02
C ARG A 3949 14.87 -14.38 67.64
N ASN A 3950 15.33 -15.47 67.03
CA ASN A 3950 15.89 -15.35 65.68
C ASN A 3950 14.81 -15.02 64.66
N PHE A 3951 13.61 -15.56 64.85
CA PHE A 3951 12.50 -15.16 63.99
C PHE A 3951 12.19 -13.68 64.15
N SER A 3952 12.21 -13.18 65.39
CA SER A 3952 11.86 -11.79 65.62
C SER A 3952 12.86 -10.85 64.96
N LYS A 3953 14.16 -11.15 65.09
CA LYS A 3953 15.14 -10.26 64.48
C LYS A 3953 15.14 -10.37 62.96
N ALA A 3954 14.87 -11.55 62.42
CA ALA A 3954 14.76 -11.67 60.97
C ALA A 3954 13.57 -10.88 60.44
N MET A 3955 12.45 -10.93 61.16
CA MET A 3955 11.28 -10.16 60.73
C MET A 3955 11.56 -8.66 60.83
N SER A 3956 12.29 -8.24 61.86
CA SER A 3956 12.62 -6.82 61.99
C SER A 3956 13.47 -6.34 60.83
N VAL A 3957 14.46 -7.15 60.42
CA VAL A 3957 15.27 -6.77 59.26
C VAL A 3957 14.43 -6.76 57.99
N ALA A 3958 13.55 -7.74 57.81
CA ALA A 3958 12.72 -7.75 56.61
C ALA A 3958 11.81 -6.54 56.58
N LYS A 3959 11.32 -6.12 57.74
CA LYS A 3959 10.51 -4.91 57.84
C LYS A 3959 11.29 -3.69 57.39
N GLN A 3960 12.55 -3.59 57.84
CA GLN A 3960 13.35 -2.43 57.48
C GLN A 3960 13.62 -2.42 55.97
N VAL A 3961 13.88 -3.58 55.39
CA VAL A 3961 14.13 -3.66 53.95
C VAL A 3961 12.89 -3.27 53.16
N PHE A 3962 11.72 -3.75 53.59
CA PHE A 3962 10.47 -3.36 52.92
C PHE A 3962 10.21 -1.87 53.02
N ASN A 3963 10.48 -1.27 54.18
CA ASN A 3963 10.32 0.17 54.31
C ASN A 3963 11.28 0.93 53.38
N SER A 3964 12.52 0.44 53.28
CA SER A 3964 13.48 1.08 52.38
C SER A 3964 13.02 1.01 50.93
N LEU A 3965 12.52 -0.15 50.50
CA LEU A 3965 12.01 -0.26 49.14
C LEU A 3965 10.82 0.65 48.92
N THR A 3966 9.93 0.77 49.92
CA THR A 3966 8.81 1.68 49.77
C THR A 3966 9.29 3.10 49.60
N GLU A 3967 10.31 3.51 50.36
CA GLU A 3967 10.79 4.88 50.21
C GLU A 3967 11.48 5.04 48.87
N TYR A 3968 12.04 3.96 48.33
CA TYR A 3968 12.68 4.03 47.02
C TYR A 3968 11.65 4.32 45.94
N ILE A 3969 10.46 3.71 46.05
CA ILE A 3969 9.52 3.75 44.94
C ILE A 3969 8.42 4.79 45.11
N GLN A 3970 8.25 5.33 46.30
CA GLN A 3970 7.25 6.39 46.46
C GLN A 3970 7.70 7.66 45.76
N GLY A 3971 6.73 8.52 45.45
CA GLY A 3971 6.98 9.79 44.82
C GLY A 3971 6.06 10.11 43.65
N PRO A 3972 5.78 9.15 42.76
CA PRO A 3972 6.45 7.86 42.51
C PRO A 3972 7.63 8.00 41.55
N CYS A 3973 8.58 7.08 41.56
CA CYS A 3973 9.70 7.07 40.63
C CYS A 3973 9.46 5.97 39.58
N THR A 3974 9.12 6.39 38.36
CA THR A 3974 8.78 5.43 37.32
C THR A 3974 9.97 4.54 36.97
N GLY A 3975 11.17 5.10 36.94
CA GLY A 3975 12.34 4.30 36.62
C GLY A 3975 12.56 3.20 37.64
N ASN A 3976 12.39 3.53 38.92
CA ASN A 3976 12.55 2.54 39.97
C ASN A 3976 11.43 1.52 39.91
N GLN A 3977 10.21 1.94 39.55
CA GLN A 3977 9.12 1.00 39.43
C GLN A 3977 9.40 -0.02 38.33
N GLN A 3978 9.90 0.43 37.18
CA GLN A 3978 10.26 -0.49 36.11
C GLN A 3978 11.41 -1.40 36.51
N SER A 3979 12.39 -0.86 37.24
CA SER A 3979 13.51 -1.69 37.68
C SER A 3979 13.05 -2.78 38.62
N LEU A 3980 12.13 -2.45 39.54
CA LEU A 3980 11.62 -3.47 40.44
C LEU A 3980 10.73 -4.46 39.68
N ALA A 3981 9.99 -3.99 38.69
CA ALA A 3981 9.11 -4.88 37.94
C ALA A 3981 9.92 -5.94 37.21
N HIS A 3982 11.09 -5.57 36.71
CA HIS A 3982 11.92 -6.53 36.00
C HIS A 3982 12.84 -7.35 36.92
N SER A 3983 12.73 -7.18 38.24
CA SER A 3983 13.59 -7.89 39.18
C SER A 3983 12.95 -9.20 39.65
N ARG A 3984 13.63 -9.86 40.59
CA ARG A 3984 13.18 -11.12 41.19
C ARG A 3984 12.36 -10.92 42.46
N LEU A 3985 11.76 -9.74 42.62
CA LEU A 3985 11.00 -9.43 43.83
C LEU A 3985 9.78 -10.34 43.99
N TRP A 3986 9.14 -10.72 42.88
CA TRP A 3986 7.95 -11.56 42.94
C TRP A 3986 8.22 -12.91 43.57
N ASP A 3987 9.38 -13.51 43.30
CA ASP A 3987 9.70 -14.79 43.94
C ASP A 3987 9.80 -14.65 45.46
N ALA A 3988 10.40 -13.56 45.92
CA ALA A 3988 10.51 -13.33 47.35
C ALA A 3988 9.13 -13.12 47.96
N VAL A 3989 8.27 -12.38 47.27
CA VAL A 3989 6.93 -12.13 47.81
C VAL A 3989 6.14 -13.44 47.89
N VAL A 3990 6.28 -14.29 46.88
CA VAL A 3990 5.59 -15.59 46.90
C VAL A 3990 6.07 -16.42 48.09
N GLY A 3991 7.39 -16.45 48.32
CA GLY A 3991 7.89 -17.21 49.45
C GLY A 3991 7.41 -16.65 50.78
N PHE A 3992 7.38 -15.33 50.89
CA PHE A 3992 6.90 -14.72 52.13
C PHE A 3992 5.42 -15.03 52.35
N LEU A 3993 4.62 -15.01 51.27
CA LEU A 3993 3.21 -15.33 51.42
C LEU A 3993 3.01 -16.76 51.88
N HIS A 3994 3.82 -17.69 51.37
CA HIS A 3994 3.74 -19.09 51.81
C HIS A 3994 4.08 -19.23 53.28
N VAL A 3995 5.14 -18.55 53.72
CA VAL A 3995 5.53 -18.65 55.13
C VAL A 3995 4.49 -17.98 56.01
N PHE A 3996 3.97 -16.83 55.59
CA PHE A 3996 2.97 -16.15 56.39
C PHE A 3996 1.74 -17.01 56.55
N ALA A 3997 1.30 -17.65 55.46
CA ALA A 3997 0.08 -18.44 55.50
C ALA A 3997 0.24 -19.63 56.44
N HIS A 3998 1.37 -20.33 56.37
CA HIS A 3998 1.49 -21.52 57.21
C HIS A 3998 1.78 -21.16 58.66
N MET A 3999 2.59 -20.12 58.89
CA MET A 3999 2.89 -19.70 60.25
C MET A 3999 1.66 -19.16 60.96
N MET A 4000 0.78 -18.44 60.27
CA MET A 4000 -0.42 -17.95 60.96
C MET A 4000 -1.25 -19.10 61.51
N MET A 4001 -1.44 -20.15 60.70
CA MET A 4001 -2.18 -21.32 61.17
C MET A 4001 -1.46 -22.04 62.29
N LYS A 4002 -0.13 -22.17 62.22
CA LYS A 4002 0.56 -22.91 63.27
C LYS A 4002 0.60 -22.12 64.57
N LEU A 4003 0.94 -20.83 64.48
CA LEU A 4003 1.09 -19.98 65.65
C LEU A 4003 -0.24 -19.68 66.34
N ALA A 4004 -1.35 -19.68 65.58
CA ALA A 4004 -2.62 -19.34 66.20
C ALA A 4004 -3.15 -20.41 67.15
N GLN A 4005 -2.55 -21.60 67.18
CA GLN A 4005 -3.05 -22.66 68.02
C GLN A 4005 -2.53 -22.61 69.45
N ASP A 4006 -1.69 -21.62 69.78
CA ASP A 4006 -1.17 -21.47 71.12
C ASP A 4006 -0.92 -19.99 71.42
N SER A 4007 -1.33 -19.56 72.62
CA SER A 4007 -1.24 -18.17 73.03
C SER A 4007 0.16 -17.74 73.44
N SER A 4008 1.08 -18.68 73.66
CA SER A 4008 2.44 -18.33 74.02
C SER A 4008 3.20 -17.66 72.88
N GLN A 4009 2.72 -17.76 71.65
CA GLN A 4009 3.37 -17.19 70.48
C GLN A 4009 2.59 -16.02 69.90
N ILE A 4010 1.78 -15.36 70.71
CA ILE A 4010 0.96 -14.26 70.23
C ILE A 4010 1.81 -13.07 69.82
N GLU A 4011 2.88 -12.79 70.56
CA GLU A 4011 3.74 -11.68 70.19
C GLU A 4011 4.43 -11.91 68.84
N LEU A 4012 4.87 -13.14 68.62
CA LEU A 4012 5.46 -13.49 67.33
C LEU A 4012 4.43 -13.40 66.22
N LEU A 4013 3.19 -13.78 66.51
CA LEU A 4013 2.15 -13.68 65.50
C LEU A 4013 1.88 -12.21 65.16
N LYS A 4014 1.89 -11.33 66.16
CA LYS A 4014 1.71 -9.91 65.91
C LYS A 4014 2.84 -9.36 65.03
N GLU A 4015 4.08 -9.76 65.31
CA GLU A 4015 5.19 -9.29 64.49
C GLU A 4015 5.06 -9.80 63.06
N LEU A 4016 4.61 -11.05 62.89
CA LEU A 4016 4.43 -11.57 61.54
C LEU A 4016 3.36 -10.77 60.82
N LEU A 4017 2.28 -10.44 61.54
CA LEU A 4017 1.16 -9.74 60.90
C LEU A 4017 1.57 -8.36 60.46
N ASP A 4018 2.31 -7.62 61.29
CA ASP A 4018 2.69 -6.29 60.84
C ASP A 4018 3.75 -6.34 59.74
N LEU A 4019 4.58 -7.39 59.70
CA LEU A 4019 5.48 -7.54 58.56
C LEU A 4019 4.70 -7.76 57.27
N GLN A 4020 3.63 -8.57 57.34
CA GLN A 4020 2.79 -8.75 56.16
C GLN A 4020 2.12 -7.45 55.77
N LYS A 4021 1.70 -6.67 56.76
CA LYS A 4021 1.07 -5.38 56.46
C LYS A 4021 2.04 -4.47 55.73
N ASP A 4022 3.30 -4.43 56.17
CA ASP A 4022 4.28 -3.60 55.50
C ASP A 4022 4.53 -4.06 54.07
N MET A 4023 4.54 -5.37 53.84
CA MET A 4023 4.71 -5.87 52.49
C MET A 4023 3.54 -5.48 51.59
N VAL A 4024 2.30 -5.57 52.11
CA VAL A 4024 1.16 -5.19 51.29
C VAL A 4024 1.18 -3.68 51.01
N VAL A 4025 1.57 -2.88 52.00
CA VAL A 4025 1.69 -1.44 51.78
C VAL A 4025 2.70 -1.14 50.67
N MET A 4026 3.81 -1.88 50.65
CA MET A 4026 4.76 -1.72 49.54
C MET A 4026 4.12 -2.09 48.20
N LEU A 4027 3.34 -3.16 48.18
CA LEU A 4027 2.68 -3.53 46.94
C LEU A 4027 1.70 -2.44 46.49
N LEU A 4028 0.96 -1.85 47.43
CA LEU A 4028 0.06 -0.77 47.06
C LEU A 4028 0.84 0.44 46.57
N SER A 4029 2.05 0.64 47.10
CA SER A 4029 2.89 1.73 46.63
C SER A 4029 3.36 1.50 45.21
N LEU A 4030 3.56 0.23 44.84
CA LEU A 4030 3.94 -0.11 43.47
C LEU A 4030 2.85 0.19 42.45
N LEU A 4031 1.60 0.36 42.87
CA LEU A 4031 0.51 0.65 41.94
C LEU A 4031 0.23 2.13 41.77
N GLU A 4032 1.06 3.01 42.35
CA GLU A 4032 0.86 4.43 42.16
C GLU A 4032 1.10 4.80 40.70
N GLY A 4033 0.22 5.61 40.13
CA GLY A 4033 0.35 6.00 38.75
C GLY A 4033 0.17 4.85 37.76
N ASN A 4034 -0.80 3.98 38.02
CA ASN A 4034 -1.02 2.80 37.18
C ASN A 4034 -2.09 3.08 36.14
N VAL A 4035 -1.86 2.58 34.93
CA VAL A 4035 -2.77 2.74 33.81
C VAL A 4035 -3.42 1.40 33.51
N VAL A 4036 -4.46 1.46 32.66
CA VAL A 4036 -5.19 0.24 32.29
C VAL A 4036 -4.28 -0.71 31.54
N ASN A 4037 -4.39 -2.00 31.87
CA ASN A 4037 -3.60 -3.05 31.23
C ASN A 4037 -2.11 -2.80 31.40
N GLY A 4038 -1.73 -2.28 32.56
CA GLY A 4038 -0.33 -2.05 32.83
C GLY A 4038 0.45 -3.34 33.02
N MET A 4039 1.74 -3.27 32.66
CA MET A 4039 2.60 -4.44 32.75
C MET A 4039 2.81 -4.84 34.20
N ILE A 4040 2.93 -3.85 35.09
CA ILE A 4040 3.08 -4.15 36.51
C ILE A 4040 1.83 -4.82 37.04
N ALA A 4041 0.65 -4.32 36.67
CA ALA A 4041 -0.58 -4.92 37.15
C ALA A 4041 -0.74 -6.34 36.65
N ARG A 4042 -0.42 -6.60 35.38
CA ARG A 4042 -0.54 -7.96 34.87
C ARG A 4042 0.49 -8.90 35.50
N GLN A 4043 1.69 -8.41 35.77
CA GLN A 4043 2.67 -9.24 36.47
C GLN A 4043 2.17 -9.57 37.87
N MET A 4044 1.58 -8.59 38.55
CA MET A 4044 1.06 -8.83 39.88
C MET A 4044 -0.08 -9.84 39.87
N VAL A 4045 -0.91 -9.77 38.83
CA VAL A 4045 -1.99 -10.76 38.69
C VAL A 4045 -1.41 -12.16 38.49
N ASP A 4046 -0.38 -12.28 37.67
CA ASP A 4046 0.26 -13.59 37.50
C ASP A 4046 0.82 -14.10 38.83
N MET A 4047 1.40 -13.19 39.62
CA MET A 4047 1.93 -13.54 40.92
C MET A 4047 0.83 -14.02 41.87
N LEU A 4048 -0.32 -13.34 41.86
CA LEU A 4048 -1.44 -13.75 42.70
C LEU A 4048 -1.96 -15.12 42.28
N VAL A 4049 -2.02 -15.37 40.96
CA VAL A 4049 -2.48 -16.68 40.52
C VAL A 4049 -1.50 -17.75 40.95
N GLU A 4050 -0.19 -17.46 40.87
CA GLU A 4050 0.80 -18.44 41.29
C GLU A 4050 0.64 -18.75 42.78
N SER A 4051 0.27 -17.75 43.58
CA SER A 4051 0.14 -17.89 45.04
C SER A 4051 -1.30 -17.76 45.54
N SER A 4052 -2.24 -18.35 44.81
CA SER A 4052 -3.66 -18.21 45.13
C SER A 4052 -4.06 -18.98 46.39
N SER A 4053 -3.55 -20.19 46.57
CA SER A 4053 -3.93 -21.00 47.74
C SER A 4053 -3.57 -20.36 49.07
N ASN A 4054 -2.39 -19.78 49.18
CA ASN A 4054 -1.99 -19.14 50.44
C ASN A 4054 -2.82 -17.90 50.73
N VAL A 4055 -3.12 -17.11 49.70
CA VAL A 4055 -3.94 -15.93 49.92
C VAL A 4055 -5.33 -16.32 50.38
N GLU A 4056 -5.91 -17.36 49.77
CA GLU A 4056 -7.22 -17.84 50.21
C GLU A 4056 -7.19 -18.31 51.66
N MET A 4057 -6.14 -19.02 52.07
CA MET A 4057 -6.05 -19.44 53.47
C MET A 4057 -5.97 -18.25 54.41
N ILE A 4058 -5.20 -17.24 54.01
CA ILE A 4058 -5.07 -16.02 54.82
C ILE A 4058 -6.40 -15.30 54.93
N LEU A 4059 -7.13 -15.19 53.81
CA LEU A 4059 -8.43 -14.55 53.86
C LEU A 4059 -9.39 -15.33 54.75
N LYS A 4060 -9.33 -16.67 54.72
CA LYS A 4060 -10.21 -17.40 55.61
C LYS A 4060 -9.79 -17.23 57.07
N PHE A 4061 -8.53 -16.85 57.28
CA PHE A 4061 -8.08 -16.56 58.64
C PHE A 4061 -8.68 -15.25 59.10
N PHE A 4062 -8.71 -14.27 58.20
CA PHE A 4062 -9.19 -12.95 58.58
C PHE A 4062 -10.70 -12.99 58.79
N ASP A 4063 -11.42 -13.63 57.86
CA ASP A 4063 -12.88 -13.59 57.94
C ASP A 4063 -13.39 -14.42 59.11
N MET A 4064 -12.69 -15.49 59.51
CA MET A 4064 -13.20 -16.26 60.65
C MET A 4064 -13.26 -15.42 61.92
N PHE A 4065 -12.22 -14.63 62.18
CA PHE A 4065 -12.21 -13.78 63.37
C PHE A 4065 -13.01 -12.50 63.19
N LEU A 4066 -13.13 -12.00 61.96
CA LEU A 4066 -14.05 -10.88 61.72
C LEU A 4066 -15.49 -11.31 61.99
N LYS A 4067 -15.86 -12.51 61.56
CA LYS A 4067 -17.20 -13.03 61.87
C LYS A 4067 -17.35 -13.29 63.36
N LEU A 4068 -16.30 -13.78 64.03
CA LEU A 4068 -16.42 -14.00 65.46
C LEU A 4068 -16.63 -12.70 66.23
N LYS A 4069 -16.04 -11.60 65.78
CA LYS A 4069 -16.19 -10.33 66.50
C LYS A 4069 -17.65 -9.86 66.51
N ASP A 4070 -18.33 -9.96 65.36
CA ASP A 4070 -19.73 -9.56 65.23
C ASP A 4070 -20.71 -10.62 65.71
N ILE A 4071 -20.31 -11.90 65.83
CA ILE A 4071 -21.25 -13.00 66.18
C ILE A 4071 -21.59 -12.96 67.69
N VAL A 4072 -20.67 -12.53 68.56
CA VAL A 4072 -20.91 -12.59 70.03
C VAL A 4072 -22.13 -11.77 70.49
N GLY A 4073 -22.55 -10.69 69.84
CA GLY A 4073 -23.78 -9.96 70.27
C GLY A 4073 -25.03 -10.79 70.10
N SER A 4074 -26.01 -10.77 71.06
CA SER A 4074 -27.25 -11.58 71.02
C SER A 4074 -26.97 -13.02 71.48
N GLU A 4075 -26.19 -13.81 70.73
CA GLU A 4075 -25.88 -15.22 71.06
C GLU A 4075 -25.14 -15.30 72.40
N ALA A 4076 -24.36 -14.29 72.76
CA ALA A 4076 -23.53 -14.29 73.98
C ALA A 4076 -24.33 -14.92 75.13
N PHE A 4077 -25.60 -14.52 75.31
CA PHE A 4077 -26.48 -15.06 76.38
C PHE A 4077 -27.23 -16.29 75.83
N GLN A 4078 -27.68 -16.24 74.58
CA GLN A 4078 -28.44 -17.36 73.96
C GLN A 4078 -27.77 -18.69 74.30
N ASP A 4079 -26.50 -18.86 73.93
CA ASP A 4079 -25.72 -20.10 74.23
C ASP A 4079 -24.25 -19.71 74.41
N LEU A 4087 -18.16 -16.32 81.73
CA LEU A 4087 -17.54 -17.57 81.34
C LEU A 4087 -18.54 -18.45 80.58
N ILE A 4088 -18.02 -19.41 79.81
CA ILE A 4088 -18.86 -20.29 79.02
C ILE A 4088 -18.09 -21.58 78.75
N SER A 4089 -18.80 -22.69 78.76
CA SER A 4089 -18.20 -23.99 78.51
C SER A 4089 -18.00 -24.23 77.01
N LYS A 4090 -17.10 -25.17 76.71
CA LYS A 4090 -16.84 -25.54 75.33
C LYS A 4090 -18.09 -26.12 74.66
N LYS A 4091 -18.83 -26.94 75.40
CA LYS A 4091 -20.09 -27.49 74.89
C LYS A 4091 -21.09 -26.40 74.60
N ASP A 4092 -21.20 -25.42 75.49
CA ASP A 4092 -22.09 -24.28 75.24
C ASP A 4092 -21.64 -23.47 74.02
N PHE A 4093 -20.34 -23.27 73.84
CA PHE A 4093 -19.88 -22.58 72.64
C PHE A 4093 -20.23 -23.37 71.39
N GLN A 4094 -20.11 -24.70 71.47
CA GLN A 4094 -20.44 -25.57 70.36
C GLN A 4094 -21.91 -25.42 69.99
N LYS A 4095 -22.77 -25.41 71.01
CA LYS A 4095 -24.20 -25.28 70.74
C LYS A 4095 -24.59 -23.87 70.39
N ALA A 4096 -23.76 -22.87 70.70
CA ALA A 4096 -24.09 -21.51 70.27
C ALA A 4096 -23.85 -21.41 68.78
N MET A 4097 -22.73 -21.98 68.33
CA MET A 4097 -22.38 -21.84 66.93
C MET A 4097 -23.32 -22.70 66.09
N ASP A 4098 -23.56 -23.94 66.53
CA ASP A 4098 -24.44 -24.82 65.77
C ASP A 4098 -25.89 -24.35 65.83
N SER A 4099 -26.25 -23.49 66.79
CA SER A 4099 -27.59 -22.90 66.77
C SER A 4099 -27.74 -21.86 65.67
N GLN A 4100 -26.63 -21.29 65.18
CA GLN A 4100 -26.65 -20.34 64.06
C GLN A 4100 -25.59 -20.78 63.05
N LYS A 4101 -26.05 -21.27 61.90
CA LYS A 4101 -25.15 -21.84 60.89
C LYS A 4101 -24.41 -20.73 60.16
N GLN A 4102 -23.29 -20.30 60.74
CA GLN A 4102 -22.37 -19.40 60.07
C GLN A 4102 -20.97 -19.99 59.90
N PHE A 4103 -20.55 -20.86 60.80
CA PHE A 4103 -19.28 -21.58 60.67
C PHE A 4103 -19.58 -23.06 60.44
N THR A 4104 -18.59 -23.76 59.87
CA THR A 4104 -18.72 -25.19 59.62
C THR A 4104 -17.99 -25.98 60.70
N GLY A 4105 -17.97 -27.30 60.52
CA GLY A 4105 -17.40 -28.22 61.47
C GLY A 4105 -15.94 -27.97 61.79
N PRO A 4106 -15.07 -28.06 60.78
CA PRO A 4106 -13.65 -27.80 61.04
C PRO A 4106 -13.39 -26.41 61.58
N GLU A 4107 -14.14 -25.41 61.14
CA GLU A 4107 -13.91 -24.06 61.63
C GLU A 4107 -14.23 -23.99 63.12
N ILE A 4108 -15.32 -24.63 63.54
CA ILE A 4108 -15.66 -24.65 64.95
C ILE A 4108 -14.61 -25.40 65.75
N GLN A 4109 -14.12 -26.53 65.23
CA GLN A 4109 -13.09 -27.24 65.97
C GLN A 4109 -11.82 -26.39 66.12
N PHE A 4110 -11.44 -25.67 65.06
CA PHE A 4110 -10.27 -24.80 65.16
C PHE A 4110 -10.48 -23.70 66.19
N LEU A 4111 -11.67 -23.09 66.23
CA LEU A 4111 -11.93 -22.07 67.24
C LEU A 4111 -11.90 -22.68 68.64
N LEU A 4112 -12.40 -23.90 68.78
CA LEU A 4112 -12.34 -24.57 70.07
C LEU A 4112 -10.89 -24.78 70.50
N SER A 4113 -10.03 -25.17 69.56
CA SER A 4113 -8.62 -25.32 69.91
C SER A 4113 -8.00 -23.99 70.30
N CYS A 4114 -8.35 -22.92 69.55
CA CYS A 4114 -7.87 -21.58 69.84
C CYS A 4114 -8.42 -21.00 71.13
N SER A 4115 -9.48 -21.59 71.69
CA SER A 4115 -10.13 -21.02 72.86
C SER A 4115 -9.17 -20.85 74.03
N GLU A 4116 -8.30 -21.83 74.26
CA GLU A 4116 -7.41 -21.84 75.42
C GLU A 4116 -8.21 -21.81 76.72
N ALA A 4117 -9.22 -22.69 76.85
CA ALA A 4117 -10.12 -22.71 78.03
C ALA A 4117 -9.48 -23.49 79.17
N ASP A 4118 -9.29 -22.85 80.33
CA ASP A 4118 -8.69 -23.49 81.53
C ASP A 4118 -9.81 -24.23 82.28
N GLU A 4119 -9.69 -25.55 82.50
CA GLU A 4119 -10.77 -26.35 83.11
C GLU A 4119 -12.01 -26.23 82.21
N ASN A 4120 -13.23 -26.34 82.75
CA ASN A 4120 -14.50 -26.23 81.97
C ASN A 4120 -15.05 -24.80 82.10
N GLU A 4121 -16.06 -24.46 81.29
CA GLU A 4121 -16.69 -23.11 81.34
C GLU A 4121 -15.63 -22.04 81.59
N MET A 4122 -14.64 -21.94 80.71
CA MET A 4122 -13.53 -20.96 80.95
C MET A 4122 -13.17 -20.23 79.66
N ILE A 4123 -14.12 -20.07 78.73
CA ILE A 4123 -13.89 -19.26 77.51
C ILE A 4123 -14.24 -17.81 77.84
N ASN A 4124 -13.30 -16.87 77.67
CA ASN A 4124 -13.49 -15.45 77.94
C ASN A 4124 -13.68 -14.72 76.61
N PHE A 4125 -14.93 -14.49 76.23
CA PHE A 4125 -15.21 -14.01 74.88
C PHE A 4125 -14.74 -12.59 74.64
N GLU A 4126 -14.51 -11.78 75.67
CA GLU A 4126 -14.01 -10.42 75.42
C GLU A 4126 -12.61 -10.47 74.83
N GLU A 4127 -11.71 -11.21 75.45
CA GLU A 4127 -10.37 -11.31 74.91
C GLU A 4127 -10.33 -12.23 73.71
N PHE A 4128 -11.24 -13.21 73.65
CA PHE A 4128 -11.23 -14.07 72.46
C PHE A 4128 -11.55 -13.25 71.24
N ALA A 4129 -12.57 -12.38 71.35
CA ALA A 4129 -12.97 -11.53 70.23
C ALA A 4129 -11.94 -10.47 69.91
N ASN A 4130 -11.28 -9.91 70.93
CA ASN A 4130 -10.34 -8.81 70.73
C ASN A 4130 -8.90 -9.24 70.49
N ARG A 4131 -8.60 -10.54 70.45
CA ARG A 4131 -7.21 -10.94 70.26
C ARG A 4131 -6.67 -10.52 68.89
N PHE A 4132 -7.44 -10.75 67.83
CA PHE A 4132 -6.97 -10.54 66.46
C PHE A 4132 -7.73 -9.46 65.70
N GLN A 4133 -8.65 -8.74 66.35
CA GLN A 4133 -9.57 -7.88 65.60
C GLN A 4133 -8.83 -6.77 64.85
N GLU A 4134 -7.83 -6.15 65.48
CA GLU A 4134 -7.26 -4.93 64.90
C GLU A 4134 -6.33 -5.24 63.71
N PRO A 4135 -5.25 -6.00 63.87
CA PRO A 4135 -4.38 -6.25 62.73
C PRO A 4135 -5.09 -6.97 61.60
N ALA A 4136 -6.01 -7.88 61.94
CA ALA A 4136 -6.78 -8.56 60.92
C ALA A 4136 -7.58 -7.56 60.10
N ARG A 4137 -8.19 -6.58 60.78
CA ARG A 4137 -8.99 -5.60 60.06
C ARG A 4137 -8.12 -4.75 59.16
N ASP A 4138 -6.95 -4.32 59.65
CA ASP A 4138 -6.10 -3.45 58.85
C ASP A 4138 -5.59 -4.18 57.61
N ILE A 4139 -5.16 -5.42 57.78
CA ILE A 4139 -4.65 -6.19 56.65
C ILE A 4139 -5.78 -6.52 55.68
N GLY A 4140 -6.96 -6.86 56.21
CA GLY A 4140 -8.07 -7.17 55.35
C GLY A 4140 -8.46 -5.98 54.49
N PHE A 4141 -8.45 -4.79 55.09
CA PHE A 4141 -8.77 -3.59 54.32
C PHE A 4141 -7.74 -3.34 53.24
N ASN A 4142 -6.46 -3.49 53.56
CA ASN A 4142 -5.44 -3.22 52.53
C ASN A 4142 -5.52 -4.25 51.41
N VAL A 4143 -5.80 -5.51 51.74
CA VAL A 4143 -5.99 -6.54 50.72
C VAL A 4143 -7.21 -6.23 49.85
N ALA A 4144 -8.29 -5.76 50.47
CA ALA A 4144 -9.48 -5.38 49.71
C ALA A 4144 -9.17 -4.23 48.75
N VAL A 4145 -8.39 -3.25 49.20
CA VAL A 4145 -8.02 -2.16 48.31
C VAL A 4145 -7.18 -2.67 47.15
N LEU A 4146 -6.23 -3.56 47.44
CA LEU A 4146 -5.37 -4.09 46.38
C LEU A 4146 -6.18 -4.85 45.34
N LEU A 4147 -7.11 -5.69 45.79
CA LEU A 4147 -7.95 -6.45 44.87
C LEU A 4147 -8.87 -5.54 44.08
N THR A 4148 -9.44 -4.52 44.72
CA THR A 4148 -10.31 -3.60 43.99
C THR A 4148 -9.53 -2.87 42.91
N ASN A 4149 -8.31 -2.42 43.23
CA ASN A 4149 -7.50 -1.71 42.25
C ASN A 4149 -7.17 -2.62 41.07
N LEU A 4150 -6.79 -3.86 41.35
CA LEU A 4150 -6.45 -4.76 40.25
C LEU A 4150 -7.68 -5.08 39.43
N SER A 4151 -8.83 -5.27 40.07
CA SER A 4151 -10.03 -5.61 39.33
C SER A 4151 -10.44 -4.46 38.42
N GLU A 4152 -10.29 -3.23 38.91
CA GLU A 4152 -10.76 -2.03 38.17
C GLU A 4152 -9.70 -1.56 37.18
N HIS A 4153 -8.48 -2.13 37.16
CA HIS A 4153 -7.49 -1.81 36.15
C HIS A 4153 -7.18 -2.95 35.19
N VAL A 4154 -7.60 -4.17 35.49
CA VAL A 4154 -7.49 -5.28 34.56
C VAL A 4154 -8.84 -5.99 34.49
N PRO A 4155 -9.84 -5.39 33.82
CA PRO A 4155 -11.21 -5.91 33.92
C PRO A 4155 -11.50 -7.11 33.02
N HIS A 4156 -10.60 -7.47 32.12
CA HIS A 4156 -10.85 -8.53 31.14
C HIS A 4156 -9.93 -9.73 31.37
N ASP A 4157 -9.62 -10.03 32.62
CA ASP A 4157 -8.81 -11.18 32.96
C ASP A 4157 -9.67 -12.27 33.60
N PRO A 4158 -9.95 -13.38 32.90
CA PRO A 4158 -10.78 -14.42 33.51
C PRO A 4158 -10.17 -15.06 34.75
N ARG A 4159 -8.85 -15.02 34.89
CA ARG A 4159 -8.19 -15.66 36.03
C ARG A 4159 -8.43 -14.90 37.33
N LEU A 4160 -8.86 -13.65 37.25
CA LEU A 4160 -9.03 -12.79 38.42
C LEU A 4160 -10.41 -12.92 39.05
N ARG A 4161 -11.41 -13.35 38.28
CA ARG A 4161 -12.75 -13.47 38.83
C ARG A 4161 -12.79 -14.53 39.92
N ASN A 4162 -11.93 -15.54 39.82
CA ASN A 4162 -11.88 -16.55 40.88
C ASN A 4162 -11.48 -15.90 42.20
N PHE A 4163 -10.48 -15.01 42.18
CA PHE A 4163 -10.10 -14.32 43.41
C PHE A 4163 -11.22 -13.41 43.91
N LEU A 4164 -11.92 -12.71 43.02
CA LEU A 4164 -13.01 -11.88 43.51
C LEU A 4164 -14.10 -12.73 44.16
N GLU A 4165 -14.43 -13.86 43.55
CA GLU A 4165 -15.43 -14.75 44.14
C GLU A 4165 -14.97 -15.30 45.48
N LEU A 4166 -13.69 -15.68 45.59
CA LEU A 4166 -13.18 -16.18 46.85
C LEU A 4166 -13.09 -15.10 47.93
N ALA A 4167 -12.96 -13.83 47.52
CA ALA A 4167 -12.86 -12.72 48.47
C ALA A 4167 -14.11 -11.87 48.51
N GLU A 4168 -15.25 -12.41 48.10
CA GLU A 4168 -16.49 -11.65 48.07
C GLU A 4168 -16.90 -11.15 49.46
N SER A 4169 -16.78 -12.00 50.48
CA SER A 4169 -17.17 -11.59 51.83
C SER A 4169 -16.29 -10.47 52.37
N ILE A 4170 -14.98 -10.53 52.13
CA ILE A 4170 -14.09 -9.47 52.59
C ILE A 4170 -14.44 -8.14 51.92
N LEU A 4171 -14.66 -8.20 50.60
CA LEU A 4171 -15.03 -6.99 49.86
C LEU A 4171 -16.37 -6.46 50.33
N GLU A 4172 -17.33 -7.35 50.58
CA GLU A 4172 -18.63 -6.89 51.07
C GLU A 4172 -18.51 -6.25 52.44
N TYR A 4173 -17.68 -6.83 53.30
CA TYR A 4173 -17.52 -6.29 54.65
C TYR A 4173 -16.90 -4.90 54.62
N PHE A 4174 -15.88 -4.71 53.78
CA PHE A 4174 -15.17 -3.45 53.73
C PHE A 4174 -15.72 -2.48 52.68
N ARG A 4175 -16.82 -2.84 52.03
CA ARG A 4175 -17.43 -1.96 51.04
C ARG A 4175 -17.86 -0.61 51.59
N PRO A 4176 -18.53 -0.51 52.74
CA PRO A 4176 -18.89 0.82 53.26
C PRO A 4176 -17.74 1.72 53.62
N TYR A 4177 -16.53 1.17 53.83
CA TYR A 4177 -15.39 1.97 54.24
C TYR A 4177 -14.40 2.26 53.11
N LEU A 4178 -14.56 1.64 51.95
CA LEU A 4178 -13.64 1.84 50.82
C LEU A 4178 -14.12 3.02 49.98
N GLY A 4179 -13.56 4.20 50.26
CA GLY A 4179 -13.89 5.40 49.51
C GLY A 4179 -12.97 5.57 48.31
N ARG A 4180 -13.55 5.96 47.18
CA ARG A 4180 -12.79 6.16 45.95
C ARG A 4180 -13.16 7.49 45.32
N ILE A 4181 -12.15 8.24 44.89
CA ILE A 4181 -12.34 9.51 44.20
C ILE A 4181 -11.47 9.55 42.96
N GLU A 4182 -11.79 10.48 42.07
CA GLU A 4182 -11.00 10.73 40.85
C GLU A 4182 -10.44 12.14 40.89
N ILE A 4183 -9.14 12.25 40.58
CA ILE A 4183 -8.44 13.53 40.57
C ILE A 4183 -7.68 13.67 39.25
N MET A 4184 -7.33 14.91 38.92
CA MET A 4184 -6.46 15.19 37.79
C MET A 4184 -5.02 15.20 38.30
N GLY A 4185 -4.29 14.13 38.03
CA GLY A 4185 -2.97 13.95 38.58
C GLY A 4185 -1.91 14.79 37.91
N ALA A 4186 -0.70 14.72 38.49
CA ALA A 4186 0.44 15.46 37.95
C ALA A 4186 0.89 14.93 36.59
N SER A 4187 0.56 13.68 36.26
CA SER A 4187 0.94 13.08 34.99
C SER A 4187 0.00 13.50 33.86
N ARG A 4188 -0.78 14.55 34.05
CA ARG A 4188 -1.73 15.04 33.04
C ARG A 4188 -2.78 13.99 32.71
N ARG A 4189 -3.06 13.10 33.66
CA ARG A 4189 -4.06 12.06 33.45
C ARG A 4189 -4.93 11.92 34.70
N ILE A 4190 -6.13 11.43 34.50
CA ILE A 4190 -7.08 11.21 35.59
C ILE A 4190 -6.66 9.96 36.36
N GLU A 4191 -6.48 10.11 37.66
CA GLU A 4191 -6.09 9.02 38.54
C GLU A 4191 -7.15 8.79 39.61
N ARG A 4192 -7.31 7.52 40.00
CA ARG A 4192 -8.28 7.12 41.00
C ARG A 4192 -7.59 6.81 42.32
N ILE A 4193 -8.06 7.43 43.40
CA ILE A 4193 -7.48 7.33 44.72
C ILE A 4193 -8.44 6.58 45.63
N TYR A 4194 -7.93 5.56 46.31
CA TYR A 4194 -8.67 4.76 47.27
C TYR A 4194 -8.21 5.09 48.69
N PHE A 4195 -9.16 5.35 49.58
CA PHE A 4195 -8.88 5.70 50.96
C PHE A 4195 -9.94 5.06 51.86
N GLU A 4196 -9.79 5.28 53.17
CA GLU A 4196 -10.66 4.70 54.18
C GLU A 4196 -11.58 5.77 54.74
N ILE A 4197 -12.88 5.45 54.84
CA ILE A 4197 -13.88 6.33 55.41
C ILE A 4197 -14.25 5.78 56.79
N SER A 4198 -14.10 6.62 57.81
CA SER A 4198 -14.34 6.18 59.18
C SER A 4198 -15.83 5.99 59.45
N GLU A 4199 -16.11 5.03 60.35
CA GLU A 4199 -17.49 4.75 60.73
C GLU A 4199 -18.12 5.97 61.41
N THR A 4200 -17.36 6.65 62.26
CA THR A 4200 -17.93 7.80 62.97
C THR A 4200 -18.27 8.90 61.97
N ASN A 4201 -17.40 9.13 61.00
CA ASN A 4201 -17.62 10.17 60.01
C ASN A 4201 -18.86 9.85 59.18
N ARG A 4202 -19.02 8.58 58.79
CA ARG A 4202 -20.20 8.20 58.02
C ARG A 4202 -21.46 8.32 58.86
N ALA A 4203 -21.39 7.96 60.14
CA ALA A 4203 -22.54 8.07 61.03
C ALA A 4203 -22.96 9.53 61.20
N GLN A 4204 -21.98 10.41 61.35
CA GLN A 4204 -22.23 11.84 61.50
C GLN A 4204 -22.79 12.46 60.23
N TRP A 4205 -22.40 11.96 59.05
CA TRP A 4205 -22.88 12.54 57.81
C TRP A 4205 -24.39 12.39 57.54
N GLU A 4206 -25.09 11.41 58.12
CA GLU A 4206 -26.50 11.24 57.73
C GLU A 4206 -27.48 12.04 58.60
N MET A 4207 -27.01 12.93 59.47
CA MET A 4207 -27.94 13.70 60.27
C MET A 4207 -28.79 14.60 59.38
N PRO A 4208 -30.07 14.79 59.72
CA PRO A 4208 -30.95 15.57 58.83
C PRO A 4208 -30.53 17.01 58.62
N GLN A 4209 -29.95 17.65 59.64
CA GLN A 4209 -29.52 19.04 59.50
C GLN A 4209 -28.38 19.17 58.50
N VAL A 4210 -27.44 18.23 58.47
CA VAL A 4210 -26.37 18.33 57.48
C VAL A 4210 -26.93 18.16 56.06
N LYS A 4211 -27.87 17.23 55.87
CA LYS A 4211 -28.45 17.08 54.54
C LYS A 4211 -29.21 18.33 54.13
N GLU A 4212 -29.91 18.96 55.07
CA GLU A 4212 -30.61 20.19 54.75
C GLU A 4212 -29.62 21.30 54.39
N SER A 4213 -28.50 21.38 55.11
CA SER A 4213 -27.49 22.36 54.75
C SER A 4213 -26.93 22.10 53.37
N LYS A 4214 -26.74 20.82 53.03
CA LYS A 4214 -26.25 20.46 51.70
C LYS A 4214 -27.25 20.89 50.63
N ARG A 4215 -28.54 20.65 50.89
CA ARG A 4215 -29.56 21.04 49.93
C ARG A 4215 -29.60 22.55 49.74
N GLN A 4216 -29.48 23.30 50.84
CA GLN A 4216 -29.44 24.76 50.73
C GLN A 4216 -28.22 25.23 49.96
N PHE A 4217 -27.07 24.61 50.20
CA PHE A 4217 -25.87 24.99 49.47
C PHE A 4217 -26.03 24.71 47.98
N ILE A 4218 -26.57 23.55 47.64
CA ILE A 4218 -26.76 23.20 46.23
C ILE A 4218 -27.72 24.18 45.58
N PHE A 4219 -28.80 24.54 46.28
CA PHE A 4219 -29.76 25.48 45.72
C PHE A 4219 -29.09 26.83 45.48
N ASP A 4220 -28.26 27.25 46.42
CA ASP A 4220 -27.65 28.57 46.33
C ASP A 4220 -26.70 28.61 45.14
N VAL A 4221 -25.84 27.59 45.05
CA VAL A 4221 -24.82 27.58 44.01
C VAL A 4221 -25.46 27.43 42.63
N VAL A 4222 -26.53 26.62 42.53
CA VAL A 4222 -27.18 26.42 41.24
C VAL A 4222 -27.91 27.69 40.82
N ASN A 4223 -28.55 28.39 41.77
CA ASN A 4223 -29.37 29.53 41.41
C ASN A 4223 -28.51 30.78 41.17
N GLU A 4224 -27.76 31.20 42.18
CA GLU A 4224 -26.98 32.43 42.08
C GLU A 4224 -25.47 32.21 42.16
N GLY A 4225 -25.02 30.97 42.23
CA GLY A 4225 -23.59 30.72 42.26
C GLY A 4225 -22.94 30.95 40.91
N GLY A 4226 -21.62 31.13 40.94
CA GLY A 4226 -20.85 31.32 39.73
C GLY A 4226 -20.02 30.10 39.41
N GLU A 4227 -19.57 30.00 38.16
CA GLU A 4227 -18.79 28.83 37.74
C GLU A 4227 -17.35 28.89 38.23
N ALA A 4228 -16.75 30.08 38.29
CA ALA A 4228 -15.35 30.19 38.71
C ALA A 4228 -15.19 30.03 40.20
N GLU A 4229 -16.18 30.44 40.99
CA GLU A 4229 -16.13 30.33 42.44
C GLU A 4229 -16.86 29.12 42.98
N LYS A 4230 -17.39 28.27 42.09
CA LYS A 4230 -18.19 27.12 42.53
C LYS A 4230 -17.38 26.17 43.39
N MET A 4231 -16.15 25.88 42.98
CA MET A 4231 -15.34 24.92 43.73
C MET A 4231 -14.83 25.53 45.03
N GLU A 4232 -14.50 26.82 45.02
CA GLU A 4232 -14.08 27.47 46.27
C GLU A 4232 -15.22 27.49 47.28
N LEU A 4233 -16.44 27.76 46.80
CA LEU A 4233 -17.60 27.70 47.69
C LEU A 4233 -17.82 26.29 48.20
N PHE A 4234 -17.61 25.28 47.35
CA PHE A 4234 -17.79 23.91 47.80
C PHE A 4234 -16.81 23.56 48.89
N VAL A 4235 -15.55 23.98 48.73
CA VAL A 4235 -14.54 23.71 49.76
C VAL A 4235 -14.88 24.43 51.05
N SER A 4236 -15.35 25.68 50.97
CA SER A 4236 -15.74 26.39 52.19
C SER A 4236 -16.91 25.69 52.89
N PHE A 4237 -17.85 25.15 52.11
CA PHE A 4237 -18.93 24.35 52.69
C PHE A 4237 -18.38 23.11 53.38
N CYS A 4238 -17.39 22.45 52.77
CA CYS A 4238 -16.79 21.28 53.40
C CYS A 4238 -16.14 21.64 54.72
N GLU A 4239 -15.41 22.76 54.75
CA GLU A 4239 -14.75 23.19 55.98
C GLU A 4239 -15.76 23.51 57.08
N ASP A 4240 -16.86 24.18 56.73
CA ASP A 4240 -17.88 24.45 57.73
C ASP A 4240 -18.52 23.17 58.24
N THR A 4241 -18.77 22.22 57.34
CA THR A 4241 -19.38 20.96 57.75
C THR A 4241 -18.44 20.19 58.68
N ILE A 4242 -17.14 20.21 58.37
CA ILE A 4242 -16.16 19.55 59.22
C ILE A 4242 -16.15 20.17 60.61
N PHE A 4243 -16.19 21.50 60.67
CA PHE A 4243 -16.22 22.15 61.98
C PHE A 4243 -17.47 21.78 62.76
N GLU A 4244 -18.62 21.71 62.07
CA GLU A 4244 -19.84 21.34 62.78
C GLU A 4244 -19.78 19.89 63.27
N MET A 4245 -19.15 19.00 62.51
CA MET A 4245 -19.00 17.63 62.99
C MET A 4245 -18.12 17.60 64.23
N GLN A 4246 -17.07 18.42 64.27
CA GLN A 4246 -16.23 18.49 65.46
C GLN A 4246 -17.03 18.99 66.66
N ILE A 4247 -17.86 20.01 66.44
CA ILE A 4247 -18.67 20.54 67.54
C ILE A 4247 -19.65 19.49 68.04
N ALA A 4248 -20.29 18.77 67.13
CA ALA A 4248 -21.22 17.72 67.54
C ALA A 4248 -20.51 16.61 68.31
N ALA A 4249 -19.30 16.26 67.88
CA ALA A 4249 -18.53 15.26 68.59
C ALA A 4249 -18.17 15.74 69.98
N GLN A 4250 -17.81 17.02 70.10
CA GLN A 4250 -17.44 17.57 71.40
C GLN A 4250 -18.62 17.55 72.35
N ILE A 4251 -19.80 17.95 71.87
CA ILE A 4251 -20.96 18.00 72.76
C ILE A 4251 -21.55 16.62 73.00
N SER A 4252 -21.20 15.63 72.19
CA SER A 4252 -21.72 14.29 72.38
C SER A 4252 -21.20 13.69 73.67
N GLU A 4253 -22.00 12.80 74.26
CA GLU A 4253 -21.64 12.14 75.51
C GLU A 4253 -21.44 10.65 75.31
N GLY A 4542 -13.73 21.20 90.81
CA GLY A 4542 -14.01 20.10 89.92
C GLY A 4542 -15.43 19.61 90.02
N GLU A 4543 -15.96 19.59 91.24
CA GLU A 4543 -17.33 19.12 91.44
C GLU A 4543 -18.31 20.05 90.74
N LEU A 4544 -18.08 21.35 90.82
CA LEU A 4544 -18.98 22.30 90.17
C LEU A 4544 -18.75 22.32 88.68
N GLU A 4545 -17.48 22.15 88.26
CA GLU A 4545 -17.14 22.20 86.84
C GLU A 4545 -17.76 21.05 86.06
N VAL A 4546 -17.74 19.84 86.62
CA VAL A 4546 -18.32 18.71 85.90
C VAL A 4546 -19.82 18.86 85.75
N GLN A 4547 -20.49 19.43 86.74
CA GLN A 4547 -21.93 19.66 86.61
C GLN A 4547 -22.20 20.82 85.66
N ARG A 4548 -21.32 21.81 85.65
CA ARG A 4548 -21.51 22.95 84.76
C ARG A 4548 -21.42 22.49 83.31
N VAL A 4549 -20.41 21.68 82.99
CA VAL A 4549 -20.25 21.20 81.62
C VAL A 4549 -21.37 20.23 81.25
N LYS A 4550 -21.82 19.39 82.18
CA LYS A 4550 -22.95 18.51 81.86
C LYS A 4550 -24.22 19.32 81.57
N PHE A 4551 -24.48 20.36 82.36
CA PHE A 4551 -25.63 21.21 82.14
C PHE A 4551 -25.53 21.96 80.81
N LEU A 4552 -24.35 22.48 80.49
CA LEU A 4552 -24.19 23.19 79.23
C LEU A 4552 -24.39 22.26 78.05
N ASN A 4553 -23.86 21.03 78.12
CA ASN A 4553 -24.06 20.09 77.03
C ASN A 4553 -25.53 19.72 76.90
N TYR A 4554 -26.24 19.59 78.03
CA TYR A 4554 -27.67 19.29 77.99
C TYR A 4554 -28.45 20.41 77.30
N LEU A 4555 -28.12 21.66 77.61
CA LEU A 4555 -28.79 22.78 76.95
C LEU A 4555 -28.47 22.82 75.46
N SER A 4556 -27.22 22.56 75.10
CA SER A 4556 -26.85 22.56 73.69
C SER A 4556 -27.59 21.48 72.93
N ARG A 4557 -27.68 20.29 73.52
CA ARG A 4557 -28.39 19.19 72.88
C ARG A 4557 -29.88 19.49 72.74
N ASN A 4558 -30.48 20.14 73.75
CA ASN A 4558 -31.93 20.37 73.77
C ASN A 4558 -32.31 21.81 73.44
N PHE A 4559 -31.52 22.49 72.61
CA PHE A 4559 -31.83 23.87 72.25
C PHE A 4559 -33.15 24.00 71.47
N TYR A 4560 -33.40 23.12 70.49
CA TYR A 4560 -34.60 23.23 69.67
C TYR A 4560 -35.87 22.83 70.40
N THR A 4561 -35.79 21.87 71.31
CA THR A 4561 -36.95 21.49 72.10
C THR A 4561 -37.40 22.64 72.99
N LEU A 4562 -36.45 23.39 73.55
CA LEU A 4562 -36.82 24.56 74.33
C LEU A 4562 -37.52 25.62 73.49
N ARG A 4563 -37.07 25.80 72.23
CA ARG A 4563 -37.75 26.73 71.34
C ARG A 4563 -39.19 26.32 71.05
N PHE A 4564 -39.41 25.02 70.81
CA PHE A 4564 -40.78 24.56 70.62
C PHE A 4564 -41.60 24.73 71.89
N LEU A 4565 -40.99 24.45 73.04
CA LEU A 4565 -41.72 24.59 74.30
C LEU A 4565 -42.12 26.04 74.53
N ALA A 4566 -41.22 26.97 74.21
CA ALA A 4566 -41.55 28.38 74.35
C ALA A 4566 -42.69 28.79 73.44
N LEU A 4567 -42.71 28.29 72.21
CA LEU A 4567 -43.83 28.61 71.33
C LEU A 4567 -45.14 28.05 71.86
N PHE A 4568 -45.11 26.82 72.40
CA PHE A 4568 -46.31 26.23 72.98
C PHE A 4568 -46.79 27.04 74.18
N LEU A 4569 -45.85 27.48 75.01
CA LEU A 4569 -46.24 28.27 76.17
C LEU A 4569 -46.81 29.60 75.75
N ALA A 4570 -46.31 30.17 74.66
CA ALA A 4570 -46.85 31.43 74.16
C ALA A 4570 -48.29 31.26 73.74
N PHE A 4571 -48.59 30.17 73.04
CA PHE A 4571 -49.98 29.92 72.64
C PHE A 4571 -50.87 29.68 73.85
N ALA A 4572 -50.37 28.96 74.85
CA ALA A 4572 -51.18 28.73 76.06
C ALA A 4572 -51.49 30.03 76.78
N ILE A 4573 -50.50 30.91 76.88
CA ILE A 4573 -50.71 32.20 77.53
C ILE A 4573 -51.73 33.03 76.77
N ASN A 4574 -51.60 33.08 75.44
CA ASN A 4574 -52.53 33.92 74.70
C ASN A 4574 -53.94 33.34 74.73
N PHE A 4575 -54.06 32.00 74.81
CA PHE A 4575 -55.37 31.40 74.99
C PHE A 4575 -56.00 31.80 76.31
N ILE A 4576 -55.19 31.86 77.37
CA ILE A 4576 -55.68 32.29 78.68
C ILE A 4576 -56.08 33.76 78.66
N LEU A 4577 -55.33 34.58 77.92
CA LEU A 4577 -55.57 36.01 77.86
C LEU A 4577 -56.91 36.39 77.24
N LEU A 4578 -57.56 35.48 76.52
CA LEU A 4578 -58.87 35.73 75.94
C LEU A 4578 -59.98 35.93 76.96
N PHE A 4579 -59.79 35.54 78.21
CA PHE A 4579 -60.81 35.66 79.24
C PHE A 4579 -60.73 36.96 80.05
N TYR A 4580 -59.85 37.88 79.67
CA TYR A 4580 -59.73 39.16 80.36
C TYR A 4580 -60.99 40.01 80.17
N LYS A 4581 -61.31 40.79 81.21
CA LYS A 4581 -62.50 41.63 81.26
C LYS A 4581 -62.19 42.92 81.99
N VAL A 4582 -62.61 44.03 81.39
CA VAL A 4582 -62.43 45.38 81.94
C VAL A 4582 -63.70 45.83 82.64
N SER A 4583 -63.55 46.39 83.85
CA SER A 4583 -64.70 46.84 84.61
C SER A 4583 -64.31 48.06 85.43
N ASP A 4584 -65.26 48.98 85.61
CA ASP A 4584 -65.01 50.17 86.40
C ASP A 4584 -64.70 49.85 87.86
N SER A 4585 -65.40 48.89 88.44
CA SER A 4585 -65.19 48.48 89.82
C SER A 4585 -64.39 47.19 89.89
N PRO A 4586 -63.63 46.96 90.96
CA PRO A 4586 -62.86 45.72 91.09
C PRO A 4586 -63.73 44.47 91.06
N MET A 4627 -60.92 55.46 86.38
CA MET A 4627 -60.11 54.30 86.70
C MET A 4627 -60.84 53.02 86.28
N VAL A 4628 -60.06 52.00 85.92
CA VAL A 4628 -60.61 50.73 85.47
C VAL A 4628 -59.76 49.60 86.06
N TYR A 4629 -60.33 48.40 86.07
CA TYR A 4629 -59.65 47.22 86.57
C TYR A 4629 -59.79 46.10 85.55
N TYR A 4630 -58.70 45.39 85.32
CA TYR A 4630 -58.64 44.27 84.39
C TYR A 4630 -58.59 42.98 85.18
N PHE A 4631 -59.54 42.08 84.95
CA PHE A 4631 -59.59 40.85 85.73
C PHE A 4631 -60.13 39.72 84.87
N LEU A 4632 -59.72 38.51 85.23
CA LEU A 4632 -60.27 37.32 84.59
C LEU A 4632 -61.70 37.08 85.04
N GLU A 4633 -62.50 36.50 84.15
CA GLU A 4633 -63.89 36.14 84.43
C GLU A 4633 -64.01 34.63 84.28
N GLU A 4634 -63.96 33.92 85.41
CA GLU A 4634 -64.01 32.46 85.37
C GLU A 4634 -64.58 31.94 86.67
N SER A 4635 -65.08 30.70 86.62
CA SER A 4635 -65.63 30.03 87.79
C SER A 4635 -64.67 29.03 88.42
N THR A 4636 -63.74 28.46 87.63
CA THR A 4636 -62.82 27.47 88.19
C THR A 4636 -61.82 28.12 89.14
N GLY A 4637 -61.25 29.25 88.73
CA GLY A 4637 -60.25 29.94 89.55
C GLY A 4637 -58.83 29.45 89.38
N TYR A 4638 -58.58 28.50 88.49
CA TYR A 4638 -57.26 27.93 88.32
C TYR A 4638 -56.43 28.63 87.25
N MET A 4639 -57.04 29.46 86.41
CA MET A 4639 -56.30 30.06 85.29
C MET A 4639 -55.30 31.11 85.75
N GLU A 4640 -55.64 31.92 86.75
CA GLU A 4640 -54.69 32.93 87.21
C GLU A 4640 -53.38 32.35 87.75
N PRO A 4641 -53.39 31.35 88.64
CA PRO A 4641 -52.11 30.72 89.01
C PRO A 4641 -51.45 30.04 87.83
N ALA A 4642 -52.23 29.48 86.91
CA ALA A 4642 -51.61 28.83 85.77
C ALA A 4642 -50.88 29.85 84.93
N LEU A 4643 -51.46 31.04 84.78
CA LEU A 4643 -50.85 32.12 84.03
C LEU A 4643 -49.54 32.55 84.67
N TRP A 4644 -49.52 32.64 86.00
CA TRP A 4644 -48.28 33.01 86.68
C TRP A 4644 -47.20 31.94 86.48
N CYS A 4645 -47.58 30.68 86.59
CA CYS A 4645 -46.63 29.60 86.40
C CYS A 4645 -46.11 29.56 84.97
N LEU A 4646 -47.01 29.73 84.00
CA LEU A 4646 -46.60 29.69 82.60
C LEU A 4646 -45.70 30.87 82.27
N SER A 4647 -45.98 32.04 82.83
CA SER A 4647 -45.14 33.21 82.56
C SER A 4647 -43.73 32.99 83.08
N LEU A 4648 -43.61 32.43 84.30
CA LEU A 4648 -42.28 32.14 84.82
C LEU A 4648 -41.58 31.07 84.00
N LEU A 4649 -42.31 30.03 83.59
CA LEU A 4649 -41.69 28.98 82.80
C LEU A 4649 -41.21 29.52 81.46
N HIS A 4650 -42.01 30.37 80.82
CA HIS A 4650 -41.61 30.94 79.54
C HIS A 4650 -40.36 31.81 79.68
N THR A 4651 -40.27 32.59 80.76
CA THR A 4651 -39.06 33.38 80.97
C THR A 4651 -37.84 32.49 81.16
N LEU A 4652 -38.01 31.41 81.93
CA LEU A 4652 -36.90 30.48 82.15
C LEU A 4652 -36.47 29.83 80.85
N VAL A 4653 -37.44 29.40 80.04
CA VAL A 4653 -37.13 28.73 78.79
C VAL A 4653 -36.40 29.67 77.84
N ALA A 4654 -36.85 30.92 77.78
CA ALA A 4654 -36.16 31.88 76.90
C ALA A 4654 -34.72 32.08 77.34
N PHE A 4655 -34.49 32.15 78.67
CA PHE A 4655 -33.11 32.29 79.13
C PHE A 4655 -32.27 31.07 78.78
N LEU A 4656 -32.85 29.88 78.91
CA LEU A 4656 -32.08 28.69 78.55
C LEU A 4656 -31.82 28.64 77.04
N CYS A 4657 -32.75 29.18 76.24
CA CYS A 4657 -32.54 29.22 74.80
C CYS A 4657 -31.38 30.13 74.44
N ILE A 4658 -31.28 31.26 75.14
CA ILE A 4658 -30.17 32.18 74.90
C ILE A 4658 -28.84 31.53 75.26
N ILE A 4659 -28.79 30.83 76.39
CA ILE A 4659 -27.55 30.13 76.75
C ILE A 4659 -27.21 29.03 75.75
N GLY A 4660 -28.22 28.27 75.30
CA GLY A 4660 -27.94 27.24 74.30
C GLY A 4660 -27.45 27.83 73.00
N TYR A 4661 -27.96 28.99 72.61
CA TYR A 4661 -27.51 29.59 71.35
C TYR A 4661 -26.09 30.06 71.49
N ASN A 4662 -25.79 30.77 72.58
CA ASN A 4662 -24.47 31.36 72.74
C ASN A 4662 -23.41 30.31 73.04
N CYS A 4663 -23.82 29.10 73.41
CA CYS A 4663 -22.89 28.00 73.60
C CYS A 4663 -22.87 27.01 72.43
N LEU A 4664 -23.74 27.19 71.44
CA LEU A 4664 -23.81 26.27 70.31
C LEU A 4664 -23.39 26.90 68.98
N LYS A 4665 -23.87 28.10 68.66
CA LYS A 4665 -23.69 28.65 67.31
C LYS A 4665 -22.57 29.68 67.21
N VAL A 4666 -22.28 30.41 68.29
CA VAL A 4666 -21.26 31.46 68.20
C VAL A 4666 -19.92 30.93 67.72
N PRO A 4667 -19.44 29.78 68.19
CA PRO A 4667 -18.14 29.29 67.72
C PRO A 4667 -18.03 29.15 66.21
N LEU A 4668 -19.10 28.77 65.51
CA LEU A 4668 -19.03 28.73 64.06
C LEU A 4668 -18.85 30.12 63.47
N VAL A 4669 -19.54 31.12 64.03
CA VAL A 4669 -19.41 32.48 63.53
C VAL A 4669 -17.99 32.99 63.70
N ILE A 4670 -17.41 32.73 64.87
CA ILE A 4670 -16.03 33.16 65.11
C ILE A 4670 -15.07 32.40 64.20
N PHE A 4671 -15.31 31.11 64.00
CA PHE A 4671 -14.44 30.34 63.13
C PHE A 4671 -14.45 30.88 61.71
N LYS A 4672 -15.64 31.18 61.19
CA LYS A 4672 -15.74 31.69 59.83
C LYS A 4672 -15.08 33.05 59.71
N ARG A 4673 -15.28 33.92 60.69
CA ARG A 4673 -14.72 35.25 60.59
C ARG A 4673 -13.19 35.23 60.70
N GLU A 4674 -12.65 34.40 61.60
CA GLU A 4674 -11.19 34.28 61.67
C GLU A 4674 -10.62 33.66 60.41
N LYS A 4675 -11.33 32.69 59.82
CA LYS A 4675 -10.84 32.05 58.61
C LYS A 4675 -10.73 33.06 57.48
N GLU A 4676 -11.83 33.80 57.25
CA GLU A 4676 -11.82 34.74 56.14
C GLU A 4676 -10.84 35.88 56.40
N LEU A 4677 -10.70 36.30 57.66
CA LEU A 4677 -9.74 37.36 57.93
C LEU A 4677 -8.33 36.89 57.65
N ALA A 4678 -8.00 35.66 58.05
CA ALA A 4678 -6.64 35.16 57.83
C ALA A 4678 -6.35 35.05 56.34
N ARG A 4679 -7.32 34.55 55.56
CA ARG A 4679 -7.05 34.41 54.14
C ARG A 4679 -6.94 35.75 53.45
N LYS A 4680 -7.75 36.74 53.85
CA LYS A 4680 -7.60 38.05 53.25
C LYS A 4680 -6.30 38.73 53.67
N LEU A 4681 -5.85 38.43 54.89
CA LEU A 4681 -4.57 38.93 55.38
C LEU A 4681 -3.41 38.38 54.56
N GLU A 4682 -3.48 37.11 54.18
CA GLU A 4682 -2.36 36.49 53.50
C GLU A 4682 -2.44 36.73 52.00
N PHE A 4683 -3.52 36.32 51.36
CA PHE A 4683 -3.62 36.39 49.92
C PHE A 4683 -4.04 37.76 49.39
N ASP A 4684 -4.29 38.76 50.24
CA ASP A 4684 -4.66 40.09 49.73
C ASP A 4684 -3.90 41.25 50.34
N GLY A 4685 -3.31 41.10 51.52
CA GLY A 4685 -2.63 42.21 52.14
C GLY A 4685 -3.56 43.37 52.45
N LEU A 4686 -4.68 43.05 53.09
CA LEU A 4686 -5.69 44.06 53.36
C LEU A 4686 -5.16 45.17 54.26
N TYR A 4687 -4.47 44.80 55.33
CA TYR A 4687 -3.93 45.77 56.28
C TYR A 4687 -2.46 46.04 56.05
N ILE A 4688 -1.87 45.49 54.99
CA ILE A 4688 -0.50 45.78 54.62
C ILE A 4688 -0.43 46.70 53.41
N THR A 4689 -1.28 46.44 52.41
CA THR A 4689 -1.29 47.19 51.17
C THR A 4689 -2.60 47.93 50.96
N GLU A 4690 -3.74 47.25 51.12
CA GLU A 4690 -5.01 47.83 50.67
C GLU A 4690 -5.49 48.93 51.61
N GLN A 4691 -5.32 48.76 52.93
CA GLN A 4691 -5.82 49.74 53.94
C GLN A 4691 -7.30 50.03 53.68
N PRO A 4692 -8.25 49.17 54.11
CA PRO A 4692 -9.68 49.36 53.81
C PRO A 4692 -10.21 50.76 54.14
N GLY A 4693 -11.23 51.26 53.44
CA GLY A 4693 -11.72 52.61 53.65
C GLY A 4693 -12.43 52.76 54.98
N ASP A 4694 -12.85 53.99 55.25
CA ASP A 4694 -13.61 54.29 56.46
C ASP A 4694 -15.05 53.83 56.37
N ASP A 4695 -15.49 53.31 55.23
CA ASP A 4695 -16.85 52.81 55.07
C ASP A 4695 -16.99 51.33 55.35
N ASP A 4696 -15.89 50.64 55.71
CA ASP A 4696 -15.93 49.21 56.02
C ASP A 4696 -15.82 49.06 57.52
N VAL A 4697 -16.98 49.03 58.19
CA VAL A 4697 -17.00 48.88 59.63
C VAL A 4697 -16.47 47.52 60.05
N LYS A 4698 -16.72 46.49 59.25
CA LYS A 4698 -16.18 45.17 59.58
C LYS A 4698 -14.66 45.18 59.58
N GLY A 4699 -14.05 45.79 58.57
CA GLY A 4699 -12.61 45.86 58.54
C GLY A 4699 -12.04 46.73 59.63
N GLN A 4700 -12.70 47.86 59.92
CA GLN A 4700 -12.15 48.71 60.96
C GLN A 4700 -12.28 48.04 62.31
N TRP A 4701 -13.34 47.24 62.53
CA TRP A 4701 -13.42 46.60 63.82
C TRP A 4701 -12.44 45.44 63.89
N ASP A 4702 -12.15 44.83 62.74
CA ASP A 4702 -11.23 43.69 62.74
C ASP A 4702 -9.79 44.15 62.88
N ARG A 4703 -9.55 45.46 62.77
CA ARG A 4703 -8.21 45.98 62.95
C ARG A 4703 -7.72 45.80 64.38
N LEU A 4704 -8.66 45.67 65.33
CA LEU A 4704 -8.33 45.55 66.74
C LEU A 4704 -7.73 44.21 67.11
N VAL A 4705 -7.96 43.16 66.31
CA VAL A 4705 -7.52 41.81 66.67
C VAL A 4705 -6.22 41.41 66.00
N LEU A 4706 -5.63 42.27 65.19
CA LEU A 4706 -4.43 41.89 64.45
C LEU A 4706 -3.29 41.53 65.40
N ASN A 4707 -3.09 42.32 66.45
CA ASN A 4707 -1.96 42.14 67.35
C ASN A 4707 -2.30 41.30 68.58
N THR A 4708 -3.50 40.74 68.63
CA THR A 4708 -3.87 39.93 69.79
C THR A 4708 -3.02 38.66 69.85
N PRO A 4709 -2.53 38.29 71.03
CA PRO A 4709 -1.74 37.05 71.12
C PRO A 4709 -2.52 35.79 70.78
N SER A 4710 -3.85 35.82 70.90
CA SER A 4710 -4.65 34.63 70.65
C SER A 4710 -5.64 34.88 69.52
N PHE A 4711 -5.17 35.48 68.43
CA PHE A 4711 -6.04 35.76 67.30
C PHE A 4711 -6.63 34.49 66.70
N PRO A 4712 -5.86 33.46 66.39
CA PRO A 4712 -6.43 32.22 65.84
C PRO A 4712 -6.86 31.26 66.94
N SER A 4713 -7.92 31.61 67.68
CA SER A 4713 -8.46 30.75 68.77
C SER A 4713 -9.38 29.68 68.17
N ASN A 4714 -10.17 30.00 67.14
CA ASN A 4714 -11.11 29.05 66.48
C ASN A 4714 -10.45 28.43 65.25
N TYR A 4715 -10.02 29.23 64.28
CA TYR A 4715 -9.41 28.77 63.01
C TYR A 4715 -8.24 27.81 63.29
N TRP A 4716 -8.21 26.63 62.65
CA TRP A 4716 -7.13 25.61 62.85
C TRP A 4716 -5.72 26.12 62.47
N ASP A 4717 -5.58 27.19 61.68
CA ASP A 4717 -4.25 27.67 61.18
C ASP A 4717 -3.39 28.31 62.27
N LYS A 4718 -2.26 27.69 62.66
CA LYS A 4718 -1.33 28.26 63.66
C LYS A 4718 -0.16 28.97 62.99
N PHE A 4719 -0.10 28.98 61.66
CA PHE A 4719 1.04 29.58 60.93
C PHE A 4719 0.63 30.85 60.18
N VAL A 4720 -0.46 31.49 60.54
CA VAL A 4720 -0.92 32.64 59.72
C VAL A 4720 0.10 33.78 59.84
N LYS A 4721 0.66 34.05 61.02
CA LYS A 4721 1.59 35.17 61.22
C LYS A 4721 2.95 34.88 60.59
N ARG A 4722 3.43 33.65 60.74
CA ARG A 4722 4.70 33.25 60.14
C ARG A 4722 4.66 33.33 58.63
N LYS A 4723 3.56 32.87 58.02
CA LYS A 4723 3.46 32.90 56.57
C LYS A 4723 3.38 34.33 56.05
N VAL A 4724 2.60 35.18 56.74
CA VAL A 4724 2.51 36.56 56.28
C VAL A 4724 3.86 37.24 56.42
N LEU A 4725 4.57 36.96 57.52
CA LEU A 4725 5.89 37.56 57.72
C LEU A 4725 6.86 37.10 56.64
N ASP A 4726 6.81 35.82 56.29
CA ASP A 4726 7.73 35.30 55.28
C ASP A 4726 7.38 35.81 53.89
N LYS A 4727 6.11 36.17 53.67
CA LYS A 4727 5.69 36.60 52.35
C LYS A 4727 5.89 38.09 52.12
N HIS A 4728 5.63 38.93 53.11
CA HIS A 4728 5.71 40.37 52.95
C HIS A 4728 6.81 41.04 53.76
N GLY A 4729 7.60 40.29 54.53
CA GLY A 4729 8.62 40.93 55.34
C GLY A 4729 9.72 41.59 54.53
N ASP A 4730 10.15 40.96 53.44
CA ASP A 4730 11.26 41.50 52.66
C ASP A 4730 10.87 42.76 51.91
N ILE A 4731 9.62 42.86 51.44
CA ILE A 4731 9.22 44.02 50.64
C ILE A 4731 8.61 45.14 51.47
N PHE A 4732 8.10 44.85 52.66
CA PHE A 4732 7.46 45.85 53.50
C PHE A 4732 8.13 46.11 54.83
N GLY A 4733 9.11 45.30 55.22
CA GLY A 4733 9.79 45.50 56.49
C GLY A 4733 9.42 44.47 57.53
N ARG A 4734 10.39 43.63 57.89
CA ARG A 4734 10.14 42.56 58.84
C ARG A 4734 9.78 43.12 60.22
N GLU A 4735 10.50 44.14 60.66
CA GLU A 4735 10.22 44.72 61.97
C GLU A 4735 8.85 45.41 62.00
N ARG A 4736 8.44 46.02 60.88
CA ARG A 4736 7.13 46.67 60.86
C ARG A 4736 6.01 45.65 60.83
N ILE A 4737 6.21 44.55 60.09
CA ILE A 4737 5.21 43.48 60.10
C ILE A 4737 5.11 42.86 61.49
N ALA A 4738 6.24 42.62 62.14
CA ALA A 4738 6.22 42.05 63.47
C ALA A 4738 5.54 42.97 64.47
N GLU A 4739 5.80 44.28 64.37
CA GLU A 4739 5.11 45.24 65.23
C GLU A 4739 3.62 45.25 64.98
N LEU A 4740 3.21 45.20 63.71
CA LEU A 4740 1.79 45.22 63.37
C LEU A 4740 1.09 43.97 63.90
N LEU A 4741 1.73 42.80 63.80
CA LEU A 4741 1.13 41.55 64.23
C LEU A 4741 1.48 41.17 65.67
N GLY A 4742 2.19 42.02 66.40
CA GLY A 4742 2.51 41.70 67.78
C GLY A 4742 3.37 40.46 67.95
N MET A 4743 4.38 40.30 67.10
CA MET A 4743 5.26 39.14 67.15
C MET A 4743 6.61 39.53 67.75
N ASP A 4744 7.17 38.63 68.54
CA ASP A 4744 8.48 38.83 69.16
C ASP A 4744 9.55 38.30 68.22
N LEU A 4745 10.32 39.22 67.62
CA LEU A 4745 11.37 38.91 66.66
C LEU A 4745 12.56 38.19 67.28
N ALA A 4746 12.54 37.81 68.55
CA ALA A 4746 13.67 37.10 69.14
C ALA A 4746 13.86 35.70 68.54
N SER A 4747 12.82 35.14 67.94
CA SER A 4747 12.91 33.82 67.34
C SER A 4747 11.95 33.69 66.16
N SER A 4770 -4.49 37.04 83.11
CA SER A 4770 -4.14 36.02 82.13
C SER A 4770 -5.18 35.93 81.02
N ILE A 4771 -6.25 36.71 81.15
CA ILE A 4771 -7.33 36.74 80.17
C ILE A 4771 -7.01 37.78 79.12
N ASP A 4772 -7.12 37.40 77.85
CA ASP A 4772 -6.86 38.33 76.74
C ASP A 4772 -8.07 39.25 76.62
N VAL A 4773 -8.01 40.37 77.35
CA VAL A 4773 -9.15 41.27 77.43
C VAL A 4773 -9.46 41.85 76.06
N LYS A 4774 -8.42 42.21 75.30
CA LYS A 4774 -8.66 42.81 73.99
C LYS A 4774 -9.33 41.80 73.05
N TYR A 4775 -8.93 40.53 73.13
CA TYR A 4775 -9.58 39.51 72.31
C TYR A 4775 -11.03 39.34 72.73
N GLN A 4776 -11.30 39.34 74.04
CA GLN A 4776 -12.68 39.19 74.48
C GLN A 4776 -13.53 40.36 74.02
N ILE A 4777 -12.98 41.57 74.05
CA ILE A 4777 -13.68 42.75 73.55
C ILE A 4777 -13.97 42.61 72.07
N TRP A 4778 -13.00 42.15 71.29
CA TRP A 4778 -13.25 41.96 69.86
C TRP A 4778 -14.34 40.92 69.63
N LYS A 4779 -14.30 39.81 70.38
CA LYS A 4779 -15.29 38.77 70.18
C LYS A 4779 -16.67 39.29 70.53
N PHE A 4780 -16.79 40.04 71.62
CA PHE A 4780 -18.08 40.59 72.01
C PHE A 4780 -18.54 41.61 70.98
N GLY A 4781 -17.61 42.35 70.39
CA GLY A 4781 -17.98 43.27 69.33
C GLY A 4781 -18.55 42.54 68.13
N VAL A 4782 -17.98 41.37 67.81
CA VAL A 4782 -18.47 40.52 66.68
C VAL A 4782 -19.84 39.98 67.09
N ILE A 4783 -20.06 39.73 68.38
CA ILE A 4783 -21.37 39.25 68.93
C ILE A 4783 -22.29 40.47 69.06
N PHE A 4784 -23.61 40.30 69.21
CA PHE A 4784 -24.60 41.41 69.33
C PHE A 4784 -24.88 42.01 67.95
N THR A 4785 -24.19 41.55 66.90
CA THR A 4785 -24.39 42.00 65.50
C THR A 4785 -25.10 40.88 64.75
N ASP A 4786 -25.25 39.71 65.38
CA ASP A 4786 -25.88 38.54 64.76
C ASP A 4786 -27.39 38.68 64.89
N ASN A 4787 -28.09 38.48 63.76
CA ASN A 4787 -29.53 38.68 63.75
C ASN A 4787 -30.24 37.72 64.69
N SER A 4788 -29.82 36.45 64.72
CA SER A 4788 -30.48 35.48 65.59
C SER A 4788 -30.29 35.83 67.06
N PHE A 4789 -29.11 36.35 67.42
CA PHE A 4789 -28.89 36.64 68.83
C PHE A 4789 -29.70 37.86 69.23
N LEU A 4790 -29.76 38.86 68.36
CA LEU A 4790 -30.51 40.07 68.65
C LEU A 4790 -31.99 39.71 68.78
N TYR A 4791 -32.46 38.80 67.93
CA TYR A 4791 -33.84 38.32 68.02
C TYR A 4791 -34.10 37.66 69.36
N LEU A 4792 -33.17 36.81 69.82
CA LEU A 4792 -33.37 36.14 71.10
C LEU A 4792 -33.37 37.14 72.24
N GLY A 4793 -32.53 38.17 72.16
CA GLY A 4793 -32.52 39.20 73.17
C GLY A 4793 -33.84 39.97 73.20
N TRP A 4794 -34.38 40.26 72.01
CA TRP A 4794 -35.67 40.92 71.94
C TRP A 4794 -36.74 40.03 72.56
N TYR A 4795 -36.66 38.72 72.29
CA TYR A 4795 -37.65 37.79 72.80
C TYR A 4795 -37.63 37.81 74.32
N MET A 4796 -36.43 37.83 74.91
CA MET A 4796 -36.31 37.87 76.36
C MET A 4796 -36.84 39.19 76.91
N VAL A 4797 -36.51 40.30 76.24
CA VAL A 4797 -36.98 41.58 76.76
C VAL A 4797 -38.49 41.61 76.76
N MET A 4798 -39.12 41.13 75.69
CA MET A 4798 -40.56 41.15 75.63
C MET A 4798 -41.15 40.24 76.71
N SER A 4799 -40.49 39.11 76.95
CA SER A 4799 -40.96 38.19 77.99
C SER A 4799 -40.91 38.85 79.36
N LEU A 4800 -39.84 39.60 79.64
CA LEU A 4800 -39.76 40.30 80.91
C LEU A 4800 -40.81 41.39 81.01
N LEU A 4801 -41.04 42.12 79.92
CA LEU A 4801 -42.06 43.16 79.92
C LEU A 4801 -43.45 42.55 80.13
N GLY A 4802 -43.62 41.29 79.74
CA GLY A 4802 -44.90 40.62 79.93
C GLY A 4802 -45.31 40.53 81.39
N HIS A 4803 -44.35 40.40 82.30
CA HIS A 4803 -44.67 40.41 83.72
C HIS A 4803 -45.22 41.77 84.15
N TYR A 4804 -44.69 42.85 83.57
CA TYR A 4804 -45.25 44.17 83.85
C TYR A 4804 -46.66 44.28 83.30
N ASN A 4805 -46.83 44.02 82.02
CA ASN A 4805 -48.16 43.92 81.40
C ASN A 4805 -48.23 42.63 80.60
N ASN A 4806 -49.22 41.80 80.91
CA ASN A 4806 -49.30 40.48 80.29
C ASN A 4806 -49.55 40.55 78.79
N PHE A 4807 -50.12 41.66 78.30
CA PHE A 4807 -50.49 41.75 76.89
C PHE A 4807 -49.27 41.73 75.99
N PHE A 4808 -48.08 42.00 76.52
CA PHE A 4808 -46.87 41.95 75.72
C PHE A 4808 -46.55 40.55 75.23
N PHE A 4809 -47.08 39.53 75.90
CA PHE A 4809 -46.87 38.16 75.48
C PHE A 4809 -47.49 37.86 74.12
N ALA A 4810 -48.28 38.79 73.57
CA ALA A 4810 -48.84 38.61 72.23
C ALA A 4810 -47.75 38.61 71.17
N ALA A 4811 -46.69 39.40 71.36
CA ALA A 4811 -45.66 39.54 70.35
C ALA A 4811 -45.03 38.20 70.02
N HIS A 4812 -44.94 37.29 70.99
CA HIS A 4812 -44.27 36.01 70.77
C HIS A 4812 -44.97 35.17 69.71
N LEU A 4813 -46.25 35.44 69.44
CA LEU A 4813 -47.02 34.66 68.48
C LEU A 4813 -46.54 34.91 67.06
N LEU A 4814 -45.68 35.93 66.87
CA LEU A 4814 -45.07 36.24 65.56
C LEU A 4814 -43.84 35.34 65.38
N ASP A 4815 -43.70 34.28 66.20
CA ASP A 4815 -42.58 33.31 66.10
C ASP A 4815 -42.91 32.29 65.01
N ILE A 4816 -44.14 32.20 64.49
CA ILE A 4816 -44.50 31.13 63.52
C ILE A 4816 -44.16 31.62 62.11
N ALA A 4817 -44.05 32.95 61.89
CA ALA A 4817 -43.69 33.51 60.57
C ALA A 4817 -42.40 32.85 60.09
N MET A 4818 -41.47 32.61 61.03
CA MET A 4818 -40.20 31.94 60.68
C MET A 4818 -40.16 30.59 61.39
N GLY A 4819 -41.00 30.40 62.43
CA GLY A 4819 -41.05 29.15 63.20
C GLY A 4819 -41.15 27.94 62.29
N VAL A 4820 -42.21 27.84 61.50
CA VAL A 4820 -42.46 26.66 60.61
C VAL A 4820 -42.03 27.01 59.18
N LYS A 4821 -41.89 26.00 58.30
CA LYS A 4821 -41.43 26.24 56.91
C LYS A 4821 -42.41 26.90 55.95
N THR A 4822 -43.60 26.35 55.73
CA THR A 4822 -44.53 26.84 54.68
C THR A 4822 -44.97 28.30 54.80
N LEU A 4823 -44.95 28.91 55.98
CA LEU A 4823 -45.25 30.32 56.18
C LEU A 4823 -44.10 31.18 55.68
N ARG A 4824 -42.85 30.72 55.87
CA ARG A 4824 -41.73 31.50 55.39
C ARG A 4824 -41.74 31.62 53.87
N THR A 4825 -42.11 30.55 53.17
CA THR A 4825 -42.26 30.62 51.72
C THR A 4825 -43.38 31.56 51.30
N ILE A 4826 -44.51 31.52 52.00
CA ILE A 4826 -45.60 32.43 51.65
C ILE A 4826 -45.18 33.88 51.88
N LEU A 4827 -44.53 34.16 53.01
CA LEU A 4827 -44.12 35.52 53.22
C LEU A 4827 -43.01 35.92 52.26
N SER A 4828 -42.20 34.98 51.78
CA SER A 4828 -41.25 35.37 50.76
C SER A 4828 -41.98 35.73 49.47
N SER A 4829 -43.12 35.06 49.23
CA SER A 4829 -43.96 35.36 48.08
C SER A 4829 -44.68 36.69 48.22
N VAL A 4830 -44.71 37.26 49.41
CA VAL A 4830 -45.27 38.59 49.60
C VAL A 4830 -44.20 39.67 49.59
N THR A 4831 -43.05 39.38 50.22
CA THR A 4831 -41.94 40.33 50.30
C THR A 4831 -41.08 40.38 49.04
N HIS A 4832 -41.31 39.50 48.07
CA HIS A 4832 -40.49 39.53 46.86
C HIS A 4832 -40.56 40.90 46.17
N ASN A 4833 -41.74 41.49 46.07
CA ASN A 4833 -41.94 42.77 45.41
C ASN A 4833 -42.42 43.85 46.36
N GLY A 4834 -41.90 43.83 47.59
CA GLY A 4834 -42.32 44.81 48.59
C GLY A 4834 -41.96 46.22 48.21
N LYS A 4835 -40.77 46.42 47.65
CA LYS A 4835 -40.37 47.76 47.24
C LYS A 4835 -41.28 48.30 46.14
N GLN A 4836 -41.66 47.45 45.19
CA GLN A 4836 -42.60 47.88 44.17
C GLN A 4836 -43.96 48.20 44.76
N LEU A 4837 -44.39 47.42 45.76
CA LEU A 4837 -45.68 47.71 46.40
C LEU A 4837 -45.67 49.06 47.11
N VAL A 4838 -44.56 49.37 47.78
CA VAL A 4838 -44.45 50.68 48.46
C VAL A 4838 -44.45 51.80 47.44
N MET A 4839 -43.72 51.62 46.34
CA MET A 4839 -43.63 52.66 45.33
C MET A 4839 -44.99 52.89 44.67
N THR A 4840 -45.73 51.82 44.41
CA THR A 4840 -47.03 51.96 43.78
C THR A 4840 -48.03 52.61 44.73
N VAL A 4841 -47.85 52.41 46.03
CA VAL A 4841 -48.65 53.12 47.03
C VAL A 4841 -48.32 54.61 47.01
N GLY A 4842 -47.04 54.96 46.89
CA GLY A 4842 -46.69 56.37 46.76
C GLY A 4842 -47.26 57.00 45.50
N LEU A 4843 -47.27 56.26 44.39
CA LEU A 4843 -47.93 56.76 43.19
C LEU A 4843 -49.42 56.97 43.42
N LEU A 4844 -50.05 56.07 44.19
CA LEU A 4844 -51.45 56.24 44.51
C LEU A 4844 -51.67 57.53 45.31
N ALA A 4845 -50.75 57.81 46.23
CA ALA A 4845 -50.84 59.02 47.03
C ALA A 4845 -50.71 60.26 46.16
N VAL A 4846 -49.85 60.20 45.14
CA VAL A 4846 -49.66 61.36 44.29
C VAL A 4846 -50.92 61.60 43.47
N VAL A 4847 -51.48 60.54 42.90
CA VAL A 4847 -52.67 60.71 42.06
C VAL A 4847 -53.83 61.24 42.91
N VAL A 4848 -53.93 60.75 44.14
CA VAL A 4848 -54.98 61.23 45.04
C VAL A 4848 -54.76 62.70 45.37
N TYR A 4849 -53.50 63.12 45.51
CA TYR A 4849 -53.24 64.53 45.76
C TYR A 4849 -53.71 65.39 44.60
N LEU A 4850 -53.46 64.93 43.37
CA LEU A 4850 -53.90 65.71 42.22
C LEU A 4850 -55.42 65.83 42.17
N TYR A 4851 -56.11 64.72 42.49
CA TYR A 4851 -57.57 64.77 42.55
C TYR A 4851 -58.03 65.72 43.65
N THR A 4852 -57.33 65.72 44.78
CA THR A 4852 -57.68 66.62 45.88
C THR A 4852 -57.54 68.07 45.43
N VAL A 4853 -56.48 68.38 44.70
CA VAL A 4853 -56.27 69.75 44.25
C VAL A 4853 -57.41 70.18 43.36
N VAL A 4854 -57.82 69.30 42.45
CA VAL A 4854 -58.92 69.65 41.54
C VAL A 4854 -60.20 69.88 42.33
N ALA A 4855 -60.46 69.02 43.32
CA ALA A 4855 -61.69 69.14 44.09
C ALA A 4855 -61.69 70.44 44.88
N PHE A 4856 -60.55 70.77 45.49
CA PHE A 4856 -60.45 71.97 46.30
C PHE A 4856 -60.68 73.21 45.45
N ASN A 4857 -60.10 73.22 44.25
CA ASN A 4857 -60.25 74.39 43.39
C ASN A 4857 -61.67 74.54 42.86
N PHE A 4858 -62.33 73.46 42.45
CA PHE A 4858 -63.61 73.61 41.78
C PHE A 4858 -64.83 72.95 42.44
N PHE A 4859 -64.67 71.92 43.27
CA PHE A 4859 -65.81 71.13 43.75
C PHE A 4859 -66.02 71.23 45.26
N ARG A 4860 -65.78 72.41 45.84
CA ARG A 4860 -65.86 72.54 47.30
C ARG A 4860 -67.29 72.42 47.82
N LYS A 4861 -68.27 72.91 47.06
CA LYS A 4861 -69.65 72.97 47.56
C LYS A 4861 -70.23 71.60 47.88
N PHE A 4862 -69.73 70.54 47.23
CA PHE A 4862 -70.33 69.22 47.36
C PHE A 4862 -69.82 68.42 48.56
N TYR A 4863 -69.01 69.01 49.43
CA TYR A 4863 -68.40 68.28 50.54
C TYR A 4863 -69.02 68.66 51.89
N ASN A 4864 -70.31 68.94 51.91
CA ASN A 4864 -71.03 69.24 53.16
C ASN A 4864 -71.59 67.94 53.72
N LYS A 4865 -71.01 67.47 54.82
CA LYS A 4865 -71.38 66.21 55.46
C LYS A 4865 -72.15 66.42 56.76
N SER A 4866 -73.04 67.40 56.77
CA SER A 4866 -73.85 67.70 57.95
C SER A 4866 -75.32 67.56 57.59
N GLU A 4867 -76.03 66.70 58.32
CA GLU A 4867 -77.46 66.51 58.09
C GLU A 4867 -78.28 67.72 58.51
N ASP A 4868 -77.74 68.58 59.38
CA ASP A 4868 -78.44 69.76 59.84
C ASP A 4868 -78.02 70.99 59.06
N GLU A 4869 -78.86 72.02 59.10
CA GLU A 4869 -78.66 73.23 58.33
C GLU A 4869 -77.96 74.32 59.12
N ASP A 4870 -77.93 74.21 60.44
CA ASP A 4870 -77.33 75.24 61.29
C ASP A 4870 -75.87 74.97 61.64
N GLU A 4871 -75.41 73.73 61.52
CA GLU A 4871 -74.01 73.38 61.75
C GLU A 4871 -73.44 72.71 60.50
N PRO A 4872 -72.80 73.44 59.61
CA PRO A 4872 -72.22 72.80 58.42
C PRO A 4872 -70.84 72.23 58.69
N ASP A 4873 -70.61 71.02 58.18
CA ASP A 4873 -69.33 70.34 58.30
C ASP A 4873 -68.71 70.26 56.91
N MET A 4874 -68.05 71.33 56.50
CA MET A 4874 -67.42 71.39 55.20
C MET A 4874 -66.07 70.68 55.26
N LYS A 4875 -65.90 69.66 54.42
CA LYS A 4875 -64.69 68.85 54.40
C LYS A 4875 -63.66 69.34 53.40
N CYS A 4876 -63.97 70.38 52.62
CA CYS A 4876 -63.11 70.84 51.53
C CYS A 4876 -62.75 72.32 51.67
N ASP A 4877 -62.77 72.83 52.90
CA ASP A 4877 -62.29 74.18 53.15
C ASP A 4877 -60.80 74.24 53.45
N ASP A 4878 -60.15 73.09 53.62
CA ASP A 4878 -58.71 73.03 53.85
C ASP A 4878 -58.11 71.92 53.00
N MET A 4879 -56.91 72.17 52.48
CA MET A 4879 -56.24 71.19 51.64
C MET A 4879 -55.90 69.93 52.42
N MET A 4880 -55.41 70.07 53.65
CA MET A 4880 -55.05 68.90 54.44
C MET A 4880 -56.28 68.07 54.78
N THR A 4881 -57.37 68.73 55.13
CA THR A 4881 -58.60 67.99 55.43
C THR A 4881 -59.14 67.30 54.19
N CYS A 4882 -59.14 67.96 53.04
CA CYS A 4882 -59.68 67.33 51.85
C CYS A 4882 -58.81 66.17 51.41
N TYR A 4883 -57.48 66.32 51.49
CA TYR A 4883 -56.58 65.23 51.14
C TYR A 4883 -56.74 64.04 52.07
N LEU A 4884 -56.90 64.30 53.38
CA LEU A 4884 -57.15 63.21 54.30
C LEU A 4884 -58.48 62.53 54.00
N PHE A 4885 -59.49 63.32 53.65
CA PHE A 4885 -60.80 62.75 53.34
C PHE A 4885 -60.71 61.82 52.14
N HIS A 4886 -60.01 62.26 51.09
CA HIS A 4886 -59.88 61.41 49.92
C HIS A 4886 -59.06 60.15 50.22
N MET A 4887 -57.98 60.29 50.98
CA MET A 4887 -57.13 59.14 51.27
C MET A 4887 -57.80 58.16 52.21
N TYR A 4888 -58.74 58.63 53.02
CA TYR A 4888 -59.36 57.80 54.03
C TYR A 4888 -60.60 57.11 53.49
N VAL A 4889 -61.56 57.87 52.94
CA VAL A 4889 -62.81 57.27 52.51
C VAL A 4889 -62.88 56.98 51.01
N GLY A 4890 -62.15 57.72 50.18
CA GLY A 4890 -62.26 57.50 48.75
C GLY A 4890 -61.66 56.18 48.32
N VAL A 4891 -60.49 55.85 48.83
CA VAL A 4891 -59.85 54.60 48.43
C VAL A 4891 -60.61 53.41 48.99
N ARG A 4892 -61.05 53.50 50.24
CA ARG A 4892 -61.75 52.37 50.86
C ARG A 4892 -63.17 52.22 50.37
N ALA A 4893 -63.74 53.26 49.74
CA ALA A 4893 -65.09 53.16 49.21
C ALA A 4893 -65.10 52.29 47.96
N GLY A 4894 -66.19 51.53 47.79
CA GLY A 4894 -66.30 50.67 46.62
C GLY A 4894 -66.42 51.45 45.32
N GLY A 4895 -67.24 52.49 45.32
CA GLY A 4895 -67.46 53.28 44.13
C GLY A 4895 -66.66 54.57 44.11
N GLY A 4896 -65.67 54.65 44.98
CA GLY A 4896 -64.82 55.83 45.03
C GLY A 4896 -65.42 56.96 45.84
N ILE A 4897 -64.90 58.17 45.57
CA ILE A 4897 -65.34 59.37 46.27
C ILE A 4897 -66.79 59.69 45.93
N GLY A 4898 -67.24 59.31 44.73
CA GLY A 4898 -68.57 59.69 44.29
C GLY A 4898 -69.66 59.21 45.21
N ASP A 4899 -69.48 58.02 45.79
CA ASP A 4899 -70.51 57.47 46.67
C ASP A 4899 -70.73 58.38 47.86
N GLU A 4900 -69.64 58.84 48.47
CA GLU A 4900 -69.74 59.70 49.65
C GLU A 4900 -70.22 61.09 49.27
N ILE A 4901 -69.79 61.61 48.12
CA ILE A 4901 -70.08 63.00 47.78
C ILE A 4901 -71.56 63.16 47.42
N GLU A 4902 -72.02 64.41 47.50
CA GLU A 4902 -73.41 64.76 47.22
C GLU A 4902 -73.76 64.53 45.76
N ASP A 4903 -75.04 64.35 45.50
CA ASP A 4903 -75.52 64.11 44.16
C ASP A 4903 -75.25 65.34 43.29
N PRO A 4904 -74.66 65.18 42.10
CA PRO A 4904 -74.39 66.34 41.25
C PRO A 4904 -75.52 66.65 40.29
N ALA A 4905 -76.70 66.08 40.53
CA ALA A 4905 -77.80 66.21 39.60
C ALA A 4905 -78.43 67.60 39.68
N GLY A 4906 -79.04 68.01 38.58
CA GLY A 4906 -79.61 69.34 38.49
C GLY A 4906 -78.63 70.45 38.79
N ASP A 4907 -77.40 70.33 38.28
CA ASP A 4907 -76.38 71.35 38.47
C ASP A 4907 -75.66 71.59 37.15
N GLU A 4908 -75.07 72.78 37.03
CA GLU A 4908 -74.35 73.14 35.81
C GLU A 4908 -73.12 72.26 35.60
N TYR A 4909 -72.48 71.82 36.69
CA TYR A 4909 -71.25 71.05 36.61
C TYR A 4909 -71.49 69.54 36.69
N GLU A 4910 -72.70 69.11 36.34
CA GLU A 4910 -73.03 67.68 36.46
C GLU A 4910 -72.08 66.83 35.63
N LEU A 4911 -71.83 67.24 34.39
CA LEU A 4911 -70.99 66.42 33.51
C LEU A 4911 -69.56 66.39 34.03
N TYR A 4912 -69.08 67.52 34.54
CA TYR A 4912 -67.72 67.56 35.04
C TYR A 4912 -67.58 66.63 36.23
N ARG A 4913 -68.60 66.60 37.10
CA ARG A 4913 -68.50 65.77 38.29
C ARG A 4913 -68.62 64.29 37.95
N VAL A 4914 -69.47 63.93 36.97
CA VAL A 4914 -69.54 62.54 36.55
C VAL A 4914 -68.21 62.10 35.98
N VAL A 4915 -67.56 62.96 35.20
CA VAL A 4915 -66.25 62.62 34.66
C VAL A 4915 -65.24 62.44 35.79
N PHE A 4916 -65.29 63.33 36.78
CA PHE A 4916 -64.37 63.25 37.90
C PHE A 4916 -64.53 61.93 38.65
N ASP A 4917 -65.78 61.54 38.91
CA ASP A 4917 -66.05 60.32 39.67
C ASP A 4917 -65.68 59.08 38.87
N ILE A 4918 -65.91 59.10 37.56
CA ILE A 4918 -65.69 57.89 36.78
C ILE A 4918 -64.21 57.71 36.54
N THR A 4919 -63.49 58.80 36.27
CA THR A 4919 -62.06 58.69 36.06
C THR A 4919 -61.38 58.26 37.36
N PHE A 4920 -61.94 58.68 38.51
CA PHE A 4920 -61.28 58.33 39.77
C PHE A 4920 -61.58 56.88 40.12
N PHE A 4921 -62.77 56.39 39.75
CA PHE A 4921 -63.10 55.00 39.98
C PHE A 4921 -62.24 54.09 39.11
N PHE A 4922 -62.05 54.46 37.85
CA PHE A 4922 -61.25 53.64 36.95
C PHE A 4922 -59.78 53.65 37.35
N PHE A 4923 -59.17 54.83 37.43
CA PHE A 4923 -57.73 54.89 37.71
C PHE A 4923 -57.38 54.38 39.09
N VAL A 4924 -58.17 54.69 40.11
CA VAL A 4924 -57.75 54.38 41.47
C VAL A 4924 -58.20 53.00 41.92
N ILE A 4925 -59.51 52.74 41.84
CA ILE A 4925 -60.06 51.53 42.43
C ILE A 4925 -59.63 50.29 41.68
N VAL A 4926 -59.65 50.33 40.35
CA VAL A 4926 -59.51 49.13 39.53
C VAL A 4926 -58.06 48.84 39.21
N ILE A 4927 -57.38 49.80 38.60
CA ILE A 4927 -56.08 49.54 37.98
C ILE A 4927 -55.00 49.36 39.03
N LEU A 4928 -54.87 50.33 39.94
CA LEU A 4928 -53.78 50.30 40.91
C LEU A 4928 -53.88 49.13 41.88
N LEU A 4929 -55.09 48.71 42.24
CA LEU A 4929 -55.24 47.53 43.09
C LEU A 4929 -54.96 46.24 42.33
N ALA A 4930 -55.16 46.26 41.01
CA ALA A 4930 -54.82 45.12 40.16
C ALA A 4930 -53.32 44.88 40.05
N ILE A 4931 -52.52 45.95 40.09
CA ILE A 4931 -51.07 45.83 40.03
C ILE A 4931 -50.53 45.03 41.22
N ILE A 4932 -51.05 45.30 42.41
CA ILE A 4932 -50.59 44.58 43.61
C ILE A 4932 -50.86 43.08 43.49
N GLN A 4933 -52.04 42.71 43.03
CA GLN A 4933 -52.33 41.29 42.86
C GLN A 4933 -51.51 40.68 41.74
N GLY A 4934 -51.26 41.43 40.68
CA GLY A 4934 -50.43 40.91 39.61
C GLY A 4934 -49.02 40.66 40.08
N LEU A 4935 -48.51 41.56 40.93
CA LEU A 4935 -47.17 41.38 41.48
C LEU A 4935 -47.09 40.14 42.35
N ILE A 4936 -48.12 39.89 43.16
CA ILE A 4936 -48.09 38.70 44.00
C ILE A 4936 -48.14 37.44 43.17
N ILE A 4937 -49.00 37.40 42.15
CA ILE A 4937 -49.11 36.22 41.32
C ILE A 4937 -47.80 35.98 40.56
N ASP A 4938 -47.22 37.05 40.03
CA ASP A 4938 -45.95 36.89 39.32
C ASP A 4938 -44.87 36.40 40.26
N ALA A 4939 -44.89 36.81 41.53
CA ALA A 4939 -43.88 36.31 42.46
C ALA A 4939 -44.04 34.82 42.69
N PHE A 4940 -45.29 34.36 42.75
CA PHE A 4940 -45.54 32.92 42.90
C PHE A 4940 -44.99 32.15 41.70
N GLY A 4941 -45.22 32.67 40.50
CA GLY A 4941 -44.70 32.02 39.30
C GLY A 4941 -43.19 32.04 39.25
N GLU A 4942 -42.58 33.16 39.62
CA GLU A 4942 -41.13 33.27 39.56
C GLU A 4942 -40.47 32.29 40.52
N LEU A 4943 -40.99 32.17 41.74
CA LEU A 4943 -40.38 31.22 42.66
C LEU A 4943 -40.59 29.78 42.18
N ARG A 4944 -41.76 29.50 41.60
CA ARG A 4944 -41.99 28.13 41.15
C ARG A 4944 -41.02 27.77 40.03
N ASP A 4945 -40.82 28.70 39.09
CA ASP A 4945 -39.93 28.38 37.98
C ASP A 4945 -38.49 28.34 38.43
N GLN A 4946 -38.12 29.10 39.48
CA GLN A 4946 -36.76 28.99 40.00
C GLN A 4946 -36.50 27.60 40.56
N GLN A 4947 -37.46 27.06 41.30
CA GLN A 4947 -37.33 25.70 41.81
C GLN A 4947 -37.27 24.68 40.68
N GLU A 4948 -38.11 24.84 39.66
CA GLU A 4948 -38.09 23.91 38.54
C GLU A 4948 -36.76 23.99 37.79
N GLN A 4949 -36.24 25.19 37.60
CA GLN A 4949 -34.98 25.35 36.90
C GLN A 4949 -33.83 24.70 37.65
N VAL A 4950 -33.80 24.88 38.97
CA VAL A 4950 -32.75 24.27 39.76
C VAL A 4950 -32.82 22.76 39.71
N LYS A 4951 -34.02 22.21 39.83
CA LYS A 4951 -34.15 20.75 39.78
C LYS A 4951 -33.75 20.21 38.42
N GLU A 4952 -34.14 20.90 37.34
CA GLU A 4952 -33.78 20.42 36.02
C GLU A 4952 -32.27 20.45 35.82
N ASP A 4953 -31.60 21.51 36.27
CA ASP A 4953 -30.16 21.58 36.08
C ASP A 4953 -29.47 20.48 36.87
N MET A 4954 -29.92 20.23 38.10
CA MET A 4954 -29.28 19.21 38.92
C MET A 4954 -29.50 17.82 38.34
N GLU A 4955 -30.64 17.58 37.70
CA GLU A 4955 -30.95 16.27 37.13
C GLU A 4955 -30.50 16.14 35.69
N THR A 4956 -29.90 17.18 35.11
CA THR A 4956 -29.43 17.12 33.74
C THR A 4956 -27.93 17.33 33.58
N LYS A 4957 -27.22 17.81 34.59
CA LYS A 4957 -25.77 17.91 34.49
C LYS A 4957 -25.10 17.44 35.76
N CYS A 4958 -23.87 16.94 35.62
CA CYS A 4958 -23.05 16.54 36.75
C CYS A 4958 -22.41 17.76 37.39
N PHE A 4959 -22.39 17.77 38.72
CA PHE A 4959 -21.94 18.96 39.45
C PHE A 4959 -20.45 19.21 39.30
N ILE A 4960 -19.65 18.15 39.11
CA ILE A 4960 -18.20 18.30 39.13
C ILE A 4960 -17.66 18.47 37.72
N CYS A 4961 -17.83 17.43 36.88
CA CYS A 4961 -17.21 17.46 35.56
C CYS A 4961 -18.05 18.20 34.53
N GLY A 4962 -19.36 18.32 34.75
CA GLY A 4962 -20.21 19.05 33.84
C GLY A 4962 -20.64 18.27 32.60
N ILE A 4963 -20.23 17.01 32.47
CA ILE A 4963 -20.61 16.23 31.32
C ILE A 4963 -22.08 15.87 31.40
N GLY A 4964 -22.77 15.93 30.26
CA GLY A 4964 -24.19 15.69 30.24
C GLY A 4964 -24.54 14.23 30.48
N SER A 4965 -25.80 14.02 30.88
CA SER A 4965 -26.29 12.67 31.14
C SER A 4965 -26.43 11.85 29.87
N ASP A 4966 -26.56 12.50 28.70
CA ASP A 4966 -26.73 11.76 27.46
C ASP A 4966 -25.53 10.88 27.16
N TYR A 4967 -24.32 11.39 27.40
CA TYR A 4967 -23.13 10.58 27.16
C TYR A 4967 -23.09 9.37 28.09
N PHE A 4968 -23.38 9.57 29.37
CA PHE A 4968 -23.30 8.48 30.33
C PHE A 4968 -24.41 7.46 30.13
N ASP A 4969 -25.55 7.89 29.59
CA ASP A 4969 -26.68 6.99 29.42
C ASP A 4969 -26.50 5.98 28.29
N THR A 4970 -25.33 5.95 27.63
CA THR A 4970 -25.08 4.89 26.67
C THR A 4970 -25.08 3.54 27.37
N THR A 4971 -24.42 3.45 28.51
CA THR A 4971 -24.48 2.30 29.38
C THR A 4971 -25.67 2.44 30.33
N PRO A 4972 -26.50 1.41 30.52
CA PRO A 4972 -27.66 1.54 31.40
C PRO A 4972 -27.25 1.98 32.81
N HIS A 4973 -27.99 2.95 33.34
CA HIS A 4973 -27.72 3.52 34.65
C HIS A 4973 -26.32 4.14 34.74
N GLY A 4974 -25.81 4.60 33.59
CA GLY A 4974 -24.46 5.14 33.59
C GLY A 4974 -24.35 6.41 34.39
N PHE A 4975 -25.32 7.31 34.24
CA PHE A 4975 -25.26 8.58 34.97
C PHE A 4975 -25.48 8.34 36.46
N GLU A 4976 -26.33 7.38 36.81
CA GLU A 4976 -26.55 7.06 38.21
C GLU A 4976 -25.29 6.51 38.85
N THR A 4977 -24.58 5.64 38.13
CA THR A 4977 -23.33 5.11 38.69
C THR A 4977 -22.26 6.20 38.75
N HIS A 4978 -22.25 7.10 37.76
CA HIS A 4978 -21.26 8.17 37.77
C HIS A 4978 -21.48 9.08 38.97
N THR A 4979 -22.73 9.41 39.27
CA THR A 4979 -23.09 10.30 40.36
C THR A 4979 -23.11 9.62 41.72
N LEU A 4980 -23.04 8.29 41.78
CA LEU A 4980 -23.05 7.60 43.07
C LEU A 4980 -21.72 6.98 43.45
N GLU A 4981 -20.84 6.67 42.50
CA GLU A 4981 -19.56 6.04 42.81
C GLU A 4981 -18.37 6.87 42.38
N GLU A 4982 -18.40 7.44 41.17
CA GLU A 4982 -17.21 8.09 40.62
C GLU A 4982 -17.00 9.49 41.20
N HIS A 4983 -18.02 10.33 41.17
CA HIS A 4983 -17.91 11.74 41.52
C HIS A 4983 -18.73 12.07 42.76
N ASN A 4984 -18.66 11.24 43.79
CA ASN A 4984 -19.41 11.52 45.01
C ASN A 4984 -18.77 12.65 45.81
N LEU A 4985 -19.54 13.73 45.99
CA LEU A 4985 -19.01 14.86 46.73
C LEU A 4985 -18.78 14.51 48.18
N ALA A 4986 -19.56 13.55 48.70
CA ALA A 4986 -19.31 13.11 50.06
C ALA A 4986 -17.97 12.41 50.14
N ASN A 4987 -17.61 11.67 49.09
CA ASN A 4987 -16.31 11.01 49.09
C ASN A 4987 -15.19 12.03 49.03
N TYR A 4988 -15.38 13.13 48.27
CA TYR A 4988 -14.35 14.16 48.27
C TYR A 4988 -14.22 14.84 49.63
N MET A 4989 -15.35 15.04 50.33
CA MET A 4989 -15.33 15.52 51.70
C MET A 4989 -14.57 14.59 52.62
N PHE A 4990 -14.85 13.29 52.51
CA PHE A 4990 -14.18 12.33 53.37
C PHE A 4990 -12.69 12.28 53.07
N PHE A 4991 -12.31 12.39 51.79
CA PHE A 4991 -10.88 12.36 51.47
C PHE A 4991 -10.18 13.56 52.06
N LEU A 4992 -10.83 14.72 52.01
CA LEU A 4992 -10.26 15.92 52.63
C LEU A 4992 -10.10 15.75 54.14
N MET A 4993 -11.12 15.17 54.78
CA MET A 4993 -11.11 14.91 56.25
C MET A 4993 -10.02 13.87 56.55
N TYR A 4994 -9.75 12.93 55.64
CA TYR A 4994 -8.71 11.93 55.82
C TYR A 4994 -7.33 12.56 55.73
N LEU A 4995 -7.14 13.48 54.80
CA LEU A 4995 -5.86 14.14 54.67
C LEU A 4995 -5.59 14.99 55.89
N ILE A 4996 -6.62 15.65 56.39
CA ILE A 4996 -6.46 16.51 57.56
C ILE A 4996 -6.04 15.69 58.77
N ASN A 4997 -6.69 14.54 58.97
CA ASN A 4997 -6.38 13.72 60.13
C ASN A 4997 -5.01 13.04 59.99
N LYS A 4998 -4.66 12.60 58.78
CA LYS A 4998 -3.42 11.86 58.61
C LYS A 4998 -2.21 12.75 58.77
N ASP A 4999 -1.18 12.20 59.41
CA ASP A 4999 0.07 12.93 59.59
C ASP A 4999 0.82 13.07 58.27
N GLU A 5000 1.54 14.19 58.15
CA GLU A 5000 2.21 14.53 56.90
C GLU A 5000 3.31 13.54 56.54
N THR A 5001 4.05 13.03 57.54
CA THR A 5001 5.10 12.06 57.25
C THR A 5001 4.59 10.76 56.64
N GLU A 5002 3.32 10.42 56.87
CA GLU A 5002 2.74 9.20 56.30
C GLU A 5002 2.05 9.45 54.97
N HIS A 5003 2.01 10.68 54.49
CA HIS A 5003 1.35 10.97 53.22
C HIS A 5003 2.09 10.30 52.07
N THR A 5004 1.32 9.76 51.13
CA THR A 5004 1.87 9.22 49.91
C THR A 5004 2.17 10.35 48.93
N GLY A 5005 2.62 9.98 47.72
CA GLY A 5005 2.91 11.01 46.73
C GLY A 5005 1.66 11.75 46.27
N GLN A 5006 0.57 11.00 46.04
CA GLN A 5006 -0.68 11.64 45.64
C GLN A 5006 -1.26 12.46 46.77
N GLU A 5007 -1.20 11.93 47.99
CA GLU A 5007 -1.74 12.67 49.13
C GLU A 5007 -0.96 13.95 49.35
N SER A 5008 0.37 13.88 49.24
CA SER A 5008 1.19 15.07 49.41
C SER A 5008 0.89 16.08 48.30
N TYR A 5009 0.66 15.60 47.08
CA TYR A 5009 0.36 16.50 45.97
C TYR A 5009 -0.94 17.24 46.23
N VAL A 5010 -1.96 16.53 46.70
CA VAL A 5010 -3.25 17.16 46.98
C VAL A 5010 -3.12 18.09 48.18
N TRP A 5011 -2.40 17.68 49.21
CA TRP A 5011 -2.27 18.53 50.39
C TRP A 5011 -1.55 19.82 50.03
N LYS A 5012 -0.53 19.73 49.18
CA LYS A 5012 0.19 20.91 48.73
C LYS A 5012 -0.72 21.83 47.94
N MET A 5013 -1.57 21.27 47.08
CA MET A 5013 -2.44 22.14 46.31
C MET A 5013 -3.55 22.72 47.18
N TYR A 5014 -3.94 22.01 48.24
CA TYR A 5014 -4.86 22.57 49.23
C TYR A 5014 -4.24 23.77 49.93
N GLN A 5015 -2.96 23.66 50.30
CA GLN A 5015 -2.31 24.77 50.99
C GLN A 5015 -2.05 25.93 50.04
N GLU A 5016 -1.88 25.65 48.75
CA GLU A 5016 -1.69 26.71 47.76
C GLU A 5016 -3.01 27.21 47.20
N ARG A 5017 -4.13 26.65 47.63
CA ARG A 5017 -5.45 27.14 47.25
C ARG A 5017 -5.63 27.15 45.73
N CYS A 5018 -5.08 26.12 45.08
CA CYS A 5018 -5.25 25.91 43.64
C CYS A 5018 -6.06 24.65 43.43
N TRP A 5019 -7.20 24.76 42.76
CA TRP A 5019 -8.14 23.67 42.58
C TRP A 5019 -8.06 23.05 41.19
N ASP A 5020 -6.87 23.03 40.60
CA ASP A 5020 -6.70 22.46 39.27
C ASP A 5020 -6.72 20.94 39.28
N PHE A 5021 -6.56 20.30 40.45
CA PHE A 5021 -6.57 18.85 40.52
C PHE A 5021 -7.97 18.28 40.39
N PHE A 5022 -9.00 19.07 40.64
CA PHE A 5022 -10.37 18.60 40.46
C PHE A 5022 -10.64 18.35 38.98
N PRO A 5023 -11.22 17.21 38.62
CA PRO A 5023 -11.46 16.93 37.19
C PRO A 5023 -12.49 17.90 36.61
N ALA A 5024 -12.12 18.52 35.50
CA ALA A 5024 -12.98 19.48 34.81
C ALA A 5024 -13.08 19.09 33.34
N GLY A 5025 -14.24 18.62 32.92
CA GLY A 5025 -14.46 18.27 31.54
C GLY A 5025 -13.89 16.94 31.10
N ASP A 5026 -13.38 16.12 32.03
CA ASP A 5026 -12.80 14.83 31.69
C ASP A 5026 -13.10 13.84 32.80
N CYS A 5027 -13.03 12.56 32.45
CA CYS A 5027 -13.31 11.49 33.40
C CYS A 5027 -12.50 10.26 33.01
N PHE A 5028 -12.43 9.30 33.95
CA PHE A 5028 -11.68 8.08 33.71
C PHE A 5028 -12.27 7.29 32.55
N ARG A 5029 -13.60 7.21 32.48
CA ARG A 5029 -14.24 6.46 31.41
C ARG A 5029 -13.93 7.08 30.06
N LYS A 5030 -13.96 8.42 29.99
CA LYS A 5030 -13.69 9.06 28.72
C LYS A 5030 -12.24 8.94 28.35
N GLN A 5031 -11.35 8.95 29.35
CA GLN A 5031 -9.92 8.87 29.06
C GLN A 5031 -9.55 7.49 28.54
N TYR A 5032 -10.18 6.45 29.08
CA TYR A 5032 -9.88 5.08 28.69
C TYR A 5032 -11.09 4.40 28.05
N GLU A 5033 -11.80 5.14 27.20
CA GLU A 5033 -13.00 4.58 26.57
C GLU A 5033 -12.67 3.41 25.65
N ASP A 5034 -11.61 3.52 24.85
CA ASP A 5034 -11.27 2.42 23.95
C ASP A 5034 -10.85 1.18 24.71
N GLN A 5035 -10.00 1.34 25.72
CA GLN A 5035 -9.48 0.17 26.44
C GLN A 5035 -10.56 -0.42 27.34
N LEU A 5036 -11.28 0.42 28.07
CA LEU A 5036 -12.29 -0.08 28.99
C LEU A 5036 -13.43 -0.76 28.25
N SER A 5037 -13.83 -0.20 27.12
CA SER A 5037 -14.93 -0.76 26.32
C SER A 5037 -14.40 -1.74 25.29
N GLY B 5 107.12 -4.56 76.27
CA GLY B 5 106.91 -4.33 77.68
C GLY B 5 106.32 -2.97 78.00
N VAL B 6 106.60 -2.49 79.21
CA VAL B 6 106.10 -1.20 79.69
C VAL B 6 107.30 -0.34 80.10
N GLU B 7 107.32 0.90 79.63
CA GLU B 7 108.31 1.89 80.03
C GLU B 7 107.66 2.89 80.97
N ILE B 8 108.40 3.31 82.00
CA ILE B 8 107.91 4.26 82.98
C ILE B 8 108.80 5.50 82.94
N GLU B 9 108.17 6.65 82.71
CA GLU B 9 108.84 7.95 82.76
C GLU B 9 108.19 8.76 83.88
N THR B 10 108.95 9.03 84.93
CA THR B 10 108.39 9.75 86.07
C THR B 10 108.23 11.23 85.73
N ILE B 11 107.11 11.81 86.17
CA ILE B 11 106.83 13.22 85.97
C ILE B 11 106.78 13.97 87.30
N SER B 12 106.30 13.31 88.36
CA SER B 12 106.38 13.86 89.70
C SER B 12 106.76 12.77 90.70
N PRO B 13 107.80 12.97 91.48
CA PRO B 13 108.25 11.93 92.41
C PRO B 13 107.19 11.61 93.46
N GLY B 14 107.13 10.33 93.81
CA GLY B 14 106.25 9.86 94.86
C GLY B 14 106.94 9.74 96.21
N ASP B 15 106.36 8.94 97.10
CA ASP B 15 106.97 8.71 98.43
C ASP B 15 108.18 7.79 98.27
N GLY B 16 108.09 6.83 97.34
CA GLY B 16 109.20 5.94 97.09
C GLY B 16 109.49 4.92 98.17
N ARG B 17 108.51 4.60 99.02
CA ARG B 17 108.71 3.60 100.06
C ARG B 17 107.52 2.64 100.09
N THR B 18 106.33 3.16 99.82
CA THR B 18 105.09 2.40 99.89
C THR B 18 104.69 1.95 98.48
N PHE B 19 104.85 0.67 98.19
CA PHE B 19 104.50 0.13 96.89
C PHE B 19 103.24 -0.73 97.00
N PRO B 20 102.49 -0.89 95.91
CA PRO B 20 101.30 -1.75 95.95
C PRO B 20 101.65 -3.19 96.25
N LYS B 21 100.95 -3.76 97.22
CA LYS B 21 101.12 -5.16 97.60
C LYS B 21 99.91 -5.98 97.14
N LYS B 22 100.09 -7.29 97.14
CA LYS B 22 99.04 -8.19 96.69
C LYS B 22 97.77 -8.03 97.52
N GLY B 23 96.64 -7.87 96.83
CA GLY B 23 95.34 -7.75 97.45
C GLY B 23 94.87 -6.34 97.71
N GLN B 24 95.77 -5.35 97.62
CA GLN B 24 95.38 -3.98 97.93
C GLN B 24 94.59 -3.38 96.77
N THR B 25 93.64 -2.50 97.11
CA THR B 25 92.87 -1.75 96.13
C THR B 25 93.58 -0.43 95.85
N CYS B 26 93.97 -0.22 94.60
CA CYS B 26 94.57 1.04 94.16
C CYS B 26 93.51 1.94 93.56
N VAL B 27 93.55 3.22 93.92
CA VAL B 27 92.64 4.25 93.43
C VAL B 27 93.51 5.30 92.75
N VAL B 28 93.34 5.44 91.42
CA VAL B 28 94.18 6.30 90.60
C VAL B 28 93.32 7.21 89.72
N HIS B 29 93.95 8.28 89.26
CA HIS B 29 93.49 9.11 88.16
C HIS B 29 94.38 8.90 86.95
N TYR B 30 93.78 8.74 85.77
CA TYR B 30 94.55 8.48 84.56
C TYR B 30 93.96 9.25 83.38
N THR B 31 94.82 9.52 82.40
CA THR B 31 94.41 9.99 81.08
C THR B 31 95.06 9.12 80.02
N GLY B 32 94.24 8.48 79.19
CA GLY B 32 94.70 7.60 78.13
C GLY B 32 94.57 8.21 76.75
N MET B 33 95.70 8.29 76.05
CA MET B 33 95.80 8.96 74.76
C MET B 33 96.47 8.00 73.79
N LEU B 34 96.24 8.19 72.49
CA LEU B 34 96.98 7.48 71.46
C LEU B 34 98.38 8.07 71.23
N GLN B 35 99.17 7.33 70.44
CA GLN B 35 100.52 7.76 70.12
C GLN B 35 100.52 8.95 69.18
N ASN B 36 99.47 9.12 68.38
CA ASN B 36 99.38 10.26 67.49
C ASN B 36 98.98 11.54 68.22
N GLY B 37 98.68 11.46 69.50
CA GLY B 37 98.33 12.63 70.29
C GLY B 37 96.86 12.75 70.61
N LYS B 38 95.99 12.04 69.91
CA LYS B 38 94.55 12.13 70.10
C LYS B 38 94.17 11.48 71.44
N LYS B 39 93.44 12.22 72.26
CA LYS B 39 92.95 11.72 73.54
C LYS B 39 91.72 10.84 73.33
N PHE B 40 91.71 9.67 73.97
CA PHE B 40 90.53 8.80 73.90
C PHE B 40 89.85 8.56 75.24
N ASP B 41 90.52 8.76 76.37
CA ASP B 41 89.84 8.54 77.65
C ASP B 41 90.50 9.37 78.73
N SER B 42 89.71 9.74 79.74
CA SER B 42 90.22 10.50 80.88
C SER B 42 89.20 10.42 82.00
N SER B 43 89.63 9.91 83.16
CA SER B 43 88.75 9.85 84.33
C SER B 43 88.49 11.22 84.94
N ARG B 44 89.38 12.19 84.73
CA ARG B 44 89.20 13.50 85.32
C ARG B 44 87.96 14.20 84.78
N ASP B 45 87.62 13.96 83.52
CA ASP B 45 86.39 14.53 82.97
C ASP B 45 85.16 14.02 83.72
N ARG B 46 85.14 12.75 84.12
CA ARG B 46 84.05 12.19 84.89
C ARG B 46 84.11 12.58 86.36
N ASN B 47 85.22 13.19 86.79
CA ASN B 47 85.42 13.61 88.18
C ASN B 47 85.20 12.45 89.15
N LYS B 48 85.84 11.33 88.87
CA LYS B 48 85.70 10.15 89.71
C LYS B 48 86.95 9.28 89.62
N PRO B 49 87.70 9.13 90.70
CA PRO B 49 88.88 8.26 90.66
C PRO B 49 88.51 6.82 90.32
N PHE B 50 89.35 6.20 89.50
CA PHE B 50 89.14 4.82 89.08
C PHE B 50 89.75 3.89 90.12
N LYS B 51 88.98 2.89 90.52
CA LYS B 51 89.40 1.93 91.54
C LYS B 51 89.53 0.53 90.98
N PHE B 52 90.62 -0.15 91.36
CA PHE B 52 90.80 -1.53 90.90
C PHE B 52 91.68 -2.22 91.93
N ARG B 53 91.60 -3.54 91.99
CA ARG B 53 92.47 -4.30 92.87
C ARG B 53 93.51 -5.08 92.08
N ILE B 54 94.69 -5.24 92.67
CA ILE B 54 95.86 -5.74 91.97
C ILE B 54 95.78 -7.26 91.80
N GLY B 55 96.24 -7.74 90.64
CA GLY B 55 96.43 -9.16 90.40
C GLY B 55 95.20 -9.97 90.08
N LYS B 56 94.10 -9.35 89.63
CA LYS B 56 92.86 -10.05 89.33
C LYS B 56 92.40 -9.85 87.89
N GLN B 57 93.35 -9.68 86.97
CA GLN B 57 93.09 -9.43 85.54
C GLN B 57 91.85 -8.57 85.30
N GLU B 58 91.76 -7.47 86.05
CA GLU B 58 90.62 -6.56 85.89
C GLU B 58 90.89 -5.47 84.88
N VAL B 59 92.15 -5.27 84.47
CA VAL B 59 92.53 -4.25 83.51
C VAL B 59 93.54 -4.85 82.54
N ILE B 60 93.83 -4.09 81.48
CA ILE B 60 94.85 -4.51 80.54
C ILE B 60 96.19 -4.67 81.24
N LYS B 61 97.00 -5.61 80.75
CA LYS B 61 98.22 -6.00 81.44
C LYS B 61 99.17 -4.83 81.66
N GLY B 62 99.45 -4.06 80.61
CA GLY B 62 100.39 -2.96 80.71
C GLY B 62 100.03 -1.96 81.79
N PHE B 63 98.74 -1.68 81.95
CA PHE B 63 98.31 -0.70 82.93
C PHE B 63 98.70 -1.13 84.34
N GLU B 64 98.37 -2.38 84.71
CA GLU B 64 98.71 -2.85 86.03
C GLU B 64 100.21 -3.11 86.20
N GLU B 65 100.92 -3.45 85.11
CA GLU B 65 102.37 -3.57 85.23
C GLU B 65 103.00 -2.22 85.53
N GLY B 66 102.50 -1.15 84.92
CA GLY B 66 103.01 0.17 85.23
C GLY B 66 102.65 0.60 86.64
N ALA B 67 101.39 0.40 87.02
CA ALA B 67 100.93 0.86 88.34
C ALA B 67 101.62 0.10 89.47
N ALA B 68 102.01 -1.16 89.22
CA ALA B 68 102.69 -1.92 90.25
C ALA B 68 104.04 -1.33 90.64
N GLN B 69 104.71 -0.66 89.70
CA GLN B 69 106.02 -0.09 89.94
C GLN B 69 105.96 1.32 90.51
N MET B 70 104.78 1.90 90.66
CA MET B 70 104.62 3.27 91.10
C MET B 70 104.41 3.34 92.60
N SER B 71 104.93 4.39 93.22
CA SER B 71 104.78 4.63 94.64
C SER B 71 103.67 5.63 94.91
N LEU B 72 103.25 5.69 96.18
CA LEU B 72 102.18 6.59 96.58
C LEU B 72 102.51 8.03 96.23
N GLY B 73 101.61 8.68 95.50
CA GLY B 73 101.77 10.07 95.13
C GLY B 73 102.55 10.32 93.87
N GLN B 74 103.09 9.28 93.24
CA GLN B 74 103.91 9.46 92.05
C GLN B 74 103.04 9.72 90.82
N ARG B 75 103.55 10.56 89.93
CA ARG B 75 102.93 10.83 88.64
C ARG B 75 103.88 10.37 87.54
N ALA B 76 103.39 9.55 86.61
CA ALA B 76 104.29 8.93 85.64
C ALA B 76 103.58 8.71 84.32
N LYS B 77 104.38 8.61 83.26
CA LYS B 77 103.91 8.23 81.93
C LYS B 77 104.14 6.74 81.71
N LEU B 78 103.10 6.04 81.29
CA LEU B 78 103.15 4.63 80.91
C LEU B 78 103.02 4.50 79.40
N THR B 79 103.98 3.83 78.77
CA THR B 79 103.88 3.49 77.35
C THR B 79 103.56 2.01 77.21
N CYS B 80 102.52 1.68 76.45
CA CYS B 80 102.07 0.31 76.27
C CYS B 80 102.09 -0.07 74.80
N THR B 81 102.71 -1.21 74.49
CA THR B 81 102.87 -1.70 73.13
C THR B 81 101.62 -2.45 72.68
N PRO B 82 101.39 -2.53 71.36
CA PRO B 82 100.18 -3.21 70.87
C PRO B 82 100.04 -4.65 71.34
N ASP B 83 101.17 -5.35 71.51
CA ASP B 83 101.15 -6.75 71.88
C ASP B 83 100.52 -6.98 73.26
N VAL B 84 100.42 -5.94 74.08
CA VAL B 84 99.77 -6.03 75.37
C VAL B 84 98.53 -5.14 75.48
N ALA B 85 98.46 -4.03 74.75
CA ALA B 85 97.30 -3.15 74.77
C ALA B 85 96.30 -3.58 73.70
N TYR B 86 95.37 -4.46 74.09
CA TYR B 86 94.26 -4.91 73.27
C TYR B 86 94.68 -5.74 72.05
N GLY B 87 95.97 -5.90 71.84
CA GLY B 87 96.46 -6.78 70.79
C GLY B 87 96.04 -6.32 69.40
N ALA B 88 95.84 -7.31 68.51
CA ALA B 88 95.53 -7.04 67.12
C ALA B 88 94.09 -6.61 66.90
N THR B 89 93.16 -7.08 67.72
CA THR B 89 91.75 -6.75 67.51
C THR B 89 91.42 -5.33 67.92
N GLY B 90 92.15 -4.78 68.89
CA GLY B 90 91.85 -3.45 69.40
C GLY B 90 90.53 -3.41 70.15
N HIS B 91 89.92 -2.22 70.12
CA HIS B 91 88.63 -1.99 70.74
C HIS B 91 87.66 -1.47 69.69
N PRO B 92 86.56 -2.17 69.42
CA PRO B 92 85.64 -1.74 68.36
C PRO B 92 85.12 -0.32 68.53
N GLY B 93 85.44 0.54 67.57
CA GLY B 93 84.93 1.90 67.56
C GLY B 93 85.73 2.92 68.34
N VAL B 94 86.72 2.50 69.12
CA VAL B 94 87.41 3.43 70.00
C VAL B 94 88.91 3.42 69.74
N ILE B 95 89.49 2.22 69.62
CA ILE B 95 90.92 2.05 69.45
C ILE B 95 91.16 1.22 68.20
N PRO B 96 91.94 1.71 67.23
CA PRO B 96 92.20 0.93 66.03
C PRO B 96 93.21 -0.16 66.29
N PRO B 97 93.33 -1.14 65.39
CA PRO B 97 94.30 -2.23 65.59
C PRO B 97 95.75 -1.73 65.72
N ASN B 98 96.51 -2.44 66.54
CA ASN B 98 97.95 -2.22 66.69
C ASN B 98 98.27 -0.81 67.17
N ALA B 99 97.50 -0.31 68.13
CA ALA B 99 97.69 1.02 68.66
C ALA B 99 98.58 0.98 69.90
N THR B 100 99.69 1.70 69.86
CA THR B 100 100.53 1.94 71.04
C THR B 100 99.89 3.04 71.88
N LEU B 101 99.69 2.77 73.17
CA LEU B 101 98.96 3.69 74.03
C LEU B 101 99.88 4.41 75.00
N ILE B 102 99.46 5.62 75.38
CA ILE B 102 100.17 6.46 76.36
C ILE B 102 99.19 6.76 77.49
N PHE B 103 99.63 6.54 78.74
CA PHE B 103 98.79 6.81 79.90
C PHE B 103 99.51 7.75 80.85
N ASP B 104 98.85 8.84 81.23
CA ASP B 104 99.31 9.71 82.30
C ASP B 104 98.65 9.22 83.59
N VAL B 105 99.42 8.58 84.47
CA VAL B 105 98.84 7.94 85.65
C VAL B 105 99.39 8.58 86.91
N GLU B 106 98.48 8.86 87.86
CA GLU B 106 98.83 9.29 89.21
C GLU B 106 98.21 8.33 90.21
N LEU B 107 99.04 7.75 91.07
CA LEU B 107 98.61 6.83 92.13
C LEU B 107 98.13 7.62 93.33
N LEU B 108 96.80 7.71 93.51
CA LEU B 108 96.32 8.55 94.59
C LEU B 108 96.32 7.82 95.93
N ASN B 109 95.81 6.59 95.97
CA ASN B 109 95.68 5.94 97.28
C ASN B 109 95.73 4.42 97.08
N LEU B 110 96.04 3.73 98.17
CA LEU B 110 95.96 2.27 98.24
C LEU B 110 95.15 1.87 99.44
N GLU B 111 94.16 0.99 99.24
CA GLU B 111 93.20 0.60 100.26
C GLU B 111 92.50 1.81 100.88
N GLU C 10 -5.38 10.62 -26.19
CA GLU C 10 -5.55 12.00 -26.73
C GLU C 10 -4.91 12.10 -28.12
N VAL C 11 -5.63 12.72 -29.05
CA VAL C 11 -5.16 12.90 -30.42
C VAL C 11 -4.87 14.38 -30.63
N GLN C 12 -3.66 14.66 -31.12
CA GLN C 12 -3.23 16.03 -31.33
C GLN C 12 -3.81 16.59 -32.62
N PHE C 13 -4.18 17.88 -32.58
CA PHE C 13 -4.72 18.59 -33.72
C PHE C 13 -3.80 19.72 -34.10
N LEU C 14 -3.54 19.85 -35.41
CA LEU C 14 -2.67 20.92 -35.89
C LEU C 14 -3.39 22.27 -35.82
N ARG C 15 -2.67 23.28 -35.36
CA ARG C 15 -3.20 24.62 -35.18
C ARG C 15 -2.29 25.62 -35.86
N THR C 16 -2.80 26.86 -35.99
CA THR C 16 -2.01 27.92 -36.59
C THR C 16 -0.85 28.30 -35.69
N ASP C 17 0.14 28.98 -36.28
CA ASP C 17 1.36 29.40 -35.61
C ASP C 17 2.24 28.23 -35.20
N ASP C 18 1.93 27.02 -35.68
CA ASP C 18 2.70 25.84 -35.37
C ASP C 18 3.74 25.57 -36.45
N GLU C 19 4.92 25.11 -36.04
CA GLU C 19 6.00 24.76 -36.94
C GLU C 19 5.83 23.32 -37.40
N VAL C 20 5.90 23.10 -38.71
CA VAL C 20 5.72 21.76 -39.25
C VAL C 20 6.81 21.49 -40.28
N VAL C 21 6.99 20.21 -40.59
CA VAL C 21 7.90 19.79 -41.65
C VAL C 21 7.12 18.94 -42.66
N LEU C 22 7.27 19.26 -43.94
CA LEU C 22 6.68 18.49 -45.03
C LEU C 22 7.59 17.32 -45.35
N GLN C 23 7.12 16.10 -45.09
CA GLN C 23 7.94 14.90 -45.21
C GLN C 23 7.26 13.94 -46.17
N CYS C 24 8.02 13.41 -47.13
CA CYS C 24 7.52 12.41 -48.04
C CYS C 24 8.40 11.18 -48.01
N SER C 25 7.96 10.14 -48.73
CA SER C 25 8.64 8.87 -48.79
C SER C 25 8.83 8.46 -50.25
N ALA C 26 9.95 7.80 -50.53
CA ALA C 26 10.22 7.33 -51.87
C ALA C 26 10.83 5.94 -51.80
N THR C 27 10.83 5.24 -52.93
CA THR C 27 11.40 3.91 -53.06
C THR C 27 12.66 4.00 -53.90
N VAL C 28 13.79 3.60 -53.32
CA VAL C 28 15.09 3.59 -54.00
C VAL C 28 15.71 2.23 -53.78
N LEU C 29 15.91 1.49 -54.88
CA LEU C 29 16.46 0.13 -54.82
C LEU C 29 15.74 -0.70 -53.77
N LYS C 30 14.41 -0.66 -53.80
CA LYS C 30 13.54 -1.37 -52.88
C LYS C 30 13.66 -0.88 -51.44
N GLU C 31 14.33 0.25 -51.21
CA GLU C 31 14.52 0.81 -49.89
C GLU C 31 13.69 2.10 -49.77
N GLN C 32 13.01 2.23 -48.64
CA GLN C 32 12.19 3.41 -48.35
C GLN C 32 13.04 4.55 -47.79
N LEU C 33 13.17 5.63 -48.56
CA LEU C 33 13.96 6.81 -48.21
C LEU C 33 13.01 7.95 -47.88
N LYS C 34 13.19 8.53 -46.69
CA LYS C 34 12.36 9.65 -46.23
C LYS C 34 13.08 10.96 -46.49
N LEU C 35 12.38 11.91 -47.10
CA LEU C 35 12.94 13.18 -47.52
C LEU C 35 12.13 14.33 -46.92
N CYS C 36 12.83 15.41 -46.57
CA CYS C 36 12.20 16.62 -46.04
C CYS C 36 12.39 17.77 -47.02
N LEU C 37 11.32 18.51 -47.26
CA LEU C 37 11.41 19.69 -48.12
C LEU C 37 12.24 20.77 -47.46
N ALA C 38 13.23 21.30 -48.19
CA ALA C 38 14.15 22.29 -47.66
C ALA C 38 14.35 23.40 -48.68
N ALA C 39 14.76 24.56 -48.19
CA ALA C 39 15.08 25.68 -49.06
C ALA C 39 16.04 26.63 -48.34
N GLU C 40 17.04 27.11 -49.07
CA GLU C 40 18.02 28.02 -48.49
C GLU C 40 17.46 29.44 -48.35
N GLY C 41 16.68 29.88 -49.33
CA GLY C 41 16.12 31.22 -49.30
C GLY C 41 17.01 32.27 -49.93
N PHE C 42 18.10 32.63 -49.27
CA PHE C 42 19.01 33.64 -49.78
C PHE C 42 19.98 33.00 -50.77
N GLY C 43 20.00 33.52 -52.00
CA GLY C 43 20.89 33.05 -53.03
C GLY C 43 20.33 31.94 -53.89
N ASN C 44 19.27 31.26 -53.44
CA ASN C 44 18.65 30.20 -54.23
C ASN C 44 17.22 30.04 -53.76
N ARG C 45 16.27 30.48 -54.58
CA ARG C 45 14.86 30.38 -54.23
C ARG C 45 14.32 28.97 -54.36
N LEU C 46 14.90 28.16 -55.23
CA LEU C 46 14.36 26.84 -55.52
C LEU C 46 14.46 25.94 -54.29
N CYS C 47 13.48 25.05 -54.15
CA CYS C 47 13.41 24.12 -53.04
C CYS C 47 13.95 22.76 -53.44
N PHE C 48 14.64 22.10 -52.52
CA PHE C 48 15.14 20.75 -52.74
C PHE C 48 14.71 19.79 -51.64
N LEU C 49 15.24 18.57 -51.66
CA LEU C 49 14.89 17.53 -50.70
C LEU C 49 16.13 17.10 -49.93
N GLU C 50 16.03 17.12 -48.60
CA GLU C 50 17.10 16.67 -47.72
C GLU C 50 16.75 15.28 -47.20
N PRO C 51 17.53 14.24 -47.50
CA PRO C 51 17.24 12.92 -46.94
C PRO C 51 17.43 12.90 -45.44
N THR C 52 16.64 12.05 -44.77
CA THR C 52 16.71 11.93 -43.32
C THR C 52 16.77 10.49 -42.83
N SER C 53 16.73 9.50 -43.74
CA SER C 53 16.72 8.11 -43.29
C SER C 53 18.07 7.69 -42.73
N ASN C 54 19.15 8.34 -43.14
CA ASN C 54 20.50 8.00 -42.69
C ASN C 54 21.01 8.97 -41.63
N ALA C 55 20.12 9.46 -40.77
CA ALA C 55 20.53 10.42 -39.74
C ALA C 55 21.52 9.82 -38.76
N GLN C 56 21.59 8.49 -38.65
CA GLN C 56 22.53 7.88 -37.73
C GLN C 56 23.97 8.12 -38.17
N ASN C 57 24.22 8.08 -39.48
CA ASN C 57 25.57 8.23 -40.02
C ASN C 57 25.85 9.62 -40.55
N VAL C 58 24.85 10.28 -41.13
CA VAL C 58 25.01 11.64 -41.63
C VAL C 58 23.82 12.47 -41.15
N PRO C 59 24.03 13.41 -40.23
CA PRO C 59 22.90 14.21 -39.74
C PRO C 59 22.37 15.13 -40.83
N PRO C 60 21.04 15.19 -40.99
CA PRO C 60 20.48 16.09 -42.01
C PRO C 60 20.46 17.54 -41.55
N ASP C 61 20.36 18.43 -42.53
CA ASP C 61 20.29 19.88 -42.27
C ASP C 61 18.82 20.28 -42.16
N LEU C 62 18.27 20.08 -40.96
CA LEU C 62 16.87 20.36 -40.68
C LEU C 62 16.61 21.80 -40.28
N ALA C 63 17.66 22.62 -40.15
CA ALA C 63 17.48 24.02 -39.77
C ALA C 63 16.75 24.84 -40.82
N ILE C 64 16.72 24.39 -42.07
CA ILE C 64 16.08 25.11 -43.16
C ILE C 64 14.85 24.36 -43.68
N CYS C 65 14.32 23.43 -42.89
CA CYS C 65 13.14 22.66 -43.28
C CYS C 65 11.88 23.06 -42.54
N CYS C 66 11.96 24.03 -41.63
CA CYS C 66 10.84 24.40 -40.79
C CYS C 66 10.01 25.49 -41.45
N PHE C 67 8.69 25.30 -41.45
CA PHE C 67 7.75 26.29 -41.98
C PHE C 67 6.69 26.59 -40.94
N THR C 68 6.29 27.85 -40.84
CA THR C 68 5.27 28.30 -39.90
C THR C 68 3.95 28.53 -40.61
N LEU C 69 2.89 27.95 -40.07
CA LEU C 69 1.52 28.14 -40.57
C LEU C 69 1.04 29.49 -40.08
N GLU C 70 1.17 30.52 -40.92
CA GLU C 70 0.82 31.86 -40.48
C GLU C 70 -0.70 32.07 -40.46
N GLN C 71 -1.40 31.66 -41.52
CA GLN C 71 -2.87 31.91 -41.64
C GLN C 71 -3.61 30.63 -42.03
N SER C 72 -4.86 30.48 -41.60
CA SER C 72 -5.72 29.32 -41.96
C SER C 72 -7.16 29.84 -42.14
N LEU C 73 -7.70 29.78 -43.34
CA LEU C 73 -9.04 30.31 -43.66
C LEU C 73 -9.54 29.54 -44.88
N SER C 74 -10.84 29.38 -45.07
CA SER C 74 -11.38 28.60 -46.21
C SER C 74 -10.95 29.26 -47.53
N VAL C 75 -11.17 28.58 -48.66
CA VAL C 75 -10.84 29.14 -49.99
C VAL C 75 -11.93 30.15 -50.33
N ARG C 76 -13.06 30.13 -49.61
CA ARG C 76 -14.10 31.17 -49.77
C ARG C 76 -13.45 32.44 -49.23
N ALA C 77 -12.89 32.38 -48.03
CA ALA C 77 -12.28 33.55 -47.35
C ALA C 77 -10.96 33.97 -48.01
N LEU C 78 -10.34 33.10 -48.79
CA LEU C 78 -9.02 33.39 -49.41
C LEU C 78 -9.22 34.20 -50.70
N GLN C 79 -10.08 33.76 -51.61
CA GLN C 79 -10.38 34.49 -52.86
C GLN C 79 -11.15 35.76 -52.51
N GLU C 80 -11.77 35.81 -51.33
CA GLU C 80 -12.46 37.03 -50.84
C GLU C 80 -11.42 38.02 -50.35
N MET C 81 -10.33 37.54 -49.74
CA MET C 81 -9.22 38.39 -49.23
C MET C 81 -8.53 39.01 -50.45
N LEU C 82 -8.49 38.28 -51.56
CA LEU C 82 -7.86 38.73 -52.80
C LEU C 82 -8.66 39.85 -53.43
N ALA C 83 -9.99 39.76 -53.34
CA ALA C 83 -10.84 40.81 -53.90
C ALA C 83 -10.65 42.13 -53.17
N ASN C 84 -10.75 42.12 -51.84
CA ASN C 84 -10.56 43.36 -51.09
C ASN C 84 -9.07 43.55 -50.76
N HIS C 98 -4.77 31.16 -33.11
CA HIS C 98 -4.68 29.73 -32.86
C HIS C 98 -5.88 28.98 -33.43
N ARG C 99 -6.17 29.25 -34.70
CA ARG C 99 -7.28 28.59 -35.36
C ARG C 99 -6.94 27.14 -35.67
N THR C 100 -7.93 26.26 -35.55
CA THR C 100 -7.74 24.86 -35.86
C THR C 100 -7.82 24.63 -37.36
N LEU C 101 -6.93 23.77 -37.87
CA LEU C 101 -6.87 23.48 -39.29
C LEU C 101 -8.02 22.56 -39.68
N LEU C 102 -8.71 22.90 -40.77
CA LEU C 102 -9.79 22.09 -41.31
C LEU C 102 -9.48 21.69 -42.74
N TYR C 103 -9.91 20.48 -43.11
CA TYR C 103 -9.72 20.02 -44.48
C TYR C 103 -10.46 20.91 -45.46
N GLY C 104 -9.82 21.19 -46.59
CA GLY C 104 -10.37 22.06 -47.60
C GLY C 104 -9.98 23.51 -47.49
N HIS C 105 -9.34 23.91 -46.39
CA HIS C 105 -8.91 25.29 -46.23
C HIS C 105 -7.58 25.52 -46.94
N ALA C 106 -7.28 26.80 -47.15
CA ALA C 106 -6.03 27.25 -47.76
C ALA C 106 -5.10 27.77 -46.67
N ILE C 107 -3.86 27.31 -46.68
CA ILE C 107 -2.89 27.63 -45.65
C ILE C 107 -1.78 28.49 -46.25
N LEU C 108 -1.12 29.25 -45.38
CA LEU C 108 0.01 30.09 -45.75
C LEU C 108 1.24 29.67 -44.96
N LEU C 109 2.25 29.17 -45.67
CA LEU C 109 3.47 28.66 -45.08
C LEU C 109 4.58 29.69 -45.24
N ARG C 110 5.15 30.11 -44.12
CA ARG C 110 6.27 31.06 -44.12
C ARG C 110 7.55 30.33 -43.74
N HIS C 111 8.61 30.52 -44.53
CA HIS C 111 9.88 29.90 -44.23
C HIS C 111 10.46 30.51 -42.95
N ALA C 112 10.92 29.64 -42.05
CA ALA C 112 11.37 30.11 -40.75
C ALA C 112 12.62 30.99 -40.86
N HIS C 113 13.57 30.59 -41.71
CA HIS C 113 14.85 31.27 -41.76
C HIS C 113 14.77 32.57 -42.55
N SER C 114 14.41 32.48 -43.84
CA SER C 114 14.38 33.65 -44.71
C SER C 114 13.13 34.49 -44.54
N ARG C 115 12.14 34.01 -43.80
CA ARG C 115 10.90 34.72 -43.58
C ARG C 115 10.13 34.95 -44.89
N MET C 116 10.44 34.19 -45.92
CA MET C 116 9.71 34.27 -47.18
C MET C 116 8.53 33.31 -47.14
N TYR C 117 7.75 33.31 -48.21
CA TYR C 117 6.53 32.51 -48.30
C TYR C 117 6.66 31.50 -49.43
N LEU C 118 6.28 30.25 -49.14
CA LEU C 118 6.26 29.22 -50.17
C LEU C 118 5.28 29.57 -51.28
N SER C 119 5.73 29.44 -52.52
CA SER C 119 4.95 29.88 -53.67
C SER C 119 5.24 28.96 -54.84
N CYS C 120 4.32 28.97 -55.81
CA CYS C 120 4.50 28.23 -57.07
C CYS C 120 5.04 29.19 -58.12
N LEU C 121 6.30 29.02 -58.49
CA LEU C 121 6.92 29.90 -59.46
C LEU C 121 6.30 29.72 -60.83
N THR C 122 6.30 30.79 -61.62
CA THR C 122 5.74 30.76 -62.96
C THR C 122 6.68 30.17 -64.00
N THR C 123 7.95 29.99 -63.65
CA THR C 123 8.93 29.44 -64.57
C THR C 123 8.94 27.91 -64.47
N SER C 124 9.74 27.30 -65.35
CA SER C 124 9.85 25.84 -65.37
C SER C 124 11.19 25.47 -65.99
N ARG C 125 12.07 24.90 -65.19
CA ARG C 125 13.39 24.47 -65.65
C ARG C 125 13.44 22.98 -65.97
N SER C 126 12.30 22.27 -65.87
CA SER C 126 12.28 20.84 -66.14
C SER C 126 12.07 20.58 -67.62
N MET C 127 12.77 19.55 -68.12
CA MET C 127 12.66 19.16 -69.52
C MET C 127 11.84 17.89 -69.71
N THR C 128 11.76 17.03 -68.70
CA THR C 128 10.99 15.79 -68.83
C THR C 128 9.49 16.07 -68.82
N ASP C 129 9.04 16.92 -67.90
CA ASP C 129 7.63 17.27 -67.78
C ASP C 129 7.43 18.67 -68.35
N LYS C 130 6.66 18.77 -69.44
CA LYS C 130 6.44 20.04 -70.10
C LYS C 130 5.39 20.89 -69.42
N LEU C 131 4.56 20.30 -68.56
CA LEU C 131 3.48 21.01 -67.89
C LEU C 131 3.79 21.32 -66.43
N ALA C 132 5.03 21.12 -65.99
CA ALA C 132 5.38 21.33 -64.60
C ALA C 132 5.84 22.76 -64.38
N PHE C 133 5.70 23.23 -63.14
CA PHE C 133 6.13 24.56 -62.74
C PHE C 133 7.05 24.46 -61.55
N ASP C 134 8.00 25.40 -61.48
CA ASP C 134 8.94 25.43 -60.36
C ASP C 134 8.26 25.94 -59.10
N VAL C 135 8.64 25.36 -57.96
CA VAL C 135 8.13 25.74 -56.65
C VAL C 135 9.28 26.37 -55.87
N GLY C 136 9.08 27.60 -55.42
CA GLY C 136 10.12 28.32 -54.70
C GLY C 136 9.57 29.24 -53.64
N LEU C 137 10.37 30.21 -53.22
CA LEU C 137 10.00 31.15 -52.17
C LEU C 137 9.78 32.53 -52.76
N GLN C 138 8.76 33.21 -52.26
CA GLN C 138 8.41 34.56 -52.70
C GLN C 138 8.62 35.53 -51.55
N GLU C 139 9.14 36.71 -51.88
CA GLU C 139 9.49 37.69 -50.84
C GLU C 139 8.25 38.15 -50.09
N ASP C 140 7.15 38.36 -50.81
CA ASP C 140 5.92 38.90 -50.23
C ASP C 140 4.79 37.89 -50.36
N ALA C 141 3.76 38.09 -49.54
CA ALA C 141 2.59 37.23 -49.51
C ALA C 141 1.49 37.69 -50.45
N THR C 142 1.74 38.71 -51.27
CA THR C 142 0.73 39.21 -52.17
C THR C 142 0.43 38.19 -53.27
N GLY C 143 -0.77 38.28 -53.82
CA GLY C 143 -1.20 37.37 -54.86
C GLY C 143 -1.70 36.05 -54.31
N GLU C 144 -2.16 35.20 -55.23
CA GLU C 144 -2.70 33.90 -54.89
C GLU C 144 -1.71 32.77 -55.09
N ALA C 145 -0.47 33.07 -55.48
CA ALA C 145 0.51 32.03 -55.75
C ALA C 145 1.13 31.45 -54.48
N CYS C 146 0.86 32.04 -53.32
CA CYS C 146 1.46 31.60 -52.06
C CYS C 146 0.45 30.93 -51.15
N TRP C 147 -0.68 30.47 -51.69
CA TRP C 147 -1.70 29.78 -50.91
C TRP C 147 -1.90 28.38 -51.48
N TRP C 148 -2.01 27.40 -50.58
CA TRP C 148 -2.15 26.01 -50.95
C TRP C 148 -3.31 25.41 -50.18
N THR C 149 -4.16 24.64 -50.87
CA THR C 149 -5.31 24.02 -50.23
C THR C 149 -4.99 22.58 -49.85
N MET C 150 -5.29 22.25 -48.59
CA MET C 150 -5.07 20.92 -48.03
C MET C 150 -6.31 20.06 -48.23
N HIS C 151 -6.12 18.87 -48.78
CA HIS C 151 -7.21 17.93 -49.03
C HIS C 151 -6.89 16.58 -48.40
N PRO C 152 -7.91 15.87 -47.92
CA PRO C 152 -7.67 14.55 -47.34
C PRO C 152 -7.21 13.55 -48.40
N ALA C 153 -6.27 12.69 -48.01
CA ALA C 153 -5.69 11.75 -48.95
C ALA C 153 -6.58 10.56 -49.25
N SER C 154 -7.42 10.15 -48.30
CA SER C 154 -8.23 8.95 -48.44
C SER C 154 -9.66 9.22 -48.01
N LYS C 155 -10.52 8.22 -48.22
CA LYS C 155 -11.92 8.32 -47.87
C LYS C 155 -12.15 8.28 -46.36
N GLN C 156 -11.11 7.97 -45.57
CA GLN C 156 -11.29 7.90 -44.12
C GLN C 156 -11.76 9.24 -43.56
N ARG C 157 -11.20 10.34 -44.07
CA ARG C 157 -11.55 11.68 -43.63
C ARG C 157 -12.35 12.39 -44.72
N SER C 158 -13.22 13.29 -44.30
CA SER C 158 -14.05 14.07 -45.19
C SER C 158 -13.86 15.55 -44.89
N GLU C 159 -14.35 16.38 -45.81
CA GLU C 159 -14.19 17.82 -45.66
C GLU C 159 -14.88 18.31 -44.40
N GLY C 160 -14.23 19.24 -43.71
CA GLY C 160 -14.72 19.79 -42.47
C GLY C 160 -14.15 19.13 -41.22
N GLU C 161 -13.55 17.95 -41.35
CA GLU C 161 -12.95 17.29 -40.21
C GLU C 161 -11.66 17.97 -39.81
N LYS C 162 -11.30 17.84 -38.53
CA LYS C 162 -10.03 18.37 -38.04
C LYS C 162 -8.88 17.53 -38.56
N VAL C 163 -7.80 18.20 -38.93
CA VAL C 163 -6.59 17.51 -39.40
C VAL C 163 -5.77 17.08 -38.20
N ARG C 164 -5.48 15.79 -38.13
CA ARG C 164 -4.74 15.21 -37.02
C ARG C 164 -3.33 14.85 -37.45
N VAL C 165 -2.43 14.79 -36.46
CA VAL C 165 -1.03 14.47 -36.73
C VAL C 165 -0.92 13.07 -37.31
N GLY C 166 -0.09 12.93 -38.35
CA GLY C 166 0.11 11.67 -39.02
C GLY C 166 -0.79 11.43 -40.22
N ASP C 167 -1.72 12.35 -40.51
CA ASP C 167 -2.60 12.18 -41.65
C ASP C 167 -1.85 12.42 -42.95
N ASP C 168 -2.28 11.73 -44.01
CA ASP C 168 -1.75 11.93 -45.35
C ASP C 168 -2.53 13.03 -46.04
N LEU C 169 -1.82 14.02 -46.59
CA LEU C 169 -2.45 15.21 -47.15
C LEU C 169 -2.13 15.34 -48.63
N ILE C 170 -3.01 16.06 -49.33
CA ILE C 170 -2.82 16.43 -50.74
C ILE C 170 -2.85 17.94 -50.84
N LEU C 171 -1.73 18.54 -51.24
CA LEU C 171 -1.62 19.99 -51.31
C LEU C 171 -1.80 20.41 -52.77
N VAL C 172 -2.76 21.31 -53.02
CA VAL C 172 -3.07 21.77 -54.35
C VAL C 172 -2.86 23.28 -54.44
N SER C 173 -2.11 23.72 -55.45
CA SER C 173 -1.88 25.14 -55.65
C SER C 173 -3.17 25.83 -56.08
N VAL C 174 -3.50 26.95 -55.44
CA VAL C 174 -4.68 27.71 -55.83
C VAL C 174 -4.48 28.30 -57.21
N SER C 175 -3.32 28.92 -57.45
CA SER C 175 -3.07 29.57 -58.73
C SER C 175 -2.85 28.55 -59.85
N SER C 176 -2.12 27.48 -59.55
CA SER C 176 -1.69 26.53 -60.56
C SER C 176 -2.52 25.25 -60.59
N GLU C 177 -3.43 25.06 -59.63
CA GLU C 177 -4.23 23.85 -59.51
C GLU C 177 -3.42 22.60 -59.86
N ARG C 178 -2.21 22.53 -59.32
CA ARG C 178 -1.32 21.40 -59.52
C ARG C 178 -0.88 20.83 -58.18
N TYR C 179 -0.62 19.53 -58.16
CA TYR C 179 -0.20 18.83 -56.96
C TYR C 179 1.29 19.04 -56.71
N LEU C 180 1.67 18.99 -55.44
CA LEU C 180 3.09 18.95 -55.06
C LEU C 180 3.67 17.58 -55.35
N HIS C 181 4.38 17.47 -56.46
CA HIS C 181 4.77 16.18 -57.02
C HIS C 181 6.27 15.99 -56.83
N LEU C 182 6.66 14.77 -56.51
CA LEU C 182 8.06 14.38 -56.48
C LEU C 182 8.39 13.64 -57.76
N SER C 183 9.33 14.19 -58.53
CA SER C 183 9.71 13.66 -59.83
C SER C 183 11.03 12.91 -59.70
N THR C 184 11.05 11.68 -60.20
CA THR C 184 12.25 10.86 -60.23
C THR C 184 12.69 10.54 -61.66
N ALA C 185 12.20 11.31 -62.64
CA ALA C 185 12.54 11.02 -64.03
C ALA C 185 14.04 11.11 -64.25
N SER C 186 14.68 12.12 -63.68
CA SER C 186 16.13 12.24 -63.76
C SER C 186 16.78 11.30 -62.74
N GLY C 187 18.11 11.34 -62.67
CA GLY C 187 18.82 10.51 -61.71
C GLY C 187 18.59 10.91 -60.27
N GLU C 188 18.16 12.14 -60.03
CA GLU C 188 17.92 12.67 -58.70
C GLU C 188 16.43 12.82 -58.45
N LEU C 189 16.10 13.20 -57.22
CA LEU C 189 14.73 13.43 -56.80
C LEU C 189 14.48 14.93 -56.73
N GLN C 190 13.46 15.40 -57.44
CA GLN C 190 13.19 16.83 -57.55
C GLN C 190 11.73 17.09 -57.21
N VAL C 191 11.45 18.27 -56.65
CA VAL C 191 10.09 18.63 -56.26
C VAL C 191 9.60 19.68 -57.23
N ASP C 192 8.38 19.49 -57.74
CA ASP C 192 7.79 20.43 -58.67
C ASP C 192 6.28 20.43 -58.50
N ALA C 193 5.60 21.31 -59.24
CA ALA C 193 4.15 21.41 -59.21
C ALA C 193 3.64 20.75 -60.49
N SER C 194 3.13 19.53 -60.36
CA SER C 194 2.67 18.76 -61.51
C SER C 194 1.22 18.32 -61.29
N PHE C 195 0.69 17.57 -62.25
CA PHE C 195 -0.68 17.08 -62.20
C PHE C 195 -0.82 15.73 -61.51
N MET C 196 0.28 15.09 -61.10
CA MET C 196 0.22 13.84 -60.35
C MET C 196 0.43 14.12 -58.86
N GLN C 197 -0.44 13.54 -58.04
CA GLN C 197 -0.42 13.78 -56.61
C GLN C 197 0.70 13.00 -55.93
N THR C 198 1.00 13.41 -54.70
CA THR C 198 2.04 12.77 -53.90
C THR C 198 1.67 12.87 -52.43
N LEU C 199 1.97 11.82 -51.68
CA LEU C 199 1.62 11.73 -50.28
C LEU C 199 2.59 12.57 -49.45
N TRP C 200 2.05 13.38 -48.54
CA TRP C 200 2.85 14.24 -47.67
C TRP C 200 2.41 14.09 -46.22
N ASN C 201 3.35 14.28 -45.31
CA ASN C 201 3.09 14.29 -43.88
C ASN C 201 3.57 15.61 -43.29
N MET C 202 2.68 16.26 -42.53
CA MET C 202 3.00 17.52 -41.85
C MET C 202 3.36 17.18 -40.40
N ASN C 203 4.62 16.77 -40.20
CA ASN C 203 5.04 16.42 -38.85
C ASN C 203 5.25 17.67 -38.00
N PRO C 204 4.58 17.81 -36.86
CA PRO C 204 4.76 19.00 -36.02
C PRO C 204 6.11 19.02 -35.32
N ILE C 205 6.61 20.22 -35.07
CA ILE C 205 7.82 20.44 -34.28
C ILE C 205 7.50 21.03 -32.92
N CYS C 206 6.72 22.11 -32.90
CA CYS C 206 6.29 22.75 -31.67
C CYS C 206 4.99 23.52 -31.91
N SER C 207 4.13 23.53 -30.90
CA SER C 207 2.88 24.31 -30.94
C SER C 207 3.02 25.61 -30.17
N CYS C 208 3.33 25.53 -28.87
CA CYS C 208 3.50 26.71 -28.04
C CYS C 208 4.55 26.39 -26.99
N CYS C 209 5.52 27.28 -26.83
CA CYS C 209 6.65 27.08 -25.92
C CYS C 209 6.58 28.04 -24.76
N GLU C 210 6.81 27.53 -23.55
CA GLU C 210 6.76 28.36 -22.36
C GLU C 210 7.94 29.33 -22.32
N GLU C 211 7.73 30.44 -21.61
CA GLU C 211 8.75 31.47 -21.51
C GLU C 211 9.98 30.96 -20.76
N GLY C 212 11.15 31.34 -21.25
CA GLY C 212 12.39 31.14 -20.53
C GLY C 212 12.76 29.70 -20.25
N TYR C 213 12.24 28.76 -21.01
CA TYR C 213 12.67 27.37 -20.94
C TYR C 213 13.28 26.95 -22.27
N VAL C 214 14.45 26.32 -22.20
CA VAL C 214 15.20 25.92 -23.39
C VAL C 214 14.56 24.69 -24.01
N THR C 215 14.42 24.71 -25.32
CA THR C 215 13.90 23.60 -26.09
C THR C 215 14.90 23.19 -27.16
N GLY C 216 14.69 22.00 -27.72
CA GLY C 216 15.60 21.49 -28.73
C GLY C 216 15.59 22.32 -29.99
N GLY C 217 16.71 22.30 -30.71
CA GLY C 217 16.85 23.04 -31.94
C GLY C 217 17.23 24.50 -31.78
N HIS C 218 17.41 24.97 -30.56
CA HIS C 218 17.75 26.37 -30.34
C HIS C 218 19.25 26.63 -30.47
N VAL C 219 19.57 27.88 -30.80
CA VAL C 219 20.93 28.38 -30.85
C VAL C 219 21.16 29.27 -29.62
N LEU C 220 22.28 29.05 -28.94
CA LEU C 220 22.55 29.69 -27.67
C LEU C 220 24.05 29.85 -27.46
N ARG C 221 24.40 30.50 -26.35
CA ARG C 221 25.79 30.65 -25.91
C ARG C 221 25.95 29.92 -24.59
N LEU C 222 27.15 29.36 -24.39
CA LEU C 222 27.49 28.59 -23.19
C LEU C 222 28.50 29.31 -22.29
N PHE C 223 28.02 29.95 -21.21
CA PHE C 223 28.90 30.67 -20.32
C PHE C 223 29.40 29.74 -19.20
N HIS C 224 30.69 29.88 -18.87
CA HIS C 224 31.30 29.03 -17.86
C HIS C 224 30.96 29.53 -16.46
N GLY C 225 31.34 30.77 -16.14
CA GLY C 225 31.11 31.31 -14.83
C GLY C 225 30.03 32.37 -14.78
N HIS C 226 30.37 33.57 -14.30
CA HIS C 226 29.41 34.65 -14.12
C HIS C 226 29.48 35.60 -15.31
N MET C 227 29.02 35.11 -16.45
CA MET C 227 28.95 35.91 -17.68
C MET C 227 30.33 36.46 -18.05
N ASP C 228 31.37 35.68 -17.80
CA ASP C 228 32.74 36.09 -18.04
C ASP C 228 33.40 35.31 -19.18
N GLU C 229 33.41 33.99 -19.10
CA GLU C 229 34.00 33.14 -20.12
C GLU C 229 32.91 32.31 -20.80
N CYS C 230 33.07 32.11 -22.11
CA CYS C 230 32.12 31.35 -22.90
C CYS C 230 32.86 30.37 -23.79
N LEU C 231 32.17 29.27 -24.12
CA LEU C 231 32.72 28.26 -25.01
C LEU C 231 32.74 28.78 -26.43
N THR C 232 33.88 28.65 -27.10
CA THR C 232 34.03 29.19 -28.44
C THR C 232 35.17 28.47 -29.13
N ILE C 233 35.35 28.77 -30.42
CA ILE C 233 36.47 28.27 -31.19
C ILE C 233 37.38 29.44 -31.53
N SER C 234 38.52 29.12 -32.13
CA SER C 234 39.49 30.14 -32.49
C SER C 234 38.94 31.03 -33.61
N ALA C 235 39.50 32.23 -33.70
CA ALA C 235 39.06 33.18 -34.71
C ALA C 235 39.46 32.69 -36.10
N ALA C 236 39.07 33.47 -37.10
CA ALA C 236 39.35 33.11 -38.49
C ALA C 236 40.84 33.11 -38.77
N ASP C 237 41.22 32.47 -39.88
CA ASP C 237 42.60 32.33 -40.31
C ASP C 237 43.51 32.01 -39.12
N SER C 238 43.18 30.91 -38.45
CA SER C 238 43.95 30.43 -37.31
C SER C 238 44.76 29.21 -37.72
N ASP C 239 45.85 28.97 -36.99
CA ASP C 239 46.75 27.87 -37.32
C ASP C 239 46.11 26.52 -37.02
N ASP C 240 45.21 26.46 -36.04
CA ASP C 240 44.57 25.21 -35.65
C ASP C 240 43.40 24.84 -36.54
N GLN C 241 43.18 25.56 -37.64
CA GLN C 241 42.09 25.28 -38.56
C GLN C 241 40.72 25.42 -37.90
N ARG C 242 40.66 26.18 -36.80
CA ARG C 242 39.41 26.39 -36.07
C ARG C 242 38.77 25.07 -35.66
N ARG C 243 39.60 24.13 -35.21
CA ARG C 243 39.15 22.81 -34.80
C ARG C 243 39.42 22.54 -33.32
N LEU C 244 39.64 23.58 -32.53
CA LEU C 244 39.87 23.45 -31.10
C LEU C 244 38.90 24.34 -30.34
N VAL C 245 38.52 23.91 -29.14
CA VAL C 245 37.50 24.58 -28.34
C VAL C 245 38.17 25.20 -27.12
N TYR C 246 37.81 26.45 -26.83
CA TYR C 246 38.40 27.21 -25.75
C TYR C 246 37.31 27.89 -24.92
N TYR C 247 37.66 28.15 -23.67
CA TYR C 247 36.89 29.03 -22.79
C TYR C 247 37.53 30.41 -22.89
N GLU C 248 36.83 31.35 -23.54
CA GLU C 248 37.35 32.66 -23.83
C GLU C 248 36.37 33.73 -23.37
N GLY C 249 36.89 34.86 -22.89
CA GLY C 249 36.06 35.97 -22.45
C GLY C 249 36.38 37.25 -23.20
N GLY C 250 35.54 38.25 -22.97
CA GLY C 250 35.71 39.55 -23.59
C GLY C 250 34.69 39.86 -24.66
N ALA C 251 35.15 40.38 -25.80
CA ALA C 251 34.26 40.74 -26.90
C ALA C 251 33.70 39.51 -27.61
N VAL C 252 34.28 38.34 -27.39
CA VAL C 252 33.80 37.12 -28.03
C VAL C 252 32.40 36.77 -27.57
N CYS C 253 31.99 37.26 -26.40
CA CYS C 253 30.67 36.98 -25.87
C CYS C 253 29.54 37.60 -26.71
N THR C 254 29.86 38.53 -27.60
CA THR C 254 28.88 39.13 -28.49
C THR C 254 29.14 38.80 -29.96
N HIS C 255 30.07 37.90 -30.24
CA HIS C 255 30.39 37.51 -31.60
C HIS C 255 29.61 36.26 -32.00
N ALA C 256 29.67 35.95 -33.29
CA ALA C 256 28.93 34.83 -33.87
C ALA C 256 29.64 33.49 -33.75
N ARG C 257 30.92 33.48 -33.39
CA ARG C 257 31.67 32.24 -33.28
C ARG C 257 31.50 31.55 -31.94
N SER C 258 30.72 32.12 -31.01
CA SER C 258 30.42 31.50 -29.74
C SER C 258 29.01 30.91 -29.69
N LEU C 259 28.37 30.76 -30.84
CA LEU C 259 27.00 30.27 -30.91
C LEU C 259 26.97 28.79 -31.25
N TRP C 260 26.12 28.04 -30.54
CA TRP C 260 25.98 26.62 -30.76
C TRP C 260 24.51 26.28 -30.93
N ARG C 261 24.22 25.28 -31.74
CA ARG C 261 22.86 24.81 -31.99
C ARG C 261 22.69 23.41 -31.44
N LEU C 262 21.66 23.24 -30.62
CA LEU C 262 21.36 21.95 -29.98
C LEU C 262 20.43 21.13 -30.86
N GLU C 263 20.89 19.97 -31.31
CA GLU C 263 20.13 19.15 -32.26
C GLU C 263 19.78 17.80 -31.63
N PRO C 264 18.54 17.59 -31.21
CA PRO C 264 18.16 16.27 -30.70
C PRO C 264 18.22 15.22 -31.79
N LEU C 265 18.30 13.96 -31.36
CA LEU C 265 18.47 12.86 -32.30
C LEU C 265 17.17 12.51 -33.03
N ARG C 266 16.04 12.60 -32.34
CA ARG C 266 14.77 12.31 -32.99
C ARG C 266 14.35 13.47 -33.88
N ILE C 267 13.43 13.18 -34.80
CA ILE C 267 12.93 14.17 -35.75
C ILE C 267 11.59 14.70 -35.25
N SER C 268 10.63 13.80 -35.02
CA SER C 268 9.32 14.21 -34.57
C SER C 268 9.40 14.75 -33.14
N TRP C 269 8.76 15.90 -32.91
CA TRP C 269 8.79 16.54 -31.60
C TRP C 269 10.22 16.84 -31.16
N SER C 270 11.09 17.13 -32.11
CA SER C 270 12.47 17.49 -31.79
C SER C 270 12.56 18.82 -31.06
N GLY C 271 11.52 19.64 -31.12
CA GLY C 271 11.49 20.89 -30.41
C GLY C 271 10.89 20.83 -29.02
N SER C 272 10.62 19.62 -28.53
CA SER C 272 10.04 19.43 -27.17
C SER C 272 11.09 19.79 -26.12
N HIS C 273 10.65 20.06 -24.88
CA HIS C 273 11.56 20.43 -23.80
C HIS C 273 12.64 19.37 -23.62
N LEU C 274 13.87 19.83 -23.45
CA LEU C 274 15.00 18.94 -23.26
C LEU C 274 14.86 18.19 -21.94
N ARG C 275 15.39 16.97 -21.92
CA ARG C 275 15.33 16.10 -20.75
C ARG C 275 16.73 15.74 -20.30
N TRP C 276 16.88 15.59 -18.98
CA TRP C 276 18.17 15.22 -18.41
C TRP C 276 18.62 13.88 -18.95
N GLY C 277 19.87 13.80 -19.40
CA GLY C 277 20.41 12.59 -19.96
C GLY C 277 19.99 12.31 -21.38
N GLN C 278 19.23 13.20 -22.01
CA GLN C 278 18.77 12.98 -23.36
C GLN C 278 19.91 13.24 -24.35
N PRO C 279 20.29 12.28 -25.19
CA PRO C 279 21.39 12.51 -26.12
C PRO C 279 21.07 13.56 -27.17
N LEU C 280 22.09 14.29 -27.60
CA LEU C 280 21.91 15.32 -28.61
C LEU C 280 23.26 15.69 -29.20
N ARG C 281 23.23 16.17 -30.44
CA ARG C 281 24.40 16.71 -31.12
C ARG C 281 24.54 18.20 -30.88
N ILE C 282 25.78 18.67 -30.90
CA ILE C 282 26.11 20.09 -30.73
C ILE C 282 26.77 20.57 -32.01
N ARG C 283 26.14 21.52 -32.69
CA ARG C 283 26.58 21.97 -34.00
C ARG C 283 27.07 23.41 -33.91
N HIS C 284 28.23 23.69 -34.50
CA HIS C 284 28.71 25.06 -34.60
C HIS C 284 28.04 25.73 -35.79
N VAL C 285 27.42 26.88 -35.52
CA VAL C 285 26.52 27.48 -36.51
C VAL C 285 27.30 27.95 -37.73
N THR C 286 28.39 28.69 -37.51
CA THR C 286 29.07 29.34 -38.62
C THR C 286 29.83 28.33 -39.49
N THR C 287 30.42 27.31 -38.87
CA THR C 287 31.23 26.36 -39.61
C THR C 287 30.46 25.11 -40.03
N GLY C 288 29.35 24.81 -39.39
CA GLY C 288 28.58 23.63 -39.73
C GLY C 288 29.16 22.33 -39.25
N ARG C 289 30.16 22.38 -38.37
CA ARG C 289 30.82 21.18 -37.87
C ARG C 289 30.15 20.73 -36.57
N TYR C 290 30.37 19.47 -36.21
CA TYR C 290 29.74 18.89 -35.04
C TYR C 290 30.80 18.55 -34.00
N LEU C 291 30.49 18.88 -32.74
CA LEU C 291 31.37 18.50 -31.63
C LEU C 291 31.51 16.99 -31.54
N ALA C 292 32.75 16.51 -31.42
CA ALA C 292 33.03 15.08 -31.50
C ALA C 292 34.21 14.77 -30.59
N LEU C 293 34.29 13.49 -30.21
CA LEU C 293 35.42 12.95 -29.47
C LEU C 293 36.13 11.92 -30.34
N THR C 294 37.37 12.21 -30.73
CA THR C 294 38.16 11.32 -31.56
C THR C 294 39.28 10.72 -30.71
N GLU C 295 39.61 9.47 -30.98
CA GLU C 295 40.64 8.77 -30.21
C GLU C 295 42.02 9.38 -30.41
N ASP C 296 42.23 10.14 -31.48
CA ASP C 296 43.54 10.69 -31.80
C ASP C 296 43.70 12.12 -31.24
N GLN C 297 42.82 13.04 -31.63
CA GLN C 297 42.90 14.41 -31.18
C GLN C 297 42.04 14.70 -29.95
N GLY C 298 41.26 13.73 -29.48
CA GLY C 298 40.41 13.95 -28.33
C GLY C 298 39.15 14.70 -28.69
N LEU C 299 38.91 15.84 -28.03
CA LEU C 299 37.71 16.64 -28.25
C LEU C 299 37.99 17.64 -29.36
N VAL C 300 37.32 17.48 -30.49
CA VAL C 300 37.46 18.37 -31.64
C VAL C 300 36.08 18.60 -32.25
N VAL C 301 36.05 19.40 -33.32
CA VAL C 301 34.86 19.57 -34.14
C VAL C 301 35.15 18.96 -35.51
N VAL C 302 34.27 18.08 -35.97
CA VAL C 302 34.50 17.33 -37.19
C VAL C 302 33.42 17.69 -38.22
N ASP C 303 33.71 17.38 -39.48
CA ASP C 303 32.78 17.64 -40.55
C ASP C 303 31.59 16.68 -40.44
N ALA C 304 30.52 17.01 -41.18
CA ALA C 304 29.29 16.24 -41.09
C ALA C 304 29.43 14.82 -41.64
N CYS C 305 30.39 14.57 -42.53
CA CYS C 305 30.53 13.22 -43.06
C CYS C 305 31.16 12.24 -42.09
N LYS C 306 31.68 12.72 -40.96
CA LYS C 306 32.32 11.88 -39.97
C LYS C 306 31.65 12.00 -38.61
N ALA C 307 30.44 12.56 -38.57
CA ALA C 307 29.74 12.83 -37.31
C ALA C 307 28.75 11.70 -37.07
N HIS C 308 29.22 10.69 -36.34
CA HIS C 308 28.40 9.53 -36.00
C HIS C 308 28.08 9.59 -34.51
N THR C 309 26.93 9.01 -34.15
CA THR C 309 26.40 9.17 -32.80
C THR C 309 27.41 8.74 -31.74
N LYS C 310 28.24 7.73 -32.05
CA LYS C 310 29.20 7.23 -31.07
C LYS C 310 30.12 8.34 -30.59
N ALA C 311 30.64 9.14 -31.52
CA ALA C 311 31.52 10.24 -31.17
C ALA C 311 30.78 11.55 -30.89
N THR C 312 29.53 11.67 -31.34
CA THR C 312 28.80 12.94 -31.26
C THR C 312 27.63 12.89 -30.29
N SER C 313 27.62 11.92 -29.38
CA SER C 313 26.56 11.79 -28.39
C SER C 313 26.98 12.45 -27.07
N PHE C 314 26.26 13.48 -26.68
CA PHE C 314 26.49 14.15 -25.40
C PHE C 314 25.18 14.26 -24.65
N CYS C 315 25.26 14.50 -23.35
CA CYS C 315 24.05 14.68 -22.55
C CYS C 315 24.29 15.68 -21.44
N PHE C 316 23.21 16.34 -21.03
CA PHE C 316 23.20 17.25 -19.89
C PHE C 316 22.71 16.52 -18.66
N ARG C 317 23.43 16.68 -17.55
CA ARG C 317 23.07 16.04 -16.28
C ARG C 317 23.00 17.10 -15.20
N VAL C 318 22.04 16.95 -14.30
CA VAL C 318 21.90 17.91 -13.20
C VAL C 318 22.99 17.72 -12.16
N SER C 319 23.60 16.54 -12.09
CA SER C 319 24.66 16.27 -11.13
C SER C 319 25.52 15.13 -11.65
N LYS C 320 26.69 14.96 -11.05
CA LYS C 320 27.62 13.91 -11.43
C LYS C 320 27.33 12.59 -10.72
N GLU C 321 26.28 12.53 -9.91
CA GLU C 321 25.95 11.29 -9.21
C GLU C 321 25.57 10.20 -10.22
N LYS C 322 26.00 8.97 -9.92
CA LYS C 322 25.74 7.83 -10.79
C LYS C 322 24.34 7.30 -10.53
N ASP C 330 10.79 8.52 -24.52
CA ASP C 330 10.31 9.80 -25.03
C ASP C 330 8.80 9.78 -25.21
N VAL C 331 8.18 10.95 -25.03
CA VAL C 331 6.74 11.11 -25.19
C VAL C 331 6.48 11.85 -26.49
N GLU C 332 5.26 11.68 -27.00
CA GLU C 332 4.84 12.31 -28.26
C GLU C 332 4.16 13.63 -27.92
N GLY C 333 4.98 14.63 -27.61
CA GLY C 333 4.46 15.94 -27.27
C GLY C 333 5.57 16.84 -26.78
N MET C 334 5.16 18.02 -26.32
CA MET C 334 6.13 18.98 -25.80
C MET C 334 6.79 18.48 -24.53
N GLY C 335 6.09 17.67 -23.74
CA GLY C 335 6.63 17.15 -22.51
C GLY C 335 6.60 18.17 -21.39
N PRO C 336 7.01 17.76 -20.20
CA PRO C 336 7.01 18.67 -19.05
C PRO C 336 8.16 19.66 -19.13
N PRO C 337 7.92 20.94 -18.83
CA PRO C 337 9.03 21.91 -18.85
C PRO C 337 9.96 21.68 -17.67
N GLU C 338 11.25 21.50 -17.97
CA GLU C 338 12.24 21.19 -16.95
C GLU C 338 13.33 22.24 -16.84
N ILE C 339 13.99 22.59 -17.94
CA ILE C 339 15.19 23.41 -17.91
C ILE C 339 14.83 24.85 -18.23
N LYS C 340 15.32 25.77 -17.40
CA LYS C 340 15.09 27.19 -17.56
C LYS C 340 16.33 27.86 -18.15
N TYR C 341 16.11 29.04 -18.73
CA TYR C 341 17.19 29.80 -19.34
C TYR C 341 17.91 30.62 -18.28
N GLY C 342 19.21 30.38 -18.13
CA GLY C 342 20.05 31.18 -17.28
C GLY C 342 20.00 30.83 -15.81
N GLU C 343 19.23 29.82 -15.41
CA GLU C 343 19.14 29.40 -14.02
C GLU C 343 19.62 27.97 -13.79
N SER C 344 19.22 27.03 -14.63
CA SER C 344 19.62 25.64 -14.45
C SER C 344 21.09 25.48 -14.83
N LEU C 345 21.85 24.82 -13.96
CA LEU C 345 23.26 24.50 -14.21
C LEU C 345 23.36 23.04 -14.64
N CYS C 346 23.92 22.81 -15.83
CA CYS C 346 24.00 21.48 -16.42
C CYS C 346 25.45 21.08 -16.64
N PHE C 347 25.76 19.84 -16.32
CA PHE C 347 27.08 19.25 -16.57
C PHE C 347 27.00 18.42 -17.84
N VAL C 348 27.86 18.75 -18.81
CA VAL C 348 27.89 18.05 -20.10
C VAL C 348 28.79 16.83 -19.99
N GLN C 349 28.23 15.67 -20.30
CA GLN C 349 28.94 14.39 -20.24
C GLN C 349 28.87 13.71 -21.60
N HIS C 350 29.99 13.16 -22.04
CA HIS C 350 29.97 12.35 -23.26
C HIS C 350 29.34 10.99 -22.96
N VAL C 351 28.31 10.64 -23.73
CA VAL C 351 27.49 9.48 -23.41
C VAL C 351 28.29 8.20 -23.54
N ALA C 352 29.01 8.04 -24.66
CA ALA C 352 29.66 6.76 -24.94
C ALA C 352 30.75 6.47 -23.92
N SER C 353 31.56 7.47 -23.57
CA SER C 353 32.71 7.26 -22.71
C SER C 353 32.45 7.63 -21.25
N GLY C 354 31.48 8.49 -20.98
CA GLY C 354 31.22 8.93 -19.63
C GLY C 354 32.14 10.02 -19.13
N LEU C 355 33.07 10.50 -19.95
CA LEU C 355 33.97 11.55 -19.53
C LEU C 355 33.21 12.86 -19.36
N TRP C 356 33.79 13.75 -18.55
CA TRP C 356 33.17 15.03 -18.26
C TRP C 356 33.91 16.14 -19.00
N LEU C 357 33.15 17.11 -19.50
CA LEU C 357 33.71 18.24 -20.22
C LEU C 357 34.27 19.27 -19.23
N THR C 358 35.55 19.60 -19.36
CA THR C 358 36.18 20.55 -18.47
C THR C 358 37.34 21.22 -19.19
N TYR C 359 38.01 22.13 -18.49
CA TYR C 359 39.16 22.83 -19.06
C TYR C 359 40.46 22.11 -18.70
N ALA C 360 41.53 22.51 -19.39
CA ALA C 360 42.87 22.02 -19.12
C ALA C 360 43.60 23.06 -18.28
N ALA C 361 44.26 22.60 -17.22
CA ALA C 361 44.98 23.50 -16.31
C ALA C 361 45.98 24.35 -17.09
N PRO C 362 45.71 25.64 -17.29
CA PRO C 362 46.63 26.45 -18.10
C PRO C 362 48.01 26.51 -17.48
N ASP C 363 49.03 26.51 -18.35
CA ASP C 363 50.40 26.59 -17.86
C ASP C 363 50.65 27.96 -17.23
N PRO C 364 51.42 28.02 -16.15
CA PRO C 364 51.71 29.34 -15.55
C PRO C 364 52.44 30.28 -16.50
N LYS C 365 53.28 29.76 -17.38
CA LYS C 365 54.05 30.60 -18.29
C LYS C 365 53.20 31.20 -19.41
N ALA C 366 51.93 30.80 -19.53
CA ALA C 366 51.06 31.33 -20.57
C ALA C 366 50.31 32.57 -20.15
N LEU C 367 50.30 32.91 -18.86
CA LEU C 367 49.64 34.15 -18.43
C LEU C 367 50.41 35.37 -18.90
N ARG C 368 51.74 35.27 -19.00
CA ARG C 368 52.53 36.39 -19.50
C ARG C 368 52.25 36.67 -20.97
N LEU C 369 51.89 35.63 -21.73
CA LEU C 369 51.57 35.78 -23.14
C LEU C 369 50.21 36.44 -23.36
N GLY C 370 49.41 36.63 -22.31
CA GLY C 370 48.10 37.20 -22.46
C GLY C 370 47.05 36.23 -22.95
N VAL C 371 47.33 34.93 -22.92
CA VAL C 371 46.39 33.92 -23.42
C VAL C 371 45.38 33.62 -22.32
N LEU C 372 44.25 34.33 -22.34
CA LEU C 372 43.18 34.07 -21.38
C LEU C 372 42.31 32.88 -21.78
N LYS C 373 42.39 32.43 -23.03
CA LYS C 373 41.61 31.30 -23.46
C LYS C 373 42.15 30.01 -22.84
N LYS C 374 41.25 29.16 -22.34
CA LYS C 374 41.61 27.90 -21.71
C LYS C 374 41.08 26.74 -22.55
N LYS C 375 41.97 25.83 -22.95
CA LYS C 375 41.58 24.74 -23.81
C LYS C 375 40.61 23.80 -23.11
N ALA C 376 39.55 23.42 -23.82
CA ALA C 376 38.53 22.51 -23.30
C ALA C 376 38.93 21.06 -23.54
N ILE C 377 38.84 20.24 -22.49
CA ILE C 377 39.24 18.84 -22.56
C ILE C 377 38.15 17.96 -21.95
N LEU C 378 38.22 16.68 -22.27
CA LEU C 378 37.38 15.64 -21.66
C LEU C 378 38.19 14.85 -20.64
N HIS C 379 37.71 14.81 -19.41
CA HIS C 379 38.42 14.17 -18.31
C HIS C 379 37.46 13.26 -17.56
N GLN C 380 38.02 12.19 -16.97
CA GLN C 380 37.20 11.19 -16.31
C GLN C 380 36.52 11.74 -15.06
N GLU C 381 37.17 12.65 -14.35
CA GLU C 381 36.64 13.22 -13.13
C GLU C 381 36.10 14.64 -13.34
N GLY C 382 36.84 15.49 -14.04
CA GLY C 382 36.42 16.86 -14.24
C GLY C 382 36.66 17.69 -13.00
N HIS C 383 35.96 18.82 -12.92
CA HIS C 383 36.11 19.76 -11.83
C HIS C 383 34.75 20.11 -11.22
N MET C 384 34.80 20.75 -10.06
CA MET C 384 33.58 21.10 -9.33
C MET C 384 32.89 22.32 -9.94
N ASP C 385 33.64 23.21 -10.59
CA ASP C 385 33.08 24.45 -11.13
C ASP C 385 32.68 24.31 -12.60
N ASP C 386 32.32 23.11 -13.04
CA ASP C 386 31.94 22.86 -14.42
C ASP C 386 30.56 23.37 -14.78
N ALA C 387 29.81 23.91 -13.83
CA ALA C 387 28.45 24.37 -14.12
C ALA C 387 28.46 25.42 -15.22
N LEU C 388 27.47 25.33 -16.12
CA LEU C 388 27.38 26.20 -17.29
C LEU C 388 26.02 26.89 -17.32
N PHE C 389 26.03 28.14 -17.80
CA PHE C 389 24.81 28.91 -18.01
C PHE C 389 24.47 28.92 -19.50
N LEU C 390 23.20 28.68 -19.81
CA LEU C 390 22.69 28.71 -21.18
C LEU C 390 22.01 30.05 -21.46
N THR C 391 22.56 30.83 -22.39
CA THR C 391 22.01 32.14 -22.72
C THR C 391 21.43 32.12 -24.14
N ARG C 392 20.23 32.67 -24.31
CA ARG C 392 19.61 32.69 -25.62
C ARG C 392 20.39 33.56 -26.60
N CYS C 393 20.21 33.26 -27.89
CA CYS C 393 20.72 34.08 -28.98
C CYS C 393 19.55 34.59 -29.82
N GLN C 394 19.63 35.86 -30.21
CA GLN C 394 18.54 36.47 -30.97
C GLN C 394 18.43 35.87 -32.37
N GLN C 395 17.18 35.83 -32.86
CA GLN C 395 16.91 35.32 -34.20
C GLN C 395 17.65 36.11 -35.26
N GLU C 396 17.87 37.40 -35.03
CA GLU C 396 18.62 38.21 -35.98
C GLU C 396 20.05 37.72 -36.10
N GLU C 397 20.69 37.42 -34.97
CA GLU C 397 22.06 36.93 -35.01
C GLU C 397 22.12 35.53 -35.62
N SER C 398 21.15 34.67 -35.27
CA SER C 398 21.17 33.32 -35.83
C SER C 398 21.01 33.37 -37.35
N GLN C 399 20.10 34.21 -37.84
CA GLN C 399 19.91 34.34 -39.28
C GLN C 399 21.15 34.91 -39.94
N ALA C 400 21.79 35.90 -39.31
CA ALA C 400 22.98 36.48 -39.91
C ALA C 400 24.08 35.43 -39.99
N ALA C 401 24.23 34.63 -38.94
CA ALA C 401 25.27 33.61 -38.92
C ALA C 401 25.04 32.56 -40.01
N ARG C 402 23.79 32.14 -40.20
CA ARG C 402 23.52 31.19 -41.28
C ARG C 402 23.78 31.80 -42.66
N MET C 403 23.40 33.07 -42.86
CA MET C 403 23.70 33.68 -44.15
C MET C 403 25.20 33.78 -44.37
N ILE C 404 25.95 34.11 -43.32
CA ILE C 404 27.41 34.17 -43.43
C ILE C 404 27.98 32.80 -43.79
N HIS C 405 27.45 31.74 -43.19
CA HIS C 405 27.93 30.39 -43.51
C HIS C 405 27.72 30.06 -44.98
N SER C 406 26.54 30.37 -45.50
CA SER C 406 26.26 30.02 -46.89
C SER C 406 27.04 30.92 -47.84
N THR C 407 27.16 32.20 -47.52
CA THR C 407 27.90 33.12 -48.38
C THR C 407 29.36 32.73 -48.44
N ALA C 408 29.94 32.37 -47.27
CA ALA C 408 31.34 32.00 -47.25
C ALA C 408 31.57 30.74 -48.08
N GLY C 409 30.67 29.75 -47.97
CA GLY C 409 30.85 28.54 -48.74
C GLY C 409 30.75 28.81 -50.23
N LEU C 410 29.84 29.69 -50.61
CA LEU C 410 29.63 29.98 -52.03
C LEU C 410 30.84 30.73 -52.60
N TYR C 411 31.31 31.73 -51.87
CA TYR C 411 32.43 32.52 -52.40
C TYR C 411 33.72 31.72 -52.40
N ASN C 412 33.93 30.85 -51.41
CA ASN C 412 35.11 29.97 -51.45
C ASN C 412 35.05 29.03 -52.66
N GLN C 413 33.87 28.51 -52.97
CA GLN C 413 33.72 27.71 -54.19
C GLN C 413 34.01 28.54 -55.45
N PHE C 414 33.54 29.79 -55.48
CA PHE C 414 33.81 30.65 -56.62
C PHE C 414 35.30 30.96 -56.75
N ILE C 415 35.97 31.16 -55.63
CA ILE C 415 37.39 31.48 -55.65
C ILE C 415 38.18 30.29 -56.18
N LYS C 416 37.89 29.10 -55.67
CA LYS C 416 38.62 27.94 -56.16
C LYS C 416 38.28 27.65 -57.62
N GLY C 417 37.08 28.01 -58.06
CA GLY C 417 36.76 27.88 -59.47
C GLY C 417 37.59 28.81 -60.32
N LEU C 418 37.80 30.06 -59.85
CA LEU C 418 38.66 30.97 -60.59
C LEU C 418 40.11 30.48 -60.61
N ASP C 419 40.58 29.94 -59.48
CA ASP C 419 41.93 29.42 -59.38
C ASP C 419 42.12 28.13 -60.18
N SER C 420 41.03 27.49 -60.61
CA SER C 420 41.16 26.28 -61.42
C SER C 420 41.84 26.56 -62.76
N PHE C 421 41.51 27.66 -63.41
CA PHE C 421 42.11 28.04 -64.69
C PHE C 421 42.97 29.29 -64.57
N SER C 422 43.77 29.37 -63.50
CA SER C 422 44.58 30.56 -63.29
C SER C 422 45.55 30.80 -64.44
N GLY C 423 46.19 29.74 -64.93
CA GLY C 423 47.16 29.88 -66.00
C GLY C 423 47.00 28.87 -67.12
N LYS C 424 45.76 28.45 -67.40
CA LYS C 424 45.47 27.43 -68.40
C LYS C 424 44.56 28.03 -69.47
N PRO C 425 45.12 28.58 -70.55
CA PRO C 425 44.27 29.09 -71.63
C PRO C 425 43.39 27.98 -72.21
N ARG C 426 42.14 28.35 -72.51
CA ARG C 426 41.18 27.38 -73.02
C ARG C 426 41.42 27.04 -74.49
N GLY C 427 42.13 27.88 -75.23
CA GLY C 427 42.28 27.64 -76.65
C GLY C 427 40.94 27.68 -77.35
N SER C 428 40.76 26.79 -78.32
CA SER C 428 39.51 26.68 -79.05
C SER C 428 38.53 25.71 -78.40
N GLY C 429 38.93 25.04 -77.33
CA GLY C 429 38.09 24.07 -76.67
C GLY C 429 37.47 24.61 -75.39
N PRO C 430 36.75 23.75 -74.67
CA PRO C 430 36.12 24.18 -73.42
C PRO C 430 37.16 24.52 -72.37
N PRO C 431 36.81 25.32 -71.37
CA PRO C 431 37.78 25.64 -70.30
C PRO C 431 38.24 24.42 -69.50
N ALA C 432 37.62 23.26 -69.71
CA ALA C 432 38.03 22.02 -69.04
C ALA C 432 37.96 22.16 -67.52
N GLY C 433 36.73 22.35 -67.03
CA GLY C 433 36.49 22.45 -65.61
C GLY C 433 35.03 22.66 -65.29
N PRO C 434 34.69 22.57 -64.00
CA PRO C 434 33.29 22.77 -63.59
C PRO C 434 32.82 24.19 -63.85
N ALA C 435 31.54 24.32 -64.15
CA ALA C 435 30.95 25.62 -64.44
C ALA C 435 30.95 26.50 -63.20
N LEU C 436 31.23 27.78 -63.39
CA LEU C 436 31.23 28.72 -62.27
C LEU C 436 29.80 29.02 -61.83
N PRO C 437 29.56 29.17 -60.52
CA PRO C 437 28.24 29.57 -60.03
C PRO C 437 27.96 31.05 -60.23
N ILE C 438 27.90 31.47 -61.49
CA ILE C 438 27.74 32.89 -61.80
C ILE C 438 26.41 33.41 -61.29
N GLU C 439 25.32 32.68 -61.59
CA GLU C 439 24.00 33.15 -61.18
C GLU C 439 23.85 33.15 -59.67
N ALA C 440 24.44 32.15 -59.00
CA ALA C 440 24.36 32.11 -57.55
C ALA C 440 25.12 33.28 -56.95
N VAL C 441 26.29 33.60 -57.49
CA VAL C 441 27.08 34.70 -56.96
C VAL C 441 26.33 36.01 -57.16
N ILE C 442 25.74 36.20 -58.34
CA ILE C 442 25.02 37.43 -58.63
C ILE C 442 23.84 37.59 -57.69
N LEU C 443 23.06 36.52 -57.50
CA LEU C 443 21.91 36.61 -56.61
C LEU C 443 22.34 36.86 -55.17
N SER C 444 23.42 36.21 -54.71
CA SER C 444 23.89 36.45 -53.36
C SER C 444 24.34 37.89 -53.17
N LEU C 445 25.05 38.43 -54.15
CA LEU C 445 25.50 39.81 -54.06
C LEU C 445 24.32 40.77 -54.02
N GLN C 446 23.31 40.54 -54.86
CA GLN C 446 22.15 41.42 -54.85
C GLN C 446 21.40 41.33 -53.54
N ASP C 447 21.28 40.13 -52.99
CA ASP C 447 20.60 39.97 -51.70
C ASP C 447 21.36 40.68 -50.59
N LEU C 448 22.69 40.58 -50.57
CA LEU C 448 23.44 41.25 -49.52
C LEU C 448 23.38 42.77 -49.68
N ILE C 449 23.40 43.25 -50.93
CA ILE C 449 23.30 44.68 -51.18
C ILE C 449 21.97 45.22 -50.67
N GLY C 450 20.88 44.51 -50.95
CA GLY C 450 19.60 44.89 -50.38
C GLY C 450 19.49 44.64 -48.88
N TYR C 451 20.32 43.76 -48.34
CA TYR C 451 20.32 43.52 -46.90
C TYR C 451 21.00 44.64 -46.13
N PHE C 452 22.01 45.26 -46.72
CA PHE C 452 22.80 46.29 -46.04
C PHE C 452 22.39 47.71 -46.42
N GLU C 453 21.18 47.89 -46.95
CA GLU C 453 20.77 49.22 -47.37
C GLU C 453 20.64 50.12 -46.16
N PRO C 454 21.18 51.34 -46.20
CA PRO C 454 21.02 52.25 -45.06
C PRO C 454 19.59 52.71 -44.93
N PRO C 455 19.13 53.03 -43.72
CA PRO C 455 17.77 53.51 -43.55
C PRO C 455 17.55 54.85 -44.23
N SER C 456 16.31 55.07 -44.66
CA SER C 456 15.95 56.30 -45.34
C SER C 456 16.06 57.50 -44.39
N LEU C 459 12.21 59.00 -41.87
CA LEU C 459 11.75 58.32 -40.66
C LEU C 459 12.02 59.17 -39.44
N GLN C 460 11.29 58.89 -38.35
CA GLN C 460 11.48 59.63 -37.12
C GLN C 460 12.81 59.27 -36.47
N HIS C 461 13.23 60.13 -35.54
CA HIS C 461 14.56 60.01 -34.97
C HIS C 461 14.73 58.70 -34.21
N GLU C 462 13.69 58.26 -33.49
CA GLU C 462 13.83 57.10 -32.62
C GLU C 462 14.09 55.84 -33.44
N GLU C 463 13.26 55.60 -34.46
CA GLU C 463 13.43 54.39 -35.24
C GLU C 463 14.63 54.52 -36.17
N LYS C 464 14.97 55.75 -36.57
CA LYS C 464 16.15 55.91 -37.40
C LYS C 464 17.40 55.52 -36.61
N GLN C 465 17.48 55.93 -35.35
CA GLN C 465 18.61 55.54 -34.50
C GLN C 465 18.60 54.03 -34.23
N SER C 466 17.41 53.45 -34.05
CA SER C 466 17.32 52.02 -33.85
C SER C 466 17.84 51.24 -35.07
N LYS C 467 17.47 51.71 -36.26
CA LYS C 467 17.93 51.06 -37.48
C LYS C 467 19.43 51.26 -37.66
N LEU C 468 19.94 52.44 -37.29
CA LEU C 468 21.38 52.66 -37.36
C LEU C 468 22.13 51.71 -36.42
N ARG C 469 21.60 51.52 -35.21
CA ARG C 469 22.25 50.61 -34.26
C ARG C 469 22.24 49.17 -34.79
N SER C 470 21.12 48.74 -35.38
CA SER C 470 21.08 47.39 -35.94
C SER C 470 22.06 47.27 -37.11
N LEU C 471 22.14 48.30 -37.94
CA LEU C 471 23.04 48.25 -39.08
C LEU C 471 24.49 48.16 -38.63
N ARG C 472 24.86 48.95 -37.62
CA ARG C 472 26.23 48.87 -37.10
C ARG C 472 26.52 47.51 -36.52
N ASN C 473 25.56 46.93 -35.81
CA ASN C 473 25.77 45.60 -35.23
C ASN C 473 25.98 44.55 -36.32
N ARG C 474 25.17 44.61 -37.38
CA ARG C 474 25.32 43.61 -38.45
C ARG C 474 26.61 43.82 -39.22
N GLN C 475 27.02 45.07 -39.42
CA GLN C 475 28.30 45.32 -40.07
C GLN C 475 29.45 44.77 -39.25
N SER C 476 29.41 44.96 -37.93
CA SER C 476 30.48 44.42 -37.10
C SER C 476 30.48 42.90 -37.12
N LEU C 477 29.29 42.29 -37.11
CA LEU C 477 29.20 40.84 -37.13
C LEU C 477 29.81 40.28 -38.40
N PHE C 478 29.49 40.88 -39.55
CA PHE C 478 30.05 40.41 -40.81
C PHE C 478 31.55 40.66 -40.87
N GLN C 479 32.01 41.81 -40.38
CA GLN C 479 33.43 42.13 -40.44
C GLN C 479 34.26 41.17 -39.59
N GLU C 480 33.76 40.80 -38.41
CA GLU C 480 34.51 39.93 -37.52
C GLU C 480 34.72 38.52 -38.08
N GLU C 481 33.93 38.11 -39.07
CA GLU C 481 34.08 36.79 -39.66
C GLU C 481 34.95 36.78 -40.93
N GLY C 482 35.60 37.89 -41.27
CA GLY C 482 36.51 37.90 -42.40
C GLY C 482 35.88 38.01 -43.75
N MET C 483 34.60 38.41 -43.82
CA MET C 483 33.91 38.54 -45.10
C MET C 483 34.57 39.57 -45.99
N LEU C 484 35.05 40.67 -45.40
CA LEU C 484 35.72 41.72 -46.17
C LEU C 484 36.98 41.21 -46.85
N SER C 485 37.79 40.42 -46.15
CA SER C 485 38.96 39.86 -46.82
C SER C 485 38.58 38.88 -47.92
N LEU C 486 37.46 38.17 -47.76
CA LEU C 486 37.04 37.27 -48.83
C LEU C 486 36.64 38.07 -50.06
N VAL C 487 35.95 39.20 -49.85
CA VAL C 487 35.57 40.04 -50.98
C VAL C 487 36.81 40.62 -51.64
N LEU C 488 37.79 41.02 -50.83
CA LEU C 488 39.02 41.58 -51.39
C LEU C 488 39.74 40.53 -52.24
N ASN C 489 39.77 39.29 -51.76
CA ASN C 489 40.42 38.23 -52.53
C ASN C 489 39.70 37.99 -53.86
N CYS C 490 38.36 38.01 -53.83
CA CYS C 490 37.61 37.86 -55.07
C CYS C 490 37.91 39.00 -56.03
N ILE C 491 37.98 40.23 -55.53
CA ILE C 491 38.26 41.37 -56.39
C ILE C 491 39.66 41.25 -56.98
N ASP C 492 40.65 40.89 -56.16
CA ASP C 492 42.01 40.82 -56.67
C ASP C 492 42.11 39.76 -57.76
N ARG C 493 41.48 38.60 -57.56
CA ARG C 493 41.58 37.55 -58.56
C ARG C 493 40.80 37.88 -59.82
N LEU C 494 39.69 38.62 -59.72
CA LEU C 494 38.99 39.06 -60.92
C LEU C 494 39.64 40.26 -61.61
N ASN C 495 40.52 40.98 -60.92
CA ASN C 495 41.14 42.18 -61.49
C ASN C 495 42.35 41.87 -62.35
N VAL C 496 42.83 40.61 -62.36
CA VAL C 496 44.01 40.28 -63.15
C VAL C 496 43.75 40.26 -64.63
N TYR C 497 42.50 40.42 -65.07
CA TYR C 497 42.14 40.44 -66.48
C TYR C 497 41.82 41.87 -66.89
N THR C 498 42.50 42.33 -67.95
CA THR C 498 42.37 43.74 -68.34
C THR C 498 41.00 44.05 -68.94
N THR C 499 40.34 43.06 -69.56
CA THR C 499 39.07 43.32 -70.20
C THR C 499 38.29 42.02 -70.32
N ALA C 500 37.04 42.17 -70.79
CA ALA C 500 36.15 41.01 -70.90
C ALA C 500 36.67 40.02 -71.93
N ALA C 501 37.21 40.50 -73.03
CA ALA C 501 37.76 39.59 -74.04
C ALA C 501 38.94 38.80 -73.49
N HIS C 502 39.81 39.46 -72.72
CA HIS C 502 40.90 38.75 -72.07
C HIS C 502 40.37 37.71 -71.09
N PHE C 503 39.32 38.03 -70.33
CA PHE C 503 38.76 37.02 -69.45
C PHE C 503 38.11 35.90 -70.25
N ALA C 504 37.61 36.21 -71.44
CA ALA C 504 37.00 35.20 -72.31
C ALA C 504 38.04 34.25 -72.84
N GLU C 505 39.29 34.69 -72.93
CA GLU C 505 40.33 33.81 -73.45
C GLU C 505 40.63 32.66 -72.50
N TYR C 506 40.14 32.72 -71.26
CA TYR C 506 40.39 31.70 -70.27
C TYR C 506 39.13 31.10 -69.66
N ALA C 507 38.02 31.84 -69.64
CA ALA C 507 36.79 31.36 -69.04
C ALA C 507 35.63 31.27 -70.02
N GLY C 508 35.82 31.68 -71.26
CA GLY C 508 34.78 31.61 -72.26
C GLY C 508 33.87 32.84 -72.29
N GLU C 509 33.13 32.96 -73.39
CA GLU C 509 32.27 34.11 -73.59
C GLU C 509 31.08 34.08 -72.66
N GLU C 510 30.52 32.88 -72.42
CA GLU C 510 29.32 32.77 -71.59
C GLU C 510 29.62 33.19 -70.17
N ALA C 511 30.86 33.02 -69.72
CA ALA C 511 31.26 33.47 -68.40
C ALA C 511 31.73 34.92 -68.44
N ALA C 512 32.22 35.37 -69.59
CA ALA C 512 32.74 36.73 -69.72
C ALA C 512 31.65 37.79 -69.78
N GLU C 513 30.44 37.45 -70.24
CA GLU C 513 29.41 38.51 -70.31
C GLU C 513 28.94 38.99 -68.95
N SER C 514 29.27 38.31 -67.86
CA SER C 514 28.94 38.79 -66.52
C SER C 514 30.14 39.29 -65.72
N TRP C 515 31.33 39.35 -66.29
CA TRP C 515 32.50 39.77 -65.53
C TRP C 515 32.37 41.21 -65.04
N LYS C 516 31.90 42.12 -65.91
CA LYS C 516 31.77 43.51 -65.51
C LYS C 516 30.66 43.69 -64.49
N GLU C 517 29.58 42.91 -64.63
CA GLU C 517 28.49 43.02 -63.68
C GLU C 517 28.94 42.53 -62.31
N ILE C 518 29.71 41.45 -62.29
CA ILE C 518 30.14 40.89 -61.01
C ILE C 518 31.08 41.85 -60.32
N VAL C 519 32.03 42.43 -61.05
CA VAL C 519 32.98 43.33 -60.40
C VAL C 519 32.27 44.57 -59.87
N ASN C 520 31.28 45.08 -60.61
CA ASN C 520 30.53 46.23 -60.12
C ASN C 520 29.73 45.88 -58.87
N LEU C 521 29.13 44.69 -58.84
CA LEU C 521 28.40 44.28 -57.64
C LEU C 521 29.35 44.09 -56.47
N LEU C 522 30.55 43.58 -56.73
CA LEU C 522 31.52 43.39 -55.66
C LEU C 522 31.92 44.71 -55.04
N TYR C 523 32.16 45.73 -55.86
CA TYR C 523 32.50 47.04 -55.31
C TYR C 523 31.32 47.66 -54.59
N GLU C 524 30.10 47.47 -55.10
CA GLU C 524 28.92 48.01 -54.44
C GLU C 524 28.72 47.36 -53.06
N LEU C 525 28.93 46.04 -52.97
CA LEU C 525 28.84 45.37 -51.69
C LEU C 525 29.95 45.83 -50.75
N LEU C 526 31.15 46.03 -51.28
CA LEU C 526 32.24 46.48 -50.42
C LEU C 526 31.92 47.86 -49.84
N ALA C 527 31.34 48.73 -50.66
CA ALA C 527 30.94 50.04 -50.16
C ALA C 527 29.86 49.93 -49.10
N SER C 528 28.89 49.03 -49.31
CA SER C 528 27.85 48.92 -48.29
C SER C 528 28.41 48.33 -47.01
N LEU C 529 29.41 47.46 -47.14
CA LEU C 529 30.07 46.82 -46.00
C LEU C 529 30.96 47.78 -45.22
N ILE C 530 31.39 48.88 -45.83
CA ILE C 530 32.35 49.77 -45.19
C ILE C 530 31.77 51.14 -44.90
N ARG C 531 30.59 51.47 -45.39
CA ARG C 531 30.00 52.78 -45.12
C ARG C 531 29.62 52.91 -43.66
N GLY C 532 30.18 53.91 -42.98
CA GLY C 532 29.76 54.28 -41.64
C GLY C 532 30.41 53.54 -40.48
N ASN C 533 31.36 52.66 -40.74
CA ASN C 533 32.03 51.89 -39.68
C ASN C 533 33.45 52.42 -39.53
N ARG C 534 33.73 53.06 -38.38
CA ARG C 534 35.05 53.65 -38.20
C ARG C 534 36.13 52.58 -38.11
N ALA C 535 35.84 51.47 -37.45
CA ALA C 535 36.83 50.39 -37.33
C ALA C 535 37.18 49.83 -38.70
N ASN C 536 36.15 49.63 -39.53
CA ASN C 536 36.37 49.10 -40.86
C ASN C 536 37.13 50.11 -41.71
N CYS C 537 36.81 51.40 -41.58
CA CYS C 537 37.56 52.35 -42.40
C CYS C 537 39.00 52.41 -41.93
N ALA C 538 39.23 52.23 -40.62
CA ALA C 538 40.60 52.25 -40.12
C ALA C 538 41.37 51.03 -40.59
N LEU C 539 40.67 49.98 -41.03
CA LEU C 539 41.37 48.80 -41.54
C LEU C 539 42.13 49.10 -42.83
N PHE C 540 41.72 50.13 -43.57
CA PHE C 540 42.33 50.51 -44.83
C PHE C 540 43.56 51.41 -44.66
N SER C 541 43.93 51.77 -43.42
CA SER C 541 45.14 52.54 -43.20
C SER C 541 46.41 51.78 -43.55
N THR C 542 46.32 50.48 -43.80
CA THR C 542 47.49 49.69 -44.16
C THR C 542 47.62 49.44 -45.66
N ASN C 543 46.51 49.34 -46.38
CA ASN C 543 46.55 49.03 -47.81
C ASN C 543 45.82 50.08 -48.65
N LEU C 544 46.13 51.36 -48.41
CA LEU C 544 45.49 52.42 -49.19
C LEU C 544 45.93 52.40 -50.65
N ASP C 545 47.18 52.00 -50.92
CA ASP C 545 47.62 51.93 -52.30
C ASP C 545 46.80 50.92 -53.09
N TRP C 546 46.21 49.94 -52.41
CA TRP C 546 45.36 48.97 -53.08
C TRP C 546 44.19 49.65 -53.76
N VAL C 547 43.56 50.59 -53.05
CA VAL C 547 42.43 51.34 -53.60
C VAL C 547 42.91 52.38 -54.61
N VAL C 548 43.98 53.10 -54.28
CA VAL C 548 44.37 54.23 -55.13
C VAL C 548 44.85 53.73 -56.50
N SER C 549 45.63 52.65 -56.55
CA SER C 549 46.16 52.17 -57.80
C SER C 549 45.08 51.68 -58.76
N LYS C 550 43.87 51.41 -58.29
CA LYS C 550 42.79 50.95 -59.15
C LYS C 550 41.89 52.08 -59.63
N LEU C 551 42.22 53.33 -59.30
CA LEU C 551 41.36 54.44 -59.71
C LEU C 551 41.32 54.61 -61.22
N ASP C 552 42.38 54.21 -61.92
CA ASP C 552 42.47 54.40 -63.36
C ASP C 552 41.74 53.33 -64.15
N ARG C 553 41.19 52.32 -63.49
CA ARG C 553 40.44 51.29 -64.20
C ARG C 553 39.18 51.89 -64.81
N LEU C 554 38.89 51.48 -66.05
CA LEU C 554 37.76 52.04 -66.77
C LEU C 554 36.43 51.49 -66.28
N GLU C 555 36.43 50.33 -65.63
CA GLU C 555 35.21 49.71 -65.13
C GLU C 555 35.15 49.87 -63.62
N ALA C 556 33.96 50.13 -63.11
CA ALA C 556 33.73 50.34 -61.68
C ALA C 556 34.47 51.57 -61.16
N SER C 557 34.72 52.54 -62.05
CA SER C 557 35.38 53.77 -61.64
C SER C 557 34.58 54.47 -60.56
N SER C 558 33.26 54.55 -60.75
CA SER C 558 32.41 55.26 -59.81
C SER C 558 32.34 54.50 -58.49
N GLY C 559 32.28 53.17 -58.55
CA GLY C 559 32.20 52.41 -57.31
C GLY C 559 33.47 52.54 -56.49
N ILE C 560 34.61 52.51 -57.17
CA ILE C 560 35.87 52.62 -56.44
C ILE C 560 36.02 54.02 -55.87
N LEU C 561 35.59 55.03 -56.62
CA LEU C 561 35.64 56.39 -56.10
C LEU C 561 34.73 56.54 -54.88
N GLU C 562 33.56 55.89 -54.90
CA GLU C 562 32.67 55.93 -53.75
C GLU C 562 33.30 55.24 -52.55
N VAL C 563 34.01 54.13 -52.79
CA VAL C 563 34.68 53.44 -51.69
C VAL C 563 35.73 54.34 -51.06
N LEU C 564 36.52 55.02 -51.91
CA LEU C 564 37.52 55.92 -51.38
C LEU C 564 36.88 57.06 -50.60
N TYR C 565 35.77 57.59 -51.12
CA TYR C 565 35.12 58.70 -50.42
C TYR C 565 34.62 58.25 -49.06
N CYS C 566 34.05 57.04 -48.98
CA CYS C 566 33.54 56.56 -47.70
C CYS C 566 34.69 56.37 -46.72
N VAL C 567 35.82 55.85 -47.19
CA VAL C 567 36.94 55.64 -46.29
C VAL C 567 37.46 56.98 -45.76
N LEU C 568 37.60 57.95 -46.66
CA LEU C 568 38.24 59.22 -46.29
C LEU C 568 37.33 60.04 -45.39
N ILE C 569 36.02 59.98 -45.60
CA ILE C 569 35.11 60.79 -44.80
C ILE C 569 34.96 60.26 -43.39
N GLU C 570 35.55 59.11 -43.09
CA GLU C 570 35.38 58.46 -41.79
C GLU C 570 36.69 58.28 -41.03
N SER C 571 37.79 57.93 -41.69
CA SER C 571 39.00 57.56 -40.98
C SER C 571 40.04 58.68 -41.05
N PRO C 572 40.31 59.39 -39.95
CA PRO C 572 41.40 60.38 -39.97
C PRO C 572 42.79 59.79 -40.15
N GLU C 573 42.97 58.50 -39.85
CA GLU C 573 44.29 57.88 -40.00
C GLU C 573 44.70 57.84 -41.47
N VAL C 574 43.74 57.62 -42.37
CA VAL C 574 44.09 57.55 -43.77
C VAL C 574 44.58 58.92 -44.22
N LEU C 575 44.01 60.00 -43.69
CA LEU C 575 44.50 61.31 -44.09
C LEU C 575 45.93 61.51 -43.63
N ASN C 576 46.30 60.89 -42.49
CA ASN C 576 47.65 61.03 -41.99
C ASN C 576 48.63 60.16 -42.76
N ILE C 577 48.11 59.18 -43.52
CA ILE C 577 48.96 58.32 -44.34
C ILE C 577 48.93 58.70 -45.82
N ILE C 578 48.06 59.63 -46.23
CA ILE C 578 47.97 60.01 -47.63
C ILE C 578 49.20 60.81 -48.03
N GLN C 579 49.76 60.49 -49.19
CA GLN C 579 51.00 61.09 -49.67
C GLN C 579 50.83 61.82 -51.00
N GLU C 580 51.93 62.43 -51.43
CA GLU C 580 51.93 63.25 -52.63
C GLU C 580 51.57 62.43 -53.86
N ASN C 581 52.09 61.21 -53.96
CA ASN C 581 51.78 60.40 -55.15
C ASN C 581 50.29 60.07 -55.18
N HIS C 582 49.67 59.91 -54.01
CA HIS C 582 48.23 59.69 -53.95
C HIS C 582 47.48 60.91 -54.46
N ILE C 583 47.91 62.10 -54.04
CA ILE C 583 47.20 63.30 -54.46
C ILE C 583 47.38 63.53 -55.95
N LYS C 584 48.59 63.30 -56.46
CA LYS C 584 48.84 63.45 -57.89
C LYS C 584 48.01 62.44 -58.69
N SER C 585 47.82 61.23 -58.15
CA SER C 585 46.96 60.27 -58.82
C SER C 585 45.52 60.74 -58.89
N ILE C 586 45.02 61.32 -57.80
CA ILE C 586 43.64 61.83 -57.81
C ILE C 586 43.50 62.99 -58.78
N ILE C 587 44.49 63.88 -58.82
CA ILE C 587 44.40 64.97 -59.78
C ILE C 587 44.46 64.42 -61.21
N SER C 588 45.29 63.41 -61.46
CA SER C 588 45.28 62.84 -62.80
C SER C 588 43.94 62.20 -63.10
N LEU C 589 43.23 61.76 -62.05
CA LEU C 589 41.89 61.21 -62.27
C LEU C 589 40.96 62.30 -62.77
N LEU C 590 41.10 63.49 -62.20
CA LEU C 590 40.33 64.64 -62.68
C LEU C 590 40.70 64.97 -64.13
N ASP C 591 41.99 64.92 -64.43
CA ASP C 591 42.50 65.28 -65.75
C ASP C 591 42.01 64.32 -66.82
N LYS C 592 41.89 63.04 -66.48
CA LYS C 592 41.59 62.02 -67.47
C LYS C 592 40.11 61.67 -67.55
N HIS C 593 39.35 61.85 -66.47
CA HIS C 593 37.93 61.52 -66.48
C HIS C 593 37.04 62.75 -66.50
N GLY C 594 37.61 63.95 -66.54
CA GLY C 594 36.80 65.13 -66.75
C GLY C 594 36.39 65.83 -65.46
N ARG C 595 35.55 66.83 -65.64
CA ARG C 595 35.11 67.70 -64.55
C ARG C 595 33.98 67.00 -63.78
N ASN C 596 34.37 66.20 -62.80
CA ASN C 596 33.43 65.52 -61.92
C ASN C 596 33.51 66.15 -60.53
N HIS C 597 32.37 66.58 -60.02
CA HIS C 597 32.32 67.26 -58.72
C HIS C 597 32.63 66.31 -57.56
N LYS C 598 32.49 64.99 -57.75
CA LYS C 598 32.81 64.09 -56.65
C LYS C 598 34.30 64.08 -56.34
N VAL C 599 35.15 64.21 -57.36
CA VAL C 599 36.58 64.31 -57.11
C VAL C 599 36.89 65.58 -56.32
N LEU C 600 36.19 66.66 -56.63
CA LEU C 600 36.36 67.89 -55.88
C LEU C 600 35.93 67.71 -54.42
N ASP C 601 34.82 66.99 -54.20
CA ASP C 601 34.40 66.73 -52.83
C ASP C 601 35.41 65.87 -52.09
N VAL C 602 36.03 64.92 -52.78
CA VAL C 602 37.09 64.11 -52.18
C VAL C 602 38.27 64.98 -51.77
N LEU C 603 38.66 65.90 -52.65
CA LEU C 603 39.77 66.78 -52.30
C LEU C 603 39.41 67.70 -51.14
N CYS C 604 38.15 68.14 -51.09
CA CYS C 604 37.73 68.97 -49.96
C CYS C 604 37.80 68.16 -48.67
N SER C 605 37.40 66.90 -48.71
CA SER C 605 37.43 66.05 -47.53
C SER C 605 38.85 65.72 -47.09
N LEU C 606 39.80 65.77 -48.01
CA LEU C 606 41.19 65.45 -47.66
C LEU C 606 41.82 66.50 -46.76
N CYS C 607 41.24 67.70 -46.67
CA CYS C 607 41.88 68.80 -45.97
C CYS C 607 41.63 68.78 -44.46
N VAL C 608 40.37 68.75 -44.06
CA VAL C 608 39.99 68.86 -42.66
C VAL C 608 39.08 67.69 -42.28
N CYS C 609 39.36 67.08 -41.14
CA CYS C 609 38.53 66.02 -40.59
C CYS C 609 38.35 66.26 -39.10
N ASN C 610 37.09 66.30 -38.67
CA ASN C 610 36.77 66.49 -37.25
C ASN C 610 37.34 67.81 -36.72
N GLY C 611 37.29 68.85 -37.54
CA GLY C 611 37.69 70.16 -37.11
C GLY C 611 39.17 70.43 -37.04
N VAL C 612 40.01 69.52 -37.54
CA VAL C 612 41.46 69.70 -37.55
C VAL C 612 41.95 69.60 -38.99
N ALA C 613 42.75 70.56 -39.41
CA ALA C 613 43.24 70.65 -40.78
C ALA C 613 44.65 70.07 -40.89
N VAL C 614 44.96 69.55 -42.06
CA VAL C 614 46.27 68.98 -42.36
C VAL C 614 47.02 69.95 -43.27
N ARG C 615 48.04 70.60 -42.71
CA ARG C 615 48.79 71.60 -43.45
C ARG C 615 49.48 70.97 -44.65
N SER C 616 50.03 69.76 -44.47
CA SER C 616 50.76 69.12 -45.57
C SER C 616 49.84 68.85 -46.74
N ASN C 617 48.64 68.34 -46.47
CA ASN C 617 47.68 68.08 -47.54
C ASN C 617 47.24 69.37 -48.21
N GLN C 618 46.99 70.42 -47.43
CA GLN C 618 46.55 71.67 -48.02
C GLN C 618 47.63 72.25 -48.93
N ASP C 619 48.88 72.18 -48.49
CA ASP C 619 49.98 72.72 -49.28
C ASP C 619 50.20 71.90 -50.54
N LEU C 620 50.12 70.57 -50.44
CA LEU C 620 50.35 69.73 -51.61
C LEU C 620 49.26 69.96 -52.65
N ILE C 621 48.00 70.07 -52.21
CA ILE C 621 46.92 70.35 -53.14
C ILE C 621 47.10 71.71 -53.80
N THR C 622 47.46 72.72 -53.01
CA THR C 622 47.67 74.04 -53.59
C THR C 622 48.81 74.02 -54.60
N GLU C 623 49.90 73.31 -54.29
CA GLU C 623 51.06 73.31 -55.16
C GLU C 623 50.77 72.57 -56.46
N ASN C 624 50.02 71.48 -56.39
CA ASN C 624 49.84 70.60 -57.53
C ASN C 624 48.55 70.83 -58.28
N LEU C 625 47.73 71.80 -57.89
CA LEU C 625 46.44 71.98 -58.57
C LEU C 625 46.21 73.40 -59.07
N LEU C 626 46.57 74.41 -58.30
CA LEU C 626 46.23 75.79 -58.64
C LEU C 626 47.10 76.36 -59.74
N PRO C 627 48.44 76.31 -59.61
CA PRO C 627 49.29 77.10 -60.53
C PRO C 627 49.18 76.69 -61.98
N GLY C 628 48.70 75.48 -62.28
CA GLY C 628 48.56 75.08 -63.67
C GLY C 628 47.61 75.97 -64.45
N ARG C 629 46.49 76.34 -63.84
CA ARG C 629 45.50 77.20 -64.48
C ARG C 629 45.01 76.60 -65.79
N GLU C 630 44.84 75.28 -65.81
CA GLU C 630 44.36 74.56 -66.99
C GLU C 630 43.06 73.82 -66.76
N LEU C 631 42.80 73.36 -65.55
CA LEU C 631 41.60 72.57 -65.26
C LEU C 631 40.45 73.46 -64.75
N LEU C 632 40.69 74.19 -63.67
CA LEU C 632 39.65 75.01 -63.08
C LEU C 632 39.32 76.21 -63.96
N LEU C 633 38.06 76.60 -63.93
CA LEU C 633 37.60 77.74 -64.71
C LEU C 633 38.14 79.03 -64.14
N GLN C 634 38.49 79.96 -65.02
CA GLN C 634 39.09 81.23 -64.66
C GLN C 634 38.09 82.36 -64.83
N THR C 635 38.17 83.35 -63.94
CA THR C 635 37.29 84.51 -63.96
C THR C 635 38.10 85.79 -63.95
N ASN C 636 37.59 86.82 -64.61
CA ASN C 636 38.24 88.13 -64.63
C ASN C 636 37.26 89.15 -65.19
N LEU C 637 37.50 90.42 -64.85
CA LEU C 637 36.70 91.54 -65.32
C LEU C 637 37.26 92.11 -66.61
N ILE C 638 36.40 92.27 -67.62
CA ILE C 638 36.81 92.78 -68.92
C ILE C 638 35.87 93.91 -69.34
N ASN C 639 36.38 94.80 -70.19
CA ASN C 639 35.62 95.91 -70.73
C ASN C 639 34.87 95.52 -72.01
N TYR C 640 33.76 96.22 -72.26
CA TYR C 640 33.02 96.09 -73.51
C TYR C 640 33.71 96.86 -74.63
N VAL C 641 33.66 96.29 -75.83
CA VAL C 641 34.25 96.91 -77.03
C VAL C 641 33.20 96.96 -78.14
N THR C 642 33.13 98.09 -78.82
CA THR C 642 32.17 98.28 -79.91
C THR C 642 32.88 98.75 -81.17
N SER C 643 32.36 98.32 -82.32
CA SER C 643 32.90 98.65 -83.63
C SER C 643 31.96 99.57 -84.40
N ILE C 644 32.54 100.53 -85.11
CA ILE C 644 31.79 101.49 -85.92
C ILE C 644 32.39 101.51 -87.33
N ARG C 645 31.52 101.51 -88.34
CA ARG C 645 31.97 101.48 -89.75
C ARG C 645 31.13 102.40 -90.61
N PRO C 646 31.71 103.12 -91.58
CA PRO C 646 30.91 103.82 -92.58
C PRO C 646 30.21 102.85 -93.53
N ASN C 647 29.18 103.37 -94.19
CA ASN C 647 28.40 102.57 -95.14
C ASN C 647 28.96 102.63 -96.55
N ILE C 648 30.24 102.30 -96.71
CA ILE C 648 30.89 102.25 -98.01
C ILE C 648 31.46 100.84 -98.21
N PHE C 649 31.08 100.20 -99.31
CA PHE C 649 31.46 98.83 -99.59
C PHE C 649 32.14 98.76 -100.96
N VAL C 650 33.34 98.18 -100.99
CA VAL C 650 34.11 98.01 -102.21
C VAL C 650 34.58 96.57 -102.30
N GLY C 651 34.81 96.12 -103.53
CA GLY C 651 35.25 94.74 -103.75
C GLY C 651 35.76 94.57 -105.16
N ARG C 652 36.24 93.35 -105.42
CA ARG C 652 36.78 92.99 -106.72
C ARG C 652 36.09 91.72 -107.22
N ALA C 653 35.76 91.73 -108.51
CA ALA C 653 35.14 90.57 -109.14
C ALA C 653 35.38 90.66 -110.64
N GLU C 654 35.22 89.52 -111.31
CA GLU C 654 35.43 89.46 -112.75
C GLU C 654 34.34 90.26 -113.47
N GLY C 655 34.76 91.28 -114.21
CA GLY C 655 33.82 92.15 -114.89
C GLY C 655 33.19 93.22 -114.03
N SER C 656 33.64 93.37 -112.79
CA SER C 656 33.07 94.37 -111.91
C SER C 656 33.47 95.77 -112.35
N THR C 657 32.64 96.75 -111.99
CA THR C 657 32.85 98.14 -112.33
C THR C 657 33.55 98.93 -111.22
N GLN C 658 33.93 98.27 -110.13
CA GLN C 658 34.48 98.96 -108.97
C GLN C 658 35.97 99.18 -109.12
N TYR C 659 36.45 100.30 -108.58
CA TYR C 659 37.86 100.63 -108.58
C TYR C 659 38.62 99.78 -107.56
N GLY C 660 39.94 99.74 -107.74
CA GLY C 660 40.77 98.81 -106.99
C GLY C 660 41.54 99.38 -105.80
N LYS C 661 41.80 100.69 -105.79
CA LYS C 661 42.63 101.30 -104.78
C LYS C 661 41.85 102.38 -104.04
N TRP C 662 41.89 102.32 -102.71
CA TRP C 662 41.11 103.22 -101.86
C TRP C 662 41.96 103.70 -100.70
N TYR C 663 41.58 104.85 -100.14
CA TYR C 663 42.37 105.53 -99.12
C TYR C 663 41.44 106.28 -98.17
N PHE C 664 41.76 106.24 -96.87
CA PHE C 664 41.01 107.04 -95.90
C PHE C 664 41.88 107.31 -94.68
N GLU C 665 41.46 108.29 -93.86
CA GLU C 665 42.23 108.66 -92.68
C GLU C 665 41.35 108.70 -91.44
N VAL C 666 41.94 108.40 -90.29
CA VAL C 666 41.29 108.51 -89.00
C VAL C 666 42.15 109.36 -88.07
N MET C 667 41.58 110.43 -87.51
CA MET C 667 42.30 111.31 -86.60
C MET C 667 41.81 111.11 -85.17
N VAL C 668 42.73 110.92 -84.24
CA VAL C 668 42.42 110.69 -82.83
C VAL C 668 42.47 112.02 -82.09
N ASP C 669 41.39 112.37 -81.37
CA ASP C 669 41.35 113.64 -80.66
C ASP C 669 41.53 113.50 -79.15
N GLU C 670 41.00 112.44 -78.54
CA GLU C 670 41.08 112.30 -77.08
C GLU C 670 40.96 110.84 -76.70
N VAL C 671 41.97 110.32 -75.99
CA VAL C 671 41.96 108.95 -75.47
C VAL C 671 42.43 108.98 -74.02
N VAL C 672 41.67 108.36 -73.13
CA VAL C 672 42.05 108.21 -71.73
C VAL C 672 42.83 106.90 -71.59
N PRO C 673 44.12 106.94 -71.23
CA PRO C 673 44.88 105.69 -71.19
C PRO C 673 44.31 104.64 -70.25
N PHE C 674 43.84 105.04 -69.07
CA PHE C 674 43.29 104.11 -68.09
C PHE C 674 42.04 104.73 -67.46
N LEU C 675 40.89 104.47 -68.08
CA LEU C 675 39.62 104.82 -67.45
C LEU C 675 39.24 103.81 -66.38
N THR C 676 39.62 102.54 -66.59
CA THR C 676 39.40 101.50 -65.59
C THR C 676 40.70 100.74 -65.34
N ALA C 677 40.63 99.62 -64.63
CA ALA C 677 41.83 98.83 -64.37
C ALA C 677 42.42 98.22 -65.63
N GLN C 678 41.64 98.13 -66.71
CA GLN C 678 42.10 97.54 -67.95
C GLN C 678 42.41 98.62 -68.98
N ALA C 679 43.41 98.35 -69.80
CA ALA C 679 43.85 99.33 -70.79
C ALA C 679 42.77 99.60 -71.83
N THR C 680 42.74 100.85 -72.30
CA THR C 680 41.75 101.26 -73.28
C THR C 680 42.02 100.59 -74.63
N HIS C 681 40.96 100.09 -75.26
CA HIS C 681 41.03 99.42 -76.54
C HIS C 681 40.73 100.41 -77.67
N LEU C 682 41.58 100.40 -78.70
CA LEU C 682 41.41 101.29 -79.85
C LEU C 682 42.17 100.71 -81.04
N ARG C 683 41.46 100.27 -82.06
CA ARG C 683 42.06 99.73 -83.28
C ARG C 683 41.35 100.29 -84.50
N VAL C 684 42.10 100.41 -85.60
CA VAL C 684 41.61 100.94 -86.87
C VAL C 684 42.02 99.99 -87.99
N GLY C 685 41.12 99.75 -88.93
CA GLY C 685 41.47 98.89 -90.05
C GLY C 685 40.28 98.61 -90.95
N TRP C 686 40.39 97.50 -91.68
CA TRP C 686 39.37 97.05 -92.61
C TRP C 686 38.76 95.74 -92.14
N ALA C 687 37.50 95.52 -92.54
CA ALA C 687 36.80 94.29 -92.22
C ALA C 687 35.99 93.84 -93.42
N LEU C 688 35.70 92.54 -93.44
CA LEU C 688 34.96 91.91 -94.52
C LEU C 688 33.49 91.77 -94.13
N THR C 689 32.61 91.96 -95.10
CA THR C 689 31.17 91.92 -94.82
C THR C 689 30.76 90.55 -94.29
N GLU C 690 31.26 89.48 -94.90
CA GLU C 690 30.90 88.13 -94.51
C GLU C 690 31.87 87.62 -93.46
N GLY C 691 31.33 87.20 -92.31
CA GLY C 691 32.09 86.58 -91.26
C GLY C 691 32.37 87.49 -90.08
N TYR C 692 32.46 88.80 -90.30
CA TYR C 692 32.77 89.74 -89.23
C TYR C 692 31.47 90.14 -88.55
N SER C 693 31.13 89.41 -87.48
CA SER C 693 29.93 89.67 -86.69
C SER C 693 30.30 89.60 -85.22
N PRO C 694 30.98 90.62 -84.71
CA PRO C 694 31.38 90.63 -83.29
C PRO C 694 30.20 90.98 -82.40
N TYR C 695 29.81 90.04 -81.55
CA TYR C 695 28.73 90.32 -80.62
C TYR C 695 29.27 90.84 -79.30
N PRO C 696 28.55 91.73 -78.63
CA PRO C 696 29.01 92.23 -77.33
C PRO C 696 29.13 91.11 -76.31
N GLY C 697 30.12 91.23 -75.45
CA GLY C 697 30.32 90.29 -74.36
C GLY C 697 31.46 89.32 -74.63
N GLY C 698 31.16 88.02 -74.55
CA GLY C 698 32.16 86.99 -74.66
C GLY C 698 32.61 86.75 -76.10
N GLY C 699 33.57 85.84 -76.23
CA GLY C 699 34.10 85.50 -77.53
C GLY C 699 35.39 84.72 -77.41
N GLU C 700 36.23 84.87 -78.44
CA GLU C 700 37.49 84.13 -78.47
C GLU C 700 38.43 84.62 -77.38
N GLY C 701 39.13 83.69 -76.76
CA GLY C 701 40.06 84.07 -75.72
C GLY C 701 39.34 84.78 -74.61
N TRP C 702 39.78 85.99 -74.30
CA TRP C 702 39.12 86.86 -73.35
C TRP C 702 38.27 87.86 -74.13
N GLY C 703 37.07 88.12 -73.65
CA GLY C 703 36.15 88.98 -74.36
C GLY C 703 36.73 90.33 -74.72
N GLY C 704 35.99 91.10 -75.51
CA GLY C 704 36.47 92.38 -75.98
C GLY C 704 37.01 92.27 -77.40
N ASN C 705 36.32 91.51 -78.23
CA ASN C 705 36.79 91.28 -79.59
C ASN C 705 36.56 92.52 -80.45
N GLY C 706 37.58 92.90 -81.20
CA GLY C 706 37.52 94.02 -82.12
C GLY C 706 38.16 93.67 -83.44
N VAL C 707 38.79 94.68 -84.05
CA VAL C 707 39.46 94.49 -85.33
C VAL C 707 40.72 93.65 -85.12
N GLY C 708 40.89 92.65 -85.96
CA GLY C 708 42.05 91.78 -85.89
C GLY C 708 41.92 90.60 -84.95
N ASP C 709 40.76 90.40 -84.34
CA ASP C 709 40.52 89.25 -83.48
C ASP C 709 39.99 88.05 -84.26
N ASP C 710 39.86 88.15 -85.57
CA ASP C 710 39.47 87.03 -86.41
C ASP C 710 40.25 87.13 -87.72
N LEU C 711 39.93 86.25 -88.66
CA LEU C 711 40.59 86.23 -89.96
C LEU C 711 39.83 87.03 -91.00
N TYR C 712 38.77 87.74 -90.62
CA TYR C 712 38.02 88.58 -91.52
C TYR C 712 38.35 90.06 -91.36
N SER C 713 39.23 90.42 -90.44
CA SER C 713 39.56 91.81 -90.18
C SER C 713 41.07 91.96 -90.03
N TYR C 714 41.55 93.17 -90.30
CA TYR C 714 42.98 93.47 -90.29
C TYR C 714 43.18 94.86 -89.69
N GLY C 715 43.69 94.92 -88.47
CA GLY C 715 43.76 96.14 -87.70
C GLY C 715 45.18 96.61 -87.43
N PHE C 716 45.26 97.76 -86.77
CA PHE C 716 46.54 98.38 -86.43
C PHE C 716 46.33 99.33 -85.27
N ASP C 717 47.02 99.08 -84.15
CA ASP C 717 46.85 99.85 -82.93
C ASP C 717 48.01 100.79 -82.64
N GLY C 718 48.94 100.97 -83.58
CA GLY C 718 50.08 101.83 -83.42
C GLY C 718 51.39 101.12 -83.15
N LEU C 719 51.31 99.98 -82.46
CA LEU C 719 52.51 99.21 -82.11
C LEU C 719 52.53 97.80 -82.67
N HIS C 720 51.36 97.21 -82.92
CA HIS C 720 51.27 95.83 -83.38
C HIS C 720 50.32 95.74 -84.56
N LEU C 721 50.53 94.72 -85.38
CA LEU C 721 49.59 94.34 -86.43
C LEU C 721 48.75 93.17 -85.94
N TRP C 722 47.44 93.37 -85.89
CA TRP C 722 46.52 92.39 -85.33
C TRP C 722 45.84 91.62 -86.45
N THR C 723 45.94 90.29 -86.40
CA THR C 723 45.17 89.43 -87.30
C THR C 723 45.10 88.05 -86.67
N GLY C 724 43.92 87.43 -86.76
CA GLY C 724 43.73 86.12 -86.19
C GLY C 724 43.95 86.08 -84.69
N HIS C 725 43.60 87.15 -83.98
CA HIS C 725 43.78 87.22 -82.53
C HIS C 725 45.24 87.07 -82.13
N VAL C 726 46.15 87.51 -82.99
CA VAL C 726 47.59 87.45 -82.72
C VAL C 726 48.19 88.82 -82.97
N ALA C 727 48.95 89.32 -81.99
CA ALA C 727 49.60 90.62 -82.06
C ALA C 727 51.05 90.42 -82.50
N ARG C 728 51.42 91.04 -83.62
CA ARG C 728 52.77 90.96 -84.13
C ARG C 728 53.43 92.33 -84.10
N PRO C 729 54.50 92.53 -83.33
CA PRO C 729 55.10 93.86 -83.25
C PRO C 729 55.60 94.36 -84.59
N VAL C 730 55.47 95.66 -84.80
CA VAL C 730 55.93 96.31 -86.02
C VAL C 730 56.77 97.52 -85.63
N THR C 731 57.70 97.88 -86.52
CA THR C 731 58.64 98.97 -86.27
C THR C 731 58.25 100.20 -87.06
N SER C 732 58.16 101.33 -86.37
CA SER C 732 57.87 102.62 -86.99
C SER C 732 58.70 103.70 -86.33
N PRO C 733 58.99 104.78 -87.04
CA PRO C 733 59.73 105.89 -86.41
C PRO C 733 58.97 106.48 -85.23
N GLY C 734 59.56 106.34 -84.04
CA GLY C 734 58.92 106.84 -82.84
C GLY C 734 57.73 106.01 -82.44
N GLN C 735 57.95 104.74 -82.13
CA GLN C 735 56.85 103.86 -81.77
C GLN C 735 56.19 104.34 -80.48
N HIS C 736 54.86 104.42 -80.50
CA HIS C 736 54.09 104.75 -79.31
C HIS C 736 52.64 104.41 -79.57
N LEU C 737 51.91 104.15 -78.49
CA LEU C 737 50.49 103.88 -78.60
C LEU C 737 49.75 105.12 -79.11
N LEU C 738 48.62 104.87 -79.76
CA LEU C 738 47.84 105.95 -80.35
C LEU C 738 47.55 107.04 -79.32
N ALA C 739 47.98 108.25 -79.63
CA ALA C 739 47.87 109.41 -78.75
C ALA C 739 47.16 110.54 -79.48
N PRO C 740 46.62 111.50 -78.75
CA PRO C 740 45.89 112.60 -79.40
C PRO C 740 46.75 113.32 -80.44
N GLU C 741 46.09 113.83 -81.47
CA GLU C 741 46.70 114.51 -82.60
C GLU C 741 47.41 113.56 -83.55
N ASP C 742 47.12 112.27 -83.46
CA ASP C 742 47.68 111.28 -84.39
C ASP C 742 46.70 111.02 -85.53
N VAL C 743 47.23 110.95 -86.75
CA VAL C 743 46.45 110.70 -87.96
C VAL C 743 46.95 109.41 -88.58
N VAL C 744 46.04 108.46 -88.77
CA VAL C 744 46.35 107.15 -89.34
C VAL C 744 45.75 107.09 -90.74
N SER C 745 46.59 106.85 -91.75
CA SER C 745 46.17 106.75 -93.14
C SER C 745 46.19 105.30 -93.55
N CYS C 746 45.05 104.80 -94.03
CA CYS C 746 44.91 103.40 -94.45
C CYS C 746 44.67 103.34 -95.96
N CYS C 747 45.48 102.51 -96.63
CA CYS C 747 45.42 102.29 -98.07
C CYS C 747 45.06 100.84 -98.33
N LEU C 748 44.10 100.61 -99.23
CA LEU C 748 43.64 99.29 -99.62
C LEU C 748 43.81 99.12 -101.13
N ASP C 749 44.70 98.23 -101.54
CA ASP C 749 44.93 97.93 -102.95
C ASP C 749 44.47 96.52 -103.25
N LEU C 750 43.64 96.37 -104.29
CA LEU C 750 43.07 95.08 -104.64
C LEU C 750 43.70 94.42 -105.87
N SER C 751 44.48 95.17 -106.65
CA SER C 751 45.10 94.56 -107.83
C SER C 751 46.05 93.45 -107.41
N VAL C 752 46.82 93.69 -106.36
CA VAL C 752 47.52 92.65 -105.63
C VAL C 752 47.11 92.83 -104.16
N PRO C 753 46.37 91.90 -103.57
CA PRO C 753 45.75 92.18 -102.27
C PRO C 753 46.73 92.71 -101.25
N SER C 754 46.58 93.96 -100.83
CA SER C 754 47.47 94.52 -99.84
C SER C 754 46.77 95.63 -99.07
N ILE C 755 47.10 95.71 -97.78
CA ILE C 755 46.63 96.77 -96.88
C ILE C 755 47.86 97.42 -96.28
N SER C 756 47.97 98.73 -96.40
CA SER C 756 49.12 99.44 -95.86
C SER C 756 48.66 100.59 -94.98
N PHE C 757 49.53 100.96 -94.04
CA PHE C 757 49.24 101.99 -93.06
C PHE C 757 50.36 103.03 -93.06
N ARG C 758 49.99 104.26 -92.68
CA ARG C 758 50.96 105.31 -92.43
C ARG C 758 50.52 106.07 -91.18
N ILE C 759 51.46 106.35 -90.28
CA ILE C 759 51.18 107.08 -89.06
C ILE C 759 51.96 108.38 -89.09
N ASN C 760 51.24 109.50 -89.04
CA ASN C 760 51.85 110.83 -89.01
C ASN C 760 52.79 111.02 -90.21
N GLY C 761 52.47 110.36 -91.32
CA GLY C 761 53.25 110.48 -92.53
C GLY C 761 54.38 109.47 -92.67
N CYS C 762 54.75 108.78 -91.59
CA CYS C 762 55.84 107.82 -91.67
C CYS C 762 55.30 106.42 -91.97
N PRO C 763 55.82 105.73 -92.99
CA PRO C 763 55.32 104.39 -93.29
C PRO C 763 55.63 103.40 -92.18
N VAL C 764 54.72 102.44 -92.00
CA VAL C 764 54.89 101.34 -91.07
C VAL C 764 55.37 100.12 -91.84
N GLN C 765 56.46 99.51 -91.38
CA GLN C 765 57.14 98.44 -92.11
C GLN C 765 56.45 97.10 -91.85
N GLY C 766 55.24 96.97 -92.40
CA GLY C 766 54.49 95.73 -92.29
C GLY C 766 53.21 95.75 -93.09
N VAL C 767 52.96 94.67 -93.85
CA VAL C 767 51.79 94.62 -94.74
C VAL C 767 51.11 93.27 -94.64
N PHE C 768 49.78 93.30 -94.68
CA PHE C 768 48.96 92.12 -94.92
C PHE C 768 48.82 91.88 -96.42
N GLU C 769 48.83 90.61 -96.82
CA GLU C 769 48.71 90.30 -98.23
C GLU C 769 48.20 88.87 -98.40
N ALA C 770 47.83 88.54 -99.64
CA ALA C 770 47.39 87.21 -100.01
C ALA C 770 46.20 86.74 -99.16
N PHE C 771 45.23 87.62 -99.00
CA PHE C 771 44.01 87.30 -98.28
C PHE C 771 42.87 87.00 -99.25
N ASN C 772 41.76 86.53 -98.68
CA ASN C 772 40.61 86.11 -99.47
C ASN C 772 39.89 87.33 -100.06
N LEU C 773 39.12 87.08 -101.11
CA LEU C 773 38.36 88.09 -101.82
C LEU C 773 36.92 87.64 -102.02
N ASP C 774 36.34 87.03 -100.98
CA ASP C 774 35.00 86.47 -101.04
C ASP C 774 33.92 87.45 -100.64
N GLY C 775 34.27 88.72 -100.38
CA GLY C 775 33.29 89.69 -99.94
C GLY C 775 33.69 91.12 -100.21
N LEU C 776 33.02 92.05 -99.53
CA LEU C 776 33.27 93.48 -99.68
C LEU C 776 33.97 94.00 -98.43
N PHE C 777 34.90 94.93 -98.63
CA PHE C 777 35.70 95.48 -97.54
C PHE C 777 35.21 96.88 -97.18
N PHE C 778 35.11 97.15 -95.88
CA PHE C 778 34.71 98.46 -95.40
C PHE C 778 35.63 98.92 -94.29
N PRO C 779 35.87 100.23 -94.18
CA PRO C 779 36.60 100.75 -93.02
C PRO C 779 35.85 100.53 -91.72
N VAL C 780 36.61 100.33 -90.64
CA VAL C 780 36.05 100.03 -89.34
C VAL C 780 37.03 100.47 -88.27
N VAL C 781 36.49 100.98 -87.17
CA VAL C 781 37.25 101.28 -85.97
C VAL C 781 36.58 100.60 -84.79
N SER C 782 37.36 99.89 -83.99
CA SER C 782 36.89 99.28 -82.76
C SER C 782 37.45 100.04 -81.57
N PHE C 783 36.63 100.22 -80.54
CA PHE C 783 37.04 101.06 -79.43
C PHE C 783 36.27 100.68 -78.18
N SER C 784 36.86 101.03 -77.05
CA SER C 784 36.21 100.94 -75.76
C SER C 784 35.79 102.33 -75.29
N ALA C 785 35.27 102.40 -74.07
CA ALA C 785 34.85 103.68 -73.50
C ALA C 785 36.05 104.58 -73.27
N GLY C 786 35.85 105.88 -73.50
CA GLY C 786 36.89 106.86 -73.32
C GLY C 786 37.58 107.31 -74.58
N VAL C 787 36.88 107.37 -75.72
CA VAL C 787 37.50 107.71 -76.99
C VAL C 787 36.73 108.84 -77.67
N LYS C 788 37.44 109.48 -78.62
CA LYS C 788 36.88 110.56 -79.44
C LYS C 788 37.71 110.60 -80.72
N VAL C 789 37.16 110.06 -81.81
CA VAL C 789 37.89 109.96 -83.06
C VAL C 789 37.07 110.61 -84.18
N ARG C 790 37.76 110.98 -85.26
CA ARG C 790 37.09 111.58 -86.41
C ARG C 790 37.51 110.88 -87.70
N PHE C 791 36.51 110.51 -88.50
CA PHE C 791 36.74 109.94 -89.82
C PHE C 791 36.97 111.06 -90.83
N LEU C 792 38.08 110.97 -91.57
CA LEU C 792 38.42 111.85 -92.68
C LEU C 792 38.31 111.05 -93.98
N LEU C 793 37.34 111.40 -94.81
CA LEU C 793 37.08 110.68 -96.05
C LEU C 793 37.34 111.52 -97.30
N GLY C 794 37.75 112.79 -97.16
CA GLY C 794 38.10 113.59 -98.31
C GLY C 794 36.91 114.27 -98.97
N GLY C 795 37.25 115.08 -99.96
CA GLY C 795 36.22 115.81 -100.70
C GLY C 795 35.49 116.80 -99.82
N ARG C 796 34.16 116.79 -99.90
CA ARG C 796 33.36 117.68 -99.07
C ARG C 796 33.38 117.27 -97.60
N HIS C 797 33.90 116.10 -97.30
CA HIS C 797 34.00 115.60 -95.94
C HIS C 797 35.39 115.92 -95.41
N GLY C 798 35.77 115.29 -94.30
CA GLY C 798 37.05 115.53 -93.68
C GLY C 798 38.21 115.61 -94.66
N GLU C 799 38.79 116.80 -94.80
CA GLU C 799 39.90 116.98 -95.72
C GLU C 799 41.12 116.18 -95.27
N PHE C 800 41.78 115.55 -96.24
CA PHE C 800 42.94 114.74 -95.95
C PHE C 800 44.11 115.63 -95.53
N LYS C 801 44.79 115.25 -94.45
CA LYS C 801 45.95 116.00 -93.99
C LYS C 801 47.17 115.76 -94.87
N PHE C 802 47.28 114.58 -95.48
CA PHE C 802 48.38 114.22 -96.33
C PHE C 802 47.85 113.77 -97.69
N LEU C 803 48.63 114.02 -98.73
CA LEU C 803 48.20 113.68 -100.08
C LEU C 803 48.15 112.16 -100.24
N PRO C 804 47.09 111.61 -100.82
CA PRO C 804 47.04 110.17 -101.01
C PRO C 804 48.10 109.71 -102.00
N PRO C 805 48.57 108.47 -101.90
CA PRO C 805 49.54 107.99 -102.87
C PRO C 805 48.95 107.98 -104.26
N PRO C 806 49.79 108.10 -105.30
CA PRO C 806 49.26 108.20 -106.66
C PRO C 806 48.42 106.99 -107.03
N GLY C 807 47.33 107.23 -107.75
CA GLY C 807 46.45 106.18 -108.22
C GLY C 807 45.33 105.82 -107.27
N TYR C 808 45.41 106.25 -106.01
CA TYR C 808 44.39 105.93 -105.02
C TYR C 808 43.28 106.96 -105.05
N ALA C 809 42.05 106.50 -104.85
CA ALA C 809 40.89 107.36 -104.90
C ALA C 809 40.28 107.57 -103.52
N PRO C 810 39.77 108.76 -103.21
CA PRO C 810 39.10 108.96 -101.93
C PRO C 810 37.88 108.07 -101.78
N CYS C 811 37.62 107.64 -100.55
CA CYS C 811 36.53 106.73 -100.26
C CYS C 811 35.16 107.36 -100.46
N HIS C 812 35.07 108.70 -100.41
CA HIS C 812 33.79 109.36 -100.60
C HIS C 812 33.23 109.17 -102.01
N GLU C 813 34.07 108.81 -102.97
CA GLU C 813 33.62 108.57 -104.34
C GLU C 813 32.90 107.24 -104.49
N ALA C 814 32.93 106.38 -103.48
CA ALA C 814 32.33 105.05 -103.57
C ALA C 814 30.90 105.01 -103.04
N VAL C 815 30.33 106.16 -102.69
CA VAL C 815 28.96 106.19 -102.19
C VAL C 815 28.01 105.87 -103.33
N LEU C 816 27.06 104.98 -103.07
CA LEU C 816 26.11 104.58 -104.10
C LEU C 816 25.14 105.72 -104.40
N PRO C 817 24.59 105.77 -105.61
CA PRO C 817 23.69 106.87 -105.96
C PRO C 817 22.44 106.93 -105.09
N ARG C 818 21.92 105.78 -104.66
CA ARG C 818 20.67 105.74 -103.91
C ARG C 818 20.86 105.86 -102.40
N GLU C 819 22.09 105.96 -101.92
CA GLU C 819 22.37 105.98 -100.51
C GLU C 819 23.13 107.24 -100.13
N ARG C 820 22.91 107.71 -98.90
CA ARG C 820 23.61 108.85 -98.34
C ARG C 820 24.60 108.38 -97.28
N LEU C 821 25.73 109.07 -97.21
CA LEU C 821 26.78 108.70 -96.28
C LEU C 821 26.30 108.83 -94.84
N ARG C 822 26.59 107.82 -94.03
CA ARG C 822 26.21 107.83 -92.63
C ARG C 822 27.08 106.83 -91.88
N LEU C 823 27.04 106.93 -90.55
CA LEU C 823 27.75 106.01 -89.67
C LEU C 823 26.75 105.12 -88.96
N GLU C 824 26.98 103.81 -89.01
CA GLU C 824 26.05 102.83 -88.45
C GLU C 824 26.82 101.73 -87.75
N PRO C 825 26.19 101.06 -86.78
CA PRO C 825 26.81 99.86 -86.18
C PRO C 825 26.84 98.69 -87.14
N ILE C 826 27.31 97.54 -86.67
CA ILE C 826 27.48 96.35 -87.49
C ILE C 826 26.59 95.25 -86.92
N LYS C 827 25.58 94.84 -87.69
CA LYS C 827 24.72 93.72 -87.35
C LYS C 827 24.17 93.84 -85.94
N GLU C 828 23.60 94.99 -85.64
CA GLU C 828 22.97 95.20 -84.35
C GLU C 828 21.65 94.44 -84.26
N TYR C 829 21.40 93.84 -83.10
CA TYR C 829 20.14 93.14 -82.84
C TYR C 829 19.24 93.91 -81.89
N ARG C 830 19.56 95.17 -81.59
CA ARG C 830 18.82 95.94 -80.61
C ARG C 830 19.15 97.40 -80.81
N ARG C 831 18.15 98.27 -80.62
CA ARG C 831 18.39 99.69 -80.75
C ARG C 831 17.43 100.46 -79.84
N GLU C 832 17.75 101.72 -79.59
CA GLU C 832 16.89 102.59 -78.81
C GLU C 832 15.75 103.11 -79.66
N GLY C 833 14.60 103.34 -79.02
CA GLY C 833 13.46 103.92 -79.69
C GLY C 833 12.78 104.94 -78.79
N PRO C 834 11.68 105.50 -79.26
CA PRO C 834 10.97 106.50 -78.44
C PRO C 834 10.48 105.95 -77.11
N ARG C 835 9.74 104.85 -77.15
CA ARG C 835 9.13 104.28 -75.94
C ARG C 835 9.94 103.13 -75.34
N GLY C 836 11.07 102.76 -75.93
CA GLY C 836 11.84 101.66 -75.39
C GLY C 836 12.75 100.99 -76.41
N PRO C 837 13.36 99.89 -76.00
CA PRO C 837 14.21 99.14 -76.94
C PRO C 837 13.41 98.52 -78.06
N HIS C 838 13.98 98.55 -79.26
CA HIS C 838 13.41 97.93 -80.45
C HIS C 838 14.29 96.76 -80.85
N LEU C 839 13.67 95.59 -81.01
CA LEU C 839 14.37 94.42 -81.51
C LEU C 839 14.41 94.46 -83.03
N VAL C 840 15.58 94.14 -83.58
CA VAL C 840 15.84 94.23 -85.02
C VAL C 840 16.31 92.86 -85.51
N GLY C 841 15.76 92.43 -86.64
CA GLY C 841 16.15 91.18 -87.24
C GLY C 841 17.40 91.30 -88.11
N PRO C 842 17.73 90.25 -88.84
CA PRO C 842 18.91 90.28 -89.71
C PRO C 842 18.79 91.34 -90.79
N SER C 843 19.95 91.88 -91.18
CA SER C 843 20.03 92.93 -92.18
C SER C 843 20.51 92.36 -93.51
N ARG C 844 19.81 92.70 -94.58
CA ARG C 844 20.21 92.28 -95.91
C ARG C 844 21.49 93.01 -96.34
N CYS C 845 22.46 92.26 -96.87
CA CYS C 845 23.74 92.81 -97.28
C CYS C 845 24.01 92.46 -98.74
N LEU C 846 24.68 93.39 -99.43
CA LEU C 846 25.00 93.20 -100.82
C LEU C 846 26.16 92.21 -100.99
N SER C 847 26.35 91.76 -102.23
CA SER C 847 27.42 90.85 -102.59
C SER C 847 28.24 91.44 -103.72
N HIS C 848 29.47 90.93 -103.85
CA HIS C 848 30.38 91.40 -104.89
C HIS C 848 29.88 91.07 -106.28
N THR C 849 29.01 90.07 -106.43
CA THR C 849 28.42 89.75 -107.72
C THR C 849 27.32 90.72 -108.14
N ASP C 850 26.77 91.48 -107.21
CA ASP C 850 25.71 92.43 -107.54
C ASP C 850 26.22 93.61 -108.37
N PHE C 851 27.54 93.81 -108.45
CA PHE C 851 28.11 94.89 -109.25
C PHE C 851 28.60 94.43 -110.62
N VAL C 852 28.33 93.19 -111.07
CA VAL C 852 28.68 92.73 -112.43
C VAL C 852 27.44 92.77 -113.34
N PRO C 853 27.48 93.42 -114.51
CA PRO C 853 26.34 93.45 -115.41
C PRO C 853 26.16 92.10 -116.12
N CYS C 854 24.94 91.60 -116.18
CA CYS C 854 24.63 90.30 -116.75
C CYS C 854 23.50 90.39 -117.80
N PRO C 855 23.79 90.87 -119.01
CA PRO C 855 22.81 91.01 -120.08
C PRO C 855 22.42 89.65 -120.68
N VAL C 856 21.20 89.59 -121.24
CA VAL C 856 20.74 88.36 -121.96
C VAL C 856 21.50 88.30 -123.28
N ASP C 857 22.05 89.42 -123.74
CA ASP C 857 22.78 89.48 -125.04
C ASP C 857 23.56 88.19 -125.29
N THR C 858 23.11 87.37 -126.25
CA THR C 858 23.83 86.12 -126.64
C THR C 858 24.21 86.26 -128.11
N VAL C 859 25.03 85.36 -128.64
CA VAL C 859 25.47 85.40 -130.05
C VAL C 859 24.28 85.19 -130.99
N GLN C 860 23.21 84.53 -130.50
CA GLN C 860 22.00 84.26 -131.31
C GLN C 860 21.51 85.52 -132.03
N ILE C 861 21.20 85.40 -133.32
CA ILE C 861 20.65 86.56 -134.08
C ILE C 861 19.25 86.16 -134.58
N VAL C 862 18.31 87.11 -134.62
CA VAL C 862 16.90 86.85 -135.08
C VAL C 862 16.80 87.21 -136.55
N LEU C 863 16.95 88.50 -136.89
CA LEU C 863 16.83 89.00 -138.28
C LEU C 863 15.50 88.54 -138.89
N PRO C 864 14.35 88.71 -138.21
CA PRO C 864 13.05 88.26 -138.74
C PRO C 864 12.65 89.06 -139.99
N PRO C 865 12.50 88.45 -141.19
CA PRO C 865 12.21 89.23 -142.39
C PRO C 865 10.86 89.94 -142.22
N HIS C 866 9.97 89.36 -141.42
CA HIS C 866 8.61 89.89 -141.22
C HIS C 866 8.62 91.12 -140.29
N LEU C 867 9.75 91.45 -139.64
CA LEU C 867 9.83 92.63 -138.78
C LEU C 867 10.70 93.75 -139.36
N GLU C 868 11.20 93.57 -140.59
CA GLU C 868 12.05 94.58 -141.21
C GLU C 868 11.32 95.88 -141.52
N ARG C 869 10.06 95.81 -141.99
CA ARG C 869 9.31 97.04 -142.28
C ARG C 869 9.08 97.82 -141.00
N ILE C 870 8.69 97.12 -139.94
CA ILE C 870 8.35 97.83 -138.75
C ILE C 870 9.66 98.40 -138.13
N ARG C 871 10.80 97.76 -138.37
CA ARG C 871 12.08 98.33 -137.89
C ARG C 871 12.25 99.75 -138.44
N GLU C 872 11.99 99.92 -139.72
CA GLU C 872 12.09 101.22 -140.39
C GLU C 872 11.08 102.24 -139.83
N LYS C 873 9.82 101.84 -139.74
CA LYS C 873 8.80 102.75 -139.23
C LYS C 873 9.06 103.13 -137.77
N LEU C 874 9.54 102.17 -136.97
CA LEU C 874 9.89 102.44 -135.59
C LEU C 874 11.02 103.48 -135.51
N ALA C 875 12.06 103.29 -136.31
CA ALA C 875 13.17 104.24 -136.28
C ALA C 875 12.68 105.64 -136.66
N GLU C 876 11.79 105.72 -137.65
CA GLU C 876 11.26 107.02 -138.09
C GLU C 876 10.52 107.70 -136.93
N ASN C 877 9.66 106.97 -136.23
CA ASN C 877 8.93 107.64 -135.17
C ASN C 877 9.79 107.99 -133.98
N ILE C 878 10.78 107.14 -133.67
CA ILE C 878 11.71 107.47 -132.61
C ILE C 878 12.46 108.78 -132.90
N HIS C 879 12.82 108.98 -134.17
CA HIS C 879 13.46 110.23 -134.59
C HIS C 879 12.55 111.44 -134.42
N GLU C 880 11.30 111.31 -134.83
CA GLU C 880 10.35 112.39 -134.66
C GLU C 880 10.17 112.76 -133.20
N LEU C 881 10.09 111.74 -132.32
CA LEU C 881 9.96 112.00 -130.91
C LEU C 881 11.20 112.67 -130.32
N TRP C 882 12.37 112.21 -130.77
CA TRP C 882 13.64 112.78 -130.30
C TRP C 882 13.73 114.23 -130.71
N ALA C 883 13.39 114.50 -131.97
CA ALA C 883 13.47 115.87 -132.46
C ALA C 883 12.51 116.80 -131.70
N LEU C 884 11.29 116.32 -131.46
CA LEU C 884 10.36 117.09 -130.66
C LEU C 884 10.92 117.43 -129.26
N THR C 885 11.55 116.45 -128.60
CA THR C 885 12.14 116.62 -127.25
C THR C 885 13.22 117.70 -127.32
N ARG C 886 14.07 117.70 -128.36
CA ARG C 886 15.16 118.71 -128.56
C ARG C 886 14.52 120.07 -128.79
N ILE C 887 13.54 120.16 -129.66
CA ILE C 887 12.96 121.45 -130.06
C ILE C 887 12.21 122.08 -128.88
N GLU C 888 11.53 121.27 -128.07
CA GLU C 888 10.94 121.80 -126.84
C GLU C 888 11.96 122.45 -125.92
N GLN C 889 13.16 121.90 -125.89
CA GLN C 889 14.24 122.45 -125.07
C GLN C 889 15.10 123.49 -125.76
N GLY C 890 14.58 124.12 -126.82
CA GLY C 890 15.22 125.29 -127.41
C GLY C 890 16.23 124.94 -128.49
N TRP C 891 16.35 123.67 -128.88
CA TRP C 891 17.27 123.32 -129.95
C TRP C 891 16.69 123.71 -131.31
N THR C 892 17.58 124.12 -132.18
CA THR C 892 17.23 124.50 -133.55
C THR C 892 18.26 123.93 -134.50
N TYR C 893 17.97 123.97 -135.80
CA TYR C 893 18.89 123.38 -136.78
C TYR C 893 20.14 124.19 -137.02
N GLY C 894 21.26 123.48 -137.09
CA GLY C 894 22.43 124.05 -137.72
C GLY C 894 23.32 122.93 -138.22
N PRO C 895 24.18 123.24 -139.22
CA PRO C 895 24.93 122.15 -139.86
C PRO C 895 26.04 121.60 -138.99
N VAL C 896 26.48 122.36 -138.00
CA VAL C 896 27.49 121.90 -137.05
C VAL C 896 26.92 122.04 -135.66
N ARG C 897 26.99 120.95 -134.89
CA ARG C 897 26.51 120.96 -133.54
C ARG C 897 27.14 122.06 -132.69
N ASP C 898 26.32 122.75 -131.89
CA ASP C 898 26.82 123.76 -130.96
C ASP C 898 25.95 123.66 -129.72
N ASP C 899 26.52 123.12 -128.64
CA ASP C 899 25.76 122.89 -127.42
C ASP C 899 25.31 124.18 -126.72
N ASN C 900 26.11 125.23 -126.83
CA ASN C 900 25.79 126.50 -126.17
C ASN C 900 24.62 127.21 -126.87
N LYS C 901 24.70 127.32 -128.19
CA LYS C 901 23.61 127.88 -129.00
C LYS C 901 22.45 126.87 -129.26
N ARG C 902 22.63 125.62 -128.85
CA ARG C 902 21.70 124.52 -129.02
C ARG C 902 21.32 124.36 -130.49
N LEU C 903 22.36 124.21 -131.31
CA LEU C 903 22.21 123.92 -132.72
C LEU C 903 22.54 122.44 -132.96
N HIS C 904 21.72 121.75 -133.75
CA HIS C 904 21.96 120.31 -134.00
C HIS C 904 21.63 119.98 -135.44
N PRO C 905 22.53 119.26 -136.11
CA PRO C 905 22.29 118.92 -137.52
C PRO C 905 21.28 117.82 -137.73
N CYS C 906 20.86 117.11 -136.70
CA CYS C 906 19.92 116.02 -136.91
C CYS C 906 18.49 116.49 -136.89
N LEU C 907 18.26 117.80 -136.77
CA LEU C 907 16.89 118.32 -136.80
C LEU C 907 16.47 118.56 -138.26
N VAL C 908 16.30 117.43 -138.94
CA VAL C 908 16.01 117.29 -140.35
C VAL C 908 15.05 116.11 -140.49
N ASN C 909 14.42 115.98 -141.66
CA ASN C 909 13.64 114.77 -141.95
C ASN C 909 14.52 113.52 -141.80
N PHE C 910 13.95 112.43 -141.30
CA PHE C 910 14.70 111.20 -141.12
C PHE C 910 15.46 110.80 -142.38
N HIS C 911 14.79 110.86 -143.53
CA HIS C 911 15.33 110.47 -144.83
C HIS C 911 16.47 111.38 -145.29
N SER C 912 16.56 112.55 -144.64
CA SER C 912 17.61 113.52 -144.95
C SER C 912 18.84 113.44 -144.03
N LEU C 913 18.79 112.58 -143.02
CA LEU C 913 19.98 112.32 -142.24
C LEU C 913 21.06 111.70 -143.10
N PRO C 914 22.34 111.94 -142.75
CA PRO C 914 23.45 111.19 -143.35
C PRO C 914 23.25 109.69 -143.23
N GLU C 915 23.71 108.93 -144.22
CA GLU C 915 23.42 107.50 -144.26
C GLU C 915 23.92 106.79 -143.00
N PRO C 916 25.11 107.15 -142.49
CA PRO C 916 25.57 106.45 -141.28
C PRO C 916 24.69 106.69 -140.05
N GLU C 917 24.08 107.87 -139.96
CA GLU C 917 23.21 108.20 -138.85
C GLU C 917 21.87 107.47 -139.01
N ARG C 918 21.35 107.44 -140.22
CA ARG C 918 20.15 106.66 -140.52
C ARG C 918 20.40 105.18 -140.16
N ASN C 919 21.56 104.67 -140.56
CA ASN C 919 21.87 103.26 -140.32
C ASN C 919 21.98 102.98 -138.81
N TYR C 920 22.63 103.87 -138.06
CA TYR C 920 22.69 103.71 -136.61
C TYR C 920 21.27 103.67 -136.00
N ASN C 921 20.39 104.56 -136.45
CA ASN C 921 19.04 104.60 -135.94
C ASN C 921 18.28 103.31 -136.24
N LEU C 922 18.48 102.79 -137.44
CA LEU C 922 17.84 101.54 -137.85
C LEU C 922 18.41 100.40 -137.03
N GLN C 923 19.71 100.42 -136.78
CA GLN C 923 20.31 99.36 -135.94
C GLN C 923 19.72 99.38 -134.55
N MET C 924 19.53 100.57 -133.97
CA MET C 924 19.00 100.69 -132.61
C MET C 924 17.53 100.22 -132.53
N SER C 925 16.73 100.61 -133.52
CA SER C 925 15.35 100.14 -133.61
C SER C 925 15.31 98.62 -133.72
N GLY C 926 16.19 98.05 -134.54
CA GLY C 926 16.28 96.61 -134.71
C GLY C 926 16.69 95.95 -133.41
N GLU C 927 17.58 96.59 -132.64
CA GLU C 927 17.99 95.94 -131.40
C GLU C 927 16.92 96.08 -130.32
N THR C 928 16.02 97.07 -130.38
CA THR C 928 14.85 97.05 -129.48
C THR C 928 13.99 95.82 -129.80
N LEU C 929 13.77 95.61 -131.08
CA LEU C 929 12.96 94.48 -131.52
C LEU C 929 13.64 93.16 -131.16
N LYS C 930 14.95 93.03 -131.41
CA LYS C 930 15.65 91.79 -131.10
C LYS C 930 15.66 91.53 -129.59
N THR C 931 15.76 92.59 -128.80
CA THR C 931 15.77 92.39 -127.34
C THR C 931 14.37 91.98 -126.85
N LEU C 932 13.30 92.54 -127.43
CA LEU C 932 11.95 92.02 -127.14
C LEU C 932 11.87 90.54 -127.42
N LEU C 933 12.37 90.10 -128.58
CA LEU C 933 12.32 88.69 -128.92
C LEU C 933 13.19 87.83 -127.97
N ALA C 934 14.34 88.37 -127.52
CA ALA C 934 15.22 87.61 -126.63
C ALA C 934 14.55 87.47 -125.28
N LEU C 935 13.74 88.44 -124.91
CA LEU C 935 12.95 88.37 -123.67
C LEU C 935 11.74 87.46 -123.81
N GLY C 936 11.60 86.83 -124.98
CA GLY C 936 10.54 85.85 -125.17
C GLY C 936 9.21 86.40 -125.67
N CYS C 937 9.15 87.70 -126.00
CA CYS C 937 7.91 88.28 -126.52
C CYS C 937 7.54 87.66 -127.88
N HIS C 938 6.23 87.50 -128.08
CA HIS C 938 5.65 87.13 -129.37
C HIS C 938 5.23 88.46 -130.01
N VAL C 939 5.78 88.78 -131.18
CA VAL C 939 5.50 90.06 -131.84
C VAL C 939 4.99 89.76 -133.24
N GLY C 940 3.77 90.17 -133.52
CA GLY C 940 3.16 89.80 -134.81
C GLY C 940 2.00 90.72 -135.17
N MET C 941 1.73 90.84 -136.46
CA MET C 941 0.64 91.70 -136.91
C MET C 941 -0.70 91.16 -136.44
N ALA C 942 -1.51 92.03 -135.84
CA ALA C 942 -2.85 91.67 -135.38
C ALA C 942 -3.98 92.50 -135.99
N ASP C 943 -3.73 93.78 -136.26
CA ASP C 943 -4.76 94.67 -136.81
C ASP C 943 -4.20 95.34 -138.04
N GLU C 944 -4.53 94.78 -139.21
CA GLU C 944 -3.99 95.31 -140.46
C GLU C 944 -4.54 96.68 -140.81
N LYS C 945 -5.63 97.09 -140.14
CA LYS C 945 -6.22 98.42 -140.38
C LYS C 945 -5.58 99.54 -139.57
N ALA C 946 -4.80 99.18 -138.56
CA ALA C 946 -4.35 100.18 -137.62
C ALA C 946 -3.44 101.23 -138.27
N GLU C 947 -2.54 100.80 -139.14
CA GLU C 947 -1.58 101.73 -139.72
C GLU C 947 -2.28 102.86 -140.51
N ASP C 948 -3.25 102.55 -141.36
CA ASP C 948 -3.84 103.64 -142.16
C ASP C 948 -4.84 104.46 -141.35
N ASN C 949 -5.09 104.06 -140.12
CA ASN C 949 -5.87 104.91 -139.20
C ASN C 949 -5.01 105.77 -138.29
N LEU C 950 -3.69 105.59 -138.31
CA LEU C 950 -2.79 106.45 -137.52
C LEU C 950 -2.82 107.89 -138.04
N LYS C 951 -2.71 108.82 -137.09
CA LYS C 951 -2.56 110.23 -137.40
C LYS C 951 -1.32 110.74 -136.73
N LYS C 952 -0.77 111.80 -137.30
CA LYS C 952 0.40 112.42 -136.69
C LYS C 952 -0.01 113.63 -135.85
N THR C 953 0.76 113.88 -134.81
CA THR C 953 0.60 115.10 -134.02
C THR C 953 0.92 116.32 -134.86
N LYS C 954 0.02 117.31 -134.84
CA LYS C 954 0.20 118.54 -135.62
C LYS C 954 0.65 119.68 -134.71
N LEU C 955 1.93 119.97 -134.79
CA LEU C 955 2.54 121.00 -133.95
C LEU C 955 2.42 122.37 -134.58
N PRO C 956 2.37 123.45 -133.76
CA PRO C 956 2.36 124.77 -134.36
C PRO C 956 3.68 125.17 -135.02
N LYS C 957 3.65 126.25 -135.78
CA LYS C 957 4.77 126.65 -136.62
C LYS C 957 5.99 127.03 -135.80
N THR C 958 5.78 127.24 -134.51
CA THR C 958 6.87 127.51 -133.58
C THR C 958 7.78 126.31 -133.35
N TYR C 959 7.39 125.14 -133.90
CA TYR C 959 8.21 123.95 -133.87
C TYR C 959 8.94 123.68 -135.19
N MET C 960 8.84 124.63 -136.11
CA MET C 960 9.44 124.56 -137.43
C MET C 960 10.90 125.01 -137.42
N MET C 961 11.78 124.20 -138.03
CA MET C 961 13.19 124.60 -138.16
C MET C 961 13.38 125.42 -139.42
N SER C 962 14.55 126.04 -139.53
CA SER C 962 14.83 126.95 -140.65
C SER C 962 14.94 126.25 -141.99
N ASN C 963 15.10 124.93 -141.93
CA ASN C 963 15.18 124.09 -143.14
C ASN C 963 13.83 123.52 -143.53
N GLY C 964 12.77 123.97 -142.86
CA GLY C 964 11.42 123.50 -143.15
C GLY C 964 10.97 122.24 -142.43
N TYR C 965 11.87 121.62 -141.69
CA TYR C 965 11.54 120.41 -140.93
C TYR C 965 10.73 120.76 -139.69
N LYS C 966 9.60 120.09 -139.53
CA LYS C 966 8.81 120.16 -138.29
C LYS C 966 8.50 118.73 -137.88
N PRO C 967 8.82 118.35 -136.66
CA PRO C 967 8.52 116.97 -136.29
C PRO C 967 7.05 116.68 -136.29
N ALA C 968 6.72 115.41 -136.56
CA ALA C 968 5.33 114.97 -136.60
C ALA C 968 5.26 113.54 -136.08
N PRO C 969 5.51 113.38 -134.78
CA PRO C 969 5.40 112.03 -134.24
C PRO C 969 3.99 111.53 -134.29
N LEU C 970 3.85 110.20 -134.29
CA LEU C 970 2.53 109.62 -134.26
C LEU C 970 1.74 110.03 -133.02
N ASP C 971 0.45 110.26 -133.21
CA ASP C 971 -0.46 110.41 -132.08
C ASP C 971 -0.82 109.03 -131.58
N LEU C 972 -0.19 108.64 -130.48
CA LEU C 972 -0.43 107.33 -129.87
C LEU C 972 -1.29 107.45 -128.62
N SER C 973 -2.07 108.52 -128.52
CA SER C 973 -2.84 108.74 -127.28
C SER C 973 -3.86 107.64 -126.99
N HIS C 974 -4.30 106.91 -128.01
CA HIS C 974 -5.25 105.83 -127.85
C HIS C 974 -4.62 104.50 -127.39
N VAL C 975 -3.31 104.41 -127.46
CA VAL C 975 -2.63 103.16 -127.14
C VAL C 975 -2.51 103.00 -125.62
N ARG C 976 -2.83 101.80 -125.16
CA ARG C 976 -2.70 101.47 -123.74
C ARG C 976 -1.93 100.16 -123.58
N LEU C 977 -0.74 100.20 -122.98
CA LEU C 977 0.03 98.97 -122.68
C LEU C 977 -0.80 98.06 -121.77
N THR C 978 -0.81 96.76 -122.10
CA THR C 978 -1.36 95.73 -121.21
C THR C 978 -0.37 95.52 -120.07
N PRO C 979 -0.79 94.81 -119.01
CA PRO C 979 0.20 94.52 -117.95
C PRO C 979 1.44 93.77 -118.43
N ALA C 980 1.26 92.77 -119.29
CA ALA C 980 2.41 92.03 -119.83
C ALA C 980 3.32 92.94 -120.64
N GLN C 981 2.74 93.92 -121.36
CA GLN C 981 3.54 94.85 -122.13
C GLN C 981 4.30 95.86 -121.27
N THR C 982 3.66 96.34 -120.22
CA THR C 982 4.33 97.18 -119.25
C THR C 982 5.53 96.45 -118.67
N THR C 983 5.33 95.17 -118.36
CA THR C 983 6.40 94.37 -117.82
C THR C 983 7.51 94.20 -118.82
N LEU C 984 7.10 94.07 -120.08
CA LEU C 984 8.03 93.94 -121.20
C LEU C 984 8.87 95.21 -121.35
N VAL C 985 8.29 96.39 -121.13
CA VAL C 985 9.03 97.67 -121.18
C VAL C 985 10.03 97.76 -120.01
N ASP C 986 9.59 97.34 -118.83
CA ASP C 986 10.43 97.36 -117.63
C ASP C 986 11.63 96.41 -117.81
N ARG C 987 11.42 95.29 -118.53
CA ARG C 987 12.48 94.30 -118.81
C ARG C 987 13.39 94.74 -119.96
N LEU C 988 12.84 95.41 -120.97
CA LEU C 988 13.60 95.79 -122.19
C LEU C 988 14.61 96.87 -121.82
N ALA C 989 14.28 97.76 -120.89
CA ALA C 989 15.13 98.89 -120.54
C ALA C 989 16.25 98.45 -119.62
N GLU C 990 15.94 97.57 -118.66
CA GLU C 990 16.97 97.09 -117.76
C GLU C 990 18.05 96.32 -118.54
N ASN C 991 17.62 95.47 -119.47
CA ASN C 991 18.60 94.71 -120.25
C ASN C 991 19.44 95.65 -121.12
N GLY C 992 18.79 96.64 -121.75
CA GLY C 992 19.53 97.56 -122.60
C GLY C 992 20.57 98.34 -121.82
N HIS C 993 20.21 98.77 -120.62
CA HIS C 993 21.17 99.47 -119.76
C HIS C 993 22.30 98.54 -119.37
N ASN C 994 22.00 97.28 -119.05
CA ASN C 994 23.07 96.37 -118.64
C ASN C 994 24.03 96.07 -119.79
N VAL C 995 23.50 95.92 -121.01
CA VAL C 995 24.36 95.70 -122.17
C VAL C 995 25.26 96.91 -122.39
N TRP C 996 24.71 98.13 -122.28
CA TRP C 996 25.56 99.30 -122.42
C TRP C 996 26.59 99.36 -121.31
N ALA C 997 26.22 98.96 -120.10
CA ALA C 997 27.14 99.01 -118.98
C ALA C 997 28.31 98.08 -119.23
N ARG C 998 28.01 96.84 -119.64
CA ARG C 998 29.07 95.87 -119.86
C ARG C 998 29.91 96.26 -121.06
N ASP C 999 29.33 96.93 -122.05
CA ASP C 999 30.13 97.45 -123.15
C ASP C 999 31.12 98.50 -122.67
N ARG C 1000 30.68 99.38 -121.77
CA ARG C 1000 31.59 100.38 -121.25
C ARG C 1000 32.66 99.73 -120.38
N VAL C 1001 32.28 98.70 -119.62
CA VAL C 1001 33.27 98.00 -118.79
C VAL C 1001 34.33 97.37 -119.69
N ALA C 1002 33.90 96.76 -120.78
CA ALA C 1002 34.84 96.20 -121.74
C ALA C 1002 35.71 97.29 -122.34
N GLN C 1003 35.17 98.50 -122.48
CA GLN C 1003 35.95 99.62 -122.97
C GLN C 1003 36.86 100.21 -121.89
N GLY C 1004 36.72 99.76 -120.65
CA GLY C 1004 37.63 100.15 -119.59
C GLY C 1004 37.16 101.21 -118.63
N TRP C 1005 35.89 101.65 -118.68
CA TRP C 1005 35.37 102.67 -117.73
C TRP C 1005 35.04 102.06 -116.35
N SER C 1006 34.91 102.87 -115.28
CA SER C 1006 34.57 102.39 -113.89
C SER C 1006 33.64 103.40 -113.21
N TYR C 1007 32.71 102.97 -112.34
CA TYR C 1007 31.69 103.81 -111.64
C TYR C 1007 32.30 104.86 -110.70
N SER C 1008 31.83 106.14 -110.68
CA SER C 1008 32.28 107.19 -109.72
C SER C 1008 31.39 108.43 -109.63
N ALA C 1009 31.01 108.85 -108.41
CA ALA C 1009 30.20 110.09 -108.15
C ALA C 1009 30.81 111.28 -108.88
N VAL C 1010 32.09 111.58 -108.64
CA VAL C 1010 32.79 112.71 -109.32
C VAL C 1010 33.11 112.26 -110.76
N GLN C 1011 32.22 112.57 -111.71
CA GLN C 1011 32.45 112.23 -113.13
C GLN C 1011 33.82 112.77 -113.52
N ASP C 1012 34.63 111.98 -114.24
CA ASP C 1012 35.99 112.36 -114.62
C ASP C 1012 36.27 111.70 -115.97
N ILE C 1013 36.04 112.47 -117.05
CA ILE C 1013 36.24 111.92 -118.39
C ILE C 1013 37.70 111.50 -118.62
N PRO C 1014 38.69 112.33 -118.34
CA PRO C 1014 40.08 111.86 -118.52
C PRO C 1014 40.42 110.67 -117.67
N ALA C 1015 39.83 110.54 -116.49
CA ALA C 1015 40.06 109.39 -115.61
C ALA C 1015 39.15 108.22 -115.94
N ARG C 1016 38.28 108.35 -116.95
CA ARG C 1016 37.39 107.27 -117.35
C ARG C 1016 36.50 106.81 -116.20
N ARG C 1017 36.00 107.77 -115.42
CA ARG C 1017 35.09 107.49 -114.32
C ARG C 1017 33.74 108.13 -114.60
N ASN C 1018 32.67 107.34 -114.47
CA ASN C 1018 31.33 107.78 -114.82
C ASN C 1018 30.39 107.52 -113.64
N PRO C 1019 29.60 108.51 -113.22
CA PRO C 1019 28.73 108.29 -112.06
C PRO C 1019 27.65 107.24 -112.25
N ARG C 1020 27.20 107.02 -113.49
CA ARG C 1020 26.11 106.09 -113.74
C ARG C 1020 26.58 104.75 -114.29
N LEU C 1021 27.88 104.49 -114.27
CA LEU C 1021 28.43 103.22 -114.76
C LEU C 1021 28.21 102.12 -113.72
N VAL C 1022 26.93 101.83 -113.50
CA VAL C 1022 26.52 100.80 -112.54
C VAL C 1022 25.37 100.01 -113.13
N PRO C 1023 25.20 98.77 -112.68
CA PRO C 1023 24.06 97.97 -113.15
C PRO C 1023 22.74 98.67 -112.86
N TYR C 1024 21.72 98.26 -113.62
CA TYR C 1024 20.37 98.86 -113.53
C TYR C 1024 19.77 98.56 -112.16
N ARG C 1025 20.03 97.41 -111.53
CA ARG C 1025 19.35 97.18 -110.23
C ARG C 1025 19.62 98.40 -109.33
N LEU C 1026 20.88 98.85 -109.28
CA LEU C 1026 21.24 100.01 -108.42
C LEU C 1026 21.46 101.24 -109.31
N LEU C 1027 20.39 101.94 -109.69
CA LEU C 1027 20.45 103.17 -110.53
C LEU C 1027 19.54 104.23 -109.92
N ASP C 1028 19.66 105.50 -110.32
CA ASP C 1028 18.73 106.51 -109.84
C ASP C 1028 17.41 106.44 -110.58
N GLU C 1029 16.34 106.76 -109.85
CA GLU C 1029 15.00 106.65 -110.43
C GLU C 1029 14.80 107.66 -111.55
N ALA C 1030 15.46 108.81 -111.47
CA ALA C 1030 15.29 109.83 -112.51
C ALA C 1030 15.73 109.31 -113.87
N THR C 1031 16.91 108.70 -113.95
CA THR C 1031 17.33 108.13 -115.22
C THR C 1031 16.61 106.84 -115.56
N LYS C 1032 16.25 106.02 -114.54
CA LYS C 1032 15.53 104.81 -114.90
C LYS C 1032 14.21 105.16 -115.55
N ARG C 1033 13.52 106.18 -115.00
CA ARG C 1033 12.27 106.62 -115.59
C ARG C 1033 12.50 107.30 -116.93
N SER C 1034 13.60 108.03 -117.10
CA SER C 1034 13.82 108.71 -118.38
C SER C 1034 13.98 107.70 -119.50
N ASN C 1035 14.97 106.81 -119.36
CA ASN C 1035 15.33 105.83 -120.42
C ASN C 1035 14.14 104.89 -120.58
N ARG C 1036 13.39 104.68 -119.51
CA ARG C 1036 12.21 103.79 -119.55
C ARG C 1036 11.18 104.41 -120.48
N ASP C 1037 11.10 105.75 -120.63
CA ASP C 1037 9.97 106.29 -121.38
C ASP C 1037 10.20 106.16 -122.88
N SER C 1038 11.44 106.25 -123.33
CA SER C 1038 11.75 106.08 -124.73
C SER C 1038 11.37 104.66 -125.18
N LEU C 1039 11.70 103.67 -124.35
CA LEU C 1039 11.35 102.31 -124.66
C LEU C 1039 9.83 102.09 -124.61
N CYS C 1040 9.14 102.76 -123.70
CA CYS C 1040 7.68 102.71 -123.66
C CYS C 1040 7.14 103.24 -124.98
N GLN C 1041 7.65 104.37 -125.46
CA GLN C 1041 7.14 104.88 -126.70
C GLN C 1041 7.47 103.99 -127.88
N ALA C 1042 8.63 103.34 -127.86
CA ALA C 1042 8.93 102.35 -128.90
C ALA C 1042 7.91 101.23 -128.93
N VAL C 1043 7.61 100.65 -127.78
CA VAL C 1043 6.61 99.59 -127.72
C VAL C 1043 5.22 100.12 -128.11
N ARG C 1044 4.85 101.33 -127.67
CA ARG C 1044 3.55 101.87 -128.06
C ARG C 1044 3.49 102.16 -129.56
N THR C 1045 4.62 102.51 -130.18
CA THR C 1045 4.68 102.67 -131.64
C THR C 1045 4.35 101.34 -132.35
N LEU C 1046 4.94 100.24 -131.86
CA LEU C 1046 4.67 98.93 -132.45
C LEU C 1046 3.19 98.61 -132.37
N LEU C 1047 2.63 98.85 -131.19
CA LEU C 1047 1.19 98.62 -130.99
C LEU C 1047 0.35 99.51 -131.89
N GLY C 1048 0.76 100.76 -132.03
CA GLY C 1048 0.06 101.70 -132.91
C GLY C 1048 -0.02 101.24 -134.35
N TYR C 1049 1.05 100.57 -134.80
CA TYR C 1049 1.06 100.02 -136.16
C TYR C 1049 0.30 98.70 -136.33
N GLY C 1050 -0.30 98.22 -135.25
CA GLY C 1050 -1.17 97.06 -135.32
C GLY C 1050 -0.54 95.76 -134.83
N TYR C 1051 0.68 95.81 -134.30
CA TYR C 1051 1.32 94.59 -133.78
C TYR C 1051 0.74 94.26 -132.40
N ASN C 1052 0.53 92.97 -132.17
CA ASN C 1052 0.29 92.48 -130.82
C ASN C 1052 1.63 92.06 -130.23
N ILE C 1053 1.77 92.24 -128.93
CA ILE C 1053 2.98 91.88 -128.20
C ILE C 1053 2.51 91.12 -126.95
N GLU C 1054 2.88 89.85 -126.83
CA GLU C 1054 2.42 89.01 -125.70
C GLU C 1054 3.57 88.20 -125.12
N SER C 1067 22.75 83.14 -95.60
CA SER C 1067 22.70 81.69 -95.44
C SER C 1067 21.32 81.24 -95.01
N ARG C 1068 21.13 79.93 -94.87
CA ARG C 1068 19.82 79.39 -94.49
C ARG C 1068 19.48 79.73 -93.04
N TRP C 1069 20.49 79.90 -92.19
CA TRP C 1069 20.24 80.08 -90.76
C TRP C 1069 20.18 81.54 -90.34
N ASP C 1070 20.92 82.43 -91.00
CA ASP C 1070 20.90 83.84 -90.64
C ASP C 1070 19.72 84.54 -91.30
N ARG C 1071 18.53 84.01 -91.08
CA ARG C 1071 17.31 84.59 -91.63
C ARG C 1071 16.27 84.93 -90.57
N VAL C 1072 16.11 84.09 -89.55
CA VAL C 1072 15.12 84.29 -88.50
C VAL C 1072 15.86 84.38 -87.17
N ARG C 1073 15.50 85.40 -86.38
CA ARG C 1073 16.11 85.62 -85.07
C ARG C 1073 15.05 85.50 -83.99
N ILE C 1074 15.26 84.55 -83.08
CA ILE C 1074 14.29 84.19 -82.04
C ILE C 1074 14.71 84.82 -80.72
N PHE C 1075 13.76 85.51 -80.08
CA PHE C 1075 13.92 86.12 -78.76
C PHE C 1075 12.95 85.48 -77.79
N ARG C 1076 13.43 85.08 -76.61
CA ARG C 1076 12.58 84.47 -75.61
C ARG C 1076 13.02 84.91 -74.21
N ALA C 1077 12.09 84.80 -73.27
CA ALA C 1077 12.38 85.06 -71.88
C ALA C 1077 13.23 83.95 -71.27
N GLU C 1078 13.82 84.25 -70.12
CA GLU C 1078 14.60 83.27 -69.38
C GLU C 1078 13.71 82.19 -68.77
N LYS C 1079 14.28 81.00 -68.60
CA LYS C 1079 13.54 79.86 -68.08
C LYS C 1079 13.12 80.03 -66.63
N SER C 1080 13.78 80.91 -65.87
CA SER C 1080 13.40 81.14 -64.49
C SER C 1080 12.06 81.84 -64.34
N TYR C 1081 11.51 82.40 -65.41
CA TYR C 1081 10.22 83.07 -65.38
C TYR C 1081 9.08 82.18 -65.83
N THR C 1082 9.30 80.87 -65.88
CA THR C 1082 8.26 79.95 -66.35
C THR C 1082 7.03 80.03 -65.46
N VAL C 1083 5.87 80.12 -66.10
CA VAL C 1083 4.58 80.21 -65.42
C VAL C 1083 3.81 78.92 -65.66
N GLN C 1084 3.23 78.37 -64.60
CA GLN C 1084 2.44 77.16 -64.69
C GLN C 1084 0.98 77.35 -64.27
N SER C 1085 0.57 78.58 -63.95
CA SER C 1085 -0.80 78.84 -63.54
C SER C 1085 -1.11 80.30 -63.75
N GLY C 1086 -2.41 80.63 -63.66
CA GLY C 1086 -2.86 82.00 -63.74
C GLY C 1086 -3.16 82.47 -65.15
N ARG C 1087 -3.48 83.76 -65.22
CA ARG C 1087 -3.81 84.43 -66.48
C ARG C 1087 -2.83 85.57 -66.70
N TRP C 1088 -2.23 85.59 -67.89
CA TRP C 1088 -1.13 86.50 -68.20
C TRP C 1088 -1.36 87.21 -69.53
N TYR C 1089 -0.77 88.39 -69.65
CA TYR C 1089 -0.96 89.31 -70.78
C TYR C 1089 0.34 89.99 -71.15
N PHE C 1090 0.57 90.14 -72.46
CA PHE C 1090 1.68 90.99 -72.91
C PHE C 1090 1.38 91.49 -74.32
N GLU C 1091 2.11 92.54 -74.72
CA GLU C 1091 1.87 93.18 -76.01
C GLU C 1091 3.11 93.12 -76.90
N PHE C 1092 2.86 93.07 -78.21
CA PHE C 1092 3.94 93.12 -79.20
C PHE C 1092 3.55 94.09 -80.30
N GLU C 1093 4.34 95.15 -80.49
CA GLU C 1093 4.08 96.14 -81.52
C GLU C 1093 4.94 95.83 -82.74
N ALA C 1094 4.30 95.78 -83.91
CA ALA C 1094 4.98 95.49 -85.17
C ALA C 1094 5.35 96.81 -85.85
N VAL C 1095 6.60 97.24 -85.70
CA VAL C 1095 7.01 98.47 -86.40
C VAL C 1095 6.94 98.26 -87.91
N THR C 1096 7.42 97.11 -88.37
CA THR C 1096 7.34 96.74 -89.78
C THR C 1096 6.16 95.80 -90.00
N THR C 1097 5.96 95.39 -91.25
CA THR C 1097 4.84 94.53 -91.62
C THR C 1097 5.30 93.22 -92.25
N GLY C 1098 6.59 92.89 -92.14
CA GLY C 1098 7.13 91.70 -92.77
C GLY C 1098 6.85 90.43 -91.97
N GLU C 1099 7.79 89.49 -92.07
CA GLU C 1099 7.64 88.16 -91.46
C GLU C 1099 7.95 88.26 -89.98
N MET C 1100 6.90 88.24 -89.15
CA MET C 1100 7.08 88.19 -87.71
C MET C 1100 6.04 87.27 -87.08
N ARG C 1101 6.50 86.51 -86.09
CA ARG C 1101 5.66 85.59 -85.35
C ARG C 1101 5.79 85.88 -83.87
N VAL C 1102 4.71 85.73 -83.12
CA VAL C 1102 4.73 86.02 -81.68
C VAL C 1102 3.79 85.06 -80.97
N GLY C 1103 4.18 84.61 -79.78
CA GLY C 1103 3.33 83.71 -79.04
C GLY C 1103 3.93 83.14 -77.78
N TRP C 1104 3.62 81.87 -77.49
CA TRP C 1104 4.12 81.21 -76.29
C TRP C 1104 4.88 79.95 -76.66
N ALA C 1105 5.98 79.70 -75.95
CA ALA C 1105 6.85 78.56 -76.22
C ALA C 1105 7.21 77.86 -74.92
N ARG C 1106 7.51 76.57 -75.04
CA ARG C 1106 7.96 75.79 -73.90
C ARG C 1106 9.44 76.00 -73.65
N PRO C 1107 9.91 75.71 -72.44
CA PRO C 1107 11.33 75.97 -72.11
C PRO C 1107 12.30 75.25 -73.02
N GLU C 1108 11.93 74.08 -73.54
CA GLU C 1108 12.84 73.26 -74.35
C GLU C 1108 12.83 73.68 -75.82
N LEU C 1109 12.45 74.90 -76.13
CA LEU C 1109 12.40 75.36 -77.51
C LEU C 1109 13.78 75.24 -78.16
N ARG C 1110 13.80 74.74 -79.39
CA ARG C 1110 15.05 74.56 -80.13
C ARG C 1110 15.35 75.80 -80.96
N PRO C 1111 16.60 76.31 -80.93
CA PRO C 1111 16.88 77.57 -81.61
C PRO C 1111 16.97 77.46 -83.12
N ASP C 1112 17.18 76.27 -83.67
CA ASP C 1112 17.39 76.09 -85.10
C ASP C 1112 16.13 75.70 -85.85
N VAL C 1113 14.97 75.70 -85.18
CA VAL C 1113 13.70 75.34 -85.79
C VAL C 1113 12.80 76.57 -85.80
N GLU C 1114 12.18 76.83 -86.95
CA GLU C 1114 11.24 77.93 -87.05
C GLU C 1114 10.07 77.73 -86.09
N LEU C 1115 9.60 78.82 -85.51
CA LEU C 1115 8.53 78.74 -84.52
C LEU C 1115 7.27 78.14 -85.13
N GLY C 1116 6.67 77.21 -84.40
CA GLY C 1116 5.42 76.59 -84.80
C GLY C 1116 5.56 75.37 -85.67
N ALA C 1117 6.75 75.08 -86.19
CA ALA C 1117 6.95 73.87 -86.98
C ALA C 1117 6.87 72.61 -86.15
N ASP C 1118 6.92 72.72 -84.82
CA ASP C 1118 6.84 71.56 -83.94
C ASP C 1118 5.79 71.79 -82.86
N GLU C 1119 5.74 70.89 -81.88
CA GLU C 1119 4.75 70.95 -80.81
C GLU C 1119 5.19 71.81 -79.63
N LEU C 1120 6.33 72.48 -79.74
CA LEU C 1120 6.90 73.24 -78.63
C LEU C 1120 6.52 74.71 -78.66
N ALA C 1121 5.65 75.14 -79.56
CA ALA C 1121 5.31 76.55 -79.65
C ALA C 1121 3.92 76.73 -80.21
N TYR C 1122 3.22 77.74 -79.68
CA TYR C 1122 1.90 78.17 -80.14
C TYR C 1122 2.07 79.64 -80.52
N VAL C 1123 2.24 79.91 -81.82
CA VAL C 1123 2.57 81.27 -82.25
C VAL C 1123 1.58 81.75 -83.30
N PHE C 1124 1.51 83.06 -83.44
CA PHE C 1124 0.69 83.73 -84.44
C PHE C 1124 1.60 84.44 -85.42
N ASN C 1125 1.44 84.13 -86.71
CA ASN C 1125 2.23 84.72 -87.79
C ASN C 1125 1.41 85.87 -88.37
N GLY C 1126 1.93 87.10 -88.18
CA GLY C 1126 1.19 88.29 -88.57
C GLY C 1126 1.41 88.81 -89.97
N HIS C 1127 2.39 88.31 -90.73
CA HIS C 1127 2.54 88.77 -92.11
C HIS C 1127 1.31 88.40 -92.91
N ARG C 1128 0.83 87.18 -92.74
CA ARG C 1128 -0.46 86.73 -93.25
C ARG C 1128 -1.13 86.03 -92.08
N GLY C 1129 -2.33 86.45 -91.73
CA GLY C 1129 -2.93 85.96 -90.51
C GLY C 1129 -2.94 84.46 -90.46
N GLN C 1130 -2.05 83.89 -89.64
CA GLN C 1130 -1.99 82.44 -89.47
C GLN C 1130 -1.68 82.10 -88.03
N ARG C 1131 -2.15 80.93 -87.59
CA ARG C 1131 -1.75 80.38 -86.32
C ARG C 1131 -0.94 79.12 -86.56
N TRP C 1132 0.18 79.00 -85.82
CA TRP C 1132 1.16 77.96 -86.05
C TRP C 1132 1.29 77.11 -84.79
N HIS C 1133 0.97 75.83 -84.93
CA HIS C 1133 1.30 74.81 -83.93
C HIS C 1133 1.22 73.47 -84.64
N LEU C 1134 2.37 72.82 -84.85
CA LEU C 1134 2.42 71.58 -85.61
C LEU C 1134 1.77 71.74 -86.98
N GLY C 1135 1.99 72.90 -87.58
CA GLY C 1135 1.40 73.24 -88.87
C GLY C 1135 0.79 74.62 -88.84
N SER C 1136 0.30 75.03 -90.01
CA SER C 1136 -0.28 76.35 -90.21
C SER C 1136 -1.75 76.22 -90.58
N GLU C 1137 -2.56 77.12 -90.04
CA GLU C 1137 -3.97 77.22 -90.39
C GLU C 1137 -4.39 78.68 -90.38
N PRO C 1138 -5.32 79.07 -91.27
CA PRO C 1138 -5.70 80.49 -91.34
C PRO C 1138 -6.31 80.97 -90.03
N PHE C 1139 -6.03 82.22 -89.69
CA PHE C 1139 -6.55 82.80 -88.46
C PHE C 1139 -6.37 84.31 -88.51
N GLY C 1140 -7.46 85.05 -88.30
CA GLY C 1140 -7.37 86.50 -88.25
C GLY C 1140 -7.11 87.12 -89.61
N ARG C 1141 -6.56 88.33 -89.56
CA ARG C 1141 -6.27 89.14 -90.72
C ARG C 1141 -4.87 89.71 -90.62
N PRO C 1142 -4.24 90.04 -91.75
CA PRO C 1142 -2.90 90.64 -91.70
C PRO C 1142 -2.92 92.00 -91.01
N TRP C 1143 -1.81 92.29 -90.33
CA TRP C 1143 -1.67 93.55 -89.57
C TRP C 1143 -1.09 94.65 -90.46
N GLN C 1144 -0.98 95.86 -89.94
CA GLN C 1144 -0.37 97.00 -90.60
C GLN C 1144 0.70 97.58 -89.68
N SER C 1145 1.39 98.61 -90.17
CA SER C 1145 2.46 99.22 -89.41
C SER C 1145 1.91 99.86 -88.13
N GLY C 1146 2.57 99.58 -87.01
CA GLY C 1146 2.18 100.12 -85.73
C GLY C 1146 1.16 99.31 -84.96
N ASP C 1147 0.65 98.22 -85.54
CA ASP C 1147 -0.35 97.43 -84.85
C ASP C 1147 0.25 96.69 -83.66
N VAL C 1148 -0.54 96.59 -82.60
CA VAL C 1148 -0.15 95.94 -81.34
C VAL C 1148 -0.97 94.68 -81.17
N VAL C 1149 -0.30 93.56 -80.96
CA VAL C 1149 -0.94 92.27 -80.75
C VAL C 1149 -0.88 91.95 -79.27
N GLY C 1150 -2.04 91.74 -78.66
CA GLY C 1150 -2.12 91.38 -77.26
C GLY C 1150 -2.32 89.90 -77.01
N CYS C 1151 -1.26 89.25 -76.55
CA CYS C 1151 -1.25 87.81 -76.28
C CYS C 1151 -1.65 87.54 -74.84
N MET C 1152 -2.72 86.76 -74.64
CA MET C 1152 -3.26 86.44 -73.33
C MET C 1152 -3.32 84.93 -73.20
N ILE C 1153 -2.81 84.41 -72.08
CA ILE C 1153 -2.86 82.98 -71.79
C ILE C 1153 -3.59 82.74 -70.48
N ASP C 1154 -4.48 81.74 -70.48
CA ASP C 1154 -5.28 81.35 -69.32
C ASP C 1154 -4.97 79.90 -69.01
N LEU C 1155 -4.23 79.66 -67.91
CA LEU C 1155 -3.84 78.32 -67.53
C LEU C 1155 -4.89 77.59 -66.72
N THR C 1156 -5.97 78.27 -66.31
CA THR C 1156 -7.06 77.60 -65.62
C THR C 1156 -8.07 77.02 -66.59
N GLU C 1157 -8.31 77.72 -67.71
CA GLU C 1157 -9.15 77.21 -68.78
C GLU C 1157 -8.34 76.58 -69.90
N ASN C 1158 -7.01 76.64 -69.82
CA ASN C 1158 -6.13 76.05 -70.83
C ASN C 1158 -6.42 76.63 -72.22
N THR C 1159 -6.36 77.95 -72.32
CA THR C 1159 -6.66 78.62 -73.58
C THR C 1159 -5.67 79.74 -73.86
N ILE C 1160 -5.51 80.04 -75.15
CA ILE C 1160 -4.67 81.14 -75.62
C ILE C 1160 -5.51 82.04 -76.51
N ILE C 1161 -5.51 83.33 -76.22
CA ILE C 1161 -6.31 84.32 -76.94
C ILE C 1161 -5.38 85.38 -77.51
N PHE C 1162 -5.56 85.70 -78.79
CA PHE C 1162 -4.82 86.76 -79.45
C PHE C 1162 -5.77 87.90 -79.78
N THR C 1163 -5.37 89.13 -79.48
CA THR C 1163 -6.15 90.31 -79.80
C THR C 1163 -5.34 91.24 -80.71
N LEU C 1164 -6.04 91.95 -81.58
CA LEU C 1164 -5.43 92.90 -82.50
C LEU C 1164 -6.05 94.28 -82.29
N ASN C 1165 -5.24 95.23 -81.81
CA ASN C 1165 -5.67 96.61 -81.61
C ASN C 1165 -6.91 96.67 -80.71
N GLY C 1166 -6.95 95.81 -79.70
CA GLY C 1166 -8.05 95.76 -78.77
C GLY C 1166 -9.23 94.94 -79.23
N GLU C 1167 -9.20 94.43 -80.46
CA GLU C 1167 -10.29 93.62 -81.01
C GLU C 1167 -9.85 92.18 -81.01
N VAL C 1168 -10.68 91.30 -80.43
CA VAL C 1168 -10.35 89.88 -80.35
C VAL C 1168 -10.40 89.28 -81.75
N LEU C 1169 -9.35 88.55 -82.12
CA LEU C 1169 -9.30 87.92 -83.42
C LEU C 1169 -10.34 86.81 -83.53
N MET C 1170 -10.80 86.58 -84.76
CA MET C 1170 -11.89 85.65 -85.01
C MET C 1170 -11.42 84.61 -86.03
N SER C 1171 -11.78 83.35 -85.78
CA SER C 1171 -11.43 82.26 -86.67
C SER C 1171 -12.46 82.15 -87.78
N ASP C 1172 -12.38 81.07 -88.56
CA ASP C 1172 -13.37 80.83 -89.62
C ASP C 1172 -14.61 80.13 -89.08
N SER C 1173 -14.45 79.27 -88.08
CA SER C 1173 -15.56 78.50 -87.52
C SER C 1173 -16.25 79.21 -86.35
N GLY C 1174 -15.85 80.44 -86.03
CA GLY C 1174 -16.44 81.18 -84.95
C GLY C 1174 -15.85 80.93 -83.59
N SER C 1175 -14.79 80.12 -83.50
CA SER C 1175 -14.15 79.85 -82.22
C SER C 1175 -13.40 81.08 -81.74
N GLU C 1176 -13.74 81.56 -80.55
CA GLU C 1176 -13.09 82.72 -79.99
C GLU C 1176 -11.70 82.42 -79.43
N THR C 1177 -11.32 81.16 -79.33
CA THR C 1177 -10.01 80.75 -78.81
C THR C 1177 -9.20 80.12 -79.93
N ALA C 1178 -7.92 80.52 -80.02
CA ALA C 1178 -7.06 79.96 -81.04
C ALA C 1178 -6.69 78.52 -80.74
N PHE C 1179 -6.38 78.23 -79.47
CA PHE C 1179 -5.99 76.89 -79.06
C PHE C 1179 -6.71 76.54 -77.77
N ARG C 1180 -7.01 75.25 -77.62
CA ARG C 1180 -7.75 74.76 -76.45
C ARG C 1180 -7.16 73.42 -76.02
N GLU C 1181 -7.44 73.05 -74.78
CA GLU C 1181 -6.96 71.79 -74.21
C GLU C 1181 -5.44 71.69 -74.27
N ILE C 1182 -4.77 72.79 -73.92
CA ILE C 1182 -3.31 72.80 -73.90
C ILE C 1182 -2.83 72.22 -72.57
N GLU C 1183 -1.87 71.32 -72.65
CA GLU C 1183 -1.35 70.65 -71.46
C GLU C 1183 -0.43 71.59 -70.70
N ILE C 1184 -0.49 71.51 -69.36
CA ILE C 1184 0.31 72.38 -68.52
C ILE C 1184 1.79 72.03 -68.68
N GLY C 1185 2.16 70.82 -68.33
CA GLY C 1185 3.54 70.38 -68.47
C GLY C 1185 4.51 71.24 -67.69
N ASP C 1186 5.61 71.62 -68.35
CA ASP C 1186 6.62 72.43 -67.70
C ASP C 1186 6.17 73.88 -67.51
N GLY C 1187 5.40 74.40 -68.46
CA GLY C 1187 4.94 75.76 -68.45
C GLY C 1187 5.13 76.41 -69.80
N PHE C 1188 5.00 77.73 -69.83
CA PHE C 1188 5.06 78.49 -71.08
C PHE C 1188 5.86 79.76 -70.87
N LEU C 1189 6.45 80.26 -71.96
CA LEU C 1189 7.23 81.47 -71.95
C LEU C 1189 6.87 82.32 -73.16
N PRO C 1190 6.82 83.64 -73.02
CA PRO C 1190 6.64 84.50 -74.19
C PRO C 1190 7.81 84.37 -75.15
N VAL C 1191 7.50 84.39 -76.45
CA VAL C 1191 8.50 84.15 -77.48
C VAL C 1191 8.11 84.95 -78.72
N CYS C 1192 9.13 85.35 -79.48
CA CYS C 1192 8.88 86.01 -80.75
C CYS C 1192 10.03 85.74 -81.71
N SER C 1193 9.70 85.75 -83.00
CA SER C 1193 10.69 85.54 -84.04
C SER C 1193 10.53 86.61 -85.11
N LEU C 1194 11.66 87.12 -85.59
CA LEU C 1194 11.69 88.19 -86.59
C LEU C 1194 12.48 87.74 -87.81
N GLY C 1195 11.97 88.07 -89.00
CA GLY C 1195 12.68 87.82 -90.23
C GLY C 1195 13.65 88.94 -90.54
N PRO C 1196 14.23 88.91 -91.74
CA PRO C 1196 15.19 89.95 -92.11
C PRO C 1196 14.54 91.31 -92.27
N GLY C 1197 15.16 92.33 -91.69
CA GLY C 1197 14.68 93.69 -91.83
C GLY C 1197 13.41 94.01 -91.06
N GLN C 1198 13.13 93.26 -90.00
CA GLN C 1198 11.90 93.44 -89.22
C GLN C 1198 12.23 94.07 -87.88
N VAL C 1199 11.35 94.97 -87.43
CA VAL C 1199 11.52 95.69 -86.17
C VAL C 1199 10.28 95.52 -85.32
N GLY C 1200 10.48 95.16 -84.05
CA GLY C 1200 9.35 95.00 -83.15
C GLY C 1200 9.65 95.41 -81.73
N HIS C 1201 8.62 95.84 -81.03
CA HIS C 1201 8.71 96.29 -79.65
C HIS C 1201 7.96 95.28 -78.78
N LEU C 1202 8.64 94.71 -77.79
CA LEU C 1202 8.03 93.75 -76.88
C LEU C 1202 7.77 94.42 -75.54
N ASN C 1203 6.52 94.40 -75.08
CA ASN C 1203 6.11 95.02 -73.83
C ASN C 1203 5.54 93.95 -72.92
N LEU C 1204 6.28 93.60 -71.87
CA LEU C 1204 5.85 92.62 -70.89
C LEU C 1204 5.01 93.21 -69.78
N GLY C 1205 4.74 94.52 -69.83
CA GLY C 1205 3.84 95.13 -68.88
C GLY C 1205 4.43 95.40 -67.52
N GLN C 1206 5.72 95.71 -67.44
CA GLN C 1206 6.30 96.11 -66.18
C GLN C 1206 5.69 97.42 -65.68
N ASP C 1207 5.44 98.34 -66.60
CA ASP C 1207 4.74 99.60 -66.31
C ASP C 1207 3.33 99.47 -66.88
N VAL C 1208 2.34 99.36 -65.99
CA VAL C 1208 0.97 99.13 -66.43
C VAL C 1208 0.45 100.30 -67.26
N SER C 1209 0.94 101.51 -67.00
CA SER C 1209 0.50 102.66 -67.76
C SER C 1209 0.99 102.65 -69.20
N SER C 1210 2.07 101.91 -69.48
CA SER C 1210 2.59 101.87 -70.84
C SER C 1210 1.72 101.02 -71.78
N LEU C 1211 0.94 100.10 -71.23
CA LEU C 1211 0.07 99.28 -72.06
C LEU C 1211 -1.02 100.14 -72.70
N ARG C 1212 -1.30 99.88 -73.97
CA ARG C 1212 -2.20 100.72 -74.75
C ARG C 1212 -3.61 100.16 -74.87
N PHE C 1213 -3.80 98.85 -74.70
CA PHE C 1213 -5.11 98.24 -74.84
C PHE C 1213 -5.44 97.27 -73.71
N PHE C 1214 -4.63 97.26 -72.64
CA PHE C 1214 -4.89 96.35 -71.53
C PHE C 1214 -6.22 96.65 -70.87
N ALA C 1215 -6.52 97.94 -70.67
CA ALA C 1215 -7.80 98.32 -70.10
C ALA C 1215 -8.95 98.02 -71.05
N ILE C 1216 -8.71 98.20 -72.35
CA ILE C 1216 -9.77 97.97 -73.34
C ILE C 1216 -10.17 96.50 -73.36
N CYS C 1217 -9.18 95.61 -73.35
CA CYS C 1217 -9.47 94.17 -73.41
C CYS C 1217 -8.41 93.43 -72.61
N GLY C 1218 -8.81 92.86 -71.48
CA GLY C 1218 -7.92 92.07 -70.66
C GLY C 1218 -8.03 92.40 -69.19
N LEU C 1219 -8.35 93.66 -68.88
CA LEU C 1219 -8.42 94.09 -67.49
C LEU C 1219 -9.58 93.46 -66.76
N GLN C 1220 -10.77 93.51 -67.35
CA GLN C 1220 -11.98 93.04 -66.66
C GLN C 1220 -12.09 91.52 -66.64
N GLU C 1221 -11.33 90.83 -67.48
CA GLU C 1221 -11.37 89.37 -67.53
C GLU C 1221 -10.45 88.72 -66.50
N GLY C 1222 -9.70 89.51 -65.74
CA GLY C 1222 -8.83 88.98 -64.71
C GLY C 1222 -7.40 88.76 -65.14
N PHE C 1223 -7.00 89.23 -66.31
CA PHE C 1223 -5.64 89.01 -66.78
C PHE C 1223 -4.69 90.02 -66.12
N GLU C 1224 -3.47 89.58 -65.86
CA GLU C 1224 -2.46 90.42 -65.26
C GLU C 1224 -1.24 90.55 -66.18
N PRO C 1225 -0.52 91.65 -66.12
CA PRO C 1225 0.72 91.77 -66.89
C PRO C 1225 1.72 90.70 -66.49
N PHE C 1226 2.48 90.23 -67.48
CA PHE C 1226 3.41 89.12 -67.23
C PHE C 1226 4.50 89.51 -66.24
N ALA C 1227 4.86 90.78 -66.18
CA ALA C 1227 5.95 91.26 -65.35
C ALA C 1227 5.49 92.32 -64.37
N ILE C 1228 4.35 92.10 -63.75
CA ILE C 1228 3.82 93.03 -62.75
C ILE C 1228 4.55 92.79 -61.45
N ASN C 1229 4.86 93.87 -60.74
CA ASN C 1229 5.56 93.80 -59.46
C ASN C 1229 6.91 93.09 -59.62
N MET C 1230 7.80 93.77 -60.35
CA MET C 1230 9.14 93.27 -60.62
C MET C 1230 10.12 94.42 -60.53
N GLN C 1231 11.22 94.19 -59.83
CA GLN C 1231 12.19 95.26 -59.58
C GLN C 1231 13.06 95.55 -60.79
N ARG C 1232 13.38 94.54 -61.59
CA ARG C 1232 14.29 94.70 -62.71
C ARG C 1232 13.68 94.14 -63.99
N PRO C 1233 14.08 94.65 -65.15
CA PRO C 1233 13.57 94.13 -66.42
C PRO C 1233 13.90 92.66 -66.60
N VAL C 1234 13.00 91.96 -67.30
CA VAL C 1234 13.16 90.53 -67.54
C VAL C 1234 14.33 90.29 -68.49
N THR C 1235 15.24 89.41 -68.09
CA THR C 1235 16.36 89.03 -68.93
C THR C 1235 15.89 88.23 -70.14
N THR C 1236 16.46 88.51 -71.30
CA THR C 1236 16.08 87.87 -72.55
C THR C 1236 17.25 87.11 -73.17
N TRP C 1237 16.94 85.98 -73.80
CA TRP C 1237 17.90 85.18 -74.53
C TRP C 1237 17.53 85.18 -76.01
N PHE C 1238 18.55 85.24 -76.86
CA PHE C 1238 18.36 85.27 -78.30
C PHE C 1238 19.15 84.15 -78.97
N SER C 1239 18.66 83.70 -80.12
CA SER C 1239 19.34 82.64 -80.85
C SER C 1239 20.51 83.21 -81.67
N LYS C 1240 21.73 82.95 -81.21
CA LYS C 1240 22.94 83.44 -81.87
C LYS C 1240 23.37 82.43 -82.92
N SER C 1241 23.53 82.90 -84.16
CA SER C 1241 23.91 82.04 -85.28
C SER C 1241 25.43 81.96 -85.43
N LEU C 1242 26.12 81.61 -84.36
CA LEU C 1242 27.57 81.42 -84.40
C LEU C 1242 27.90 79.94 -84.24
N PRO C 1243 28.43 79.27 -85.26
CA PRO C 1243 28.68 77.83 -85.13
C PRO C 1243 29.64 77.51 -84.01
N GLN C 1244 29.34 76.42 -83.30
CA GLN C 1244 30.16 75.93 -82.19
C GLN C 1244 30.22 74.42 -82.25
N PHE C 1245 31.31 73.87 -81.73
CA PHE C 1245 31.48 72.42 -81.64
C PHE C 1245 30.86 71.90 -80.36
N GLU C 1246 29.95 70.92 -80.49
CA GLU C 1246 29.29 70.32 -79.37
C GLU C 1246 29.36 68.81 -79.46
N PRO C 1247 29.31 68.11 -78.32
CA PRO C 1247 29.34 66.65 -78.35
C PRO C 1247 28.17 66.06 -79.13
N VAL C 1248 28.45 64.95 -79.80
CA VAL C 1248 27.40 64.25 -80.56
C VAL C 1248 26.39 63.65 -79.58
N PRO C 1249 25.10 63.93 -79.71
CA PRO C 1249 24.13 63.35 -78.79
C PRO C 1249 24.15 61.84 -78.84
N PRO C 1250 24.02 61.16 -77.71
CA PRO C 1250 23.99 59.68 -77.74
C PRO C 1250 22.81 59.11 -78.50
N GLU C 1251 21.74 59.87 -78.67
CA GLU C 1251 20.52 59.39 -79.31
C GLU C 1251 20.26 60.08 -80.64
N HIS C 1252 21.31 60.49 -81.33
CA HIS C 1252 21.13 61.17 -82.60
C HIS C 1252 20.48 60.22 -83.60
N PRO C 1253 19.42 60.64 -84.30
CA PRO C 1253 18.71 59.71 -85.19
C PRO C 1253 19.56 59.19 -86.33
N HIS C 1254 20.59 59.92 -86.75
CA HIS C 1254 21.34 59.58 -87.96
C HIS C 1254 22.77 59.12 -87.71
N TYR C 1255 23.40 59.59 -86.64
CA TYR C 1255 24.83 59.39 -86.44
C TYR C 1255 25.09 58.61 -85.15
N GLU C 1256 25.93 57.58 -85.24
CA GLU C 1256 26.31 56.76 -84.10
C GLU C 1256 27.83 56.64 -84.04
N VAL C 1257 28.38 56.77 -82.83
CA VAL C 1257 29.81 56.65 -82.59
C VAL C 1257 30.06 55.48 -81.64
N ALA C 1258 30.91 54.55 -82.07
CA ALA C 1258 31.25 53.36 -81.29
C ALA C 1258 32.71 53.41 -80.87
N ARG C 1259 32.95 53.20 -79.57
CA ARG C 1259 34.29 53.18 -79.00
C ARG C 1259 34.85 51.76 -79.03
N MET C 1260 35.82 51.51 -79.90
CA MET C 1260 36.42 50.19 -80.06
C MET C 1260 37.68 50.08 -79.22
N ASP C 1261 37.75 49.02 -78.43
CA ASP C 1261 38.94 48.77 -77.62
C ASP C 1261 40.09 48.27 -78.48
N GLY C 1262 41.31 48.53 -78.01
CA GLY C 1262 42.50 48.12 -78.73
C GLY C 1262 42.84 46.66 -78.53
N THR C 1263 42.93 45.91 -79.62
CA THR C 1263 43.26 44.49 -79.57
C THR C 1263 44.78 44.33 -79.60
N VAL C 1264 45.24 43.09 -79.79
CA VAL C 1264 46.67 42.83 -79.82
C VAL C 1264 47.30 43.47 -81.05
N ASP C 1265 46.60 43.44 -82.17
CA ASP C 1265 47.13 43.92 -83.44
C ASP C 1265 46.52 45.25 -83.90
N THR C 1266 45.56 45.79 -83.17
CA THR C 1266 44.92 47.04 -83.56
C THR C 1266 44.93 48.02 -82.40
N PRO C 1267 45.06 49.31 -82.68
CA PRO C 1267 45.01 50.31 -81.62
C PRO C 1267 43.58 50.73 -81.33
N PRO C 1268 43.36 51.51 -80.29
CA PRO C 1268 42.01 52.02 -80.03
C PRO C 1268 41.50 52.85 -81.20
N CYS C 1269 40.19 52.74 -81.45
CA CYS C 1269 39.58 53.43 -82.57
C CYS C 1269 38.25 54.04 -82.15
N LEU C 1270 37.85 55.07 -82.89
CA LEU C 1270 36.55 55.71 -82.79
C LEU C 1270 35.88 55.68 -84.16
N ARG C 1271 34.97 54.72 -84.37
CA ARG C 1271 34.40 54.50 -85.70
C ARG C 1271 33.07 55.24 -85.78
N LEU C 1272 32.84 55.94 -86.88
CA LEU C 1272 31.58 56.63 -87.11
C LEU C 1272 30.75 55.83 -88.12
N ALA C 1273 29.48 55.62 -87.80
CA ALA C 1273 28.58 54.89 -88.70
C ALA C 1273 27.26 55.62 -88.90
N HIS C 1274 26.73 55.52 -90.11
CA HIS C 1274 25.44 56.11 -90.47
C HIS C 1274 24.35 55.07 -90.23
N ARG C 1275 23.44 55.34 -89.29
CA ARG C 1275 22.45 54.36 -88.90
C ARG C 1275 21.17 54.40 -89.72
N THR C 1276 21.07 55.27 -90.72
CA THR C 1276 19.86 55.35 -91.53
C THR C 1276 20.16 55.47 -93.03
N TRP C 1277 21.34 55.05 -93.47
CA TRP C 1277 21.70 55.18 -94.87
C TRP C 1277 20.83 54.29 -95.73
N GLY C 1278 20.45 54.81 -96.91
CA GLY C 1278 19.69 54.07 -97.88
C GLY C 1278 18.18 54.16 -97.71
N SER C 1279 17.70 54.28 -96.48
CA SER C 1279 16.27 54.32 -96.24
C SER C 1279 15.70 55.70 -96.58
N GLN C 1280 14.38 55.77 -96.65
CA GLN C 1280 13.70 57.03 -96.90
C GLN C 1280 13.98 58.01 -95.75
N ASN C 1281 13.95 59.30 -96.08
CA ASN C 1281 14.15 60.40 -95.14
C ASN C 1281 15.58 60.48 -94.62
N SER C 1282 16.50 59.69 -95.17
CA SER C 1282 17.89 59.75 -94.74
C SER C 1282 18.47 61.15 -94.98
N LEU C 1283 19.25 61.63 -94.03
CA LEU C 1283 19.86 62.95 -94.10
C LEU C 1283 21.31 62.81 -94.55
N VAL C 1284 21.64 63.48 -95.66
CA VAL C 1284 22.99 63.47 -96.22
C VAL C 1284 23.47 64.91 -96.32
N GLU C 1285 24.51 65.24 -95.55
CA GLU C 1285 25.04 66.60 -95.57
C GLU C 1285 26.47 66.58 -95.03
N MET C 1286 27.17 67.70 -95.24
CA MET C 1286 28.54 67.85 -94.79
C MET C 1286 28.63 67.75 -93.27
N LEU C 1287 29.58 66.96 -92.78
CA LEU C 1287 29.78 66.74 -91.36
C LEU C 1287 31.16 67.20 -90.93
N PHE C 1288 31.21 68.07 -89.92
CA PHE C 1288 32.45 68.64 -89.41
C PHE C 1288 32.68 68.04 -88.02
N LEU C 1289 33.67 67.17 -87.89
CA LEU C 1289 33.99 66.47 -86.66
C LEU C 1289 35.36 66.87 -86.15
N ARG C 1290 35.52 66.86 -84.83
CA ARG C 1290 36.83 67.10 -84.23
C ARG C 1290 36.91 66.37 -82.89
N LEU C 1291 38.14 66.13 -82.45
CA LEU C 1291 38.37 65.53 -81.15
C LEU C 1291 38.29 66.60 -80.06
N SER C 1292 37.94 66.16 -78.85
CA SER C 1292 37.66 67.10 -77.77
C SER C 1292 38.92 67.75 -77.20
N LEU C 1293 40.11 67.20 -77.46
CA LEU C 1293 41.31 67.71 -76.82
C LEU C 1293 42.34 68.19 -77.84
N PRO C 1294 43.01 69.31 -77.59
CA PRO C 1294 44.01 69.81 -78.52
C PRO C 1294 45.43 69.36 -78.17
N VAL C 1295 46.34 69.59 -79.11
CA VAL C 1295 47.78 69.47 -78.88
C VAL C 1295 48.39 70.86 -78.96
N GLN C 1296 49.22 71.19 -77.97
CA GLN C 1296 49.82 72.51 -77.84
C GLN C 1296 51.31 72.43 -78.14
N PHE C 1297 51.77 73.27 -79.07
CA PHE C 1297 53.19 73.28 -79.40
C PHE C 1297 54.00 73.96 -78.31
N HIS C 1298 55.29 73.64 -78.29
CA HIS C 1298 56.18 74.15 -77.24
C HIS C 1298 56.36 75.65 -77.37
N GLN C 1299 56.67 76.28 -76.23
CA GLN C 1299 56.83 77.74 -76.20
C GLN C 1299 58.01 78.20 -77.03
N HIS C 1300 59.13 77.49 -76.97
CA HIS C 1300 60.35 77.87 -77.67
C HIS C 1300 60.82 76.74 -78.58
N PHE C 1301 61.22 77.11 -79.79
CA PHE C 1301 61.74 76.17 -80.76
C PHE C 1301 63.26 76.11 -80.68
N ARG C 1302 63.81 74.97 -81.10
CA ARG C 1302 65.25 74.80 -81.14
C ARG C 1302 65.86 75.70 -82.21
N CYS C 1303 67.18 75.65 -82.33
CA CYS C 1303 67.89 76.44 -83.32
C CYS C 1303 67.52 76.01 -84.74
N ASN C 1420 60.86 46.95 -85.92
CA ASN C 1420 59.55 46.91 -85.27
C ASN C 1420 59.68 47.12 -83.76
N ARG C 1421 60.91 47.25 -83.27
CA ARG C 1421 61.18 47.46 -81.85
C ARG C 1421 61.72 48.86 -81.65
N ASP C 1422 61.12 49.59 -80.70
CA ASP C 1422 61.49 50.97 -80.45
C ASP C 1422 62.80 51.05 -79.68
N ASP C 1423 63.65 52.00 -80.08
CA ASP C 1423 64.85 52.29 -79.32
C ASP C 1423 64.48 53.07 -78.07
N PRO C 1424 64.81 52.58 -76.87
CA PRO C 1424 64.31 53.26 -75.66
C PRO C 1424 64.75 54.71 -75.51
N GLU C 1425 65.99 55.04 -75.90
CA GLU C 1425 66.44 56.42 -75.73
C GLU C 1425 65.81 57.34 -76.78
N ILE C 1426 65.63 56.85 -77.99
CA ILE C 1426 65.00 57.70 -79.00
C ILE C 1426 63.55 57.91 -78.64
N ILE C 1427 62.86 56.84 -78.26
CA ILE C 1427 61.43 56.95 -77.99
C ILE C 1427 61.22 57.82 -76.74
N LEU C 1428 62.20 57.85 -75.84
CA LEU C 1428 62.09 58.67 -74.63
C LEU C 1428 62.53 60.11 -74.84
N ASN C 1429 63.21 60.41 -75.97
CA ASN C 1429 63.62 61.77 -76.24
C ASN C 1429 62.91 62.40 -77.45
N THR C 1430 62.04 61.67 -78.12
CA THR C 1430 61.39 62.19 -79.32
C THR C 1430 60.25 63.15 -78.96
N THR C 1431 59.97 64.07 -79.89
CA THR C 1431 58.88 65.03 -79.77
C THR C 1431 57.88 64.93 -80.92
N THR C 1432 57.88 63.81 -81.64
CA THR C 1432 57.00 63.58 -82.78
C THR C 1432 55.84 62.68 -82.36
N TYR C 1433 54.63 63.10 -82.73
CA TYR C 1433 53.40 62.37 -82.40
C TYR C 1433 52.62 62.07 -83.67
N TYR C 1434 51.88 60.95 -83.63
CA TYR C 1434 51.25 60.38 -84.80
C TYR C 1434 49.80 60.02 -84.50
N TYR C 1435 48.94 60.18 -85.50
CA TYR C 1435 47.59 59.61 -85.43
C TYR C 1435 47.07 59.40 -86.84
N SER C 1436 46.17 58.43 -87.03
CA SER C 1436 45.74 58.11 -88.38
C SER C 1436 44.22 58.02 -88.47
N VAL C 1437 43.70 58.23 -89.66
CA VAL C 1437 42.27 58.11 -89.92
C VAL C 1437 42.06 57.10 -91.03
N ARG C 1438 41.23 56.09 -90.77
CA ARG C 1438 40.91 55.04 -91.73
C ARG C 1438 39.55 55.33 -92.36
N VAL C 1439 39.55 55.62 -93.66
CA VAL C 1439 38.32 55.77 -94.42
C VAL C 1439 37.98 54.41 -95.01
N PHE C 1440 36.84 53.86 -94.61
CA PHE C 1440 36.45 52.52 -95.05
C PHE C 1440 36.17 52.47 -96.54
N ALA C 1441 36.35 51.28 -97.11
CA ALA C 1441 36.01 51.07 -98.51
C ALA C 1441 34.52 51.30 -98.75
N GLY C 1442 34.20 51.99 -99.83
CA GLY C 1442 32.86 52.40 -100.16
C GLY C 1442 32.62 53.88 -100.01
N GLN C 1443 33.31 54.53 -99.07
CA GLN C 1443 33.24 55.97 -98.92
C GLN C 1443 34.21 56.63 -99.88
N GLU C 1444 33.72 57.58 -100.66
CA GLU C 1444 34.53 58.20 -101.69
C GLU C 1444 35.66 59.01 -101.06
N PRO C 1445 36.93 58.73 -101.41
CA PRO C 1445 38.03 59.55 -100.88
C PRO C 1445 37.94 61.01 -101.28
N SER C 1446 37.30 61.30 -102.41
CA SER C 1446 37.17 62.68 -102.88
C SER C 1446 36.30 63.54 -101.97
N CYS C 1447 35.55 62.94 -101.05
CA CYS C 1447 34.70 63.68 -100.13
C CYS C 1447 35.21 63.68 -98.69
N VAL C 1448 36.50 63.46 -98.48
CA VAL C 1448 37.08 63.40 -97.15
C VAL C 1448 38.27 64.35 -97.07
N TRP C 1449 38.30 65.18 -96.03
CA TRP C 1449 39.42 66.04 -95.71
C TRP C 1449 39.89 65.74 -94.30
N VAL C 1450 41.19 65.49 -94.15
CA VAL C 1450 41.79 65.07 -92.88
C VAL C 1450 42.92 66.03 -92.53
N GLY C 1451 42.94 66.49 -91.27
CA GLY C 1451 44.00 67.36 -90.82
C GLY C 1451 43.76 67.93 -89.43
N TRP C 1452 43.99 69.23 -89.26
CA TRP C 1452 43.87 69.89 -87.98
C TRP C 1452 43.13 71.21 -88.17
N VAL C 1453 42.48 71.66 -87.10
CA VAL C 1453 41.79 72.95 -87.08
C VAL C 1453 42.18 73.71 -85.81
N THR C 1454 42.35 75.02 -85.95
CA THR C 1454 42.55 75.88 -84.79
C THR C 1454 41.22 76.09 -84.07
N PRO C 1455 41.27 76.49 -82.78
CA PRO C 1455 40.04 76.66 -82.01
C PRO C 1455 39.13 77.78 -82.50
N ASP C 1456 39.52 78.54 -83.51
CA ASP C 1456 38.74 79.67 -84.01
C ASP C 1456 38.15 79.37 -85.39
N TYR C 1457 37.72 78.14 -85.61
CA TYR C 1457 37.08 77.75 -86.86
C TYR C 1457 35.57 77.77 -86.69
N HIS C 1458 34.90 78.65 -87.44
CA HIS C 1458 33.45 78.78 -87.38
C HIS C 1458 32.88 78.97 -88.79
N GLN C 1459 33.35 78.18 -89.75
CA GLN C 1459 32.95 78.39 -91.14
C GLN C 1459 31.62 77.70 -91.43
N HIS C 1460 31.59 76.37 -91.33
CA HIS C 1460 30.38 75.57 -91.57
C HIS C 1460 29.80 75.86 -92.96
N ASP C 1461 30.57 75.48 -93.98
CA ASP C 1461 30.19 75.69 -95.37
C ASP C 1461 29.66 74.38 -95.96
N MET C 1462 28.48 74.43 -96.56
CA MET C 1462 27.88 73.26 -97.19
C MET C 1462 28.52 72.89 -98.52
N ASN C 1463 29.39 73.74 -99.06
CA ASN C 1463 30.11 73.48 -100.31
C ASN C 1463 31.61 73.62 -100.07
N PHE C 1464 32.09 73.00 -99.01
CA PHE C 1464 33.46 73.21 -98.56
C PHE C 1464 34.46 72.66 -99.57
N ASP C 1465 35.53 73.43 -99.76
CA ASP C 1465 36.66 73.05 -100.65
C ASP C 1465 37.91 73.61 -99.98
N LEU C 1466 39.10 73.18 -100.37
CA LEU C 1466 40.34 73.72 -99.85
C LEU C 1466 40.60 75.15 -100.31
N SER C 1467 39.92 75.62 -101.34
CA SER C 1467 40.08 77.00 -101.78
C SER C 1467 39.36 78.00 -100.89
N LYS C 1468 38.38 77.55 -100.11
CA LYS C 1468 37.67 78.43 -99.20
C LYS C 1468 38.39 78.64 -97.87
N VAL C 1469 39.49 77.94 -97.63
CA VAL C 1469 40.18 78.06 -96.35
C VAL C 1469 40.79 79.45 -96.24
N ARG C 1470 40.56 80.10 -95.10
CA ARG C 1470 41.10 81.44 -94.87
C ARG C 1470 42.62 81.38 -94.76
N ALA C 1471 43.28 82.36 -95.38
CA ALA C 1471 44.73 82.44 -95.38
C ALA C 1471 45.14 83.90 -95.44
N VAL C 1472 46.31 84.20 -94.88
CA VAL C 1472 46.84 85.56 -94.95
C VAL C 1472 48.32 85.53 -94.63
N THR C 1473 49.08 86.37 -95.35
CA THR C 1473 50.52 86.49 -95.16
C THR C 1473 50.87 87.85 -94.59
N VAL C 1474 51.57 87.85 -93.47
CA VAL C 1474 52.06 89.06 -92.82
C VAL C 1474 53.55 89.21 -93.16
N THR C 1475 53.88 90.30 -93.86
CA THR C 1475 55.22 90.55 -94.37
C THR C 1475 55.81 91.78 -93.68
N MET C 1476 57.02 91.62 -93.14
CA MET C 1476 57.76 92.68 -92.48
C MET C 1476 59.02 93.01 -93.28
N GLY C 1477 59.43 94.26 -93.19
CA GLY C 1477 60.61 94.73 -93.92
C GLY C 1477 61.25 95.85 -93.14
N ASP C 1478 62.38 96.34 -93.68
CA ASP C 1478 63.08 97.44 -93.05
C ASP C 1478 62.56 98.76 -93.61
N GLU C 1479 63.27 99.86 -93.32
CA GLU C 1479 62.84 101.17 -93.80
C GLU C 1479 62.80 101.23 -95.33
N GLN C 1480 63.56 100.37 -96.01
CA GLN C 1480 63.64 100.41 -97.47
C GLN C 1480 63.39 99.04 -98.10
N GLY C 1481 62.61 98.18 -97.45
CA GLY C 1481 62.27 96.89 -98.01
C GLY C 1481 62.99 95.73 -97.36
N ASN C 1482 63.69 94.92 -98.16
CA ASN C 1482 64.52 93.84 -97.65
C ASN C 1482 63.69 92.93 -96.73
N VAL C 1483 62.73 92.25 -97.33
CA VAL C 1483 61.81 91.40 -96.58
C VAL C 1483 62.62 90.45 -95.72
N HIS C 1484 62.47 90.56 -94.40
CA HIS C 1484 63.14 89.68 -93.46
C HIS C 1484 62.22 88.76 -92.69
N SER C 1485 60.90 88.85 -92.88
CA SER C 1485 59.98 87.95 -92.18
C SER C 1485 58.66 87.89 -92.92
N SER C 1486 58.23 86.68 -93.29
CA SER C 1486 56.98 86.49 -94.04
C SER C 1486 56.25 85.30 -93.44
N LEU C 1487 55.36 85.56 -92.48
CA LEU C 1487 54.62 84.50 -91.84
C LEU C 1487 53.28 84.27 -92.54
N LYS C 1488 52.83 83.01 -92.51
CA LYS C 1488 51.57 82.60 -93.12
C LYS C 1488 50.62 82.09 -92.05
N CYS C 1489 49.39 82.61 -92.05
CA CYS C 1489 48.40 82.31 -91.03
C CYS C 1489 47.16 81.71 -91.68
N SER C 1490 46.62 80.69 -91.02
CA SER C 1490 45.40 80.02 -91.44
C SER C 1490 44.80 79.31 -90.23
N ASN C 1491 43.52 78.94 -90.36
CA ASN C 1491 42.81 78.24 -89.30
C ASN C 1491 42.50 76.78 -89.62
N CYS C 1492 42.90 76.29 -90.80
CA CYS C 1492 42.59 74.93 -91.20
C CYS C 1492 43.75 74.39 -92.02
N TYR C 1493 44.43 73.38 -91.48
CA TYR C 1493 45.54 72.72 -92.16
C TYR C 1493 45.15 71.28 -92.47
N MET C 1494 44.68 71.05 -93.70
CA MET C 1494 44.15 69.76 -94.09
C MET C 1494 44.67 69.37 -95.46
N VAL C 1495 44.52 68.09 -95.79
CA VAL C 1495 44.82 67.56 -97.10
C VAL C 1495 43.55 66.94 -97.68
N TRP C 1496 43.48 66.88 -99.01
CA TRP C 1496 42.32 66.32 -99.69
C TRP C 1496 42.54 64.84 -99.96
N GLY C 1497 41.54 64.03 -99.63
CA GLY C 1497 41.61 62.60 -99.90
C GLY C 1497 41.63 62.24 -101.37
N GLY C 1498 41.19 63.16 -102.24
CA GLY C 1498 41.20 62.93 -103.67
C GLY C 1498 42.57 63.02 -104.33
N ASP C 1499 43.58 63.45 -103.60
CA ASP C 1499 44.94 63.52 -104.12
C ASP C 1499 45.71 62.21 -103.93
N PHE C 1500 45.11 61.23 -103.28
CA PHE C 1500 45.76 59.96 -102.99
C PHE C 1500 45.06 58.80 -103.68
N VAL C 1501 44.36 59.08 -104.78
CA VAL C 1501 43.63 58.06 -105.51
C VAL C 1501 44.48 57.54 -106.66
N HIS C 1511 38.19 49.89 -103.58
CA HIS C 1511 37.77 48.62 -102.99
C HIS C 1511 38.68 48.24 -101.83
N THR C 1512 39.30 49.25 -101.21
CA THR C 1512 40.24 49.03 -100.13
C THR C 1512 40.26 50.24 -99.22
N ASP C 1513 40.33 50.00 -97.92
CA ASP C 1513 40.36 51.09 -96.95
C ASP C 1513 41.63 51.92 -97.12
N LEU C 1514 41.50 53.21 -96.87
CA LEU C 1514 42.61 54.16 -96.99
C LEU C 1514 42.94 54.72 -95.61
N VAL C 1515 44.19 54.58 -95.18
CA VAL C 1515 44.62 54.98 -93.85
C VAL C 1515 45.61 56.14 -93.94
N ILE C 1516 45.09 57.35 -93.85
CA ILE C 1516 45.91 58.56 -93.92
C ILE C 1516 46.46 58.90 -92.54
N GLY C 1517 47.79 58.96 -92.42
CA GLY C 1517 48.44 59.27 -91.17
C GLY C 1517 48.95 60.70 -91.10
N CYS C 1518 48.94 61.27 -89.89
CA CYS C 1518 49.38 62.63 -89.64
C CYS C 1518 50.44 62.62 -88.56
N LEU C 1519 51.56 63.31 -88.83
CA LEU C 1519 52.69 63.44 -87.92
C LEU C 1519 52.92 64.90 -87.59
N VAL C 1520 53.06 65.20 -86.29
CA VAL C 1520 53.34 66.55 -85.81
C VAL C 1520 54.57 66.50 -84.91
N ASP C 1521 55.52 67.40 -85.13
CA ASP C 1521 56.71 67.52 -84.29
C ASP C 1521 56.57 68.77 -83.43
N LEU C 1522 56.34 68.57 -82.13
CA LEU C 1522 56.05 69.69 -81.24
C LEU C 1522 57.26 70.57 -80.96
N ALA C 1523 58.46 70.09 -81.24
CA ALA C 1523 59.67 70.86 -80.97
C ALA C 1523 60.11 71.73 -82.13
N THR C 1524 59.48 71.59 -83.29
CA THR C 1524 59.83 72.39 -84.46
C THR C 1524 58.63 73.05 -85.13
N GLY C 1525 57.41 72.66 -84.78
CA GLY C 1525 56.24 73.22 -85.42
C GLY C 1525 55.99 72.71 -86.82
N LEU C 1526 56.51 71.53 -87.15
CA LEU C 1526 56.39 70.96 -88.48
C LEU C 1526 55.35 69.84 -88.50
N MET C 1527 54.49 69.87 -89.53
CA MET C 1527 53.41 68.92 -89.69
C MET C 1527 53.53 68.26 -91.06
N THR C 1528 53.46 66.93 -91.08
CA THR C 1528 53.59 66.14 -92.29
C THR C 1528 52.50 65.09 -92.35
N PHE C 1529 52.29 64.52 -93.54
CA PHE C 1529 51.23 63.55 -93.74
C PHE C 1529 51.77 62.37 -94.54
N THR C 1530 51.15 61.21 -94.32
CA THR C 1530 51.49 59.98 -95.03
C THR C 1530 50.23 59.36 -95.63
N ALA C 1531 50.36 58.85 -96.84
CA ALA C 1531 49.27 58.17 -97.55
C ALA C 1531 49.70 56.74 -97.83
N ASN C 1532 49.09 55.79 -97.12
CA ASN C 1532 49.37 54.37 -97.29
C ASN C 1532 50.85 54.07 -97.14
N GLY C 1533 51.50 54.75 -96.20
CA GLY C 1533 52.92 54.57 -95.96
C GLY C 1533 53.83 55.39 -96.85
N LYS C 1534 53.28 56.12 -97.81
CA LYS C 1534 54.07 56.94 -98.72
C LYS C 1534 54.01 58.40 -98.29
N GLU C 1535 55.18 59.03 -98.17
CA GLU C 1535 55.26 60.41 -97.74
C GLU C 1535 54.61 61.32 -98.77
N SER C 1536 53.79 62.26 -98.30
CA SER C 1536 53.15 63.23 -99.16
C SER C 1536 54.03 64.47 -99.31
N ASN C 1537 53.79 65.22 -100.38
CA ASN C 1537 54.57 66.43 -100.63
C ASN C 1537 54.16 67.59 -99.74
N THR C 1538 52.90 67.61 -99.31
CA THR C 1538 52.40 68.73 -98.53
C THR C 1538 52.96 68.71 -97.11
N PHE C 1539 53.22 69.91 -96.57
CA PHE C 1539 53.66 70.05 -95.20
C PHE C 1539 53.26 71.42 -94.69
N PHE C 1540 53.25 71.58 -93.37
CA PHE C 1540 52.88 72.86 -92.77
C PHE C 1540 53.85 73.23 -91.65
N GLN C 1541 53.97 74.53 -91.42
CA GLN C 1541 54.77 75.09 -90.35
C GLN C 1541 53.92 76.02 -89.51
N VAL C 1542 54.00 75.89 -88.19
CA VAL C 1542 53.15 76.63 -87.25
C VAL C 1542 54.03 77.31 -86.21
N GLU C 1543 53.41 78.24 -85.47
CA GLU C 1543 54.08 79.01 -84.45
C GLU C 1543 54.18 78.23 -83.14
N PRO C 1544 55.05 78.67 -82.22
CA PRO C 1544 55.30 77.88 -81.00
C PRO C 1544 54.08 77.65 -80.12
N ASN C 1545 53.21 78.65 -79.96
CA ASN C 1545 52.12 78.56 -79.00
C ASN C 1545 50.82 78.06 -79.62
N THR C 1546 50.90 77.41 -80.78
CA THR C 1546 49.70 76.99 -81.49
C THR C 1546 49.03 75.79 -80.83
N LYS C 1547 47.70 75.86 -80.74
CA LYS C 1547 46.85 74.75 -80.34
C LYS C 1547 46.17 74.19 -81.58
N LEU C 1548 46.25 72.87 -81.77
CA LEU C 1548 45.64 72.23 -82.93
C LEU C 1548 44.73 71.09 -82.48
N PHE C 1549 43.48 71.07 -83.03
CA PHE C 1549 42.50 70.02 -82.79
C PHE C 1549 42.44 69.06 -83.96
N PRO C 1550 42.58 67.75 -83.75
CA PRO C 1550 42.37 66.78 -84.84
C PRO C 1550 40.95 66.82 -85.37
N ALA C 1551 40.80 67.06 -86.67
CA ALA C 1551 39.49 67.30 -87.25
C ALA C 1551 39.36 66.59 -88.59
N VAL C 1552 38.14 66.14 -88.88
CA VAL C 1552 37.79 65.51 -90.15
C VAL C 1552 36.51 66.12 -90.70
N PHE C 1553 36.55 66.56 -91.95
CA PHE C 1553 35.39 67.06 -92.67
C PHE C 1553 35.00 66.01 -93.72
N VAL C 1554 33.78 65.50 -93.64
CA VAL C 1554 33.38 64.37 -94.49
C VAL C 1554 31.94 64.53 -94.95
N LEU C 1555 31.69 64.14 -96.21
CA LEU C 1555 30.34 63.98 -96.72
C LEU C 1555 30.00 62.51 -96.78
N PRO C 1556 29.12 61.99 -95.93
CA PRO C 1556 28.88 60.54 -95.91
C PRO C 1556 28.31 60.03 -97.23
N THR C 1557 28.75 58.84 -97.62
CA THR C 1557 28.20 58.15 -98.79
C THR C 1557 28.03 56.65 -98.55
N HIS C 1558 28.11 56.19 -97.31
CA HIS C 1558 28.04 54.77 -97.01
C HIS C 1558 27.69 54.62 -95.54
N GLN C 1559 27.32 53.39 -95.16
CA GLN C 1559 26.97 53.13 -93.77
C GLN C 1559 28.17 53.35 -92.86
N ASN C 1560 29.33 52.82 -93.24
CA ASN C 1560 30.56 53.04 -92.49
C ASN C 1560 31.35 54.15 -93.15
N VAL C 1561 31.63 55.21 -92.39
CA VAL C 1561 32.19 56.43 -92.95
C VAL C 1561 33.68 56.52 -92.64
N ILE C 1562 34.04 56.63 -91.36
CA ILE C 1562 35.44 56.81 -90.99
C ILE C 1562 35.77 56.11 -89.68
N GLN C 1563 37.03 56.18 -89.27
CA GLN C 1563 37.47 55.59 -88.01
C GLN C 1563 38.77 56.24 -87.59
N PHE C 1564 38.71 57.01 -86.50
CA PHE C 1564 39.93 57.56 -85.89
C PHE C 1564 40.75 56.44 -85.25
N GLU C 1565 41.97 56.25 -85.73
CA GLU C 1565 42.90 55.24 -85.21
C GLU C 1565 43.97 55.94 -84.39
N LEU C 1566 43.92 55.73 -83.07
CA LEU C 1566 44.87 56.36 -82.15
C LEU C 1566 46.06 55.44 -81.88
N GLY C 1567 46.74 55.08 -82.96
CA GLY C 1567 47.87 54.17 -82.89
C GLY C 1567 49.20 54.89 -82.79
N LYS C 1568 50.25 54.19 -83.18
CA LYS C 1568 51.60 54.74 -83.13
C LYS C 1568 52.46 54.07 -84.18
N GLN C 1569 53.58 54.70 -84.49
CA GLN C 1569 54.59 54.17 -85.40
C GLN C 1569 55.87 53.89 -84.64
N LYS C 1570 56.91 53.50 -85.39
CA LYS C 1570 58.20 53.21 -84.78
C LYS C 1570 58.85 54.48 -84.27
N ASN C 1571 59.24 54.47 -82.99
CA ASN C 1571 59.92 55.59 -82.37
C ASN C 1571 59.08 56.87 -82.41
N ILE C 1572 57.76 56.73 -82.37
CA ILE C 1572 56.86 57.87 -82.35
C ILE C 1572 55.79 57.62 -81.30
N MET C 1573 55.58 58.59 -80.43
CA MET C 1573 54.63 58.46 -79.34
C MET C 1573 53.21 58.71 -79.81
N PRO C 1574 52.23 58.16 -79.11
CA PRO C 1574 50.82 58.39 -79.46
C PRO C 1574 50.33 59.75 -78.98
N LEU C 1575 49.08 60.05 -79.33
CA LEU C 1575 48.49 61.35 -79.02
C LEU C 1575 48.25 61.53 -77.52
N SER C 1576 47.90 60.46 -76.81
CA SER C 1576 47.64 60.55 -75.38
C SER C 1576 48.85 61.02 -74.59
N ALA C 1577 50.06 60.81 -75.12
CA ALA C 1577 51.26 61.29 -74.45
C ALA C 1577 51.35 62.81 -74.51
N ALA C 1578 50.72 63.43 -75.50
CA ALA C 1578 50.76 64.87 -75.62
C ALA C 1578 49.53 65.51 -75.02
N MET C 1579 48.42 64.76 -75.01
CA MET C 1579 47.17 65.30 -74.46
C MET C 1579 47.14 65.21 -72.94
N PHE C 1580 47.85 64.26 -72.34
CA PHE C 1580 47.78 64.03 -70.91
C PHE C 1580 49.17 64.13 -70.29
N LEU C 1581 49.27 64.91 -69.21
CA LEU C 1581 50.56 65.11 -68.55
C LEU C 1581 51.06 63.82 -67.90
N SER C 1582 50.17 63.06 -67.27
CA SER C 1582 50.59 61.86 -66.56
C SER C 1582 51.06 60.76 -67.50
N GLU C 1583 50.83 60.90 -68.80
CA GLU C 1583 51.20 59.88 -69.78
C GLU C 1583 52.30 60.39 -70.72
N ARG C 1584 53.04 61.41 -70.31
CA ARG C 1584 54.04 62.00 -71.17
C ARG C 1584 55.10 60.98 -71.56
N LYS C 1585 55.47 60.11 -70.64
CA LYS C 1585 56.49 59.10 -70.87
C LYS C 1585 55.90 57.70 -71.02
N ASN C 1586 54.60 57.59 -71.29
CA ASN C 1586 53.95 56.30 -71.43
C ASN C 1586 53.72 56.02 -72.92
N PRO C 1587 54.44 55.08 -73.53
CA PRO C 1587 54.21 54.79 -74.94
C PRO C 1587 52.99 53.93 -75.21
N ALA C 1588 52.32 53.42 -74.19
CA ALA C 1588 51.16 52.58 -74.39
C ALA C 1588 49.97 53.44 -74.83
N PRO C 1589 49.36 53.17 -75.99
CA PRO C 1589 48.21 53.97 -76.40
C PRO C 1589 47.06 53.86 -75.42
N GLN C 1590 46.35 54.97 -75.22
CA GLN C 1590 45.20 55.02 -74.35
C GLN C 1590 44.12 55.88 -74.98
N CYS C 1591 42.87 55.59 -74.63
CA CYS C 1591 41.71 56.37 -75.08
C CYS C 1591 40.83 56.65 -73.86
N PRO C 1592 41.20 57.61 -73.02
CA PRO C 1592 40.41 57.90 -71.83
C PRO C 1592 39.04 58.44 -72.19
N PRO C 1593 38.06 58.33 -71.29
CA PRO C 1593 36.70 58.76 -71.63
C PRO C 1593 36.57 60.21 -72.02
N ARG C 1594 37.43 61.08 -71.48
CA ARG C 1594 37.31 62.51 -71.77
C ARG C 1594 37.49 62.81 -73.25
N LEU C 1595 38.23 61.97 -73.96
CA LEU C 1595 38.45 62.16 -75.39
C LEU C 1595 37.22 61.67 -76.15
N GLU C 1596 36.54 62.58 -76.84
CA GLU C 1596 35.31 62.24 -77.54
C GLU C 1596 35.19 63.07 -78.81
N VAL C 1597 34.28 62.63 -79.68
CA VAL C 1597 34.04 63.26 -80.96
C VAL C 1597 32.97 64.34 -80.81
N GLN C 1598 33.27 65.54 -81.29
CA GLN C 1598 32.35 66.67 -81.27
C GLN C 1598 32.04 67.06 -82.71
N MET C 1599 30.80 67.47 -82.94
CA MET C 1599 30.33 67.87 -84.26
C MET C 1599 29.99 69.36 -84.24
N LEU C 1600 30.09 70.00 -85.40
CA LEU C 1600 29.86 71.43 -85.49
C LEU C 1600 28.37 71.73 -85.61
N MET C 1601 27.83 72.42 -84.59
CA MET C 1601 26.42 72.80 -84.58
C MET C 1601 26.25 74.27 -84.98
N PRO C 1602 25.26 74.62 -85.79
CA PRO C 1602 25.22 75.99 -86.33
C PRO C 1602 24.81 77.07 -85.34
N VAL C 1603 23.83 76.82 -84.46
CA VAL C 1603 23.19 77.88 -83.68
C VAL C 1603 23.17 77.52 -82.21
N SER C 1604 23.25 78.56 -81.37
CA SER C 1604 23.20 78.35 -79.91
C SER C 1604 22.52 79.53 -79.24
N TRP C 1605 22.01 79.29 -78.04
CA TRP C 1605 21.37 80.34 -77.26
C TRP C 1605 22.40 81.24 -76.58
N SER C 1606 22.14 82.54 -76.59
CA SER C 1606 23.01 83.52 -75.93
C SER C 1606 22.18 84.52 -75.15
N ARG C 1607 22.72 84.96 -74.02
CA ARG C 1607 22.03 85.89 -73.12
C ARG C 1607 22.28 87.34 -73.54
N MET C 1608 21.21 88.13 -73.62
CA MET C 1608 21.34 89.54 -73.97
C MET C 1608 21.92 90.33 -72.80
N PRO C 1609 22.92 91.19 -73.01
CA PRO C 1609 23.42 92.03 -71.93
C PRO C 1609 22.37 93.00 -71.42
N ASN C 1610 22.48 93.33 -70.13
CA ASN C 1610 21.52 94.25 -69.52
C ASN C 1610 21.73 95.69 -69.97
N HIS C 1611 22.97 96.08 -70.27
CA HIS C 1611 23.29 97.45 -70.63
C HIS C 1611 24.20 97.47 -71.85
N PHE C 1612 24.13 98.56 -72.61
CA PHE C 1612 24.90 98.72 -73.84
C PHE C 1612 25.61 100.07 -73.84
N LEU C 1613 26.74 100.11 -74.53
CA LEU C 1613 27.54 101.32 -74.62
C LEU C 1613 26.81 102.43 -75.36
N GLN C 1614 26.91 103.64 -74.83
CA GLN C 1614 26.33 104.83 -75.45
C GLN C 1614 27.36 105.48 -76.37
N VAL C 1615 27.13 105.37 -77.68
CA VAL C 1615 28.03 105.88 -78.70
C VAL C 1615 27.36 107.05 -79.39
N GLU C 1616 28.04 108.19 -79.45
CA GLU C 1616 27.52 109.39 -80.09
C GLU C 1616 28.25 109.60 -81.41
N THR C 1617 27.49 109.61 -82.51
CA THR C 1617 28.01 109.82 -83.85
C THR C 1617 27.37 111.06 -84.44
N ARG C 1618 28.19 111.94 -85.01
CA ARG C 1618 27.67 113.18 -85.58
C ARG C 1618 28.66 113.69 -86.62
N ARG C 1619 28.17 114.55 -87.51
CA ARG C 1619 29.02 115.19 -88.51
C ARG C 1619 29.59 116.47 -87.93
N ALA C 1620 30.88 116.45 -87.59
CA ALA C 1620 31.47 117.61 -86.94
C ALA C 1620 31.61 118.80 -87.87
N GLY C 1621 31.56 118.59 -89.17
CA GLY C 1621 31.66 119.68 -90.13
C GLY C 1621 32.18 119.17 -91.45
N GLU C 1622 32.25 120.10 -92.40
CA GLU C 1622 32.74 119.76 -93.74
C GLU C 1622 34.21 119.39 -93.70
N ARG C 1623 35.02 120.13 -92.94
CA ARG C 1623 36.45 119.91 -92.90
C ARG C 1623 36.89 119.01 -91.76
N LEU C 1624 36.10 118.95 -90.68
CA LEU C 1624 36.47 118.13 -89.54
C LEU C 1624 36.10 116.67 -89.71
N GLY C 1625 35.16 116.37 -90.60
CA GLY C 1625 34.75 115.00 -90.87
C GLY C 1625 33.67 114.50 -89.94
N TRP C 1626 33.61 113.19 -89.73
CA TRP C 1626 32.56 112.59 -88.90
C TRP C 1626 33.12 112.16 -87.55
N ALA C 1627 32.50 112.61 -86.46
CA ALA C 1627 33.04 112.37 -85.13
C ALA C 1627 32.28 111.26 -84.42
N VAL C 1628 33.05 110.40 -83.76
CA VAL C 1628 32.59 109.32 -82.89
C VAL C 1628 33.08 109.61 -81.48
N GLN C 1629 32.20 109.41 -80.50
CA GLN C 1629 32.51 109.75 -79.11
C GLN C 1629 31.90 108.71 -78.18
N CYS C 1630 32.68 108.28 -77.19
CA CYS C 1630 32.19 107.34 -76.18
C CYS C 1630 32.90 107.59 -74.86
N GLN C 1631 32.14 107.70 -73.79
CA GLN C 1631 32.66 108.06 -72.48
C GLN C 1631 32.32 107.09 -71.36
N ASP C 1632 31.11 106.54 -71.35
CA ASP C 1632 30.64 105.76 -70.20
C ASP C 1632 31.29 104.39 -70.16
N PRO C 1633 31.98 104.03 -69.07
CA PRO C 1633 32.58 102.70 -68.98
C PRO C 1633 31.57 101.61 -68.62
N LEU C 1634 31.89 100.39 -69.05
CA LEU C 1634 31.11 99.22 -68.69
C LEU C 1634 32.03 98.02 -68.53
N THR C 1635 31.77 97.20 -67.51
CA THR C 1635 32.60 96.04 -67.24
C THR C 1635 31.74 94.83 -66.89
N MET C 1636 32.13 93.65 -67.40
CA MET C 1636 31.47 92.40 -67.09
C MET C 1636 32.50 91.39 -66.59
N MET C 1637 32.04 90.44 -65.78
CA MET C 1637 32.88 89.36 -65.26
C MET C 1637 32.82 88.16 -66.20
N ALA C 1638 33.93 87.87 -66.87
CA ALA C 1638 33.99 86.84 -67.90
C ALA C 1638 34.50 85.53 -67.29
N LEU C 1639 33.84 84.43 -67.66
CA LEU C 1639 34.27 83.09 -67.28
C LEU C 1639 34.97 82.43 -68.46
N HIS C 1640 36.24 82.09 -68.28
CA HIS C 1640 37.10 81.59 -69.35
C HIS C 1640 37.31 80.09 -69.21
N ILE C 1641 37.09 79.35 -70.29
CA ILE C 1641 37.38 77.92 -70.35
C ILE C 1641 38.77 77.74 -70.93
N PRO C 1642 39.73 77.18 -70.19
CA PRO C 1642 41.11 77.17 -70.70
C PRO C 1642 41.31 76.38 -71.97
N GLU C 1643 40.81 75.14 -72.03
CA GLU C 1643 41.15 74.26 -73.14
C GLU C 1643 40.56 74.75 -74.46
N GLU C 1644 39.42 75.43 -74.43
CA GLU C 1644 38.79 75.94 -75.64
C GLU C 1644 39.18 77.37 -75.96
N ASN C 1645 39.88 78.05 -75.05
CA ASN C 1645 40.35 79.42 -75.28
C ASN C 1645 39.19 80.34 -75.66
N ARG C 1646 38.08 80.19 -74.96
CA ARG C 1646 36.91 81.04 -75.16
C ARG C 1646 36.28 81.33 -73.80
N CYS C 1647 35.53 82.42 -73.74
CA CYS C 1647 34.88 82.84 -72.52
C CYS C 1647 33.42 83.16 -72.76
N MET C 1648 32.63 83.03 -71.70
CA MET C 1648 31.21 83.34 -71.71
C MET C 1648 30.88 84.18 -70.48
N ASP C 1649 29.77 84.89 -70.55
CA ASP C 1649 29.29 85.62 -69.39
C ASP C 1649 28.94 84.64 -68.26
N ILE C 1650 29.37 84.98 -67.05
CA ILE C 1650 29.13 84.13 -65.88
C ILE C 1650 27.66 84.03 -65.56
N LEU C 1651 26.84 84.97 -66.03
CA LEU C 1651 25.40 84.91 -65.80
C LEU C 1651 24.72 83.77 -66.56
N GLU C 1652 25.39 83.20 -67.55
CA GLU C 1652 24.84 82.05 -68.25
C GLU C 1652 24.80 80.79 -67.38
N LEU C 1653 25.46 80.82 -66.22
CA LEU C 1653 25.43 79.65 -65.35
C LEU C 1653 24.06 79.47 -64.71
N SER C 1654 23.17 80.46 -64.84
CA SER C 1654 21.80 80.29 -64.35
C SER C 1654 21.07 79.22 -65.12
N GLU C 1655 21.46 78.99 -66.38
CA GLU C 1655 20.91 77.94 -67.22
C GLU C 1655 21.86 76.78 -67.44
N ARG C 1656 23.17 77.03 -67.39
CA ARG C 1656 24.16 75.96 -67.48
C ARG C 1656 24.44 75.45 -66.07
N LEU C 1657 23.62 74.51 -65.61
CA LEU C 1657 23.65 74.09 -64.21
C LEU C 1657 24.85 73.21 -63.88
N ASP C 1658 25.35 72.44 -64.86
CA ASP C 1658 26.50 71.59 -64.62
C ASP C 1658 27.74 72.42 -64.28
N LEU C 1659 27.95 73.51 -65.03
CA LEU C 1659 29.09 74.37 -64.73
C LEU C 1659 28.85 75.16 -63.46
N GLN C 1660 27.60 75.52 -63.17
CA GLN C 1660 27.33 76.25 -61.95
C GLN C 1660 27.69 75.40 -60.73
N ARG C 1661 27.31 74.13 -60.77
CA ARG C 1661 27.62 73.20 -59.69
C ARG C 1661 29.14 72.98 -59.59
N PHE C 1662 29.80 72.81 -60.73
CA PHE C 1662 31.24 72.57 -60.69
C PHE C 1662 31.98 73.77 -60.12
N HIS C 1663 31.57 74.99 -60.51
CA HIS C 1663 32.26 76.18 -60.01
C HIS C 1663 31.95 76.40 -58.53
N SER C 1664 30.73 76.08 -58.11
CA SER C 1664 30.40 76.20 -56.68
C SER C 1664 31.24 75.24 -55.85
N HIS C 1665 31.44 74.01 -56.33
CA HIS C 1665 32.32 73.10 -55.60
C HIS C 1665 33.77 73.52 -55.69
N THR C 1666 34.15 74.22 -56.76
CA THR C 1666 35.51 74.77 -56.83
C THR C 1666 35.72 75.83 -55.74
N LEU C 1667 34.72 76.69 -55.54
CA LEU C 1667 34.79 77.66 -54.45
C LEU C 1667 34.81 76.97 -53.10
N ARG C 1668 34.07 75.87 -52.96
CA ARG C 1668 34.11 75.12 -51.72
C ARG C 1668 35.51 74.56 -51.48
N LEU C 1669 36.17 74.10 -52.54
CA LEU C 1669 37.54 73.61 -52.39
C LEU C 1669 38.49 74.74 -52.02
N TYR C 1670 38.26 75.94 -52.55
CA TYR C 1670 39.10 77.08 -52.17
C TYR C 1670 38.95 77.38 -50.69
N ARG C 1671 37.72 77.31 -50.17
CA ARG C 1671 37.53 77.54 -48.75
C ARG C 1671 38.16 76.43 -47.94
N ALA C 1672 38.13 75.20 -48.45
CA ALA C 1672 38.69 74.09 -47.71
C ALA C 1672 40.19 74.24 -47.60
N VAL C 1673 40.84 74.62 -48.70
CA VAL C 1673 42.30 74.71 -48.71
C VAL C 1673 42.77 75.87 -47.86
N CYS C 1674 42.01 76.96 -47.80
CA CYS C 1674 42.43 78.10 -46.96
C CYS C 1674 41.78 78.09 -45.59
N ALA C 1675 41.11 77.01 -45.21
CA ALA C 1675 40.43 76.96 -43.92
C ALA C 1675 41.43 76.86 -42.78
N LEU C 1676 41.03 77.43 -41.64
CA LEU C 1676 41.74 77.28 -40.36
C LEU C 1676 43.16 77.84 -40.41
N GLY C 1677 43.24 79.13 -40.72
CA GLY C 1677 44.46 79.88 -40.47
C GLY C 1677 45.59 79.69 -41.44
N ASN C 1678 45.33 79.11 -42.61
CA ASN C 1678 46.38 78.91 -43.61
C ASN C 1678 46.54 80.20 -44.41
N ASN C 1679 47.23 81.17 -43.79
CA ASN C 1679 47.35 82.48 -44.41
C ASN C 1679 48.19 82.41 -45.68
N ARG C 1680 49.14 81.48 -45.75
CA ARG C 1680 49.95 81.35 -46.95
C ARG C 1680 49.10 80.96 -48.15
N VAL C 1681 48.19 80.02 -47.95
CA VAL C 1681 47.26 79.67 -49.00
C VAL C 1681 46.30 80.81 -49.28
N ALA C 1682 45.91 81.56 -48.24
CA ALA C 1682 45.01 82.67 -48.47
C ALA C 1682 45.66 83.71 -49.38
N HIS C 1683 46.96 83.96 -49.18
CA HIS C 1683 47.69 84.85 -50.07
C HIS C 1683 47.76 84.28 -51.48
N ALA C 1684 47.97 82.97 -51.60
CA ALA C 1684 48.02 82.39 -52.94
C ALA C 1684 46.67 82.55 -53.63
N LEU C 1685 45.57 82.35 -52.88
CA LEU C 1685 44.23 82.50 -53.44
C LEU C 1685 43.93 83.93 -53.85
N CYS C 1686 44.61 84.89 -53.22
CA CYS C 1686 44.41 86.28 -53.60
C CYS C 1686 44.87 86.56 -55.02
N SER C 1687 45.78 85.75 -55.57
CA SER C 1687 46.16 85.90 -56.96
C SER C 1687 45.11 85.39 -57.93
N HIS C 1688 44.20 84.53 -57.49
CA HIS C 1688 43.15 83.98 -58.34
C HIS C 1688 41.82 84.70 -58.17
N VAL C 1689 41.43 85.04 -56.95
CA VAL C 1689 40.17 85.73 -56.69
C VAL C 1689 40.52 87.06 -56.03
N ASP C 1690 40.62 88.10 -56.84
CA ASP C 1690 41.08 89.39 -56.35
C ASP C 1690 39.95 90.25 -55.79
N GLN C 1691 40.36 91.38 -55.22
CA GLN C 1691 39.44 92.26 -54.51
C GLN C 1691 38.38 92.83 -55.44
N ALA C 1692 38.76 93.22 -56.65
CA ALA C 1692 37.77 93.81 -57.55
C ALA C 1692 36.68 92.80 -57.90
N GLN C 1693 37.07 91.56 -58.16
CA GLN C 1693 36.09 90.53 -58.46
C GLN C 1693 35.18 90.28 -57.27
N LEU C 1694 35.74 90.22 -56.07
CA LEU C 1694 34.92 89.97 -54.89
C LEU C 1694 33.92 91.09 -54.68
N LEU C 1695 34.38 92.34 -54.77
CA LEU C 1695 33.49 93.48 -54.55
C LEU C 1695 32.41 93.54 -55.63
N HIS C 1696 32.77 93.21 -56.88
CA HIS C 1696 31.75 93.18 -57.93
C HIS C 1696 30.72 92.10 -57.64
N ALA C 1697 31.18 90.95 -57.16
CA ALA C 1697 30.27 89.84 -56.89
C ALA C 1697 29.33 90.17 -55.76
N LEU C 1698 29.77 91.00 -54.81
CA LEU C 1698 28.89 91.34 -53.70
C LEU C 1698 27.68 92.12 -54.19
N GLU C 1699 27.89 93.04 -55.12
CA GLU C 1699 26.82 93.90 -55.63
C GLU C 1699 26.12 93.33 -56.85
N ASP C 1700 26.60 92.22 -57.40
CA ASP C 1700 25.95 91.65 -58.59
C ASP C 1700 24.59 91.08 -58.17
N ALA C 1701 23.52 91.72 -58.66
CA ALA C 1701 22.17 91.35 -58.27
C ALA C 1701 21.59 90.21 -59.08
N HIS C 1702 22.21 89.85 -60.21
CA HIS C 1702 21.74 88.76 -61.04
C HIS C 1702 22.48 87.46 -60.81
N LEU C 1703 23.42 87.44 -59.89
CA LEU C 1703 24.19 86.22 -59.64
C LEU C 1703 23.28 85.15 -59.03
N PRO C 1704 23.48 83.89 -59.39
CA PRO C 1704 22.74 82.82 -58.71
C PRO C 1704 23.08 82.73 -57.24
N GLY C 1705 22.12 82.24 -56.47
CA GLY C 1705 22.22 82.15 -55.03
C GLY C 1705 23.42 81.38 -54.53
N PRO C 1706 23.63 80.18 -55.06
CA PRO C 1706 24.82 79.40 -54.64
C PRO C 1706 26.13 80.10 -54.92
N LEU C 1707 26.24 80.84 -56.03
CA LEU C 1707 27.48 81.55 -56.32
C LEU C 1707 27.65 82.75 -55.42
N ARG C 1708 26.55 83.48 -55.16
CA ARG C 1708 26.62 84.63 -54.27
C ARG C 1708 27.04 84.21 -52.87
N ALA C 1709 26.44 83.12 -52.37
CA ALA C 1709 26.83 82.61 -51.06
C ALA C 1709 28.26 82.11 -51.07
N GLY C 1710 28.70 81.49 -52.16
CA GLY C 1710 30.05 80.97 -52.21
C GLY C 1710 31.07 82.08 -52.18
N TYR C 1711 30.82 83.17 -52.89
CA TYR C 1711 31.77 84.27 -52.91
C TYR C 1711 31.77 85.03 -51.59
N TYR C 1712 30.61 85.15 -50.94
CA TYR C 1712 30.57 85.76 -49.62
C TYR C 1712 31.37 84.93 -48.61
N ASP C 1713 31.21 83.61 -48.65
CA ASP C 1713 31.96 82.78 -47.73
C ASP C 1713 33.44 82.75 -48.07
N LEU C 1714 33.78 82.84 -49.36
CA LEU C 1714 35.19 82.89 -49.72
C LEU C 1714 35.84 84.15 -49.19
N LEU C 1715 35.14 85.28 -49.29
CA LEU C 1715 35.69 86.52 -48.76
C LEU C 1715 35.87 86.44 -47.24
N ILE C 1716 34.89 85.87 -46.55
CA ILE C 1716 35.01 85.74 -45.09
C ILE C 1716 36.17 84.82 -44.72
N SER C 1717 36.30 83.71 -45.44
CA SER C 1717 37.36 82.74 -45.12
C SER C 1717 38.74 83.35 -45.38
N ILE C 1718 38.88 84.07 -46.48
CA ILE C 1718 40.17 84.62 -46.86
C ILE C 1718 40.60 85.75 -45.92
N HIS C 1719 39.69 86.67 -45.59
CA HIS C 1719 40.13 87.91 -44.96
C HIS C 1719 39.77 88.05 -43.48
N LEU C 1720 38.68 87.48 -43.00
CA LEU C 1720 38.18 87.81 -41.66
C LEU C 1720 38.18 86.67 -40.66
N GLU C 1721 38.32 85.42 -41.09
CA GLU C 1721 38.07 84.29 -40.20
C GLU C 1721 39.06 84.23 -39.06
N SER C 1722 40.35 84.41 -39.34
CA SER C 1722 41.36 84.29 -38.29
C SER C 1722 41.23 85.39 -37.26
N ALA C 1723 41.03 86.63 -37.71
CA ALA C 1723 40.91 87.74 -36.77
C ALA C 1723 39.66 87.60 -35.95
N CYS C 1724 38.56 87.18 -36.57
CA CYS C 1724 37.31 87.03 -35.84
C CYS C 1724 37.45 85.93 -34.79
N ARG C 1725 38.08 84.82 -35.15
CA ARG C 1725 38.22 83.72 -34.20
C ARG C 1725 39.11 84.11 -33.02
N SER C 1726 40.23 84.79 -33.27
CA SER C 1726 41.08 85.21 -32.17
C SER C 1726 40.37 86.21 -31.26
N ARG C 1727 39.64 87.16 -31.84
CA ARG C 1727 38.92 88.10 -31.01
C ARG C 1727 37.84 87.39 -30.21
N ARG C 1728 37.15 86.44 -30.83
CA ARG C 1728 36.08 85.74 -30.14
C ARG C 1728 36.64 84.97 -28.97
N SER C 1729 37.86 84.43 -29.14
CA SER C 1729 38.50 83.73 -28.04
C SER C 1729 38.85 84.68 -26.90
N MET C 1730 39.24 85.91 -27.25
CA MET C 1730 39.61 86.91 -26.24
C MET C 1730 38.41 87.60 -25.60
N LEU C 1731 37.20 87.46 -26.15
CA LEU C 1731 36.04 88.16 -25.60
C LEU C 1731 35.53 87.61 -24.28
N SER C 1732 35.95 86.42 -23.86
CA SER C 1732 35.45 85.86 -22.61
C SER C 1732 36.18 86.38 -21.36
N GLU C 1733 37.21 87.19 -21.50
CA GLU C 1733 37.94 87.72 -20.34
C GLU C 1733 37.77 89.23 -20.25
N TYR C 1734 37.83 89.74 -19.01
CA TYR C 1734 37.62 91.16 -18.72
C TYR C 1734 38.78 91.68 -17.87
N ILE C 1735 39.84 92.14 -18.52
CA ILE C 1735 40.98 92.77 -17.87
C ILE C 1735 40.76 94.28 -17.93
N VAL C 1736 40.45 94.89 -16.80
CA VAL C 1736 40.02 96.29 -16.75
C VAL C 1736 41.13 97.11 -16.10
N PRO C 1737 41.88 97.91 -16.86
CA PRO C 1737 42.85 98.82 -16.25
C PRO C 1737 42.18 99.93 -15.46
N LEU C 1738 42.89 100.43 -14.45
CA LEU C 1738 42.41 101.52 -13.59
C LEU C 1738 42.82 102.86 -14.18
N THR C 1739 42.17 103.21 -15.30
CA THR C 1739 42.44 104.45 -15.99
C THR C 1739 41.31 105.45 -15.75
N PRO C 1740 41.57 106.75 -15.93
CA PRO C 1740 40.49 107.74 -15.74
C PRO C 1740 39.28 107.52 -16.62
N GLU C 1741 39.46 106.97 -17.82
CA GLU C 1741 38.30 106.64 -18.64
C GLU C 1741 37.46 105.58 -17.95
N THR C 1742 38.12 104.59 -17.33
CA THR C 1742 37.39 103.58 -16.59
C THR C 1742 36.67 104.21 -15.41
N ARG C 1743 37.34 105.15 -14.72
CA ARG C 1743 36.73 105.86 -13.61
C ARG C 1743 35.45 106.57 -14.04
N ALA C 1744 35.44 107.17 -15.22
CA ALA C 1744 34.28 107.92 -15.71
C ALA C 1744 33.09 107.05 -16.04
N ILE C 1745 33.23 105.73 -16.04
CA ILE C 1745 32.16 104.84 -16.46
C ILE C 1745 31.07 104.79 -15.39
N THR C 1746 29.82 104.89 -15.82
CA THR C 1746 28.66 104.78 -14.93
C THR C 1746 27.64 103.82 -15.55
N LEU C 1747 26.80 103.25 -14.69
CA LEU C 1747 25.80 102.29 -15.16
C LEU C 1747 24.80 102.95 -16.07
N PHE C 1748 24.29 104.13 -15.69
CA PHE C 1748 23.29 104.84 -16.45
C PHE C 1748 23.84 106.17 -16.94
N PRO C 1749 23.35 106.67 -18.07
CA PRO C 1749 23.79 107.98 -18.54
C PRO C 1749 23.37 109.07 -17.57
N PRO C 1750 24.11 110.18 -17.50
CA PRO C 1750 23.74 111.24 -16.56
C PRO C 1750 22.35 111.80 -16.81
N GLY C 1751 21.91 111.86 -18.07
CA GLY C 1751 20.61 112.43 -18.40
C GLY C 1751 19.47 111.69 -17.74
N ASN C 1756 17.57 105.90 -8.35
CA ASN C 1756 17.34 104.48 -8.22
C ASN C 1756 17.34 103.80 -9.58
N ALA C 1757 16.73 104.46 -10.57
CA ALA C 1757 16.63 103.91 -11.90
C ALA C 1757 16.30 105.04 -12.87
N ARG C 1758 17.06 105.13 -13.95
CA ARG C 1758 16.82 106.09 -15.02
C ARG C 1758 16.54 105.32 -16.32
N ARG C 1759 16.50 106.06 -17.43
CA ARG C 1759 16.25 105.43 -18.72
C ARG C 1759 17.46 104.60 -19.14
N HIS C 1760 17.18 103.43 -19.70
CA HIS C 1760 18.26 102.55 -20.14
C HIS C 1760 18.98 103.13 -21.35
N GLY C 1761 20.31 103.00 -21.34
CA GLY C 1761 21.09 103.43 -22.48
C GLY C 1761 21.07 102.44 -23.63
N LEU C 1762 21.56 102.90 -24.78
CA LEU C 1762 21.60 102.06 -25.96
C LEU C 1762 22.68 100.98 -25.80
N PRO C 1763 22.36 99.71 -26.06
CA PRO C 1763 23.38 98.68 -25.95
C PRO C 1763 24.46 98.82 -27.00
N GLY C 1764 25.69 98.48 -26.61
CA GLY C 1764 26.81 98.45 -27.53
C GLY C 1764 27.41 99.79 -27.87
N VAL C 1765 26.93 100.89 -27.29
CA VAL C 1765 27.45 102.22 -27.54
C VAL C 1765 27.97 102.79 -26.23
N GLY C 1766 29.18 103.33 -26.27
CA GLY C 1766 29.82 103.88 -25.10
C GLY C 1766 31.30 103.59 -25.11
N VAL C 1767 31.93 103.75 -23.95
CA VAL C 1767 33.37 103.58 -23.80
C VAL C 1767 33.64 102.27 -23.10
N THR C 1768 34.45 101.42 -23.72
CA THR C 1768 34.87 100.14 -23.15
C THR C 1768 36.38 100.14 -23.03
N THR C 1769 36.87 99.80 -21.84
CA THR C 1769 38.29 99.81 -21.54
C THR C 1769 38.90 98.42 -21.45
N SER C 1770 38.13 97.37 -21.70
CA SER C 1770 38.67 96.02 -21.65
C SER C 1770 39.76 95.84 -22.69
N LEU C 1771 40.83 95.16 -22.30
CA LEU C 1771 41.99 94.99 -23.16
C LEU C 1771 41.70 93.95 -24.24
N ARG C 1772 41.92 94.33 -25.50
CA ARG C 1772 41.81 93.42 -26.62
C ARG C 1772 42.97 93.66 -27.58
N PRO C 1773 43.76 92.64 -27.92
CA PRO C 1773 44.91 92.85 -28.81
C PRO C 1773 44.46 93.33 -30.18
N PRO C 1774 45.22 94.23 -30.81
CA PRO C 1774 44.84 94.70 -32.14
C PRO C 1774 45.05 93.65 -33.22
N HIS C 1775 44.31 93.82 -34.31
CA HIS C 1775 44.47 92.98 -35.48
C HIS C 1775 45.72 93.37 -36.27
N HIS C 1776 46.33 92.37 -36.90
CA HIS C 1776 47.51 92.57 -37.73
C HIS C 1776 47.25 92.03 -39.13
N PHE C 1777 47.53 92.85 -40.14
CA PHE C 1777 47.36 92.48 -41.53
C PHE C 1777 48.59 92.88 -42.33
N SER C 1778 48.81 92.19 -43.45
CA SER C 1778 49.90 92.50 -44.35
C SER C 1778 49.37 92.70 -45.77
N PRO C 1779 49.92 93.66 -46.52
CA PRO C 1779 49.47 93.85 -47.91
C PRO C 1779 49.93 92.71 -48.80
N PRO C 1780 49.07 92.19 -49.67
CA PRO C 1780 49.51 91.15 -50.60
C PRO C 1780 50.43 91.70 -51.67
N CYS C 1781 51.32 90.84 -52.15
CA CYS C 1781 52.26 91.22 -53.19
C CYS C 1781 52.94 89.96 -53.71
N PHE C 1782 53.07 89.86 -55.03
CA PHE C 1782 53.66 88.69 -55.67
C PHE C 1782 54.89 89.03 -56.49
N VAL C 1783 55.51 90.18 -56.24
CA VAL C 1783 56.75 90.56 -56.90
C VAL C 1783 57.90 90.75 -55.91
N ALA C 1784 57.63 90.69 -54.61
CA ALA C 1784 58.69 90.86 -53.63
C ALA C 1784 59.64 89.66 -53.65
N ALA C 1785 60.91 89.93 -53.33
CA ALA C 1785 61.90 88.87 -53.30
C ALA C 1785 61.52 87.81 -52.27
N LEU C 1786 61.58 86.56 -52.69
CA LEU C 1786 61.19 85.47 -51.80
C LEU C 1786 62.23 85.31 -50.69
N PRO C 1787 61.82 85.24 -49.43
CA PRO C 1787 62.80 85.08 -48.36
C PRO C 1787 63.53 83.74 -48.47
N ALA C 1794 60.76 80.69 -40.13
CA ALA C 1794 60.37 82.03 -40.57
C ALA C 1794 59.11 82.49 -39.84
N PRO C 1795 58.95 83.80 -39.69
CA PRO C 1795 57.77 84.30 -38.98
C PRO C 1795 56.48 83.96 -39.71
N ALA C 1796 55.42 83.77 -38.94
CA ALA C 1796 54.13 83.41 -39.50
C ALA C 1796 53.58 84.54 -40.36
N ARG C 1797 53.02 84.19 -41.51
CA ARG C 1797 52.44 85.18 -42.40
C ARG C 1797 51.13 85.72 -41.83
N LEU C 1798 50.89 87.00 -42.09
CA LEU C 1798 49.67 87.66 -41.64
C LEU C 1798 48.58 87.59 -42.70
N SER C 1799 47.35 87.84 -42.28
CA SER C 1799 46.22 87.81 -43.19
C SER C 1799 46.24 88.99 -44.15
N PRO C 1800 45.73 88.81 -45.36
CA PRO C 1800 45.68 89.93 -46.31
C PRO C 1800 44.81 91.07 -45.82
N ALA C 1801 45.21 92.29 -46.18
CA ALA C 1801 44.52 93.51 -45.77
C ALA C 1801 43.50 93.94 -46.81
N ILE C 1802 42.32 94.35 -46.34
CA ILE C 1802 41.27 94.87 -47.23
C ILE C 1802 40.64 96.11 -46.58
N PRO C 1803 40.22 97.11 -47.37
CA PRO C 1803 39.67 98.34 -46.76
C PRO C 1803 38.40 98.09 -45.96
N LEU C 1804 38.54 98.21 -44.64
CA LEU C 1804 37.45 97.87 -43.74
C LEU C 1804 36.38 98.94 -43.70
N GLU C 1805 36.76 100.22 -43.75
CA GLU C 1805 35.77 101.29 -43.71
C GLU C 1805 34.87 101.25 -44.93
N ALA C 1806 35.45 101.00 -46.10
CA ALA C 1806 34.65 100.86 -47.30
C ALA C 1806 33.82 99.58 -47.25
N LEU C 1807 34.38 98.49 -46.72
CA LEU C 1807 33.60 97.27 -46.68
C LEU C 1807 32.39 97.42 -45.77
N ARG C 1808 32.57 98.07 -44.61
CA ARG C 1808 31.46 98.24 -43.68
C ARG C 1808 30.41 99.20 -44.22
N ASP C 1809 30.83 100.24 -44.96
CA ASP C 1809 29.85 101.14 -45.56
C ASP C 1809 29.05 100.43 -46.63
N LYS C 1810 29.72 99.61 -47.43
CA LYS C 1810 29.03 98.85 -48.46
C LYS C 1810 28.06 97.85 -47.85
N ALA C 1811 28.47 97.19 -46.77
CA ALA C 1811 27.59 96.23 -46.11
C ALA C 1811 26.35 96.91 -45.53
N LEU C 1812 26.53 98.09 -44.91
CA LEU C 1812 25.38 98.81 -44.39
C LEU C 1812 24.42 99.24 -45.49
N ARG C 1813 24.97 99.75 -46.61
CA ARG C 1813 24.11 100.19 -47.69
C ARG C 1813 23.36 99.01 -48.32
N MET C 1814 24.05 97.89 -48.51
CA MET C 1814 23.41 96.72 -49.09
C MET C 1814 22.32 96.17 -48.17
N LEU C 1815 22.57 96.13 -46.87
CA LEU C 1815 21.55 95.65 -45.95
C LEU C 1815 20.34 96.57 -45.94
N GLY C 1816 20.55 97.88 -45.97
CA GLY C 1816 19.42 98.79 -46.02
C GLY C 1816 18.60 98.63 -47.28
N GLU C 1817 19.28 98.45 -48.42
CA GLU C 1817 18.54 98.24 -49.66
C GLU C 1817 17.76 96.93 -49.62
N ALA C 1818 18.36 95.88 -49.04
CA ALA C 1818 17.66 94.60 -48.95
C ALA C 1818 16.43 94.74 -48.08
N VAL C 1819 16.54 95.51 -47.00
CA VAL C 1819 15.41 95.74 -46.09
C VAL C 1819 14.28 96.46 -46.82
N ARG C 1820 14.63 97.50 -47.59
CA ARG C 1820 13.61 98.20 -48.36
C ARG C 1820 12.97 97.31 -49.41
N ASP C 1821 13.75 96.51 -50.14
CA ASP C 1821 13.17 95.62 -51.12
C ASP C 1821 12.26 94.58 -50.47
N GLY C 1822 12.68 94.04 -49.32
CA GLY C 1822 11.82 93.13 -48.60
C GLY C 1822 10.54 93.78 -48.15
N GLY C 1823 10.59 95.07 -47.79
CA GLY C 1823 9.35 95.75 -47.47
C GLY C 1823 8.46 95.87 -48.70
N GLN C 1824 9.07 96.06 -49.86
CA GLN C 1824 8.29 96.20 -51.09
C GLN C 1824 7.69 94.88 -51.53
N HIS C 1825 8.23 93.76 -51.06
CA HIS C 1825 7.73 92.42 -51.41
C HIS C 1825 7.82 92.18 -52.91
N ALA C 1826 9.00 92.41 -53.48
CA ALA C 1826 9.21 92.18 -54.90
C ALA C 1826 9.08 90.70 -55.23
N ARG C 1827 8.51 90.41 -56.40
CA ARG C 1827 8.32 89.04 -56.85
C ARG C 1827 9.58 88.39 -57.37
N ASP C 1828 10.68 89.14 -57.50
CA ASP C 1828 11.96 88.62 -57.99
C ASP C 1828 13.04 89.00 -56.99
N PRO C 1829 13.12 88.29 -55.87
CA PRO C 1829 14.14 88.60 -54.87
C PRO C 1829 15.55 88.32 -55.39
N VAL C 1830 16.50 89.09 -54.87
CA VAL C 1830 17.89 88.95 -55.29
C VAL C 1830 18.43 87.60 -54.83
N GLY C 1831 19.04 86.87 -55.75
CA GLY C 1831 19.56 85.55 -55.47
C GLY C 1831 18.57 84.43 -55.63
N GLY C 1832 17.31 84.73 -55.94
CA GLY C 1832 16.29 83.73 -56.13
C GLY C 1832 15.46 83.44 -54.91
N SER C 1833 15.89 83.88 -53.73
CA SER C 1833 15.12 83.65 -52.52
C SER C 1833 15.52 84.64 -51.44
N VAL C 1834 14.62 84.80 -50.47
CA VAL C 1834 14.87 85.71 -49.35
C VAL C 1834 16.07 85.21 -48.54
N GLU C 1835 16.20 83.89 -48.41
CA GLU C 1835 17.34 83.34 -47.68
C GLU C 1835 18.64 83.72 -48.37
N PHE C 1836 18.68 83.59 -49.70
CA PHE C 1836 19.90 83.92 -50.43
C PHE C 1836 20.12 85.41 -50.50
N GLN C 1837 19.11 86.20 -50.18
CA GLN C 1837 19.23 87.66 -50.18
C GLN C 1837 19.73 88.19 -48.85
N PHE C 1838 19.31 87.58 -47.75
CA PHE C 1838 19.61 88.07 -46.40
C PHE C 1838 20.75 87.35 -45.68
N VAL C 1839 20.87 86.02 -45.81
CA VAL C 1839 21.86 85.29 -45.00
C VAL C 1839 23.28 85.73 -45.24
N PRO C 1840 23.77 85.88 -46.48
CA PRO C 1840 25.15 86.36 -46.67
C PRO C 1840 25.41 87.73 -46.09
N VAL C 1841 24.44 88.64 -46.19
CA VAL C 1841 24.63 89.98 -45.66
C VAL C 1841 24.65 89.95 -44.14
N LEU C 1842 23.74 89.19 -43.54
CA LEU C 1842 23.71 89.14 -42.09
C LEU C 1842 24.96 88.48 -41.54
N LYS C 1843 25.50 87.48 -42.24
CA LYS C 1843 26.76 86.87 -41.83
C LYS C 1843 27.90 87.87 -41.88
N LEU C 1844 27.94 88.69 -42.95
CA LEU C 1844 28.99 89.70 -43.04
C LEU C 1844 28.87 90.74 -41.95
N VAL C 1845 27.65 91.20 -41.67
CA VAL C 1845 27.46 92.20 -40.63
C VAL C 1845 27.82 91.62 -39.26
N SER C 1846 27.42 90.38 -38.98
CA SER C 1846 27.77 89.78 -37.70
C SER C 1846 29.28 89.64 -37.55
N THR C 1847 29.97 89.25 -38.61
CA THR C 1847 31.42 89.12 -38.54
C THR C 1847 32.07 90.46 -38.26
N LEU C 1848 31.61 91.52 -38.94
CA LEU C 1848 32.21 92.82 -38.70
C LEU C 1848 31.88 93.35 -37.31
N LEU C 1849 30.69 93.03 -36.81
CA LEU C 1849 30.32 93.45 -35.46
C LEU C 1849 31.23 92.77 -34.44
N VAL C 1850 31.48 91.48 -34.61
CA VAL C 1850 32.36 90.78 -33.69
C VAL C 1850 33.77 91.35 -33.76
N MET C 1851 34.25 91.64 -34.97
CA MET C 1851 35.57 92.24 -35.11
C MET C 1851 35.60 93.66 -34.56
N GLY C 1852 34.44 94.27 -34.32
CA GLY C 1852 34.40 95.59 -33.73
C GLY C 1852 34.73 96.74 -34.64
N ILE C 1853 34.57 96.57 -35.96
CA ILE C 1853 34.89 97.64 -36.88
C ILE C 1853 33.88 98.77 -36.79
N PHE C 1854 32.60 98.44 -36.59
CA PHE C 1854 31.56 99.45 -36.63
C PHE C 1854 31.72 100.45 -35.50
N GLY C 1855 31.45 101.72 -35.81
CA GLY C 1855 31.47 102.77 -34.83
C GLY C 1855 30.11 103.00 -34.19
N ASP C 1856 30.03 104.06 -33.38
CA ASP C 1856 28.80 104.36 -32.65
C ASP C 1856 27.65 104.67 -33.60
N GLU C 1857 27.92 105.48 -34.62
CA GLU C 1857 26.85 105.82 -35.56
C GLU C 1857 26.41 104.59 -36.35
N ASP C 1858 27.35 103.73 -36.75
CA ASP C 1858 26.97 102.55 -37.49
C ASP C 1858 26.13 101.61 -36.64
N VAL C 1859 26.50 101.43 -35.36
CA VAL C 1859 25.70 100.56 -34.52
C VAL C 1859 24.32 101.15 -34.31
N LYS C 1860 24.22 102.49 -34.18
CA LYS C 1860 22.91 103.10 -34.05
C LYS C 1860 22.06 102.85 -35.29
N GLN C 1861 22.66 102.94 -36.48
CA GLN C 1861 21.90 102.68 -37.70
C GLN C 1861 21.43 101.23 -37.77
N ILE C 1862 22.29 100.29 -37.36
CA ILE C 1862 21.89 98.88 -37.37
C ILE C 1862 20.72 98.67 -36.41
N LEU C 1863 20.80 99.27 -35.22
CA LEU C 1863 19.73 99.12 -34.25
C LEU C 1863 18.44 99.75 -34.77
N LYS C 1864 18.55 100.86 -35.49
CA LYS C 1864 17.36 101.47 -36.07
C LYS C 1864 16.71 100.56 -37.10
N MET C 1865 17.50 99.91 -37.95
CA MET C 1865 16.92 99.00 -38.92
C MET C 1865 16.29 97.80 -38.24
N ILE C 1866 16.92 97.29 -37.18
CA ILE C 1866 16.37 96.13 -36.48
C ILE C 1866 15.05 96.50 -35.81
N GLU C 1867 15.00 97.65 -35.12
CA GLU C 1867 13.78 98.08 -34.44
C GLU C 1867 13.79 99.59 -34.32
N PRO C 1868 13.19 100.30 -35.29
CA PRO C 1868 13.25 101.76 -35.27
C PRO C 1868 12.47 102.41 -34.13
N GLU C 1869 11.52 101.70 -33.52
CA GLU C 1869 10.70 102.31 -32.47
C GLU C 1869 11.30 102.13 -31.08
N VAL C 1870 11.81 100.93 -30.77
CA VAL C 1870 12.35 100.69 -29.43
C VAL C 1870 13.66 101.44 -29.26
N PHE C 1871 14.52 101.43 -30.27
CA PHE C 1871 15.86 102.00 -30.17
C PHE C 1871 15.88 103.42 -30.72
N THR C 1872 14.91 104.22 -30.30
CA THR C 1872 14.84 105.63 -30.65
C THR C 1872 15.21 106.47 -29.43
N GLU C 1873 16.19 107.36 -29.60
CA GLU C 1873 16.63 108.22 -28.51
C GLU C 1873 15.84 109.52 -28.50
N GLU C 1923 8.41 103.21 -41.77
CA GLU C 1923 9.43 102.17 -41.85
C GLU C 1923 9.02 100.97 -41.00
N GLU C 1924 9.61 99.81 -41.29
CA GLU C 1924 9.29 98.58 -40.57
C GLU C 1924 10.56 97.77 -40.37
N GLY C 1925 10.67 97.13 -39.21
CA GLY C 1925 11.88 96.41 -38.85
C GLY C 1925 11.90 94.96 -39.32
N LEU C 1926 13.08 94.36 -39.13
CA LEU C 1926 13.28 92.94 -39.43
C LEU C 1926 12.53 92.04 -38.45
N LEU C 1927 12.40 92.47 -37.20
CA LEU C 1927 11.83 91.67 -36.14
C LEU C 1927 10.35 91.36 -36.34
N GLN C 1928 9.64 92.11 -37.18
CA GLN C 1928 8.22 91.91 -37.39
C GLN C 1928 7.90 91.35 -38.77
N MET C 1929 8.91 91.12 -39.60
CA MET C 1929 8.70 90.51 -40.91
C MET C 1929 8.89 89.01 -40.81
N LYS C 1930 8.06 88.27 -41.53
CA LYS C 1930 8.17 86.82 -41.54
C LYS C 1930 9.40 86.39 -42.32
N LEU C 1931 10.32 85.72 -41.65
CA LEU C 1931 11.59 85.31 -42.22
C LEU C 1931 11.85 83.84 -41.91
N PRO C 1932 12.71 83.19 -42.69
CA PRO C 1932 13.05 81.80 -42.41
C PRO C 1932 13.94 81.57 -41.20
N GLU C 1933 14.20 80.30 -40.93
CA GLU C 1933 14.90 79.93 -39.70
C GLU C 1933 16.36 80.39 -39.73
N SER C 1934 16.99 80.37 -40.90
CA SER C 1934 18.38 80.82 -40.98
C SER C 1934 18.50 82.29 -40.61
N VAL C 1935 17.55 83.11 -41.07
CA VAL C 1935 17.58 84.52 -40.71
C VAL C 1935 17.26 84.68 -39.23
N LYS C 1936 16.34 83.88 -38.70
CA LYS C 1936 16.07 83.99 -37.26
C LYS C 1936 17.32 83.64 -36.45
N LEU C 1937 18.10 82.67 -36.94
CA LEU C 1937 19.34 82.29 -36.29
C LEU C 1937 20.36 83.43 -36.31
N GLN C 1938 20.45 84.13 -37.43
CA GLN C 1938 21.38 85.26 -37.46
C GLN C 1938 20.91 86.40 -36.56
N MET C 1939 19.60 86.60 -36.46
CA MET C 1939 19.11 87.62 -35.54
C MET C 1939 19.41 87.24 -34.10
N CYS C 1940 19.34 85.94 -33.79
CA CYS C 1940 19.71 85.50 -32.45
C CYS C 1940 21.19 85.73 -32.17
N ASN C 1941 22.04 85.54 -33.18
CA ASN C 1941 23.46 85.81 -32.99
C ASN C 1941 23.71 87.30 -32.72
N LEU C 1942 23.00 88.17 -33.43
CA LEU C 1942 23.13 89.60 -33.20
C LEU C 1942 22.69 89.97 -31.78
N LEU C 1943 21.53 89.47 -31.36
CA LEU C 1943 21.07 89.81 -30.02
C LEU C 1943 21.98 89.22 -28.96
N GLU C 1944 22.61 88.08 -29.23
CA GLU C 1944 23.58 87.51 -28.30
C GLU C 1944 24.78 88.45 -28.16
N TYR C 1945 25.21 89.04 -29.27
CA TYR C 1945 26.32 89.98 -29.22
C TYR C 1945 25.97 91.19 -28.36
N PHE C 1946 24.76 91.72 -28.53
CA PHE C 1946 24.40 92.91 -27.75
C PHE C 1946 24.20 92.59 -26.27
N CYS C 1947 23.72 91.39 -25.95
CA CYS C 1947 23.65 90.97 -24.55
C CYS C 1947 25.04 90.85 -23.94
N ASP C 1948 26.01 90.36 -24.71
CA ASP C 1948 27.38 90.32 -24.20
C ASP C 1948 27.92 91.72 -23.94
N GLN C 1949 27.60 92.67 -24.83
CA GLN C 1949 28.06 94.03 -24.62
C GLN C 1949 27.45 94.64 -23.36
N GLU C 1950 26.18 94.35 -23.09
CA GLU C 1950 25.55 94.82 -21.85
C GLU C 1950 26.22 94.21 -20.62
N LEU C 1951 26.56 92.93 -20.67
CA LEU C 1951 27.26 92.32 -19.55
C LEU C 1951 28.63 92.95 -19.32
N GLN C 1952 29.36 93.23 -20.39
CA GLN C 1952 30.66 93.87 -20.24
C GLN C 1952 30.52 95.27 -19.64
N HIS C 1953 29.48 96.00 -20.04
CA HIS C 1953 29.25 97.32 -19.47
C HIS C 1953 28.98 97.24 -17.98
N ARG C 1954 28.20 96.24 -17.56
CA ARG C 1954 27.92 96.08 -16.14
C ARG C 1954 29.19 95.77 -15.36
N VAL C 1955 30.04 94.91 -15.92
CA VAL C 1955 31.29 94.56 -15.24
C VAL C 1955 32.19 95.77 -15.09
N GLU C 1956 32.34 96.57 -16.14
CA GLU C 1956 33.19 97.76 -16.05
C GLU C 1956 32.66 98.77 -15.05
N SER C 1957 31.33 98.96 -15.02
CA SER C 1957 30.76 99.89 -14.04
C SER C 1957 30.98 99.40 -12.61
N LEU C 1958 30.84 98.09 -12.40
CA LEU C 1958 31.12 97.54 -11.08
C LEU C 1958 32.57 97.71 -10.65
N ALA C 1959 33.51 97.52 -11.57
CA ALA C 1959 34.91 97.76 -11.23
C ALA C 1959 35.18 99.22 -10.90
N ALA C 1960 34.56 100.15 -11.63
CA ALA C 1960 34.76 101.55 -11.31
C ALA C 1960 34.24 101.88 -9.91
N PHE C 1961 33.06 101.35 -9.57
CA PHE C 1961 32.54 101.62 -8.24
C PHE C 1961 33.42 100.96 -7.18
N ALA C 1962 33.97 99.79 -7.47
CA ALA C 1962 34.84 99.14 -6.52
C ALA C 1962 36.05 100.00 -6.22
N GLU C 1963 36.62 100.61 -7.27
CA GLU C 1963 37.79 101.48 -7.09
C GLU C 1963 37.45 102.68 -6.21
N ARG C 1964 36.30 103.30 -6.45
CA ARG C 1964 35.94 104.47 -5.64
C ARG C 1964 35.65 104.07 -4.20
N TYR C 1965 34.98 102.94 -4.00
CA TYR C 1965 34.59 102.60 -2.64
C TYR C 1965 35.79 102.14 -1.85
N VAL C 1966 36.73 101.44 -2.50
CA VAL C 1966 37.93 101.03 -1.79
C VAL C 1966 38.73 102.25 -1.37
N ASP C 1967 38.80 103.26 -2.24
CA ASP C 1967 39.52 104.48 -1.89
C ASP C 1967 38.90 105.16 -0.67
N LYS C 1968 37.57 105.22 -0.63
CA LYS C 1968 36.90 105.80 0.53
C LYS C 1968 37.11 104.96 1.79
N LEU C 1969 37.08 103.63 1.65
CA LEU C 1969 37.32 102.76 2.79
C LEU C 1969 38.71 102.95 3.35
N GLN C 1970 39.72 103.05 2.48
CA GLN C 1970 41.08 103.23 2.96
C GLN C 1970 41.27 104.57 3.64
N ALA C 1971 40.67 105.64 3.09
CA ALA C 1971 40.79 106.93 3.77
C ALA C 1971 40.11 106.92 5.12
N ASN C 1972 38.95 106.27 5.22
CA ASN C 1972 38.25 106.22 6.50
C ASN C 1972 39.02 105.39 7.52
N GLN C 1973 39.55 104.24 7.09
CA GLN C 1973 40.31 103.41 8.02
C GLN C 1973 41.58 104.12 8.50
N ARG C 1974 42.22 104.86 7.60
CA ARG C 1974 43.39 105.64 8.01
C ARG C 1974 43.02 106.68 9.05
N SER C 1975 41.89 107.37 8.88
CA SER C 1975 41.50 108.36 9.87
C SER C 1975 41.10 107.71 11.19
N ARG C 1976 40.41 106.58 11.13
CA ARG C 1976 40.03 105.91 12.37
C ARG C 1976 41.25 105.40 13.12
N TYR C 1977 42.25 104.87 12.41
CA TYR C 1977 43.46 104.44 13.08
C TYR C 1977 44.23 105.61 13.65
N ALA C 1978 44.20 106.74 12.94
CA ALA C 1978 44.90 107.93 13.42
C ALA C 1978 44.32 108.39 14.74
N LEU C 1979 43.00 108.45 14.83
CA LEU C 1979 42.43 108.88 16.11
C LEU C 1979 42.50 107.78 17.16
N LEU C 1980 42.49 106.51 16.75
CA LEU C 1980 42.59 105.41 17.69
C LEU C 1980 43.95 105.30 18.35
N MET C 1981 45.00 105.82 17.71
CA MET C 1981 46.32 105.75 18.33
C MET C 1981 46.45 106.63 19.56
N ARG C 1982 45.53 107.55 19.80
CA ARG C 1982 45.54 108.40 20.99
C ARG C 1982 44.46 107.92 21.94
N THR C 1991 39.98 96.70 25.31
CA THR C 1991 40.94 97.24 24.34
C THR C 1991 41.16 96.26 23.20
N ALA C 1992 40.96 94.97 23.48
CA ALA C 1992 41.05 93.97 22.42
C ALA C 1992 40.02 94.25 21.33
N ARG C 1993 38.84 94.71 21.72
CA ARG C 1993 37.81 95.07 20.76
C ARG C 1993 38.24 96.24 19.90
N ARG C 1994 38.90 97.24 20.49
CA ARG C 1994 39.35 98.38 19.71
C ARG C 1994 40.52 98.02 18.78
N THR C 1995 41.39 97.12 19.20
CA THR C 1995 42.59 96.79 18.43
C THR C 1995 42.49 95.52 17.58
N ARG C 1996 41.36 94.81 17.63
CA ARG C 1996 41.27 93.55 16.88
C ARG C 1996 41.28 93.77 15.38
N GLU C 1997 40.69 94.86 14.90
CA GLU C 1997 40.54 95.06 13.47
C GLU C 1997 41.90 95.12 12.77
N PHE C 1998 42.85 95.85 13.37
CA PHE C 1998 44.14 96.09 12.72
C PHE C 1998 45.11 94.93 12.84
N ARG C 1999 44.79 93.90 13.63
CA ARG C 1999 45.62 92.71 13.77
C ARG C 1999 44.98 91.50 13.13
N SER C 2000 44.29 91.70 12.01
CA SER C 2000 43.62 90.64 11.29
C SER C 2000 43.96 90.72 9.81
N PRO C 2001 43.88 89.60 9.08
CA PRO C 2001 44.22 89.63 7.67
C PRO C 2001 43.31 90.55 6.90
N PRO C 2002 43.82 91.19 5.85
CA PRO C 2002 42.99 92.19 5.13
C PRO C 2002 41.69 91.65 4.55
N GLN C 2003 41.66 90.38 4.12
CA GLN C 2003 40.41 89.81 3.66
C GLN C 2003 39.37 89.76 4.78
N GLU C 2004 39.80 89.38 5.99
CA GLU C 2004 38.85 89.40 7.10
C GLU C 2004 38.48 90.82 7.48
N GLN C 2005 39.41 91.76 7.34
CA GLN C 2005 39.08 93.16 7.64
C GLN C 2005 38.00 93.66 6.72
N ILE C 2006 38.11 93.35 5.42
CA ILE C 2006 37.12 93.87 4.50
C ILE C 2006 35.83 93.07 4.58
N ASN C 2007 35.89 91.81 5.03
CA ASN C 2007 34.67 91.06 5.26
C ASN C 2007 33.89 91.68 6.42
N MET C 2008 34.59 92.09 7.48
CA MET C 2008 33.90 92.72 8.59
C MET C 2008 33.37 94.09 8.17
N LEU C 2009 34.14 94.80 7.34
CA LEU C 2009 33.71 96.14 6.94
C LEU C 2009 32.48 96.08 6.05
N LEU C 2010 32.37 95.04 5.23
CA LEU C 2010 31.23 94.88 4.32
C LEU C 2010 30.09 94.07 4.91
N HIS C 2011 30.23 93.52 6.12
CA HIS C 2011 29.17 92.73 6.74
C HIS C 2011 28.21 93.66 7.49
N PHE C 2012 27.48 94.47 6.73
CA PHE C 2012 26.47 95.34 7.30
C PHE C 2012 25.23 95.44 6.41
N LYS C 2013 24.91 94.39 5.66
CA LYS C 2013 23.79 94.48 4.73
C LYS C 2013 22.45 94.47 5.47
N ASP C 2014 22.31 93.61 6.46
CA ASP C 2014 21.06 93.51 7.20
C ASP C 2014 21.03 94.53 8.33
N GLU C 2015 19.84 95.00 8.66
CA GLU C 2015 19.66 95.95 9.74
C GLU C 2015 19.70 95.30 11.12
N ALA C 2016 19.81 93.98 11.20
CA ALA C 2016 19.93 93.28 12.47
C ALA C 2016 21.38 93.05 12.88
N ASP C 2017 22.35 93.44 12.05
CA ASP C 2017 23.76 93.32 12.39
C ASP C 2017 24.52 94.61 12.14
N GLU C 2018 23.83 95.74 12.09
CA GLU C 2018 24.47 97.04 11.88
C GLU C 2018 24.87 97.69 13.21
N GLU C 2019 25.55 96.92 14.05
CA GLU C 2019 26.02 97.41 15.34
C GLU C 2019 27.54 97.39 15.46
N ASP C 2020 28.19 96.32 15.02
CA ASP C 2020 29.64 96.22 15.07
C ASP C 2020 30.33 96.96 13.93
N CYS C 2021 29.62 97.30 12.87
CA CYS C 2021 30.23 97.95 11.72
C CYS C 2021 30.64 99.37 12.08
N PRO C 2022 31.92 99.73 11.98
CA PRO C 2022 32.32 101.12 12.26
C PRO C 2022 32.24 102.07 11.08
N LEU C 2023 31.69 101.64 9.95
CA LEU C 2023 31.63 102.50 8.79
C LEU C 2023 30.59 103.59 8.99
N PRO C 2024 30.82 104.79 8.44
CA PRO C 2024 29.80 105.84 8.56
C PRO C 2024 28.54 105.53 7.76
N GLU C 2025 27.44 106.13 8.22
CA GLU C 2025 26.15 105.89 7.59
C GLU C 2025 26.13 106.41 6.17
N ASP C 2026 26.84 107.51 5.89
CA ASP C 2026 26.86 108.05 4.54
C ASP C 2026 27.51 107.07 3.57
N ILE C 2027 28.61 106.43 4.00
CA ILE C 2027 29.24 105.45 3.14
C ILE C 2027 28.35 104.22 2.99
N ARG C 2028 27.67 103.82 4.07
CA ARG C 2028 26.77 102.68 3.92
C ARG C 2028 25.67 103.02 2.93
N GLN C 2029 25.20 104.27 2.96
CA GLN C 2029 24.12 104.67 2.07
C GLN C 2029 24.62 104.65 0.64
N ASP C 2030 25.88 105.04 0.43
CA ASP C 2030 26.43 105.07 -0.92
C ASP C 2030 26.47 103.66 -1.50
N LEU C 2031 26.89 102.70 -0.68
CA LEU C 2031 26.93 101.31 -1.12
C LEU C 2031 25.52 100.77 -1.39
N GLN C 2032 24.56 101.11 -0.53
CA GLN C 2032 23.19 100.64 -0.74
C GLN C 2032 22.60 101.26 -2.01
N ASP C 2033 22.92 102.53 -2.28
CA ASP C 2033 22.48 103.17 -3.51
C ASP C 2033 23.05 102.48 -4.73
N PHE C 2034 24.33 102.10 -4.68
CA PHE C 2034 24.88 101.40 -5.83
C PHE C 2034 24.29 100.01 -5.98
N HIS C 2035 23.98 99.34 -4.87
CA HIS C 2035 23.36 98.02 -4.99
C HIS C 2035 21.97 98.14 -5.57
N GLN C 2036 21.27 99.23 -5.25
CA GLN C 2036 19.93 99.45 -5.77
C GLN C 2036 19.98 99.72 -7.27
N ASP C 2037 20.89 100.58 -7.70
CA ASP C 2037 20.94 100.86 -9.13
C ASP C 2037 21.56 99.73 -9.92
N LEU C 2038 22.27 98.81 -9.26
CA LEU C 2038 22.72 97.60 -9.92
C LEU C 2038 21.55 96.64 -10.14
N LEU C 2039 20.71 96.48 -9.13
CA LEU C 2039 19.52 95.66 -9.31
C LEU C 2039 18.60 96.27 -10.37
N ALA C 2040 18.45 97.59 -10.36
CA ALA C 2040 17.63 98.22 -11.38
C ALA C 2040 18.21 98.02 -12.77
N HIS C 2041 19.54 98.12 -12.91
CA HIS C 2041 20.13 97.88 -14.22
C HIS C 2041 19.96 96.43 -14.66
N CYS C 2042 19.89 95.51 -13.70
CA CYS C 2042 19.60 94.11 -14.02
C CYS C 2042 18.11 93.85 -14.13
N GLY C 2043 17.28 94.87 -13.94
CA GLY C 2043 15.84 94.73 -14.13
C GLY C 2043 15.13 93.87 -13.12
N ILE C 2044 15.59 93.88 -11.86
CA ILE C 2044 14.86 93.21 -10.80
C ILE C 2044 13.89 94.21 -10.18
N GLN C 2045 12.59 93.93 -10.27
CA GLN C 2045 11.59 94.84 -9.74
C GLN C 2045 11.82 95.03 -8.24
N LEU C 2046 11.79 96.29 -7.81
CA LEU C 2046 12.01 96.61 -6.40
C LEU C 2046 10.69 96.51 -5.61
N LYS C 2090 3.86 97.71 -24.61
CA LYS C 2090 4.85 97.82 -25.67
C LYS C 2090 6.26 97.76 -25.09
N PRO C 2091 7.10 96.88 -25.65
CA PRO C 2091 8.46 96.75 -25.11
C PRO C 2091 9.22 98.06 -25.19
N GLN C 2092 10.05 98.30 -24.17
CA GLN C 2092 10.89 99.48 -24.11
C GLN C 2092 12.35 99.13 -23.79
N SER C 2093 12.71 97.86 -23.82
CA SER C 2093 14.05 97.44 -23.47
C SER C 2093 14.39 96.15 -24.20
N LEU C 2094 15.69 95.87 -24.28
CA LEU C 2094 16.16 94.70 -25.02
C LEU C 2094 15.65 93.41 -24.40
N GLN C 2095 15.60 93.34 -23.07
CA GLN C 2095 15.15 92.12 -22.42
C GLN C 2095 13.71 91.79 -22.78
N GLU C 2096 12.83 92.80 -22.76
CA GLU C 2096 11.44 92.57 -23.11
C GLU C 2096 11.26 92.33 -24.59
N LEU C 2097 12.09 92.97 -25.41
CA LEU C 2097 12.00 92.76 -26.85
C LEU C 2097 12.36 91.32 -27.19
N VAL C 2098 13.45 90.83 -26.59
CA VAL C 2098 13.91 89.47 -26.87
C VAL C 2098 12.90 88.46 -26.36
N SER C 2099 12.38 88.67 -25.14
CA SER C 2099 11.43 87.71 -24.60
C SER C 2099 10.17 87.64 -25.46
N HIS C 2100 9.63 88.81 -25.83
CA HIS C 2100 8.42 88.84 -26.64
C HIS C 2100 8.66 88.18 -28.00
N MET C 2101 9.79 88.50 -28.65
CA MET C 2101 10.03 87.94 -29.97
C MET C 2101 10.17 86.42 -29.91
N VAL C 2102 10.91 85.93 -28.91
CA VAL C 2102 11.13 84.49 -28.82
C VAL C 2102 9.82 83.76 -28.54
N VAL C 2103 9.03 84.27 -27.61
CA VAL C 2103 7.76 83.62 -27.29
C VAL C 2103 6.83 83.63 -28.50
N ARG C 2104 6.76 84.78 -29.18
CA ARG C 2104 5.90 84.90 -30.38
C ARG C 2104 6.34 83.87 -31.41
N TRP C 2105 7.65 83.75 -31.67
CA TRP C 2105 8.16 82.82 -32.64
C TRP C 2105 7.81 81.38 -32.27
N ALA C 2106 7.96 81.05 -30.99
CA ALA C 2106 7.72 79.67 -30.59
C ALA C 2106 6.25 79.31 -30.62
N GLN C 2107 5.36 80.26 -30.34
CA GLN C 2107 3.93 79.98 -30.34
C GLN C 2107 3.27 80.23 -31.69
N GLU C 2108 4.00 80.73 -32.67
CA GLU C 2108 3.44 80.88 -34.01
C GLU C 2108 3.63 79.66 -34.89
N ASP C 2109 4.69 78.88 -34.68
CA ASP C 2109 4.93 77.72 -35.52
C ASP C 2109 5.82 76.74 -34.78
N TYR C 2110 5.80 75.49 -35.25
CA TYR C 2110 6.63 74.43 -34.69
C TYR C 2110 8.02 74.51 -35.31
N VAL C 2111 8.99 74.98 -34.54
CA VAL C 2111 10.35 75.15 -35.06
C VAL C 2111 10.97 73.79 -35.31
N GLN C 2112 11.58 73.62 -36.48
CA GLN C 2112 12.18 72.36 -36.88
C GLN C 2112 13.69 72.33 -36.75
N SER C 2113 14.34 73.48 -36.59
CA SER C 2113 15.79 73.55 -36.51
C SER C 2113 16.22 73.44 -35.04
N PRO C 2114 16.84 72.34 -34.62
CA PRO C 2114 17.29 72.26 -33.23
C PRO C 2114 18.31 73.31 -32.85
N GLU C 2115 19.17 73.72 -33.79
CA GLU C 2115 20.13 74.78 -33.49
C GLU C 2115 19.41 76.09 -33.20
N LEU C 2116 18.38 76.40 -33.99
CA LEU C 2116 17.63 77.62 -33.73
C LEU C 2116 16.89 77.54 -32.40
N VAL C 2117 16.32 76.37 -32.10
CA VAL C 2117 15.59 76.20 -30.85
C VAL C 2117 16.52 76.40 -29.66
N ARG C 2118 17.71 75.81 -29.73
CA ARG C 2118 18.68 75.98 -28.65
C ARG C 2118 19.10 77.43 -28.53
N ALA C 2119 19.30 78.11 -29.65
CA ALA C 2119 19.73 79.50 -29.59
C ALA C 2119 18.68 80.37 -28.93
N MET C 2120 17.41 80.17 -29.27
CA MET C 2120 16.37 81.05 -28.74
C MET C 2120 16.10 80.75 -27.28
N PHE C 2121 16.18 79.49 -26.87
CA PHE C 2121 15.95 79.21 -25.46
C PHE C 2121 17.15 79.58 -24.60
N SER C 2122 18.37 79.49 -25.13
CA SER C 2122 19.53 80.02 -24.40
C SER C 2122 19.42 81.53 -24.24
N LEU C 2123 18.98 82.23 -25.27
CA LEU C 2123 18.81 83.68 -25.13
C LEU C 2123 17.71 84.01 -24.14
N LEU C 2124 16.61 83.24 -24.15
CA LEU C 2124 15.54 83.55 -23.22
C LEU C 2124 16.02 83.33 -21.78
N HIS C 2125 16.78 82.24 -21.58
CA HIS C 2125 17.25 81.97 -20.23
C HIS C 2125 18.18 83.08 -19.78
N ARG C 2126 18.97 83.61 -20.72
CA ARG C 2126 19.89 84.68 -20.35
C ARG C 2126 19.12 85.93 -19.93
N GLN C 2127 18.03 86.24 -20.64
CA GLN C 2127 17.27 87.44 -20.29
C GLN C 2127 16.61 87.29 -18.94
N TYR C 2128 16.05 86.10 -18.67
CA TYR C 2128 15.39 85.90 -17.38
C TYR C 2128 16.36 85.82 -16.22
N ASP C 2129 17.57 85.30 -16.43
CA ASP C 2129 18.56 85.16 -15.37
C ASP C 2129 19.77 86.02 -15.71
N GLY C 2130 19.72 87.29 -15.31
CA GLY C 2130 20.80 88.22 -15.54
C GLY C 2130 21.79 88.32 -14.40
N LEU C 2131 21.28 88.29 -13.17
CA LEU C 2131 22.14 88.34 -12.00
C LEU C 2131 23.03 87.10 -11.90
N GLY C 2132 22.49 85.92 -12.21
CA GLY C 2132 23.31 84.72 -12.19
C GLY C 2132 24.40 84.73 -13.25
N GLU C 2133 24.10 85.29 -14.43
CA GLU C 2133 25.13 85.39 -15.45
C GLU C 2133 26.28 86.29 -15.00
N LEU C 2134 25.96 87.43 -14.36
CA LEU C 2134 27.02 88.27 -13.82
C LEU C 2134 27.76 87.56 -12.70
N LEU C 2135 27.05 86.78 -11.90
CA LEU C 2135 27.70 86.07 -10.81
C LEU C 2135 28.71 85.07 -11.35
N ARG C 2136 28.36 84.40 -12.44
CA ARG C 2136 29.26 83.43 -13.05
C ARG C 2136 30.32 84.07 -13.92
N ALA C 2137 30.19 85.36 -14.24
CA ALA C 2137 31.19 86.07 -15.03
C ALA C 2137 32.19 86.83 -14.18
N LEU C 2138 31.85 87.15 -12.95
CA LEU C 2138 32.79 87.86 -12.07
C LEU C 2138 34.10 87.11 -11.84
N PRO C 2139 34.12 85.80 -11.69
CA PRO C 2139 35.40 85.09 -11.50
C PRO C 2139 36.43 85.32 -12.59
N ARG C 2140 36.02 85.70 -13.80
CA ARG C 2140 36.94 85.99 -14.89
C ARG C 2140 37.25 87.48 -15.03
N ALA C 2141 36.91 88.30 -14.04
CA ALA C 2141 37.23 89.72 -14.06
C ALA C 2141 38.42 90.00 -13.16
N TYR C 2142 39.30 90.90 -13.62
CA TYR C 2142 40.54 91.21 -12.92
C TYR C 2142 40.99 92.62 -13.28
N THR C 2143 41.35 93.41 -12.27
CA THR C 2143 41.83 94.77 -12.44
C THR C 2143 43.34 94.81 -12.32
N ILE C 2144 43.99 95.54 -13.23
CA ILE C 2144 45.44 95.64 -13.26
C ILE C 2144 45.86 97.10 -13.28
N SER C 2145 47.11 97.33 -12.91
CA SER C 2145 47.69 98.66 -12.95
C SER C 2145 47.95 99.10 -14.39
N PRO C 2146 47.84 100.41 -14.67
CA PRO C 2146 48.10 100.90 -16.03
C PRO C 2146 49.53 100.71 -16.50
N SER C 2147 50.49 100.52 -15.60
CA SER C 2147 51.88 100.35 -15.98
C SER C 2147 52.21 98.95 -16.51
N SER C 2148 51.32 97.98 -16.34
CA SER C 2148 51.54 96.62 -16.81
C SER C 2148 50.69 96.28 -18.03
N VAL C 2149 50.20 97.31 -18.73
CA VAL C 2149 49.32 97.08 -19.87
C VAL C 2149 50.08 96.48 -21.03
N GLU C 2150 51.27 97.00 -21.35
CA GLU C 2150 51.98 96.50 -22.52
C GLU C 2150 52.40 95.05 -22.33
N ASP C 2151 52.82 94.69 -21.12
CA ASP C 2151 53.18 93.30 -20.85
C ASP C 2151 51.94 92.40 -20.86
N THR C 2152 50.81 92.90 -20.35
CA THR C 2152 49.61 92.07 -20.38
C THR C 2152 49.15 91.85 -21.82
N MET C 2153 49.22 92.88 -22.66
CA MET C 2153 48.85 92.73 -24.06
C MET C 2153 49.77 91.74 -24.78
N SER C 2154 51.07 91.81 -24.51
CA SER C 2154 52.00 90.86 -25.11
C SER C 2154 51.68 89.44 -24.67
N LEU C 2155 51.37 89.26 -23.38
CA LEU C 2155 51.01 87.93 -22.89
C LEU C 2155 49.74 87.43 -23.54
N LEU C 2156 48.77 88.32 -23.74
CA LEU C 2156 47.53 87.92 -24.40
C LEU C 2156 47.79 87.53 -25.85
N GLU C 2157 48.70 88.24 -26.52
CA GLU C 2157 49.04 87.86 -27.90
C GLU C 2157 49.66 86.47 -27.96
N CYS C 2158 50.58 86.17 -27.03
CA CYS C 2158 51.18 84.84 -27.03
C CYS C 2158 50.16 83.77 -26.69
N LEU C 2159 49.27 84.06 -25.74
CA LEU C 2159 48.24 83.09 -25.40
C LEU C 2159 47.29 82.87 -26.58
N GLY C 2160 47.01 83.94 -27.33
CA GLY C 2160 46.18 83.78 -28.52
C GLY C 2160 46.84 82.91 -29.56
N GLN C 2161 48.16 83.03 -29.72
CA GLN C 2161 48.87 82.16 -30.65
C GLN C 2161 48.78 80.70 -30.20
N ILE C 2162 48.96 80.47 -28.90
CA ILE C 2162 48.89 79.10 -28.42
C ILE C 2162 47.49 78.55 -28.61
N ARG C 2163 46.46 79.34 -28.30
CA ARG C 2163 45.11 78.85 -28.50
C ARG C 2163 44.82 78.62 -29.98
N SER C 2164 45.44 79.41 -30.87
CA SER C 2164 45.25 79.19 -32.30
C SER C 2164 45.94 77.92 -32.76
N LEU C 2165 46.87 77.40 -31.96
CA LEU C 2165 47.59 76.18 -32.31
C LEU C 2165 46.87 74.92 -31.85
N LEU C 2166 45.72 75.06 -31.18
CA LEU C 2166 44.93 73.92 -30.74
C LEU C 2166 44.09 73.27 -31.83
N ILE C 2167 43.96 73.90 -33.00
CA ILE C 2167 43.09 73.37 -34.06
C ILE C 2167 43.89 73.02 -35.31
N VAL C 2168 45.18 72.73 -35.16
CA VAL C 2168 46.04 72.43 -36.29
C VAL C 2168 46.88 71.20 -35.95
N GLN C 2169 47.05 70.32 -36.94
CA GLN C 2169 47.89 69.15 -36.76
C GLN C 2169 49.32 69.58 -36.46
N MET C 2170 49.96 68.85 -35.56
CA MET C 2170 51.27 69.27 -35.05
C MET C 2170 52.33 69.15 -36.14
N GLY C 2171 53.22 70.14 -36.20
CA GLY C 2171 54.33 70.12 -37.11
C GLY C 2171 55.56 70.80 -36.54
N PRO C 2172 56.69 70.70 -37.26
CA PRO C 2172 57.93 71.34 -36.77
C PRO C 2172 57.82 72.85 -36.63
N GLN C 2173 57.10 73.50 -37.55
CA GLN C 2173 56.97 74.95 -37.45
C GLN C 2173 56.07 75.33 -36.29
N GLU C 2174 54.96 74.63 -36.10
CA GLU C 2174 54.11 74.98 -34.97
C GLU C 2174 54.84 74.66 -33.67
N GLU C 2175 55.71 73.65 -33.69
CA GLU C 2175 56.50 73.33 -32.50
C GLU C 2175 57.43 74.48 -32.15
N ASN C 2176 58.09 75.04 -33.17
CA ASN C 2176 58.98 76.17 -32.93
C ASN C 2176 58.20 77.38 -32.44
N LEU C 2177 57.03 77.62 -33.02
CA LEU C 2177 56.21 78.74 -32.58
C LEU C 2177 55.77 78.57 -31.13
N MET C 2178 55.40 77.34 -30.76
CA MET C 2178 54.99 77.06 -29.38
C MET C 2178 56.15 77.29 -28.42
N ILE C 2179 57.35 76.87 -28.82
CA ILE C 2179 58.51 76.99 -27.95
C ILE C 2179 58.84 78.46 -27.73
N GLN C 2180 58.83 79.25 -28.80
CA GLN C 2180 59.17 80.66 -28.66
C GLN C 2180 58.08 81.41 -27.90
N SER C 2181 56.83 81.00 -28.06
CA SER C 2181 55.75 81.61 -27.29
C SER C 2181 55.92 81.33 -25.80
N ILE C 2182 56.30 80.10 -25.45
CA ILE C 2182 56.53 79.78 -24.04
C ILE C 2182 57.71 80.58 -23.50
N GLY C 2183 58.78 80.70 -24.28
CA GLY C 2183 59.91 81.49 -23.83
C GLY C 2183 59.55 82.94 -23.60
N ASN C 2184 58.73 83.50 -24.49
CA ASN C 2184 58.30 84.88 -24.34
C ASN C 2184 57.42 85.03 -23.10
N ILE C 2185 56.56 84.04 -22.84
CA ILE C 2185 55.73 84.10 -21.64
C ILE C 2185 56.58 84.08 -20.38
N MET C 2186 57.56 83.19 -20.33
CA MET C 2186 58.44 83.13 -19.16
C MET C 2186 59.37 84.31 -19.06
N ASN C 2187 59.52 85.10 -20.12
CA ASN C 2187 60.33 86.30 -20.05
C ASN C 2187 59.57 87.51 -19.53
N ASN C 2188 58.31 87.34 -19.14
CA ASN C 2188 57.47 88.45 -18.71
C ASN C 2188 57.34 88.48 -17.20
N LYS C 2189 57.50 89.68 -16.61
CA LYS C 2189 57.41 89.85 -15.17
C LYS C 2189 55.98 89.67 -14.65
N VAL C 2190 54.98 89.96 -15.48
CA VAL C 2190 53.59 89.84 -15.06
C VAL C 2190 53.25 88.40 -14.74
N PHE C 2191 53.85 87.46 -15.47
CA PHE C 2191 53.59 86.04 -15.24
C PHE C 2191 53.91 85.66 -13.80
N TYR C 2192 54.85 86.36 -13.17
CA TYR C 2192 55.22 86.08 -11.79
C TYR C 2192 54.55 87.04 -10.81
N GLN C 2193 54.25 88.27 -11.25
CA GLN C 2193 53.63 89.25 -10.36
C GLN C 2193 52.16 88.99 -10.11
N HIS C 2194 51.44 88.42 -11.07
CA HIS C 2194 49.99 88.23 -10.96
C HIS C 2194 49.63 86.78 -11.22
N PRO C 2195 49.97 85.89 -10.28
CA PRO C 2195 49.65 84.45 -10.46
C PRO C 2195 48.17 84.13 -10.49
N ASN C 2196 47.34 84.87 -9.77
CA ASN C 2196 45.90 84.58 -9.77
C ASN C 2196 45.30 84.80 -11.15
N LEU C 2197 45.75 85.85 -11.83
CA LEU C 2197 45.28 86.12 -13.18
C LEU C 2197 45.69 85.02 -14.14
N MET C 2198 46.91 84.51 -14.00
CA MET C 2198 47.35 83.42 -14.86
C MET C 2198 46.50 82.17 -14.67
N ARG C 2199 46.16 81.85 -13.41
CA ARG C 2199 45.29 80.69 -13.19
C ARG C 2199 43.92 80.93 -13.79
N ALA C 2200 43.41 82.15 -13.69
CA ALA C 2200 42.11 82.43 -14.29
C ALA C 2200 42.18 82.29 -15.81
N LEU C 2201 43.33 82.61 -16.39
CA LEU C 2201 43.51 82.42 -17.83
C LEU C 2201 43.63 80.95 -18.20
N GLY C 2202 44.06 80.11 -17.26
CA GLY C 2202 44.06 78.67 -17.49
C GLY C 2202 45.04 78.14 -18.53
N MET C 2203 46.27 78.64 -18.52
CA MET C 2203 47.30 78.18 -19.44
C MET C 2203 47.68 76.71 -19.22
N HIS C 2204 47.75 76.28 -17.97
CA HIS C 2204 48.17 74.90 -17.69
C HIS C 2204 47.18 73.87 -18.21
N GLU C 2205 45.87 74.16 -18.17
CA GLU C 2205 44.93 73.22 -18.76
C GLU C 2205 45.19 73.09 -20.26
N THR C 2206 45.42 74.22 -20.92
CA THR C 2206 45.64 74.23 -22.36
C THR C 2206 46.92 73.47 -22.72
N VAL C 2207 47.98 73.68 -21.94
CA VAL C 2207 49.23 72.99 -22.19
C VAL C 2207 49.07 71.50 -21.98
N MET C 2208 48.35 71.09 -20.94
CA MET C 2208 48.16 69.65 -20.73
C MET C 2208 47.39 69.05 -21.89
N GLU C 2209 46.37 69.75 -22.37
CA GLU C 2209 45.57 69.25 -23.48
C GLU C 2209 46.42 69.15 -24.75
N VAL C 2210 47.32 70.11 -24.95
CA VAL C 2210 48.23 70.05 -26.09
C VAL C 2210 49.14 68.84 -25.96
N MET C 2211 49.63 68.61 -24.75
CA MET C 2211 50.56 67.51 -24.53
C MET C 2211 49.85 66.19 -24.83
N VAL C 2212 48.62 66.02 -24.34
CA VAL C 2212 47.98 64.73 -24.56
C VAL C 2212 47.66 64.58 -26.04
N ASN C 2213 47.37 65.69 -26.74
CA ASN C 2213 47.14 65.62 -28.17
C ASN C 2213 48.37 65.16 -28.94
N VAL C 2214 49.55 65.66 -28.56
CA VAL C 2214 50.77 65.17 -29.21
C VAL C 2214 51.01 63.71 -28.87
N LEU C 2215 50.82 63.31 -27.61
CA LEU C 2215 51.00 61.90 -27.28
C LEU C 2215 49.90 61.07 -27.94
N ILE C 2223 57.19 58.97 -28.54
CA ILE C 2223 57.42 60.41 -28.48
C ILE C 2223 57.96 60.92 -29.80
N ARG C 2224 57.26 61.89 -30.39
CA ARG C 2224 57.67 62.47 -31.68
C ARG C 2224 58.28 63.85 -31.54
N PHE C 2225 58.03 64.56 -30.44
CA PHE C 2225 58.45 65.94 -30.26
C PHE C 2225 59.01 66.12 -28.86
N PRO C 2226 60.16 65.49 -28.56
CA PRO C 2226 60.67 65.55 -27.19
C PRO C 2226 60.96 66.97 -26.73
N LYS C 2227 61.40 67.86 -27.63
CA LYS C 2227 61.68 69.21 -27.17
C LYS C 2227 60.40 69.89 -26.72
N MET C 2228 59.31 69.64 -27.43
CA MET C 2228 58.01 70.20 -27.04
C MET C 2228 57.53 69.61 -25.72
N VAL C 2229 57.70 68.30 -25.54
CA VAL C 2229 57.21 67.68 -24.30
C VAL C 2229 57.99 68.22 -23.12
N THR C 2230 59.32 68.30 -23.24
CA THR C 2230 60.13 68.80 -22.14
C THR C 2230 59.95 70.31 -21.93
N SER C 2231 59.51 71.03 -22.95
CA SER C 2231 59.21 72.44 -22.77
C SER C 2231 57.91 72.60 -21.99
N CYS C 2232 56.91 71.78 -22.30
CA CYS C 2232 55.67 71.84 -21.56
C CYS C 2232 55.90 71.40 -20.11
N CYS C 2233 56.68 70.35 -19.91
CA CYS C 2233 56.95 69.89 -18.56
C CYS C 2233 57.68 70.94 -17.75
N ARG C 2234 58.68 71.60 -18.36
CA ARG C 2234 59.37 72.66 -17.63
C ARG C 2234 58.44 73.83 -17.32
N PHE C 2235 57.54 74.15 -18.25
CA PHE C 2235 56.58 75.23 -17.97
C PHE C 2235 55.69 74.87 -16.77
N LEU C 2236 55.19 73.64 -16.73
CA LEU C 2236 54.33 73.28 -15.61
C LEU C 2236 55.13 73.17 -14.31
N CYS C 2237 56.39 72.75 -14.39
CA CYS C 2237 57.20 72.71 -13.18
C CYS C 2237 57.42 74.10 -12.59
N TYR C 2238 57.72 75.06 -13.49
CA TYR C 2238 57.88 76.47 -13.08
C TYR C 2238 56.54 76.93 -12.52
N PHE C 2239 55.41 76.56 -13.14
CA PHE C 2239 54.10 77.01 -12.70
C PHE C 2239 53.83 76.51 -11.29
N CYS C 2240 54.20 75.27 -11.01
CA CYS C 2240 54.00 74.73 -9.67
C CYS C 2240 54.91 75.43 -8.68
N ARG C 2241 56.12 75.81 -9.13
CA ARG C 2241 57.06 76.39 -8.20
C ARG C 2241 56.79 77.87 -7.92
N ILE C 2242 55.85 78.48 -8.64
CA ILE C 2242 55.55 79.88 -8.37
C ILE C 2242 54.80 80.02 -7.04
N SER C 2243 53.78 79.20 -6.83
CA SER C 2243 52.94 79.33 -5.65
C SER C 2243 52.29 78.01 -5.31
N ARG C 2244 51.82 77.92 -4.06
CA ARG C 2244 51.17 76.71 -3.57
C ARG C 2244 49.81 76.49 -4.21
N GLN C 2245 49.10 77.57 -4.54
CA GLN C 2245 47.81 77.43 -5.20
C GLN C 2245 47.97 76.78 -6.58
N ASN C 2246 49.02 77.14 -7.31
CA ASN C 2246 49.31 76.44 -8.55
C ASN C 2246 49.62 74.97 -8.29
N GLN C 2247 50.37 74.68 -7.23
CA GLN C 2247 50.68 73.30 -6.91
C GLN C 2247 49.43 72.52 -6.56
N ARG C 2248 48.52 73.14 -5.80
CA ARG C 2248 47.26 72.46 -5.49
C ARG C 2248 46.43 72.23 -6.74
N SER C 2249 46.41 73.22 -7.65
CA SER C 2249 45.66 73.06 -8.89
C SER C 2249 46.20 71.91 -9.73
N MET C 2250 47.52 71.79 -9.83
CA MET C 2250 48.15 70.69 -10.54
C MET C 2250 48.04 69.36 -9.82
N PHE C 2251 47.81 69.36 -8.50
CA PHE C 2251 47.66 68.09 -7.80
C PHE C 2251 46.37 67.37 -8.20
N ASP C 2252 45.35 68.11 -8.62
CA ASP C 2252 44.11 67.48 -9.04
C ASP C 2252 44.25 66.64 -10.30
N HIS C 2253 45.29 66.86 -11.10
CA HIS C 2253 45.53 66.07 -12.29
C HIS C 2253 46.68 65.08 -12.13
N LEU C 2254 47.01 64.70 -10.89
CA LEU C 2254 48.13 63.80 -10.65
C LEU C 2254 47.89 62.45 -11.33
N SER C 2255 46.68 61.91 -11.19
CA SER C 2255 46.33 60.65 -11.84
C SER C 2255 46.34 60.78 -13.36
N TYR C 2256 45.92 61.94 -13.88
CA TYR C 2256 45.93 62.14 -15.32
C TYR C 2256 47.34 62.10 -15.87
N LEU C 2257 48.31 62.66 -15.15
CA LEU C 2257 49.70 62.62 -15.60
C LEU C 2257 50.27 61.21 -15.49
N LEU C 2258 49.93 60.49 -14.43
CA LEU C 2258 50.50 59.17 -14.20
C LEU C 2258 50.08 58.18 -15.29
N GLU C 2259 48.82 58.23 -15.71
CA GLU C 2259 48.35 57.30 -16.73
C GLU C 2259 49.00 57.54 -18.08
N ASN C 2260 49.52 58.74 -18.34
CA ASN C 2260 50.26 59.01 -19.56
C ASN C 2260 51.77 58.92 -19.36
N SER C 2261 52.24 58.79 -18.11
CA SER C 2261 53.67 58.69 -17.83
C SER C 2261 54.11 57.23 -17.78
N GLY C 2262 53.80 56.52 -18.86
CA GLY C 2262 54.18 55.13 -19.01
C GLY C 2262 55.56 54.99 -19.62
N ILE C 2263 55.83 53.79 -20.14
CA ILE C 2263 57.10 53.54 -20.78
C ILE C 2263 57.23 54.42 -22.02
N GLY C 2264 58.35 55.13 -22.12
CA GLY C 2264 58.55 56.15 -23.16
C GLY C 2264 58.66 57.51 -22.49
N LEU C 2265 59.37 57.58 -21.35
CA LEU C 2265 59.60 58.86 -20.63
C LEU C 2265 60.39 59.75 -21.57
N GLY C 2266 61.15 59.15 -22.49
CA GLY C 2266 62.09 59.90 -23.35
C GLY C 2266 63.38 59.92 -22.59
N MET C 2267 64.55 59.78 -23.22
CA MET C 2267 65.86 59.95 -22.52
C MET C 2267 66.35 61.37 -22.80
N GLN C 2268 65.44 62.37 -22.85
CA GLN C 2268 65.77 63.78 -23.19
C GLN C 2268 65.76 64.68 -21.96
N GLY C 2269 64.61 65.22 -21.53
CA GLY C 2269 64.53 66.19 -20.42
C GLY C 2269 63.38 65.95 -19.46
N SER C 2270 62.77 67.01 -18.90
CA SER C 2270 61.74 66.87 -17.89
C SER C 2270 60.55 66.09 -18.44
N THR C 2271 59.95 65.28 -17.58
CA THR C 2271 58.91 64.34 -17.97
C THR C 2271 57.67 64.56 -17.12
N PRO C 2272 56.51 64.07 -17.57
CA PRO C 2272 55.30 64.21 -16.76
C PRO C 2272 55.46 63.65 -15.36
N LEU C 2273 56.26 62.60 -15.20
CA LEU C 2273 56.54 62.10 -13.87
C LEU C 2273 57.30 63.12 -13.04
N ASP C 2274 58.23 63.86 -13.67
CA ASP C 2274 58.93 64.91 -12.94
C ASP C 2274 58.00 66.05 -12.53
N VAL C 2275 57.07 66.44 -13.41
CA VAL C 2275 56.12 67.48 -13.00
C VAL C 2275 55.24 66.99 -11.84
N ALA C 2276 54.80 65.74 -11.91
CA ALA C 2276 54.01 65.19 -10.81
C ALA C 2276 54.80 65.17 -9.52
N ALA C 2277 56.07 64.80 -9.58
CA ALA C 2277 56.88 64.82 -8.36
C ALA C 2277 57.05 66.25 -7.85
N ALA C 2278 57.23 67.20 -8.76
CA ALA C 2278 57.40 68.60 -8.36
C ALA C 2278 56.11 69.20 -7.81
N SER C 2279 54.98 68.54 -8.05
CA SER C 2279 53.70 69.05 -7.59
C SER C 2279 53.30 68.59 -6.20
N VAL C 2280 54.17 67.85 -5.50
CA VAL C 2280 53.84 67.34 -4.17
C VAL C 2280 54.96 67.67 -3.18
N ILE C 2281 55.95 68.43 -3.62
CA ILE C 2281 57.11 68.70 -2.77
C ILE C 2281 56.74 69.66 -1.66
N ASP C 2282 57.11 69.31 -0.43
CA ASP C 2282 56.96 70.19 0.73
C ASP C 2282 55.51 70.63 0.92
N ASN C 2283 54.60 69.67 0.81
CA ASN C 2283 53.17 69.92 1.01
C ASN C 2283 52.59 68.74 1.78
N ASN C 2284 52.44 68.91 3.09
CA ASN C 2284 51.92 67.82 3.92
C ASN C 2284 50.47 67.53 3.59
N GLU C 2285 49.68 68.57 3.28
CA GLU C 2285 48.26 68.36 3.00
C GLU C 2285 48.09 67.49 1.76
N LEU C 2286 48.87 67.75 0.71
CA LEU C 2286 48.77 66.94 -0.50
C LEU C 2286 49.43 65.58 -0.31
N ALA C 2287 50.47 65.49 0.50
CA ALA C 2287 51.07 64.19 0.76
C ALA C 2287 50.08 63.29 1.47
N LEU C 2288 49.35 63.84 2.45
CA LEU C 2288 48.33 63.07 3.16
C LEU C 2288 47.10 62.83 2.29
N ALA C 2289 46.86 63.68 1.29
CA ALA C 2289 45.78 63.46 0.35
C ALA C 2289 46.19 62.57 -0.82
N LEU C 2290 47.43 62.09 -0.83
CA LEU C 2290 47.88 61.20 -1.89
C LEU C 2290 47.17 59.86 -1.78
N GLN C 2291 46.43 59.50 -2.83
CA GLN C 2291 45.67 58.27 -2.82
C GLN C 2291 46.58 57.05 -2.93
N GLU C 2292 46.09 55.93 -2.38
CA GLU C 2292 46.82 54.67 -2.44
C GLU C 2292 46.86 54.12 -3.86
N GLN C 2293 45.81 54.39 -4.65
CA GLN C 2293 45.77 53.88 -6.02
C GLN C 2293 46.93 54.41 -6.85
N ASP C 2294 47.30 55.66 -6.66
CA ASP C 2294 48.44 56.20 -7.39
C ASP C 2294 49.73 55.47 -7.03
N LEU C 2295 49.94 55.19 -5.75
CA LEU C 2295 51.13 54.45 -5.35
C LEU C 2295 51.14 53.01 -5.87
N GLU C 2296 49.99 52.32 -5.86
CA GLU C 2296 50.01 50.97 -6.43
C GLU C 2296 50.31 51.03 -7.92
N LYS C 2297 49.80 52.06 -8.61
CA LYS C 2297 50.09 52.19 -10.03
C LYS C 2297 51.57 52.41 -10.27
N VAL C 2298 52.20 53.23 -9.43
CA VAL C 2298 53.63 53.50 -9.62
C VAL C 2298 54.44 52.25 -9.34
N VAL C 2299 54.11 51.53 -8.27
CA VAL C 2299 54.85 50.32 -7.97
C VAL C 2299 54.66 49.27 -9.05
N SER C 2300 53.45 49.19 -9.62
CA SER C 2300 53.22 48.29 -10.75
C SER C 2300 54.05 48.66 -11.98
N TYR C 2301 54.17 49.96 -12.25
CA TYR C 2301 55.08 50.38 -13.32
C TYR C 2301 56.52 50.00 -13.03
N LEU C 2302 56.96 50.21 -11.79
CA LEU C 2302 58.33 49.86 -11.44
C LEU C 2302 58.55 48.36 -11.57
N ALA C 2303 57.56 47.55 -11.18
CA ALA C 2303 57.69 46.11 -11.31
C ALA C 2303 57.80 45.72 -12.77
N GLY C 2304 57.02 46.37 -13.64
CA GLY C 2304 57.13 46.07 -15.05
C GLY C 2304 58.48 46.45 -15.59
N CYS C 2305 59.00 47.58 -15.12
CA CYS C 2305 60.32 48.06 -15.52
C CYS C 2305 61.43 47.12 -15.04
N GLY C 2306 61.22 46.42 -13.94
CA GLY C 2306 62.21 45.55 -13.35
C GLY C 2306 62.31 44.16 -13.93
N LEU C 2307 61.58 43.85 -15.00
CA LEU C 2307 61.57 42.52 -15.58
C LEU C 2307 62.00 42.46 -17.04
N GLN C 2308 62.10 43.59 -17.72
CA GLN C 2308 62.43 43.61 -19.13
C GLN C 2308 63.56 44.61 -19.39
N SER C 2309 64.35 44.32 -20.42
CA SER C 2309 65.43 45.21 -20.81
C SER C 2309 64.88 46.48 -21.45
N CYS C 2310 65.70 47.51 -21.45
CA CYS C 2310 65.29 48.79 -22.01
C CYS C 2310 65.27 48.72 -23.54
N PRO C 2311 64.12 48.94 -24.19
CA PRO C 2311 64.08 48.80 -25.65
C PRO C 2311 64.95 49.78 -26.39
N MET C 2312 65.14 51.01 -25.88
CA MET C 2312 66.01 51.95 -26.56
C MET C 2312 67.46 51.48 -26.50
N LEU C 2313 67.87 50.95 -25.34
CA LEU C 2313 69.23 50.47 -25.23
C LEU C 2313 69.44 49.28 -26.15
N LEU C 2314 68.43 48.40 -26.23
CA LEU C 2314 68.56 47.25 -27.13
C LEU C 2314 68.66 47.73 -28.57
N ALA C 2315 67.87 48.74 -28.93
CA ALA C 2315 67.95 49.29 -30.28
C ALA C 2315 69.27 50.01 -30.52
N LYS C 2316 70.01 50.30 -29.45
CA LYS C 2316 71.30 50.95 -29.56
C LYS C 2316 72.45 49.96 -29.38
N GLY C 2317 72.14 48.68 -29.26
CA GLY C 2317 73.14 47.64 -29.28
C GLY C 2317 73.79 47.32 -27.95
N TYR C 2318 73.26 47.84 -26.85
CA TYR C 2318 73.83 47.54 -25.55
C TYR C 2318 73.59 46.07 -25.20
N PRO C 2319 74.46 45.47 -24.40
CA PRO C 2319 74.25 44.08 -23.99
C PRO C 2319 72.95 43.94 -23.21
N ASP C 2320 72.33 42.77 -23.33
CA ASP C 2320 71.00 42.52 -22.81
C ASP C 2320 71.08 42.07 -21.35
N ILE C 2321 70.37 42.79 -20.48
CA ILE C 2321 70.14 42.37 -19.11
C ILE C 2321 68.64 42.50 -18.83
N GLY C 2322 68.14 41.62 -17.95
CA GLY C 2322 66.71 41.46 -17.78
C GLY C 2322 66.00 42.50 -16.94
N TRP C 2323 66.51 43.73 -16.91
CA TRP C 2323 65.82 44.77 -16.15
C TRP C 2323 66.30 46.14 -16.62
N ASN C 2324 65.64 47.18 -16.10
CA ASN C 2324 65.85 48.56 -16.54
C ASN C 2324 66.14 49.43 -15.32
N PRO C 2325 67.40 49.46 -14.89
CA PRO C 2325 67.76 50.26 -13.72
C PRO C 2325 67.43 51.74 -13.85
N CYS C 2326 67.52 52.30 -15.06
CA CYS C 2326 67.26 53.73 -15.22
C CYS C 2326 65.80 54.04 -14.92
N GLY C 2327 64.89 53.27 -15.49
CA GLY C 2327 63.47 53.51 -15.23
C GLY C 2327 63.14 53.23 -13.78
N GLY C 2328 63.74 52.19 -13.20
CA GLY C 2328 63.43 51.89 -11.82
C GLY C 2328 63.90 53.01 -10.92
N GLU C 2329 65.05 53.61 -11.25
CA GLU C 2329 65.56 54.72 -10.46
C GLU C 2329 64.62 55.92 -10.57
N ARG C 2330 64.09 56.14 -11.77
CA ARG C 2330 63.21 57.29 -11.97
C ARG C 2330 61.94 57.14 -11.14
N TYR C 2331 61.41 55.93 -11.05
CA TYR C 2331 60.24 55.74 -10.19
C TYR C 2331 60.63 55.77 -8.71
N LEU C 2332 61.84 55.35 -8.37
CA LEU C 2332 62.28 55.34 -6.99
C LEU C 2332 62.39 56.75 -6.43
N ASP C 2333 62.91 57.69 -7.21
CA ASP C 2333 63.06 59.03 -6.66
C ASP C 2333 61.69 59.70 -6.51
N PHE C 2334 60.73 59.32 -7.35
CA PHE C 2334 59.38 59.81 -7.18
C PHE C 2334 58.79 59.31 -5.87
N LEU C 2335 58.96 58.02 -5.57
CA LEU C 2335 58.48 57.53 -4.28
C LEU C 2335 59.26 58.17 -3.13
N ARG C 2336 60.53 58.53 -3.35
CA ARG C 2336 61.28 59.21 -2.31
C ARG C 2336 60.67 60.56 -1.97
N PHE C 2337 60.23 61.29 -3.00
CA PHE C 2337 59.57 62.56 -2.73
C PHE C 2337 58.17 62.36 -2.19
N ALA C 2338 57.55 61.22 -2.51
CA ALA C 2338 56.20 60.95 -2.04
C ALA C 2338 56.19 60.57 -0.58
N VAL C 2339 57.30 59.99 -0.09
CA VAL C 2339 57.35 59.45 1.26
C VAL C 2339 58.19 60.31 2.21
N PHE C 2340 58.97 61.27 1.71
CA PHE C 2340 59.79 62.11 2.57
C PHE C 2340 59.45 63.57 2.32
N VAL C 2341 58.88 64.22 3.34
CA VAL C 2341 58.45 65.61 3.24
C VAL C 2341 58.99 66.38 4.44
N ASN C 2342 59.63 67.52 4.16
CA ASN C 2342 60.03 68.48 5.19
C ASN C 2342 60.91 67.84 6.26
N GLY C 2343 61.75 66.89 5.84
CA GLY C 2343 62.71 66.28 6.75
C GLY C 2343 62.15 65.24 7.68
N GLU C 2344 60.86 64.92 7.59
CA GLU C 2344 60.24 63.92 8.45
C GLU C 2344 59.56 62.86 7.59
N SER C 2345 59.45 61.66 8.14
CA SER C 2345 58.86 60.53 7.43
C SER C 2345 57.35 60.47 7.67
N VAL C 2346 56.59 60.42 6.59
CA VAL C 2346 55.14 60.26 6.66
C VAL C 2346 54.84 58.77 6.76
N GLU C 2347 54.42 58.34 7.95
CA GLU C 2347 54.32 56.91 8.23
C GLU C 2347 53.19 56.23 7.47
N GLU C 2348 52.09 56.94 7.19
CA GLU C 2348 51.00 56.32 6.45
C GLU C 2348 51.41 55.91 5.04
N ASN C 2349 52.10 56.80 4.33
CA ASN C 2349 52.54 56.43 2.99
C ASN C 2349 53.72 55.50 3.07
N ALA C 2350 54.61 55.68 4.05
CA ALA C 2350 55.78 54.82 4.11
C ALA C 2350 55.33 53.39 4.34
N ASN C 2351 54.36 53.19 5.24
CA ASN C 2351 53.86 51.85 5.51
C ASN C 2351 53.16 51.26 4.29
N VAL C 2352 52.36 52.07 3.59
CA VAL C 2352 51.67 51.52 2.42
C VAL C 2352 52.68 51.13 1.35
N VAL C 2353 53.66 51.99 1.07
CA VAL C 2353 54.64 51.72 0.03
C VAL C 2353 55.47 50.49 0.38
N VAL C 2354 55.91 50.39 1.64
CA VAL C 2354 56.73 49.25 2.06
C VAL C 2354 55.93 47.96 1.94
N ARG C 2355 54.65 47.97 2.35
CA ARG C 2355 53.86 46.76 2.25
C ARG C 2355 53.67 46.36 0.79
N LEU C 2356 53.46 47.33 -0.09
CA LEU C 2356 53.34 47.01 -1.52
C LEU C 2356 54.65 46.45 -2.05
N LEU C 2357 55.77 47.01 -1.60
CA LEU C 2357 57.07 46.57 -2.09
C LEU C 2357 57.32 45.13 -1.67
N ILE C 2358 57.00 44.80 -0.42
CA ILE C 2358 57.27 43.43 0.03
C ILE C 2358 56.28 42.48 -0.61
N ARG C 2359 55.09 42.98 -0.97
CA ARG C 2359 54.13 42.15 -1.68
C ARG C 2359 54.57 41.87 -3.11
N LYS C 2360 55.44 42.72 -3.67
CA LYS C 2360 56.03 42.50 -4.98
C LYS C 2360 57.55 42.50 -4.84
N PRO C 2361 58.13 41.37 -4.44
CA PRO C 2361 59.59 41.34 -4.22
C PRO C 2361 60.42 41.38 -5.50
N GLU C 2362 59.84 41.08 -6.66
CA GLU C 2362 60.62 41.14 -7.90
C GLU C 2362 61.04 42.56 -8.25
N CYS C 2363 60.46 43.57 -7.61
CA CYS C 2363 60.87 44.96 -7.80
C CYS C 2363 62.27 45.26 -7.27
N PHE C 2364 62.87 44.39 -6.48
CA PHE C 2364 64.19 44.64 -5.92
C PHE C 2364 65.32 44.22 -6.84
N GLY C 2365 65.02 43.68 -8.03
CA GLY C 2365 66.06 43.38 -8.98
C GLY C 2365 66.67 42.00 -8.80
N PRO C 2366 67.64 41.67 -9.65
CA PRO C 2366 68.30 40.36 -9.52
C PRO C 2366 68.90 40.12 -8.15
N ALA C 2367 69.45 41.16 -7.53
CA ALA C 2367 69.89 41.04 -6.15
C ALA C 2367 68.68 41.10 -5.22
N LEU C 2368 68.86 40.57 -4.02
CA LEU C 2368 67.81 40.46 -3.02
C LEU C 2368 66.63 39.63 -3.53
N ARG C 2369 66.81 38.90 -4.62
CA ARG C 2369 65.70 38.17 -5.23
C ARG C 2369 65.36 36.90 -4.46
N GLY C 2370 66.36 36.25 -3.86
CA GLY C 2370 66.14 34.99 -3.17
C GLY C 2370 66.24 33.82 -4.12
N GLU C 2371 66.13 32.63 -3.52
CA GLU C 2371 66.21 31.36 -4.26
C GLU C 2371 67.34 31.41 -5.30
N GLY C 2372 68.43 32.06 -4.92
CA GLY C 2372 69.56 32.21 -5.81
C GLY C 2372 69.82 33.68 -6.13
N GLY C 2373 70.92 34.21 -5.61
CA GLY C 2373 71.28 35.59 -5.82
C GLY C 2373 72.15 36.12 -4.71
N SER C 2374 73.24 36.78 -5.07
CA SER C 2374 74.20 37.30 -4.11
C SER C 2374 73.74 38.65 -3.56
N GLY C 2375 74.40 39.06 -2.48
CA GLY C 2375 74.05 40.27 -1.79
C GLY C 2375 74.46 41.55 -2.50
N LEU C 2376 74.17 42.66 -1.81
CA LEU C 2376 74.46 43.99 -2.35
C LEU C 2376 75.95 44.17 -2.62
N LEU C 2377 76.81 43.69 -1.72
CA LEU C 2377 78.23 43.86 -1.94
C LEU C 2377 78.68 43.09 -3.18
N ALA C 2378 78.16 41.87 -3.36
CA ALA C 2378 78.55 41.10 -4.54
C ALA C 2378 78.06 41.79 -5.80
N ALA C 2379 76.85 42.36 -5.75
CA ALA C 2379 76.32 43.06 -6.91
C ALA C 2379 77.18 44.27 -7.25
N ILE C 2380 77.59 45.03 -6.25
CA ILE C 2380 78.44 46.20 -6.48
C ILE C 2380 79.79 45.80 -7.04
N GLU C 2381 80.39 44.74 -6.51
CA GLU C 2381 81.67 44.27 -7.04
C GLU C 2381 81.53 43.82 -8.49
N GLU C 2382 80.44 43.13 -8.82
CA GLU C 2382 80.21 42.76 -10.21
C GLU C 2382 80.05 43.99 -11.09
N ALA C 2383 79.34 45.00 -10.58
CA ALA C 2383 79.18 46.22 -11.37
C ALA C 2383 80.51 46.91 -11.59
N ILE C 2384 81.37 46.87 -10.58
CA ILE C 2384 82.70 47.47 -10.71
C ILE C 2384 83.50 46.75 -11.78
N ARG C 2385 83.43 45.42 -11.79
CA ARG C 2385 84.14 44.67 -12.82
C ARG C 2385 83.56 44.96 -14.21
N ILE C 2386 82.25 45.17 -14.30
CA ILE C 2386 81.65 45.55 -15.57
C ILE C 2386 82.18 46.91 -16.01
N SER C 2387 82.27 47.85 -15.07
CA SER C 2387 82.75 49.18 -15.42
C SER C 2387 84.19 49.11 -15.89
N GLU C 2388 85.01 48.27 -15.24
CA GLU C 2388 86.41 48.14 -15.62
C GLU C 2388 86.57 47.41 -16.95
N ASP C 2389 85.58 46.64 -17.36
CA ASP C 2389 85.64 45.97 -18.66
C ASP C 2389 84.78 46.76 -19.64
N PRO C 2390 85.36 47.42 -20.64
CA PRO C 2390 84.54 48.20 -21.58
C PRO C 2390 83.57 47.37 -22.39
N ALA C 2391 83.93 46.13 -22.73
CA ALA C 2391 83.06 45.33 -23.60
C ALA C 2391 81.71 45.08 -22.96
N ARG C 2392 81.69 44.83 -21.65
CA ARG C 2392 80.45 44.60 -20.93
C ARG C 2392 79.70 45.87 -20.56
N ASP C 2393 80.30 47.05 -20.78
CA ASP C 2393 79.70 48.31 -20.38
C ASP C 2393 78.94 48.98 -21.52
N GLY C 2394 79.63 49.27 -22.62
CA GLY C 2394 79.01 49.95 -23.73
C GLY C 2394 78.73 49.05 -24.92
N PRO C 2395 78.19 49.63 -25.99
CA PRO C 2395 77.87 48.83 -27.18
C PRO C 2395 79.10 48.17 -27.79
N ARG C 2415 75.47 59.21 -23.00
CA ARG C 2415 75.88 57.81 -23.00
C ARG C 2415 75.71 57.20 -21.61
N VAL C 2416 75.03 56.07 -21.56
CA VAL C 2416 74.69 55.39 -20.31
C VAL C 2416 75.72 54.31 -20.04
N HIS C 2417 76.24 54.28 -18.82
CA HIS C 2417 77.15 53.23 -18.36
C HIS C 2417 76.40 52.33 -17.40
N LEU C 2418 76.35 51.03 -17.74
CA LEU C 2418 75.50 50.10 -17.01
C LEU C 2418 75.95 49.93 -15.56
N GLY C 2419 77.26 49.94 -15.33
CA GLY C 2419 77.75 49.84 -13.97
C GLY C 2419 77.28 50.97 -13.08
N HIS C 2420 77.38 52.19 -13.59
CA HIS C 2420 76.90 53.34 -12.82
C HIS C 2420 75.38 53.31 -12.68
N ALA C 2421 74.67 52.87 -13.72
CA ALA C 2421 73.22 52.83 -13.61
C ALA C 2421 72.80 51.85 -12.52
N ILE C 2422 73.46 50.69 -12.45
CA ILE C 2422 73.14 49.69 -11.45
C ILE C 2422 73.45 50.20 -10.05
N MET C 2423 74.61 50.85 -9.88
CA MET C 2423 74.94 51.39 -8.56
C MET C 2423 73.94 52.48 -8.16
N SER C 2424 73.56 53.34 -9.11
CA SER C 2424 72.60 54.39 -8.79
C SER C 2424 71.26 53.81 -8.41
N PHE C 2425 70.87 52.71 -9.06
CA PHE C 2425 69.61 52.05 -8.74
C PHE C 2425 69.62 51.53 -7.32
N TYR C 2426 70.66 50.78 -6.95
CA TYR C 2426 70.69 50.22 -5.60
C TYR C 2426 70.83 51.31 -4.55
N ALA C 2427 71.60 52.36 -4.84
CA ALA C 2427 71.69 53.49 -3.92
C ALA C 2427 70.34 54.16 -3.71
N ALA C 2428 69.57 54.36 -4.77
CA ALA C 2428 68.23 54.93 -4.63
C ALA C 2428 67.32 54.00 -3.83
N LEU C 2429 67.40 52.69 -4.07
CA LEU C 2429 66.55 51.77 -3.32
C LEU C 2429 66.88 51.79 -1.84
N ILE C 2430 68.17 51.80 -1.50
CA ILE C 2430 68.56 51.85 -0.09
C ILE C 2430 68.17 53.18 0.53
N ASP C 2431 68.28 54.27 -0.22
CA ASP C 2431 67.85 55.56 0.29
C ASP C 2431 66.35 55.56 0.59
N LEU C 2432 65.56 54.98 -0.30
CA LEU C 2432 64.12 54.93 -0.09
C LEU C 2432 63.78 54.10 1.14
N LEU C 2433 64.40 52.93 1.28
CA LEU C 2433 64.10 52.11 2.45
C LEU C 2433 64.55 52.81 3.73
N GLY C 2434 65.68 53.50 3.69
CA GLY C 2434 66.13 54.23 4.86
C GLY C 2434 65.18 55.35 5.25
N ARG C 2435 64.64 56.06 4.24
CA ARG C 2435 63.70 57.14 4.50
C ARG C 2435 62.33 56.63 4.93
N CYS C 2436 62.02 55.37 4.66
CA CYS C 2436 60.78 54.78 5.14
C CYS C 2436 60.84 54.35 6.60
N ALA C 2437 61.98 54.52 7.27
CA ALA C 2437 62.13 54.03 8.63
C ALA C 2437 61.22 54.77 9.61
N PRO C 2438 60.72 54.08 10.64
CA PRO C 2438 59.89 54.75 11.65
C PRO C 2438 60.68 55.74 12.49
N GLU C 2439 59.95 56.69 13.07
CA GLU C 2439 60.54 57.74 13.89
C GLU C 2439 60.94 57.22 15.27
N MET C 2440 61.90 57.93 15.88
CA MET C 2440 62.44 57.51 17.16
C MET C 2440 61.38 57.63 18.25
N HIS C 2441 60.56 58.68 18.20
CA HIS C 2441 59.53 58.84 19.23
C HIS C 2441 58.49 57.73 19.14
N LEU C 2442 58.31 57.18 17.94
CA LEU C 2442 57.43 56.02 17.76
C LEU C 2442 58.08 54.75 18.31
N ILE C 2443 59.38 54.58 18.09
CA ILE C 2443 60.04 53.39 18.64
C ILE C 2443 59.98 53.43 20.16
N GLN C 2444 60.24 54.60 20.75
CA GLN C 2444 60.14 54.71 22.20
C GLN C 2444 58.71 54.49 22.68
N ALA C 2445 57.73 54.97 21.91
CA ALA C 2445 56.34 54.67 22.25
C ALA C 2445 56.01 53.20 22.08
N GLY C 2446 56.88 52.44 21.43
CA GLY C 2446 56.70 51.00 21.34
C GLY C 2446 55.60 50.57 20.42
N LYS C 2447 55.28 51.37 19.41
CA LYS C 2447 54.22 51.02 18.48
C LYS C 2447 54.56 49.71 17.78
N GLY C 2448 53.59 48.78 17.80
CA GLY C 2448 53.84 47.48 17.22
C GLY C 2448 54.12 47.56 15.73
N GLU C 2449 53.37 48.41 15.02
CA GLU C 2449 53.58 48.52 13.58
C GLU C 2449 54.96 49.10 13.29
N ALA C 2450 55.40 50.09 14.06
CA ALA C 2450 56.72 50.67 13.84
C ALA C 2450 57.81 49.64 14.08
N LEU C 2451 57.68 48.86 15.16
CA LEU C 2451 58.68 47.84 15.44
C LEU C 2451 58.68 46.78 14.35
N ARG C 2452 57.49 46.43 13.85
CA ARG C 2452 57.37 45.44 12.79
C ARG C 2452 58.05 45.93 11.52
N ILE C 2453 57.86 47.21 11.19
CA ILE C 2453 58.46 47.77 9.98
C ILE C 2453 59.96 47.78 10.11
N ARG C 2454 60.47 48.21 11.27
CA ARG C 2454 61.92 48.24 11.44
C ARG C 2454 62.51 46.84 11.38
N ALA C 2455 61.82 45.86 11.94
CA ALA C 2455 62.30 44.48 11.88
C ALA C 2455 62.34 43.99 10.43
N ILE C 2456 61.34 44.34 9.64
CA ILE C 2456 61.33 43.92 8.24
C ILE C 2456 62.49 44.58 7.49
N LEU C 2457 62.70 45.87 7.72
CA LEU C 2457 63.79 46.55 7.02
C LEU C 2457 65.14 45.97 7.42
N ARG C 2458 65.31 45.68 8.71
CA ARG C 2458 66.56 45.08 9.16
C ARG C 2458 66.77 43.70 8.54
N SER C 2459 65.69 42.93 8.40
CA SER C 2459 65.82 41.62 7.77
C SER C 2459 66.22 41.76 6.31
N LEU C 2460 65.66 42.77 5.63
CA LEU C 2460 65.98 42.96 4.21
C LEU C 2460 67.43 43.39 4.03
N VAL C 2461 67.92 44.30 4.86
CA VAL C 2461 69.26 44.87 4.67
C VAL C 2461 70.17 44.47 5.83
N PRO C 2462 71.07 43.52 5.64
CA PRO C 2462 72.01 43.18 6.70
C PRO C 2462 73.03 44.30 6.93
N LEU C 2463 73.51 44.38 8.17
CA LEU C 2463 74.47 45.42 8.54
C LEU C 2463 75.84 45.15 7.94
N ASP C 2464 76.23 43.88 7.85
CA ASP C 2464 77.55 43.55 7.35
C ASP C 2464 77.71 43.95 5.89
N ASP C 2465 76.64 43.81 5.11
CA ASP C 2465 76.71 44.23 3.70
C ASP C 2465 76.90 45.74 3.61
N LEU C 2466 76.24 46.47 4.51
CA LEU C 2466 76.42 47.92 4.56
C LEU C 2466 77.86 48.29 4.87
N VAL C 2467 78.45 47.61 5.85
CA VAL C 2467 79.83 47.93 6.21
C VAL C 2467 80.77 47.56 5.07
N GLY C 2468 80.50 46.44 4.39
CA GLY C 2468 81.34 46.06 3.28
C GLY C 2468 81.31 47.07 2.16
N ILE C 2469 80.12 47.60 1.86
CA ILE C 2469 80.00 48.60 0.80
C ILE C 2469 80.70 49.90 1.23
N ILE C 2470 80.52 50.32 2.48
CA ILE C 2470 81.18 51.53 2.96
C ILE C 2470 82.69 51.38 2.93
N SER C 2471 83.20 50.16 3.14
CA SER C 2471 84.64 49.96 3.15
C SER C 2471 85.25 49.96 1.76
N LEU C 2472 84.45 50.04 0.70
CA LEU C 2472 84.99 49.97 -0.65
C LEU C 2472 85.87 51.19 -0.93
N PRO C 2473 87.01 51.00 -1.58
CA PRO C 2473 87.87 52.15 -1.91
C PRO C 2473 87.28 53.02 -3.01
N LEU C 2474 87.67 54.29 -2.99
CA LEU C 2474 87.28 55.25 -4.02
C LEU C 2474 88.52 55.69 -4.79
N GLN C 2475 88.39 55.75 -6.11
CA GLN C 2475 89.48 56.24 -6.95
C GLN C 2475 89.67 57.73 -6.74
N ILE C 2476 90.91 58.14 -6.53
CA ILE C 2476 91.22 59.54 -6.22
C ILE C 2476 92.00 60.14 -7.38
N PRO C 2477 91.82 61.42 -7.70
CA PRO C 2477 92.61 62.02 -8.79
C PRO C 2477 94.09 61.91 -8.51
N THR C 2478 94.85 61.63 -9.56
CA THR C 2478 96.30 61.46 -9.44
C THR C 2478 96.98 62.17 -10.60
N LEU C 2479 98.30 62.07 -10.64
CA LEU C 2479 99.11 62.73 -11.66
C LEU C 2479 100.02 61.73 -12.35
N GLY C 2480 100.23 61.94 -13.65
CA GLY C 2480 101.09 61.11 -14.45
C GLY C 2480 102.28 61.93 -14.95
N LYS C 2481 103.17 61.23 -15.66
CA LYS C 2481 104.33 61.91 -16.21
C LYS C 2481 103.88 62.94 -17.25
N ASP C 2482 104.50 64.13 -17.23
CA ASP C 2482 104.09 65.27 -18.09
C ASP C 2482 102.83 65.87 -17.46
N GLY C 2483 102.64 65.68 -16.16
CA GLY C 2483 101.47 66.22 -15.41
C GLY C 2483 100.16 65.80 -16.03
N ALA C 2484 100.05 64.56 -16.52
CA ALA C 2484 98.81 64.02 -17.14
C ALA C 2484 97.78 63.79 -16.03
N LEU C 2485 96.92 64.78 -15.73
CA LEU C 2485 95.99 64.66 -14.57
C LEU C 2485 95.02 63.50 -14.81
N VAL C 2486 95.09 62.43 -14.01
CA VAL C 2486 94.17 61.29 -14.12
C VAL C 2486 93.01 61.56 -13.18
N GLN C 2487 91.88 62.00 -13.74
CA GLN C 2487 90.66 62.19 -13.02
C GLN C 2487 89.65 61.11 -13.41
N PRO C 2488 88.88 60.56 -12.46
CA PRO C 2488 87.84 59.59 -12.83
C PRO C 2488 86.69 60.26 -13.56
N LYS C 2489 86.02 59.46 -14.37
CA LYS C 2489 84.81 59.90 -15.07
C LYS C 2489 83.61 59.65 -14.17
N MET C 2490 82.96 60.72 -13.72
CA MET C 2490 81.89 60.61 -12.74
C MET C 2490 80.70 59.82 -13.25
N SER C 2491 80.54 59.69 -14.57
CA SER C 2491 79.42 58.96 -15.13
C SER C 2491 79.68 57.46 -15.24
N ALA C 2492 80.87 56.99 -14.86
CA ALA C 2492 81.20 55.58 -15.01
C ALA C 2492 82.00 55.07 -13.82
N SER C 2493 81.79 55.62 -12.63
CA SER C 2493 82.61 55.23 -11.48
C SER C 2493 81.81 55.33 -10.19
N PHE C 2494 82.34 54.68 -9.16
CA PHE C 2494 81.75 54.70 -7.83
C PHE C 2494 81.87 56.09 -7.22
N VAL C 2495 80.78 56.57 -6.63
CA VAL C 2495 80.72 57.95 -6.14
C VAL C 2495 80.36 58.00 -4.66
N PRO C 2496 80.74 59.06 -3.94
CA PRO C 2496 80.43 59.16 -2.52
C PRO C 2496 78.94 59.21 -2.18
N ASP C 2497 78.08 59.64 -3.12
CA ASP C 2497 76.65 59.66 -2.85
C ASP C 2497 76.09 58.28 -2.55
N HIS C 2498 76.64 57.23 -3.16
CA HIS C 2498 76.19 55.88 -2.82
C HIS C 2498 76.50 55.56 -1.36
N LYS C 2499 77.69 55.97 -0.90
CA LYS C 2499 77.97 55.72 0.51
C LYS C 2499 77.10 56.59 1.38
N ALA C 2500 76.75 57.79 0.90
CA ALA C 2500 75.93 58.66 1.72
C ALA C 2500 74.58 58.01 1.95
N SER C 2501 74.04 57.36 0.91
CA SER C 2501 72.77 56.66 1.07
C SER C 2501 72.90 55.50 2.04
N MET C 2502 74.02 54.77 1.96
CA MET C 2502 74.19 53.66 2.90
C MET C 2502 74.29 54.17 4.33
N VAL C 2503 74.99 55.30 4.52
CA VAL C 2503 75.13 55.87 5.85
C VAL C 2503 73.77 56.30 6.38
N LEU C 2504 72.94 56.88 5.51
CA LEU C 2504 71.60 57.30 5.94
C LEU C 2504 70.78 56.10 6.39
N PHE C 2505 70.86 55.00 5.64
CA PHE C 2505 70.14 53.80 6.03
C PHE C 2505 70.67 53.25 7.35
N LEU C 2506 71.99 53.24 7.52
CA LEU C 2506 72.59 52.73 8.74
C LEU C 2506 72.17 53.55 9.94
N ASP C 2507 72.15 54.87 9.78
CA ASP C 2507 71.77 55.76 10.88
C ASP C 2507 70.31 55.58 11.26
N ARG C 2508 69.41 55.62 10.26
CA ARG C 2508 68.00 55.62 10.60
C ARG C 2508 67.50 54.25 11.02
N VAL C 2509 68.05 53.17 10.48
CA VAL C 2509 67.55 51.83 10.78
C VAL C 2509 68.27 51.22 11.97
N TYR C 2510 69.60 51.16 11.93
CA TYR C 2510 70.37 50.47 12.97
C TYR C 2510 70.79 51.41 14.09
N GLY C 2511 71.47 52.50 13.74
CA GLY C 2511 72.01 53.41 14.74
C GLY C 2511 73.33 52.92 15.31
N ILE C 2512 73.96 53.77 16.10
CA ILE C 2512 75.24 53.49 16.74
C ILE C 2512 75.02 53.49 18.24
N GLU C 2513 75.09 52.31 18.86
CA GLU C 2513 74.84 52.16 20.27
C GLU C 2513 76.04 51.70 21.08
N ASN C 2514 77.05 51.09 20.46
CA ASN C 2514 78.18 50.53 21.19
C ASN C 2514 79.50 51.08 20.69
N GLN C 2515 80.42 51.30 21.62
CA GLN C 2515 81.68 51.92 21.30
C GLN C 2515 82.52 51.05 20.38
N ASP C 2516 82.54 49.74 20.62
CA ASP C 2516 83.41 48.88 19.81
C ASP C 2516 82.97 48.90 18.36
N PHE C 2517 81.66 48.86 18.13
CA PHE C 2517 81.15 48.95 16.76
C PHE C 2517 81.46 50.32 16.16
N LEU C 2518 81.35 51.37 16.96
CA LEU C 2518 81.66 52.70 16.44
C LEU C 2518 83.11 52.77 15.98
N LEU C 2519 84.03 52.24 16.79
CA LEU C 2519 85.43 52.25 16.40
C LEU C 2519 85.68 51.38 15.17
N HIS C 2520 84.98 50.25 15.07
CA HIS C 2520 85.18 49.40 13.89
C HIS C 2520 84.72 50.12 12.63
N VAL C 2521 83.60 50.85 12.72
CA VAL C 2521 83.12 51.57 11.55
C VAL C 2521 84.09 52.69 11.23
N LEU C 2522 84.62 53.34 12.26
CA LEU C 2522 85.51 54.47 12.01
C LEU C 2522 86.74 53.98 11.28
N ASP C 2523 87.37 52.95 11.83
CA ASP C 2523 88.68 52.47 11.42
C ASP C 2523 88.63 51.68 10.13
N VAL C 2524 87.44 51.30 9.64
CA VAL C 2524 87.33 50.55 8.40
C VAL C 2524 86.68 51.38 7.29
N GLY C 2525 85.71 52.24 7.61
CA GLY C 2525 84.98 52.94 6.57
C GLY C 2525 85.26 54.42 6.40
N PHE C 2526 85.42 55.15 7.49
CA PHE C 2526 85.44 56.61 7.43
C PHE C 2526 86.86 57.19 7.34
N LEU C 2527 87.76 56.69 8.19
CA LEU C 2527 89.09 57.29 8.28
C LEU C 2527 89.84 57.32 6.96
N PRO C 2528 89.85 56.26 6.15
CA PRO C 2528 90.51 56.37 4.84
C PRO C 2528 89.94 57.45 3.95
N ASP C 2529 88.63 57.68 3.99
CA ASP C 2529 88.05 58.74 3.19
C ASP C 2529 88.40 60.12 3.74
N MET C 2530 88.42 60.25 5.07
CA MET C 2530 88.80 61.54 5.64
C MET C 2530 90.25 61.87 5.32
N ARG C 2531 91.14 60.88 5.40
CA ARG C 2531 92.53 61.11 5.02
C ARG C 2531 92.65 61.45 3.55
N ALA C 2532 91.88 60.77 2.69
CA ALA C 2532 91.95 61.06 1.27
C ALA C 2532 91.52 62.49 0.98
N ALA C 2533 90.45 62.93 1.63
CA ALA C 2533 90.00 64.31 1.46
C ALA C 2533 91.03 65.30 1.97
N ALA C 2534 91.66 64.99 3.11
CA ALA C 2534 92.67 65.90 3.64
C ALA C 2534 93.86 65.98 2.69
N SER C 2535 94.25 64.86 2.09
CA SER C 2535 95.36 64.86 1.15
C SER C 2535 95.01 65.60 -0.13
N LEU C 2536 93.74 65.58 -0.53
CA LEU C 2536 93.29 66.27 -1.73
C LEU C 2536 93.14 67.78 -1.53
N ASP C 2537 93.62 68.32 -0.42
CA ASP C 2537 93.50 69.75 -0.15
C ASP C 2537 94.52 70.58 -0.92
N THR C 2538 95.45 69.94 -1.63
CA THR C 2538 96.44 70.68 -2.40
C THR C 2538 95.74 71.63 -3.38
N ALA C 2539 96.49 72.64 -3.83
CA ALA C 2539 95.91 73.63 -4.73
C ALA C 2539 95.48 73.01 -6.04
N THR C 2540 96.29 72.09 -6.57
CA THR C 2540 95.97 71.50 -7.87
C THR C 2540 94.68 70.70 -7.81
N PHE C 2541 94.48 69.94 -6.75
CA PHE C 2541 93.35 69.03 -6.61
C PHE C 2541 92.18 69.64 -5.85
N SER C 2542 92.28 70.92 -5.46
CA SER C 2542 91.26 71.51 -4.61
C SER C 2542 89.92 71.60 -5.31
N THR C 2543 89.92 71.93 -6.60
CA THR C 2543 88.68 72.16 -7.34
C THR C 2543 88.20 70.92 -8.07
N THR C 2544 88.83 69.78 -7.87
CA THR C 2544 88.45 68.58 -8.60
C THR C 2544 87.07 68.08 -8.16
N GLU C 2545 86.33 67.55 -9.14
CA GLU C 2545 84.97 67.07 -8.88
C GLU C 2545 84.96 66.06 -7.75
N MET C 2546 85.97 65.18 -7.73
CA MET C 2546 86.02 64.18 -6.67
C MET C 2546 86.21 64.84 -5.32
N ALA C 2547 87.06 65.87 -5.25
CA ALA C 2547 87.27 66.55 -3.97
C ALA C 2547 85.99 67.23 -3.48
N LEU C 2548 85.27 67.89 -4.38
CA LEU C 2548 84.01 68.51 -3.95
C LEU C 2548 82.99 67.46 -3.52
N ALA C 2549 82.91 66.34 -4.24
CA ALA C 2549 81.98 65.29 -3.83
C ALA C 2549 82.36 64.72 -2.47
N LEU C 2550 83.65 64.53 -2.23
CA LEU C 2550 84.08 64.04 -0.93
C LEU C 2550 83.72 65.02 0.17
N ASN C 2551 83.90 66.31 -0.09
CA ASN C 2551 83.58 67.32 0.91
C ASN C 2551 82.08 67.31 1.23
N ARG C 2552 81.24 67.21 0.20
CA ARG C 2552 79.80 67.12 0.44
C ARG C 2552 79.43 65.85 1.21
N TYR C 2553 80.07 64.73 0.86
CA TYR C 2553 79.78 63.48 1.56
C TYR C 2553 80.14 63.57 3.03
N LEU C 2554 81.28 64.18 3.33
CA LEU C 2554 81.71 64.26 4.73
C LEU C 2554 80.87 65.26 5.49
N CYS C 2555 80.55 66.39 4.88
CA CYS C 2555 79.85 67.46 5.56
C CYS C 2555 78.34 67.22 5.62
N LEU C 2556 77.84 66.15 4.97
CA LEU C 2556 76.42 65.84 5.01
C LEU C 2556 76.08 64.49 5.62
N ALA C 2557 77.00 63.52 5.63
CA ALA C 2557 76.67 62.20 6.18
C ALA C 2557 77.56 61.80 7.34
N VAL C 2558 78.88 61.96 7.19
CA VAL C 2558 79.83 61.36 8.14
C VAL C 2558 79.93 62.19 9.41
N LEU C 2559 80.35 63.44 9.27
CA LEU C 2559 80.61 64.28 10.44
C LEU C 2559 79.41 64.47 11.37
N PRO C 2560 78.20 64.72 10.89
CA PRO C 2560 77.07 64.77 11.82
C PRO C 2560 76.87 63.49 12.63
N LEU C 2561 77.12 62.34 12.02
CA LEU C 2561 77.01 61.09 12.77
C LEU C 2561 78.07 61.01 13.86
N ILE C 2562 79.30 61.42 13.56
CA ILE C 2562 80.33 61.38 14.58
C ILE C 2562 80.02 62.37 15.69
N THR C 2563 79.44 63.52 15.33
CA THR C 2563 79.06 64.49 16.34
C THR C 2563 78.01 63.92 17.27
N LYS C 2564 77.04 63.19 16.72
CA LYS C 2564 76.05 62.52 17.56
C LYS C 2564 76.70 61.47 18.46
N CYS C 2565 77.65 60.71 17.91
CA CYS C 2565 78.31 59.65 18.66
C CYS C 2565 79.52 60.14 19.44
N ALA C 2566 79.66 61.45 19.62
CA ALA C 2566 80.78 61.98 20.41
C ALA C 2566 80.83 61.45 21.83
N PRO C 2567 79.73 61.35 22.58
CA PRO C 2567 79.82 60.86 23.96
C PRO C 2567 80.35 59.45 24.09
N LEU C 2568 80.34 58.67 23.02
CA LEU C 2568 80.84 57.29 23.07
C LEU C 2568 82.36 57.21 23.08
N PHE C 2569 83.07 58.34 23.00
CA PHE C 2569 84.52 58.35 23.01
C PHE C 2569 85.11 58.54 24.40
N ALA C 2570 84.31 58.36 25.45
CA ALA C 2570 84.79 58.62 26.80
C ALA C 2570 85.90 57.66 27.21
N GLY C 2571 85.77 56.39 26.88
CA GLY C 2571 86.70 55.38 27.34
C GLY C 2571 87.50 54.70 26.25
N THR C 2572 87.97 55.47 25.28
CA THR C 2572 88.76 54.94 24.16
C THR C 2572 90.25 55.12 24.38
N GLU C 2573 90.71 54.94 25.61
CA GLU C 2573 92.14 55.06 25.89
C GLU C 2573 92.96 53.99 25.17
N HIS C 2574 92.40 52.79 24.99
CA HIS C 2574 93.16 51.70 24.41
C HIS C 2574 93.51 51.94 22.95
N ARG C 2575 92.79 52.81 22.25
CA ARG C 2575 93.08 53.15 20.86
C ARG C 2575 93.40 54.64 20.73
N ALA C 2576 94.24 55.13 21.64
CA ALA C 2576 94.58 56.54 21.65
C ALA C 2576 95.30 56.94 20.38
N ILE C 2577 96.06 56.02 19.77
CA ILE C 2577 96.78 56.34 18.54
C ILE C 2577 95.80 56.64 17.43
N MET C 2578 94.77 55.82 17.29
CA MET C 2578 93.77 56.04 16.25
C MET C 2578 92.97 57.30 16.54
N VAL C 2579 92.61 57.52 17.81
CA VAL C 2579 91.83 58.71 18.14
C VAL C 2579 92.64 59.96 17.82
N ASP C 2580 93.93 59.96 18.17
CA ASP C 2580 94.78 61.10 17.86
C ASP C 2580 94.92 61.33 16.37
N SER C 2581 95.05 60.24 15.60
CA SER C 2581 95.11 60.40 14.16
C SER C 2581 93.81 60.99 13.61
N MET C 2582 92.67 60.57 14.16
CA MET C 2582 91.40 61.12 13.72
C MET C 2582 91.32 62.61 14.03
N LEU C 2583 91.78 63.00 15.23
CA LEU C 2583 91.73 64.41 15.61
C LEU C 2583 92.63 65.23 14.70
N HIS C 2584 93.83 64.74 14.41
CA HIS C 2584 94.73 65.46 13.52
C HIS C 2584 94.13 65.60 12.13
N THR C 2585 93.51 64.53 11.63
CA THR C 2585 92.90 64.56 10.31
C THR C 2585 91.78 65.60 10.27
N VAL C 2586 90.93 65.62 11.29
CA VAL C 2586 89.82 66.57 11.31
C VAL C 2586 90.32 68.00 11.44
N TYR C 2587 91.39 68.21 12.20
CA TYR C 2587 91.97 69.55 12.26
C TYR C 2587 92.53 69.98 10.92
N ARG C 2588 93.21 69.07 10.21
CA ARG C 2588 93.74 69.44 8.90
C ARG C 2588 92.62 69.68 7.90
N LEU C 2589 91.50 68.97 8.06
CA LEU C 2589 90.32 69.20 7.24
C LEU C 2589 89.70 70.56 7.51
N SER C 2590 89.73 71.01 8.77
CA SER C 2590 89.13 72.29 9.11
C SER C 2590 89.81 73.45 8.38
N ARG C 2591 91.13 73.44 8.27
CA ARG C 2591 91.85 74.51 7.59
C ARG C 2591 91.95 74.31 6.08
N GLY C 2592 91.00 73.59 5.49
CA GLY C 2592 91.04 73.31 4.06
C GLY C 2592 90.42 74.44 3.25
N ARG C 2593 91.12 74.82 2.18
CA ARG C 2593 90.62 75.85 1.29
C ARG C 2593 89.45 75.32 0.46
N SER C 2594 88.78 76.24 -0.21
CA SER C 2594 87.64 75.91 -1.09
C SER C 2594 86.52 75.23 -0.30
N LEU C 2595 86.33 75.65 0.95
CA LEU C 2595 85.28 75.13 1.81
C LEU C 2595 84.27 76.25 2.10
N THR C 2596 82.99 75.91 1.96
CA THR C 2596 81.94 76.87 2.25
C THR C 2596 81.85 77.14 3.75
N LYS C 2597 81.19 78.25 4.09
CA LYS C 2597 81.05 78.62 5.50
C LYS C 2597 80.26 77.60 6.28
N ALA C 2598 79.19 77.05 5.69
CA ALA C 2598 78.41 76.04 6.37
C ALA C 2598 79.23 74.80 6.67
N GLN C 2599 80.04 74.38 5.69
CA GLN C 2599 80.87 73.21 5.92
C GLN C 2599 81.92 73.51 6.98
N ARG C 2600 82.48 74.72 6.97
CA ARG C 2600 83.55 75.01 7.90
C ARG C 2600 83.01 74.99 9.32
N ASP C 2601 81.83 75.58 9.53
CA ASP C 2601 81.28 75.60 10.87
C ASP C 2601 80.86 74.21 11.31
N VAL C 2602 80.42 73.37 10.38
CA VAL C 2602 80.09 71.98 10.73
C VAL C 2602 81.33 71.25 11.23
N ILE C 2603 82.45 71.43 10.53
CA ILE C 2603 83.69 70.80 10.97
C ILE C 2603 84.14 71.34 12.33
N GLU C 2604 84.02 72.65 12.54
CA GLU C 2604 84.42 73.21 13.82
C GLU C 2604 83.55 72.68 14.94
N ASP C 2605 82.23 72.60 14.72
CA ASP C 2605 81.34 72.08 15.75
C ASP C 2605 81.66 70.63 16.07
N CYS C 2606 81.97 69.83 15.05
CA CYS C 2606 82.34 68.44 15.29
C CYS C 2606 83.61 68.35 16.12
N LEU C 2607 84.62 69.17 15.79
CA LEU C 2607 85.87 69.13 16.55
C LEU C 2607 85.66 69.55 18.00
N MET C 2608 84.85 70.59 18.21
CA MET C 2608 84.56 71.01 19.58
C MET C 2608 83.85 69.91 20.35
N ALA C 2609 82.88 69.24 19.72
CA ALA C 2609 82.16 68.20 20.43
C ALA C 2609 83.09 67.05 20.78
N LEU C 2610 83.96 66.67 19.86
CA LEU C 2610 84.87 65.57 20.13
C LEU C 2610 85.82 65.91 21.28
N CYS C 2611 86.38 67.12 21.25
CA CYS C 2611 87.35 67.50 22.27
C CYS C 2611 86.70 67.68 23.63
N ARG C 2612 85.42 68.08 23.68
CA ARG C 2612 84.79 68.28 24.98
C ARG C 2612 84.61 66.98 25.76
N TYR C 2613 84.76 65.81 25.11
CA TYR C 2613 84.73 64.54 25.80
C TYR C 2613 86.04 63.78 25.79
N ILE C 2614 86.95 64.04 24.84
CA ILE C 2614 88.20 63.31 24.81
C ILE C 2614 89.03 63.64 26.04
N ARG C 2615 89.69 62.63 26.59
CA ARG C 2615 90.48 62.81 27.80
C ARG C 2615 91.66 63.75 27.54
N PRO C 2616 92.08 64.51 28.56
CA PRO C 2616 93.16 65.49 28.37
C PRO C 2616 94.49 64.89 27.95
N SER C 2617 94.79 63.67 28.37
CA SER C 2617 96.09 63.06 28.03
C SER C 2617 96.21 62.79 26.55
N MET C 2618 95.10 62.54 25.87
CA MET C 2618 95.12 62.23 24.44
C MET C 2618 95.11 63.46 23.56
N LEU C 2619 95.01 64.66 24.15
CA LEU C 2619 95.03 65.92 23.42
C LEU C 2619 96.42 66.55 23.34
N GLN C 2620 97.45 65.86 23.80
CA GLN C 2620 98.78 66.49 23.86
C GLN C 2620 99.30 66.87 22.48
N HIS C 2621 99.16 65.98 21.51
CA HIS C 2621 99.69 66.28 20.17
C HIS C 2621 98.90 67.41 19.53
N LEU C 2622 97.58 67.42 19.73
CA LEU C 2622 96.77 68.51 19.21
C LEU C 2622 97.18 69.82 19.85
N LEU C 2623 97.46 69.81 21.15
CA LEU C 2623 97.92 71.04 21.80
C LEU C 2623 99.25 71.48 21.20
N ARG C 2624 100.11 70.53 20.86
CA ARG C 2624 101.39 70.89 20.26
C ARG C 2624 101.18 71.59 18.92
N ARG C 2625 100.23 71.10 18.13
CA ARG C 2625 99.93 71.79 16.87
C ARG C 2625 99.37 73.18 17.14
N LEU C 2626 98.49 73.32 18.12
CA LEU C 2626 97.97 74.66 18.37
C LEU C 2626 99.07 75.57 18.90
N VAL C 2627 100.06 75.01 19.61
CA VAL C 2627 101.15 75.86 20.08
C VAL C 2627 101.89 76.40 18.87
N PHE C 2628 101.99 75.61 17.81
CA PHE C 2628 102.69 76.08 16.62
C PHE C 2628 101.83 77.05 15.79
N ASP C 2629 100.51 76.93 15.85
CA ASP C 2629 99.62 77.66 14.95
C ASP C 2629 98.97 78.90 15.57
N VAL C 2630 98.49 78.79 16.80
CA VAL C 2630 97.73 79.88 17.41
C VAL C 2630 98.52 81.17 17.52
N PRO C 2631 99.79 81.17 17.93
CA PRO C 2631 100.49 82.46 18.10
C PRO C 2631 100.56 83.32 16.85
N ILE C 2632 100.33 82.78 15.65
CA ILE C 2632 100.27 83.65 14.49
C ILE C 2632 99.09 84.61 14.61
N LEU C 2633 98.00 84.16 15.24
CA LEU C 2633 96.84 85.00 15.52
C LEU C 2633 96.24 85.55 14.23
N ASN C 2634 96.07 84.68 13.24
CA ASN C 2634 95.41 85.05 12.00
C ASN C 2634 93.91 84.82 12.15
N GLU C 2635 93.17 84.92 11.03
CA GLU C 2635 91.73 84.72 11.03
C GLU C 2635 91.34 83.27 11.31
N PHE C 2636 92.26 82.32 11.13
CA PHE C 2636 91.99 80.92 11.40
C PHE C 2636 92.11 80.55 12.88
N ALA C 2637 92.55 81.48 13.73
CA ALA C 2637 92.78 81.20 15.14
C ALA C 2637 91.55 81.33 16.03
N LYS C 2638 90.39 81.72 15.48
CA LYS C 2638 89.22 81.90 16.32
C LYS C 2638 88.75 80.58 16.93
N MET C 2639 88.61 79.56 16.10
CA MET C 2639 88.16 78.26 16.63
C MET C 2639 89.18 77.69 17.60
N PRO C 2640 90.47 77.65 17.31
CA PRO C 2640 91.41 77.13 18.31
C PRO C 2640 91.38 77.92 19.60
N LEU C 2641 91.18 79.24 19.53
CA LEU C 2641 91.10 80.04 20.75
C LEU C 2641 89.92 79.61 21.62
N LYS C 2642 88.76 79.39 21.00
CA LYS C 2642 87.60 78.92 21.76
C LYS C 2642 87.81 77.51 22.27
N LEU C 2643 88.45 76.66 21.47
CA LEU C 2643 88.72 75.29 21.90
C LEU C 2643 89.63 75.26 23.11
N LEU C 2644 90.68 76.07 23.10
CA LEU C 2644 91.60 76.10 24.24
C LEU C 2644 90.91 76.67 25.47
N THR C 2645 90.06 77.68 25.29
CA THR C 2645 89.38 78.25 26.44
C THR C 2645 88.49 77.21 27.10
N ASN C 2646 87.73 76.47 26.30
CA ASN C 2646 86.85 75.45 26.88
C ASN C 2646 87.67 74.30 27.47
N HIS C 2647 88.78 73.95 26.83
CA HIS C 2647 89.58 72.84 27.31
C HIS C 2647 90.16 73.13 28.68
N TYR C 2648 90.74 74.32 28.84
CA TYR C 2648 91.39 74.63 30.11
C TYR C 2648 90.38 74.93 31.19
N GLU C 2649 89.23 75.51 30.84
CA GLU C 2649 88.20 75.72 31.84
C GLU C 2649 87.67 74.39 32.36
N ARG C 2650 87.51 73.41 31.47
CA ARG C 2650 87.00 72.12 31.91
C ARG C 2650 88.05 71.32 32.68
N CYS C 2651 89.32 71.37 32.25
CA CYS C 2651 90.37 70.53 32.80
C CYS C 2651 91.43 71.33 33.55
N TRP C 2652 91.03 72.38 34.26
CA TRP C 2652 92.01 73.15 35.02
C TRP C 2652 92.57 72.38 36.21
N LYS C 2653 91.77 71.51 36.83
CA LYS C 2653 92.27 70.70 37.94
C LYS C 2653 93.35 69.73 37.51
N TYR C 2654 93.31 69.28 36.25
CA TYR C 2654 94.30 68.32 35.77
C TYR C 2654 95.71 68.90 35.77
N TYR C 2655 95.84 70.21 35.62
CA TYR C 2655 97.14 70.86 35.52
C TYR C 2655 97.58 71.56 36.79
N CYS C 2656 96.65 72.04 37.62
CA CYS C 2656 97.01 72.86 38.77
C CYS C 2656 97.22 72.04 40.03
N LEU C 2657 96.25 71.23 40.40
CA LEU C 2657 96.35 70.47 41.64
C LEU C 2657 97.49 69.46 41.55
N PRO C 2658 98.37 69.38 42.56
CA PRO C 2658 99.45 68.37 42.49
C PRO C 2658 98.95 66.95 42.42
N THR C 2659 97.84 66.64 43.10
CA THR C 2659 97.28 65.29 43.06
C THR C 2659 96.52 65.00 41.77
N GLY C 2660 96.22 66.03 40.98
CA GLY C 2660 95.55 65.82 39.71
C GLY C 2660 94.06 65.60 39.87
N TRP C 2661 93.39 65.51 38.73
CA TRP C 2661 91.95 65.26 38.70
C TRP C 2661 91.67 63.81 39.09
N ALA C 2662 90.51 63.61 39.72
CA ALA C 2662 90.13 62.28 40.19
C ALA C 2662 90.03 61.30 39.03
N ASN C 2663 90.61 60.11 39.23
CA ASN C 2663 90.52 59.00 38.29
C ASN C 2663 90.94 59.39 36.87
N PHE C 2664 91.67 60.50 36.72
CA PHE C 2664 92.19 60.92 35.43
C PHE C 2664 93.70 61.02 35.37
N GLY C 2665 94.40 60.92 36.50
CA GLY C 2665 95.84 61.04 36.51
C GLY C 2665 96.29 62.47 36.76
N VAL C 2666 97.59 62.68 36.57
CA VAL C 2666 98.20 63.99 36.77
C VAL C 2666 98.94 64.39 35.50
N THR C 2667 99.11 65.69 35.32
CA THR C 2667 99.85 66.22 34.19
C THR C 2667 101.34 65.90 34.32
N SER C 2668 102.03 65.96 33.20
CA SER C 2668 103.45 65.69 33.12
C SER C 2668 104.20 67.02 33.05
N GLU C 2669 105.51 66.95 32.81
CA GLU C 2669 106.35 68.13 32.76
C GLU C 2669 106.44 68.76 31.37
N GLU C 2670 105.83 68.15 30.36
CA GLU C 2670 105.88 68.68 29.00
C GLU C 2670 104.63 69.46 28.61
N GLU C 2671 103.45 69.03 29.06
CA GLU C 2671 102.25 69.79 28.77
C GLU C 2671 102.29 71.16 29.43
N LEU C 2672 102.85 71.24 30.64
CA LEU C 2672 103.01 72.54 31.29
C LEU C 2672 103.94 73.45 30.49
N HIS C 2673 105.02 72.90 29.97
CA HIS C 2673 105.93 73.68 29.13
C HIS C 2673 105.24 74.17 27.86
N LEU C 2674 104.44 73.30 27.23
CA LEU C 2674 103.68 73.72 26.06
C LEU C 2674 102.67 74.80 26.40
N THR C 2675 101.99 74.68 27.54
CA THR C 2675 101.03 75.70 27.93
C THR C 2675 101.71 77.03 28.20
N ARG C 2676 102.88 76.99 28.85
CA ARG C 2676 103.61 78.23 29.12
C ARG C 2676 104.08 78.90 27.84
N LYS C 2677 104.59 78.11 26.89
CA LYS C 2677 104.99 78.71 25.61
C LYS C 2677 103.78 79.26 24.87
N LEU C 2678 102.64 78.57 24.92
CA LEU C 2678 101.44 79.07 24.25
C LEU C 2678 101.01 80.39 24.86
N PHE C 2679 101.08 80.48 26.19
CA PHE C 2679 100.71 81.70 26.90
C PHE C 2679 101.59 82.86 26.49
N TRP C 2680 102.91 82.68 26.55
CA TRP C 2680 103.77 83.81 26.24
C TRP C 2680 103.73 84.16 24.75
N GLY C 2681 103.50 83.16 23.89
CA GLY C 2681 103.36 83.44 22.47
C GLY C 2681 102.15 84.31 22.18
N ILE C 2682 101.01 84.00 22.82
CA ILE C 2682 99.82 84.82 22.64
C ILE C 2682 100.03 86.19 23.27
N PHE C 2683 100.63 86.24 24.46
CA PHE C 2683 100.77 87.53 25.13
C PHE C 2683 101.65 88.46 24.31
N ASP C 2684 102.76 87.95 23.79
CA ASP C 2684 103.66 88.78 23.00
C ASP C 2684 103.02 89.19 21.67
N SER C 2685 102.33 88.27 21.00
CA SER C 2685 101.70 88.64 19.73
C SER C 2685 100.61 89.68 19.95
N LEU C 2686 99.80 89.51 21.00
CA LEU C 2686 98.72 90.46 21.27
C LEU C 2686 99.27 91.81 21.71
N ALA C 2687 100.45 91.84 22.33
CA ALA C 2687 101.03 93.11 22.74
C ALA C 2687 101.44 93.97 21.56
N HIS C 2688 101.60 93.38 20.37
CA HIS C 2688 101.95 94.14 19.17
C HIS C 2688 100.83 94.22 18.15
N LYS C 2689 99.84 93.34 18.21
CA LYS C 2689 98.73 93.38 17.26
C LYS C 2689 97.90 94.64 17.47
N LYS C 2690 97.43 95.21 16.36
CA LYS C 2690 96.57 96.39 16.40
C LYS C 2690 95.23 96.05 17.05
N TYR C 2691 94.59 97.08 17.61
CA TYR C 2691 93.37 96.91 18.38
C TYR C 2691 92.21 96.43 17.50
N ASP C 2692 91.75 95.21 17.76
CA ASP C 2692 90.55 94.66 17.15
C ASP C 2692 89.62 94.20 18.26
N GLN C 2693 88.39 94.69 18.24
CA GLN C 2693 87.48 94.41 19.36
C GLN C 2693 87.17 92.92 19.45
N GLU C 2694 86.94 92.26 18.31
CA GLU C 2694 86.64 90.83 18.32
C GLU C 2694 87.84 90.02 18.79
N LEU C 2695 89.03 90.43 18.34
CA LEU C 2695 90.24 89.72 18.74
C LEU C 2695 90.44 89.85 20.24
N TYR C 2696 90.28 91.05 20.78
CA TYR C 2696 90.48 91.18 22.22
C TYR C 2696 89.39 90.43 22.97
N ARG C 2697 88.20 90.36 22.35
CA ARG C 2697 87.04 89.75 22.98
C ARG C 2697 87.24 88.27 23.20
N MET C 2698 87.97 87.63 22.30
CA MET C 2698 88.14 86.19 22.42
C MET C 2698 89.56 85.80 22.83
N ALA C 2699 90.52 86.73 22.74
CA ALA C 2699 91.86 86.47 23.24
C ALA C 2699 91.92 86.57 24.75
N MET C 2700 91.16 87.50 25.34
CA MET C 2700 91.19 87.64 26.80
C MET C 2700 90.72 86.41 27.56
N PRO C 2701 89.60 85.78 27.24
CA PRO C 2701 89.24 84.56 27.98
C PRO C 2701 90.27 83.44 27.88
N CYS C 2702 90.96 83.31 26.74
CA CYS C 2702 91.99 82.28 26.64
C CYS C 2702 93.12 82.55 27.62
N LEU C 2703 93.57 83.82 27.71
CA LEU C 2703 94.63 84.17 28.63
C LEU C 2703 94.20 83.97 30.08
N CYS C 2704 92.96 84.34 30.40
CA CYS C 2704 92.49 84.16 31.77
C CYS C 2704 92.42 82.67 32.14
N ALA C 2705 91.92 81.84 31.23
CA ALA C 2705 91.85 80.41 31.51
C ALA C 2705 93.24 79.80 31.66
N ILE C 2706 94.16 80.18 30.77
CA ILE C 2706 95.50 79.62 30.85
C ILE C 2706 96.19 80.03 32.14
N ALA C 2707 96.08 81.31 32.51
CA ALA C 2707 96.72 81.73 33.75
C ALA C 2707 96.08 81.07 34.95
N GLY C 2708 94.75 80.86 34.92
CA GLY C 2708 94.09 80.20 36.02
C GLY C 2708 94.34 78.70 36.07
N ALA C 2709 94.90 78.14 35.01
CA ALA C 2709 95.22 76.71 34.96
C ALA C 2709 96.67 76.41 35.30
N LEU C 2710 97.59 77.24 34.84
CA LEU C 2710 99.01 76.98 35.04
C LEU C 2710 99.36 77.15 36.52
N PRO C 2711 100.09 76.21 37.12
CA PRO C 2711 100.54 76.40 38.51
C PRO C 2711 101.43 77.62 38.64
N PRO C 2712 101.28 78.39 39.72
CA PRO C 2712 102.13 79.59 39.88
C PRO C 2712 103.61 79.27 39.98
N ASP C 2713 103.98 78.14 40.58
CA ASP C 2713 105.37 77.83 40.88
C ASP C 2713 106.02 76.92 39.86
N TYR C 2714 105.38 76.68 38.72
CA TYR C 2714 105.98 75.83 37.70
C TYR C 2714 107.27 76.44 37.19
N VAL C 2715 108.32 75.62 37.10
CA VAL C 2715 109.62 76.04 36.62
C VAL C 2715 110.02 75.14 35.46
N ASP C 2716 110.30 75.75 34.31
CA ASP C 2716 110.73 74.99 33.14
C ASP C 2716 112.19 74.60 33.30
N ALA C 2717 112.47 73.30 33.07
CA ALA C 2717 113.83 72.81 33.22
C ALA C 2717 114.76 73.42 32.17
N SER C 2718 114.29 73.53 30.93
CA SER C 2718 115.15 74.03 29.86
C SER C 2718 115.48 75.51 30.06
N TYR C 2719 114.47 76.37 30.04
CA TYR C 2719 114.66 77.81 30.17
C TYR C 2719 115.66 78.32 29.13
N PRO C 2737 112.37 75.45 9.81
CA PRO C 2737 113.74 75.16 10.26
C PRO C 2737 114.83 75.92 9.49
N ARG C 2738 115.77 76.51 10.20
CA ARG C 2738 116.86 77.25 9.57
C ARG C 2738 118.17 76.80 10.20
N PRO C 2739 118.66 75.63 9.79
CA PRO C 2739 119.94 75.13 10.32
C PRO C 2739 121.07 76.12 10.01
N VAL C 2740 122.06 76.23 10.88
CA VAL C 2740 123.13 77.21 10.68
C VAL C 2740 123.91 76.91 9.37
N GLU C 2741 124.24 77.98 8.66
CA GLU C 2741 124.86 77.92 7.35
C GLU C 2741 126.35 77.60 7.53
N THR C 2742 126.82 76.44 7.03
CA THR C 2742 128.18 75.92 7.29
C THR C 2742 129.05 75.94 6.04
N LEU C 2743 128.49 76.38 4.92
CA LEU C 2743 129.16 76.13 3.65
C LEU C 2743 130.53 76.82 3.57
N ASN C 2744 130.61 78.07 4.01
CA ASN C 2744 131.86 78.82 4.00
C ASN C 2744 132.61 78.80 5.35
N VAL C 2745 132.22 77.92 6.27
CA VAL C 2745 132.88 77.85 7.56
C VAL C 2745 134.10 76.93 7.41
N ILE C 2746 135.29 77.41 7.82
CA ILE C 2746 136.53 76.65 7.69
C ILE C 2746 136.93 76.05 9.04
N ILE C 2747 137.12 74.74 9.11
CA ILE C 2747 137.67 74.12 10.31
C ILE C 2747 139.19 74.34 10.32
N PRO C 2748 139.75 74.80 11.44
CA PRO C 2748 141.21 74.89 11.52
C PRO C 2748 141.90 73.53 11.33
N GLU C 2749 143.02 73.57 10.62
CA GLU C 2749 143.84 72.40 10.35
C GLU C 2749 144.08 71.53 11.56
N LYS C 2750 144.31 72.13 12.73
CA LYS C 2750 144.71 71.32 13.88
C LYS C 2750 143.56 70.45 14.47
N LEU C 2751 142.35 70.57 13.93
CA LEU C 2751 141.29 69.67 14.29
C LEU C 2751 141.22 68.47 13.41
N ASP C 2752 142.02 68.44 12.34
CA ASP C 2752 141.92 67.26 11.45
C ASP C 2752 142.16 65.92 12.17
N SER C 2753 143.09 65.94 13.11
CA SER C 2753 143.44 64.74 13.86
C SER C 2753 142.24 64.27 14.71
N PHE C 2754 141.58 65.20 15.41
CA PHE C 2754 140.36 64.89 16.19
C PHE C 2754 139.25 64.33 15.29
N ILE C 2755 139.07 64.94 14.11
CA ILE C 2755 138.09 64.50 13.17
C ILE C 2755 138.30 63.03 12.77
N ASN C 2756 139.51 62.67 12.38
CA ASN C 2756 139.74 61.26 12.08
C ASN C 2756 139.60 60.32 13.24
N LYS C 2757 140.04 60.71 14.43
CA LYS C 2757 139.88 59.84 15.62
C LYS C 2757 138.44 59.60 15.96
N PHE C 2758 137.65 60.68 15.90
CA PHE C 2758 136.25 60.57 16.23
C PHE C 2758 135.53 59.84 15.11
N ALA C 2759 135.95 60.03 13.86
CA ALA C 2759 135.35 59.25 12.76
C ALA C 2759 135.63 57.75 12.98
N GLU C 2760 136.88 57.43 13.31
CA GLU C 2760 137.24 56.06 13.59
C GLU C 2760 136.41 55.49 14.75
N TYR C 2761 136.27 56.29 15.82
CA TYR C 2761 135.39 55.91 16.92
C TYR C 2761 133.95 55.58 16.49
N THR C 2762 133.32 56.47 15.73
CA THR C 2762 131.95 56.29 15.29
C THR C 2762 131.81 55.00 14.45
N HIS C 2763 132.77 54.79 13.56
CA HIS C 2763 132.78 53.53 12.79
C HIS C 2763 132.89 52.26 13.69
N GLU C 2764 133.83 52.27 14.64
CA GLU C 2764 134.05 51.15 15.57
C GLU C 2764 132.85 50.84 16.42
N LYS C 2765 132.16 51.90 16.85
CA LYS C 2765 130.94 51.73 17.63
C LYS C 2765 129.86 50.99 16.80
N TRP C 2766 129.66 51.45 15.56
CA TRP C 2766 128.71 50.85 14.62
C TRP C 2766 129.09 49.41 14.32
N ALA C 2767 130.38 49.16 14.09
CA ALA C 2767 130.89 47.84 13.77
C ALA C 2767 130.70 46.90 14.94
N PHE C 2768 131.07 47.37 16.14
CA PHE C 2768 130.85 46.66 17.40
C PHE C 2768 129.38 46.23 17.52
N ASP C 2769 128.44 47.14 17.29
CA ASP C 2769 127.03 46.78 17.42
C ASP C 2769 126.63 45.72 16.34
N LYS C 2770 127.12 45.90 15.11
CA LYS C 2770 126.92 44.88 14.04
C LYS C 2770 127.43 43.47 14.36
N ILE C 2771 128.67 43.42 14.83
CA ILE C 2771 129.33 42.17 15.20
C ILE C 2771 128.65 41.45 16.37
N GLN C 2772 128.11 42.21 17.34
CA GLN C 2772 127.32 41.64 18.45
C GLN C 2772 126.01 41.00 17.98
N ASN C 2773 125.52 41.45 16.82
CA ASN C 2773 124.39 40.81 16.17
C ASN C 2773 124.83 39.89 15.05
N ASN C 2774 126.06 39.39 15.17
CA ASN C 2774 126.59 38.37 14.27
C ASN C 2774 126.70 38.72 12.77
N TRP C 2775 126.81 40.03 12.46
CA TRP C 2775 127.21 40.47 11.11
C TRP C 2775 128.69 40.16 10.90
N SER C 2776 129.11 40.00 9.66
CA SER C 2776 130.52 39.76 9.39
C SER C 2776 130.89 40.48 8.11
N TYR C 2777 132.17 40.63 7.83
CA TYR C 2777 132.59 41.19 6.56
C TYR C 2777 131.99 40.35 5.45
N GLY C 2778 131.61 41.01 4.36
CA GLY C 2778 131.23 40.36 3.11
C GLY C 2778 131.43 41.40 2.03
N GLU C 2779 131.59 40.97 0.78
CA GLU C 2779 131.90 41.90 -0.30
C GLU C 2779 130.73 42.82 -0.62
N ASN C 2780 129.51 42.28 -0.40
CA ASN C 2780 128.25 43.01 -0.62
C ASN C 2780 127.47 43.15 0.67
N VAL C 2781 126.66 44.22 0.78
CA VAL C 2781 125.63 44.33 1.83
C VAL C 2781 124.52 43.32 1.56
N ASP C 2782 124.19 42.52 2.56
CA ASP C 2782 123.24 41.41 2.39
C ASP C 2782 122.56 41.24 3.73
N GLU C 2783 121.30 41.65 3.82
CA GLU C 2783 120.51 41.57 5.05
C GLU C 2783 120.15 40.15 5.47
N GLU C 2784 120.04 39.22 4.52
CA GLU C 2784 119.75 37.82 4.87
C GLU C 2784 121.00 37.18 5.49
N LEU C 2785 122.14 37.32 4.82
CA LEU C 2785 123.43 36.79 5.31
C LEU C 2785 124.12 37.67 6.39
N LYS C 2786 123.60 38.87 6.65
CA LYS C 2786 124.22 39.81 7.61
C LYS C 2786 125.70 40.01 7.31
N THR C 2787 126.01 40.36 6.04
CA THR C 2787 127.34 40.78 5.64
C THR C 2787 127.33 42.27 5.35
N HIS C 2788 128.46 42.92 5.60
CA HIS C 2788 128.63 44.31 5.20
C HIS C 2788 130.13 44.56 4.89
N PRO C 2789 130.43 45.18 3.72
CA PRO C 2789 131.81 45.41 3.32
C PRO C 2789 132.51 46.47 4.18
N MET C 2790 131.75 47.22 4.96
CA MET C 2790 132.40 48.15 5.89
C MET C 2790 132.79 47.54 7.24
N LEU C 2791 132.48 46.25 7.40
CA LEU C 2791 132.90 45.54 8.60
C LEU C 2791 134.36 45.12 8.54
N ARG C 2792 135.21 46.13 8.65
CA ARG C 2792 136.66 46.00 8.64
C ARG C 2792 137.23 47.29 9.23
N PRO C 2793 138.55 47.31 9.53
CA PRO C 2793 139.16 48.49 10.18
C PRO C 2793 139.02 49.78 9.39
N TYR C 2794 138.67 50.86 10.09
CA TYR C 2794 138.60 52.19 9.49
C TYR C 2794 139.90 52.50 8.79
N LYS C 2795 141.02 52.02 9.33
CA LYS C 2795 142.32 52.32 8.73
C LYS C 2795 142.44 51.77 7.31
N THR C 2796 141.65 50.75 6.98
CA THR C 2796 141.74 50.12 5.67
C THR C 2796 140.81 50.77 4.62
N PHE C 2797 140.07 51.80 5.01
CA PHE C 2797 139.17 52.50 4.08
C PHE C 2797 139.89 53.42 3.10
N SER C 2798 139.30 53.59 1.92
CA SER C 2798 139.64 54.71 1.01
C SER C 2798 139.24 56.04 1.68
N GLU C 2799 139.71 57.17 1.15
CA GLU C 2799 139.24 58.49 1.61
C GLU C 2799 137.72 58.66 1.46
N LYS C 2800 137.16 58.21 0.33
CA LYS C 2800 135.70 58.27 0.15
C LYS C 2800 134.94 57.57 1.30
N ASP C 2801 135.39 56.39 1.71
CA ASP C 2801 134.70 55.66 2.77
C ASP C 2801 134.95 56.23 4.17
N LYS C 2802 136.13 56.81 4.41
CA LYS C 2802 136.36 57.52 5.67
C LYS C 2802 135.43 58.74 5.74
N GLU C 2803 135.25 59.40 4.60
CA GLU C 2803 134.40 60.57 4.51
C GLU C 2803 132.94 60.33 4.93
N ILE C 2804 132.48 59.09 4.78
CA ILE C 2804 131.15 58.70 5.27
C ILE C 2804 131.01 59.05 6.77
N TYR C 2805 132.08 58.84 7.53
CA TYR C 2805 132.09 59.11 8.94
C TYR C 2805 132.56 60.53 9.24
N ARG C 2806 133.54 61.04 8.49
CA ARG C 2806 134.10 62.39 8.75
C ARG C 2806 133.11 63.56 8.39
N TRP C 2807 132.33 63.43 7.31
CA TRP C 2807 131.39 64.48 6.86
C TRP C 2807 130.49 65.01 7.98
N PRO C 2808 129.74 64.09 8.66
CA PRO C 2808 128.80 64.58 9.68
C PRO C 2808 129.50 65.23 10.89
N ILE C 2809 130.71 64.76 11.19
CA ILE C 2809 131.50 65.34 12.27
C ILE C 2809 131.94 66.72 11.86
N LYS C 2810 132.45 66.86 10.63
CA LYS C 2810 132.75 68.20 10.10
C LYS C 2810 131.57 69.15 10.14
N GLU C 2811 130.38 68.66 9.80
CA GLU C 2811 129.19 69.52 9.85
C GLU C 2811 128.87 69.99 11.29
N SER C 2812 128.99 69.09 12.27
CA SER C 2812 128.85 69.49 13.69
C SER C 2812 129.89 70.55 14.10
N LEU C 2813 131.16 70.30 13.80
CA LEU C 2813 132.19 71.31 14.17
C LEU C 2813 132.01 72.66 13.48
N LYS C 2814 131.63 72.66 12.22
CA LYS C 2814 131.34 73.89 11.51
C LYS C 2814 130.18 74.66 12.15
N ALA C 2815 129.11 74.00 12.60
CA ALA C 2815 128.07 74.72 13.37
C ALA C 2815 128.63 75.37 14.65
N MET C 2816 129.42 74.61 15.43
CA MET C 2816 130.04 75.19 16.63
C MET C 2816 130.91 76.43 16.30
N ILE C 2817 131.71 76.34 15.22
CA ILE C 2817 132.59 77.46 14.80
C ILE C 2817 131.73 78.63 14.33
N ALA C 2818 130.70 78.33 13.54
CA ALA C 2818 129.71 79.34 13.12
C ALA C 2818 129.10 80.14 14.29
N TRP C 2819 128.89 79.46 15.41
CA TRP C 2819 128.27 80.07 16.62
C TRP C 2819 129.32 80.80 17.50
N GLU C 2820 130.57 80.80 17.03
CA GLU C 2820 131.74 81.38 17.69
C GLU C 2820 132.10 80.75 19.03
N TRP C 2821 131.97 79.42 19.09
CA TRP C 2821 132.37 78.67 20.25
C TRP C 2821 133.86 78.44 20.07
N THR C 2822 134.60 78.34 21.16
CA THR C 2822 136.04 78.04 21.04
C THR C 2822 136.27 76.58 21.33
N ILE C 2823 137.17 75.96 20.59
CA ILE C 2823 137.51 74.56 20.78
C ILE C 2823 139.04 74.52 20.89
N GLU C 2824 139.55 74.27 22.10
CA GLU C 2824 141.01 74.33 22.32
C GLU C 2824 141.52 73.10 23.09
N LYS C 2825 142.65 72.54 22.65
CA LYS C 2825 143.25 71.38 23.31
C LYS C 2825 143.92 71.88 24.61
N ALA C 2826 143.19 71.80 25.73
CA ALA C 2826 143.66 72.36 26.99
C ALA C 2826 144.49 71.37 27.80
N ARG C 2827 144.24 70.08 27.58
CA ARG C 2827 144.88 69.01 28.33
C ARG C 2827 145.34 67.87 27.43
N GLU C 2828 146.16 66.99 27.98
CA GLU C 2828 146.45 65.73 27.32
C GLU C 2828 145.14 64.89 27.33
N GLY C 2829 144.92 64.04 26.32
CA GLY C 2829 143.74 63.14 26.29
C GLY C 2829 143.84 62.00 27.30
N GLU C 2830 142.74 61.29 27.58
CA GLU C 2830 142.67 60.27 28.67
C GLU C 2830 143.51 59.00 28.47
N TYR C 2855 138.26 40.63 12.34
CA TYR C 2855 138.19 42.02 12.82
C TYR C 2855 137.38 42.10 14.12
N ASN C 2856 137.97 42.75 15.12
CA ASN C 2856 137.43 42.74 16.46
C ASN C 2856 137.43 44.13 17.15
N PRO C 2857 136.50 45.02 16.75
CA PRO C 2857 136.48 46.38 17.27
C PRO C 2857 136.11 46.42 18.75
N GLN C 2858 136.91 47.09 19.55
CA GLN C 2858 136.53 47.35 20.94
C GLN C 2858 136.67 48.87 21.16
N PRO C 2859 135.62 49.65 20.83
CA PRO C 2859 135.72 51.10 20.96
C PRO C 2859 135.69 51.52 22.42
N PRO C 2860 136.27 52.69 22.75
CA PRO C 2860 136.19 53.15 24.14
C PRO C 2860 134.74 53.29 24.61
N ASP C 2861 134.53 53.15 25.90
CA ASP C 2861 133.21 53.34 26.49
C ASP C 2861 133.08 54.81 26.92
N LEU C 2862 131.99 55.49 26.52
CA LEU C 2862 131.80 56.91 26.86
C LEU C 2862 130.74 57.09 27.94
N SER C 2863 130.44 55.98 28.63
CA SER C 2863 129.40 55.93 29.65
C SER C 2863 129.77 56.73 30.87
N GLY C 2864 131.07 56.73 31.15
CA GLY C 2864 131.63 57.35 32.34
C GLY C 2864 132.07 58.77 32.15
N VAL C 2865 131.78 59.35 30.99
CA VAL C 2865 132.15 60.74 30.75
C VAL C 2865 130.97 61.62 31.17
N THR C 2866 131.25 62.52 32.12
CA THR C 2866 130.25 63.46 32.63
C THR C 2866 130.46 64.83 32.01
N LEU C 2867 129.41 65.40 31.45
CA LEU C 2867 129.51 66.73 30.88
C LEU C 2867 128.98 67.72 31.91
N SER C 2868 129.65 68.85 32.04
CA SER C 2868 129.17 69.94 32.90
C SER C 2868 127.75 70.31 32.50
N ARG C 2869 127.01 70.98 33.39
CA ARG C 2869 125.72 71.56 32.97
C ARG C 2869 125.85 72.45 31.75
N GLU C 2870 126.92 73.27 31.72
CA GLU C 2870 127.23 74.16 30.63
C GLU C 2870 127.38 73.45 29.26
N LEU C 2871 128.15 72.37 29.25
CA LEU C 2871 128.30 71.53 28.06
C LEU C 2871 126.99 70.81 27.66
N GLN C 2872 126.24 70.35 28.65
CA GLN C 2872 124.92 69.77 28.39
C GLN C 2872 124.01 70.83 27.72
N ALA C 2873 124.09 72.08 28.18
CA ALA C 2873 123.34 73.18 27.54
C ALA C 2873 123.76 73.39 26.09
N MET C 2874 125.08 73.42 25.86
CA MET C 2874 125.62 73.47 24.49
C MET C 2874 125.12 72.30 23.62
N ALA C 2875 125.08 71.10 24.19
CA ALA C 2875 124.51 69.93 23.49
C ALA C 2875 123.09 70.19 23.01
N GLU C 2876 122.30 70.99 23.75
CA GLU C 2876 120.90 71.33 23.34
C GLU C 2876 120.87 72.17 22.08
N GLN C 2877 121.81 73.12 21.93
CA GLN C 2877 121.89 73.91 20.71
C GLN C 2877 122.34 73.04 19.53
N LEU C 2878 123.31 72.17 19.75
CA LEU C 2878 123.69 71.22 18.70
C LEU C 2878 122.51 70.32 18.29
N ALA C 2879 121.81 69.74 19.28
CA ALA C 2879 120.68 68.86 18.99
C ALA C 2879 119.60 69.57 18.20
N GLU C 2880 119.28 70.80 18.62
CA GLU C 2880 118.28 71.57 17.89
C GLU C 2880 118.72 71.81 16.47
N ASN C 2881 120.01 72.09 16.26
CA ASN C 2881 120.51 72.25 14.90
C ASN C 2881 120.42 70.93 14.08
N TYR C 2882 120.77 69.79 14.67
CA TYR C 2882 120.55 68.52 13.96
C TYR C 2882 119.07 68.35 13.55
N HIS C 2883 118.17 68.66 14.50
CA HIS C 2883 116.72 68.59 14.18
C HIS C 2883 116.33 69.54 13.01
N ASN C 2884 116.90 70.76 13.00
CA ASN C 2884 116.57 71.72 11.96
C ASN C 2884 117.15 71.30 10.65
N THR C 2885 118.33 70.68 10.68
CA THR C 2885 118.92 70.16 9.43
C THR C 2885 118.06 69.02 8.84
N TRP C 2886 117.70 68.07 9.71
CA TRP C 2886 116.77 66.98 9.32
C TRP C 2886 115.45 67.56 8.80
N GLY C 2887 114.88 68.56 9.48
CA GLY C 2887 113.53 69.05 9.16
C GLY C 2887 113.59 69.79 7.82
N ARG C 2888 114.65 70.55 7.56
CA ARG C 2888 114.77 71.30 6.30
C ARG C 2888 114.95 70.33 5.12
N LYS C 2889 115.81 69.35 5.29
CA LYS C 2889 115.99 68.32 4.27
C LYS C 2889 114.69 67.55 4.06
N LYS C 2890 113.99 67.27 5.14
CA LYS C 2890 112.75 66.50 5.06
C LYS C 2890 111.66 67.25 4.30
N LYS C 2891 111.57 68.56 4.54
CA LYS C 2891 110.60 69.34 3.77
C LYS C 2891 110.94 69.31 2.29
N GLN C 2892 112.23 69.34 1.96
CA GLN C 2892 112.59 69.28 0.54
C GLN C 2892 112.25 67.92 -0.06
N GLU C 2893 112.50 66.88 0.72
CA GLU C 2893 112.25 65.51 0.26
C GLU C 2893 110.74 65.33 0.01
N LEU C 2894 109.91 65.77 0.95
CA LEU C 2894 108.46 65.67 0.78
C LEU C 2894 107.97 66.40 -0.47
N GLU C 2895 108.43 67.62 -0.67
CA GLU C 2895 108.02 68.40 -1.86
C GLU C 2895 108.48 67.70 -3.13
N ALA C 2896 109.70 67.18 -3.14
CA ALA C 2896 110.22 66.47 -4.31
C ALA C 2896 109.39 65.24 -4.69
N LYS C 2897 108.69 64.67 -3.70
CA LYS C 2897 107.93 63.42 -3.86
C LYS C 2897 106.42 63.65 -3.95
N GLY C 2898 105.97 64.90 -4.02
CA GLY C 2898 104.55 65.12 -4.26
C GLY C 2898 103.82 65.80 -3.13
N GLY C 2899 104.53 66.10 -2.04
CA GLY C 2899 103.93 66.80 -0.91
C GLY C 2899 103.63 65.82 0.21
N GLY C 2900 102.98 66.31 1.24
CA GLY C 2900 102.72 65.45 2.38
C GLY C 2900 103.35 66.03 3.64
N THR C 2901 103.31 65.25 4.70
CA THR C 2901 103.66 65.80 6.01
C THR C 2901 104.42 64.77 6.84
N HIS C 2902 104.90 65.19 8.00
CA HIS C 2902 105.66 64.33 8.88
C HIS C 2902 105.41 64.83 10.31
N PRO C 2903 105.07 63.91 11.22
CA PRO C 2903 104.69 64.39 12.57
C PRO C 2903 105.86 65.07 13.31
N LEU C 2904 107.11 64.78 12.96
CA LEU C 2904 108.23 65.47 13.63
C LEU C 2904 108.61 66.83 13.05
N LEU C 2905 107.91 67.31 12.00
CA LEU C 2905 108.14 68.66 11.50
C LEU C 2905 107.54 69.72 12.44
N VAL C 2906 108.05 69.75 13.68
CA VAL C 2906 107.71 70.80 14.64
C VAL C 2906 109.03 71.30 15.26
N PRO C 2907 109.00 72.48 15.93
CA PRO C 2907 110.19 73.00 16.58
C PRO C 2907 110.70 72.02 17.60
N TYR C 2908 112.03 71.89 17.63
CA TYR C 2908 112.73 71.01 18.55
C TYR C 2908 112.18 71.11 20.01
N ASP C 2909 111.95 72.33 20.47
CA ASP C 2909 111.49 72.53 21.86
C ASP C 2909 110.12 71.95 22.17
N THR C 2910 109.33 71.70 21.13
CA THR C 2910 107.98 71.16 21.30
C THR C 2910 108.05 69.63 21.25
N LEU C 2911 109.20 69.04 20.86
CA LEU C 2911 109.35 67.60 20.82
C LEU C 2911 109.27 67.02 22.24
N THR C 2912 108.90 65.74 22.35
CA THR C 2912 108.90 65.04 23.62
C THR C 2912 110.34 64.67 23.98
N ALA C 2913 110.57 64.38 25.26
CA ALA C 2913 111.88 63.83 25.63
C ALA C 2913 112.23 62.64 24.76
N LYS C 2914 111.29 61.73 24.50
CA LYS C 2914 111.61 60.58 23.68
C LYS C 2914 112.10 60.99 22.26
N GLU C 2915 111.39 61.95 21.67
CA GLU C 2915 111.65 62.48 20.33
C GLU C 2915 113.00 63.25 20.23
N LYS C 2916 113.39 63.85 21.35
CA LYS C 2916 114.69 64.59 21.40
C LYS C 2916 115.91 63.69 21.58
N ALA C 2917 115.70 62.47 22.03
CA ALA C 2917 116.82 61.61 22.49
C ALA C 2917 117.95 61.41 21.48
N ARG C 2918 117.58 61.13 20.22
CA ARG C 2918 118.54 60.75 19.21
C ARG C 2918 119.43 61.99 18.91
N ASP C 2919 118.86 63.19 18.92
CA ASP C 2919 119.66 64.38 18.61
C ASP C 2919 120.55 64.73 19.82
N ARG C 2920 120.01 64.50 21.02
CA ARG C 2920 120.78 64.72 22.26
C ARG C 2920 121.93 63.74 22.34
N GLU C 2921 121.67 62.51 21.95
CA GLU C 2921 122.74 61.52 22.05
C GLU C 2921 123.90 61.81 21.12
N LYS C 2922 123.58 62.23 19.91
CA LYS C 2922 124.60 62.62 18.93
C LYS C 2922 125.46 63.82 19.41
N ALA C 2923 124.76 64.86 19.87
CA ALA C 2923 125.43 66.06 20.47
C ALA C 2923 126.29 65.69 21.71
N GLN C 2924 125.74 64.88 22.63
CA GLN C 2924 126.54 64.43 23.77
C GLN C 2924 127.77 63.61 23.35
N GLU C 2925 127.64 62.70 22.36
CA GLU C 2925 128.76 61.85 21.99
C GLU C 2925 129.94 62.73 21.53
N LEU C 2926 129.64 63.74 20.71
CA LEU C 2926 130.67 64.63 20.19
C LEU C 2926 131.37 65.40 21.33
N LEU C 2927 130.57 65.97 22.20
CA LEU C 2927 131.14 66.77 23.30
C LEU C 2927 131.90 65.87 24.27
N LYS C 2928 131.40 64.66 24.52
CA LYS C 2928 132.14 63.69 25.37
C LYS C 2928 133.49 63.27 24.76
N PHE C 2929 133.50 63.07 23.44
CA PHE C 2929 134.77 62.62 22.81
C PHE C 2929 135.83 63.76 22.77
N LEU C 2930 135.35 64.97 22.53
CA LEU C 2930 136.15 66.16 22.66
C LEU C 2930 136.76 66.24 24.05
N GLN C 2931 135.91 66.12 25.09
CA GLN C 2931 136.40 66.22 26.46
C GLN C 2931 137.44 65.16 26.74
N MET C 2932 137.14 63.92 26.32
CA MET C 2932 138.04 62.80 26.53
C MET C 2932 139.40 63.01 25.87
N ASN C 2933 139.40 63.69 24.74
CA ASN C 2933 140.65 63.99 24.04
C ASN C 2933 141.33 65.29 24.53
N GLY C 2934 140.82 65.85 25.65
CA GLY C 2934 141.39 67.04 26.32
C GLY C 2934 141.01 68.41 25.76
N TYR C 2935 139.90 68.47 24.99
CA TYR C 2935 139.49 69.74 24.40
C TYR C 2935 138.55 70.41 25.37
N ALA C 2936 138.78 71.69 25.57
CA ALA C 2936 137.81 72.55 26.25
C ALA C 2936 136.96 73.24 25.17
N VAL C 2937 135.64 73.18 25.31
CA VAL C 2937 134.67 73.82 24.45
C VAL C 2937 133.93 74.89 25.26
N THR C 2938 134.03 76.14 24.83
CA THR C 2938 133.45 77.28 25.58
C THR C 2938 132.75 78.24 24.61
N ARG C 2939 131.91 79.13 25.11
CA ARG C 2939 131.30 80.04 24.13
C ARG C 2939 131.46 81.50 24.44
N ASP C 2947 123.43 81.98 35.26
CA ASP C 2947 123.51 81.73 36.70
C ASP C 2947 122.25 82.20 37.41
N THR C 2948 121.10 81.90 36.80
CA THR C 2948 119.81 82.31 37.34
C THR C 2948 119.31 81.26 38.32
N SER C 2949 118.87 81.70 39.48
CA SER C 2949 118.37 80.78 40.49
C SER C 2949 117.00 80.25 40.09
N SER C 2950 116.60 79.14 40.74
CA SER C 2950 115.32 78.52 40.42
C SER C 2950 114.15 79.42 40.77
N ILE C 2951 114.26 80.20 41.85
CA ILE C 2951 113.15 81.05 42.28
C ILE C 2951 112.85 82.10 41.22
N GLU C 2952 113.89 82.71 40.63
CA GLU C 2952 113.69 83.75 39.63
C GLU C 2952 113.10 83.23 38.33
N LYS C 2953 113.07 81.92 38.14
CA LYS C 2953 112.55 81.31 36.93
C LYS C 2953 111.04 81.08 36.98
N ARG C 2954 110.40 81.41 38.10
CA ARG C 2954 108.99 81.11 38.26
C ARG C 2954 108.10 81.93 37.32
N PHE C 2955 107.00 81.31 36.92
CA PHE C 2955 106.05 81.96 36.04
C PHE C 2955 105.45 83.18 36.72
N ALA C 2956 105.12 83.08 38.01
CA ALA C 2956 104.58 84.23 38.72
C ALA C 2956 105.60 85.36 38.80
N PHE C 2957 106.88 85.01 38.98
CA PHE C 2957 107.92 86.04 39.05
C PHE C 2957 108.02 86.79 37.73
N GLY C 2958 108.03 86.06 36.61
CA GLY C 2958 108.08 86.72 35.31
C GLY C 2958 106.82 87.50 35.00
N PHE C 2959 105.66 86.96 35.37
CA PHE C 2959 104.40 87.65 35.11
C PHE C 2959 104.33 88.95 35.90
N LEU C 2960 104.73 88.92 37.17
CA LEU C 2960 104.73 90.14 37.96
C LEU C 2960 105.73 91.15 37.41
N GLN C 2961 106.90 90.68 36.94
CA GLN C 2961 107.88 91.61 36.41
C GLN C 2961 107.33 92.31 35.16
N GLN C 2962 106.62 91.56 34.31
CA GLN C 2962 106.00 92.17 33.14
C GLN C 2962 104.89 93.13 33.54
N LEU C 2963 104.12 92.78 34.57
CA LEU C 2963 103.07 93.66 35.03
C LEU C 2963 103.64 94.98 35.53
N LEU C 2964 104.79 94.95 36.21
CA LEU C 2964 105.43 96.17 36.76
C LEU C 2964 106.07 96.99 35.62
N ARG C 2965 106.37 96.34 34.48
CA ARG C 2965 106.95 97.00 33.28
C ARG C 2965 105.82 97.74 32.56
N TRP C 2966 104.58 97.25 32.66
CA TRP C 2966 103.41 97.91 32.03
C TRP C 2966 102.93 99.04 32.94
N MET C 2967 103.15 98.95 34.25
CA MET C 2967 102.79 100.04 35.19
C MET C 2967 103.53 101.29 34.71
N ASP C 2968 104.80 101.14 34.33
CA ASP C 2968 105.61 102.27 33.83
C ASP C 2968 104.95 102.85 32.57
N ILE C 2969 104.46 101.99 31.68
CA ILE C 2969 103.75 102.41 30.43
C ILE C 2969 102.43 103.09 30.82
N SER C 2970 101.77 102.61 31.87
CA SER C 2970 100.47 103.16 32.34
C SER C 2970 100.69 104.57 32.86
N GLN C 2971 101.78 104.80 33.60
CA GLN C 2971 102.14 106.14 34.11
C GLN C 2971 102.29 107.06 32.89
N GLU C 2972 102.84 106.54 31.79
CA GLU C 2972 103.03 107.32 30.53
C GLU C 2972 101.66 107.62 29.91
N PHE C 2973 100.80 106.61 29.77
CA PHE C 2973 99.48 106.82 29.13
C PHE C 2973 98.72 107.89 29.91
N ILE C 2974 98.66 107.77 31.24
CA ILE C 2974 97.85 108.70 32.09
C ILE C 2974 98.59 110.03 32.22
N ALA C 2975 99.92 110.07 32.05
CA ALA C 2975 100.67 111.34 32.07
C ALA C 2975 100.16 112.17 30.89
N HIS C 2976 99.98 111.56 29.72
CA HIS C 2976 99.50 112.26 28.50
C HIS C 2976 98.03 112.69 28.66
N LEU C 2977 97.18 111.83 29.22
CA LEU C 2977 95.75 112.15 29.43
C LEU C 2977 95.58 113.25 30.49
N PRO C 2990 98.47 109.26 20.53
CA PRO C 2990 99.73 108.66 20.06
C PRO C 2990 100.01 107.34 20.78
N HIS C 2991 99.21 106.99 21.80
CA HIS C 2991 99.38 105.75 22.60
C HIS C 2991 98.04 105.01 22.68
N GLU C 2992 97.21 105.04 21.64
CA GLU C 2992 95.85 104.49 21.64
C GLU C 2992 95.87 102.97 21.80
N GLN C 2993 96.80 102.30 21.13
CA GLN C 2993 96.93 100.85 21.30
C GLN C 2993 97.29 100.49 22.74
N GLU C 2994 98.20 101.24 23.34
CA GLU C 2994 98.58 100.95 24.73
C GLU C 2994 97.39 101.15 25.67
N ILE C 2995 96.61 102.21 25.43
CA ILE C 2995 95.47 102.49 26.28
C ILE C 2995 94.45 101.36 26.17
N LYS C 2996 94.17 100.93 24.94
CA LYS C 2996 93.17 99.88 24.76
C LYS C 2996 93.66 98.57 25.37
N PHE C 2997 94.94 98.24 25.19
CA PHE C 2997 95.45 96.99 25.74
C PHE C 2997 95.42 97.01 27.27
N PHE C 2998 95.78 98.14 27.86
CA PHE C 2998 95.78 98.27 29.31
C PHE C 2998 94.37 98.15 29.86
N ALA C 2999 93.41 98.81 29.22
CA ALA C 2999 92.06 98.84 29.77
C ALA C 2999 91.33 97.51 29.53
N LYS C 3000 91.52 96.89 28.37
CA LYS C 3000 90.70 95.74 28.00
C LYS C 3000 91.33 94.39 28.32
N ILE C 3001 92.63 94.31 28.62
CA ILE C 3001 93.30 93.03 28.84
C ILE C 3001 93.89 92.93 30.24
N LEU C 3002 94.70 93.91 30.63
CA LEU C 3002 95.51 93.78 31.83
C LEU C 3002 94.67 93.71 33.10
N LEU C 3003 93.71 94.62 33.25
CA LEU C 3003 92.90 94.65 34.46
C LEU C 3003 92.08 93.37 34.71
N PRO C 3004 91.34 92.83 33.74
CA PRO C 3004 90.70 91.53 33.98
C PRO C 3004 91.68 90.41 34.27
N LEU C 3005 92.86 90.46 33.67
CA LEU C 3005 93.83 89.39 33.90
C LEU C 3005 94.36 89.44 35.33
N ILE C 3006 94.71 90.62 35.81
CA ILE C 3006 95.16 90.74 37.20
C ILE C 3006 94.03 90.36 38.15
N ASN C 3007 92.81 90.76 37.79
CA ASN C 3007 91.65 90.48 38.63
C ASN C 3007 91.47 88.98 38.82
N GLN C 3008 91.60 88.23 37.74
CA GLN C 3008 91.27 86.82 37.84
C GLN C 3008 92.48 86.04 38.32
N TYR C 3009 93.68 86.45 37.96
CA TYR C 3009 94.84 85.70 38.39
C TYR C 3009 94.95 85.76 39.90
N PHE C 3010 94.86 86.97 40.47
CA PHE C 3010 94.99 87.06 41.92
C PHE C 3010 93.71 86.65 42.64
N THR C 3011 92.57 86.59 41.96
CA THR C 3011 91.39 86.01 42.59
C THR C 3011 91.56 84.51 42.75
N ASN C 3012 92.13 83.85 41.74
CA ASN C 3012 92.32 82.40 41.82
C ASN C 3012 93.47 82.06 42.76
N HIS C 3013 94.54 82.85 42.72
CA HIS C 3013 95.76 82.55 43.48
C HIS C 3013 95.94 83.48 44.68
N CYS C 3014 94.86 83.93 45.31
CA CYS C 3014 95.00 84.73 46.52
C CYS C 3014 95.69 83.96 47.64
N LEU C 3015 95.34 82.68 47.81
CA LEU C 3015 95.90 81.90 48.91
C LEU C 3015 97.38 81.61 48.72
N TYR C 3016 97.85 81.53 47.47
CA TYR C 3016 99.26 81.25 47.24
C TYR C 3016 100.16 82.34 47.81
N PHE C 3017 99.77 83.60 47.61
CA PHE C 3017 100.58 84.71 48.09
C PHE C 3017 100.43 84.92 49.59
N LEU C 3018 99.28 84.58 50.16
CA LEU C 3018 99.07 84.73 51.60
C LEU C 3018 99.68 83.60 52.40
N SER C 3019 100.10 82.51 51.75
CA SER C 3019 100.66 81.38 52.47
C SER C 3019 102.07 81.69 52.94
N THR C 3020 102.47 81.01 54.01
CA THR C 3020 103.80 81.15 54.60
C THR C 3020 104.30 79.76 54.99
N PRO C 3021 105.62 79.56 55.05
CA PRO C 3021 106.11 78.23 55.45
C PRO C 3021 105.61 77.79 56.80
N ALA C 3022 105.40 78.72 57.73
CA ALA C 3022 104.84 78.36 59.04
C ALA C 3022 103.42 77.85 58.89
N LYS C 3023 102.63 78.46 58.01
CA LYS C 3023 101.21 78.14 57.85
C LYS C 3023 100.91 78.05 56.36
N VAL C 3024 100.64 76.83 55.88
CA VAL C 3024 100.33 76.59 54.48
C VAL C 3024 98.81 76.56 54.37
N LEU C 3025 98.23 77.69 53.97
CA LEU C 3025 96.78 77.78 53.86
C LEU C 3025 96.28 77.10 52.59
N GLY C 3026 97.04 77.20 51.51
CA GLY C 3026 96.64 76.64 50.23
C GLY C 3026 96.96 75.16 50.13
N SER C 3027 96.71 74.61 48.94
CA SER C 3027 96.97 73.21 48.70
C SER C 3027 98.46 72.89 48.82
N GLY C 3028 99.31 73.73 48.25
CA GLY C 3028 100.74 73.52 48.32
C GLY C 3028 101.49 74.72 47.81
N GLY C 3029 102.74 74.83 48.24
CA GLY C 3029 103.60 75.91 47.84
C GLY C 3029 103.24 77.23 48.51
N HIS C 3030 104.24 78.10 48.59
CA HIS C 3030 104.07 79.41 49.19
C HIS C 3030 104.86 80.43 48.40
N ALA C 3031 104.32 81.65 48.35
CA ALA C 3031 104.98 82.73 47.61
C ALA C 3031 106.24 83.17 48.34
N SER C 3032 107.26 83.54 47.57
CA SER C 3032 108.51 84.00 48.14
C SER C 3032 108.43 85.48 48.55
N ASN C 3033 109.45 85.89 49.29
CA ASN C 3033 109.53 87.27 49.75
C ASN C 3033 109.57 88.23 48.57
N LYS C 3034 110.33 87.89 47.53
CA LYS C 3034 110.41 88.76 46.36
C LYS C 3034 109.05 88.90 45.69
N GLU C 3035 108.29 87.81 45.60
CA GLU C 3035 106.95 87.89 45.04
C GLU C 3035 106.03 88.78 45.89
N LYS C 3036 106.13 88.67 47.21
CA LYS C 3036 105.34 89.55 48.07
C LYS C 3036 105.75 91.01 47.90
N GLU C 3037 107.05 91.26 47.71
CA GLU C 3037 107.52 92.61 47.46
C GLU C 3037 106.98 93.14 46.15
N MET C 3038 106.97 92.30 45.12
CA MET C 3038 106.51 92.77 43.82
C MET C 3038 105.02 93.08 43.85
N ILE C 3039 104.23 92.23 44.51
CA ILE C 3039 102.79 92.51 44.57
C ILE C 3039 102.51 93.74 45.42
N THR C 3040 103.36 94.01 46.42
CA THR C 3040 103.19 95.23 47.21
C THR C 3040 103.53 96.47 46.38
N SER C 3041 104.63 96.42 45.63
CA SER C 3041 104.95 97.56 44.79
C SER C 3041 103.91 97.75 43.69
N LEU C 3042 103.34 96.66 43.20
CA LEU C 3042 102.26 96.78 42.21
C LEU C 3042 101.06 97.49 42.81
N PHE C 3043 100.70 97.15 44.05
CA PHE C 3043 99.58 97.82 44.70
C PHE C 3043 99.87 99.30 44.92
N CYS C 3044 101.07 99.62 45.38
CA CYS C 3044 101.42 101.01 45.65
C CYS C 3044 101.44 101.83 44.37
N LYS C 3045 102.03 101.29 43.30
CA LYS C 3045 102.07 101.99 42.04
C LYS C 3045 100.68 102.19 41.46
N LEU C 3046 99.82 101.18 41.55
CA LEU C 3046 98.46 101.34 41.03
C LEU C 3046 97.69 102.38 41.83
N ALA C 3047 97.87 102.40 43.16
CA ALA C 3047 97.18 103.39 43.97
C ALA C 3047 97.64 104.79 43.61
N ALA C 3048 98.95 104.99 43.44
CA ALA C 3048 99.41 106.31 43.03
C ALA C 3048 98.95 106.65 41.63
N LEU C 3049 98.75 105.63 40.79
CA LEU C 3049 98.26 105.86 39.44
C LEU C 3049 96.85 106.43 39.48
N VAL C 3050 96.00 105.87 40.36
CA VAL C 3050 94.60 106.27 40.42
C VAL C 3050 94.37 107.45 41.36
N ARG C 3051 95.39 107.90 42.09
CA ARG C 3051 95.19 109.01 43.02
C ARG C 3051 94.79 110.27 42.25
N HIS C 3052 93.57 110.75 42.49
CA HIS C 3052 93.06 112.01 41.95
C HIS C 3052 92.93 112.01 40.42
N ARG C 3053 92.78 110.84 39.80
CA ARG C 3053 92.60 110.78 38.35
C ARG C 3053 91.48 109.79 38.00
N VAL C 3054 90.46 109.71 38.83
CA VAL C 3054 89.37 108.76 38.59
C VAL C 3054 88.60 109.12 37.33
N SER C 3055 88.41 110.42 37.08
CA SER C 3055 87.59 110.83 35.94
C SER C 3055 88.22 110.46 34.60
N LEU C 3056 89.55 110.51 34.52
CA LEU C 3056 90.22 110.25 33.24
C LEU C 3056 90.08 108.79 32.79
N PHE C 3057 89.75 107.88 33.70
CA PHE C 3057 89.54 106.48 33.32
C PHE C 3057 88.15 106.19 32.81
N GLY C 3058 87.21 107.12 32.93
CA GLY C 3058 85.88 106.88 32.41
C GLY C 3058 85.21 105.69 33.06
N THR C 3059 84.72 104.77 32.23
CA THR C 3059 84.04 103.56 32.69
C THR C 3059 84.98 102.49 33.22
N ASP C 3060 86.29 102.65 33.09
CA ASP C 3060 87.25 101.67 33.60
C ASP C 3060 87.54 101.84 35.09
N ALA C 3061 87.07 102.92 35.71
CA ALA C 3061 87.31 103.11 37.14
C ALA C 3061 86.75 102.00 38.00
N PRO C 3062 85.54 101.48 37.78
CA PRO C 3062 85.10 100.32 38.58
C PRO C 3062 86.02 99.11 38.44
N ALA C 3063 86.59 98.90 37.26
CA ALA C 3063 87.54 97.79 37.09
C ALA C 3063 88.79 98.05 37.91
N VAL C 3064 89.25 99.31 37.90
CA VAL C 3064 90.48 99.65 38.62
C VAL C 3064 90.27 99.45 40.11
N VAL C 3065 89.14 99.93 40.63
CA VAL C 3065 88.90 99.80 42.07
C VAL C 3065 88.71 98.35 42.46
N ASN C 3066 88.08 97.54 41.59
CA ASN C 3066 87.94 96.12 41.90
C ASN C 3066 89.31 95.45 41.97
N CYS C 3067 90.22 95.82 41.06
CA CYS C 3067 91.58 95.32 41.13
C CYS C 3067 92.26 95.76 42.42
N LEU C 3068 92.02 97.00 42.84
CA LEU C 3068 92.61 97.48 44.08
C LEU C 3068 92.09 96.69 45.27
N HIS C 3069 90.79 96.35 45.22
CA HIS C 3069 90.14 95.57 46.29
C HIS C 3069 90.81 94.19 46.34
N ILE C 3070 91.10 93.53 45.21
CA ILE C 3070 91.68 92.19 45.23
C ILE C 3070 93.14 92.23 45.66
N LEU C 3071 93.89 93.25 45.21
CA LEU C 3071 95.26 93.36 45.66
C LEU C 3071 95.32 93.60 47.17
N ALA C 3072 94.38 94.39 47.70
CA ALA C 3072 94.36 94.61 49.14
C ALA C 3072 94.08 93.30 49.86
N ARG C 3073 93.15 92.50 49.33
CA ARG C 3073 92.87 91.22 49.96
C ARG C 3073 94.00 90.23 49.78
N SER C 3074 94.97 90.54 48.92
CA SER C 3074 96.10 89.66 48.66
C SER C 3074 97.43 90.29 49.06
N LEU C 3075 97.41 91.27 49.96
CA LEU C 3075 98.62 91.89 50.48
C LEU C 3075 99.04 91.24 51.79
N ASP C 3076 100.20 90.57 51.79
CA ASP C 3076 100.79 90.01 53.01
C ASP C 3076 101.83 90.98 53.57
N ALA C 3077 101.32 92.02 54.23
CA ALA C 3077 102.14 93.15 54.66
C ALA C 3077 103.00 92.86 55.89
N ARG C 3078 102.70 91.82 56.67
CA ARG C 3078 103.52 91.52 57.84
C ARG C 3078 104.96 91.20 57.47
N THR C 3079 105.15 90.29 56.51
CA THR C 3079 106.52 89.93 56.12
C THR C 3079 107.21 91.10 55.45
N VAL C 3080 106.48 91.86 54.64
CA VAL C 3080 107.08 92.96 53.91
C VAL C 3080 107.57 94.02 54.89
N MET C 3081 106.75 94.34 55.90
CA MET C 3081 107.13 95.38 56.85
C MET C 3081 108.21 94.90 57.81
N LYS C 3082 108.26 93.59 58.11
CA LYS C 3082 109.28 93.12 59.02
C LYS C 3082 110.63 93.00 58.30
N SER C 3083 110.69 92.19 57.25
CA SER C 3083 111.90 92.00 56.46
C SER C 3083 111.55 92.32 55.01
N GLY C 3084 111.70 93.58 54.62
CA GLY C 3084 111.39 94.02 53.29
C GLY C 3084 112.16 95.25 52.88
N PRO C 3085 112.17 95.56 51.58
CA PRO C 3085 112.95 96.71 51.10
C PRO C 3085 112.43 98.05 51.61
N GLU C 3086 113.38 98.96 51.78
CA GLU C 3086 113.07 100.30 52.26
C GLU C 3086 112.18 101.04 51.28
N ILE C 3087 112.41 100.87 49.98
CA ILE C 3087 111.62 101.59 48.98
C ILE C 3087 110.16 101.19 49.07
N VAL C 3088 109.88 99.88 49.17
CA VAL C 3088 108.51 99.42 49.25
C VAL C 3088 107.87 99.88 50.56
N LYS C 3089 108.59 99.78 51.68
CA LYS C 3089 107.99 100.23 52.93
C LYS C 3089 107.71 101.73 52.89
N ALA C 3090 108.64 102.52 52.33
CA ALA C 3090 108.40 103.96 52.23
C ALA C 3090 107.22 104.26 51.33
N GLY C 3091 107.01 103.42 50.30
CA GLY C 3091 105.86 103.61 49.43
C GLY C 3091 104.55 103.36 50.17
N LEU C 3092 104.52 102.32 50.99
CA LEU C 3092 103.30 102.04 51.76
C LEU C 3092 103.05 103.13 52.79
N ARG C 3093 104.11 103.62 53.43
CA ARG C 3093 103.94 104.72 54.38
C ARG C 3093 103.43 105.97 53.66
N SER C 3094 103.95 106.25 52.47
CA SER C 3094 103.47 107.41 51.73
C SER C 3094 102.02 107.23 51.33
N PHE C 3095 101.60 105.98 51.09
CA PHE C 3095 100.21 105.71 50.75
C PHE C 3095 99.30 106.07 51.91
N PHE C 3096 99.67 105.62 53.11
CA PHE C 3096 98.86 105.96 54.28
C PHE C 3096 98.87 107.45 54.57
N GLU C 3097 100.03 108.10 54.42
CA GLU C 3097 100.11 109.53 54.65
C GLU C 3097 99.24 110.30 53.66
N SER C 3098 99.27 109.91 52.39
CA SER C 3098 98.43 110.57 51.41
C SER C 3098 96.95 110.35 51.70
N ALA C 3099 96.59 109.14 52.15
CA ALA C 3099 95.19 108.90 52.48
C ALA C 3099 94.75 109.79 53.64
N SER C 3100 95.63 109.93 54.65
CA SER C 3100 95.30 110.79 55.78
C SER C 3100 95.13 112.23 55.34
N GLU C 3101 96.03 112.71 54.47
CA GLU C 3101 95.93 114.09 54.01
C GLU C 3101 94.66 114.31 53.21
N ASP C 3102 94.30 113.35 52.36
CA ASP C 3102 93.09 113.49 51.57
C ASP C 3102 91.84 113.49 52.45
N ILE C 3103 91.81 112.66 53.49
CA ILE C 3103 90.66 112.66 54.38
C ILE C 3103 90.58 113.97 55.15
N GLU C 3104 91.73 114.49 55.59
CA GLU C 3104 91.74 115.77 56.28
C GLU C 3104 91.23 116.89 55.38
N LYS C 3105 91.64 116.87 54.12
CA LYS C 3105 91.13 117.86 53.18
C LYS C 3105 89.64 117.69 52.92
N MET C 3106 89.16 116.45 52.92
CA MET C 3106 87.73 116.25 52.71
C MET C 3106 86.93 116.84 53.87
N VAL C 3107 87.35 116.53 55.09
CA VAL C 3107 86.56 116.99 56.23
C VAL C 3107 86.66 118.51 56.37
N GLU C 3108 87.84 119.07 56.10
CA GLU C 3108 87.97 120.53 56.20
C GLU C 3108 87.22 121.25 55.08
N ASN C 3109 87.03 120.61 53.93
CA ASN C 3109 86.18 121.19 52.88
C ASN C 3109 84.69 121.02 53.16
N LEU C 3110 84.29 119.89 53.73
CA LEU C 3110 82.91 119.71 54.15
C LEU C 3110 82.49 120.63 55.29
N ARG C 3111 83.39 120.96 56.21
CA ARG C 3111 83.04 121.91 57.28
C ARG C 3111 83.01 123.32 56.69
N LEU C 3112 82.01 123.55 55.84
CA LEU C 3112 81.85 124.82 55.15
C LEU C 3112 81.70 125.96 56.15
N VAL C 3125 87.45 120.69 43.79
CA VAL C 3125 86.70 120.19 44.93
C VAL C 3125 85.93 118.94 44.55
N GLY C 3126 85.29 119.02 43.37
CA GLY C 3126 84.54 117.89 42.87
C GLY C 3126 85.40 116.68 42.55
N GLN C 3127 86.57 116.92 41.94
CA GLN C 3127 87.45 115.80 41.61
C GLN C 3127 87.93 115.10 42.88
N ASN C 3128 88.31 115.91 43.86
CA ASN C 3128 88.80 115.36 45.14
C ASN C 3128 87.65 114.54 45.70
N LEU C 3129 86.44 115.08 45.81
CA LEU C 3129 85.33 114.45 46.49
C LEU C 3129 84.94 113.14 45.81
N THR C 3130 84.89 113.14 44.48
CA THR C 3130 84.49 111.92 43.79
C THR C 3130 85.60 110.89 43.82
N TYR C 3131 86.85 111.34 43.90
CA TYR C 3131 87.94 110.38 44.00
C TYR C 3131 87.93 109.71 45.36
N THR C 3132 87.69 110.47 46.41
CA THR C 3132 87.75 109.88 47.73
C THR C 3132 86.57 108.96 47.95
N THR C 3133 85.37 109.41 47.55
CA THR C 3133 84.15 108.67 47.79
C THR C 3133 83.99 107.47 46.87
N VAL C 3134 84.71 107.41 45.76
CA VAL C 3134 84.54 106.29 44.83
C VAL C 3134 85.69 105.31 44.95
N ALA C 3135 86.88 105.79 45.34
CA ALA C 3135 88.04 104.90 45.43
C ALA C 3135 88.55 104.73 46.85
N LEU C 3136 88.84 105.83 47.55
CA LEU C 3136 89.69 105.76 48.73
C LEU C 3136 89.00 105.03 49.88
N LEU C 3137 87.77 105.43 50.20
CA LEU C 3137 87.09 104.84 51.35
C LEU C 3137 86.84 103.34 51.20
N PRO C 3138 86.30 102.82 50.11
CA PRO C 3138 86.12 101.36 50.01
C PRO C 3138 87.43 100.58 50.07
N VAL C 3139 88.50 101.07 49.46
CA VAL C 3139 89.75 100.33 49.48
C VAL C 3139 90.36 100.37 50.87
N LEU C 3140 90.35 101.54 51.52
CA LEU C 3140 90.90 101.63 52.87
C LEU C 3140 90.10 100.77 53.83
N THR C 3141 88.77 100.73 53.65
CA THR C 3141 87.93 99.86 54.47
C THR C 3141 88.29 98.40 54.27
N THR C 3142 88.49 97.99 53.01
CA THR C 3142 88.83 96.59 52.76
C THR C 3142 90.19 96.26 53.36
N LEU C 3143 91.15 97.17 53.22
CA LEU C 3143 92.49 96.91 53.75
C LEU C 3143 92.47 96.80 55.27
N PHE C 3144 91.73 97.68 55.94
CA PHE C 3144 91.63 97.59 57.39
C PHE C 3144 90.93 96.31 57.82
N GLN C 3145 89.88 95.91 57.11
CA GLN C 3145 89.21 94.66 57.45
C GLN C 3145 90.14 93.47 57.26
N HIS C 3146 90.94 93.47 56.19
CA HIS C 3146 91.91 92.40 55.97
C HIS C 3146 92.95 92.35 57.08
N ILE C 3147 93.43 93.53 57.51
CA ILE C 3147 94.41 93.56 58.59
C ILE C 3147 93.79 93.03 59.87
N ALA C 3148 92.56 93.43 60.17
CA ALA C 3148 91.94 92.99 61.40
C ALA C 3148 91.74 91.49 61.37
N GLN C 3149 91.29 90.97 60.22
CA GLN C 3149 91.02 89.54 60.11
C GLN C 3149 92.30 88.72 60.27
N HIS C 3150 93.40 89.19 59.71
CA HIS C 3150 94.65 88.43 59.75
C HIS C 3150 95.56 88.85 60.90
N GLN C 3151 95.10 89.71 61.79
CA GLN C 3151 95.84 90.06 63.01
C GLN C 3151 97.23 90.59 62.70
N PHE C 3152 97.34 91.39 61.64
CA PHE C 3152 98.60 92.03 61.28
C PHE C 3152 98.78 93.39 61.95
N GLY C 3153 97.82 93.81 62.77
CA GLY C 3153 97.87 95.15 63.31
C GLY C 3153 99.09 95.40 64.20
N ASP C 3154 99.45 94.41 65.02
CA ASP C 3154 100.58 94.59 65.93
C ASP C 3154 101.93 94.61 65.22
N ASP C 3155 101.97 94.30 63.92
CA ASP C 3155 103.23 94.26 63.18
C ASP C 3155 103.34 95.33 62.10
N VAL C 3156 102.22 95.81 61.58
CA VAL C 3156 102.21 96.77 60.47
C VAL C 3156 102.03 98.20 60.96
N ILE C 3157 101.06 98.44 61.84
CA ILE C 3157 100.67 99.80 62.21
C ILE C 3157 101.60 100.22 63.35
N LEU C 3158 102.82 100.69 63.03
CA LEU C 3158 103.85 100.95 64.09
C LEU C 3158 104.30 102.41 64.22
N ASP C 3159 104.99 103.01 63.25
CA ASP C 3159 105.60 104.36 63.42
C ASP C 3159 104.85 105.43 62.64
N ASP C 3160 105.14 105.63 61.35
CA ASP C 3160 104.54 106.72 60.55
C ASP C 3160 103.07 106.40 60.28
N VAL C 3161 102.67 105.13 60.35
CA VAL C 3161 101.29 104.69 60.00
C VAL C 3161 100.40 104.72 61.25
N GLN C 3162 100.97 104.81 62.46
CA GLN C 3162 100.17 104.93 63.71
C GLN C 3162 99.80 106.40 63.90
N VAL C 3163 100.66 107.36 63.53
CA VAL C 3163 100.34 108.79 63.55
C VAL C 3163 99.31 109.14 62.48
N SER C 3164 99.47 108.58 61.28
CA SER C 3164 98.49 108.82 60.23
C SER C 3164 97.12 108.28 60.58
N CYS C 3165 97.06 107.08 61.16
CA CYS C 3165 95.76 106.54 61.54
C CYS C 3165 95.15 107.33 62.69
N TYR C 3166 95.98 107.84 63.60
CA TYR C 3166 95.46 108.69 64.66
C TYR C 3166 94.83 109.95 64.09
N ARG C 3167 95.52 110.59 63.14
CA ARG C 3167 95.00 111.80 62.52
C ARG C 3167 93.73 111.54 61.72
N THR C 3168 93.67 110.40 61.02
CA THR C 3168 92.45 110.00 60.32
C THR C 3168 91.28 109.76 61.28
N LEU C 3169 91.53 109.08 62.38
CA LEU C 3169 90.47 108.88 63.38
C LEU C 3169 90.02 110.22 63.97
N CYS C 3170 90.98 111.11 64.24
CA CYS C 3170 90.66 112.44 64.74
C CYS C 3170 89.73 113.14 63.77
N SER C 3171 90.06 113.10 62.48
CA SER C 3171 89.35 113.92 61.53
C SER C 3171 87.98 113.32 61.32
N ILE C 3172 87.89 111.99 61.24
CA ILE C 3172 86.61 111.35 60.97
C ILE C 3172 85.67 111.66 62.11
N TYR C 3173 86.15 111.55 63.35
CA TYR C 3173 85.29 111.84 64.50
C TYR C 3173 84.97 113.32 64.61
N SER C 3174 85.77 114.20 63.99
CA SER C 3174 85.49 115.63 64.10
C SER C 3174 84.27 116.05 63.30
N LEU C 3175 83.55 115.11 62.69
CA LEU C 3175 82.34 115.39 61.93
C LEU C 3175 81.09 115.45 62.81
N GLY C 3176 81.20 115.22 64.11
CA GLY C 3176 80.02 115.17 64.95
C GLY C 3176 79.26 116.48 64.98
N THR C 3177 79.97 117.62 64.92
CA THR C 3177 79.35 118.94 65.01
C THR C 3177 79.00 119.52 63.64
N THR C 3178 78.78 118.68 62.63
CA THR C 3178 78.46 119.13 61.28
C THR C 3178 77.16 118.50 60.82
N LYS C 3179 76.29 119.32 60.23
CA LYS C 3179 74.97 118.90 59.78
C LYS C 3179 74.75 119.36 58.35
N ASN C 3180 74.78 118.42 57.41
CA ASN C 3180 74.52 118.72 56.01
C ASN C 3180 73.86 117.52 55.35
N THR C 3181 73.36 117.72 54.14
CA THR C 3181 72.72 116.62 53.41
C THR C 3181 73.76 115.62 52.93
N TYR C 3182 74.92 116.11 52.48
CA TYR C 3182 75.96 115.19 52.08
C TYR C 3182 76.42 114.38 53.27
N VAL C 3183 76.55 115.02 54.44
CA VAL C 3183 76.97 114.28 55.62
C VAL C 3183 75.91 113.26 55.98
N GLU C 3184 74.63 113.62 55.77
CA GLU C 3184 73.56 112.71 56.14
C GLU C 3184 73.65 111.44 55.32
N LYS C 3185 73.92 111.58 54.02
CA LYS C 3185 74.01 110.39 53.18
C LYS C 3185 75.38 109.71 53.27
N LEU C 3186 76.39 110.38 53.82
CA LEU C 3186 77.74 109.85 53.93
C LEU C 3186 78.06 109.23 55.28
N ARG C 3187 77.17 109.34 56.26
CA ARG C 3187 77.46 108.76 57.57
C ARG C 3187 77.67 107.24 57.57
N PRO C 3188 76.87 106.42 56.89
CA PRO C 3188 77.14 104.96 56.92
C PRO C 3188 78.51 104.55 56.41
N ALA C 3189 79.05 105.21 55.38
CA ALA C 3189 80.37 104.85 54.87
C ALA C 3189 81.47 105.26 55.85
N LEU C 3190 81.36 106.48 56.40
CA LEU C 3190 82.36 106.93 57.36
C LEU C 3190 82.33 106.05 58.60
N GLY C 3191 81.13 105.68 59.05
CA GLY C 3191 81.02 104.85 60.23
C GLY C 3191 81.61 103.47 60.01
N GLU C 3192 81.36 102.88 58.84
CA GLU C 3192 81.94 101.57 58.56
C GLU C 3192 83.46 101.63 58.49
N CYS C 3193 83.99 102.70 57.88
CA CYS C 3193 85.43 102.86 57.82
C CYS C 3193 86.02 103.02 59.20
N LEU C 3194 85.36 103.80 60.06
CA LEU C 3194 85.86 104.00 61.41
C LEU C 3194 85.80 102.70 62.21
N ALA C 3195 84.75 101.91 62.01
CA ALA C 3195 84.65 100.64 62.71
C ALA C 3195 85.78 99.71 62.31
N ARG C 3196 86.09 99.64 61.02
CA ARG C 3196 87.20 98.78 60.60
C ARG C 3196 88.52 99.31 61.11
N LEU C 3197 88.67 100.63 61.16
CA LEU C 3197 89.91 101.19 61.71
C LEU C 3197 90.05 100.83 63.18
N ALA C 3198 88.94 100.88 63.91
CA ALA C 3198 88.97 100.52 65.33
C ALA C 3198 89.35 99.06 65.50
N ALA C 3199 88.84 98.21 64.60
CA ALA C 3199 89.16 96.78 64.65
C ALA C 3199 90.63 96.53 64.36
N ALA C 3200 91.25 97.34 63.50
CA ALA C 3200 92.64 97.11 63.13
C ALA C 3200 93.63 97.92 63.97
N MET C 3201 93.17 98.86 64.78
CA MET C 3201 94.09 99.69 65.55
C MET C 3201 94.67 98.89 66.71
N PRO C 3202 95.99 98.82 66.85
CA PRO C 3202 96.59 98.01 67.93
C PRO C 3202 96.72 98.70 69.27
N VAL C 3203 96.35 99.98 69.39
CA VAL C 3203 96.47 100.72 70.64
C VAL C 3203 95.09 101.09 71.13
N ALA C 3204 94.92 101.07 72.46
CA ALA C 3204 93.65 101.41 73.11
C ALA C 3204 93.59 102.92 73.30
N PHE C 3205 93.22 103.61 72.22
CA PHE C 3205 93.17 105.07 72.25
C PHE C 3205 92.10 105.60 73.19
N LEU C 3206 91.14 104.77 73.60
CA LEU C 3206 90.09 105.18 74.50
C LEU C 3206 90.49 105.08 75.98
N GLU C 3207 91.65 104.50 76.28
CA GLU C 3207 92.13 104.34 77.65
C GLU C 3207 93.58 104.81 77.72
N PRO C 3208 93.81 106.12 77.57
CA PRO C 3208 95.19 106.63 77.59
C PRO C 3208 95.87 106.47 78.94
N GLN C 3209 95.11 106.29 80.02
CA GLN C 3209 95.72 106.19 81.33
C GLN C 3209 96.53 104.90 81.50
N LEU C 3210 96.28 103.88 80.69
CA LEU C 3210 97.01 102.63 80.75
C LEU C 3210 97.94 102.42 79.56
N ASN C 3211 98.25 103.48 78.82
CA ASN C 3211 99.09 103.35 77.64
C ASN C 3211 100.53 102.97 77.99
N GLU C 3212 100.97 103.26 79.21
CA GLU C 3212 102.35 102.95 79.61
C GLU C 3212 102.62 101.46 79.65
N TYR C 3213 101.59 100.61 79.64
CA TYR C 3213 101.75 99.17 79.67
C TYR C 3213 101.60 98.54 78.29
N ASN C 3214 101.54 99.35 77.24
CA ASN C 3214 101.41 98.87 75.87
C ASN C 3214 102.77 98.93 75.19
N ALA C 3215 103.25 97.77 74.75
CA ALA C 3215 104.58 97.71 74.13
C ALA C 3215 104.58 98.30 72.73
N CYS C 3216 103.43 98.29 72.05
CA CYS C 3216 103.33 98.75 70.67
C CYS C 3216 103.08 100.25 70.56
N SER C 3217 102.86 100.94 71.66
CA SER C 3217 102.63 102.38 71.61
C SER C 3217 103.91 103.09 71.15
N VAL C 3218 103.72 104.16 70.38
CA VAL C 3218 104.87 104.92 69.88
C VAL C 3218 105.60 105.61 71.03
N TYR C 3219 104.89 105.97 72.09
CA TYR C 3219 105.49 106.66 73.22
C TYR C 3219 106.32 105.73 74.10
N THR C 3220 106.23 104.42 73.87
CA THR C 3220 107.07 103.45 74.55
C THR C 3220 108.12 102.85 73.63
N THR C 3221 107.77 102.62 72.36
CA THR C 3221 108.73 102.08 71.41
C THR C 3221 109.81 103.11 71.09
N LYS C 3222 109.43 104.39 70.99
CA LYS C 3222 110.35 105.45 70.63
C LYS C 3222 110.78 106.21 71.88
N SER C 3223 112.03 106.67 71.89
CA SER C 3223 112.53 107.41 73.02
C SER C 3223 111.94 108.82 73.02
N PRO C 3224 111.89 109.49 74.17
CA PRO C 3224 111.36 110.85 74.20
C PRO C 3224 112.13 111.81 73.32
N ARG C 3225 113.42 111.55 73.06
CA ARG C 3225 114.20 112.40 72.16
C ARG C 3225 113.69 112.29 70.74
N GLU C 3226 113.50 111.08 70.23
CA GLU C 3226 113.27 110.93 68.81
C GLU C 3226 111.86 111.35 68.39
N ARG C 3227 111.00 111.70 69.34
CA ARG C 3227 109.63 112.10 69.05
C ARG C 3227 109.48 113.61 68.85
N ALA C 3228 110.57 114.36 68.86
CA ALA C 3228 110.51 115.81 68.74
C ALA C 3228 110.89 116.34 67.37
N ILE C 3229 111.62 115.57 66.56
CA ILE C 3229 111.96 116.03 65.22
C ILE C 3229 110.71 116.31 64.41
N LEU C 3230 109.69 115.48 64.54
CA LEU C 3230 108.42 115.68 63.86
C LEU C 3230 107.35 116.15 64.85
N GLY C 3231 106.15 116.34 64.32
CA GLY C 3231 105.06 116.97 65.04
C GLY C 3231 104.22 116.08 65.95
N LEU C 3232 104.72 115.77 67.14
CA LEU C 3232 103.91 115.09 68.14
C LEU C 3232 103.93 115.90 69.44
N PRO C 3233 102.85 115.87 70.21
CA PRO C 3233 102.85 116.61 71.47
C PRO C 3233 103.69 115.90 72.51
N ASN C 3234 104.15 116.66 73.50
CA ASN C 3234 104.90 116.07 74.60
C ASN C 3234 104.02 115.26 75.54
N SER C 3235 102.71 115.21 75.31
CA SER C 3235 101.78 114.47 76.14
C SER C 3235 100.87 113.63 75.27
N VAL C 3236 100.87 112.32 75.52
CA VAL C 3236 99.94 111.41 74.86
C VAL C 3236 98.52 111.66 75.33
N GLU C 3237 98.34 112.07 76.59
CA GLU C 3237 97.00 112.30 77.12
C GLU C 3237 96.27 113.44 76.42
N GLU C 3238 96.98 114.34 75.74
CA GLU C 3238 96.33 115.47 75.11
C GLU C 3238 96.05 115.23 73.63
N MET C 3239 96.54 114.12 73.08
CA MET C 3239 96.18 113.73 71.73
C MET C 3239 94.72 113.29 71.70
N CYS C 3240 94.07 113.48 70.56
CA CYS C 3240 92.69 113.09 70.36
C CYS C 3240 91.79 113.77 71.40
N PRO C 3241 91.91 115.09 71.56
CA PRO C 3241 91.20 115.76 72.67
C PRO C 3241 89.69 115.78 72.50
N ASP C 3242 89.18 115.55 71.30
CA ASP C 3242 87.73 115.60 71.07
C ASP C 3242 87.04 114.27 71.31
N ILE C 3243 87.77 113.22 71.67
CA ILE C 3243 87.20 111.91 71.94
C ILE C 3243 87.03 111.75 73.45
N PRO C 3244 85.81 111.63 73.96
CA PRO C 3244 85.64 111.31 75.38
C PRO C 3244 86.16 109.92 75.69
N VAL C 3245 86.57 109.73 76.94
CA VAL C 3245 87.07 108.43 77.38
C VAL C 3245 85.93 107.44 77.38
N LEU C 3246 86.26 106.15 77.51
CA LEU C 3246 85.26 105.10 77.40
C LEU C 3246 84.20 105.22 78.48
N ASP C 3247 84.61 105.50 79.72
CA ASP C 3247 83.65 105.63 80.81
C ASP C 3247 82.68 106.77 80.57
N ARG C 3248 83.20 107.92 80.13
CA ARG C 3248 82.32 109.06 79.85
C ARG C 3248 81.37 108.74 78.70
N LEU C 3249 81.90 108.10 77.65
CA LEU C 3249 81.05 107.81 76.49
C LEU C 3249 79.95 106.82 76.85
N MET C 3250 80.28 105.81 77.64
CA MET C 3250 79.28 104.85 78.07
C MET C 3250 78.24 105.51 78.96
N ALA C 3251 78.66 106.41 79.84
CA ALA C 3251 77.70 107.08 80.69
C ALA C 3251 76.76 107.94 79.86
N ASP C 3252 77.30 108.64 78.86
CA ASP C 3252 76.46 109.47 78.00
C ASP C 3252 75.45 108.65 77.23
N ILE C 3253 75.89 107.51 76.67
CA ILE C 3253 74.97 106.67 75.92
C ILE C 3253 73.90 106.08 76.83
N GLY C 3254 74.29 105.61 78.02
CA GLY C 3254 73.30 105.08 78.94
C GLY C 3254 72.29 106.11 79.37
N GLY C 3255 72.74 107.34 79.65
CA GLY C 3255 71.83 108.39 80.03
C GLY C 3255 70.88 108.76 78.91
N LEU C 3256 71.38 108.85 77.68
CA LEU C 3256 70.50 109.16 76.57
C LEU C 3256 69.50 108.04 76.33
N ALA C 3257 69.96 106.79 76.45
CA ALA C 3257 69.08 105.65 76.21
C ALA C 3257 67.96 105.62 77.24
N GLU C 3258 68.31 105.87 78.50
CA GLU C 3258 67.31 105.85 79.61
C GLU C 3258 66.39 107.05 79.46
N SER C 3259 66.89 108.18 78.96
CA SER C 3259 66.10 109.39 78.84
C SER C 3259 65.13 109.30 77.66
N GLY C 3260 65.42 108.45 76.69
CA GLY C 3260 64.60 108.34 75.51
C GLY C 3260 64.89 109.42 74.49
N ALA C 3261 65.09 109.04 73.24
CA ALA C 3261 65.41 109.97 72.17
C ALA C 3261 65.29 109.26 70.84
N ARG C 3262 64.76 109.95 69.85
CA ARG C 3262 64.52 109.37 68.54
C ARG C 3262 65.75 109.49 67.64
N TYR C 3263 65.64 108.88 66.45
CA TYR C 3263 66.75 108.89 65.53
C TYR C 3263 67.08 110.31 65.07
N THR C 3264 66.07 111.19 65.00
CA THR C 3264 66.36 112.51 64.45
C THR C 3264 67.28 113.28 65.39
N GLU C 3265 67.15 113.04 66.69
CA GLU C 3265 67.98 113.71 67.69
C GLU C 3265 69.21 112.87 68.07
N MET C 3266 69.32 111.65 67.54
CA MET C 3266 70.49 110.80 67.79
C MET C 3266 70.97 110.13 66.51
N PRO C 3267 71.30 110.91 65.47
CA PRO C 3267 71.81 110.24 64.26
C PRO C 3267 73.31 110.01 64.27
N HIS C 3268 74.07 110.90 64.92
CA HIS C 3268 75.51 110.74 64.96
C HIS C 3268 75.92 109.53 65.79
N VAL C 3269 75.27 109.35 66.94
CA VAL C 3269 75.63 108.28 67.86
C VAL C 3269 75.35 106.92 67.24
N ILE C 3270 74.17 106.78 66.62
CA ILE C 3270 73.77 105.49 66.07
C ILE C 3270 74.64 105.12 64.88
N GLU C 3271 74.90 106.08 64.01
CA GLU C 3271 75.62 105.76 62.77
C GLU C 3271 77.12 105.67 62.98
N ILE C 3272 77.67 106.23 64.05
CA ILE C 3272 79.12 106.26 64.21
C ILE C 3272 79.57 105.61 65.51
N THR C 3273 79.06 106.11 66.64
CA THR C 3273 79.62 105.77 67.94
C THR C 3273 79.38 104.31 68.30
N LEU C 3274 78.16 103.81 68.10
CA LEU C 3274 77.85 102.44 68.46
C LEU C 3274 78.69 101.42 67.71
N PRO C 3275 78.86 101.48 66.39
CA PRO C 3275 79.75 100.51 65.73
C PRO C 3275 81.18 100.59 66.22
N MET C 3276 81.63 101.78 66.61
CA MET C 3276 82.98 101.91 67.14
C MET C 3276 83.15 101.11 68.41
N LEU C 3277 82.21 101.23 69.35
CA LEU C 3277 82.34 100.48 70.59
C LEU C 3277 82.10 98.99 70.34
N CYS C 3278 81.18 98.67 69.42
CA CYS C 3278 80.86 97.30 69.08
C CYS C 3278 82.03 96.58 68.45
N SER C 3279 83.03 97.32 67.99
CA SER C 3279 84.24 96.70 67.45
C SER C 3279 85.45 96.88 68.36
N TYR C 3280 85.48 97.95 69.15
CA TYR C 3280 86.58 98.18 70.07
C TYR C 3280 86.57 97.21 71.24
N LEU C 3281 85.39 97.01 71.85
CA LEU C 3281 85.32 96.16 73.05
C LEU C 3281 85.70 94.71 72.78
N PRO C 3282 85.20 94.04 71.73
CA PRO C 3282 85.60 92.65 71.52
C PRO C 3282 87.08 92.45 71.31
N ARG C 3283 87.76 93.41 70.69
CA ARG C 3283 89.20 93.25 70.46
C ARG C 3283 89.98 93.26 71.77
N TRP C 3284 89.65 94.18 72.67
CA TRP C 3284 90.40 94.34 73.91
C TRP C 3284 89.88 93.49 75.06
N TRP C 3285 88.74 92.81 74.89
CA TRP C 3285 88.32 91.87 75.91
C TRP C 3285 89.23 90.65 75.96
N GLU C 3286 89.83 90.28 74.82
CA GLU C 3286 90.73 89.13 74.80
C GLU C 3286 92.11 89.48 75.37
N ARG C 3287 92.39 90.76 75.59
CA ARG C 3287 93.64 91.18 76.21
C ARG C 3287 93.42 91.86 77.55
N GLY C 3288 92.19 91.95 78.03
CA GLY C 3288 91.93 92.52 79.34
C GLY C 3288 92.23 91.55 80.45
N PRO C 3289 91.81 91.88 81.67
CA PRO C 3289 92.07 90.97 82.80
C PRO C 3289 91.32 89.65 82.69
N GLU C 3290 90.13 89.64 82.10
CA GLU C 3290 89.32 88.43 82.03
C GLU C 3290 89.83 87.44 81.00
N ALA C 3291 90.89 87.77 80.26
CA ALA C 3291 91.46 86.83 79.31
C ALA C 3291 92.07 85.63 80.04
N PRO C 3292 92.20 84.49 79.37
CA PRO C 3292 92.83 83.33 80.00
C PRO C 3292 94.32 83.51 80.12
N PRO C 3293 94.88 83.50 81.33
CA PRO C 3293 96.33 83.70 81.48
C PRO C 3293 97.10 82.64 80.74
N PRO C 3294 98.24 82.99 80.12
CA PRO C 3294 99.10 81.99 79.50
C PRO C 3294 100.07 81.34 80.48
N PRO C 3301 103.65 92.39 83.29
CA PRO C 3301 102.90 93.16 82.27
C PRO C 3301 101.42 93.28 82.61
N PRO C 3302 101.06 94.32 83.36
CA PRO C 3302 99.65 94.53 83.68
C PRO C 3302 98.84 94.78 82.43
N PRO C 3303 97.58 94.36 82.40
CA PRO C 3303 96.74 94.63 81.22
C PRO C 3303 96.59 96.13 80.98
N CYS C 3304 96.58 96.51 79.70
CA CYS C 3304 96.42 97.89 79.31
C CYS C 3304 94.96 98.31 79.16
N THR C 3305 94.01 97.40 79.43
CA THR C 3305 92.60 97.71 79.31
C THR C 3305 91.85 97.13 80.50
N ALA C 3306 90.66 97.68 80.75
CA ALA C 3306 89.82 97.26 81.86
C ALA C 3306 88.42 96.86 81.38
N VAL C 3307 88.30 96.41 80.14
CA VAL C 3307 87.00 96.05 79.57
C VAL C 3307 86.63 94.64 80.02
N THR C 3308 85.46 94.51 80.63
CA THR C 3308 84.94 93.23 81.07
C THR C 3308 83.59 92.96 80.39
N SER C 3309 82.97 91.84 80.76
CA SER C 3309 81.67 91.47 80.21
C SER C 3309 80.57 92.40 80.66
N ASP C 3310 80.77 93.15 81.74
CA ASP C 3310 79.77 94.12 82.17
C ASP C 3310 79.57 95.20 81.12
N HIS C 3311 80.66 95.66 80.52
CA HIS C 3311 80.57 96.72 79.51
C HIS C 3311 79.79 96.22 78.30
N LEU C 3312 80.07 95.01 77.84
CA LEU C 3312 79.35 94.45 76.70
C LEU C 3312 77.88 94.22 77.01
N ASN C 3313 77.57 93.73 78.21
CA ASN C 3313 76.17 93.51 78.57
C ASN C 3313 75.42 94.84 78.63
N SER C 3314 76.05 95.86 79.22
CA SER C 3314 75.41 97.17 79.30
C SER C 3314 75.20 97.75 77.91
N LEU C 3315 76.19 97.62 77.03
CA LEU C 3315 76.06 98.15 75.69
C LEU C 3315 74.94 97.44 74.94
N LEU C 3316 74.85 96.12 75.09
CA LEU C 3316 73.80 95.38 74.39
C LEU C 3316 72.43 95.80 74.90
N GLY C 3317 72.29 95.99 76.21
CA GLY C 3317 71.02 96.45 76.74
C GLY C 3317 70.65 97.84 76.25
N ASN C 3318 71.63 98.73 76.17
CA ASN C 3318 71.36 100.06 75.66
C ASN C 3318 70.97 100.01 74.19
N ILE C 3319 71.62 99.14 73.41
CA ILE C 3319 71.27 99.01 72.00
C ILE C 3319 69.83 98.52 71.85
N LEU C 3320 69.45 97.54 72.67
CA LEU C 3320 68.08 97.04 72.61
C LEU C 3320 67.08 98.12 72.98
N ARG C 3321 67.38 98.93 74.00
CA ARG C 3321 66.44 99.98 74.33
C ARG C 3321 66.39 101.06 73.25
N ILE C 3322 67.52 101.34 72.59
CA ILE C 3322 67.48 102.31 71.50
C ILE C 3322 66.61 101.80 70.37
N ILE C 3323 66.76 100.51 70.03
CA ILE C 3323 65.98 99.96 68.92
C ILE C 3323 64.50 99.97 69.28
N VAL C 3324 64.17 99.56 70.50
CA VAL C 3324 62.78 99.47 70.91
C VAL C 3324 62.12 100.83 71.08
N ASN C 3325 62.90 101.89 71.30
CA ASN C 3325 62.34 103.23 71.35
C ASN C 3325 61.76 103.69 70.01
N ASN C 3326 62.30 103.22 68.89
CA ASN C 3326 61.79 103.57 67.56
C ASN C 3326 61.01 102.47 66.86
N LEU C 3327 60.12 101.78 67.58
CA LEU C 3327 59.25 100.80 66.93
C LEU C 3327 58.34 101.45 65.91
N GLY C 3328 57.76 102.59 66.25
CA GLY C 3328 56.67 103.15 65.46
C GLY C 3328 57.06 104.11 64.36
N ILE C 3329 58.35 104.25 64.04
CA ILE C 3329 58.75 105.15 62.97
C ILE C 3329 58.37 104.54 61.63
N ASP C 3330 58.04 105.40 60.66
CA ASP C 3330 57.57 104.91 59.37
C ASP C 3330 58.73 104.34 58.56
N GLU C 3331 59.86 105.04 58.52
CA GLU C 3331 61.00 104.65 57.70
C GLU C 3331 62.27 104.70 58.55
N ALA C 3332 63.01 103.59 58.56
CA ALA C 3332 64.29 103.54 59.25
C ALA C 3332 65.12 102.43 58.61
N THR C 3333 66.06 102.81 57.74
CA THR C 3333 66.93 101.87 57.07
C THR C 3333 68.20 101.54 57.85
N TRP C 3334 68.44 102.24 58.96
CA TRP C 3334 69.62 102.04 59.79
C TRP C 3334 69.50 100.85 60.73
N MET C 3335 68.30 100.31 60.92
CA MET C 3335 68.10 99.23 61.87
C MET C 3335 68.87 97.98 61.46
N LYS C 3336 68.84 97.64 60.17
CA LYS C 3336 69.57 96.46 59.71
C LYS C 3336 71.08 96.63 59.87
N ARG C 3337 71.59 97.84 59.62
CA ARG C 3337 73.01 98.08 59.81
C ARG C 3337 73.38 97.98 61.28
N LEU C 3338 72.53 98.48 62.17
CA LEU C 3338 72.87 98.39 63.58
C LEU C 3338 72.81 96.93 64.02
N ALA C 3339 71.88 96.16 63.48
CA ALA C 3339 71.77 94.76 63.88
C ALA C 3339 73.01 93.99 63.45
N VAL C 3340 73.48 94.23 62.23
CA VAL C 3340 74.64 93.49 61.74
C VAL C 3340 75.89 93.94 62.48
N PHE C 3341 75.95 95.20 62.91
CA PHE C 3341 77.13 95.63 63.63
C PHE C 3341 77.12 95.09 65.05
N ALA C 3342 75.94 94.94 65.65
CA ALA C 3342 75.81 94.49 67.03
C ALA C 3342 75.86 92.98 67.17
N GLN C 3343 75.74 92.23 66.08
CA GLN C 3343 75.75 90.77 66.19
C GLN C 3343 76.99 90.23 66.91
N PRO C 3344 78.20 90.68 66.61
CA PRO C 3344 79.39 90.05 67.24
C PRO C 3344 79.40 90.10 68.75
N ILE C 3345 78.82 91.13 69.36
CA ILE C 3345 78.91 91.31 70.81
C ILE C 3345 77.85 90.52 71.58
N VAL C 3346 76.87 89.94 70.89
CA VAL C 3346 75.82 89.22 71.59
C VAL C 3346 76.29 87.89 72.13
N SER C 3347 77.42 87.37 71.64
CA SER C 3347 77.86 86.06 72.10
C SER C 3347 78.17 86.07 73.59
N ARG C 3348 78.49 87.25 74.14
CA ARG C 3348 78.79 87.40 75.55
C ARG C 3348 77.59 88.04 76.23
N ALA C 3349 76.95 87.32 77.14
CA ALA C 3349 75.77 87.86 77.81
C ALA C 3349 75.39 86.94 78.96
N ARG C 3350 74.90 87.55 80.04
CA ARG C 3350 74.45 86.79 81.19
C ARG C 3350 72.97 86.47 81.08
N PRO C 3351 72.52 85.42 81.77
CA PRO C 3351 71.11 84.99 81.63
C PRO C 3351 70.09 86.01 82.10
N GLU C 3352 70.48 86.99 82.93
CA GLU C 3352 69.52 87.95 83.44
C GLU C 3352 68.96 88.85 82.33
N LEU C 3353 69.67 88.96 81.21
CA LEU C 3353 69.20 89.80 80.11
C LEU C 3353 67.97 89.21 79.44
N LEU C 3354 67.78 87.90 79.59
CA LEU C 3354 66.62 87.21 79.01
C LEU C 3354 65.33 87.75 79.60
N HIS C 3355 65.32 87.98 80.90
CA HIS C 3355 64.14 88.44 81.62
C HIS C 3355 64.10 89.96 81.60
N SER C 3356 65.24 90.63 81.70
CA SER C 3356 65.19 92.09 81.79
C SER C 3356 64.81 92.75 80.47
N HIS C 3357 65.30 92.25 79.33
CA HIS C 3357 65.11 92.96 78.07
C HIS C 3357 64.28 92.19 77.05
N PHE C 3358 64.64 90.94 76.77
CA PHE C 3358 64.08 90.22 75.63
C PHE C 3358 62.57 90.00 75.76
N ILE C 3359 62.12 89.58 76.94
CA ILE C 3359 60.69 89.26 77.12
C ILE C 3359 59.78 90.46 76.90
N PRO C 3360 60.02 91.63 77.48
CA PRO C 3360 59.13 92.77 77.18
C PRO C 3360 59.10 93.17 75.72
N THR C 3361 60.23 93.06 75.02
CA THR C 3361 60.24 93.48 73.62
C THR C 3361 59.42 92.54 72.76
N ILE C 3362 59.61 91.23 72.96
CA ILE C 3362 58.85 90.28 72.17
C ILE C 3362 57.38 90.38 72.53
N GLY C 3363 57.07 90.64 73.80
CA GLY C 3363 55.67 90.82 74.18
C GLY C 3363 55.01 92.01 73.47
N ARG C 3364 55.76 93.11 73.34
CA ARG C 3364 55.27 94.26 72.59
C ARG C 3364 55.05 93.92 71.11
N LEU C 3365 55.98 93.17 70.53
CA LEU C 3365 55.80 92.74 69.14
C LEU C 3365 54.59 91.82 69.00
N ARG C 3366 54.39 90.96 69.99
CA ARG C 3366 53.27 90.01 69.95
C ARG C 3366 51.94 90.75 70.00
N LYS C 3367 51.84 91.75 70.87
CA LYS C 3367 50.58 92.49 70.94
C LYS C 3367 50.38 93.36 69.71
N ARG C 3368 51.45 93.88 69.11
CA ARG C 3368 51.29 94.59 67.85
C ARG C 3368 50.78 93.66 66.76
N ALA C 3369 51.32 92.44 66.69
CA ALA C 3369 50.86 91.46 65.71
C ALA C 3369 49.40 91.09 65.93
N GLY C 3370 49.01 90.90 67.19
CA GLY C 3370 47.61 90.59 67.45
C GLY C 3370 46.69 91.73 67.07
N LYS C 3371 47.15 92.97 67.28
CA LYS C 3371 46.32 94.11 66.91
C LYS C 3371 46.17 94.18 65.40
N VAL C 3372 47.24 93.89 64.67
CA VAL C 3372 47.18 93.99 63.22
C VAL C 3372 46.29 92.89 62.67
N VAL C 3373 46.44 91.66 63.14
CA VAL C 3373 45.59 90.60 62.60
C VAL C 3373 44.12 90.80 63.01
N ALA C 3374 43.88 91.41 64.17
CA ALA C 3374 42.52 91.77 64.54
C ALA C 3374 41.92 92.81 63.60
N GLU C 3375 42.73 93.78 63.20
CA GLU C 3375 42.26 94.75 62.22
C GLU C 3375 42.04 94.09 60.86
N GLU C 3376 42.91 93.17 60.48
CA GLU C 3376 42.76 92.53 59.18
C GLU C 3376 41.47 91.73 59.12
N GLU C 3377 41.17 90.96 60.18
CA GLU C 3377 39.92 90.20 60.14
C GLU C 3377 38.71 91.11 60.30
N GLN C 3378 38.85 92.25 60.98
CA GLN C 3378 37.74 93.19 61.03
C GLN C 3378 37.46 93.73 59.64
N LEU C 3379 38.52 94.00 58.88
CA LEU C 3379 38.36 94.49 57.52
C LEU C 3379 37.70 93.44 56.64
N ARG C 3380 38.12 92.19 56.80
CA ARG C 3380 37.68 91.14 55.91
C ARG C 3380 36.25 90.70 56.21
N LEU C 3381 35.80 90.87 57.46
CA LEU C 3381 34.46 90.45 57.81
C LEU C 3381 33.40 91.31 57.14
N GLU C 3382 33.72 92.57 56.84
CA GLU C 3382 32.80 93.48 56.15
C GLU C 3382 33.47 93.91 54.84
N ALA C 3383 33.27 93.10 53.81
CA ALA C 3383 33.82 93.42 52.50
C ALA C 3383 33.04 94.55 51.84
N LYS C 3384 33.76 95.52 51.29
CA LYS C 3384 33.13 96.67 50.63
C LYS C 3384 34.17 97.32 49.71
N ALA C 3385 33.77 98.42 49.08
CA ALA C 3385 34.65 99.13 48.17
C ALA C 3385 35.85 99.77 48.88
N GLU C 3386 35.77 99.96 50.19
CA GLU C 3386 36.89 100.49 50.95
C GLU C 3386 37.95 99.43 51.23
N ALA C 3387 37.66 98.16 50.92
CA ALA C 3387 38.61 97.10 51.20
C ALA C 3387 39.94 97.31 50.48
N GLU C 3388 39.93 97.96 49.32
CA GLU C 3388 41.17 98.15 48.57
C GLU C 3388 42.13 99.11 49.28
N GLU C 3389 41.62 100.20 49.86
CA GLU C 3389 42.52 101.04 50.61
C GLU C 3389 42.82 100.43 51.96
N GLY C 3390 41.88 99.69 52.56
CA GLY C 3390 42.14 99.24 53.90
C GLY C 3390 43.14 98.10 53.85
N GLU C 3391 43.12 97.33 52.76
CA GLU C 3391 44.17 96.37 52.46
C GLU C 3391 45.52 97.04 52.21
N LEU C 3392 45.54 98.21 51.54
CA LEU C 3392 46.86 98.87 51.46
C LEU C 3392 47.32 99.34 52.83
N LEU C 3393 46.38 99.75 53.68
CA LEU C 3393 46.75 100.21 55.02
C LEU C 3393 47.36 99.06 55.81
N VAL C 3394 46.73 97.88 55.73
CA VAL C 3394 47.22 96.73 56.44
C VAL C 3394 48.51 96.23 55.82
N ARG C 3395 48.70 96.42 54.50
CA ARG C 3395 49.98 96.09 53.89
C ARG C 3395 51.11 96.94 54.45
N ASP C 3396 50.88 98.24 54.63
CA ASP C 3396 51.91 99.07 55.24
C ASP C 3396 52.17 98.65 56.70
N GLU C 3397 51.11 98.31 57.43
CA GLU C 3397 51.30 97.86 58.81
C GLU C 3397 52.09 96.55 58.87
N PHE C 3398 51.84 95.63 57.92
CA PHE C 3398 52.62 94.41 57.87
C PHE C 3398 54.06 94.68 57.49
N SER C 3399 54.29 95.64 56.59
CA SER C 3399 55.65 95.93 56.19
C SER C 3399 56.46 96.46 57.36
N VAL C 3400 55.88 97.37 58.14
CA VAL C 3400 56.59 97.88 59.31
C VAL C 3400 56.76 96.79 60.36
N LEU C 3401 55.78 95.90 60.49
CA LEU C 3401 55.92 94.81 61.45
C LEU C 3401 57.06 93.88 61.04
N CYS C 3402 57.15 93.55 59.75
CA CYS C 3402 58.23 92.70 59.28
C CYS C 3402 59.58 93.38 59.44
N ARG C 3403 59.62 94.71 59.31
CA ARG C 3403 60.88 95.42 59.54
C ARG C 3403 61.31 95.27 60.99
N ASP C 3404 60.38 95.39 61.94
CA ASP C 3404 60.76 95.23 63.33
C ASP C 3404 61.19 93.80 63.62
N LEU C 3405 60.49 92.83 63.04
CA LEU C 3405 60.84 91.43 63.26
C LEU C 3405 62.24 91.14 62.73
N TYR C 3406 62.58 91.66 61.54
CA TYR C 3406 63.90 91.44 61.00
C TYR C 3406 64.95 92.30 61.66
N ALA C 3407 64.52 93.27 62.49
CA ALA C 3407 65.43 94.05 63.30
C ALA C 3407 65.69 93.44 64.68
N LEU C 3408 64.91 92.43 65.07
CA LEU C 3408 65.08 91.83 66.40
C LEU C 3408 65.41 90.34 66.40
N TYR C 3409 64.85 89.57 65.48
CA TYR C 3409 65.10 88.12 65.45
C TYR C 3409 66.55 87.69 65.29
N PRO C 3410 67.37 88.28 64.43
CA PRO C 3410 68.79 87.83 64.33
C PRO C 3410 69.60 87.88 65.63
N LEU C 3411 69.39 88.84 66.50
CA LEU C 3411 70.07 88.81 67.81
C LEU C 3411 69.51 87.71 68.70
N LEU C 3412 68.20 87.50 68.67
CA LEU C 3412 67.59 86.48 69.52
C LEU C 3412 68.02 85.08 69.12
N ILE C 3413 68.12 84.81 67.83
CA ILE C 3413 68.48 83.46 67.37
C ILE C 3413 69.88 83.10 67.90
N ARG C 3414 70.82 84.03 67.78
CA ARG C 3414 72.16 83.76 68.28
C ARG C 3414 72.17 83.61 69.80
N TYR C 3415 71.39 84.41 70.52
CA TYR C 3415 71.35 84.25 71.97
C TYR C 3415 70.77 82.90 72.37
N VAL C 3416 69.72 82.46 71.67
CA VAL C 3416 69.16 81.16 72.01
C VAL C 3416 70.18 80.07 71.71
N ASP C 3417 70.90 80.20 70.59
CA ASP C 3417 71.85 79.17 70.25
C ASP C 3417 72.94 79.07 71.32
N ASN C 3418 73.37 80.20 71.85
CA ASN C 3418 74.42 80.22 72.87
C ASN C 3418 73.92 79.93 74.28
N ASN C 3419 72.60 79.85 74.50
CA ASN C 3419 72.08 79.62 75.85
C ASN C 3419 71.08 78.48 75.98
N ARG C 3420 70.76 77.78 74.90
CA ARG C 3420 69.77 76.69 74.92
C ARG C 3420 70.23 75.50 75.74
N ALA C 3421 71.52 75.18 75.74
CA ALA C 3421 71.98 74.02 76.51
C ALA C 3421 71.69 74.18 77.99
N HIS C 3422 71.90 75.38 78.53
CA HIS C 3422 71.57 75.62 79.94
C HIS C 3422 70.08 75.43 80.19
N TRP C 3423 69.25 75.90 79.26
CA TRP C 3423 67.80 75.78 79.43
C TRP C 3423 67.35 74.34 79.43
N LEU C 3424 67.98 73.50 78.60
CA LEU C 3424 67.61 72.09 78.59
C LEU C 3424 68.15 71.38 79.83
N THR C 3425 69.33 71.76 80.29
CA THR C 3425 69.88 71.15 81.50
C THR C 3425 69.00 71.48 82.71
N GLU C 3426 68.55 72.73 82.80
CA GLU C 3426 67.68 73.17 83.89
C GLU C 3426 66.47 73.88 83.30
N PRO C 3427 65.26 73.37 83.51
CA PRO C 3427 64.08 74.01 82.91
C PRO C 3427 63.93 75.46 83.36
N ASN C 3428 63.45 76.31 82.44
CA ASN C 3428 63.31 77.74 82.70
C ASN C 3428 61.91 78.21 82.35
N ALA C 3429 61.23 78.79 83.35
CA ALA C 3429 59.88 79.30 83.13
C ALA C 3429 59.89 80.45 82.12
N ASN C 3430 60.88 81.32 82.21
CA ASN C 3430 60.96 82.44 81.26
C ASN C 3430 61.16 81.92 79.85
N ALA C 3431 62.00 80.90 79.69
CA ALA C 3431 62.22 80.32 78.38
C ALA C 3431 60.93 79.71 77.83
N GLU C 3432 60.15 79.06 78.69
CA GLU C 3432 58.88 78.52 78.24
C GLU C 3432 57.93 79.64 77.83
N GLU C 3433 57.93 80.75 78.56
CA GLU C 3433 57.08 81.88 78.18
C GLU C 3433 57.51 82.42 76.82
N LEU C 3434 58.81 82.51 76.59
CA LEU C 3434 59.29 82.96 75.28
C LEU C 3434 58.85 82.00 74.21
N PHE C 3435 58.81 80.70 74.54
CA PHE C 3435 58.34 79.71 73.57
C PHE C 3435 56.88 79.96 73.22
N ARG C 3436 56.06 80.30 74.24
CA ARG C 3436 54.66 80.58 73.96
C ARG C 3436 54.51 81.80 73.07
N MET C 3437 55.34 82.82 73.30
CA MET C 3437 55.27 84.03 72.49
C MET C 3437 55.66 83.76 71.05
N VAL C 3438 56.76 83.05 70.83
CA VAL C 3438 57.16 82.76 69.45
C VAL C 3438 56.19 81.80 68.80
N GLY C 3439 55.56 80.90 69.56
CA GLY C 3439 54.58 80.01 68.97
C GLY C 3439 53.37 80.78 68.49
N GLU C 3440 52.90 81.74 69.31
CA GLU C 3440 51.73 82.52 68.91
C GLU C 3440 52.07 83.42 67.73
N ILE C 3441 53.30 83.93 67.68
CA ILE C 3441 53.71 84.72 66.52
C ILE C 3441 53.71 83.86 65.26
N PHE C 3442 54.20 82.63 65.36
CA PHE C 3442 54.19 81.73 64.21
C PHE C 3442 52.77 81.42 63.77
N ILE C 3443 51.86 81.18 64.72
CA ILE C 3443 50.47 80.91 64.36
C ILE C 3443 49.83 82.10 63.67
N TYR C 3444 50.07 83.31 64.19
CA TYR C 3444 49.59 84.52 63.53
C TYR C 3444 50.14 84.66 62.13
N TRP C 3445 51.44 84.39 61.97
CA TRP C 3445 52.03 84.50 60.64
C TRP C 3445 51.43 83.49 59.67
N SER C 3446 51.20 82.26 60.13
CA SER C 3446 50.63 81.18 59.28
C SER C 3446 49.15 81.49 59.01
N LYS C 3447 48.52 82.34 59.82
CA LYS C 3447 47.09 82.70 59.67
C LYS C 3447 46.89 83.74 58.56
N SER C 3448 47.87 84.59 58.27
CA SER C 3448 47.71 85.72 57.30
C SER C 3448 48.39 85.49 55.94
N HIS C 3449 47.63 85.53 54.84
CA HIS C 3449 48.18 85.45 53.45
C HIS C 3449 49.01 86.70 53.16
N ASN C 3450 48.51 87.90 53.51
CA ASN C 3450 49.26 89.14 53.35
C ASN C 3450 50.60 89.11 54.09
N PHE C 3451 50.68 88.41 55.23
CA PHE C 3451 51.92 88.32 56.04
C PHE C 3451 53.03 87.68 55.20
N LYS C 3452 52.72 86.64 54.43
CA LYS C 3452 53.69 86.00 53.55
C LYS C 3452 54.08 86.92 52.39
N ARG C 3453 53.11 87.62 51.81
CA ARG C 3453 53.40 88.50 50.68
C ARG C 3453 54.31 89.63 51.11
N GLU C 3454 54.00 90.26 52.24
CA GLU C 3454 54.82 91.36 52.72
C GLU C 3454 56.22 90.88 53.09
N GLU C 3455 56.33 89.69 53.69
CA GLU C 3455 57.65 89.16 54.02
C GLU C 3455 58.46 88.93 52.75
N GLN C 3456 57.82 88.38 51.72
CA GLN C 3456 58.50 88.16 50.45
C GLN C 3456 58.93 89.48 49.83
N ASN C 3457 58.06 90.49 49.89
CA ASN C 3457 58.44 91.79 49.33
C ASN C 3457 59.61 92.38 50.11
N PHE C 3458 59.60 92.26 51.44
CA PHE C 3458 60.69 92.82 52.23
C PHE C 3458 62.01 92.14 51.88
N VAL C 3459 61.99 90.81 51.75
CA VAL C 3459 63.22 90.08 51.48
C VAL C 3459 63.75 90.43 50.10
N VAL C 3460 62.87 90.43 49.09
CA VAL C 3460 63.36 90.64 47.73
C VAL C 3460 63.80 92.09 47.55
N GLN C 3461 63.08 93.04 48.14
CA GLN C 3461 63.43 94.44 47.95
C GLN C 3461 64.68 94.83 48.74
N ASN C 3462 64.90 94.21 49.89
CA ASN C 3462 66.09 94.48 50.70
C ASN C 3462 67.17 93.45 50.38
N GLU C 3463 68.40 93.93 50.19
CA GLU C 3463 69.54 93.06 49.90
C GLU C 3463 69.97 92.39 51.21
N ILE C 3464 69.12 91.48 51.66
CA ILE C 3464 69.35 90.72 52.89
C ILE C 3464 69.46 89.24 52.53
N ASN C 3465 70.54 88.62 52.99
CA ASN C 3465 70.80 87.20 52.74
C ASN C 3465 71.01 86.50 54.06
N ASN C 3466 70.28 85.39 54.25
CA ASN C 3466 70.39 84.64 55.50
C ASN C 3466 71.76 83.99 55.59
N MET C 3467 72.43 84.16 56.73
CA MET C 3467 73.72 83.56 56.99
C MET C 3467 73.70 82.58 58.15
N SER C 3468 72.95 82.86 59.20
CA SER C 3468 72.81 81.94 60.32
C SER C 3468 72.06 80.67 59.89
N GLN C 3506 62.69 80.92 50.16
CA GLN C 3506 63.67 80.63 51.19
C GLN C 3506 62.98 80.36 52.52
N THR C 3507 63.77 80.02 53.53
CA THR C 3507 63.26 79.72 54.86
C THR C 3507 63.25 80.99 55.71
N SER C 3508 62.07 81.40 56.14
CA SER C 3508 61.95 82.61 56.94
C SER C 3508 62.60 82.44 58.30
N LEU C 3509 63.03 83.58 58.86
CA LEU C 3509 63.65 83.57 60.18
C LEU C 3509 62.65 83.15 61.26
N ILE C 3510 61.35 83.40 61.01
CA ILE C 3510 60.33 83.02 61.98
C ILE C 3510 60.26 81.51 62.14
N VAL C 3511 60.42 80.78 61.04
CA VAL C 3511 60.37 79.33 61.16
C VAL C 3511 61.74 78.76 61.46
N ALA C 3512 62.82 79.43 61.09
CA ALA C 3512 64.11 78.87 61.46
C ALA C 3512 64.28 78.98 62.98
N THR C 3513 63.87 80.12 63.55
CA THR C 3513 63.94 80.29 64.99
C THR C 3513 62.99 79.32 65.68
N LEU C 3514 61.77 79.14 65.15
CA LEU C 3514 60.86 78.21 65.80
C LEU C 3514 61.41 76.80 65.78
N LYS C 3515 61.95 76.36 64.63
CA LYS C 3515 62.49 75.00 64.55
C LYS C 3515 63.70 74.82 65.45
N LYS C 3516 64.48 75.87 65.68
CA LYS C 3516 65.59 75.80 66.62
C LYS C 3516 65.16 75.85 68.08
N MET C 3517 64.03 76.49 68.39
CA MET C 3517 63.47 76.53 69.73
C MET C 3517 62.47 75.42 70.04
N LEU C 3518 62.12 74.60 69.06
CA LEU C 3518 61.15 73.53 69.30
C LEU C 3518 61.53 72.52 70.37
N PRO C 3519 62.76 72.03 70.44
CA PRO C 3519 63.09 71.05 71.50
C PRO C 3519 62.82 71.50 72.92
N ILE C 3520 62.94 72.79 73.26
CA ILE C 3520 62.61 73.21 74.61
C ILE C 3520 61.12 72.96 74.89
N GLY C 3521 60.26 73.29 73.92
CA GLY C 3521 58.85 73.06 74.11
C GLY C 3521 58.52 71.58 74.22
N LEU C 3522 59.10 70.74 73.35
CA LEU C 3522 58.81 69.33 73.53
C LEU C 3522 59.36 68.81 74.85
N ASN C 3523 60.45 69.41 75.34
CA ASN C 3523 61.01 68.99 76.62
C ASN C 3523 60.07 69.35 77.75
N MET C 3524 59.26 70.39 77.56
CA MET C 3524 58.30 70.76 78.58
C MET C 3524 57.25 69.66 78.76
N CYS C 3525 56.78 69.07 77.66
CA CYS C 3525 55.75 68.05 77.75
C CYS C 3525 56.31 66.74 78.27
N ALA C 3526 55.52 66.05 79.10
CA ALA C 3526 55.91 64.76 79.66
C ALA C 3526 55.79 63.65 78.62
N PRO C 3527 56.55 62.56 78.78
CA PRO C 3527 56.48 61.45 77.81
C PRO C 3527 55.13 60.79 77.71
N THR C 3528 54.33 60.80 78.77
CA THR C 3528 52.99 60.23 78.71
C THR C 3528 52.02 61.02 77.83
N ASP C 3529 52.35 62.25 77.45
CA ASP C 3529 51.46 63.09 76.67
C ASP C 3529 51.55 62.94 75.15
N GLN C 3530 52.40 62.07 74.60
CA GLN C 3530 52.48 61.97 73.14
C GLN C 3530 51.17 61.51 72.51
N ASP C 3531 50.48 60.56 73.14
CA ASP C 3531 49.20 60.13 72.59
C ASP C 3531 48.20 61.28 72.62
N LEU C 3532 48.20 62.04 73.71
CA LEU C 3532 47.30 63.18 73.80
C LEU C 3532 47.65 64.22 72.75
N ILE C 3533 48.95 64.42 72.49
CA ILE C 3533 49.36 65.40 71.49
C ILE C 3533 48.86 64.99 70.12
N MET C 3534 49.00 63.71 69.77
CA MET C 3534 48.51 63.27 68.47
C MET C 3534 47.00 63.42 68.36
N LEU C 3535 46.28 63.08 69.44
CA LEU C 3535 44.82 63.24 69.45
C LEU C 3535 44.43 64.70 69.29
N ALA C 3536 45.12 65.59 69.99
CA ALA C 3536 44.80 67.01 69.90
C ALA C 3536 45.14 67.52 68.51
N LYS C 3537 46.23 67.00 67.93
CA LYS C 3537 46.61 67.39 66.58
C LYS C 3537 45.54 66.97 65.58
N THR C 3538 44.90 65.82 65.82
CA THR C 3538 43.78 65.43 64.96
C THR C 3538 42.64 66.42 65.12
N ARG C 3539 42.41 66.89 66.35
CA ARG C 3539 41.34 67.88 66.54
C ARG C 3539 41.66 69.16 65.79
N TYR C 3540 42.92 69.59 65.80
CA TYR C 3540 43.35 70.74 65.00
C TYR C 3540 43.29 70.47 63.50
N ALA C 3541 43.55 69.23 63.07
CA ALA C 3541 43.42 68.89 61.66
C ALA C 3541 41.99 69.00 61.20
N LEU C 3542 41.04 68.81 62.10
CA LEU C 3542 39.69 69.30 61.83
C LEU C 3542 39.56 70.69 62.44
N LYS C 3543 38.63 71.48 61.87
CA LYS C 3543 38.46 72.90 62.28
C LYS C 3543 37.84 72.98 63.67
N ASP C 3544 38.54 73.59 64.63
CA ASP C 3544 38.04 73.79 65.99
C ASP C 3544 38.96 74.77 66.69
N THR C 3545 38.37 75.63 67.52
CA THR C 3545 39.15 76.65 68.22
C THR C 3545 39.73 76.12 69.52
N ASP C 3546 40.55 76.97 70.15
CA ASP C 3546 41.30 76.55 71.32
C ASP C 3546 40.40 76.31 72.53
N GLU C 3547 39.25 76.97 72.61
CA GLU C 3547 38.38 76.69 73.74
C GLU C 3547 37.68 75.35 73.57
N GLU C 3548 37.28 75.04 72.34
CA GLU C 3548 36.61 73.77 72.12
C GLU C 3548 37.58 72.63 72.36
N VAL C 3549 38.83 72.80 71.92
CA VAL C 3549 39.82 71.75 72.13
C VAL C 3549 40.16 71.65 73.61
N ARG C 3550 40.22 72.77 74.32
CA ARG C 3550 40.56 72.73 75.74
C ARG C 3550 39.50 71.95 76.51
N GLU C 3551 38.22 72.25 76.24
CA GLU C 3551 37.16 71.52 76.93
C GLU C 3551 37.08 70.07 76.48
N PHE C 3552 37.40 69.78 75.22
CA PHE C 3552 37.44 68.39 74.78
C PHE C 3552 38.51 67.59 75.51
N LEU C 3553 39.70 68.16 75.71
CA LEU C 3553 40.70 67.43 76.48
C LEU C 3553 40.32 67.37 77.95
N GLN C 3554 39.64 68.40 78.45
CA GLN C 3554 39.22 68.37 79.85
C GLN C 3554 38.28 67.21 80.09
N ASN C 3555 37.38 66.96 79.13
CA ASN C 3555 36.49 65.81 79.22
C ASN C 3555 37.17 64.52 78.77
N ASN C 3556 38.34 64.61 78.14
CA ASN C 3556 39.10 63.41 77.64
C ASN C 3556 40.42 63.29 78.41
N LEU C 3557 40.45 63.67 79.70
CA LEU C 3557 41.67 63.60 80.49
C LEU C 3557 42.09 62.19 80.87
N HIS C 3558 41.20 61.20 80.75
CA HIS C 3558 41.50 59.82 81.14
C HIS C 3558 42.17 59.00 80.04
N LEU C 3559 42.40 59.61 78.87
CA LEU C 3559 43.03 58.92 77.71
C LEU C 3559 44.55 58.88 77.85
N GLN C 3560 45.14 59.60 78.81
CA GLN C 3560 46.59 59.70 78.88
C GLN C 3560 47.19 58.30 78.99
N GLY C 3561 48.40 58.15 78.45
CA GLY C 3561 49.03 56.85 78.40
C GLY C 3561 49.31 56.29 79.79
N LYS C 3562 49.43 54.97 79.84
CA LYS C 3562 49.67 54.25 81.08
C LYS C 3562 51.14 53.86 81.19
N VAL C 3563 51.63 53.82 82.43
CA VAL C 3563 53.05 53.53 82.65
C VAL C 3563 53.39 52.14 82.12
N GLU C 3564 52.55 51.16 82.44
CA GLU C 3564 52.80 49.75 82.03
C GLU C 3564 52.52 49.62 80.54
N GLY C 3565 53.47 49.07 79.77
CA GLY C 3565 53.33 48.90 78.32
C GLY C 3565 54.68 48.73 77.67
N SER C 3566 54.90 49.34 76.50
CA SER C 3566 56.20 49.27 75.83
C SER C 3566 57.28 49.86 76.73
N PRO C 3567 58.45 49.21 76.82
CA PRO C 3567 59.51 49.77 77.68
C PRO C 3567 60.06 51.10 77.19
N SER C 3568 59.62 51.59 76.03
CA SER C 3568 60.14 52.88 75.61
C SER C 3568 59.73 53.95 76.60
N LEU C 3569 58.47 53.93 77.05
CA LEU C 3569 58.10 54.93 78.03
C LEU C 3569 58.75 54.62 79.36
N ARG C 3570 59.19 53.37 79.54
CA ARG C 3570 59.84 52.96 80.77
C ARG C 3570 61.14 53.73 80.96
N TRP C 3571 61.97 53.70 79.92
CA TRP C 3571 63.26 54.37 80.04
C TRP C 3571 63.08 55.88 79.83
N GLN C 3572 62.10 56.29 79.04
CA GLN C 3572 61.88 57.72 78.89
C GLN C 3572 61.49 58.33 80.24
N MET C 3573 60.60 57.65 80.96
CA MET C 3573 60.18 58.12 82.28
C MET C 3573 61.34 58.09 83.27
N ALA C 3574 62.16 57.04 83.21
CA ALA C 3574 63.32 56.96 84.09
C ALA C 3574 64.28 58.12 83.83
N LEU C 3575 64.48 58.47 82.56
CA LEU C 3575 65.32 59.60 82.23
C LEU C 3575 64.68 60.93 82.63
N TYR C 3576 63.35 61.03 82.52
CA TYR C 3576 62.70 62.28 82.90
C TYR C 3576 62.86 62.56 84.39
N ARG C 3577 62.68 61.55 85.23
CA ARG C 3577 62.80 61.81 86.66
C ARG C 3577 64.27 61.96 87.04
N GLY C 3578 64.51 62.80 88.05
CA GLY C 3578 65.85 63.12 88.51
C GLY C 3578 66.28 64.53 88.20
N LEU C 3579 65.49 65.27 87.41
CA LEU C 3579 65.82 66.65 87.13
C LEU C 3579 65.62 67.51 88.37
N PRO C 3580 66.36 68.62 88.49
CA PRO C 3580 66.23 69.44 89.70
C PRO C 3580 64.81 69.92 89.96
N GLY C 3581 64.06 70.23 88.91
CA GLY C 3581 62.73 70.78 89.07
C GLY C 3581 61.70 69.71 89.38
N PRO C 3589 45.77 69.14 86.11
CA PRO C 3589 44.90 68.94 84.95
C PRO C 3589 44.86 70.17 84.05
N GLU C 3590 44.90 71.36 84.68
CA GLU C 3590 44.91 72.58 83.91
C GLU C 3590 46.26 72.76 83.24
N LYS C 3591 47.35 72.46 83.95
CA LYS C 3591 48.67 72.62 83.36
C LYS C 3591 48.83 71.63 82.23
N ILE C 3592 48.21 70.46 82.36
CA ILE C 3592 48.29 69.44 81.33
C ILE C 3592 47.57 69.92 80.08
N VAL C 3593 46.36 70.45 80.25
CA VAL C 3593 45.61 70.84 79.06
C VAL C 3593 46.30 72.03 78.40
N ARG C 3594 46.94 72.88 79.21
CA ARG C 3594 47.65 74.04 78.67
C ARG C 3594 48.81 73.59 77.80
N ARG C 3595 49.64 72.68 78.33
CA ARG C 3595 50.83 72.28 77.60
C ARG C 3595 50.47 71.46 76.37
N VAL C 3596 49.46 70.60 76.48
CA VAL C 3596 49.05 69.81 75.33
C VAL C 3596 48.48 70.69 74.23
N GLN C 3597 47.63 71.66 74.59
CA GLN C 3597 47.07 72.52 73.56
C GLN C 3597 48.15 73.35 72.87
N GLU C 3598 49.07 73.92 73.64
CA GLU C 3598 50.11 74.75 73.04
C GLU C 3598 51.03 73.94 72.14
N VAL C 3599 51.46 72.77 72.60
CA VAL C 3599 52.38 71.99 71.79
C VAL C 3599 51.67 71.43 70.56
N SER C 3600 50.42 70.98 70.73
CA SER C 3600 49.70 70.42 69.59
C SER C 3600 49.47 71.48 68.53
N ALA C 3601 49.11 72.70 68.95
CA ALA C 3601 48.93 73.78 67.99
C ALA C 3601 50.20 74.12 67.23
N VAL C 3602 51.33 74.16 67.95
CA VAL C 3602 52.59 74.44 67.28
C VAL C 3602 52.96 73.33 66.31
N LEU C 3603 52.80 72.07 66.74
CA LEU C 3603 53.15 70.96 65.86
C LEU C 3603 52.24 70.90 64.64
N TYR C 3604 50.95 71.17 64.83
CA TYR C 3604 50.01 71.12 63.72
C TYR C 3604 50.37 72.17 62.68
N HIS C 3605 50.54 73.43 63.11
CA HIS C 3605 50.84 74.42 62.09
C HIS C 3605 52.24 74.22 61.52
N LEU C 3606 53.13 73.56 62.27
CA LEU C 3606 54.45 73.32 61.73
C LEU C 3606 54.37 72.34 60.58
N GLU C 3607 53.59 71.28 60.74
CA GLU C 3607 53.47 70.35 59.62
C GLU C 3607 52.57 70.88 58.52
N GLN C 3608 51.68 71.83 58.83
CA GLN C 3608 50.95 72.53 57.78
C GLN C 3608 51.84 73.43 56.92
N THR C 3609 52.96 73.90 57.46
CA THR C 3609 53.80 74.81 56.68
C THR C 3609 54.83 74.09 55.81
N GLU C 3610 54.56 72.86 55.41
CA GLU C 3610 55.49 72.10 54.56
C GLU C 3610 54.87 70.78 54.13
N MET C 3638 49.70 92.05 11.06
CA MET C 3638 48.70 92.18 9.96
C MET C 3638 48.77 93.60 9.38
N THR C 3639 49.65 93.84 8.41
CA THR C 3639 49.79 95.16 7.76
C THR C 3639 48.40 95.71 7.44
N PRO C 3640 48.09 97.00 7.71
CA PRO C 3640 46.72 97.49 7.51
C PRO C 3640 46.32 97.51 6.04
N LEU C 3641 45.01 97.51 5.82
CA LEU C 3641 44.46 97.45 4.48
C LEU C 3641 44.84 98.67 3.65
N TYR C 3642 44.96 99.84 4.27
CA TYR C 3642 45.23 101.07 3.52
C TYR C 3642 46.66 101.12 2.99
N ASN C 3643 47.54 100.24 3.44
CA ASN C 3643 48.89 100.19 2.90
C ASN C 3643 49.03 99.25 1.71
N LEU C 3644 47.97 98.53 1.35
CA LEU C 3644 48.01 97.64 0.21
C LEU C 3644 47.86 98.42 -1.10
N PRO C 3645 48.40 97.88 -2.20
CA PRO C 3645 48.17 98.52 -3.50
C PRO C 3645 46.71 98.50 -3.90
N THR C 3646 46.33 99.51 -4.71
CA THR C 3646 44.93 99.77 -4.97
C THR C 3646 44.27 98.66 -5.79
N HIS C 3647 44.94 98.15 -6.83
CA HIS C 3647 44.31 97.14 -7.68
C HIS C 3647 44.06 95.83 -6.94
N ARG C 3648 45.01 95.42 -6.08
CA ARG C 3648 44.81 94.22 -5.28
C ARG C 3648 43.67 94.40 -4.29
N ALA C 3649 43.59 95.58 -3.68
CA ALA C 3649 42.51 95.82 -2.73
C ALA C 3649 41.18 95.82 -3.46
N CYS C 3650 41.14 96.35 -4.68
CA CYS C 3650 39.91 96.33 -5.46
C CYS C 3650 39.50 94.91 -5.79
N ASN C 3651 40.46 94.05 -6.13
CA ASN C 3651 40.13 92.65 -6.40
C ASN C 3651 39.58 91.95 -5.16
N MET C 3652 40.16 92.24 -4.00
CA MET C 3652 39.62 91.67 -2.78
C MET C 3652 38.23 92.23 -2.49
N PHE C 3653 38.01 93.50 -2.79
CA PHE C 3653 36.70 94.07 -2.59
C PHE C 3653 35.68 93.38 -3.48
N LEU C 3654 36.04 93.12 -4.73
CA LEU C 3654 35.09 92.49 -5.64
C LEU C 3654 34.73 91.08 -5.17
N GLU C 3655 35.73 90.31 -4.71
CA GLU C 3655 35.42 88.97 -4.21
C GLU C 3655 34.55 89.04 -2.95
N SER C 3656 34.83 89.97 -2.05
CA SER C 3656 34.02 90.07 -0.84
C SER C 3656 32.60 90.51 -1.19
N TYR C 3657 32.47 91.45 -2.12
CA TYR C 3657 31.15 91.97 -2.45
C TYR C 3657 30.32 90.87 -3.09
N LYS C 3658 30.94 90.09 -3.97
CA LYS C 3658 30.21 89.02 -4.65
C LYS C 3658 29.82 87.93 -3.67
N ALA C 3659 30.68 87.67 -2.68
CA ALA C 3659 30.39 86.63 -1.71
C ALA C 3659 29.32 87.03 -0.71
N ALA C 3660 29.29 88.31 -0.32
CA ALA C 3660 28.39 88.75 0.74
C ALA C 3660 27.09 89.40 0.28
N TRP C 3661 27.00 89.91 -0.96
CA TRP C 3661 25.84 90.70 -1.35
C TRP C 3661 25.09 90.17 -2.56
N ILE C 3662 25.76 89.56 -3.52
CA ILE C 3662 25.11 89.18 -4.78
C ILE C 3662 24.43 87.83 -4.66
N LEU C 3663 25.15 86.81 -4.16
CA LEU C 3663 24.55 85.49 -4.02
C LEU C 3663 23.40 85.48 -3.03
N THR C 3664 23.53 86.26 -1.94
CA THR C 3664 22.51 86.26 -0.91
C THR C 3664 21.17 86.80 -1.39
N GLU C 3665 21.15 87.52 -2.51
CA GLU C 3665 19.90 88.05 -3.03
C GLU C 3665 18.99 86.94 -3.51
N ASP C 3666 17.70 87.08 -3.23
CA ASP C 3666 16.69 86.10 -3.60
C ASP C 3666 15.82 86.65 -4.72
N HIS C 3667 15.73 85.93 -5.83
CA HIS C 3667 14.93 86.35 -6.97
C HIS C 3667 14.19 85.13 -7.52
N SER C 3668 12.88 85.06 -7.29
CA SER C 3668 12.05 83.94 -7.73
C SER C 3668 11.39 84.31 -9.05
N PHE C 3669 11.81 83.65 -10.13
CA PHE C 3669 11.25 83.86 -11.45
C PHE C 3669 10.79 82.59 -12.14
N GLU C 3670 10.98 81.43 -11.51
CA GLU C 3670 10.68 80.15 -12.17
C GLU C 3670 9.19 80.01 -12.46
N ASP C 3671 8.33 80.38 -11.51
CA ASP C 3671 6.90 80.27 -11.73
C ASP C 3671 6.44 81.19 -12.86
N ARG C 3672 6.96 82.42 -12.89
CA ARG C 3672 6.55 83.35 -13.94
C ARG C 3672 7.04 82.86 -15.30
N MET C 3673 8.25 82.30 -15.34
CA MET C 3673 8.79 81.85 -16.62
C MET C 3673 8.00 80.65 -17.14
N ILE C 3674 7.68 79.70 -16.26
CA ILE C 3674 6.92 78.54 -16.69
C ILE C 3674 5.52 78.97 -17.13
N ASP C 3675 4.92 79.92 -16.42
CA ASP C 3675 3.60 80.40 -16.80
C ASP C 3675 3.64 81.06 -18.17
N ASP C 3676 4.69 81.85 -18.43
CA ASP C 3676 4.79 82.51 -19.73
C ASP C 3676 4.98 81.50 -20.84
N LEU C 3677 5.80 80.45 -20.59
CA LEU C 3677 6.07 79.47 -21.62
C LEU C 3677 4.93 78.49 -21.83
N SER C 3678 3.99 78.38 -20.89
CA SER C 3678 2.93 77.41 -20.99
C SER C 3678 1.68 77.94 -21.69
N LYS C 3679 1.69 79.17 -22.18
CA LYS C 3679 0.51 79.78 -22.79
C LYS C 3679 0.67 79.84 -24.30
N ALA C 3680 -0.35 79.39 -25.01
CA ALA C 3680 -0.45 79.59 -26.45
C ALA C 3680 -1.11 80.94 -26.71
N GLY C 3681 -1.44 81.22 -27.97
CA GLY C 3681 -2.01 82.52 -28.29
C GLY C 3681 -2.56 82.66 -29.69
N GLU C 3682 -3.80 83.15 -29.77
CA GLU C 3682 -4.42 83.58 -31.03
C GLU C 3682 -4.10 82.63 -32.18
N GLU C 3692 -4.79 69.09 -35.48
CA GLU C 3692 -3.67 68.69 -34.62
C GLU C 3692 -3.05 69.94 -34.02
N LYS C 3693 -3.04 70.02 -32.70
CA LYS C 3693 -2.55 71.21 -32.00
C LYS C 3693 -1.03 71.17 -31.93
N LYS C 3694 -0.38 72.10 -32.61
CA LYS C 3694 1.07 72.15 -32.58
C LYS C 3694 1.56 72.40 -31.16
N PRO C 3695 2.66 71.76 -30.75
CA PRO C 3695 3.08 71.87 -29.35
C PRO C 3695 3.44 73.30 -28.95
N ASP C 3696 3.15 73.62 -27.70
CA ASP C 3696 3.54 74.91 -27.12
C ASP C 3696 5.03 74.92 -26.82
N PRO C 3697 5.59 76.10 -26.58
CA PRO C 3697 7.06 76.22 -26.43
C PRO C 3697 7.67 75.30 -25.38
N LEU C 3698 7.00 75.11 -24.24
CA LEU C 3698 7.53 74.19 -23.24
C LEU C 3698 7.56 72.77 -23.77
N HIS C 3699 6.50 72.38 -24.50
CA HIS C 3699 6.48 71.04 -25.05
C HIS C 3699 7.59 70.86 -26.07
N GLN C 3700 7.84 71.89 -26.89
CA GLN C 3700 8.93 71.78 -27.86
C GLN C 3700 10.28 71.69 -27.17
N LEU C 3701 10.43 72.37 -26.03
CA LEU C 3701 11.67 72.29 -25.27
C LEU C 3701 11.88 70.87 -24.75
N VAL C 3702 10.82 70.26 -24.23
CA VAL C 3702 10.93 68.90 -23.71
C VAL C 3702 11.23 67.93 -24.85
N LEU C 3703 10.57 68.12 -26.00
CA LEU C 3703 10.84 67.24 -27.13
C LEU C 3703 12.27 67.36 -27.59
N HIS C 3704 12.82 68.58 -27.55
CA HIS C 3704 14.21 68.79 -27.94
C HIS C 3704 15.17 68.05 -27.01
N PHE C 3705 14.90 68.13 -25.70
CA PHE C 3705 15.77 67.41 -24.77
C PHE C 3705 15.59 65.91 -24.87
N SER C 3706 14.37 65.43 -25.15
CA SER C 3706 14.21 64.00 -25.41
C SER C 3706 14.94 63.57 -26.68
N ARG C 3707 15.02 64.46 -27.67
CA ARG C 3707 15.71 64.12 -28.90
C ARG C 3707 17.20 63.96 -28.63
N THR C 3708 17.78 64.90 -27.87
CA THR C 3708 19.21 64.78 -27.62
C THR C 3708 19.50 63.68 -26.61
N ALA C 3709 18.50 63.27 -25.83
CA ALA C 3709 18.70 62.13 -24.95
C ALA C 3709 18.65 60.82 -25.71
N LEU C 3710 17.83 60.76 -26.76
CA LEU C 3710 17.72 59.56 -27.58
C LEU C 3710 18.78 59.49 -28.66
N THR C 3711 19.55 60.56 -28.86
CA THR C 3711 20.61 60.51 -29.85
C THR C 3711 21.63 59.43 -29.46
N GLU C 3712 21.95 58.57 -30.43
CA GLU C 3712 22.85 57.45 -30.19
C GLU C 3712 24.29 57.93 -30.15
N LYS C 3713 24.86 58.04 -28.96
CA LYS C 3713 26.25 58.53 -28.78
C LYS C 3713 26.83 57.79 -27.57
N SER C 3714 28.13 57.47 -27.60
CA SER C 3714 28.77 56.67 -26.55
C SER C 3714 28.60 57.31 -25.18
N LYS C 3715 28.77 58.63 -25.08
CA LYS C 3715 28.66 59.33 -23.81
C LYS C 3715 27.96 60.66 -24.03
N LEU C 3716 27.08 61.01 -23.10
CA LEU C 3716 26.32 62.25 -23.18
C LEU C 3716 27.17 63.41 -22.68
N ASP C 3717 27.34 64.43 -23.52
CA ASP C 3717 28.12 65.60 -23.15
C ASP C 3717 27.36 66.47 -22.16
N GLU C 3718 28.12 67.18 -21.33
CA GLU C 3718 27.53 68.06 -20.32
C GLU C 3718 26.97 69.32 -20.96
N ASP C 3719 25.75 69.70 -20.59
CA ASP C 3719 25.11 70.89 -21.13
C ASP C 3719 24.48 71.72 -20.01
N TYR C 3720 25.07 72.89 -19.78
CA TYR C 3720 24.59 73.80 -18.75
C TYR C 3720 23.17 74.25 -19.03
N LEU C 3721 22.77 74.33 -20.29
CA LEU C 3721 21.41 74.75 -20.60
C LEU C 3721 20.40 73.76 -20.06
N TYR C 3722 20.67 72.47 -20.27
CA TYR C 3722 19.79 71.45 -19.72
C TYR C 3722 19.80 71.48 -18.21
N MET C 3723 20.98 71.66 -17.59
CA MET C 3723 20.99 71.70 -16.14
C MET C 3723 20.18 72.88 -15.61
N ALA C 3724 20.31 74.03 -16.26
CA ALA C 3724 19.58 75.22 -15.83
C ALA C 3724 18.08 75.04 -15.97
N TYR C 3725 17.63 74.47 -17.09
CA TYR C 3725 16.19 74.33 -17.25
C TYR C 3725 15.64 73.21 -16.39
N ALA C 3726 16.43 72.16 -16.14
CA ALA C 3726 15.99 71.12 -15.24
C ALA C 3726 15.82 71.66 -13.82
N ASP C 3727 16.76 72.52 -13.38
CA ASP C 3727 16.60 73.14 -12.07
C ASP C 3727 15.40 74.07 -12.02
N ILE C 3728 15.16 74.82 -13.09
CA ILE C 3728 14.02 75.71 -13.13
C ILE C 3728 12.71 74.92 -13.06
N MET C 3729 12.63 73.84 -13.83
CA MET C 3729 11.44 73.01 -13.84
C MET C 3729 11.22 72.36 -12.48
N ALA C 3730 12.30 71.89 -11.84
CA ALA C 3730 12.13 71.27 -10.54
C ALA C 3730 11.69 72.29 -9.49
N LYS C 3731 12.29 73.48 -9.53
CA LYS C 3731 11.96 74.50 -8.53
C LYS C 3731 10.59 75.11 -8.74
N SER C 3732 10.00 74.94 -9.93
CA SER C 3732 8.70 75.52 -10.20
C SER C 3732 7.54 74.62 -9.84
N CYS C 3733 7.80 73.39 -9.37
CA CYS C 3733 6.72 72.43 -9.12
C CYS C 3733 6.37 72.26 -7.66
N HIS C 3734 7.30 72.52 -6.74
CA HIS C 3734 7.03 72.29 -5.32
C HIS C 3734 6.50 73.55 -4.63
N LEU C 3735 7.28 74.63 -4.61
CA LEU C 3735 6.90 75.85 -3.92
C LEU C 3735 6.48 75.55 -2.48
N VAL C 3751 -2.75 73.67 10.78
CA VAL C 3751 -3.14 73.91 9.39
C VAL C 3751 -4.51 73.30 9.17
N SER C 3752 -5.44 74.08 8.65
CA SER C 3752 -6.81 73.61 8.54
C SER C 3752 -6.98 72.68 7.33
N PHE C 3753 -8.08 71.93 7.39
CA PHE C 3753 -8.37 70.93 6.35
C PHE C 3753 -8.50 71.60 4.99
N GLU C 3754 -9.11 72.78 4.98
CA GLU C 3754 -9.41 73.43 3.71
C GLU C 3754 -8.12 73.80 2.98
N GLU C 3755 -7.20 74.49 3.66
CA GLU C 3755 -6.00 74.86 2.91
C GLU C 3755 -5.03 73.70 2.75
N LYS C 3756 -5.08 72.66 3.58
CA LYS C 3756 -4.24 71.50 3.26
C LYS C 3756 -4.67 70.90 1.92
N GLU C 3757 -5.99 70.79 1.71
CA GLU C 3757 -6.48 70.31 0.43
C GLU C 3757 -6.20 71.31 -0.69
N MET C 3758 -6.26 72.60 -0.40
CA MET C 3758 -5.97 73.58 -1.42
C MET C 3758 -4.51 73.44 -1.87
N GLU C 3759 -3.61 73.21 -0.91
CA GLU C 3759 -2.20 72.97 -1.23
C GLU C 3759 -2.01 71.70 -2.05
N LYS C 3760 -2.72 70.62 -1.71
CA LYS C 3760 -2.58 69.41 -2.52
C LYS C 3760 -3.06 69.64 -3.95
N GLN C 3761 -4.18 70.31 -4.13
CA GLN C 3761 -4.68 70.55 -5.48
C GLN C 3761 -3.76 71.47 -6.27
N ARG C 3762 -3.20 72.50 -5.63
CA ARG C 3762 -2.24 73.35 -6.34
C ARG C 3762 -0.99 72.58 -6.73
N LEU C 3763 -0.52 71.69 -5.84
CA LEU C 3763 0.63 70.85 -6.19
C LEU C 3763 0.29 69.94 -7.36
N LEU C 3764 -0.92 69.38 -7.37
CA LEU C 3764 -1.29 68.49 -8.46
C LEU C 3764 -1.33 69.25 -9.79
N TYR C 3765 -1.86 70.48 -9.77
CA TYR C 3765 -1.90 71.27 -11.00
C TYR C 3765 -0.50 71.58 -11.51
N GLN C 3766 0.39 71.97 -10.59
CA GLN C 3766 1.76 72.28 -11.00
C GLN C 3766 2.46 71.05 -11.56
N GLN C 3767 2.25 69.88 -10.94
CA GLN C 3767 2.81 68.67 -11.51
C GLN C 3767 2.18 68.30 -12.85
N SER C 3768 0.89 68.61 -13.03
CA SER C 3768 0.24 68.29 -14.28
C SER C 3768 0.79 69.11 -15.43
N ARG C 3769 1.25 70.33 -15.12
CA ARG C 3769 1.80 71.16 -16.19
C ARG C 3769 3.07 70.54 -16.77
N LEU C 3770 3.73 69.67 -16.02
CA LEU C 3770 4.96 69.03 -16.46
C LEU C 3770 4.69 67.64 -17.01
N HIS C 3771 4.05 66.78 -16.21
CA HIS C 3771 3.86 65.40 -16.62
C HIS C 3771 2.90 65.26 -17.78
N THR C 3772 2.12 66.31 -18.10
CA THR C 3772 1.33 66.26 -19.32
C THR C 3772 2.13 66.63 -20.55
N ARG C 3773 3.40 67.00 -20.40
CA ARG C 3773 4.25 67.34 -21.54
C ARG C 3773 5.48 66.43 -21.64
N GLY C 3774 5.40 65.21 -21.12
CA GLY C 3774 6.45 64.23 -21.34
C GLY C 3774 7.65 64.29 -20.42
N ALA C 3775 7.56 65.01 -19.30
CA ALA C 3775 8.72 65.14 -18.43
C ALA C 3775 9.12 63.79 -17.83
N ALA C 3776 8.14 62.94 -17.53
CA ALA C 3776 8.47 61.64 -16.95
C ALA C 3776 9.30 60.79 -17.92
N GLU C 3777 8.90 60.79 -19.19
CA GLU C 3777 9.66 60.06 -20.18
C GLU C 3777 11.02 60.69 -20.38
N MET C 3778 11.10 62.02 -20.31
CA MET C 3778 12.39 62.65 -20.50
C MET C 3778 13.33 62.23 -19.37
N VAL C 3779 12.81 62.14 -18.16
CA VAL C 3779 13.62 61.73 -17.01
C VAL C 3779 14.13 60.31 -17.19
N LEU C 3780 13.26 59.41 -17.62
CA LEU C 3780 13.69 58.02 -17.82
C LEU C 3780 14.73 57.92 -18.93
N GLN C 3781 14.53 58.66 -20.03
CA GLN C 3781 15.47 58.60 -21.13
C GLN C 3781 16.83 59.16 -20.72
N MET C 3782 16.84 60.27 -19.97
CA MET C 3782 18.11 60.85 -19.53
C MET C 3782 18.84 59.92 -18.57
N ILE C 3783 18.10 59.27 -17.68
CA ILE C 3783 18.73 58.31 -16.76
C ILE C 3783 19.31 57.14 -17.53
N SER C 3784 18.59 56.62 -18.52
CA SER C 3784 19.15 55.52 -19.31
C SER C 3784 20.35 56.00 -20.14
N ALA C 3785 20.36 57.28 -20.51
CA ALA C 3785 21.44 57.79 -21.35
C ALA C 3785 22.72 57.97 -20.54
N CYS C 3786 22.60 58.31 -19.26
CA CYS C 3786 23.79 58.54 -18.46
C CYS C 3786 24.60 57.27 -18.24
N LYS C 3787 24.00 56.10 -18.38
CA LYS C 3787 24.71 54.82 -18.31
C LYS C 3787 25.43 54.64 -16.97
N GLY C 3788 24.87 55.16 -15.89
CA GLY C 3788 25.44 54.92 -14.58
C GLY C 3788 26.65 55.76 -14.23
N GLU C 3789 26.87 56.86 -14.92
CA GLU C 3789 27.99 57.76 -14.62
C GLU C 3789 27.48 58.90 -13.76
N THR C 3790 27.94 58.96 -12.51
CA THR C 3790 27.49 60.00 -11.54
C THR C 3790 27.97 61.36 -12.03
N GLY C 3791 27.25 62.44 -11.67
CA GLY C 3791 27.59 63.80 -12.12
C GLY C 3791 26.44 64.76 -11.88
N ALA C 3792 26.53 65.98 -12.43
CA ALA C 3792 25.48 66.98 -12.28
C ALA C 3792 24.29 66.67 -13.18
N MET C 3793 24.52 66.00 -14.30
CA MET C 3793 23.42 65.67 -15.20
C MET C 3793 22.45 64.70 -14.53
N VAL C 3794 22.98 63.63 -13.95
CA VAL C 3794 22.13 62.65 -13.31
C VAL C 3794 21.52 63.24 -12.05
N SER C 3795 22.28 64.06 -11.30
CA SER C 3795 21.72 64.65 -10.10
C SER C 3795 20.55 65.57 -10.43
N SER C 3796 20.68 66.38 -11.47
CA SER C 3796 19.58 67.24 -11.89
C SER C 3796 18.38 66.42 -12.35
N THR C 3797 18.65 65.32 -13.08
CA THR C 3797 17.54 64.49 -13.53
C THR C 3797 16.80 63.88 -12.35
N LEU C 3798 17.55 63.40 -11.35
CA LEU C 3798 16.92 62.79 -10.18
C LEU C 3798 16.12 63.82 -9.41
N LYS C 3799 16.66 65.04 -9.26
CA LYS C 3799 15.93 66.08 -8.56
C LYS C 3799 14.64 66.43 -9.28
N LEU C 3800 14.68 66.50 -10.61
CA LEU C 3800 13.46 66.77 -11.37
C LEU C 3800 12.45 65.64 -11.22
N GLY C 3801 12.92 64.39 -11.25
CA GLY C 3801 12.01 63.28 -11.06
C GLY C 3801 11.36 63.28 -9.70
N ILE C 3802 12.12 63.63 -8.66
CA ILE C 3802 11.52 63.74 -7.34
C ILE C 3802 10.51 64.87 -7.32
N SER C 3803 10.82 65.98 -7.98
CA SER C 3803 9.94 67.13 -7.95
C SER C 3803 8.60 66.80 -8.60
N ILE C 3804 8.65 66.04 -9.70
CA ILE C 3804 7.42 65.65 -10.40
C ILE C 3804 6.77 64.40 -9.83
N LEU C 3805 7.43 63.70 -8.90
CA LEU C 3805 6.86 62.50 -8.31
C LEU C 3805 6.45 62.68 -6.86
N ASN C 3806 6.67 63.87 -6.29
CA ASN C 3806 6.32 64.07 -4.90
C ASN C 3806 4.81 63.94 -4.69
N GLY C 3807 4.40 63.22 -3.64
CA GLY C 3807 2.97 62.91 -3.42
C GLY C 3807 2.59 61.64 -4.15
N GLY C 3808 3.56 60.88 -4.67
CA GLY C 3808 3.31 59.60 -5.38
C GLY C 3808 2.20 59.70 -6.40
N ASN C 3809 2.24 60.71 -7.28
CA ASN C 3809 1.22 60.90 -8.36
C ASN C 3809 0.98 59.56 -9.06
N ALA C 3810 -0.25 59.00 -9.04
CA ALA C 3810 -0.57 57.74 -9.68
C ALA C 3810 -0.47 57.86 -11.20
N GLU C 3811 -0.84 59.02 -11.74
CA GLU C 3811 -0.79 59.19 -13.19
C GLU C 3811 0.65 59.12 -13.69
N VAL C 3812 1.58 59.74 -12.96
CA VAL C 3812 2.98 59.68 -13.34
C VAL C 3812 3.52 58.26 -13.18
N GLN C 3813 3.11 57.58 -12.12
CA GLN C 3813 3.57 56.20 -11.95
C GLN C 3813 3.09 55.32 -13.09
N GLN C 3814 1.85 55.52 -13.53
CA GLN C 3814 1.29 54.75 -14.63
C GLN C 3814 2.03 55.06 -15.93
N LYS C 3815 2.33 56.33 -16.18
CA LYS C 3815 3.04 56.69 -17.40
C LYS C 3815 4.44 56.10 -17.42
N MET C 3816 5.15 56.16 -16.30
CA MET C 3816 6.48 55.58 -16.24
C MET C 3816 6.44 54.07 -16.45
N LEU C 3817 5.48 53.39 -15.81
CA LEU C 3817 5.41 51.94 -15.96
C LEU C 3817 5.06 51.55 -17.38
N ASP C 3818 4.13 52.26 -18.00
CA ASP C 3818 3.76 51.95 -19.38
C ASP C 3818 4.94 52.17 -20.31
N TYR C 3819 5.67 53.28 -20.12
CA TYR C 3819 6.79 53.56 -21.00
C TYR C 3819 7.87 52.49 -20.85
N LEU C 3820 8.16 52.08 -19.62
CA LEU C 3820 9.17 51.06 -19.40
C LEU C 3820 8.74 49.73 -20.02
N LYS C 3821 7.45 49.40 -19.90
CA LYS C 3821 7.01 48.10 -20.38
C LYS C 3821 6.96 48.06 -21.90
N ASP C 3822 6.64 49.17 -22.54
CA ASP C 3822 6.60 49.18 -23.99
C ASP C 3822 8.00 49.24 -24.59
N LYS C 3823 8.91 50.00 -23.98
CA LYS C 3823 10.26 50.09 -24.52
C LYS C 3823 11.05 48.81 -24.25
N LYS C 3824 10.86 48.20 -23.08
CA LYS C 3824 11.57 46.97 -22.73
C LYS C 3824 13.08 47.17 -22.75
N GLU C 3825 13.54 48.34 -22.29
CA GLU C 3825 14.97 48.64 -22.24
C GLU C 3825 15.54 48.28 -20.88
N VAL C 3826 16.78 47.78 -20.89
CA VAL C 3826 17.48 47.41 -19.66
C VAL C 3826 18.46 48.48 -19.19
N GLY C 3827 18.71 49.51 -19.99
CA GLY C 3827 19.69 50.51 -19.61
C GLY C 3827 19.32 51.22 -18.33
N PHE C 3828 18.03 51.40 -18.07
CA PHE C 3828 17.58 52.13 -16.89
C PHE C 3828 18.03 51.42 -15.62
N PHE C 3829 17.75 50.12 -15.53
CA PHE C 3829 18.12 49.37 -14.34
C PHE C 3829 19.61 49.07 -14.29
N GLN C 3830 20.27 48.94 -15.44
CA GLN C 3830 21.72 48.82 -15.41
C GLN C 3830 22.38 50.08 -14.85
N SER C 3831 21.86 51.25 -15.22
CA SER C 3831 22.36 52.50 -14.67
C SER C 3831 22.07 52.60 -13.18
N ILE C 3832 20.88 52.19 -12.76
CA ILE C 3832 20.54 52.25 -11.34
C ILE C 3832 21.47 51.35 -10.54
N GLN C 3833 21.71 50.14 -11.03
CA GLN C 3833 22.59 49.21 -10.34
C GLN C 3833 24.01 49.75 -10.26
N ALA C 3834 24.50 50.35 -11.35
CA ALA C 3834 25.85 50.90 -11.31
C ALA C 3834 25.95 52.05 -10.32
N LEU C 3835 24.93 52.91 -10.28
CA LEU C 3835 24.95 54.02 -9.32
C LEU C 3835 24.96 53.50 -7.89
N MET C 3836 24.15 52.47 -7.62
CA MET C 3836 24.11 51.92 -6.28
C MET C 3836 25.43 51.27 -5.91
N GLN C 3837 26.13 50.70 -6.90
CA GLN C 3837 27.43 50.11 -6.65
C GLN C 3837 28.50 51.17 -6.44
N THR C 3838 28.29 52.37 -6.99
CA THR C 3838 29.25 53.46 -6.84
C THR C 3838 28.94 54.36 -5.64
N CYS C 3839 27.83 54.15 -4.95
CA CYS C 3839 27.56 54.95 -3.76
C CYS C 3839 28.60 54.66 -2.68
N SER C 3840 29.11 55.71 -2.05
CA SER C 3840 30.21 55.65 -1.11
C SER C 3840 29.73 55.55 0.34
N VAL C 3841 30.62 55.05 1.19
CA VAL C 3841 30.40 54.93 2.62
C VAL C 3841 31.56 55.59 3.36
N LEU C 3842 31.55 55.46 4.69
CA LEU C 3842 32.58 56.05 5.54
C LEU C 3842 33.94 55.43 5.24
N ASP C 3843 35.00 56.14 5.64
CA ASP C 3843 36.37 55.68 5.45
C ASP C 3843 37.23 56.19 6.60
N LEU C 3844 37.71 55.26 7.43
CA LEU C 3844 38.51 55.66 8.59
C LEU C 3844 39.89 56.15 8.18
N ASN C 3845 40.46 55.56 7.14
CA ASN C 3845 41.76 56.03 6.67
C ASN C 3845 41.67 57.47 6.19
N ALA C 3846 40.60 57.80 5.44
CA ALA C 3846 40.39 59.17 5.02
C ALA C 3846 40.13 60.08 6.21
N PHE C 3847 39.39 59.60 7.21
CA PHE C 3847 39.12 60.44 8.37
C PHE C 3847 40.41 60.74 9.13
N GLU C 3848 41.28 59.75 9.28
CA GLU C 3848 42.55 59.97 9.95
C GLU C 3848 43.43 60.92 9.15
N ARG C 3849 43.42 60.79 7.82
CA ARG C 3849 44.21 61.69 7.00
C ARG C 3849 43.71 63.11 7.16
N GLN C 3850 42.39 63.28 7.20
CA GLN C 3850 41.83 64.62 7.36
C GLN C 3850 42.20 65.20 8.70
N ASN C 3851 42.19 64.35 9.73
CA ASN C 3851 42.53 64.82 11.07
C ASN C 3851 43.96 65.32 11.13
N LYS C 3852 44.87 64.61 10.47
CA LYS C 3852 46.24 65.09 10.40
C LYS C 3852 46.34 66.36 9.56
N ALA C 3853 45.57 66.44 8.46
CA ALA C 3853 45.65 67.63 7.64
C ALA C 3853 45.21 68.85 8.42
N GLU C 3854 44.11 68.73 9.17
CA GLU C 3854 43.66 69.87 9.97
C GLU C 3854 44.57 70.11 11.16
N GLY C 3855 45.35 69.10 11.56
CA GLY C 3855 46.30 69.31 12.63
C GLY C 3855 47.57 69.97 12.19
N LEU C 3856 47.81 69.99 10.87
CA LEU C 3856 49.01 70.65 10.36
C LEU C 3856 48.88 72.17 10.44
N GLY C 3857 47.72 72.71 10.08
CA GLY C 3857 47.46 74.13 10.20
C GLY C 3857 48.18 75.01 9.19
N LYS C 3873 37.22 63.51 0.99
CA LYS C 3873 36.38 63.69 2.16
C LYS C 3873 35.66 62.40 2.52
N VAL C 3874 34.74 62.48 3.48
CA VAL C 3874 33.99 61.34 3.97
C VAL C 3874 32.53 61.51 3.58
N MET C 3875 32.03 60.60 2.75
CA MET C 3875 30.63 60.57 2.33
C MET C 3875 30.22 61.90 1.69
N ALA C 3876 30.93 62.25 0.61
CA ALA C 3876 30.64 63.49 -0.09
C ALA C 3876 29.29 63.44 -0.81
N ASP C 3877 28.94 62.27 -1.36
CA ASP C 3877 27.75 62.12 -2.18
C ASP C 3877 26.54 61.63 -1.38
N ASP C 3878 26.46 62.01 -0.10
CA ASP C 3878 25.35 61.59 0.74
C ASP C 3878 24.03 62.12 0.22
N GLU C 3879 24.02 63.37 -0.27
CA GLU C 3879 22.80 63.92 -0.83
C GLU C 3879 22.37 63.18 -2.09
N PHE C 3880 23.33 62.75 -2.91
CA PHE C 3880 22.97 61.98 -4.09
C PHE C 3880 22.39 60.62 -3.69
N THR C 3881 22.97 59.98 -2.67
CA THR C 3881 22.44 58.70 -2.23
C THR C 3881 21.02 58.87 -1.70
N GLN C 3882 20.80 59.95 -0.94
CA GLN C 3882 19.49 60.19 -0.36
C GLN C 3882 18.45 60.42 -1.45
N ASP C 3883 18.78 61.22 -2.47
CA ASP C 3883 17.79 61.48 -3.50
C ASP C 3883 17.58 60.25 -4.38
N LEU C 3884 18.60 59.42 -4.55
CA LEU C 3884 18.43 58.17 -5.30
C LEU C 3884 17.44 57.24 -4.61
N PHE C 3885 17.55 57.11 -3.30
CA PHE C 3885 16.61 56.25 -2.61
C PHE C 3885 15.27 56.92 -2.38
N ARG C 3886 15.21 58.24 -2.28
CA ARG C 3886 13.93 58.91 -2.24
C ARG C 3886 13.17 58.67 -3.54
N PHE C 3887 13.87 58.73 -4.67
CA PHE C 3887 13.24 58.46 -5.96
C PHE C 3887 12.74 57.03 -6.03
N LEU C 3888 13.54 56.08 -5.56
CA LEU C 3888 13.08 54.69 -5.58
C LEU C 3888 11.89 54.48 -4.66
N GLN C 3889 11.89 55.15 -3.50
CA GLN C 3889 10.75 55.05 -2.60
C GLN C 3889 9.49 55.62 -3.24
N LEU C 3890 9.62 56.76 -3.92
CA LEU C 3890 8.46 57.39 -4.54
C LEU C 3890 7.94 56.57 -5.71
N LEU C 3891 8.79 55.73 -6.32
CA LEU C 3891 8.27 54.85 -7.36
C LEU C 3891 7.31 53.80 -6.81
N CYS C 3892 7.45 53.44 -5.53
CA CYS C 3892 6.57 52.45 -4.92
C CYS C 3892 5.59 53.05 -3.91
N GLU C 3893 5.61 54.36 -3.70
CA GLU C 3893 4.67 54.96 -2.76
C GLU C 3893 3.24 54.75 -3.22
N GLY C 3894 2.35 54.61 -2.24
CA GLY C 3894 0.95 54.33 -2.52
C GLY C 3894 0.60 52.88 -2.71
N HIS C 3895 1.48 51.96 -2.32
CA HIS C 3895 1.21 50.52 -2.45
C HIS C 3895 0.95 50.12 -3.90
N ASN C 3896 1.83 50.58 -4.78
CA ASN C 3896 1.74 50.21 -6.20
C ASN C 3896 2.32 48.81 -6.37
N ASN C 3897 1.45 47.81 -6.31
CA ASN C 3897 1.88 46.42 -6.40
C ASN C 3897 2.49 46.12 -7.76
N ASP C 3898 1.96 46.73 -8.81
CA ASP C 3898 2.49 46.50 -10.14
C ASP C 3898 3.93 46.95 -10.26
N PHE C 3899 4.21 48.15 -9.71
CA PHE C 3899 5.57 48.73 -9.75
C PHE C 3899 6.47 47.98 -8.78
N GLN C 3900 5.99 47.42 -7.67
CA GLN C 3900 6.80 46.62 -6.76
C GLN C 3900 7.22 45.32 -7.42
N ASN C 3901 6.29 44.67 -8.12
CA ASN C 3901 6.64 43.45 -8.83
C ASN C 3901 7.58 43.75 -10.00
N TYR C 3902 7.38 44.90 -10.67
CA TYR C 3902 8.25 45.17 -11.81
C TYR C 3902 9.66 45.40 -11.35
N LEU C 3903 9.82 46.03 -10.19
CA LEU C 3903 11.14 46.24 -9.61
C LEU C 3903 11.78 44.91 -9.24
N ARG C 3904 10.98 43.99 -8.69
CA ARG C 3904 11.55 42.70 -8.32
C ARG C 3904 11.97 41.92 -9.57
N THR C 3905 11.14 41.92 -10.61
CA THR C 3905 11.43 41.18 -11.82
C THR C 3905 10.82 41.87 -13.03
N GLN C 3906 11.54 41.85 -14.15
CA GLN C 3906 11.08 42.37 -15.42
C GLN C 3906 10.84 41.19 -16.35
N THR C 3907 9.57 40.81 -16.52
CA THR C 3907 9.25 39.60 -17.27
C THR C 3907 9.59 39.75 -18.76
N GLY C 3908 9.19 40.87 -19.36
CA GLY C 3908 9.39 41.04 -20.79
C GLY C 3908 10.82 41.30 -21.19
N ASN C 3909 11.64 41.82 -20.28
CA ASN C 3909 13.01 42.15 -20.61
C ASN C 3909 13.86 40.88 -20.74
N THR C 3910 14.93 41.00 -21.51
CA THR C 3910 15.84 39.88 -21.69
C THR C 3910 16.59 39.55 -20.41
N THR C 3911 16.89 40.55 -19.59
CA THR C 3911 17.61 40.36 -18.34
C THR C 3911 16.84 41.02 -17.20
N THR C 3912 17.01 40.46 -16.00
CA THR C 3912 16.30 40.91 -14.81
C THR C 3912 17.31 41.33 -13.75
N ILE C 3913 17.05 42.47 -13.11
CA ILE C 3913 17.89 43.01 -12.06
C ILE C 3913 17.06 43.19 -10.80
N ASN C 3914 17.53 42.64 -9.69
CA ASN C 3914 16.85 42.72 -8.40
C ASN C 3914 17.42 43.90 -7.61
N ILE C 3915 16.68 45.00 -7.60
CA ILE C 3915 17.08 46.20 -6.88
C ILE C 3915 17.08 45.99 -5.37
N ILE C 3916 16.19 45.15 -4.88
CA ILE C 3916 16.08 44.88 -3.45
C ILE C 3916 17.37 44.30 -2.89
N ILE C 3917 17.98 43.34 -3.60
CA ILE C 3917 19.22 42.78 -3.10
C ILE C 3917 20.34 43.81 -3.13
N CYS C 3918 20.38 44.65 -4.16
CA CYS C 3918 21.43 45.68 -4.20
C CYS C 3918 21.27 46.63 -3.02
N THR C 3919 20.03 46.92 -2.66
CA THR C 3919 19.78 47.78 -1.51
C THR C 3919 20.24 47.13 -0.22
N VAL C 3920 20.01 45.82 -0.09
CA VAL C 3920 20.47 45.13 1.12
C VAL C 3920 21.99 45.11 1.17
N ASP C 3921 22.64 44.96 0.01
CA ASP C 3921 24.10 44.95 -0.03
C ASP C 3921 24.68 46.28 0.44
N TYR C 3922 24.07 47.38 -0.02
CA TYR C 3922 24.54 48.68 0.46
C TYR C 3922 24.25 48.87 1.94
N LEU C 3923 23.11 48.36 2.41
CA LEU C 3923 22.78 48.48 3.82
C LEU C 3923 23.80 47.73 4.67
N LEU C 3924 24.23 46.56 4.22
CA LEU C 3924 25.26 45.81 4.91
C LEU C 3924 26.59 46.56 4.97
N ARG C 3925 27.00 47.16 3.84
CA ARG C 3925 28.26 47.91 3.85
C ARG C 3925 28.19 49.10 4.79
N LEU C 3926 27.06 49.80 4.80
CA LEU C 3926 26.87 50.91 5.72
C LEU C 3926 26.89 50.46 7.17
N GLN C 3927 26.25 49.32 7.46
CA GLN C 3927 26.23 48.83 8.83
C GLN C 3927 27.63 48.48 9.31
N GLU C 3928 28.44 47.83 8.47
CA GLU C 3928 29.80 47.49 8.87
C GLU C 3928 30.62 48.76 9.12
N SER C 3929 30.44 49.78 8.28
CA SER C 3929 31.14 51.03 8.50
C SER C 3929 30.74 51.68 9.82
N ILE C 3930 29.44 51.65 10.14
CA ILE C 3930 28.98 52.25 11.39
C ILE C 3930 29.55 51.48 12.58
N SER C 3931 29.60 50.15 12.49
CA SER C 3931 30.18 49.36 13.57
C SER C 3931 31.65 49.68 13.78
N ASP C 3932 32.41 49.81 12.69
CA ASP C 3932 33.82 50.15 12.84
C ASP C 3932 33.98 51.53 13.46
N PHE C 3933 33.13 52.48 13.08
CA PHE C 3933 33.20 53.87 13.60
C PHE C 3933 32.84 53.87 15.09
N TYR C 3934 31.93 52.99 15.54
CA TYR C 3934 31.62 52.91 16.96
C TYR C 3934 32.78 52.32 17.73
N TRP C 3935 33.40 51.25 17.22
CA TRP C 3935 34.53 50.71 17.97
C TRP C 3935 35.69 51.70 18.02
N TYR C 3936 35.89 52.48 16.95
CA TYR C 3936 36.97 53.47 16.98
C TYR C 3936 36.77 54.48 18.09
N TYR C 3937 35.54 54.94 18.31
CA TYR C 3937 35.29 55.91 19.37
C TYR C 3937 34.83 55.30 20.69
N SER C 3938 34.71 53.98 20.78
CA SER C 3938 34.24 53.37 22.02
C SER C 3938 35.19 53.63 23.18
N GLY C 3939 36.49 53.47 22.95
CA GLY C 3939 37.44 53.63 24.04
C GLY C 3939 37.49 55.05 24.58
N LYS C 3940 37.46 56.03 23.70
CA LYS C 3940 37.51 57.43 24.10
C LYS C 3940 36.18 57.86 24.70
N ASP C 3941 36.25 58.67 25.76
CA ASP C 3941 35.05 59.14 26.42
C ASP C 3941 34.36 60.25 25.62
N VAL C 3942 35.15 61.13 25.00
CA VAL C 3942 34.64 62.30 24.30
C VAL C 3942 34.66 62.06 22.80
N ILE C 3943 33.58 62.47 22.13
CA ILE C 3943 33.44 62.36 20.68
C ILE C 3943 33.41 63.76 20.11
N GLU C 3944 34.26 64.01 19.11
CA GLU C 3944 34.41 65.35 18.56
C GLU C 3944 33.30 65.66 17.55
N GLU C 3945 33.32 66.93 17.10
CA GLU C 3945 32.26 67.44 16.23
C GLU C 3945 32.24 66.71 14.90
N GLN C 3946 33.40 66.47 14.30
CA GLN C 3946 33.42 65.81 12.99
C GLN C 3946 32.86 64.40 13.09
N GLY C 3947 33.20 63.70 14.17
CA GLY C 3947 32.65 62.37 14.36
C GLY C 3947 31.15 62.40 14.54
N LYS C 3948 30.65 63.39 15.29
CA LYS C 3948 29.22 63.50 15.49
C LYS C 3948 28.51 63.79 14.17
N ARG C 3949 29.09 64.66 13.34
CA ARG C 3949 28.49 64.99 12.05
C ARG C 3949 28.46 63.80 11.11
N ASN C 3950 29.55 63.02 11.10
CA ASN C 3950 29.56 61.83 10.24
C ASN C 3950 28.59 60.78 10.73
N PHE C 3951 28.45 60.65 12.05
CA PHE C 3951 27.44 59.75 12.59
C PHE C 3951 26.04 60.20 12.18
N SER C 3952 25.79 61.51 12.23
CA SER C 3952 24.46 62.01 11.93
C SER C 3952 24.10 61.75 10.47
N LYS C 3953 25.03 62.00 9.55
CA LYS C 3953 24.72 61.77 8.14
C LYS C 3953 24.61 60.29 7.82
N ALA C 3954 25.40 59.45 8.48
CA ALA C 3954 25.27 58.02 8.27
C ALA C 3954 23.92 57.51 8.77
N MET C 3955 23.46 58.01 9.91
CA MET C 3955 22.16 57.62 10.41
C MET C 3955 21.05 58.10 9.50
N SER C 3956 21.19 59.31 8.93
CA SER C 3956 20.17 59.81 8.01
C SER C 3956 20.06 58.93 6.77
N VAL C 3957 21.21 58.51 6.23
CA VAL C 3957 21.16 57.60 5.08
C VAL C 3957 20.56 56.26 5.46
N ALA C 3958 20.91 55.73 6.63
CA ALA C 3958 20.33 54.45 7.04
C ALA C 3958 18.83 54.56 7.22
N LYS C 3959 18.38 55.71 7.72
CA LYS C 3959 16.95 55.95 7.86
C LYS C 3959 16.25 55.94 6.50
N GLN C 3960 16.87 56.58 5.51
CA GLN C 3960 16.26 56.61 4.18
C GLN C 3960 16.19 55.22 3.58
N VAL C 3961 17.24 54.42 3.77
CA VAL C 3961 17.26 53.06 3.23
C VAL C 3961 16.18 52.20 3.90
N PHE C 3962 16.03 52.33 5.22
CA PHE C 3962 14.99 51.60 5.92
C PHE C 3962 13.60 52.00 5.45
N ASN C 3963 13.38 53.29 5.23
CA ASN C 3963 12.09 53.73 4.71
C ASN C 3963 11.83 53.17 3.32
N SER C 3964 12.86 53.14 2.48
CA SER C 3964 12.71 52.57 1.14
C SER C 3964 12.35 51.10 1.20
N LEU C 3965 13.01 50.34 2.07
CA LEU C 3965 12.68 48.93 2.21
C LEU C 3965 11.25 48.74 2.73
N THR C 3966 10.83 49.61 3.65
CA THR C 3966 9.46 49.51 4.15
C THR C 3966 8.48 49.76 3.02
N GLU C 3967 8.76 50.73 2.15
CA GLU C 3967 7.83 50.97 1.06
C GLU C 3967 7.87 49.83 0.07
N TYR C 3968 9.01 49.14 -0.02
CA TYR C 3968 9.11 48.00 -0.92
C TYR C 3968 8.20 46.88 -0.46
N ILE C 3969 8.11 46.65 0.85
CA ILE C 3969 7.46 45.45 1.36
C ILE C 3969 6.03 45.70 1.83
N GLN C 3970 5.62 46.95 2.01
CA GLN C 3970 4.24 47.20 2.39
C GLN C 3970 3.30 46.90 1.23
N GLY C 3971 2.04 46.66 1.57
CA GLY C 3971 1.01 46.39 0.59
C GLY C 3971 0.11 45.21 0.92
N PRO C 3972 0.68 44.08 1.39
CA PRO C 3972 2.08 43.64 1.38
C PRO C 3972 2.44 42.92 0.08
N CYS C 3973 3.72 42.86 -0.27
CA CYS C 3973 4.19 42.13 -1.44
C CYS C 3973 4.86 40.84 -0.98
N THR C 3974 4.18 39.71 -1.20
CA THR C 3974 4.69 38.43 -0.72
C THR C 3974 6.00 38.06 -1.38
N GLY C 3975 6.14 38.33 -2.67
CA GLY C 3975 7.38 38.03 -3.36
C GLY C 3975 8.56 38.79 -2.76
N ASN C 3976 8.35 40.05 -2.46
CA ASN C 3976 9.41 40.86 -1.86
C ASN C 3976 9.69 40.39 -0.44
N GLN C 3977 8.66 39.97 0.29
CA GLN C 3977 8.88 39.46 1.64
C GLN C 3977 9.75 38.21 1.61
N GLN C 3978 9.47 37.29 0.68
CA GLN C 3978 10.31 36.10 0.56
C GLN C 3978 11.73 36.44 0.12
N SER C 3979 11.87 37.41 -0.78
CA SER C 3979 13.19 37.81 -1.23
C SER C 3979 14.00 38.39 -0.08
N LEU C 3980 13.37 39.21 0.76
CA LEU C 3980 14.08 39.75 1.91
C LEU C 3980 14.37 38.67 2.93
N ALA C 3981 13.45 37.71 3.09
CA ALA C 3981 13.66 36.65 4.07
C ALA C 3981 14.88 35.82 3.72
N HIS C 3982 15.11 35.60 2.43
CA HIS C 3982 16.27 34.82 2.00
C HIS C 3982 17.55 35.65 1.85
N SER C 3983 17.52 36.93 2.20
CA SER C 3983 18.68 37.80 2.03
C SER C 3983 19.52 37.84 3.31
N ARG C 3984 20.55 38.70 3.30
CA ARG C 3984 21.46 38.91 4.42
C ARG C 3984 21.03 40.05 5.33
N LEU C 3985 19.74 40.40 5.32
CA LEU C 3985 19.24 41.50 6.12
C LEU C 3985 19.41 41.27 7.61
N TRP C 3986 19.25 40.02 8.05
CA TRP C 3986 19.35 39.71 9.47
C TRP C 3986 20.73 40.04 10.05
N ASP C 3987 21.79 39.81 9.28
CA ASP C 3987 23.12 40.16 9.78
C ASP C 3987 23.25 41.66 10.01
N ALA C 3988 22.70 42.45 9.10
CA ALA C 3988 22.73 43.90 9.25
C ALA C 3988 21.93 44.33 10.46
N VAL C 3989 20.77 43.72 10.67
CA VAL C 3989 19.94 44.09 11.81
C VAL C 3989 20.64 43.74 13.12
N VAL C 3990 21.31 42.59 13.17
CA VAL C 3990 22.05 42.21 14.36
C VAL C 3990 23.17 43.22 14.65
N GLY C 3991 23.90 43.63 13.61
CA GLY C 3991 24.94 44.62 13.84
C GLY C 3991 24.39 45.95 14.31
N PHE C 3992 23.26 46.36 13.73
CA PHE C 3992 22.66 47.62 14.16
C PHE C 3992 22.19 47.53 15.60
N LEU C 3993 21.62 46.39 16.00
CA LEU C 3993 21.19 46.24 17.38
C LEU C 3993 22.36 46.32 18.35
N HIS C 3994 23.50 45.73 17.97
CA HIS C 3994 24.69 45.81 18.81
C HIS C 3994 25.18 47.25 18.96
N VAL C 3995 25.20 47.98 17.85
CA VAL C 3995 25.67 49.38 17.91
C VAL C 3995 24.68 50.23 18.70
N PHE C 3996 23.38 50.01 18.49
CA PHE C 3996 22.38 50.80 19.20
C PHE C 3996 22.51 50.56 20.70
N ALA C 3997 22.68 49.30 21.10
CA ALA C 3997 22.72 48.97 22.52
C ALA C 3997 23.94 49.61 23.17
N HIS C 3998 25.10 49.54 22.54
CA HIS C 3998 26.29 50.08 23.21
C HIS C 3998 26.32 51.61 23.16
N MET C 3999 25.87 52.19 22.04
CA MET C 3999 25.85 53.65 21.93
C MET C 3999 24.84 54.27 22.87
N MET C 4000 23.69 53.65 23.11
CA MET C 4000 22.76 54.24 24.05
C MET C 4000 23.37 54.37 25.44
N MET C 4001 24.06 53.33 25.90
CA MET C 4001 24.73 53.39 27.19
C MET C 4001 25.85 54.41 27.22
N LYS C 4002 26.63 54.50 26.14
CA LYS C 4002 27.75 55.44 26.17
C LYS C 4002 27.27 56.88 26.07
N LEU C 4003 26.33 57.15 25.16
CA LEU C 4003 25.84 58.49 24.92
C LEU C 4003 24.99 59.02 26.07
N ALA C 4004 24.33 58.13 26.81
CA ALA C 4004 23.46 58.62 27.88
C ALA C 4004 24.21 59.19 29.07
N GLN C 4005 25.53 59.04 29.13
CA GLN C 4005 26.29 59.52 30.28
C GLN C 4005 26.68 60.98 30.16
N ASP C 4006 26.32 61.66 29.07
CA ASP C 4006 26.64 63.07 28.90
C ASP C 4006 25.55 63.73 28.06
N SER C 4007 25.13 64.92 28.49
CA SER C 4007 24.04 65.65 27.85
C SER C 4007 24.46 66.36 26.57
N SER C 4008 25.76 66.49 26.30
CA SER C 4008 26.21 67.13 25.06
C SER C 4008 25.89 66.31 23.82
N GLN C 4009 25.57 65.03 23.98
CA GLN C 4009 25.28 64.13 22.86
C GLN C 4009 23.81 63.72 22.82
N ILE C 4010 22.93 64.55 23.39
CA ILE C 4010 21.51 64.21 23.45
C ILE C 4010 20.89 64.24 22.05
N GLU C 4011 21.30 65.17 21.20
CA GLU C 4011 20.75 65.21 19.85
C GLU C 4011 21.14 63.96 19.05
N LEU C 4012 22.39 63.52 19.20
CA LEU C 4012 22.82 62.30 18.55
C LEU C 4012 22.06 61.09 19.11
N LEU C 4013 21.79 61.10 20.41
CA LEU C 4013 21.02 60.00 20.98
C LEU C 4013 19.61 59.97 20.42
N LYS C 4014 19.00 61.14 20.25
CA LYS C 4014 17.66 61.21 19.66
C LYS C 4014 17.67 60.66 18.23
N GLU C 4015 18.69 61.03 17.44
CA GLU C 4015 18.75 60.50 16.08
C GLU C 4015 18.94 58.99 16.08
N LEU C 4016 19.75 58.48 17.00
CA LEU C 4016 19.92 57.03 17.07
C LEU C 4016 18.60 56.37 17.42
N LEU C 4017 17.85 56.97 18.35
CA LEU C 4017 16.61 56.36 18.79
C LEU C 4017 15.58 56.32 17.68
N ASP C 4018 15.45 57.40 16.91
CA ASP C 4018 14.46 57.35 15.84
C ASP C 4018 14.91 56.44 14.71
N LEU C 4019 16.22 56.28 14.50
CA LEU C 4019 16.66 55.28 13.53
C LEU C 4019 16.28 53.87 13.97
N GLN C 4020 16.43 53.59 15.27
CA GLN C 4020 16.01 52.29 15.77
C GLN C 4020 14.50 52.11 15.62
N LYS C 4021 13.75 53.19 15.85
CA LYS C 4021 12.30 53.11 15.70
C LYS C 4021 11.93 52.76 14.26
N ASP C 4022 12.59 53.38 13.30
CA ASP C 4022 12.32 53.09 11.89
C ASP C 4022 12.66 51.64 11.55
N MET C 4023 13.75 51.11 12.11
CA MET C 4023 14.08 49.72 11.87
C MET C 4023 13.03 48.77 12.46
N VAL C 4024 12.54 49.07 13.66
CA VAL C 4024 11.52 48.20 14.24
C VAL C 4024 10.22 48.30 13.44
N VAL C 4025 9.88 49.49 12.97
CA VAL C 4025 8.69 49.64 12.13
C VAL C 4025 8.81 48.80 10.87
N MET C 4026 10.01 48.76 10.27
CA MET C 4026 10.21 47.87 9.12
C MET C 4026 10.03 46.41 9.50
N LEU C 4027 10.53 46.02 10.67
CA LEU C 4027 10.34 44.64 11.09
C LEU C 4027 8.87 44.31 11.28
N LEU C 4028 8.11 45.25 11.86
CA LEU C 4028 6.67 45.02 12.01
C LEU C 4028 5.99 44.94 10.66
N SER C 4029 6.51 45.68 9.68
CA SER C 4029 5.96 45.62 8.33
C SER C 4029 6.22 44.27 7.68
N LEU C 4030 7.35 43.64 8.03
CA LEU C 4030 7.65 42.31 7.53
C LEU C 4030 6.71 41.24 8.06
N LEU C 4031 5.97 41.49 9.14
CA LEU C 4031 5.05 40.50 9.69
C LEU C 4031 3.62 40.65 9.18
N GLU C 4032 3.39 41.54 8.21
CA GLU C 4032 2.05 41.65 7.64
C GLU C 4032 1.69 40.37 6.90
N GLY C 4033 0.48 39.89 7.12
CA GLY C 4033 0.03 38.66 6.48
C GLY C 4033 0.78 37.43 6.94
N ASN C 4034 1.06 37.32 8.23
CA ASN C 4034 1.83 36.21 8.77
C ASN C 4034 0.91 35.10 9.28
N VAL C 4035 1.30 33.86 9.03
CA VAL C 4035 0.55 32.69 9.43
C VAL C 4035 1.31 31.99 10.55
N VAL C 4036 0.63 31.04 11.19
CA VAL C 4036 1.23 30.28 12.29
C VAL C 4036 2.42 29.48 11.79
N ASN C 4037 3.49 29.47 12.57
CA ASN C 4037 4.70 28.73 12.25
C ASN C 4037 5.28 29.18 10.92
N GLY C 4038 5.19 30.47 10.64
CA GLY C 4038 5.75 30.99 9.41
C GLY C 4038 7.26 30.98 9.41
N MET C 4039 7.82 30.85 8.21
CA MET C 4039 9.28 30.80 8.07
C MET C 4039 9.91 32.12 8.43
N ILE C 4040 9.25 33.23 8.09
CA ILE C 4040 9.75 34.54 8.46
C ILE C 4040 9.74 34.71 9.96
N ALA C 4041 8.66 34.29 10.62
CA ALA C 4041 8.59 34.42 12.07
C ALA C 4041 9.66 33.59 12.75
N ARG C 4042 9.87 32.36 12.29
CA ARG C 4042 10.90 31.52 12.92
C ARG C 4042 12.30 32.06 12.65
N GLN C 4043 12.55 32.63 11.46
CA GLN C 4043 13.84 33.25 11.21
C GLN C 4043 14.04 34.43 12.14
N MET C 4044 12.99 35.22 12.34
CA MET C 4044 13.10 36.38 13.22
C MET C 4044 13.37 35.95 14.65
N VAL C 4045 12.75 34.85 15.08
CA VAL C 4045 13.01 34.31 16.42
C VAL C 4045 14.46 33.88 16.54
N ASP C 4046 15.01 33.21 15.52
CA ASP C 4046 16.42 32.85 15.58
C ASP C 4046 17.31 34.09 15.67
N MET C 4047 16.93 35.14 14.95
CA MET C 4047 17.67 36.40 15.00
C MET C 4047 17.63 37.03 16.39
N LEU C 4048 16.46 37.00 17.03
CA LEU C 4048 16.35 37.54 18.38
C LEU C 4048 17.19 36.74 19.36
N VAL C 4049 17.19 35.41 19.21
CA VAL C 4049 18.01 34.60 20.10
C VAL C 4049 19.48 34.92 19.90
N GLU C 4050 19.89 35.10 18.64
CA GLU C 4050 21.29 35.43 18.38
C GLU C 4050 21.66 36.76 19.02
N SER C 4051 20.72 37.71 19.06
CA SER C 4051 20.97 39.05 19.59
C SER C 4051 20.17 39.35 20.87
N SER C 4052 20.10 38.36 21.77
CA SER C 4052 19.29 38.50 22.98
C SER C 4052 19.89 39.47 23.99
N SER C 4053 21.21 39.44 24.18
CA SER C 4053 21.84 40.30 25.19
C SER C 4053 21.65 41.79 24.91
N ASN C 4054 21.78 42.21 23.65
CA ASN C 4054 21.62 43.62 23.34
C ASN C 4054 20.17 44.07 23.52
N VAL C 4055 19.21 43.22 23.14
CA VAL C 4055 17.81 43.59 23.31
C VAL C 4055 17.49 43.74 24.79
N GLU C 4056 17.99 42.81 25.62
CA GLU C 4056 17.78 42.93 27.06
C GLU C 4056 18.37 44.21 27.63
N MET C 4057 19.57 44.59 27.17
CA MET C 4057 20.15 45.85 27.66
C MET C 4057 19.30 47.04 27.25
N ILE C 4058 18.80 47.02 26.02
CA ILE C 4058 17.94 48.10 25.53
C ILE C 4058 16.65 48.17 26.34
N LEU C 4059 16.04 47.03 26.62
CA LEU C 4059 14.83 47.03 27.43
C LEU C 4059 15.11 47.55 28.83
N LYS C 4060 16.27 47.21 29.41
CA LYS C 4060 16.55 47.77 30.72
C LYS C 4060 16.81 49.27 30.64
N PHE C 4061 17.16 49.76 29.45
CA PHE C 4061 17.32 51.19 29.27
C PHE C 4061 15.97 51.86 29.27
N PHE C 4062 15.00 51.22 28.61
CA PHE C 4062 13.68 51.82 28.49
C PHE C 4062 12.96 51.78 29.83
N ASP C 4063 13.02 50.63 30.51
CA ASP C 4063 12.25 50.51 31.74
C ASP C 4063 12.83 51.37 32.85
N MET C 4064 14.15 51.60 32.87
CA MET C 4064 14.68 52.42 33.96
C MET C 4064 14.10 53.83 33.92
N PHE C 4065 14.00 54.43 32.73
CA PHE C 4065 13.44 55.77 32.61
C PHE C 4065 11.92 55.78 32.63
N LEU C 4066 11.27 54.70 32.19
CA LEU C 4066 9.83 54.59 32.38
C LEU C 4066 9.49 54.53 33.86
N LYS C 4067 10.25 53.78 34.64
CA LYS C 4067 10.05 53.76 36.08
C LYS C 4067 10.37 55.11 36.71
N LEU C 4068 11.42 55.79 36.23
CA LEU C 4068 11.73 57.10 36.78
C LEU C 4068 10.61 58.12 36.54
N LYS C 4069 9.93 58.02 35.40
CA LYS C 4069 8.86 58.99 35.11
C LYS C 4069 7.72 58.89 36.13
N ASP C 4070 7.31 57.66 36.46
CA ASP C 4070 6.23 57.42 37.41
C ASP C 4070 6.68 57.49 38.86
N ILE C 4071 7.97 57.36 39.16
CA ILE C 4071 8.48 57.31 40.57
C ILE C 4071 8.47 58.70 41.20
N VAL C 4072 8.68 59.78 40.45
CA VAL C 4072 8.79 61.14 41.04
C VAL C 4072 7.52 61.60 41.80
N GLY C 4073 6.31 61.16 41.48
CA GLY C 4073 5.12 61.57 42.26
C GLY C 4073 5.15 61.02 43.68
N SER C 4074 4.74 61.79 44.73
CA SER C 4074 4.79 61.38 46.15
C SER C 4074 6.22 61.53 46.72
N GLU C 4075 7.20 60.74 46.24
CA GLU C 4075 8.59 60.77 46.75
C GLU C 4075 9.20 62.15 46.49
N ALA C 4076 8.80 62.85 45.45
CA ALA C 4076 9.38 64.15 45.06
C ALA C 4076 9.65 64.98 46.30
N PHE C 4077 8.68 65.06 47.23
CA PHE C 4077 8.82 65.82 48.50
C PHE C 4077 9.40 64.90 49.57
N GLN C 4078 8.97 63.64 49.63
CA GLN C 4078 9.45 62.66 50.64
C GLN C 4078 10.97 62.78 50.79
N ASP C 4079 11.72 62.57 49.71
CA ASP C 4079 13.20 62.69 49.72
C ASP C 4079 13.66 63.17 48.34
N LEU C 4087 14.86 71.90 43.41
CA LEU C 4087 16.19 71.33 43.38
C LEU C 4087 16.33 70.25 44.45
N ILE C 4088 17.30 69.37 44.27
CA ILE C 4088 17.52 68.27 45.21
C ILE C 4088 18.97 67.82 45.11
N SER C 4089 19.55 67.47 46.24
CA SER C 4089 20.93 67.01 46.29
C SER C 4089 21.04 65.54 45.87
N LYS C 4090 22.26 65.17 45.49
CA LYS C 4090 22.54 63.79 45.09
C LYS C 4090 22.30 62.83 46.26
N LYS C 4091 22.71 63.23 47.46
CA LYS C 4091 22.46 62.42 48.64
C LYS C 4091 20.97 62.25 48.91
N ASP C 4092 20.20 63.32 48.75
CA ASP C 4092 18.75 63.22 48.89
C ASP C 4092 18.14 62.30 47.83
N PHE C 4093 18.62 62.37 46.59
CA PHE C 4093 18.12 61.45 45.57
C PHE C 4093 18.46 60.01 45.94
N GLN C 4094 19.65 59.80 46.49
CA GLN C 4094 20.07 58.46 46.90
C GLN C 4094 19.14 57.94 47.98
N LYS C 4095 18.82 58.79 48.96
CA LYS C 4095 17.94 58.35 50.04
C LYS C 4095 16.49 58.27 49.61
N ALA C 4096 16.12 58.93 48.51
CA ALA C 4096 14.75 58.79 48.04
C ALA C 4096 14.60 57.43 47.41
N MET C 4097 15.60 57.02 46.63
CA MET C 4097 15.47 55.75 45.91
C MET C 4097 15.62 54.62 46.90
N ASP C 4098 16.60 54.71 47.81
CA ASP C 4098 16.79 53.64 48.78
C ASP C 4098 15.65 53.59 49.80
N SER C 4099 14.86 54.66 49.94
CA SER C 4099 13.66 54.59 50.77
C SER C 4099 12.56 53.75 50.12
N GLN C 4100 12.59 53.58 48.80
CA GLN C 4100 11.65 52.73 48.09
C GLN C 4100 12.44 51.81 47.16
N LYS C 4101 12.46 50.52 47.48
CA LYS C 4101 13.27 49.55 46.75
C LYS C 4101 12.63 49.22 45.41
N GLN C 4102 12.91 50.04 44.41
CA GLN C 4102 12.54 49.75 43.04
C GLN C 4102 13.73 49.66 42.09
N PHE C 4103 14.81 50.38 42.38
CA PHE C 4103 16.05 50.28 41.63
C PHE C 4103 17.13 49.66 42.51
N THR C 4104 18.16 49.11 41.88
CA THR C 4104 19.26 48.51 42.60
C THR C 4104 20.46 49.47 42.63
N GLY C 4105 21.56 48.98 43.20
CA GLY C 4105 22.76 49.76 43.40
C GLY C 4105 23.33 50.35 42.12
N PRO C 4106 23.73 49.48 41.18
CA PRO C 4106 24.28 50.02 39.93
C PRO C 4106 23.31 50.90 39.18
N GLU C 4107 22.01 50.59 39.22
CA GLU C 4107 21.05 51.43 38.51
C GLU C 4107 21.02 52.83 39.11
N ILE C 4108 21.06 52.91 40.45
CA ILE C 4108 21.06 54.21 41.09
C ILE C 4108 22.35 54.96 40.77
N GLN C 4109 23.49 54.27 40.76
CA GLN C 4109 24.72 54.97 40.41
C GLN C 4109 24.67 55.50 38.98
N PHE C 4110 24.13 54.71 38.05
CA PHE C 4110 24.01 55.19 36.67
C PHE C 4110 23.09 56.40 36.58
N LEU C 4111 21.96 56.40 37.31
CA LEU C 4111 21.10 57.58 37.30
C LEU C 4111 21.81 58.77 37.91
N LEU C 4112 22.61 58.56 38.94
CA LEU C 4112 23.38 59.65 39.53
C LEU C 4112 24.35 60.22 38.52
N SER C 4113 24.99 59.36 37.73
CA SER C 4113 25.90 59.86 36.70
C SER C 4113 25.14 60.65 35.66
N CYS C 4114 23.97 60.14 35.25
CA CYS C 4114 23.12 60.80 34.27
C CYS C 4114 22.49 62.09 34.79
N SER C 4115 22.53 62.33 36.10
CA SER C 4115 21.85 63.48 36.66
C SER C 4115 22.35 64.79 36.07
N GLU C 4116 23.67 64.92 35.86
CA GLU C 4116 24.28 66.16 35.40
C GLU C 4116 24.01 67.30 36.38
N ALA C 4117 24.25 67.06 37.68
CA ALA C 4117 23.95 68.05 38.74
C ALA C 4117 25.09 69.07 38.86
N ASP C 4118 24.79 70.36 38.68
CA ASP C 4118 25.80 71.46 38.79
C ASP C 4118 25.95 71.83 40.27
N GLU C 4119 27.15 71.74 40.84
CA GLU C 4119 27.34 71.99 42.29
C GLU C 4119 26.49 70.96 43.05
N ASN C 4120 26.02 71.27 44.28
CA ASN C 4120 25.18 70.37 45.09
C ASN C 4120 23.70 70.74 44.91
N GLU C 4121 22.79 69.89 45.40
CA GLU C 4121 21.33 70.16 45.30
C GLU C 4121 21.00 70.81 43.96
N MET C 4122 21.31 70.14 42.85
CA MET C 4122 21.08 70.77 41.52
C MET C 4122 20.49 69.75 40.55
N ILE C 4123 19.73 68.76 41.04
CA ILE C 4123 19.01 67.80 40.16
C ILE C 4123 17.64 68.41 39.84
N ASN C 4124 17.32 68.61 38.55
CA ASN C 4124 16.05 69.18 38.11
C ASN C 4124 15.17 68.04 37.59
N PHE C 4125 14.28 67.54 38.45
CA PHE C 4125 13.55 66.33 38.11
C PHE C 4125 12.56 66.49 36.98
N GLU C 4126 12.13 67.71 36.66
CA GLU C 4126 11.20 67.86 35.53
C GLU C 4126 11.88 67.50 34.22
N GLU C 4127 13.06 68.06 33.97
CA GLU C 4127 13.76 67.71 32.75
C GLU C 4127 14.41 66.34 32.86
N PHE C 4128 14.77 65.91 34.07
CA PHE C 4128 15.35 64.59 34.18
C PHE C 4128 14.32 63.55 33.76
N ALA C 4129 13.08 63.71 34.22
CA ALA C 4129 12.01 62.78 33.89
C ALA C 4129 11.61 62.88 32.43
N ASN C 4130 11.61 64.09 31.87
CA ASN C 4130 11.13 64.29 30.51
C ASN C 4130 12.21 64.17 29.42
N ARG C 4131 13.46 63.87 29.78
CA ARG C 4131 14.50 63.80 28.76
C ARG C 4131 14.24 62.68 27.77
N PHE C 4132 13.91 61.48 28.26
CA PHE C 4132 13.79 60.29 27.41
C PHE C 4132 12.39 59.69 27.36
N GLN C 4133 11.39 60.36 27.95
CA GLN C 4133 10.09 59.70 28.13
C GLN C 4133 9.44 59.36 26.80
N GLU C 4134 9.50 60.25 25.81
CA GLU C 4134 8.70 60.07 24.59
C GLU C 4134 9.28 59.00 23.67
N PRO C 4135 10.51 59.14 23.17
CA PRO C 4135 11.03 58.10 22.26
C PRO C 4135 11.12 56.75 22.93
N ALA C 4136 11.46 56.72 24.22
CA ALA C 4136 11.51 55.47 24.94
C ALA C 4136 10.15 54.80 24.94
N ARG C 4137 9.09 55.58 25.16
CA ARG C 4137 7.75 55.01 25.18
C ARG C 4137 7.36 54.46 23.81
N ASP C 4138 7.66 55.22 22.75
CA ASP C 4138 7.27 54.78 21.42
C ASP C 4138 7.99 53.50 21.02
N ILE C 4139 9.29 53.43 21.29
CA ILE C 4139 10.05 52.23 20.94
C ILE C 4139 9.63 51.07 21.83
N GLY C 4140 9.37 51.32 23.10
CA GLY C 4140 8.95 50.24 23.98
C GLY C 4140 7.64 49.65 23.53
N PHE C 4141 6.71 50.50 23.10
CA PHE C 4141 5.43 50.00 22.61
C PHE C 4141 5.61 49.17 21.35
N ASN C 4142 6.45 49.64 20.41
CA ASN C 4142 6.61 48.87 19.19
C ASN C 4142 7.29 47.53 19.45
N VAL C 4143 8.26 47.51 20.38
CA VAL C 4143 8.90 46.26 20.78
C VAL C 4143 7.90 45.32 21.44
N ALA C 4144 7.02 45.86 22.29
CA ALA C 4144 6.00 45.04 22.91
C ALA C 4144 5.06 44.44 21.87
N VAL C 4145 4.69 45.22 20.86
CA VAL C 4145 3.83 44.68 19.80
C VAL C 4145 4.56 43.58 19.05
N LEU C 4146 5.84 43.78 18.74
CA LEU C 4146 6.59 42.76 18.01
C LEU C 4146 6.69 41.46 18.79
N LEU C 4147 6.98 41.56 20.09
CA LEU C 4147 7.08 40.38 20.92
C LEU C 4147 5.73 39.69 21.09
N THR C 4148 4.65 40.46 21.24
CA THR C 4148 3.34 39.84 21.35
C THR C 4148 2.97 39.10 20.07
N ASN C 4149 3.27 39.70 18.92
CA ASN C 4149 2.97 39.04 17.65
C ASN C 4149 3.75 37.74 17.50
N LEU C 4150 5.04 37.77 17.84
CA LEU C 4150 5.84 36.56 17.71
C LEU C 4150 5.36 35.51 18.70
N SER C 4151 5.01 35.91 19.92
CA SER C 4151 4.59 34.94 20.91
C SER C 4151 3.29 34.26 20.48
N GLU C 4152 2.38 35.05 19.89
CA GLU C 4152 1.02 34.56 19.53
C GLU C 4152 1.05 33.87 18.16
N HIS C 4153 2.16 33.90 17.41
CA HIS C 4153 2.26 33.16 16.17
C HIS C 4153 3.27 32.01 16.21
N VAL C 4154 4.13 31.96 17.22
CA VAL C 4154 5.01 30.82 17.43
C VAL C 4154 4.90 30.38 18.89
N PRO C 4155 3.80 29.74 19.28
CA PRO C 4155 3.54 29.49 20.70
C PRO C 4155 4.30 28.30 21.30
N HIS C 4156 4.96 27.49 20.48
CA HIS C 4156 5.60 26.26 20.96
C HIS C 4156 7.11 26.33 20.81
N ASP C 4157 7.68 27.52 21.00
CA ASP C 4157 9.13 27.69 20.95
C ASP C 4157 9.68 27.92 22.35
N PRO C 4158 10.38 26.95 22.94
CA PRO C 4158 10.93 27.17 24.30
C PRO C 4158 11.93 28.30 24.39
N ARG C 4159 12.61 28.64 23.29
CA ARG C 4159 13.63 29.68 23.33
C ARG C 4159 13.02 31.07 23.49
N LEU C 4160 11.73 31.22 23.24
CA LEU C 4160 11.07 32.52 23.25
C LEU C 4160 10.56 32.89 24.64
N ARG C 4161 10.30 31.90 25.49
CA ARG C 4161 9.78 32.20 26.82
C ARG C 4161 10.79 32.99 27.63
N ASN C 4162 12.08 32.79 27.37
CA ASN C 4162 13.09 33.57 28.07
C ASN C 4162 12.92 35.05 27.75
N PHE C 4163 12.68 35.39 26.48
CA PHE C 4163 12.44 36.80 26.12
C PHE C 4163 11.17 37.33 26.77
N LEU C 4164 10.09 36.51 26.79
CA LEU C 4164 8.88 37.04 27.45
C LEU C 4164 9.13 37.30 28.92
N GLU C 4165 9.85 36.40 29.59
CA GLU C 4165 10.15 36.60 31.01
C GLU C 4165 11.03 37.82 31.21
N LEU C 4166 12.02 38.03 30.34
CA LEU C 4166 12.87 39.20 30.46
C LEU C 4166 12.14 40.50 30.14
N ALA C 4167 11.07 40.44 29.34
CA ALA C 4167 10.32 41.62 28.96
C ALA C 4167 8.95 41.67 29.61
N GLU C 4168 8.77 40.97 30.73
CA GLU C 4168 7.48 40.94 31.41
C GLU C 4168 7.03 42.33 31.86
N SER C 4169 7.94 43.13 32.42
CA SER C 4169 7.57 44.46 32.89
C SER C 4169 7.14 45.38 31.75
N ILE C 4170 7.84 45.33 30.61
CA ILE C 4170 7.45 46.15 29.47
C ILE C 4170 6.06 45.76 28.96
N LEU C 4171 5.82 44.46 28.84
CA LEU C 4171 4.51 43.98 28.40
C LEU C 4171 3.44 44.36 29.40
N GLU C 4172 3.73 44.24 30.69
CA GLU C 4172 2.73 44.61 31.70
C GLU C 4172 2.42 46.10 31.62
N TYR C 4173 3.44 46.92 31.43
CA TYR C 4173 3.24 48.36 31.37
C TYR C 4173 2.39 48.75 30.17
N PHE C 4174 2.64 48.14 29.01
CA PHE C 4174 1.93 48.50 27.79
C PHE C 4174 0.70 47.65 27.53
N ARG C 4175 0.35 46.76 28.47
CA ARG C 4175 -0.83 45.93 28.33
C ARG C 4175 -2.13 46.72 28.17
N PRO C 4176 -2.42 47.74 28.98
CA PRO C 4176 -3.67 48.50 28.79
C PRO C 4176 -3.78 49.25 27.47
N TYR C 4177 -2.68 49.48 26.77
CA TYR C 4177 -2.70 50.23 25.52
C TYR C 4177 -2.57 49.37 24.27
N LEU C 4178 -2.29 48.08 24.40
CA LEU C 4178 -2.12 47.19 23.26
C LEU C 4178 -3.48 46.59 22.89
N GLY C 4179 -4.16 47.21 21.93
CA GLY C 4179 -5.45 46.73 21.45
C GLY C 4179 -5.26 45.76 20.30
N ARG C 4180 -6.04 44.67 20.33
CA ARG C 4180 -5.97 43.65 19.28
C ARG C 4180 -7.37 43.30 18.81
N ILE C 4181 -7.53 43.22 17.48
CA ILE C 4181 -8.80 42.84 16.87
C ILE C 4181 -8.54 41.77 15.80
N GLU C 4182 -9.61 41.10 15.40
CA GLU C 4182 -9.57 40.11 14.33
C GLU C 4182 -10.46 40.55 13.18
N ILE C 4183 -9.93 40.48 11.96
CA ILE C 4183 -10.65 40.88 10.75
C ILE C 4183 -10.55 39.76 9.73
N MET C 4184 -11.45 39.79 8.76
CA MET C 4184 -11.39 38.90 7.61
C MET C 4184 -10.59 39.61 6.52
N GLY C 4185 -9.35 39.20 6.34
CA GLY C 4185 -8.44 39.88 5.45
C GLY C 4185 -8.68 39.60 3.99
N ALA C 4186 -7.93 40.31 3.15
CA ALA C 4186 -8.03 40.15 1.70
C ALA C 4186 -7.53 38.79 1.23
N SER C 4187 -6.68 38.13 2.02
CA SER C 4187 -6.14 36.82 1.68
C SER C 4187 -7.12 35.69 1.98
N ARG C 4188 -8.40 36.01 2.19
CA ARG C 4188 -9.42 35.01 2.50
C ARG C 4188 -9.12 34.29 3.81
N ARG C 4189 -8.40 34.94 4.71
CA ARG C 4189 -8.05 34.36 6.00
C ARG C 4189 -8.23 35.39 7.09
N ILE C 4190 -8.45 34.90 8.31
CA ILE C 4190 -8.61 35.75 9.48
C ILE C 4190 -7.25 36.26 9.91
N GLU C 4191 -7.11 37.58 10.02
CA GLU C 4191 -5.88 38.22 10.42
C GLU C 4191 -6.09 39.04 11.70
N ARG C 4192 -5.05 39.08 12.53
CA ARG C 4192 -5.08 39.81 13.79
C ARG C 4192 -4.30 41.10 13.69
N ILE C 4193 -4.94 42.21 14.06
CA ILE C 4193 -4.38 43.54 13.93
C ILE C 4193 -4.12 44.10 15.33
N TYR C 4194 -2.90 44.59 15.55
CA TYR C 4194 -2.49 45.22 16.80
C TYR C 4194 -2.34 46.72 16.61
N PHE C 4195 -2.94 47.49 17.50
CA PHE C 4195 -2.91 48.95 17.45
C PHE C 4195 -2.81 49.50 18.87
N GLU C 4196 -2.76 50.83 18.96
CA GLU C 4196 -2.58 51.54 20.22
C GLU C 4196 -3.90 52.19 20.63
N ILE C 4197 -4.27 52.01 21.89
CA ILE C 4197 -5.46 52.61 22.47
C ILE C 4197 -5.02 53.76 23.38
N SER C 4198 -5.52 54.96 23.11
CA SER C 4198 -5.10 56.13 23.86
C SER C 4198 -5.67 56.13 25.28
N GLU C 4199 -4.89 56.71 26.19
CA GLU C 4199 -5.32 56.81 27.58
C GLU C 4199 -6.58 57.65 27.71
N THR C 4200 -6.66 58.75 26.96
CA THR C 4200 -7.84 59.61 27.06
C THR C 4200 -9.07 58.87 26.58
N ASN C 4201 -8.94 58.12 25.49
CA ASN C 4201 -10.06 57.38 24.94
C ASN C 4201 -10.54 56.31 25.93
N ARG C 4202 -9.59 55.62 26.57
CA ARG C 4202 -9.98 54.62 27.55
C ARG C 4202 -10.63 55.27 28.77
N ALA C 4203 -10.12 56.42 29.20
CA ALA C 4203 -10.70 57.12 30.34
C ALA C 4203 -12.13 57.57 30.04
N GLN C 4204 -12.35 58.08 28.83
CA GLN C 4204 -13.67 58.51 28.39
C GLN C 4204 -14.65 57.34 28.26
N TRP C 4205 -14.17 56.17 27.88
CA TRP C 4205 -15.07 55.03 27.71
C TRP C 4205 -15.75 54.51 28.97
N GLU C 4206 -15.21 54.73 30.18
CA GLU C 4206 -15.85 54.11 31.35
C GLU C 4206 -16.91 54.99 32.01
N MET C 4207 -17.31 56.10 31.41
CA MET C 4207 -18.35 56.91 32.03
C MET C 4207 -19.66 56.13 32.09
N PRO C 4208 -20.44 56.32 33.16
CA PRO C 4208 -21.67 55.51 33.32
C PRO C 4208 -22.70 55.72 32.22
N GLN C 4209 -22.81 56.93 31.68
CA GLN C 4209 -23.77 57.19 30.62
C GLN C 4209 -23.44 56.44 29.35
N VAL C 4210 -22.16 56.32 28.99
CA VAL C 4210 -21.82 55.56 27.80
C VAL C 4210 -22.14 54.07 28.00
N LYS C 4211 -21.86 53.53 29.19
CA LYS C 4211 -22.20 52.12 29.41
C LYS C 4211 -23.71 51.91 29.35
N GLU C 4212 -24.48 52.86 29.90
CA GLU C 4212 -25.93 52.75 29.81
C GLU C 4212 -26.40 52.80 28.36
N SER C 4213 -25.80 53.68 27.56
CA SER C 4213 -26.15 53.73 26.14
C SER C 4213 -25.81 52.41 25.45
N LYS C 4214 -24.67 51.81 25.82
CA LYS C 4214 -24.30 50.53 25.25
C LYS C 4214 -25.31 49.46 25.62
N ARG C 4215 -25.74 49.45 26.88
CA ARG C 4215 -26.72 48.46 27.32
C ARG C 4215 -28.04 48.64 26.58
N GLN C 4216 -28.48 49.88 26.40
CA GLN C 4216 -29.70 50.14 25.65
C GLN C 4216 -29.57 49.68 24.21
N PHE C 4217 -28.42 49.93 23.59
CA PHE C 4217 -28.22 49.51 22.21
C PHE C 4217 -28.26 47.99 22.11
N ILE C 4218 -27.59 47.30 23.04
CA ILE C 4218 -27.57 45.84 23.01
C ILE C 4218 -28.99 45.30 23.20
N PHE C 4219 -29.75 45.90 24.11
CA PHE C 4219 -31.12 45.44 24.33
C PHE C 4219 -31.95 45.63 23.07
N ASP C 4220 -31.76 46.76 22.40
CA ASP C 4220 -32.57 47.07 21.23
C ASP C 4220 -32.26 46.09 20.11
N VAL C 4221 -30.97 45.88 19.86
CA VAL C 4221 -30.57 45.03 18.74
C VAL C 4221 -30.94 43.58 19.01
N VAL C 4222 -30.82 43.14 20.26
CA VAL C 4222 -31.16 41.76 20.60
C VAL C 4222 -32.66 41.54 20.51
N ASN C 4223 -33.46 42.51 20.95
CA ASN C 4223 -34.90 42.31 21.00
C ASN C 4223 -35.54 42.50 19.63
N GLU C 4224 -35.38 43.69 19.03
CA GLU C 4224 -36.03 44.00 17.77
C GLU C 4224 -35.06 44.25 16.62
N GLY C 4225 -33.76 44.09 16.85
CA GLY C 4225 -32.82 44.28 15.77
C GLY C 4225 -32.84 43.13 14.78
N GLY C 4226 -32.32 43.41 13.58
CA GLY C 4226 -32.23 42.40 12.55
C GLY C 4226 -30.81 41.93 12.34
N GLU C 4227 -30.65 40.77 11.70
CA GLU C 4227 -29.31 40.21 11.50
C GLU C 4227 -28.56 40.91 10.37
N ALA C 4228 -29.25 41.35 9.32
CA ALA C 4228 -28.58 41.97 8.19
C ALA C 4228 -28.16 43.41 8.49
N GLU C 4229 -28.91 44.11 9.34
CA GLU C 4229 -28.61 45.48 9.70
C GLU C 4229 -27.89 45.59 11.04
N LYS C 4230 -27.56 44.47 11.66
CA LYS C 4230 -26.95 44.50 12.99
C LYS C 4230 -25.61 45.22 12.98
N MET C 4231 -24.78 44.94 11.97
CA MET C 4231 -23.46 45.55 11.93
C MET C 4231 -23.55 47.03 11.55
N GLU C 4232 -24.46 47.38 10.65
CA GLU C 4232 -24.64 48.78 10.30
C GLU C 4232 -25.12 49.59 11.50
N LEU C 4233 -26.03 49.01 12.29
CA LEU C 4233 -26.48 49.68 13.51
C LEU C 4233 -25.33 49.81 14.50
N PHE C 4234 -24.48 48.78 14.59
CA PHE C 4234 -23.35 48.86 15.50
C PHE C 4234 -22.40 49.98 15.11
N VAL C 4235 -22.13 50.12 13.80
CA VAL C 4235 -21.26 51.18 13.34
C VAL C 4235 -21.88 52.55 13.61
N SER C 4236 -23.18 52.69 13.37
CA SER C 4236 -23.83 53.97 13.68
C SER C 4236 -23.75 54.30 15.17
N PHE C 4237 -23.88 53.29 16.03
CA PHE C 4237 -23.68 53.49 17.46
C PHE C 4237 -22.26 53.94 17.77
N CYS C 4238 -21.28 53.36 17.09
CA CYS C 4238 -19.90 53.77 17.30
C CYS C 4238 -19.69 55.22 16.90
N GLU C 4239 -20.27 55.63 15.77
CA GLU C 4239 -20.13 57.00 15.31
C GLU C 4239 -20.78 57.98 16.28
N ASP C 4240 -21.95 57.64 16.80
CA ASP C 4240 -22.59 58.51 17.78
C ASP C 4240 -21.77 58.60 19.05
N THR C 4241 -21.21 57.47 19.50
CA THR C 4241 -20.40 57.48 20.72
C THR C 4241 -19.15 58.34 20.52
N ILE C 4242 -18.53 58.23 19.34
CA ILE C 4242 -17.35 59.04 19.04
C ILE C 4242 -17.70 60.52 19.08
N PHE C 4243 -18.85 60.90 18.51
CA PHE C 4243 -19.24 62.30 18.54
C PHE C 4243 -19.48 62.77 19.96
N GLU C 4244 -20.09 61.92 20.79
CA GLU C 4244 -20.32 62.34 22.18
C GLU C 4244 -19.00 62.48 22.94
N MET C 4245 -18.02 61.62 22.64
CA MET C 4245 -16.72 61.79 23.28
C MET C 4245 -16.08 63.11 22.87
N GLN C 4246 -16.23 63.49 21.60
CA GLN C 4246 -15.70 64.77 21.16
C GLN C 4246 -16.38 65.92 21.88
N ILE C 4247 -17.72 65.83 22.05
CA ILE C 4247 -18.43 66.89 22.75
C ILE C 4247 -17.98 66.99 24.21
N ALA C 4248 -17.82 65.84 24.87
CA ALA C 4248 -17.37 65.84 26.25
C ALA C 4248 -15.96 66.43 26.36
N ALA C 4249 -15.09 66.11 25.40
CA ALA C 4249 -13.74 66.67 25.41
C ALA C 4249 -13.80 68.19 25.23
N GLN C 4250 -14.68 68.65 24.35
CA GLN C 4250 -14.79 70.08 24.09
C GLN C 4250 -15.26 70.81 25.33
N ILE C 4251 -16.27 70.28 26.01
CA ILE C 4251 -16.81 70.97 27.19
C ILE C 4251 -15.90 70.78 28.40
N SER C 4252 -14.99 69.82 28.38
CA SER C 4252 -14.10 69.61 29.51
C SER C 4252 -13.15 70.79 29.67
N GLU C 4253 -12.73 71.02 30.92
CA GLU C 4253 -11.84 72.12 31.23
C GLU C 4253 -10.50 71.60 31.73
N GLY C 4542 -13.48 90.14 24.05
CA GLY C 4542 -12.81 88.97 24.60
C GLY C 4542 -13.11 88.74 26.06
N GLU C 4543 -13.21 89.84 26.81
CA GLU C 4543 -13.51 89.72 28.24
C GLU C 4543 -14.88 89.11 28.45
N LEU C 4544 -15.86 89.52 27.65
CA LEU C 4544 -17.20 89.00 27.81
C LEU C 4544 -17.29 87.59 27.22
N GLU C 4545 -16.56 87.35 26.14
CA GLU C 4545 -16.59 86.05 25.47
C GLU C 4545 -16.04 84.94 26.34
N VAL C 4546 -14.93 85.18 27.04
CA VAL C 4546 -14.36 84.13 27.89
C VAL C 4546 -15.29 83.81 29.06
N GLN C 4547 -16.00 84.80 29.59
CA GLN C 4547 -16.94 84.51 30.67
C GLN C 4547 -18.18 83.84 30.11
N ARG C 4548 -18.58 84.18 28.88
CA ARG C 4548 -19.75 83.56 28.28
C ARG C 4548 -19.50 82.08 28.06
N VAL C 4549 -18.33 81.74 27.52
CA VAL C 4549 -18.02 80.33 27.27
C VAL C 4549 -17.82 79.57 28.58
N LYS C 4550 -17.22 80.21 29.60
CA LYS C 4550 -17.11 79.52 30.89
C LYS C 4550 -18.48 79.25 31.50
N PHE C 4551 -19.39 80.22 31.42
CA PHE C 4551 -20.74 80.02 31.93
C PHE C 4551 -21.48 78.95 31.17
N LEU C 4552 -21.35 78.93 29.84
CA LEU C 4552 -22.04 77.92 29.05
C LEU C 4552 -21.50 76.53 29.37
N ASN C 4553 -20.18 76.40 29.53
CA ASN C 4553 -19.62 75.09 29.88
C ASN C 4553 -20.08 74.66 31.26
N TYR C 4554 -20.20 75.62 32.19
CA TYR C 4554 -20.69 75.29 33.53
C TYR C 4554 -22.12 74.77 33.49
N LEU C 4555 -22.98 75.40 32.69
CA LEU C 4555 -24.35 74.94 32.55
C LEU C 4555 -24.41 73.57 31.90
N SER C 4556 -23.58 73.34 30.88
CA SER C 4556 -23.59 72.05 30.22
C SER C 4556 -23.14 70.95 31.17
N ARG C 4557 -22.11 71.22 31.96
CA ARG C 4557 -21.63 70.25 32.92
C ARG C 4557 -22.67 69.96 34.00
N ASN C 4558 -23.40 70.98 34.45
CA ASN C 4558 -24.33 70.84 35.57
C ASN C 4558 -25.79 70.81 35.12
N PHE C 4559 -26.07 70.29 33.92
CA PHE C 4559 -27.45 70.22 33.44
C PHE C 4559 -28.33 69.31 34.30
N TYR C 4560 -27.84 68.13 34.68
CA TYR C 4560 -28.66 67.18 35.43
C TYR C 4560 -28.89 67.59 36.88
N THR C 4561 -27.92 68.26 37.50
CA THR C 4561 -28.09 68.76 38.86
C THR C 4561 -29.19 69.81 38.91
N LEU C 4562 -29.25 70.67 37.90
CA LEU C 4562 -30.33 71.64 37.83
C LEU C 4562 -31.70 70.97 37.71
N ARG C 4563 -31.78 69.88 36.93
CA ARG C 4563 -33.03 69.13 36.84
C ARG C 4563 -33.47 68.54 38.18
N PHE C 4564 -32.52 67.97 38.92
CA PHE C 4564 -32.85 67.47 40.25
C PHE C 4564 -33.25 68.62 41.18
N LEU C 4565 -32.56 69.75 41.08
CA LEU C 4565 -32.89 70.88 41.94
C LEU C 4565 -34.30 71.39 41.65
N ALA C 4566 -34.67 71.42 40.38
CA ALA C 4566 -36.02 71.85 40.00
C ALA C 4566 -37.07 70.90 40.55
N LEU C 4567 -36.82 69.59 40.50
CA LEU C 4567 -37.77 68.65 41.08
C LEU C 4567 -37.90 68.84 42.59
N PHE C 4568 -36.78 69.06 43.27
CA PHE C 4568 -36.82 69.30 44.71
C PHE C 4568 -37.60 70.57 45.02
N LEU C 4569 -37.38 71.63 44.24
CA LEU C 4569 -38.10 72.87 44.47
C LEU C 4569 -39.59 72.69 44.21
N ALA C 4570 -39.95 71.85 43.25
CA ALA C 4570 -41.36 71.58 42.98
C ALA C 4570 -42.01 70.92 44.17
N PHE C 4571 -41.33 69.95 44.77
CA PHE C 4571 -41.88 69.30 45.96
C PHE C 4571 -41.99 70.28 47.13
N ALA C 4572 -41.00 71.14 47.30
CA ALA C 4572 -41.06 72.12 48.40
C ALA C 4572 -42.23 73.08 48.21
N ILE C 4573 -42.45 73.53 46.98
CA ILE C 4573 -43.57 74.43 46.71
C ILE C 4573 -44.89 73.74 46.98
N ASN C 4574 -45.04 72.50 46.51
CA ASN C 4574 -46.33 71.85 46.72
C ASN C 4574 -46.55 71.52 48.19
N PHE C 4575 -45.48 71.27 48.94
CA PHE C 4575 -45.62 71.10 50.39
C PHE C 4575 -46.12 72.38 51.06
N ILE C 4576 -45.61 73.52 50.61
CA ILE C 4576 -46.06 74.81 51.15
C ILE C 4576 -47.52 75.08 50.77
N LEU C 4577 -47.92 74.66 49.57
CA LEU C 4577 -49.26 74.91 49.07
C LEU C 4577 -50.35 74.21 49.87
N LEU C 4578 -50.00 73.19 50.67
CA LEU C 4578 -50.97 72.50 51.51
C LEU C 4578 -51.58 73.37 52.62
N PHE C 4579 -50.99 74.51 52.94
CA PHE C 4579 -51.49 75.37 54.01
C PHE C 4579 -52.45 76.46 53.52
N TYR C 4580 -52.82 76.45 52.24
CA TYR C 4580 -53.76 77.42 51.70
C TYR C 4580 -55.15 77.26 52.32
N LYS C 4581 -55.85 78.39 52.48
CA LYS C 4581 -57.16 78.46 53.10
C LYS C 4581 -58.01 79.51 52.40
N VAL C 4582 -59.25 79.14 52.08
CA VAL C 4582 -60.22 80.02 51.41
C VAL C 4582 -61.16 80.60 52.44
N SER C 4583 -61.41 81.91 52.35
CA SER C 4583 -62.30 82.58 53.29
C SER C 4583 -63.02 83.71 52.59
N ASP C 4584 -64.26 83.96 53.00
CA ASP C 4584 -65.04 85.04 52.41
C ASP C 4584 -64.41 86.40 52.66
N SER C 4585 -63.89 86.64 53.87
CA SER C 4585 -63.27 87.90 54.22
C SER C 4585 -61.75 87.77 54.19
N PRO C 4586 -61.03 88.87 53.92
CA PRO C 4586 -59.57 88.82 53.88
C PRO C 4586 -58.96 88.35 55.21
N MET C 4627 -67.42 86.88 46.43
CA MET C 4627 -65.98 87.03 46.39
C MET C 4627 -65.32 86.21 47.50
N VAL C 4628 -64.10 85.74 47.25
CA VAL C 4628 -63.36 84.93 48.20
C VAL C 4628 -61.89 85.36 48.18
N TYR C 4629 -61.17 85.00 49.23
CA TYR C 4629 -59.76 85.31 49.34
C TYR C 4629 -59.01 84.04 49.74
N TYR C 4630 -57.87 83.82 49.10
CA TYR C 4630 -57.02 82.66 49.35
C TYR C 4630 -55.80 83.13 50.12
N PHE C 4631 -55.55 82.55 51.30
CA PHE C 4631 -54.44 83.01 52.11
C PHE C 4631 -53.86 81.84 52.89
N LEU C 4632 -52.58 81.95 53.21
CA LEU C 4632 -51.93 80.98 54.08
C LEU C 4632 -52.42 81.15 55.52
N GLU C 4633 -52.46 80.03 56.25
CA GLU C 4633 -52.84 80.00 57.66
C GLU C 4633 -51.64 79.49 58.45
N GLU C 4634 -50.86 80.41 59.02
CA GLU C 4634 -49.66 80.02 59.75
C GLU C 4634 -49.33 81.07 60.80
N SER C 4635 -48.56 80.64 61.79
CA SER C 4635 -48.13 81.52 62.87
C SER C 4635 -46.69 82.03 62.70
N THR C 4636 -45.84 81.30 61.99
CA THR C 4636 -44.46 81.73 61.83
C THR C 4636 -44.36 82.94 60.90
N GLY C 4637 -45.08 82.91 59.78
CA GLY C 4637 -45.05 84.00 58.82
C GLY C 4637 -43.93 83.94 57.81
N TYR C 4638 -43.10 82.90 57.84
CA TYR C 4638 -41.96 82.80 56.94
C TYR C 4638 -42.26 82.06 55.64
N MET C 4639 -43.39 81.36 55.56
CA MET C 4639 -43.65 80.54 54.38
C MET C 4639 -43.96 81.37 53.14
N GLU C 4640 -44.70 82.48 53.29
CA GLU C 4640 -45.01 83.30 52.11
C GLU C 4640 -43.77 83.88 51.43
N PRO C 4641 -42.81 84.49 52.14
CA PRO C 4641 -41.58 84.89 51.46
C PRO C 4641 -40.81 83.70 50.92
N ALA C 4642 -40.86 82.57 51.61
CA ALA C 4642 -40.12 81.41 51.11
C ALA C 4642 -40.73 80.96 49.80
N LEU C 4643 -42.06 81.01 49.70
CA LEU C 4643 -42.75 80.62 48.48
C LEU C 4643 -42.36 81.54 47.34
N TRP C 4644 -42.26 82.84 47.61
CA TRP C 4644 -41.83 83.77 46.54
C TRP C 4644 -40.41 83.49 46.09
N CYS C 4645 -39.52 83.24 47.05
CA CYS C 4645 -38.13 82.94 46.71
C CYS C 4645 -38.01 81.64 45.94
N LEU C 4646 -38.74 80.61 46.37
CA LEU C 4646 -38.67 79.32 45.70
C LEU C 4646 -39.26 79.42 44.29
N SER C 4647 -40.33 80.19 44.12
CA SER C 4647 -40.91 80.33 42.78
C SER C 4647 -39.93 80.99 41.83
N LEU C 4648 -39.24 82.04 42.29
CA LEU C 4648 -38.25 82.68 41.43
C LEU C 4648 -37.08 81.74 41.15
N LEU C 4649 -36.63 81.00 42.16
CA LEU C 4649 -35.52 80.09 41.94
C LEU C 4649 -35.90 78.99 40.96
N HIS C 4650 -37.11 78.46 41.06
CA HIS C 4650 -37.56 77.43 40.13
C HIS C 4650 -37.62 77.95 38.70
N THR C 4651 -38.10 79.19 38.52
CA THR C 4651 -38.13 79.75 37.17
C THR C 4651 -36.71 79.90 36.62
N LEU C 4652 -35.78 80.37 37.46
CA LEU C 4652 -34.41 80.53 37.02
C LEU C 4652 -33.79 79.19 36.66
N VAL C 4653 -34.04 78.17 37.47
CA VAL C 4653 -33.46 76.85 37.22
C VAL C 4653 -34.00 76.28 35.93
N ALA C 4654 -35.30 76.44 35.68
CA ALA C 4654 -35.87 75.93 34.44
C ALA C 4654 -35.25 76.62 33.23
N PHE C 4655 -35.01 77.93 33.33
CA PHE C 4655 -34.37 78.63 32.22
C PHE C 4655 -32.94 78.13 32.00
N LEU C 4656 -32.21 77.88 33.09
CA LEU C 4656 -30.86 77.37 32.92
C LEU C 4656 -30.88 75.95 32.35
N CYS C 4657 -31.92 75.17 32.67
CA CYS C 4657 -32.02 73.83 32.12
C CYS C 4657 -32.24 73.88 30.62
N ILE C 4658 -33.06 74.83 30.16
CA ILE C 4658 -33.29 74.98 28.73
C ILE C 4658 -32.01 75.37 28.01
N ILE C 4659 -31.25 76.30 28.58
CA ILE C 4659 -29.97 76.67 27.97
C ILE C 4659 -28.99 75.49 27.96
N GLY C 4660 -28.92 74.73 29.05
CA GLY C 4660 -28.04 73.58 29.06
C GLY C 4660 -28.44 72.53 28.04
N TYR C 4661 -29.74 72.36 27.83
CA TYR C 4661 -30.17 71.36 26.85
C TYR C 4661 -29.82 71.81 25.45
N ASN C 4662 -30.14 73.08 25.13
CA ASN C 4662 -29.93 73.56 23.77
C ASN C 4662 -28.45 73.76 23.47
N CYS C 4663 -27.59 73.77 24.47
CA CYS C 4663 -26.16 73.83 24.26
C CYS C 4663 -25.47 72.48 24.43
N LEU C 4664 -26.19 71.44 24.84
CA LEU C 4664 -25.59 70.13 25.04
C LEU C 4664 -26.07 69.07 24.06
N LYS C 4665 -27.38 68.97 23.82
CA LYS C 4665 -27.92 67.83 23.06
C LYS C 4665 -28.23 68.14 21.61
N VAL C 4666 -28.56 69.39 21.28
CA VAL C 4666 -28.94 69.72 19.90
C VAL C 4666 -27.86 69.33 18.90
N PRO C 4667 -26.57 69.58 19.16
CA PRO C 4667 -25.55 69.20 18.18
C PRO C 4667 -25.57 67.74 17.78
N LEU C 4668 -25.88 66.83 18.70
CA LEU C 4668 -26.01 65.43 18.30
C LEU C 4668 -27.17 65.22 17.33
N VAL C 4669 -28.29 65.88 17.57
CA VAL C 4669 -29.44 65.73 16.70
C VAL C 4669 -29.12 66.24 15.30
N ILE C 4670 -28.45 67.39 15.21
CA ILE C 4670 -28.08 67.93 13.92
C ILE C 4670 -27.05 67.03 13.24
N PHE C 4671 -26.11 66.48 14.01
CA PHE C 4671 -25.12 65.60 13.42
C PHE C 4671 -25.76 64.36 12.82
N LYS C 4672 -26.70 63.75 13.56
CA LYS C 4672 -27.35 62.55 13.06
C LYS C 4672 -28.18 62.85 11.82
N ARG C 4673 -28.90 63.97 11.82
CA ARG C 4673 -29.74 64.28 10.68
C ARG C 4673 -28.92 64.60 9.44
N GLU C 4674 -27.83 65.36 9.59
CA GLU C 4674 -26.97 65.62 8.44
C GLU C 4674 -26.31 64.34 7.94
N LYS C 4675 -25.92 63.44 8.86
CA LYS C 4675 -25.28 62.20 8.45
C LYS C 4675 -26.22 61.36 7.60
N GLU C 4676 -27.45 61.17 8.10
CA GLU C 4676 -28.38 60.32 7.38
C GLU C 4676 -28.81 60.98 6.08
N LEU C 4677 -28.94 62.31 6.06
CA LEU C 4677 -29.31 62.96 4.82
C LEU C 4677 -28.20 62.81 3.78
N ALA C 4678 -26.94 62.95 4.19
CA ALA C 4678 -25.85 62.81 3.23
C ALA C 4678 -25.79 61.41 2.67
N ARG C 4679 -25.98 60.40 3.52
CA ARG C 4679 -25.89 59.03 3.02
C ARG C 4679 -27.07 58.70 2.11
N LYS C 4680 -28.27 59.21 2.42
CA LYS C 4680 -29.39 58.95 1.53
C LYS C 4680 -29.22 59.71 0.22
N LEU C 4681 -28.58 60.88 0.27
CA LEU C 4681 -28.28 61.67 -0.92
C LEU C 4681 -27.32 60.92 -1.84
N GLU C 4682 -26.34 60.24 -1.26
CA GLU C 4682 -25.32 59.62 -2.09
C GLU C 4682 -25.75 58.21 -2.52
N PHE C 4683 -26.05 57.35 -1.56
CA PHE C 4683 -26.35 55.96 -1.87
C PHE C 4683 -27.78 55.71 -2.30
N ASP C 4684 -28.66 56.73 -2.35
CA ASP C 4684 -30.03 56.49 -2.80
C ASP C 4684 -30.55 57.47 -3.84
N GLY C 4685 -29.97 58.66 -3.98
CA GLY C 4685 -30.48 59.63 -4.93
C GLY C 4685 -31.90 60.05 -4.61
N LEU C 4686 -32.12 60.42 -3.35
CA LEU C 4686 -33.48 60.76 -2.92
C LEU C 4686 -34.02 61.96 -3.67
N TYR C 4687 -33.22 63.02 -3.82
CA TYR C 4687 -33.63 64.24 -4.48
C TYR C 4687 -33.14 64.30 -5.93
N ILE C 4688 -32.51 63.24 -6.42
CA ILE C 4688 -32.09 63.16 -7.81
C ILE C 4688 -32.98 62.22 -8.60
N THR C 4689 -33.33 61.08 -8.01
CA THR C 4689 -34.13 60.05 -8.66
C THR C 4689 -35.46 59.82 -7.97
N GLU C 4690 -35.45 59.65 -6.64
CA GLU C 4690 -36.65 59.18 -5.96
C GLU C 4690 -37.71 60.27 -5.85
N GLN C 4691 -37.31 61.51 -5.58
CA GLN C 4691 -38.27 62.64 -5.38
C GLN C 4691 -39.32 62.23 -4.33
N PRO C 4692 -39.02 62.30 -3.01
CA PRO C 4692 -39.96 61.84 -1.96
C PRO C 4692 -41.37 62.42 -2.11
N GLY C 4693 -42.41 61.70 -1.66
CA GLY C 4693 -43.78 62.15 -1.83
C GLY C 4693 -44.11 63.36 -0.98
N ASP C 4694 -45.34 63.84 -1.15
CA ASP C 4694 -45.82 64.96 -0.35
C ASP C 4694 -46.20 64.56 1.07
N ASP C 4695 -46.12 63.27 1.41
CA ASP C 4695 -46.43 62.79 2.75
C ASP C 4695 -45.20 62.69 3.64
N ASP C 4696 -44.01 63.04 3.14
CA ASP C 4696 -42.78 62.99 3.92
C ASP C 4696 -42.40 64.42 4.27
N VAL C 4697 -42.89 64.87 5.43
CA VAL C 4697 -42.60 66.23 5.88
C VAL C 4697 -41.11 66.39 6.19
N LYS C 4698 -40.46 65.34 6.69
CA LYS C 4698 -39.03 65.42 6.94
C LYS C 4698 -38.25 65.65 5.66
N GLY C 4699 -38.59 64.92 4.61
CA GLY C 4699 -37.91 65.13 3.34
C GLY C 4699 -38.22 66.47 2.72
N GLN C 4700 -39.47 66.91 2.81
CA GLN C 4700 -39.77 68.19 2.21
C GLN C 4700 -39.10 69.31 2.97
N TRP C 4701 -38.95 69.17 4.30
CA TRP C 4701 -38.28 70.25 4.99
C TRP C 4701 -36.78 70.18 4.73
N ASP C 4702 -36.25 68.99 4.49
CA ASP C 4702 -34.82 68.86 4.26
C ASP C 4702 -34.45 69.31 2.86
N ARG C 4703 -35.45 69.54 2.01
CA ARG C 4703 -35.17 70.05 0.67
C ARG C 4703 -34.60 71.45 0.70
N LEU C 4704 -34.85 72.19 1.79
CA LEU C 4704 -34.39 73.57 1.92
C LEU C 4704 -32.90 73.70 2.14
N VAL C 4705 -32.23 72.65 2.63
CA VAL C 4705 -30.82 72.74 3.00
C VAL C 4705 -29.88 72.20 1.93
N LEU C 4706 -30.42 71.71 0.82
CA LEU C 4706 -29.57 71.09 -0.19
C LEU C 4706 -28.55 72.08 -0.76
N ASN C 4707 -28.98 73.31 -1.04
CA ASN C 4707 -28.14 74.30 -1.68
C ASN C 4707 -27.44 75.23 -0.69
N THR C 4708 -27.57 74.97 0.60
CA THR C 4708 -26.94 75.84 1.59
C THR C 4708 -25.42 75.73 1.50
N PRO C 4709 -24.69 76.85 1.55
CA PRO C 4709 -23.23 76.76 1.50
C PRO C 4709 -22.61 76.02 2.67
N SER C 4710 -23.30 75.93 3.81
CA SER C 4710 -22.75 75.29 4.99
C SER C 4710 -23.61 74.11 5.42
N PHE C 4711 -24.02 73.29 4.47
CA PHE C 4711 -24.85 72.14 4.79
C PHE C 4711 -24.15 71.18 5.75
N PRO C 4712 -22.92 70.75 5.51
CA PRO C 4712 -22.23 69.85 6.44
C PRO C 4712 -21.50 70.62 7.55
N SER C 4713 -22.25 71.25 8.45
CA SER C 4713 -21.67 72.01 9.58
C SER C 4713 -21.30 71.05 10.72
N ASN C 4714 -22.12 70.01 10.97
CA ASN C 4714 -21.88 69.01 12.06
C ASN C 4714 -21.17 67.79 11.50
N TYR C 4715 -21.76 67.11 10.51
CA TYR C 4715 -21.20 65.87 9.90
C TYR C 4715 -19.75 66.09 9.45
N TRP C 4716 -18.82 65.20 9.82
CA TRP C 4716 -17.39 65.31 9.44
C TRP C 4716 -17.14 65.28 7.92
N ASP C 4717 -18.06 64.80 7.09
CA ASP C 4717 -17.84 64.63 5.62
C ASP C 4717 -17.81 65.96 4.85
N LYS C 4718 -16.65 66.35 4.30
CA LYS C 4718 -16.51 67.59 3.49
C LYS C 4718 -16.61 67.29 1.99
N PHE C 4719 -16.75 66.02 1.60
CA PHE C 4719 -16.77 65.64 0.18
C PHE C 4719 -18.14 65.14 -0.26
N VAL C 4720 -19.21 65.48 0.45
CA VAL C 4720 -20.52 64.90 0.07
C VAL C 4720 -20.95 65.44 -1.29
N LYS C 4721 -20.74 66.72 -1.61
CA LYS C 4721 -21.18 67.31 -2.87
C LYS C 4721 -20.32 66.84 -4.03
N ARG C 4722 -19.00 66.77 -3.82
CA ARG C 4722 -18.10 66.29 -4.84
C ARG C 4722 -18.37 64.84 -5.23
N LYS C 4723 -18.62 63.99 -4.24
CA LYS C 4723 -18.88 62.59 -4.53
C LYS C 4723 -20.21 62.42 -5.26
N VAL C 4724 -21.24 63.16 -4.85
CA VAL C 4724 -22.52 63.02 -5.54
C VAL C 4724 -22.38 63.52 -6.97
N LEU C 4725 -21.64 64.62 -7.16
CA LEU C 4725 -21.43 65.16 -8.50
C LEU C 4725 -20.68 64.16 -9.38
N ASP C 4726 -19.66 63.51 -8.82
CA ASP C 4726 -18.88 62.56 -9.59
C ASP C 4726 -19.67 61.29 -9.88
N LYS C 4727 -20.65 60.97 -9.04
CA LYS C 4727 -21.40 59.74 -9.22
C LYS C 4727 -22.60 59.89 -10.15
N HIS C 4728 -23.31 61.02 -10.08
CA HIS C 4728 -24.52 61.21 -10.88
C HIS C 4728 -24.41 62.32 -11.92
N GLY C 4729 -23.27 62.99 -12.05
CA GLY C 4729 -23.17 64.08 -13.01
C GLY C 4729 -23.28 63.62 -14.45
N ASP C 4730 -22.66 62.48 -14.78
CA ASP C 4730 -22.65 62.03 -16.17
C ASP C 4730 -24.02 61.55 -16.64
N ILE C 4731 -24.80 60.93 -15.75
CA ILE C 4731 -26.08 60.37 -16.16
C ILE C 4731 -27.25 61.34 -15.97
N PHE C 4732 -27.11 62.35 -15.11
CA PHE C 4732 -28.19 63.29 -14.83
C PHE C 4732 -27.88 64.73 -15.20
N GLY C 4733 -26.64 65.06 -15.54
CA GLY C 4733 -26.30 66.42 -15.89
C GLY C 4733 -25.49 67.12 -14.82
N ARG C 4734 -24.23 67.41 -15.15
CA ARG C 4734 -23.34 68.04 -14.19
C ARG C 4734 -23.81 69.44 -13.81
N GLU C 4735 -24.26 70.22 -14.80
CA GLU C 4735 -24.73 71.57 -14.51
C GLU C 4735 -26.01 71.56 -13.68
N ARG C 4736 -26.88 70.57 -13.90
CA ARG C 4736 -28.11 70.51 -13.11
C ARG C 4736 -27.82 70.06 -11.69
N ILE C 4737 -26.88 69.13 -11.51
CA ILE C 4737 -26.50 68.73 -10.16
C ILE C 4737 -25.85 69.90 -9.44
N ALA C 4738 -24.97 70.64 -10.12
CA ALA C 4738 -24.33 71.78 -9.50
C ALA C 4738 -25.35 72.86 -9.12
N GLU C 4739 -26.33 73.11 -9.99
CA GLU C 4739 -27.38 74.06 -9.65
C GLU C 4739 -28.20 73.59 -8.45
N LEU C 4740 -28.53 72.30 -8.40
CA LEU C 4740 -29.31 71.77 -7.29
C LEU C 4740 -28.55 71.89 -5.97
N LEU C 4741 -27.25 71.61 -5.99
CA LEU C 4741 -26.43 71.63 -4.77
C LEU C 4741 -25.75 72.98 -4.52
N GLY C 4742 -26.01 73.98 -5.35
CA GLY C 4742 -25.40 75.28 -5.14
C GLY C 4742 -23.89 75.28 -5.21
N MET C 4743 -23.33 74.58 -6.20
CA MET C 4743 -21.89 74.48 -6.39
C MET C 4743 -21.46 75.36 -7.55
N ASP C 4744 -20.30 75.99 -7.41
CA ASP C 4744 -19.72 76.82 -8.46
C ASP C 4744 -18.84 75.96 -9.35
N LEU C 4745 -19.30 75.72 -10.57
CA LEU C 4745 -18.61 74.88 -11.54
C LEU C 4745 -17.31 75.49 -12.06
N ALA C 4746 -16.83 76.61 -11.53
CA ALA C 4746 -15.57 77.17 -12.02
C ALA C 4746 -14.38 76.30 -11.65
N SER C 4747 -14.51 75.44 -10.66
CA SER C 4747 -13.42 74.56 -10.25
C SER C 4747 -13.96 73.25 -9.68
N SER C 4770 -23.12 87.85 6.80
CA SER C 4770 -22.20 86.72 6.75
C SER C 4770 -22.80 85.49 7.39
N ILE C 4771 -23.99 85.63 7.96
CA ILE C 4771 -24.69 84.53 8.62
C ILE C 4771 -25.56 83.82 7.59
N ASP C 4772 -25.45 82.49 7.53
CA ASP C 4772 -26.25 81.70 6.61
C ASP C 4772 -27.66 81.61 7.16
N VAL C 4773 -28.48 82.59 6.76
CA VAL C 4773 -29.83 82.71 7.30
C VAL C 4773 -30.65 81.47 6.96
N LYS C 4774 -30.53 80.99 5.72
CA LYS C 4774 -31.31 79.82 5.31
C LYS C 4774 -30.93 78.59 6.11
N TYR C 4775 -29.64 78.43 6.40
CA TYR C 4775 -29.21 77.30 7.23
C TYR C 4775 -29.76 77.44 8.65
N GLN C 4776 -29.74 78.66 9.20
CA GLN C 4776 -30.26 78.85 10.54
C GLN C 4776 -31.75 78.56 10.59
N ILE C 4777 -32.48 78.95 9.55
CA ILE C 4777 -33.91 78.65 9.46
C ILE C 4777 -34.14 77.15 9.41
N TRP C 4778 -33.34 76.43 8.62
CA TRP C 4778 -33.49 74.98 8.57
C TRP C 4778 -33.19 74.36 9.92
N LYS C 4779 -32.15 74.82 10.59
CA LYS C 4779 -31.80 74.23 11.88
C LYS C 4779 -32.92 74.48 12.88
N PHE C 4780 -33.47 75.69 12.89
CA PHE C 4780 -34.55 75.99 13.82
C PHE C 4780 -35.78 75.18 13.48
N GLY C 4781 -36.01 74.93 12.18
CA GLY C 4781 -37.11 74.07 11.80
C GLY C 4781 -36.93 72.66 12.32
N VAL C 4782 -35.70 72.16 12.32
CA VAL C 4782 -35.37 70.80 12.85
C VAL C 4782 -35.56 70.86 14.37
N ILE C 4783 -35.30 72.02 14.99
CA ILE C 4783 -35.50 72.23 16.46
C ILE C 4783 -36.99 72.50 16.69
N PHE C 4784 -37.51 72.41 17.93
CA PHE C 4784 -38.94 72.63 18.27
C PHE C 4784 -39.77 71.40 17.87
N THR C 4785 -39.16 70.40 17.24
CA THR C 4785 -39.83 69.14 16.84
C THR C 4785 -39.34 68.04 17.80
N ASP C 4786 -38.35 68.34 18.64
CA ASP C 4786 -37.77 67.39 19.57
C ASP C 4786 -38.64 67.31 20.82
N ASN C 4787 -38.97 66.08 21.21
CA ASN C 4787 -39.89 65.89 22.34
C ASN C 4787 -39.32 66.47 23.62
N SER C 4788 -38.03 66.27 23.88
CA SER C 4788 -37.43 66.77 25.11
C SER C 4788 -37.45 68.29 25.15
N PHE C 4789 -37.23 68.94 24.01
CA PHE C 4789 -37.18 70.40 24.02
C PHE C 4789 -38.58 70.94 24.23
N LEU C 4790 -39.57 70.33 23.58
CA LEU C 4790 -40.95 70.79 23.73
C LEU C 4790 -41.39 70.61 25.17
N TYR C 4791 -40.96 69.50 25.79
CA TYR C 4791 -41.26 69.27 27.19
C TYR C 4791 -40.66 70.35 28.07
N LEU C 4792 -39.41 70.74 27.80
CA LEU C 4792 -38.78 71.78 28.61
C LEU C 4792 -39.49 73.11 28.42
N GLY C 4793 -39.92 73.41 27.19
CA GLY C 4793 -40.68 74.62 26.95
C GLY C 4793 -42.00 74.63 27.69
N TRP C 4794 -42.67 73.48 27.72
CA TRP C 4794 -43.91 73.37 28.48
C TRP C 4794 -43.63 73.60 29.96
N TYR C 4795 -42.51 73.04 30.45
CA TYR C 4795 -42.17 73.17 31.86
C TYR C 4795 -41.99 74.64 32.20
N MET C 4796 -41.31 75.38 31.33
CA MET C 4796 -41.10 76.80 31.57
C MET C 4796 -42.42 77.56 31.52
N VAL C 4797 -43.28 77.23 30.56
CA VAL C 4797 -44.53 77.96 30.47
C VAL C 4797 -45.34 77.74 31.74
N MET C 4798 -45.39 76.51 32.21
CA MET C 4798 -46.17 76.24 33.42
C MET C 4798 -45.56 76.96 34.61
N SER C 4799 -44.22 77.04 34.65
CA SER C 4799 -43.56 77.74 35.74
C SER C 4799 -43.91 79.22 35.73
N LEU C 4800 -43.96 79.82 34.54
CA LEU C 4800 -44.35 81.22 34.45
C LEU C 4800 -45.81 81.42 34.84
N LEU C 4801 -46.67 80.51 34.43
CA LEU C 4801 -48.09 80.61 34.80
C LEU C 4801 -48.26 80.45 36.30
N GLY C 4802 -47.33 79.76 36.96
CA GLY C 4802 -47.39 79.59 38.39
C GLY C 4802 -47.36 80.91 39.15
N HIS C 4803 -46.62 81.90 38.63
CA HIS C 4803 -46.62 83.21 39.24
C HIS C 4803 -47.99 83.86 39.16
N TYR C 4804 -48.71 83.64 38.06
CA TYR C 4804 -50.08 84.13 37.96
C TYR C 4804 -50.99 83.43 38.97
N ASN C 4805 -51.01 82.09 38.92
CA ASN C 4805 -51.69 81.29 39.93
C ASN C 4805 -50.74 80.21 40.41
N ASN C 4806 -50.50 80.16 41.72
CA ASN C 4806 -49.51 79.23 42.26
C ASN C 4806 -49.89 77.78 42.06
N PHE C 4807 -51.17 77.48 41.91
CA PHE C 4807 -51.62 76.10 41.82
C PHE C 4807 -51.09 75.40 40.57
N PHE C 4808 -50.65 76.16 39.57
CA PHE C 4808 -50.09 75.56 38.37
C PHE C 4808 -48.79 74.80 38.66
N PHE C 4809 -48.11 75.14 39.75
CA PHE C 4809 -46.90 74.43 40.13
C PHE C 4809 -47.14 72.97 40.45
N ALA C 4810 -48.40 72.53 40.53
CA ALA C 4810 -48.71 71.13 40.75
C ALA C 4810 -48.28 70.27 39.58
N ALA C 4811 -48.39 70.80 38.36
CA ALA C 4811 -48.09 70.01 37.17
C ALA C 4811 -46.67 69.47 37.19
N HIS C 4812 -45.74 70.21 37.79
CA HIS C 4812 -44.34 69.79 37.78
C HIS C 4812 -44.13 68.48 38.50
N LEU C 4813 -45.04 68.09 39.39
CA LEU C 4813 -44.90 66.87 40.17
C LEU C 4813 -45.05 65.64 39.30
N LEU C 4814 -45.49 65.83 38.05
CA LEU C 4814 -45.60 64.74 37.04
C LEU C 4814 -44.24 64.54 36.40
N ASP C 4815 -43.16 65.09 36.98
CA ASP C 4815 -41.77 64.93 36.48
C ASP C 4815 -41.21 63.60 36.98
N ILE C 4816 -41.84 62.89 37.93
CA ILE C 4816 -41.24 61.65 38.50
C ILE C 4816 -41.67 60.47 37.62
N ALA C 4817 -42.75 60.58 36.85
CA ALA C 4817 -43.22 59.51 35.95
C ALA C 4817 -42.05 59.09 35.07
N MET C 4818 -41.25 60.05 34.62
CA MET C 4818 -40.07 59.76 33.77
C MET C 4818 -38.82 60.14 34.57
N GLY C 4819 -38.96 60.96 35.61
CA GLY C 4819 -37.83 61.39 36.45
C GLY C 4819 -36.97 60.22 36.88
N VAL C 4820 -37.53 59.28 37.63
CA VAL C 4820 -36.78 58.11 38.18
C VAL C 4820 -37.03 56.89 37.30
N LYS C 4821 -36.21 55.83 37.45
CA LYS C 4821 -36.35 54.61 36.60
C LYS C 4821 -37.54 53.70 36.87
N THR C 4822 -37.71 53.18 38.09
CA THR C 4822 -38.74 52.15 38.37
C THR C 4822 -40.21 52.55 38.07
N LEU C 4823 -40.55 53.83 38.05
CA LEU C 4823 -41.88 54.30 37.70
C LEU C 4823 -42.07 54.19 36.18
N ARG C 4824 -41.02 54.45 35.40
CA ARG C 4824 -41.16 54.35 33.96
C ARG C 4824 -41.47 52.91 33.54
N THR C 4825 -40.84 51.93 34.19
CA THR C 4825 -41.15 50.53 33.91
C THR C 4825 -42.58 50.18 34.31
N ILE C 4826 -43.04 50.68 35.45
CA ILE C 4826 -44.42 50.40 35.85
C ILE C 4826 -45.40 51.02 34.86
N LEU C 4827 -45.16 52.27 34.47
CA LEU C 4827 -46.08 52.86 33.52
C LEU C 4827 -45.98 52.19 32.16
N SER C 4828 -44.81 51.64 31.80
CA SER C 4828 -44.79 50.89 30.56
C SER C 4828 -45.62 49.62 30.69
N SER C 4829 -45.68 49.06 31.90
CA SER C 4829 -46.51 47.90 32.19
C SER C 4829 -47.99 48.24 32.19
N VAL C 4830 -48.34 49.52 32.24
CA VAL C 4830 -49.73 49.93 32.14
C VAL C 4830 -50.09 50.34 30.71
N THR C 4831 -49.18 51.04 30.03
CA THR C 4831 -49.39 51.51 28.67
C THR C 4831 -49.15 50.44 27.61
N HIS C 4832 -48.65 49.26 27.98
CA HIS C 4832 -48.41 48.24 26.97
C HIS C 4832 -49.69 47.89 26.20
N ASN C 4833 -50.82 47.74 26.90
CA ASN C 4833 -52.09 47.38 26.29
C ASN C 4833 -53.13 48.49 26.43
N GLY C 4834 -52.69 49.75 26.29
CA GLY C 4834 -53.60 50.86 26.43
C GLY C 4834 -54.68 50.89 25.36
N LYS C 4835 -54.30 50.58 24.12
CA LYS C 4835 -55.27 50.55 23.04
C LYS C 4835 -56.34 49.50 23.29
N GLN C 4836 -55.93 48.33 23.78
CA GLN C 4836 -56.92 47.30 24.10
C GLN C 4836 -57.82 47.75 25.25
N LEU C 4837 -57.25 48.46 26.23
CA LEU C 4837 -58.08 48.94 27.33
C LEU C 4837 -59.12 49.95 26.87
N VAL C 4838 -58.73 50.83 25.93
CA VAL C 4838 -59.69 51.80 25.39
C VAL C 4838 -60.78 51.09 24.61
N MET C 4839 -60.38 50.09 23.82
CA MET C 4839 -61.35 49.39 22.98
C MET C 4839 -62.33 48.61 23.86
N THR C 4840 -61.83 47.99 24.93
CA THR C 4840 -62.71 47.22 25.80
C THR C 4840 -63.65 48.14 26.58
N VAL C 4841 -63.22 49.39 26.83
CA VAL C 4841 -64.11 50.37 27.42
C VAL C 4841 -65.21 50.76 26.43
N GLY C 4842 -64.86 50.92 25.16
CA GLY C 4842 -65.88 51.17 24.16
C GLY C 4842 -66.88 50.03 24.02
N LEU C 4843 -66.40 48.79 24.12
CA LEU C 4843 -67.31 47.66 24.12
C LEU C 4843 -68.22 47.70 25.35
N LEU C 4844 -67.69 48.14 26.49
CA LEU C 4844 -68.52 48.28 27.68
C LEU C 4844 -69.61 49.31 27.45
N ALA C 4845 -69.26 50.40 26.77
CA ALA C 4845 -70.25 51.44 26.47
C ALA C 4845 -71.33 50.91 25.54
N VAL C 4846 -70.97 50.06 24.59
CA VAL C 4846 -71.97 49.53 23.67
C VAL C 4846 -72.93 48.61 24.41
N VAL C 4847 -72.39 47.73 25.26
CA VAL C 4847 -73.24 46.80 25.97
C VAL C 4847 -74.18 47.57 26.90
N VAL C 4848 -73.67 48.62 27.53
CA VAL C 4848 -74.50 49.42 28.40
C VAL C 4848 -75.59 50.12 27.60
N TYR C 4849 -75.28 50.54 26.38
CA TYR C 4849 -76.30 51.16 25.55
C TYR C 4849 -77.42 50.18 25.24
N LEU C 4850 -77.07 48.92 24.95
CA LEU C 4850 -78.10 47.93 24.67
C LEU C 4850 -78.99 47.68 25.88
N TYR C 4851 -78.37 47.64 27.07
CA TYR C 4851 -79.15 47.49 28.28
C TYR C 4851 -80.06 48.69 28.50
N THR C 4852 -79.55 49.89 28.18
CA THR C 4852 -80.36 51.10 28.32
C THR C 4852 -81.56 51.04 27.41
N VAL C 4853 -81.37 50.56 26.19
CA VAL C 4853 -82.48 50.49 25.24
C VAL C 4853 -83.55 49.56 25.77
N VAL C 4854 -83.13 48.41 26.31
CA VAL C 4854 -84.11 47.46 26.85
C VAL C 4854 -84.86 48.08 28.02
N ALA C 4855 -84.15 48.78 28.90
CA ALA C 4855 -84.79 49.38 30.06
C ALA C 4855 -85.79 50.44 29.63
N PHE C 4856 -85.40 51.27 28.68
CA PHE C 4856 -86.26 52.35 28.22
C PHE C 4856 -87.54 51.79 27.61
N ASN C 4857 -87.41 50.72 26.83
CA ASN C 4857 -88.57 50.15 26.17
C ASN C 4857 -89.51 49.48 27.17
N PHE C 4858 -88.97 48.72 28.14
CA PHE C 4858 -89.84 47.91 28.99
C PHE C 4858 -89.85 48.22 30.48
N PHE C 4859 -88.78 48.80 31.05
CA PHE C 4859 -88.65 48.90 32.50
C PHE C 4859 -88.64 50.34 33.00
N ARG C 4860 -89.45 51.21 32.39
CA ARG C 4860 -89.41 52.62 32.76
C ARG C 4860 -89.98 52.89 34.14
N LYS C 4861 -91.00 52.14 34.55
CA LYS C 4861 -91.69 52.42 35.81
C LYS C 4861 -90.79 52.31 37.03
N PHE C 4862 -89.72 51.52 36.96
CA PHE C 4862 -88.89 51.24 38.12
C PHE C 4862 -87.80 52.28 38.37
N TYR C 4863 -87.77 53.37 37.62
CA TYR C 4863 -86.70 54.36 37.73
C TYR C 4863 -87.16 55.65 38.41
N ASN C 4864 -88.07 55.55 39.38
CA ASN C 4864 -88.53 56.70 40.15
C ASN C 4864 -87.65 56.85 41.38
N LYS C 4865 -86.81 57.89 41.39
CA LYS C 4865 -85.85 58.14 42.45
C LYS C 4865 -86.26 59.33 43.32
N SER C 4866 -87.55 59.45 43.62
CA SER C 4866 -88.08 60.52 44.44
C SER C 4866 -88.76 59.92 45.66
N GLU C 4867 -88.30 60.32 46.86
CA GLU C 4867 -88.91 59.84 48.09
C GLU C 4867 -90.30 60.40 48.31
N ASP C 4868 -90.64 61.51 47.67
CA ASP C 4868 -91.95 62.13 47.81
C ASP C 4868 -92.87 61.73 46.68
N GLU C 4869 -94.17 61.89 46.91
CA GLU C 4869 -95.19 61.47 45.97
C GLU C 4869 -95.66 62.59 45.05
N ASP C 4870 -95.37 63.84 45.41
CA ASP C 4870 -95.83 64.99 44.63
C ASP C 4870 -94.81 65.47 43.61
N GLU C 4871 -93.52 65.13 43.79
CA GLU C 4871 -92.48 65.48 42.82
C GLU C 4871 -91.78 64.21 42.36
N PRO C 4872 -92.18 63.62 41.24
CA PRO C 4872 -91.50 62.41 40.77
C PRO C 4872 -90.26 62.75 39.95
N ASP C 4873 -89.19 62.01 40.20
CA ASP C 4873 -87.93 62.16 39.47
C ASP C 4873 -87.71 60.90 38.64
N MET C 4874 -88.34 60.86 37.47
CA MET C 4874 -88.23 59.71 36.58
C MET C 4874 -86.92 59.80 35.80
N LYS C 4875 -86.08 58.79 35.93
CA LYS C 4875 -84.77 58.75 35.29
C LYS C 4875 -84.79 58.06 33.94
N CYS C 4876 -85.93 57.51 33.52
CA CYS C 4876 -86.02 56.71 32.30
C CYS C 4876 -87.05 57.24 31.33
N ASP C 4877 -87.35 58.54 31.41
CA ASP C 4877 -88.22 59.18 30.43
C ASP C 4877 -87.45 59.69 29.21
N ASP C 4878 -86.12 59.68 29.25
CA ASP C 4878 -85.30 60.10 28.12
C ASP C 4878 -84.16 59.12 27.93
N MET C 4879 -83.82 58.86 26.67
CA MET C 4879 -82.74 57.93 26.36
C MET C 4879 -81.40 58.42 26.88
N MET C 4880 -81.11 59.71 26.70
CA MET C 4880 -79.84 60.25 27.15
C MET C 4880 -79.72 60.20 28.67
N THR C 4881 -80.81 60.53 29.37
CA THR C 4881 -80.78 60.46 30.82
C THR C 4881 -80.62 59.02 31.30
N CYS C 4882 -81.34 58.08 30.70
CA CYS C 4882 -81.23 56.70 31.16
C CYS C 4882 -79.85 56.12 30.86
N TYR C 4883 -79.28 56.45 29.69
CA TYR C 4883 -77.94 55.99 29.36
C TYR C 4883 -76.90 56.58 30.30
N LEU C 4884 -77.03 57.86 30.63
CA LEU C 4884 -76.12 58.47 31.59
C LEU C 4884 -76.27 57.82 32.97
N PHE C 4885 -77.51 57.51 33.36
CA PHE C 4885 -77.73 56.88 34.65
C PHE C 4885 -77.05 55.53 34.72
N HIS C 4886 -77.19 54.73 33.67
CA HIS C 4886 -76.55 53.42 33.66
C HIS C 4886 -75.04 53.53 33.65
N MET C 4887 -74.50 54.46 32.86
CA MET C 4887 -73.05 54.59 32.77
C MET C 4887 -72.45 55.16 34.03
N TYR C 4888 -73.23 55.91 34.80
CA TYR C 4888 -72.72 56.60 35.97
C TYR C 4888 -72.84 55.72 37.21
N VAL C 4889 -74.04 55.24 37.51
CA VAL C 4889 -74.24 54.49 38.75
C VAL C 4889 -74.22 52.98 38.58
N GLY C 4890 -74.58 52.46 37.40
CA GLY C 4890 -74.63 51.02 37.24
C GLY C 4890 -73.26 50.38 37.27
N VAL C 4891 -72.30 50.98 36.56
CA VAL C 4891 -70.97 50.39 36.52
C VAL C 4891 -70.28 50.53 37.87
N ARG C 4892 -70.42 51.69 38.50
CA ARG C 4892 -69.75 51.92 39.78
C ARG C 4892 -70.42 51.19 40.93
N ALA C 4893 -71.66 50.76 40.76
CA ALA C 4893 -72.34 50.02 41.82
C ALA C 4893 -71.77 48.61 41.93
N GLY C 4894 -71.72 48.10 43.17
CA GLY C 4894 -71.19 46.77 43.38
C GLY C 4894 -72.08 45.68 42.79
N GLY C 4895 -73.39 45.80 42.98
CA GLY C 4895 -74.32 44.81 42.50
C GLY C 4895 -75.01 45.21 41.20
N GLY C 4896 -74.46 46.22 40.54
CA GLY C 4896 -75.00 46.67 39.28
C GLY C 4896 -76.18 47.63 39.44
N ILE C 4897 -76.95 47.73 38.36
CA ILE C 4897 -78.11 48.61 38.33
C ILE C 4897 -79.18 48.15 39.32
N GLY C 4898 -79.24 46.84 39.59
CA GLY C 4898 -80.31 46.31 40.41
C GLY C 4898 -80.34 46.92 41.80
N ASP C 4899 -79.16 47.21 42.35
CA ASP C 4899 -79.12 47.77 43.70
C ASP C 4899 -79.86 49.11 43.75
N GLU C 4900 -79.60 49.97 42.76
CA GLU C 4900 -80.24 51.28 42.74
C GLU C 4900 -81.71 51.17 42.37
N ILE C 4901 -82.07 50.26 41.48
CA ILE C 4901 -83.45 50.21 40.98
C ILE C 4901 -84.38 49.68 42.06
N GLU C 4902 -85.67 49.98 41.88
CA GLU C 4902 -86.72 49.60 42.81
C GLU C 4902 -86.89 48.08 42.84
N ASP C 4903 -87.44 47.61 43.96
CA ASP C 4903 -87.65 46.18 44.14
C ASP C 4903 -88.66 45.67 43.11
N PRO C 4904 -88.37 44.58 42.40
CA PRO C 4904 -89.33 44.08 41.41
C PRO C 4904 -90.30 43.06 41.98
N ALA C 4905 -90.39 42.99 43.30
CA ALA C 4905 -91.18 41.96 43.93
C ALA C 4905 -92.68 42.27 43.81
N GLY C 4906 -93.48 41.21 43.86
CA GLY C 4906 -94.92 41.35 43.69
C GLY C 4906 -95.31 42.05 42.41
N ASP C 4907 -94.64 41.71 41.31
CA ASP C 4907 -94.95 42.30 40.00
C ASP C 4907 -94.95 41.19 38.96
N GLU C 4908 -95.66 41.45 37.86
CA GLU C 4908 -95.75 40.47 36.79
C GLU C 4908 -94.41 40.25 36.11
N TYR C 4909 -93.57 41.28 36.05
CA TYR C 4909 -92.28 41.21 35.35
C TYR C 4909 -91.12 40.90 36.29
N GLU C 4910 -91.42 40.27 37.44
CA GLU C 4910 -90.38 40.00 38.43
C GLU C 4910 -89.26 39.15 37.82
N LEU C 4911 -89.64 38.08 37.11
CA LEU C 4911 -88.63 37.18 36.58
C LEU C 4911 -87.80 37.89 35.53
N TYR C 4912 -88.44 38.71 34.70
CA TYR C 4912 -87.71 39.41 33.65
C TYR C 4912 -86.70 40.35 34.27
N ARG C 4913 -87.09 41.03 35.36
CA ARG C 4913 -86.18 41.99 35.97
C ARG C 4913 -85.04 41.29 36.70
N VAL C 4914 -85.30 40.15 37.34
CA VAL C 4914 -84.20 39.41 37.96
C VAL C 4914 -83.21 38.95 36.90
N VAL C 4915 -83.71 38.50 35.75
CA VAL C 4915 -82.81 38.10 34.67
C VAL C 4915 -82.00 39.29 34.18
N PHE C 4916 -82.65 40.45 34.05
CA PHE C 4916 -81.96 41.65 33.59
C PHE C 4916 -80.84 42.02 34.54
N ASP C 4917 -81.12 42.00 35.84
CA ASP C 4917 -80.13 42.40 36.84
C ASP C 4917 -78.99 41.40 36.92
N ILE C 4918 -79.29 40.11 36.79
CA ILE C 4918 -78.26 39.11 36.98
C ILE C 4918 -77.36 39.05 35.75
N THR C 4919 -77.95 39.16 34.56
CA THR C 4919 -77.14 39.15 33.37
C THR C 4919 -76.27 40.39 33.32
N PHE C 4920 -76.76 41.51 33.86
CA PHE C 4920 -75.96 42.73 33.80
C PHE C 4920 -74.85 42.69 34.82
N PHE C 4921 -75.10 42.04 35.97
CA PHE C 4921 -74.06 41.88 36.97
C PHE C 4921 -72.96 40.96 36.45
N PHE C 4922 -73.33 39.87 35.81
CA PHE C 4922 -72.33 38.93 35.30
C PHE C 4922 -71.54 39.54 34.15
N PHE C 4923 -72.21 39.99 33.10
CA PHE C 4923 -71.48 40.47 31.93
C PHE C 4923 -70.69 41.74 32.21
N VAL C 4924 -71.24 42.68 32.99
CA VAL C 4924 -70.58 43.97 33.11
C VAL C 4924 -69.59 44.00 34.28
N ILE C 4925 -70.05 43.67 35.48
CA ILE C 4925 -69.24 43.88 36.67
C ILE C 4925 -68.06 42.92 36.71
N VAL C 4926 -68.28 41.66 36.38
CA VAL C 4926 -67.30 40.61 36.62
C VAL C 4926 -66.33 40.45 35.46
N ILE C 4927 -66.88 40.19 34.27
CA ILE C 4927 -66.07 39.73 33.15
C ILE C 4927 -65.22 40.86 32.58
N LEU C 4928 -65.85 41.98 32.25
CA LEU C 4928 -65.15 43.07 31.58
C LEU C 4928 -64.09 43.71 32.45
N LEU C 4929 -64.30 43.77 33.76
CA LEU C 4929 -63.28 44.29 34.66
C LEU C 4929 -62.14 43.30 34.86
N ALA C 4930 -62.42 42.00 34.69
CA ALA C 4930 -61.39 40.97 34.73
C ALA C 4930 -60.43 41.04 33.56
N ILE C 4931 -60.92 41.44 32.39
CA ILE C 4931 -60.07 41.57 31.20
C ILE C 4931 -58.97 42.61 31.41
N ILE C 4932 -59.31 43.75 32.02
CA ILE C 4932 -58.32 44.79 32.28
C ILE C 4932 -57.20 44.29 33.19
N GLN C 4933 -57.55 43.58 34.25
CA GLN C 4933 -56.52 43.04 35.13
C GLN C 4933 -55.72 41.94 34.45
N GLY C 4934 -56.37 41.14 33.61
CA GLY C 4934 -55.64 40.10 32.91
C GLY C 4934 -54.63 40.71 31.95
N LEU C 4935 -55.02 41.81 31.30
CA LEU C 4935 -54.12 42.51 30.39
C LEU C 4935 -52.90 43.06 31.13
N ILE C 4936 -53.12 43.63 32.31
CA ILE C 4936 -51.99 44.17 33.07
C ILE C 4936 -51.05 43.05 33.51
N ILE C 4937 -51.61 41.94 33.99
CA ILE C 4937 -50.76 40.84 34.44
C ILE C 4937 -49.98 40.26 33.26
N ASP C 4938 -50.65 40.08 32.12
CA ASP C 4938 -49.95 39.56 30.97
C ASP C 4938 -48.85 40.51 30.51
N ALA C 4939 -49.05 41.83 30.66
CA ALA C 4939 -47.99 42.75 30.27
C ALA C 4939 -46.78 42.59 31.18
N PHE C 4940 -47.03 42.35 32.47
CA PHE C 4940 -45.92 42.11 33.40
C PHE C 4940 -45.14 40.87 33.00
N GLY C 4941 -45.85 39.81 32.65
CA GLY C 4941 -45.18 38.59 32.22
C GLY C 4941 -44.42 38.76 30.92
N GLU C 4942 -45.02 39.47 29.97
CA GLU C 4942 -44.37 39.66 28.68
C GLU C 4942 -43.07 40.45 28.82
N LEU C 4943 -43.08 41.51 29.63
CA LEU C 4943 -41.85 42.27 29.80
C LEU C 4943 -40.80 41.44 30.54
N ARG C 4944 -41.24 40.63 31.51
CA ARG C 4944 -40.25 39.84 32.25
C ARG C 4944 -39.60 38.83 31.32
N ASP C 4945 -40.40 38.17 30.48
CA ASP C 4945 -39.81 37.17 29.61
C ASP C 4945 -38.97 37.81 28.52
N GLN C 4946 -39.28 39.04 28.11
CA GLN C 4946 -38.43 39.72 27.14
C GLN C 4946 -37.05 39.97 27.72
N GLN C 4947 -37.00 40.42 28.98
CA GLN C 4947 -35.70 40.60 29.64
C GLN C 4947 -34.95 39.29 29.80
N GLU C 4948 -35.66 38.22 30.18
CA GLU C 4948 -35.00 36.93 30.32
C GLU C 4948 -34.47 36.43 28.99
N GLN C 4949 -35.25 36.61 27.91
CA GLN C 4949 -34.83 36.15 26.60
C GLN C 4949 -33.58 36.90 26.13
N VAL C 4950 -33.56 38.20 26.34
CA VAL C 4950 -32.39 38.99 25.94
C VAL C 4950 -31.16 38.57 26.72
N LYS C 4951 -31.30 38.38 28.03
CA LYS C 4951 -30.13 37.97 28.81
C LYS C 4951 -29.64 36.59 28.39
N GLU C 4952 -30.56 35.66 28.13
CA GLU C 4952 -30.13 34.33 27.72
C GLU C 4952 -29.41 34.37 26.38
N ASP C 4953 -29.92 35.16 25.43
CA ASP C 4953 -29.25 35.21 24.13
C ASP C 4953 -27.86 35.81 24.26
N MET C 4954 -27.73 36.86 25.07
CA MET C 4954 -26.43 37.50 25.23
C MET C 4954 -25.43 36.58 25.92
N GLU C 4955 -25.90 35.74 26.84
CA GLU C 4955 -25.03 34.86 27.58
C GLU C 4955 -24.86 33.49 26.91
N THR C 4956 -25.51 33.28 25.76
CA THR C 4956 -25.39 32.02 25.06
C THR C 4956 -24.82 32.14 23.65
N LYS C 4957 -24.72 33.34 23.08
CA LYS C 4957 -24.08 33.47 21.78
C LYS C 4957 -23.16 34.69 21.76
N CYS C 4958 -22.13 34.60 20.92
CA CYS C 4958 -21.23 35.73 20.71
C CYS C 4958 -21.85 36.73 19.75
N PHE C 4959 -21.67 38.01 20.05
CA PHE C 4959 -22.36 39.05 19.29
C PHE C 4959 -21.81 39.19 17.88
N ILE C 4960 -20.54 38.88 17.65
CA ILE C 4960 -19.91 39.16 16.36
C ILE C 4960 -19.95 37.92 15.48
N CYS C 4961 -19.27 36.85 15.90
CA CYS C 4961 -19.14 35.68 15.04
C CYS C 4961 -20.34 34.73 15.15
N GLY C 4962 -21.08 34.78 16.24
CA GLY C 4962 -22.25 33.95 16.39
C GLY C 4962 -21.98 32.52 16.81
N ILE C 4963 -20.72 32.16 17.04
CA ILE C 4963 -20.39 30.80 17.44
C ILE C 4963 -20.83 30.57 18.88
N GLY C 4964 -21.39 29.40 19.14
CA GLY C 4964 -21.92 29.10 20.45
C GLY C 4964 -20.83 28.94 21.50
N SER C 4965 -21.25 29.08 22.76
CA SER C 4965 -20.34 28.94 23.88
C SER C 4965 -19.88 27.51 24.07
N ASP C 4966 -20.64 26.53 23.58
CA ASP C 4966 -20.26 25.13 23.77
C ASP C 4966 -18.93 24.81 23.11
N TYR C 4967 -18.70 25.34 21.91
CA TYR C 4967 -17.43 25.10 21.22
C TYR C 4967 -16.27 25.71 21.99
N PHE C 4968 -16.43 26.95 22.46
CA PHE C 4968 -15.34 27.62 23.15
C PHE C 4968 -15.08 27.03 24.52
N ASP C 4969 -16.10 26.44 25.15
CA ASP C 4969 -15.93 25.90 26.49
C ASP C 4969 -15.13 24.61 26.53
N THR C 4970 -14.60 24.13 25.40
CA THR C 4970 -13.68 23.00 25.45
C THR C 4970 -12.45 23.35 26.27
N THR C 4971 -11.89 24.52 26.04
CA THR C 4971 -10.84 25.09 26.87
C THR C 4971 -11.45 25.85 28.04
N PRO C 4972 -10.98 25.66 29.26
CA PRO C 4972 -11.58 26.38 30.40
C PRO C 4972 -11.56 27.88 30.20
N HIS C 4973 -12.70 28.52 30.49
CA HIS C 4973 -12.87 29.95 30.31
C HIS C 4973 -12.66 30.38 28.87
N GLY C 4974 -12.93 29.47 27.93
CA GLY C 4974 -12.70 29.79 26.53
C GLY C 4974 -13.62 30.89 26.04
N PHE C 4975 -14.90 30.81 26.38
CA PHE C 4975 -15.85 31.81 25.91
C PHE C 4975 -15.57 33.16 26.57
N GLU C 4976 -15.16 33.14 27.84
CA GLU C 4976 -14.82 34.37 28.53
C GLU C 4976 -13.62 35.05 27.88
N THR C 4977 -12.60 34.26 27.52
CA THR C 4977 -11.45 34.85 26.86
C THR C 4977 -11.81 35.33 25.46
N HIS C 4978 -12.69 34.60 24.78
CA HIS C 4978 -13.07 35.01 23.43
C HIS C 4978 -13.81 36.34 23.47
N THR C 4979 -14.69 36.51 24.46
CA THR C 4979 -15.50 37.71 24.60
C THR C 4979 -14.76 38.85 25.28
N LEU C 4980 -13.59 38.62 25.88
CA LEU C 4980 -12.86 39.69 26.52
C LEU C 4980 -11.58 40.11 25.80
N GLU C 4981 -11.00 39.26 24.97
CA GLU C 4981 -9.76 39.59 24.26
C GLU C 4981 -9.90 39.56 22.76
N GLU C 4982 -10.55 38.53 22.21
CA GLU C 4982 -10.56 38.33 20.76
C GLU C 4982 -11.56 39.25 20.07
N HIS C 4983 -12.81 39.26 20.51
CA HIS C 4983 -13.90 39.95 19.83
C HIS C 4983 -14.46 41.09 20.68
N ASN C 4984 -13.58 41.90 21.27
CA ASN C 4984 -14.03 43.02 22.07
C ASN C 4984 -14.57 44.15 21.19
N LEU C 4985 -15.86 44.47 21.38
CA LEU C 4985 -16.45 45.52 20.57
C LEU C 4985 -15.85 46.86 20.91
N ALA C 4986 -15.37 47.03 22.15
CA ALA C 4986 -14.70 48.26 22.49
C ALA C 4986 -13.41 48.37 21.71
N ASN C 4987 -12.72 47.25 21.50
CA ASN C 4987 -11.49 47.29 20.72
C ASN C 4987 -11.78 47.63 19.27
N TYR C 4988 -12.90 47.13 18.71
CA TYR C 4988 -13.26 47.54 17.36
C TYR C 4988 -13.60 49.03 17.27
N MET C 4989 -14.26 49.56 18.30
CA MET C 4989 -14.49 51.00 18.38
C MET C 4989 -13.17 51.78 18.43
N PHE C 4990 -12.23 51.31 19.25
CA PHE C 4990 -10.96 52.02 19.35
C PHE C 4990 -10.18 51.94 18.05
N PHE C 4991 -10.25 50.80 17.35
CA PHE C 4991 -9.53 50.70 16.09
C PHE C 4991 -10.11 51.65 15.06
N LEU C 4992 -11.44 51.79 15.05
CA LEU C 4992 -12.08 52.75 14.15
C LEU C 4992 -11.66 54.18 14.47
N MET C 4993 -11.61 54.50 15.77
CA MET C 4993 -11.20 55.85 16.24
C MET C 4993 -9.72 56.07 15.91
N TYR C 4994 -8.89 55.01 15.89
CA TYR C 4994 -7.49 55.10 15.55
C TYR C 4994 -7.33 55.37 14.06
N LEU C 4995 -8.13 54.71 13.23
CA LEU C 4995 -8.04 54.94 11.80
C LEU C 4995 -8.47 56.36 11.46
N ILE C 4996 -9.50 56.85 12.15
CA ILE C 4996 -10.00 58.19 11.89
C ILE C 4996 -8.92 59.22 12.23
N ASN C 4997 -8.27 59.05 13.38
CA ASN C 4997 -7.25 60.01 13.78
C ASN C 4997 -6.00 59.92 12.92
N LYS C 4998 -5.60 58.71 12.54
CA LYS C 4998 -4.35 58.55 11.81
C LYS C 4998 -4.46 59.11 10.39
N ASP C 4999 -3.38 59.74 9.95
CA ASP C 4999 -3.33 60.28 8.60
C ASP C 4999 -3.24 59.16 7.56
N GLU C 5000 -3.82 59.41 6.39
CA GLU C 5000 -3.92 58.39 5.35
C GLU C 5000 -2.56 57.98 4.81
N THR C 5001 -1.62 58.92 4.68
CA THR C 5001 -0.30 58.57 4.19
C THR C 5001 0.46 57.62 5.09
N GLU C 5002 0.13 57.55 6.38
CA GLU C 5002 0.78 56.64 7.30
C GLU C 5002 0.05 55.31 7.44
N HIS C 5003 -1.08 55.14 6.77
CA HIS C 5003 -1.82 53.90 6.87
C HIS C 5003 -1.03 52.74 6.27
N THR C 5004 -1.08 51.60 6.95
CA THR C 5004 -0.49 50.37 6.44
C THR C 5004 -1.41 49.74 5.40
N GLY C 5005 -1.03 48.57 4.89
CA GLY C 5005 -1.88 47.90 3.92
C GLY C 5005 -3.20 47.45 4.51
N GLN C 5006 -3.16 46.88 5.72
CA GLN C 5006 -4.40 46.46 6.37
C GLN C 5006 -5.25 47.65 6.75
N GLU C 5007 -4.62 48.71 7.27
CA GLU C 5007 -5.38 49.89 7.65
C GLU C 5007 -6.02 50.53 6.43
N SER C 5008 -5.29 50.60 5.31
CA SER C 5008 -5.87 51.17 4.10
C SER C 5008 -7.02 50.30 3.59
N TYR C 5009 -6.88 48.98 3.72
CA TYR C 5009 -7.94 48.08 3.27
C TYR C 5009 -9.21 48.31 4.07
N VAL C 5010 -9.07 48.45 5.40
CA VAL C 5010 -10.23 48.67 6.24
C VAL C 5010 -10.81 50.06 5.99
N TRP C 5011 -9.95 51.07 5.83
CA TRP C 5011 -10.45 52.42 5.61
C TRP C 5011 -11.22 52.48 4.30
N LYS C 5012 -10.73 51.79 3.28
CA LYS C 5012 -11.42 51.75 1.99
C LYS C 5012 -12.77 51.07 2.13
N MET C 5013 -12.84 49.99 2.90
CA MET C 5013 -14.12 49.31 3.03
C MET C 5013 -15.07 50.12 3.91
N TYR C 5014 -14.53 50.92 4.83
CA TYR C 5014 -15.36 51.86 5.59
C TYR C 5014 -15.97 52.91 4.67
N GLN C 5015 -15.17 53.43 3.74
CA GLN C 5015 -15.68 54.44 2.82
C GLN C 5015 -16.65 53.85 1.81
N GLU C 5016 -16.50 52.57 1.49
CA GLU C 5016 -17.41 51.90 0.58
C GLU C 5016 -18.60 51.28 1.30
N ARG C 5017 -18.65 51.39 2.63
CA ARG C 5017 -19.80 50.94 3.41
C ARG C 5017 -20.08 49.46 3.19
N CYS C 5018 -19.02 48.68 3.05
CA CYS C 5018 -19.11 47.22 2.93
C CYS C 5018 -18.48 46.61 4.17
N TRP C 5019 -19.26 45.81 4.91
CA TRP C 5019 -18.83 45.24 6.18
C TRP C 5019 -18.44 43.77 6.05
N ASP C 5020 -17.88 43.37 4.91
CA ASP C 5020 -17.47 41.99 4.72
C ASP C 5020 -16.20 41.64 5.46
N PHE C 5021 -15.43 42.64 5.92
CA PHE C 5021 -14.20 42.36 6.64
C PHE C 5021 -14.46 41.89 8.07
N PHE C 5022 -15.63 42.17 8.61
CA PHE C 5022 -15.96 41.68 9.94
C PHE C 5022 -16.07 40.16 9.92
N PRO C 5023 -15.46 39.45 10.86
CA PRO C 5023 -15.52 37.98 10.84
C PRO C 5023 -16.94 37.49 11.11
N ALA C 5024 -17.43 36.63 10.22
CA ALA C 5024 -18.77 36.07 10.32
C ALA C 5024 -18.67 34.55 10.22
N GLY C 5025 -18.93 33.87 11.33
CA GLY C 5025 -18.91 32.42 11.34
C GLY C 5025 -17.55 31.78 11.38
N ASP C 5026 -16.48 32.55 11.57
CA ASP C 5026 -15.14 32.00 11.61
C ASP C 5026 -14.30 32.80 12.62
N CYS C 5027 -13.23 32.16 13.08
CA CYS C 5027 -12.35 32.78 14.05
C CYS C 5027 -10.94 32.24 13.86
N PHE C 5028 -9.98 32.92 14.49
CA PHE C 5028 -8.58 32.52 14.38
C PHE C 5028 -8.36 31.13 14.98
N ARG C 5029 -8.99 30.86 16.11
CA ARG C 5029 -8.82 29.56 16.75
C ARG C 5029 -9.36 28.45 15.85
N LYS C 5030 -10.52 28.69 15.23
CA LYS C 5030 -11.10 27.66 14.37
C LYS C 5030 -10.27 27.49 13.11
N GLN C 5031 -9.71 28.59 12.60
CA GLN C 5031 -8.94 28.52 11.37
C GLN C 5031 -7.64 27.74 11.58
N TYR C 5032 -7.01 27.92 12.74
CA TYR C 5032 -5.74 27.27 13.05
C TYR C 5032 -5.88 26.30 14.23
N GLU C 5033 -6.98 25.55 14.27
CA GLU C 5033 -7.20 24.64 15.38
C GLU C 5033 -6.16 23.53 15.43
N ASP C 5034 -5.81 22.94 14.29
CA ASP C 5034 -4.82 21.88 14.31
C ASP C 5034 -3.45 22.38 14.73
N GLN C 5035 -3.02 23.52 14.19
CA GLN C 5035 -1.68 24.01 14.49
C GLN C 5035 -1.61 24.57 15.90
N LEU C 5036 -2.60 25.36 16.30
CA LEU C 5036 -2.57 25.98 17.62
C LEU C 5036 -2.69 24.93 18.71
N SER C 5037 -3.52 23.92 18.51
CA SER C 5037 -3.71 22.87 19.50
C SER C 5037 -2.74 21.72 19.26
N GLY D 5 68.83 88.23 -69.23
CA GLY D 5 68.71 89.61 -68.80
C GLY D 5 67.29 90.15 -68.88
N VAL D 6 67.17 91.45 -69.04
CA VAL D 6 65.89 92.14 -69.11
C VAL D 6 65.83 92.92 -70.42
N GLU D 7 64.73 92.77 -71.15
CA GLU D 7 64.46 93.53 -72.36
C GLU D 7 63.40 94.57 -72.05
N ILE D 8 63.56 95.77 -72.62
CA ILE D 8 62.62 96.86 -72.42
C ILE D 8 62.02 97.25 -73.77
N GLU D 9 60.70 97.21 -73.85
CA GLU D 9 59.94 97.66 -75.01
C GLU D 9 59.07 98.83 -74.58
N THR D 10 59.36 100.02 -75.08
CA THR D 10 58.60 101.20 -74.66
C THR D 10 57.23 101.20 -75.32
N ILE D 11 56.22 101.58 -74.55
CA ILE D 11 54.85 101.69 -75.04
C ILE D 11 54.36 103.14 -75.01
N SER D 12 54.81 103.92 -74.04
CA SER D 12 54.56 105.35 -74.03
C SER D 12 55.80 106.10 -73.58
N PRO D 13 56.27 107.07 -74.37
CA PRO D 13 57.49 107.78 -74.01
C PRO D 13 57.35 108.55 -72.71
N GLY D 14 58.45 108.59 -71.96
CA GLY D 14 58.53 109.34 -70.73
C GLY D 14 59.16 110.71 -70.92
N ASP D 15 59.66 111.29 -69.83
CA ASP D 15 60.33 112.61 -69.91
C ASP D 15 61.71 112.42 -70.53
N GLY D 16 62.36 111.29 -70.22
CA GLY D 16 63.66 110.99 -70.80
C GLY D 16 64.80 111.83 -70.29
N ARG D 17 64.68 112.44 -69.10
CA ARG D 17 65.76 113.23 -68.53
C ARG D 17 65.96 112.86 -67.07
N THR D 18 64.88 112.54 -66.37
CA THR D 18 64.90 112.24 -64.95
C THR D 18 64.88 110.73 -64.75
N PHE D 19 66.02 110.18 -64.34
CA PHE D 19 66.13 108.74 -64.11
C PHE D 19 66.23 108.45 -62.62
N PRO D 20 65.84 107.25 -62.18
CA PRO D 20 65.95 106.92 -60.76
C PRO D 20 67.39 106.91 -60.29
N LYS D 21 67.64 107.61 -59.19
CA LYS D 21 68.96 107.66 -58.57
C LYS D 21 68.97 106.86 -57.28
N LYS D 22 70.17 106.57 -56.79
CA LYS D 22 70.34 105.77 -55.59
C LYS D 22 69.65 106.42 -54.40
N GLY D 23 68.84 105.62 -53.69
CA GLY D 23 68.15 106.05 -52.51
C GLY D 23 66.74 106.55 -52.72
N GLN D 24 66.35 106.85 -53.96
CA GLN D 24 65.04 107.40 -54.21
C GLN D 24 63.97 106.30 -54.12
N THR D 25 62.79 106.70 -53.66
CA THR D 25 61.62 105.82 -53.61
C THR D 25 60.84 105.97 -54.90
N CYS D 26 60.70 104.88 -55.64
CA CYS D 26 59.89 104.85 -56.85
C CYS D 26 58.50 104.32 -56.54
N VAL D 27 57.49 104.98 -57.09
CA VAL D 27 56.09 104.60 -56.94
C VAL D 27 55.55 104.34 -58.34
N VAL D 28 55.18 103.07 -58.59
CA VAL D 28 54.78 102.61 -59.91
C VAL D 28 53.46 101.85 -59.85
N HIS D 29 52.81 101.75 -61.00
CA HIS D 29 51.73 100.82 -61.28
C HIS D 29 52.21 99.74 -62.24
N TYR D 30 51.88 98.47 -61.93
CA TYR D 30 52.35 97.37 -62.76
C TYR D 30 51.24 96.34 -62.93
N THR D 31 51.35 95.58 -64.03
CA THR D 31 50.56 94.36 -64.23
C THR D 31 51.50 93.24 -64.63
N GLY D 32 51.51 92.18 -63.83
CA GLY D 32 52.36 91.01 -64.07
C GLY D 32 51.60 89.81 -64.60
N MET D 33 52.03 89.33 -65.77
CA MET D 33 51.34 88.25 -66.48
C MET D 33 52.39 87.21 -66.83
N LEU D 34 51.93 85.97 -67.06
CA LEU D 34 52.79 84.92 -67.60
C LEU D 34 52.98 85.05 -69.11
N GLN D 35 53.91 84.24 -69.62
CA GLN D 35 54.21 84.23 -71.05
C GLN D 35 53.08 83.61 -71.85
N ASN D 36 52.29 82.71 -71.24
CA ASN D 36 51.17 82.12 -71.93
C ASN D 36 49.97 83.06 -72.03
N GLY D 37 50.04 84.24 -71.41
CA GLY D 37 48.98 85.22 -71.48
C GLY D 37 48.15 85.34 -70.21
N LYS D 38 48.22 84.36 -69.32
CA LYS D 38 47.42 84.36 -68.10
C LYS D 38 47.94 85.42 -67.14
N LYS D 39 47.05 86.27 -66.66
CA LYS D 39 47.39 87.31 -65.70
C LYS D 39 47.46 86.72 -64.30
N PHE D 40 48.53 87.05 -63.56
CA PHE D 40 48.65 86.61 -62.19
C PHE D 40 48.68 87.74 -61.16
N ASP D 41 49.00 88.98 -61.54
CA ASP D 41 49.00 90.04 -60.55
C ASP D 41 48.78 91.39 -61.23
N SER D 42 48.17 92.31 -60.48
CA SER D 42 47.94 93.66 -60.99
C SER D 42 47.63 94.58 -59.82
N SER D 43 48.42 95.63 -59.65
CA SER D 43 48.17 96.61 -58.59
C SER D 43 46.96 97.47 -58.87
N ARG D 44 46.57 97.63 -60.13
CA ARG D 44 45.43 98.48 -60.45
C ARG D 44 44.14 97.95 -59.88
N ASP D 45 44.00 96.62 -59.79
CA ASP D 45 42.82 96.05 -59.16
C ASP D 45 42.70 96.46 -57.69
N ARG D 46 43.83 96.54 -56.98
CA ARG D 46 43.83 96.99 -55.59
C ARG D 46 43.73 98.51 -55.47
N ASN D 47 43.83 99.23 -56.59
CA ASN D 47 43.76 100.69 -56.61
C ASN D 47 44.75 101.31 -55.62
N LYS D 48 45.99 100.88 -55.71
CA LYS D 48 47.02 101.40 -54.82
C LYS D 48 48.40 101.27 -55.47
N PRO D 49 49.05 102.39 -55.78
CA PRO D 49 50.39 102.32 -56.37
C PRO D 49 51.38 101.61 -55.46
N PHE D 50 52.23 100.80 -56.07
CA PHE D 50 53.24 100.04 -55.35
C PHE D 50 54.48 100.91 -55.15
N LYS D 51 54.98 100.94 -53.93
CA LYS D 51 56.13 101.76 -53.56
C LYS D 51 57.32 100.91 -53.16
N PHE D 52 58.50 101.27 -53.64
CA PHE D 52 59.71 100.54 -53.26
C PHE D 52 60.87 101.50 -53.42
N ARG D 53 61.96 101.23 -52.70
CA ARG D 53 63.17 102.03 -52.86
C ARG D 53 64.26 101.25 -53.57
N ILE D 54 65.08 101.95 -54.34
CA ILE D 54 66.03 101.33 -55.26
C ILE D 54 67.24 100.80 -54.51
N GLY D 55 67.73 99.65 -54.95
CA GLY D 55 69.00 99.10 -54.50
C GLY D 55 69.02 98.43 -53.15
N LYS D 56 67.87 97.98 -52.65
CA LYS D 56 67.80 97.33 -51.33
C LYS D 56 67.19 95.94 -51.39
N GLN D 57 67.42 95.24 -52.51
CA GLN D 57 66.90 93.88 -52.77
C GLN D 57 65.51 93.67 -52.19
N GLU D 58 64.61 94.63 -52.44
CA GLU D 58 63.24 94.52 -51.96
C GLU D 58 62.32 93.84 -52.96
N VAL D 59 62.75 93.69 -54.21
CA VAL D 59 61.96 93.06 -55.25
C VAL D 59 62.87 92.13 -56.06
N ILE D 60 62.24 91.35 -56.94
CA ILE D 60 63.00 90.48 -57.83
C ILE D 60 63.92 91.33 -58.72
N LYS D 61 65.06 90.76 -59.07
CA LYS D 61 66.12 91.51 -59.74
C LYS D 61 65.65 92.14 -61.05
N GLY D 62 65.00 91.35 -61.92
CA GLY D 62 64.57 91.86 -63.20
C GLY D 62 63.67 93.08 -63.10
N PHE D 63 62.79 93.10 -62.11
CA PHE D 63 61.86 94.21 -61.97
C PHE D 63 62.61 95.52 -61.73
N GLU D 64 63.55 95.53 -60.79
CA GLU D 64 64.29 96.74 -60.51
C GLU D 64 65.30 97.06 -61.61
N GLU D 65 65.82 96.05 -62.31
CA GLU D 65 66.67 96.34 -63.46
C GLU D 65 65.90 97.05 -64.56
N GLY D 66 64.66 96.64 -64.80
CA GLY D 66 63.85 97.33 -65.79
C GLY D 66 63.47 98.74 -65.33
N ALA D 67 63.04 98.86 -64.07
CA ALA D 67 62.59 100.16 -63.59
C ALA D 67 63.73 101.17 -63.53
N ALA D 68 64.96 100.70 -63.31
CA ALA D 68 66.10 101.61 -63.26
C ALA D 68 66.33 102.31 -64.58
N GLN D 69 65.99 101.68 -65.70
CA GLN D 69 66.21 102.24 -67.03
C GLN D 69 65.06 103.11 -67.51
N MET D 70 63.99 103.21 -66.75
CA MET D 70 62.79 103.93 -67.16
C MET D 70 62.82 105.36 -66.63
N SER D 71 62.27 106.27 -67.42
CA SER D 71 62.18 107.68 -67.06
C SER D 71 60.79 108.01 -66.53
N LEU D 72 60.69 109.17 -65.89
CA LEU D 72 59.42 109.61 -65.31
C LEU D 72 58.33 109.66 -66.37
N GLY D 73 57.21 108.98 -66.10
CA GLY D 73 56.07 108.98 -66.99
C GLY D 73 56.11 107.93 -68.07
N GLN D 74 57.19 107.18 -68.20
CA GLN D 74 57.31 106.19 -69.26
C GLN D 74 56.48 104.95 -68.95
N ARG D 75 55.92 104.36 -70.01
CA ARG D 75 55.21 103.10 -69.94
C ARG D 75 55.95 102.08 -70.80
N ALA D 76 56.27 100.92 -70.23
CA ALA D 76 57.13 99.97 -70.92
C ALA D 76 56.79 98.54 -70.55
N LYS D 77 57.14 97.63 -71.44
CA LYS D 77 57.05 96.19 -71.20
C LYS D 77 58.41 95.66 -70.74
N LEU D 78 58.41 94.93 -69.62
CA LEU D 78 59.59 94.26 -69.09
C LEU D 78 59.44 92.76 -69.30
N THR D 79 60.42 92.13 -69.94
CA THR D 79 60.47 90.67 -70.05
C THR D 79 61.55 90.14 -69.11
N CYS D 80 61.19 89.18 -68.26
CA CYS D 80 62.11 88.61 -67.27
C CYS D 80 62.24 87.11 -67.48
N THR D 81 63.49 86.65 -67.54
CA THR D 81 63.81 85.25 -67.77
C THR D 81 63.74 84.45 -66.47
N PRO D 82 63.53 83.12 -66.57
CA PRO D 82 63.42 82.31 -65.35
C PRO D 82 64.63 82.41 -64.44
N ASP D 83 65.81 82.57 -65.00
CA ASP D 83 67.05 82.60 -64.23
C ASP D 83 67.09 83.77 -63.25
N VAL D 84 66.26 84.78 -63.46
CA VAL D 84 66.17 85.91 -62.53
C VAL D 84 64.79 86.04 -61.90
N ALA D 85 63.73 85.59 -62.55
CA ALA D 85 62.38 85.64 -61.98
C ALA D 85 62.10 84.37 -61.20
N TYR D 86 62.41 84.40 -59.90
CA TYR D 86 62.11 83.32 -58.95
C TYR D 86 62.87 82.03 -59.20
N GLY D 87 63.65 81.97 -60.28
CA GLY D 87 64.51 80.83 -60.53
C GLY D 87 63.74 79.55 -60.74
N ALA D 88 64.36 78.44 -60.33
CA ALA D 88 63.79 77.12 -60.54
C ALA D 88 62.65 76.79 -59.59
N THR D 89 62.67 77.32 -58.36
CA THR D 89 61.65 76.99 -57.38
C THR D 89 60.32 77.67 -57.69
N GLY D 90 60.35 78.85 -58.32
CA GLY D 90 59.14 79.60 -58.56
C GLY D 90 58.52 80.14 -57.30
N HIS D 91 57.20 80.28 -57.36
CA HIS D 91 56.41 80.75 -56.22
C HIS D 91 55.34 79.72 -55.92
N PRO D 92 55.33 79.13 -54.72
CA PRO D 92 54.35 78.07 -54.41
C PRO D 92 52.91 78.50 -54.61
N GLY D 93 52.22 77.82 -55.52
CA GLY D 93 50.80 78.05 -55.74
C GLY D 93 50.45 79.15 -56.71
N VAL D 94 51.42 79.97 -57.15
CA VAL D 94 51.10 81.14 -57.95
C VAL D 94 51.84 81.10 -59.28
N ILE D 95 53.14 80.79 -59.22
CA ILE D 95 54.01 80.80 -60.40
C ILE D 95 54.68 79.44 -60.53
N PRO D 96 54.55 78.75 -61.65
CA PRO D 96 55.18 77.45 -61.80
C PRO D 96 56.66 77.59 -62.07
N PRO D 97 57.44 76.51 -61.93
CA PRO D 97 58.88 76.60 -62.18
C PRO D 97 59.22 77.05 -63.59
N ASN D 98 60.32 77.79 -63.69
CA ASN D 98 60.91 78.21 -64.97
C ASN D 98 59.94 79.04 -65.81
N ALA D 99 59.23 79.97 -65.16
CA ALA D 99 58.26 80.83 -65.81
C ALA D 99 58.92 82.14 -66.24
N THR D 100 58.87 82.43 -67.54
CA THR D 100 59.25 83.74 -68.06
C THR D 100 58.10 84.72 -67.84
N LEU D 101 58.39 85.86 -67.22
CA LEU D 101 57.34 86.79 -66.82
C LEU D 101 57.33 88.04 -67.70
N ILE D 102 56.14 88.63 -67.83
CA ILE D 102 55.92 89.87 -68.58
C ILE D 102 55.31 90.88 -67.62
N PHE D 103 55.88 92.09 -67.58
CA PHE D 103 55.37 93.14 -66.70
C PHE D 103 55.06 94.39 -67.53
N ASP D 104 53.83 94.91 -67.39
CA ASP D 104 53.48 96.21 -67.93
C ASP D 104 53.72 97.23 -66.82
N VAL D 105 54.77 98.04 -66.94
CA VAL D 105 55.17 98.93 -65.85
C VAL D 105 55.07 100.39 -66.31
N GLU D 106 54.48 101.22 -65.45
CA GLU D 106 54.46 102.67 -65.61
C GLU D 106 55.09 103.31 -64.37
N LEU D 107 56.12 104.13 -64.59
CA LEU D 107 56.81 104.86 -63.53
C LEU D 107 56.04 106.12 -63.19
N LEU D 108 55.31 106.13 -62.08
CA LEU D 108 54.48 107.29 -61.80
C LEU D 108 55.27 108.40 -61.12
N ASN D 109 56.05 108.07 -60.09
CA ASN D 109 56.71 109.14 -59.35
C ASN D 109 57.99 108.62 -58.72
N LEU D 110 58.89 109.55 -58.37
CA LEU D 110 60.08 109.25 -57.60
C LEU D 110 60.16 110.20 -56.42
N GLU D 111 60.36 109.64 -55.23
CA GLU D 111 60.33 110.39 -53.98
C GLU D 111 59.02 111.16 -53.81
N GLU E 10 -15.11 -23.44 -7.03
CA GLU E 10 -16.43 -23.68 -7.68
C GLU E 10 -16.36 -24.88 -8.61
N VAL E 11 -17.38 -25.74 -8.53
CA VAL E 11 -17.47 -26.94 -9.34
C VAL E 11 -18.59 -26.76 -10.37
N GLN E 12 -18.27 -26.97 -11.64
CA GLN E 12 -19.24 -26.79 -12.70
C GLN E 12 -20.17 -27.99 -12.80
N PHE E 13 -21.45 -27.70 -13.08
CA PHE E 13 -22.48 -28.71 -13.25
C PHE E 13 -23.01 -28.67 -14.67
N LEU E 14 -23.16 -29.86 -15.27
CA LEU E 14 -23.68 -29.94 -16.62
C LEU E 14 -25.17 -29.66 -16.64
N ARG E 15 -25.60 -28.87 -17.63
CA ARG E 15 -26.99 -28.47 -17.76
C ARG E 15 -27.46 -28.75 -19.18
N THR E 16 -28.77 -28.66 -19.38
CA THR E 16 -29.35 -28.86 -20.69
C THR E 16 -28.96 -27.73 -21.64
N ASP E 17 -29.10 -27.99 -22.93
CA ASP E 17 -28.74 -27.07 -24.00
C ASP E 17 -27.23 -26.82 -24.07
N ASP E 18 -26.43 -27.61 -23.37
CA ASP E 18 -24.99 -27.47 -23.37
C ASP E 18 -24.38 -28.42 -24.40
N GLU E 19 -23.32 -27.95 -25.06
CA GLU E 19 -22.58 -28.73 -26.03
C GLU E 19 -21.51 -29.55 -25.33
N VAL E 20 -21.46 -30.84 -25.58
CA VAL E 20 -20.48 -31.71 -24.94
C VAL E 20 -19.82 -32.59 -25.98
N VAL E 21 -18.69 -33.18 -25.61
CA VAL E 21 -18.00 -34.16 -26.44
C VAL E 21 -17.80 -35.44 -25.62
N LEU E 22 -18.16 -36.56 -26.23
CA LEU E 22 -17.95 -37.89 -25.64
C LEU E 22 -16.52 -38.33 -25.93
N GLN E 23 -15.70 -38.43 -24.88
CA GLN E 23 -14.28 -38.72 -25.03
C GLN E 23 -13.94 -39.96 -24.23
N CYS E 24 -13.22 -40.88 -24.87
CA CYS E 24 -12.75 -42.09 -24.19
C CYS E 24 -11.24 -42.21 -24.33
N SER E 25 -10.69 -43.21 -23.65
CA SER E 25 -9.26 -43.47 -23.64
C SER E 25 -9.01 -44.93 -23.96
N ALA E 26 -7.91 -45.19 -24.66
CA ALA E 26 -7.53 -46.56 -25.00
C ALA E 26 -6.04 -46.72 -24.85
N THR E 27 -5.60 -47.97 -24.79
CA THR E 27 -4.19 -48.31 -24.67
C THR E 27 -3.71 -48.92 -25.99
N VAL E 28 -2.72 -48.28 -26.60
CA VAL E 28 -2.14 -48.74 -27.86
C VAL E 28 -0.63 -48.76 -27.69
N LEU E 29 -0.04 -49.96 -27.77
CA LEU E 29 1.40 -50.14 -27.57
C LEU E 29 1.87 -49.43 -26.31
N LYS E 30 1.14 -49.64 -25.22
CA LYS E 30 1.41 -49.06 -23.91
C LYS E 30 1.25 -47.56 -23.90
N GLU E 31 0.66 -46.97 -24.94
CA GLU E 31 0.45 -45.53 -25.04
C GLU E 31 -1.04 -45.25 -24.92
N GLN E 32 -1.38 -44.24 -24.12
CA GLN E 32 -2.76 -43.79 -23.93
C GLN E 32 -3.21 -42.86 -25.05
N LEU E 33 -4.15 -43.33 -25.87
CA LEU E 33 -4.70 -42.59 -26.99
C LEU E 33 -6.12 -42.15 -26.66
N LYS E 34 -6.37 -40.85 -26.79
CA LYS E 34 -7.68 -40.26 -26.51
C LYS E 34 -8.45 -40.10 -27.81
N LEU E 35 -9.70 -40.56 -27.81
CA LEU E 35 -10.54 -40.58 -29.01
C LEU E 35 -11.85 -39.86 -28.72
N CYS E 36 -12.36 -39.16 -29.73
CA CYS E 36 -13.64 -38.47 -29.64
C CYS E 36 -14.64 -39.11 -30.60
N LEU E 37 -15.86 -39.32 -30.11
CA LEU E 37 -16.92 -39.86 -30.96
C LEU E 37 -17.33 -38.84 -32.01
N ALA E 38 -17.35 -39.27 -33.29
CA ALA E 38 -17.65 -38.38 -34.40
C ALA E 38 -18.61 -39.07 -35.35
N ALA E 39 -19.32 -38.28 -36.13
CA ALA E 39 -20.22 -38.81 -37.15
C ALA E 39 -20.43 -37.74 -38.22
N GLU E 40 -20.43 -38.18 -39.48
CA GLU E 40 -20.62 -37.26 -40.59
C GLU E 40 -22.08 -36.88 -40.77
N GLY E 41 -22.99 -37.83 -40.57
CA GLY E 41 -24.41 -37.57 -40.72
C GLY E 41 -24.92 -37.80 -42.12
N PHE E 42 -24.58 -36.91 -43.05
CA PHE E 42 -25.03 -37.03 -44.42
C PHE E 42 -24.11 -37.98 -45.18
N GLY E 43 -24.70 -39.03 -45.76
CA GLY E 43 -23.97 -40.00 -46.54
C GLY E 43 -23.43 -41.18 -45.75
N ASN E 44 -23.35 -41.06 -44.42
CA ASN E 44 -22.86 -42.16 -43.59
C ASN E 44 -23.41 -41.97 -42.19
N ARG E 45 -24.38 -42.79 -41.80
CA ARG E 45 -24.98 -42.68 -40.48
C ARG E 45 -24.07 -43.22 -39.39
N LEU E 46 -23.21 -44.18 -39.71
CA LEU E 46 -22.39 -44.83 -38.69
C LEU E 46 -21.43 -43.85 -38.05
N CYS E 47 -21.15 -44.08 -36.76
CA CYS E 47 -20.26 -43.23 -35.98
C CYS E 47 -18.88 -43.87 -35.89
N PHE E 48 -17.85 -43.02 -35.93
CA PHE E 48 -16.48 -43.50 -35.76
C PHE E 48 -15.75 -42.71 -34.67
N LEU E 49 -14.45 -42.95 -34.54
CA LEU E 49 -13.63 -42.32 -33.51
C LEU E 49 -12.52 -41.50 -34.16
N GLU E 50 -12.42 -40.23 -33.76
CA GLU E 50 -11.37 -39.34 -34.21
C GLU E 50 -10.31 -39.21 -33.14
N PRO E 51 -9.07 -39.63 -33.38
CA PRO E 51 -8.03 -39.45 -32.36
C PRO E 51 -7.72 -37.98 -32.14
N THR E 52 -7.32 -37.65 -30.91
CA THR E 52 -7.00 -36.28 -30.54
C THR E 52 -5.68 -36.15 -29.79
N SER E 53 -4.99 -37.25 -29.50
CA SER E 53 -3.75 -37.16 -28.73
C SER E 53 -2.63 -36.51 -29.52
N ASN E 54 -2.68 -36.59 -30.85
CA ASN E 54 -1.64 -36.04 -31.71
C ASN E 54 -2.06 -34.71 -32.33
N ALA E 55 -2.83 -33.89 -31.61
CA ALA E 55 -3.29 -32.64 -32.15
C ALA E 55 -2.15 -31.67 -32.46
N GLN E 56 -0.97 -31.88 -31.86
CA GLN E 56 0.15 -30.99 -32.13
C GLN E 56 0.63 -31.15 -33.57
N ASN E 57 0.63 -32.37 -34.09
CA ASN E 57 1.12 -32.65 -35.43
C ASN E 57 0.02 -32.79 -36.46
N VAL E 58 -1.13 -33.35 -36.08
CA VAL E 58 -2.26 -33.48 -36.99
C VAL E 58 -3.51 -33.00 -36.27
N PRO E 59 -4.08 -31.87 -36.65
CA PRO E 59 -5.28 -31.38 -35.96
C PRO E 59 -6.47 -32.28 -36.22
N PRO E 60 -7.23 -32.63 -35.18
CA PRO E 60 -8.42 -33.48 -35.37
C PRO E 60 -9.59 -32.70 -35.94
N ASP E 61 -10.53 -33.44 -36.52
CA ASP E 61 -11.75 -32.87 -37.09
C ASP E 61 -12.83 -32.88 -36.01
N LEU E 62 -12.80 -31.86 -35.16
CA LEU E 62 -13.71 -31.73 -34.03
C LEU E 62 -15.03 -31.05 -34.40
N ALA E 63 -15.17 -30.58 -35.64
CA ALA E 63 -16.39 -29.91 -36.07
C ALA E 63 -17.60 -30.84 -36.10
N ILE E 64 -17.38 -32.15 -36.17
CA ILE E 64 -18.47 -33.12 -36.24
C ILE E 64 -18.53 -33.98 -34.98
N CYS E 65 -17.92 -33.52 -33.89
CA CYS E 65 -17.92 -34.25 -32.64
C CYS E 65 -18.83 -33.64 -31.58
N CYS E 66 -19.49 -32.52 -31.89
CA CYS E 66 -20.27 -31.79 -30.90
C CYS E 66 -21.71 -32.29 -30.89
N PHE E 67 -22.24 -32.54 -29.69
CA PHE E 67 -23.61 -32.95 -29.49
C PHE E 67 -24.28 -32.04 -28.47
N THR E 68 -25.55 -31.72 -28.72
CA THR E 68 -26.33 -30.86 -27.85
C THR E 68 -27.30 -31.69 -27.01
N LEU E 69 -27.28 -31.46 -25.70
CA LEU E 69 -28.21 -32.10 -24.77
C LEU E 69 -29.55 -31.37 -24.88
N GLU E 70 -30.46 -31.92 -25.69
CA GLU E 70 -31.72 -31.24 -25.92
C GLU E 70 -32.67 -31.40 -24.74
N GLN E 71 -32.83 -32.62 -24.22
CA GLN E 71 -33.81 -32.90 -23.13
C GLN E 71 -33.17 -33.69 -21.99
N SER E 72 -33.63 -33.49 -20.75
CA SER E 72 -33.14 -34.23 -19.57
C SER E 72 -34.34 -34.50 -18.65
N LEU E 73 -34.71 -35.76 -18.46
CA LEU E 73 -35.90 -36.14 -17.66
C LEU E 73 -35.66 -37.57 -17.19
N SER E 74 -36.22 -37.98 -16.05
CA SER E 74 -35.97 -39.34 -15.51
C SER E 74 -36.48 -40.38 -16.50
N VAL E 75 -36.17 -41.66 -16.28
CA VAL E 75 -36.64 -42.77 -17.17
C VAL E 75 -38.11 -43.02 -16.81
N ARG E 76 -38.57 -42.50 -15.67
CA ARG E 76 -40.01 -42.56 -15.33
C ARG E 76 -40.68 -41.65 -16.34
N ALA E 77 -40.19 -40.42 -16.49
CA ALA E 77 -40.78 -39.42 -17.39
C ALA E 77 -40.54 -39.74 -18.87
N LEU E 78 -39.58 -40.62 -19.17
CA LEU E 78 -39.23 -40.93 -20.58
C LEU E 78 -40.18 -42.01 -21.12
N GLN E 79 -40.37 -43.11 -20.40
CA GLN E 79 -41.30 -44.20 -20.81
C GLN E 79 -42.73 -43.67 -20.68
N GLU E 80 -42.94 -42.62 -19.89
CA GLU E 80 -44.27 -41.97 -19.76
C GLU E 80 -44.51 -41.10 -20.99
N MET E 81 -43.46 -40.47 -21.53
CA MET E 81 -43.55 -39.61 -22.75
C MET E 81 -43.88 -40.53 -23.92
N LEU E 82 -43.37 -41.76 -23.89
CA LEU E 82 -43.58 -42.75 -24.94
C LEU E 82 -45.03 -43.21 -24.95
N ALA E 83 -45.63 -43.36 -23.77
CA ALA E 83 -47.03 -43.76 -23.69
C ALA E 83 -47.96 -42.72 -24.30
N ASN E 84 -47.82 -41.46 -23.87
CA ASN E 84 -48.67 -40.43 -24.45
C ASN E 84 -48.04 -39.85 -25.70
N HIS E 98 -33.07 -25.17 -19.03
CA HIS E 98 -31.78 -25.25 -18.38
C HIS E 98 -31.85 -26.16 -17.15
N ARG E 99 -32.39 -27.35 -17.34
CA ARG E 99 -32.49 -28.32 -16.26
C ARG E 99 -31.11 -28.90 -15.94
N THR E 100 -30.88 -29.14 -14.65
CA THR E 100 -29.62 -29.74 -14.22
C THR E 100 -29.65 -31.25 -14.42
N LEU E 101 -28.53 -31.80 -14.89
CA LEU E 101 -28.43 -33.23 -15.15
C LEU E 101 -28.29 -33.99 -13.84
N LEU E 102 -29.07 -35.06 -13.69
CA LEU E 102 -29.03 -35.93 -12.53
C LEU E 102 -28.70 -37.36 -12.97
N TYR E 103 -27.96 -38.06 -12.12
CA TYR E 103 -27.63 -39.46 -12.38
C TYR E 103 -28.90 -40.29 -12.44
N GLY E 104 -28.94 -41.22 -13.38
CA GLY E 104 -30.10 -42.07 -13.58
C GLY E 104 -31.11 -41.56 -14.59
N HIS E 105 -30.98 -40.31 -15.03
CA HIS E 105 -31.90 -39.78 -16.02
C HIS E 105 -31.50 -40.19 -17.43
N ALA E 106 -32.46 -40.06 -18.35
CA ALA E 106 -32.27 -40.35 -19.76
C ALA E 106 -32.10 -39.04 -20.52
N ILE E 107 -31.06 -38.97 -21.35
CA ILE E 107 -30.71 -37.76 -22.07
C ILE E 107 -30.94 -37.97 -23.56
N LEU E 108 -31.13 -36.86 -24.27
CA LEU E 108 -31.31 -36.84 -25.72
C LEU E 108 -30.21 -36.01 -26.34
N LEU E 109 -29.37 -36.65 -27.14
CA LEU E 109 -28.22 -36.01 -27.78
C LEU E 109 -28.54 -35.75 -29.24
N ARG E 110 -28.46 -34.49 -29.66
CA ARG E 110 -28.69 -34.11 -31.05
C ARG E 110 -27.36 -33.72 -31.68
N HIS E 111 -27.09 -34.28 -32.86
CA HIS E 111 -25.86 -33.95 -33.57
C HIS E 111 -25.92 -32.49 -34.03
N ALA E 112 -24.84 -31.76 -33.78
CA ALA E 112 -24.83 -30.32 -34.06
C ALA E 112 -24.94 -30.04 -35.55
N HIS E 113 -24.23 -30.81 -36.38
CA HIS E 113 -24.15 -30.50 -37.80
C HIS E 113 -25.39 -30.98 -38.55
N SER E 114 -25.66 -32.29 -38.52
CA SER E 114 -26.77 -32.85 -39.28
C SER E 114 -28.11 -32.67 -38.58
N ARG E 115 -28.12 -32.22 -37.33
CA ARG E 115 -29.35 -32.03 -36.56
C ARG E 115 -30.10 -33.35 -36.35
N MET E 116 -29.43 -34.48 -36.51
CA MET E 116 -30.02 -35.78 -36.24
C MET E 116 -29.81 -36.15 -34.77
N TYR E 117 -30.37 -37.29 -34.38
CA TYR E 117 -30.32 -37.74 -32.99
C TYR E 117 -29.54 -39.04 -32.91
N LEU E 118 -28.64 -39.12 -31.93
CA LEU E 118 -27.91 -40.35 -31.67
C LEU E 118 -28.86 -41.48 -31.29
N SER E 119 -28.67 -42.64 -31.92
CA SER E 119 -29.59 -43.76 -31.74
C SER E 119 -28.81 -45.06 -31.84
N CYS E 120 -29.41 -46.12 -31.32
CA CYS E 120 -28.87 -47.47 -31.42
C CYS E 120 -29.53 -48.18 -32.59
N LEU E 121 -28.78 -48.38 -33.67
CA LEU E 121 -29.33 -49.01 -34.86
C LEU E 121 -29.66 -50.47 -34.58
N THR E 122 -30.68 -50.97 -35.29
CA THR E 122 -31.12 -52.34 -35.14
C THR E 122 -30.26 -53.33 -35.91
N THR E 123 -29.41 -52.87 -36.82
CA THR E 123 -28.56 -53.74 -37.59
C THR E 123 -27.24 -54.00 -36.87
N SER E 124 -26.42 -54.86 -37.45
CA SER E 124 -25.13 -55.21 -36.86
C SER E 124 -24.21 -55.69 -37.97
N ARG E 125 -23.16 -54.92 -38.25
CA ARG E 125 -22.17 -55.27 -39.26
C ARG E 125 -20.93 -55.93 -38.67
N SER E 126 -20.90 -56.16 -37.37
CA SER E 126 -19.75 -56.76 -36.72
C SER E 126 -19.81 -58.28 -36.80
N MET E 127 -18.65 -58.89 -37.01
CA MET E 127 -18.55 -60.34 -37.08
C MET E 127 -17.93 -60.95 -35.83
N THR E 128 -17.11 -60.19 -35.11
CA THR E 128 -16.47 -60.72 -33.91
C THR E 128 -17.48 -60.87 -32.77
N ASP E 129 -18.31 -59.86 -32.56
CA ASP E 129 -19.33 -59.88 -31.51
C ASP E 129 -20.68 -60.12 -32.15
N LYS E 130 -21.29 -61.25 -31.81
CA LYS E 130 -22.57 -61.63 -32.40
C LYS E 130 -23.76 -60.92 -31.75
N LEU E 131 -23.57 -60.37 -30.55
CA LEU E 131 -24.65 -59.72 -29.82
C LEU E 131 -24.56 -58.19 -29.86
N ALA E 132 -23.70 -57.64 -30.70
CA ALA E 132 -23.52 -56.20 -30.76
C ALA E 132 -24.46 -55.58 -31.77
N PHE E 133 -24.78 -54.30 -31.57
CA PHE E 133 -25.64 -53.54 -32.46
C PHE E 133 -24.92 -52.28 -32.90
N ASP E 134 -25.22 -51.85 -34.12
CA ASP E 134 -24.62 -50.63 -34.65
C ASP E 134 -25.24 -49.40 -34.01
N VAL E 135 -24.40 -48.39 -33.77
CA VAL E 135 -24.83 -47.12 -33.20
C VAL E 135 -24.67 -46.04 -34.26
N GLY E 136 -25.75 -45.35 -34.58
CA GLY E 136 -25.74 -44.35 -35.61
C GLY E 136 -26.66 -43.18 -35.34
N LEU E 137 -27.01 -42.43 -36.36
CA LEU E 137 -27.87 -41.26 -36.24
C LEU E 137 -29.23 -41.53 -36.86
N GLN E 138 -30.27 -41.05 -36.20
CA GLN E 138 -31.64 -41.20 -36.65
C GLN E 138 -32.22 -39.84 -37.00
N GLU E 139 -32.98 -39.79 -38.09
CA GLU E 139 -33.50 -38.52 -38.58
C GLU E 139 -34.44 -37.88 -37.58
N ASP E 140 -35.28 -38.67 -36.92
CA ASP E 140 -36.29 -38.17 -36.01
C ASP E 140 -36.04 -38.71 -34.60
N ALA E 141 -36.64 -38.03 -33.63
CA ALA E 141 -36.51 -38.38 -32.22
C ALA E 141 -37.59 -39.34 -31.74
N THR E 142 -38.42 -39.85 -32.66
CA THR E 142 -39.49 -40.75 -32.26
C THR E 142 -38.91 -42.08 -31.79
N GLY E 143 -39.69 -42.78 -30.96
CA GLY E 143 -39.26 -44.06 -30.42
C GLY E 143 -38.33 -43.91 -29.24
N GLU E 144 -37.96 -45.05 -28.68
CA GLU E 144 -37.10 -45.12 -27.51
C GLU E 144 -35.65 -45.44 -27.86
N ALA E 145 -35.32 -45.55 -29.14
CA ALA E 145 -33.97 -45.90 -29.55
C ALA E 145 -33.00 -44.74 -29.46
N CYS E 146 -33.48 -43.52 -29.24
CA CYS E 146 -32.64 -42.33 -29.22
C CYS E 146 -32.48 -41.75 -27.82
N TRP E 147 -32.74 -42.56 -26.78
CA TRP E 147 -32.58 -42.12 -25.40
C TRP E 147 -31.58 -43.03 -24.70
N TRP E 148 -30.69 -42.41 -23.92
CA TRP E 148 -29.62 -43.12 -23.24
C TRP E 148 -29.63 -42.70 -21.78
N THR E 149 -29.49 -43.66 -20.88
CA THR E 149 -29.48 -43.37 -19.45
C THR E 149 -28.05 -43.29 -18.94
N MET E 150 -27.76 -42.21 -18.22
CA MET E 150 -26.45 -41.94 -17.63
C MET E 150 -26.39 -42.54 -16.23
N HIS E 151 -25.35 -43.31 -15.94
CA HIS E 151 -25.15 -43.94 -14.65
C HIS E 151 -23.76 -43.62 -14.12
N PRO E 152 -23.62 -43.47 -12.79
CA PRO E 152 -22.30 -43.18 -12.23
C PRO E 152 -21.36 -44.36 -12.40
N ALA E 153 -20.10 -44.05 -12.69
CA ALA E 153 -19.12 -45.09 -12.97
C ALA E 153 -18.61 -45.80 -11.72
N SER E 154 -18.58 -45.10 -10.58
CA SER E 154 -17.99 -45.64 -9.36
C SER E 154 -18.91 -45.38 -8.18
N LYS E 155 -18.53 -45.95 -7.04
CA LYS E 155 -19.29 -45.79 -5.80
C LYS E 155 -19.19 -44.39 -5.23
N GLN E 156 -18.29 -43.55 -5.75
CA GLN E 156 -18.14 -42.20 -5.20
C GLN E 156 -19.44 -41.42 -5.32
N ARG E 157 -20.14 -41.55 -6.43
CA ARG E 157 -21.41 -40.88 -6.66
C ARG E 157 -22.55 -41.88 -6.60
N SER E 158 -23.72 -41.39 -6.19
CA SER E 158 -24.92 -42.18 -6.08
C SER E 158 -26.04 -41.52 -6.86
N GLU E 159 -27.11 -42.28 -7.09
CA GLU E 159 -28.23 -41.78 -7.87
C GLU E 159 -28.84 -40.55 -7.20
N GLY E 160 -29.20 -39.58 -8.03
CA GLY E 160 -29.76 -38.33 -7.57
C GLY E 160 -28.76 -37.20 -7.42
N GLU E 161 -27.46 -37.51 -7.40
CA GLU E 161 -26.45 -36.47 -7.30
C GLU E 161 -26.30 -35.73 -8.63
N LYS E 162 -25.85 -34.49 -8.54
CA LYS E 162 -25.58 -33.71 -9.74
C LYS E 162 -24.34 -34.23 -10.44
N VAL E 163 -24.39 -34.26 -11.77
CA VAL E 163 -23.25 -34.70 -12.58
C VAL E 163 -22.31 -33.52 -12.76
N ARG E 164 -21.05 -33.71 -12.38
CA ARG E 164 -20.04 -32.68 -12.45
C ARG E 164 -19.06 -32.96 -13.59
N VAL E 165 -18.42 -31.89 -14.06
CA VAL E 165 -17.47 -32.02 -15.15
C VAL E 165 -16.30 -32.89 -14.73
N GLY E 166 -15.88 -33.79 -15.61
CA GLY E 166 -14.80 -34.70 -15.34
C GLY E 166 -15.21 -36.04 -14.77
N ASP E 167 -16.50 -36.24 -14.50
CA ASP E 167 -16.96 -37.52 -13.97
C ASP E 167 -16.94 -38.60 -15.03
N ASP E 168 -16.71 -39.83 -14.61
CA ASP E 168 -16.78 -40.99 -15.48
C ASP E 168 -18.21 -41.52 -15.51
N LEU E 169 -18.75 -41.71 -16.71
CA LEU E 169 -20.14 -42.06 -16.89
C LEU E 169 -20.29 -43.40 -17.60
N ILE E 170 -21.43 -44.04 -17.37
CA ILE E 170 -21.83 -45.26 -18.05
C ILE E 170 -23.14 -45.01 -18.77
N LEU E 171 -23.13 -45.09 -20.10
CA LEU E 171 -24.31 -44.80 -20.92
C LEU E 171 -24.94 -46.13 -21.32
N VAL E 172 -26.22 -46.29 -21.01
CA VAL E 172 -26.95 -47.53 -21.29
C VAL E 172 -28.13 -47.22 -22.20
N SER E 173 -28.24 -47.98 -23.30
CA SER E 173 -29.36 -47.80 -24.22
C SER E 173 -30.66 -48.25 -23.57
N VAL E 174 -31.69 -47.41 -23.66
CA VAL E 174 -32.99 -47.78 -23.13
C VAL E 174 -33.57 -48.94 -23.93
N SER E 175 -33.52 -48.85 -25.25
CA SER E 175 -34.12 -49.89 -26.09
C SER E 175 -33.27 -51.16 -26.07
N SER E 176 -31.95 -51.02 -26.10
CA SER E 176 -31.05 -52.16 -26.26
C SER E 176 -30.40 -52.61 -24.96
N GLU E 177 -30.59 -51.86 -23.87
CA GLU E 177 -29.96 -52.16 -22.58
C GLU E 177 -28.54 -52.68 -22.76
N ARG E 178 -27.78 -51.98 -23.61
CA ARG E 178 -26.38 -52.32 -23.87
C ARG E 178 -25.51 -51.09 -23.64
N TYR E 179 -24.27 -51.35 -23.24
CA TYR E 179 -23.31 -50.29 -22.96
C TYR E 179 -22.68 -49.78 -24.26
N LEU E 180 -22.29 -48.51 -24.24
CA LEU E 180 -21.48 -47.94 -25.31
C LEU E 180 -20.04 -48.45 -25.22
N HIS E 181 -19.73 -49.44 -26.06
CA HIS E 181 -18.51 -50.22 -25.90
C HIS E 181 -17.55 -49.87 -27.03
N LEU E 182 -16.27 -49.78 -26.70
CA LEU E 182 -15.21 -49.63 -27.68
C LEU E 182 -14.58 -51.00 -27.93
N SER E 183 -14.66 -51.46 -29.17
CA SER E 183 -14.18 -52.78 -29.56
C SER E 183 -12.85 -52.63 -30.29
N THR E 184 -11.86 -53.40 -29.85
CA THR E 184 -10.55 -53.44 -30.47
C THR E 184 -10.24 -54.82 -31.05
N ALA E 185 -11.26 -55.66 -31.24
CA ALA E 185 -11.02 -57.00 -31.74
C ALA E 185 -10.34 -56.98 -33.11
N SER E 186 -10.80 -56.10 -33.99
CA SER E 186 -10.16 -55.92 -35.28
C SER E 186 -8.91 -55.07 -35.13
N GLY E 187 -8.25 -54.79 -36.25
CA GLY E 187 -7.05 -53.96 -36.21
C GLY E 187 -7.32 -52.52 -35.86
N GLU E 188 -8.56 -52.06 -36.01
CA GLU E 188 -8.95 -50.69 -35.74
C GLU E 188 -9.82 -50.64 -34.50
N LEU E 189 -10.16 -49.42 -34.08
CA LEU E 189 -11.01 -49.17 -32.93
C LEU E 189 -12.40 -48.79 -33.43
N GLN E 190 -13.42 -49.51 -32.97
CA GLN E 190 -14.78 -49.32 -33.44
C GLN E 190 -15.71 -49.15 -32.26
N VAL E 191 -16.77 -48.37 -32.43
CA VAL E 191 -17.74 -48.12 -31.38
C VAL E 191 -19.02 -48.88 -31.69
N ASP E 192 -19.54 -49.60 -30.70
CA ASP E 192 -20.76 -50.36 -30.89
C ASP E 192 -21.52 -50.42 -29.58
N ALA E 193 -22.70 -51.02 -29.60
CA ALA E 193 -23.53 -51.18 -28.41
C ALA E 193 -23.40 -52.65 -27.99
N SER E 194 -22.62 -52.90 -26.95
CA SER E 194 -22.35 -54.25 -26.47
C SER E 194 -22.69 -54.35 -24.99
N PHE E 195 -22.45 -55.53 -24.42
CA PHE E 195 -22.74 -55.80 -23.02
C PHE E 195 -21.57 -55.48 -22.09
N MET E 196 -20.42 -55.07 -22.61
CA MET E 196 -19.30 -54.65 -21.79
C MET E 196 -19.24 -53.13 -21.72
N GLN E 197 -19.08 -52.61 -20.51
CA GLN E 197 -19.10 -51.17 -20.28
C GLN E 197 -17.77 -50.54 -20.68
N THR E 198 -17.81 -49.21 -20.82
CA THR E 198 -16.63 -48.45 -21.20
C THR E 198 -16.72 -47.06 -20.57
N LEU E 199 -15.57 -46.55 -20.13
CA LEU E 199 -15.51 -45.26 -19.45
C LEU E 199 -15.60 -44.13 -20.46
N TRP E 200 -16.46 -43.15 -20.17
CA TRP E 200 -16.66 -41.99 -21.03
C TRP E 200 -16.58 -40.70 -20.23
N ASN E 201 -16.14 -39.64 -20.89
CA ASN E 201 -16.10 -38.30 -20.32
C ASN E 201 -16.89 -37.36 -21.19
N MET E 202 -17.81 -36.61 -20.58
CA MET E 202 -18.61 -35.61 -21.27
C MET E 202 -17.96 -34.25 -21.06
N ASN E 203 -16.94 -33.97 -21.87
CA ASN E 203 -16.26 -32.68 -21.72
C ASN E 203 -17.09 -31.54 -22.29
N PRO E 204 -17.42 -30.52 -21.50
CA PRO E 204 -18.23 -29.41 -22.01
C PRO E 204 -17.46 -28.52 -22.99
N ILE E 205 -18.18 -27.92 -23.92
CA ILE E 205 -17.65 -26.93 -24.85
C ILE E 205 -18.14 -25.54 -24.51
N CYS E 206 -19.46 -25.37 -24.38
CA CYS E 206 -20.06 -24.11 -24.00
C CYS E 206 -21.40 -24.35 -23.34
N SER E 207 -21.74 -23.51 -22.37
CA SER E 207 -23.04 -23.56 -21.70
C SER E 207 -23.98 -22.48 -22.24
N CYS E 208 -23.59 -21.21 -22.14
CA CYS E 208 -24.39 -20.11 -22.64
C CYS E 208 -23.44 -19.01 -23.12
N CYS E 209 -23.68 -18.50 -24.33
CA CYS E 209 -22.81 -17.51 -24.95
C CYS E 209 -23.53 -16.18 -25.06
N GLU E 210 -22.81 -15.11 -24.70
CA GLU E 210 -23.39 -13.78 -24.76
C GLU E 210 -23.60 -13.33 -26.21
N GLU E 211 -24.55 -12.43 -26.39
CA GLU E 211 -24.88 -11.93 -27.71
C GLU E 211 -23.72 -11.14 -28.32
N GLY E 212 -23.51 -11.36 -29.62
CA GLY E 212 -22.61 -10.52 -30.38
C GLY E 212 -21.15 -10.54 -29.94
N TYR E 213 -20.72 -11.57 -29.25
CA TYR E 213 -19.32 -11.77 -28.93
C TYR E 213 -18.81 -13.05 -29.58
N VAL E 214 -17.66 -12.95 -30.24
CA VAL E 214 -17.09 -14.07 -30.97
C VAL E 214 -16.45 -15.05 -30.00
N THR E 215 -16.72 -16.34 -30.23
CA THR E 215 -16.15 -17.42 -29.45
C THR E 215 -15.41 -18.38 -30.36
N GLY E 216 -14.59 -19.23 -29.76
CA GLY E 216 -13.81 -20.18 -30.54
C GLY E 216 -14.69 -21.21 -31.22
N GLY E 217 -14.19 -21.73 -32.35
CA GLY E 217 -14.89 -22.72 -33.12
C GLY E 217 -15.91 -22.17 -34.10
N HIS E 218 -16.06 -20.84 -34.18
CA HIS E 218 -17.04 -20.25 -35.08
C HIS E 218 -16.51 -20.10 -36.49
N VAL E 219 -17.45 -20.08 -37.44
CA VAL E 219 -17.17 -19.80 -38.84
C VAL E 219 -17.64 -18.39 -39.15
N LEU E 220 -16.80 -17.61 -39.82
CA LEU E 220 -17.05 -16.19 -40.03
C LEU E 220 -16.38 -15.73 -41.32
N ARG E 221 -16.61 -14.46 -41.66
CA ARG E 221 -15.96 -13.80 -42.79
C ARG E 221 -15.10 -12.67 -42.25
N LEU E 222 -13.97 -12.44 -42.94
CA LEU E 222 -12.99 -11.41 -42.57
C LEU E 222 -12.96 -10.22 -43.54
N PHE E 223 -13.61 -9.12 -43.17
CA PHE E 223 -13.66 -7.95 -44.03
C PHE E 223 -12.48 -7.02 -43.74
N HIS E 224 -11.89 -6.48 -44.81
CA HIS E 224 -10.73 -5.61 -44.66
C HIS E 224 -11.15 -4.21 -44.26
N GLY E 225 -11.95 -3.56 -45.10
CA GLY E 225 -12.37 -2.19 -44.84
C GLY E 225 -13.81 -2.07 -44.42
N HIS E 226 -14.58 -1.27 -45.16
CA HIS E 226 -15.98 -0.99 -44.82
C HIS E 226 -16.91 -1.89 -45.62
N MET E 227 -16.87 -3.18 -45.29
CA MET E 227 -17.74 -4.17 -45.91
C MET E 227 -17.55 -4.19 -47.43
N ASP E 228 -16.30 -3.98 -47.87
CA ASP E 228 -15.98 -3.92 -49.29
C ASP E 228 -15.14 -5.09 -49.75
N GLU E 229 -13.99 -5.33 -49.11
CA GLU E 229 -13.10 -6.42 -49.46
C GLU E 229 -13.04 -7.42 -48.32
N CYS E 230 -12.96 -8.71 -48.67
CA CYS E 230 -12.90 -9.79 -47.72
C CYS E 230 -11.79 -10.77 -48.09
N LEU E 231 -11.28 -11.44 -47.07
CA LEU E 231 -10.25 -12.44 -47.27
C LEU E 231 -10.86 -13.69 -47.89
N THR E 232 -10.24 -14.19 -48.95
CA THR E 232 -10.80 -15.33 -49.67
C THR E 232 -9.68 -15.99 -50.46
N ILE E 233 -10.02 -17.13 -51.07
CA ILE E 233 -9.11 -17.82 -51.98
C ILE E 233 -9.68 -17.73 -53.39
N SER E 234 -8.89 -18.22 -54.34
CA SER E 234 -9.30 -18.17 -55.73
C SER E 234 -10.47 -19.12 -55.97
N ALA E 235 -11.21 -18.85 -57.04
CA ALA E 235 -12.37 -19.65 -57.38
C ALA E 235 -11.93 -21.05 -57.82
N ALA E 236 -12.92 -21.89 -58.12
CA ALA E 236 -12.65 -23.26 -58.52
C ALA E 236 -11.92 -23.30 -59.85
N ASP E 237 -11.32 -24.47 -60.13
CA ASP E 237 -10.54 -24.70 -61.35
C ASP E 237 -9.64 -23.51 -61.67
N SER E 238 -8.80 -23.16 -60.70
CA SER E 238 -7.85 -22.08 -60.83
C SER E 238 -6.44 -22.63 -61.04
N ASP E 239 -5.60 -21.81 -61.66
CA ASP E 239 -4.25 -22.25 -61.98
C ASP E 239 -3.39 -22.38 -60.72
N ASP E 240 -3.68 -21.60 -59.70
CA ASP E 240 -2.90 -21.61 -58.46
C ASP E 240 -3.31 -22.73 -57.51
N GLN E 241 -4.17 -23.65 -57.94
CA GLN E 241 -4.62 -24.76 -57.12
C GLN E 241 -5.36 -24.29 -55.87
N ARG E 242 -5.88 -23.07 -55.90
CA ARG E 242 -6.62 -22.51 -54.77
C ARG E 242 -5.77 -22.52 -53.49
N ARG E 243 -4.49 -22.19 -53.65
CA ARG E 243 -3.55 -22.17 -52.53
C ARG E 243 -3.00 -20.77 -52.26
N LEU E 244 -3.67 -19.74 -52.75
CA LEU E 244 -3.26 -18.36 -52.53
C LEU E 244 -4.42 -17.57 -51.94
N VAL E 245 -4.09 -16.58 -51.11
CA VAL E 245 -5.08 -15.80 -50.38
C VAL E 245 -5.11 -14.38 -50.93
N TYR E 246 -6.32 -13.86 -51.16
CA TYR E 246 -6.52 -12.55 -51.75
C TYR E 246 -7.55 -11.76 -50.95
N TYR E 247 -7.45 -10.45 -51.05
CA TYR E 247 -8.46 -9.52 -50.61
C TYR E 247 -9.33 -9.19 -51.82
N GLU E 248 -10.55 -9.70 -51.84
CA GLU E 248 -11.44 -9.58 -52.99
C GLU E 248 -12.79 -9.04 -52.54
N GLY E 249 -13.42 -8.23 -53.40
CA GLY E 249 -14.72 -7.68 -53.12
C GLY E 249 -15.74 -8.04 -54.20
N GLY E 250 -16.99 -7.72 -53.90
CA GLY E 250 -18.10 -7.98 -54.82
C GLY E 250 -19.01 -9.09 -54.37
N ALA E 251 -19.37 -9.99 -55.29
CA ALA E 251 -20.26 -11.10 -54.98
C ALA E 251 -19.61 -12.15 -54.10
N VAL E 252 -18.28 -12.12 -53.98
CA VAL E 252 -17.57 -13.10 -53.15
C VAL E 252 -17.95 -12.95 -51.69
N CYS E 253 -18.43 -11.78 -51.29
CA CYS E 253 -18.81 -11.53 -49.90
C CYS E 253 -20.01 -12.36 -49.47
N THR E 254 -20.75 -12.95 -50.40
CA THR E 254 -21.88 -13.81 -50.08
C THR E 254 -21.65 -15.25 -50.51
N HIS E 255 -20.45 -15.60 -50.92
CA HIS E 255 -20.12 -16.95 -51.35
C HIS E 255 -19.51 -17.74 -50.20
N ALA E 256 -19.37 -19.05 -50.43
CA ALA E 256 -18.90 -19.98 -49.41
C ALA E 256 -17.38 -20.07 -49.34
N ARG E 257 -16.66 -19.54 -50.33
CA ARG E 257 -15.21 -19.61 -50.34
C ARG E 257 -14.54 -18.51 -49.53
N SER E 258 -15.31 -17.60 -48.93
CA SER E 258 -14.78 -16.57 -48.05
C SER E 258 -15.00 -16.88 -46.57
N LEU E 259 -15.36 -18.12 -46.24
CA LEU E 259 -15.66 -18.50 -44.87
C LEU E 259 -14.45 -19.18 -44.23
N TRP E 260 -14.17 -18.81 -42.98
CA TRP E 260 -13.06 -19.37 -42.23
C TRP E 260 -13.56 -19.82 -40.87
N ARG E 261 -12.96 -20.89 -40.36
CA ARG E 261 -13.29 -21.46 -39.05
C ARG E 261 -12.12 -21.27 -38.11
N LEU E 262 -12.41 -20.69 -36.94
CA LEU E 262 -11.39 -20.41 -35.92
C LEU E 262 -11.29 -21.59 -34.97
N GLU E 263 -10.13 -22.23 -34.92
CA GLU E 263 -9.94 -23.45 -34.12
C GLU E 263 -8.90 -23.21 -33.04
N PRO E 264 -9.30 -23.04 -31.77
CA PRO E 264 -8.32 -22.92 -30.69
C PRO E 264 -7.54 -24.21 -30.51
N LEU E 265 -6.37 -24.08 -29.87
CA LEU E 265 -5.47 -25.22 -29.72
C LEU E 265 -5.95 -26.19 -28.66
N ARG E 266 -6.52 -25.68 -27.56
CA ARG E 266 -7.00 -26.57 -26.52
C ARG E 266 -8.32 -27.22 -26.94
N ILE E 267 -8.67 -28.30 -26.25
CA ILE E 267 -9.88 -29.05 -26.54
C ILE E 267 -10.96 -28.65 -25.54
N SER E 268 -10.67 -28.79 -24.25
CA SER E 268 -11.63 -28.45 -23.22
C SER E 268 -11.87 -26.95 -23.18
N TRP E 269 -13.13 -26.54 -23.14
CA TRP E 269 -13.51 -25.13 -23.15
C TRP E 269 -12.96 -24.42 -24.38
N SER E 270 -12.88 -25.14 -25.50
CA SER E 270 -12.43 -24.53 -26.75
C SER E 270 -13.42 -23.51 -27.27
N GLY E 271 -14.65 -23.53 -26.80
CA GLY E 271 -15.65 -22.56 -27.20
C GLY E 271 -15.72 -21.33 -26.32
N SER E 272 -14.78 -21.19 -25.38
CA SER E 272 -14.74 -20.01 -24.47
C SER E 272 -14.37 -18.75 -25.26
N HIS E 273 -14.66 -17.57 -24.73
CA HIS E 273 -14.38 -16.31 -25.39
C HIS E 273 -12.90 -16.23 -25.76
N LEU E 274 -12.63 -15.77 -26.97
CA LEU E 274 -11.27 -15.62 -27.44
C LEU E 274 -10.53 -14.56 -26.65
N ARG E 275 -9.22 -14.74 -26.51
CA ARG E 275 -8.37 -13.84 -25.75
C ARG E 275 -7.29 -13.27 -26.66
N TRP E 276 -6.91 -12.03 -26.37
CA TRP E 276 -5.87 -11.37 -27.16
C TRP E 276 -4.56 -12.14 -27.02
N GLY E 277 -3.92 -12.39 -28.16
CA GLY E 277 -2.68 -13.14 -28.17
C GLY E 277 -2.83 -14.64 -28.05
N GLN E 278 -4.06 -15.14 -27.97
CA GLN E 278 -4.29 -16.57 -27.82
C GLN E 278 -4.05 -17.27 -29.15
N PRO E 279 -3.15 -18.25 -29.22
CA PRO E 279 -2.88 -18.93 -30.50
C PRO E 279 -4.08 -19.74 -30.97
N LEU E 280 -4.22 -19.82 -32.30
CA LEU E 280 -5.32 -20.58 -32.89
C LEU E 280 -5.01 -20.86 -34.35
N ARG E 281 -5.58 -21.94 -34.86
CA ARG E 281 -5.52 -22.29 -36.27
C ARG E 281 -6.70 -21.68 -37.04
N ILE E 282 -6.45 -21.40 -38.32
CA ILE E 282 -7.47 -20.86 -39.23
C ILE E 282 -7.69 -21.88 -40.33
N ARG E 283 -8.92 -22.40 -40.42
CA ARG E 283 -9.24 -23.49 -41.34
C ARG E 283 -10.19 -23.00 -42.41
N HIS E 284 -9.89 -23.31 -43.67
CA HIS E 284 -10.82 -23.01 -44.75
C HIS E 284 -11.89 -24.09 -44.80
N VAL E 285 -13.16 -23.66 -44.75
CA VAL E 285 -14.24 -24.61 -44.52
C VAL E 285 -14.40 -25.55 -45.72
N THR E 286 -14.43 -25.00 -46.93
CA THR E 286 -14.77 -25.81 -48.09
C THR E 286 -13.64 -26.77 -48.47
N THR E 287 -12.39 -26.32 -48.33
CA THR E 287 -11.26 -27.14 -48.74
C THR E 287 -10.66 -27.95 -47.61
N GLY E 288 -10.90 -27.58 -46.36
CA GLY E 288 -10.34 -28.30 -45.23
C GLY E 288 -8.86 -28.05 -44.99
N ARG E 289 -8.28 -27.05 -45.64
CA ARG E 289 -6.87 -26.75 -45.49
C ARG E 289 -6.68 -25.71 -44.39
N TYR E 290 -5.44 -25.62 -43.89
CA TYR E 290 -5.12 -24.73 -42.79
C TYR E 290 -4.15 -23.65 -43.25
N LEU E 291 -4.43 -22.41 -42.85
CA LEU E 291 -3.52 -21.31 -43.13
C LEU E 291 -2.15 -21.56 -42.51
N ALA E 292 -1.09 -21.37 -43.30
CA ALA E 292 0.24 -21.74 -42.87
C ALA E 292 1.25 -20.76 -43.48
N LEU E 293 2.41 -20.69 -42.85
CA LEU E 293 3.56 -19.94 -43.37
C LEU E 293 4.69 -20.91 -43.70
N THR E 294 5.02 -21.02 -44.97
CA THR E 294 6.09 -21.91 -45.42
C THR E 294 7.27 -21.07 -45.87
N GLU E 295 8.47 -21.58 -45.62
CA GLU E 295 9.68 -20.85 -45.96
C GLU E 295 9.86 -20.69 -47.47
N ASP E 296 9.19 -21.51 -48.27
CA ASP E 296 9.34 -21.48 -49.72
C ASP E 296 8.31 -20.60 -50.39
N GLN E 297 7.02 -20.88 -50.18
CA GLN E 297 5.95 -20.10 -50.80
C GLN E 297 5.42 -18.99 -49.90
N GLY E 298 5.90 -18.89 -48.67
CA GLY E 298 5.41 -17.86 -47.78
C GLY E 298 4.08 -18.22 -47.15
N LEU E 299 3.08 -17.35 -47.34
CA LEU E 299 1.76 -17.55 -46.76
C LEU E 299 0.91 -18.33 -47.75
N VAL E 300 0.55 -19.57 -47.38
CA VAL E 300 -0.27 -20.44 -48.21
C VAL E 300 -1.25 -21.18 -47.31
N VAL E 301 -2.07 -22.02 -47.93
CA VAL E 301 -2.95 -22.95 -47.21
C VAL E 301 -2.46 -24.36 -47.50
N VAL E 302 -2.22 -25.14 -46.45
CA VAL E 302 -1.63 -26.46 -46.59
C VAL E 302 -2.60 -27.52 -46.11
N ASP E 303 -2.35 -28.75 -46.53
CA ASP E 303 -3.20 -29.86 -46.12
C ASP E 303 -2.99 -30.17 -44.64
N ALA E 304 -3.91 -30.95 -44.08
CA ALA E 304 -3.88 -31.24 -42.66
C ALA E 304 -2.68 -32.08 -42.24
N CYS E 305 -2.08 -32.85 -43.14
CA CYS E 305 -0.93 -33.66 -42.75
C CYS E 305 0.34 -32.86 -42.57
N LYS E 306 0.35 -31.59 -42.97
CA LYS E 306 1.53 -30.73 -42.86
C LYS E 306 1.25 -29.50 -42.01
N ALA E 307 0.15 -29.51 -41.24
CA ALA E 307 -0.27 -28.35 -40.47
C ALA E 307 0.20 -28.52 -39.03
N HIS E 308 1.40 -28.01 -38.76
CA HIS E 308 1.99 -28.06 -37.45
C HIS E 308 1.96 -26.66 -36.83
N THR E 309 1.91 -26.63 -35.49
CA THR E 309 1.68 -25.37 -34.79
C THR E 309 2.70 -24.31 -35.17
N LYS E 310 3.94 -24.72 -35.46
CA LYS E 310 4.98 -23.76 -35.79
C LYS E 310 4.58 -22.90 -36.99
N ALA E 311 4.05 -23.53 -38.04
CA ALA E 311 3.61 -22.79 -39.21
C ALA E 311 2.16 -22.32 -39.14
N THR E 312 1.36 -22.91 -38.25
CA THR E 312 -0.08 -22.66 -38.23
C THR E 312 -0.52 -21.91 -36.97
N SER E 313 0.40 -21.25 -36.28
CA SER E 313 0.10 -20.51 -35.07
C SER E 313 -0.07 -19.03 -35.42
N PHE E 314 -1.27 -18.50 -35.20
CA PHE E 314 -1.55 -17.08 -35.41
C PHE E 314 -2.23 -16.54 -34.16
N CYS E 315 -2.23 -15.22 -34.02
CA CYS E 315 -2.90 -14.59 -32.88
C CYS E 315 -3.48 -13.25 -33.28
N PHE E 316 -4.54 -12.86 -32.58
CA PHE E 316 -5.17 -11.56 -32.74
C PHE E 316 -4.65 -10.61 -31.67
N ARG E 317 -4.28 -9.40 -32.07
CA ARG E 317 -3.76 -8.40 -31.15
C ARG E 317 -4.56 -7.12 -31.32
N VAL E 318 -4.81 -6.42 -30.21
CA VAL E 318 -5.55 -5.17 -30.28
C VAL E 318 -4.70 -4.05 -30.86
N SER E 319 -3.37 -4.18 -30.79
CA SER E 319 -2.48 -3.16 -31.32
C SER E 319 -1.14 -3.80 -31.62
N LYS E 320 -0.32 -3.08 -32.38
CA LYS E 320 1.01 -3.56 -32.76
C LYS E 320 2.07 -3.24 -31.72
N GLU E 321 1.69 -2.62 -30.60
CA GLU E 321 2.65 -2.30 -29.56
C GLU E 321 3.25 -3.58 -28.97
N LYS E 322 4.55 -3.52 -28.66
CA LYS E 322 5.28 -4.67 -28.13
C LYS E 322 5.03 -4.74 -26.62
N ASP E 330 -4.78 -19.92 -19.25
CA ASP E 330 -6.17 -20.18 -19.59
C ASP E 330 -6.96 -20.58 -18.34
N VAL E 331 -8.24 -20.23 -18.34
CA VAL E 331 -9.14 -20.56 -17.24
C VAL E 331 -10.06 -21.68 -17.69
N GLU E 332 -10.61 -22.39 -16.71
CA GLU E 332 -11.53 -23.50 -16.96
C GLU E 332 -12.96 -22.97 -16.94
N GLY E 333 -13.33 -22.32 -18.03
CA GLY E 333 -14.67 -21.77 -18.13
C GLY E 333 -14.80 -20.92 -19.38
N MET E 334 -15.95 -20.26 -19.48
CA MET E 334 -16.20 -19.38 -20.63
C MET E 334 -15.28 -18.18 -20.62
N GLY E 335 -14.85 -17.72 -19.45
CA GLY E 335 -13.97 -16.58 -19.36
C GLY E 335 -14.72 -15.27 -19.53
N PRO E 336 -14.01 -14.16 -19.39
CA PRO E 336 -14.63 -12.85 -19.54
C PRO E 336 -14.88 -12.52 -20.99
N PRO E 337 -16.05 -11.96 -21.33
CA PRO E 337 -16.30 -11.59 -22.74
C PRO E 337 -15.48 -10.37 -23.12
N GLU E 338 -14.70 -10.50 -24.19
CA GLU E 338 -13.79 -9.46 -24.63
C GLU E 338 -14.11 -8.92 -26.02
N ILE E 339 -14.21 -9.81 -27.01
CA ILE E 339 -14.27 -9.41 -28.42
C ILE E 339 -15.72 -9.42 -28.88
N LYS E 340 -16.14 -8.33 -29.52
CA LYS E 340 -17.48 -8.19 -30.05
C LYS E 340 -17.49 -8.42 -31.54
N TYR E 341 -18.68 -8.73 -32.07
CA TYR E 341 -18.85 -8.98 -33.50
C TYR E 341 -19.03 -7.65 -34.24
N GLY E 342 -18.13 -7.38 -35.19
CA GLY E 342 -18.28 -6.23 -36.06
C GLY E 342 -17.81 -4.91 -35.49
N GLU E 343 -17.30 -4.89 -34.26
CA GLU E 343 -16.81 -3.67 -33.64
C GLU E 343 -15.33 -3.71 -33.30
N SER E 344 -14.85 -4.80 -32.71
CA SER E 344 -13.44 -4.89 -32.36
C SER E 344 -12.59 -5.08 -33.61
N LEU E 345 -11.53 -4.28 -33.72
CA LEU E 345 -10.57 -4.40 -34.81
C LEU E 345 -9.33 -5.13 -34.32
N CYS E 346 -8.99 -6.24 -34.97
CA CYS E 346 -7.91 -7.11 -34.56
C CYS E 346 -6.86 -7.20 -35.64
N PHE E 347 -5.59 -7.14 -35.23
CA PHE E 347 -4.45 -7.32 -36.12
C PHE E 347 -3.95 -8.75 -35.99
N VAL E 348 -3.91 -9.48 -37.10
CA VAL E 348 -3.47 -10.86 -37.12
C VAL E 348 -1.95 -10.91 -37.27
N GLN E 349 -1.29 -11.57 -36.32
CA GLN E 349 0.17 -11.70 -36.30
C GLN E 349 0.52 -13.18 -36.24
N HIS E 350 1.51 -13.57 -37.03
CA HIS E 350 2.04 -14.93 -36.94
C HIS E 350 2.90 -15.05 -35.69
N VAL E 351 2.57 -16.03 -34.85
CA VAL E 351 3.17 -16.12 -33.52
C VAL E 351 4.65 -16.43 -33.62
N ALA E 352 5.01 -17.44 -34.42
CA ALA E 352 6.40 -17.90 -34.43
C ALA E 352 7.34 -16.84 -34.97
N SER E 353 6.95 -16.14 -36.04
CA SER E 353 7.83 -15.18 -36.69
C SER E 353 7.57 -13.75 -36.29
N GLY E 354 6.38 -13.42 -35.80
CA GLY E 354 6.04 -12.06 -35.46
C GLY E 354 5.66 -11.19 -36.64
N LEU E 355 5.62 -11.73 -37.85
CA LEU E 355 5.25 -10.94 -39.01
C LEU E 355 3.77 -10.58 -38.95
N TRP E 356 3.41 -9.51 -39.66
CA TRP E 356 2.05 -9.02 -39.68
C TRP E 356 1.40 -9.35 -41.01
N LEU E 357 0.13 -9.72 -40.95
CA LEU E 357 -0.64 -10.05 -42.15
C LEU E 357 -1.10 -8.78 -42.86
N THR E 358 -0.73 -8.65 -44.13
CA THR E 358 -1.10 -7.46 -44.89
C THR E 358 -1.15 -7.83 -46.37
N TYR E 359 -1.49 -6.85 -47.20
CA TYR E 359 -1.56 -7.05 -48.63
C TYR E 359 -0.25 -6.67 -49.30
N ALA E 360 -0.11 -7.09 -50.56
CA ALA E 360 1.03 -6.74 -51.39
C ALA E 360 0.63 -5.58 -52.30
N ALA E 361 1.49 -4.57 -52.38
CA ALA E 361 1.22 -3.38 -53.18
C ALA E 361 0.92 -3.77 -54.63
N PRO E 362 -0.34 -3.71 -55.07
CA PRO E 362 -0.66 -4.15 -56.42
C PRO E 362 0.09 -3.34 -57.47
N ASP E 363 0.50 -4.01 -58.53
CA ASP E 363 1.20 -3.33 -59.61
C ASP E 363 0.25 -2.37 -60.32
N PRO E 364 0.73 -1.18 -60.73
CA PRO E 364 -0.16 -0.27 -61.46
C PRO E 364 -0.71 -0.84 -62.75
N LYS E 365 0.07 -1.70 -63.42
CA LYS E 365 -0.37 -2.25 -64.70
C LYS E 365 -1.45 -3.31 -64.55
N ALA E 366 -1.79 -3.71 -63.32
CA ALA E 366 -2.82 -4.71 -63.10
C ALA E 366 -4.21 -4.13 -62.96
N LEU E 367 -4.34 -2.81 -62.78
CA LEU E 367 -5.66 -2.21 -62.72
C LEU E 367 -6.36 -2.26 -64.06
N ARG E 368 -5.61 -2.18 -65.16
CA ARG E 368 -6.21 -2.27 -66.49
C ARG E 368 -6.78 -3.66 -66.74
N LEU E 369 -6.17 -4.69 -66.14
CA LEU E 369 -6.66 -6.06 -66.29
C LEU E 369 -7.95 -6.32 -65.51
N GLY E 370 -8.38 -5.38 -64.67
CA GLY E 370 -9.56 -5.59 -63.86
C GLY E 370 -9.34 -6.45 -62.64
N VAL E 371 -8.09 -6.69 -62.25
CA VAL E 371 -7.78 -7.53 -61.10
C VAL E 371 -7.91 -6.71 -59.82
N LEU E 372 -9.10 -6.72 -59.22
CA LEU E 372 -9.29 -6.03 -57.96
C LEU E 372 -8.80 -6.82 -56.76
N LYS E 373 -8.54 -8.12 -56.93
CA LYS E 373 -8.03 -8.92 -55.82
C LYS E 373 -6.58 -8.54 -55.52
N LYS E 374 -6.28 -8.40 -54.23
CA LYS E 374 -4.94 -8.04 -53.77
C LYS E 374 -4.33 -9.19 -52.99
N LYS E 375 -3.16 -9.65 -53.41
CA LYS E 375 -2.54 -10.80 -52.77
C LYS E 375 -2.15 -10.50 -51.33
N ALA E 376 -2.47 -11.42 -50.42
CA ALA E 376 -2.16 -11.29 -49.01
C ALA E 376 -0.75 -11.80 -48.72
N ILE E 377 0.03 -11.00 -47.99
CA ILE E 377 1.41 -11.34 -47.68
C ILE E 377 1.67 -11.12 -46.19
N LEU E 378 2.76 -11.73 -45.72
CA LEU E 378 3.28 -11.51 -44.37
C LEU E 378 4.49 -10.59 -44.42
N HIS E 379 4.44 -9.49 -43.68
CA HIS E 379 5.48 -8.48 -43.70
C HIS E 379 5.86 -8.12 -42.27
N GLN E 380 7.12 -7.72 -42.09
CA GLN E 380 7.63 -7.45 -40.75
C GLN E 380 6.99 -6.22 -40.13
N GLU E 381 6.64 -5.23 -40.95
CA GLU E 381 6.03 -4.00 -40.47
C GLU E 381 4.54 -3.94 -40.73
N GLY E 382 4.10 -4.31 -41.93
CA GLY E 382 2.70 -4.24 -42.28
C GLY E 382 2.27 -2.81 -42.58
N HIS E 383 0.96 -2.58 -42.50
CA HIS E 383 0.38 -1.29 -42.81
C HIS E 383 -0.53 -0.83 -41.68
N MET E 384 -0.91 0.45 -41.73
CA MET E 384 -1.74 1.04 -40.70
C MET E 384 -3.20 0.65 -40.84
N ASP E 385 -3.66 0.34 -42.06
CA ASP E 385 -5.06 0.03 -42.32
C ASP E 385 -5.34 -1.47 -42.28
N ASP E 386 -4.57 -2.23 -41.50
CA ASP E 386 -4.72 -3.67 -41.42
C ASP E 386 -5.92 -4.11 -40.58
N ALA E 387 -6.65 -3.18 -39.97
CA ALA E 387 -7.76 -3.55 -39.12
C ALA E 387 -8.80 -4.36 -39.89
N LEU E 388 -9.34 -5.39 -39.24
CA LEU E 388 -10.27 -6.31 -39.86
C LEU E 388 -11.57 -6.39 -39.07
N PHE E 389 -12.68 -6.56 -39.78
CA PHE E 389 -13.99 -6.77 -39.17
C PHE E 389 -14.35 -8.24 -39.25
N LEU E 390 -14.85 -8.79 -38.15
CA LEU E 390 -15.32 -10.17 -38.07
C LEU E 390 -16.83 -10.22 -38.21
N THR E 391 -17.33 -10.86 -39.27
CA THR E 391 -18.77 -10.94 -39.51
C THR E 391 -19.23 -12.40 -39.38
N ARG E 392 -20.34 -12.61 -38.67
CA ARG E 392 -20.84 -13.97 -38.47
C ARG E 392 -21.31 -14.58 -39.79
N CYS E 393 -21.30 -15.91 -39.83
CA CYS E 393 -21.87 -16.69 -40.91
C CYS E 393 -23.01 -17.55 -40.38
N GLN E 394 -24.10 -17.62 -41.14
CA GLN E 394 -25.27 -18.38 -40.71
C GLN E 394 -25.00 -19.87 -40.66
N GLN E 395 -25.68 -20.54 -39.73
CA GLN E 395 -25.55 -21.98 -39.58
C GLN E 395 -25.97 -22.70 -40.85
N GLU E 396 -26.93 -22.14 -41.59
CA GLU E 396 -27.35 -22.76 -42.85
C GLU E 396 -26.20 -22.78 -43.85
N GLU E 397 -25.47 -21.67 -43.96
CA GLU E 397 -24.36 -21.61 -44.90
C GLU E 397 -23.22 -22.51 -44.42
N SER E 398 -22.95 -22.53 -43.12
CA SER E 398 -21.87 -23.38 -42.63
C SER E 398 -22.17 -24.86 -42.89
N GLN E 399 -23.43 -25.27 -42.65
CA GLN E 399 -23.83 -26.64 -42.91
C GLN E 399 -23.75 -26.96 -44.40
N ALA E 400 -24.18 -26.02 -45.25
CA ALA E 400 -24.13 -26.28 -46.67
C ALA E 400 -22.69 -26.44 -47.12
N ALA E 401 -21.80 -25.60 -46.61
CA ALA E 401 -20.39 -25.67 -46.99
C ALA E 401 -19.76 -26.99 -46.57
N ARG E 402 -20.08 -27.46 -45.36
CA ARG E 402 -19.54 -28.76 -44.95
C ARG E 402 -20.10 -29.91 -45.80
N MET E 403 -21.39 -29.86 -46.14
CA MET E 403 -21.93 -30.90 -47.00
C MET E 403 -21.27 -30.87 -48.37
N ILE E 404 -21.03 -29.67 -48.90
CA ILE E 404 -20.33 -29.53 -50.18
C ILE E 404 -18.93 -30.12 -50.10
N HIS E 405 -18.22 -29.88 -49.00
CA HIS E 405 -16.88 -30.43 -48.85
C HIS E 405 -16.89 -31.95 -48.88
N SER E 406 -17.83 -32.56 -48.15
CA SER E 406 -17.86 -34.01 -48.10
C SER E 406 -18.34 -34.60 -49.43
N THR E 407 -19.32 -33.96 -50.06
CA THR E 407 -19.82 -34.48 -51.32
C THR E 407 -18.75 -34.39 -52.39
N ALA E 408 -18.00 -33.29 -52.42
CA ALA E 408 -16.95 -33.14 -53.42
C ALA E 408 -15.87 -34.19 -53.22
N GLY E 409 -15.50 -34.46 -51.96
CA GLY E 409 -14.47 -35.46 -51.74
C GLY E 409 -14.93 -36.84 -52.14
N LEU E 410 -16.21 -37.14 -51.88
CA LEU E 410 -16.73 -38.45 -52.20
C LEU E 410 -16.81 -38.64 -53.71
N TYR E 411 -17.33 -37.64 -54.42
CA TYR E 411 -17.49 -37.80 -55.86
C TYR E 411 -16.15 -37.78 -56.57
N ASN E 412 -15.17 -37.01 -56.09
CA ASN E 412 -13.83 -37.08 -56.67
C ASN E 412 -13.22 -38.47 -56.49
N GLN E 413 -13.42 -39.07 -55.30
CA GLN E 413 -12.98 -40.45 -55.12
C GLN E 413 -13.69 -41.41 -56.06
N PHE E 414 -15.00 -41.23 -56.26
CA PHE E 414 -15.73 -42.08 -57.18
C PHE E 414 -15.24 -41.91 -58.62
N ILE E 415 -14.92 -40.68 -59.01
CA ILE E 415 -14.46 -40.42 -60.37
C ILE E 415 -13.12 -41.08 -60.60
N LYS E 416 -12.19 -40.92 -59.65
CA LYS E 416 -10.89 -41.55 -59.84
C LYS E 416 -11.00 -43.07 -59.78
N GLY E 417 -12.00 -43.59 -59.05
CA GLY E 417 -12.22 -45.03 -59.07
C GLY E 417 -12.70 -45.50 -60.42
N LEU E 418 -13.58 -44.72 -61.07
CA LEU E 418 -14.01 -45.09 -62.42
C LEU E 418 -12.85 -45.00 -63.40
N ASP E 419 -12.01 -43.97 -63.27
CA ASP E 419 -10.85 -43.80 -64.13
C ASP E 419 -9.76 -44.84 -63.89
N SER E 420 -9.83 -45.57 -62.77
CA SER E 420 -8.85 -46.62 -62.50
C SER E 420 -8.90 -47.73 -63.53
N PHE E 421 -10.10 -48.15 -63.94
CA PHE E 421 -10.26 -49.20 -64.94
C PHE E 421 -10.86 -48.66 -66.24
N SER E 422 -10.38 -47.49 -66.69
CA SER E 422 -10.95 -46.88 -67.88
C SER E 422 -10.80 -47.79 -69.11
N GLY E 423 -9.64 -48.41 -69.26
CA GLY E 423 -9.39 -49.27 -70.42
C GLY E 423 -8.76 -50.60 -70.08
N LYS E 424 -9.07 -51.14 -68.90
CA LYS E 424 -8.49 -52.40 -68.42
C LYS E 424 -9.61 -53.42 -68.21
N PRO E 425 -9.91 -54.25 -69.20
CA PRO E 425 -10.92 -55.30 -68.99
C PRO E 425 -10.51 -56.23 -67.87
N ARG E 426 -11.50 -56.64 -67.07
CA ARG E 426 -11.24 -57.50 -65.93
C ARG E 426 -11.02 -58.95 -66.32
N GLY E 427 -11.46 -59.36 -67.51
CA GLY E 427 -11.36 -60.76 -67.87
C GLY E 427 -12.18 -61.62 -66.94
N SER E 428 -11.65 -62.78 -66.61
CA SER E 428 -12.30 -63.69 -65.68
C SER E 428 -11.89 -63.45 -64.23
N GLY E 429 -10.97 -62.52 -63.97
CA GLY E 429 -10.51 -62.25 -62.64
C GLY E 429 -11.12 -60.99 -62.06
N PRO E 430 -10.67 -60.59 -60.88
CA PRO E 430 -11.20 -59.39 -60.24
C PRO E 430 -10.81 -58.15 -61.01
N PRO E 431 -11.54 -57.04 -60.85
CA PRO E 431 -11.18 -55.80 -61.55
C PRO E 431 -9.81 -55.25 -61.16
N ALA E 432 -9.16 -55.81 -60.13
CA ALA E 432 -7.82 -55.40 -59.73
C ALA E 432 -7.79 -53.92 -59.35
N GLY E 433 -8.52 -53.59 -58.29
CA GLY E 433 -8.54 -52.24 -57.78
C GLY E 433 -9.43 -52.09 -56.56
N PRO E 434 -9.37 -50.94 -55.91
CA PRO E 434 -10.22 -50.70 -54.74
C PRO E 434 -11.69 -50.68 -55.08
N ALA E 435 -12.50 -51.14 -54.12
CA ALA E 435 -13.95 -51.20 -54.33
C ALA E 435 -14.54 -49.80 -54.43
N LEU E 436 -15.49 -49.63 -55.34
CA LEU E 436 -16.14 -48.35 -55.51
C LEU E 436 -17.07 -48.06 -54.32
N PRO E 437 -17.16 -46.81 -53.87
CA PRO E 437 -18.13 -46.45 -52.81
C PRO E 437 -19.56 -46.32 -53.33
N ILE E 438 -20.10 -47.45 -53.80
CA ILE E 438 -21.42 -47.44 -54.43
C ILE E 438 -22.48 -47.02 -53.42
N GLU E 439 -22.47 -47.64 -52.24
CA GLU E 439 -23.49 -47.34 -51.24
C GLU E 439 -23.37 -45.91 -50.74
N ALA E 440 -22.14 -45.41 -50.60
CA ALA E 440 -21.96 -44.04 -50.15
C ALA E 440 -22.48 -43.07 -51.19
N VAL E 441 -22.22 -43.35 -52.47
CA VAL E 441 -22.68 -42.46 -53.53
C VAL E 441 -24.20 -42.45 -53.56
N ILE E 442 -24.80 -43.63 -53.45
CA ILE E 442 -26.26 -43.74 -53.50
C ILE E 442 -26.89 -42.97 -52.35
N LEU E 443 -26.36 -43.15 -51.14
CA LEU E 443 -26.92 -42.43 -49.99
C LEU E 443 -26.72 -40.94 -50.11
N SER E 444 -25.56 -40.50 -50.59
CA SER E 444 -25.35 -39.07 -50.76
C SER E 444 -26.30 -38.48 -51.79
N LEU E 445 -26.52 -39.20 -52.90
CA LEU E 445 -27.45 -38.71 -53.90
C LEU E 445 -28.86 -38.61 -53.36
N GLN E 446 -29.30 -39.63 -52.60
CA GLN E 446 -30.64 -39.59 -52.04
C GLN E 446 -30.79 -38.46 -51.04
N ASP E 447 -29.76 -38.23 -50.23
CA ASP E 447 -29.80 -37.14 -49.26
C ASP E 447 -29.89 -35.80 -49.96
N LEU E 448 -29.11 -35.60 -51.02
CA LEU E 448 -29.15 -34.32 -51.73
C LEU E 448 -30.49 -34.13 -52.44
N ILE E 449 -31.05 -35.21 -52.99
CA ILE E 449 -32.34 -35.13 -53.65
C ILE E 449 -33.42 -34.71 -52.66
N GLY E 450 -33.41 -35.31 -51.46
CA GLY E 450 -34.33 -34.86 -50.43
C GLY E 450 -33.99 -33.50 -49.84
N TYR E 451 -32.74 -33.06 -49.99
CA TYR E 451 -32.35 -31.73 -49.52
C TYR E 451 -32.86 -30.63 -50.43
N PHE E 452 -32.94 -30.90 -51.74
CA PHE E 452 -33.31 -29.89 -52.72
C PHE E 452 -34.78 -29.98 -53.14
N GLU E 453 -35.62 -30.63 -52.35
CA GLU E 453 -37.02 -30.79 -52.73
C GLU E 453 -37.69 -29.41 -52.75
N PRO E 454 -38.46 -29.09 -53.80
CA PRO E 454 -39.15 -27.80 -53.81
C PRO E 454 -40.26 -27.79 -52.79
N PRO E 455 -40.62 -26.61 -52.26
CA PRO E 455 -41.71 -26.55 -51.29
C PRO E 455 -43.04 -26.92 -51.91
N SER E 456 -43.93 -27.47 -51.09
CA SER E 456 -45.25 -27.88 -51.54
C SER E 456 -46.07 -26.67 -51.95
N LEU E 459 -49.01 -24.48 -48.80
CA LEU E 459 -48.52 -23.54 -47.80
C LEU E 459 -48.95 -22.13 -48.12
N GLN E 460 -48.96 -21.27 -47.10
CA GLN E 460 -49.32 -19.88 -47.31
C GLN E 460 -48.25 -19.13 -48.10
N HIS E 461 -48.64 -17.98 -48.63
CA HIS E 461 -47.78 -17.26 -49.56
C HIS E 461 -46.48 -16.81 -48.88
N GLU E 462 -46.56 -16.39 -47.63
CA GLU E 462 -45.39 -15.80 -46.97
C GLU E 462 -44.30 -16.84 -46.79
N GLU E 463 -44.65 -18.00 -46.22
CA GLU E 463 -43.64 -19.01 -45.98
C GLU E 463 -43.25 -19.69 -47.29
N LYS E 464 -44.16 -19.74 -48.26
CA LYS E 464 -43.79 -20.32 -49.55
C LYS E 464 -42.71 -19.47 -50.22
N GLN E 465 -42.86 -18.14 -50.16
CA GLN E 465 -41.84 -17.26 -50.72
C GLN E 465 -40.55 -17.35 -49.93
N SER E 466 -40.64 -17.50 -48.61
CA SER E 466 -39.43 -17.65 -47.79
C SER E 466 -38.68 -18.92 -48.16
N LYS E 467 -39.41 -20.02 -48.37
CA LYS E 467 -38.78 -21.27 -48.76
C LYS E 467 -38.20 -21.17 -50.16
N LEU E 468 -38.88 -20.46 -51.06
CA LEU E 468 -38.33 -20.26 -52.40
C LEU E 468 -37.03 -19.47 -52.34
N ARG E 469 -36.98 -18.43 -51.51
CA ARG E 469 -35.76 -17.64 -51.38
C ARG E 469 -34.62 -18.48 -50.83
N SER E 470 -34.90 -19.31 -49.82
CA SER E 470 -33.85 -20.18 -49.29
C SER E 470 -33.39 -21.19 -50.33
N LEU E 471 -34.33 -21.73 -51.11
CA LEU E 471 -33.96 -22.71 -52.12
C LEU E 471 -33.08 -22.07 -53.19
N ARG E 472 -33.43 -20.86 -53.63
CA ARG E 472 -32.60 -20.19 -54.62
C ARG E 472 -31.21 -19.89 -54.07
N ASN E 473 -31.12 -19.49 -52.80
CA ASN E 473 -29.82 -19.23 -52.21
C ASN E 473 -28.97 -20.49 -52.16
N ARG E 474 -29.56 -21.61 -51.77
CA ARG E 474 -28.79 -22.85 -51.67
C ARG E 474 -28.38 -23.35 -53.06
N GLN E 475 -29.26 -23.18 -54.05
CA GLN E 475 -28.91 -23.56 -55.42
C GLN E 475 -27.74 -22.73 -55.92
N SER E 476 -27.75 -21.42 -55.65
CA SER E 476 -26.62 -20.58 -56.09
C SER E 476 -25.35 -20.96 -55.35
N LEU E 477 -25.45 -21.27 -54.07
CA LEU E 477 -24.26 -21.65 -53.31
C LEU E 477 -23.63 -22.92 -53.87
N PHE E 478 -24.46 -23.92 -54.17
CA PHE E 478 -23.92 -25.16 -54.74
C PHE E 478 -23.36 -24.94 -56.13
N GLN E 479 -24.04 -24.12 -56.95
CA GLN E 479 -23.59 -23.89 -58.31
C GLN E 479 -22.24 -23.18 -58.35
N GLU E 480 -22.04 -22.21 -57.45
CA GLU E 480 -20.79 -21.45 -57.45
C GLU E 480 -19.57 -22.29 -57.09
N GLU E 481 -19.75 -23.45 -56.47
CA GLU E 481 -18.64 -24.31 -56.12
C GLU E 481 -18.34 -25.40 -57.16
N GLY E 482 -18.99 -25.36 -58.33
CA GLY E 482 -18.67 -26.30 -59.38
C GLY E 482 -19.26 -27.69 -59.23
N MET E 483 -20.27 -27.84 -58.37
CA MET E 483 -20.89 -29.14 -58.16
C MET E 483 -21.55 -29.66 -59.44
N LEU E 484 -22.16 -28.76 -60.21
CA LEU E 484 -22.79 -29.14 -61.47
C LEU E 484 -21.80 -29.73 -62.47
N SER E 485 -20.62 -29.13 -62.60
CA SER E 485 -19.63 -29.73 -63.49
C SER E 485 -19.14 -31.06 -62.97
N LEU E 486 -19.08 -31.25 -61.65
CA LEU E 486 -18.69 -32.55 -61.13
C LEU E 486 -19.72 -33.61 -61.48
N VAL E 487 -21.00 -33.25 -61.38
CA VAL E 487 -22.06 -34.19 -61.74
C VAL E 487 -22.00 -34.50 -63.23
N LEU E 488 -21.73 -33.48 -64.05
CA LEU E 488 -21.64 -33.71 -65.49
C LEU E 488 -20.49 -34.65 -65.81
N ASN E 489 -19.36 -34.48 -65.13
CA ASN E 489 -18.23 -35.37 -65.36
C ASN E 489 -18.56 -36.81 -64.96
N CYS E 490 -19.27 -36.98 -63.84
CA CYS E 490 -19.68 -38.32 -63.45
C CYS E 490 -20.62 -38.94 -64.47
N ILE E 491 -21.55 -38.14 -64.99
CA ILE E 491 -22.48 -38.66 -65.99
C ILE E 491 -21.73 -39.05 -67.26
N ASP E 492 -20.82 -38.20 -67.71
CA ASP E 492 -20.13 -38.50 -68.96
C ASP E 492 -19.32 -39.78 -68.82
N ARG E 493 -18.63 -39.95 -67.68
CA ARG E 493 -17.82 -41.15 -67.50
C ARG E 493 -18.66 -42.40 -67.32
N LEU E 494 -19.85 -42.29 -66.72
CA LEU E 494 -20.73 -43.46 -66.63
C LEU E 494 -21.49 -43.73 -67.92
N ASN E 495 -21.56 -42.76 -68.83
CA ASN E 495 -22.33 -42.94 -70.06
C ASN E 495 -21.55 -43.65 -71.16
N VAL E 496 -20.26 -43.89 -70.97
CA VAL E 496 -19.46 -44.54 -72.00
C VAL E 496 -19.76 -46.03 -72.14
N TYR E 497 -20.59 -46.58 -71.27
CA TYR E 497 -20.99 -47.99 -71.33
C TYR E 497 -22.41 -48.10 -71.85
N THR E 498 -22.60 -48.90 -72.89
CA THR E 498 -23.89 -48.97 -73.55
C THR E 498 -24.93 -49.68 -72.70
N THR E 499 -24.52 -50.59 -71.82
CA THR E 499 -25.48 -51.34 -71.03
C THR E 499 -24.80 -51.89 -69.78
N ALA E 500 -25.62 -52.48 -68.92
CA ALA E 500 -25.12 -52.99 -67.65
C ALA E 500 -24.14 -54.14 -67.87
N ALA E 501 -24.41 -55.02 -68.83
CA ALA E 501 -23.49 -56.11 -69.11
C ALA E 501 -22.13 -55.59 -69.59
N HIS E 502 -22.15 -54.56 -70.44
CA HIS E 502 -20.90 -53.94 -70.86
C HIS E 502 -20.16 -53.32 -69.68
N PHE E 503 -20.89 -52.68 -68.76
CA PHE E 503 -20.21 -52.15 -67.58
C PHE E 503 -19.69 -53.29 -66.70
N ALA E 504 -20.38 -54.44 -66.72
CA ALA E 504 -19.94 -55.59 -65.95
C ALA E 504 -18.65 -56.17 -66.51
N GLU E 505 -18.40 -55.97 -67.80
CA GLU E 505 -17.18 -56.52 -68.37
C GLU E 505 -15.94 -55.83 -67.84
N TYR E 506 -16.08 -54.69 -67.15
CA TYR E 506 -14.95 -53.95 -66.63
C TYR E 506 -15.02 -53.71 -65.14
N ALA E 507 -16.22 -53.67 -64.54
CA ALA E 507 -16.38 -53.39 -63.13
C ALA E 507 -17.02 -54.52 -62.35
N GLY E 508 -17.44 -55.60 -63.01
CA GLY E 508 -18.04 -56.73 -62.35
C GLY E 508 -19.54 -56.60 -62.18
N GLU E 509 -20.16 -57.74 -61.88
CA GLU E 509 -21.62 -57.79 -61.76
C GLU E 509 -22.09 -57.08 -60.50
N GLU E 510 -21.34 -57.22 -59.41
CA GLU E 510 -21.75 -56.63 -58.14
C GLU E 510 -21.77 -55.11 -58.23
N ALA E 511 -20.93 -54.54 -59.09
CA ALA E 511 -20.94 -53.11 -59.31
C ALA E 511 -21.93 -52.73 -60.39
N ALA E 512 -22.20 -53.66 -61.32
CA ALA E 512 -23.09 -53.38 -62.43
C ALA E 512 -24.57 -53.36 -62.03
N GLU E 513 -24.97 -54.06 -60.97
CA GLU E 513 -26.39 -54.03 -60.63
C GLU E 513 -26.88 -52.68 -60.11
N SER E 514 -25.99 -51.74 -59.80
CA SER E 514 -26.40 -50.39 -59.42
C SER E 514 -26.10 -49.32 -60.47
N TRP E 515 -25.60 -49.70 -61.65
CA TRP E 515 -25.26 -48.68 -62.65
C TRP E 515 -26.49 -47.89 -63.09
N LYS E 516 -27.60 -48.59 -63.34
CA LYS E 516 -28.80 -47.89 -63.80
C LYS E 516 -29.40 -47.03 -62.69
N GLU E 517 -29.32 -47.51 -61.45
CA GLU E 517 -29.85 -46.73 -60.33
C GLU E 517 -29.02 -45.47 -60.16
N ILE E 518 -27.71 -45.58 -60.28
CA ILE E 518 -26.86 -44.43 -60.06
C ILE E 518 -27.11 -43.40 -61.14
N VAL E 519 -27.20 -43.83 -62.40
CA VAL E 519 -27.38 -42.84 -63.46
C VAL E 519 -28.73 -42.15 -63.32
N ASN E 520 -29.77 -42.89 -62.92
CA ASN E 520 -31.06 -42.26 -62.71
C ASN E 520 -31.02 -41.27 -61.56
N LEU E 521 -30.32 -41.61 -60.47
CA LEU E 521 -30.21 -40.66 -59.37
C LEU E 521 -29.40 -39.43 -59.79
N LEU E 522 -28.38 -39.63 -60.63
CA LEU E 522 -27.57 -38.50 -61.08
C LEU E 522 -28.42 -37.53 -61.90
N TYR E 523 -29.26 -38.05 -62.79
CA TYR E 523 -30.12 -37.16 -63.56
C TYR E 523 -31.18 -36.50 -62.68
N GLU E 524 -31.70 -37.22 -61.68
CA GLU E 524 -32.68 -36.62 -60.78
C GLU E 524 -32.06 -35.49 -59.97
N LEU E 525 -30.83 -35.68 -59.50
CA LEU E 525 -30.14 -34.62 -58.78
C LEU E 525 -29.84 -33.45 -59.70
N LEU E 526 -29.44 -33.72 -60.94
CA LEU E 526 -29.16 -32.62 -61.86
C LEU E 526 -30.42 -31.79 -62.10
N ALA E 527 -31.57 -32.47 -62.24
CA ALA E 527 -32.82 -31.73 -62.40
C ALA E 527 -33.13 -30.91 -61.16
N SER E 528 -32.91 -31.47 -59.97
CA SER E 528 -33.23 -30.67 -58.79
C SER E 528 -32.28 -29.49 -58.67
N LEU E 529 -31.04 -29.67 -59.13
CA LEU E 529 -30.01 -28.64 -59.10
C LEU E 529 -30.26 -27.53 -60.10
N ILE E 530 -31.05 -27.79 -61.14
CA ILE E 530 -31.22 -26.82 -62.22
C ILE E 530 -32.66 -26.30 -62.32
N ARG E 531 -33.60 -26.88 -61.59
CA ARG E 531 -34.98 -26.40 -61.65
C ARG E 531 -35.10 -25.01 -61.03
N GLY E 532 -35.57 -24.04 -61.81
CA GLY E 532 -35.93 -22.74 -61.30
C GLY E 532 -34.84 -21.70 -61.21
N ASN E 533 -33.62 -22.01 -61.66
CA ASN E 533 -32.50 -21.08 -61.59
C ASN E 533 -32.19 -20.59 -62.99
N ARG E 534 -32.43 -19.30 -63.25
CA ARG E 534 -32.24 -18.78 -64.61
C ARG E 534 -30.76 -18.79 -64.99
N ALA E 535 -29.87 -18.47 -64.05
CA ALA E 535 -28.45 -18.45 -64.35
C ALA E 535 -27.96 -19.85 -64.70
N ASN E 536 -28.43 -20.84 -63.95
CA ASN E 536 -28.02 -22.21 -64.22
C ASN E 536 -28.60 -22.69 -65.55
N CYS E 537 -29.85 -22.30 -65.87
CA CYS E 537 -30.36 -22.75 -67.15
C CYS E 537 -29.61 -22.07 -68.28
N ALA E 538 -29.18 -20.81 -68.06
CA ALA E 538 -28.42 -20.13 -69.10
C ALA E 538 -27.06 -20.75 -69.28
N LEU E 539 -26.58 -21.52 -68.30
CA LEU E 539 -25.29 -22.19 -68.46
C LEU E 539 -25.31 -23.24 -69.56
N PHE E 540 -26.49 -23.77 -69.88
CA PHE E 540 -26.66 -24.80 -70.91
C PHE E 540 -26.77 -24.24 -72.32
N SER E 541 -26.72 -22.92 -72.50
CA SER E 541 -26.73 -22.34 -73.84
C SER E 541 -25.47 -22.65 -74.63
N THR E 542 -24.44 -23.21 -74.00
CA THR E 542 -23.22 -23.58 -74.70
C THR E 542 -23.13 -25.05 -75.06
N ASN E 543 -23.71 -25.94 -74.26
CA ASN E 543 -23.61 -27.37 -74.49
C ASN E 543 -24.98 -28.04 -74.59
N LEU E 544 -25.87 -27.47 -75.39
CA LEU E 544 -27.20 -28.06 -75.56
C LEU E 544 -27.14 -29.40 -76.27
N ASP E 545 -26.20 -29.57 -77.21
CA ASP E 545 -26.09 -30.86 -77.89
C ASP E 545 -25.75 -31.97 -76.92
N TRP E 546 -25.16 -31.63 -75.79
CA TRP E 546 -24.85 -32.63 -74.77
C TRP E 546 -26.12 -33.30 -74.28
N VAL E 547 -27.15 -32.49 -74.02
CA VAL E 547 -28.43 -33.01 -73.56
C VAL E 547 -29.19 -33.66 -74.71
N VAL E 548 -29.21 -33.02 -75.87
CA VAL E 548 -30.07 -33.52 -76.95
C VAL E 548 -29.58 -34.87 -77.46
N SER E 549 -28.27 -35.05 -77.61
CA SER E 549 -27.74 -36.30 -78.15
C SER E 549 -28.01 -37.49 -77.25
N LYS E 550 -28.33 -37.28 -75.98
CA LYS E 550 -28.61 -38.37 -75.06
C LYS E 550 -30.10 -38.70 -74.96
N LEU E 551 -30.95 -38.05 -75.74
CA LEU E 551 -32.39 -38.31 -75.65
C LEU E 551 -32.74 -39.73 -76.08
N ASP E 552 -31.95 -40.32 -76.96
CA ASP E 552 -32.25 -41.65 -77.48
C ASP E 552 -31.83 -42.78 -76.55
N ARG E 553 -31.16 -42.47 -75.44
CA ARG E 553 -30.76 -43.50 -74.49
C ARG E 553 -32.00 -44.14 -73.88
N LEU E 554 -31.95 -45.46 -73.74
CA LEU E 554 -33.10 -46.19 -73.23
C LEU E 554 -33.26 -46.05 -71.73
N GLU E 555 -32.20 -45.71 -71.01
CA GLU E 555 -32.23 -45.55 -69.57
C GLU E 555 -32.21 -44.06 -69.21
N ALA E 556 -32.99 -43.69 -68.20
CA ALA E 556 -33.10 -42.31 -67.75
C ALA E 556 -33.70 -41.42 -68.84
N SER E 557 -34.50 -42.00 -69.73
CA SER E 557 -35.14 -41.22 -70.78
C SER E 557 -36.03 -40.13 -70.17
N SER E 558 -36.79 -40.50 -69.13
CA SER E 558 -37.70 -39.54 -68.51
C SER E 558 -36.93 -38.47 -67.77
N GLY E 559 -35.84 -38.85 -67.10
CA GLY E 559 -35.08 -37.86 -66.36
C GLY E 559 -34.44 -36.86 -67.30
N ILE E 560 -33.90 -37.33 -68.41
CA ILE E 560 -33.26 -36.42 -69.34
C ILE E 560 -34.29 -35.52 -69.99
N LEU E 561 -35.48 -36.07 -70.30
CA LEU E 561 -36.53 -35.24 -70.85
C LEU E 561 -36.96 -34.17 -69.86
N GLU E 562 -37.03 -34.52 -68.57
CA GLU E 562 -37.36 -33.54 -67.55
C GLU E 562 -36.31 -32.46 -67.46
N VAL E 563 -35.04 -32.83 -67.58
CA VAL E 563 -33.96 -31.85 -67.55
C VAL E 563 -34.10 -30.87 -68.71
N LEU E 564 -34.38 -31.41 -69.90
CA LEU E 564 -34.55 -30.54 -71.06
C LEU E 564 -35.75 -29.62 -70.87
N TYR E 565 -36.84 -30.15 -70.31
CA TYR E 565 -38.03 -29.33 -70.11
C TYR E 565 -37.73 -28.19 -69.13
N CYS E 566 -37.00 -28.50 -68.07
CA CYS E 566 -36.68 -27.46 -67.09
C CYS E 566 -35.81 -26.38 -67.71
N VAL E 567 -34.84 -26.79 -68.55
CA VAL E 567 -33.97 -25.80 -69.16
C VAL E 567 -34.77 -24.90 -70.10
N LEU E 568 -35.63 -25.51 -70.91
CA LEU E 568 -36.33 -24.77 -71.96
C LEU E 568 -37.38 -23.84 -71.37
N ILE E 569 -38.04 -24.26 -70.28
CA ILE E 569 -39.09 -23.44 -69.69
C ILE E 569 -38.54 -22.23 -68.97
N GLU E 570 -37.22 -22.12 -68.84
CA GLU E 570 -36.60 -21.05 -68.07
C GLU E 570 -35.68 -20.16 -68.90
N SER E 571 -34.89 -20.73 -69.82
CA SER E 571 -33.86 -19.95 -70.50
C SER E 571 -34.28 -19.60 -71.91
N PRO E 572 -34.60 -18.33 -72.21
CA PRO E 572 -34.88 -17.95 -73.61
C PRO E 572 -33.69 -18.05 -74.54
N GLU E 573 -32.46 -18.04 -74.02
CA GLU E 573 -31.28 -18.14 -74.86
C GLU E 573 -31.22 -19.50 -75.56
N VAL E 574 -31.63 -20.55 -74.86
CA VAL E 574 -31.59 -21.87 -75.48
C VAL E 574 -32.55 -21.90 -76.66
N LEU E 575 -33.69 -21.22 -76.56
CA LEU E 575 -34.60 -21.23 -77.69
C LEU E 575 -33.97 -20.51 -78.88
N ASN E 576 -33.11 -19.52 -78.61
CA ASN E 576 -32.46 -18.80 -79.70
C ASN E 576 -31.32 -19.60 -80.29
N ILE E 577 -30.86 -20.64 -79.58
CA ILE E 577 -29.80 -21.50 -80.09
C ILE E 577 -30.32 -22.83 -80.62
N ILE E 578 -31.60 -23.13 -80.43
CA ILE E 578 -32.16 -24.40 -80.89
C ILE E 578 -32.25 -24.41 -82.40
N GLN E 579 -31.84 -25.52 -83.01
CA GLN E 579 -31.76 -25.65 -84.46
C GLN E 579 -32.64 -26.78 -84.99
N GLU E 580 -32.63 -26.89 -86.31
CA GLU E 580 -33.49 -27.85 -87.00
C GLU E 580 -33.14 -29.28 -86.62
N ASN E 581 -31.85 -29.59 -86.50
CA ASN E 581 -31.48 -30.96 -86.14
C ASN E 581 -31.97 -31.30 -84.75
N HIS E 582 -32.00 -30.31 -83.85
CA HIS E 582 -32.55 -30.51 -82.52
C HIS E 582 -34.04 -30.83 -82.60
N ILE E 583 -34.77 -30.08 -83.42
CA ILE E 583 -36.21 -30.30 -83.49
C ILE E 583 -36.51 -31.65 -84.13
N LYS E 584 -35.75 -32.02 -85.17
CA LYS E 584 -35.92 -33.32 -85.80
C LYS E 584 -35.61 -34.44 -84.82
N SER E 585 -34.62 -34.25 -83.95
CA SER E 585 -34.31 -35.26 -82.93
C SER E 585 -35.47 -35.41 -81.96
N ILE E 586 -36.08 -34.30 -81.55
CA ILE E 586 -37.21 -34.41 -80.63
C ILE E 586 -38.40 -35.09 -81.31
N ILE E 587 -38.65 -34.76 -82.57
CA ILE E 587 -39.74 -35.44 -83.24
C ILE E 587 -39.43 -36.93 -83.39
N SER E 588 -38.17 -37.28 -83.67
CA SER E 588 -37.87 -38.71 -83.73
C SER E 588 -38.06 -39.35 -82.36
N LEU E 589 -37.92 -38.55 -81.30
CA LEU E 589 -38.17 -39.10 -79.97
C LEU E 589 -39.64 -39.46 -79.81
N LEU E 590 -40.50 -38.60 -80.37
CA LEU E 590 -41.93 -38.91 -80.39
C LEU E 590 -42.21 -40.16 -81.21
N ASP E 591 -41.53 -40.27 -82.35
CA ASP E 591 -41.76 -41.38 -83.27
C ASP E 591 -41.32 -42.71 -82.67
N LYS E 592 -40.26 -42.71 -81.88
CA LYS E 592 -39.68 -43.94 -81.39
C LYS E 592 -40.15 -44.32 -79.99
N HIS E 593 -40.56 -43.35 -79.17
CA HIS E 593 -41.01 -43.66 -77.81
C HIS E 593 -42.51 -43.52 -77.65
N GLY E 594 -43.24 -43.19 -78.72
CA GLY E 594 -44.68 -43.23 -78.65
C GLY E 594 -45.32 -41.90 -78.31
N ARG E 595 -46.64 -41.96 -78.13
CA ARG E 595 -47.46 -40.77 -77.90
C ARG E 595 -47.36 -40.37 -76.43
N ASN E 596 -46.34 -39.56 -76.13
CA ASN E 596 -46.14 -39.01 -74.79
C ASN E 596 -46.46 -37.52 -74.82
N HIS E 597 -47.35 -37.09 -73.93
CA HIS E 597 -47.77 -35.70 -73.89
C HIS E 597 -46.67 -34.77 -73.41
N LYS E 598 -45.65 -35.27 -72.72
CA LYS E 598 -44.58 -34.39 -72.28
C LYS E 598 -43.76 -33.86 -73.45
N VAL E 599 -43.57 -34.68 -74.49
CA VAL E 599 -42.88 -34.20 -75.68
C VAL E 599 -43.69 -33.10 -76.35
N LEU E 600 -45.02 -33.25 -76.35
CA LEU E 600 -45.87 -32.20 -76.89
C LEU E 600 -45.76 -30.92 -76.08
N ASP E 601 -45.70 -31.04 -74.75
CA ASP E 601 -45.51 -29.86 -73.92
C ASP E 601 -44.17 -29.18 -74.18
N VAL E 602 -43.13 -29.99 -74.44
CA VAL E 602 -41.83 -29.44 -74.78
C VAL E 602 -41.90 -28.67 -76.09
N LEU E 603 -42.58 -29.23 -77.08
CA LEU E 603 -42.71 -28.52 -78.36
C LEU E 603 -43.53 -27.25 -78.19
N CYS E 604 -44.54 -27.28 -77.33
CA CYS E 604 -45.32 -26.07 -77.08
C CYS E 604 -44.44 -25.01 -76.45
N SER E 605 -43.59 -25.41 -75.51
CA SER E 605 -42.70 -24.46 -74.83
C SER E 605 -41.64 -23.91 -75.77
N LEU E 606 -41.30 -24.65 -76.83
CA LEU E 606 -40.27 -24.17 -77.75
C LEU E 606 -40.72 -22.96 -78.57
N CYS E 607 -42.02 -22.68 -78.62
CA CYS E 607 -42.53 -21.65 -79.52
C CYS E 607 -42.45 -20.26 -78.92
N VAL E 608 -43.03 -20.06 -77.74
CA VAL E 608 -43.14 -18.75 -77.13
C VAL E 608 -42.56 -18.80 -75.71
N CYS E 609 -41.77 -17.80 -75.37
CA CYS E 609 -41.22 -17.65 -74.03
C CYS E 609 -41.33 -16.19 -73.61
N ASN E 610 -41.95 -15.94 -72.46
CA ASN E 610 -42.11 -14.59 -71.94
C ASN E 610 -42.85 -13.68 -72.91
N GLY E 611 -43.87 -14.24 -73.58
CA GLY E 611 -44.73 -13.46 -74.43
C GLY E 611 -44.17 -13.10 -75.79
N VAL E 612 -43.04 -13.67 -76.19
CA VAL E 612 -42.44 -13.42 -77.50
C VAL E 612 -42.29 -14.75 -78.21
N ALA E 613 -42.74 -14.81 -79.46
CA ALA E 613 -42.74 -16.03 -80.26
C ALA E 613 -41.53 -16.06 -81.19
N VAL E 614 -41.08 -17.27 -81.50
CA VAL E 614 -39.96 -17.49 -82.41
C VAL E 614 -40.51 -18.02 -83.72
N ARG E 615 -40.46 -17.18 -84.76
CA ARG E 615 -41.02 -17.55 -86.05
C ARG E 615 -40.28 -18.74 -86.64
N SER E 616 -38.96 -18.77 -86.48
CA SER E 616 -38.17 -19.86 -87.05
C SER E 616 -38.57 -21.20 -86.45
N ASN E 617 -38.73 -21.22 -85.12
CA ASN E 617 -39.13 -22.46 -84.46
C ASN E 617 -40.53 -22.87 -84.87
N GLN E 618 -41.45 -21.90 -84.96
CA GLN E 618 -42.82 -22.25 -85.33
C GLN E 618 -42.86 -22.82 -86.74
N ASP E 619 -42.10 -22.22 -87.66
CA ASP E 619 -42.09 -22.69 -89.04
C ASP E 619 -41.44 -24.06 -89.15
N LEU E 620 -40.34 -24.29 -88.42
CA LEU E 620 -39.68 -25.58 -88.51
C LEU E 620 -40.56 -26.69 -87.95
N ILE E 621 -41.24 -26.43 -86.84
CA ILE E 621 -42.16 -27.42 -86.28
C ILE E 621 -43.30 -27.71 -87.25
N THR E 622 -43.87 -26.65 -87.84
CA THR E 622 -44.95 -26.86 -88.80
C THR E 622 -44.48 -27.67 -90.00
N GLU E 623 -43.28 -27.37 -90.49
CA GLU E 623 -42.80 -28.04 -91.69
C GLU E 623 -42.49 -29.51 -91.42
N ASN E 624 -41.93 -29.80 -90.25
CA ASN E 624 -41.42 -31.14 -89.96
C ASN E 624 -42.38 -32.01 -89.17
N LEU E 625 -43.58 -31.51 -88.84
CA LEU E 625 -44.46 -32.32 -88.02
C LEU E 625 -45.86 -32.50 -88.61
N LEU E 626 -46.43 -31.46 -89.20
CA LEU E 626 -47.81 -31.52 -89.66
C LEU E 626 -47.99 -32.30 -90.95
N PRO E 627 -47.25 -31.99 -92.02
CA PRO E 627 -47.59 -32.56 -93.34
C PRO E 627 -47.49 -34.08 -93.40
N GLY E 628 -46.76 -34.72 -92.50
CA GLY E 628 -46.66 -36.17 -92.55
C GLY E 628 -48.01 -36.85 -92.36
N ARG E 629 -48.81 -36.34 -91.43
CA ARG E 629 -50.14 -36.91 -91.16
C ARG E 629 -50.05 -38.39 -90.79
N GLU E 630 -49.01 -38.74 -90.03
CA GLU E 630 -48.82 -40.11 -89.58
C GLU E 630 -48.81 -40.26 -88.07
N LEU E 631 -48.41 -39.23 -87.32
CA LEU E 631 -48.33 -39.33 -85.87
C LEU E 631 -49.60 -38.80 -85.20
N LEU E 632 -49.96 -37.56 -85.49
CA LEU E 632 -51.12 -36.95 -84.84
C LEU E 632 -52.42 -37.56 -85.36
N LEU E 633 -53.40 -37.64 -84.47
CA LEU E 633 -54.70 -38.18 -84.81
C LEU E 633 -55.44 -37.24 -85.75
N GLN E 634 -56.16 -37.83 -86.70
CA GLN E 634 -56.89 -37.10 -87.74
C GLN E 634 -58.38 -37.14 -87.47
N THR E 635 -59.06 -36.04 -87.79
CA THR E 635 -60.49 -35.92 -87.60
C THR E 635 -61.15 -35.48 -88.90
N ASN E 636 -62.38 -35.95 -89.12
CA ASN E 636 -63.16 -35.58 -90.29
C ASN E 636 -64.60 -36.01 -90.09
N LEU E 637 -65.50 -35.35 -90.81
CA LEU E 637 -66.92 -35.66 -90.78
C LEU E 637 -67.29 -36.67 -91.86
N ILE E 638 -67.99 -37.73 -91.45
CA ILE E 638 -68.39 -38.80 -92.36
C ILE E 638 -69.88 -39.08 -92.22
N ASN E 639 -70.48 -39.62 -93.28
CA ASN E 639 -71.88 -39.98 -93.30
C ASN E 639 -72.10 -41.41 -92.81
N TYR E 640 -73.29 -41.66 -92.26
CA TYR E 640 -73.72 -43.00 -91.88
C TYR E 640 -74.16 -43.79 -93.10
N VAL E 641 -73.87 -45.09 -93.10
CA VAL E 641 -74.23 -46.00 -94.18
C VAL E 641 -74.95 -47.20 -93.60
N THR E 642 -76.05 -47.62 -94.24
CA THR E 642 -76.84 -48.76 -93.80
C THR E 642 -77.03 -49.75 -94.94
N SER E 643 -77.07 -51.03 -94.57
CA SER E 643 -77.25 -52.12 -95.53
C SER E 643 -78.60 -52.79 -95.36
N ILE E 644 -79.23 -53.16 -96.48
CA ILE E 644 -80.52 -53.84 -96.50
C ILE E 644 -80.41 -55.08 -97.37
N ARG E 645 -80.98 -56.20 -96.89
CA ARG E 645 -80.90 -57.48 -97.60
C ARG E 645 -82.22 -58.21 -97.55
N PRO E 646 -82.66 -58.89 -98.62
CA PRO E 646 -83.80 -59.80 -98.53
C PRO E 646 -83.46 -61.05 -97.72
N ASN E 647 -84.51 -61.72 -97.25
CA ASN E 647 -84.36 -62.93 -96.45
C ASN E 647 -84.29 -64.20 -97.31
N ILE E 648 -83.38 -64.23 -98.27
CA ILE E 648 -83.16 -65.40 -99.11
C ILE E 648 -81.71 -65.84 -98.97
N PHE E 649 -81.50 -67.10 -98.62
CA PHE E 649 -80.17 -67.64 -98.36
C PHE E 649 -79.93 -68.85 -99.24
N VAL E 650 -78.83 -68.84 -99.98
CA VAL E 650 -78.45 -69.94 -100.85
C VAL E 650 -77.00 -70.30 -100.58
N GLY E 651 -76.65 -71.55 -100.87
CA GLY E 651 -75.29 -72.01 -100.64
C GLY E 651 -75.05 -73.33 -101.34
N ARG E 652 -73.81 -73.80 -101.23
CA ARG E 652 -73.38 -75.06 -101.84
C ARG E 652 -72.73 -75.94 -100.78
N ALA E 653 -73.08 -77.22 -100.81
CA ALA E 653 -72.49 -78.19 -99.91
C ALA E 653 -72.63 -79.58 -100.52
N GLU E 654 -71.83 -80.51 -100.01
CA GLU E 654 -71.87 -81.88 -100.51
C GLU E 654 -73.19 -82.54 -100.16
N GLY E 655 -73.93 -82.95 -101.18
CA GLY E 655 -75.24 -83.55 -100.97
C GLY E 655 -76.36 -82.56 -100.73
N SER E 656 -76.11 -81.27 -100.88
CA SER E 656 -77.14 -80.27 -100.66
C SER E 656 -78.17 -80.30 -101.77
N THR E 657 -79.38 -79.85 -101.44
CA THR E 657 -80.50 -79.82 -102.37
C THR E 657 -80.65 -78.47 -103.06
N GLN E 658 -79.76 -77.52 -102.79
CA GLN E 658 -79.91 -76.16 -103.29
C GLN E 658 -79.35 -76.02 -104.70
N TYR E 659 -79.98 -75.16 -105.49
CA TYR E 659 -79.54 -74.88 -106.84
C TYR E 659 -78.30 -73.99 -106.84
N GLY E 660 -77.60 -73.97 -107.96
CA GLY E 660 -76.29 -73.34 -108.04
C GLY E 660 -76.23 -71.96 -108.67
N LYS E 661 -77.20 -71.60 -109.50
CA LYS E 661 -77.16 -70.34 -110.25
C LYS E 661 -78.39 -69.50 -109.92
N TRP E 662 -78.15 -68.24 -109.58
CA TRP E 662 -79.20 -67.33 -109.15
C TRP E 662 -79.02 -65.97 -109.81
N TYR E 663 -80.12 -65.22 -109.90
CA TYR E 663 -80.16 -63.97 -110.64
C TYR E 663 -81.16 -63.01 -109.98
N PHE E 664 -80.79 -61.73 -109.90
CA PHE E 664 -81.73 -60.72 -109.41
C PHE E 664 -81.36 -59.35 -109.97
N GLU E 665 -82.29 -58.40 -109.87
CA GLU E 665 -82.06 -57.06 -110.40
C GLU E 665 -82.40 -56.00 -109.37
N VAL E 666 -81.69 -54.88 -109.45
CA VAL E 666 -81.96 -53.71 -108.62
C VAL E 666 -82.10 -52.49 -109.52
N MET E 667 -83.23 -51.78 -109.41
CA MET E 667 -83.49 -50.59 -110.21
C MET E 667 -83.40 -49.33 -109.35
N VAL E 668 -82.64 -48.35 -109.81
CA VAL E 668 -82.43 -47.09 -109.09
C VAL E 668 -83.44 -46.07 -109.57
N ASP E 669 -84.20 -45.46 -108.66
CA ASP E 669 -85.21 -44.48 -109.04
C ASP E 669 -84.80 -43.03 -108.75
N GLU E 670 -84.10 -42.78 -107.65
CA GLU E 670 -83.75 -41.40 -107.29
C GLU E 670 -82.53 -41.40 -106.40
N VAL E 671 -81.48 -40.68 -106.82
CA VAL E 671 -80.26 -40.51 -106.04
C VAL E 671 -79.85 -39.04 -106.10
N VAL E 672 -79.60 -38.45 -104.93
CA VAL E 672 -79.11 -37.08 -104.83
C VAL E 672 -77.59 -37.14 -104.83
N PRO E 673 -76.91 -36.59 -105.85
CA PRO E 673 -75.44 -36.72 -105.89
C PRO E 673 -74.73 -36.16 -104.67
N PHE E 674 -75.17 -35.00 -104.17
CA PHE E 674 -74.54 -34.36 -103.02
C PHE E 674 -75.62 -33.81 -102.10
N LEU E 675 -76.09 -34.63 -101.17
CA LEU E 675 -76.95 -34.14 -100.10
C LEU E 675 -76.14 -33.41 -99.04
N THR E 676 -74.91 -33.84 -98.80
CA THR E 676 -74.01 -33.18 -97.87
C THR E 676 -72.66 -32.91 -98.55
N ALA E 677 -71.66 -32.50 -97.78
CA ALA E 677 -70.34 -32.25 -98.34
C ALA E 677 -69.69 -33.52 -98.87
N GLN E 678 -70.14 -34.69 -98.44
CA GLN E 678 -69.56 -35.95 -98.85
C GLN E 678 -70.45 -36.64 -99.88
N ALA E 679 -69.81 -37.35 -100.80
CA ALA E 679 -70.54 -38.00 -101.89
C ALA E 679 -71.46 -39.09 -101.37
N THR E 680 -72.59 -39.26 -102.05
CA THR E 680 -73.57 -40.26 -101.66
C THR E 680 -73.04 -41.67 -101.90
N HIS E 681 -73.25 -42.55 -100.92
CA HIS E 681 -72.80 -43.93 -100.98
C HIS E 681 -73.93 -44.82 -101.47
N LEU E 682 -73.62 -45.68 -102.45
CA LEU E 682 -74.61 -46.61 -103.01
C LEU E 682 -73.88 -47.76 -103.68
N ARG E 683 -74.00 -48.97 -103.11
CA ARG E 683 -73.39 -50.16 -103.67
C ARG E 683 -74.39 -51.31 -103.64
N VAL E 684 -74.24 -52.22 -104.60
CA VAL E 684 -75.11 -53.39 -104.76
C VAL E 684 -74.23 -54.62 -104.93
N GLY E 685 -74.61 -55.73 -104.29
CA GLY E 685 -73.85 -56.95 -104.46
C GLY E 685 -74.33 -58.06 -103.54
N TRP E 686 -73.43 -59.01 -103.29
CA TRP E 686 -73.70 -60.16 -102.45
C TRP E 686 -72.84 -60.11 -101.20
N ALA E 687 -73.35 -60.74 -100.13
CA ALA E 687 -72.63 -60.82 -98.87
C ALA E 687 -72.81 -62.20 -98.26
N LEU E 688 -71.87 -62.57 -97.42
CA LEU E 688 -71.85 -63.87 -96.75
C LEU E 688 -72.45 -63.74 -95.35
N THR E 689 -73.19 -64.77 -94.94
CA THR E 689 -73.85 -64.72 -93.64
C THR E 689 -72.85 -64.59 -92.50
N GLU E 690 -71.75 -65.35 -92.58
CA GLU E 690 -70.75 -65.35 -91.52
C GLU E 690 -69.67 -64.32 -91.83
N GLY E 691 -69.45 -63.41 -90.90
CA GLY E 691 -68.41 -62.42 -90.98
C GLY E 691 -68.89 -61.03 -91.36
N TYR E 692 -69.97 -60.93 -92.12
CA TYR E 692 -70.48 -59.62 -92.56
C TYR E 692 -71.39 -59.07 -91.48
N SER E 693 -70.82 -58.27 -90.58
CA SER E 693 -71.55 -57.64 -89.50
C SER E 693 -71.12 -56.18 -89.41
N PRO E 694 -71.57 -55.35 -90.35
CA PRO E 694 -71.19 -53.93 -90.34
C PRO E 694 -71.98 -53.17 -89.28
N TYR E 695 -71.28 -52.63 -88.30
CA TYR E 695 -71.96 -51.84 -87.28
C TYR E 695 -71.95 -50.35 -87.66
N PRO E 696 -72.99 -49.61 -87.31
CA PRO E 696 -73.00 -48.18 -87.62
C PRO E 696 -71.87 -47.44 -86.93
N GLY E 697 -71.35 -46.43 -87.62
CA GLY E 697 -70.31 -45.58 -87.06
C GLY E 697 -68.94 -45.91 -87.63
N GLY E 698 -67.99 -46.18 -86.73
CA GLY E 698 -66.62 -46.38 -87.12
C GLY E 698 -66.36 -47.74 -87.73
N GLY E 699 -65.11 -47.93 -88.14
CA GLY E 699 -64.72 -49.19 -88.75
C GLY E 699 -63.37 -49.07 -89.44
N GLU E 700 -63.19 -49.89 -90.47
CA GLU E 700 -61.92 -49.91 -91.18
C GLU E 700 -61.71 -48.61 -91.95
N GLY E 701 -60.48 -48.12 -91.94
CA GLY E 701 -60.18 -46.89 -92.65
C GLY E 701 -61.02 -45.76 -92.10
N TRP E 702 -61.78 -45.12 -92.98
CA TRP E 702 -62.74 -44.10 -92.59
C TRP E 702 -64.12 -44.75 -92.55
N GLY E 703 -64.90 -44.40 -91.53
CA GLY E 703 -66.20 -45.02 -91.35
C GLY E 703 -67.08 -44.96 -92.57
N GLY E 704 -68.22 -45.64 -92.51
CA GLY E 704 -69.12 -45.73 -93.64
C GLY E 704 -68.93 -47.03 -94.40
N ASN E 705 -68.75 -48.12 -93.67
CA ASN E 705 -68.49 -49.41 -94.29
C ASN E 705 -69.75 -49.99 -94.89
N GLY E 706 -69.65 -50.45 -96.13
CA GLY E 706 -70.75 -51.08 -96.83
C GLY E 706 -70.28 -52.33 -97.54
N VAL E 707 -70.90 -52.58 -98.69
CA VAL E 707 -70.56 -53.76 -99.49
C VAL E 707 -69.18 -53.57 -100.10
N GLY E 708 -68.33 -54.58 -99.99
CA GLY E 708 -66.99 -54.55 -100.53
C GLY E 708 -65.94 -53.94 -99.62
N ASP E 709 -66.29 -53.58 -98.40
CA ASP E 709 -65.34 -53.06 -97.43
C ASP E 709 -64.69 -54.16 -96.60
N ASP E 710 -65.01 -55.42 -96.87
CA ASP E 710 -64.36 -56.55 -96.22
C ASP E 710 -64.22 -57.66 -97.24
N LEU E 711 -63.74 -58.83 -96.79
CA LEU E 711 -63.56 -59.98 -97.66
C LEU E 711 -64.76 -60.91 -97.66
N TYR E 712 -65.86 -60.53 -97.01
CA TYR E 712 -67.08 -61.32 -97.01
C TYR E 712 -68.14 -60.76 -97.94
N SER E 713 -67.88 -59.65 -98.63
CA SER E 713 -68.85 -59.03 -99.52
C SER E 713 -68.18 -58.63 -100.82
N TYR E 714 -68.99 -58.53 -101.87
CA TYR E 714 -68.51 -58.24 -103.21
C TYR E 714 -69.50 -57.31 -103.89
N GLY E 715 -69.14 -56.04 -104.04
CA GLY E 715 -70.04 -55.00 -104.49
C GLY E 715 -69.66 -54.41 -105.85
N PHE E 716 -70.52 -53.50 -106.30
CA PHE E 716 -70.33 -52.85 -107.59
C PHE E 716 -71.10 -51.53 -107.58
N ASP E 717 -70.38 -50.42 -107.76
CA ASP E 717 -70.97 -49.08 -107.67
C ASP E 717 -71.14 -48.41 -109.04
N GLY E 718 -70.92 -49.14 -110.13
CA GLY E 718 -71.06 -48.60 -111.47
C GLY E 718 -69.74 -48.31 -112.16
N LEU E 719 -68.72 -47.93 -111.40
CA LEU E 719 -67.41 -47.60 -111.95
C LEU E 719 -66.28 -48.46 -111.42
N HIS E 720 -66.41 -49.03 -110.23
CA HIS E 720 -65.34 -49.80 -109.60
C HIS E 720 -65.91 -51.10 -109.06
N LEU E 721 -65.04 -52.09 -108.95
CA LEU E 721 -65.34 -53.33 -108.24
C LEU E 721 -64.72 -53.26 -106.85
N TRP E 722 -65.56 -53.37 -105.82
CA TRP E 722 -65.13 -53.19 -104.44
C TRP E 722 -64.97 -54.56 -103.79
N THR E 723 -63.79 -54.81 -103.22
CA THR E 723 -63.57 -55.98 -102.39
C THR E 723 -62.36 -55.72 -101.51
N GLY E 724 -62.45 -56.13 -100.25
CA GLY E 724 -61.37 -55.91 -99.32
C GLY E 724 -61.03 -54.45 -99.12
N HIS E 725 -62.03 -53.57 -99.15
CA HIS E 725 -61.82 -52.14 -98.98
C HIS E 725 -60.88 -51.57 -100.04
N VAL E 726 -60.89 -52.15 -101.23
CA VAL E 726 -60.06 -51.69 -102.34
C VAL E 726 -60.95 -51.51 -103.57
N ALA E 727 -60.85 -50.34 -104.19
CA ALA E 727 -61.62 -50.02 -105.39
C ALA E 727 -60.77 -50.26 -106.63
N ARG E 728 -61.24 -51.14 -107.51
CA ARG E 728 -60.53 -51.45 -108.75
C ARG E 728 -61.36 -51.00 -109.94
N PRO E 729 -60.88 -50.05 -110.74
CA PRO E 729 -61.68 -49.56 -111.87
C PRO E 729 -62.01 -50.67 -112.85
N VAL E 730 -63.21 -50.57 -113.43
CA VAL E 730 -63.70 -51.52 -114.43
C VAL E 730 -64.23 -50.74 -115.61
N THR E 731 -64.17 -51.37 -116.79
CA THR E 731 -64.56 -50.73 -118.03
C THR E 731 -65.91 -51.26 -118.49
N SER E 732 -66.83 -50.34 -118.79
CA SER E 732 -68.15 -50.69 -119.30
C SER E 732 -68.55 -49.66 -120.35
N PRO E 733 -69.41 -50.04 -121.30
CA PRO E 733 -69.89 -49.07 -122.30
C PRO E 733 -70.63 -47.91 -121.63
N GLY E 734 -70.06 -46.72 -121.77
CA GLY E 734 -70.66 -45.55 -121.17
C GLY E 734 -70.52 -45.52 -119.66
N GLN E 735 -69.29 -45.50 -119.18
CA GLN E 735 -69.06 -45.52 -117.74
C GLN E 735 -69.65 -44.28 -117.09
N HIS E 736 -70.41 -44.48 -116.02
CA HIS E 736 -70.93 -43.37 -115.23
C HIS E 736 -71.43 -43.92 -113.91
N LEU E 737 -71.44 -43.05 -112.89
CA LEU E 737 -71.96 -43.43 -111.60
C LEU E 737 -73.45 -43.74 -111.69
N LEU E 738 -73.91 -44.59 -110.78
CA LEU E 738 -75.30 -45.02 -110.78
C LEU E 738 -76.24 -43.82 -110.80
N ALA E 739 -77.09 -43.77 -111.82
CA ALA E 739 -78.01 -42.66 -112.06
C ALA E 739 -79.43 -43.21 -112.17
N PRO E 740 -80.44 -42.36 -112.01
CA PRO E 740 -81.82 -42.84 -112.07
C PRO E 740 -82.12 -43.53 -113.40
N GLU E 741 -83.02 -44.50 -113.33
CA GLU E 741 -83.43 -45.33 -114.46
C GLU E 741 -82.39 -46.37 -114.84
N ASP E 742 -81.42 -46.64 -113.96
CA ASP E 742 -80.42 -47.68 -114.19
C ASP E 742 -80.85 -48.98 -113.52
N VAL E 743 -80.66 -50.08 -114.24
CA VAL E 743 -81.01 -51.42 -113.76
C VAL E 743 -79.74 -52.25 -113.72
N VAL E 744 -79.42 -52.79 -112.55
CA VAL E 744 -78.23 -53.60 -112.34
C VAL E 744 -78.67 -55.05 -112.14
N SER E 745 -78.16 -55.94 -112.98
CA SER E 745 -78.48 -57.35 -112.94
C SER E 745 -77.27 -58.10 -112.36
N CYS E 746 -77.50 -58.84 -111.28
CA CYS E 746 -76.46 -59.61 -110.61
C CYS E 746 -76.71 -61.10 -110.75
N CYS E 747 -75.69 -61.81 -111.20
CA CYS E 747 -75.71 -63.26 -111.40
C CYS E 747 -74.69 -63.91 -110.46
N LEU E 748 -75.12 -64.97 -109.78
CA LEU E 748 -74.27 -65.73 -108.86
C LEU E 748 -74.24 -67.19 -109.29
N ASP E 749 -73.08 -67.67 -109.73
CA ASP E 749 -72.89 -69.06 -110.13
C ASP E 749 -71.96 -69.74 -109.14
N LEU E 750 -72.39 -70.89 -108.62
CA LEU E 750 -71.64 -71.62 -107.61
C LEU E 750 -70.93 -72.86 -108.14
N SER E 751 -71.25 -73.32 -109.35
CA SER E 751 -70.56 -74.50 -109.87
C SER E 751 -69.08 -74.22 -110.05
N VAL E 752 -68.75 -73.04 -110.54
CA VAL E 752 -67.42 -72.47 -110.46
C VAL E 752 -67.60 -71.09 -109.83
N PRO E 753 -67.12 -70.86 -108.62
CA PRO E 753 -67.51 -69.63 -107.90
C PRO E 753 -67.31 -68.38 -108.74
N SER E 754 -68.41 -67.71 -109.10
CA SER E 754 -68.30 -66.49 -109.88
C SER E 754 -69.50 -65.59 -109.61
N ILE E 755 -69.24 -64.29 -109.61
CA ILE E 755 -70.25 -63.24 -109.50
C ILE E 755 -70.08 -62.32 -110.70
N SER E 756 -71.17 -62.11 -111.45
CA SER E 756 -71.10 -61.25 -112.62
C SER E 756 -72.21 -60.21 -112.56
N PHE E 757 -71.95 -59.08 -113.23
CA PHE E 757 -72.85 -57.94 -113.23
C PHE E 757 -73.16 -57.53 -114.67
N ARG E 758 -74.33 -56.94 -114.86
CA ARG E 758 -74.70 -56.30 -116.12
C ARG E 758 -75.41 -55.00 -115.79
N ILE E 759 -75.04 -53.93 -116.49
CA ILE E 759 -75.65 -52.62 -116.29
C ILE E 759 -76.35 -52.22 -117.59
N ASN E 760 -77.66 -52.02 -117.49
CA ASN E 760 -78.46 -51.59 -118.64
C ASN E 760 -78.30 -52.55 -119.82
N GLY E 761 -78.05 -53.83 -119.51
CA GLY E 761 -77.90 -54.84 -120.53
C GLY E 761 -76.48 -55.04 -121.04
N CYS E 762 -75.57 -54.12 -120.74
CA CYS E 762 -74.21 -54.25 -121.24
C CYS E 762 -73.34 -54.95 -120.19
N PRO E 763 -72.62 -56.00 -120.55
CA PRO E 763 -71.77 -56.69 -119.56
C PRO E 763 -70.63 -55.81 -119.08
N VAL E 764 -70.27 -56.01 -117.81
CA VAL E 764 -69.12 -55.34 -117.20
C VAL E 764 -67.95 -56.30 -117.21
N GLN E 765 -66.81 -55.84 -117.74
CA GLN E 765 -65.64 -56.68 -117.98
C GLN E 765 -64.83 -56.85 -116.68
N GLY E 766 -65.41 -57.61 -115.75
CA GLY E 766 -64.74 -57.90 -114.50
C GLY E 766 -65.51 -58.86 -113.62
N VAL E 767 -64.84 -59.87 -113.08
CA VAL E 767 -65.50 -60.92 -112.30
C VAL E 767 -64.69 -61.25 -111.05
N PHE E 768 -65.41 -61.48 -109.96
CA PHE E 768 -64.86 -62.10 -108.76
C PHE E 768 -64.92 -63.62 -108.89
N GLU E 769 -63.89 -64.30 -108.41
CA GLU E 769 -63.86 -65.75 -108.51
C GLU E 769 -62.95 -66.32 -107.44
N ALA E 770 -63.02 -67.65 -107.27
CA ALA E 770 -62.15 -68.38 -106.36
C ALA E 770 -62.27 -67.86 -104.93
N PHE E 771 -63.50 -67.65 -104.49
CA PHE E 771 -63.76 -67.21 -103.12
C PHE E 771 -64.22 -68.37 -102.26
N ASN E 772 -64.31 -68.11 -100.96
CA ASN E 772 -64.66 -69.14 -100.00
C ASN E 772 -66.14 -69.52 -100.11
N LEU E 773 -66.46 -70.71 -99.60
CA LEU E 773 -67.80 -71.27 -99.61
C LEU E 773 -68.19 -71.78 -98.24
N ASP E 774 -67.83 -71.01 -97.20
CA ASP E 774 -68.05 -71.41 -95.82
C ASP E 774 -69.41 -70.95 -95.27
N GLY E 775 -70.25 -70.35 -96.11
CA GLY E 775 -71.53 -69.84 -95.63
C GLY E 775 -72.57 -69.70 -96.72
N LEU E 776 -73.62 -68.94 -96.43
CA LEU E 776 -74.72 -68.70 -97.36
C LEU E 776 -74.64 -67.27 -97.89
N PHE E 777 -74.97 -67.10 -99.17
CA PHE E 777 -74.89 -65.81 -99.83
C PHE E 777 -76.28 -65.22 -99.99
N PHE E 778 -76.39 -63.91 -99.71
CA PHE E 778 -77.64 -63.20 -99.87
C PHE E 778 -77.42 -61.89 -100.60
N PRO E 779 -78.39 -61.44 -101.40
CA PRO E 779 -78.32 -60.10 -101.98
C PRO E 779 -78.34 -59.01 -100.92
N VAL E 780 -77.64 -57.91 -101.20
CA VAL E 780 -77.51 -56.82 -100.25
C VAL E 780 -77.25 -55.53 -101.02
N VAL E 781 -77.82 -54.44 -100.53
CA VAL E 781 -77.53 -53.10 -101.02
C VAL E 781 -77.14 -52.23 -99.84
N SER E 782 -76.03 -51.51 -99.97
CA SER E 782 -75.60 -50.55 -98.97
C SER E 782 -75.81 -49.15 -99.51
N PHE E 783 -76.26 -48.24 -98.65
CA PHE E 783 -76.62 -46.91 -99.12
C PHE E 783 -76.53 -45.92 -97.97
N SER E 784 -76.38 -44.65 -98.36
CA SER E 784 -76.48 -43.54 -97.44
C SER E 784 -77.81 -42.82 -97.63
N ALA E 785 -77.98 -41.70 -96.93
CA ALA E 785 -79.21 -40.94 -97.05
C ALA E 785 -79.33 -40.31 -98.43
N GLY E 786 -80.55 -40.27 -98.93
CA GLY E 786 -80.83 -39.70 -100.23
C GLY E 786 -81.01 -40.71 -101.34
N VAL E 787 -81.57 -41.88 -101.06
CA VAL E 787 -81.70 -42.93 -102.06
C VAL E 787 -83.14 -43.44 -102.12
N LYS E 788 -83.44 -44.09 -103.25
CA LYS E 788 -84.74 -44.71 -103.50
C LYS E 788 -84.51 -45.80 -104.54
N VAL E 789 -84.48 -47.05 -104.09
CA VAL E 789 -84.19 -48.17 -104.97
C VAL E 789 -85.29 -49.21 -104.87
N ARG E 790 -85.40 -50.06 -105.89
CA ARG E 790 -86.39 -51.13 -105.91
C ARG E 790 -85.74 -52.47 -106.24
N PHE E 791 -86.04 -53.48 -105.42
CA PHE E 791 -85.62 -54.84 -105.67
C PHE E 791 -86.57 -55.51 -106.65
N LEU E 792 -86.02 -56.08 -107.73
CA LEU E 792 -86.73 -56.88 -108.71
C LEU E 792 -86.28 -58.33 -108.56
N LEU E 793 -87.18 -59.20 -108.11
CA LEU E 793 -86.86 -60.60 -107.87
C LEU E 793 -87.60 -61.57 -108.79
N GLY E 794 -88.43 -61.07 -109.70
CA GLY E 794 -89.08 -61.93 -110.67
C GLY E 794 -90.35 -62.58 -110.15
N GLY E 795 -91.01 -63.30 -111.07
CA GLY E 795 -92.24 -63.99 -110.73
C GLY E 795 -93.35 -63.01 -110.37
N ARG E 796 -94.03 -63.29 -109.26
CA ARG E 796 -95.10 -62.41 -108.81
C ARG E 796 -94.55 -61.09 -108.27
N HIS E 797 -93.25 -61.00 -108.06
CA HIS E 797 -92.60 -59.80 -107.58
C HIS E 797 -92.08 -59.00 -108.77
N GLY E 798 -91.22 -58.03 -108.51
CA GLY E 798 -90.68 -57.19 -109.56
C GLY E 798 -90.27 -57.94 -110.82
N GLU E 799 -91.00 -57.70 -111.91
CA GLU E 799 -90.70 -58.36 -113.16
C GLU E 799 -89.33 -57.95 -113.69
N PHE E 800 -88.58 -58.93 -114.19
CA PHE E 800 -87.26 -58.67 -114.72
C PHE E 800 -87.37 -57.87 -116.02
N LYS E 801 -86.55 -56.83 -116.14
CA LYS E 801 -86.53 -56.04 -117.36
C LYS E 801 -85.80 -56.76 -118.49
N PHE E 802 -84.82 -57.60 -118.16
CA PHE E 802 -84.06 -58.35 -119.16
C PHE E 802 -84.13 -59.83 -118.82
N LEU E 803 -84.08 -60.64 -119.86
CA LEU E 803 -84.18 -62.09 -119.67
C LEU E 803 -82.94 -62.62 -118.95
N PRO E 804 -83.09 -63.46 -117.93
CA PRO E 804 -81.91 -63.99 -117.25
C PRO E 804 -81.12 -64.89 -118.18
N PRO E 805 -79.81 -65.02 -117.95
CA PRO E 805 -79.02 -65.91 -118.79
C PRO E 805 -79.49 -67.34 -118.63
N PRO E 806 -79.30 -68.18 -119.65
CA PRO E 806 -79.83 -69.54 -119.59
C PRO E 806 -79.27 -70.31 -118.40
N GLY E 807 -80.14 -71.11 -117.78
CA GLY E 807 -79.77 -71.93 -116.65
C GLY E 807 -79.92 -71.27 -115.29
N TYR E 808 -80.07 -69.95 -115.25
CA TYR E 808 -80.20 -69.23 -113.99
C TYR E 808 -81.66 -69.18 -113.56
N ALA E 809 -81.88 -69.29 -112.24
CA ALA E 809 -83.21 -69.31 -111.69
C ALA E 809 -83.52 -68.01 -110.94
N PRO E 810 -84.76 -67.52 -111.00
CA PRO E 810 -85.11 -66.34 -110.21
C PRO E 810 -84.97 -66.59 -108.72
N CYS E 811 -84.58 -65.54 -107.99
CA CYS E 811 -84.33 -65.66 -106.55
C CYS E 811 -85.61 -65.90 -105.76
N HIS E 812 -86.78 -65.55 -106.30
CA HIS E 812 -88.02 -65.77 -105.58
C HIS E 812 -88.33 -67.25 -105.37
N GLU E 813 -87.71 -68.13 -106.16
CA GLU E 813 -87.91 -69.56 -106.00
C GLU E 813 -87.17 -70.14 -104.79
N ALA E 814 -86.30 -69.36 -104.16
CA ALA E 814 -85.49 -69.86 -103.04
C ALA E 814 -86.14 -69.57 -101.69
N VAL E 815 -87.36 -69.05 -101.66
CA VAL E 815 -88.02 -68.77 -100.40
C VAL E 815 -88.39 -70.09 -99.73
N LEU E 816 -88.11 -70.18 -98.44
CA LEU E 816 -88.38 -71.40 -97.70
C LEU E 816 -89.88 -71.58 -97.50
N PRO E 817 -90.36 -72.81 -97.37
CA PRO E 817 -91.81 -73.01 -97.21
C PRO E 817 -92.39 -72.35 -95.97
N ARG E 818 -91.63 -72.28 -94.89
CA ARG E 818 -92.14 -71.77 -93.62
C ARG E 818 -91.95 -70.27 -93.46
N GLU E 819 -91.35 -69.59 -94.43
CA GLU E 819 -91.03 -68.18 -94.32
C GLU E 819 -91.67 -67.42 -95.47
N ARG E 820 -92.01 -66.16 -95.20
CA ARG E 820 -92.55 -65.25 -96.20
C ARG E 820 -91.51 -64.19 -96.54
N LEU E 821 -91.50 -63.80 -97.81
CA LEU E 821 -90.52 -62.82 -98.29
C LEU E 821 -90.71 -61.49 -97.58
N ARG E 822 -89.59 -60.90 -97.14
CA ARG E 822 -89.62 -59.61 -96.48
C ARG E 822 -88.23 -58.99 -96.56
N LEU E 823 -88.16 -57.70 -96.24
CA LEU E 823 -86.90 -56.96 -96.18
C LEU E 823 -86.58 -56.64 -94.74
N GLU E 824 -85.35 -56.97 -94.33
CA GLU E 824 -84.93 -56.81 -92.95
C GLU E 824 -83.51 -56.27 -92.88
N PRO E 825 -83.14 -55.59 -91.79
CA PRO E 825 -81.75 -55.21 -91.60
C PRO E 825 -80.85 -56.40 -91.30
N ILE E 826 -79.58 -56.15 -91.03
CA ILE E 826 -78.59 -57.20 -90.81
C ILE E 826 -78.04 -57.04 -89.40
N LYS E 827 -78.32 -58.03 -88.54
CA LYS E 827 -77.75 -58.09 -87.20
C LYS E 827 -77.96 -56.79 -86.44
N GLU E 828 -79.20 -56.32 -86.43
CA GLU E 828 -79.54 -55.11 -85.68
C GLU E 828 -79.55 -55.42 -84.18
N TYR E 829 -79.04 -54.49 -83.39
CA TYR E 829 -79.06 -54.59 -81.94
C TYR E 829 -80.05 -53.62 -81.31
N ARG E 830 -80.91 -53.00 -82.10
CA ARG E 830 -81.82 -51.98 -81.61
C ARG E 830 -82.93 -51.77 -82.63
N ARG E 831 -84.14 -51.54 -82.15
CA ARG E 831 -85.26 -51.30 -83.06
C ARG E 831 -86.27 -50.39 -82.39
N GLU E 832 -87.14 -49.80 -83.21
CA GLU E 832 -88.23 -48.98 -82.70
C GLU E 832 -89.37 -49.85 -82.19
N GLY E 833 -90.07 -49.35 -81.17
CA GLY E 833 -91.24 -50.02 -80.65
C GLY E 833 -92.33 -49.02 -80.34
N PRO E 834 -93.45 -49.50 -79.79
CA PRO E 834 -94.55 -48.58 -79.48
C PRO E 834 -94.15 -47.52 -78.46
N ARG E 835 -93.62 -47.92 -77.31
CA ARG E 835 -93.29 -46.99 -76.23
C ARG E 835 -91.83 -46.56 -76.22
N GLY E 836 -91.01 -47.04 -77.15
CA GLY E 836 -89.61 -46.66 -77.15
C GLY E 836 -88.70 -47.66 -77.84
N PRO E 837 -87.40 -47.44 -77.74
CA PRO E 837 -86.44 -48.39 -78.32
C PRO E 837 -86.48 -49.74 -77.63
N HIS E 838 -86.38 -50.79 -78.42
CA HIS E 838 -86.29 -52.17 -77.94
C HIS E 838 -84.89 -52.69 -78.23
N LEU E 839 -84.24 -53.21 -77.20
CA LEU E 839 -82.95 -53.87 -77.35
C LEU E 839 -83.16 -55.32 -77.77
N VAL E 840 -82.35 -55.76 -78.75
CA VAL E 840 -82.47 -57.06 -79.38
C VAL E 840 -81.14 -57.78 -79.24
N GLY E 841 -81.20 -59.06 -78.85
CA GLY E 841 -80.01 -59.88 -78.74
C GLY E 841 -79.59 -60.48 -80.06
N PRO E 842 -78.61 -61.39 -80.01
CA PRO E 842 -78.14 -62.03 -81.24
C PRO E 842 -79.24 -62.83 -81.92
N SER E 843 -79.15 -62.92 -83.25
CA SER E 843 -80.13 -63.62 -84.06
C SER E 843 -79.56 -64.95 -84.52
N ARG E 844 -80.35 -66.01 -84.37
CA ARG E 844 -79.95 -67.33 -84.84
C ARG E 844 -79.97 -67.38 -86.36
N CYS E 845 -78.90 -67.92 -86.95
CA CYS E 845 -78.75 -67.98 -88.39
C CYS E 845 -78.51 -69.43 -88.83
N LEU E 846 -79.04 -69.77 -90.00
CA LEU E 846 -78.89 -71.11 -90.54
C LEU E 846 -77.48 -71.33 -91.08
N SER E 847 -77.16 -72.59 -91.33
CA SER E 847 -75.88 -72.99 -91.89
C SER E 847 -76.09 -73.82 -93.16
N HIS E 848 -75.05 -73.87 -93.98
CA HIS E 848 -75.11 -74.64 -95.22
C HIS E 848 -75.27 -76.13 -95.00
N THR E 849 -74.88 -76.62 -93.82
CA THR E 849 -75.08 -78.03 -93.49
C THR E 849 -76.52 -78.37 -93.13
N ASP E 850 -77.33 -77.38 -92.78
CA ASP E 850 -78.72 -77.63 -92.45
C ASP E 850 -79.57 -78.07 -93.63
N PHE E 851 -79.07 -77.91 -94.86
CA PHE E 851 -79.78 -78.33 -96.06
C PHE E 851 -79.33 -79.69 -96.59
N VAL E 852 -78.47 -80.45 -95.88
CA VAL E 852 -78.07 -81.81 -96.30
C VAL E 852 -78.86 -82.86 -95.50
N PRO E 853 -79.54 -83.82 -96.14
CA PRO E 853 -80.27 -84.85 -95.41
C PRO E 853 -79.31 -85.88 -94.79
N CYS E 854 -79.52 -86.24 -93.54
CA CYS E 854 -78.65 -87.14 -92.80
C CYS E 854 -79.44 -88.30 -92.15
N PRO E 855 -79.86 -89.30 -92.93
CA PRO E 855 -80.62 -90.44 -92.43
C PRO E 855 -79.75 -91.39 -91.60
N VAL E 856 -80.39 -92.14 -90.69
CA VAL E 856 -79.69 -93.17 -89.88
C VAL E 856 -79.40 -94.35 -90.82
N ASP E 857 -80.13 -94.45 -91.94
CA ASP E 857 -79.96 -95.57 -92.91
C ASP E 857 -78.50 -96.00 -93.02
N THR E 858 -78.15 -97.18 -92.49
CA THR E 858 -76.78 -97.74 -92.58
C THR E 858 -76.89 -99.06 -93.34
N VAL E 859 -75.77 -99.66 -93.73
CA VAL E 859 -75.77 -100.95 -94.49
C VAL E 859 -76.32 -102.07 -93.61
N GLN E 860 -76.26 -101.92 -92.28
CA GLN E 860 -76.75 -102.94 -91.31
C GLN E 860 -78.16 -103.41 -91.70
N ILE E 861 -78.39 -104.72 -91.70
CA ILE E 861 -79.74 -105.26 -91.97
C ILE E 861 -80.19 -106.04 -90.73
N VAL E 862 -81.48 -106.00 -90.38
CA VAL E 862 -82.05 -106.71 -89.19
C VAL E 862 -82.60 -108.06 -89.65
N LEU E 863 -83.65 -108.05 -90.47
CA LEU E 863 -84.32 -109.29 -90.96
C LEU E 863 -84.69 -110.18 -89.76
N PRO E 864 -85.34 -109.66 -88.70
CA PRO E 864 -85.70 -110.47 -87.53
C PRO E 864 -86.74 -111.54 -87.88
N PRO E 865 -86.44 -112.86 -87.77
CA PRO E 865 -87.42 -113.87 -88.18
C PRO E 865 -88.69 -113.75 -87.35
N HIS E 866 -88.55 -113.25 -86.11
CA HIS E 866 -89.69 -113.13 -85.17
C HIS E 866 -90.61 -111.95 -85.53
N LEU E 867 -90.22 -111.08 -86.48
CA LEU E 867 -91.08 -109.96 -86.90
C LEU E 867 -91.63 -110.13 -88.32
N GLU E 868 -91.39 -111.28 -88.95
CA GLU E 868 -91.88 -111.51 -90.31
C GLU E 868 -93.40 -111.62 -90.39
N ARG E 869 -94.04 -112.26 -89.41
CA ARG E 869 -95.51 -112.37 -89.44
C ARG E 869 -96.13 -110.99 -89.30
N ILE E 870 -95.61 -110.20 -88.36
CA ILE E 870 -96.23 -108.93 -88.12
C ILE E 870 -95.95 -108.01 -89.34
N ARG E 871 -94.85 -108.22 -90.05
CA ARG E 871 -94.62 -107.43 -91.29
C ARG E 871 -95.81 -107.59 -92.25
N GLU E 872 -96.24 -108.84 -92.43
CA GLU E 872 -97.38 -109.16 -93.31
C GLU E 872 -98.70 -108.52 -92.80
N LYS E 873 -98.99 -108.72 -91.53
CA LYS E 873 -100.23 -108.17 -90.96
C LYS E 873 -100.23 -106.64 -90.99
N LEU E 874 -99.06 -106.01 -90.75
CA LEU E 874 -98.94 -104.58 -90.83
C LEU E 874 -99.23 -104.10 -92.26
N ALA E 875 -98.63 -104.75 -93.24
CA ALA E 875 -98.86 -104.33 -94.63
C ALA E 875 -100.34 -104.44 -94.97
N GLU E 876 -101.00 -105.50 -94.50
CA GLU E 876 -102.44 -105.70 -94.79
C GLU E 876 -103.24 -104.54 -94.20
N ASN E 877 -102.97 -104.17 -92.95
CA ASN E 877 -103.79 -103.10 -92.39
C ASN E 877 -103.49 -101.74 -93.00
N ILE E 878 -102.22 -101.49 -93.34
CA ILE E 878 -101.88 -100.26 -94.02
C ILE E 878 -102.65 -100.12 -95.35
N HIS E 879 -102.78 -101.24 -96.06
CA HIS E 879 -103.57 -101.25 -97.31
C HIS E 879 -105.04 -100.93 -97.07
N GLU E 880 -105.63 -101.55 -96.05
CA GLU E 880 -107.01 -101.27 -95.72
C GLU E 880 -107.23 -99.81 -95.39
N LEU E 881 -106.30 -99.22 -94.62
CA LEU E 881 -106.41 -97.83 -94.27
C LEU E 881 -106.25 -96.92 -95.50
N TRP E 882 -105.32 -97.28 -96.37
CA TRP E 882 -105.09 -96.51 -97.60
C TRP E 882 -106.32 -96.53 -98.47
N ALA E 883 -106.89 -97.74 -98.63
CA ALA E 883 -108.07 -97.88 -99.47
C ALA E 883 -109.25 -97.07 -98.91
N LEU E 884 -109.45 -97.13 -97.60
CA LEU E 884 -110.48 -96.32 -96.97
C LEU E 884 -110.30 -94.82 -97.27
N THR E 885 -109.06 -94.33 -97.16
CA THR E 885 -108.73 -92.90 -97.40
C THR E 885 -109.10 -92.55 -98.85
N ARG E 886 -108.78 -93.42 -99.83
CA ARG E 886 -109.11 -93.21 -101.26
C ARG E 886 -110.62 -93.20 -101.45
N ILE E 887 -111.31 -94.17 -100.86
CA ILE E 887 -112.76 -94.33 -101.10
C ILE E 887 -113.52 -93.16 -100.48
N GLU E 888 -113.09 -92.68 -99.31
CA GLU E 888 -113.69 -91.46 -98.76
C GLU E 888 -113.60 -90.27 -99.70
N GLN E 889 -112.50 -90.20 -100.44
CA GLN E 889 -112.30 -89.11 -101.41
C GLN E 889 -112.85 -89.40 -102.81
N GLY E 890 -113.78 -90.35 -102.94
CA GLY E 890 -114.50 -90.54 -104.17
C GLY E 890 -113.83 -91.50 -105.13
N TRP E 891 -112.74 -92.16 -104.72
CA TRP E 891 -112.10 -93.15 -105.60
C TRP E 891 -112.90 -94.44 -105.63
N THR E 892 -112.92 -95.04 -106.80
CA THR E 892 -113.58 -96.33 -107.02
C THR E 892 -112.67 -97.22 -107.86
N TYR E 893 -113.03 -98.50 -107.95
CA TYR E 893 -112.19 -99.45 -108.68
C TYR E 893 -112.26 -99.30 -110.19
N GLY E 894 -111.09 -99.36 -110.82
CA GLY E 894 -111.05 -99.65 -112.23
C GLY E 894 -109.71 -100.27 -112.58
N PRO E 895 -109.65 -101.03 -113.69
CA PRO E 895 -108.41 -101.78 -113.96
C PRO E 895 -107.27 -100.91 -114.42
N VAL E 896 -107.56 -99.71 -114.91
CA VAL E 896 -106.53 -98.76 -115.31
C VAL E 896 -106.76 -97.48 -114.54
N ARG E 897 -105.71 -96.98 -113.90
CA ARG E 897 -105.80 -95.76 -113.15
C ARG E 897 -106.29 -94.58 -114.01
N ASP E 898 -107.19 -93.78 -113.44
CA ASP E 898 -107.68 -92.57 -114.12
C ASP E 898 -107.88 -91.53 -113.03
N ASP E 899 -107.00 -90.54 -112.98
CA ASP E 899 -107.03 -89.53 -111.93
C ASP E 899 -108.28 -88.64 -111.99
N ASN E 900 -108.76 -88.36 -113.19
CA ASN E 900 -109.92 -87.49 -113.36
C ASN E 900 -111.22 -88.17 -112.89
N LYS E 901 -111.43 -89.40 -113.33
CA LYS E 901 -112.58 -90.20 -112.88
C LYS E 901 -112.34 -90.86 -111.50
N ARG E 902 -111.13 -90.74 -110.95
CA ARG E 902 -110.71 -91.30 -109.67
C ARG E 902 -110.95 -92.81 -109.64
N LEU E 903 -110.40 -93.47 -110.65
CA LEU E 903 -110.42 -94.93 -110.74
C LEU E 903 -109.03 -95.44 -110.37
N HIS E 904 -108.96 -96.49 -109.55
CA HIS E 904 -107.65 -97.03 -109.13
C HIS E 904 -107.71 -98.54 -109.06
N PRO E 905 -106.73 -99.22 -109.63
CA PRO E 905 -106.75 -100.69 -109.62
C PRO E 905 -106.36 -101.31 -108.29
N CYS E 906 -105.85 -100.55 -107.35
CA CYS E 906 -105.43 -101.15 -106.08
C CYS E 906 -106.57 -101.23 -105.10
N LEU E 907 -107.78 -100.84 -105.50
CA LEU E 907 -108.93 -100.95 -104.60
C LEU E 907 -109.54 -102.36 -104.72
N VAL E 908 -108.75 -103.30 -104.21
CA VAL E 908 -108.97 -104.73 -104.24
C VAL E 908 -108.49 -105.29 -102.91
N ASN E 909 -108.83 -106.55 -102.61
CA ASN E 909 -108.25 -107.22 -101.45
C ASN E 909 -106.73 -107.25 -101.57
N PHE E 910 -106.04 -107.11 -100.43
CA PHE E 910 -104.58 -107.11 -100.43
C PHE E 910 -104.01 -108.30 -101.20
N HIS E 911 -104.55 -109.48 -100.95
CA HIS E 911 -104.11 -110.75 -101.54
C HIS E 911 -104.36 -110.81 -103.05
N SER E 912 -105.21 -109.89 -103.52
CA SER E 912 -105.54 -109.80 -104.95
C SER E 912 -104.71 -108.75 -105.72
N LEU E 913 -103.88 -107.99 -105.02
CA LEU E 913 -102.94 -107.13 -105.71
C LEU E 913 -101.97 -107.93 -106.53
N PRO E 914 -101.47 -107.35 -107.63
CA PRO E 914 -100.35 -107.94 -108.37
C PRO E 914 -99.16 -108.21 -107.45
N GLU E 915 -98.41 -109.26 -107.72
CA GLU E 915 -97.35 -109.68 -106.81
C GLU E 915 -96.33 -108.56 -106.57
N PRO E 916 -95.95 -107.81 -107.63
CA PRO E 916 -94.97 -106.74 -107.38
C PRO E 916 -95.48 -105.64 -106.45
N GLU E 917 -96.78 -105.37 -106.47
CA GLU E 917 -97.37 -104.36 -105.61
C GLU E 917 -97.46 -104.88 -104.19
N ARG E 918 -97.86 -106.14 -104.03
CA ARG E 918 -97.84 -106.78 -102.71
C ARG E 918 -96.41 -106.75 -102.14
N ASN E 919 -95.43 -107.08 -102.97
CA ASN E 919 -94.06 -107.13 -102.50
C ASN E 919 -93.57 -105.73 -102.09
N TYR E 920 -93.89 -104.71 -102.88
CA TYR E 920 -93.55 -103.34 -102.49
C TYR E 920 -94.16 -102.98 -101.12
N ASN E 921 -95.43 -103.33 -100.91
CA ASN E 921 -96.10 -103.03 -99.65
C ASN E 921 -95.43 -103.75 -98.48
N LEU E 922 -95.04 -104.99 -98.70
CA LEU E 922 -94.36 -105.77 -97.68
C LEU E 922 -93.00 -105.18 -97.40
N GLN E 923 -92.31 -104.73 -98.45
CA GLN E 923 -91.01 -104.08 -98.25
C GLN E 923 -91.14 -102.83 -97.41
N MET E 924 -92.18 -102.03 -97.67
CA MET E 924 -92.38 -100.76 -96.95
C MET E 924 -92.72 -101.01 -95.47
N SER E 925 -93.60 -101.99 -95.21
CA SER E 925 -93.91 -102.41 -93.85
C SER E 925 -92.66 -102.87 -93.12
N GLY E 926 -91.83 -103.66 -93.78
CA GLY E 926 -90.59 -104.15 -93.22
C GLY E 926 -89.65 -103.00 -92.94
N GLU E 927 -89.65 -101.98 -93.79
CA GLU E 927 -88.73 -100.87 -93.53
C GLU E 927 -89.25 -99.96 -92.41
N THR E 928 -90.56 -99.91 -92.15
CA THR E 928 -91.03 -99.25 -90.93
C THR E 928 -90.48 -99.97 -89.70
N LEU E 929 -90.59 -101.27 -89.73
CA LEU E 929 -90.09 -102.09 -88.62
C LEU E 929 -88.58 -101.95 -88.48
N LYS E 930 -87.83 -102.03 -89.58
CA LYS E 930 -86.38 -101.92 -89.50
C LYS E 930 -85.96 -100.53 -89.03
N THR E 931 -86.70 -99.50 -89.40
CA THR E 931 -86.34 -98.14 -88.96
C THR E 931 -86.65 -97.98 -87.45
N LEU E 932 -87.75 -98.57 -86.96
CA LEU E 932 -87.97 -98.61 -85.51
C LEU E 932 -86.80 -99.24 -84.80
N LEU E 933 -86.32 -100.38 -85.30
CA LEU E 933 -85.19 -101.05 -84.68
C LEU E 933 -83.89 -100.21 -84.77
N ALA E 934 -83.70 -99.49 -85.87
CA ALA E 934 -82.50 -98.67 -86.04
C ALA E 934 -82.54 -97.50 -85.07
N LEU E 935 -83.74 -97.04 -84.75
CA LEU E 935 -83.92 -95.98 -83.75
C LEU E 935 -83.79 -96.52 -82.34
N GLY E 936 -83.48 -97.81 -82.20
CA GLY E 936 -83.22 -98.38 -80.89
C GLY E 936 -84.43 -98.94 -80.15
N CYS E 937 -85.62 -98.96 -80.80
CA CYS E 937 -86.80 -99.51 -80.15
C CYS E 937 -86.66 -101.01 -79.89
N HIS E 938 -87.21 -101.44 -78.77
CA HIS E 938 -87.37 -102.84 -78.42
C HIS E 938 -88.79 -103.21 -78.86
N VAL E 939 -88.93 -104.18 -79.76
CA VAL E 939 -90.24 -104.56 -80.30
C VAL E 939 -90.42 -106.05 -80.08
N GLY E 940 -91.44 -106.41 -79.31
CA GLY E 940 -91.60 -107.82 -78.93
C GLY E 940 -93.03 -108.13 -78.50
N MET E 941 -93.44 -109.37 -78.65
CA MET E 941 -94.78 -109.76 -78.24
C MET E 941 -94.95 -109.63 -76.74
N ALA E 942 -96.04 -108.99 -76.32
CA ALA E 942 -96.36 -108.82 -74.90
C ALA E 942 -97.73 -109.38 -74.50
N ASP E 943 -98.72 -109.31 -75.38
CA ASP E 943 -100.06 -109.78 -75.07
C ASP E 943 -100.51 -110.72 -76.18
N GLU E 944 -100.35 -112.02 -75.92
CA GLU E 944 -100.67 -113.02 -76.94
C GLU E 944 -102.18 -113.12 -77.21
N LYS E 945 -102.99 -112.53 -76.33
CA LYS E 945 -104.46 -112.56 -76.53
C LYS E 945 -104.97 -111.41 -77.39
N ALA E 946 -104.13 -110.40 -77.63
CA ALA E 946 -104.63 -109.19 -78.26
C ALA E 946 -105.13 -109.43 -79.67
N GLU E 947 -104.41 -110.25 -80.45
CA GLU E 947 -104.79 -110.43 -81.84
C GLU E 947 -106.20 -111.03 -81.99
N ASP E 948 -106.55 -112.08 -81.24
CA ASP E 948 -107.88 -112.66 -81.45
C ASP E 948 -108.98 -111.85 -80.80
N ASN E 949 -108.62 -110.80 -80.09
CA ASN E 949 -109.62 -109.83 -79.61
C ASN E 949 -109.79 -108.62 -80.52
N LEU E 950 -108.96 -108.49 -81.55
CA LEU E 950 -109.12 -107.40 -82.52
C LEU E 950 -110.42 -107.55 -83.32
N LYS E 951 -111.04 -106.41 -83.61
CA LYS E 951 -112.19 -106.35 -84.49
C LYS E 951 -111.89 -105.41 -85.61
N LYS E 952 -112.58 -105.61 -86.72
CA LYS E 952 -112.44 -104.72 -87.86
C LYS E 952 -113.56 -103.68 -87.88
N THR E 953 -113.24 -102.50 -88.39
CA THR E 953 -114.27 -101.48 -88.63
C THR E 953 -115.23 -101.95 -89.70
N LYS E 954 -116.54 -101.85 -89.40
CA LYS E 954 -117.58 -102.27 -90.33
C LYS E 954 -118.20 -101.07 -91.03
N LEU E 955 -117.79 -100.88 -92.27
CA LEU E 955 -118.25 -99.73 -93.06
C LEU E 955 -119.55 -100.04 -93.77
N PRO E 956 -120.38 -99.00 -94.04
CA PRO E 956 -121.58 -99.27 -94.81
C PRO E 956 -121.32 -99.61 -96.27
N LYS E 957 -122.35 -100.09 -96.95
CA LYS E 957 -122.22 -100.64 -98.31
C LYS E 957 -121.80 -99.58 -99.31
N THR E 958 -121.92 -98.32 -98.91
CA THR E 958 -121.48 -97.19 -99.73
C THR E 958 -119.97 -97.13 -99.86
N TYR E 959 -119.25 -97.99 -99.13
CA TYR E 959 -117.81 -98.11 -99.23
C TYR E 959 -117.37 -99.33 -100.05
N MET E 960 -118.35 -100.01 -100.64
CA MET E 960 -118.15 -101.20 -101.44
C MET E 960 -117.76 -100.87 -102.89
N MET E 961 -116.71 -101.51 -103.40
CA MET E 961 -116.34 -101.34 -104.81
C MET E 961 -117.09 -102.32 -105.68
N SER E 962 -117.03 -102.12 -106.99
CA SER E 962 -117.79 -102.93 -107.92
C SER E 962 -117.31 -104.36 -108.02
N ASN E 963 -116.11 -104.60 -107.51
CA ASN E 963 -115.52 -105.94 -107.49
C ASN E 963 -115.77 -106.65 -106.17
N GLY E 964 -116.62 -106.06 -105.33
CA GLY E 964 -116.95 -106.65 -104.03
C GLY E 964 -116.03 -106.33 -102.87
N TYR E 965 -114.94 -105.62 -103.14
CA TYR E 965 -114.00 -105.22 -102.12
C TYR E 965 -114.55 -104.08 -101.29
N LYS E 966 -114.55 -104.25 -99.97
CA LYS E 966 -114.86 -103.17 -99.03
C LYS E 966 -113.75 -103.16 -97.98
N PRO E 967 -113.11 -102.02 -97.77
CA PRO E 967 -112.05 -102.04 -96.78
C PRO E 967 -112.55 -102.31 -95.39
N ALA E 968 -111.69 -102.93 -94.58
CA ALA E 968 -112.04 -103.28 -93.21
C ALA E 968 -110.80 -103.13 -92.33
N PRO E 969 -110.36 -101.88 -92.15
CA PRO E 969 -109.21 -101.70 -91.28
C PRO E 969 -109.52 -102.08 -89.86
N LEU E 970 -108.46 -102.41 -89.12
CA LEU E 970 -108.65 -102.71 -87.71
C LEU E 970 -109.24 -101.55 -86.93
N ASP E 971 -110.13 -101.87 -86.00
CA ASP E 971 -110.59 -100.88 -85.02
C ASP E 971 -109.53 -100.78 -83.93
N LEU E 972 -108.73 -99.72 -84.02
CA LEU E 972 -107.67 -99.48 -83.04
C LEU E 972 -108.07 -98.39 -82.06
N SER E 973 -109.36 -98.15 -81.88
CA SER E 973 -109.79 -97.03 -81.03
C SER E 973 -109.35 -97.16 -79.57
N HIS E 974 -109.08 -98.38 -79.11
CA HIS E 974 -108.64 -98.62 -77.75
C HIS E 974 -107.13 -98.39 -77.54
N VAL E 975 -106.38 -98.29 -78.62
CA VAL E 975 -104.93 -98.17 -78.51
C VAL E 975 -104.53 -96.74 -78.16
N ARG E 976 -103.63 -96.62 -77.20
CA ARG E 976 -103.11 -95.32 -76.81
C ARG E 976 -101.57 -95.35 -76.79
N LEU E 977 -100.93 -94.60 -77.67
CA LEU E 977 -99.44 -94.49 -77.65
C LEU E 977 -98.98 -93.95 -76.30
N THR E 978 -97.93 -94.57 -75.75
CA THR E 978 -97.23 -94.05 -74.58
C THR E 978 -96.39 -92.84 -75.02
N PRO E 979 -95.88 -92.06 -74.07
CA PRO E 979 -94.99 -90.96 -74.50
C PRO E 979 -93.77 -91.42 -75.31
N ALA E 980 -93.13 -92.50 -74.90
CA ALA E 980 -91.98 -93.02 -75.65
C ALA E 980 -92.38 -93.45 -77.04
N GLN E 981 -93.59 -94.00 -77.20
CA GLN E 981 -94.08 -94.40 -78.51
C GLN E 981 -94.43 -93.22 -79.43
N THR E 982 -95.02 -92.19 -78.86
CA THR E 982 -95.28 -90.97 -79.58
C THR E 982 -93.96 -90.40 -80.10
N THR E 983 -92.95 -90.44 -79.25
CA THR E 983 -91.65 -89.94 -79.62
C THR E 983 -91.05 -90.79 -80.73
N LEU E 984 -91.32 -92.08 -80.64
CA LEU E 984 -90.87 -93.05 -81.64
C LEU E 984 -91.53 -92.77 -82.99
N VAL E 985 -92.80 -92.36 -83.01
CA VAL E 985 -93.50 -92.00 -84.25
C VAL E 985 -92.92 -90.71 -84.85
N ASP E 986 -92.64 -89.74 -83.98
CA ASP E 986 -92.07 -88.45 -84.40
C ASP E 986 -90.67 -88.67 -85.01
N ARG E 987 -89.93 -89.65 -84.48
CA ARG E 987 -88.56 -90.00 -84.97
C ARG E 987 -88.63 -90.86 -86.23
N LEU E 988 -89.60 -91.76 -86.33
CA LEU E 988 -89.68 -92.73 -87.46
C LEU E 988 -90.03 -91.97 -88.73
N ALA E 989 -90.85 -90.90 -88.65
CA ALA E 989 -91.32 -90.18 -89.82
C ALA E 989 -90.24 -89.23 -90.33
N GLU E 990 -89.53 -88.57 -89.41
CA GLU E 990 -88.47 -87.66 -89.82
C GLU E 990 -87.38 -88.42 -90.55
N ASN E 991 -86.99 -89.58 -90.03
CA ASN E 991 -85.95 -90.37 -90.69
C ASN E 991 -86.42 -90.85 -92.05
N GLY E 992 -87.67 -91.33 -92.15
CA GLY E 992 -88.18 -91.81 -93.41
C GLY E 992 -88.21 -90.72 -94.47
N HIS E 993 -88.60 -89.51 -94.06
CA HIS E 993 -88.58 -88.39 -94.99
C HIS E 993 -87.17 -88.06 -95.42
N ASN E 994 -86.22 -88.10 -94.47
CA ASN E 994 -84.84 -87.76 -94.85
C ASN E 994 -84.24 -88.79 -95.80
N VAL E 995 -84.53 -90.08 -95.58
CA VAL E 995 -84.06 -91.11 -96.49
C VAL E 995 -84.64 -90.91 -97.88
N TRP E 996 -85.94 -90.60 -97.97
CA TRP E 996 -86.53 -90.33 -99.28
C TRP E 996 -85.89 -89.09 -99.91
N ALA E 997 -85.59 -88.08 -99.09
CA ALA E 997 -85.02 -86.85 -99.62
C ALA E 997 -83.66 -87.13 -100.22
N ARG E 998 -82.82 -87.87 -99.48
CA ARG E 998 -81.47 -88.15 -99.97
C ARG E 998 -81.52 -89.09 -101.16
N ASP E 999 -82.53 -89.96 -101.24
CA ASP E 999 -82.68 -90.79 -102.43
C ASP E 999 -83.00 -89.93 -103.65
N ARG E 1000 -83.87 -88.92 -103.47
CA ARG E 1000 -84.18 -88.04 -104.60
C ARG E 1000 -82.96 -87.20 -104.97
N VAL E 1001 -82.18 -86.77 -103.98
CA VAL E 1001 -80.99 -86.00 -104.26
C VAL E 1001 -80.02 -86.84 -105.08
N ALA E 1002 -79.85 -88.11 -104.69
CA ALA E 1002 -79.02 -89.01 -105.46
C ALA E 1002 -79.57 -89.20 -106.86
N GLN E 1003 -80.89 -89.13 -107.02
CA GLN E 1003 -81.50 -89.22 -108.33
C GLN E 1003 -81.39 -87.91 -109.11
N GLY E 1004 -80.92 -86.84 -108.47
CA GLY E 1004 -80.65 -85.60 -109.16
C GLY E 1004 -81.68 -84.50 -109.03
N TRP E 1005 -82.70 -84.63 -108.18
CA TRP E 1005 -83.72 -83.55 -107.99
C TRP E 1005 -83.19 -82.42 -107.09
N SER E 1006 -83.81 -81.22 -107.09
CA SER E 1006 -83.40 -80.06 -106.23
C SER E 1006 -84.65 -79.30 -105.76
N TYR E 1007 -84.65 -78.71 -104.55
CA TYR E 1007 -85.81 -77.99 -103.93
C TYR E 1007 -86.27 -76.74 -104.69
N SER E 1008 -87.58 -76.50 -104.90
CA SER E 1008 -88.12 -75.26 -105.54
C SER E 1008 -89.62 -75.01 -105.37
N ALA E 1009 -90.01 -73.81 -104.94
CA ALA E 1009 -91.45 -73.38 -104.78
C ALA E 1009 -92.24 -73.72 -106.05
N VAL E 1010 -91.80 -73.22 -107.21
CA VAL E 1010 -92.48 -73.50 -108.51
C VAL E 1010 -92.13 -74.94 -108.92
N GLN E 1011 -92.96 -75.91 -108.55
CA GLN E 1011 -92.73 -77.33 -108.94
C GLN E 1011 -92.53 -77.37 -110.46
N ASP E 1012 -91.54 -78.12 -110.94
CA ASP E 1012 -91.21 -78.20 -112.36
C ASP E 1012 -90.69 -79.61 -112.62
N ILE E 1013 -91.58 -80.50 -113.06
CA ILE E 1013 -91.18 -81.89 -113.29
C ILE E 1013 -90.11 -81.99 -114.38
N PRO E 1014 -90.26 -81.37 -115.55
CA PRO E 1014 -89.18 -81.44 -116.55
C PRO E 1014 -87.87 -80.86 -116.05
N ALA E 1015 -87.92 -79.84 -115.19
CA ALA E 1015 -86.73 -79.24 -114.63
C ALA E 1015 -86.24 -79.96 -113.38
N ARG E 1016 -86.92 -81.03 -112.96
CA ARG E 1016 -86.53 -81.81 -111.80
C ARG E 1016 -86.45 -80.94 -110.54
N ARG E 1017 -87.42 -80.04 -110.37
CA ARG E 1017 -87.51 -79.19 -109.20
C ARG E 1017 -88.78 -79.51 -108.44
N ASN E 1018 -88.64 -79.74 -107.13
CA ASN E 1018 -89.76 -80.17 -106.29
C ASN E 1018 -89.87 -79.23 -105.09
N PRO E 1019 -91.07 -78.72 -104.78
CA PRO E 1019 -91.19 -77.78 -103.66
C PRO E 1019 -90.87 -78.38 -102.30
N ARG E 1020 -91.07 -79.68 -102.11
CA ARG E 1020 -90.88 -80.31 -100.81
C ARG E 1020 -89.57 -81.09 -100.71
N LEU E 1021 -88.67 -80.93 -101.68
CA LEU E 1021 -87.38 -81.62 -101.67
C LEU E 1021 -86.43 -80.91 -100.70
N VAL E 1022 -86.81 -80.95 -99.42
CA VAL E 1022 -86.03 -80.34 -98.35
C VAL E 1022 -86.03 -81.26 -97.15
N PRO E 1023 -85.01 -81.15 -96.30
CA PRO E 1023 -84.98 -81.96 -95.08
C PRO E 1023 -86.22 -81.72 -94.22
N TYR E 1024 -86.50 -82.70 -93.36
CA TYR E 1024 -87.69 -82.67 -92.48
C TYR E 1024 -87.57 -81.51 -91.49
N ARG E 1025 -86.38 -81.14 -91.01
CA ARG E 1025 -86.38 -80.04 -90.00
C ARG E 1025 -87.16 -78.87 -90.59
N LEU E 1026 -86.88 -78.51 -91.85
CA LEU E 1026 -87.57 -77.36 -92.50
C LEU E 1026 -88.61 -77.89 -93.49
N LEU E 1027 -89.81 -78.25 -93.01
CA LEU E 1027 -90.92 -78.77 -93.86
C LEU E 1027 -92.21 -78.07 -93.44
N ASP E 1028 -93.27 -78.13 -94.26
CA ASP E 1028 -94.55 -77.57 -93.83
C ASP E 1028 -95.26 -78.51 -92.86
N GLU E 1029 -95.99 -77.89 -91.93
CA GLU E 1029 -96.67 -78.66 -90.89
C GLU E 1029 -97.77 -79.53 -91.48
N ALA E 1030 -98.39 -79.09 -92.58
CA ALA E 1030 -99.48 -79.87 -93.17
C ALA E 1030 -98.99 -81.24 -93.63
N THR E 1031 -97.87 -81.28 -94.35
CA THR E 1031 -97.34 -82.58 -94.76
C THR E 1031 -96.64 -83.30 -93.62
N LYS E 1032 -96.02 -82.57 -92.67
CA LYS E 1032 -95.39 -83.30 -91.57
C LYS E 1032 -96.47 -84.05 -90.79
N ARG E 1033 -97.60 -83.39 -90.55
CA ARG E 1033 -98.71 -84.04 -89.87
C ARG E 1033 -99.33 -85.13 -90.72
N SER E 1034 -99.41 -84.94 -92.03
CA SER E 1034 -100.03 -85.99 -92.85
C SER E 1034 -99.23 -87.28 -92.79
N ASN E 1035 -97.95 -87.21 -93.16
CA ASN E 1035 -97.07 -88.40 -93.25
C ASN E 1035 -96.92 -88.96 -91.85
N ARG E 1036 -96.98 -88.08 -90.85
CA ARG E 1036 -96.85 -88.51 -89.45
C ARG E 1036 -98.03 -89.42 -89.10
N ASP E 1037 -99.22 -89.26 -89.71
CA ASP E 1037 -100.35 -90.02 -89.20
C ASP E 1037 -100.31 -91.45 -89.70
N SER E 1038 -99.80 -91.68 -90.91
CA SER E 1038 -99.69 -93.02 -91.43
C SER E 1038 -98.73 -93.84 -90.55
N LEU E 1039 -97.61 -93.22 -90.15
CA LEU E 1039 -96.67 -93.89 -89.28
C LEU E 1039 -97.27 -94.13 -87.89
N CYS E 1040 -98.08 -93.20 -87.40
CA CYS E 1040 -98.78 -93.40 -86.13
C CYS E 1040 -99.68 -94.61 -86.25
N GLN E 1041 -100.44 -94.73 -87.34
CA GLN E 1041 -101.31 -95.89 -87.46
C GLN E 1041 -100.52 -97.18 -87.62
N ALA E 1042 -99.36 -97.14 -88.28
CA ALA E 1042 -98.51 -98.32 -88.32
C ALA E 1042 -98.09 -98.77 -86.93
N VAL E 1043 -97.60 -97.84 -86.12
CA VAL E 1043 -97.21 -98.18 -84.74
C VAL E 1043 -98.44 -98.65 -83.93
N ARG E 1044 -99.59 -97.99 -84.08
CA ARG E 1044 -100.77 -98.44 -83.34
C ARG E 1044 -101.23 -99.82 -83.80
N THR E 1045 -101.04 -100.16 -85.08
CA THR E 1045 -101.32 -101.52 -85.57
C THR E 1045 -100.45 -102.56 -84.83
N LEU E 1046 -99.16 -102.25 -84.68
CA LEU E 1046 -98.26 -103.17 -83.98
C LEU E 1046 -98.74 -103.39 -82.56
N LEU E 1047 -99.08 -102.28 -81.90
CA LEU E 1047 -99.60 -102.37 -80.54
C LEU E 1047 -100.92 -103.15 -80.47
N GLY E 1048 -101.77 -102.94 -81.45
CA GLY E 1048 -103.04 -103.66 -81.52
C GLY E 1048 -102.88 -105.17 -81.60
N TYR E 1049 -101.81 -105.60 -82.28
CA TYR E 1049 -101.51 -107.02 -82.38
C TYR E 1049 -100.82 -107.61 -81.15
N GLY E 1050 -100.57 -106.77 -80.14
CA GLY E 1050 -100.04 -107.24 -78.87
C GLY E 1050 -98.56 -106.99 -78.66
N TYR E 1051 -97.90 -106.29 -79.59
CA TYR E 1051 -96.48 -105.97 -79.41
C TYR E 1051 -96.33 -104.81 -78.43
N ASN E 1052 -95.32 -104.93 -77.58
CA ASN E 1052 -94.86 -103.78 -76.81
C ASN E 1052 -93.72 -103.12 -77.59
N ILE E 1053 -93.64 -101.80 -77.46
CA ILE E 1053 -92.61 -101.01 -78.13
C ILE E 1053 -92.06 -100.06 -77.06
N GLU E 1054 -90.77 -100.18 -76.74
CA GLU E 1054 -90.15 -99.37 -75.68
C GLU E 1054 -88.81 -98.83 -76.12
N SER E 1067 -70.86 -68.80 -82.55
CA SER E 1067 -69.65 -69.00 -81.78
C SER E 1067 -69.92 -68.90 -80.28
N ARG E 1068 -68.89 -69.10 -79.47
CA ARG E 1068 -69.06 -69.06 -78.03
C ARG E 1068 -69.34 -67.65 -77.53
N TRP E 1069 -68.85 -66.62 -78.24
CA TRP E 1069 -68.95 -65.25 -77.78
C TRP E 1069 -70.16 -64.51 -78.30
N ASP E 1070 -70.62 -64.83 -79.51
CA ASP E 1070 -71.78 -64.16 -80.10
C ASP E 1070 -73.06 -64.79 -79.59
N ARG E 1071 -73.21 -64.89 -78.27
CA ARG E 1071 -74.40 -65.47 -77.65
C ARG E 1071 -75.08 -64.52 -76.68
N VAL E 1072 -74.32 -63.77 -75.90
CA VAL E 1072 -74.86 -62.86 -74.90
C VAL E 1072 -74.40 -61.44 -75.22
N ARG E 1073 -75.34 -60.50 -75.21
CA ARG E 1073 -75.05 -59.11 -75.51
C ARG E 1073 -75.35 -58.26 -74.28
N ILE E 1074 -74.33 -57.56 -73.78
CA ILE E 1074 -74.39 -56.81 -72.54
C ILE E 1074 -74.55 -55.32 -72.86
N PHE E 1075 -75.54 -54.69 -72.24
CA PHE E 1075 -75.80 -53.25 -72.34
C PHE E 1075 -75.64 -52.62 -70.97
N ARG E 1076 -74.90 -51.51 -70.90
CA ARG E 1076 -74.70 -50.81 -69.63
C ARG E 1076 -74.66 -49.31 -69.86
N ALA E 1077 -74.92 -48.57 -68.79
CA ALA E 1077 -74.82 -47.12 -68.82
C ALA E 1077 -73.37 -46.68 -68.85
N GLU E 1078 -73.17 -45.40 -69.20
CA GLU E 1078 -71.84 -44.82 -69.22
C GLU E 1078 -71.30 -44.63 -67.80
N LYS E 1079 -69.98 -44.65 -67.68
CA LYS E 1079 -69.34 -44.53 -66.38
C LYS E 1079 -69.52 -43.15 -65.74
N SER E 1080 -69.82 -42.13 -66.53
CA SER E 1080 -70.03 -40.79 -65.97
C SER E 1080 -71.29 -40.69 -65.14
N TYR E 1081 -72.19 -41.67 -65.21
CA TYR E 1081 -73.43 -41.67 -64.43
C TYR E 1081 -73.32 -42.49 -63.15
N THR E 1082 -72.10 -42.82 -62.73
CA THR E 1082 -71.91 -43.63 -61.54
C THR E 1082 -72.51 -42.96 -60.32
N VAL E 1083 -73.26 -43.72 -59.53
CA VAL E 1083 -73.92 -43.23 -58.33
C VAL E 1083 -73.25 -43.89 -57.12
N GLN E 1084 -72.95 -43.08 -56.11
CA GLN E 1084 -72.33 -43.58 -54.88
C GLN E 1084 -73.21 -43.35 -53.65
N SER E 1085 -74.41 -42.82 -53.80
CA SER E 1085 -75.29 -42.57 -52.66
C SER E 1085 -76.72 -42.46 -53.15
N GLY E 1086 -77.65 -42.50 -52.19
CA GLY E 1086 -79.05 -42.32 -52.49
C GLY E 1086 -79.80 -43.59 -52.80
N ARG E 1087 -81.06 -43.42 -53.16
CA ARG E 1087 -81.95 -44.51 -53.52
C ARG E 1087 -82.44 -44.32 -54.95
N TRP E 1088 -82.30 -45.37 -55.76
CA TRP E 1088 -82.54 -45.28 -57.20
C TRP E 1088 -83.44 -46.42 -57.66
N TYR E 1089 -84.14 -46.18 -58.77
CA TYR E 1089 -85.16 -47.07 -59.30
C TYR E 1089 -85.12 -47.08 -60.82
N PHE E 1090 -85.29 -48.25 -61.42
CA PHE E 1090 -85.49 -48.33 -62.86
C PHE E 1090 -86.24 -49.61 -63.21
N GLU E 1091 -86.82 -49.64 -64.42
CA GLU E 1091 -87.65 -50.76 -64.85
C GLU E 1091 -87.07 -51.44 -66.08
N PHE E 1092 -87.32 -52.75 -66.19
CA PHE E 1092 -86.93 -53.52 -67.36
C PHE E 1092 -88.10 -54.41 -67.76
N GLU E 1093 -88.61 -54.22 -68.98
CA GLU E 1093 -89.72 -55.01 -69.49
C GLU E 1093 -89.18 -56.13 -70.38
N ALA E 1094 -89.60 -57.36 -70.10
CA ALA E 1094 -89.17 -58.54 -70.86
C ALA E 1094 -90.17 -58.83 -71.96
N VAL E 1095 -89.89 -58.39 -73.19
CA VAL E 1095 -90.79 -58.71 -74.29
C VAL E 1095 -90.84 -60.22 -74.50
N THR E 1096 -89.69 -60.87 -74.47
CA THR E 1096 -89.59 -62.31 -74.59
C THR E 1096 -89.44 -62.93 -73.19
N THR E 1097 -89.35 -64.25 -73.13
CA THR E 1097 -89.24 -64.99 -71.88
C THR E 1097 -87.97 -65.82 -71.80
N GLY E 1098 -87.02 -65.61 -72.69
CA GLY E 1098 -85.81 -66.41 -72.74
C GLY E 1098 -84.78 -65.98 -71.71
N GLU E 1099 -83.51 -66.16 -72.07
CA GLU E 1099 -82.39 -65.91 -71.16
C GLU E 1099 -82.12 -64.41 -71.10
N MET E 1100 -82.54 -63.78 -70.01
CA MET E 1100 -82.22 -62.39 -69.78
C MET E 1100 -81.91 -62.15 -68.31
N ARG E 1101 -80.90 -61.32 -68.08
CA ARG E 1101 -80.45 -60.95 -66.74
C ARG E 1101 -80.44 -59.43 -66.64
N VAL E 1102 -80.78 -58.91 -65.46
CA VAL E 1102 -80.83 -57.46 -65.26
C VAL E 1102 -80.41 -57.15 -63.83
N GLY E 1103 -79.68 -56.06 -63.65
CA GLY E 1103 -79.26 -55.69 -62.32
C GLY E 1103 -78.30 -54.52 -62.25
N TRP E 1104 -77.35 -54.58 -61.31
CA TRP E 1104 -76.38 -53.51 -61.11
C TRP E 1104 -74.97 -54.05 -61.25
N ALA E 1105 -74.09 -53.25 -61.88
CA ALA E 1105 -72.73 -53.66 -62.14
C ALA E 1105 -71.78 -52.52 -61.79
N ARG E 1106 -70.54 -52.89 -61.46
CA ARG E 1106 -69.51 -51.92 -61.17
C ARG E 1106 -68.89 -51.40 -62.46
N PRO E 1107 -68.24 -50.24 -62.42
CA PRO E 1107 -67.70 -49.66 -63.67
C PRO E 1107 -66.69 -50.54 -64.37
N GLU E 1108 -65.96 -51.37 -63.63
CA GLU E 1108 -64.91 -52.21 -64.21
C GLU E 1108 -65.44 -53.52 -64.76
N LEU E 1109 -66.73 -53.59 -65.10
CA LEU E 1109 -67.30 -54.82 -65.62
C LEU E 1109 -66.58 -55.26 -66.88
N ARG E 1110 -66.31 -56.56 -66.97
CA ARG E 1110 -65.60 -57.12 -68.12
C ARG E 1110 -66.60 -57.58 -69.17
N PRO E 1111 -66.38 -57.24 -70.45
CA PRO E 1111 -67.39 -57.56 -71.47
C PRO E 1111 -67.45 -59.02 -71.87
N ASP E 1112 -66.40 -59.80 -71.60
CA ASP E 1112 -66.32 -61.18 -72.05
C ASP E 1112 -66.73 -62.18 -70.99
N VAL E 1113 -67.25 -61.72 -69.85
CA VAL E 1113 -67.68 -62.58 -68.76
C VAL E 1113 -69.18 -62.43 -68.60
N GLU E 1114 -69.87 -63.57 -68.47
CA GLU E 1114 -71.31 -63.54 -68.23
C GLU E 1114 -71.61 -62.85 -66.91
N LEU E 1115 -72.71 -62.10 -66.89
CA LEU E 1115 -73.07 -61.33 -65.71
C LEU E 1115 -73.29 -62.24 -64.51
N GLY E 1116 -72.71 -61.84 -63.37
CA GLY E 1116 -72.88 -62.57 -62.13
C GLY E 1116 -71.89 -63.68 -61.87
N ALA E 1117 -71.09 -64.07 -62.87
CA ALA E 1117 -70.07 -65.08 -62.66
C ALA E 1117 -68.93 -64.59 -61.79
N ASP E 1118 -68.83 -63.28 -61.55
CA ASP E 1118 -67.79 -62.72 -60.71
C ASP E 1118 -68.37 -61.78 -59.67
N GLU E 1119 -67.51 -61.05 -58.96
CA GLU E 1119 -67.94 -60.17 -57.88
C GLU E 1119 -68.30 -58.77 -58.37
N LEU E 1120 -68.28 -58.55 -59.68
CA LEU E 1120 -68.49 -57.22 -60.24
C LEU E 1120 -69.93 -56.95 -60.63
N ALA E 1121 -70.87 -57.86 -60.33
CA ALA E 1121 -72.24 -57.66 -60.73
C ALA E 1121 -73.19 -58.36 -59.77
N TYR E 1122 -74.33 -57.72 -59.54
CA TYR E 1122 -75.44 -58.25 -58.75
C TYR E 1122 -76.64 -58.25 -59.69
N VAL E 1123 -76.95 -59.41 -60.29
CA VAL E 1123 -77.99 -59.45 -61.32
C VAL E 1123 -79.04 -60.49 -60.97
N PHE E 1124 -80.21 -60.32 -61.56
CA PHE E 1124 -81.32 -61.26 -61.44
C PHE E 1124 -81.58 -61.89 -62.79
N ASN E 1125 -81.57 -63.23 -62.84
CA ASN E 1125 -81.80 -64.01 -64.04
C ASN E 1125 -83.27 -64.41 -64.06
N GLY E 1126 -84.02 -63.87 -65.02
CA GLY E 1126 -85.46 -64.07 -65.07
C GLY E 1126 -85.97 -65.26 -65.85
N HIS E 1127 -85.13 -65.95 -66.62
CA HIS E 1127 -85.61 -67.15 -67.31
C HIS E 1127 -86.04 -68.21 -66.30
N ARG E 1128 -85.24 -68.39 -65.27
CA ARG E 1128 -85.58 -69.17 -64.09
C ARG E 1128 -85.18 -68.32 -62.91
N GLY E 1129 -86.13 -68.06 -62.00
CA GLY E 1129 -85.87 -67.10 -60.96
C GLY E 1129 -84.58 -67.40 -60.23
N GLN E 1130 -83.54 -66.62 -60.50
CA GLN E 1130 -82.26 -66.80 -59.82
C GLN E 1130 -81.62 -65.44 -59.56
N ARG E 1131 -80.82 -65.37 -58.50
CA ARG E 1131 -79.98 -64.21 -58.26
C ARG E 1131 -78.53 -64.61 -58.41
N TRP E 1132 -77.76 -63.77 -59.10
CA TRP E 1132 -76.40 -64.09 -59.50
C TRP E 1132 -75.45 -63.06 -58.90
N HIS E 1133 -74.56 -63.54 -58.03
CA HIS E 1133 -73.39 -62.78 -57.59
C HIS E 1133 -72.39 -63.78 -57.06
N LEU E 1134 -71.28 -63.97 -57.77
CA LEU E 1134 -70.29 -64.97 -57.41
C LEU E 1134 -70.93 -66.35 -57.29
N GLY E 1135 -71.89 -66.63 -58.17
CA GLY E 1135 -72.64 -67.87 -58.16
C GLY E 1135 -74.12 -67.61 -58.28
N SER E 1136 -74.86 -68.71 -58.36
CA SER E 1136 -76.31 -68.67 -58.55
C SER E 1136 -77.00 -69.28 -57.33
N GLU E 1137 -78.13 -68.68 -56.95
CA GLU E 1137 -78.97 -69.20 -55.89
C GLU E 1137 -80.43 -68.91 -56.22
N PRO E 1138 -81.34 -69.80 -55.86
CA PRO E 1138 -82.75 -69.60 -56.23
C PRO E 1138 -83.31 -68.32 -55.62
N PHE E 1139 -84.19 -67.66 -56.37
CA PHE E 1139 -84.79 -66.42 -55.90
C PHE E 1139 -85.98 -66.08 -56.79
N GLY E 1140 -87.13 -65.87 -56.17
CA GLY E 1140 -88.31 -65.47 -56.91
C GLY E 1140 -88.88 -66.59 -57.77
N ARG E 1141 -89.61 -66.17 -58.80
CA ARG E 1141 -90.30 -67.05 -59.72
C ARG E 1141 -90.03 -66.61 -61.14
N PRO E 1142 -90.15 -67.52 -62.11
CA PRO E 1142 -89.96 -67.14 -63.51
C PRO E 1142 -91.03 -66.16 -63.97
N TRP E 1143 -90.61 -65.27 -64.88
CA TRP E 1143 -91.51 -64.22 -65.41
C TRP E 1143 -92.25 -64.74 -66.64
N GLN E 1144 -93.16 -63.93 -67.18
CA GLN E 1144 -93.90 -64.20 -68.40
C GLN E 1144 -93.72 -63.02 -69.35
N SER E 1145 -94.30 -63.14 -70.54
CA SER E 1145 -94.17 -62.11 -71.55
C SER E 1145 -94.83 -60.82 -71.08
N GLY E 1146 -94.11 -59.71 -71.22
CA GLY E 1146 -94.61 -58.40 -70.83
C GLY E 1146 -94.35 -58.01 -69.39
N ASP E 1147 -93.76 -58.90 -68.59
CA ASP E 1147 -93.51 -58.58 -67.20
C ASP E 1147 -92.43 -57.52 -67.05
N VAL E 1148 -92.62 -56.63 -66.07
CA VAL E 1148 -91.71 -55.53 -65.80
C VAL E 1148 -91.05 -55.78 -64.45
N VAL E 1149 -89.71 -55.74 -64.43
CA VAL E 1149 -88.93 -55.94 -63.22
C VAL E 1149 -88.43 -54.59 -62.76
N GLY E 1150 -88.77 -54.23 -61.52
CA GLY E 1150 -88.34 -52.97 -60.94
C GLY E 1150 -87.16 -53.12 -60.00
N CYS E 1151 -85.99 -52.67 -60.47
CA CYS E 1151 -84.75 -52.75 -59.72
C CYS E 1151 -84.54 -51.48 -58.90
N MET E 1152 -84.41 -51.64 -57.57
CA MET E 1152 -84.25 -50.54 -56.64
C MET E 1152 -82.98 -50.77 -55.84
N ILE E 1153 -82.14 -49.75 -55.74
CA ILE E 1153 -80.91 -49.82 -54.95
C ILE E 1153 -80.92 -48.73 -53.89
N ASP E 1154 -80.53 -49.10 -52.67
CA ASP E 1154 -80.46 -48.20 -51.53
C ASP E 1154 -79.03 -48.19 -51.01
N LEU E 1155 -78.31 -47.08 -51.25
CA LEU E 1155 -76.92 -46.98 -50.85
C LEU E 1155 -76.74 -46.52 -49.41
N THR E 1156 -77.83 -46.13 -48.72
CA THR E 1156 -77.73 -45.78 -47.31
C THR E 1156 -77.90 -47.01 -46.43
N GLU E 1157 -78.74 -47.96 -46.83
CA GLU E 1157 -78.88 -49.23 -46.15
C GLU E 1157 -78.07 -50.34 -46.82
N ASN E 1158 -77.43 -50.04 -47.95
CA ASN E 1158 -76.61 -51.01 -48.66
C ASN E 1158 -77.41 -52.25 -49.03
N THR E 1159 -78.53 -52.03 -49.74
CA THR E 1159 -79.41 -53.14 -50.11
C THR E 1159 -79.88 -52.99 -51.55
N ILE E 1160 -80.21 -54.13 -52.15
CA ILE E 1160 -80.77 -54.20 -53.50
C ILE E 1160 -82.08 -54.96 -53.44
N ILE E 1161 -83.14 -54.38 -53.99
CA ILE E 1161 -84.48 -54.96 -53.96
C ILE E 1161 -84.97 -55.12 -55.39
N PHE E 1162 -85.50 -56.30 -55.71
CA PHE E 1162 -86.10 -56.57 -57.00
C PHE E 1162 -87.60 -56.77 -56.82
N THR E 1163 -88.40 -56.13 -57.68
CA THR E 1163 -89.84 -56.27 -57.66
C THR E 1163 -90.32 -56.81 -59.01
N LEU E 1164 -91.40 -57.58 -58.97
CA LEU E 1164 -92.01 -58.15 -60.17
C LEU E 1164 -93.47 -57.72 -60.25
N ASN E 1165 -93.78 -56.91 -61.27
CA ASN E 1165 -95.16 -56.46 -61.51
C ASN E 1165 -95.73 -55.77 -60.28
N GLY E 1166 -94.89 -55.01 -59.57
CA GLY E 1166 -95.31 -54.29 -58.39
C GLY E 1166 -95.28 -55.10 -57.12
N GLU E 1167 -94.98 -56.39 -57.20
CA GLU E 1167 -94.94 -57.27 -56.04
C GLU E 1167 -93.48 -57.55 -55.73
N VAL E 1168 -93.10 -57.33 -54.47
CA VAL E 1168 -91.70 -57.53 -54.06
C VAL E 1168 -91.40 -59.02 -54.07
N LEU E 1169 -90.29 -59.39 -54.70
CA LEU E 1169 -89.90 -60.79 -54.77
C LEU E 1169 -89.51 -61.31 -53.39
N MET E 1170 -89.70 -62.61 -53.18
CA MET E 1170 -89.51 -63.24 -51.89
C MET E 1170 -88.52 -64.39 -52.05
N SER E 1171 -87.60 -64.50 -51.08
CA SER E 1171 -86.61 -65.56 -51.08
C SER E 1171 -87.20 -66.81 -50.43
N ASP E 1172 -86.34 -67.80 -50.18
CA ASP E 1172 -86.78 -69.02 -49.50
C ASP E 1172 -86.76 -68.86 -47.98
N SER E 1173 -85.83 -68.07 -47.45
CA SER E 1173 -85.67 -67.88 -46.01
C SER E 1173 -86.48 -66.70 -45.48
N GLY E 1174 -87.27 -66.04 -46.33
CA GLY E 1174 -88.06 -64.91 -45.91
C GLY E 1174 -87.37 -63.57 -45.95
N SER E 1175 -86.13 -63.52 -46.44
CA SER E 1175 -85.41 -62.26 -46.53
C SER E 1175 -86.00 -61.40 -47.63
N GLU E 1176 -86.43 -60.19 -47.27
CA GLU E 1176 -87.01 -59.28 -48.24
C GLU E 1176 -85.97 -58.60 -49.12
N THR E 1177 -84.68 -58.76 -48.83
CA THR E 1177 -83.61 -58.15 -49.60
C THR E 1177 -82.79 -59.25 -50.28
N ALA E 1178 -82.49 -59.05 -51.55
CA ALA E 1178 -81.70 -60.04 -52.28
C ALA E 1178 -80.24 -60.03 -51.82
N PHE E 1179 -79.68 -58.84 -51.63
CA PHE E 1179 -78.29 -58.70 -51.22
C PHE E 1179 -78.19 -57.65 -50.12
N ARG E 1180 -77.25 -57.85 -49.22
CA ARG E 1180 -77.06 -56.97 -48.08
C ARG E 1180 -75.56 -56.78 -47.83
N GLU E 1181 -75.24 -55.71 -47.11
CA GLU E 1181 -73.85 -55.39 -46.76
C GLU E 1181 -73.00 -55.24 -48.01
N ILE E 1182 -73.53 -54.56 -49.02
CA ILE E 1182 -72.79 -54.30 -50.25
C ILE E 1182 -71.89 -53.10 -50.05
N GLU E 1183 -70.63 -53.24 -50.44
CA GLU E 1183 -69.65 -52.18 -50.27
C GLU E 1183 -69.86 -51.08 -51.31
N ILE E 1184 -69.67 -49.84 -50.88
CA ILE E 1184 -69.87 -48.70 -51.77
C ILE E 1184 -68.84 -48.71 -52.89
N GLY E 1185 -67.57 -48.60 -52.54
CA GLY E 1185 -66.51 -48.64 -53.52
C GLY E 1185 -66.65 -47.54 -54.56
N ASP E 1186 -66.47 -47.92 -55.82
CA ASP E 1186 -66.56 -46.94 -56.91
C ASP E 1186 -67.99 -46.50 -57.17
N GLY E 1187 -68.96 -47.40 -57.00
CA GLY E 1187 -70.35 -47.14 -57.26
C GLY E 1187 -70.97 -48.25 -58.07
N PHE E 1188 -72.16 -47.99 -58.59
CA PHE E 1188 -72.93 -49.00 -59.31
C PHE E 1188 -73.57 -48.38 -60.55
N LEU E 1189 -73.82 -49.23 -61.55
CA LEU E 1189 -74.45 -48.81 -62.79
C LEU E 1189 -75.50 -49.83 -63.19
N PRO E 1190 -76.64 -49.39 -63.73
CA PRO E 1190 -77.60 -50.34 -64.28
C PRO E 1190 -77.01 -51.12 -65.46
N VAL E 1191 -77.36 -52.41 -65.52
CA VAL E 1191 -76.76 -53.31 -66.50
C VAL E 1191 -77.80 -54.36 -66.87
N CYS E 1192 -77.71 -54.86 -68.10
CA CYS E 1192 -78.57 -55.95 -68.53
C CYS E 1192 -77.86 -56.77 -69.60
N SER E 1193 -78.21 -58.05 -69.66
CA SER E 1193 -77.65 -58.95 -70.66
C SER E 1193 -78.79 -59.74 -71.29
N LEU E 1194 -78.69 -59.92 -72.60
CA LEU E 1194 -79.69 -60.62 -73.39
C LEU E 1194 -79.07 -61.79 -74.14
N GLY E 1195 -79.76 -62.92 -74.15
CA GLY E 1195 -79.33 -64.05 -74.94
C GLY E 1195 -79.82 -63.93 -76.38
N PRO E 1196 -79.66 -65.01 -77.15
CA PRO E 1196 -80.09 -64.98 -78.55
C PRO E 1196 -81.60 -64.92 -78.69
N GLY E 1197 -82.07 -64.01 -79.55
CA GLY E 1197 -83.49 -63.90 -79.83
C GLY E 1197 -84.31 -63.28 -78.73
N GLN E 1198 -83.70 -62.48 -77.86
CA GLN E 1198 -84.38 -61.87 -76.72
C GLN E 1198 -84.57 -60.39 -76.96
N VAL E 1199 -85.72 -59.88 -76.53
CA VAL E 1199 -86.09 -58.47 -76.71
C VAL E 1199 -86.48 -57.89 -75.36
N GLY E 1200 -85.91 -56.72 -75.05
CA GLY E 1200 -86.24 -56.07 -73.80
C GLY E 1200 -86.26 -54.56 -73.91
N HIS E 1201 -87.07 -53.93 -73.05
CA HIS E 1201 -87.22 -52.49 -73.00
C HIS E 1201 -86.64 -52.01 -71.67
N LEU E 1202 -85.68 -51.10 -71.73
CA LEU E 1202 -85.07 -50.54 -70.53
C LEU E 1202 -85.60 -49.14 -70.30
N ASN E 1203 -86.16 -48.89 -69.11
CA ASN E 1203 -86.74 -47.58 -68.76
C ASN E 1203 -86.02 -47.05 -67.54
N LEU E 1204 -85.20 -46.02 -67.74
CA LEU E 1204 -84.46 -45.38 -66.67
C LEU E 1204 -85.27 -44.30 -65.97
N GLY E 1205 -86.52 -44.08 -66.37
CA GLY E 1205 -87.38 -43.16 -65.67
C GLY E 1205 -87.13 -41.70 -65.96
N GLN E 1206 -86.72 -41.35 -67.18
CA GLN E 1206 -86.59 -39.95 -67.53
C GLN E 1206 -87.96 -39.27 -67.51
N ASP E 1207 -88.99 -39.97 -67.98
CA ASP E 1207 -90.36 -39.50 -67.91
C ASP E 1207 -91.07 -40.29 -66.81
N VAL E 1208 -91.37 -39.61 -65.70
CA VAL E 1208 -91.93 -40.30 -64.54
C VAL E 1208 -93.30 -40.89 -64.86
N SER E 1209 -94.03 -40.28 -65.78
CA SER E 1209 -95.34 -40.81 -66.16
C SER E 1209 -95.26 -42.12 -66.93
N SER E 1210 -94.11 -42.40 -67.55
CA SER E 1210 -93.98 -43.64 -68.31
C SER E 1210 -93.83 -44.86 -67.40
N LEU E 1211 -93.39 -44.67 -66.17
CA LEU E 1211 -93.25 -45.79 -65.26
C LEU E 1211 -94.62 -46.36 -64.90
N ARG E 1212 -94.70 -47.69 -64.86
CA ARG E 1212 -95.97 -48.38 -64.69
C ARG E 1212 -96.25 -48.84 -63.27
N PHE E 1213 -95.21 -49.01 -62.44
CA PHE E 1213 -95.39 -49.49 -61.08
C PHE E 1213 -94.59 -48.68 -60.06
N PHE E 1214 -94.04 -47.53 -60.47
CA PHE E 1214 -93.24 -46.73 -59.54
C PHE E 1214 -94.11 -46.21 -58.40
N ALA E 1215 -95.33 -45.77 -58.71
CA ALA E 1215 -96.24 -45.31 -57.67
C ALA E 1215 -96.71 -46.48 -56.80
N ILE E 1216 -96.90 -47.65 -57.40
CA ILE E 1216 -97.37 -48.81 -56.64
C ILE E 1216 -96.34 -49.23 -55.61
N CYS E 1217 -95.06 -49.29 -56.02
CA CYS E 1217 -94.01 -49.72 -55.11
C CYS E 1217 -92.73 -48.97 -55.45
N GLY E 1218 -92.31 -48.08 -54.55
CA GLY E 1218 -91.07 -47.34 -54.74
C GLY E 1218 -91.23 -45.87 -54.44
N LEU E 1219 -92.42 -45.33 -54.68
CA LEU E 1219 -92.65 -43.91 -54.49
C LEU E 1219 -92.62 -43.52 -53.02
N GLN E 1220 -93.35 -44.26 -52.18
CA GLN E 1220 -93.48 -43.89 -50.78
C GLN E 1220 -92.25 -44.25 -49.95
N GLU E 1221 -91.38 -45.10 -50.46
CA GLU E 1221 -90.18 -45.50 -49.75
C GLU E 1221 -89.02 -44.52 -49.97
N GLY E 1222 -89.21 -43.49 -50.78
CA GLY E 1222 -88.18 -42.50 -51.01
C GLY E 1222 -87.29 -42.74 -52.22
N PHE E 1223 -87.64 -43.70 -53.07
CA PHE E 1223 -86.82 -43.99 -54.24
C PHE E 1223 -87.11 -43.00 -55.35
N GLU E 1224 -86.07 -42.65 -56.11
CA GLU E 1224 -86.18 -41.73 -57.22
C GLU E 1224 -85.77 -42.41 -58.52
N PRO E 1225 -86.33 -41.97 -59.65
CA PRO E 1225 -85.88 -42.51 -60.94
C PRO E 1225 -84.41 -42.23 -61.17
N PHE E 1226 -83.74 -43.17 -61.83
CA PHE E 1226 -82.30 -43.05 -62.03
C PHE E 1226 -81.94 -41.85 -62.89
N ALA E 1227 -82.83 -41.43 -63.79
CA ALA E 1227 -82.55 -40.36 -64.73
C ALA E 1227 -83.57 -39.23 -64.60
N ILE E 1228 -83.90 -38.87 -63.37
CA ILE E 1228 -84.83 -37.77 -63.13
C ILE E 1228 -84.08 -36.46 -63.30
N ASN E 1229 -84.75 -35.47 -63.90
CA ASN E 1229 -84.17 -34.16 -64.15
C ASN E 1229 -82.88 -34.29 -64.99
N MET E 1230 -83.10 -34.69 -66.23
CA MET E 1230 -82.01 -34.87 -67.19
C MET E 1230 -82.48 -34.37 -68.55
N GLN E 1231 -81.62 -33.57 -69.20
CA GLN E 1231 -82.00 -32.95 -70.46
C GLN E 1231 -81.95 -33.91 -71.63
N ARG E 1232 -81.02 -34.87 -71.62
CA ARG E 1232 -80.84 -35.77 -72.74
C ARG E 1232 -80.84 -37.21 -72.28
N PRO E 1233 -81.22 -38.15 -73.16
CA PRO E 1233 -81.19 -39.57 -72.77
C PRO E 1233 -79.79 -40.04 -72.41
N VAL E 1234 -79.76 -41.01 -71.49
CA VAL E 1234 -78.50 -41.55 -71.01
C VAL E 1234 -77.82 -42.34 -72.11
N THR E 1235 -76.55 -42.04 -72.36
CA THR E 1235 -75.75 -42.77 -73.34
C THR E 1235 -75.47 -44.19 -72.85
N THR E 1236 -75.57 -45.15 -73.76
CA THR E 1236 -75.38 -46.56 -73.45
C THR E 1236 -74.21 -47.15 -74.22
N TRP E 1237 -73.50 -48.07 -73.57
CA TRP E 1237 -72.41 -48.82 -74.19
C TRP E 1237 -72.80 -50.29 -74.25
N PHE E 1238 -72.43 -50.95 -75.35
CA PHE E 1238 -72.74 -52.36 -75.56
C PHE E 1238 -71.46 -53.13 -75.85
N SER E 1239 -71.48 -54.41 -75.53
CA SER E 1239 -70.32 -55.27 -75.77
C SER E 1239 -70.31 -55.74 -77.22
N LYS E 1240 -69.40 -55.18 -78.03
CA LYS E 1240 -69.28 -55.52 -79.43
C LYS E 1240 -68.34 -56.70 -79.58
N SER E 1241 -68.80 -57.76 -80.24
CA SER E 1241 -68.03 -58.97 -80.44
C SER E 1241 -67.19 -58.91 -81.72
N LEU E 1242 -66.39 -57.86 -81.87
CA LEU E 1242 -65.49 -57.74 -83.01
C LEU E 1242 -64.05 -57.88 -82.55
N PRO E 1243 -63.34 -58.94 -82.92
CA PRO E 1243 -61.97 -59.12 -82.42
C PRO E 1243 -61.06 -57.96 -82.80
N GLN E 1244 -60.21 -57.58 -81.86
CA GLN E 1244 -59.24 -56.51 -82.04
C GLN E 1244 -57.93 -56.90 -81.37
N PHE E 1245 -56.82 -56.38 -81.90
CA PHE E 1245 -55.50 -56.62 -81.33
C PHE E 1245 -55.22 -55.59 -80.24
N GLU E 1246 -54.87 -56.10 -79.06
CA GLU E 1246 -54.57 -55.25 -77.91
C GLU E 1246 -53.26 -55.68 -77.28
N PRO E 1247 -52.55 -54.77 -76.62
CA PRO E 1247 -51.29 -55.14 -75.96
C PRO E 1247 -51.50 -56.20 -74.90
N VAL E 1248 -50.51 -57.07 -74.76
CA VAL E 1248 -50.55 -58.11 -73.74
C VAL E 1248 -50.43 -57.47 -72.36
N PRO E 1249 -51.36 -57.71 -71.43
CA PRO E 1249 -51.25 -57.10 -70.11
C PRO E 1249 -49.97 -57.52 -69.41
N PRO E 1250 -49.31 -56.61 -68.70
CA PRO E 1250 -48.08 -56.99 -67.99
C PRO E 1250 -48.29 -58.04 -66.91
N GLU E 1251 -49.52 -58.18 -66.41
CA GLU E 1251 -49.82 -59.08 -65.30
C GLU E 1251 -50.71 -60.24 -65.74
N HIS E 1252 -50.61 -60.65 -66.99
CA HIS E 1252 -51.44 -61.74 -67.48
C HIS E 1252 -51.09 -63.02 -66.73
N PRO E 1253 -52.08 -63.75 -66.21
CA PRO E 1253 -51.77 -64.93 -65.40
C PRO E 1253 -51.04 -66.02 -66.14
N HIS E 1254 -51.18 -66.10 -67.46
CA HIS E 1254 -50.66 -67.22 -68.23
C HIS E 1254 -49.51 -66.88 -69.16
N TYR E 1255 -49.43 -65.64 -69.66
CA TYR E 1255 -48.50 -65.28 -70.72
C TYR E 1255 -47.54 -64.20 -70.23
N GLU E 1256 -46.26 -64.39 -70.49
CA GLU E 1256 -45.22 -63.44 -70.12
C GLU E 1256 -44.33 -63.18 -71.34
N VAL E 1257 -43.99 -61.90 -71.55
CA VAL E 1257 -43.13 -61.49 -72.65
C VAL E 1257 -41.88 -60.82 -72.06
N ALA E 1258 -40.71 -61.31 -72.45
CA ALA E 1258 -39.44 -60.80 -71.97
C ALA E 1258 -38.66 -60.16 -73.12
N ARG E 1259 -38.20 -58.93 -72.91
CA ARG E 1259 -37.42 -58.20 -73.89
C ARG E 1259 -35.93 -58.48 -73.69
N MET E 1260 -35.33 -59.22 -74.61
CA MET E 1260 -33.92 -59.59 -74.51
C MET E 1260 -33.07 -58.62 -75.31
N ASP E 1261 -32.03 -58.10 -74.69
CA ASP E 1261 -31.11 -57.20 -75.36
C ASP E 1261 -30.20 -57.98 -76.31
N GLY E 1262 -29.74 -57.29 -77.34
CA GLY E 1262 -28.86 -57.90 -78.33
C GLY E 1262 -27.43 -58.00 -77.87
N THR E 1263 -26.89 -59.21 -77.86
CA THR E 1263 -25.51 -59.43 -77.45
C THR E 1263 -24.59 -59.27 -78.67
N VAL E 1264 -23.33 -59.67 -78.51
CA VAL E 1264 -22.37 -59.55 -79.60
C VAL E 1264 -22.74 -60.50 -80.74
N ASP E 1265 -23.23 -61.68 -80.41
CA ASP E 1265 -23.52 -62.71 -81.41
C ASP E 1265 -25.01 -62.93 -81.64
N THR E 1266 -25.87 -62.25 -80.90
CA THR E 1266 -27.31 -62.42 -81.07
C THR E 1266 -27.99 -61.06 -81.25
N PRO E 1267 -29.05 -61.01 -82.04
CA PRO E 1267 -29.79 -59.76 -82.21
C PRO E 1267 -30.84 -59.62 -81.14
N PRO E 1268 -31.49 -58.46 -81.06
CA PRO E 1268 -32.59 -58.29 -80.10
C PRO E 1268 -33.70 -59.30 -80.35
N CYS E 1269 -34.31 -59.76 -79.26
CA CYS E 1269 -35.36 -60.76 -79.35
C CYS E 1269 -36.50 -60.42 -78.41
N LEU E 1270 -37.67 -60.95 -78.76
CA LEU E 1270 -38.88 -60.89 -77.94
C LEU E 1270 -39.36 -62.32 -77.70
N ARG E 1271 -39.06 -62.89 -76.54
CA ARG E 1271 -39.34 -64.29 -76.27
C ARG E 1271 -40.65 -64.40 -75.52
N LEU E 1272 -41.51 -65.32 -75.94
CA LEU E 1272 -42.78 -65.57 -75.26
C LEU E 1272 -42.66 -66.85 -74.43
N ALA E 1273 -43.09 -66.79 -73.17
CA ALA E 1273 -43.05 -67.95 -72.29
C ALA E 1273 -44.38 -68.17 -71.58
N HIS E 1274 -44.72 -69.44 -71.38
CA HIS E 1274 -45.93 -69.84 -70.66
C HIS E 1274 -45.57 -70.01 -69.19
N ARG E 1275 -46.16 -69.20 -68.33
CA ARG E 1275 -45.78 -69.19 -66.91
C ARG E 1275 -46.58 -70.17 -66.06
N THR E 1276 -47.51 -70.93 -66.65
CA THR E 1276 -48.29 -71.88 -65.86
C THR E 1276 -48.44 -73.23 -66.54
N TRP E 1277 -47.52 -73.58 -67.45
CA TRP E 1277 -47.63 -74.85 -68.17
C TRP E 1277 -47.44 -76.02 -67.21
N GLY E 1278 -48.22 -77.07 -67.43
CA GLY E 1278 -48.12 -78.30 -66.68
C GLY E 1278 -48.94 -78.34 -65.42
N SER E 1279 -49.13 -77.20 -64.76
CA SER E 1279 -49.88 -77.18 -63.51
C SER E 1279 -51.38 -77.26 -63.78
N GLN E 1280 -52.13 -77.52 -62.71
CA GLN E 1280 -53.58 -77.55 -62.81
C GLN E 1280 -54.11 -76.18 -63.22
N ASN E 1281 -55.26 -76.20 -63.90
CA ASN E 1281 -55.98 -75.01 -64.35
C ASN E 1281 -55.24 -74.27 -65.46
N SER E 1282 -54.17 -74.85 -66.00
CA SER E 1282 -53.46 -74.20 -67.10
C SER E 1282 -54.36 -74.03 -68.31
N LEU E 1283 -54.25 -72.88 -68.96
CA LEU E 1283 -55.06 -72.55 -70.13
C LEU E 1283 -54.25 -72.80 -71.39
N VAL E 1284 -54.78 -73.66 -72.27
CA VAL E 1284 -54.16 -73.99 -73.54
C VAL E 1284 -55.14 -73.68 -74.65
N GLU E 1285 -54.80 -72.71 -75.49
CA GLU E 1285 -55.67 -72.32 -76.60
C GLU E 1285 -54.84 -71.59 -77.65
N MET E 1286 -55.46 -71.44 -78.83
CA MET E 1286 -54.81 -70.76 -79.95
C MET E 1286 -54.51 -69.31 -79.60
N LEU E 1287 -53.28 -68.88 -79.90
CA LEU E 1287 -52.81 -67.54 -79.60
C LEU E 1287 -52.43 -66.82 -80.89
N PHE E 1288 -53.01 -65.64 -81.09
CA PHE E 1288 -52.79 -64.81 -82.28
C PHE E 1288 -51.99 -63.58 -81.84
N LEU E 1289 -50.72 -63.53 -82.24
CA LEU E 1289 -49.81 -62.46 -81.87
C LEU E 1289 -49.37 -61.67 -83.09
N ARG E 1290 -49.12 -60.38 -82.90
CA ARG E 1290 -48.57 -59.55 -83.95
C ARG E 1290 -47.73 -58.42 -83.34
N LEU E 1291 -46.84 -57.88 -84.16
CA LEU E 1291 -46.06 -56.73 -83.75
C LEU E 1291 -46.86 -55.44 -83.91
N SER E 1292 -46.51 -54.44 -83.11
CA SER E 1292 -47.31 -53.22 -83.06
C SER E 1292 -47.15 -52.33 -84.28
N LEU E 1293 -46.10 -52.54 -85.09
CA LEU E 1293 -45.83 -51.62 -86.19
C LEU E 1293 -45.83 -52.34 -87.53
N PRO E 1294 -46.40 -51.73 -88.57
CA PRO E 1294 -46.43 -52.35 -89.89
C PRO E 1294 -45.27 -51.90 -90.78
N VAL E 1295 -45.11 -52.62 -91.89
CA VAL E 1295 -44.24 -52.21 -92.99
C VAL E 1295 -45.12 -51.86 -94.19
N GLN E 1296 -44.84 -50.72 -94.81
CA GLN E 1296 -45.63 -50.18 -95.90
C GLN E 1296 -44.84 -50.27 -97.19
N PHE E 1297 -45.42 -50.89 -98.21
CA PHE E 1297 -44.75 -51.01 -99.50
C PHE E 1297 -44.77 -49.68 -100.25
N HIS E 1298 -43.83 -49.53 -101.16
CA HIS E 1298 -43.67 -48.28 -101.89
C HIS E 1298 -44.86 -48.02 -102.79
N GLN E 1299 -45.09 -46.73 -103.08
CA GLN E 1299 -46.24 -46.33 -103.89
C GLN E 1299 -46.13 -46.86 -105.32
N HIS E 1300 -44.94 -46.79 -105.90
CA HIS E 1300 -44.72 -47.18 -107.29
C HIS E 1300 -43.64 -48.25 -107.38
N PHE E 1301 -43.91 -49.27 -108.19
CA PHE E 1301 -42.95 -50.36 -108.43
C PHE E 1301 -42.11 -50.06 -109.66
N ARG E 1302 -40.92 -50.64 -109.68
CA ARG E 1302 -40.03 -50.50 -110.83
C ARG E 1302 -40.62 -51.23 -112.03
N CYS E 1303 -39.91 -51.16 -113.15
CA CYS E 1303 -40.35 -51.82 -114.38
C CYS E 1303 -40.34 -53.34 -114.21
N ASN E 1420 -19.32 -62.31 -95.05
CA ASN E 1420 -19.88 -61.89 -93.77
C ASN E 1420 -19.79 -60.37 -93.59
N ARG E 1421 -19.21 -59.70 -94.58
CA ARG E 1421 -19.06 -58.25 -94.55
C ARG E 1421 -19.96 -57.64 -95.63
N ASP E 1422 -20.76 -56.65 -95.22
CA ASP E 1422 -21.69 -56.02 -96.14
C ASP E 1422 -20.99 -55.07 -97.09
N ASP E 1423 -21.41 -55.10 -98.35
CA ASP E 1423 -20.94 -54.13 -99.32
C ASP E 1423 -21.64 -52.79 -99.06
N PRO E 1424 -20.90 -51.71 -98.81
CA PRO E 1424 -21.57 -50.45 -98.41
C PRO E 1424 -22.55 -49.91 -99.44
N GLU E 1425 -22.25 -50.02 -100.73
CA GLU E 1425 -23.17 -49.47 -101.73
C GLU E 1425 -24.40 -50.34 -101.90
N ILE E 1426 -24.24 -51.66 -101.81
CA ILE E 1426 -25.40 -52.52 -101.95
C ILE E 1426 -26.29 -52.34 -100.73
N ILE E 1427 -25.69 -52.34 -99.54
CA ILE E 1427 -26.48 -52.26 -98.32
C ILE E 1427 -27.17 -50.89 -98.25
N LEU E 1428 -26.57 -49.86 -98.86
CA LEU E 1428 -27.17 -48.53 -98.86
C LEU E 1428 -28.18 -48.33 -99.98
N ASN E 1429 -28.24 -49.23 -100.96
CA ASN E 1429 -29.22 -49.12 -102.04
C ASN E 1429 -30.26 -50.23 -102.03
N THR E 1430 -30.18 -51.18 -101.11
CA THR E 1430 -31.11 -52.31 -101.11
C THR E 1430 -32.47 -51.91 -100.52
N THR E 1431 -33.51 -52.63 -100.95
CA THR E 1431 -34.87 -52.45 -100.46
C THR E 1431 -35.44 -53.73 -99.85
N THR E 1432 -34.58 -54.69 -99.51
CA THR E 1432 -34.99 -55.95 -98.93
C THR E 1432 -34.79 -55.94 -97.42
N TYR E 1433 -35.81 -56.39 -96.68
CA TYR E 1433 -35.79 -56.42 -95.23
C TYR E 1433 -36.09 -57.83 -94.74
N TYR E 1434 -35.52 -58.16 -93.58
CA TYR E 1434 -35.51 -59.52 -93.05
C TYR E 1434 -35.91 -59.53 -91.59
N TYR E 1435 -36.62 -60.58 -91.18
CA TYR E 1435 -36.82 -60.85 -89.76
C TYR E 1435 -37.09 -62.34 -89.58
N SER E 1436 -36.75 -62.88 -88.41
CA SER E 1436 -36.89 -64.32 -88.22
C SER E 1436 -37.59 -64.64 -86.91
N VAL E 1437 -38.20 -65.83 -86.87
CA VAL E 1437 -38.87 -66.32 -85.67
C VAL E 1437 -38.26 -67.66 -85.29
N ARG E 1438 -37.80 -67.76 -84.04
CA ARG E 1438 -37.21 -68.98 -83.52
C ARG E 1438 -38.22 -69.72 -82.66
N VAL E 1439 -38.64 -70.90 -83.13
CA VAL E 1439 -39.50 -71.79 -82.35
C VAL E 1439 -38.59 -72.71 -81.56
N PHE E 1440 -38.67 -72.65 -80.24
CA PHE E 1440 -37.78 -73.43 -79.38
C PHE E 1440 -38.08 -74.92 -79.49
N ALA E 1441 -37.06 -75.72 -79.22
CA ALA E 1441 -37.22 -77.16 -79.18
C ALA E 1441 -38.22 -77.55 -78.09
N GLY E 1442 -39.11 -78.49 -78.43
CA GLY E 1442 -40.19 -78.91 -77.57
C GLY E 1442 -41.55 -78.45 -78.04
N GLN E 1443 -41.61 -77.30 -78.69
CA GLN E 1443 -42.86 -76.81 -79.28
C GLN E 1443 -43.04 -77.44 -80.65
N GLU E 1444 -44.20 -78.03 -80.87
CA GLU E 1444 -44.43 -78.75 -82.12
C GLU E 1444 -44.45 -77.79 -83.31
N PRO E 1445 -43.61 -78.00 -84.31
CA PRO E 1445 -43.67 -77.13 -85.51
C PRO E 1445 -45.01 -77.19 -86.22
N SER E 1446 -45.73 -78.30 -86.11
CA SER E 1446 -47.01 -78.45 -86.77
C SER E 1446 -48.08 -77.50 -86.23
N CYS E 1447 -47.84 -76.87 -85.07
CA CYS E 1447 -48.79 -75.94 -84.48
C CYS E 1447 -48.35 -74.48 -84.56
N VAL E 1448 -47.46 -74.15 -85.49
CA VAL E 1448 -46.95 -72.79 -85.62
C VAL E 1448 -47.14 -72.31 -87.05
N TRP E 1449 -47.68 -71.11 -87.21
CA TRP E 1449 -47.79 -70.44 -88.49
C TRP E 1449 -47.10 -69.08 -88.40
N VAL E 1450 -46.22 -68.80 -89.35
CA VAL E 1450 -45.39 -67.59 -89.33
C VAL E 1450 -45.58 -66.85 -90.65
N GLY E 1451 -45.79 -65.55 -90.57
CA GLY E 1451 -45.93 -64.73 -91.76
C GLY E 1451 -46.36 -63.31 -91.48
N TRP E 1452 -47.32 -62.81 -92.27
CA TRP E 1452 -47.78 -61.44 -92.17
C TRP E 1452 -49.30 -61.42 -92.21
N VAL E 1453 -49.89 -60.38 -91.61
CA VAL E 1453 -51.32 -60.16 -91.64
C VAL E 1453 -51.60 -58.71 -92.01
N THR E 1454 -52.64 -58.50 -92.81
CA THR E 1454 -53.13 -57.16 -93.10
C THR E 1454 -53.89 -56.61 -91.90
N PRO E 1455 -54.04 -55.29 -91.82
CA PRO E 1455 -54.72 -54.69 -90.67
C PRO E 1455 -56.20 -55.03 -90.55
N ASP E 1456 -56.78 -55.76 -91.50
CA ASP E 1456 -58.20 -56.09 -91.50
C ASP E 1456 -58.43 -57.58 -91.21
N TYR E 1457 -57.64 -58.14 -90.31
CA TYR E 1457 -57.79 -59.54 -89.89
C TYR E 1457 -58.57 -59.59 -88.59
N HIS E 1458 -59.76 -60.20 -88.63
CA HIS E 1458 -60.61 -60.33 -87.45
C HIS E 1458 -61.24 -61.71 -87.40
N GLN E 1459 -60.45 -62.76 -87.67
CA GLN E 1459 -61.01 -64.11 -87.77
C GLN E 1459 -61.15 -64.76 -86.40
N HIS E 1460 -60.03 -64.97 -85.71
CA HIS E 1460 -60.01 -65.57 -84.39
C HIS E 1460 -60.73 -66.93 -84.37
N ASP E 1461 -60.14 -67.87 -85.09
CA ASP E 1461 -60.68 -69.23 -85.21
C ASP E 1461 -59.93 -70.17 -84.29
N MET E 1462 -60.66 -70.91 -83.47
CA MET E 1462 -60.05 -71.88 -82.56
C MET E 1462 -59.58 -73.15 -83.25
N ASN E 1463 -59.92 -73.34 -84.52
CA ASN E 1463 -59.48 -74.49 -85.32
C ASN E 1463 -58.80 -74.00 -86.59
N PHE E 1464 -57.88 -73.06 -86.44
CA PHE E 1464 -57.31 -72.38 -87.58
C PHE E 1464 -56.45 -73.33 -88.42
N ASP E 1465 -56.58 -73.17 -89.74
CA ASP E 1465 -55.78 -73.94 -90.72
C ASP E 1465 -55.54 -72.98 -91.88
N LEU E 1466 -54.60 -73.28 -92.78
CA LEU E 1466 -54.36 -72.46 -93.95
C LEU E 1466 -55.48 -72.53 -94.97
N SER E 1467 -56.36 -73.51 -94.87
CA SER E 1467 -57.51 -73.59 -95.78
C SER E 1467 -58.61 -72.61 -95.42
N LYS E 1468 -58.64 -72.10 -94.19
CA LYS E 1468 -59.63 -71.13 -93.78
C LYS E 1468 -59.28 -69.69 -94.15
N VAL E 1469 -58.08 -69.46 -94.69
CA VAL E 1469 -57.67 -68.10 -95.02
C VAL E 1469 -58.52 -67.57 -96.16
N ARG E 1470 -59.04 -66.37 -96.00
CA ARG E 1470 -59.86 -65.75 -97.03
C ARG E 1470 -59.02 -65.42 -98.26
N ALA E 1471 -59.58 -65.69 -99.43
CA ALA E 1471 -58.90 -65.46 -100.70
C ALA E 1471 -59.93 -65.11 -101.76
N VAL E 1472 -59.51 -64.32 -102.74
CA VAL E 1472 -60.41 -63.99 -103.85
C VAL E 1472 -59.58 -63.48 -105.01
N THR E 1473 -59.99 -63.84 -106.23
CA THR E 1473 -59.31 -63.42 -107.45
C THR E 1473 -60.22 -62.50 -108.25
N VAL E 1474 -59.71 -61.32 -108.58
CA VAL E 1474 -60.41 -60.34 -109.40
C VAL E 1474 -59.81 -60.42 -110.81
N THR E 1475 -60.65 -60.77 -111.78
CA THR E 1475 -60.25 -61.00 -113.15
C THR E 1475 -60.88 -59.96 -114.07
N MET E 1476 -60.05 -59.30 -114.87
CA MET E 1476 -60.49 -58.31 -115.84
C MET E 1476 -60.22 -58.81 -117.25
N GLY E 1477 -61.06 -58.37 -118.19
CA GLY E 1477 -60.94 -58.77 -119.57
C GLY E 1477 -61.47 -57.68 -120.47
N ASP E 1478 -61.37 -57.90 -121.77
CA ASP E 1478 -61.85 -56.94 -122.75
C ASP E 1478 -63.31 -57.24 -123.07
N GLU E 1479 -63.84 -56.60 -124.11
CA GLU E 1479 -65.22 -56.82 -124.50
C GLU E 1479 -65.50 -58.27 -124.88
N GLN E 1480 -64.46 -59.02 -125.28
CA GLN E 1480 -64.64 -60.40 -125.73
C GLN E 1480 -63.69 -61.36 -125.02
N GLY E 1481 -63.29 -61.05 -123.80
CA GLY E 1481 -62.44 -61.96 -123.03
C GLY E 1481 -61.00 -61.49 -122.92
N ASN E 1482 -60.06 -62.34 -123.33
CA ASN E 1482 -58.64 -61.99 -123.37
C ASN E 1482 -58.18 -61.44 -122.03
N VAL E 1483 -58.19 -62.33 -121.03
CA VAL E 1483 -57.85 -61.94 -119.67
C VAL E 1483 -56.50 -61.21 -119.70
N HIS E 1484 -56.51 -59.95 -119.28
CA HIS E 1484 -55.30 -59.14 -119.20
C HIS E 1484 -54.89 -58.77 -117.79
N SER E 1485 -55.68 -59.12 -116.76
CA SER E 1485 -55.30 -58.80 -115.39
C SER E 1485 -56.02 -59.74 -114.43
N SER E 1486 -55.27 -60.43 -113.58
CA SER E 1486 -55.85 -61.38 -112.63
C SER E 1486 -55.14 -61.20 -111.29
N LEU E 1487 -55.69 -60.34 -110.43
CA LEU E 1487 -55.10 -60.09 -109.14
C LEU E 1487 -55.68 -61.01 -108.07
N LYS E 1488 -54.85 -61.35 -107.09
CA LYS E 1488 -55.23 -62.22 -105.98
C LYS E 1488 -55.15 -61.47 -104.67
N CYS E 1489 -56.21 -61.53 -103.88
CA CYS E 1489 -56.34 -60.77 -102.65
C CYS E 1489 -56.55 -61.71 -101.48
N SER E 1490 -55.89 -61.39 -100.37
CA SER E 1490 -56.00 -62.15 -99.13
C SER E 1490 -55.57 -61.25 -97.99
N ASN E 1491 -55.93 -61.64 -96.76
CA ASN E 1491 -55.56 -60.89 -95.56
C ASN E 1491 -54.53 -61.60 -94.70
N CYS E 1492 -54.06 -62.78 -95.09
CA CYS E 1492 -53.12 -63.53 -94.27
C CYS E 1492 -52.17 -64.27 -95.20
N TYR E 1493 -50.89 -63.90 -95.15
CA TYR E 1493 -49.84 -64.53 -95.95
C TYR E 1493 -48.87 -65.23 -95.01
N MET E 1494 -49.07 -66.54 -94.82
CA MET E 1494 -48.30 -67.29 -93.84
C MET E 1494 -47.87 -68.62 -94.44
N VAL E 1495 -46.90 -69.26 -93.78
CA VAL E 1495 -46.47 -70.61 -94.11
C VAL E 1495 -46.68 -71.49 -92.89
N TRP E 1496 -46.83 -72.79 -93.14
CA TRP E 1496 -47.05 -73.75 -92.06
C TRP E 1496 -45.71 -74.33 -91.61
N GLY E 1497 -45.49 -74.37 -90.30
CA GLY E 1497 -44.28 -74.94 -89.75
C GLY E 1497 -44.16 -76.43 -89.96
N GLY E 1498 -45.26 -77.11 -90.24
CA GLY E 1498 -45.25 -78.54 -90.50
C GLY E 1498 -44.71 -78.95 -91.84
N ASP E 1499 -44.46 -78.00 -92.73
CA ASP E 1499 -43.89 -78.27 -94.04
C ASP E 1499 -42.37 -78.29 -94.02
N PHE E 1500 -41.74 -77.98 -92.88
CA PHE E 1500 -40.29 -77.91 -92.76
C PHE E 1500 -39.77 -78.96 -91.77
N VAL E 1501 -40.51 -80.04 -91.60
CA VAL E 1501 -40.11 -81.10 -90.68
C VAL E 1501 -39.36 -82.20 -91.42
N HIS E 1511 -35.74 -81.98 -81.72
CA HIS E 1511 -34.81 -81.78 -80.61
C HIS E 1511 -33.87 -80.61 -80.91
N THR E 1512 -34.33 -79.69 -81.75
CA THR E 1512 -33.51 -78.57 -82.18
C THR E 1512 -34.42 -77.41 -82.56
N ASP E 1513 -34.02 -76.21 -82.17
CA ASP E 1513 -34.80 -75.01 -82.48
C ASP E 1513 -34.87 -74.78 -83.98
N LEU E 1514 -36.00 -74.26 -84.42
CA LEU E 1514 -36.25 -73.98 -85.85
C LEU E 1514 -36.37 -72.47 -86.04
N VAL E 1515 -35.55 -71.92 -86.93
CA VAL E 1515 -35.50 -70.48 -87.14
C VAL E 1515 -35.98 -70.13 -88.55
N ILE E 1516 -37.28 -69.85 -88.68
CA ILE E 1516 -37.88 -69.51 -89.96
C ILE E 1516 -37.71 -68.02 -90.24
N GLY E 1517 -37.07 -67.69 -91.36
CA GLY E 1517 -36.83 -66.32 -91.75
C GLY E 1517 -37.76 -65.83 -92.85
N CYS E 1518 -38.10 -64.55 -92.80
CA CYS E 1518 -39.00 -63.92 -93.76
C CYS E 1518 -38.30 -62.72 -94.39
N LEU E 1519 -38.35 -62.65 -95.72
CA LEU E 1519 -37.75 -61.58 -96.51
C LEU E 1519 -38.84 -60.87 -97.31
N VAL E 1520 -38.85 -59.55 -97.26
CA VAL E 1520 -39.79 -58.72 -98.02
C VAL E 1520 -38.99 -57.68 -98.80
N ASP E 1521 -39.30 -57.54 -100.09
CA ASP E 1521 -38.68 -56.53 -100.94
C ASP E 1521 -39.70 -55.43 -101.21
N LEU E 1522 -39.48 -54.27 -100.59
CA LEU E 1522 -40.47 -53.19 -100.65
C LEU E 1522 -40.56 -52.53 -102.03
N ALA E 1523 -39.56 -52.74 -102.89
CA ALA E 1523 -39.55 -52.10 -104.20
C ALA E 1523 -40.20 -52.96 -105.28
N THR E 1524 -40.57 -54.20 -104.97
CA THR E 1524 -41.21 -55.08 -105.94
C THR E 1524 -42.47 -55.75 -105.40
N GLY E 1525 -42.73 -55.68 -104.10
CA GLY E 1525 -43.89 -56.34 -103.54
C GLY E 1525 -43.76 -57.84 -103.43
N LEU E 1526 -42.53 -58.36 -103.40
CA LEU E 1526 -42.29 -59.79 -103.35
C LEU E 1526 -41.88 -60.23 -101.94
N MET E 1527 -42.48 -61.33 -101.48
CA MET E 1527 -42.25 -61.88 -100.16
C MET E 1527 -41.80 -63.33 -100.30
N THR E 1528 -40.71 -63.67 -99.61
CA THR E 1528 -40.12 -65.00 -99.65
C THR E 1528 -39.81 -65.47 -98.23
N PHE E 1529 -39.59 -66.77 -98.08
CA PHE E 1529 -39.34 -67.35 -96.77
C PHE E 1529 -38.17 -68.32 -96.87
N THR E 1530 -37.47 -68.49 -95.75
CA THR E 1530 -36.35 -69.40 -95.61
C THR E 1530 -36.54 -70.30 -94.41
N ALA E 1531 -36.19 -71.58 -94.57
CA ALA E 1531 -36.28 -72.58 -93.51
C ALA E 1531 -34.88 -73.12 -93.26
N ASN E 1532 -34.31 -72.74 -92.12
CA ASN E 1532 -32.98 -73.22 -91.71
C ASN E 1532 -31.94 -72.91 -92.78
N GLY E 1533 -32.06 -71.75 -93.43
CA GLY E 1533 -31.14 -71.35 -94.47
C GLY E 1533 -31.49 -71.87 -95.85
N LYS E 1534 -32.51 -72.71 -95.98
CA LYS E 1534 -32.91 -73.26 -97.27
C LYS E 1534 -34.12 -72.52 -97.80
N GLU E 1535 -34.03 -72.09 -99.06
CA GLU E 1535 -35.11 -71.33 -99.67
C GLU E 1535 -36.35 -72.20 -99.81
N SER E 1536 -37.50 -71.65 -99.45
CA SER E 1536 -38.77 -72.35 -99.59
C SER E 1536 -39.38 -72.06 -100.96
N ASN E 1537 -40.28 -72.95 -101.39
CA ASN E 1537 -40.93 -72.79 -102.67
C ASN E 1537 -42.02 -71.73 -102.65
N THR E 1538 -42.64 -71.49 -101.50
CA THR E 1538 -43.75 -70.56 -101.42
C THR E 1538 -43.26 -69.12 -101.52
N PHE E 1539 -44.05 -68.28 -102.18
CA PHE E 1539 -43.77 -66.86 -102.28
C PHE E 1539 -45.08 -66.12 -102.48
N PHE E 1540 -45.06 -64.81 -102.21
CA PHE E 1540 -46.25 -63.99 -102.36
C PHE E 1540 -45.93 -62.69 -103.07
N GLN E 1541 -46.94 -62.14 -103.74
CA GLN E 1541 -46.86 -60.84 -104.42
C GLN E 1541 -47.98 -59.96 -103.93
N VAL E 1542 -47.65 -58.71 -103.60
CA VAL E 1542 -48.61 -57.76 -103.02
C VAL E 1542 -48.60 -56.46 -103.82
N GLU E 1543 -49.60 -55.63 -103.56
CA GLU E 1543 -49.79 -54.36 -104.23
C GLU E 1543 -48.91 -53.28 -103.62
N PRO E 1544 -48.72 -52.16 -104.33
CA PRO E 1544 -47.76 -51.14 -103.87
C PRO E 1544 -48.08 -50.52 -102.52
N ASN E 1545 -49.35 -50.27 -102.20
CA ASN E 1545 -49.73 -49.53 -101.01
C ASN E 1545 -50.05 -50.45 -99.83
N THR E 1546 -49.61 -51.70 -99.88
CA THR E 1546 -49.96 -52.67 -98.84
C THR E 1546 -49.21 -52.40 -97.54
N LYS E 1547 -49.94 -52.51 -96.43
CA LYS E 1547 -49.38 -52.51 -95.09
C LYS E 1547 -49.42 -53.93 -94.55
N LEU E 1548 -48.28 -54.42 -94.04
CA LEU E 1548 -48.20 -55.77 -93.50
C LEU E 1548 -47.65 -55.75 -92.08
N PHE E 1549 -48.35 -56.46 -91.17
CA PHE E 1549 -47.93 -56.63 -89.78
C PHE E 1549 -47.29 -57.99 -89.56
N PRO E 1550 -46.09 -58.07 -89.00
CA PRO E 1550 -45.52 -59.38 -88.63
C PRO E 1550 -46.35 -60.09 -87.58
N ALA E 1551 -46.79 -61.31 -87.90
CA ALA E 1551 -47.74 -62.01 -87.05
C ALA E 1551 -47.39 -63.48 -86.94
N VAL E 1552 -47.67 -64.05 -85.76
CA VAL E 1552 -47.47 -65.46 -85.47
C VAL E 1552 -48.73 -66.04 -84.83
N PHE E 1553 -49.23 -67.13 -85.39
CA PHE E 1553 -50.35 -67.89 -84.82
C PHE E 1553 -49.80 -69.19 -84.26
N VAL E 1554 -49.98 -69.42 -82.96
CA VAL E 1554 -49.33 -70.55 -82.30
C VAL E 1554 -50.28 -71.19 -81.28
N LEU E 1555 -50.23 -72.52 -81.20
CA LEU E 1555 -50.86 -73.25 -80.11
C LEU E 1555 -49.79 -73.71 -79.13
N PRO E 1556 -49.70 -73.15 -77.93
CA PRO E 1556 -48.60 -73.50 -77.03
C PRO E 1556 -48.63 -74.98 -76.63
N THR E 1557 -47.43 -75.57 -76.53
CA THR E 1557 -47.29 -76.93 -76.04
C THR E 1557 -46.08 -77.09 -75.12
N HIS E 1558 -45.49 -75.99 -74.65
CA HIS E 1558 -44.28 -76.05 -73.85
C HIS E 1558 -44.14 -74.73 -73.11
N GLN E 1559 -43.25 -74.70 -72.12
CA GLN E 1559 -43.03 -73.48 -71.36
C GLN E 1559 -42.49 -72.37 -72.24
N ASN E 1560 -41.49 -72.69 -73.07
CA ASN E 1560 -40.94 -71.74 -74.02
C ASN E 1560 -41.56 -71.98 -75.39
N VAL E 1561 -42.21 -70.97 -75.94
CA VAL E 1561 -43.03 -71.13 -77.13
C VAL E 1561 -42.31 -70.59 -78.36
N ILE E 1562 -42.04 -69.28 -78.39
CA ILE E 1562 -41.42 -68.67 -79.57
C ILE E 1562 -40.49 -67.53 -79.17
N GLN E 1563 -39.86 -66.93 -80.18
CA GLN E 1563 -38.97 -65.80 -79.95
C GLN E 1563 -38.79 -65.04 -81.26
N PHE E 1564 -39.33 -63.82 -81.30
CA PHE E 1564 -39.10 -62.92 -82.44
C PHE E 1564 -37.65 -62.45 -82.44
N GLU E 1565 -36.91 -62.76 -83.50
CA GLU E 1565 -35.52 -62.38 -83.67
C GLU E 1565 -35.46 -61.26 -84.71
N LEU E 1566 -35.13 -60.05 -84.24
CA LEU E 1566 -35.06 -58.88 -85.11
C LEU E 1566 -33.63 -58.66 -85.60
N GLY E 1567 -33.11 -59.67 -86.28
CA GLY E 1567 -31.75 -59.66 -86.78
C GLY E 1567 -31.67 -59.19 -88.22
N LYS E 1568 -30.57 -59.58 -88.87
CA LYS E 1568 -30.33 -59.19 -90.26
C LYS E 1568 -29.46 -60.24 -90.92
N GLN E 1569 -29.45 -60.20 -92.25
CA GLN E 1569 -28.60 -61.06 -93.07
C GLN E 1569 -27.60 -60.20 -93.83
N LYS E 1570 -26.84 -60.85 -94.70
CA LYS E 1570 -25.84 -60.15 -95.50
C LYS E 1570 -26.51 -59.27 -96.53
N ASN E 1571 -26.15 -57.98 -96.53
CA ASN E 1571 -26.67 -57.01 -97.50
C ASN E 1571 -28.19 -56.88 -97.41
N ILE E 1572 -28.75 -57.06 -96.21
CA ILE E 1572 -30.18 -56.92 -95.98
C ILE E 1572 -30.38 -56.13 -94.70
N MET E 1573 -31.20 -55.08 -94.78
CA MET E 1573 -31.44 -54.22 -93.64
C MET E 1573 -32.44 -54.83 -92.68
N PRO E 1574 -32.40 -54.43 -91.41
CA PRO E 1574 -33.36 -54.93 -90.42
C PRO E 1574 -34.71 -54.22 -90.54
N LEU E 1575 -35.64 -54.66 -89.71
CA LEU E 1575 -37.02 -54.14 -89.76
C LEU E 1575 -37.10 -52.71 -89.27
N SER E 1576 -36.29 -52.33 -88.29
CA SER E 1576 -36.32 -50.98 -87.75
C SER E 1576 -35.98 -49.93 -88.80
N ALA E 1577 -35.26 -50.31 -89.85
CA ALA E 1577 -34.96 -49.37 -90.93
C ALA E 1577 -36.20 -49.05 -91.74
N ALA E 1578 -37.18 -49.95 -91.76
CA ALA E 1578 -38.40 -49.73 -92.51
C ALA E 1578 -39.50 -49.17 -91.62
N MET E 1579 -39.44 -49.51 -90.33
CA MET E 1579 -40.46 -49.04 -89.40
C MET E 1579 -40.22 -47.61 -88.94
N PHE E 1580 -38.96 -47.15 -88.95
CA PHE E 1580 -38.63 -45.84 -88.42
C PHE E 1580 -37.91 -45.01 -89.48
N LEU E 1581 -38.38 -43.78 -89.68
CA LEU E 1581 -37.80 -42.90 -90.69
C LEU E 1581 -36.38 -42.51 -90.34
N SER E 1582 -36.11 -42.22 -89.07
CA SER E 1582 -34.78 -41.76 -88.67
C SER E 1582 -33.72 -42.85 -88.78
N GLU E 1583 -34.13 -44.11 -88.98
CA GLU E 1583 -33.21 -45.22 -89.05
C GLU E 1583 -33.18 -45.84 -90.44
N ARG E 1584 -33.62 -45.09 -91.46
CA ARG E 1584 -33.71 -45.64 -92.80
C ARG E 1584 -32.35 -46.09 -93.30
N LYS E 1585 -31.29 -45.35 -92.97
CA LYS E 1585 -29.94 -45.66 -93.41
C LYS E 1585 -29.08 -46.22 -92.28
N ASN E 1586 -29.70 -46.69 -91.21
CA ASN E 1586 -28.95 -47.24 -90.08
C ASN E 1586 -29.03 -48.75 -90.12
N PRO E 1587 -27.94 -49.46 -90.42
CA PRO E 1587 -27.99 -50.93 -90.45
C PRO E 1587 -27.93 -51.58 -89.07
N ALA E 1588 -27.71 -50.80 -88.02
CA ALA E 1588 -27.63 -51.37 -86.67
C ALA E 1588 -29.02 -51.77 -86.19
N PRO E 1589 -29.25 -53.04 -85.84
CA PRO E 1589 -30.58 -53.42 -85.36
C PRO E 1589 -30.95 -52.68 -84.08
N GLN E 1590 -32.23 -52.33 -83.98
CA GLN E 1590 -32.76 -51.64 -82.80
C GLN E 1590 -34.13 -52.22 -82.47
N CYS E 1591 -34.48 -52.14 -81.18
CA CYS E 1591 -35.79 -52.55 -80.69
C CYS E 1591 -36.34 -51.46 -79.78
N PRO E 1592 -36.85 -50.37 -80.33
CA PRO E 1592 -37.35 -49.28 -79.51
C PRO E 1592 -38.57 -49.70 -78.71
N PRO E 1593 -38.85 -49.00 -77.61
CA PRO E 1593 -39.96 -49.44 -76.74
C PRO E 1593 -41.31 -49.48 -77.43
N ARG E 1594 -41.53 -48.64 -78.44
CA ARG E 1594 -42.84 -48.59 -79.08
C ARG E 1594 -43.19 -49.91 -79.75
N LEU E 1595 -42.19 -50.69 -80.14
CA LEU E 1595 -42.43 -51.98 -80.77
C LEU E 1595 -42.74 -53.02 -79.69
N GLU E 1596 -43.95 -53.57 -79.73
CA GLU E 1596 -44.38 -54.50 -78.70
C GLU E 1596 -45.31 -55.53 -79.31
N VAL E 1597 -45.50 -56.61 -78.55
CA VAL E 1597 -46.34 -57.74 -78.97
C VAL E 1597 -47.78 -57.49 -78.54
N GLN E 1598 -48.71 -57.63 -79.48
CA GLN E 1598 -50.13 -57.48 -79.25
C GLN E 1598 -50.81 -58.82 -79.51
N MET E 1599 -51.83 -59.13 -78.72
CA MET E 1599 -52.58 -60.36 -78.86
C MET E 1599 -54.01 -60.05 -79.26
N LEU E 1600 -54.65 -61.00 -79.94
CA LEU E 1600 -55.99 -60.78 -80.45
C LEU E 1600 -57.03 -61.04 -79.38
N MET E 1601 -57.76 -60.00 -78.99
CA MET E 1601 -58.81 -60.10 -77.98
C MET E 1601 -60.19 -60.16 -78.64
N PRO E 1602 -61.10 -61.01 -78.16
CA PRO E 1602 -62.36 -61.21 -78.91
C PRO E 1602 -63.35 -60.06 -78.84
N VAL E 1603 -63.54 -59.43 -77.69
CA VAL E 1603 -64.66 -58.54 -77.45
C VAL E 1603 -64.19 -57.20 -76.90
N SER E 1604 -64.91 -56.14 -77.25
CA SER E 1604 -64.58 -54.80 -76.75
C SER E 1604 -65.85 -53.98 -76.57
N TRP E 1605 -65.75 -52.95 -75.73
CA TRP E 1605 -66.87 -52.04 -75.48
C TRP E 1605 -67.01 -51.03 -76.61
N SER E 1606 -68.26 -50.77 -77.02
CA SER E 1606 -68.55 -49.79 -78.05
C SER E 1606 -69.73 -48.92 -77.64
N ARG E 1607 -69.68 -47.65 -78.02
CA ARG E 1607 -70.71 -46.68 -77.67
C ARG E 1607 -71.85 -46.69 -78.67
N MET E 1608 -73.08 -46.74 -78.17
CA MET E 1608 -74.26 -46.73 -79.03
C MET E 1608 -74.49 -45.33 -79.60
N PRO E 1609 -74.72 -45.19 -80.91
CA PRO E 1609 -75.04 -43.88 -81.46
C PRO E 1609 -76.33 -43.32 -80.91
N ASN E 1610 -76.40 -41.98 -80.84
CA ASN E 1610 -77.60 -41.33 -80.32
C ASN E 1610 -78.76 -41.38 -81.29
N HIS E 1611 -78.49 -41.39 -82.60
CA HIS E 1611 -79.53 -41.38 -83.61
C HIS E 1611 -79.23 -42.41 -84.69
N PHE E 1612 -80.29 -42.88 -85.34
CA PHE E 1612 -80.19 -43.91 -86.37
C PHE E 1612 -80.96 -43.49 -87.61
N LEU E 1613 -80.50 -43.98 -88.76
CA LEU E 1613 -81.12 -43.64 -90.03
C LEU E 1613 -82.54 -44.21 -90.13
N GLN E 1614 -83.44 -43.41 -90.66
CA GLN E 1614 -84.83 -43.80 -90.88
C GLN E 1614 -84.96 -44.39 -92.29
N VAL E 1615 -85.15 -45.70 -92.38
CA VAL E 1615 -85.25 -46.42 -93.64
C VAL E 1615 -86.68 -46.91 -93.79
N GLU E 1616 -87.31 -46.59 -94.93
CA GLU E 1616 -88.67 -47.01 -95.22
C GLU E 1616 -88.64 -48.12 -96.27
N THR E 1617 -89.18 -49.29 -95.90
CA THR E 1617 -89.25 -50.45 -96.77
C THR E 1617 -90.71 -50.82 -96.97
N ARG E 1618 -91.10 -51.02 -98.22
CA ARG E 1618 -92.49 -51.36 -98.51
C ARG E 1618 -92.56 -52.09 -99.84
N ARG E 1619 -93.66 -52.82 -100.06
CA ARG E 1619 -93.87 -53.51 -101.34
C ARG E 1619 -94.60 -52.56 -102.28
N ALA E 1620 -93.88 -52.04 -103.28
CA ALA E 1620 -94.47 -51.05 -104.17
C ALA E 1620 -95.53 -51.65 -105.09
N GLY E 1621 -95.53 -52.96 -105.26
CA GLY E 1621 -96.53 -53.60 -106.10
C GLY E 1621 -95.99 -54.92 -106.63
N GLU E 1622 -96.87 -55.61 -107.37
CA GLU E 1622 -96.50 -56.89 -107.94
C GLU E 1622 -95.42 -56.72 -109.01
N ARG E 1623 -95.54 -55.69 -109.84
CA ARG E 1623 -94.61 -55.50 -110.95
C ARG E 1623 -93.47 -54.54 -110.60
N LEU E 1624 -93.68 -53.64 -109.64
CA LEU E 1624 -92.65 -52.67 -109.28
C LEU E 1624 -91.64 -53.25 -108.30
N GLY E 1625 -91.97 -54.31 -107.59
CA GLY E 1625 -91.06 -54.95 -106.67
C GLY E 1625 -91.08 -54.34 -105.28
N TRP E 1626 -89.98 -54.46 -104.55
CA TRP E 1626 -89.90 -53.96 -103.18
C TRP E 1626 -89.08 -52.67 -103.11
N ALA E 1627 -89.63 -51.62 -102.53
CA ALA E 1627 -88.99 -50.32 -102.55
C ALA E 1627 -88.35 -50.01 -101.20
N VAL E 1628 -87.13 -49.46 -101.28
CA VAL E 1628 -86.35 -48.96 -100.16
C VAL E 1628 -86.16 -47.46 -100.35
N GLN E 1629 -86.31 -46.69 -99.28
CA GLN E 1629 -86.27 -45.24 -99.35
C GLN E 1629 -85.59 -44.67 -98.11
N CYS E 1630 -84.70 -43.71 -98.32
CA CYS E 1630 -84.03 -43.04 -97.21
C CYS E 1630 -83.69 -41.61 -97.60
N GLN E 1631 -84.05 -40.66 -96.73
CA GLN E 1631 -83.92 -39.24 -97.03
C GLN E 1631 -83.13 -38.46 -96.00
N ASP E 1632 -83.29 -38.75 -94.72
CA ASP E 1632 -82.73 -37.90 -93.66
C ASP E 1632 -81.22 -38.08 -93.55
N PRO E 1633 -80.43 -37.03 -93.69
CA PRO E 1633 -78.97 -37.16 -93.54
C PRO E 1633 -78.52 -37.22 -92.08
N LEU E 1634 -77.39 -37.87 -91.87
CA LEU E 1634 -76.75 -37.92 -90.56
C LEU E 1634 -75.24 -37.92 -90.73
N THR E 1635 -74.55 -37.16 -89.88
CA THR E 1635 -73.09 -37.05 -89.94
C THR E 1635 -72.48 -37.13 -88.56
N MET E 1636 -71.35 -37.84 -88.46
CA MET E 1636 -70.57 -37.93 -87.23
C MET E 1636 -69.13 -37.54 -87.49
N MET E 1637 -68.46 -37.06 -86.44
CA MET E 1637 -67.05 -36.68 -86.51
C MET E 1637 -66.19 -37.88 -86.12
N ALA E 1638 -65.45 -38.42 -87.09
CA ALA E 1638 -64.68 -39.64 -86.90
C ALA E 1638 -63.22 -39.30 -86.56
N LEU E 1639 -62.68 -40.00 -85.57
CA LEU E 1639 -61.28 -39.88 -85.20
C LEU E 1639 -60.51 -41.08 -85.77
N HIS E 1640 -59.54 -40.80 -86.63
CA HIS E 1640 -58.81 -41.81 -87.38
C HIS E 1640 -57.41 -42.00 -86.81
N ILE E 1641 -57.04 -43.24 -86.55
CA ILE E 1641 -55.69 -43.59 -86.12
C ILE E 1641 -54.89 -43.98 -87.36
N PRO E 1642 -53.82 -43.26 -87.72
CA PRO E 1642 -53.16 -43.54 -89.00
C PRO E 1642 -52.56 -44.92 -89.11
N GLU E 1643 -51.77 -45.33 -88.12
CA GLU E 1643 -50.99 -46.57 -88.26
C GLU E 1643 -51.87 -47.81 -88.32
N GLU E 1644 -53.04 -47.78 -87.66
CA GLU E 1644 -53.94 -48.92 -87.69
C GLU E 1644 -55.00 -48.83 -88.78
N ASN E 1645 -55.10 -47.69 -89.46
CA ASN E 1645 -56.04 -47.52 -90.56
C ASN E 1645 -57.47 -47.85 -90.12
N ARG E 1646 -57.84 -47.38 -88.94
CA ARG E 1646 -59.17 -47.55 -88.41
C ARG E 1646 -59.57 -46.27 -87.68
N CYS E 1647 -60.88 -46.07 -87.55
CA CYS E 1647 -61.42 -44.88 -86.90
C CYS E 1647 -62.47 -45.26 -85.87
N MET E 1648 -62.63 -44.39 -84.89
CA MET E 1648 -63.64 -44.54 -83.84
C MET E 1648 -64.35 -43.21 -83.65
N ASP E 1649 -65.54 -43.28 -83.07
CA ASP E 1649 -66.25 -42.07 -82.72
C ASP E 1649 -65.46 -41.27 -81.69
N ILE E 1650 -65.37 -39.97 -81.91
CA ILE E 1650 -64.63 -39.08 -81.02
C ILE E 1650 -65.27 -39.01 -79.64
N LEU E 1651 -66.54 -39.36 -79.51
CA LEU E 1651 -67.20 -39.37 -78.22
C LEU E 1651 -66.68 -40.46 -77.30
N GLU E 1652 -65.97 -41.46 -77.84
CA GLU E 1652 -65.38 -42.48 -76.99
C GLU E 1652 -64.24 -41.95 -76.15
N LEU E 1653 -63.76 -40.74 -76.42
CA LEU E 1653 -62.69 -40.18 -75.62
C LEU E 1653 -63.15 -39.80 -74.22
N SER E 1654 -64.46 -39.84 -73.98
CA SER E 1654 -64.97 -39.61 -72.63
C SER E 1654 -64.53 -40.72 -71.69
N GLU E 1655 -64.30 -41.91 -72.23
CA GLU E 1655 -63.80 -43.05 -71.45
C GLU E 1655 -62.35 -43.39 -71.77
N ARG E 1656 -61.87 -43.09 -72.98
CA ARG E 1656 -60.47 -43.29 -73.32
C ARG E 1656 -59.72 -42.00 -72.97
N LEU E 1657 -59.29 -41.91 -71.72
CA LEU E 1657 -58.74 -40.65 -71.20
C LEU E 1657 -57.33 -40.38 -71.71
N ASP E 1658 -56.55 -41.41 -72.00
CA ASP E 1658 -55.20 -41.21 -72.51
C ASP E 1658 -55.21 -40.51 -73.87
N LEU E 1659 -56.12 -40.92 -74.75
CA LEU E 1659 -56.23 -40.27 -76.04
C LEU E 1659 -56.87 -38.90 -75.90
N GLN E 1660 -57.77 -38.73 -74.95
CA GLN E 1660 -58.39 -37.42 -74.77
C GLN E 1660 -57.32 -36.40 -74.36
N ARG E 1661 -56.44 -36.79 -73.44
CA ARG E 1661 -55.36 -35.93 -73.00
C ARG E 1661 -54.38 -35.66 -74.13
N PHE E 1662 -54.04 -36.70 -74.91
CA PHE E 1662 -53.08 -36.49 -76.00
C PHE E 1662 -53.65 -35.56 -77.05
N HIS E 1663 -54.93 -35.70 -77.39
CA HIS E 1663 -55.53 -34.84 -78.40
C HIS E 1663 -55.69 -33.41 -77.88
N SER E 1664 -56.00 -33.26 -76.59
CA SER E 1664 -56.08 -31.92 -76.01
C SER E 1664 -54.73 -31.22 -76.06
N HIS E 1665 -53.65 -31.94 -75.77
CA HIS E 1665 -52.33 -31.32 -75.89
C HIS E 1665 -51.96 -31.09 -77.36
N THR E 1666 -52.49 -31.90 -78.26
CA THR E 1666 -52.27 -31.63 -79.69
C THR E 1666 -52.91 -30.31 -80.09
N LEU E 1667 -54.13 -30.06 -79.61
CA LEU E 1667 -54.77 -28.78 -79.87
C LEU E 1667 -54.01 -27.63 -79.22
N ARG E 1668 -53.45 -27.87 -78.04
CA ARG E 1668 -52.62 -26.85 -77.40
C ARG E 1668 -51.39 -26.54 -78.25
N LEU E 1669 -50.80 -27.57 -78.86
CA LEU E 1669 -49.66 -27.33 -79.75
C LEU E 1669 -50.08 -26.57 -80.99
N TYR E 1670 -51.29 -26.84 -81.51
CA TYR E 1670 -51.78 -26.08 -82.65
C TYR E 1670 -51.92 -24.60 -82.30
N ARG E 1671 -52.43 -24.32 -81.10
CA ARG E 1671 -52.54 -22.92 -80.71
C ARG E 1671 -51.16 -22.31 -80.50
N ALA E 1672 -50.20 -23.10 -80.02
CA ALA E 1672 -48.88 -22.55 -79.77
C ALA E 1672 -48.22 -22.19 -81.10
N VAL E 1673 -48.35 -23.06 -82.10
CA VAL E 1673 -47.67 -22.84 -83.36
C VAL E 1673 -48.30 -21.67 -84.10
N CYS E 1674 -49.61 -21.47 -83.97
CA CYS E 1674 -50.25 -20.33 -84.65
C CYS E 1674 -50.42 -19.12 -83.76
N ALA E 1675 -49.79 -19.11 -82.58
CA ALA E 1675 -49.93 -17.99 -81.68
C ALA E 1675 -49.19 -16.75 -82.18
N LEU E 1676 -49.73 -15.59 -81.83
CA LEU E 1676 -49.06 -14.29 -82.04
C LEU E 1676 -48.83 -13.99 -83.52
N GLY E 1677 -49.92 -13.97 -84.28
CA GLY E 1677 -49.89 -13.37 -85.60
C GLY E 1677 -49.26 -14.19 -86.70
N ASN E 1678 -49.05 -15.49 -86.50
CA ASN E 1678 -48.47 -16.34 -87.54
C ASN E 1678 -49.59 -16.77 -88.49
N ASN E 1679 -49.98 -15.85 -89.38
CA ASN E 1679 -51.09 -16.12 -90.26
C ASN E 1679 -50.76 -17.22 -91.25
N ARG E 1680 -49.50 -17.37 -91.62
CA ARG E 1680 -49.12 -18.43 -92.55
C ARG E 1680 -49.40 -19.79 -91.94
N VAL E 1681 -49.03 -19.96 -90.67
CA VAL E 1681 -49.34 -21.20 -89.98
C VAL E 1681 -50.85 -21.33 -89.79
N ALA E 1682 -51.54 -20.22 -89.56
CA ALA E 1682 -53.00 -20.33 -89.39
C ALA E 1682 -53.65 -20.86 -90.66
N HIS E 1683 -53.17 -20.40 -91.81
CA HIS E 1683 -53.66 -20.94 -93.08
C HIS E 1683 -53.31 -22.41 -93.22
N ALA E 1684 -52.10 -22.81 -92.80
CA ALA E 1684 -51.77 -24.22 -92.89
C ALA E 1684 -52.69 -25.05 -92.00
N LEU E 1685 -52.99 -24.55 -90.81
CA LEU E 1685 -53.87 -25.25 -89.87
C LEU E 1685 -55.29 -25.34 -90.41
N CYS E 1686 -55.68 -24.41 -91.29
CA CYS E 1686 -57.02 -24.48 -91.87
C CYS E 1686 -57.20 -25.72 -92.74
N SER E 1687 -56.11 -26.29 -93.26
CA SER E 1687 -56.20 -27.54 -94.01
C SER E 1687 -56.44 -28.75 -93.11
N HIS E 1688 -56.12 -28.66 -91.83
CA HIS E 1688 -56.31 -29.76 -90.89
C HIS E 1688 -57.59 -29.64 -90.07
N VAL E 1689 -57.93 -28.44 -89.60
CA VAL E 1689 -59.13 -28.21 -88.80
C VAL E 1689 -59.98 -27.22 -89.56
N ASP E 1690 -60.92 -27.73 -90.35
CA ASP E 1690 -61.71 -26.89 -91.23
C ASP E 1690 -62.95 -26.32 -90.55
N GLN E 1691 -63.63 -25.45 -91.29
CA GLN E 1691 -64.76 -24.70 -90.75
C GLN E 1691 -65.90 -25.61 -90.36
N ALA E 1692 -66.19 -26.63 -91.16
CA ALA E 1692 -67.32 -27.49 -90.84
C ALA E 1692 -67.06 -28.23 -89.53
N GLN E 1693 -65.84 -28.71 -89.33
CA GLN E 1693 -65.52 -29.41 -88.08
C GLN E 1693 -65.63 -28.45 -86.90
N LEU E 1694 -65.13 -27.23 -87.06
CA LEU E 1694 -65.19 -26.28 -85.95
C LEU E 1694 -66.63 -25.95 -85.59
N LEU E 1695 -67.46 -25.68 -86.59
CA LEU E 1695 -68.86 -25.35 -86.33
C LEU E 1695 -69.61 -26.53 -85.71
N HIS E 1696 -69.31 -27.75 -86.17
CA HIS E 1696 -69.95 -28.90 -85.56
C HIS E 1696 -69.52 -29.05 -84.11
N ALA E 1697 -68.24 -28.78 -83.82
CA ALA E 1697 -67.73 -28.93 -82.47
C ALA E 1697 -68.36 -27.90 -81.55
N LEU E 1698 -68.71 -26.72 -82.07
CA LEU E 1698 -69.31 -25.71 -81.21
C LEU E 1698 -70.65 -26.19 -80.68
N GLU E 1699 -71.46 -26.83 -81.54
CA GLU E 1699 -72.78 -27.27 -81.16
C GLU E 1699 -72.83 -28.69 -80.61
N ASP E 1700 -71.71 -29.41 -80.62
CA ASP E 1700 -71.72 -30.78 -80.10
C ASP E 1700 -71.89 -30.72 -78.58
N ALA E 1701 -73.03 -31.19 -78.10
CA ALA E 1701 -73.36 -31.11 -76.69
C ALA E 1701 -72.80 -32.25 -75.86
N HIS E 1702 -72.32 -33.32 -76.49
CA HIS E 1702 -71.75 -34.45 -75.78
C HIS E 1702 -70.23 -34.43 -75.73
N LEU E 1703 -69.61 -33.40 -76.29
CA LEU E 1703 -68.16 -33.33 -76.29
C LEU E 1703 -67.64 -33.13 -74.86
N PRO E 1704 -66.52 -33.75 -74.52
CA PRO E 1704 -65.90 -33.47 -73.22
C PRO E 1704 -65.47 -32.01 -73.09
N GLY E 1705 -65.44 -31.54 -71.86
CA GLY E 1705 -65.14 -30.16 -71.55
C GLY E 1705 -63.80 -29.68 -72.07
N PRO E 1706 -62.74 -30.43 -71.81
CA PRO E 1706 -61.42 -30.05 -72.33
C PRO E 1706 -61.37 -29.94 -73.85
N LEU E 1707 -62.08 -30.82 -74.55
CA LEU E 1707 -62.07 -30.74 -76.01
C LEU E 1707 -62.90 -29.57 -76.51
N ARG E 1708 -64.05 -29.33 -75.87
CA ARG E 1708 -64.87 -28.19 -76.25
C ARG E 1708 -64.12 -26.88 -76.05
N ALA E 1709 -63.44 -26.73 -74.91
CA ALA E 1709 -62.64 -25.54 -74.67
C ALA E 1709 -61.48 -25.45 -75.64
N GLY E 1710 -60.87 -26.59 -75.98
CA GLY E 1710 -59.74 -26.57 -76.88
C GLY E 1710 -60.15 -26.10 -78.27
N TYR E 1711 -61.30 -26.58 -78.75
CA TYR E 1711 -61.74 -26.19 -80.08
C TYR E 1711 -62.21 -24.75 -80.11
N TYR E 1712 -62.83 -24.27 -79.03
CA TYR E 1712 -63.19 -22.86 -78.96
C TYR E 1712 -61.97 -21.96 -78.99
N ASP E 1713 -60.93 -22.34 -78.24
CA ASP E 1713 -59.71 -21.54 -78.24
C ASP E 1713 -58.98 -21.65 -79.56
N LEU E 1714 -59.05 -22.81 -80.22
CA LEU E 1714 -58.40 -22.95 -81.51
C LEU E 1714 -59.06 -22.03 -82.54
N LEU E 1715 -60.40 -21.97 -82.51
CA LEU E 1715 -61.10 -21.08 -83.43
C LEU E 1715 -60.74 -19.62 -83.17
N ILE E 1716 -60.67 -19.23 -81.90
CA ILE E 1716 -60.31 -17.85 -81.58
C ILE E 1716 -58.90 -17.54 -82.02
N SER E 1717 -57.97 -18.47 -81.78
CA SER E 1717 -56.57 -18.24 -82.13
C SER E 1717 -56.40 -18.12 -83.63
N ILE E 1718 -57.09 -19.00 -84.39
CA ILE E 1718 -56.93 -19.03 -85.84
C ILE E 1718 -57.54 -17.81 -86.50
N HIS E 1719 -58.75 -17.41 -86.09
CA HIS E 1719 -59.49 -16.44 -86.88
C HIS E 1719 -59.61 -15.04 -86.29
N LEU E 1720 -59.63 -14.88 -84.97
CA LEU E 1720 -60.00 -13.60 -84.38
C LEU E 1720 -58.91 -12.90 -83.59
N GLU E 1721 -57.83 -13.60 -83.21
CA GLU E 1721 -56.89 -13.05 -82.24
C GLU E 1721 -56.18 -11.80 -82.77
N SER E 1722 -55.70 -11.85 -84.01
CA SER E 1722 -54.94 -10.70 -84.54
C SER E 1722 -55.82 -9.47 -84.71
N ALA E 1723 -57.02 -9.65 -85.24
CA ALA E 1723 -57.91 -8.51 -85.44
C ALA E 1723 -58.33 -7.93 -84.09
N CYS E 1724 -58.62 -8.80 -83.12
CA CYS E 1724 -59.04 -8.31 -81.83
C CYS E 1724 -57.91 -7.55 -81.16
N ARG E 1725 -56.69 -8.06 -81.25
CA ARG E 1725 -55.56 -7.39 -80.61
C ARG E 1725 -55.28 -6.03 -81.25
N SER E 1726 -55.32 -5.94 -82.57
CA SER E 1726 -55.08 -4.65 -83.23
C SER E 1726 -56.18 -3.66 -82.88
N ARG E 1727 -57.43 -4.10 -82.86
CA ARG E 1727 -58.50 -3.19 -82.50
C ARG E 1727 -58.36 -2.75 -81.05
N ARG E 1728 -57.99 -3.68 -80.17
CA ARG E 1728 -57.86 -3.33 -78.76
C ARG E 1728 -56.77 -2.31 -78.57
N SER E 1729 -55.71 -2.41 -79.38
CA SER E 1729 -54.64 -1.42 -79.32
C SER E 1729 -55.13 -0.05 -79.78
N MET E 1730 -56.01 -0.04 -80.79
CA MET E 1730 -56.54 1.21 -81.32
C MET E 1730 -57.65 1.82 -80.48
N LEU E 1731 -58.22 1.08 -79.53
CA LEU E 1731 -59.35 1.58 -78.75
C LEU E 1731 -58.98 2.65 -77.72
N SER E 1732 -57.71 2.83 -77.40
CA SER E 1732 -57.32 3.84 -76.41
C SER E 1732 -57.22 5.26 -76.95
N GLU E 1733 -57.40 5.48 -78.26
CA GLU E 1733 -57.33 6.82 -78.83
C GLU E 1733 -58.69 7.24 -79.38
N TYR E 1734 -58.94 8.56 -79.37
CA TYR E 1734 -60.20 9.15 -79.80
C TYR E 1734 -59.94 10.26 -80.82
N ILE E 1735 -59.86 9.89 -82.09
CA ILE E 1735 -59.73 10.84 -83.19
C ILE E 1735 -61.12 11.10 -83.75
N VAL E 1736 -61.67 12.29 -83.48
CA VAL E 1736 -63.06 12.60 -83.77
C VAL E 1736 -63.09 13.58 -84.94
N PRO E 1737 -63.49 13.16 -86.15
CA PRO E 1737 -63.68 14.11 -87.24
C PRO E 1737 -64.87 15.02 -87.01
N LEU E 1738 -64.79 16.22 -87.60
CA LEU E 1738 -65.85 17.22 -87.49
C LEU E 1738 -66.86 17.03 -88.63
N THR E 1739 -67.62 15.95 -88.53
CA THR E 1739 -68.64 15.61 -89.52
C THR E 1739 -70.03 15.92 -88.98
N PRO E 1740 -71.02 16.09 -89.86
CA PRO E 1740 -72.38 16.35 -89.38
C PRO E 1740 -72.93 15.26 -88.47
N GLU E 1741 -72.54 14.01 -88.67
CA GLU E 1741 -72.96 12.97 -87.73
C GLU E 1741 -72.40 13.25 -86.34
N THR E 1742 -71.15 13.72 -86.27
CA THR E 1742 -70.58 14.08 -84.99
C THR E 1742 -71.33 15.25 -84.39
N ARG E 1743 -71.69 16.23 -85.23
CA ARG E 1743 -72.48 17.37 -84.78
C ARG E 1743 -73.78 16.95 -84.14
N ALA E 1744 -74.44 15.94 -84.71
CA ALA E 1744 -75.74 15.48 -84.22
C ALA E 1744 -75.66 14.78 -82.87
N ILE E 1745 -74.46 14.48 -82.37
CA ILE E 1745 -74.32 13.71 -81.13
C ILE E 1745 -74.71 14.56 -79.95
N THR E 1746 -75.49 13.99 -79.04
CA THR E 1746 -75.87 14.63 -77.79
C THR E 1746 -75.68 13.67 -76.63
N LEU E 1747 -75.51 14.24 -75.44
CA LEU E 1747 -75.28 13.41 -74.25
C LEU E 1747 -76.48 12.54 -73.94
N PHE E 1748 -77.68 13.11 -73.97
CA PHE E 1748 -78.89 12.39 -73.66
C PHE E 1748 -79.80 12.32 -74.89
N PRO E 1749 -80.62 11.27 -74.99
CA PRO E 1749 -81.56 11.20 -76.10
C PRO E 1749 -82.58 12.33 -76.02
N PRO E 1750 -83.12 12.76 -77.16
CA PRO E 1750 -84.11 13.86 -77.11
C PRO E 1750 -85.33 13.54 -76.27
N GLY E 1751 -85.77 12.29 -76.26
CA GLY E 1751 -86.95 11.91 -75.50
C GLY E 1751 -86.82 12.18 -74.02
N ASN E 1756 -81.72 19.57 -67.34
CA ASN E 1756 -80.61 19.32 -66.42
C ASN E 1756 -80.21 17.85 -66.43
N ALA E 1757 -81.21 16.97 -66.49
CA ALA E 1757 -80.97 15.54 -66.47
C ALA E 1757 -82.21 14.83 -66.97
N ARG E 1758 -82.04 13.93 -67.93
CA ARG E 1758 -83.11 13.09 -68.44
C ARG E 1758 -82.77 11.63 -68.17
N ARG E 1759 -83.56 10.72 -68.75
CA ARG E 1759 -83.31 9.30 -68.58
C ARG E 1759 -82.04 8.88 -69.30
N HIS E 1760 -81.27 8.03 -68.66
CA HIS E 1760 -80.01 7.56 -69.24
C HIS E 1760 -80.30 6.64 -70.43
N GLY E 1761 -79.50 6.81 -71.48
CA GLY E 1761 -79.61 5.94 -72.64
C GLY E 1761 -78.93 4.60 -72.43
N LEU E 1762 -79.21 3.68 -73.35
CA LEU E 1762 -78.63 2.35 -73.29
C LEU E 1762 -77.14 2.42 -73.63
N PRO E 1763 -76.26 1.82 -72.83
CA PRO E 1763 -74.83 1.83 -73.16
C PRO E 1763 -74.53 1.01 -74.41
N GLY E 1764 -73.56 1.50 -75.19
CA GLY E 1764 -73.07 0.79 -76.35
C GLY E 1764 -73.95 0.85 -77.58
N VAL E 1765 -75.05 1.60 -77.55
CA VAL E 1765 -75.94 1.75 -78.68
C VAL E 1765 -76.00 3.22 -79.06
N GLY E 1766 -75.83 3.49 -80.35
CA GLY E 1766 -75.81 4.85 -80.86
C GLY E 1766 -74.81 4.98 -81.97
N VAL E 1767 -74.47 6.23 -82.29
CA VAL E 1767 -73.57 6.55 -83.39
C VAL E 1767 -72.23 6.95 -82.81
N THR E 1768 -71.17 6.28 -83.25
CA THR E 1768 -69.80 6.59 -82.86
C THR E 1768 -69.00 6.93 -84.10
N THR E 1769 -68.30 8.07 -84.05
CA THR E 1769 -67.54 8.58 -85.19
C THR E 1769 -66.04 8.43 -85.01
N SER E 1770 -65.58 7.82 -83.93
CA SER E 1770 -64.15 7.63 -83.73
C SER E 1770 -63.57 6.75 -84.82
N LEU E 1771 -62.39 7.14 -85.30
CA LEU E 1771 -61.75 6.43 -86.41
C LEU E 1771 -61.17 5.11 -85.94
N ARG E 1772 -61.54 4.03 -86.62
CA ARG E 1772 -60.96 2.71 -86.37
C ARG E 1772 -60.69 2.02 -87.70
N PRO E 1773 -59.46 1.58 -87.96
CA PRO E 1773 -59.16 0.95 -89.25
C PRO E 1773 -59.97 -0.33 -89.45
N PRO E 1774 -60.41 -0.61 -90.68
CA PRO E 1774 -61.19 -1.83 -90.91
C PRO E 1774 -60.33 -3.08 -90.85
N HIS E 1775 -60.99 -4.20 -90.58
CA HIS E 1775 -60.34 -5.50 -90.60
C HIS E 1775 -60.13 -5.98 -92.04
N HIS E 1776 -59.05 -6.73 -92.23
CA HIS E 1776 -58.71 -7.30 -93.53
C HIS E 1776 -58.57 -8.80 -93.41
N PHE E 1777 -59.25 -9.54 -94.30
CA PHE E 1777 -59.20 -11.00 -94.32
C PHE E 1777 -59.02 -11.48 -95.74
N SER E 1778 -58.46 -12.69 -95.87
CA SER E 1778 -58.27 -13.32 -97.17
C SER E 1778 -58.89 -14.71 -97.17
N PRO E 1779 -59.53 -15.12 -98.27
CA PRO E 1779 -60.09 -16.47 -98.33
C PRO E 1779 -58.99 -17.53 -98.40
N PRO E 1780 -59.11 -18.61 -97.64
CA PRO E 1780 -58.12 -19.69 -97.74
C PRO E 1780 -58.25 -20.45 -99.05
N CYS E 1781 -57.12 -20.99 -99.51
CA CYS E 1781 -57.08 -21.75 -100.75
C CYS E 1781 -55.74 -22.44 -100.85
N PHE E 1782 -55.75 -23.71 -101.24
CA PHE E 1782 -54.54 -24.52 -101.33
C PHE E 1782 -54.29 -25.04 -102.73
N VAL E 1783 -54.93 -24.44 -103.74
CA VAL E 1783 -54.69 -24.79 -105.13
C VAL E 1783 -54.14 -23.63 -105.95
N ALA E 1784 -54.05 -22.43 -105.38
CA ALA E 1784 -53.52 -21.29 -106.11
C ALA E 1784 -52.02 -21.45 -106.35
N ALA E 1785 -51.56 -20.89 -107.46
CA ALA E 1785 -50.14 -20.97 -107.79
C ALA E 1785 -49.31 -20.28 -106.71
N LEU E 1786 -48.28 -20.97 -106.25
CA LEU E 1786 -47.44 -20.43 -105.19
C LEU E 1786 -46.62 -19.26 -105.72
N PRO E 1787 -46.61 -18.11 -105.03
CA PRO E 1787 -45.83 -16.97 -105.51
C PRO E 1787 -44.34 -17.29 -105.51
N ALA E 1794 -42.12 -10.42 -99.65
CA ALA E 1794 -43.51 -10.59 -100.07
C ALA E 1794 -44.46 -9.96 -99.05
N PRO E 1795 -45.63 -9.53 -99.50
CA PRO E 1795 -46.58 -8.91 -98.57
C PRO E 1795 -47.05 -9.89 -97.50
N ALA E 1796 -47.34 -9.34 -96.32
CA ALA E 1796 -47.77 -10.17 -95.20
C ALA E 1796 -49.13 -10.81 -95.49
N ARG E 1797 -49.26 -12.08 -95.13
CA ARG E 1797 -50.51 -12.79 -95.33
C ARG E 1797 -51.57 -12.31 -94.35
N LEU E 1798 -52.81 -12.28 -94.81
CA LEU E 1798 -53.94 -11.89 -93.99
C LEU E 1798 -54.57 -13.09 -93.31
N SER E 1799 -55.37 -12.80 -92.28
CA SER E 1799 -56.03 -13.85 -91.53
C SER E 1799 -57.15 -14.49 -92.36
N PRO E 1800 -57.42 -15.78 -92.15
CA PRO E 1800 -58.52 -16.44 -92.87
C PRO E 1800 -59.87 -15.82 -92.56
N ALA E 1801 -60.75 -15.82 -93.56
CA ALA E 1801 -62.08 -15.24 -93.45
C ALA E 1801 -63.11 -16.29 -93.06
N ILE E 1802 -64.00 -15.93 -92.15
CA ILE E 1802 -65.09 -16.81 -91.73
C ILE E 1802 -66.38 -16.00 -91.63
N PRO E 1803 -67.55 -16.58 -91.95
CA PRO E 1803 -68.79 -15.79 -91.93
C PRO E 1803 -69.14 -15.27 -90.53
N LEU E 1804 -69.00 -13.95 -90.38
CA LEU E 1804 -69.16 -13.34 -89.07
C LEU E 1804 -70.61 -13.19 -88.67
N GLU E 1805 -71.50 -12.89 -89.61
CA GLU E 1805 -72.92 -12.74 -89.27
C GLU E 1805 -73.51 -14.07 -88.80
N ALA E 1806 -73.14 -15.16 -89.46
CA ALA E 1806 -73.59 -16.47 -89.02
C ALA E 1806 -72.93 -16.84 -87.69
N LEU E 1807 -71.66 -16.49 -87.52
CA LEU E 1807 -71.01 -16.88 -86.27
C LEU E 1807 -71.65 -16.14 -85.09
N ARG E 1808 -71.96 -14.85 -85.26
CA ARG E 1808 -72.56 -14.09 -84.18
C ARG E 1808 -73.98 -14.53 -83.89
N ASP E 1809 -74.73 -14.94 -84.92
CA ASP E 1809 -76.08 -15.44 -84.67
C ASP E 1809 -76.03 -16.77 -83.92
N LYS E 1810 -75.09 -17.62 -84.30
CA LYS E 1810 -74.93 -18.90 -83.61
C LYS E 1810 -74.51 -18.69 -82.16
N ALA E 1811 -73.60 -17.75 -81.92
CA ALA E 1811 -73.16 -17.47 -80.56
C ALA E 1811 -74.30 -16.94 -79.69
N LEU E 1812 -75.12 -16.04 -80.24
CA LEU E 1812 -76.27 -15.54 -79.50
C LEU E 1812 -77.26 -16.65 -79.18
N ARG E 1813 -77.55 -17.51 -80.15
CA ARG E 1813 -78.51 -18.58 -79.90
C ARG E 1813 -77.98 -19.56 -78.87
N MET E 1814 -76.70 -19.92 -78.96
CA MET E 1814 -76.11 -20.84 -78.02
C MET E 1814 -76.09 -20.26 -76.60
N LEU E 1815 -75.75 -18.97 -76.48
CA LEU E 1815 -75.75 -18.36 -75.15
C LEU E 1815 -77.16 -18.32 -74.57
N GLY E 1816 -78.17 -18.00 -75.38
CA GLY E 1816 -79.53 -18.00 -74.86
C GLY E 1816 -79.98 -19.38 -74.42
N GLU E 1817 -79.63 -20.41 -75.18
CA GLU E 1817 -79.98 -21.77 -74.78
C GLU E 1817 -79.26 -22.14 -73.48
N ALA E 1818 -78.00 -21.74 -73.34
CA ALA E 1818 -77.27 -22.07 -72.12
C ALA E 1818 -77.91 -21.38 -70.92
N VAL E 1819 -78.36 -20.15 -71.12
CA VAL E 1819 -79.03 -19.40 -70.05
C VAL E 1819 -80.31 -20.10 -69.62
N ARG E 1820 -81.11 -20.53 -70.60
CA ARG E 1820 -82.33 -21.27 -70.27
C ARG E 1820 -82.04 -22.58 -69.55
N ASP E 1821 -81.05 -23.34 -70.02
CA ASP E 1821 -80.72 -24.60 -69.35
C ASP E 1821 -80.22 -24.34 -67.93
N GLY E 1822 -79.40 -23.31 -67.74
CA GLY E 1822 -78.98 -22.95 -66.40
C GLY E 1822 -80.14 -22.56 -65.52
N GLY E 1823 -81.16 -21.90 -66.08
CA GLY E 1823 -82.33 -21.62 -65.28
C GLY E 1823 -83.05 -22.90 -64.90
N GLN E 1824 -83.04 -23.90 -65.79
CA GLN E 1824 -83.73 -25.15 -65.50
C GLN E 1824 -82.98 -25.98 -64.48
N HIS E 1825 -81.67 -25.71 -64.29
CA HIS E 1825 -80.85 -26.43 -63.31
C HIS E 1825 -80.78 -27.93 -63.65
N ALA E 1826 -80.45 -28.23 -64.90
CA ALA E 1826 -80.32 -29.62 -65.32
C ALA E 1826 -79.18 -30.30 -64.58
N ARG E 1827 -79.38 -31.58 -64.26
CA ARG E 1827 -78.38 -32.37 -63.54
C ARG E 1827 -77.24 -32.84 -64.44
N ASP E 1828 -77.32 -32.62 -65.75
CA ASP E 1828 -76.30 -33.02 -66.70
C ASP E 1828 -75.92 -31.80 -67.55
N PRO E 1829 -75.14 -30.88 -67.00
CA PRO E 1829 -74.75 -29.70 -67.77
C PRO E 1829 -73.86 -30.05 -68.95
N VAL E 1830 -73.94 -29.23 -69.98
CA VAL E 1830 -73.16 -29.45 -71.19
C VAL E 1830 -71.69 -29.25 -70.89
N GLY E 1831 -70.86 -30.22 -71.29
CA GLY E 1831 -69.44 -30.17 -71.03
C GLY E 1831 -69.02 -30.74 -69.70
N GLY E 1832 -69.97 -31.16 -68.86
CA GLY E 1832 -69.67 -31.74 -67.58
C GLY E 1832 -69.69 -30.74 -66.42
N SER E 1833 -69.71 -29.44 -66.70
CA SER E 1833 -69.74 -28.46 -65.64
C SER E 1833 -70.24 -27.12 -66.19
N VAL E 1834 -70.72 -26.29 -65.27
CA VAL E 1834 -71.21 -24.97 -65.64
C VAL E 1834 -70.08 -24.12 -66.20
N GLU E 1835 -68.88 -24.29 -65.65
CA GLU E 1835 -67.73 -23.56 -66.16
C GLU E 1835 -67.47 -23.93 -67.61
N PHE E 1836 -67.51 -25.23 -67.92
CA PHE E 1836 -67.25 -25.68 -69.28
C PHE E 1836 -68.41 -25.35 -70.20
N GLN E 1837 -69.56 -25.01 -69.64
CA GLN E 1837 -70.72 -24.66 -70.44
C GLN E 1837 -70.76 -23.17 -70.79
N PHE E 1838 -70.30 -22.32 -69.87
CA PHE E 1838 -70.39 -20.87 -70.03
C PHE E 1838 -69.10 -20.18 -70.45
N VAL E 1839 -67.94 -20.58 -69.94
CA VAL E 1839 -66.70 -19.85 -70.23
C VAL E 1839 -66.38 -19.76 -71.72
N PRO E 1840 -66.40 -20.84 -72.50
CA PRO E 1840 -66.13 -20.69 -73.94
C PRO E 1840 -67.09 -19.77 -74.66
N VAL E 1841 -68.36 -19.80 -74.31
CA VAL E 1841 -69.33 -18.95 -74.98
C VAL E 1841 -69.10 -17.50 -74.60
N LEU E 1842 -68.85 -17.23 -73.32
CA LEU E 1842 -68.64 -15.85 -72.91
C LEU E 1842 -67.36 -15.30 -73.53
N LYS E 1843 -66.33 -16.13 -73.67
CA LYS E 1843 -65.11 -15.68 -74.35
C LYS E 1843 -65.39 -15.33 -75.80
N LEU E 1844 -66.19 -16.15 -76.48
CA LEU E 1844 -66.51 -15.85 -77.87
C LEU E 1844 -67.32 -14.56 -77.99
N VAL E 1845 -68.29 -14.38 -77.12
CA VAL E 1845 -69.10 -13.17 -77.16
C VAL E 1845 -68.27 -11.94 -76.85
N SER E 1846 -67.38 -12.03 -75.86
CA SER E 1846 -66.53 -10.89 -75.54
C SER E 1846 -65.62 -10.55 -76.72
N THR E 1847 -65.06 -11.56 -77.38
CA THR E 1847 -64.19 -11.30 -78.52
C THR E 1847 -64.96 -10.62 -79.65
N LEU E 1848 -66.18 -11.08 -79.92
CA LEU E 1848 -66.94 -10.46 -81.00
C LEU E 1848 -67.38 -9.05 -80.62
N LEU E 1849 -67.67 -8.82 -79.33
CA LEU E 1849 -68.03 -7.49 -78.89
C LEU E 1849 -66.87 -6.53 -79.09
N VAL E 1850 -65.66 -6.97 -78.72
CA VAL E 1850 -64.49 -6.11 -78.90
C VAL E 1850 -64.27 -5.84 -80.39
N MET E 1851 -64.42 -6.87 -81.22
CA MET E 1851 -64.26 -6.65 -82.66
C MET E 1851 -65.38 -5.78 -83.22
N GLY E 1852 -66.46 -5.59 -82.48
CA GLY E 1852 -67.52 -4.71 -82.92
C GLY E 1852 -68.44 -5.27 -83.98
N ILE E 1853 -68.56 -6.59 -84.09
CA ILE E 1853 -69.41 -7.19 -85.10
C ILE E 1853 -70.88 -6.97 -84.76
N PHE E 1854 -71.23 -7.05 -83.48
CA PHE E 1854 -72.63 -7.01 -83.08
C PHE E 1854 -73.25 -5.66 -83.42
N GLY E 1855 -74.50 -5.70 -83.87
CA GLY E 1855 -75.27 -4.51 -84.15
C GLY E 1855 -76.07 -4.05 -82.94
N ASP E 1856 -76.90 -3.04 -83.19
CA ASP E 1856 -77.70 -2.46 -82.12
C ASP E 1856 -78.68 -3.46 -81.53
N GLU E 1857 -79.37 -4.21 -82.38
CA GLU E 1857 -80.32 -5.19 -81.89
C GLU E 1857 -79.61 -6.30 -81.12
N ASP E 1858 -78.44 -6.75 -81.61
CA ASP E 1858 -77.74 -7.80 -80.90
C ASP E 1858 -77.27 -7.33 -79.54
N VAL E 1859 -76.77 -6.09 -79.45
CA VAL E 1859 -76.33 -5.60 -78.15
C VAL E 1859 -77.52 -5.47 -77.21
N LYS E 1860 -78.67 -5.05 -77.74
CA LYS E 1860 -79.86 -4.98 -76.89
C LYS E 1860 -80.25 -6.35 -76.36
N GLN E 1861 -80.16 -7.39 -77.20
CA GLN E 1861 -80.48 -8.73 -76.75
C GLN E 1861 -79.50 -9.20 -75.67
N ILE E 1862 -78.22 -8.90 -75.85
CA ILE E 1862 -77.24 -9.30 -74.84
C ILE E 1862 -77.53 -8.61 -73.52
N LEU E 1863 -77.85 -7.32 -73.58
CA LEU E 1863 -78.15 -6.58 -72.35
C LEU E 1863 -79.41 -7.12 -71.70
N LYS E 1864 -80.40 -7.53 -72.50
CA LYS E 1864 -81.60 -8.13 -71.93
C LYS E 1864 -81.30 -9.43 -71.21
N MET E 1865 -80.44 -10.28 -71.78
CA MET E 1865 -80.09 -11.52 -71.09
C MET E 1865 -79.31 -11.24 -69.82
N ILE E 1866 -78.42 -10.24 -69.85
CA ILE E 1866 -77.65 -9.93 -68.65
C ILE E 1866 -78.55 -9.39 -67.55
N GLU E 1867 -79.46 -8.47 -67.88
CA GLU E 1867 -80.36 -7.89 -66.89
C GLU E 1867 -81.63 -7.42 -67.59
N PRO E 1868 -82.65 -8.27 -67.66
CA PRO E 1868 -83.87 -7.91 -68.40
C PRO E 1868 -84.66 -6.77 -67.77
N GLU E 1869 -84.48 -6.50 -66.49
CA GLU E 1869 -85.28 -5.47 -65.83
C GLU E 1869 -84.64 -4.09 -65.90
N VAL E 1870 -83.33 -4.00 -65.68
CA VAL E 1870 -82.67 -2.70 -65.69
C VAL E 1870 -82.62 -2.15 -67.11
N PHE E 1871 -82.28 -3.00 -68.08
CA PHE E 1871 -82.07 -2.57 -69.46
C PHE E 1871 -83.33 -2.76 -70.28
N THR E 1872 -84.46 -2.31 -69.75
CA THR E 1872 -85.74 -2.32 -70.45
C THR E 1872 -86.10 -0.90 -70.85
N GLU E 1873 -86.36 -0.71 -72.14
CA GLU E 1873 -86.73 0.61 -72.65
C GLU E 1873 -88.24 0.81 -72.60
N GLU E 1923 -88.41 -14.54 -66.63
CA GLU E 1923 -87.01 -14.71 -67.01
C GLU E 1923 -86.10 -14.24 -65.89
N GLU E 1924 -84.85 -14.70 -65.90
CA GLU E 1924 -83.89 -14.34 -64.87
C GLU E 1924 -82.52 -14.15 -65.51
N GLY E 1925 -81.78 -13.17 -65.00
CA GLY E 1925 -80.49 -12.81 -65.58
C GLY E 1925 -79.31 -13.60 -65.04
N LEU E 1926 -78.16 -13.39 -65.70
CA LEU E 1926 -76.90 -13.98 -65.27
C LEU E 1926 -76.40 -13.36 -63.97
N LEU E 1927 -76.68 -12.08 -63.75
CA LEU E 1927 -76.16 -11.33 -62.62
C LEU E 1927 -76.68 -11.83 -61.28
N GLN E 1928 -77.80 -12.56 -61.25
CA GLN E 1928 -78.38 -13.03 -60.00
C GLN E 1928 -78.24 -14.52 -59.80
N MET E 1929 -77.64 -15.22 -60.75
CA MET E 1929 -77.40 -16.66 -60.61
C MET E 1929 -76.01 -16.89 -60.03
N LYS E 1930 -75.91 -17.88 -59.16
CA LYS E 1930 -74.62 -18.21 -58.55
C LYS E 1930 -73.73 -18.87 -59.60
N LEU E 1931 -72.59 -18.25 -59.87
CA LEU E 1931 -71.67 -18.70 -60.90
C LEU E 1931 -70.25 -18.72 -60.35
N PRO E 1932 -69.35 -19.49 -60.95
CA PRO E 1932 -67.96 -19.51 -60.50
C PRO E 1932 -67.16 -18.25 -60.85
N GLU E 1933 -65.90 -18.25 -60.39
CA GLU E 1933 -65.08 -17.06 -60.51
C GLU E 1933 -64.72 -16.75 -61.95
N SER E 1934 -64.52 -17.79 -62.78
CA SER E 1934 -64.20 -17.56 -64.17
C SER E 1934 -65.34 -16.84 -64.89
N VAL E 1935 -66.58 -17.23 -64.59
CA VAL E 1935 -67.71 -16.54 -65.19
C VAL E 1935 -67.83 -15.13 -64.64
N LYS E 1936 -67.56 -14.95 -63.35
CA LYS E 1936 -67.60 -13.59 -62.82
C LYS E 1936 -66.57 -12.70 -63.50
N LEU E 1937 -65.40 -13.28 -63.81
CA LEU E 1937 -64.35 -12.56 -64.53
C LEU E 1937 -64.79 -12.16 -65.93
N GLN E 1938 -65.48 -13.06 -66.63
CA GLN E 1938 -65.97 -12.68 -67.95
C GLN E 1938 -67.06 -11.61 -67.87
N MET E 1939 -67.89 -11.67 -66.83
CA MET E 1939 -68.89 -10.62 -66.67
C MET E 1939 -68.23 -9.28 -66.40
N CYS E 1940 -67.13 -9.30 -65.64
CA CYS E 1940 -66.39 -8.07 -65.40
C CYS E 1940 -65.79 -7.52 -66.70
N ASN E 1941 -65.32 -8.41 -67.57
CA ASN E 1941 -64.80 -7.95 -68.86
C ASN E 1941 -65.88 -7.29 -69.70
N LEU E 1942 -67.08 -7.88 -69.69
CA LEU E 1942 -68.20 -7.30 -70.43
C LEU E 1942 -68.56 -5.92 -69.89
N LEU E 1943 -68.69 -5.81 -68.56
CA LEU E 1943 -69.03 -4.52 -68.00
C LEU E 1943 -67.94 -3.49 -68.23
N GLU E 1944 -66.68 -3.94 -68.29
CA GLU E 1944 -65.58 -3.03 -68.61
C GLU E 1944 -65.73 -2.49 -70.02
N TYR E 1945 -66.15 -3.35 -70.94
CA TYR E 1945 -66.37 -2.91 -72.32
C TYR E 1945 -67.46 -1.85 -72.38
N PHE E 1946 -68.56 -2.07 -71.66
CA PHE E 1946 -69.65 -1.10 -71.73
C PHE E 1946 -69.30 0.21 -71.04
N CYS E 1947 -68.49 0.17 -69.98
CA CYS E 1947 -68.00 1.40 -69.38
C CYS E 1947 -67.10 2.17 -70.34
N ASP E 1948 -66.28 1.46 -71.12
CA ASP E 1948 -65.46 2.15 -72.13
C ASP E 1948 -66.34 2.80 -73.18
N GLN E 1949 -67.42 2.13 -73.58
CA GLN E 1949 -68.33 2.72 -74.57
C GLN E 1949 -68.99 3.98 -74.04
N GLU E 1950 -69.37 3.98 -72.76
CA GLU E 1950 -69.92 5.18 -72.14
C GLU E 1950 -68.91 6.33 -72.12
N LEU E 1951 -67.66 6.03 -71.80
CA LEU E 1951 -66.63 7.07 -71.82
C LEU E 1951 -66.44 7.64 -73.22
N GLN E 1952 -66.43 6.78 -74.23
CA GLN E 1952 -66.28 7.28 -75.60
C GLN E 1952 -67.46 8.16 -75.99
N HIS E 1953 -68.67 7.79 -75.56
CA HIS E 1953 -69.83 8.61 -75.86
C HIS E 1953 -69.72 9.99 -75.22
N ARG E 1954 -69.23 10.04 -73.99
CA ARG E 1954 -69.05 11.33 -73.32
C ARG E 1954 -68.02 12.19 -74.05
N VAL E 1955 -66.93 11.58 -74.50
CA VAL E 1955 -65.91 12.34 -75.21
C VAL E 1955 -66.44 12.90 -76.51
N GLU E 1956 -67.18 12.10 -77.27
CA GLU E 1956 -67.73 12.59 -78.54
C GLU E 1956 -68.75 13.71 -78.31
N SER E 1957 -69.59 13.59 -77.29
CA SER E 1957 -70.54 14.66 -77.00
C SER E 1957 -69.83 15.95 -76.61
N LEU E 1958 -68.77 15.83 -75.82
CA LEU E 1958 -67.99 17.01 -75.44
C LEU E 1958 -67.32 17.67 -76.64
N ALA E 1959 -66.80 16.87 -77.58
CA ALA E 1959 -66.24 17.48 -78.79
C ALA E 1959 -67.29 18.17 -79.63
N ALA E 1960 -68.50 17.60 -79.73
CA ALA E 1960 -69.54 18.27 -80.50
C ALA E 1960 -69.91 19.61 -79.86
N PHE E 1961 -70.03 19.64 -78.53
CA PHE E 1961 -70.35 20.90 -77.89
C PHE E 1961 -69.21 21.90 -78.05
N ALA E 1962 -67.97 21.42 -78.04
CA ALA E 1962 -66.84 22.33 -78.22
C ALA E 1962 -66.92 22.99 -79.59
N GLU E 1963 -67.27 22.21 -80.61
CA GLU E 1963 -67.38 22.77 -81.96
C GLU E 1963 -68.46 23.84 -82.03
N ARG E 1964 -69.61 23.58 -81.40
CA ARG E 1964 -70.68 24.58 -81.46
C ARG E 1964 -70.31 25.83 -80.68
N TYR E 1965 -69.68 25.66 -79.52
CA TYR E 1965 -69.41 26.82 -78.69
C TYR E 1965 -68.30 27.65 -79.30
N VAL E 1966 -67.31 27.01 -79.91
CA VAL E 1966 -66.25 27.77 -80.55
C VAL E 1966 -66.82 28.58 -81.70
N ASP E 1967 -67.75 27.99 -82.46
CA ASP E 1967 -68.36 28.73 -83.56
C ASP E 1967 -69.10 29.96 -83.06
N LYS E 1968 -69.84 29.82 -81.96
CA LYS E 1968 -70.53 30.96 -81.38
C LYS E 1968 -69.55 32.01 -80.84
N LEU E 1969 -68.45 31.56 -80.22
CA LEU E 1969 -67.44 32.49 -79.72
C LEU E 1969 -66.82 33.28 -80.86
N GLN E 1970 -66.50 32.62 -81.97
CA GLN E 1970 -65.88 33.32 -83.08
C GLN E 1970 -66.84 34.32 -83.70
N ALA E 1971 -68.11 33.96 -83.85
CA ALA E 1971 -69.06 34.92 -84.39
C ALA E 1971 -69.23 36.12 -83.47
N ASN E 1972 -69.28 35.89 -82.16
CA ASN E 1972 -69.43 37.00 -81.23
C ASN E 1972 -68.19 37.90 -81.24
N GLN E 1973 -66.99 37.29 -81.25
CA GLN E 1973 -65.78 38.10 -81.25
C GLN E 1973 -65.68 38.91 -82.54
N ARG E 1974 -66.09 38.33 -83.67
CA ARG E 1974 -66.09 39.08 -84.91
C ARG E 1974 -67.03 40.27 -84.85
N SER E 1975 -68.21 40.09 -84.26
CA SER E 1975 -69.14 41.23 -84.15
C SER E 1975 -68.62 42.28 -83.19
N ARG E 1976 -68.03 41.85 -82.07
CA ARG E 1976 -67.50 42.83 -81.13
C ARG E 1976 -66.35 43.61 -81.73
N TYR E 1977 -65.47 42.96 -82.49
CA TYR E 1977 -64.38 43.68 -83.14
C TYR E 1977 -64.92 44.62 -84.21
N ALA E 1978 -65.98 44.20 -84.90
CA ALA E 1978 -66.56 45.04 -85.94
C ALA E 1978 -67.09 46.33 -85.35
N LEU E 1979 -67.81 46.24 -84.23
CA LEU E 1979 -68.30 47.47 -83.64
C LEU E 1979 -67.19 48.24 -82.91
N LEU E 1980 -66.17 47.55 -82.41
CA LEU E 1980 -65.07 48.21 -81.72
C LEU E 1980 -64.20 49.01 -82.66
N MET E 1981 -64.18 48.68 -83.95
CA MET E 1981 -63.35 49.46 -84.88
C MET E 1981 -63.88 50.88 -85.10
N ARG E 1982 -65.11 51.18 -84.70
CA ARG E 1982 -65.67 52.52 -84.83
C ARG E 1982 -65.70 53.16 -83.45
N THR E 1991 -58.07 53.08 -73.50
CA THR E 1991 -58.16 52.42 -74.80
C THR E 1991 -57.37 51.12 -74.79
N ALA E 1992 -56.34 51.06 -73.94
CA ALA E 1992 -55.58 49.81 -73.80
C ALA E 1992 -56.48 48.68 -73.34
N ARG E 1993 -57.43 49.00 -72.46
CA ARG E 1993 -58.39 48.00 -72.01
C ARG E 1993 -59.27 47.51 -73.14
N ARG E 1994 -59.70 48.41 -74.02
CA ARG E 1994 -60.54 48.00 -75.14
C ARG E 1994 -59.75 47.21 -76.19
N THR E 1995 -58.48 47.52 -76.40
CA THR E 1995 -57.68 46.88 -77.44
C THR E 1995 -56.77 45.76 -76.96
N ARG E 1996 -56.73 45.47 -75.65
CA ARG E 1996 -55.82 44.44 -75.16
C ARG E 1996 -56.19 43.05 -75.66
N GLU E 1997 -57.48 42.76 -75.79
CA GLU E 1997 -57.91 41.40 -76.13
C GLU E 1997 -57.35 40.96 -77.47
N PHE E 1998 -57.39 41.84 -78.47
CA PHE E 1998 -57.02 41.46 -79.83
C PHE E 1998 -55.51 41.45 -80.07
N ARG E 1999 -54.71 41.92 -79.11
CA ARG E 1999 -53.26 41.90 -79.22
C ARG E 1999 -52.64 40.91 -78.25
N SER E 2000 -53.31 39.77 -78.05
CA SER E 2000 -52.84 38.73 -77.15
C SER E 2000 -52.93 37.38 -77.85
N PRO E 2001 -52.12 36.41 -77.43
CA PRO E 2001 -52.14 35.11 -78.08
C PRO E 2001 -53.50 34.45 -77.93
N PRO E 2002 -53.91 33.67 -78.93
CA PRO E 2002 -55.27 33.08 -78.90
C PRO E 2002 -55.55 32.22 -77.68
N GLN E 2003 -54.55 31.51 -77.16
CA GLN E 2003 -54.78 30.73 -75.94
C GLN E 2003 -55.12 31.64 -74.78
N GLU E 2004 -54.43 32.77 -74.65
CA GLU E 2004 -54.79 33.69 -73.58
C GLU E 2004 -56.14 34.34 -73.85
N GLN E 2005 -56.47 34.57 -75.12
CA GLN E 2005 -57.78 35.15 -75.43
C GLN E 2005 -58.89 34.20 -74.98
N ILE E 2006 -58.74 32.90 -75.26
CA ILE E 2006 -59.80 32.00 -74.89
C ILE E 2006 -59.78 31.70 -73.41
N ASN E 2007 -58.62 31.84 -72.75
CA ASN E 2007 -58.59 31.71 -71.30
C ASN E 2007 -59.37 32.84 -70.65
N MET E 2008 -59.21 34.07 -71.17
CA MET E 2008 -59.97 35.17 -70.61
C MET E 2008 -61.45 35.01 -70.93
N LEU E 2009 -61.77 34.50 -72.12
CA LEU E 2009 -63.18 34.37 -72.49
C LEU E 2009 -63.86 33.32 -71.64
N LEU E 2010 -63.15 32.26 -71.25
CA LEU E 2010 -63.72 31.19 -70.45
C LEU E 2010 -63.54 31.39 -68.96
N HIS E 2011 -62.85 32.44 -68.52
CA HIS E 2011 -62.66 32.69 -67.10
C HIS E 2011 -63.84 33.49 -66.54
N PHE E 2012 -65.00 32.83 -66.50
CA PHE E 2012 -66.19 33.44 -65.92
C PHE E 2012 -67.03 32.42 -65.15
N LYS E 2013 -66.39 31.41 -64.55
CA LYS E 2013 -67.16 30.36 -63.88
C LYS E 2013 -67.76 30.87 -62.58
N ASP E 2014 -66.98 31.61 -61.79
CA ASP E 2014 -67.44 32.10 -60.50
C ASP E 2014 -68.17 33.42 -60.69
N GLU E 2015 -69.15 33.67 -59.82
CA GLU E 2015 -69.90 34.91 -59.86
C GLU E 2015 -69.16 36.08 -59.23
N ALA E 2016 -67.97 35.86 -58.68
CA ALA E 2016 -67.16 36.94 -58.14
C ALA E 2016 -66.17 37.49 -59.15
N ASP E 2017 -66.10 36.93 -60.36
CA ASP E 2017 -65.22 37.44 -61.40
C ASP E 2017 -65.96 37.62 -62.72
N GLU E 2018 -67.28 37.74 -62.69
CA GLU E 2018 -68.07 37.93 -63.91
C GLU E 2018 -68.25 39.42 -64.22
N GLU E 2019 -67.14 40.15 -64.22
CA GLU E 2019 -67.15 41.58 -64.53
C GLU E 2019 -66.33 41.92 -65.76
N ASP E 2020 -65.14 41.34 -65.92
CA ASP E 2020 -64.30 41.58 -67.08
C ASP E 2020 -64.72 40.76 -68.30
N CYS E 2021 -65.51 39.71 -68.11
CA CYS E 2021 -65.89 38.86 -69.23
C CYS E 2021 -66.83 39.60 -70.17
N PRO E 2022 -66.50 39.78 -71.45
CA PRO E 2022 -67.43 40.44 -72.38
C PRO E 2022 -68.43 39.52 -73.05
N LEU E 2023 -68.49 38.26 -72.67
CA LEU E 2023 -69.40 37.32 -73.31
C LEU E 2023 -70.84 37.62 -72.90
N PRO E 2024 -71.80 37.41 -73.80
CA PRO E 2024 -73.21 37.61 -73.42
C PRO E 2024 -73.70 36.59 -72.41
N GLU E 2025 -74.70 37.01 -71.65
CA GLU E 2025 -75.25 36.15 -70.60
C GLU E 2025 -75.89 34.91 -71.18
N ASP E 2026 -76.48 35.02 -72.38
CA ASP E 2026 -77.10 33.84 -72.99
C ASP E 2026 -76.06 32.78 -73.31
N ILE E 2027 -74.90 33.20 -73.82
CA ILE E 2027 -73.84 32.24 -74.10
C ILE E 2027 -73.28 31.67 -72.81
N ARG E 2028 -73.16 32.51 -71.77
CA ARG E 2028 -72.67 31.96 -70.51
C ARG E 2028 -73.67 30.93 -69.99
N GLN E 2029 -74.96 31.19 -70.18
CA GLN E 2029 -75.97 30.27 -69.69
C GLN E 2029 -75.87 28.96 -70.44
N ASP E 2030 -75.58 29.04 -71.74
CA ASP E 2030 -75.49 27.83 -72.55
C ASP E 2030 -74.35 26.95 -72.07
N LEU E 2031 -73.21 27.58 -71.76
CA LEU E 2031 -72.08 26.82 -71.24
C LEU E 2031 -72.38 26.23 -69.87
N GLN E 2032 -73.05 27.00 -69.00
CA GLN E 2032 -73.39 26.46 -67.69
C GLN E 2032 -74.38 25.31 -67.79
N ASP E 2033 -75.32 25.40 -68.73
CA ASP E 2033 -76.25 24.30 -68.97
C ASP E 2033 -75.53 23.05 -69.43
N PHE E 2034 -74.53 23.21 -70.31
CA PHE E 2034 -73.81 22.01 -70.74
C PHE E 2034 -72.95 21.46 -69.61
N HIS E 2035 -72.41 22.32 -68.74
CA HIS E 2035 -71.62 21.81 -67.62
C HIS E 2035 -72.51 21.06 -66.65
N GLN E 2036 -73.76 21.52 -66.51
CA GLN E 2036 -74.70 20.86 -65.61
C GLN E 2036 -75.10 19.51 -66.15
N ASP E 2037 -75.41 19.43 -67.44
CA ASP E 2037 -75.81 18.13 -67.97
C ASP E 2037 -74.62 17.20 -68.15
N LEU E 2038 -73.40 17.73 -68.15
CA LEU E 2038 -72.22 16.87 -68.11
C LEU E 2038 -72.05 16.25 -66.72
N LEU E 2039 -72.21 17.07 -65.69
CA LEU E 2039 -72.16 16.52 -64.34
C LEU E 2039 -73.27 15.51 -64.11
N ALA E 2040 -74.47 15.81 -64.61
CA ALA E 2040 -75.57 14.85 -64.47
C ALA E 2040 -75.27 13.56 -65.22
N HIS E 2041 -74.69 13.64 -66.42
CA HIS E 2041 -74.34 12.42 -67.13
C HIS E 2041 -73.26 11.64 -66.40
N CYS E 2042 -72.40 12.33 -65.66
CA CYS E 2042 -71.41 11.64 -64.84
C CYS E 2042 -71.96 11.25 -63.48
N GLY E 2043 -73.24 11.55 -63.22
CA GLY E 2043 -73.88 11.13 -61.99
C GLY E 2043 -73.38 11.78 -60.73
N ILE E 2044 -73.00 13.06 -60.80
CA ILE E 2044 -72.67 13.82 -59.60
C ILE E 2044 -73.95 14.50 -59.11
N GLN E 2045 -74.38 14.15 -57.91
CA GLN E 2045 -75.60 14.73 -57.36
C GLN E 2045 -75.46 16.25 -57.27
N LEU E 2046 -76.48 16.95 -57.74
CA LEU E 2046 -76.47 18.41 -57.73
C LEU E 2046 -76.96 18.94 -56.39
N LYS E 2090 -83.93 -0.03 -55.90
CA LYS E 2090 -83.64 -0.88 -57.05
C LYS E 2090 -82.78 -0.14 -58.07
N PRO E 2091 -81.67 -0.75 -58.51
CA PRO E 2091 -80.79 -0.05 -59.45
C PRO E 2091 -81.52 0.29 -60.73
N GLN E 2092 -81.16 1.45 -61.30
CA GLN E 2092 -81.72 1.92 -62.55
C GLN E 2092 -80.64 2.36 -63.53
N SER E 2093 -79.38 2.09 -63.25
CA SER E 2093 -78.28 2.52 -64.10
C SER E 2093 -77.11 1.56 -63.95
N LEU E 2094 -76.22 1.62 -64.93
CA LEU E 2094 -75.07 0.71 -64.96
C LEU E 2094 -74.17 0.92 -63.75
N GLN E 2095 -73.96 2.17 -63.35
CA GLN E 2095 -73.08 2.45 -62.22
C GLN E 2095 -73.59 1.80 -60.94
N GLU E 2096 -74.89 1.92 -60.67
CA GLU E 2096 -75.46 1.33 -59.47
C GLU E 2096 -75.53 -0.18 -59.58
N LEU E 2097 -75.76 -0.69 -60.79
CA LEU E 2097 -75.81 -2.13 -60.97
C LEU E 2097 -74.45 -2.74 -60.68
N VAL E 2098 -73.40 -2.12 -61.20
CA VAL E 2098 -72.05 -2.64 -61.02
C VAL E 2098 -71.64 -2.54 -59.56
N SER E 2099 -71.93 -1.40 -58.92
CA SER E 2099 -71.54 -1.25 -57.52
C SER E 2099 -72.24 -2.27 -56.65
N HIS E 2100 -73.56 -2.44 -56.84
CA HIS E 2100 -74.30 -3.39 -56.03
C HIS E 2100 -73.79 -4.81 -56.26
N MET E 2101 -73.58 -5.19 -57.52
CA MET E 2101 -73.14 -6.56 -57.79
C MET E 2101 -71.77 -6.83 -57.18
N VAL E 2102 -70.85 -5.89 -57.32
CA VAL E 2102 -69.50 -6.10 -56.79
C VAL E 2102 -69.52 -6.19 -55.27
N VAL E 2103 -70.26 -5.29 -54.61
CA VAL E 2103 -70.31 -5.34 -53.15
C VAL E 2103 -70.96 -6.64 -52.68
N ARG E 2104 -72.05 -7.04 -53.33
CA ARG E 2104 -72.76 -8.29 -52.96
C ARG E 2104 -71.78 -9.44 -53.10
N TRP E 2105 -71.04 -9.52 -54.21
CA TRP E 2105 -70.10 -10.62 -54.44
C TRP E 2105 -69.03 -10.64 -53.37
N ALA E 2106 -68.50 -9.47 -53.01
CA ALA E 2106 -67.40 -9.44 -52.06
C ALA E 2106 -67.86 -9.79 -50.65
N GLN E 2107 -69.09 -9.42 -50.28
CA GLN E 2107 -69.59 -9.71 -48.94
C GLN E 2107 -70.32 -11.03 -48.85
N GLU E 2108 -70.48 -11.76 -49.95
CA GLU E 2108 -71.08 -13.09 -49.88
C GLU E 2108 -70.05 -14.20 -49.67
N ASP E 2109 -68.82 -14.01 -50.14
CA ASP E 2109 -67.82 -15.06 -50.00
C ASP E 2109 -66.44 -14.45 -50.10
N TYR E 2110 -65.44 -15.19 -49.61
CA TYR E 2110 -64.05 -14.77 -49.67
C TYR E 2110 -63.48 -15.16 -51.03
N VAL E 2111 -63.28 -14.16 -51.88
CA VAL E 2111 -62.79 -14.41 -53.23
C VAL E 2111 -61.34 -14.88 -53.17
N GLN E 2112 -61.04 -15.95 -53.90
CA GLN E 2112 -59.72 -16.54 -53.90
C GLN E 2112 -58.89 -16.20 -55.13
N SER E 2113 -59.52 -15.68 -56.19
CA SER E 2113 -58.80 -15.36 -57.41
C SER E 2113 -58.31 -13.92 -57.37
N PRO E 2114 -57.00 -13.68 -57.26
CA PRO E 2114 -56.52 -12.29 -57.26
C PRO E 2114 -56.85 -11.54 -58.52
N GLU E 2115 -56.87 -12.21 -59.67
CA GLU E 2115 -57.23 -11.52 -60.91
C GLU E 2115 -58.68 -11.05 -60.86
N LEU E 2116 -59.57 -11.88 -60.33
CA LEU E 2116 -60.96 -11.46 -60.22
C LEU E 2116 -61.10 -10.31 -59.23
N VAL E 2117 -60.36 -10.38 -58.12
CA VAL E 2117 -60.43 -9.34 -57.11
C VAL E 2117 -59.97 -8.00 -57.69
N ARG E 2118 -58.87 -8.03 -58.43
CA ARG E 2118 -58.37 -6.82 -59.06
C ARG E 2118 -59.37 -6.29 -60.08
N ALA E 2119 -59.99 -7.18 -60.85
CA ALA E 2119 -60.93 -6.73 -61.86
C ALA E 2119 -62.13 -6.04 -61.22
N MET E 2120 -62.66 -6.61 -60.14
CA MET E 2120 -63.87 -6.05 -59.55
C MET E 2120 -63.59 -4.76 -58.81
N PHE E 2121 -62.41 -4.65 -58.18
CA PHE E 2121 -62.11 -3.40 -57.51
C PHE E 2121 -61.70 -2.30 -58.48
N SER E 2122 -61.07 -2.65 -59.60
CA SER E 2122 -60.83 -1.66 -60.64
C SER E 2122 -62.14 -1.15 -61.22
N LEU E 2123 -63.09 -2.05 -61.46
CA LEU E 2123 -64.38 -1.61 -61.97
C LEU E 2123 -65.10 -0.73 -60.94
N LEU E 2124 -65.02 -1.09 -59.67
CA LEU E 2124 -65.71 -0.28 -58.67
C LEU E 2124 -65.10 1.11 -58.61
N HIS E 2125 -63.76 1.18 -58.68
CA HIS E 2125 -63.12 2.47 -58.61
C HIS E 2125 -63.53 3.30 -59.82
N ARG E 2126 -63.68 2.65 -60.97
CA ARG E 2126 -64.07 3.39 -62.16
C ARG E 2126 -65.47 3.97 -62.01
N GLN E 2127 -66.38 3.20 -61.41
CA GLN E 2127 -67.75 3.71 -61.26
C GLN E 2127 -67.78 4.87 -60.28
N TYR E 2128 -67.04 4.76 -59.18
CA TYR E 2128 -67.05 5.85 -58.20
C TYR E 2128 -66.33 7.09 -58.70
N ASP E 2129 -65.30 6.96 -59.53
CA ASP E 2129 -64.53 8.09 -60.04
C ASP E 2129 -64.67 8.14 -61.55
N GLY E 2130 -65.73 8.82 -62.01
CA GLY E 2130 -65.99 8.97 -63.42
C GLY E 2130 -65.41 10.25 -64.03
N LEU E 2131 -65.50 11.34 -63.26
CA LEU E 2131 -64.93 12.61 -63.73
C LEU E 2131 -63.42 12.55 -63.87
N GLY E 2132 -62.74 11.90 -62.92
CA GLY E 2132 -61.30 11.75 -63.04
C GLY E 2132 -60.88 10.89 -64.22
N GLU E 2133 -61.66 9.85 -64.54
CA GLU E 2133 -61.34 9.05 -65.71
C GLU E 2133 -61.45 9.87 -66.99
N LEU E 2134 -62.50 10.70 -67.10
CA LEU E 2134 -62.60 11.57 -68.26
C LEU E 2134 -61.47 12.59 -68.28
N LEU E 2135 -61.08 13.08 -67.09
CA LEU E 2135 -60.00 14.06 -67.05
C LEU E 2135 -58.70 13.45 -67.55
N ARG E 2136 -58.46 12.18 -67.21
CA ARG E 2136 -57.24 11.51 -67.65
C ARG E 2136 -57.35 10.98 -69.08
N ALA E 2137 -58.56 10.96 -69.65
CA ALA E 2137 -58.73 10.52 -71.03
C ALA E 2137 -58.76 11.66 -72.03
N LEU E 2138 -59.05 12.88 -71.59
CA LEU E 2138 -59.05 14.03 -72.50
C LEU E 2138 -57.72 14.27 -73.19
N PRO E 2139 -56.56 14.09 -72.55
CA PRO E 2139 -55.29 14.32 -73.25
C PRO E 2139 -55.09 13.47 -74.49
N ARG E 2140 -55.79 12.34 -74.62
CA ARG E 2140 -55.68 11.50 -75.81
C ARG E 2140 -56.80 11.76 -76.82
N ALA E 2141 -57.55 12.85 -76.68
CA ALA E 2141 -58.59 13.22 -77.62
C ALA E 2141 -58.10 14.33 -78.54
N TYR E 2142 -58.47 14.23 -79.82
CA TYR E 2142 -58.00 15.15 -80.84
C TYR E 2142 -59.01 15.21 -81.99
N THR E 2143 -59.37 16.42 -82.40
CA THR E 2143 -60.29 16.65 -83.50
C THR E 2143 -59.52 17.00 -84.77
N ILE E 2144 -59.94 16.41 -85.89
CA ILE E 2144 -59.27 16.60 -87.17
C ILE E 2144 -60.29 16.99 -88.23
N SER E 2145 -59.79 17.59 -89.31
CA SER E 2145 -60.64 17.96 -90.42
C SER E 2145 -61.06 16.72 -91.22
N PRO E 2146 -62.25 16.74 -91.81
CA PRO E 2146 -62.71 15.59 -92.61
C PRO E 2146 -61.87 15.31 -93.84
N SER E 2147 -61.10 16.28 -94.34
CA SER E 2147 -60.29 16.07 -95.52
C SER E 2147 -59.00 15.29 -95.27
N SER E 2148 -58.61 15.09 -94.00
CA SER E 2148 -57.40 14.34 -93.67
C SER E 2148 -57.71 12.96 -93.10
N VAL E 2149 -58.93 12.47 -93.34
CA VAL E 2149 -59.32 11.19 -92.77
C VAL E 2149 -58.57 10.03 -93.42
N GLU E 2150 -58.45 10.04 -94.74
CA GLU E 2150 -57.80 8.91 -95.41
C GLU E 2150 -56.33 8.81 -95.01
N ASP E 2151 -55.65 9.94 -94.90
CA ASP E 2151 -54.26 9.92 -94.47
C ASP E 2151 -54.14 9.53 -93.00
N THR E 2152 -55.08 9.97 -92.16
CA THR E 2152 -55.01 9.56 -90.76
C THR E 2152 -55.23 8.05 -90.62
N MET E 2153 -56.18 7.51 -91.38
CA MET E 2153 -56.42 6.07 -91.34
C MET E 2153 -55.20 5.29 -91.83
N SER E 2154 -54.56 5.76 -92.90
CA SER E 2154 -53.35 5.09 -93.37
C SER E 2154 -52.24 5.14 -92.31
N LEU E 2155 -52.10 6.27 -91.64
CA LEU E 2155 -51.09 6.39 -90.59
C LEU E 2155 -51.40 5.45 -89.45
N LEU E 2156 -52.69 5.33 -89.09
CA LEU E 2156 -53.06 4.42 -88.03
C LEU E 2156 -52.79 2.97 -88.42
N GLU E 2157 -53.01 2.62 -89.69
CA GLU E 2157 -52.69 1.27 -90.14
C GLU E 2157 -51.20 0.98 -90.01
N CYS E 2158 -50.35 1.93 -90.42
CA CYS E 2158 -48.92 1.70 -90.30
C CYS E 2158 -48.49 1.63 -88.84
N LEU E 2159 -49.08 2.48 -87.99
CA LEU E 2159 -48.74 2.41 -86.58
C LEU E 2159 -49.19 1.09 -85.97
N GLY E 2160 -50.34 0.57 -86.41
CA GLY E 2160 -50.79 -0.73 -85.93
C GLY E 2160 -49.84 -1.83 -86.34
N GLN E 2161 -49.27 -1.75 -87.55
CA GLN E 2161 -48.29 -2.75 -87.96
C GLN E 2161 -47.05 -2.68 -87.09
N ILE E 2162 -46.59 -1.46 -86.80
CA ILE E 2162 -45.40 -1.33 -85.97
C ILE E 2162 -45.68 -1.86 -84.57
N ARG E 2163 -46.85 -1.52 -84.01
CA ARG E 2163 -47.16 -2.03 -82.69
C ARG E 2163 -47.29 -3.55 -82.69
N SER E 2164 -47.76 -4.12 -83.82
CA SER E 2164 -47.85 -5.57 -83.91
C SER E 2164 -46.48 -6.21 -84.01
N LEU E 2165 -45.47 -5.42 -84.34
CA LEU E 2165 -44.10 -5.94 -84.45
C LEU E 2165 -43.35 -5.90 -83.13
N LEU E 2166 -43.97 -5.41 -82.06
CA LEU E 2166 -43.36 -5.37 -80.74
C LEU E 2166 -43.39 -6.69 -79.99
N ILE E 2167 -44.12 -7.69 -80.47
CA ILE E 2167 -44.26 -8.95 -79.76
C ILE E 2167 -43.70 -10.13 -80.57
N VAL E 2168 -42.79 -9.85 -81.49
CA VAL E 2168 -42.22 -10.88 -82.36
C VAL E 2168 -40.71 -10.73 -82.38
N GLN E 2169 -40.01 -11.85 -82.36
CA GLN E 2169 -38.56 -11.82 -82.47
C GLN E 2169 -38.14 -11.23 -83.80
N MET E 2170 -37.08 -10.42 -83.77
CA MET E 2170 -36.69 -9.65 -84.94
C MET E 2170 -36.19 -10.56 -86.05
N GLY E 2171 -36.58 -10.25 -87.28
CA GLY E 2171 -36.09 -10.97 -88.45
C GLY E 2171 -35.96 -10.07 -89.67
N PRO E 2172 -35.39 -10.62 -90.75
CA PRO E 2172 -35.24 -9.82 -91.97
C PRO E 2172 -36.55 -9.34 -92.57
N GLN E 2173 -37.59 -10.17 -92.50
CA GLN E 2173 -38.87 -9.77 -93.05
C GLN E 2173 -39.51 -8.69 -92.19
N GLU E 2174 -39.47 -8.85 -90.87
CA GLU E 2174 -40.05 -7.79 -90.04
C GLU E 2174 -39.25 -6.52 -90.18
N GLU E 2175 -37.94 -6.64 -90.43
CA GLU E 2175 -37.12 -5.46 -90.65
C GLU E 2175 -37.56 -4.71 -91.90
N ASN E 2176 -37.83 -5.46 -92.97
CA ASN E 2176 -38.29 -4.83 -94.20
C ASN E 2176 -39.66 -4.19 -94.01
N LEU E 2177 -40.54 -4.86 -93.28
CA LEU E 2177 -41.86 -4.31 -93.00
C LEU E 2177 -41.75 -3.03 -92.19
N MET E 2178 -40.85 -3.01 -91.20
CA MET E 2178 -40.66 -1.82 -90.38
C MET E 2178 -40.13 -0.67 -91.23
N ILE E 2179 -39.21 -0.97 -92.14
CA ILE E 2179 -38.60 0.07 -92.96
C ILE E 2179 -39.65 0.67 -93.88
N GLN E 2180 -40.46 -0.18 -94.52
CA GLN E 2180 -41.45 0.36 -95.44
C GLN E 2180 -42.56 1.09 -94.70
N SER E 2181 -42.87 0.65 -93.48
CA SER E 2181 -43.86 1.38 -92.67
C SER E 2181 -43.34 2.77 -92.31
N ILE E 2182 -42.06 2.88 -91.96
CA ILE E 2182 -41.48 4.18 -91.65
C ILE E 2182 -41.49 5.07 -92.89
N GLY E 2183 -41.13 4.51 -94.05
CA GLY E 2183 -41.16 5.29 -95.27
C GLY E 2183 -42.55 5.80 -95.60
N ASN E 2184 -43.55 4.95 -95.39
CA ASN E 2184 -44.93 5.37 -95.64
C ASN E 2184 -45.35 6.46 -94.67
N ILE E 2185 -44.92 6.36 -93.41
CA ILE E 2185 -45.26 7.39 -92.44
C ILE E 2185 -44.64 8.72 -92.83
N MET E 2186 -43.37 8.70 -93.22
CA MET E 2186 -42.72 9.94 -93.64
C MET E 2186 -43.23 10.46 -94.97
N ASN E 2187 -43.95 9.65 -95.73
CA ASN E 2187 -44.54 10.13 -96.98
C ASN E 2187 -45.90 10.80 -96.78
N ASN E 2188 -46.36 10.94 -95.54
CA ASN E 2188 -47.68 11.49 -95.25
C ASN E 2188 -47.57 12.94 -94.78
N LYS E 2189 -48.43 13.79 -95.33
CA LYS E 2189 -48.43 15.21 -94.98
C LYS E 2189 -48.95 15.45 -93.57
N VAL E 2190 -49.82 14.57 -93.07
CA VAL E 2190 -50.39 14.74 -91.73
C VAL E 2190 -49.29 14.65 -90.68
N PHE E 2191 -48.28 13.82 -90.92
CA PHE E 2191 -47.19 13.67 -89.97
C PHE E 2191 -46.52 15.01 -89.69
N TYR E 2192 -46.54 15.92 -90.66
CA TYR E 2192 -45.94 17.23 -90.50
C TYR E 2192 -46.97 18.30 -90.15
N GLN E 2193 -48.22 18.13 -90.59
CA GLN E 2193 -49.26 19.12 -90.32
C GLN E 2193 -49.77 19.08 -88.89
N HIS E 2194 -49.78 17.91 -88.25
CA HIS E 2194 -50.36 17.75 -86.90
C HIS E 2194 -49.34 17.11 -85.98
N PRO E 2195 -48.29 17.85 -85.61
CA PRO E 2195 -47.26 17.29 -84.71
C PRO E 2195 -47.75 16.97 -83.31
N ASN E 2196 -48.72 17.72 -82.77
CA ASN E 2196 -49.22 17.42 -81.43
C ASN E 2196 -49.89 16.06 -81.37
N LEU E 2197 -50.63 15.72 -82.42
CA LEU E 2197 -51.29 14.42 -82.49
C LEU E 2197 -50.26 13.30 -82.53
N MET E 2198 -49.18 13.50 -83.29
CA MET E 2198 -48.14 12.48 -83.37
C MET E 2198 -47.49 12.25 -82.00
N ARG E 2199 -47.24 13.33 -81.24
CA ARG E 2199 -46.67 13.14 -79.91
C ARG E 2199 -47.66 12.41 -79.01
N ALA E 2200 -48.95 12.72 -79.14
CA ALA E 2200 -49.93 12.01 -78.33
C ALA E 2200 -49.97 10.53 -78.70
N LEU E 2201 -49.72 10.22 -79.96
CA LEU E 2201 -49.66 8.82 -80.38
C LEU E 2201 -48.39 8.14 -79.88
N GLY E 2202 -47.34 8.90 -79.60
CA GLY E 2202 -46.14 8.34 -78.98
C GLY E 2202 -45.31 7.38 -79.81
N MET E 2203 -45.10 7.69 -81.09
CA MET E 2203 -44.30 6.83 -81.96
C MET E 2203 -42.83 6.76 -81.53
N HIS E 2204 -42.27 7.87 -81.07
CA HIS E 2204 -40.86 7.87 -80.70
C HIS E 2204 -40.57 6.98 -79.50
N GLU E 2205 -41.48 6.90 -78.53
CA GLU E 2205 -41.24 5.97 -77.43
C GLU E 2205 -41.19 4.54 -77.96
N THR E 2206 -42.11 4.21 -78.85
CA THR E 2206 -42.18 2.86 -79.40
C THR E 2206 -40.94 2.53 -80.21
N VAL E 2207 -40.47 3.49 -81.02
CA VAL E 2207 -39.26 3.27 -81.82
C VAL E 2207 -38.04 3.09 -80.91
N MET E 2208 -37.95 3.89 -79.83
CA MET E 2208 -36.81 3.73 -78.94
C MET E 2208 -36.83 2.35 -78.30
N GLU E 2209 -38.02 1.90 -77.89
CA GLU E 2209 -38.14 0.60 -77.25
C GLU E 2209 -37.78 -0.51 -78.23
N VAL E 2210 -38.16 -0.36 -79.50
CA VAL E 2210 -37.78 -1.33 -80.52
C VAL E 2210 -36.27 -1.34 -80.69
N MET E 2211 -35.66 -0.16 -80.69
CA MET E 2211 -34.23 -0.06 -80.89
C MET E 2211 -33.52 -0.77 -79.74
N VAL E 2212 -33.95 -0.54 -78.50
CA VAL E 2212 -33.21 -1.14 -77.40
C VAL E 2212 -33.44 -2.64 -77.42
N ASN E 2213 -34.61 -3.10 -77.89
CA ASN E 2213 -34.87 -4.53 -78.01
C ASN E 2213 -33.93 -5.18 -79.02
N VAL E 2214 -33.70 -4.52 -80.16
CA VAL E 2214 -32.74 -5.08 -81.11
C VAL E 2214 -31.33 -5.06 -80.53
N LEU E 2215 -30.93 -3.98 -79.88
CA LEU E 2215 -29.60 -3.97 -79.28
C LEU E 2215 -29.54 -4.96 -78.12
N ILE E 2223 -24.10 -4.94 -83.42
CA ILE E 2223 -25.19 -4.51 -84.27
C ILE E 2223 -25.50 -5.58 -85.31
N ARG E 2224 -26.76 -6.03 -85.33
CA ARG E 2224 -27.20 -7.05 -86.26
C ARG E 2224 -28.04 -6.49 -87.41
N PHE E 2225 -28.63 -5.32 -87.26
CA PHE E 2225 -29.57 -4.76 -88.23
C PHE E 2225 -29.25 -3.29 -88.44
N PRO E 2226 -28.09 -2.98 -89.02
CA PRO E 2226 -27.71 -1.57 -89.16
C PRO E 2226 -28.69 -0.75 -89.96
N LYS E 2227 -29.33 -1.34 -90.97
CA LYS E 2227 -30.27 -0.54 -91.74
C LYS E 2227 -31.45 -0.13 -90.87
N MET E 2228 -31.90 -1.04 -90.00
CA MET E 2228 -32.98 -0.73 -89.08
C MET E 2228 -32.57 0.32 -88.07
N VAL E 2229 -31.35 0.22 -87.54
CA VAL E 2229 -30.92 1.18 -86.53
C VAL E 2229 -30.82 2.57 -87.15
N THR E 2230 -30.21 2.67 -88.34
CA THR E 2230 -30.09 3.97 -88.99
C THR E 2230 -31.42 4.49 -89.49
N SER E 2231 -32.40 3.62 -89.73
CA SER E 2231 -33.73 4.08 -90.09
C SER E 2231 -34.43 4.68 -88.89
N CYS E 2232 -34.30 4.02 -87.73
CA CYS E 2232 -34.89 4.57 -86.51
C CYS E 2232 -34.21 5.89 -86.15
N CYS E 2233 -32.89 5.94 -86.26
CA CYS E 2233 -32.19 7.18 -85.92
C CYS E 2233 -32.60 8.31 -86.85
N ARG E 2234 -32.73 8.04 -88.16
CA ARG E 2234 -33.17 9.09 -89.06
C ARG E 2234 -34.60 9.53 -88.75
N PHE E 2235 -35.47 8.58 -88.38
CA PHE E 2235 -36.83 8.95 -88.01
C PHE E 2235 -36.84 9.88 -86.81
N LEU E 2236 -36.04 9.56 -85.79
CA LEU E 2236 -36.04 10.42 -84.60
C LEU E 2236 -35.38 11.76 -84.90
N CYS E 2237 -34.38 11.78 -85.79
CA CYS E 2237 -33.76 13.05 -86.15
C CYS E 2237 -34.75 13.97 -86.85
N TYR E 2238 -35.52 13.39 -87.78
CA TYR E 2238 -36.60 14.13 -88.49
C TYR E 2238 -37.60 14.59 -87.43
N PHE E 2239 -37.95 13.73 -86.46
CA PHE E 2239 -38.95 14.06 -85.46
C PHE E 2239 -38.49 15.25 -84.65
N CYS E 2240 -37.20 15.28 -84.29
CA CYS E 2240 -36.68 16.41 -83.54
C CYS E 2240 -36.68 17.67 -84.40
N ARG E 2241 -36.44 17.51 -85.70
CA ARG E 2241 -36.32 18.68 -86.54
C ARG E 2241 -37.68 19.25 -86.94
N ILE E 2242 -38.78 18.56 -86.63
CA ILE E 2242 -40.08 19.11 -86.98
C ILE E 2242 -40.41 20.30 -86.09
N SER E 2243 -40.22 20.16 -84.77
CA SER E 2243 -40.62 21.20 -83.84
C SER E 2243 -39.79 21.12 -82.57
N ARG E 2244 -39.79 22.23 -81.83
CA ARG E 2244 -39.04 22.32 -80.58
C ARG E 2244 -39.64 21.44 -79.49
N GLN E 2245 -40.96 21.27 -79.49
CA GLN E 2245 -41.60 20.40 -78.50
C GLN E 2245 -41.13 18.96 -78.65
N ASN E 2246 -40.99 18.51 -79.90
CA ASN E 2246 -40.40 17.19 -80.12
C ASN E 2246 -38.97 17.14 -79.61
N GLN E 2247 -38.20 18.20 -79.86
CA GLN E 2247 -36.83 18.23 -79.38
C GLN E 2247 -36.78 18.20 -77.86
N ARG E 2248 -37.67 18.94 -77.19
CA ARG E 2248 -37.70 18.88 -75.73
C ARG E 2248 -38.10 17.49 -75.24
N SER E 2249 -39.05 16.86 -75.92
CA SER E 2249 -39.47 15.53 -75.52
C SER E 2249 -38.33 14.53 -75.63
N MET E 2250 -37.56 14.61 -76.72
CA MET E 2250 -36.39 13.75 -76.89
C MET E 2250 -35.23 14.12 -75.99
N PHE E 2251 -35.18 15.34 -75.48
CA PHE E 2251 -34.09 15.70 -74.57
C PHE E 2251 -34.20 14.96 -73.24
N ASP E 2252 -35.41 14.57 -72.83
CA ASP E 2252 -35.56 13.83 -71.58
C ASP E 2252 -34.94 12.44 -71.62
N HIS E 2253 -34.69 11.89 -72.81
CA HIS E 2253 -34.05 10.58 -72.94
C HIS E 2253 -32.59 10.68 -73.38
N LEU E 2254 -31.96 11.83 -73.17
CA LEU E 2254 -30.58 12.01 -73.62
C LEU E 2254 -29.64 11.01 -72.94
N SER E 2255 -29.79 10.84 -71.64
CA SER E 2255 -28.98 9.86 -70.90
C SER E 2255 -29.29 8.44 -71.36
N TYR E 2256 -30.54 8.15 -71.68
CA TYR E 2256 -30.90 6.82 -72.14
C TYR E 2256 -30.21 6.48 -73.45
N LEU E 2257 -30.08 7.46 -74.35
CA LEU E 2257 -29.40 7.22 -75.61
C LEU E 2257 -27.90 7.08 -75.41
N LEU E 2258 -27.32 7.88 -74.51
CA LEU E 2258 -25.88 7.87 -74.30
C LEU E 2258 -25.40 6.54 -73.75
N GLU E 2259 -26.14 5.95 -72.82
CA GLU E 2259 -25.73 4.69 -72.23
C GLU E 2259 -25.76 3.54 -73.22
N ASN E 2260 -26.56 3.65 -74.30
CA ASN E 2260 -26.54 2.66 -75.36
C ASN E 2260 -25.67 3.06 -76.54
N SER E 2261 -25.17 4.29 -76.56
CA SER E 2261 -24.30 4.76 -77.65
C SER E 2261 -22.84 4.52 -77.32
N GLY E 2262 -22.53 3.28 -76.97
CA GLY E 2262 -21.18 2.86 -76.68
C GLY E 2262 -20.43 2.45 -77.92
N ILE E 2263 -19.33 1.71 -77.70
CA ILE E 2263 -18.54 1.22 -78.83
C ILE E 2263 -19.39 0.27 -79.65
N GLY E 2264 -19.42 0.50 -80.97
CA GLY E 2264 -20.31 -0.23 -81.88
C GLY E 2264 -21.32 0.75 -82.46
N LEU E 2265 -20.89 1.96 -82.81
CA LEU E 2265 -21.75 2.99 -83.43
C LEU E 2265 -22.22 2.42 -84.76
N GLY E 2266 -21.43 1.50 -85.34
CA GLY E 2266 -21.69 1.00 -86.71
C GLY E 2266 -20.94 1.93 -87.61
N MET E 2267 -20.30 1.47 -88.69
CA MET E 2267 -19.67 2.37 -89.70
C MET E 2267 -20.67 2.52 -90.86
N GLN E 2268 -21.98 2.57 -90.57
CA GLN E 2268 -23.06 2.61 -91.61
C GLN E 2268 -23.67 4.01 -91.73
N GLY E 2269 -24.66 4.37 -90.90
CA GLY E 2269 -25.39 5.65 -91.03
C GLY E 2269 -25.66 6.35 -89.70
N SER E 2270 -26.79 7.04 -89.56
CA SER E 2270 -27.08 7.84 -88.37
C SER E 2270 -27.10 6.94 -87.13
N THR E 2271 -26.63 7.48 -86.03
CA THR E 2271 -26.40 6.74 -84.80
C THR E 2271 -27.13 7.41 -83.64
N PRO E 2272 -27.36 6.69 -82.54
CA PRO E 2272 -28.01 7.33 -81.39
C PRO E 2272 -27.27 8.56 -80.91
N LEU E 2273 -25.95 8.58 -81.04
CA LEU E 2273 -25.21 9.79 -80.71
C LEU E 2273 -25.58 10.94 -81.64
N ASP E 2274 -25.80 10.65 -82.92
CA ASP E 2274 -26.24 11.70 -83.84
C ASP E 2274 -27.63 12.22 -83.49
N VAL E 2275 -28.56 11.34 -83.10
CA VAL E 2275 -29.88 11.83 -82.70
C VAL E 2275 -29.77 12.70 -81.45
N ALA E 2276 -28.94 12.27 -80.49
CA ALA E 2276 -28.74 13.07 -79.29
C ALA E 2276 -28.15 14.42 -79.62
N ALA E 2277 -27.19 14.47 -80.53
CA ALA E 2277 -26.64 15.77 -80.93
C ALA E 2277 -27.69 16.62 -81.61
N ALA E 2278 -28.52 16.00 -82.46
CA ALA E 2278 -29.56 16.74 -83.16
C ALA E 2278 -30.66 17.21 -82.22
N SER E 2279 -30.73 16.66 -81.02
CA SER E 2279 -31.76 17.02 -80.06
C SER E 2279 -31.39 18.20 -79.17
N VAL E 2280 -30.23 18.83 -79.37
CA VAL E 2280 -29.80 19.93 -78.53
C VAL E 2280 -29.38 21.13 -79.37
N ILE E 2281 -29.57 21.04 -80.68
CA ILE E 2281 -29.09 22.09 -81.58
C ILE E 2281 -29.95 23.32 -81.44
N ASP E 2282 -29.31 24.48 -81.29
CA ASP E 2282 -29.99 25.77 -81.30
C ASP E 2282 -31.08 25.84 -80.23
N ASN E 2283 -30.75 25.38 -79.02
CA ASN E 2283 -31.68 25.42 -77.90
C ASN E 2283 -30.88 25.78 -76.64
N ASN E 2284 -30.93 27.07 -76.27
CA ASN E 2284 -30.18 27.53 -75.12
C ASN E 2284 -30.72 26.91 -73.83
N GLU E 2285 -32.04 26.75 -73.74
CA GLU E 2285 -32.63 26.22 -72.52
C GLU E 2285 -32.14 24.80 -72.27
N LEU E 2286 -32.09 23.96 -73.31
CA LEU E 2286 -31.62 22.60 -73.14
C LEU E 2286 -30.11 22.55 -72.99
N ALA E 2287 -29.38 23.48 -73.64
CA ALA E 2287 -27.94 23.50 -73.45
C ALA E 2287 -27.59 23.83 -72.01
N LEU E 2288 -28.31 24.79 -71.42
CA LEU E 2288 -28.10 25.14 -70.02
C LEU E 2288 -28.65 24.06 -69.08
N ALA E 2289 -29.60 23.27 -69.54
CA ALA E 2289 -30.10 22.15 -68.75
C ALA E 2289 -29.29 20.89 -68.96
N LEU E 2290 -28.24 20.94 -69.78
CA LEU E 2290 -27.39 19.78 -70.00
C LEU E 2290 -26.61 19.46 -68.74
N GLN E 2291 -26.81 18.26 -68.21
CA GLN E 2291 -26.16 17.86 -66.97
C GLN E 2291 -24.67 17.62 -67.18
N GLU E 2292 -23.91 17.80 -66.10
CA GLU E 2292 -22.48 17.55 -66.14
C GLU E 2292 -22.16 16.07 -66.24
N GLN E 2293 -23.04 15.21 -65.71
CA GLN E 2293 -22.81 13.77 -65.76
C GLN E 2293 -22.75 13.27 -67.20
N ASP E 2294 -23.60 13.81 -68.07
CA ASP E 2294 -23.56 13.40 -69.46
C ASP E 2294 -22.23 13.77 -70.11
N LEU E 2295 -21.72 14.97 -69.83
CA LEU E 2295 -20.43 15.35 -70.38
C LEU E 2295 -19.28 14.51 -69.83
N GLU E 2296 -19.27 14.19 -68.53
CA GLU E 2296 -18.20 13.33 -68.05
C GLU E 2296 -18.29 11.96 -68.71
N LYS E 2297 -19.51 11.46 -68.94
CA LYS E 2297 -19.66 10.18 -69.60
C LYS E 2297 -19.11 10.22 -71.01
N VAL E 2298 -19.37 11.31 -71.72
CA VAL E 2298 -18.89 11.41 -73.10
C VAL E 2298 -17.37 11.51 -73.11
N VAL E 2299 -16.80 12.31 -72.23
CA VAL E 2299 -15.35 12.44 -72.20
C VAL E 2299 -14.69 11.11 -71.82
N SER E 2300 -15.32 10.36 -70.90
CA SER E 2300 -14.82 9.03 -70.55
C SER E 2300 -14.86 8.07 -71.73
N TYR E 2301 -15.93 8.13 -72.53
CA TYR E 2301 -15.96 7.33 -73.76
C TYR E 2301 -14.87 7.75 -74.72
N LEU E 2302 -14.65 9.05 -74.88
CA LEU E 2302 -13.60 9.50 -75.79
C LEU E 2302 -12.24 9.07 -75.29
N ALA E 2303 -12.02 9.10 -73.97
CA ALA E 2303 -10.75 8.66 -73.43
C ALA E 2303 -10.53 7.17 -73.70
N GLY E 2304 -11.60 6.38 -73.56
CA GLY E 2304 -11.47 4.96 -73.86
C GLY E 2304 -11.17 4.75 -75.32
N CYS E 2305 -11.80 5.54 -76.19
CA CYS E 2305 -11.57 5.46 -77.62
C CYS E 2305 -10.15 5.86 -78.00
N GLY E 2306 -9.52 6.72 -77.20
CA GLY E 2306 -8.20 7.24 -77.48
C GLY E 2306 -7.05 6.37 -77.06
N LEU E 2307 -7.30 5.16 -76.55
CA LEU E 2307 -6.24 4.29 -76.06
C LEU E 2307 -6.15 2.94 -76.74
N GLN E 2308 -7.15 2.56 -77.54
CA GLN E 2308 -7.18 1.26 -78.19
C GLN E 2308 -7.47 1.41 -79.67
N SER E 2309 -6.95 0.48 -80.46
CA SER E 2309 -7.19 0.49 -81.89
C SER E 2309 -8.64 0.07 -82.20
N CYS E 2310 -9.08 0.45 -83.38
CA CYS E 2310 -10.45 0.15 -83.78
C CYS E 2310 -10.60 -1.34 -84.11
N PRO E 2311 -11.45 -2.07 -83.40
CA PRO E 2311 -11.55 -3.53 -83.66
C PRO E 2311 -12.02 -3.87 -85.06
N MET E 2312 -12.90 -3.07 -85.66
CA MET E 2312 -13.34 -3.37 -87.03
C MET E 2312 -12.19 -3.20 -88.00
N LEU E 2313 -11.38 -2.16 -87.81
CA LEU E 2313 -10.26 -1.95 -88.70
C LEU E 2313 -9.25 -3.10 -88.53
N LEU E 2314 -9.04 -3.53 -87.29
CA LEU E 2314 -8.11 -4.63 -87.07
C LEU E 2314 -8.65 -5.90 -87.74
N ALA E 2315 -9.96 -6.13 -87.65
CA ALA E 2315 -10.56 -7.27 -88.32
C ALA E 2315 -10.52 -7.13 -89.82
N LYS E 2316 -10.24 -5.93 -90.32
CA LYS E 2316 -10.14 -5.68 -91.75
C LYS E 2316 -8.70 -5.57 -92.20
N GLY E 2317 -7.75 -5.81 -91.29
CA GLY E 2317 -6.35 -5.92 -91.66
C GLY E 2317 -5.58 -4.63 -91.72
N TYR E 2318 -6.15 -3.53 -91.24
CA TYR E 2318 -5.44 -2.27 -91.26
C TYR E 2318 -4.28 -2.30 -90.27
N PRO E 2319 -3.21 -1.55 -90.53
CA PRO E 2319 -2.10 -1.52 -89.58
C PRO E 2319 -2.55 -1.00 -88.22
N ASP E 2320 -1.88 -1.48 -87.18
CA ASP E 2320 -2.31 -1.23 -85.81
C ASP E 2320 -1.70 0.07 -85.30
N ILE E 2321 -2.55 0.97 -84.82
CA ILE E 2321 -2.14 2.14 -84.08
C ILE E 2321 -2.98 2.23 -82.81
N GLY E 2322 -2.39 2.78 -81.76
CA GLY E 2322 -2.97 2.69 -80.43
C GLY E 2322 -4.11 3.64 -80.12
N TRP E 2323 -4.89 4.04 -81.12
CA TRP E 2323 -6.03 4.90 -80.85
C TRP E 2323 -7.00 4.85 -82.03
N ASN E 2324 -8.16 5.49 -81.83
CA ASN E 2324 -9.28 5.43 -82.77
C ASN E 2324 -9.70 6.85 -83.14
N PRO E 2325 -9.03 7.46 -84.11
CA PRO E 2325 -9.37 8.84 -84.50
C PRO E 2325 -10.81 9.00 -84.96
N CYS E 2326 -11.39 7.98 -85.61
CA CYS E 2326 -12.75 8.13 -86.11
C CYS E 2326 -13.74 8.27 -84.95
N GLY E 2327 -13.62 7.40 -83.95
CA GLY E 2327 -14.52 7.50 -82.81
C GLY E 2327 -14.28 8.79 -82.03
N GLY E 2328 -13.01 9.17 -81.89
CA GLY E 2328 -12.75 10.39 -81.15
C GLY E 2328 -13.35 11.58 -81.85
N GLU E 2329 -13.29 11.58 -83.20
CA GLU E 2329 -13.87 12.68 -83.96
C GLU E 2329 -15.38 12.72 -83.77
N ARG E 2330 -16.00 11.54 -83.72
CA ARG E 2330 -17.44 11.48 -83.57
C ARG E 2330 -17.87 12.05 -82.23
N TYR E 2331 -17.11 11.77 -81.17
CA TYR E 2331 -17.44 12.39 -79.88
C TYR E 2331 -17.09 13.87 -79.86
N LEU E 2332 -16.05 14.27 -80.60
CA LEU E 2332 -15.64 15.67 -80.62
C LEU E 2332 -16.71 16.55 -81.25
N ASP E 2333 -17.34 16.10 -82.32
CA ASP E 2333 -18.33 16.96 -82.96
C ASP E 2333 -19.57 17.06 -82.08
N PHE E 2334 -19.85 16.02 -81.30
CA PHE E 2334 -20.96 16.10 -80.35
C PHE E 2334 -20.66 17.15 -79.29
N LEU E 2335 -19.44 17.16 -78.75
CA LEU E 2335 -19.12 18.20 -77.80
C LEU E 2335 -19.11 19.58 -78.46
N ARG E 2336 -18.79 19.64 -79.76
CA ARG E 2336 -18.84 20.91 -80.46
C ARG E 2336 -20.25 21.47 -80.50
N PHE E 2337 -21.24 20.59 -80.73
CA PHE E 2337 -22.62 21.05 -80.72
C PHE E 2337 -23.10 21.31 -79.30
N ALA E 2338 -22.49 20.64 -78.33
CA ALA E 2338 -22.91 20.82 -76.94
C ALA E 2338 -22.39 22.13 -76.38
N VAL E 2339 -21.28 22.63 -76.92
CA VAL E 2339 -20.62 23.82 -76.38
C VAL E 2339 -20.80 25.05 -77.26
N PHE E 2340 -21.27 24.91 -78.49
CA PHE E 2340 -21.44 26.07 -79.37
C PHE E 2340 -22.89 26.12 -79.84
N VAL E 2341 -23.61 27.16 -79.42
CA VAL E 2341 -25.02 27.33 -79.74
C VAL E 2341 -25.24 28.74 -80.27
N ASN E 2342 -25.92 28.84 -81.42
CA ASN E 2342 -26.38 30.12 -81.96
C ASN E 2342 -25.25 31.12 -82.13
N GLY E 2343 -24.07 30.62 -82.48
CA GLY E 2343 -22.95 31.50 -82.78
C GLY E 2343 -22.23 32.06 -81.58
N GLU E 2344 -22.63 31.71 -80.36
CA GLU E 2344 -22.00 32.21 -79.14
C GLU E 2344 -21.57 31.03 -78.29
N SER E 2345 -20.53 31.26 -77.48
CA SER E 2345 -19.97 30.22 -76.62
C SER E 2345 -20.67 30.22 -75.27
N VAL E 2346 -21.15 29.04 -74.86
CA VAL E 2346 -21.76 28.85 -73.55
C VAL E 2346 -20.64 28.56 -72.56
N GLU E 2347 -20.34 29.54 -71.72
CA GLU E 2347 -19.15 29.45 -70.88
C GLU E 2347 -19.25 28.40 -69.79
N GLU E 2348 -20.45 28.13 -69.26
CA GLU E 2348 -20.58 27.11 -68.23
C GLU E 2348 -20.20 25.72 -68.73
N ASN E 2349 -20.69 25.34 -69.91
CA ASN E 2349 -20.32 24.04 -70.44
C ASN E 2349 -18.91 24.08 -70.98
N ALA E 2350 -18.49 25.20 -71.58
CA ALA E 2350 -17.15 25.23 -72.13
C ALA E 2350 -16.14 25.04 -71.01
N ASN E 2351 -16.35 25.71 -69.88
CA ASN E 2351 -15.44 25.58 -68.75
C ASN E 2351 -15.46 24.17 -68.19
N VAL E 2352 -16.65 23.56 -68.07
CA VAL E 2352 -16.68 22.21 -67.52
C VAL E 2352 -15.96 21.24 -68.45
N VAL E 2353 -16.23 21.32 -69.76
CA VAL E 2353 -15.62 20.41 -70.71
C VAL E 2353 -14.12 20.58 -70.74
N VAL E 2354 -13.64 21.83 -70.74
CA VAL E 2354 -12.20 22.08 -70.79
C VAL E 2354 -11.54 21.55 -69.53
N ARG E 2355 -12.15 21.76 -68.36
CA ARG E 2355 -11.54 21.24 -67.13
C ARG E 2355 -11.49 19.73 -67.14
N LEU E 2356 -12.54 19.07 -67.65
CA LEU E 2356 -12.50 17.62 -67.75
C LEU E 2356 -11.42 17.17 -68.73
N LEU E 2357 -11.26 17.90 -69.83
CA LEU E 2357 -10.28 17.52 -70.84
C LEU E 2357 -8.88 17.62 -70.25
N ILE E 2358 -8.60 18.70 -69.52
CA ILE E 2358 -7.24 18.85 -68.99
C ILE E 2358 -7.04 17.86 -67.85
N ARG E 2359 -8.12 17.45 -67.18
CA ARG E 2359 -8.00 16.42 -66.15
C ARG E 2359 -7.72 15.06 -66.74
N LYS E 2360 -8.06 14.86 -68.02
CA LYS E 2360 -7.74 13.62 -68.74
C LYS E 2360 -6.93 14.00 -69.98
N PRO E 2361 -5.62 14.19 -69.84
CA PRO E 2361 -4.82 14.62 -71.00
C PRO E 2361 -4.58 13.52 -72.03
N GLU E 2362 -4.78 12.25 -71.69
CA GLU E 2362 -4.59 11.20 -72.68
C GLU E 2362 -5.61 11.24 -73.81
N CYS E 2363 -6.69 12.02 -73.64
CA CYS E 2363 -7.68 12.23 -74.70
C CYS E 2363 -7.15 13.01 -75.89
N PHE E 2364 -6.00 13.66 -75.77
CA PHE E 2364 -5.45 14.45 -76.87
C PHE E 2364 -4.63 13.64 -77.86
N GLY E 2365 -4.48 12.34 -77.64
CA GLY E 2365 -3.81 11.50 -78.60
C GLY E 2365 -2.31 11.44 -78.42
N PRO E 2366 -1.64 10.70 -79.29
CA PRO E 2366 -0.17 10.61 -79.19
C PRO E 2366 0.51 11.95 -79.24
N ALA E 2367 0.00 12.88 -80.05
CA ALA E 2367 0.50 14.25 -80.02
C ALA E 2367 -0.05 14.97 -78.79
N LEU E 2368 0.64 16.03 -78.40
CA LEU E 2368 0.32 16.80 -77.21
C LEU E 2368 0.34 15.94 -75.95
N ARG E 2369 0.92 14.74 -76.02
CA ARG E 2369 0.90 13.82 -74.90
C ARG E 2369 1.90 14.21 -73.81
N GLY E 2370 3.03 14.79 -74.19
CA GLY E 2370 4.07 15.12 -73.24
C GLY E 2370 4.99 13.95 -72.99
N GLU E 2371 6.03 14.21 -72.19
CA GLU E 2371 7.04 13.22 -71.85
C GLU E 2371 7.45 12.41 -73.06
N GLY E 2372 7.51 13.09 -74.20
CA GLY E 2372 7.85 12.44 -75.46
C GLY E 2372 6.71 12.51 -76.45
N GLY E 2373 6.89 13.32 -77.50
CA GLY E 2373 5.87 13.49 -78.51
C GLY E 2373 6.02 14.81 -79.23
N SER E 2374 5.97 14.77 -80.56
CA SER E 2374 6.16 15.95 -81.37
C SER E 2374 4.85 16.74 -81.48
N GLY E 2375 4.97 17.97 -81.98
CA GLY E 2375 3.85 18.88 -82.08
C GLY E 2375 2.89 18.56 -83.21
N LEU E 2376 1.89 19.43 -83.33
CA LEU E 2376 0.85 19.27 -84.34
C LEU E 2376 1.42 19.28 -85.75
N LEU E 2377 2.39 20.15 -86.02
CA LEU E 2377 2.96 20.19 -87.36
C LEU E 2377 3.69 18.90 -87.68
N ALA E 2378 4.42 18.35 -86.70
CA ALA E 2378 5.13 17.10 -86.95
C ALA E 2378 4.13 15.98 -87.19
N ALA E 2379 3.03 15.99 -86.43
CA ALA E 2379 2.01 14.95 -86.60
C ALA E 2379 1.39 15.03 -87.98
N ILE E 2380 1.09 16.25 -88.44
CA ILE E 2380 0.50 16.42 -89.77
C ILE E 2380 1.47 15.99 -90.85
N GLU E 2381 2.75 16.35 -90.73
CA GLU E 2381 3.73 15.91 -91.72
C GLU E 2381 3.86 14.40 -91.75
N GLU E 2382 3.83 13.75 -90.58
CA GLU E 2382 3.86 12.30 -90.55
C GLU E 2382 2.62 11.73 -91.22
N ALA E 2383 1.45 12.33 -90.98
CA ALA E 2383 0.24 11.84 -91.62
C ALA E 2383 0.31 11.99 -93.12
N ILE E 2384 0.92 13.08 -93.59
CA ILE E 2384 1.08 13.30 -95.02
C ILE E 2384 1.97 12.22 -95.63
N ARG E 2385 3.06 11.88 -94.93
CA ARG E 2385 3.93 10.82 -95.42
C ARG E 2385 3.21 9.48 -95.43
N ILE E 2386 2.35 9.24 -94.44
CA ILE E 2386 1.55 8.02 -94.43
C ILE E 2386 0.62 8.00 -95.63
N SER E 2387 -0.02 9.14 -95.92
CA SER E 2387 -0.94 9.19 -97.05
C SER E 2387 -0.19 8.93 -98.36
N GLU E 2388 1.02 9.48 -98.47
CA GLU E 2388 1.80 9.30 -99.69
C GLU E 2388 2.34 7.88 -99.81
N ASP E 2389 2.43 7.14 -98.70
CA ASP E 2389 2.86 5.76 -98.76
C ASP E 2389 1.62 4.87 -98.66
N PRO E 2390 1.24 4.14 -99.71
CA PRO E 2390 0.03 3.31 -99.62
C PRO E 2390 0.13 2.19 -98.61
N ALA E 2391 1.32 1.62 -98.40
CA ALA E 2391 1.44 0.47 -97.52
C ALA E 2391 1.05 0.83 -96.09
N ARG E 2392 1.41 2.02 -95.63
CA ARG E 2392 1.06 2.47 -94.29
C ARG E 2392 -0.36 3.02 -94.18
N ASP E 2393 -1.08 3.17 -95.30
CA ASP E 2393 -2.41 3.76 -95.28
C ASP E 2393 -3.51 2.71 -95.26
N GLY E 2394 -3.54 1.82 -96.24
CA GLY E 2394 -4.58 0.83 -96.34
C GLY E 2394 -4.11 -0.56 -95.95
N PRO E 2395 -5.02 -1.54 -96.05
CA PRO E 2395 -4.65 -2.92 -95.70
C PRO E 2395 -3.55 -3.48 -96.57
N ARG E 2415 -14.16 3.18 -97.57
CA ARG E 2415 -12.76 2.91 -97.25
C ARG E 2415 -12.16 4.08 -96.47
N VAL E 2416 -11.54 3.76 -95.34
CA VAL E 2416 -10.98 4.75 -94.43
C VAL E 2416 -9.49 4.90 -94.71
N HIS E 2417 -9.05 6.14 -94.83
CA HIS E 2417 -7.63 6.47 -94.99
C HIS E 2417 -7.12 7.07 -93.68
N LEU E 2418 -6.11 6.43 -93.11
CA LEU E 2418 -5.67 6.79 -91.76
C LEU E 2418 -5.11 8.21 -91.71
N GLY E 2419 -4.40 8.63 -92.76
CA GLY E 2419 -3.88 9.99 -92.79
C GLY E 2419 -4.98 11.03 -92.71
N HIS E 2420 -6.03 10.85 -93.50
CA HIS E 2420 -7.16 11.79 -93.45
C HIS E 2420 -7.89 11.69 -92.12
N ALA E 2421 -8.02 10.48 -91.57
CA ALA E 2421 -8.71 10.36 -90.29
C ALA E 2421 -7.96 11.10 -89.21
N ILE E 2422 -6.63 11.00 -89.20
CA ILE E 2422 -5.82 11.68 -88.21
C ILE E 2422 -5.92 13.19 -88.36
N MET E 2423 -5.84 13.68 -89.59
CA MET E 2423 -5.97 15.12 -89.80
C MET E 2423 -7.35 15.61 -89.39
N SER E 2424 -8.40 14.85 -89.71
CA SER E 2424 -9.74 15.26 -89.33
C SER E 2424 -9.89 15.29 -87.81
N PHE E 2425 -9.25 14.34 -87.13
CA PHE E 2425 -9.30 14.31 -85.67
C PHE E 2425 -8.67 15.56 -85.08
N TYR E 2426 -7.45 15.88 -85.51
CA TYR E 2426 -6.79 17.05 -84.94
C TYR E 2426 -7.51 18.34 -85.31
N ALA E 2427 -8.05 18.43 -86.53
CA ALA E 2427 -8.83 19.59 -86.91
C ALA E 2427 -10.07 19.74 -86.05
N ALA E 2428 -10.77 18.65 -85.75
CA ALA E 2428 -11.92 18.72 -84.85
C ALA E 2428 -11.51 19.14 -83.44
N LEU E 2429 -10.39 18.62 -82.95
CA LEU E 2429 -9.95 18.98 -81.62
C LEU E 2429 -9.61 20.46 -81.53
N ILE E 2430 -8.91 20.98 -82.54
CA ILE E 2430 -8.56 22.40 -82.54
C ILE E 2430 -9.82 23.26 -82.68
N ASP E 2431 -10.78 22.81 -83.48
CA ASP E 2431 -12.03 23.54 -83.61
C ASP E 2431 -12.76 23.60 -82.28
N LEU E 2432 -12.80 22.49 -81.56
CA LEU E 2432 -13.47 22.46 -80.26
C LEU E 2432 -12.79 23.40 -79.27
N LEU E 2433 -11.46 23.36 -79.21
CA LEU E 2433 -10.77 24.24 -78.28
C LEU E 2433 -10.96 25.70 -78.66
N GLY E 2434 -10.97 26.00 -79.96
CA GLY E 2434 -11.21 27.36 -80.40
C GLY E 2434 -12.61 27.85 -80.04
N ARG E 2435 -13.61 26.98 -80.17
CA ARG E 2435 -14.97 27.34 -79.82
C ARG E 2435 -15.20 27.42 -78.32
N CYS E 2436 -14.32 26.82 -77.53
CA CYS E 2436 -14.40 26.95 -76.08
C CYS E 2436 -13.81 28.25 -75.55
N ALA E 2437 -13.28 29.12 -76.43
CA ALA E 2437 -12.62 30.33 -75.99
C ALA E 2437 -13.60 31.31 -75.33
N PRO E 2438 -13.14 32.06 -74.33
CA PRO E 2438 -14.01 33.06 -73.70
C PRO E 2438 -14.33 34.22 -74.62
N GLU E 2439 -15.44 34.89 -74.32
CA GLU E 2439 -15.91 36.01 -75.11
C GLU E 2439 -15.10 37.28 -74.86
N MET E 2440 -15.13 38.17 -75.85
CA MET E 2440 -14.33 39.39 -75.80
C MET E 2440 -14.84 40.30 -74.68
N HIS E 2441 -16.16 40.39 -74.50
CA HIS E 2441 -16.70 41.24 -73.45
C HIS E 2441 -16.29 40.75 -72.08
N LEU E 2442 -16.07 39.44 -71.95
CA LEU E 2442 -15.57 38.86 -70.71
C LEU E 2442 -14.09 39.18 -70.51
N ILE E 2443 -13.30 39.14 -71.58
CA ILE E 2443 -11.89 39.48 -71.43
C ILE E 2443 -11.76 40.94 -71.02
N GLN E 2444 -12.54 41.83 -71.65
CA GLN E 2444 -12.49 43.23 -71.26
C GLN E 2444 -12.99 43.41 -69.83
N ALA E 2445 -14.01 42.64 -69.42
CA ALA E 2445 -14.42 42.70 -68.03
C ALA E 2445 -13.36 42.14 -67.09
N GLY E 2446 -12.35 41.46 -67.63
CA GLY E 2446 -11.24 41.01 -66.81
C GLY E 2446 -11.56 39.85 -65.90
N LYS E 2447 -12.54 39.02 -66.27
CA LYS E 2447 -12.90 37.90 -65.43
C LYS E 2447 -11.71 36.96 -65.26
N GLY E 2448 -11.42 36.62 -64.01
CA GLY E 2448 -10.26 35.78 -63.74
C GLY E 2448 -10.37 34.43 -64.39
N GLU E 2449 -11.56 33.82 -64.34
CA GLU E 2449 -11.74 32.51 -64.93
C GLU E 2449 -11.55 32.57 -66.44
N ALA E 2450 -12.06 33.62 -67.08
CA ALA E 2450 -11.91 33.73 -68.52
C ALA E 2450 -10.44 33.88 -68.90
N LEU E 2451 -9.71 34.71 -68.15
CA LEU E 2451 -8.30 34.89 -68.44
C LEU E 2451 -7.54 33.59 -68.21
N ARG E 2452 -7.92 32.86 -67.16
CA ARG E 2452 -7.28 31.59 -66.85
C ARG E 2452 -7.50 30.59 -67.98
N ILE E 2453 -8.72 30.54 -68.49
CA ILE E 2453 -9.05 29.60 -69.57
C ILE E 2453 -8.26 29.95 -70.82
N ARG E 2454 -8.21 31.24 -71.16
CA ARG E 2454 -7.47 31.63 -72.35
C ARG E 2454 -5.99 31.34 -72.21
N ALA E 2455 -5.44 31.54 -71.01
CA ALA E 2455 -4.03 31.22 -70.78
C ALA E 2455 -3.77 29.73 -70.94
N ILE E 2456 -4.69 28.89 -70.45
CA ILE E 2456 -4.52 27.45 -70.60
C ILE E 2456 -4.57 27.07 -72.08
N LEU E 2457 -5.53 27.62 -72.82
CA LEU E 2457 -5.64 27.28 -74.23
C LEU E 2457 -4.40 27.72 -75.00
N ARG E 2458 -3.89 28.91 -74.68
CA ARG E 2458 -2.68 29.40 -75.33
C ARG E 2458 -1.50 28.51 -75.01
N SER E 2459 -1.41 28.03 -73.76
CA SER E 2459 -0.32 27.13 -73.40
C SER E 2459 -0.42 25.83 -74.17
N LEU E 2460 -1.64 25.32 -74.36
CA LEU E 2460 -1.82 24.06 -75.07
C LEU E 2460 -1.45 24.20 -76.54
N VAL E 2461 -1.87 25.29 -77.18
CA VAL E 2461 -1.69 25.44 -78.62
C VAL E 2461 -0.74 26.60 -78.91
N PRO E 2462 0.52 26.33 -79.27
CA PRO E 2462 1.43 27.42 -79.64
C PRO E 2462 1.04 28.04 -80.97
N LEU E 2463 1.36 29.32 -81.11
CA LEU E 2463 1.02 30.06 -82.32
C LEU E 2463 1.89 29.63 -83.50
N ASP E 2464 3.15 29.31 -83.25
CA ASP E 2464 4.06 28.95 -84.33
C ASP E 2464 3.60 27.66 -85.01
N ASP E 2465 3.08 26.71 -84.24
CA ASP E 2465 2.58 25.49 -84.84
C ASP E 2465 1.39 25.78 -85.75
N LEU E 2466 0.53 26.71 -85.32
CA LEU E 2466 -0.60 27.13 -86.15
C LEU E 2466 -0.13 27.72 -87.45
N VAL E 2467 0.88 28.60 -87.40
CA VAL E 2467 1.37 29.22 -88.62
C VAL E 2467 2.02 28.19 -89.52
N GLY E 2468 2.74 27.22 -88.93
CA GLY E 2468 3.36 26.20 -89.72
C GLY E 2468 2.34 25.36 -90.46
N ILE E 2469 1.24 25.01 -89.78
CA ILE E 2469 0.20 24.23 -90.42
C ILE E 2469 -0.49 25.03 -91.51
N ILE E 2470 -0.77 26.31 -91.25
CA ILE E 2470 -1.40 27.15 -92.27
C ILE E 2470 -0.49 27.32 -93.49
N SER E 2471 0.82 27.31 -93.28
CA SER E 2471 1.75 27.49 -94.40
C SER E 2471 1.88 26.24 -95.27
N LEU E 2472 1.27 25.13 -94.89
CA LEU E 2472 1.43 23.90 -95.65
C LEU E 2472 0.81 24.04 -97.03
N PRO E 2473 1.48 23.54 -98.08
CA PRO E 2473 0.91 23.62 -99.43
C PRO E 2473 -0.27 22.69 -99.61
N LEU E 2474 -1.15 23.06 -100.54
CA LEU E 2474 -2.29 22.25 -100.93
C LEU E 2474 -2.12 21.79 -102.38
N GLN E 2475 -2.41 20.51 -102.62
CA GLN E 2475 -2.37 19.99 -103.98
C GLN E 2475 -3.51 20.57 -104.80
N ILE E 2476 -3.19 21.06 -106.00
CA ILE E 2476 -4.18 21.73 -106.84
C ILE E 2476 -4.42 20.88 -108.08
N PRO E 2477 -5.64 20.85 -108.61
CA PRO E 2477 -5.88 20.05 -109.82
C PRO E 2477 -5.00 20.52 -110.96
N THR E 2478 -4.49 19.56 -111.73
CA THR E 2478 -3.59 19.86 -112.83
C THR E 2478 -3.99 19.01 -114.04
N LEU E 2479 -3.23 19.14 -115.11
CA LEU E 2479 -3.50 18.44 -116.36
C LEU E 2479 -2.27 17.68 -116.83
N GLY E 2480 -2.51 16.51 -117.43
CA GLY E 2480 -1.46 15.68 -117.96
C GLY E 2480 -1.60 15.57 -119.47
N LYS E 2481 -0.65 14.86 -120.07
CA LYS E 2481 -0.70 14.65 -121.51
C LYS E 2481 -1.94 13.85 -121.88
N ASP E 2482 -2.61 14.23 -122.96
CA ASP E 2482 -3.90 13.61 -123.37
C ASP E 2482 -4.98 14.16 -122.44
N GLY E 2483 -4.75 15.35 -121.86
CA GLY E 2483 -5.72 16.01 -120.96
C GLY E 2483 -6.11 15.13 -119.80
N ALA E 2484 -5.19 14.36 -119.24
CA ALA E 2484 -5.44 13.45 -118.09
C ALA E 2484 -5.65 14.30 -116.84
N LEU E 2485 -6.88 14.69 -116.51
CA LEU E 2485 -7.12 15.63 -115.38
C LEU E 2485 -6.67 14.98 -114.07
N VAL E 2486 -5.62 15.51 -113.41
CA VAL E 2486 -5.14 15.01 -112.14
C VAL E 2486 -5.85 15.79 -111.04
N GLN E 2487 -6.87 15.18 -110.44
CA GLN E 2487 -7.58 15.74 -109.31
C GLN E 2487 -7.23 14.96 -108.05
N PRO E 2488 -7.04 15.63 -106.91
CA PRO E 2488 -6.80 14.89 -105.67
C PRO E 2488 -8.06 14.17 -105.18
N LYS E 2489 -7.83 13.10 -104.44
CA LYS E 2489 -8.91 12.35 -103.80
C LYS E 2489 -9.20 12.98 -102.44
N MET E 2490 -10.39 13.57 -102.31
CA MET E 2490 -10.73 14.33 -101.11
C MET E 2490 -10.73 13.46 -99.85
N SER E 2491 -10.87 12.15 -99.98
CA SER E 2491 -10.90 11.27 -98.82
C SER E 2491 -9.52 10.84 -98.36
N ALA E 2492 -8.45 11.27 -99.04
CA ALA E 2492 -7.11 10.86 -98.69
C ALA E 2492 -6.11 12.00 -98.83
N SER E 2493 -6.53 13.24 -98.61
CA SER E 2493 -5.64 14.37 -98.84
C SER E 2493 -5.97 15.51 -97.88
N PHE E 2494 -5.01 16.43 -97.78
CA PHE E 2494 -5.17 17.62 -96.95
C PHE E 2494 -6.20 18.55 -97.56
N VAL E 2495 -7.10 19.08 -96.73
CA VAL E 2495 -8.22 19.86 -97.21
C VAL E 2495 -8.27 21.23 -96.55
N PRO E 2496 -8.88 22.23 -97.21
CA PRO E 2496 -8.95 23.58 -96.63
C PRO E 2496 -9.71 23.68 -95.32
N ASP E 2497 -10.63 22.76 -95.04
CA ASP E 2497 -11.37 22.82 -93.77
C ASP E 2497 -10.44 22.68 -92.56
N HIS E 2498 -9.35 21.94 -92.68
CA HIS E 2498 -8.40 21.88 -91.57
C HIS E 2498 -7.78 23.26 -91.33
N LYS E 2499 -7.44 23.97 -92.40
CA LYS E 2499 -6.91 25.30 -92.18
C LYS E 2499 -8.00 26.21 -91.64
N ALA E 2500 -9.25 25.99 -92.03
CA ALA E 2500 -10.30 26.86 -91.56
C ALA E 2500 -10.42 26.73 -90.05
N SER E 2501 -10.28 25.49 -89.54
CA SER E 2501 -10.33 25.28 -88.10
C SER E 2501 -9.15 25.96 -87.41
N MET E 2502 -7.96 25.89 -88.02
CA MET E 2502 -6.82 26.54 -87.42
C MET E 2502 -7.02 28.05 -87.38
N VAL E 2503 -7.58 28.61 -88.45
CA VAL E 2503 -7.83 30.05 -88.51
C VAL E 2503 -8.84 30.45 -87.44
N LEU E 2504 -9.86 29.63 -87.23
CA LEU E 2504 -10.85 29.94 -86.21
C LEU E 2504 -10.19 29.96 -84.83
N PHE E 2505 -9.33 29.00 -84.56
CA PHE E 2505 -8.63 28.98 -83.28
C PHE E 2505 -7.73 30.20 -83.14
N LEU E 2506 -7.01 30.55 -84.21
CA LEU E 2506 -6.11 31.70 -84.16
C LEU E 2506 -6.88 32.99 -83.90
N ASP E 2507 -8.02 33.14 -84.56
CA ASP E 2507 -8.83 34.35 -84.38
C ASP E 2507 -9.38 34.44 -82.97
N ARG E 2508 -10.00 33.37 -82.47
CA ARG E 2508 -10.70 33.47 -81.20
C ARG E 2508 -9.74 33.49 -80.01
N VAL E 2509 -8.61 32.78 -80.11
CA VAL E 2509 -7.69 32.69 -78.98
C VAL E 2509 -6.65 33.80 -79.00
N TYR E 2510 -5.91 33.94 -80.10
CA TYR E 2510 -4.81 34.90 -80.17
C TYR E 2510 -5.24 36.26 -80.69
N GLY E 2511 -5.86 36.29 -81.87
CA GLY E 2511 -6.22 37.54 -82.50
C GLY E 2511 -5.05 38.16 -83.24
N ILE E 2512 -5.36 39.22 -83.98
CA ILE E 2512 -4.37 39.95 -84.78
C ILE E 2512 -4.29 41.36 -84.22
N GLU E 2513 -3.18 41.68 -83.56
CA GLU E 2513 -3.01 42.98 -82.93
C GLU E 2513 -1.89 43.83 -83.52
N ASN E 2514 -0.93 43.24 -84.24
CA ASN E 2514 0.22 43.97 -84.74
C ASN E 2514 0.37 43.82 -86.24
N GLN E 2515 0.79 44.91 -86.87
CA GLN E 2515 0.87 44.94 -88.33
C GLN E 2515 1.91 43.97 -88.85
N ASP E 2516 3.07 43.89 -88.19
CA ASP E 2516 4.14 43.04 -88.71
C ASP E 2516 3.72 41.59 -88.71
N PHE E 2517 3.04 41.15 -87.63
CA PHE E 2517 2.53 39.80 -87.60
C PHE E 2517 1.45 39.59 -88.65
N LEU E 2518 0.60 40.59 -88.86
CA LEU E 2518 -0.43 40.44 -89.88
C LEU E 2518 0.20 40.24 -91.26
N LEU E 2519 1.23 41.03 -91.58
CA LEU E 2519 1.90 40.86 -92.87
C LEU E 2519 2.61 39.52 -92.96
N HIS E 2520 3.19 39.05 -91.86
CA HIS E 2520 3.86 37.75 -91.92
C HIS E 2520 2.86 36.63 -92.19
N VAL E 2521 1.68 36.73 -91.58
CA VAL E 2521 0.66 35.70 -91.80
C VAL E 2521 0.17 35.81 -93.23
N LEU E 2522 0.03 37.03 -93.73
CA LEU E 2522 -0.51 37.20 -95.07
C LEU E 2522 0.45 36.56 -96.06
N ASP E 2523 1.73 36.94 -95.96
CA ASP E 2523 2.75 36.62 -96.95
C ASP E 2523 3.23 35.18 -96.84
N VAL E 2524 2.88 34.46 -95.78
CA VAL E 2524 3.29 33.07 -95.64
C VAL E 2524 2.12 32.10 -95.76
N GLY E 2525 0.93 32.46 -95.28
CA GLY E 2525 -0.17 31.52 -95.27
C GLY E 2525 -1.31 31.75 -96.23
N PHE E 2526 -1.71 33.00 -96.46
CA PHE E 2526 -2.94 33.28 -97.18
C PHE E 2526 -2.70 33.54 -98.67
N LEU E 2527 -1.72 34.38 -98.98
CA LEU E 2527 -1.53 34.80 -100.37
C LEU E 2527 -1.33 33.65 -101.34
N PRO E 2528 -0.53 32.63 -101.05
CA PRO E 2528 -0.44 31.50 -101.98
C PRO E 2528 -1.77 30.80 -102.24
N ASP E 2529 -2.63 30.71 -101.23
CA ASP E 2529 -3.94 30.11 -101.45
C ASP E 2529 -4.85 31.01 -102.26
N MET E 2530 -4.79 32.32 -102.01
CA MET E 2530 -5.60 33.23 -102.80
C MET E 2530 -5.18 33.22 -104.26
N ARG E 2531 -3.87 33.18 -104.52
CA ARG E 2531 -3.41 33.10 -105.90
C ARG E 2531 -3.82 31.78 -106.53
N ALA E 2532 -3.74 30.68 -105.77
CA ALA E 2532 -4.13 29.39 -106.32
C ALA E 2532 -5.60 29.39 -106.71
N ALA E 2533 -6.45 29.96 -105.85
CA ALA E 2533 -7.88 30.04 -106.17
C ALA E 2533 -8.11 30.93 -107.37
N ALA E 2534 -7.38 32.04 -107.48
CA ALA E 2534 -7.56 32.91 -108.64
C ALA E 2534 -7.14 32.20 -109.92
N SER E 2535 -6.07 31.42 -109.86
CA SER E 2535 -5.61 30.68 -111.03
C SER E 2535 -6.59 29.57 -111.41
N LEU E 2536 -7.27 29.01 -110.42
CA LEU E 2536 -8.23 27.94 -110.67
C LEU E 2536 -9.57 28.46 -111.22
N ASP E 2537 -9.63 29.74 -111.61
CA ASP E 2537 -10.87 30.30 -112.12
C ASP E 2537 -11.15 29.91 -113.57
N THR E 2538 -10.22 29.23 -114.22
CA THR E 2538 -10.44 28.81 -115.59
C THR E 2538 -11.73 27.99 -115.71
N ALA E 2539 -12.25 27.91 -116.93
CA ALA E 2539 -13.51 27.19 -117.13
C ALA E 2539 -13.36 25.71 -116.81
N THR E 2540 -12.24 25.10 -117.18
CA THR E 2540 -12.07 23.68 -116.95
C THR E 2540 -12.05 23.35 -115.47
N PHE E 2541 -11.36 24.17 -114.67
CA PHE E 2541 -11.16 23.91 -113.26
C PHE E 2541 -12.19 24.61 -112.38
N SER E 2542 -13.17 25.30 -112.97
CA SER E 2542 -14.09 26.10 -112.18
C SER E 2542 -14.95 25.24 -111.26
N THR E 2543 -15.40 24.09 -111.74
CA THR E 2543 -16.32 23.25 -111.00
C THR E 2543 -15.62 22.18 -110.18
N THR E 2544 -14.29 22.21 -110.10
CA THR E 2544 -13.57 21.17 -109.40
C THR E 2544 -13.79 21.25 -107.89
N GLU E 2545 -13.86 20.08 -107.25
CA GLU E 2545 -14.12 20.02 -105.82
C GLU E 2545 -13.12 20.86 -105.05
N MET E 2546 -11.86 20.83 -105.47
CA MET E 2546 -10.84 21.61 -104.78
C MET E 2546 -11.13 23.10 -104.92
N ALA E 2547 -11.56 23.53 -106.10
CA ALA E 2547 -11.87 24.95 -106.29
C ALA E 2547 -13.03 25.39 -105.41
N LEU E 2548 -14.09 24.58 -105.34
CA LEU E 2548 -15.21 24.95 -104.46
C LEU E 2548 -14.79 24.95 -102.99
N ALA E 2549 -13.97 23.99 -102.58
CA ALA E 2549 -13.51 23.99 -101.20
C ALA E 2549 -12.65 25.21 -100.89
N LEU E 2550 -11.80 25.60 -101.84
CA LEU E 2550 -11.00 26.80 -101.65
C LEU E 2550 -11.87 28.03 -101.53
N ASN E 2551 -12.91 28.11 -102.37
CA ASN E 2551 -13.80 29.26 -102.32
C ASN E 2551 -14.52 29.34 -100.98
N ARG E 2552 -15.00 28.21 -100.48
CA ARG E 2552 -15.63 28.20 -99.16
C ARG E 2552 -14.66 28.58 -98.06
N TYR E 2553 -13.42 28.09 -98.15
CA TYR E 2553 -12.42 28.41 -97.13
C TYR E 2553 -12.11 29.90 -97.11
N LEU E 2554 -12.01 30.51 -98.29
CA LEU E 2554 -11.68 31.93 -98.36
C LEU E 2554 -12.87 32.77 -97.92
N CYS E 2555 -14.07 32.40 -98.34
CA CYS E 2555 -15.25 33.19 -98.09
C CYS E 2555 -15.81 32.97 -96.69
N LEU E 2556 -15.26 32.03 -95.92
CA LEU E 2556 -15.72 31.78 -94.57
C LEU E 2556 -14.67 32.00 -93.48
N ALA E 2557 -13.38 31.92 -93.78
CA ALA E 2557 -12.35 32.08 -92.75
C ALA E 2557 -11.41 33.24 -93.03
N VAL E 2558 -10.88 33.33 -94.24
CA VAL E 2558 -9.77 34.24 -94.53
C VAL E 2558 -10.25 35.67 -94.70
N LEU E 2559 -11.12 35.89 -95.68
CA LEU E 2559 -11.54 37.25 -96.01
C LEU E 2559 -12.20 38.01 -94.86
N PRO E 2560 -13.11 37.43 -94.08
CA PRO E 2560 -13.61 38.17 -92.91
C PRO E 2560 -12.53 38.62 -91.94
N LEU E 2561 -11.49 37.79 -91.75
CA LEU E 2561 -10.40 38.20 -90.88
C LEU E 2561 -9.65 39.38 -91.45
N ILE E 2562 -9.40 39.39 -92.76
CA ILE E 2562 -8.70 40.50 -93.37
C ILE E 2562 -9.56 41.76 -93.30
N THR E 2563 -10.87 41.60 -93.44
CA THR E 2563 -11.76 42.74 -93.33
C THR E 2563 -11.71 43.34 -91.94
N LYS E 2564 -11.66 42.49 -90.92
CA LYS E 2564 -11.50 42.99 -89.55
C LYS E 2564 -10.16 43.71 -89.39
N CYS E 2565 -9.10 43.15 -89.95
CA CYS E 2565 -7.76 43.71 -89.82
C CYS E 2565 -7.46 44.77 -90.88
N ALA E 2566 -8.47 45.26 -91.58
CA ALA E 2566 -8.24 46.32 -92.58
C ALA E 2566 -7.58 47.56 -92.02
N PRO E 2567 -7.98 48.08 -90.85
CA PRO E 2567 -7.34 49.31 -90.35
C PRO E 2567 -5.85 49.18 -90.10
N LEU E 2568 -5.32 47.97 -89.99
CA LEU E 2568 -3.90 47.77 -89.74
C LEU E 2568 -3.04 47.98 -90.98
N PHE E 2569 -3.64 48.28 -92.13
CA PHE E 2569 -2.90 48.51 -93.37
C PHE E 2569 -2.58 49.98 -93.59
N ALA E 2570 -2.70 50.82 -92.57
CA ALA E 2570 -2.51 52.25 -92.77
C ALA E 2570 -1.08 52.59 -93.16
N GLY E 2571 -0.10 51.95 -92.51
CA GLY E 2571 1.29 52.30 -92.71
C GLY E 2571 2.14 51.21 -93.32
N THR E 2572 1.61 50.53 -94.34
CA THR E 2572 2.31 49.45 -95.03
C THR E 2572 2.96 49.93 -96.32
N GLU E 2573 3.52 51.13 -96.31
CA GLU E 2573 4.19 51.65 -97.50
C GLU E 2573 5.42 50.83 -97.86
N HIS E 2574 6.12 50.29 -96.86
CA HIS E 2574 7.37 49.58 -97.13
C HIS E 2574 7.17 48.29 -97.91
N ARG E 2575 5.96 47.72 -97.89
CA ARG E 2575 5.64 46.51 -98.63
C ARG E 2575 4.54 46.78 -99.65
N ALA E 2576 4.67 47.91 -100.36
CA ALA E 2576 3.65 48.30 -101.33
C ALA E 2576 3.52 47.27 -102.44
N ILE E 2577 4.61 46.58 -102.78
CA ILE E 2577 4.56 45.59 -103.86
C ILE E 2577 3.65 44.44 -103.44
N MET E 2578 3.81 43.96 -102.20
CA MET E 2578 2.97 42.86 -101.74
C MET E 2578 1.53 43.32 -101.59
N VAL E 2579 1.32 44.54 -101.08
CA VAL E 2579 -0.05 45.02 -100.90
C VAL E 2579 -0.74 45.13 -102.26
N ASP E 2580 -0.03 45.65 -103.26
CA ASP E 2580 -0.59 45.77 -104.61
C ASP E 2580 -0.91 44.40 -105.20
N SER E 2581 -0.02 43.42 -104.98
CA SER E 2581 -0.31 42.08 -105.47
C SER E 2581 -1.55 41.51 -104.79
N MET E 2582 -1.70 41.76 -103.49
CA MET E 2582 -2.88 41.28 -102.79
C MET E 2582 -4.14 41.91 -103.36
N LEU E 2583 -4.09 43.22 -103.62
CA LEU E 2583 -5.25 43.91 -104.17
C LEU E 2583 -5.62 43.37 -105.55
N HIS E 2584 -4.61 43.16 -106.40
CA HIS E 2584 -4.87 42.61 -107.72
C HIS E 2584 -5.47 41.22 -107.63
N THR E 2585 -4.94 40.39 -106.71
CA THR E 2585 -5.47 39.04 -106.54
C THR E 2585 -6.92 39.06 -106.10
N VAL E 2586 -7.25 39.94 -105.14
CA VAL E 2586 -8.63 40.01 -104.64
C VAL E 2586 -9.56 40.54 -105.72
N TYR E 2587 -9.09 41.49 -106.54
CA TYR E 2587 -9.92 41.96 -107.64
C TYR E 2587 -10.16 40.85 -108.66
N ARG E 2588 -9.14 40.06 -108.97
CA ARG E 2588 -9.34 38.96 -109.92
C ARG E 2588 -10.24 37.88 -109.34
N LEU E 2589 -10.20 37.71 -108.02
CA LEU E 2589 -11.11 36.80 -107.33
C LEU E 2589 -12.55 37.28 -107.39
N SER E 2590 -12.75 38.60 -107.32
CA SER E 2590 -14.10 39.14 -107.35
C SER E 2590 -14.83 38.82 -108.65
N ARG E 2591 -14.15 38.90 -109.78
CA ARG E 2591 -14.78 38.61 -111.07
C ARG E 2591 -14.74 37.13 -111.43
N GLY E 2592 -14.70 36.26 -110.44
CA GLY E 2592 -14.63 34.82 -110.68
C GLY E 2592 -16.00 34.22 -110.91
N ARG E 2593 -16.09 33.39 -111.94
CA ARG E 2593 -17.34 32.69 -112.23
C ARG E 2593 -17.61 31.60 -111.20
N SER E 2594 -18.82 31.06 -111.24
CA SER E 2594 -19.24 29.98 -110.34
C SER E 2594 -19.13 30.41 -108.88
N LEU E 2595 -19.43 31.68 -108.61
CA LEU E 2595 -19.43 32.22 -107.26
C LEU E 2595 -20.84 32.61 -106.87
N THR E 2596 -21.25 32.21 -105.67
CA THR E 2596 -22.57 32.56 -105.17
C THR E 2596 -22.64 34.05 -104.84
N LYS E 2597 -23.88 34.54 -104.73
CA LYS E 2597 -24.10 35.95 -104.44
C LYS E 2597 -23.54 36.35 -103.09
N ALA E 2598 -23.70 35.49 -102.08
CA ALA E 2598 -23.16 35.80 -100.76
C ALA E 2598 -21.65 35.90 -100.80
N GLN E 2599 -20.99 34.99 -101.52
CA GLN E 2599 -19.54 35.05 -101.60
C GLN E 2599 -19.13 36.30 -102.36
N ARG E 2600 -19.87 36.65 -103.42
CA ARG E 2600 -19.44 37.78 -104.22
C ARG E 2600 -19.52 39.06 -103.41
N ASP E 2601 -20.60 39.22 -102.65
CA ASP E 2601 -20.74 40.44 -101.86
C ASP E 2601 -19.71 40.46 -100.73
N VAL E 2602 -19.35 39.30 -100.19
CA VAL E 2602 -18.31 39.27 -99.16
C VAL E 2602 -16.97 39.76 -99.73
N ILE E 2603 -16.63 39.30 -100.94
CA ILE E 2603 -15.41 39.76 -101.58
C ILE E 2603 -15.47 41.25 -101.87
N GLU E 2604 -16.61 41.75 -102.36
CA GLU E 2604 -16.70 43.17 -102.64
C GLU E 2604 -16.58 44.01 -101.36
N ASP E 2605 -17.21 43.56 -100.28
CA ASP E 2605 -17.10 44.29 -99.02
C ASP E 2605 -15.66 44.31 -98.52
N CYS E 2606 -14.96 43.19 -98.66
CA CYS E 2606 -13.56 43.15 -98.24
C CYS E 2606 -12.71 44.12 -99.07
N LEU E 2607 -12.94 44.15 -100.38
CA LEU E 2607 -12.16 45.05 -101.23
C LEU E 2607 -12.45 46.51 -100.90
N MET E 2608 -13.72 46.84 -100.65
CA MET E 2608 -14.04 48.22 -100.28
C MET E 2608 -13.38 48.58 -98.95
N ALA E 2609 -13.40 47.68 -97.98
CA ALA E 2609 -12.80 48.00 -96.70
C ALA E 2609 -11.30 48.21 -96.84
N LEU E 2610 -10.64 47.36 -97.64
CA LEU E 2610 -9.20 47.50 -97.81
C LEU E 2610 -8.86 48.83 -98.48
N CYS E 2611 -9.59 49.17 -99.55
CA CYS E 2611 -9.29 50.38 -100.28
C CYS E 2611 -9.61 51.64 -99.49
N ARG E 2612 -10.59 51.58 -98.58
CA ARG E 2612 -10.91 52.79 -97.83
C ARG E 2612 -9.82 53.20 -96.86
N TYR E 2613 -8.83 52.32 -96.59
CA TYR E 2613 -7.69 52.69 -95.79
C TYR E 2613 -6.37 52.69 -96.54
N ILE E 2614 -6.24 51.98 -97.66
CA ILE E 2614 -4.98 51.96 -98.38
C ILE E 2614 -4.67 53.35 -98.93
N ARG E 2615 -3.40 53.73 -98.87
CA ARG E 2615 -2.99 55.06 -99.32
C ARG E 2615 -3.22 55.21 -100.82
N PRO E 2616 -3.51 56.43 -101.28
CA PRO E 2616 -3.81 56.63 -102.71
C PRO E 2616 -2.67 56.29 -103.65
N SER E 2617 -1.42 56.46 -103.23
CA SER E 2617 -0.29 56.18 -104.11
C SER E 2617 -0.19 54.70 -104.46
N MET E 2618 -0.62 53.82 -103.57
CA MET E 2618 -0.54 52.39 -103.78
C MET E 2618 -1.70 51.83 -104.59
N LEU E 2619 -2.68 52.67 -104.93
CA LEU E 2619 -3.84 52.27 -105.73
C LEU E 2619 -3.67 52.54 -107.21
N GLN E 2620 -2.49 52.98 -107.65
CA GLN E 2620 -2.34 53.40 -109.05
C GLN E 2620 -2.57 52.23 -110.01
N HIS E 2621 -2.01 51.06 -109.71
CA HIS E 2621 -2.16 49.92 -110.63
C HIS E 2621 -3.60 49.46 -110.67
N LEU E 2622 -4.27 49.46 -109.50
CA LEU E 2622 -5.67 49.10 -109.47
C LEU E 2622 -6.50 50.08 -110.29
N LEU E 2623 -6.18 51.37 -110.18
CA LEU E 2623 -6.90 52.35 -111.00
C LEU E 2623 -6.66 52.08 -112.48
N ARG E 2624 -5.45 51.66 -112.84
CA ARG E 2624 -5.17 51.36 -114.24
C ARG E 2624 -6.05 50.21 -114.73
N ARG E 2625 -6.22 49.18 -113.89
CA ARG E 2625 -7.12 48.10 -114.29
C ARG E 2625 -8.55 48.59 -114.40
N LEU E 2626 -9.00 49.45 -113.48
CA LEU E 2626 -10.37 49.92 -113.62
C LEU E 2626 -10.51 50.81 -114.85
N VAL E 2627 -9.44 51.51 -115.24
CA VAL E 2627 -9.53 52.31 -116.45
C VAL E 2627 -9.76 51.41 -117.64
N PHE E 2628 -9.17 50.20 -117.60
CA PHE E 2628 -9.37 49.29 -118.72
C PHE E 2628 -10.74 48.58 -118.66
N ASP E 2629 -11.30 48.41 -117.47
CA ASP E 2629 -12.50 47.59 -117.29
C ASP E 2629 -13.80 48.37 -117.19
N VAL E 2630 -13.80 49.46 -116.42
CA VAL E 2630 -15.04 50.19 -116.14
C VAL E 2630 -15.72 50.72 -117.39
N PRO E 2631 -15.01 51.30 -118.37
CA PRO E 2631 -15.72 51.88 -119.53
C PRO E 2631 -16.57 50.89 -120.31
N ILE E 2632 -16.38 49.58 -120.16
CA ILE E 2632 -17.30 48.66 -120.81
C ILE E 2632 -18.71 48.82 -120.24
N LEU E 2633 -18.81 49.16 -118.95
CA LEU E 2633 -20.08 49.44 -118.30
C LEU E 2633 -21.02 48.25 -118.38
N ASN E 2634 -20.49 47.07 -118.06
CA ASN E 2634 -21.31 45.86 -117.99
C ASN E 2634 -21.87 45.72 -116.58
N GLU E 2635 -22.47 44.57 -116.29
CA GLU E 2635 -23.05 44.30 -114.98
C GLU E 2635 -21.99 44.18 -113.89
N PHE E 2636 -20.73 43.91 -114.26
CA PHE E 2636 -19.65 43.81 -113.29
C PHE E 2636 -19.09 45.15 -112.85
N ALA E 2637 -19.53 46.26 -113.44
CA ALA E 2637 -19.00 47.58 -113.17
C ALA E 2637 -19.63 48.27 -111.96
N LYS E 2638 -20.62 47.66 -111.31
CA LYS E 2638 -21.28 48.35 -110.20
C LYS E 2638 -20.34 48.55 -109.03
N MET E 2639 -19.63 47.50 -108.62
CA MET E 2639 -18.71 47.63 -107.50
C MET E 2639 -17.57 48.57 -107.85
N PRO E 2640 -16.91 48.48 -108.99
CA PRO E 2640 -15.85 49.46 -109.28
C PRO E 2640 -16.37 50.88 -109.32
N LEU E 2641 -17.61 51.09 -109.79
CA LEU E 2641 -18.17 52.44 -109.79
C LEU E 2641 -18.29 52.99 -108.38
N LYS E 2642 -18.80 52.17 -107.46
CA LYS E 2642 -18.90 52.62 -106.07
C LYS E 2642 -17.53 52.82 -105.44
N LEU E 2643 -16.58 51.94 -105.78
CA LEU E 2643 -15.23 52.06 -105.24
C LEU E 2643 -14.58 53.36 -105.71
N LEU E 2644 -14.72 53.70 -106.98
CA LEU E 2644 -14.13 54.93 -107.48
C LEU E 2644 -14.81 56.14 -106.87
N THR E 2645 -16.13 56.08 -106.67
CA THR E 2645 -16.82 57.22 -106.08
C THR E 2645 -16.31 57.49 -104.67
N ASN E 2646 -16.17 56.42 -103.87
CA ASN E 2646 -15.69 56.61 -102.51
C ASN E 2646 -14.23 57.03 -102.50
N HIS E 2647 -13.44 56.50 -103.43
CA HIS E 2647 -12.02 56.81 -103.46
C HIS E 2647 -11.80 58.28 -103.74
N TYR E 2648 -12.48 58.81 -104.76
CA TYR E 2648 -12.24 60.19 -105.14
C TYR E 2648 -12.89 61.16 -104.16
N GLU E 2649 -14.02 60.78 -103.56
CA GLU E 2649 -14.60 61.64 -102.53
C GLU E 2649 -13.68 61.74 -101.33
N ARG E 2650 -13.04 60.63 -100.94
CA ARG E 2650 -12.14 60.68 -99.78
C ARG E 2650 -10.83 61.39 -100.12
N CYS E 2651 -10.29 61.17 -101.31
CA CYS E 2651 -8.95 61.66 -101.66
C CYS E 2651 -8.99 62.73 -102.75
N TRP E 2652 -10.00 63.61 -102.74
CA TRP E 2652 -10.05 64.66 -103.74
C TRP E 2652 -8.96 65.69 -103.55
N LYS E 2653 -8.55 65.97 -102.30
CA LYS E 2653 -7.48 66.93 -102.06
C LYS E 2653 -6.14 66.45 -102.61
N TYR E 2654 -5.94 65.13 -102.68
CA TYR E 2654 -4.68 64.58 -103.18
C TYR E 2654 -4.45 64.94 -104.65
N TYR E 2655 -5.52 65.11 -105.42
CA TYR E 2655 -5.41 65.36 -106.85
C TYR E 2655 -5.61 66.82 -107.23
N CYS E 2656 -6.39 67.59 -106.47
CA CYS E 2656 -6.74 68.94 -106.89
C CYS E 2656 -5.79 69.99 -106.35
N LEU E 2657 -5.54 70.00 -105.06
CA LEU E 2657 -4.70 71.04 -104.48
C LEU E 2657 -3.26 70.88 -104.98
N PRO E 2658 -2.61 71.95 -105.43
CA PRO E 2658 -1.22 71.82 -105.88
C PRO E 2658 -0.28 71.34 -104.79
N THR E 2659 -0.50 71.75 -103.54
CA THR E 2659 0.35 71.31 -102.45
C THR E 2659 0.04 69.89 -101.99
N GLY E 2660 -1.08 69.32 -102.42
CA GLY E 2660 -1.43 67.97 -102.06
C GLY E 2660 -1.99 67.85 -100.67
N TRP E 2661 -2.40 66.62 -100.34
CA TRP E 2661 -2.92 66.32 -99.02
C TRP E 2661 -1.80 66.32 -97.99
N ALA E 2662 -2.14 66.70 -96.76
CA ALA E 2662 -1.16 66.78 -95.69
C ALA E 2662 -0.52 65.43 -95.43
N ASN E 2663 0.80 65.42 -95.30
CA ASN E 2663 1.59 64.24 -94.94
C ASN E 2663 1.29 63.03 -95.83
N PHE E 2664 0.72 63.26 -97.01
CA PHE E 2664 0.45 62.19 -97.96
C PHE E 2664 1.15 62.39 -99.30
N GLY E 2665 1.73 63.56 -99.55
CA GLY E 2665 2.36 63.81 -100.83
C GLY E 2665 1.42 64.46 -101.83
N VAL E 2666 1.89 64.50 -103.07
CA VAL E 2666 1.13 65.10 -104.16
C VAL E 2666 1.01 64.09 -105.29
N THR E 2667 -0.03 64.26 -106.10
CA THR E 2667 -0.24 63.41 -107.26
C THR E 2667 0.82 63.68 -108.33
N SER E 2668 0.98 62.71 -109.21
CA SER E 2668 1.94 62.80 -110.31
C SER E 2668 1.18 63.15 -111.59
N GLU E 2669 1.88 63.10 -112.72
CA GLU E 2669 1.32 63.45 -114.01
C GLU E 2669 0.65 62.28 -114.72
N GLU E 2670 0.72 61.07 -114.17
CA GLU E 2670 0.13 59.90 -114.80
C GLU E 2670 -1.23 59.52 -114.22
N GLU E 2671 -1.41 59.68 -112.90
CA GLU E 2671 -2.72 59.40 -112.32
C GLU E 2671 -3.77 60.36 -112.86
N LEU E 2672 -3.40 61.62 -113.06
CA LEU E 2672 -4.33 62.57 -113.66
C LEU E 2672 -4.73 62.17 -115.06
N HIS E 2673 -3.77 61.70 -115.86
CA HIS E 2673 -4.06 61.20 -117.19
C HIS E 2673 -4.99 60.00 -117.16
N LEU E 2674 -4.76 59.08 -116.23
CA LEU E 2674 -5.65 57.93 -116.07
C LEU E 2674 -7.05 58.37 -115.66
N THR E 2675 -7.14 59.33 -114.75
CA THR E 2675 -8.46 59.80 -114.32
C THR E 2675 -9.19 60.47 -115.47
N ARG E 2676 -8.49 61.26 -116.27
CA ARG E 2676 -9.11 61.93 -117.40
C ARG E 2676 -9.61 60.93 -118.44
N LYS E 2677 -8.80 59.90 -118.73
CA LYS E 2677 -9.26 58.87 -119.66
C LYS E 2677 -10.45 58.11 -119.10
N LEU E 2678 -10.45 57.84 -117.80
CA LEU E 2678 -11.57 57.12 -117.19
C LEU E 2678 -12.84 57.96 -117.30
N PHE E 2679 -12.70 59.27 -117.08
CA PHE E 2679 -13.84 60.17 -117.16
C PHE E 2679 -14.42 60.19 -118.56
N TRP E 2680 -13.58 60.39 -119.58
CA TRP E 2680 -14.13 60.50 -120.92
C TRP E 2680 -14.63 59.15 -121.42
N GLY E 2681 -14.01 58.05 -120.97
CA GLY E 2681 -14.51 56.74 -121.33
C GLY E 2681 -15.91 56.48 -120.79
N ILE E 2682 -16.14 56.85 -119.53
CA ILE E 2682 -17.48 56.69 -118.97
C ILE E 2682 -18.46 57.65 -119.64
N PHE E 2683 -18.04 58.89 -119.87
CA PHE E 2683 -18.97 59.86 -120.43
C PHE E 2683 -19.41 59.41 -121.83
N ASP E 2684 -18.46 58.97 -122.64
CA ASP E 2684 -18.79 58.53 -124.00
C ASP E 2684 -19.64 57.27 -123.98
N SER E 2685 -19.32 56.30 -123.12
CA SER E 2685 -20.11 55.08 -123.09
C SER E 2685 -21.54 55.37 -122.61
N LEU E 2686 -21.68 56.21 -121.59
CA LEU E 2686 -23.00 56.54 -121.06
C LEU E 2686 -23.80 57.35 -122.06
N ALA E 2687 -23.14 58.13 -122.92
CA ALA E 2687 -23.87 58.91 -123.90
C ALA E 2687 -24.54 58.04 -124.95
N HIS E 2688 -24.11 56.80 -125.10
CA HIS E 2688 -24.72 55.88 -126.05
C HIS E 2688 -25.50 54.74 -125.40
N LYS E 2689 -25.25 54.45 -124.13
CA LYS E 2689 -25.97 53.38 -123.46
C LYS E 2689 -27.45 53.75 -123.30
N LYS E 2690 -28.31 52.75 -123.46
CA LYS E 2690 -29.74 52.93 -123.28
C LYS E 2690 -30.08 53.28 -121.83
N TYR E 2691 -31.20 53.97 -121.64
CA TYR E 2691 -31.60 54.48 -120.34
C TYR E 2691 -31.89 53.35 -119.35
N ASP E 2692 -31.06 53.24 -118.31
CA ASP E 2692 -31.31 52.34 -117.20
C ASP E 2692 -31.24 53.15 -115.91
N GLN E 2693 -32.30 53.08 -115.10
CA GLN E 2693 -32.38 53.94 -113.94
C GLN E 2693 -31.27 53.64 -112.94
N GLU E 2694 -30.99 52.36 -112.71
CA GLU E 2694 -29.93 51.98 -111.78
C GLU E 2694 -28.56 52.42 -112.30
N LEU E 2695 -28.34 52.26 -113.60
CA LEU E 2695 -27.07 52.66 -114.18
C LEU E 2695 -26.89 54.16 -114.05
N TYR E 2696 -27.93 54.95 -114.34
CA TYR E 2696 -27.74 56.39 -114.22
C TYR E 2696 -27.58 56.76 -112.75
N ARG E 2697 -28.20 55.97 -111.87
CA ARG E 2697 -28.22 56.26 -110.44
C ARG E 2697 -26.83 56.15 -109.86
N MET E 2698 -26.02 55.24 -110.38
CA MET E 2698 -24.70 55.05 -109.82
C MET E 2698 -23.59 55.56 -110.73
N ALA E 2699 -23.89 55.84 -112.00
CA ALA E 2699 -22.91 56.45 -112.89
C ALA E 2699 -22.77 57.94 -112.60
N MET E 2700 -23.87 58.62 -112.26
CA MET E 2700 -23.80 60.05 -112.00
C MET E 2700 -22.89 60.43 -110.83
N PRO E 2701 -22.98 59.80 -109.65
CA PRO E 2701 -22.03 60.17 -108.58
C PRO E 2701 -20.58 59.96 -108.95
N CYS E 2702 -20.25 58.95 -109.75
CA CYS E 2702 -18.86 58.77 -110.15
C CYS E 2702 -18.38 59.94 -111.00
N LEU E 2703 -19.22 60.38 -111.95
CA LEU E 2703 -18.85 61.51 -112.78
C LEU E 2703 -18.71 62.79 -111.96
N CYS E 2704 -19.63 63.01 -111.02
CA CYS E 2704 -19.54 64.20 -110.19
C CYS E 2704 -18.28 64.19 -109.34
N ALA E 2705 -17.93 63.05 -108.75
CA ALA E 2705 -16.72 62.97 -107.93
C ALA E 2705 -15.48 63.17 -108.77
N ILE E 2706 -15.43 62.56 -109.96
CA ILE E 2706 -14.25 62.69 -110.80
C ILE E 2706 -14.09 64.14 -111.25
N ALA E 2707 -15.17 64.78 -111.69
CA ALA E 2707 -15.05 66.16 -112.11
C ALA E 2707 -14.67 67.06 -110.95
N GLY E 2708 -15.18 66.78 -109.75
CA GLY E 2708 -14.82 67.59 -108.60
C GLY E 2708 -13.42 67.32 -108.08
N ALA E 2709 -12.78 66.25 -108.56
CA ALA E 2709 -11.42 65.91 -108.15
C ALA E 2709 -10.37 66.39 -109.15
N LEU E 2710 -10.66 66.28 -110.44
CA LEU E 2710 -9.68 66.63 -111.46
C LEU E 2710 -9.45 68.14 -111.47
N PRO E 2711 -8.21 68.61 -111.48
CA PRO E 2711 -7.96 70.05 -111.60
C PRO E 2711 -8.52 70.60 -112.91
N PRO E 2712 -9.11 71.80 -112.88
CA PRO E 2712 -9.66 72.35 -114.14
C PRO E 2712 -8.62 72.60 -115.21
N ASP E 2713 -7.40 72.97 -114.83
CA ASP E 2713 -6.38 73.40 -115.78
C ASP E 2713 -5.40 72.29 -116.15
N TYR E 2714 -5.67 71.05 -115.78
CA TYR E 2714 -4.77 69.96 -116.12
C TYR E 2714 -4.68 69.81 -117.64
N VAL E 2715 -3.47 69.68 -118.15
CA VAL E 2715 -3.21 69.52 -119.58
C VAL E 2715 -2.40 68.25 -119.77
N ASP E 2716 -2.91 67.33 -120.58
CA ASP E 2716 -2.19 66.10 -120.87
C ASP E 2716 -1.08 66.36 -121.87
N ALA E 2717 0.13 65.89 -121.55
CA ALA E 2717 1.26 66.12 -122.44
C ALA E 2717 1.09 65.40 -123.77
N SER E 2718 0.60 64.15 -123.73
CA SER E 2718 0.48 63.38 -124.96
C SER E 2718 -0.57 63.97 -125.90
N TYR E 2719 -1.82 63.99 -125.46
CA TYR E 2719 -2.93 64.49 -126.26
C TYR E 2719 -2.98 63.76 -127.61
N PRO E 2737 -4.70 44.05 -128.27
CA PRO E 2737 -3.70 44.61 -129.17
C PRO E 2737 -3.87 44.21 -130.65
N ARG E 2738 -3.79 45.18 -131.55
CA ARG E 2738 -3.94 44.91 -132.97
C ARG E 2738 -2.80 45.60 -133.71
N PRO E 2739 -1.61 45.02 -133.67
CA PRO E 2739 -0.46 45.59 -134.38
C PRO E 2739 -0.75 45.70 -135.88
N VAL E 2740 -0.23 46.72 -136.55
CA VAL E 2740 -0.53 46.90 -137.98
C VAL E 2740 -0.05 45.70 -138.82
N GLU E 2741 -0.87 45.32 -139.78
CA GLU E 2741 -0.66 44.13 -140.60
C GLU E 2741 0.40 44.46 -141.65
N THR E 2742 1.55 43.77 -141.62
CA THR E 2742 2.75 44.10 -142.45
C THR E 2742 3.01 43.03 -143.51
N LEU E 2743 2.20 41.98 -143.52
CA LEU E 2743 2.60 40.80 -144.29
C LEU E 2743 2.71 41.09 -145.80
N ASN E 2744 1.75 41.82 -146.34
CA ASN E 2744 1.76 42.18 -147.75
C ASN E 2744 2.33 43.58 -148.04
N VAL E 2745 2.99 44.20 -147.07
CA VAL E 2745 3.56 45.53 -147.27
C VAL E 2745 4.95 45.35 -147.90
N ILE E 2746 5.20 46.04 -149.02
CA ILE E 2746 6.47 45.92 -149.75
C ILE E 2746 7.36 47.14 -149.47
N ILE E 2747 8.57 46.91 -148.99
CA ILE E 2747 9.54 48.01 -148.86
C ILE E 2747 10.14 48.30 -150.23
N PRO E 2748 10.17 49.57 -150.65
CA PRO E 2748 10.87 49.87 -151.91
C PRO E 2748 12.36 49.49 -151.89
N GLU E 2749 12.80 48.98 -153.03
CA GLU E 2749 14.18 48.56 -153.23
C GLU E 2749 15.20 49.56 -152.72
N LYS E 2750 14.96 50.87 -152.90
CA LYS E 2750 15.99 51.83 -152.56
C LYS E 2750 16.21 52.02 -151.05
N LEU E 2751 15.41 51.34 -150.21
CA LEU E 2751 15.69 51.31 -148.80
C LEU E 2751 16.55 50.18 -148.38
N ASP E 2752 16.86 49.26 -149.31
CA ASP E 2752 17.68 48.12 -148.88
C ASP E 2752 19.05 48.53 -148.27
N SER E 2753 19.63 49.58 -148.83
CA SER E 2753 20.92 50.06 -148.37
C SER E 2753 20.81 50.60 -146.92
N PHE E 2754 19.76 51.38 -146.63
CA PHE E 2754 19.50 51.87 -145.26
C PHE E 2754 19.27 50.71 -144.28
N ILE E 2755 18.52 49.71 -144.72
CA ILE E 2755 18.27 48.54 -143.92
C ILE E 2755 19.56 47.85 -143.49
N ASN E 2756 20.46 47.56 -144.44
CA ASN E 2756 21.73 46.98 -144.04
C ASN E 2756 22.60 47.85 -143.18
N LYS E 2757 22.64 49.15 -143.44
CA LYS E 2757 23.46 50.07 -142.61
C LYS E 2757 22.94 50.13 -141.18
N PHE E 2758 21.62 50.20 -141.04
CA PHE E 2758 21.04 50.28 -139.73
C PHE E 2758 21.15 48.94 -139.05
N ALA E 2759 21.04 47.83 -139.81
CA ALA E 2759 21.26 46.50 -139.20
C ALA E 2759 22.70 46.39 -138.67
N GLU E 2760 23.65 46.83 -139.49
CA GLU E 2760 25.04 46.84 -139.07
C GLU E 2760 25.23 47.69 -137.82
N TYR E 2761 24.61 48.88 -137.82
CA TYR E 2761 24.63 49.72 -136.61
C TYR E 2761 24.12 49.01 -135.35
N THR E 2762 22.94 48.41 -135.43
CA THR E 2762 22.33 47.72 -134.29
C THR E 2762 23.25 46.60 -133.78
N HIS E 2763 23.80 45.84 -134.71
CA HIS E 2763 24.77 44.80 -134.31
C HIS E 2763 26.03 45.39 -133.57
N GLU E 2764 26.61 46.44 -134.13
CA GLU E 2764 27.80 47.09 -133.56
C GLU E 2764 27.54 47.66 -132.18
N LYS E 2765 26.35 48.23 -132.00
CA LYS E 2765 25.97 48.74 -130.69
C LYS E 2765 25.93 47.62 -129.64
N TRP E 2766 25.28 46.51 -130.00
CA TRP E 2766 25.19 45.31 -129.15
C TRP E 2766 26.56 44.74 -128.85
N ALA E 2767 27.40 44.66 -129.88
CA ALA E 2767 28.74 44.11 -129.76
C ALA E 2767 29.59 45.00 -128.86
N PHE E 2768 29.53 46.31 -129.09
CA PHE E 2768 30.18 47.32 -128.26
C PHE E 2768 29.81 47.12 -126.79
N ASP E 2769 28.52 46.97 -126.48
CA ASP E 2769 28.11 46.80 -125.09
C ASP E 2769 28.67 45.45 -124.51
N LYS E 2770 28.62 44.38 -125.31
CA LYS E 2770 29.24 43.08 -124.93
C LYS E 2770 30.73 43.14 -124.61
N ILE E 2771 31.48 43.76 -125.52
CA ILE E 2771 32.93 43.92 -125.39
C ILE E 2771 33.33 44.77 -124.17
N GLN E 2772 32.54 45.80 -123.85
CA GLN E 2772 32.76 46.62 -122.63
C GLN E 2772 32.56 45.81 -121.35
N ASN E 2773 31.78 44.74 -121.42
CA ASN E 2773 31.65 43.79 -120.33
C ASN E 2773 32.52 42.57 -120.55
N ASN E 2774 33.60 42.75 -121.31
CA ASN E 2774 34.61 41.72 -121.50
C ASN E 2774 34.18 40.39 -122.13
N TRP E 2775 33.09 40.41 -122.92
CA TRP E 2775 32.76 39.28 -123.80
C TRP E 2775 33.75 39.23 -124.96
N SER E 2776 33.95 38.06 -125.54
CA SER E 2776 34.84 37.95 -126.69
C SER E 2776 34.25 36.96 -127.66
N TYR E 2777 34.76 36.91 -128.89
CA TYR E 2777 34.34 35.88 -129.82
C TYR E 2777 34.60 34.52 -129.18
N GLY E 2778 33.71 33.58 -129.45
CA GLY E 2778 33.91 32.17 -129.14
C GLY E 2778 32.98 31.41 -130.06
N GLU E 2779 33.28 30.13 -130.30
CA GLU E 2779 32.51 29.36 -131.29
C GLU E 2779 31.08 29.10 -130.81
N ASN E 2780 30.94 28.99 -129.48
CA ASN E 2780 29.64 28.77 -128.81
C ASN E 2780 29.28 29.93 -127.90
N VAL E 2781 27.98 30.16 -127.69
CA VAL E 2781 27.49 31.04 -126.62
C VAL E 2781 27.73 30.37 -125.27
N ASP E 2782 28.37 31.10 -124.36
CA ASP E 2782 28.80 30.54 -123.07
C ASP E 2782 28.77 31.68 -122.09
N GLU E 2783 27.78 31.67 -121.20
CA GLU E 2783 27.59 32.71 -120.18
C GLU E 2783 28.67 32.73 -119.09
N GLU E 2784 29.27 31.58 -118.80
CA GLU E 2784 30.36 31.54 -117.81
C GLU E 2784 31.62 32.18 -118.40
N LEU E 2785 32.00 31.74 -119.59
CA LEU E 2785 33.18 32.27 -120.31
C LEU E 2785 32.93 33.63 -121.04
N LYS E 2786 31.67 34.08 -121.11
CA LYS E 2786 31.33 35.30 -121.84
C LYS E 2786 31.87 35.30 -123.26
N THR E 2787 31.58 34.20 -123.99
CA THR E 2787 31.86 34.12 -125.42
C THR E 2787 30.55 34.19 -126.20
N HIS E 2788 30.61 34.75 -127.40
CA HIS E 2788 29.48 34.73 -128.31
C HIS E 2788 30.00 34.70 -129.76
N PRO E 2789 29.48 33.77 -130.60
CA PRO E 2789 29.95 33.65 -131.98
C PRO E 2789 29.52 34.83 -132.86
N MET E 2790 28.60 35.64 -132.37
CA MET E 2790 28.26 36.85 -133.14
C MET E 2790 29.15 38.05 -132.84
N LEU E 2791 30.10 37.86 -131.93
CA LEU E 2791 31.08 38.92 -131.65
C LEU E 2791 32.17 38.97 -132.69
N ARG E 2792 31.77 39.44 -133.86
CA ARG E 2792 32.64 39.63 -135.02
C ARG E 2792 31.91 40.58 -135.97
N PRO E 2793 32.60 41.07 -137.02
CA PRO E 2793 32.00 42.06 -137.93
C PRO E 2793 30.75 41.59 -138.63
N TYR E 2794 29.74 42.46 -138.67
CA TYR E 2794 28.49 42.19 -139.39
C TYR E 2794 28.81 41.77 -140.81
N LYS E 2795 29.85 42.36 -141.40
CA LYS E 2795 30.20 42.05 -142.78
C LYS E 2795 30.55 40.57 -142.98
N THR E 2796 30.97 39.89 -141.91
CA THR E 2796 31.38 38.50 -142.00
C THR E 2796 30.23 37.51 -141.79
N PHE E 2797 29.01 38.02 -141.56
CA PHE E 2797 27.84 37.15 -141.37
C PHE E 2797 27.30 36.53 -142.66
N SER E 2798 26.70 35.35 -142.53
CA SER E 2798 25.82 34.80 -143.58
C SER E 2798 24.56 35.70 -143.71
N GLU E 2799 23.79 35.52 -144.78
CA GLU E 2799 22.49 36.20 -144.90
C GLU E 2799 21.54 35.87 -143.74
N LYS E 2800 21.48 34.60 -143.33
CA LYS E 2800 20.67 34.22 -142.17
C LYS E 2800 21.01 35.04 -140.91
N ASP E 2801 22.29 35.22 -140.63
CA ASP E 2801 22.70 35.97 -139.44
C ASP E 2801 22.50 37.49 -139.57
N LYS E 2802 22.65 38.03 -140.78
CA LYS E 2802 22.33 39.44 -140.99
C LYS E 2802 20.83 39.65 -140.77
N GLU E 2803 20.03 38.69 -141.22
CA GLU E 2803 18.60 38.76 -141.09
C GLU E 2803 18.10 38.87 -139.63
N ILE E 2804 18.90 38.38 -138.69
CA ILE E 2804 18.60 38.56 -137.27
C ILE E 2804 18.42 40.06 -136.94
N TYR E 2805 19.25 40.89 -137.56
CA TYR E 2805 19.21 42.32 -137.34
C TYR E 2805 18.28 43.02 -138.34
N ARG E 2806 18.27 42.55 -139.59
CA ARG E 2806 17.43 43.21 -140.65
C ARG E 2806 15.88 43.00 -140.45
N TRP E 2807 15.45 41.80 -140.01
CA TRP E 2807 14.03 41.48 -139.82
C TRP E 2807 13.25 42.54 -139.04
N PRO E 2808 13.74 42.87 -137.81
CA PRO E 2808 12.96 43.83 -136.98
C PRO E 2808 12.93 45.24 -137.59
N ILE E 2809 13.99 45.60 -138.30
CA ILE E 2809 14.04 46.89 -138.97
C ILE E 2809 13.05 46.89 -140.12
N LYS E 2810 13.03 45.82 -140.92
CA LYS E 2810 11.99 45.67 -141.94
C LYS E 2810 10.58 45.75 -141.39
N GLU E 2811 10.34 45.14 -140.23
CA GLU E 2811 9.01 45.21 -139.63
C GLU E 2811 8.63 46.66 -139.21
N SER E 2812 9.58 47.40 -138.65
CA SER E 2812 9.35 48.84 -138.37
C SER E 2812 9.03 49.62 -139.65
N LEU E 2813 9.86 49.48 -140.67
CA LEU E 2813 9.59 50.22 -141.93
C LEU E 2813 8.25 49.86 -142.60
N LYS E 2814 7.91 48.59 -142.60
CA LYS E 2814 6.62 48.15 -143.11
C LYS E 2814 5.45 48.77 -142.34
N ALA E 2815 5.52 48.89 -141.01
CA ALA E 2815 4.47 49.64 -140.29
C ALA E 2815 4.38 51.11 -140.76
N MET E 2816 5.53 51.80 -140.85
CA MET E 2816 5.49 53.17 -141.35
C MET E 2816 4.85 53.29 -142.76
N ILE E 2817 5.21 52.35 -143.66
CA ILE E 2817 4.66 52.34 -145.05
C ILE E 2817 3.16 52.03 -145.00
N ALA E 2818 2.79 51.05 -144.18
CA ALA E 2818 1.37 50.73 -143.93
C ALA E 2818 0.53 51.96 -143.50
N TRP E 2819 1.13 52.84 -142.72
CA TRP E 2819 0.45 54.05 -142.19
C TRP E 2819 0.50 55.22 -143.20
N GLU E 2820 1.07 54.97 -144.38
CA GLU E 2820 1.27 55.92 -145.47
C GLU E 2820 2.16 57.10 -145.15
N TRP E 2821 3.23 56.82 -144.38
CA TRP E 2821 4.21 57.82 -144.08
C TRP E 2821 5.15 57.83 -145.27
N THR E 2822 5.76 58.95 -145.58
CA THR E 2822 6.74 58.98 -146.68
C THR E 2822 8.13 58.96 -146.10
N ILE E 2823 9.02 58.24 -146.77
CA ILE E 2823 10.41 58.14 -146.34
C ILE E 2823 11.25 58.46 -147.57
N GLU E 2824 11.89 59.64 -147.58
CA GLU E 2824 12.60 60.10 -148.79
C GLU E 2824 14.01 60.61 -148.44
N LYS E 2825 15.01 60.23 -149.24
CA LYS E 2825 16.40 60.68 -149.01
C LYS E 2825 16.49 62.14 -149.50
N ALA E 2826 16.32 63.09 -148.58
CA ALA E 2826 16.25 64.51 -148.92
C ALA E 2826 17.61 65.18 -148.94
N ARG E 2827 18.55 64.62 -148.17
CA ARG E 2827 19.89 65.18 -148.02
C ARG E 2827 20.97 64.13 -148.09
N GLU E 2828 22.21 64.57 -148.22
CA GLU E 2828 23.34 63.68 -148.03
C GLU E 2828 23.37 63.29 -146.54
N GLY E 2829 23.86 62.09 -146.19
CA GLY E 2829 24.01 61.67 -144.77
C GLY E 2829 25.16 62.39 -144.07
N GLU E 2830 25.23 62.31 -142.73
CA GLU E 2830 26.19 63.12 -141.91
C GLU E 2830 27.68 62.75 -142.06
N TYR E 2855 38.47 42.15 -132.91
CA TYR E 2855 37.33 42.93 -133.38
C TYR E 2855 36.99 44.07 -132.42
N ASN E 2856 36.88 45.27 -132.98
CA ASN E 2856 36.79 46.49 -132.17
C ASN E 2856 35.70 47.48 -132.67
N PRO E 2857 34.41 47.15 -132.40
CA PRO E 2857 33.31 47.99 -132.92
C PRO E 2857 33.27 49.34 -132.25
N GLN E 2858 33.21 50.40 -133.04
CA GLN E 2858 32.99 51.74 -132.50
C GLN E 2858 31.80 52.33 -133.29
N PRO E 2859 30.55 52.03 -132.85
CA PRO E 2859 29.40 52.51 -133.61
C PRO E 2859 29.20 54.01 -133.40
N PRO E 2860 28.55 54.70 -134.37
CA PRO E 2860 28.30 56.12 -134.18
C PRO E 2860 27.50 56.38 -132.91
N ASP E 2861 27.67 57.56 -132.34
CA ASP E 2861 26.90 57.97 -131.17
C ASP E 2861 25.64 58.72 -131.67
N LEU E 2862 24.46 58.33 -131.17
CA LEU E 2862 23.20 58.96 -131.60
C LEU E 2862 22.63 59.89 -130.52
N SER E 2863 23.51 60.24 -129.56
CA SER E 2863 23.15 61.04 -128.40
C SER E 2863 22.81 62.46 -128.80
N GLY E 2864 23.51 62.93 -129.83
CA GLY E 2864 23.44 64.30 -130.29
C GLY E 2864 22.43 64.52 -131.40
N VAL E 2865 21.65 63.49 -131.71
CA VAL E 2865 20.64 63.65 -132.75
C VAL E 2865 19.33 64.09 -132.07
N THR E 2866 18.84 65.25 -132.49
CA THR E 2866 17.58 65.81 -131.96
C THR E 2866 16.45 65.57 -132.96
N LEU E 2867 15.35 65.00 -132.47
CA LEU E 2867 14.20 64.80 -133.34
C LEU E 2867 13.23 65.94 -133.10
N SER E 2868 12.63 66.43 -134.18
CA SER E 2868 11.56 67.44 -134.08
C SER E 2868 10.46 66.93 -133.15
N ARG E 2869 9.64 67.83 -132.64
CA ARG E 2869 8.43 67.37 -131.93
C ARG E 2869 7.58 66.42 -132.76
N GLU E 2870 7.43 66.75 -134.05
CA GLU E 2870 6.70 65.96 -135.02
C GLU E 2870 7.21 64.50 -135.15
N LEU E 2871 8.53 64.36 -135.28
CA LEU E 2871 9.16 63.04 -135.31
C LEU E 2871 9.05 62.28 -133.96
N GLN E 2872 9.18 63.02 -132.86
CA GLN E 2872 8.95 62.42 -131.53
C GLN E 2872 7.50 61.89 -131.45
N ALA E 2873 6.55 62.65 -131.99
CA ALA E 2873 5.13 62.18 -132.04
C ALA E 2873 4.98 60.89 -132.85
N MET E 2874 5.61 60.88 -134.04
CA MET E 2874 5.68 59.66 -134.85
C MET E 2874 6.30 58.48 -134.10
N ALA E 2875 7.37 58.73 -133.35
CA ALA E 2875 7.99 57.71 -132.49
C ALA E 2875 6.95 57.09 -131.54
N GLU E 2876 5.97 57.87 -131.06
CA GLU E 2876 4.91 57.35 -130.15
C GLU E 2876 4.02 56.34 -130.83
N GLN E 2877 3.69 56.54 -132.12
CA GLN E 2877 2.90 55.58 -132.86
C GLN E 2877 3.72 54.29 -133.12
N LEU E 2878 4.99 54.46 -133.47
CA LEU E 2878 5.84 53.28 -133.59
C LEU E 2878 5.97 52.49 -132.27
N ALA E 2879 6.21 53.21 -131.17
CA ALA E 2879 6.33 52.55 -129.85
C ALA E 2879 5.07 51.80 -129.48
N GLU E 2880 3.92 52.43 -129.70
CA GLU E 2880 2.67 51.78 -129.40
C GLU E 2880 2.51 50.53 -130.23
N ASN E 2881 2.91 50.59 -131.52
CA ASN E 2881 2.86 49.41 -132.35
C ASN E 2881 3.82 48.30 -131.85
N TYR E 2882 5.04 48.64 -131.46
CA TYR E 2882 5.92 47.61 -130.84
C TYR E 2882 5.24 46.97 -129.62
N HIS E 2883 4.65 47.82 -128.76
CA HIS E 2883 3.91 47.26 -127.59
C HIS E 2883 2.76 46.33 -128.01
N ASN E 2884 2.02 46.68 -129.06
CA ASN E 2884 0.90 45.86 -129.50
C ASN E 2884 1.38 44.58 -130.12
N THR E 2885 2.52 44.65 -130.82
CA THR E 2885 3.12 43.41 -131.37
C THR E 2885 3.55 42.44 -130.24
N TRP E 2886 4.28 43.00 -129.28
CA TRP E 2886 4.68 42.23 -128.07
C TRP E 2886 3.44 41.67 -127.37
N GLY E 2887 2.38 42.47 -127.19
CA GLY E 2887 1.23 42.08 -126.36
C GLY E 2887 0.46 40.98 -127.09
N ARG E 2888 0.34 41.08 -128.42
CA ARG E 2888 -0.39 40.05 -129.20
C ARG E 2888 0.36 38.72 -129.18
N LYS E 2889 1.66 38.79 -129.39
CA LYS E 2889 2.50 37.59 -129.31
C LYS E 2889 2.46 37.00 -127.90
N LYS E 2890 2.47 37.88 -126.91
CA LYS E 2890 2.48 37.44 -125.51
C LYS E 2890 1.18 36.71 -125.13
N LYS E 2891 0.05 37.24 -125.62
CA LYS E 2891 -1.22 36.53 -125.37
C LYS E 2891 -1.20 35.16 -126.01
N GLN E 2892 -0.60 35.04 -127.20
CA GLN E 2892 -0.54 33.72 -127.83
C GLN E 2892 0.36 32.78 -127.03
N GLU E 2893 1.47 33.32 -126.57
CA GLU E 2893 2.44 32.51 -125.81
C GLU E 2893 1.78 32.00 -124.51
N LEU E 2894 1.10 32.90 -123.79
CA LEU E 2894 0.42 32.48 -122.57
C LEU E 2894 -0.61 31.37 -122.80
N GLU E 2895 -1.44 31.54 -123.83
CA GLU E 2895 -2.46 30.53 -124.15
C GLU E 2895 -1.78 29.21 -124.52
N ALA E 2896 -0.72 29.26 -125.30
CA ALA E 2896 0.00 28.05 -125.69
C ALA E 2896 0.56 27.27 -124.50
N LYS E 2897 0.81 27.98 -123.38
CA LYS E 2897 1.46 27.42 -122.19
C LYS E 2897 0.47 27.16 -121.05
N GLY E 2898 -0.83 27.31 -121.29
CA GLY E 2898 -1.78 26.93 -120.26
C GLY E 2898 -2.59 28.07 -119.69
N GLY E 2899 -2.33 29.29 -120.14
CA GLY E 2899 -3.09 30.44 -119.70
C GLY E 2899 -2.28 31.25 -118.71
N GLY E 2900 -2.90 32.26 -118.13
CA GLY E 2900 -2.15 33.11 -117.22
C GLY E 2900 -2.16 34.54 -117.71
N THR E 2901 -1.39 35.38 -117.04
CA THR E 2901 -1.50 36.82 -117.27
C THR E 2901 -0.13 37.48 -117.22
N HIS E 2902 -0.10 38.77 -117.54
CA HIS E 2902 1.14 39.53 -117.55
C HIS E 2902 0.76 40.97 -117.21
N PRO E 2903 1.49 41.59 -116.27
CA PRO E 2903 1.06 42.93 -115.84
C PRO E 2903 1.17 43.99 -116.96
N LEU E 2904 2.03 43.77 -117.98
CA LEU E 2904 2.11 44.74 -119.08
C LEU E 2904 1.07 44.55 -120.19
N LEU E 2905 0.17 43.56 -120.09
CA LEU E 2905 -0.91 43.43 -121.06
C LEU E 2905 -2.00 44.49 -120.81
N VAL E 2906 -1.61 45.76 -120.96
CA VAL E 2906 -2.55 46.88 -120.93
C VAL E 2906 -2.21 47.80 -122.12
N PRO E 2907 -3.15 48.71 -122.49
CA PRO E 2907 -2.89 49.65 -123.58
C PRO E 2907 -1.66 50.47 -123.30
N TYR E 2908 -0.86 50.66 -124.36
CA TYR E 2908 0.35 51.45 -124.30
C TYR E 2908 0.18 52.78 -123.52
N ASP E 2909 -0.92 53.47 -123.78
CA ASP E 2909 -1.15 54.80 -123.14
C ASP E 2909 -1.33 54.75 -121.65
N THR E 2910 -1.65 53.57 -121.11
CA THR E 2910 -1.87 53.41 -119.67
C THR E 2910 -0.53 53.01 -119.01
N LEU E 2911 0.49 52.67 -119.80
CA LEU E 2911 1.79 52.32 -119.25
C LEU E 2911 2.43 53.53 -118.55
N THR E 2912 3.33 53.27 -117.60
CA THR E 2912 4.08 54.32 -116.95
C THR E 2912 5.18 54.80 -117.91
N ALA E 2913 5.71 56.00 -117.64
CA ALA E 2913 6.90 56.42 -118.39
C ALA E 2913 7.98 55.37 -118.34
N LYS E 2914 8.23 54.76 -117.18
CA LYS E 2914 9.26 53.74 -117.11
C LYS E 2914 8.99 52.55 -118.06
N GLU E 2915 7.74 52.11 -118.07
CA GLU E 2915 7.25 50.98 -118.88
C GLU E 2915 7.29 51.27 -120.40
N LYS E 2916 7.12 52.54 -120.75
CA LYS E 2916 7.17 52.96 -122.18
C LYS E 2916 8.59 53.10 -122.73
N ALA E 2917 9.57 53.23 -121.85
CA ALA E 2917 10.94 53.62 -122.28
C ALA E 2917 11.56 52.77 -123.39
N ARG E 2918 11.44 51.45 -123.25
CA ARG E 2918 12.13 50.54 -124.14
C ARG E 2918 11.49 50.67 -125.56
N ASP E 2919 10.19 50.88 -125.64
CA ASP E 2919 9.56 50.97 -126.98
C ASP E 2919 9.87 52.36 -127.58
N ARG E 2920 9.93 53.37 -126.72
CA ARG E 2920 10.31 54.74 -127.17
C ARG E 2920 11.73 54.75 -127.65
N GLU E 2921 12.60 54.05 -126.94
CA GLU E 2921 14.01 54.07 -127.34
C GLU E 2921 14.24 53.42 -128.69
N LYS E 2922 13.56 52.30 -128.92
CA LYS E 2922 13.64 51.61 -130.20
C LYS E 2922 13.12 52.48 -131.38
N ALA E 2923 11.94 53.07 -131.18
CA ALA E 2923 11.34 54.02 -132.17
C ALA E 2923 12.26 55.26 -132.40
N GLN E 2924 12.78 55.86 -131.32
CA GLN E 2924 13.72 56.97 -131.51
C GLN E 2924 14.99 56.56 -132.27
N GLU E 2925 15.58 55.38 -131.96
CA GLU E 2925 16.82 55.00 -132.60
C GLU E 2925 16.63 54.92 -134.12
N LEU E 2926 15.52 54.33 -134.55
CA LEU E 2926 15.23 54.21 -135.98
C LEU E 2926 15.08 55.58 -136.66
N LEU E 2927 14.30 56.44 -136.03
CA LEU E 2927 14.05 57.76 -136.63
C LEU E 2927 15.33 58.61 -136.59
N LYS E 2928 16.13 58.48 -135.53
CA LYS E 2928 17.45 59.18 -135.48
C LYS E 2928 18.41 58.69 -136.57
N PHE E 2929 18.43 57.39 -136.81
CA PHE E 2929 19.39 56.86 -137.83
C PHE E 2929 18.96 57.25 -139.28
N LEU E 2930 17.65 57.23 -139.50
CA LEU E 2930 17.07 57.76 -140.72
C LEU E 2930 17.50 59.21 -140.91
N GLN E 2931 17.29 60.03 -139.89
CA GLN E 2931 17.63 61.46 -140.01
C GLN E 2931 19.11 61.63 -140.31
N MET E 2932 19.95 60.91 -139.57
CA MET E 2932 21.38 60.97 -139.74
C MET E 2932 21.83 60.58 -141.15
N ASN E 2933 21.11 59.65 -141.76
CA ASN E 2933 21.41 59.25 -143.13
C ASN E 2933 20.71 60.13 -144.20
N GLY E 2934 20.14 61.26 -143.76
CA GLY E 2934 19.49 62.27 -144.64
C GLY E 2934 18.07 61.99 -145.11
N TYR E 2935 17.35 61.11 -144.39
CA TYR E 2935 15.98 60.78 -144.80
C TYR E 2935 15.06 61.72 -144.09
N ALA E 2936 14.12 62.26 -144.84
CA ALA E 2936 12.96 62.97 -144.25
C ALA E 2936 11.81 61.96 -144.15
N VAL E 2937 11.20 61.90 -142.97
CA VAL E 2937 10.04 61.06 -142.67
C VAL E 2937 8.86 61.98 -142.36
N THR E 2938 7.79 61.87 -143.14
CA THR E 2938 6.63 62.78 -143.01
C THR E 2938 5.33 61.97 -143.11
N ARG E 2939 4.20 62.53 -142.70
CA ARG E 2939 3.00 61.72 -142.87
C ARG E 2939 1.88 62.37 -143.62
N ASP E 2947 -1.29 71.67 -134.39
CA ASP E 2947 -0.86 73.01 -133.99
C ASP E 2947 -1.81 73.61 -132.95
N THR E 2948 -2.23 72.79 -132.00
CA THR E 2948 -3.17 73.21 -130.98
C THR E 2948 -2.41 73.83 -129.81
N SER E 2949 -2.86 74.99 -129.35
CA SER E 2949 -2.22 75.66 -128.24
C SER E 2949 -2.53 74.94 -126.93
N SER E 2950 -1.71 75.24 -125.91
CA SER E 2950 -1.88 74.60 -124.62
C SER E 2950 -3.21 74.97 -123.97
N ILE E 2951 -3.68 76.21 -124.17
CA ILE E 2951 -4.91 76.65 -123.53
C ILE E 2951 -6.10 75.84 -124.04
N GLU E 2952 -6.15 75.57 -125.34
CA GLU E 2952 -7.26 74.84 -125.92
C GLU E 2952 -7.28 73.37 -125.50
N LYS E 2953 -6.22 72.87 -124.91
CA LYS E 2953 -6.13 71.48 -124.48
C LYS E 2953 -6.70 71.26 -123.08
N ARG E 2954 -7.17 72.31 -122.42
CA ARG E 2954 -7.62 72.19 -121.05
C ARG E 2954 -8.89 71.35 -120.93
N PHE E 2955 -8.98 70.65 -119.80
CA PHE E 2955 -10.15 69.82 -119.52
C PHE E 2955 -11.41 70.67 -119.44
N ALA E 2956 -11.32 71.83 -118.79
CA ALA E 2956 -12.47 72.70 -118.70
C ALA E 2956 -12.90 73.19 -120.08
N PHE E 2957 -11.93 73.48 -120.95
CA PHE E 2957 -12.24 73.94 -122.29
C PHE E 2957 -13.00 72.87 -123.07
N GLY E 2958 -12.52 71.63 -123.00
CA GLY E 2958 -13.21 70.54 -123.68
C GLY E 2958 -14.56 70.24 -123.08
N PHE E 2959 -14.66 70.29 -121.75
CA PHE E 2959 -15.92 70.02 -121.08
C PHE E 2959 -16.97 71.07 -121.44
N LEU E 2960 -16.58 72.34 -121.45
CA LEU E 2960 -17.52 73.39 -121.83
C LEU E 2960 -17.91 73.24 -123.29
N GLN E 2961 -16.98 72.86 -124.16
CA GLN E 2961 -17.33 72.72 -125.57
C GLN E 2961 -18.37 71.60 -125.75
N GLN E 2962 -18.20 70.51 -125.02
CA GLN E 2962 -19.18 69.43 -125.07
C GLN E 2962 -20.51 69.87 -124.48
N LEU E 2963 -20.48 70.66 -123.41
CA LEU E 2963 -21.73 71.16 -122.83
C LEU E 2963 -22.49 72.04 -123.82
N LEU E 2964 -21.77 72.85 -124.61
CA LEU E 2964 -22.41 73.77 -125.59
C LEU E 2964 -22.92 72.96 -126.79
N ARG E 2965 -22.35 71.76 -127.03
CA ARG E 2965 -22.78 70.84 -128.13
C ARG E 2965 -24.08 70.16 -127.71
N TRP E 2966 -24.29 69.94 -126.41
CA TRP E 2966 -25.53 69.33 -125.89
C TRP E 2966 -26.61 70.40 -125.79
N MET E 2967 -26.25 71.67 -125.61
CA MET E 2967 -27.24 72.76 -125.61
C MET E 2967 -27.98 72.71 -126.93
N ASP E 2968 -27.25 72.50 -128.03
CA ASP E 2968 -27.86 72.41 -129.38
C ASP E 2968 -28.85 71.24 -129.41
N ILE E 2969 -28.48 70.11 -128.80
CA ILE E 2969 -29.36 68.90 -128.73
C ILE E 2969 -30.57 69.24 -127.83
N SER E 2970 -30.38 70.03 -126.78
CA SER E 2970 -31.46 70.42 -125.83
C SER E 2970 -32.46 71.29 -126.57
N GLN E 2971 -31.99 72.22 -127.41
CA GLN E 2971 -32.89 73.07 -128.22
C GLN E 2971 -33.74 72.14 -129.09
N GLU E 2972 -33.17 71.04 -129.58
CA GLU E 2972 -33.88 70.05 -130.42
C GLU E 2972 -34.93 69.32 -129.57
N PHE E 2973 -34.53 68.82 -128.39
CA PHE E 2973 -35.47 68.05 -127.54
C PHE E 2973 -36.66 68.95 -127.21
N ILE E 2974 -36.42 70.18 -126.78
CA ILE E 2974 -37.52 71.08 -126.33
C ILE E 2974 -38.25 71.64 -127.56
N ALA E 2975 -37.63 71.69 -128.72
CA ALA E 2975 -38.31 72.11 -129.97
C ALA E 2975 -39.43 71.11 -130.22
N HIS E 2976 -39.15 69.82 -130.08
CA HIS E 2976 -40.15 68.74 -130.30
C HIS E 2976 -41.25 68.77 -129.23
N LEU E 2977 -40.88 68.97 -127.96
CA LEU E 2977 -41.87 69.03 -126.85
C LEU E 2977 -42.75 70.29 -126.98
N PRO E 2990 -39.15 60.22 -129.99
CA PRO E 2990 -38.06 59.82 -130.88
C PRO E 2990 -36.70 60.23 -130.30
N HIS E 2991 -36.68 61.01 -129.21
CA HIS E 2991 -35.44 61.50 -128.57
C HIS E 2991 -35.50 61.21 -127.07
N GLU E 2992 -36.09 60.10 -126.64
CA GLU E 2992 -36.31 59.77 -125.23
C GLU E 2992 -35.01 59.58 -124.48
N GLN E 2993 -34.04 58.91 -125.12
CA GLN E 2993 -32.73 58.75 -124.49
C GLN E 2993 -32.05 60.09 -124.26
N GLU E 2994 -32.13 60.99 -125.24
CA GLU E 2994 -31.52 62.30 -125.08
C GLU E 2994 -32.18 63.07 -123.95
N ILE E 2995 -33.50 62.98 -123.84
CA ILE E 2995 -34.24 63.70 -122.80
C ILE E 2995 -33.82 63.18 -121.43
N LYS E 2996 -33.76 61.85 -121.29
CA LYS E 2996 -33.40 61.28 -120.00
C LYS E 2996 -31.96 61.62 -119.63
N PHE E 2997 -31.04 61.56 -120.61
CA PHE E 2997 -29.65 61.88 -120.30
C PHE E 2997 -29.49 63.34 -119.90
N PHE E 2998 -30.19 64.24 -120.60
CA PHE E 2998 -30.10 65.66 -120.30
C PHE E 2998 -30.66 65.95 -118.92
N ALA E 2999 -31.80 65.35 -118.58
CA ALA E 2999 -32.45 65.67 -117.32
C ALA E 2999 -31.74 65.03 -116.14
N LYS E 3000 -31.27 63.79 -116.28
CA LYS E 3000 -30.76 63.04 -115.14
C LYS E 3000 -29.25 63.13 -114.95
N ILE E 3001 -28.47 63.59 -115.93
CA ILE E 3001 -27.02 63.60 -115.83
C ILE E 3001 -26.45 65.01 -115.93
N LEU E 3002 -26.81 65.73 -116.99
CA LEU E 3002 -26.12 66.97 -117.31
C LEU E 3002 -26.33 68.06 -116.25
N LEU E 3003 -27.58 68.27 -115.84
CA LEU E 3003 -27.87 69.32 -114.86
C LEU E 3003 -27.18 69.13 -113.52
N PRO E 3004 -27.23 67.96 -112.87
CA PRO E 3004 -26.44 67.79 -111.65
C PRO E 3004 -24.94 67.95 -111.86
N LEU E 3005 -24.44 67.57 -113.04
CA LEU E 3005 -23.01 67.68 -113.28
C LEU E 3005 -22.60 69.14 -113.40
N ILE E 3006 -23.36 69.95 -114.15
CA ILE E 3006 -23.05 71.36 -114.24
C ILE E 3006 -23.20 72.01 -112.86
N ASN E 3007 -24.21 71.58 -112.11
CA ASN E 3007 -24.46 72.15 -110.79
C ASN E 3007 -23.27 71.95 -109.88
N GLN E 3008 -22.69 70.76 -109.90
CA GLN E 3008 -21.65 70.48 -108.93
C GLN E 3008 -20.30 70.93 -109.44
N TYR E 3009 -20.09 70.87 -110.75
CA TYR E 3009 -18.79 71.26 -111.27
C TYR E 3009 -18.59 72.75 -111.02
N PHE E 3010 -19.59 73.58 -111.37
CA PHE E 3010 -19.42 75.00 -111.16
C PHE E 3010 -19.64 75.41 -109.71
N THR E 3011 -20.28 74.57 -108.88
CA THR E 3011 -20.30 74.85 -107.45
C THR E 3011 -18.92 74.69 -106.85
N ASN E 3012 -18.19 73.65 -107.26
CA ASN E 3012 -16.86 73.41 -106.71
C ASN E 3012 -15.86 74.41 -107.29
N HIS E 3013 -15.97 74.72 -108.58
CA HIS E 3013 -15.00 75.56 -109.27
C HIS E 3013 -15.54 76.95 -109.57
N CYS E 3014 -16.40 77.50 -108.72
CA CYS E 3014 -16.85 78.87 -108.92
C CYS E 3014 -15.70 79.87 -108.86
N LEU E 3015 -14.78 79.68 -107.91
CA LEU E 3015 -13.68 80.64 -107.74
C LEU E 3015 -12.69 80.60 -108.89
N TYR E 3016 -12.55 79.46 -109.56
CA TYR E 3016 -11.60 79.38 -110.67
C TYR E 3016 -12.00 80.32 -111.80
N PHE E 3017 -13.29 80.37 -112.14
CA PHE E 3017 -13.75 81.22 -113.23
C PHE E 3017 -13.83 82.69 -112.83
N LEU E 3018 -14.06 82.98 -111.55
CA LEU E 3018 -14.11 84.35 -111.09
C LEU E 3018 -12.73 84.95 -110.86
N SER E 3019 -11.68 84.13 -110.85
CA SER E 3019 -10.34 84.65 -110.61
C SER E 3019 -9.81 85.39 -111.84
N THR E 3020 -8.89 86.31 -111.59
CA THR E 3020 -8.25 87.09 -112.63
C THR E 3020 -6.78 87.23 -112.29
N PRO E 3021 -5.91 87.43 -113.29
CA PRO E 3021 -4.48 87.58 -112.98
C PRO E 3021 -4.20 88.70 -112.00
N ALA E 3022 -4.97 89.79 -112.04
CA ALA E 3022 -4.79 90.87 -111.08
C ALA E 3022 -5.11 90.40 -109.67
N LYS E 3023 -6.15 89.57 -109.51
CA LYS E 3023 -6.62 89.14 -108.20
C LYS E 3023 -6.89 87.64 -108.27
N VAL E 3024 -6.06 86.85 -107.59
CA VAL E 3024 -6.19 85.41 -107.56
C VAL E 3024 -6.97 85.06 -106.29
N LEU E 3025 -8.27 84.86 -106.43
CA LEU E 3025 -9.11 84.55 -105.27
C LEU E 3025 -8.95 83.09 -104.86
N GLY E 3026 -8.78 82.20 -105.82
CA GLY E 3026 -8.68 80.78 -105.52
C GLY E 3026 -7.28 80.38 -105.11
N SER E 3027 -7.10 79.07 -104.94
CA SER E 3027 -5.79 78.55 -104.55
C SER E 3027 -4.75 78.82 -105.62
N GLY E 3028 -5.09 78.59 -106.88
CA GLY E 3028 -4.16 78.83 -107.97
C GLY E 3028 -4.86 78.72 -109.30
N GLY E 3029 -4.25 79.36 -110.30
CA GLY E 3029 -4.78 79.34 -111.64
C GLY E 3029 -5.99 80.25 -111.80
N HIS E 3030 -6.20 80.69 -113.04
CA HIS E 3030 -7.32 81.56 -113.37
C HIS E 3030 -7.89 81.15 -114.72
N ALA E 3031 -9.20 81.30 -114.86
CA ALA E 3031 -9.87 80.95 -116.11
C ALA E 3031 -9.50 81.94 -117.20
N SER E 3032 -9.39 81.44 -118.43
CA SER E 3032 -9.06 82.28 -119.57
C SER E 3032 -10.30 83.02 -120.08
N ASN E 3033 -10.02 83.98 -120.97
CA ASN E 3033 -11.09 84.75 -121.58
C ASN E 3033 -12.04 83.85 -122.36
N LYS E 3034 -11.50 82.88 -123.10
CA LYS E 3034 -12.33 81.98 -123.87
C LYS E 3034 -13.25 81.17 -122.96
N GLU E 3035 -12.73 80.71 -121.82
CA GLU E 3035 -13.56 79.99 -120.86
C GLU E 3035 -14.67 80.87 -120.31
N LYS E 3036 -14.36 82.14 -120.01
CA LYS E 3036 -15.40 83.05 -119.56
C LYS E 3036 -16.45 83.29 -120.64
N GLU E 3037 -16.00 83.36 -121.89
CA GLU E 3037 -16.95 83.51 -122.99
C GLU E 3037 -17.84 82.29 -123.12
N MET E 3038 -17.27 81.10 -122.97
CA MET E 3038 -18.06 79.89 -123.12
C MET E 3038 -19.09 79.79 -122.01
N ILE E 3039 -18.71 80.09 -120.77
CA ILE E 3039 -19.67 80.00 -119.68
C ILE E 3039 -20.75 81.07 -119.82
N THR E 3040 -20.42 82.22 -120.41
CA THR E 3040 -21.43 83.24 -120.66
C THR E 3040 -22.41 82.79 -121.73
N SER E 3041 -21.90 82.22 -122.83
CA SER E 3041 -22.81 81.72 -123.86
C SER E 3041 -23.65 80.57 -123.35
N LEU E 3042 -23.08 79.75 -122.45
CA LEU E 3042 -23.86 78.67 -121.85
C LEU E 3042 -25.02 79.23 -121.03
N PHE E 3043 -24.75 80.28 -120.26
CA PHE E 3043 -25.81 80.90 -119.47
C PHE E 3043 -26.88 81.49 -120.36
N CYS E 3044 -26.48 82.20 -121.41
CA CYS E 3044 -27.45 82.84 -122.30
C CYS E 3044 -28.29 81.80 -123.03
N LYS E 3045 -27.66 80.74 -123.52
CA LYS E 3045 -28.40 79.70 -124.23
C LYS E 3045 -29.36 78.98 -123.29
N LEU E 3046 -28.93 78.70 -122.05
CA LEU E 3046 -29.83 78.04 -121.11
C LEU E 3046 -31.02 78.94 -120.76
N ALA E 3047 -30.77 80.24 -120.58
CA ALA E 3047 -31.86 81.15 -120.27
C ALA E 3047 -32.86 81.21 -121.42
N ALA E 3048 -32.37 81.28 -122.66
CA ALA E 3048 -33.30 81.28 -123.78
C ALA E 3048 -34.00 79.93 -123.90
N LEU E 3049 -33.35 78.85 -123.46
CA LEU E 3049 -33.97 77.54 -123.49
C LEU E 3049 -35.18 77.50 -122.56
N VAL E 3050 -35.03 78.08 -121.36
CA VAL E 3050 -36.08 78.03 -120.36
C VAL E 3050 -37.08 79.17 -120.50
N ARG E 3051 -36.84 80.13 -121.38
CA ARG E 3051 -37.77 81.25 -121.51
C ARG E 3051 -39.14 80.75 -121.97
N HIS E 3052 -40.14 80.92 -121.11
CA HIS E 3052 -41.54 80.62 -121.40
C HIS E 3052 -41.81 79.14 -121.68
N ARG E 3053 -40.98 78.24 -121.15
CA ARG E 3053 -41.20 76.81 -121.32
C ARG E 3053 -40.98 76.06 -120.02
N VAL E 3054 -41.34 76.70 -118.89
CA VAL E 3054 -41.13 76.09 -117.59
C VAL E 3054 -41.99 74.84 -117.42
N SER E 3055 -43.22 74.86 -117.94
CA SER E 3055 -44.13 73.75 -117.72
C SER E 3055 -43.66 72.48 -118.41
N LEU E 3056 -43.03 72.60 -119.58
CA LEU E 3056 -42.62 71.42 -120.33
C LEU E 3056 -41.53 70.62 -119.64
N PHE E 3057 -40.81 71.23 -118.69
CA PHE E 3057 -39.77 70.50 -117.95
C PHE E 3057 -40.32 69.73 -116.76
N GLY E 3058 -41.58 69.93 -116.39
CA GLY E 3058 -42.11 69.18 -115.28
C GLY E 3058 -41.37 69.43 -113.99
N THR E 3059 -40.96 68.34 -113.34
CA THR E 3059 -40.22 68.39 -112.08
C THR E 3059 -38.75 68.78 -112.23
N ASP E 3060 -38.23 68.90 -113.46
CA ASP E 3060 -36.85 69.30 -113.66
C ASP E 3060 -36.65 70.81 -113.62
N ALA E 3061 -37.73 71.59 -113.58
CA ALA E 3061 -37.59 73.04 -113.52
C ALA E 3061 -36.82 73.52 -112.30
N PRO E 3062 -37.03 73.01 -111.09
CA PRO E 3062 -36.18 73.44 -109.97
C PRO E 3062 -34.70 73.15 -110.20
N ALA E 3063 -34.37 72.05 -110.88
CA ALA E 3063 -32.98 71.79 -111.19
C ALA E 3063 -32.44 72.80 -112.17
N VAL E 3064 -33.27 73.17 -113.15
CA VAL E 3064 -32.83 74.12 -114.17
C VAL E 3064 -32.57 75.48 -113.53
N VAL E 3065 -33.49 75.93 -112.67
CA VAL E 3065 -33.34 77.24 -112.06
C VAL E 3065 -32.15 77.23 -111.10
N ASN E 3066 -31.90 76.12 -110.40
CA ASN E 3066 -30.74 76.07 -109.54
C ASN E 3066 -29.45 76.18 -110.35
N CYS E 3067 -29.41 75.53 -111.53
CA CYS E 3067 -28.26 75.68 -112.41
C CYS E 3067 -28.12 77.12 -112.88
N LEU E 3068 -29.24 77.78 -113.16
CA LEU E 3068 -29.19 79.18 -113.58
C LEU E 3068 -28.64 80.05 -112.46
N HIS E 3069 -29.03 79.73 -111.23
CA HIS E 3069 -28.56 80.48 -110.04
C HIS E 3069 -27.05 80.31 -109.93
N ILE E 3070 -26.49 79.10 -110.15
CA ILE E 3070 -25.06 78.88 -109.99
C ILE E 3070 -24.28 79.54 -111.13
N LEU E 3071 -24.81 79.45 -112.36
CA LEU E 3071 -24.13 80.13 -113.46
C LEU E 3071 -24.12 81.64 -113.24
N ALA E 3072 -25.20 82.20 -112.71
CA ALA E 3072 -25.22 83.62 -112.44
C ALA E 3072 -24.16 83.97 -111.40
N ARG E 3073 -24.03 83.12 -110.37
CA ARG E 3073 -23.02 83.39 -109.35
C ARG E 3073 -21.61 83.14 -109.89
N SER E 3074 -21.49 82.55 -111.07
CA SER E 3074 -20.18 82.25 -111.67
C SER E 3074 -19.98 82.99 -112.99
N LEU E 3075 -20.71 84.08 -113.21
CA LEU E 3075 -20.55 84.91 -114.40
C LEU E 3075 -19.61 86.07 -114.11
N ASP E 3076 -18.45 86.09 -114.77
CA ASP E 3076 -17.51 87.22 -114.70
C ASP E 3076 -17.72 88.14 -115.90
N ALA E 3077 -18.80 88.94 -115.80
CA ALA E 3077 -19.26 89.75 -116.93
C ALA E 3077 -18.43 90.99 -117.21
N ARG E 3078 -17.59 91.44 -116.26
CA ARG E 3078 -16.78 92.63 -116.52
C ARG E 3078 -15.80 92.40 -117.68
N THR E 3079 -15.06 91.29 -117.65
CA THR E 3079 -14.09 91.05 -118.72
C THR E 3079 -14.82 90.78 -120.03
N VAL E 3080 -15.94 90.07 -119.98
CA VAL E 3080 -16.65 89.73 -121.19
C VAL E 3080 -17.17 90.99 -121.86
N MET E 3081 -17.73 91.91 -121.08
CA MET E 3081 -18.30 93.11 -121.65
C MET E 3081 -17.22 94.08 -122.09
N LYS E 3082 -16.05 94.08 -121.44
CA LYS E 3082 -15.00 94.99 -121.86
C LYS E 3082 -14.30 94.48 -123.11
N SER E 3083 -13.72 93.29 -123.04
CA SER E 3083 -13.03 92.66 -124.16
C SER E 3083 -13.67 91.29 -124.38
N GLY E 3084 -14.71 91.25 -125.21
CA GLY E 3084 -15.40 90.02 -125.48
C GLY E 3084 -16.11 90.04 -126.83
N PRO E 3085 -16.52 88.86 -127.30
CA PRO E 3085 -17.16 88.79 -128.62
C PRO E 3085 -18.50 89.52 -128.69
N GLU E 3086 -18.76 90.04 -129.89
CA GLU E 3086 -19.99 90.76 -130.15
C GLU E 3086 -21.21 89.86 -130.00
N ILE E 3087 -21.11 88.61 -130.43
CA ILE E 3087 -22.25 87.71 -130.35
C ILE E 3087 -22.65 87.47 -128.90
N VAL E 3088 -21.67 87.22 -128.03
CA VAL E 3088 -21.98 86.99 -126.63
C VAL E 3088 -22.54 88.25 -125.98
N LYS E 3089 -21.94 89.41 -126.27
CA LYS E 3089 -22.47 90.63 -125.67
C LYS E 3089 -23.89 90.91 -126.15
N ALA E 3090 -24.15 90.69 -127.44
CA ALA E 3090 -25.50 90.91 -127.95
C ALA E 3090 -26.48 89.92 -127.32
N GLY E 3091 -26.01 88.71 -127.01
CA GLY E 3091 -26.86 87.75 -126.34
C GLY E 3091 -27.25 88.20 -124.95
N LEU E 3092 -26.28 88.73 -124.20
CA LEU E 3092 -26.57 89.23 -122.86
C LEU E 3092 -27.49 90.44 -122.91
N ARG E 3093 -27.28 91.34 -123.89
CA ARG E 3093 -28.18 92.47 -124.03
C ARG E 3093 -29.59 92.00 -124.36
N SER E 3094 -29.71 90.99 -125.23
CA SER E 3094 -31.03 90.49 -125.57
C SER E 3094 -31.67 89.84 -124.36
N PHE E 3095 -30.86 89.26 -123.47
CA PHE E 3095 -31.40 88.66 -122.26
C PHE E 3095 -32.03 89.73 -121.37
N PHE E 3096 -31.31 90.83 -121.16
CA PHE E 3096 -31.85 91.91 -120.35
C PHE E 3096 -33.08 92.53 -121.01
N GLU E 3097 -33.04 92.72 -122.32
CA GLU E 3097 -34.19 93.29 -123.02
C GLU E 3097 -35.42 92.39 -122.90
N SER E 3098 -35.23 91.08 -123.05
CA SER E 3098 -36.37 90.16 -122.90
C SER E 3098 -36.88 90.18 -121.48
N ALA E 3099 -36.00 90.27 -120.48
CA ALA E 3099 -36.47 90.31 -119.10
C ALA E 3099 -37.30 91.57 -118.88
N SER E 3100 -36.85 92.71 -119.42
CA SER E 3100 -37.59 93.95 -119.27
C SER E 3100 -38.96 93.84 -119.92
N GLU E 3101 -39.01 93.26 -121.13
CA GLU E 3101 -40.29 93.13 -121.82
C GLU E 3101 -41.23 92.22 -121.05
N ASP E 3102 -40.71 91.13 -120.50
CA ASP E 3102 -41.55 90.21 -119.74
C ASP E 3102 -42.10 90.87 -118.48
N ILE E 3103 -41.27 91.67 -117.80
CA ILE E 3103 -41.75 92.34 -116.60
C ILE E 3103 -42.80 93.39 -116.97
N GLU E 3104 -42.60 94.10 -118.08
CA GLU E 3104 -43.59 95.07 -118.52
C GLU E 3104 -44.91 94.40 -118.85
N LYS E 3105 -44.85 93.24 -119.51
CA LYS E 3105 -46.07 92.49 -119.78
C LYS E 3105 -46.72 91.98 -118.51
N MET E 3106 -45.92 91.61 -117.50
CA MET E 3106 -46.53 91.15 -116.26
C MET E 3106 -47.27 92.28 -115.59
N VAL E 3107 -46.65 93.45 -115.48
CA VAL E 3107 -47.30 94.53 -114.75
C VAL E 3107 -48.51 95.04 -115.52
N GLU E 3108 -48.42 95.09 -116.85
CA GLU E 3108 -49.57 95.54 -117.63
C GLU E 3108 -50.72 94.53 -117.62
N ASN E 3109 -50.42 93.24 -117.45
CA ASN E 3109 -51.47 92.25 -117.26
C ASN E 3109 -52.07 92.25 -115.86
N LEU E 3110 -51.24 92.47 -114.84
CA LEU E 3110 -51.76 92.63 -113.47
C LEU E 3110 -52.61 93.88 -113.29
N ARG E 3111 -52.30 94.97 -113.97
CA ARG E 3111 -53.15 96.16 -113.86
C ARG E 3111 -54.44 95.94 -114.66
N LEU E 3112 -55.25 95.02 -114.13
CA LEU E 3112 -56.50 94.64 -114.77
C LEU E 3112 -57.43 95.84 -114.94
N VAL E 3125 -51.56 83.59 -120.36
CA VAL E 3125 -51.37 84.46 -119.20
C VAL E 3125 -50.77 83.67 -118.05
N GLY E 3126 -51.31 82.47 -117.83
CA GLY E 3126 -50.81 81.61 -116.79
C GLY E 3126 -49.38 81.14 -117.03
N GLN E 3127 -49.05 80.80 -118.28
CA GLN E 3127 -47.70 80.35 -118.56
C GLN E 3127 -46.69 81.47 -118.32
N ASN E 3128 -47.05 82.67 -118.79
CA ASN E 3128 -46.17 83.84 -118.61
C ASN E 3128 -46.00 84.01 -117.12
N LEU E 3129 -47.07 84.06 -116.33
CA LEU E 3129 -47.02 84.39 -114.92
C LEU E 3129 -46.20 83.37 -114.14
N THR E 3130 -46.40 82.08 -114.42
CA THR E 3130 -45.66 81.08 -113.69
C THR E 3130 -44.21 81.03 -114.12
N TYR E 3131 -43.93 81.40 -115.37
CA TYR E 3131 -42.54 81.44 -115.81
C TYR E 3131 -41.80 82.58 -115.14
N THR E 3132 -42.45 83.74 -115.04
CA THR E 3132 -41.75 84.87 -114.48
C THR E 3132 -41.54 84.69 -112.99
N THR E 3133 -42.59 84.22 -112.30
CA THR E 3133 -42.56 84.11 -110.85
C THR E 3133 -41.75 82.92 -110.37
N VAL E 3134 -41.46 81.94 -111.23
CA VAL E 3134 -40.73 80.77 -110.78
C VAL E 3134 -39.29 80.82 -111.26
N ALA E 3135 -39.02 81.48 -112.39
CA ALA E 3135 -37.67 81.54 -112.93
C ALA E 3135 -37.09 82.94 -112.92
N LEU E 3136 -37.77 83.91 -113.51
CA LEU E 3136 -37.12 85.16 -113.90
C LEU E 3136 -36.72 85.98 -112.68
N LEU E 3137 -37.64 86.20 -111.76
CA LEU E 3137 -37.35 87.05 -110.62
C LEU E 3137 -36.23 86.54 -109.73
N PRO E 3138 -36.22 85.28 -109.30
CA PRO E 3138 -35.08 84.82 -108.49
C PRO E 3138 -33.73 84.88 -109.18
N VAL E 3139 -33.68 84.57 -110.48
CA VAL E 3139 -32.40 84.60 -111.19
C VAL E 3139 -31.94 86.04 -111.37
N LEU E 3140 -32.85 86.93 -111.75
CA LEU E 3140 -32.48 88.33 -111.93
C LEU E 3140 -32.04 88.94 -110.60
N THR E 3141 -32.71 88.56 -109.51
CA THR E 3141 -32.31 89.02 -108.19
C THR E 3141 -30.91 88.54 -107.84
N THR E 3142 -30.62 87.26 -108.12
CA THR E 3142 -29.29 86.74 -107.81
C THR E 3142 -28.23 87.43 -108.65
N LEU E 3143 -28.52 87.67 -109.93
CA LEU E 3143 -27.55 88.31 -110.80
C LEU E 3143 -27.27 89.73 -110.35
N PHE E 3144 -28.31 90.48 -109.98
CA PHE E 3144 -28.11 91.84 -109.50
C PHE E 3144 -27.33 91.84 -108.19
N GLN E 3145 -27.63 90.91 -107.29
CA GLN E 3145 -26.86 90.83 -106.05
C GLN E 3145 -25.40 90.51 -106.31
N HIS E 3146 -25.12 89.61 -107.26
CA HIS E 3146 -23.74 89.29 -107.61
C HIS E 3146 -23.02 90.51 -108.19
N ILE E 3147 -23.71 91.27 -109.05
CA ILE E 3147 -23.11 92.45 -109.63
C ILE E 3147 -22.81 93.47 -108.54
N ALA E 3148 -23.75 93.66 -107.62
CA ALA E 3148 -23.53 94.65 -106.57
C ALA E 3148 -22.37 94.24 -105.69
N GLN E 3149 -22.30 92.94 -105.36
CA GLN E 3149 -21.25 92.46 -104.48
C GLN E 3149 -19.88 92.61 -105.11
N HIS E 3150 -19.77 92.35 -106.42
CA HIS E 3150 -18.48 92.39 -107.10
C HIS E 3150 -18.21 93.74 -107.78
N GLN E 3151 -19.08 94.73 -107.58
CA GLN E 3151 -18.84 96.09 -108.06
C GLN E 3151 -18.61 96.13 -109.57
N PHE E 3152 -19.36 95.31 -110.31
CA PHE E 3152 -19.30 95.30 -111.76
C PHE E 3152 -20.27 96.29 -112.40
N GLY E 3153 -21.02 97.04 -111.59
CA GLY E 3153 -22.06 97.89 -112.13
C GLY E 3153 -21.54 98.98 -113.05
N ASP E 3154 -20.40 99.59 -112.69
CA ASP E 3154 -19.86 100.67 -113.49
C ASP E 3154 -19.26 100.19 -114.82
N ASP E 3155 -19.15 98.88 -115.03
CA ASP E 3155 -18.56 98.35 -116.25
C ASP E 3155 -19.54 97.58 -117.12
N VAL E 3156 -20.60 97.03 -116.54
CA VAL E 3156 -21.56 96.19 -117.26
C VAL E 3156 -22.79 96.97 -117.67
N ILE E 3157 -23.39 97.72 -116.74
CA ILE E 3157 -24.69 98.34 -116.98
C ILE E 3157 -24.43 99.67 -117.67
N LEU E 3158 -24.24 99.67 -119.01
CA LEU E 3158 -23.79 100.89 -119.74
C LEU E 3158 -24.78 101.43 -120.78
N ASP E 3159 -25.05 100.74 -121.89
CA ASP E 3159 -25.86 101.31 -123.01
C ASP E 3159 -27.26 100.70 -123.07
N ASP E 3160 -27.44 99.55 -123.74
CA ASP E 3160 -28.78 98.95 -123.95
C ASP E 3160 -29.30 98.41 -122.62
N VAL E 3161 -28.42 98.12 -121.66
CA VAL E 3161 -28.81 97.47 -120.38
C VAL E 3161 -29.12 98.54 -119.33
N GLN E 3162 -28.76 99.80 -119.56
CA GLN E 3162 -29.11 100.92 -118.63
C GLN E 3162 -30.53 101.39 -118.97
N VAL E 3163 -30.94 101.38 -120.24
CA VAL E 3163 -32.30 101.70 -120.64
C VAL E 3163 -33.28 100.59 -120.21
N SER E 3164 -32.87 99.34 -120.37
CA SER E 3164 -33.72 98.23 -119.93
C SER E 3164 -33.91 98.24 -118.43
N CYS E 3165 -32.86 98.51 -117.66
CA CYS E 3165 -33.03 98.55 -116.21
C CYS E 3165 -33.87 99.75 -115.79
N TYR E 3166 -33.76 100.87 -116.51
CA TYR E 3166 -34.60 102.01 -116.21
C TYR E 3166 -36.07 101.66 -116.42
N ARG E 3167 -36.38 101.00 -117.54
CA ARG E 3167 -37.75 100.62 -117.83
C ARG E 3167 -38.28 99.59 -116.82
N THR E 3168 -37.44 98.64 -116.42
CA THR E 3168 -37.82 97.70 -115.38
C THR E 3168 -38.10 98.37 -114.04
N LEU E 3169 -37.25 99.32 -113.64
CA LEU E 3169 -37.51 100.07 -112.41
C LEU E 3169 -38.79 100.89 -112.53
N CYS E 3170 -39.02 101.50 -113.69
CA CYS E 3170 -40.25 102.25 -113.92
C CYS E 3170 -41.44 101.34 -113.72
N SER E 3171 -41.40 100.14 -114.30
CA SER E 3171 -42.58 99.32 -114.32
C SER E 3171 -42.82 98.76 -112.92
N ILE E 3172 -41.74 98.36 -112.25
CA ILE E 3172 -41.90 97.76 -110.93
C ILE E 3172 -42.50 98.79 -109.98
N TYR E 3173 -41.99 100.04 -110.04
CA TYR E 3173 -42.53 101.07 -109.18
C TYR E 3173 -43.95 101.48 -109.58
N SER E 3174 -44.36 101.21 -110.82
CA SER E 3174 -45.69 101.60 -111.25
C SER E 3174 -46.79 100.77 -110.61
N LEU E 3175 -46.44 99.84 -109.72
CA LEU E 3175 -47.40 99.00 -109.01
C LEU E 3175 -47.98 99.67 -107.77
N GLY E 3176 -47.56 100.87 -107.43
CA GLY E 3176 -48.03 101.49 -106.20
C GLY E 3176 -49.53 101.72 -106.17
N THR E 3177 -50.13 102.03 -107.32
CA THR E 3177 -51.56 102.34 -107.41
C THR E 3177 -52.40 101.11 -107.73
N THR E 3178 -51.93 99.91 -107.41
CA THR E 3178 -52.64 98.67 -107.68
C THR E 3178 -52.85 97.89 -106.40
N LYS E 3179 -54.06 97.38 -106.21
CA LYS E 3179 -54.44 96.65 -104.99
C LYS E 3179 -55.13 95.35 -105.38
N ASN E 3180 -54.44 94.23 -105.20
CA ASN E 3180 -55.01 92.92 -105.48
C ASN E 3180 -54.40 91.91 -104.51
N THR E 3181 -54.99 90.71 -104.48
CA THR E 3181 -54.49 89.66 -103.61
C THR E 3181 -53.16 89.13 -104.11
N TYR E 3182 -53.04 88.98 -105.44
CA TYR E 3182 -51.77 88.53 -105.99
C TYR E 3182 -50.69 89.55 -105.69
N VAL E 3183 -51.02 90.84 -105.81
CA VAL E 3183 -50.03 91.87 -105.52
C VAL E 3183 -49.67 91.82 -104.04
N GLU E 3184 -50.66 91.51 -103.20
CA GLU E 3184 -50.40 91.48 -101.76
C GLU E 3184 -49.38 90.41 -101.44
N LYS E 3185 -49.51 89.24 -102.06
CA LYS E 3185 -48.57 88.16 -101.79
C LYS E 3185 -47.28 88.30 -102.59
N LEU E 3186 -47.26 89.13 -103.62
CA LEU E 3186 -46.10 89.31 -104.48
C LEU E 3186 -45.24 90.52 -104.13
N ARG E 3187 -45.66 91.35 -103.18
CA ARG E 3187 -44.84 92.51 -102.81
C ARG E 3187 -43.46 92.19 -102.28
N PRO E 3188 -43.26 91.23 -101.38
CA PRO E 3188 -41.88 90.94 -100.91
C PRO E 3188 -40.89 90.57 -102.00
N ALA E 3189 -41.31 89.81 -103.01
CA ALA E 3189 -40.39 89.44 -104.08
C ALA E 3189 -40.05 90.65 -104.96
N LEU E 3190 -41.05 91.44 -105.31
CA LEU E 3190 -40.80 92.61 -106.13
C LEU E 3190 -39.91 93.58 -105.38
N GLY E 3191 -40.17 93.77 -104.08
CA GLY E 3191 -39.37 94.68 -103.29
C GLY E 3191 -37.92 94.24 -103.19
N GLU E 3192 -37.70 92.93 -103.00
CA GLU E 3192 -36.33 92.44 -102.93
C GLU E 3192 -35.61 92.61 -104.26
N CYS E 3193 -36.31 92.37 -105.37
CA CYS E 3193 -35.70 92.56 -106.67
C CYS E 3193 -35.36 94.02 -106.90
N LEU E 3194 -36.25 94.92 -106.49
CA LEU E 3194 -35.99 96.35 -106.68
C LEU E 3194 -34.82 96.80 -105.82
N ALA E 3195 -34.72 96.26 -104.61
CA ALA E 3195 -33.61 96.62 -103.74
C ALA E 3195 -32.28 96.18 -104.35
N ARG E 3196 -32.23 94.97 -104.90
CA ARG E 3196 -30.98 94.53 -105.52
C ARG E 3196 -30.69 95.35 -106.77
N LEU E 3197 -31.72 95.74 -107.51
CA LEU E 3197 -31.49 96.57 -108.68
C LEU E 3197 -30.93 97.92 -108.26
N ALA E 3198 -31.44 98.48 -107.18
CA ALA E 3198 -30.95 99.76 -106.68
C ALA E 3198 -29.49 99.61 -106.25
N ALA E 3199 -29.15 98.49 -105.64
CA ALA E 3199 -27.77 98.25 -105.22
C ALA E 3199 -26.84 98.13 -106.41
N ALA E 3200 -27.31 97.59 -107.53
CA ALA E 3200 -26.45 97.39 -108.68
C ALA E 3200 -26.51 98.53 -109.71
N MET E 3201 -27.44 99.46 -109.56
CA MET E 3201 -27.57 100.54 -110.54
C MET E 3201 -26.45 101.56 -110.37
N PRO E 3202 -25.68 101.87 -111.41
CA PRO E 3202 -24.55 102.80 -111.26
C PRO E 3202 -24.91 104.28 -111.38
N VAL E 3203 -26.17 104.63 -111.63
CA VAL E 3203 -26.57 106.02 -111.78
C VAL E 3203 -27.54 106.38 -110.67
N ALA E 3204 -27.44 107.61 -110.19
CA ALA E 3204 -28.29 108.13 -109.12
C ALA E 3204 -29.58 108.66 -109.74
N PHE E 3205 -30.50 107.73 -110.02
CA PHE E 3205 -31.76 108.10 -110.67
C PHE E 3205 -32.63 108.98 -109.78
N LEU E 3206 -32.37 109.01 -108.47
CA LEU E 3206 -33.15 109.83 -107.56
C LEU E 3206 -32.67 111.27 -107.48
N GLU E 3207 -31.54 111.60 -108.10
CA GLU E 3207 -30.98 112.96 -108.10
C GLU E 3207 -30.63 113.35 -109.52
N PRO E 3208 -31.63 113.55 -110.38
CA PRO E 3208 -31.34 113.90 -111.78
C PRO E 3208 -30.70 115.25 -111.95
N GLN E 3209 -30.80 116.14 -110.96
CA GLN E 3209 -30.22 117.47 -111.09
C GLN E 3209 -28.70 117.45 -111.12
N LEU E 3210 -28.07 116.39 -110.63
CA LEU E 3210 -26.62 116.26 -110.62
C LEU E 3210 -26.13 115.21 -111.61
N ASN E 3211 -26.96 114.80 -112.56
CA ASN E 3211 -26.55 113.76 -113.50
C ASN E 3211 -25.45 114.22 -114.43
N GLU E 3212 -25.31 115.54 -114.66
CA GLU E 3212 -24.29 116.04 -115.56
C GLU E 3212 -22.87 115.77 -115.07
N TYR E 3213 -22.69 115.41 -113.81
CA TYR E 3213 -21.38 115.12 -113.25
C TYR E 3213 -21.11 113.62 -113.17
N ASN E 3214 -21.96 112.79 -113.76
CA ASN E 3214 -21.79 111.35 -113.76
C ASN E 3214 -21.22 110.92 -115.10
N ALA E 3215 -20.05 110.29 -115.08
CA ALA E 3215 -19.40 109.88 -116.32
C ALA E 3215 -20.07 108.67 -116.94
N CYS E 3216 -20.75 107.85 -116.14
CA CYS E 3216 -21.35 106.62 -116.63
C CYS E 3216 -22.77 106.82 -117.15
N SER E 3217 -23.33 108.01 -117.02
CA SER E 3217 -24.67 108.26 -117.52
C SER E 3217 -24.69 108.18 -119.04
N VAL E 3218 -25.79 107.67 -119.60
CA VAL E 3218 -25.89 107.54 -121.05
C VAL E 3218 -25.95 108.91 -121.72
N TYR E 3219 -26.49 109.91 -121.02
CA TYR E 3219 -26.62 111.25 -121.57
C TYR E 3219 -25.29 112.00 -121.61
N THR E 3220 -24.26 111.46 -120.97
CA THR E 3220 -22.91 112.01 -121.05
C THR E 3220 -21.99 111.14 -121.87
N THR E 3221 -22.13 109.82 -121.79
CA THR E 3221 -21.30 108.93 -122.58
C THR E 3221 -21.65 109.02 -124.06
N LYS E 3222 -22.95 109.17 -124.37
CA LYS E 3222 -23.42 109.21 -125.73
C LYS E 3222 -23.69 110.65 -126.15
N SER E 3223 -23.42 110.95 -127.42
CA SER E 3223 -23.65 112.29 -127.93
C SER E 3223 -25.15 112.53 -128.09
N PRO E 3224 -25.59 113.79 -128.08
CA PRO E 3224 -27.02 114.06 -128.28
C PRO E 3224 -27.55 113.55 -129.61
N ARG E 3225 -26.70 113.44 -130.62
CA ARG E 3225 -27.12 112.90 -131.92
C ARG E 3225 -27.48 111.43 -131.79
N GLU E 3226 -26.61 110.63 -131.18
CA GLU E 3226 -26.79 109.18 -131.26
C GLU E 3226 -27.93 108.68 -130.38
N ARG E 3227 -28.55 109.55 -129.58
CA ARG E 3227 -29.63 109.15 -128.69
C ARG E 3227 -31.01 109.29 -129.32
N ALA E 3228 -31.08 109.64 -130.62
CA ALA E 3228 -32.35 109.85 -131.28
C ALA E 3228 -32.78 108.71 -132.19
N ILE E 3229 -31.85 107.87 -132.63
CA ILE E 3229 -32.23 106.75 -133.48
C ILE E 3229 -33.24 105.85 -132.76
N LEU E 3230 -33.04 105.62 -131.46
CA LEU E 3230 -33.94 104.82 -130.66
C LEU E 3230 -34.76 105.72 -129.74
N GLY E 3231 -35.62 105.09 -128.94
CA GLY E 3231 -36.62 105.76 -128.15
C GLY E 3231 -36.18 106.30 -126.80
N LEU E 3232 -35.51 107.44 -126.77
CA LEU E 3232 -35.23 108.13 -125.52
C LEU E 3232 -35.74 109.55 -125.60
N PRO E 3233 -36.17 110.13 -124.48
CA PRO E 3233 -36.63 111.52 -124.51
C PRO E 3233 -35.46 112.48 -124.63
N ASN E 3234 -35.75 113.68 -125.13
CA ASN E 3234 -34.73 114.71 -125.21
C ASN E 3234 -34.37 115.28 -123.85
N SER E 3235 -35.04 114.85 -122.78
CA SER E 3235 -34.78 115.34 -121.44
C SER E 3235 -34.65 114.17 -120.48
N VAL E 3236 -33.51 114.10 -119.81
CA VAL E 3236 -33.29 113.12 -118.74
C VAL E 3236 -34.18 113.42 -117.55
N GLU E 3237 -34.46 114.70 -117.28
CA GLU E 3237 -35.28 115.06 -116.13
C GLU E 3237 -36.71 114.54 -116.24
N GLU E 3238 -37.20 114.20 -117.43
CA GLU E 3238 -38.58 113.77 -117.57
C GLU E 3238 -38.70 112.25 -117.59
N MET E 3239 -37.57 111.54 -117.61
CA MET E 3239 -37.61 110.10 -117.45
C MET E 3239 -38.00 109.75 -116.02
N CYS E 3240 -38.63 108.59 -115.85
CA CYS E 3240 -39.04 108.10 -114.55
C CYS E 3240 -39.95 109.12 -113.86
N PRO E 3241 -40.99 109.61 -114.55
CA PRO E 3241 -41.77 110.72 -114.00
C PRO E 3241 -42.59 110.35 -112.78
N ASP E 3242 -42.81 109.06 -112.51
CA ASP E 3242 -43.63 108.63 -111.39
C ASP E 3242 -42.83 108.44 -110.11
N ILE E 3243 -41.52 108.65 -110.14
CA ILE E 3243 -40.67 108.51 -108.96
C ILE E 3243 -40.44 109.90 -108.37
N PRO E 3244 -40.89 110.18 -107.15
CA PRO E 3244 -40.53 111.44 -106.51
C PRO E 3244 -39.04 111.49 -106.20
N VAL E 3245 -38.50 112.70 -106.16
CA VAL E 3245 -37.10 112.91 -105.85
C VAL E 3245 -36.84 112.50 -104.41
N LEU E 3246 -35.56 112.37 -104.04
CA LEU E 3246 -35.20 111.86 -102.73
C LEU E 3246 -35.71 112.77 -101.61
N ASP E 3247 -35.59 114.09 -101.79
CA ASP E 3247 -36.05 115.02 -100.77
C ASP E 3247 -37.56 114.92 -100.56
N ARG E 3248 -38.32 114.85 -101.65
CA ARG E 3248 -39.76 114.71 -101.52
C ARG E 3248 -40.12 113.39 -100.86
N LEU E 3249 -39.45 112.30 -101.25
CA LEU E 3249 -39.78 111.00 -100.70
C LEU E 3249 -39.47 110.94 -99.21
N MET E 3250 -38.34 111.52 -98.80
CA MET E 3250 -37.98 111.56 -97.39
C MET E 3250 -38.97 112.41 -96.61
N ALA E 3251 -39.40 113.53 -97.18
CA ALA E 3251 -40.37 114.36 -96.48
C ALA E 3251 -41.68 113.62 -96.30
N ASP E 3252 -42.12 112.89 -97.34
CA ASP E 3252 -43.37 112.15 -97.24
C ASP E 3252 -43.29 111.06 -96.18
N ILE E 3253 -42.17 110.32 -96.16
CA ILE E 3253 -42.02 109.27 -95.17
C ILE E 3253 -41.96 109.85 -93.76
N GLY E 3254 -41.21 110.93 -93.57
CA GLY E 3254 -41.16 111.54 -92.25
C GLY E 3254 -42.51 112.04 -91.78
N GLY E 3255 -43.27 112.68 -92.69
CA GLY E 3255 -44.59 113.15 -92.31
C GLY E 3255 -45.54 112.02 -91.96
N LEU E 3256 -45.51 110.94 -92.74
CA LEU E 3256 -46.37 109.80 -92.42
C LEU E 3256 -45.96 109.16 -91.10
N ALA E 3257 -44.66 109.05 -90.86
CA ALA E 3257 -44.17 108.43 -89.63
C ALA E 3257 -44.59 109.24 -88.42
N GLU E 3258 -44.46 110.57 -88.52
CA GLU E 3258 -44.81 111.47 -87.40
C GLU E 3258 -46.32 111.47 -87.23
N SER E 3259 -47.09 111.34 -88.31
CA SER E 3259 -48.54 111.38 -88.24
C SER E 3259 -49.12 110.09 -87.69
N GLY E 3260 -48.37 108.99 -87.76
CA GLY E 3260 -48.85 107.71 -87.31
C GLY E 3260 -49.75 107.04 -88.33
N ALA E 3261 -49.47 105.77 -88.62
CA ALA E 3261 -50.23 105.02 -89.61
C ALA E 3261 -49.86 103.55 -89.50
N ARG E 3262 -50.85 102.68 -89.62
CA ARG E 3262 -50.65 101.25 -89.47
C ARG E 3262 -50.23 100.60 -90.78
N TYR E 3263 -49.93 99.30 -90.70
CA TYR E 3263 -49.48 98.58 -91.88
C TYR E 3263 -50.56 98.52 -92.94
N THR E 3264 -51.84 98.51 -92.53
CA THR E 3264 -52.88 98.34 -93.53
C THR E 3264 -52.92 99.56 -94.45
N GLU E 3265 -52.63 100.74 -93.90
CA GLU E 3265 -52.65 101.97 -94.67
C GLU E 3265 -51.26 102.32 -95.21
N MET E 3266 -50.23 101.55 -94.86
CA MET E 3266 -48.88 101.76 -95.37
C MET E 3266 -48.22 100.45 -95.78
N PRO E 3267 -48.83 99.68 -96.68
CA PRO E 3267 -48.18 98.44 -97.10
C PRO E 3267 -47.20 98.62 -98.26
N HIS E 3268 -47.48 99.57 -99.15
CA HIS E 3268 -46.58 99.78 -100.28
C HIS E 3268 -45.24 100.36 -99.84
N VAL E 3269 -45.29 101.33 -98.93
CA VAL E 3269 -44.08 102.01 -98.49
C VAL E 3269 -43.16 101.04 -97.75
N ILE E 3270 -43.71 100.25 -96.86
CA ILE E 3270 -42.90 99.36 -96.04
C ILE E 3270 -42.30 98.25 -96.89
N GLU E 3271 -43.08 97.68 -97.79
CA GLU E 3271 -42.60 96.53 -98.55
C GLU E 3271 -41.72 96.92 -99.72
N ILE E 3272 -41.78 98.18 -100.18
CA ILE E 3272 -41.03 98.55 -101.39
C ILE E 3272 -40.08 99.72 -101.14
N THR E 3273 -40.62 100.84 -100.65
CA THR E 3273 -39.88 102.09 -100.64
C THR E 3273 -38.72 102.06 -99.64
N LEU E 3274 -38.96 101.57 -98.44
CA LEU E 3274 -37.91 101.54 -97.43
C LEU E 3274 -36.69 100.71 -97.84
N PRO E 3275 -36.84 99.48 -98.34
CA PRO E 3275 -35.64 98.75 -98.80
C PRO E 3275 -34.91 99.45 -99.92
N MET E 3276 -35.63 100.18 -100.77
CA MET E 3276 -34.98 100.92 -101.84
C MET E 3276 -34.06 101.98 -101.28
N LEU E 3277 -34.53 102.76 -100.32
CA LEU E 3277 -33.66 103.79 -99.76
C LEU E 3277 -32.56 103.18 -98.91
N CYS E 3278 -32.88 102.08 -98.21
CA CYS E 3278 -31.92 101.37 -97.37
C CYS E 3278 -30.79 100.77 -98.18
N SER E 3279 -30.96 100.66 -99.48
CA SER E 3279 -29.88 100.18 -100.34
C SER E 3279 -29.29 101.27 -101.22
N TYR E 3280 -30.08 102.29 -101.55
CA TYR E 3280 -29.60 103.40 -102.37
C TYR E 3280 -28.63 104.28 -101.60
N LEU E 3281 -28.99 104.66 -100.37
CA LEU E 3281 -28.16 105.58 -99.60
C LEU E 3281 -26.77 105.04 -99.30
N PRO E 3282 -26.59 103.81 -98.82
CA PRO E 3282 -25.23 103.33 -98.54
C PRO E 3282 -24.32 103.31 -99.76
N ARG E 3283 -24.87 103.05 -100.95
CA ARG E 3283 -24.02 103.00 -102.14
C ARG E 3283 -23.46 104.37 -102.47
N TRP E 3284 -24.29 105.41 -102.40
CA TRP E 3284 -23.88 106.75 -102.81
C TRP E 3284 -23.29 107.58 -101.68
N TRP E 3285 -23.32 107.08 -100.43
CA TRP E 3285 -22.61 107.78 -99.38
C TRP E 3285 -21.10 107.67 -99.56
N GLU E 3286 -20.62 106.58 -100.17
CA GLU E 3286 -19.18 106.43 -100.39
C GLU E 3286 -18.70 107.26 -101.56
N ARG E 3287 -19.60 107.81 -102.37
CA ARG E 3287 -19.24 108.70 -103.46
C ARG E 3287 -19.76 110.12 -103.27
N GLY E 3288 -20.40 110.42 -102.15
CA GLY E 3288 -20.86 111.76 -101.88
C GLY E 3288 -19.74 112.64 -101.39
N PRO E 3289 -20.07 113.83 -100.90
CA PRO E 3289 -19.03 114.74 -100.39
C PRO E 3289 -18.32 114.22 -99.16
N GLU E 3290 -19.00 113.47 -98.30
CA GLU E 3290 -18.41 112.98 -97.06
C GLU E 3290 -17.42 111.84 -97.28
N ALA E 3291 -17.25 111.37 -98.51
CA ALA E 3291 -16.29 110.32 -98.77
C ALA E 3291 -14.86 110.84 -98.54
N PRO E 3292 -13.92 109.95 -98.27
CA PRO E 3292 -12.53 110.38 -98.09
C PRO E 3292 -11.89 110.75 -99.42
N PRO E 3293 -11.45 112.00 -99.58
CA PRO E 3293 -10.85 112.41 -100.86
C PRO E 3293 -9.64 111.56 -101.19
N PRO E 3294 -9.43 111.21 -102.47
CA PRO E 3294 -8.22 110.51 -102.87
C PRO E 3294 -7.05 111.45 -103.14
N PRO E 3301 -14.20 117.28 -110.73
CA PRO E 3301 -15.36 116.37 -110.70
C PRO E 3301 -16.19 116.51 -109.44
N PRO E 3302 -17.16 117.41 -109.44
CA PRO E 3302 -18.02 117.57 -108.27
C PRO E 3302 -18.82 116.30 -108.02
N PRO E 3303 -19.12 115.98 -106.76
CA PRO E 3303 -19.92 114.79 -106.48
C PRO E 3303 -21.30 114.88 -107.13
N CYS E 3304 -21.79 113.75 -107.61
CA CYS E 3304 -23.10 113.67 -108.23
C CYS E 3304 -24.21 113.41 -107.24
N THR E 3305 -23.91 113.32 -105.94
CA THR E 3305 -24.91 113.05 -104.92
C THR E 3305 -24.66 113.95 -103.72
N ALA E 3306 -25.71 114.14 -102.91
CA ALA E 3306 -25.64 114.98 -101.73
C ALA E 3306 -26.08 114.23 -100.47
N VAL E 3307 -25.93 112.90 -100.48
CA VAL E 3307 -26.36 112.09 -99.35
C VAL E 3307 -25.31 112.12 -98.25
N THR E 3308 -25.72 112.49 -97.06
CA THR E 3308 -24.85 112.54 -95.88
C THR E 3308 -25.40 111.63 -94.79
N SER E 3309 -24.72 111.62 -93.65
CA SER E 3309 -25.15 110.81 -92.51
C SER E 3309 -26.46 111.30 -91.90
N ASP E 3310 -26.85 112.55 -92.17
CA ASP E 3310 -28.13 113.04 -91.69
C ASP E 3310 -29.28 112.25 -92.29
N HIS E 3311 -29.19 111.96 -93.58
CA HIS E 3311 -30.25 111.22 -94.25
C HIS E 3311 -30.40 109.82 -93.65
N LEU E 3312 -29.27 109.13 -93.43
CA LEU E 3312 -29.32 107.79 -92.85
C LEU E 3312 -29.84 107.82 -91.42
N ASN E 3313 -29.43 108.80 -90.62
CA ASN E 3313 -29.94 108.89 -89.25
C ASN E 3313 -31.43 109.16 -89.24
N SER E 3314 -31.90 110.05 -90.11
CA SER E 3314 -33.33 110.35 -90.17
C SER E 3314 -34.10 109.12 -90.62
N LEU E 3315 -33.59 108.39 -91.61
CA LEU E 3315 -34.28 107.21 -92.08
C LEU E 3315 -34.35 106.15 -90.99
N LEU E 3316 -33.26 105.97 -90.24
CA LEU E 3316 -33.27 104.96 -89.18
C LEU E 3316 -34.27 105.34 -88.10
N GLY E 3317 -34.33 106.62 -87.74
CA GLY E 3317 -35.30 107.06 -86.75
C GLY E 3317 -36.73 106.86 -87.23
N ASN E 3318 -36.99 107.14 -88.50
CA ASN E 3318 -38.33 106.92 -89.04
C ASN E 3318 -38.67 105.43 -89.05
N ILE E 3319 -37.70 104.58 -89.37
CA ILE E 3319 -37.95 103.14 -89.36
C ILE E 3319 -38.30 102.68 -87.96
N LEU E 3320 -37.56 103.17 -86.97
CA LEU E 3320 -37.85 102.79 -85.59
C LEU E 3320 -39.23 103.26 -85.16
N ARG E 3321 -39.63 104.47 -85.56
CA ARG E 3321 -40.98 104.89 -85.17
C ARG E 3321 -42.04 104.10 -85.92
N ILE E 3322 -41.78 103.70 -87.16
CA ILE E 3322 -42.76 102.88 -87.87
C ILE E 3322 -42.92 101.53 -87.17
N ILE E 3323 -41.80 100.93 -86.78
CA ILE E 3323 -41.87 99.62 -86.13
C ILE E 3323 -42.60 99.74 -84.79
N VAL E 3324 -42.27 100.77 -84.01
CA VAL E 3324 -42.86 100.93 -82.69
C VAL E 3324 -44.33 101.32 -82.75
N ASN E 3325 -44.79 101.89 -83.86
CA ASN E 3325 -46.22 102.17 -84.01
C ASN E 3325 -47.07 100.91 -84.08
N ASN E 3326 -46.53 99.80 -84.58
CA ASN E 3326 -47.27 98.54 -84.66
C ASN E 3326 -46.83 97.49 -83.64
N LEU E 3327 -46.60 97.89 -82.38
CA LEU E 3327 -46.31 96.90 -81.34
C LEU E 3327 -47.46 95.93 -81.14
N GLY E 3328 -48.69 96.43 -81.11
CA GLY E 3328 -49.82 95.66 -80.66
C GLY E 3328 -50.57 94.88 -81.72
N ILE E 3329 -50.06 94.80 -82.95
CA ILE E 3329 -50.76 94.05 -83.98
C ILE E 3329 -50.61 92.56 -83.70
N ASP E 3330 -51.63 91.78 -84.07
CA ASP E 3330 -51.62 90.36 -83.78
C ASP E 3330 -50.64 89.61 -84.67
N GLU E 3331 -50.66 89.91 -85.97
CA GLU E 3331 -49.85 89.21 -86.95
C GLU E 3331 -49.12 90.21 -87.83
N ALA E 3332 -47.79 90.07 -87.92
CA ALA E 3332 -47.00 90.93 -88.81
C ALA E 3332 -45.71 90.17 -89.15
N THR E 3333 -45.67 89.57 -90.33
CA THR E 3333 -44.50 88.83 -90.78
C THR E 3333 -43.48 89.70 -91.50
N TRP E 3334 -43.81 90.97 -91.77
CA TRP E 3334 -42.92 91.89 -92.46
C TRP E 3334 -41.86 92.50 -91.55
N MET E 3335 -42.00 92.36 -90.24
CA MET E 3335 -41.06 92.99 -89.32
C MET E 3335 -39.66 92.42 -89.47
N LYS E 3336 -39.54 91.11 -89.61
CA LYS E 3336 -38.23 90.48 -89.78
C LYS E 3336 -37.58 90.91 -91.09
N ARG E 3337 -38.36 91.03 -92.16
CA ARG E 3337 -37.81 91.49 -93.42
C ARG E 3337 -37.34 92.92 -93.33
N LEU E 3338 -38.11 93.77 -92.63
CA LEU E 3338 -37.66 95.15 -92.52
C LEU E 3338 -36.40 95.23 -91.66
N ALA E 3339 -36.29 94.38 -90.64
CA ALA E 3339 -35.12 94.42 -89.79
C ALA E 3339 -33.88 94.02 -90.58
N VAL E 3340 -34.00 92.96 -91.39
CA VAL E 3340 -32.84 92.50 -92.14
C VAL E 3340 -32.48 93.50 -93.23
N PHE E 3341 -33.47 94.23 -93.76
CA PHE E 3341 -33.13 95.20 -94.78
C PHE E 3341 -32.49 96.43 -94.17
N ALA E 3342 -32.90 96.79 -92.94
CA ALA E 3342 -32.41 97.99 -92.28
C ALA E 3342 -31.09 97.78 -91.57
N GLN E 3343 -30.65 96.53 -91.39
CA GLN E 3343 -29.40 96.31 -90.67
C GLN E 3343 -28.21 97.04 -91.28
N PRO E 3344 -28.00 97.06 -92.60
CA PRO E 3344 -26.78 97.68 -93.14
C PRO E 3344 -26.62 99.15 -92.79
N ILE E 3345 -27.72 99.89 -92.65
CA ILE E 3345 -27.63 101.34 -92.44
C ILE E 3345 -27.41 101.72 -90.99
N VAL E 3346 -27.53 100.78 -90.05
CA VAL E 3346 -27.37 101.13 -88.65
C VAL E 3346 -25.92 101.40 -88.28
N SER E 3347 -24.96 100.98 -89.10
CA SER E 3347 -23.57 101.18 -88.73
C SER E 3347 -23.23 102.67 -88.63
N ARG E 3348 -23.98 103.51 -89.33
CA ARG E 3348 -23.79 104.96 -89.30
C ARG E 3348 -24.87 105.57 -88.42
N ALA E 3349 -24.46 106.19 -87.32
CA ALA E 3349 -25.43 106.77 -86.41
C ALA E 3349 -24.72 107.60 -85.36
N ARG E 3350 -25.34 108.70 -84.97
CA ARG E 3350 -24.79 109.57 -83.96
C ARG E 3350 -25.29 109.16 -82.57
N PRO E 3351 -24.55 109.51 -81.52
CA PRO E 3351 -24.93 109.07 -80.16
C PRO E 3351 -26.27 109.60 -79.67
N GLU E 3352 -26.78 110.68 -80.26
CA GLU E 3352 -28.03 111.26 -79.78
C GLU E 3352 -29.21 110.32 -80.02
N LEU E 3353 -29.09 109.38 -80.95
CA LEU E 3353 -30.19 108.46 -81.22
C LEU E 3353 -30.40 107.49 -80.07
N LEU E 3354 -29.37 107.29 -79.24
CA LEU E 3354 -29.46 106.41 -78.09
C LEU E 3354 -30.50 106.90 -77.11
N HIS E 3355 -30.54 108.20 -76.88
CA HIS E 3355 -31.45 108.82 -75.94
C HIS E 3355 -32.76 109.16 -76.62
N SER E 3356 -32.73 109.58 -77.88
CA SER E 3356 -33.98 110.01 -78.52
C SER E 3356 -34.90 108.83 -78.84
N HIS E 3357 -34.37 107.70 -79.30
CA HIS E 3357 -35.23 106.62 -79.78
C HIS E 3357 -35.13 105.34 -78.98
N PHE E 3358 -33.92 104.83 -78.75
CA PHE E 3358 -33.76 103.48 -78.22
C PHE E 3358 -34.32 103.33 -76.81
N ILE E 3359 -34.05 104.30 -75.92
CA ILE E 3359 -34.49 104.18 -74.54
C ILE E 3359 -36.01 104.11 -74.38
N PRO E 3360 -36.80 104.98 -75.01
CA PRO E 3360 -38.27 104.84 -74.88
C PRO E 3360 -38.80 103.52 -75.40
N THR E 3361 -38.22 102.98 -76.47
CA THR E 3361 -38.75 101.75 -77.04
C THR E 3361 -38.48 100.58 -76.10
N ILE E 3362 -37.26 100.49 -75.60
CA ILE E 3362 -36.94 99.39 -74.69
C ILE E 3362 -37.74 99.54 -73.41
N GLY E 3363 -37.97 100.77 -72.95
CA GLY E 3363 -38.79 100.97 -71.77
C GLY E 3363 -40.22 100.47 -71.96
N ARG E 3364 -40.78 100.72 -73.14
CA ARG E 3364 -42.11 100.19 -73.46
C ARG E 3364 -42.11 98.67 -73.48
N LEU E 3365 -41.08 98.07 -74.05
CA LEU E 3365 -40.99 96.61 -74.04
C LEU E 3365 -40.84 96.07 -72.64
N ARG E 3366 -40.09 96.79 -71.80
CA ARG E 3366 -39.87 96.36 -70.41
C ARG E 3366 -41.18 96.38 -69.64
N LYS E 3367 -41.97 97.43 -69.81
CA LYS E 3367 -43.23 97.49 -69.08
C LYS E 3367 -44.23 96.48 -69.63
N ARG E 3368 -44.20 96.19 -70.93
CA ARG E 3368 -45.04 95.12 -71.45
C ARG E 3368 -44.65 93.77 -70.84
N ALA E 3369 -43.35 93.51 -70.74
CA ALA E 3369 -42.89 92.27 -70.13
C ALA E 3369 -43.30 92.17 -68.66
N GLY E 3370 -43.18 93.28 -67.92
CA GLY E 3370 -43.60 93.24 -66.53
C GLY E 3370 -45.09 93.02 -66.40
N LYS E 3371 -45.88 93.57 -67.31
CA LYS E 3371 -47.32 93.36 -67.26
C LYS E 3371 -47.65 91.91 -67.53
N VAL E 3372 -46.94 91.30 -68.48
CA VAL E 3372 -47.24 89.92 -68.84
C VAL E 3372 -46.84 89.00 -67.71
N VAL E 3373 -45.65 89.18 -67.13
CA VAL E 3373 -45.27 88.29 -66.04
C VAL E 3373 -46.13 88.51 -64.80
N ALA E 3374 -46.64 89.73 -64.59
CA ALA E 3374 -47.60 89.97 -63.52
C ALA E 3374 -48.90 89.22 -63.75
N GLU E 3375 -49.37 89.19 -65.00
CA GLU E 3375 -50.55 88.40 -65.31
C GLU E 3375 -50.28 86.91 -65.14
N GLU E 3376 -49.10 86.45 -65.53
CA GLU E 3376 -48.80 85.03 -65.42
C GLU E 3376 -48.79 84.59 -63.96
N GLU E 3377 -48.16 85.39 -63.09
CA GLU E 3377 -48.17 84.99 -61.69
C GLU E 3377 -49.54 85.16 -61.06
N GLN E 3378 -50.35 86.11 -61.55
CA GLN E 3378 -51.71 86.22 -61.04
C GLN E 3378 -52.49 84.97 -61.41
N LEU E 3379 -52.27 84.45 -62.62
CA LEU E 3379 -52.95 83.24 -63.06
C LEU E 3379 -52.51 82.05 -62.22
N ARG E 3380 -51.21 81.97 -61.95
CA ARG E 3380 -50.65 80.80 -61.28
C ARG E 3380 -50.99 80.77 -59.81
N LEU E 3381 -51.21 81.95 -59.20
CA LEU E 3381 -51.49 81.98 -57.77
C LEU E 3381 -52.86 81.38 -57.45
N GLU E 3382 -53.80 81.44 -58.40
CA GLU E 3382 -55.13 80.86 -58.24
C GLU E 3382 -55.31 79.80 -59.31
N ALA E 3383 -54.86 78.59 -59.03
CA ALA E 3383 -55.01 77.48 -59.97
C ALA E 3383 -56.46 77.01 -60.01
N LYS E 3384 -56.98 76.82 -61.22
CA LYS E 3384 -58.36 76.35 -61.40
C LYS E 3384 -58.49 75.78 -62.81
N ALA E 3385 -59.71 75.38 -63.15
CA ALA E 3385 -59.97 74.80 -64.47
C ALA E 3385 -59.81 75.80 -65.60
N GLU E 3386 -59.84 77.11 -65.30
CA GLU E 3386 -59.61 78.13 -66.31
C GLU E 3386 -58.14 78.30 -66.63
N ALA E 3387 -57.26 77.67 -65.86
CA ALA E 3387 -55.82 77.82 -66.09
C ALA E 3387 -55.42 77.38 -67.48
N GLU E 3388 -56.11 76.42 -68.07
CA GLU E 3388 -55.73 75.94 -69.40
C GLU E 3388 -55.96 76.99 -70.48
N GLU E 3389 -57.07 77.72 -70.43
CA GLU E 3389 -57.23 78.78 -71.40
C GLU E 3389 -56.39 79.98 -71.03
N GLY E 3390 -56.16 80.23 -69.74
CA GLY E 3390 -55.46 81.45 -69.41
C GLY E 3390 -54.00 81.29 -69.72
N GLU E 3391 -53.50 80.06 -69.61
CA GLU E 3391 -52.17 79.70 -70.12
C GLU E 3391 -52.09 79.82 -71.63
N LEU E 3392 -53.14 79.46 -72.38
CA LEU E 3392 -53.03 79.72 -73.81
C LEU E 3392 -53.03 81.23 -74.10
N LEU E 3393 -53.74 82.00 -73.30
CA LEU E 3393 -53.77 83.45 -73.47
C LEU E 3393 -52.38 84.03 -73.24
N VAL E 3394 -51.73 83.58 -72.17
CA VAL E 3394 -50.40 84.06 -71.87
C VAL E 3394 -49.39 83.54 -72.87
N ARG E 3395 -49.62 82.36 -73.44
CA ARG E 3395 -48.76 81.88 -74.52
C ARG E 3395 -48.83 82.78 -75.75
N ASP E 3396 -50.03 83.22 -76.12
CA ASP E 3396 -50.13 84.17 -77.24
C ASP E 3396 -49.44 85.49 -76.90
N GLU E 3397 -49.61 85.97 -75.66
CA GLU E 3397 -48.96 87.22 -75.26
C GLU E 3397 -47.44 87.08 -75.28
N PHE E 3398 -46.91 85.92 -74.88
CA PHE E 3398 -45.47 85.70 -74.96
C PHE E 3398 -45.01 85.62 -76.40
N SER E 3399 -45.81 85.01 -77.27
CA SER E 3399 -45.41 84.90 -78.67
C SER E 3399 -45.29 86.27 -79.31
N VAL E 3400 -46.26 87.15 -79.05
CA VAL E 3400 -46.18 88.49 -79.61
C VAL E 3400 -45.03 89.27 -78.97
N LEU E 3401 -44.77 89.04 -77.68
CA LEU E 3401 -43.64 89.71 -77.04
C LEU E 3401 -42.32 89.29 -77.67
N CYS E 3402 -42.16 87.98 -77.90
CA CYS E 3402 -40.95 87.48 -78.53
C CYS E 3402 -40.80 88.00 -79.95
N ARG E 3403 -41.93 88.19 -80.65
CA ARG E 3403 -41.85 88.78 -81.98
C ARG E 3403 -41.31 90.20 -81.92
N ASP E 3404 -41.78 90.99 -80.96
CA ASP E 3404 -41.27 92.36 -80.85
C ASP E 3404 -39.79 92.37 -80.46
N LEU E 3405 -39.41 91.47 -79.56
CA LEU E 3405 -38.01 91.40 -79.14
C LEU E 3405 -37.12 91.04 -80.32
N TYR E 3406 -37.54 90.07 -81.13
CA TYR E 3406 -36.72 89.69 -82.28
C TYR E 3406 -36.85 90.69 -83.41
N ALA E 3407 -37.77 91.65 -83.30
CA ALA E 3407 -37.86 92.76 -84.24
C ALA E 3407 -37.05 93.97 -83.83
N LEU E 3408 -36.53 93.99 -82.60
CA LEU E 3408 -35.77 95.15 -82.12
C LEU E 3408 -34.34 94.85 -81.69
N TYR E 3409 -34.09 93.70 -81.08
CA TYR E 3409 -32.74 93.36 -80.61
C TYR E 3409 -31.64 93.33 -81.67
N PRO E 3410 -31.83 92.77 -82.86
CA PRO E 3410 -30.74 92.78 -83.85
C PRO E 3410 -30.19 94.15 -84.25
N LEU E 3411 -31.01 95.20 -84.31
CA LEU E 3411 -30.46 96.54 -84.54
C LEU E 3411 -29.69 97.06 -83.32
N LEU E 3412 -30.20 96.79 -82.12
CA LEU E 3412 -29.55 97.26 -80.92
C LEU E 3412 -28.19 96.61 -80.71
N ILE E 3413 -28.07 95.31 -80.99
CA ILE E 3413 -26.80 94.63 -80.77
C ILE E 3413 -25.71 95.25 -81.63
N ARG E 3414 -26.03 95.49 -82.91
CA ARG E 3414 -25.04 96.12 -83.79
C ARG E 3414 -24.71 97.54 -83.34
N TYR E 3415 -25.71 98.30 -82.88
CA TYR E 3415 -25.41 99.65 -82.42
C TYR E 3415 -24.51 99.63 -81.19
N VAL E 3416 -24.76 98.71 -80.26
CA VAL E 3416 -23.91 98.63 -79.08
C VAL E 3416 -22.51 98.24 -79.50
N ASP E 3417 -22.39 97.32 -80.45
CA ASP E 3417 -21.06 96.88 -80.85
C ASP E 3417 -20.28 98.05 -81.44
N ASN E 3418 -20.95 98.89 -82.22
CA ASN E 3418 -20.29 100.02 -82.86
C ASN E 3418 -20.13 101.24 -81.95
N ASN E 3419 -20.71 101.23 -80.74
CA ASN E 3419 -20.62 102.39 -79.86
C ASN E 3419 -20.15 102.10 -78.44
N ARG E 3420 -19.86 100.84 -78.11
CA ARG E 3420 -19.45 100.47 -76.76
C ARG E 3420 -18.08 101.04 -76.37
N ALA E 3421 -17.15 101.16 -77.30
CA ALA E 3421 -15.84 101.69 -76.94
C ALA E 3421 -15.94 103.12 -76.41
N HIS E 3422 -16.78 103.95 -77.02
CA HIS E 3422 -16.97 105.30 -76.52
C HIS E 3422 -17.54 105.28 -75.11
N TRP E 3423 -18.49 104.37 -74.85
CA TRP E 3423 -19.12 104.29 -73.54
C TRP E 3423 -18.12 103.88 -72.47
N LEU E 3424 -17.20 102.98 -72.79
CA LEU E 3424 -16.18 102.58 -71.83
C LEU E 3424 -15.16 103.68 -71.63
N THR E 3425 -14.81 104.40 -72.71
CA THR E 3425 -13.86 105.49 -72.56
C THR E 3425 -14.43 106.60 -71.69
N GLU E 3426 -15.71 106.92 -71.88
CA GLU E 3426 -16.40 107.94 -71.08
C GLU E 3426 -17.69 107.36 -70.54
N PRO E 3427 -17.86 107.25 -69.22
CA PRO E 3427 -19.09 106.65 -68.69
C PRO E 3427 -20.34 107.41 -69.13
N ASN E 3428 -21.42 106.66 -69.37
CA ASN E 3428 -22.67 107.22 -69.87
C ASN E 3428 -23.83 106.78 -68.99
N ALA E 3429 -24.55 107.76 -68.44
CA ALA E 3429 -25.71 107.48 -67.61
C ALA E 3429 -26.80 106.79 -68.41
N ASN E 3430 -27.02 107.22 -69.65
CA ASN E 3430 -28.05 106.59 -70.47
C ASN E 3430 -27.68 105.14 -70.76
N ALA E 3431 -26.40 104.88 -71.01
CA ALA E 3431 -25.98 103.51 -71.25
C ALA E 3431 -26.19 102.65 -70.01
N GLU E 3432 -25.92 103.20 -68.83
CA GLU E 3432 -26.19 102.45 -67.60
C GLU E 3432 -27.68 102.18 -67.44
N GLU E 3433 -28.53 103.14 -67.79
CA GLU E 3433 -29.97 102.91 -67.70
C GLU E 3433 -30.38 101.80 -68.66
N LEU E 3434 -29.81 101.79 -69.87
CA LEU E 3434 -30.12 100.72 -70.80
C LEU E 3434 -29.66 99.39 -70.24
N PHE E 3435 -28.55 99.40 -69.51
CA PHE E 3435 -28.08 98.17 -68.88
C PHE E 3435 -29.07 97.68 -67.85
N ARG E 3436 -29.66 98.60 -67.08
CA ARG E 3436 -30.65 98.20 -66.09
C ARG E 3436 -31.88 97.61 -66.77
N MET E 3437 -32.28 98.20 -67.90
CA MET E 3437 -33.45 97.69 -68.62
C MET E 3437 -33.21 96.29 -69.17
N VAL E 3438 -32.06 96.08 -69.83
CA VAL E 3438 -31.79 94.76 -70.36
C VAL E 3438 -31.55 93.75 -69.24
N GLY E 3439 -31.03 94.18 -68.11
CA GLY E 3439 -30.85 93.25 -67.00
C GLY E 3439 -32.19 92.80 -66.47
N GLU E 3440 -33.14 93.73 -66.31
CA GLU E 3440 -34.45 93.36 -65.80
C GLU E 3440 -35.19 92.49 -66.80
N ILE E 3441 -35.00 92.75 -68.11
CA ILE E 3441 -35.60 91.89 -69.12
C ILE E 3441 -35.03 90.48 -69.03
N PHE E 3442 -33.72 90.36 -68.82
CA PHE E 3442 -33.12 89.03 -68.66
C PHE E 3442 -33.64 88.32 -67.43
N ILE E 3443 -33.79 89.04 -66.32
CA ILE E 3443 -34.31 88.43 -65.10
C ILE E 3443 -35.75 87.95 -65.30
N TYR E 3444 -36.58 88.77 -65.96
CA TYR E 3444 -37.94 88.35 -66.28
C TYR E 3444 -37.95 87.11 -67.17
N TRP E 3445 -37.07 87.08 -68.17
CA TRP E 3445 -37.02 85.93 -69.05
C TRP E 3445 -36.60 84.67 -68.32
N SER E 3446 -35.63 84.79 -67.41
CA SER E 3446 -35.12 83.65 -66.63
C SER E 3446 -36.17 83.22 -65.60
N LYS E 3447 -37.11 84.11 -65.27
CA LYS E 3447 -38.18 83.84 -64.27
C LYS E 3447 -39.30 82.98 -64.87
N SER E 3448 -39.55 83.05 -66.19
CA SER E 3448 -40.71 82.37 -66.83
C SER E 3448 -40.34 81.11 -67.62
N HIS E 3449 -40.91 79.95 -67.28
CA HIS E 3449 -40.73 78.68 -68.05
C HIS E 3449 -41.41 78.83 -69.42
N ASN E 3450 -42.63 79.36 -69.48
CA ASN E 3450 -43.31 79.62 -70.74
C ASN E 3450 -42.51 80.51 -71.67
N PHE E 3451 -41.72 81.45 -71.12
CA PHE E 3451 -40.91 82.41 -71.93
C PHE E 3451 -39.91 81.61 -72.77
N LYS E 3452 -39.28 80.58 -72.20
CA LYS E 3452 -38.35 79.73 -72.94
C LYS E 3452 -39.07 78.90 -73.98
N ARG E 3453 -40.24 78.36 -73.64
CA ARG E 3453 -40.97 77.52 -74.59
C ARG E 3453 -41.40 78.33 -75.79
N GLU E 3454 -41.95 79.52 -75.55
CA GLU E 3454 -42.40 80.36 -76.65
C GLU E 3454 -41.23 80.82 -77.51
N GLU E 3455 -40.09 81.14 -76.89
CA GLU E 3455 -38.92 81.51 -77.66
C GLU E 3455 -38.46 80.36 -78.55
N GLN E 3456 -38.45 79.15 -78.00
CA GLN E 3456 -38.08 77.98 -78.80
C GLN E 3456 -39.06 77.76 -79.94
N ASN E 3457 -40.36 77.92 -79.67
CA ASN E 3457 -41.34 77.77 -80.74
C ASN E 3457 -41.13 78.82 -81.81
N PHE E 3458 -40.85 80.06 -81.42
CA PHE E 3458 -40.68 81.11 -82.42
C PHE E 3458 -39.47 80.82 -83.29
N VAL E 3459 -38.37 80.37 -82.68
CA VAL E 3459 -37.14 80.13 -83.43
C VAL E 3459 -37.34 78.96 -84.38
N VAL E 3460 -37.93 77.87 -83.89
CA VAL E 3460 -38.03 76.68 -84.74
C VAL E 3460 -39.05 76.92 -85.86
N GLN E 3461 -40.15 77.61 -85.55
CA GLN E 3461 -41.18 77.80 -86.56
C GLN E 3461 -40.76 78.83 -87.60
N ASN E 3462 -39.97 79.83 -87.21
CA ASN E 3462 -39.49 80.84 -88.14
C ASN E 3462 -38.10 80.47 -88.64
N GLU E 3463 -37.90 80.58 -89.95
CA GLU E 3463 -36.62 80.27 -90.57
C GLU E 3463 -35.65 81.42 -90.29
N ILE E 3464 -35.26 81.53 -89.02
CA ILE E 3464 -34.35 82.56 -88.56
C ILE E 3464 -33.09 81.88 -88.03
N ASN E 3465 -31.94 82.33 -88.52
CA ASN E 3465 -30.64 81.80 -88.14
C ASN E 3465 -29.76 82.93 -87.65
N ASN E 3466 -29.18 82.76 -86.46
CA ASN E 3466 -28.33 83.78 -85.89
C ASN E 3466 -27.05 83.93 -86.71
N MET E 3467 -26.72 85.16 -87.07
CA MET E 3467 -25.51 85.47 -87.81
C MET E 3467 -24.53 86.33 -87.04
N SER E 3468 -25.03 87.30 -86.27
CA SER E 3468 -24.18 88.14 -85.43
C SER E 3468 -23.55 87.32 -84.32
N GLN E 3506 -29.84 76.63 -78.95
CA GLN E 3506 -28.94 77.69 -79.37
C GLN E 3506 -28.90 78.80 -78.33
N THR E 3507 -28.09 79.81 -78.60
CA THR E 3507 -27.92 80.94 -77.68
C THR E 3507 -28.89 82.06 -78.07
N SER E 3508 -29.80 82.39 -77.17
CA SER E 3508 -30.78 83.42 -77.44
C SER E 3508 -30.13 84.79 -77.57
N LEU E 3509 -30.79 85.66 -78.33
CA LEU E 3509 -30.30 87.02 -78.53
C LEU E 3509 -30.33 87.80 -77.22
N ILE E 3510 -31.23 87.43 -76.30
CA ILE E 3510 -31.33 88.11 -75.01
C ILE E 3510 -30.05 87.90 -74.20
N VAL E 3511 -29.50 86.70 -74.26
CA VAL E 3511 -28.28 86.48 -73.50
C VAL E 3511 -27.05 86.83 -74.31
N ALA E 3512 -27.11 86.79 -75.64
CA ALA E 3512 -25.92 87.21 -76.35
C ALA E 3512 -25.73 88.71 -76.18
N THR E 3513 -26.84 89.47 -76.23
CA THR E 3513 -26.77 90.91 -76.01
C THR E 3513 -26.35 91.21 -74.57
N LEU E 3514 -26.89 90.46 -73.60
CA LEU E 3514 -26.49 90.73 -72.22
C LEU E 3514 -25.01 90.47 -72.02
N LYS E 3515 -24.50 89.34 -72.56
CA LYS E 3515 -23.09 89.02 -72.39
C LYS E 3515 -22.19 90.02 -73.09
N LYS E 3516 -22.66 90.60 -74.19
CA LYS E 3516 -21.91 91.66 -74.87
C LYS E 3516 -21.98 93.01 -74.16
N MET E 3517 -23.07 93.28 -73.44
CA MET E 3517 -23.21 94.50 -72.65
C MET E 3517 -22.75 94.39 -71.19
N LEU E 3518 -22.36 93.21 -70.75
CA LEU E 3518 -21.93 93.03 -69.36
C LEU E 3518 -20.73 93.87 -68.93
N PRO E 3519 -19.68 94.02 -69.72
CA PRO E 3519 -18.55 94.85 -69.27
C PRO E 3519 -18.89 96.29 -68.91
N ILE E 3520 -19.87 96.93 -69.54
CA ILE E 3520 -20.23 98.28 -69.12
C ILE E 3520 -20.75 98.27 -67.69
N GLY E 3521 -21.59 97.28 -67.37
CA GLY E 3521 -22.10 97.20 -66.01
C GLY E 3521 -21.01 96.90 -65.01
N LEU E 3522 -20.11 95.96 -65.30
CA LEU E 3522 -19.04 95.76 -64.33
C LEU E 3522 -18.14 96.99 -64.23
N ASN E 3523 -18.03 97.76 -65.32
CA ASN E 3523 -17.23 98.98 -65.28
C ASN E 3523 -17.86 100.01 -64.36
N MET E 3524 -19.19 99.95 -64.23
CA MET E 3524 -19.88 100.87 -63.34
C MET E 3524 -19.47 100.62 -61.88
N CYS E 3525 -19.33 99.37 -61.49
CA CYS E 3525 -19.00 99.03 -60.11
C CYS E 3525 -17.53 99.33 -59.82
N ALA E 3526 -17.25 99.84 -58.62
CA ALA E 3526 -15.89 100.12 -58.21
C ALA E 3526 -15.13 98.85 -57.83
N PRO E 3527 -13.80 98.86 -57.92
CA PRO E 3527 -13.03 97.66 -57.57
C PRO E 3527 -13.17 97.21 -56.13
N THR E 3528 -13.46 98.10 -55.20
CA THR E 3528 -13.67 97.72 -53.81
C THR E 3528 -14.95 96.90 -53.60
N ASP E 3529 -15.87 96.89 -54.55
CA ASP E 3529 -17.14 96.19 -54.40
C ASP E 3529 -17.16 94.72 -54.79
N GLN E 3530 -16.05 94.11 -55.22
CA GLN E 3530 -16.12 92.70 -55.61
C GLN E 3530 -16.49 91.79 -54.43
N ASP E 3531 -15.95 92.06 -53.24
CA ASP E 3531 -16.32 91.24 -52.09
C ASP E 3531 -17.81 91.39 -51.78
N LEU E 3532 -18.31 92.62 -51.88
CA LEU E 3532 -19.73 92.83 -51.64
C LEU E 3532 -20.57 92.13 -52.70
N ILE E 3533 -20.10 92.12 -53.95
CA ILE E 3533 -20.84 91.45 -55.01
C ILE E 3533 -20.94 89.97 -54.73
N MET E 3534 -19.83 89.36 -54.33
CA MET E 3534 -19.86 87.93 -54.03
C MET E 3534 -20.78 87.63 -52.85
N LEU E 3535 -20.73 88.48 -51.82
CA LEU E 3535 -21.60 88.30 -50.66
C LEU E 3535 -23.08 88.43 -51.06
N ALA E 3536 -23.38 89.42 -51.90
CA ALA E 3536 -24.76 89.62 -52.32
C ALA E 3536 -25.19 88.45 -53.20
N LYS E 3537 -24.27 87.94 -54.01
CA LYS E 3537 -24.57 86.80 -54.86
C LYS E 3537 -24.90 85.59 -54.00
N THR E 3538 -24.22 85.44 -52.86
CA THR E 3538 -24.58 84.35 -51.95
C THR E 3538 -25.99 84.57 -51.40
N ARG E 3539 -26.34 85.83 -51.13
CA ARG E 3539 -27.71 86.08 -50.66
C ARG E 3539 -28.72 85.71 -51.72
N TYR E 3540 -28.44 86.01 -52.99
CA TYR E 3540 -29.29 85.57 -54.10
C TYR E 3540 -29.29 84.06 -54.29
N ALA E 3541 -28.15 83.40 -54.03
CA ALA E 3541 -28.11 81.94 -54.10
C ALA E 3541 -29.01 81.30 -53.06
N LEU E 3542 -29.23 81.99 -51.95
CA LEU E 3542 -30.36 81.65 -51.11
C LEU E 3542 -31.53 82.53 -51.52
N LYS E 3543 -32.76 82.04 -51.26
CA LYS E 3543 -34.00 82.74 -51.68
C LYS E 3543 -34.21 84.01 -50.84
N ASP E 3544 -34.24 85.17 -51.50
CA ASP E 3544 -34.49 86.44 -50.83
C ASP E 3544 -34.76 87.50 -51.90
N THR E 3545 -35.68 88.41 -51.60
CA THR E 3545 -36.06 89.42 -52.56
C THR E 3545 -35.14 90.65 -52.48
N ASP E 3546 -35.36 91.56 -53.43
CA ASP E 3546 -34.46 92.71 -53.57
C ASP E 3546 -34.57 93.68 -52.39
N GLU E 3547 -35.72 93.74 -51.71
CA GLU E 3547 -35.78 94.63 -50.56
C GLU E 3547 -35.02 94.05 -49.39
N GLU E 3548 -35.12 92.72 -49.20
CA GLU E 3548 -34.43 92.10 -48.09
C GLU E 3548 -32.94 92.22 -48.30
N VAL E 3549 -32.50 92.03 -49.54
CA VAL E 3549 -31.07 92.13 -49.83
C VAL E 3549 -30.61 93.58 -49.70
N ARG E 3550 -31.45 94.54 -50.11
CA ARG E 3550 -31.05 95.93 -50.01
C ARG E 3550 -30.84 96.34 -48.56
N GLU E 3551 -31.78 95.95 -47.69
CA GLU E 3551 -31.62 96.29 -46.28
C GLU E 3551 -30.50 95.50 -45.63
N PHE E 3552 -30.24 94.27 -46.08
CA PHE E 3552 -29.10 93.53 -45.56
C PHE E 3552 -27.78 94.21 -45.91
N LEU E 3553 -27.64 94.71 -47.13
CA LEU E 3553 -26.39 95.42 -47.43
C LEU E 3553 -26.36 96.76 -46.72
N GLN E 3554 -27.52 97.39 -46.51
CA GLN E 3554 -27.53 98.66 -45.80
C GLN E 3554 -27.00 98.47 -44.39
N ASN E 3555 -27.38 97.37 -43.75
CA ASN E 3555 -26.84 97.04 -42.43
C ASN E 3555 -25.46 96.40 -42.50
N ASN E 3556 -25.00 96.00 -43.69
CA ASN E 3556 -23.67 95.35 -43.89
C ASN E 3556 -22.79 96.27 -44.74
N LEU E 3557 -22.93 97.59 -44.63
CA LEU E 3557 -22.14 98.52 -45.43
C LEU E 3557 -20.67 98.60 -45.01
N HIS E 3558 -20.32 98.13 -43.82
CA HIS E 3558 -18.94 98.22 -43.33
C HIS E 3558 -18.04 97.09 -43.78
N LEU E 3559 -18.59 96.13 -44.55
CA LEU E 3559 -17.83 94.95 -45.04
C LEU E 3559 -16.98 95.31 -46.26
N GLN E 3560 -17.18 96.48 -46.87
CA GLN E 3560 -16.49 96.79 -48.12
C GLN E 3560 -14.99 96.65 -47.94
N GLY E 3561 -14.32 96.28 -49.02
CA GLY E 3561 -12.90 96.02 -48.94
C GLY E 3561 -12.10 97.26 -48.57
N LYS E 3562 -10.91 97.02 -48.02
CA LYS E 3562 -10.02 98.08 -47.57
C LYS E 3562 -8.92 98.31 -48.60
N VAL E 3563 -8.47 99.57 -48.70
CA VAL E 3563 -7.46 99.92 -49.69
C VAL E 3563 -6.17 99.15 -49.45
N GLU E 3564 -5.74 99.09 -48.19
CA GLU E 3564 -4.47 98.40 -47.84
C GLU E 3564 -4.69 96.89 -47.91
N GLY E 3565 -3.84 96.18 -48.64
CA GLY E 3565 -3.94 94.72 -48.80
C GLY E 3565 -3.19 94.27 -50.03
N SER E 3566 -3.74 93.32 -50.80
CA SER E 3566 -3.10 92.85 -52.01
C SER E 3566 -2.92 94.01 -52.99
N PRO E 3567 -1.76 94.13 -53.65
CA PRO E 3567 -1.57 95.24 -54.59
C PRO E 3567 -2.48 95.16 -55.81
N SER E 3568 -3.28 94.10 -55.96
CA SER E 3568 -4.16 94.07 -57.11
C SER E 3568 -5.14 95.22 -57.03
N LEU E 3569 -5.71 95.46 -55.84
CA LEU E 3569 -6.63 96.57 -55.78
C LEU E 3569 -5.86 97.88 -55.83
N ARG E 3570 -4.55 97.82 -55.57
CA ARG E 3570 -3.72 99.01 -55.62
C ARG E 3570 -3.67 99.55 -57.03
N TRP E 3571 -3.35 98.69 -57.98
CA TRP E 3571 -3.25 99.15 -59.36
C TRP E 3571 -4.63 99.28 -59.97
N GLN E 3572 -5.60 98.46 -59.54
CA GLN E 3572 -6.93 98.63 -60.08
C GLN E 3572 -7.47 100.00 -59.69
N MET E 3573 -7.27 100.41 -58.44
CA MET E 3573 -7.72 101.72 -57.98
C MET E 3573 -6.97 102.84 -58.70
N ALA E 3574 -5.66 102.65 -58.91
CA ALA E 3574 -4.89 103.66 -59.64
C ALA E 3574 -5.42 103.82 -61.05
N LEU E 3575 -5.76 102.72 -61.71
CA LEU E 3575 -6.33 102.79 -63.04
C LEU E 3575 -7.73 103.39 -63.03
N TYR E 3576 -8.53 103.11 -61.99
CA TYR E 3576 -9.87 103.67 -61.94
C TYR E 3576 -9.83 105.19 -61.84
N ARG E 3577 -8.96 105.74 -60.99
CA ARG E 3577 -8.94 107.19 -60.86
C ARG E 3577 -8.26 107.81 -62.08
N GLY E 3578 -8.71 109.01 -62.43
CA GLY E 3578 -8.24 109.73 -63.60
C GLY E 3578 -9.26 109.83 -64.71
N LEU E 3579 -10.38 109.13 -64.60
CA LEU E 3579 -11.42 109.23 -65.60
C LEU E 3579 -12.10 110.60 -65.53
N PRO E 3580 -12.63 111.09 -66.65
CA PRO E 3580 -13.25 112.42 -66.63
C PRO E 3580 -14.34 112.56 -65.60
N GLY E 3581 -15.13 111.52 -65.38
CA GLY E 3581 -16.26 111.60 -64.48
C GLY E 3581 -15.85 111.50 -63.02
N PRO E 3589 -24.01 105.83 -50.14
CA PRO E 3589 -24.44 104.55 -49.59
C PRO E 3589 -25.62 103.97 -50.37
N GLU E 3590 -26.51 104.86 -50.81
CA GLU E 3590 -27.65 104.41 -51.59
C GLU E 3590 -27.19 104.00 -52.98
N LYS E 3591 -26.28 104.78 -53.58
CA LYS E 3591 -25.80 104.45 -54.90
C LYS E 3591 -25.03 103.15 -54.86
N ILE E 3592 -24.34 102.91 -53.74
CA ILE E 3592 -23.57 101.70 -53.60
C ILE E 3592 -24.50 100.50 -53.52
N VAL E 3593 -25.55 100.61 -52.71
CA VAL E 3593 -26.42 99.44 -52.55
C VAL E 3593 -27.15 99.20 -53.86
N ARG E 3594 -27.45 100.27 -54.61
CA ARG E 3594 -28.12 100.12 -55.89
C ARG E 3594 -27.27 99.36 -56.88
N ARG E 3595 -26.00 99.78 -57.01
CA ARG E 3595 -25.14 99.16 -58.00
C ARG E 3595 -24.78 97.73 -57.62
N VAL E 3596 -24.56 97.48 -56.32
CA VAL E 3596 -24.24 96.13 -55.90
C VAL E 3596 -25.43 95.20 -56.11
N GLN E 3597 -26.64 95.64 -55.76
CA GLN E 3597 -27.80 94.78 -55.96
C GLN E 3597 -28.03 94.47 -57.43
N GLU E 3598 -27.94 95.49 -58.29
CA GLU E 3598 -28.19 95.26 -59.71
C GLU E 3598 -27.14 94.34 -60.32
N VAL E 3599 -25.87 94.57 -60.02
CA VAL E 3599 -24.83 93.74 -60.62
C VAL E 3599 -24.89 92.34 -60.06
N SER E 3600 -25.12 92.20 -58.75
CA SER E 3600 -25.16 90.87 -58.16
C SER E 3600 -26.31 90.06 -58.73
N ALA E 3601 -27.48 90.69 -58.91
CA ALA E 3601 -28.61 90.01 -59.50
C ALA E 3601 -28.33 89.55 -60.93
N VAL E 3602 -27.71 90.41 -61.72
CA VAL E 3602 -27.37 90.02 -63.09
C VAL E 3602 -26.37 88.88 -63.11
N LEU E 3603 -25.32 88.97 -62.28
CA LEU E 3603 -24.30 87.93 -62.25
C LEU E 3603 -24.89 86.61 -61.77
N TYR E 3604 -25.75 86.67 -60.75
CA TYR E 3604 -26.34 85.45 -60.22
C TYR E 3604 -27.18 84.75 -61.27
N HIS E 3605 -28.10 85.47 -61.90
CA HIS E 3605 -28.92 84.78 -62.90
C HIS E 3605 -28.10 84.39 -64.11
N LEU E 3606 -26.98 85.09 -64.37
CA LEU E 3606 -26.17 84.72 -65.50
C LEU E 3606 -25.53 83.37 -65.25
N GLU E 3607 -25.01 83.15 -64.04
CA GLU E 3607 -24.42 81.83 -63.79
C GLU E 3607 -25.48 80.77 -63.54
N GLN E 3608 -26.71 81.16 -63.17
CA GLN E 3608 -27.81 80.20 -63.15
C GLN E 3608 -28.22 79.73 -64.54
N THR E 3609 -27.97 80.51 -65.59
CA THR E 3609 -28.41 80.11 -66.92
C THR E 3609 -27.38 79.26 -67.66
N GLU E 3610 -26.52 78.55 -66.94
CA GLU E 3610 -25.51 77.70 -67.58
C GLU E 3610 -24.77 76.87 -66.53
N MET E 3638 -50.94 39.75 -83.01
CA MET E 3638 -51.70 38.58 -82.50
C MET E 3638 -52.94 38.37 -83.38
N THR E 3639 -52.81 37.62 -84.48
CA THR E 3639 -53.95 37.33 -85.39
C THR E 3639 -55.17 36.95 -84.55
N PRO E 3640 -56.38 37.46 -84.84
CA PRO E 3640 -57.53 37.18 -83.98
C PRO E 3640 -57.94 35.72 -84.01
N LEU E 3641 -58.66 35.31 -82.96
CA LEU E 3641 -59.06 33.93 -82.80
C LEU E 3641 -59.99 33.47 -83.91
N TYR E 3642 -60.85 34.37 -84.41
CA TYR E 3642 -61.83 33.97 -85.40
C TYR E 3642 -61.22 33.69 -86.77
N ASN E 3643 -59.95 34.04 -86.98
CA ASN E 3643 -59.28 33.72 -88.24
C ASN E 3643 -58.57 32.37 -88.20
N LEU E 3644 -58.55 31.70 -87.05
CA LEU E 3644 -57.92 30.40 -86.94
C LEU E 3644 -58.82 29.31 -87.52
N PRO E 3645 -58.24 28.20 -87.98
CA PRO E 3645 -59.06 27.07 -88.43
C PRO E 3645 -59.85 26.46 -87.28
N THR E 3646 -60.99 25.87 -87.64
CA THR E 3646 -61.98 25.46 -86.64
C THR E 3646 -61.47 24.32 -85.76
N HIS E 3647 -60.84 23.31 -86.35
CA HIS E 3647 -60.41 22.16 -85.55
C HIS E 3647 -59.34 22.53 -84.52
N ARG E 3648 -58.40 23.39 -84.92
CA ARG E 3648 -57.38 23.84 -83.99
C ARG E 3648 -57.98 24.67 -82.86
N ALA E 3649 -58.95 25.52 -83.20
CA ALA E 3649 -59.60 26.33 -82.17
C ALA E 3649 -60.38 25.43 -81.22
N CYS E 3650 -60.99 24.36 -81.76
CA CYS E 3650 -61.72 23.43 -80.90
C CYS E 3650 -60.77 22.72 -79.95
N ASN E 3651 -59.58 22.34 -80.44
CA ASN E 3651 -58.61 21.70 -79.56
C ASN E 3651 -58.14 22.64 -78.46
N MET E 3652 -57.93 23.91 -78.80
CA MET E 3652 -57.57 24.87 -77.76
C MET E 3652 -58.73 25.06 -76.79
N PHE E 3653 -59.96 25.04 -77.29
CA PHE E 3653 -61.10 25.17 -76.39
C PHE E 3653 -61.15 24.01 -75.43
N LEU E 3654 -60.91 22.80 -75.92
CA LEU E 3654 -60.96 21.63 -75.04
C LEU E 3654 -59.90 21.70 -73.96
N GLU E 3655 -58.68 22.11 -74.32
CA GLU E 3655 -57.63 22.24 -73.30
C GLU E 3655 -57.98 23.32 -72.28
N SER E 3656 -58.50 24.46 -72.74
CA SER E 3656 -58.87 25.52 -71.80
C SER E 3656 -60.01 25.07 -70.91
N TYR E 3657 -61.00 24.38 -71.47
CA TYR E 3657 -62.15 23.98 -70.68
C TYR E 3657 -61.73 22.99 -69.61
N LYS E 3658 -60.86 22.05 -69.98
CA LYS E 3658 -60.42 21.04 -69.03
C LYS E 3658 -59.57 21.67 -67.95
N ALA E 3659 -58.79 22.69 -68.30
CA ALA E 3659 -57.92 23.32 -67.32
C ALA E 3659 -58.70 24.23 -66.36
N ALA E 3660 -59.75 24.89 -66.83
CA ALA E 3660 -60.44 25.87 -66.03
C ALA E 3660 -61.73 25.38 -65.36
N TRP E 3661 -62.37 24.31 -65.83
CA TRP E 3661 -63.68 23.95 -65.32
C TRP E 3661 -63.77 22.54 -64.74
N ILE E 3662 -63.04 21.58 -65.26
CA ILE E 3662 -63.20 20.19 -64.83
C ILE E 3662 -62.39 19.88 -63.59
N LEU E 3663 -61.10 20.23 -63.59
CA LEU E 3663 -60.27 19.95 -62.43
C LEU E 3663 -60.74 20.74 -61.20
N THR E 3664 -61.20 21.98 -61.41
CA THR E 3664 -61.58 22.82 -60.28
C THR E 3664 -62.79 22.28 -59.54
N GLU E 3665 -63.55 21.38 -60.14
CA GLU E 3665 -64.72 20.82 -59.48
C GLU E 3665 -64.30 19.95 -58.30
N ASP E 3666 -65.05 20.07 -57.20
CA ASP E 3666 -64.78 19.33 -55.97
C ASP E 3666 -65.86 18.26 -55.79
N HIS E 3667 -65.42 17.01 -55.65
CA HIS E 3667 -66.34 15.88 -55.45
C HIS E 3667 -65.75 14.96 -54.38
N SER E 3668 -66.35 14.97 -53.19
CA SER E 3668 -65.89 14.16 -52.06
C SER E 3668 -66.71 12.88 -52.00
N PHE E 3669 -66.06 11.75 -52.32
CA PHE E 3669 -66.71 10.45 -52.27
C PHE E 3669 -65.95 9.41 -51.44
N GLU E 3670 -64.78 9.77 -50.89
CA GLU E 3670 -63.95 8.80 -50.21
C GLU E 3670 -64.63 8.26 -48.96
N ASP E 3671 -65.26 9.13 -48.17
CA ASP E 3671 -65.94 8.68 -46.96
C ASP E 3671 -67.10 7.75 -47.30
N ARG E 3672 -67.87 8.08 -48.33
CA ARG E 3672 -69.00 7.24 -48.69
C ARG E 3672 -68.52 5.89 -49.21
N MET E 3673 -67.42 5.89 -49.97
CA MET E 3673 -66.92 4.64 -50.53
C MET E 3673 -66.38 3.74 -49.42
N ILE E 3674 -65.63 4.32 -48.48
CA ILE E 3674 -65.09 3.51 -47.39
C ILE E 3674 -66.23 2.99 -46.52
N ASP E 3675 -67.25 3.81 -46.28
CA ASP E 3675 -68.39 3.34 -45.50
C ASP E 3675 -69.10 2.19 -46.20
N ASP E 3676 -69.27 2.28 -47.51
CA ASP E 3676 -69.94 1.22 -48.23
C ASP E 3676 -69.12 -0.07 -48.20
N LEU E 3677 -67.80 0.06 -48.33
CA LEU E 3677 -66.94 -1.13 -48.34
C LEU E 3677 -66.73 -1.73 -46.96
N SER E 3678 -67.00 -0.99 -45.90
CA SER E 3678 -66.75 -1.49 -44.55
C SER E 3678 -67.92 -2.22 -43.92
N LYS E 3679 -69.03 -2.39 -44.64
CA LYS E 3679 -70.23 -3.01 -44.09
C LYS E 3679 -70.39 -4.43 -44.63
N ALA E 3680 -70.61 -5.37 -43.73
CA ALA E 3680 -71.02 -6.72 -44.10
C ALA E 3680 -72.54 -6.75 -44.24
N GLY E 3681 -73.11 -7.94 -44.42
CA GLY E 3681 -74.54 -8.03 -44.64
C GLY E 3681 -75.13 -9.42 -44.59
N GLU E 3682 -76.19 -9.57 -43.80
CA GLU E 3682 -77.04 -10.76 -43.78
C GLU E 3682 -76.21 -12.05 -43.90
N GLU E 3692 -65.52 -18.50 -37.69
CA GLU E 3692 -64.50 -17.62 -38.22
C GLU E 3692 -65.15 -16.64 -39.20
N LYS E 3693 -65.05 -15.35 -38.91
CA LYS E 3693 -65.71 -14.34 -39.72
C LYS E 3693 -64.88 -14.05 -40.97
N LYS E 3694 -65.43 -14.38 -42.12
CA LYS E 3694 -64.72 -14.13 -43.37
C LYS E 3694 -64.49 -12.63 -43.54
N PRO E 3695 -63.34 -12.21 -44.06
CA PRO E 3695 -63.04 -10.78 -44.13
C PRO E 3695 -64.01 -10.02 -45.00
N ASP E 3696 -64.28 -8.78 -44.60
CA ASP E 3696 -65.09 -7.87 -45.40
C ASP E 3696 -64.29 -7.35 -46.59
N PRO E 3697 -64.96 -6.76 -47.58
CA PRO E 3697 -64.29 -6.37 -48.82
C PRO E 3697 -63.06 -5.48 -48.65
N LEU E 3698 -63.11 -4.53 -47.71
CA LEU E 3698 -61.93 -3.71 -47.46
C LEU E 3698 -60.78 -4.55 -46.94
N HIS E 3699 -61.08 -5.50 -46.05
CA HIS E 3699 -60.02 -6.36 -45.52
C HIS E 3699 -59.43 -7.20 -46.64
N GLN E 3700 -60.28 -7.71 -47.53
CA GLN E 3700 -59.75 -8.50 -48.64
C GLN E 3700 -58.89 -7.65 -49.56
N LEU E 3701 -59.24 -6.38 -49.73
CA LEU E 3701 -58.43 -5.48 -50.55
C LEU E 3701 -57.05 -5.29 -49.93
N VAL E 3702 -57.03 -5.10 -48.62
CA VAL E 3702 -55.75 -4.90 -47.93
C VAL E 3702 -54.92 -6.18 -48.00
N LEU E 3703 -55.56 -7.33 -47.82
CA LEU E 3703 -54.83 -8.59 -47.90
C LEU E 3703 -54.25 -8.79 -49.29
N HIS E 3704 -54.98 -8.38 -50.32
CA HIS E 3704 -54.50 -8.49 -51.70
C HIS E 3704 -53.26 -7.63 -51.90
N PHE E 3705 -53.30 -6.39 -51.41
CA PHE E 3705 -52.13 -5.54 -51.56
C PHE E 3705 -50.95 -6.02 -50.71
N SER E 3706 -51.22 -6.59 -49.54
CA SER E 3706 -50.12 -7.19 -48.79
C SER E 3706 -49.56 -8.40 -49.51
N ARG E 3707 -50.38 -9.13 -50.25
CA ARG E 3707 -49.89 -10.29 -50.98
C ARG E 3707 -48.95 -9.84 -52.08
N THR E 3708 -49.36 -8.81 -52.83
CA THR E 3708 -48.49 -8.38 -53.92
C THR E 3708 -47.28 -7.63 -53.39
N ALA E 3709 -47.34 -7.13 -52.15
CA ALA E 3709 -46.17 -6.51 -51.56
C ALA E 3709 -45.18 -7.56 -51.08
N LEU E 3710 -45.69 -8.71 -50.61
CA LEU E 3710 -44.82 -9.79 -50.16
C LEU E 3710 -44.35 -10.68 -51.31
N THR E 3711 -44.89 -10.51 -52.51
CA THR E 3711 -44.42 -11.32 -53.63
C THR E 3711 -42.95 -11.05 -53.87
N GLU E 3712 -42.17 -12.13 -53.97
CA GLU E 3712 -40.72 -12.03 -54.13
C GLU E 3712 -40.39 -11.67 -55.58
N LYS E 3713 -40.04 -10.40 -55.81
CA LYS E 3713 -39.70 -9.90 -57.17
C LYS E 3713 -38.62 -8.83 -57.01
N SER E 3714 -37.69 -8.74 -57.96
CA SER E 3714 -36.55 -7.83 -57.85
C SER E 3714 -37.01 -6.39 -57.67
N LYS E 3715 -38.01 -5.96 -58.42
CA LYS E 3715 -38.51 -4.59 -58.35
C LYS E 3715 -40.02 -4.60 -58.45
N LEU E 3716 -40.66 -3.75 -57.64
CA LEU E 3716 -42.12 -3.65 -57.61
C LEU E 3716 -42.60 -2.77 -58.75
N ASP E 3717 -43.47 -3.31 -59.59
CA ASP E 3717 -44.01 -2.56 -60.71
C ASP E 3717 -45.02 -1.52 -60.24
N GLU E 3718 -45.12 -0.44 -61.00
CA GLU E 3718 -46.03 0.65 -60.69
C GLU E 3718 -47.48 0.25 -60.98
N ASP E 3719 -48.38 0.50 -60.02
CA ASP E 3719 -49.79 0.18 -60.19
C ASP E 3719 -50.68 1.35 -59.77
N TYR E 3720 -51.33 1.93 -60.78
CA TYR E 3720 -52.22 3.07 -60.55
C TYR E 3720 -53.38 2.70 -59.63
N LEU E 3721 -53.81 1.44 -59.65
CA LEU E 3721 -54.91 1.04 -58.78
C LEU E 3721 -54.51 1.17 -57.32
N TYR E 3722 -53.31 0.71 -56.99
CA TYR E 3722 -52.83 0.86 -55.62
C TYR E 3722 -52.66 2.33 -55.27
N MET E 3723 -52.12 3.13 -56.20
CA MET E 3723 -51.97 4.54 -55.87
C MET E 3723 -53.32 5.21 -55.61
N ALA E 3724 -54.31 4.88 -56.43
CA ALA E 3724 -55.64 5.45 -56.27
C ALA E 3724 -56.28 5.05 -54.96
N TYR E 3725 -56.17 3.78 -54.58
CA TYR E 3725 -56.81 3.37 -53.34
C TYR E 3725 -56.04 3.86 -52.13
N ALA E 3726 -54.71 3.96 -52.24
CA ALA E 3726 -53.94 4.53 -51.14
C ALA E 3726 -54.30 5.98 -50.91
N ASP E 3727 -54.50 6.75 -51.99
CA ASP E 3727 -54.93 8.13 -51.83
C ASP E 3727 -56.33 8.21 -51.26
N ILE E 3728 -57.23 7.32 -51.68
CA ILE E 3728 -58.59 7.33 -51.14
C ILE E 3728 -58.57 7.02 -49.65
N MET E 3729 -57.80 6.01 -49.26
CA MET E 3729 -57.72 5.63 -47.86
C MET E 3729 -57.11 6.75 -47.03
N ALA E 3730 -56.06 7.41 -47.55
CA ALA E 3730 -55.46 8.49 -46.79
C ALA E 3730 -56.41 9.67 -46.65
N LYS E 3731 -57.13 10.02 -47.73
CA LYS E 3731 -58.03 11.15 -47.69
C LYS E 3731 -59.28 10.88 -46.86
N SER E 3732 -59.58 9.62 -46.60
CA SER E 3732 -60.79 9.30 -45.84
C SER E 3732 -60.58 9.26 -44.33
N CYS E 3733 -59.35 9.46 -43.86
CA CYS E 3733 -59.06 9.31 -42.44
C CYS E 3733 -58.90 10.62 -41.69
N HIS E 3734 -58.53 11.71 -42.37
CA HIS E 3734 -58.30 12.97 -41.68
C HIS E 3734 -59.55 13.86 -41.66
N LEU E 3735 -60.05 14.24 -42.83
CA LEU E 3735 -61.19 15.15 -42.92
C LEU E 3735 -60.97 16.38 -42.07
N VAL E 3751 -62.47 27.29 -30.09
CA VAL E 3751 -63.04 25.96 -30.22
C VAL E 3751 -63.25 25.39 -28.82
N SER E 3752 -64.47 24.94 -28.55
CA SER E 3752 -64.79 24.51 -27.19
C SER E 3752 -64.25 23.11 -26.90
N PHE E 3753 -64.16 22.82 -25.61
CA PHE E 3753 -63.60 21.56 -25.15
C PHE E 3753 -64.41 20.39 -25.69
N GLU E 3754 -65.74 20.56 -25.74
CA GLU E 3754 -66.59 19.44 -26.11
C GLU E 3754 -66.32 19.03 -27.55
N GLU E 3755 -66.36 19.97 -28.50
CA GLU E 3755 -66.15 19.53 -29.87
C GLU E 3755 -64.68 19.25 -30.18
N LYS E 3756 -63.72 19.79 -29.43
CA LYS E 3756 -62.34 19.34 -29.66
C LYS E 3756 -62.24 17.85 -29.35
N GLU E 3757 -62.84 17.43 -28.23
CA GLU E 3757 -62.84 16.00 -27.92
C GLU E 3757 -63.69 15.21 -28.90
N MET E 3758 -64.78 15.78 -29.39
CA MET E 3758 -65.60 15.07 -30.37
C MET E 3758 -64.78 14.83 -31.64
N GLU E 3759 -64.00 15.83 -32.05
CA GLU E 3759 -63.11 15.68 -33.20
C GLU E 3759 -62.04 14.61 -32.96
N LYS E 3760 -61.45 14.59 -31.76
CA LYS E 3760 -60.45 13.55 -31.50
C LYS E 3760 -61.07 12.16 -31.57
N GLN E 3761 -62.25 11.97 -30.97
CA GLN E 3761 -62.88 10.66 -31.01
C GLN E 3761 -63.28 10.25 -32.43
N ARG E 3762 -63.79 11.19 -33.23
CA ARG E 3762 -64.10 10.85 -34.62
C ARG E 3762 -62.84 10.49 -35.41
N LEU E 3763 -61.74 11.20 -35.17
CA LEU E 3763 -60.48 10.84 -35.79
C LEU E 3763 -60.04 9.45 -35.38
N LEU E 3764 -60.18 9.13 -34.10
CA LEU E 3764 -59.77 7.81 -33.63
C LEU E 3764 -60.60 6.72 -34.30
N TYR E 3765 -61.91 6.95 -34.43
CA TYR E 3765 -62.76 5.94 -35.07
C TYR E 3765 -62.36 5.73 -36.52
N GLN E 3766 -62.11 6.84 -37.24
CA GLN E 3766 -61.73 6.73 -38.64
C GLN E 3766 -60.38 6.02 -38.80
N GLN E 3767 -59.44 6.29 -37.91
CA GLN E 3767 -58.18 5.54 -37.95
C GLN E 3767 -58.37 4.08 -37.55
N SER E 3768 -59.33 3.79 -36.66
CA SER E 3768 -59.55 2.41 -36.26
C SER E 3768 -60.10 1.59 -37.41
N ARG E 3769 -60.85 2.23 -38.31
CA ARG E 3769 -61.41 1.50 -39.44
C ARG E 3769 -60.32 0.97 -40.35
N LEU E 3770 -59.14 1.59 -40.31
CA LEU E 3770 -58.02 1.20 -41.15
C LEU E 3770 -57.05 0.31 -40.39
N HIS E 3771 -56.55 0.78 -39.24
CA HIS E 3771 -55.53 0.03 -38.53
C HIS E 3771 -56.06 -1.27 -37.95
N THR E 3772 -57.38 -1.44 -37.86
CA THR E 3772 -57.90 -2.73 -37.47
C THR E 3772 -57.97 -3.72 -38.63
N ARG E 3773 -57.61 -3.30 -39.85
CA ARG E 3773 -57.60 -4.18 -41.01
C ARG E 3773 -56.21 -4.30 -41.64
N GLY E 3774 -55.15 -4.10 -40.86
CA GLY E 3774 -53.80 -4.39 -41.33
C GLY E 3774 -53.12 -3.31 -42.15
N ALA E 3775 -53.63 -2.09 -42.13
CA ALA E 3775 -53.03 -1.04 -42.95
C ALA E 3775 -51.61 -0.72 -42.50
N ALA E 3776 -51.34 -0.78 -41.20
CA ALA E 3776 -50.00 -0.49 -40.71
C ALA E 3776 -48.99 -1.49 -41.24
N GLU E 3777 -49.36 -2.77 -41.23
CA GLU E 3777 -48.45 -3.78 -41.77
C GLU E 3777 -48.32 -3.62 -43.27
N MET E 3778 -49.40 -3.22 -43.95
CA MET E 3778 -49.29 -3.07 -45.39
C MET E 3778 -48.31 -1.95 -45.70
N VAL E 3779 -48.35 -0.88 -44.91
CA VAL E 3779 -47.44 0.25 -45.11
C VAL E 3779 -45.99 -0.18 -44.92
N LEU E 3780 -45.74 -0.93 -43.85
CA LEU E 3780 -44.37 -1.39 -43.61
C LEU E 3780 -43.89 -2.32 -44.71
N GLN E 3781 -44.75 -3.23 -45.16
CA GLN E 3781 -44.35 -4.16 -46.21
C GLN E 3781 -44.07 -3.43 -47.53
N MET E 3782 -44.91 -2.46 -47.87
CA MET E 3782 -44.69 -1.71 -49.12
C MET E 3782 -43.41 -0.90 -49.04
N ILE E 3783 -43.13 -0.29 -47.89
CA ILE E 3783 -41.88 0.45 -47.73
C ILE E 3783 -40.68 -0.48 -47.86
N SER E 3784 -40.73 -1.66 -47.24
CA SER E 3784 -39.62 -2.59 -47.40
C SER E 3784 -39.50 -3.10 -48.83
N ALA E 3785 -40.63 -3.15 -49.55
CA ALA E 3785 -40.62 -3.67 -50.91
C ALA E 3785 -40.01 -2.66 -51.87
N CYS E 3786 -40.19 -1.37 -51.62
CA CYS E 3786 -39.67 -0.37 -52.53
C CYS E 3786 -38.15 -0.32 -52.56
N LYS E 3787 -37.49 -0.84 -51.53
CA LYS E 3787 -36.02 -0.96 -51.50
C LYS E 3787 -35.32 0.39 -51.69
N GLY E 3788 -35.92 1.46 -51.20
CA GLY E 3788 -35.26 2.75 -51.23
C GLY E 3788 -35.30 3.46 -52.57
N GLU E 3789 -36.21 3.10 -53.45
CA GLU E 3789 -36.36 3.76 -54.74
C GLU E 3789 -37.47 4.78 -54.64
N THR E 3790 -37.13 6.07 -54.76
CA THR E 3790 -38.12 7.18 -54.64
C THR E 3790 -39.09 7.10 -55.81
N GLY E 3791 -40.31 7.59 -55.62
CA GLY E 3791 -41.36 7.52 -56.67
C GLY E 3791 -42.74 7.81 -56.11
N ALA E 3792 -43.79 7.59 -56.89
CA ALA E 3792 -45.16 7.81 -56.45
C ALA E 3792 -45.63 6.69 -55.51
N MET E 3793 -45.09 5.49 -55.67
CA MET E 3793 -45.49 4.39 -54.81
C MET E 3793 -45.09 4.66 -53.37
N VAL E 3794 -43.83 5.05 -53.16
CA VAL E 3794 -43.35 5.31 -51.81
C VAL E 3794 -44.01 6.56 -51.26
N SER E 3795 -44.22 7.57 -52.11
CA SER E 3795 -44.84 8.79 -51.62
C SER E 3795 -46.28 8.52 -51.15
N SER E 3796 -47.02 7.72 -51.91
CA SER E 3796 -48.38 7.36 -51.49
C SER E 3796 -48.35 6.54 -50.21
N THR E 3797 -47.38 5.63 -50.09
CA THR E 3797 -47.31 4.83 -48.87
C THR E 3797 -47.02 5.72 -47.66
N LEU E 3798 -46.09 6.66 -47.82
CA LEU E 3798 -45.76 7.56 -46.71
C LEU E 3798 -46.95 8.43 -46.32
N LYS E 3799 -47.68 8.93 -47.33
CA LYS E 3799 -48.85 9.74 -47.04
C LYS E 3799 -49.91 8.93 -46.29
N LEU E 3800 -50.12 7.68 -46.69
CA LEU E 3800 -51.06 6.82 -45.98
C LEU E 3800 -50.61 6.56 -44.56
N GLY E 3801 -49.31 6.31 -44.36
CA GLY E 3801 -48.81 6.08 -43.01
C GLY E 3801 -48.99 7.30 -42.13
N ILE E 3802 -48.76 8.49 -42.68
CA ILE E 3802 -48.99 9.70 -41.89
C ILE E 3802 -50.46 9.83 -41.57
N SER E 3803 -51.33 9.51 -42.54
CA SER E 3803 -52.76 9.67 -42.33
C SER E 3803 -53.24 8.76 -41.20
N ILE E 3804 -52.72 7.54 -41.16
CA ILE E 3804 -53.11 6.59 -40.11
C ILE E 3804 -52.32 6.74 -38.83
N LEU E 3805 -51.27 7.56 -38.82
CA LEU E 3805 -50.47 7.77 -37.62
C LEU E 3805 -50.66 9.14 -37.00
N ASN E 3806 -51.46 10.01 -37.60
CA ASN E 3806 -51.65 11.34 -37.06
C ASN E 3806 -52.29 11.27 -35.68
N GLY E 3807 -51.75 12.05 -34.73
CA GLY E 3807 -52.19 11.98 -33.32
C GLY E 3807 -51.41 10.92 -32.56
N GLY E 3808 -50.33 10.39 -33.16
CA GLY E 3808 -49.47 9.38 -32.51
C GLY E 3808 -50.26 8.24 -31.88
N ASN E 3809 -51.20 7.64 -32.61
CA ASN E 3809 -52.02 6.51 -32.11
C ASN E 3809 -51.11 5.48 -31.44
N ALA E 3810 -51.26 5.18 -30.14
CA ALA E 3810 -50.44 4.22 -29.43
C ALA E 3810 -50.69 2.81 -29.95
N GLU E 3811 -51.92 2.50 -30.32
CA GLU E 3811 -52.23 1.16 -30.81
C GLU E 3811 -51.50 0.88 -32.11
N VAL E 3812 -51.44 1.87 -33.00
CA VAL E 3812 -50.72 1.69 -34.25
C VAL E 3812 -49.23 1.59 -33.99
N GLN E 3813 -48.71 2.39 -33.05
CA GLN E 3813 -47.29 2.30 -32.74
C GLN E 3813 -46.93 0.92 -32.21
N GLN E 3814 -47.80 0.37 -31.35
CA GLN E 3814 -47.57 -0.96 -30.81
C GLN E 3814 -47.62 -2.02 -31.89
N LYS E 3815 -48.58 -1.91 -32.82
CA LYS E 3815 -48.67 -2.89 -33.89
C LYS E 3815 -47.45 -2.85 -34.80
N MET E 3816 -47.00 -1.65 -35.13
CA MET E 3816 -45.80 -1.53 -35.97
C MET E 3816 -44.57 -2.09 -35.27
N LEU E 3817 -44.41 -1.78 -33.98
CA LEU E 3817 -43.24 -2.27 -33.27
C LEU E 3817 -43.27 -3.79 -33.13
N ASP E 3818 -44.44 -4.36 -32.84
CA ASP E 3818 -44.54 -5.80 -32.73
C ASP E 3818 -44.24 -6.47 -34.07
N TYR E 3819 -44.77 -5.93 -35.15
CA TYR E 3819 -44.54 -6.53 -36.46
C TYR E 3819 -43.07 -6.48 -36.81
N LEU E 3820 -42.41 -5.35 -36.56
CA LEU E 3820 -41.00 -5.23 -36.87
C LEU E 3820 -40.18 -6.19 -36.03
N LYS E 3821 -40.54 -6.36 -34.76
CA LYS E 3821 -39.72 -7.19 -33.89
C LYS E 3821 -39.91 -8.67 -34.21
N ASP E 3822 -41.11 -9.06 -34.62
CA ASP E 3822 -41.32 -10.47 -34.94
C ASP E 3822 -40.73 -10.82 -36.31
N LYS E 3823 -40.82 -9.91 -37.28
CA LYS E 3823 -40.26 -10.21 -38.60
C LYS E 3823 -38.74 -10.14 -38.59
N LYS E 3824 -38.16 -9.18 -37.85
CA LYS E 3824 -36.72 -9.03 -37.78
C LYS E 3824 -36.11 -8.77 -39.16
N GLU E 3825 -36.79 -7.99 -39.98
CA GLU E 3825 -36.32 -7.66 -41.31
C GLU E 3825 -35.55 -6.35 -41.30
N VAL E 3826 -34.48 -6.28 -42.10
CA VAL E 3826 -33.65 -5.09 -42.21
C VAL E 3826 -33.99 -4.24 -43.43
N GLY E 3827 -34.84 -4.72 -44.32
CA GLY E 3827 -35.14 -3.98 -45.53
C GLY E 3827 -35.76 -2.64 -45.25
N PHE E 3828 -36.54 -2.54 -44.17
CA PHE E 3828 -37.25 -1.31 -43.86
C PHE E 3828 -36.24 -0.19 -43.58
N PHE E 3829 -35.27 -0.45 -42.71
CA PHE E 3829 -34.30 0.57 -42.36
C PHE E 3829 -33.28 0.77 -43.46
N GLN E 3830 -32.97 -0.26 -44.25
CA GLN E 3830 -32.12 -0.04 -45.41
C GLN E 3830 -32.76 0.90 -46.41
N SER E 3831 -34.07 0.73 -46.64
CA SER E 3831 -34.81 1.64 -47.51
C SER E 3831 -34.84 3.05 -46.94
N ILE E 3832 -35.06 3.17 -45.63
CA ILE E 3832 -35.11 4.50 -45.03
C ILE E 3832 -33.77 5.19 -45.19
N GLN E 3833 -32.67 4.47 -44.93
CA GLN E 3833 -31.35 5.06 -45.06
C GLN E 3833 -31.07 5.47 -46.49
N ALA E 3834 -31.46 4.64 -47.46
CA ALA E 3834 -31.22 5.01 -48.86
C ALA E 3834 -32.03 6.25 -49.24
N LEU E 3835 -33.27 6.34 -48.78
CA LEU E 3835 -34.08 7.51 -49.09
C LEU E 3835 -33.46 8.77 -48.49
N MET E 3836 -32.97 8.66 -47.25
CA MET E 3836 -32.35 9.82 -46.62
C MET E 3836 -31.06 10.21 -47.34
N GLN E 3837 -30.36 9.24 -47.90
CA GLN E 3837 -29.15 9.54 -48.65
C GLN E 3837 -29.48 10.15 -50.01
N THR E 3838 -30.67 9.86 -50.54
CA THR E 3838 -31.08 10.41 -51.83
C THR E 3838 -31.84 11.73 -51.71
N CYS E 3839 -32.15 12.18 -50.49
CA CYS E 3839 -32.80 13.47 -50.35
C CYS E 3839 -31.89 14.59 -50.82
N SER E 3840 -32.45 15.52 -51.59
CA SER E 3840 -31.70 16.57 -52.26
C SER E 3840 -31.68 17.86 -51.44
N VAL E 3841 -30.68 18.71 -51.75
CA VAL E 3841 -30.52 20.02 -51.14
C VAL E 3841 -30.38 21.07 -52.26
N LEU E 3842 -30.12 22.30 -51.85
CA LEU E 3842 -29.98 23.40 -52.79
C LEU E 3842 -28.78 23.18 -53.72
N ASP E 3843 -28.79 23.89 -54.85
CA ASP E 3843 -27.71 23.81 -55.84
C ASP E 3843 -27.56 25.16 -56.52
N LEU E 3844 -26.42 25.81 -56.28
CA LEU E 3844 -26.19 27.13 -56.85
C LEU E 3844 -25.95 27.06 -58.35
N ASN E 3845 -25.29 26.01 -58.82
CA ASN E 3845 -25.08 25.87 -60.25
C ASN E 3845 -26.41 25.73 -60.98
N ALA E 3846 -27.32 24.94 -60.43
CA ALA E 3846 -28.66 24.82 -61.00
C ALA E 3846 -29.41 26.13 -60.92
N PHE E 3847 -29.25 26.87 -59.81
CA PHE E 3847 -29.95 28.14 -59.70
C PHE E 3847 -29.46 29.12 -60.75
N GLU E 3848 -28.14 29.16 -60.97
CA GLU E 3848 -27.58 30.06 -61.97
C GLU E 3848 -28.04 29.65 -63.37
N ARG E 3849 -28.11 28.34 -63.63
CA ARG E 3849 -28.57 27.88 -64.92
C ARG E 3849 -30.01 28.29 -65.14
N GLN E 3850 -30.83 28.18 -64.10
CA GLN E 3850 -32.23 28.55 -64.23
C GLN E 3850 -32.36 30.04 -64.48
N ASN E 3851 -31.52 30.84 -63.81
CA ASN E 3851 -31.57 32.27 -63.99
C ASN E 3851 -31.25 32.66 -65.42
N LYS E 3852 -30.25 32.00 -66.02
CA LYS E 3852 -29.96 32.25 -67.42
C LYS E 3852 -31.10 31.76 -68.32
N ALA E 3853 -31.70 30.62 -67.97
CA ALA E 3853 -32.78 30.11 -68.82
C ALA E 3853 -33.94 31.09 -68.83
N GLU E 3854 -34.31 31.61 -67.66
CA GLU E 3854 -35.41 32.58 -67.62
C GLU E 3854 -34.97 33.91 -68.20
N GLY E 3855 -33.67 34.17 -68.28
CA GLY E 3855 -33.22 35.40 -68.91
C GLY E 3855 -33.17 35.31 -70.42
N LEU E 3856 -33.25 34.10 -70.96
CA LEU E 3856 -33.26 33.95 -72.41
C LEU E 3856 -34.60 34.36 -73.00
N GLY E 3857 -35.69 33.96 -72.37
CA GLY E 3857 -37.02 34.37 -72.80
C GLY E 3857 -37.52 33.72 -74.08
N LYS E 3873 -34.48 21.49 -61.39
CA LYS E 3873 -34.91 22.53 -60.48
C LYS E 3873 -34.15 22.47 -59.17
N VAL E 3874 -34.57 23.27 -58.19
CA VAL E 3874 -33.92 23.36 -56.89
C VAL E 3874 -34.87 22.81 -55.84
N MET E 3875 -34.46 21.71 -55.19
CA MET E 3875 -35.22 21.09 -54.11
C MET E 3875 -36.63 20.74 -54.55
N ALA E 3876 -36.71 19.89 -55.58
CA ALA E 3876 -38.00 19.47 -56.10
C ALA E 3876 -38.73 18.56 -55.12
N ASP E 3877 -38.00 17.71 -54.40
CA ASP E 3877 -38.59 16.70 -53.53
C ASP E 3877 -38.69 17.18 -52.08
N ASP E 3878 -38.89 18.48 -51.88
CA ASP E 3878 -38.99 19.02 -50.53
C ASP E 3878 -40.20 18.45 -49.79
N GLU E 3879 -41.32 18.28 -50.50
CA GLU E 3879 -42.50 17.68 -49.88
C GLU E 3879 -42.25 16.23 -49.48
N PHE E 3880 -41.50 15.49 -50.29
CA PHE E 3880 -41.18 14.12 -49.91
C PHE E 3880 -40.27 14.09 -48.68
N THR E 3881 -39.31 15.01 -48.60
CA THR E 3881 -38.44 15.05 -47.44
C THR E 3881 -39.25 15.39 -46.19
N GLN E 3882 -40.17 16.34 -46.33
CA GLN E 3882 -40.99 16.75 -45.19
C GLN E 3882 -41.85 15.61 -44.70
N ASP E 3883 -42.48 14.87 -45.62
CA ASP E 3883 -43.35 13.79 -45.15
C ASP E 3883 -42.54 12.62 -44.61
N LEU E 3884 -41.31 12.42 -45.11
CA LEU E 3884 -40.46 11.38 -44.57
C LEU E 3884 -40.09 11.66 -43.12
N PHE E 3885 -39.74 12.92 -42.83
CA PHE E 3885 -39.41 13.24 -41.45
C PHE E 3885 -40.64 13.42 -40.58
N ARG E 3886 -41.79 13.81 -41.14
CA ARG E 3886 -43.01 13.82 -40.36
C ARG E 3886 -43.37 12.40 -39.92
N PHE E 3887 -43.20 11.43 -40.83
CA PHE E 3887 -43.45 10.04 -40.49
C PHE E 3887 -42.50 9.55 -39.40
N LEU E 3888 -41.23 9.91 -39.50
CA LEU E 3888 -40.30 9.48 -38.47
C LEU E 3888 -40.62 10.15 -37.14
N GLN E 3889 -41.03 11.42 -37.16
CA GLN E 3889 -41.42 12.08 -35.93
C GLN E 3889 -42.63 11.42 -35.30
N LEU E 3890 -43.62 11.05 -36.12
CA LEU E 3890 -44.82 10.42 -35.60
C LEU E 3890 -44.55 9.03 -35.06
N LEU E 3891 -43.48 8.38 -35.53
CA LEU E 3891 -43.14 7.09 -34.93
C LEU E 3891 -42.67 7.23 -33.48
N CYS E 3892 -42.13 8.39 -33.11
CA CYS E 3892 -41.68 8.62 -31.74
C CYS E 3892 -42.55 9.58 -30.96
N GLU E 3893 -43.63 10.09 -31.55
CA GLU E 3893 -44.50 11.00 -30.81
C GLU E 3893 -45.11 10.30 -29.61
N GLY E 3894 -45.34 11.06 -28.54
CA GLY E 3894 -45.86 10.53 -27.31
C GLY E 3894 -44.84 9.95 -26.36
N HIS E 3895 -43.55 10.23 -26.56
CA HIS E 3895 -42.49 9.73 -25.69
C HIS E 3895 -42.46 8.21 -25.64
N ASN E 3896 -42.51 7.60 -26.82
CA ASN E 3896 -42.42 6.14 -26.93
C ASN E 3896 -40.96 5.73 -26.79
N ASN E 3897 -40.57 5.41 -25.56
CA ASN E 3897 -39.17 5.07 -25.29
C ASN E 3897 -38.78 3.79 -26.00
N ASP E 3898 -39.71 2.84 -26.09
CA ASP E 3898 -39.40 1.58 -26.77
C ASP E 3898 -39.06 1.80 -28.22
N PHE E 3899 -39.85 2.65 -28.89
CA PHE E 3899 -39.65 2.95 -30.33
C PHE E 3899 -38.42 3.84 -30.50
N GLN E 3900 -38.06 4.70 -29.53
CA GLN E 3900 -36.86 5.51 -29.62
C GLN E 3900 -35.61 4.63 -29.52
N ASN E 3901 -35.64 3.66 -28.59
CA ASN E 3901 -34.51 2.75 -28.49
C ASN E 3901 -34.44 1.84 -29.72
N TYR E 3902 -35.59 1.43 -30.27
CA TYR E 3902 -35.52 0.53 -31.40
C TYR E 3902 -34.92 1.24 -32.60
N LEU E 3903 -35.23 2.54 -32.74
CA LEU E 3903 -34.64 3.33 -33.81
C LEU E 3903 -33.15 3.47 -33.62
N ARG E 3904 -32.71 3.67 -32.38
CA ARG E 3904 -31.27 3.79 -32.15
C ARG E 3904 -30.55 2.48 -32.43
N THR E 3905 -31.13 1.35 -32.01
CA THR E 3905 -30.49 0.06 -32.19
C THR E 3905 -31.55 -1.02 -32.31
N GLN E 3906 -31.29 -2.00 -33.18
CA GLN E 3906 -32.14 -3.17 -33.35
C GLN E 3906 -31.38 -4.37 -32.82
N THR E 3907 -31.74 -4.82 -31.62
CA THR E 3907 -30.98 -5.87 -30.96
C THR E 3907 -31.12 -7.20 -31.69
N GLY E 3908 -32.34 -7.59 -32.03
CA GLY E 3908 -32.57 -8.89 -32.63
C GLY E 3908 -32.11 -8.99 -34.07
N ASN E 3909 -32.00 -7.88 -34.77
CA ASN E 3909 -31.61 -7.92 -36.17
C ASN E 3909 -30.13 -8.21 -36.31
N THR E 3910 -29.77 -8.76 -37.47
CA THR E 3910 -28.38 -9.06 -37.75
C THR E 3910 -27.54 -7.80 -37.91
N THR E 3911 -28.13 -6.73 -38.43
CA THR E 3911 -27.44 -5.46 -38.63
C THR E 3911 -28.25 -4.33 -38.01
N THR E 3912 -27.53 -3.29 -37.59
CA THR E 3912 -28.13 -2.14 -36.92
C THR E 3912 -27.84 -0.87 -37.70
N ILE E 3913 -28.86 -0.03 -37.87
CA ILE E 3913 -28.74 1.24 -38.57
C ILE E 3913 -29.16 2.36 -37.64
N ASN E 3914 -28.30 3.37 -37.50
CA ASN E 3914 -28.56 4.53 -36.65
C ASN E 3914 -29.17 5.65 -37.49
N ILE E 3915 -30.49 5.81 -37.39
CA ILE E 3915 -31.21 6.84 -38.12
C ILE E 3915 -30.83 8.24 -37.65
N ILE E 3916 -30.52 8.37 -36.36
CA ILE E 3916 -30.17 9.67 -35.79
C ILE E 3916 -28.94 10.26 -36.46
N ILE E 3917 -27.91 9.45 -36.70
CA ILE E 3917 -26.72 9.98 -37.36
C ILE E 3917 -27.02 10.36 -38.80
N CYS E 3918 -27.85 9.57 -39.49
CA CYS E 3918 -28.17 9.94 -40.87
C CYS E 3918 -28.92 11.27 -40.91
N THR E 3919 -29.76 11.50 -39.90
CA THR E 3919 -30.47 12.77 -39.81
C THR E 3919 -29.51 13.92 -39.57
N VAL E 3920 -28.51 13.71 -38.72
CA VAL E 3920 -27.53 14.77 -38.49
C VAL E 3920 -26.73 15.05 -39.75
N ASP E 3921 -26.41 13.99 -40.51
CA ASP E 3921 -25.66 14.17 -41.74
C ASP E 3921 -26.42 15.03 -42.74
N TYR E 3922 -27.73 14.76 -42.88
CA TYR E 3922 -28.53 15.59 -43.77
C TYR E 3922 -28.64 17.01 -43.24
N LEU E 3923 -28.74 17.17 -41.93
CA LEU E 3923 -28.83 18.51 -41.36
C LEU E 3923 -27.57 19.31 -41.65
N LEU E 3924 -26.41 18.65 -41.57
CA LEU E 3924 -25.15 19.30 -41.91
C LEU E 3924 -25.10 19.72 -43.37
N ARG E 3925 -25.53 18.85 -44.28
CA ARG E 3925 -25.52 19.22 -45.69
C ARG E 3925 -26.45 20.40 -45.97
N LEU E 3926 -27.62 20.40 -45.34
CA LEU E 3926 -28.55 21.51 -45.49
C LEU E 3926 -27.96 22.80 -44.92
N GLN E 3927 -27.29 22.72 -43.78
CA GLN E 3927 -26.71 23.91 -43.19
C GLN E 3927 -25.63 24.50 -44.08
N GLU E 3928 -24.78 23.66 -44.65
CA GLU E 3928 -23.74 24.16 -45.54
C GLU E 3928 -24.35 24.84 -46.77
N SER E 3929 -25.42 24.24 -47.32
CA SER E 3929 -26.08 24.86 -48.47
C SER E 3929 -26.68 26.21 -48.09
N ILE E 3930 -27.29 26.32 -46.92
CA ILE E 3930 -27.85 27.59 -46.50
C ILE E 3930 -26.77 28.64 -46.31
N SER E 3931 -25.63 28.25 -45.75
CA SER E 3931 -24.52 29.18 -45.58
C SER E 3931 -24.00 29.68 -46.92
N ASP E 3932 -23.86 28.78 -47.91
CA ASP E 3932 -23.41 29.21 -49.21
C ASP E 3932 -24.41 30.16 -49.86
N PHE E 3933 -25.71 29.88 -49.68
CA PHE E 3933 -26.78 30.73 -50.27
C PHE E 3933 -26.78 32.10 -49.60
N TYR E 3934 -26.44 32.20 -48.30
CA TYR E 3934 -26.35 33.49 -47.65
C TYR E 3934 -25.15 34.27 -48.16
N TRP E 3935 -24.00 33.62 -48.30
CA TRP E 3935 -22.86 34.37 -48.82
C TRP E 3935 -23.10 34.83 -50.25
N TYR E 3936 -23.79 34.02 -51.05
CA TYR E 3936 -24.06 34.44 -52.42
C TYR E 3936 -24.88 35.72 -52.46
N TYR E 3937 -25.88 35.85 -51.59
CA TYR E 3937 -26.69 37.07 -51.58
C TYR E 3937 -26.24 38.12 -50.57
N SER E 3938 -25.18 37.87 -49.81
CA SER E 3938 -24.74 38.85 -48.82
C SER E 3938 -24.33 40.17 -49.46
N GLY E 3939 -23.55 40.11 -50.54
CA GLY E 3939 -23.06 41.33 -51.14
C GLY E 3939 -24.17 42.19 -51.72
N LYS E 3940 -25.13 41.57 -52.39
CA LYS E 3940 -26.23 42.30 -53.00
C LYS E 3940 -27.21 42.78 -51.93
N ASP E 3941 -27.72 43.99 -52.12
CA ASP E 3941 -28.66 44.55 -51.16
C ASP E 3941 -30.06 43.95 -51.31
N VAL E 3942 -30.47 43.67 -52.54
CA VAL E 3942 -31.81 43.21 -52.84
C VAL E 3942 -31.79 41.72 -53.12
N ILE E 3943 -32.78 41.00 -52.58
CA ILE E 3943 -32.95 39.57 -52.77
C ILE E 3943 -34.23 39.33 -53.56
N GLU E 3944 -34.12 38.57 -54.63
CA GLU E 3944 -35.25 38.38 -55.53
C GLU E 3944 -36.22 37.31 -55.01
N GLU E 3945 -37.34 37.18 -55.72
CA GLU E 3945 -38.43 36.32 -55.29
C GLU E 3945 -37.99 34.85 -55.25
N GLN E 3946 -37.27 34.39 -56.27
CA GLN E 3946 -36.86 32.99 -56.31
C GLN E 3946 -35.94 32.67 -55.14
N GLY E 3947 -35.03 33.60 -54.81
CA GLY E 3947 -34.16 33.37 -53.67
C GLY E 3947 -34.94 33.34 -52.38
N LYS E 3948 -35.94 34.22 -52.25
CA LYS E 3948 -36.75 34.21 -51.04
C LYS E 3948 -37.53 32.91 -50.90
N ARG E 3949 -38.07 32.41 -52.01
CA ARG E 3949 -38.83 31.16 -51.97
C ARG E 3949 -37.95 29.96 -51.62
N ASN E 3950 -36.74 29.93 -52.17
CA ASN E 3950 -35.84 28.83 -51.84
C ASN E 3950 -35.37 28.91 -50.39
N PHE E 3951 -35.17 30.13 -49.88
CA PHE E 3951 -34.86 30.27 -48.46
C PHE E 3951 -36.01 29.77 -47.61
N SER E 3952 -37.25 30.10 -48.00
CA SER E 3952 -38.40 29.72 -47.20
C SER E 3952 -38.55 28.21 -47.13
N LYS E 3953 -38.39 27.53 -48.27
CA LYS E 3953 -38.54 26.08 -48.24
C LYS E 3953 -37.39 25.39 -47.53
N ALA E 3954 -36.18 25.95 -47.63
CA ALA E 3954 -35.06 25.39 -46.88
C ALA E 3954 -35.27 25.55 -45.39
N MET E 3955 -35.78 26.70 -44.95
CA MET E 3955 -36.06 26.89 -43.54
C MET E 3955 -37.16 25.96 -43.07
N SER E 3956 -38.17 25.72 -43.89
CA SER E 3956 -39.24 24.81 -43.50
C SER E 3956 -38.71 23.39 -43.31
N VAL E 3957 -37.83 22.94 -44.20
CA VAL E 3957 -37.24 21.62 -44.02
C VAL E 3957 -36.36 21.58 -42.77
N ALA E 3958 -35.58 22.63 -42.53
CA ALA E 3958 -34.74 22.63 -41.33
C ALA E 3958 -35.59 22.61 -40.07
N LYS E 3959 -36.73 23.29 -40.11
CA LYS E 3959 -37.66 23.26 -38.99
C LYS E 3959 -38.18 21.85 -38.74
N GLN E 3960 -38.52 21.14 -39.81
CA GLN E 3960 -39.04 19.79 -39.64
C GLN E 3960 -37.97 18.87 -39.06
N VAL E 3961 -36.73 19.02 -39.54
CA VAL E 3961 -35.64 18.19 -39.02
C VAL E 3961 -35.38 18.47 -37.54
N PHE E 3962 -35.40 19.75 -37.16
CA PHE E 3962 -35.22 20.09 -35.75
C PHE E 3962 -36.34 19.52 -34.89
N ASN E 3963 -37.58 19.57 -35.37
CA ASN E 3963 -38.69 19.00 -34.61
C ASN E 3963 -38.53 17.48 -34.48
N SER E 3964 -38.07 16.82 -35.54
CA SER E 3964 -37.84 15.38 -35.47
C SER E 3964 -36.76 15.04 -34.45
N LEU E 3965 -35.67 15.80 -34.44
CA LEU E 3965 -34.63 15.54 -33.45
C LEU E 3965 -35.14 15.79 -32.02
N THR E 3966 -35.97 16.82 -31.85
CA THR E 3966 -36.53 17.06 -30.53
C THR E 3966 -37.38 15.88 -30.09
N GLU E 3967 -38.18 15.33 -31.01
CA GLU E 3967 -39.02 14.20 -30.62
C GLU E 3967 -38.15 12.99 -30.35
N TYR E 3968 -36.99 12.90 -31.01
CA TYR E 3968 -36.08 11.79 -30.77
C TYR E 3968 -35.54 11.83 -29.36
N ILE E 3969 -35.23 13.03 -28.85
CA ILE E 3969 -34.49 13.13 -27.60
C ILE E 3969 -35.37 13.43 -26.40
N GLN E 3970 -36.62 13.84 -26.61
CA GLN E 3970 -37.50 14.05 -25.47
C GLN E 3970 -37.87 12.72 -24.82
N GLY E 3971 -38.28 12.80 -23.55
CA GLY E 3971 -38.71 11.64 -22.80
C GLY E 3971 -38.13 11.55 -21.40
N PRO E 3972 -36.82 11.82 -21.22
CA PRO E 3972 -35.72 11.92 -22.19
C PRO E 3972 -35.09 10.55 -22.48
N CYS E 3973 -34.43 10.39 -23.63
CA CYS E 3973 -33.71 9.16 -23.96
C CYS E 3973 -32.22 9.41 -23.79
N THR E 3974 -31.64 8.83 -22.74
CA THR E 3974 -30.23 9.07 -22.43
C THR E 3974 -29.32 8.55 -23.54
N GLY E 3975 -29.64 7.39 -24.10
CA GLY E 3975 -28.83 6.84 -25.17
C GLY E 3975 -28.79 7.76 -26.37
N ASN E 3976 -29.94 8.33 -26.73
CA ASN E 3976 -29.99 9.25 -27.85
C ASN E 3976 -29.28 10.55 -27.52
N GLN E 3977 -29.36 10.99 -26.27
CA GLN E 3977 -28.64 12.20 -25.87
C GLN E 3977 -27.14 12.01 -26.02
N GLN E 3978 -26.62 10.87 -25.58
CA GLN E 3978 -25.19 10.59 -25.75
C GLN E 3978 -24.80 10.46 -27.21
N SER E 3979 -25.68 9.84 -28.02
CA SER E 3979 -25.38 9.70 -29.44
C SER E 3979 -25.31 11.07 -30.11
N LEU E 3980 -26.22 11.97 -29.76
CA LEU E 3980 -26.17 13.31 -30.33
C LEU E 3980 -24.97 14.08 -29.81
N ALA E 3981 -24.61 13.87 -28.54
CA ALA E 3981 -23.48 14.58 -27.97
C ALA E 3981 -22.19 14.24 -28.68
N HIS E 3982 -22.05 12.98 -29.10
CA HIS E 3982 -20.85 12.56 -29.81
C HIS E 3982 -20.91 12.80 -31.32
N SER E 3983 -21.97 13.43 -31.82
CA SER E 3983 -22.12 13.66 -33.25
C SER E 3983 -21.56 15.02 -33.66
N ARG E 3984 -21.76 15.37 -34.95
CA ARG E 3984 -21.33 16.63 -35.54
C ARG E 3984 -22.41 17.70 -35.48
N LEU E 3985 -23.36 17.58 -34.57
CA LEU E 3985 -24.47 18.53 -34.47
C LEU E 3985 -23.98 19.94 -34.13
N TRP E 3986 -22.94 20.04 -33.31
CA TRP E 3986 -22.45 21.35 -32.88
C TRP E 3986 -21.94 22.18 -34.05
N ASP E 3987 -21.29 21.56 -35.03
CA ASP E 3987 -20.85 22.32 -36.20
C ASP E 3987 -22.03 22.91 -36.96
N ALA E 3988 -23.10 22.14 -37.11
CA ALA E 3988 -24.28 22.64 -37.79
C ALA E 3988 -24.92 23.78 -37.00
N VAL E 3989 -24.96 23.66 -35.68
CA VAL E 3989 -25.56 24.72 -34.88
C VAL E 3989 -24.74 26.00 -34.98
N VAL E 3990 -23.41 25.87 -34.99
CA VAL E 3990 -22.55 27.04 -35.14
C VAL E 3990 -22.80 27.72 -36.48
N GLY E 3991 -22.91 26.94 -37.55
CA GLY E 3991 -23.17 27.54 -38.84
C GLY E 3991 -24.52 28.22 -38.90
N PHE E 3992 -25.53 27.60 -38.30
CA PHE E 3992 -26.85 28.21 -38.27
C PHE E 3992 -26.83 29.51 -37.48
N LEU E 3993 -26.11 29.53 -36.36
CA LEU E 3993 -26.03 30.76 -35.57
C LEU E 3993 -25.37 31.88 -36.36
N HIS E 3994 -24.33 31.55 -37.12
CA HIS E 3994 -23.68 32.56 -37.97
C HIS E 3994 -24.62 33.11 -39.02
N VAL E 3995 -25.38 32.22 -39.68
CA VAL E 3995 -26.30 32.68 -40.70
C VAL E 3995 -27.44 33.48 -40.09
N PHE E 3996 -27.96 33.04 -38.95
CA PHE E 3996 -29.04 33.76 -38.30
C PHE E 3996 -28.59 35.16 -37.91
N ALA E 3997 -27.38 35.28 -37.35
CA ALA E 3997 -26.89 36.56 -36.89
C ALA E 3997 -26.73 37.53 -38.05
N HIS E 3998 -26.15 37.08 -39.16
CA HIS E 3998 -25.91 38.03 -40.25
C HIS E 3998 -27.20 38.33 -41.02
N MET E 3999 -28.06 37.34 -41.20
CA MET E 3999 -29.33 37.56 -41.90
C MET E 3999 -30.26 38.48 -41.11
N MET E 4000 -30.28 38.38 -39.79
CA MET E 4000 -31.15 39.28 -39.05
C MET E 4000 -30.77 40.74 -39.29
N MET E 4001 -29.47 41.04 -39.25
CA MET E 4001 -29.01 42.40 -39.52
C MET E 4001 -29.30 42.82 -40.95
N LYS E 4002 -29.11 41.93 -41.92
CA LYS E 4002 -29.31 42.35 -43.30
C LYS E 4002 -30.80 42.53 -43.61
N LEU E 4003 -31.62 41.57 -43.18
CA LEU E 4003 -33.06 41.58 -43.46
C LEU E 4003 -33.78 42.68 -42.71
N ALA E 4004 -33.28 43.09 -41.54
CA ALA E 4004 -34.01 44.09 -40.77
C ALA E 4004 -33.96 45.49 -41.38
N GLN E 4005 -33.14 45.71 -42.40
CA GLN E 4005 -33.01 47.04 -42.99
C GLN E 4005 -34.06 47.33 -44.05
N ASP E 4006 -34.96 46.38 -44.33
CA ASP E 4006 -36.01 46.59 -45.32
C ASP E 4006 -37.24 45.78 -44.93
N SER E 4007 -38.40 46.42 -45.03
CA SER E 4007 -39.67 45.82 -44.63
C SER E 4007 -40.22 44.82 -45.63
N SER E 4008 -39.69 44.77 -46.86
CA SER E 4008 -40.15 43.81 -47.84
C SER E 4008 -39.78 42.38 -47.49
N GLN E 4009 -38.84 42.17 -46.57
CA GLN E 4009 -38.38 40.84 -46.18
C GLN E 4009 -38.80 40.49 -44.75
N ILE E 4010 -39.88 41.11 -44.27
CA ILE E 4010 -40.32 40.86 -42.90
C ILE E 4010 -40.83 39.45 -42.73
N GLU E 4011 -41.52 38.90 -43.74
CA GLU E 4011 -42.01 37.53 -43.63
C GLU E 4011 -40.86 36.53 -43.55
N LEU E 4012 -39.82 36.76 -44.36
CA LEU E 4012 -38.65 35.91 -44.30
C LEU E 4012 -37.94 36.05 -42.96
N LEU E 4013 -37.92 37.26 -42.40
CA LEU E 4013 -37.31 37.44 -41.09
C LEU E 4013 -38.09 36.67 -40.02
N LYS E 4014 -39.42 36.70 -40.11
CA LYS E 4014 -40.24 35.94 -39.17
C LYS E 4014 -39.95 34.45 -39.26
N GLU E 4015 -39.84 33.93 -40.49
CA GLU E 4015 -39.54 32.50 -40.63
C GLU E 4015 -38.16 32.17 -40.07
N LEU E 4016 -37.18 33.06 -40.28
CA LEU E 4016 -35.87 32.81 -39.72
C LEU E 4016 -35.94 32.79 -38.20
N LEU E 4017 -36.71 33.71 -37.63
CA LEU E 4017 -36.79 33.82 -36.18
C LEU E 4017 -37.42 32.58 -35.57
N ASP E 4018 -38.51 32.07 -36.16
CA ASP E 4018 -39.11 30.88 -35.57
C ASP E 4018 -38.25 29.65 -35.80
N LEU E 4019 -37.46 29.62 -36.88
CA LEU E 4019 -36.51 28.51 -37.02
C LEU E 4019 -35.45 28.54 -35.92
N GLN E 4020 -34.98 29.74 -35.58
CA GLN E 4020 -34.03 29.86 -34.49
C GLN E 4020 -34.68 29.45 -33.17
N LYS E 4021 -35.94 29.82 -32.99
CA LYS E 4021 -36.65 29.42 -31.78
C LYS E 4021 -36.73 27.91 -31.64
N ASP E 4022 -37.04 27.23 -32.75
CA ASP E 4022 -37.11 25.77 -32.71
C ASP E 4022 -35.75 25.15 -32.40
N MET E 4023 -34.67 25.73 -32.93
CA MET E 4023 -33.34 25.22 -32.61
C MET E 4023 -33.02 25.40 -31.13
N VAL E 4024 -33.36 26.55 -30.55
CA VAL E 4024 -33.09 26.76 -29.13
C VAL E 4024 -33.93 25.81 -28.28
N VAL E 4025 -35.18 25.60 -28.68
CA VAL E 4025 -36.02 24.64 -27.96
C VAL E 4025 -35.41 23.25 -27.97
N MET E 4026 -34.84 22.85 -29.11
CA MET E 4026 -34.13 21.56 -29.15
C MET E 4026 -32.94 21.56 -28.20
N LEU E 4027 -32.19 22.66 -28.14
CA LEU E 4027 -31.06 22.71 -27.22
C LEU E 4027 -31.53 22.60 -25.77
N LEU E 4028 -32.63 23.27 -25.44
CA LEU E 4028 -33.17 23.14 -24.08
C LEU E 4028 -33.63 21.72 -23.81
N SER E 4029 -34.11 21.03 -24.83
CA SER E 4029 -34.52 19.63 -24.68
C SER E 4029 -33.31 18.74 -24.42
N LEU E 4030 -32.16 19.09 -24.99
CA LEU E 4030 -30.93 18.34 -24.74
C LEU E 4030 -30.45 18.46 -23.30
N LEU E 4031 -30.90 19.44 -22.53
CA LEU E 4031 -30.47 19.60 -21.14
C LEU E 4031 -31.40 18.94 -20.14
N GLU E 4032 -32.39 18.18 -20.60
CA GLU E 4032 -33.26 17.46 -19.67
C GLU E 4032 -32.45 16.39 -18.94
N GLY E 4033 -32.65 16.30 -17.63
CA GLY E 4033 -31.91 15.34 -16.83
C GLY E 4033 -30.43 15.59 -16.76
N ASN E 4034 -30.02 16.85 -16.63
CA ASN E 4034 -28.62 17.23 -16.60
C ASN E 4034 -28.10 17.31 -15.18
N VAL E 4035 -26.87 16.83 -14.98
CA VAL E 4035 -26.21 16.84 -13.69
C VAL E 4035 -25.08 17.87 -13.72
N VAL E 4036 -24.54 18.15 -12.53
CA VAL E 4036 -23.46 19.11 -12.40
C VAL E 4036 -22.23 18.63 -13.14
N ASN E 4037 -21.57 19.54 -13.85
CA ASN E 4037 -20.35 19.24 -14.60
C ASN E 4037 -20.61 18.15 -15.64
N GLY E 4038 -21.78 18.17 -16.25
CA GLY E 4038 -22.09 17.20 -17.28
C GLY E 4038 -21.30 17.43 -18.54
N MET E 4039 -21.05 16.32 -19.25
CA MET E 4039 -20.28 16.39 -20.48
C MET E 4039 -21.03 17.15 -21.56
N ILE E 4040 -22.35 16.98 -21.61
CA ILE E 4040 -23.16 17.72 -22.58
C ILE E 4040 -23.11 19.20 -22.28
N ALA E 4041 -23.23 19.58 -21.00
CA ALA E 4041 -23.19 20.98 -20.63
C ALA E 4041 -21.84 21.61 -20.97
N ARG E 4042 -20.75 20.91 -20.68
CA ARG E 4042 -19.44 21.47 -21.00
C ARG E 4042 -19.21 21.54 -22.50
N GLN E 4043 -19.70 20.57 -23.26
CA GLN E 4043 -19.59 20.67 -24.72
C GLN E 4043 -20.38 21.87 -25.23
N MET E 4044 -21.57 22.10 -24.67
CA MET E 4044 -22.38 23.23 -25.09
C MET E 4044 -21.70 24.55 -24.76
N VAL E 4045 -21.03 24.61 -23.60
CA VAL E 4045 -20.26 25.79 -23.23
C VAL E 4045 -19.13 26.04 -24.22
N ASP E 4046 -18.43 24.99 -24.62
CA ASP E 4046 -17.38 25.16 -25.63
C ASP E 4046 -17.95 25.67 -26.93
N MET E 4047 -19.13 25.17 -27.30
CA MET E 4047 -19.81 25.63 -28.52
C MET E 4047 -20.19 27.10 -28.44
N LEU E 4048 -20.68 27.54 -27.28
CA LEU E 4048 -21.03 28.94 -27.10
C LEU E 4048 -19.79 29.82 -27.18
N VAL E 4049 -18.69 29.37 -26.59
CA VAL E 4049 -17.46 30.16 -26.67
C VAL E 4049 -17.00 30.25 -28.12
N GLU E 4050 -17.10 29.16 -28.86
CA GLU E 4050 -16.69 29.18 -30.26
C GLU E 4050 -17.54 30.17 -31.05
N SER E 4051 -18.83 30.29 -30.70
CA SER E 4051 -19.77 31.16 -31.42
C SER E 4051 -20.27 32.34 -30.57
N SER E 4052 -19.36 32.94 -29.81
CA SER E 4052 -19.74 34.03 -28.89
C SER E 4052 -20.12 35.32 -29.61
N SER E 4053 -19.39 35.69 -30.67
CA SER E 4053 -19.67 36.95 -31.36
C SER E 4053 -21.06 37.01 -31.98
N ASN E 4054 -21.51 35.92 -32.59
CA ASN E 4054 -22.84 35.92 -33.20
C ASN E 4054 -23.94 35.98 -32.16
N VAL E 4055 -23.77 35.28 -31.04
CA VAL E 4055 -24.78 35.32 -29.99
C VAL E 4055 -24.87 36.74 -29.42
N GLU E 4056 -23.72 37.39 -29.20
CA GLU E 4056 -23.74 38.76 -28.71
C GLU E 4056 -24.46 39.70 -29.68
N MET E 4057 -24.23 39.53 -31.00
CA MET E 4057 -24.93 40.38 -31.96
C MET E 4057 -26.43 40.14 -31.91
N ILE E 4058 -26.84 38.88 -31.78
CA ILE E 4058 -28.25 38.53 -31.69
C ILE E 4058 -28.88 39.13 -30.44
N LEU E 4059 -28.17 39.04 -29.31
CA LEU E 4059 -28.69 39.64 -28.09
C LEU E 4059 -28.82 41.15 -28.23
N LYS E 4060 -27.86 41.80 -28.90
CA LYS E 4060 -28.02 43.24 -29.08
C LYS E 4060 -29.17 43.55 -30.02
N PHE E 4061 -29.55 42.57 -30.84
CA PHE E 4061 -30.71 42.77 -31.72
C PHE E 4061 -31.97 42.72 -30.89
N PHE E 4062 -32.01 41.79 -29.93
CA PHE E 4062 -33.22 41.61 -29.15
C PHE E 4062 -33.38 42.78 -28.18
N ASP E 4063 -32.30 43.18 -27.51
CA ASP E 4063 -32.42 44.20 -26.49
C ASP E 4063 -32.71 45.56 -27.12
N MET E 4064 -32.23 45.85 -28.33
CA MET E 4064 -32.51 47.16 -28.91
C MET E 4064 -34.02 47.37 -29.10
N PHE E 4065 -34.72 46.35 -29.59
CA PHE E 4065 -36.17 46.47 -29.79
C PHE E 4065 -36.96 46.26 -28.50
N LEU E 4066 -36.43 45.49 -27.56
CA LEU E 4066 -37.06 45.42 -26.24
C LEU E 4066 -37.00 46.78 -25.55
N LYS E 4067 -35.86 47.47 -25.65
CA LYS E 4067 -35.76 48.82 -25.11
C LYS E 4067 -36.66 49.78 -25.87
N LEU E 4068 -36.77 49.64 -27.19
CA LEU E 4068 -37.64 50.53 -27.94
C LEU E 4068 -39.10 50.37 -27.54
N LYS E 4069 -39.53 49.14 -27.20
CA LYS E 4069 -40.93 48.94 -26.84
C LYS E 4069 -41.31 49.70 -25.58
N ASP E 4070 -40.44 49.69 -24.57
CA ASP E 4070 -40.68 50.38 -23.30
C ASP E 4070 -40.32 51.86 -23.35
N ILE E 4071 -39.50 52.31 -24.31
CA ILE E 4071 -39.01 53.73 -24.35
C ILE E 4071 -40.12 54.67 -24.86
N VAL E 4072 -41.01 54.21 -25.74
CA VAL E 4072 -42.04 55.13 -26.33
C VAL E 4072 -42.98 55.77 -25.29
N GLY E 4073 -43.28 55.17 -24.14
CA GLY E 4073 -44.14 55.85 -23.14
C GLY E 4073 -43.47 57.10 -22.55
N SER E 4074 -44.21 58.21 -22.31
CA SER E 4074 -43.65 59.50 -21.81
C SER E 4074 -42.97 60.28 -22.93
N GLU E 4075 -41.86 59.79 -23.50
CA GLU E 4075 -41.10 60.49 -24.57
C GLU E 4075 -41.99 60.65 -25.80
N ALA E 4076 -42.91 59.76 -26.05
CA ALA E 4076 -43.77 59.77 -27.26
C ALA E 4076 -44.17 61.22 -27.57
N PHE E 4077 -44.62 61.97 -26.56
CA PHE E 4077 -45.03 63.39 -26.73
C PHE E 4077 -43.82 64.30 -26.52
N GLN E 4078 -42.97 63.99 -25.54
CA GLN E 4078 -41.77 64.80 -25.22
C GLN E 4078 -41.07 65.20 -26.52
N ASP E 4079 -40.64 64.24 -27.33
CA ASP E 4079 -39.97 64.49 -28.64
C ASP E 4079 -40.32 63.35 -29.59
N LEU E 4087 -47.74 60.85 -35.99
CA LEU E 4087 -46.56 60.88 -36.85
C LEU E 4087 -45.43 61.68 -36.18
N ILE E 4088 -44.20 61.45 -36.63
CA ILE E 4088 -43.05 62.12 -36.05
C ILE E 4088 -41.93 62.13 -37.09
N SER E 4089 -41.19 63.23 -37.13
CA SER E 4089 -40.08 63.38 -38.06
C SER E 4089 -38.84 62.64 -37.57
N LYS E 4090 -37.93 62.36 -38.51
CA LYS E 4090 -36.67 61.71 -38.18
C LYS E 4090 -35.83 62.56 -37.23
N LYS E 4091 -35.81 63.87 -37.46
CA LYS E 4091 -35.10 64.79 -36.58
C LYS E 4091 -35.69 64.77 -35.18
N ASP E 4092 -37.02 64.75 -35.08
CA ASP E 4092 -37.65 64.65 -33.77
C ASP E 4092 -37.34 63.33 -33.08
N PHE E 4093 -37.31 62.22 -33.83
CA PHE E 4093 -36.90 60.95 -33.21
C PHE E 4093 -35.46 61.02 -32.72
N GLN E 4094 -34.60 61.67 -33.50
CA GLN E 4094 -33.21 61.82 -33.12
C GLN E 4094 -33.10 62.59 -31.81
N LYS E 4095 -33.87 63.69 -31.70
CA LYS E 4095 -33.80 64.48 -30.49
C LYS E 4095 -34.55 63.83 -29.33
N ALA E 4096 -35.44 62.87 -29.60
CA ALA E 4096 -36.09 62.19 -28.50
C ALA E 4096 -35.09 61.24 -27.88
N MET E 4097 -34.33 60.54 -28.72
CA MET E 4097 -33.41 59.54 -28.20
C MET E 4097 -32.24 60.25 -27.53
N ASP E 4098 -31.70 61.29 -28.17
CA ASP E 4098 -30.58 61.99 -27.58
C ASP E 4098 -30.98 62.79 -26.34
N SER E 4099 -32.29 63.06 -26.15
CA SER E 4099 -32.74 63.65 -24.90
C SER E 4099 -32.68 62.68 -23.74
N GLN E 4100 -32.68 61.37 -24.00
CA GLN E 4100 -32.54 60.33 -22.98
C GLN E 4100 -31.47 59.35 -23.44
N LYS E 4101 -30.33 59.37 -22.77
CA LYS E 4101 -29.18 58.56 -23.17
C LYS E 4101 -29.41 57.10 -22.80
N GLN E 4102 -30.09 56.37 -23.69
CA GLN E 4102 -30.20 54.92 -23.58
C GLN E 4102 -29.64 54.18 -24.77
N PHE E 4103 -29.64 54.78 -25.95
CA PHE E 4103 -29.01 54.23 -27.14
C PHE E 4103 -27.82 55.09 -27.53
N THR E 4104 -26.90 54.50 -28.29
CA THR E 4104 -25.73 55.22 -28.76
C THR E 4104 -25.93 55.66 -30.22
N GLY E 4105 -24.88 56.25 -30.77
CA GLY E 4105 -24.89 56.80 -32.11
C GLY E 4105 -25.26 55.81 -33.19
N PRO E 4106 -24.45 54.76 -33.35
CA PRO E 4106 -24.77 53.76 -34.37
C PRO E 4106 -26.11 53.11 -34.17
N GLU E 4107 -26.51 52.89 -32.92
CA GLU E 4107 -27.80 52.26 -32.68
C GLU E 4107 -28.92 53.16 -33.17
N ILE E 4108 -28.81 54.45 -32.90
CA ILE E 4108 -29.83 55.39 -33.37
C ILE E 4108 -29.84 55.44 -34.89
N GLN E 4109 -28.67 55.45 -35.52
CA GLN E 4109 -28.67 55.46 -36.99
C GLN E 4109 -29.32 54.20 -37.56
N PHE E 4110 -29.06 53.04 -36.95
CA PHE E 4110 -29.71 51.81 -37.41
C PHE E 4110 -31.21 51.87 -37.24
N LEU E 4111 -31.70 52.40 -36.12
CA LEU E 4111 -33.14 52.53 -35.94
C LEU E 4111 -33.72 53.51 -36.97
N LEU E 4112 -32.98 54.58 -37.28
CA LEU E 4112 -33.44 55.51 -38.29
C LEU E 4112 -33.56 54.82 -39.64
N SER E 4113 -32.59 53.96 -39.98
CA SER E 4113 -32.68 53.23 -41.24
C SER E 4113 -33.88 52.29 -41.22
N CYS E 4114 -34.10 51.61 -40.09
CA CYS E 4114 -35.22 50.70 -39.93
C CYS E 4114 -36.56 51.40 -39.90
N SER E 4115 -36.58 52.72 -39.71
CA SER E 4115 -37.84 53.43 -39.55
C SER E 4115 -38.77 53.24 -40.75
N GLU E 4116 -38.22 53.28 -41.96
CA GLU E 4116 -39.03 53.21 -43.19
C GLU E 4116 -40.00 54.40 -43.26
N ALA E 4117 -39.50 55.62 -43.03
CA ALA E 4117 -40.37 56.83 -42.98
C ALA E 4117 -40.63 57.35 -44.39
N ASP E 4118 -41.90 57.44 -44.81
CA ASP E 4118 -42.29 57.95 -46.15
C ASP E 4118 -42.35 59.47 -46.09
N GLU E 4119 -41.58 60.19 -46.91
CA GLU E 4119 -41.49 61.67 -46.83
C GLU E 4119 -40.97 62.03 -45.43
N ASN E 4120 -41.32 63.20 -44.89
CA ASN E 4120 -40.88 63.65 -43.53
C ASN E 4120 -41.99 63.34 -42.51
N GLU E 4121 -41.67 63.46 -41.21
CA GLU E 4121 -42.67 63.22 -40.14
C GLU E 4121 -43.56 62.04 -40.51
N MET E 4122 -42.98 60.86 -40.72
CA MET E 4122 -43.79 59.70 -41.17
C MET E 4122 -43.36 58.43 -40.41
N ILE E 4123 -42.84 58.57 -39.19
CA ILE E 4123 -42.52 57.38 -38.35
C ILE E 4123 -43.78 57.02 -37.56
N ASN E 4124 -44.28 55.79 -37.70
CA ASN E 4124 -45.48 55.29 -37.02
C ASN E 4124 -45.04 54.40 -35.85
N PHE E 4125 -44.96 54.98 -34.65
CA PHE E 4125 -44.34 54.25 -33.54
C PHE E 4125 -45.15 53.05 -33.07
N GLU E 4126 -46.45 52.97 -33.36
CA GLU E 4126 -47.19 51.78 -32.94
C GLU E 4126 -46.69 50.54 -33.65
N GLU E 4127 -46.59 50.61 -34.99
CA GLU E 4127 -46.10 49.46 -35.72
C GLU E 4127 -44.58 49.34 -35.58
N PHE E 4128 -43.88 50.46 -35.38
CA PHE E 4128 -42.45 50.34 -35.21
C PHE E 4128 -42.15 49.54 -33.95
N ALA E 4129 -42.87 49.84 -32.87
CA ALA E 4129 -42.67 49.13 -31.61
C ALA E 4129 -43.15 47.69 -31.68
N ASN E 4130 -44.25 47.44 -32.39
CA ASN E 4130 -44.84 46.10 -32.43
C ASN E 4130 -44.32 45.21 -33.55
N ARG E 4131 -43.37 45.67 -34.37
CA ARG E 4131 -42.92 44.82 -35.47
C ARG E 4131 -42.21 43.56 -34.95
N PHE E 4132 -41.31 43.70 -33.98
CA PHE E 4132 -40.47 42.59 -33.53
C PHE E 4132 -40.70 42.19 -32.08
N GLN E 4133 -41.70 42.76 -31.40
CA GLN E 4133 -41.79 42.59 -29.96
C GLN E 4133 -42.00 41.12 -29.57
N GLU E 4134 -42.86 40.40 -30.30
CA GLU E 4134 -43.27 39.07 -29.82
C GLU E 4134 -42.18 38.03 -30.04
N PRO E 4135 -41.73 37.75 -31.27
CA PRO E 4135 -40.70 36.72 -31.44
C PRO E 4135 -39.42 37.05 -30.71
N ALA E 4136 -39.06 38.33 -30.66
CA ALA E 4136 -37.87 38.74 -29.92
C ALA E 4136 -38.01 38.38 -28.46
N ARG E 4137 -39.19 38.61 -27.88
CA ARG E 4137 -39.40 38.30 -26.48
C ARG E 4137 -39.31 36.80 -26.23
N ASP E 4138 -39.93 36.01 -27.10
CA ASP E 4138 -39.93 34.56 -26.89
C ASP E 4138 -38.52 33.98 -26.99
N ILE E 4139 -37.77 34.42 -27.99
CA ILE E 4139 -36.40 33.93 -28.15
C ILE E 4139 -35.52 34.43 -27.02
N GLY E 4140 -35.70 35.68 -26.60
CA GLY E 4140 -34.89 36.21 -25.52
C GLY E 4140 -35.12 35.44 -24.24
N PHE E 4141 -36.39 35.08 -23.97
CA PHE E 4141 -36.67 34.30 -22.77
C PHE E 4141 -36.04 32.93 -22.85
N ASN E 4142 -36.13 32.27 -24.00
CA ASN E 4142 -35.55 30.93 -24.09
C ASN E 4142 -34.03 30.97 -23.96
N VAL E 4143 -33.40 31.99 -24.53
CA VAL E 4143 -31.96 32.19 -24.37
C VAL E 4143 -31.59 32.44 -22.92
N ALA E 4144 -32.39 33.25 -22.23
CA ALA E 4144 -32.15 33.51 -20.81
C ALA E 4144 -32.25 32.24 -19.99
N VAL E 4145 -33.23 31.39 -20.31
CA VAL E 4145 -33.35 30.12 -19.60
C VAL E 4145 -32.13 29.24 -19.86
N LEU E 4146 -31.69 29.19 -21.11
CA LEU E 4146 -30.54 28.35 -21.46
C LEU E 4146 -29.29 28.82 -20.71
N LEU E 4147 -29.06 30.13 -20.69
CA LEU E 4147 -27.89 30.67 -20.00
C LEU E 4147 -27.98 30.46 -18.49
N THR E 4148 -29.17 30.62 -17.92
CA THR E 4148 -29.32 30.38 -16.48
C THR E 4148 -29.03 28.92 -16.14
N ASN E 4149 -29.54 28.01 -16.96
CA ASN E 4149 -29.30 26.58 -16.70
C ASN E 4149 -27.82 26.26 -16.79
N LEU E 4150 -27.14 26.79 -17.81
CA LEU E 4150 -25.71 26.50 -17.93
C LEU E 4150 -24.93 27.12 -16.79
N SER E 4151 -25.30 28.34 -16.39
CA SER E 4151 -24.57 29.00 -15.30
C SER E 4151 -24.73 28.23 -14.00
N GLU E 4152 -25.94 27.71 -13.75
CA GLU E 4152 -26.26 27.05 -12.47
C GLU E 4152 -25.85 25.58 -12.50
N HIS E 4153 -25.40 25.03 -13.64
CA HIS E 4153 -24.87 23.67 -13.68
C HIS E 4153 -23.37 23.60 -13.97
N VAL E 4154 -22.75 24.68 -14.42
CA VAL E 4154 -21.30 24.75 -14.57
C VAL E 4154 -20.81 26.03 -13.91
N PRO E 4155 -20.78 26.08 -12.57
CA PRO E 4155 -20.52 27.36 -11.89
C PRO E 4155 -19.06 27.76 -11.82
N HIS E 4156 -18.12 26.89 -12.18
CA HIS E 4156 -16.70 27.15 -12.01
C HIS E 4156 -15.99 27.26 -13.37
N ASP E 4157 -16.67 27.81 -14.37
CA ASP E 4157 -16.08 28.01 -15.68
C ASP E 4157 -15.81 29.49 -15.90
N PRO E 4158 -14.56 29.94 -15.90
CA PRO E 4158 -14.29 31.37 -16.11
C PRO E 4158 -14.71 31.87 -17.48
N ARG E 4159 -14.79 31.00 -18.48
CA ARG E 4159 -15.14 31.44 -19.83
C ARG E 4159 -16.61 31.82 -19.94
N LEU E 4160 -17.44 31.42 -18.99
CA LEU E 4160 -18.88 31.65 -19.05
C LEU E 4160 -19.29 32.99 -18.43
N ARG E 4161 -18.46 33.54 -17.53
CA ARG E 4161 -18.82 34.81 -16.92
C ARG E 4161 -18.86 35.93 -17.95
N ASN E 4162 -18.06 35.82 -19.01
CA ASN E 4162 -18.12 36.82 -20.05
C ASN E 4162 -19.50 36.84 -20.70
N PHE E 4163 -20.07 35.65 -20.97
CA PHE E 4163 -21.43 35.62 -21.53
C PHE E 4163 -22.45 36.16 -20.54
N LEU E 4164 -22.32 35.85 -19.25
CA LEU E 4164 -23.30 36.41 -18.32
C LEU E 4164 -23.20 37.93 -18.27
N GLU E 4165 -21.99 38.47 -18.28
CA GLU E 4165 -21.82 39.91 -18.29
C GLU E 4165 -22.38 40.54 -19.55
N LEU E 4166 -22.16 39.90 -20.70
CA LEU E 4166 -22.69 40.42 -21.96
C LEU E 4166 -24.21 40.31 -22.03
N ALA E 4167 -24.81 39.35 -21.31
CA ALA E 4167 -26.25 39.16 -21.33
C ALA E 4167 -26.92 39.59 -20.03
N GLU E 4168 -26.28 40.47 -19.27
CA GLU E 4168 -26.83 40.91 -18.00
C GLU E 4168 -28.18 41.62 -18.16
N SER E 4169 -28.31 42.48 -19.18
CA SER E 4169 -29.58 43.18 -19.38
C SER E 4169 -30.72 42.24 -19.75
N ILE E 4170 -30.47 41.24 -20.58
CA ILE E 4170 -31.52 40.29 -20.93
C ILE E 4170 -31.96 39.50 -19.70
N LEU E 4171 -30.99 39.04 -18.91
CA LEU E 4171 -31.31 38.31 -17.70
C LEU E 4171 -32.06 39.19 -16.71
N GLU E 4172 -31.66 40.45 -16.59
CA GLU E 4172 -32.36 41.35 -15.67
C GLU E 4172 -33.78 41.59 -16.14
N TYR E 4173 -33.97 41.75 -17.45
CA TYR E 4173 -35.31 42.00 -17.97
C TYR E 4173 -36.23 40.80 -17.74
N PHE E 4174 -35.73 39.60 -17.95
CA PHE E 4174 -36.56 38.39 -17.82
C PHE E 4174 -36.50 37.77 -16.44
N ARG E 4175 -35.82 38.40 -15.49
CA ARG E 4175 -35.74 37.90 -14.13
C ARG E 4175 -37.09 37.74 -13.45
N PRO E 4176 -38.00 38.71 -13.49
CA PRO E 4176 -39.32 38.51 -12.84
C PRO E 4176 -40.17 37.41 -13.44
N TYR E 4177 -39.89 36.96 -14.66
CA TYR E 4177 -40.71 35.93 -15.30
C TYR E 4177 -40.07 34.55 -15.31
N LEU E 4178 -38.81 34.42 -14.91
CA LEU E 4178 -38.12 33.13 -14.90
C LEU E 4178 -38.35 32.43 -13.57
N GLY E 4179 -39.36 31.56 -13.53
CA GLY E 4179 -39.67 30.79 -12.33
C GLY E 4179 -38.89 29.48 -12.31
N ARG E 4180 -38.37 29.13 -11.13
CA ARG E 4180 -37.61 27.89 -10.96
C ARG E 4180 -38.10 27.15 -9.74
N ILE E 4181 -38.27 25.84 -9.88
CA ILE E 4181 -38.68 24.96 -8.79
C ILE E 4181 -37.79 23.73 -8.77
N GLU E 4182 -37.81 23.03 -7.64
CA GLU E 4182 -37.09 21.77 -7.47
C GLU E 4182 -38.08 20.64 -7.22
N ILE E 4183 -37.90 19.54 -7.94
CA ILE E 4183 -38.76 18.36 -7.81
C ILE E 4183 -37.88 17.12 -7.62
N MET E 4184 -38.50 16.06 -7.11
CA MET E 4184 -37.87 14.75 -7.02
C MET E 4184 -38.19 14.00 -8.31
N GLY E 4185 -37.22 13.92 -9.22
CA GLY E 4185 -37.45 13.37 -10.53
C GLY E 4185 -37.52 11.86 -10.55
N ALA E 4186 -37.84 11.33 -11.72
CA ALA E 4186 -37.94 9.89 -11.92
C ALA E 4186 -36.58 9.20 -11.81
N SER E 4187 -35.48 9.92 -12.02
CA SER E 4187 -34.14 9.36 -11.93
C SER E 4187 -33.65 9.25 -10.49
N ARG E 4188 -34.56 9.33 -9.52
CA ARG E 4188 -34.21 9.24 -8.11
C ARG E 4188 -33.27 10.36 -7.69
N ARG E 4189 -33.34 11.50 -8.38
CA ARG E 4189 -32.50 12.64 -8.08
C ARG E 4189 -33.32 13.92 -8.15
N ILE E 4190 -32.87 14.92 -7.42
CA ILE E 4190 -33.52 16.23 -7.41
C ILE E 4190 -33.19 16.97 -8.69
N GLU E 4191 -34.23 17.41 -9.41
CA GLU E 4191 -34.08 18.13 -10.66
C GLU E 4191 -34.72 19.51 -10.54
N ARG E 4192 -34.12 20.48 -11.23
CA ARG E 4192 -34.59 21.85 -11.24
C ARG E 4192 -35.30 22.17 -12.55
N ILE E 4193 -36.51 22.70 -12.45
CA ILE E 4193 -37.38 22.98 -13.59
C ILE E 4193 -37.53 24.49 -13.72
N TYR E 4194 -37.30 25.00 -14.92
CA TYR E 4194 -37.45 26.40 -15.26
C TYR E 4194 -38.68 26.60 -16.14
N PHE E 4195 -39.52 27.56 -15.78
CA PHE E 4195 -40.76 27.84 -16.51
C PHE E 4195 -40.98 29.35 -16.51
N GLU E 4196 -42.08 29.76 -17.17
CA GLU E 4196 -42.42 31.17 -17.34
C GLU E 4196 -43.60 31.52 -16.44
N ILE E 4197 -43.47 32.64 -15.73
CA ILE E 4197 -44.54 33.15 -14.87
C ILE E 4197 -45.16 34.35 -15.55
N SER E 4198 -46.47 34.30 -15.77
CA SER E 4198 -47.15 35.37 -16.50
C SER E 4198 -47.26 36.65 -15.66
N GLU E 4199 -47.24 37.77 -16.37
CA GLU E 4199 -47.36 39.08 -15.71
C GLU E 4199 -48.71 39.19 -15.02
N THR E 4200 -49.78 38.72 -15.65
CA THR E 4200 -51.10 38.85 -15.06
C THR E 4200 -51.17 38.03 -13.77
N ASN E 4201 -50.60 36.83 -13.80
CA ASN E 4201 -50.63 35.96 -12.64
C ASN E 4201 -49.85 36.59 -11.49
N ARG E 4202 -48.69 37.17 -11.80
CA ARG E 4202 -47.91 37.83 -10.74
C ARG E 4202 -48.64 39.05 -10.20
N ALA E 4203 -49.30 39.81 -11.07
CA ALA E 4203 -50.05 40.99 -10.64
C ALA E 4203 -51.20 40.58 -9.72
N GLN E 4204 -51.90 39.52 -10.08
CA GLN E 4204 -53.00 39.00 -9.27
C GLN E 4204 -52.54 38.45 -7.93
N TRP E 4205 -51.34 37.88 -7.87
CA TRP E 4205 -50.87 37.30 -6.61
C TRP E 4205 -50.62 38.30 -5.47
N GLU E 4206 -50.37 39.59 -5.73
CA GLU E 4206 -50.03 40.47 -4.61
C GLU E 4206 -51.23 41.16 -3.97
N MET E 4207 -52.46 40.78 -4.31
CA MET E 4207 -53.60 41.40 -3.67
C MET E 4207 -53.62 41.09 -2.18
N PRO E 4208 -54.03 42.04 -1.34
CA PRO E 4208 -53.97 41.83 0.12
C PRO E 4208 -54.81 40.66 0.62
N GLN E 4209 -55.97 40.41 0.00
CA GLN E 4209 -56.81 39.31 0.43
C GLN E 4209 -56.17 37.95 0.19
N VAL E 4210 -55.46 37.78 -0.92
CA VAL E 4210 -54.78 36.51 -1.15
C VAL E 4210 -53.67 36.31 -0.12
N LYS E 4211 -52.91 37.36 0.20
CA LYS E 4211 -51.87 37.19 1.21
C LYS E 4211 -52.47 36.86 2.57
N GLU E 4212 -53.61 37.49 2.90
CA GLU E 4212 -54.27 37.16 4.16
C GLU E 4212 -54.74 35.71 4.17
N SER E 4213 -55.28 35.23 3.05
CA SER E 4213 -55.68 33.84 2.98
C SER E 4213 -54.48 32.92 3.13
N LYS E 4214 -53.35 33.29 2.56
CA LYS E 4214 -52.13 32.50 2.71
C LYS E 4214 -51.69 32.45 4.16
N ARG E 4215 -51.75 33.59 4.84
CA ARG E 4215 -51.36 33.64 6.25
C ARG E 4215 -52.28 32.77 7.10
N GLN E 4216 -53.59 32.83 6.82
CA GLN E 4216 -54.53 31.99 7.55
C GLN E 4216 -54.27 30.51 7.30
N PHE E 4217 -53.97 30.15 6.05
CA PHE E 4217 -53.67 28.76 5.75
C PHE E 4217 -52.42 28.30 6.47
N ILE E 4218 -51.38 29.13 6.47
CA ILE E 4218 -50.14 28.76 7.14
C ILE E 4218 -50.38 28.59 8.63
N PHE E 4219 -51.16 29.50 9.23
CA PHE E 4219 -51.46 29.40 10.65
C PHE E 4219 -52.20 28.11 10.95
N ASP E 4220 -53.16 27.76 10.08
CA ASP E 4220 -53.98 26.59 10.33
C ASP E 4220 -53.13 25.33 10.26
N VAL E 4221 -52.32 25.23 9.21
CA VAL E 4221 -51.53 24.01 8.99
C VAL E 4221 -50.46 23.88 10.07
N VAL E 4222 -49.87 25.00 10.49
CA VAL E 4222 -48.83 24.94 11.51
C VAL E 4222 -49.43 24.58 12.86
N ASN E 4223 -50.61 25.10 13.18
CA ASN E 4223 -51.18 24.90 14.51
C ASN E 4223 -51.85 23.53 14.61
N GLU E 4224 -52.84 23.26 13.77
CA GLU E 4224 -53.61 22.03 13.86
C GLU E 4224 -53.46 21.13 12.64
N GLY E 4225 -52.63 21.49 11.67
CA GLY E 4225 -52.43 20.65 10.51
C GLY E 4225 -51.60 19.43 10.84
N GLY E 4226 -51.72 18.42 9.96
CA GLY E 4226 -50.95 17.20 10.10
C GLY E 4226 -49.85 17.10 9.09
N GLU E 4227 -48.86 16.24 9.34
CA GLU E 4227 -47.72 16.12 8.43
C GLU E 4227 -48.07 15.31 7.18
N ALA E 4228 -48.92 14.30 7.30
CA ALA E 4228 -49.25 13.47 6.14
C ALA E 4228 -50.22 14.16 5.19
N GLU E 4229 -51.09 15.02 5.70
CA GLU E 4229 -52.05 15.74 4.88
C GLU E 4229 -51.61 17.15 4.55
N LYS E 4230 -50.41 17.54 4.97
CA LYS E 4230 -49.94 18.92 4.77
C LYS E 4230 -49.88 19.27 3.29
N MET E 4231 -49.34 18.37 2.47
CA MET E 4231 -49.18 18.67 1.06
C MET E 4231 -50.52 18.63 0.33
N GLU E 4232 -51.41 17.72 0.72
CA GLU E 4232 -52.73 17.69 0.11
C GLU E 4232 -53.51 18.96 0.44
N LEU E 4233 -53.38 19.44 1.67
CA LEU E 4233 -54.02 20.71 2.03
C LEU E 4233 -53.42 21.86 1.25
N PHE E 4234 -52.10 21.83 1.04
CA PHE E 4234 -51.46 22.90 0.28
C PHE E 4234 -51.97 22.92 -1.16
N VAL E 4235 -52.11 21.74 -1.76
CA VAL E 4235 -52.63 21.67 -3.13
C VAL E 4235 -54.07 22.17 -3.19
N SER E 4236 -54.90 21.78 -2.21
CA SER E 4236 -56.27 22.28 -2.20
C SER E 4236 -56.32 23.79 -2.05
N PHE E 4237 -55.42 24.36 -1.25
CA PHE E 4237 -55.32 25.82 -1.16
C PHE E 4237 -54.92 26.43 -2.49
N CYS E 4238 -54.00 25.79 -3.22
CA CYS E 4238 -53.61 26.30 -4.52
C CYS E 4238 -54.79 26.29 -5.49
N GLU E 4239 -55.57 25.20 -5.48
CA GLU E 4239 -56.72 25.11 -6.37
C GLU E 4239 -57.77 26.18 -6.04
N ASP E 4240 -58.01 26.42 -4.75
CA ASP E 4240 -58.96 27.47 -4.39
C ASP E 4240 -58.44 28.84 -4.82
N THR E 4241 -57.15 29.08 -4.63
CA THR E 4241 -56.58 30.37 -5.03
C THR E 4241 -56.69 30.57 -6.53
N ILE E 4242 -56.43 29.51 -7.30
CA ILE E 4242 -56.54 29.59 -8.75
C ILE E 4242 -57.98 29.92 -9.15
N PHE E 4243 -58.96 29.29 -8.51
CA PHE E 4243 -60.34 29.59 -8.83
C PHE E 4243 -60.69 31.03 -8.51
N GLU E 4244 -60.18 31.54 -7.37
CA GLU E 4244 -60.48 32.93 -7.04
C GLU E 4244 -59.81 33.89 -8.02
N MET E 4245 -58.62 33.55 -8.52
CA MET E 4245 -58.01 34.40 -9.54
C MET E 4245 -58.84 34.41 -10.81
N GLN E 4246 -59.40 33.26 -11.18
CA GLN E 4246 -60.28 33.22 -12.34
C GLN E 4246 -61.52 34.09 -12.13
N ILE E 4247 -62.10 34.03 -10.93
CA ILE E 4247 -63.28 34.84 -10.65
C ILE E 4247 -62.94 36.32 -10.72
N ALA E 4248 -61.81 36.71 -10.15
CA ALA E 4248 -61.39 38.11 -10.19
C ALA E 4248 -61.16 38.57 -11.63
N ALA E 4249 -60.56 37.71 -12.44
CA ALA E 4249 -60.34 38.05 -13.84
C ALA E 4249 -61.67 38.22 -14.56
N GLN E 4250 -62.63 37.35 -14.26
CA GLN E 4250 -63.93 37.42 -14.92
C GLN E 4250 -64.65 38.71 -14.55
N ILE E 4251 -64.62 39.09 -13.28
CA ILE E 4251 -65.33 40.30 -12.87
C ILE E 4251 -64.56 41.56 -13.23
N SER E 4252 -63.27 41.44 -13.56
CA SER E 4252 -62.49 42.61 -13.93
C SER E 4252 -62.98 43.20 -15.25
N GLU E 4253 -62.80 44.50 -15.40
CA GLU E 4253 -63.23 45.21 -16.60
C GLU E 4253 -62.03 45.76 -17.36
N GLY E 4542 -80.25 42.31 -25.57
CA GLY E 4542 -78.85 42.66 -25.46
C GLY E 4542 -78.62 43.96 -24.72
N GLU E 4543 -79.51 44.93 -24.98
CA GLU E 4543 -79.38 46.23 -24.32
C GLU E 4543 -79.54 46.08 -22.82
N LEU E 4544 -80.51 45.26 -22.39
CA LEU E 4544 -80.73 45.08 -20.96
C LEU E 4544 -79.66 44.18 -20.37
N GLU E 4545 -79.21 43.19 -21.14
CA GLU E 4545 -78.22 42.24 -20.66
C GLU E 4545 -76.88 42.90 -20.37
N VAL E 4546 -76.43 43.79 -21.25
CA VAL E 4546 -75.14 44.45 -21.02
C VAL E 4546 -75.19 45.35 -19.79
N GLN E 4547 -76.33 46.00 -19.54
CA GLN E 4547 -76.43 46.81 -18.34
C GLN E 4547 -76.57 45.93 -17.10
N ARG E 4548 -77.22 44.78 -17.24
CA ARG E 4548 -77.38 43.89 -16.12
C ARG E 4548 -76.03 43.35 -15.67
N VAL E 4549 -75.20 42.93 -16.63
CA VAL E 4549 -73.88 42.41 -16.29
C VAL E 4549 -72.97 43.52 -15.76
N LYS E 4550 -73.07 44.73 -16.32
CA LYS E 4550 -72.26 45.83 -15.77
C LYS E 4550 -72.65 46.14 -14.33
N PHE E 4551 -73.96 46.16 -14.04
CA PHE E 4551 -74.43 46.41 -12.68
C PHE E 4551 -74.00 45.30 -11.73
N LEU E 4552 -74.09 44.05 -12.17
CA LEU E 4552 -73.68 42.94 -11.30
C LEU E 4552 -72.18 43.00 -11.01
N ASN E 4553 -71.37 43.32 -12.02
CA ASN E 4553 -69.94 43.44 -11.78
C ASN E 4553 -69.64 44.59 -10.84
N TYR E 4554 -70.38 45.70 -10.98
CA TYR E 4554 -70.18 46.83 -10.07
C TYR E 4554 -70.48 46.45 -8.62
N LEU E 4555 -71.57 45.71 -8.40
CA LEU E 4555 -71.91 45.26 -7.05
C LEU E 4555 -70.86 44.30 -6.51
N SER E 4556 -70.37 43.39 -7.36
CA SER E 4556 -69.36 42.45 -6.91
C SER E 4556 -68.09 43.17 -6.52
N ARG E 4557 -67.68 44.16 -7.33
CA ARG E 4557 -66.48 44.91 -7.03
C ARG E 4557 -66.63 45.72 -5.75
N ASN E 4558 -67.82 46.29 -5.51
CA ASN E 4558 -68.04 47.18 -4.37
C ASN E 4558 -68.82 46.53 -3.25
N PHE E 4559 -68.68 45.22 -3.06
CA PHE E 4559 -69.39 44.54 -1.98
C PHE E 4559 -68.97 45.01 -0.58
N TYR E 4560 -67.66 45.18 -0.35
CA TYR E 4560 -67.19 45.55 0.98
C TYR E 4560 -67.47 47.01 1.35
N THR E 4561 -67.45 47.90 0.35
CA THR E 4561 -67.79 49.29 0.60
C THR E 4561 -69.25 49.43 1.04
N LEU E 4562 -70.14 48.64 0.44
CA LEU E 4562 -71.53 48.66 0.87
C LEU E 4562 -71.67 48.17 2.31
N ARG E 4563 -70.89 47.16 2.71
CA ARG E 4563 -70.92 46.70 4.10
C ARG E 4563 -70.47 47.79 5.07
N PHE E 4564 -69.41 48.51 4.73
CA PHE E 4564 -68.99 49.63 5.58
C PHE E 4564 -70.04 50.72 5.61
N LEU E 4565 -70.66 51.00 4.46
CA LEU E 4565 -71.68 52.04 4.41
C LEU E 4565 -72.86 51.67 5.29
N ALA E 4566 -73.25 50.40 5.26
CA ALA E 4566 -74.35 49.93 6.11
C ALA E 4566 -74.02 50.08 7.58
N LEU E 4567 -72.79 49.77 7.97
CA LEU E 4567 -72.42 49.95 9.37
C LEU E 4567 -72.45 51.43 9.76
N PHE E 4568 -71.98 52.30 8.88
CA PHE E 4568 -72.02 53.73 9.16
C PHE E 4568 -73.46 54.21 9.30
N LEU E 4569 -74.34 53.75 8.42
CA LEU E 4569 -75.73 54.15 8.48
C LEU E 4569 -76.38 53.64 9.76
N ALA E 4570 -75.97 52.46 10.22
CA ALA E 4570 -76.51 51.94 11.47
C ALA E 4570 -76.13 52.82 12.65
N PHE E 4571 -74.88 53.27 12.68
CA PHE E 4571 -74.47 54.18 13.74
C PHE E 4571 -75.19 55.52 13.66
N ALA E 4572 -75.40 56.04 12.45
CA ALA E 4572 -76.12 57.30 12.32
C ALA E 4572 -77.56 57.18 12.80
N ILE E 4573 -78.21 56.06 12.47
CA ILE E 4573 -79.59 55.85 12.91
C ILE E 4573 -79.65 55.75 14.42
N ASN E 4574 -78.73 54.99 15.02
CA ASN E 4574 -78.81 54.83 16.47
C ASN E 4574 -78.47 56.14 17.18
N PHE E 4575 -77.62 56.97 16.59
CA PHE E 4575 -77.35 58.29 17.14
C PHE E 4575 -78.61 59.16 17.11
N ILE E 4576 -79.37 59.07 16.03
CA ILE E 4576 -80.63 59.83 15.94
C ILE E 4576 -81.65 59.31 16.95
N LEU E 4577 -81.67 58.00 17.18
CA LEU E 4577 -82.63 57.38 18.07
C LEU E 4577 -82.49 57.82 19.53
N LEU E 4578 -81.35 58.40 19.92
CA LEU E 4578 -81.16 58.90 21.27
C LEU E 4578 -82.06 60.07 21.65
N PHE E 4579 -82.69 60.74 20.69
CA PHE E 4579 -83.54 61.89 20.97
C PHE E 4579 -85.02 61.53 21.12
N TYR E 4580 -85.36 60.25 21.13
CA TYR E 4580 -86.75 59.83 21.32
C TYR E 4580 -87.25 60.17 22.72
N LYS E 4581 -88.54 60.47 22.81
CA LYS E 4581 -89.20 60.89 24.05
C LYS E 4581 -90.62 60.34 24.09
N VAL E 4582 -90.98 59.76 25.23
CA VAL E 4582 -92.31 59.18 25.46
C VAL E 4582 -93.16 60.17 26.24
N SER E 4583 -94.40 60.36 25.80
CA SER E 4583 -95.31 61.28 26.46
C SER E 4583 -96.73 60.77 26.36
N ASP E 4584 -97.53 61.03 27.40
CA ASP E 4584 -98.92 60.61 27.39
C ASP E 4584 -99.72 61.27 26.27
N SER E 4585 -99.50 62.54 26.02
CA SER E 4585 -100.20 63.28 24.98
C SER E 4585 -99.31 63.44 23.75
N PRO E 4586 -99.91 63.55 22.55
CA PRO E 4586 -99.11 63.73 21.33
C PRO E 4586 -98.24 64.99 21.37
N MET E 4627 -102.47 54.94 27.03
CA MET E 4627 -101.86 55.15 25.73
C MET E 4627 -100.69 56.13 25.84
N VAL E 4628 -99.69 55.96 24.98
CA VAL E 4628 -98.50 56.79 24.97
C VAL E 4628 -98.11 57.08 23.53
N TYR E 4629 -97.30 58.12 23.35
CA TYR E 4629 -96.81 58.52 22.04
C TYR E 4629 -95.31 58.71 22.11
N TYR E 4630 -94.62 58.21 21.10
CA TYR E 4630 -93.16 58.31 20.99
C TYR E 4630 -92.83 59.34 19.93
N PHE E 4631 -92.06 60.38 20.29
CA PHE E 4631 -91.77 61.43 19.34
C PHE E 4631 -90.39 61.99 19.60
N LEU E 4632 -89.78 62.52 18.55
CA LEU E 4632 -88.51 63.22 18.68
C LEU E 4632 -88.71 64.57 19.38
N GLU E 4633 -87.70 65.00 20.11
CA GLU E 4633 -87.69 66.29 20.79
C GLU E 4633 -86.54 67.10 20.22
N GLU E 4634 -86.84 67.98 19.27
CA GLU E 4634 -85.80 68.77 18.62
C GLU E 4634 -86.39 70.09 18.12
N SER E 4635 -85.50 71.05 17.91
CA SER E 4635 -85.89 72.36 17.40
C SER E 4635 -85.61 72.53 15.90
N THR E 4636 -84.63 71.80 15.36
CA THR E 4636 -84.31 71.95 13.94
C THR E 4636 -85.40 71.36 13.06
N GLY E 4637 -85.88 70.17 13.40
CA GLY E 4637 -86.91 69.51 12.62
C GLY E 4637 -86.41 68.71 11.44
N TYR E 4638 -85.10 68.60 11.25
CA TYR E 4638 -84.55 67.89 10.10
C TYR E 4638 -84.24 66.42 10.39
N MET E 4639 -84.23 66.01 11.66
CA MET E 4639 -83.82 64.65 11.98
C MET E 4639 -84.86 63.60 11.53
N GLU E 4640 -86.15 63.89 11.67
CA GLU E 4640 -87.16 62.91 11.25
C GLU E 4640 -87.09 62.58 9.75
N PRO E 4641 -87.03 63.55 8.83
CA PRO E 4641 -86.82 63.17 7.43
C PRO E 4641 -85.48 62.49 7.21
N ALA E 4642 -84.45 62.88 7.97
CA ALA E 4642 -83.16 62.24 7.77
C ALA E 4642 -83.25 60.78 8.18
N LEU E 4643 -83.99 60.50 9.24
CA LEU E 4643 -84.18 59.13 9.71
C LEU E 4643 -84.91 58.31 8.66
N TRP E 4644 -85.92 58.89 8.01
CA TRP E 4644 -86.62 58.15 6.96
C TRP E 4644 -85.71 57.87 5.78
N CYS E 4645 -84.91 58.86 5.38
CA CYS E 4645 -83.99 58.67 4.27
C CYS E 4645 -82.92 57.64 4.60
N LEU E 4646 -82.38 57.70 5.81
CA LEU E 4646 -81.33 56.77 6.20
C LEU E 4646 -81.89 55.35 6.30
N SER E 4647 -83.12 55.20 6.78
CA SER E 4647 -83.71 53.87 6.88
C SER E 4647 -83.89 53.25 5.50
N LEU E 4648 -84.36 54.04 4.54
CA LEU E 4648 -84.50 53.53 3.18
C LEU E 4648 -83.15 53.21 2.57
N LEU E 4649 -82.15 54.07 2.80
CA LEU E 4649 -80.83 53.82 2.24
C LEU E 4649 -80.22 52.55 2.84
N HIS E 4650 -80.39 52.34 4.14
CA HIS E 4650 -79.86 51.14 4.77
C HIS E 4650 -80.52 49.88 4.23
N THR E 4651 -81.83 49.93 4.00
CA THR E 4651 -82.50 48.77 3.42
C THR E 4651 -81.98 48.47 2.01
N LEU E 4652 -81.78 49.54 1.22
CA LEU E 4652 -81.25 49.36 -0.13
C LEU E 4652 -79.85 48.78 -0.10
N VAL E 4653 -79.01 49.29 0.79
CA VAL E 4653 -77.63 48.82 0.87
C VAL E 4653 -77.59 47.37 1.29
N ALA E 4654 -78.43 46.97 2.25
CA ALA E 4654 -78.45 45.58 2.65
C ALA E 4654 -78.87 44.66 1.50
N PHE E 4655 -79.84 45.11 0.70
CA PHE E 4655 -80.24 44.30 -0.45
C PHE E 4655 -79.10 44.19 -1.47
N LEU E 4656 -78.38 45.29 -1.70
CA LEU E 4656 -77.27 45.21 -2.64
C LEU E 4656 -76.15 44.32 -2.09
N CYS E 4657 -75.98 44.30 -0.77
CA CYS E 4657 -74.97 43.43 -0.16
C CYS E 4657 -75.31 41.97 -0.38
N ILE E 4658 -76.60 41.64 -0.26
CA ILE E 4658 -77.04 40.27 -0.49
C ILE E 4658 -76.79 39.85 -1.94
N ILE E 4659 -77.12 40.74 -2.88
CA ILE E 4659 -76.85 40.42 -4.28
C ILE E 4659 -75.35 40.29 -4.55
N GLY E 4660 -74.54 41.17 -3.98
CA GLY E 4660 -73.09 41.04 -4.17
C GLY E 4660 -72.55 39.75 -3.59
N TYR E 4661 -73.10 39.30 -2.46
CA TYR E 4661 -72.60 38.07 -1.86
C TYR E 4661 -72.99 36.88 -2.72
N ASN E 4662 -74.25 36.83 -3.14
CA ASN E 4662 -74.73 35.67 -3.88
C ASN E 4662 -74.18 35.63 -5.29
N CYS E 4663 -73.61 36.75 -5.77
CA CYS E 4663 -72.95 36.76 -7.08
C CYS E 4663 -71.44 36.71 -6.97
N LEU E 4664 -70.87 36.75 -5.76
CA LEU E 4664 -69.43 36.72 -5.60
C LEU E 4664 -68.90 35.46 -4.92
N LYS E 4665 -69.52 35.01 -3.83
CA LYS E 4665 -68.93 33.94 -3.02
C LYS E 4665 -69.54 32.56 -3.27
N VAL E 4666 -70.81 32.50 -3.66
CA VAL E 4666 -71.46 31.19 -3.84
C VAL E 4666 -70.70 30.30 -4.82
N PRO E 4667 -70.22 30.81 -5.96
CA PRO E 4667 -69.49 29.92 -6.89
C PRO E 4667 -68.31 29.19 -6.28
N LEU E 4668 -67.59 29.81 -5.34
CA LEU E 4668 -66.51 29.08 -4.68
C LEU E 4668 -67.05 27.93 -3.84
N VAL E 4669 -68.17 28.15 -3.15
CA VAL E 4669 -68.76 27.10 -2.32
C VAL E 4669 -69.20 25.92 -3.19
N ILE E 4670 -69.83 26.22 -4.32
CA ILE E 4670 -70.26 25.15 -5.22
C ILE E 4670 -69.05 24.45 -5.81
N PHE E 4671 -68.01 25.20 -6.16
CA PHE E 4671 -66.82 24.58 -6.72
C PHE E 4671 -66.19 23.61 -5.74
N LYS E 4672 -66.06 24.03 -4.48
CA LYS E 4672 -65.44 23.17 -3.48
C LYS E 4672 -66.28 21.93 -3.24
N ARG E 4673 -67.60 22.09 -3.15
CA ARG E 4673 -68.45 20.94 -2.87
C ARG E 4673 -68.44 19.94 -4.03
N GLU E 4674 -68.50 20.44 -5.27
CA GLU E 4674 -68.42 19.52 -6.41
C GLU E 4674 -67.07 18.85 -6.48
N LYS E 4675 -66.00 19.57 -6.15
CA LYS E 4675 -64.67 18.97 -6.20
C LYS E 4675 -64.55 17.82 -5.22
N GLU E 4676 -64.94 18.07 -3.97
CA GLU E 4676 -64.80 17.03 -2.96
C GLU E 4676 -65.75 15.88 -3.23
N LEU E 4677 -66.94 16.17 -3.76
CA LEU E 4677 -67.84 15.07 -4.07
C LEU E 4677 -67.28 14.20 -5.18
N ALA E 4678 -66.69 14.81 -6.21
CA ALA E 4678 -66.14 14.02 -7.31
C ALA E 4678 -64.99 13.16 -6.83
N ARG E 4679 -64.12 13.72 -5.97
CA ARG E 4679 -62.98 12.92 -5.52
C ARG E 4679 -63.43 11.79 -4.60
N LYS E 4680 -64.42 12.03 -3.76
CA LYS E 4680 -64.91 10.95 -2.91
C LYS E 4680 -65.63 9.89 -3.73
N LEU E 4681 -66.28 10.32 -4.82
CA LEU E 4681 -66.95 9.41 -5.73
C LEU E 4681 -65.94 8.49 -6.42
N GLU E 4682 -64.79 9.02 -6.79
CA GLU E 4682 -63.83 8.24 -7.56
C GLU E 4682 -62.92 7.43 -6.63
N PHE E 4683 -62.22 8.10 -5.73
CA PHE E 4683 -61.23 7.43 -4.90
C PHE E 4683 -61.83 6.74 -3.67
N ASP E 4684 -63.14 6.80 -3.43
CA ASP E 4684 -63.71 6.12 -2.28
C ASP E 4684 -64.93 5.27 -2.56
N GLY E 4685 -65.66 5.51 -3.65
CA GLY E 4685 -66.87 4.74 -3.91
C GLY E 4685 -67.92 4.93 -2.84
N LEU E 4686 -68.19 6.19 -2.51
CA LEU E 4686 -69.12 6.49 -1.43
C LEU E 4686 -70.52 5.97 -1.73
N TYR E 4687 -71.01 6.20 -2.94
CA TYR E 4687 -72.34 5.77 -3.34
C TYR E 4687 -72.32 4.48 -4.15
N ILE E 4688 -71.16 3.86 -4.30
CA ILE E 4688 -71.05 2.57 -4.96
C ILE E 4688 -70.83 1.45 -3.95
N THR E 4689 -69.96 1.70 -2.96
CA THR E 4689 -69.59 0.71 -1.97
C THR E 4689 -69.99 1.12 -0.56
N GLU E 4690 -69.66 2.35 -0.16
CA GLU E 4690 -69.80 2.72 1.25
C GLU E 4690 -71.25 2.92 1.65
N GLN E 4691 -72.07 3.53 0.79
CA GLN E 4691 -73.49 3.86 1.11
C GLN E 4691 -73.55 4.60 2.45
N PRO E 4692 -73.29 5.94 2.49
CA PRO E 4692 -73.25 6.69 3.77
C PRO E 4692 -74.49 6.47 4.65
N GLY E 4693 -74.37 6.58 5.98
CA GLY E 4693 -75.47 6.32 6.87
C GLY E 4693 -76.55 7.37 6.79
N ASP E 4694 -77.63 7.14 7.55
CA ASP E 4694 -78.72 8.09 7.63
C ASP E 4694 -78.38 9.31 8.49
N ASP E 4695 -77.21 9.34 9.12
CA ASP E 4695 -76.79 10.47 9.94
C ASP E 4695 -75.97 11.48 9.17
N ASP E 4696 -75.71 11.26 7.88
CA ASP E 4696 -74.93 12.19 7.05
C ASP E 4696 -75.91 12.92 6.15
N VAL E 4697 -76.39 14.07 6.63
CA VAL E 4697 -77.33 14.86 5.85
C VAL E 4697 -76.67 15.41 4.60
N LYS E 4698 -75.37 15.75 4.68
CA LYS E 4698 -74.68 16.23 3.49
C LYS E 4698 -74.63 15.17 2.40
N GLY E 4699 -74.32 13.93 2.77
CA GLY E 4699 -74.30 12.86 1.79
C GLY E 4699 -75.68 12.54 1.25
N GLN E 4700 -76.69 12.54 2.13
CA GLN E 4700 -78.01 12.22 1.62
C GLN E 4700 -78.51 13.32 0.71
N TRP E 4701 -78.14 14.58 0.97
CA TRP E 4701 -78.63 15.60 0.07
C TRP E 4701 -77.83 15.56 -1.22
N ASP E 4702 -76.57 15.12 -1.16
CA ASP E 4702 -75.75 15.09 -2.37
C ASP E 4702 -76.13 13.91 -3.25
N ARG E 4703 -76.95 13.00 -2.72
CA ARG E 4703 -77.40 11.87 -3.53
C ARG E 4703 -78.28 12.32 -4.67
N LEU E 4704 -78.90 13.50 -4.54
CA LEU E 4704 -79.82 14.02 -5.55
C LEU E 4704 -79.13 14.49 -6.81
N VAL E 4705 -77.84 14.81 -6.76
CA VAL E 4705 -77.14 15.40 -7.90
C VAL E 4705 -76.34 14.38 -8.70
N LEU E 4706 -76.34 13.11 -8.29
CA LEU E 4706 -75.50 12.12 -8.97
C LEU E 4706 -75.89 11.98 -10.43
N ASN E 4707 -77.19 11.93 -10.72
CA ASN E 4707 -77.68 11.68 -12.07
C ASN E 4707 -77.97 12.94 -12.85
N THR E 4708 -77.67 14.11 -12.30
CA THR E 4708 -77.95 15.35 -13.00
C THR E 4708 -77.08 15.47 -14.24
N PRO E 4709 -77.64 15.90 -15.38
CA PRO E 4709 -76.82 16.04 -16.59
C PRO E 4709 -75.73 17.08 -16.46
N SER E 4710 -75.86 18.05 -15.57
CA SER E 4710 -74.89 19.12 -15.43
C SER E 4710 -74.27 19.13 -14.04
N PHE E 4711 -73.91 17.95 -13.54
CA PHE E 4711 -73.32 17.87 -12.21
C PHE E 4711 -72.03 18.66 -12.09
N PRO E 4712 -71.06 18.52 -13.00
CA PRO E 4712 -69.82 19.31 -12.92
C PRO E 4712 -69.95 20.66 -13.63
N SER E 4713 -70.76 21.56 -13.07
CA SER E 4713 -70.96 22.92 -13.64
C SER E 4713 -69.82 23.84 -13.21
N ASN E 4714 -69.32 23.72 -11.96
CA ASN E 4714 -68.22 24.56 -11.42
C ASN E 4714 -66.88 23.84 -11.57
N TYR E 4715 -66.73 22.64 -11.00
CA TYR E 4715 -65.48 21.85 -11.03
C TYR E 4715 -64.98 21.68 -12.46
N TRP E 4716 -63.69 21.97 -12.73
CA TRP E 4716 -63.10 21.84 -14.10
C TRP E 4716 -63.14 20.41 -14.67
N ASP E 4717 -63.30 19.35 -13.86
CA ASP E 4717 -63.24 17.95 -14.33
C ASP E 4717 -64.45 17.53 -15.19
N LYS E 4718 -64.25 17.26 -16.49
CA LYS E 4718 -65.33 16.79 -17.40
C LYS E 4718 -65.32 15.27 -17.54
N PHE E 4719 -64.36 14.58 -16.92
CA PHE E 4719 -64.24 13.11 -17.07
C PHE E 4719 -64.58 12.38 -15.78
N VAL E 4720 -65.33 12.98 -14.88
CA VAL E 4720 -65.56 12.28 -13.59
C VAL E 4720 -66.41 11.03 -13.82
N LYS E 4721 -67.42 11.06 -14.68
CA LYS E 4721 -68.31 9.92 -14.90
C LYS E 4721 -67.62 8.83 -15.70
N ARG E 4722 -66.85 9.21 -16.72
CA ARG E 4722 -66.10 8.25 -17.51
C ARG E 4722 -65.08 7.50 -16.69
N LYS E 4723 -64.35 8.21 -15.82
CA LYS E 4723 -63.34 7.56 -15.01
C LYS E 4723 -63.97 6.62 -13.99
N VAL E 4724 -65.08 7.04 -13.36
CA VAL E 4724 -65.71 6.15 -12.41
C VAL E 4724 -66.24 4.92 -13.12
N LEU E 4725 -66.81 5.10 -14.31
CA LEU E 4725 -67.33 3.97 -15.07
C LEU E 4725 -66.22 3.01 -15.44
N ASP E 4726 -65.06 3.54 -15.85
CA ASP E 4726 -63.95 2.70 -16.24
C ASP E 4726 -63.33 2.00 -15.05
N LYS E 4727 -63.46 2.58 -13.86
CA LYS E 4727 -62.82 2.01 -12.68
C LYS E 4727 -63.69 0.98 -11.99
N HIS E 4728 -65.00 1.20 -11.90
CA HIS E 4728 -65.89 0.29 -11.17
C HIS E 4728 -66.90 -0.44 -12.06
N GLY E 4729 -66.90 -0.23 -13.37
CA GLY E 4729 -67.90 -0.88 -14.20
C GLY E 4729 -67.75 -2.38 -14.26
N ASP E 4730 -66.50 -2.87 -14.32
CA ASP E 4730 -66.29 -4.31 -14.46
C ASP E 4730 -66.65 -5.07 -13.19
N ILE E 4731 -66.41 -4.49 -12.02
CA ILE E 4731 -66.66 -5.21 -10.77
C ILE E 4731 -68.05 -4.97 -10.21
N PHE E 4732 -68.72 -3.88 -10.59
CA PHE E 4732 -70.04 -3.56 -10.05
C PHE E 4732 -71.16 -3.52 -11.08
N GLY E 4733 -70.84 -3.60 -12.37
CA GLY E 4733 -71.86 -3.55 -13.40
C GLY E 4733 -71.90 -2.24 -14.16
N ARG E 4734 -71.54 -2.30 -15.44
CA ARG E 4734 -71.49 -1.10 -16.25
C ARG E 4734 -72.87 -0.48 -16.42
N GLU E 4735 -73.89 -1.31 -16.66
CA GLU E 4735 -75.23 -0.79 -16.83
C GLU E 4735 -75.79 -0.18 -15.54
N ARG E 4736 -75.42 -0.76 -14.39
CA ARG E 4736 -75.90 -0.20 -13.13
C ARG E 4736 -75.19 1.10 -12.81
N ILE E 4737 -73.89 1.19 -13.11
CA ILE E 4737 -73.19 2.45 -12.91
C ILE E 4737 -73.75 3.53 -13.83
N ALA E 4738 -74.01 3.18 -15.09
CA ALA E 4738 -74.58 4.14 -16.03
C ALA E 4738 -75.96 4.60 -15.59
N GLU E 4739 -76.79 3.69 -15.09
CA GLU E 4739 -78.10 4.08 -14.57
C GLU E 4739 -77.97 4.99 -13.37
N LEU E 4740 -77.03 4.69 -12.46
CA LEU E 4740 -76.86 5.51 -11.27
C LEU E 4740 -76.39 6.92 -11.64
N LEU E 4741 -75.48 7.03 -12.61
CA LEU E 4741 -74.93 8.33 -13.01
C LEU E 4741 -75.68 8.99 -14.16
N GLY E 4742 -76.77 8.39 -14.62
CA GLY E 4742 -77.54 8.99 -15.71
C GLY E 4742 -76.76 9.14 -17.00
N MET E 4743 -76.00 8.11 -17.38
CA MET E 4743 -75.20 8.13 -18.59
C MET E 4743 -75.87 7.28 -19.67
N ASP E 4744 -75.79 7.74 -20.91
CA ASP E 4744 -76.33 7.02 -22.05
C ASP E 4744 -75.26 6.10 -22.60
N LEU E 4745 -75.45 4.79 -22.41
CA LEU E 4745 -74.50 3.76 -22.84
C LEU E 4745 -74.41 3.60 -24.35
N ALA E 4746 -75.06 4.45 -25.16
CA ALA E 4746 -74.94 4.31 -26.60
C ALA E 4746 -73.54 4.62 -27.10
N SER E 4747 -72.74 5.37 -26.34
CA SER E 4747 -71.39 5.70 -26.74
C SER E 4747 -70.49 5.88 -25.52
N SER E 4770 -85.48 23.76 -20.65
CA SER E 4770 -84.07 23.58 -20.90
C SER E 4770 -83.24 23.81 -19.64
N ILE E 4771 -83.91 24.21 -18.56
CA ILE E 4771 -83.26 24.48 -17.29
C ILE E 4771 -83.23 23.19 -16.48
N ASP E 4772 -82.05 22.85 -15.95
CA ASP E 4772 -81.91 21.65 -15.13
C ASP E 4772 -82.49 21.95 -13.76
N VAL E 4773 -83.80 21.67 -13.63
CA VAL E 4773 -84.52 22.03 -12.41
C VAL E 4773 -83.95 21.27 -11.22
N LYS E 4774 -83.63 19.99 -11.40
CA LYS E 4774 -83.10 19.21 -10.29
C LYS E 4774 -81.76 19.75 -9.82
N TYR E 4775 -80.91 20.18 -10.77
CA TYR E 4775 -79.64 20.78 -10.39
C TYR E 4775 -79.86 22.08 -9.64
N GLN E 4776 -80.81 22.90 -10.10
CA GLN E 4776 -81.06 24.17 -9.41
C GLN E 4776 -81.58 23.91 -7.99
N ILE E 4777 -82.43 22.89 -7.83
CA ILE E 4777 -82.92 22.52 -6.51
C ILE E 4777 -81.77 22.09 -5.61
N TRP E 4778 -80.85 21.27 -6.14
CA TRP E 4778 -79.70 20.87 -5.34
C TRP E 4778 -78.85 22.07 -4.95
N LYS E 4779 -78.62 22.98 -5.89
CA LYS E 4779 -77.77 24.12 -5.58
C LYS E 4779 -78.44 24.98 -4.51
N PHE E 4780 -79.75 25.19 -4.62
CA PHE E 4780 -80.44 25.99 -3.62
C PHE E 4780 -80.43 25.28 -2.27
N GLY E 4781 -80.50 23.95 -2.29
CA GLY E 4781 -80.39 23.21 -1.05
C GLY E 4781 -79.04 23.40 -0.39
N VAL E 4782 -77.98 23.47 -1.20
CA VAL E 4782 -76.59 23.72 -0.69
C VAL E 4782 -76.55 25.16 -0.17
N ILE E 4783 -77.31 26.07 -0.79
CA ILE E 4783 -77.40 27.50 -0.36
C ILE E 4783 -78.38 27.55 0.82
N PHE E 4784 -78.41 28.64 1.61
CA PHE E 4784 -79.31 28.81 2.80
C PHE E 4784 -78.74 28.02 3.98
N THR E 4785 -77.65 27.27 3.79
CA THR E 4785 -76.98 26.49 4.86
C THR E 4785 -75.67 27.21 5.19
N ASP E 4786 -75.31 28.25 4.43
CA ASP E 4786 -74.08 29.00 4.63
C ASP E 4786 -74.30 30.05 5.71
N ASN E 4787 -73.39 30.09 6.68
CA ASN E 4787 -73.55 30.99 7.81
C ASN E 4787 -73.59 32.45 7.38
N SER E 4788 -72.71 32.83 6.45
CA SER E 4788 -72.68 34.23 6.01
C SER E 4788 -73.97 34.62 5.31
N PHE E 4789 -74.55 33.71 4.53
CA PHE E 4789 -75.76 34.07 3.80
C PHE E 4789 -76.92 34.19 4.78
N LEU E 4790 -76.99 33.27 5.74
CA LEU E 4790 -78.08 33.31 6.72
C LEU E 4790 -77.96 34.59 7.54
N TYR E 4791 -76.73 35.00 7.86
CA TYR E 4791 -76.51 36.24 8.58
C TYR E 4791 -77.01 37.43 7.77
N LEU E 4792 -76.72 37.45 6.46
CA LEU E 4792 -77.17 38.57 5.64
C LEU E 4792 -78.69 38.59 5.55
N GLY E 4793 -79.31 37.42 5.48
CA GLY E 4793 -80.77 37.36 5.47
C GLY E 4793 -81.36 37.88 6.77
N TRP E 4794 -80.73 37.52 7.88
CA TRP E 4794 -81.18 38.05 9.17
C TRP E 4794 -81.03 39.56 9.19
N TYR E 4795 -79.93 40.07 8.64
CA TYR E 4795 -79.68 41.50 8.64
C TYR E 4795 -80.78 42.21 7.87
N MET E 4796 -81.17 41.64 6.72
CA MET E 4796 -82.25 42.24 5.93
C MET E 4796 -83.56 42.18 6.67
N VAL E 4797 -83.86 41.06 7.31
CA VAL E 4797 -85.13 40.94 8.00
C VAL E 4797 -85.21 41.99 9.10
N MET E 4798 -84.13 42.15 9.86
CA MET E 4798 -84.14 43.12 10.94
C MET E 4798 -84.30 44.53 10.37
N SER E 4799 -83.66 44.79 9.23
CA SER E 4799 -83.78 46.10 8.60
C SER E 4799 -85.21 46.39 8.18
N LEU E 4800 -85.91 45.38 7.65
CA LEU E 4800 -87.31 45.56 7.29
C LEU E 4800 -88.17 45.77 8.52
N LEU E 4801 -87.90 45.02 9.59
CA LEU E 4801 -88.67 45.19 10.82
C LEU E 4801 -88.44 46.57 11.41
N GLY E 4802 -87.28 47.17 11.12
CA GLY E 4802 -87.00 48.51 11.61
C GLY E 4802 -87.99 49.54 11.14
N HIS E 4803 -88.52 49.39 9.93
CA HIS E 4803 -89.56 50.29 9.44
C HIS E 4803 -90.82 50.16 10.28
N TYR E 4804 -91.14 48.95 10.72
CA TYR E 4804 -92.28 48.76 11.61
C TYR E 4804 -92.01 49.42 12.96
N ASN E 4805 -90.90 49.06 13.60
CA ASN E 4805 -90.45 49.75 14.80
C ASN E 4805 -88.98 50.09 14.65
N ASN E 4806 -88.65 51.37 14.80
CA ASN E 4806 -87.29 51.83 14.52
C ASN E 4806 -86.27 51.22 15.49
N PHE E 4807 -86.71 50.81 16.68
CA PHE E 4807 -85.78 50.33 17.69
C PHE E 4807 -85.07 49.06 17.27
N PHE E 4808 -85.61 48.34 16.27
CA PHE E 4808 -84.96 47.12 15.80
C PHE E 4808 -83.62 47.42 15.14
N PHE E 4809 -83.41 48.65 14.68
CA PHE E 4809 -82.14 49.03 14.08
C PHE E 4809 -80.98 48.97 15.06
N ALA E 4810 -81.26 48.75 16.35
CA ALA E 4810 -80.20 48.58 17.33
C ALA E 4810 -79.40 47.32 17.09
N ALA E 4811 -80.06 46.25 16.63
CA ALA E 4811 -79.39 44.97 16.45
C ALA E 4811 -78.20 45.08 15.52
N HIS E 4812 -78.26 45.97 14.53
CA HIS E 4812 -77.20 46.07 13.55
C HIS E 4812 -75.88 46.49 14.17
N LEU E 4813 -75.91 47.11 15.36
CA LEU E 4813 -74.70 47.59 16.01
C LEU E 4813 -73.85 46.43 16.51
N LEU E 4814 -74.39 45.22 16.47
CA LEU E 4814 -73.66 43.98 16.85
C LEU E 4814 -72.86 43.52 15.62
N ASP E 4815 -72.70 44.36 14.60
CA ASP E 4815 -71.91 44.06 13.37
C ASP E 4815 -70.43 44.31 13.66
N ILE E 4816 -70.05 44.96 14.76
CA ILE E 4816 -68.60 45.31 14.99
C ILE E 4816 -67.93 44.12 15.69
N ALA E 4817 -68.69 43.24 16.37
CA ALA E 4817 -68.13 42.05 17.05
C ALA E 4817 -67.28 41.28 16.04
N MET E 4818 -67.75 41.20 14.80
CA MET E 4818 -67.00 40.50 13.73
C MET E 4818 -66.58 41.54 12.69
N GLY E 4819 -67.21 42.71 12.68
CA GLY E 4819 -66.89 43.79 11.73
C GLY E 4819 -65.39 44.05 11.67
N VAL E 4820 -64.78 44.47 12.78
CA VAL E 4820 -63.34 44.83 12.84
C VAL E 4820 -62.54 43.66 13.41
N LYS E 4821 -61.22 43.68 13.26
CA LYS E 4821 -60.36 42.55 13.74
C LYS E 4821 -60.18 42.42 15.26
N THR E 4822 -59.67 43.44 15.95
CA THR E 4822 -59.28 43.32 17.37
C THR E 4822 -60.41 42.91 18.34
N LEU E 4823 -61.68 43.14 18.03
CA LEU E 4823 -62.81 42.70 18.83
C LEU E 4823 -63.02 41.21 18.67
N ARG E 4824 -62.78 40.67 17.47
CA ARG E 4824 -62.95 39.23 17.28
C ARG E 4824 -61.95 38.45 18.12
N THR E 4825 -60.71 38.94 18.21
CA THR E 4825 -59.72 38.30 19.07
C THR E 4825 -60.11 38.38 20.54
N ILE E 4826 -60.63 39.52 20.98
CA ILE E 4826 -61.05 39.63 22.37
C ILE E 4826 -62.21 38.68 22.66
N LEU E 4827 -63.19 38.64 21.77
CA LEU E 4827 -64.28 37.73 22.03
C LEU E 4827 -63.84 36.28 21.92
N SER E 4828 -62.82 35.98 21.10
CA SER E 4828 -62.32 34.62 21.14
C SER E 4828 -61.67 34.32 22.47
N SER E 4829 -61.06 35.34 23.08
CA SER E 4829 -60.48 35.21 24.42
C SER E 4829 -61.53 35.08 25.51
N VAL E 4830 -62.79 35.38 25.20
CA VAL E 4830 -63.86 35.16 26.15
C VAL E 4830 -64.58 33.83 25.90
N THR E 4831 -64.79 33.49 24.64
CA THR E 4831 -65.46 32.26 24.25
C THR E 4831 -64.58 31.02 24.29
N HIS E 4832 -63.28 31.18 24.53
CA HIS E 4832 -62.41 30.00 24.57
C HIS E 4832 -62.87 28.99 25.62
N ASN E 4833 -63.24 29.46 26.81
CA ASN E 4833 -63.66 28.60 27.91
C ASN E 4833 -65.13 28.83 28.28
N GLY E 4834 -65.97 29.07 27.29
CA GLY E 4834 -67.38 29.33 27.56
C GLY E 4834 -68.09 28.14 28.18
N LYS E 4835 -67.79 26.94 27.71
CA LYS E 4835 -68.41 25.75 28.27
C LYS E 4835 -68.03 25.58 29.73
N GLN E 4836 -66.77 25.82 30.07
CA GLN E 4836 -66.37 25.75 31.47
C GLN E 4836 -67.06 26.82 32.30
N LEU E 4837 -67.25 28.02 31.73
CA LEU E 4837 -67.94 29.07 32.47
C LEU E 4837 -69.40 28.69 32.76
N VAL E 4838 -70.06 28.07 31.79
CA VAL E 4838 -71.44 27.64 31.99
C VAL E 4838 -71.50 26.55 33.05
N MET E 4839 -70.56 25.62 32.99
CA MET E 4839 -70.56 24.50 33.94
C MET E 4839 -70.30 25.01 35.35
N THR E 4840 -69.38 25.97 35.50
CA THR E 4840 -69.07 26.50 36.82
C THR E 4840 -70.24 27.31 37.36
N VAL E 4841 -71.03 27.92 36.47
CA VAL E 4841 -72.26 28.58 36.90
C VAL E 4841 -73.28 27.56 37.39
N GLY E 4842 -73.39 26.43 36.70
CA GLY E 4842 -74.27 25.37 37.20
C GLY E 4842 -73.83 24.82 38.55
N LEU E 4843 -72.52 24.69 38.76
CA LEU E 4843 -72.03 24.31 40.07
C LEU E 4843 -72.38 25.35 41.13
N LEU E 4844 -72.32 26.63 40.76
CA LEU E 4844 -72.73 27.67 41.68
C LEU E 4844 -74.19 27.53 42.05
N ALA E 4845 -75.02 27.19 41.07
CA ALA E 4845 -76.45 26.99 41.33
C ALA E 4845 -76.68 25.83 42.27
N VAL E 4846 -75.89 24.76 42.13
CA VAL E 4846 -76.08 23.61 43.00
C VAL E 4846 -75.69 23.96 44.42
N VAL E 4847 -74.56 24.63 44.60
CA VAL E 4847 -74.12 24.97 45.95
C VAL E 4847 -75.14 25.90 46.61
N VAL E 4848 -75.68 26.84 45.82
CA VAL E 4848 -76.68 27.75 46.36
C VAL E 4848 -77.95 26.98 46.74
N TYR E 4849 -78.29 25.95 45.98
CA TYR E 4849 -79.45 25.14 46.35
C TYR E 4849 -79.24 24.45 47.68
N LEU E 4850 -78.02 23.93 47.90
CA LEU E 4850 -77.75 23.26 49.18
C LEU E 4850 -77.84 24.24 50.34
N TYR E 4851 -77.34 25.45 50.14
CA TYR E 4851 -77.46 26.48 51.18
C TYR E 4851 -78.93 26.83 51.41
N THR E 4852 -79.72 26.88 50.34
CA THR E 4852 -81.13 27.19 50.48
C THR E 4852 -81.83 26.12 51.30
N VAL E 4853 -81.48 24.85 51.06
CA VAL E 4853 -82.11 23.76 51.79
C VAL E 4853 -81.80 23.89 53.28
N VAL E 4854 -80.55 24.21 53.61
CA VAL E 4854 -80.18 24.34 55.01
C VAL E 4854 -80.94 25.50 55.64
N ALA E 4855 -81.06 26.62 54.92
CA ALA E 4855 -81.74 27.79 55.47
C ALA E 4855 -83.21 27.47 55.70
N PHE E 4856 -83.84 26.81 54.74
CA PHE E 4856 -85.26 26.49 54.84
C PHE E 4856 -85.51 25.59 56.03
N ASN E 4857 -84.65 24.59 56.23
CA ASN E 4857 -84.85 23.66 57.32
C ASN E 4857 -84.63 24.31 58.68
N PHE E 4858 -83.59 25.16 58.83
CA PHE E 4858 -83.25 25.65 60.17
C PHE E 4858 -83.33 27.16 60.38
N PHE E 4859 -83.18 27.99 59.35
CA PHE E 4859 -83.02 29.43 59.56
C PHE E 4859 -84.17 30.26 58.99
N ARG E 4860 -85.40 29.75 59.10
CA ARG E 4860 -86.54 30.44 58.48
C ARG E 4860 -86.88 31.75 59.19
N LYS E 4861 -86.71 31.81 60.51
CA LYS E 4861 -87.14 32.99 61.28
C LYS E 4861 -86.43 34.27 60.87
N PHE E 4862 -85.23 34.18 60.33
CA PHE E 4862 -84.41 35.35 60.04
C PHE E 4862 -84.70 36.00 58.70
N TYR E 4863 -85.71 35.54 57.96
CA TYR E 4863 -85.97 36.03 56.62
C TYR E 4863 -87.22 36.93 56.56
N ASN E 4864 -87.47 37.69 57.61
CA ASN E 4864 -88.59 38.63 57.64
C ASN E 4864 -88.11 39.98 57.13
N LYS E 4865 -88.56 40.36 55.94
CA LYS E 4865 -88.14 41.59 55.27
C LYS E 4865 -89.25 42.64 55.27
N SER E 4866 -89.98 42.76 56.38
CA SER E 4866 -91.06 43.73 56.51
C SER E 4866 -90.74 44.65 57.68
N GLU E 4867 -90.69 45.96 57.40
CA GLU E 4867 -90.44 46.94 58.44
C GLU E 4867 -91.61 47.08 59.41
N ASP E 4868 -92.80 46.67 59.01
CA ASP E 4868 -93.99 46.77 59.85
C ASP E 4868 -94.26 45.43 60.54
N GLU E 4869 -95.04 45.50 61.61
CA GLU E 4869 -95.32 44.34 62.44
C GLU E 4869 -96.64 43.66 62.07
N ASP E 4870 -97.51 44.34 61.32
CA ASP E 4870 -98.80 43.79 60.97
C ASP E 4870 -98.81 43.08 59.62
N GLU E 4871 -97.85 43.36 58.75
CA GLU E 4871 -97.74 42.67 57.47
C GLU E 4871 -96.35 42.04 57.36
N PRO E 4872 -96.20 40.77 57.70
CA PRO E 4872 -94.88 40.12 57.58
C PRO E 4872 -94.64 39.60 56.18
N ASP E 4873 -93.42 39.83 55.69
CA ASP E 4873 -93.00 39.35 54.37
C ASP E 4873 -91.92 38.30 54.58
N MET E 4874 -92.36 37.07 54.85
CA MET E 4874 -91.45 35.96 55.07
C MET E 4874 -90.95 35.42 53.73
N LYS E 4875 -89.63 35.44 53.53
CA LYS E 4875 -89.02 35.01 52.29
C LYS E 4875 -88.61 33.55 52.30
N CYS E 4876 -88.79 32.84 53.42
CA CYS E 4876 -88.30 31.48 53.57
C CYS E 4876 -89.42 30.52 53.96
N ASP E 4877 -90.66 30.84 53.60
CA ASP E 4877 -91.77 29.93 53.78
C ASP E 4877 -91.96 29.00 52.59
N ASP E 4878 -91.26 29.23 51.48
CA ASP E 4878 -91.34 28.37 50.32
C ASP E 4878 -89.95 28.13 49.77
N MET E 4879 -89.71 26.91 49.29
CA MET E 4879 -88.41 26.55 48.77
C MET E 4879 -88.07 27.36 47.52
N MET E 4880 -89.04 27.54 46.62
CA MET E 4880 -88.77 28.29 45.39
C MET E 4880 -88.47 29.75 45.70
N THR E 4881 -89.22 30.34 46.62
CA THR E 4881 -88.96 31.72 46.99
C THR E 4881 -87.60 31.87 47.66
N CYS E 4882 -87.26 30.96 48.57
CA CYS E 4882 -85.96 31.10 49.25
C CYS E 4882 -84.81 30.88 48.28
N TYR E 4883 -84.94 29.93 47.36
CA TYR E 4883 -83.91 29.69 46.38
C TYR E 4883 -83.75 30.89 45.44
N LEU E 4884 -84.86 31.50 45.03
CA LEU E 4884 -84.78 32.70 44.21
C LEU E 4884 -84.13 33.83 44.99
N PHE E 4885 -84.45 33.96 46.28
CA PHE E 4885 -83.88 35.02 47.09
C PHE E 4885 -82.37 34.87 47.17
N HIS E 4886 -81.89 33.64 47.42
CA HIS E 4886 -80.46 33.43 47.49
C HIS E 4886 -79.78 33.66 46.16
N MET E 4887 -80.39 33.22 45.07
CA MET E 4887 -79.77 33.36 43.76
C MET E 4887 -79.77 34.80 43.30
N TYR E 4888 -80.71 35.61 43.78
CA TYR E 4888 -80.89 36.96 43.32
C TYR E 4888 -80.05 37.94 44.14
N VAL E 4889 -80.21 37.93 45.47
CA VAL E 4889 -79.53 38.92 46.30
C VAL E 4889 -78.26 38.40 46.96
N GLY E 4890 -78.16 37.08 47.21
CA GLY E 4890 -76.98 36.59 47.91
C GLY E 4890 -75.73 36.67 47.06
N VAL E 4891 -75.83 36.28 45.79
CA VAL E 4891 -74.65 36.29 44.93
C VAL E 4891 -74.24 37.72 44.62
N ARG E 4892 -75.23 38.59 44.35
CA ARG E 4892 -74.91 39.96 43.99
C ARG E 4892 -74.49 40.80 45.19
N ALA E 4893 -74.78 40.35 46.40
CA ALA E 4893 -74.37 41.09 47.59
C ALA E 4893 -72.87 40.95 47.82
N GLY E 4894 -72.25 42.03 48.31
CA GLY E 4894 -70.82 41.99 48.56
C GLY E 4894 -70.44 41.04 49.68
N GLY E 4895 -71.20 41.06 50.77
CA GLY E 4895 -70.89 40.21 51.91
C GLY E 4895 -71.75 38.97 51.96
N GLY E 4896 -72.41 38.65 50.87
CA GLY E 4896 -73.23 37.47 50.80
C GLY E 4896 -74.62 37.66 51.37
N ILE E 4897 -75.24 36.54 51.72
CA ILE E 4897 -76.60 36.55 52.26
C ILE E 4897 -76.63 37.23 53.63
N GLY E 4898 -75.52 37.16 54.37
CA GLY E 4898 -75.52 37.67 55.73
C GLY E 4898 -75.87 39.14 55.80
N ASP E 4899 -75.45 39.92 54.81
CA ASP E 4899 -75.73 41.35 54.85
C ASP E 4899 -77.22 41.60 54.85
N GLU E 4900 -77.95 40.90 53.97
CA GLU E 4900 -79.39 41.09 53.88
C GLU E 4900 -80.11 40.49 55.08
N ILE E 4901 -79.63 39.36 55.60
CA ILE E 4901 -80.36 38.67 56.65
C ILE E 4901 -80.27 39.43 57.97
N GLU E 4902 -81.21 39.15 58.86
CA GLU E 4902 -81.30 39.79 60.16
C GLU E 4902 -80.10 39.44 61.04
N ASP E 4903 -79.84 40.31 62.01
CA ASP E 4903 -78.72 40.11 62.91
C ASP E 4903 -78.94 38.86 63.74
N PRO E 4904 -77.96 37.95 63.84
CA PRO E 4904 -78.16 36.74 64.64
C PRO E 4904 -77.71 36.91 66.09
N ALA E 4905 -77.53 38.15 66.52
CA ALA E 4905 -76.99 38.40 67.85
C ALA E 4905 -78.05 38.13 68.93
N GLY E 4906 -77.55 37.81 70.12
CA GLY E 4906 -78.44 37.46 71.23
C GLY E 4906 -79.39 36.33 70.90
N ASP E 4907 -78.90 35.29 70.23
CA ASP E 4907 -79.72 34.14 69.89
C ASP E 4907 -78.92 32.87 70.14
N GLU E 4908 -79.64 31.78 70.37
CA GLU E 4908 -78.99 30.50 70.64
C GLU E 4908 -78.20 30.00 69.43
N TYR E 4909 -78.65 30.31 68.22
CA TYR E 4909 -78.02 29.82 66.99
C TYR E 4909 -77.03 30.82 66.41
N GLU E 4910 -76.51 31.73 67.23
CA GLU E 4910 -75.62 32.77 66.73
C GLU E 4910 -74.41 32.15 66.04
N LEU E 4911 -73.79 31.16 66.69
CA LEU E 4911 -72.57 30.59 66.14
C LEU E 4911 -72.87 29.87 64.83
N TYR E 4912 -74.01 29.17 64.78
CA TYR E 4912 -74.35 28.44 63.58
C TYR E 4912 -74.55 29.41 62.42
N ARG E 4913 -75.18 30.55 62.71
CA ARG E 4913 -75.45 31.51 61.63
C ARG E 4913 -74.18 32.22 61.18
N VAL E 4914 -73.26 32.52 62.10
CA VAL E 4914 -71.99 33.10 61.69
C VAL E 4914 -71.23 32.13 60.81
N VAL E 4915 -71.25 30.84 61.15
CA VAL E 4915 -70.58 29.85 60.32
C VAL E 4915 -71.23 29.79 58.94
N PHE E 4916 -72.56 29.83 58.91
CA PHE E 4916 -73.29 29.77 57.65
C PHE E 4916 -72.91 30.95 56.75
N ASP E 4917 -72.87 32.15 57.32
CA ASP E 4917 -72.57 33.35 56.55
C ASP E 4917 -71.12 33.37 56.09
N ILE E 4918 -70.20 32.88 56.92
CA ILE E 4918 -68.79 32.99 56.57
C ILE E 4918 -68.45 31.93 55.54
N THR E 4919 -68.99 30.72 55.69
CA THR E 4919 -68.71 29.69 54.71
C THR E 4919 -69.32 30.07 53.37
N PHE E 4920 -70.45 30.79 53.38
CA PHE E 4920 -71.09 31.13 52.12
C PHE E 4920 -70.34 32.27 51.46
N PHE E 4921 -69.78 33.18 52.26
CA PHE E 4921 -68.97 34.26 51.71
C PHE E 4921 -67.70 33.72 51.08
N PHE E 4922 -67.04 32.77 51.77
CA PHE E 4922 -65.81 32.22 51.24
C PHE E 4922 -66.05 31.38 49.99
N PHE E 4923 -66.92 30.37 50.09
CA PHE E 4923 -67.10 29.47 48.95
C PHE E 4923 -67.73 30.17 47.76
N VAL E 4924 -68.71 31.05 47.96
CA VAL E 4924 -69.45 31.58 46.82
C VAL E 4924 -68.81 32.84 46.26
N ILE E 4925 -68.61 33.84 47.11
CA ILE E 4925 -68.22 35.16 46.62
C ILE E 4925 -66.79 35.15 46.08
N VAL E 4926 -65.88 34.50 46.79
CA VAL E 4926 -64.46 34.64 46.52
C VAL E 4926 -63.97 33.62 45.50
N ILE E 4927 -64.19 32.35 45.79
CA ILE E 4927 -63.52 31.28 45.04
C ILE E 4927 -64.11 31.13 43.65
N LEU E 4928 -65.43 30.98 43.56
CA LEU E 4928 -66.07 30.69 42.29
C LEU E 4928 -65.96 31.85 41.30
N LEU E 4929 -65.96 33.09 41.78
CA LEU E 4929 -65.75 34.23 40.89
C LEU E 4929 -64.30 34.36 40.46
N ALA E 4930 -63.37 33.85 41.27
CA ALA E 4930 -61.95 33.80 40.90
C ALA E 4930 -61.67 32.82 39.76
N ILE E 4931 -62.41 31.73 39.69
CA ILE E 4931 -62.24 30.75 38.62
C ILE E 4931 -62.51 31.36 37.26
N ILE E 4932 -63.58 32.16 37.15
CA ILE E 4932 -63.92 32.80 35.87
C ILE E 4932 -62.81 33.72 35.40
N GLN E 4933 -62.24 34.52 36.31
CA GLN E 4933 -61.15 35.40 35.91
C GLN E 4933 -59.89 34.60 35.59
N GLY E 4934 -59.64 33.50 36.31
CA GLY E 4934 -58.49 32.70 36.00
C GLY E 4934 -58.60 32.06 34.63
N LEU E 4935 -59.81 31.66 34.27
CA LEU E 4935 -60.05 31.08 32.95
C LEU E 4935 -59.81 32.10 31.85
N ILE E 4936 -60.25 33.34 32.06
CA ILE E 4936 -60.03 34.36 31.04
C ILE E 4936 -58.54 34.65 30.88
N ILE E 4937 -57.82 34.78 32.00
CA ILE E 4937 -56.40 35.08 31.92
C ILE E 4937 -55.66 33.93 31.25
N ASP E 4938 -56.00 32.69 31.62
CA ASP E 4938 -55.34 31.56 30.98
C ASP E 4938 -55.64 31.51 29.50
N ALA E 4939 -56.84 31.93 29.08
CA ALA E 4939 -57.13 31.94 27.65
C ALA E 4939 -56.24 32.95 26.93
N PHE E 4940 -56.01 34.11 27.57
CA PHE E 4940 -55.12 35.10 26.97
C PHE E 4940 -53.71 34.55 26.81
N GLY E 4941 -53.21 33.86 27.83
CA GLY E 4941 -51.90 33.26 27.74
C GLY E 4941 -51.82 32.16 26.70
N GLU E 4942 -52.84 31.32 26.62
CA GLU E 4942 -52.83 30.22 25.66
C GLU E 4942 -52.81 30.74 24.23
N LEU E 4943 -53.62 31.77 23.93
CA LEU E 4943 -53.60 32.30 22.57
C LEU E 4943 -52.26 32.96 22.27
N ARG E 4944 -51.68 33.64 23.26
CA ARG E 4944 -50.42 34.32 22.99
C ARG E 4944 -49.34 33.29 22.68
N ASP E 4945 -49.30 32.21 23.47
CA ASP E 4945 -48.26 31.21 23.23
C ASP E 4945 -48.50 30.44 21.95
N GLN E 4946 -49.77 30.29 21.53
CA GLN E 4946 -50.03 29.65 20.24
C GLN E 4946 -49.45 30.48 19.10
N GLN E 4947 -49.64 31.80 19.15
CA GLN E 4947 -49.04 32.67 18.15
C GLN E 4947 -47.52 32.63 18.18
N GLU E 4948 -46.94 32.63 19.37
CA GLU E 4948 -45.48 32.57 19.47
C GLU E 4948 -44.95 31.24 18.93
N GLN E 4949 -45.65 30.14 19.23
CA GLN E 4949 -45.21 28.84 18.77
C GLN E 4949 -45.26 28.75 17.26
N VAL E 4950 -46.32 29.26 16.66
CA VAL E 4950 -46.44 29.23 15.20
C VAL E 4950 -45.35 30.06 14.55
N LYS E 4951 -45.09 31.26 15.08
CA LYS E 4951 -44.04 32.09 14.49
C LYS E 4951 -42.67 31.43 14.64
N GLU E 4952 -42.39 30.82 15.78
CA GLU E 4952 -41.09 30.18 15.96
C GLU E 4952 -40.94 29.02 14.99
N ASP E 4953 -41.98 28.21 14.81
CA ASP E 4953 -41.84 27.08 13.90
C ASP E 4953 -41.62 27.55 12.47
N MET E 4954 -42.35 28.60 12.06
CA MET E 4954 -42.19 29.09 10.70
C MET E 4954 -40.81 29.69 10.47
N GLU E 4955 -40.23 30.31 11.50
CA GLU E 4955 -38.92 30.94 11.37
C GLU E 4955 -37.79 30.00 11.70
N THR E 4956 -38.07 28.75 12.07
CA THR E 4956 -37.03 27.79 12.40
C THR E 4956 -37.02 26.56 11.51
N LYS E 4957 -38.06 26.31 10.71
CA LYS E 4957 -38.00 25.18 9.79
C LYS E 4957 -38.57 25.59 8.42
N CYS E 4958 -38.07 24.92 7.38
CA CYS E 4958 -38.58 25.11 6.03
C CYS E 4958 -39.88 24.33 5.85
N PHE E 4959 -40.84 24.96 5.16
CA PHE E 4959 -42.16 24.37 5.06
C PHE E 4959 -42.18 23.12 4.18
N ILE E 4960 -41.29 23.03 3.18
CA ILE E 4960 -41.36 21.94 2.22
C ILE E 4960 -40.44 20.80 2.61
N CYS E 4961 -39.13 21.06 2.66
CA CYS E 4961 -38.18 19.98 2.89
C CYS E 4961 -37.99 19.68 4.37
N GLY E 4962 -38.27 20.63 5.26
CA GLY E 4962 -38.15 20.39 6.68
C GLY E 4962 -36.75 20.50 7.22
N ILE E 4963 -35.76 20.82 6.38
CA ILE E 4963 -34.39 20.94 6.86
C ILE E 4963 -34.25 22.20 7.71
N GLY E 4964 -33.50 22.09 8.80
CA GLY E 4964 -33.36 23.21 9.71
C GLY E 4964 -32.52 24.33 9.14
N SER E 4965 -32.71 25.52 9.73
CA SER E 4965 -31.97 26.70 9.31
C SER E 4965 -30.49 26.61 9.64
N ASP E 4966 -30.12 25.80 10.63
CA ASP E 4966 -28.72 25.71 11.03
C ASP E 4966 -27.85 25.20 9.89
N TYR E 4967 -28.33 24.19 9.15
CA TYR E 4967 -27.55 23.68 8.03
C TYR E 4967 -27.38 24.72 6.95
N PHE E 4968 -28.45 25.45 6.61
CA PHE E 4968 -28.37 26.43 5.54
C PHE E 4968 -27.56 27.66 5.94
N ASP E 4969 -27.50 27.97 7.24
CA ASP E 4969 -26.79 29.15 7.69
C ASP E 4969 -25.27 29.00 7.63
N THR E 4970 -24.74 27.88 7.14
CA THR E 4970 -23.31 27.80 6.91
C THR E 4970 -22.86 28.86 5.91
N THR E 4971 -23.60 28.99 4.82
CA THR E 4971 -23.42 30.08 3.87
C THR E 4971 -24.25 31.29 4.32
N PRO E 4972 -23.68 32.50 4.31
CA PRO E 4972 -24.44 33.67 4.76
C PRO E 4972 -25.74 33.83 3.98
N HIS E 4973 -26.82 34.09 4.71
CA HIS E 4973 -28.16 34.23 4.13
C HIS E 4973 -28.59 32.98 3.39
N GLY E 4974 -28.08 31.82 3.81
CA GLY E 4974 -28.41 30.58 3.12
C GLY E 4974 -29.88 30.24 3.25
N PHE E 4975 -30.43 30.36 4.46
CA PHE E 4975 -31.82 30.00 4.66
C PHE E 4975 -32.73 30.99 3.95
N GLU E 4976 -32.35 32.26 3.92
CA GLU E 4976 -33.13 33.27 3.22
C GLU E 4976 -33.16 32.99 1.73
N THR E 4977 -32.02 32.61 1.16
CA THR E 4977 -32.02 32.29 -0.27
C THR E 4977 -32.78 31.00 -0.54
N HIS E 4978 -32.70 30.04 0.38
CA HIS E 4978 -33.42 28.79 0.18
C HIS E 4978 -34.92 29.03 0.17
N THR E 4979 -35.40 29.88 1.08
CA THR E 4979 -36.81 30.18 1.22
C THR E 4979 -37.32 31.22 0.23
N LEU E 4980 -36.43 31.90 -0.49
CA LEU E 4980 -36.88 32.89 -1.47
C LEU E 4980 -36.67 32.49 -2.93
N GLU E 4981 -35.75 31.58 -3.22
CA GLU E 4981 -35.49 31.16 -4.58
C GLU E 4981 -35.72 29.68 -4.84
N GLU E 4982 -35.26 28.82 -3.93
CA GLU E 4982 -35.28 27.39 -4.19
C GLU E 4982 -36.66 26.78 -3.96
N HIS E 4983 -37.25 27.02 -2.79
CA HIS E 4983 -38.49 26.37 -2.37
C HIS E 4983 -39.64 27.37 -2.24
N ASN E 4984 -39.79 28.25 -3.22
CA ASN E 4984 -40.88 29.23 -3.17
C ASN E 4984 -42.23 28.56 -3.47
N LEU E 4985 -43.13 28.62 -2.49
CA LEU E 4985 -44.44 28.00 -2.69
C LEU E 4985 -45.22 28.74 -3.75
N ALA E 4986 -44.95 30.04 -3.92
CA ALA E 4986 -45.60 30.76 -4.99
C ALA E 4986 -45.14 30.23 -6.34
N ASN E 4987 -43.85 29.86 -6.43
CA ASN E 4987 -43.35 29.31 -7.68
C ASN E 4987 -43.98 27.95 -7.96
N TYR E 4988 -44.21 27.14 -6.92
CA TYR E 4988 -44.90 25.88 -7.14
C TYR E 4988 -46.35 26.10 -7.59
N MET E 4989 -47.02 27.11 -7.03
CA MET E 4989 -48.33 27.49 -7.50
C MET E 4989 -48.31 27.92 -8.97
N PHE E 4990 -47.33 28.73 -9.34
CA PHE E 4990 -47.27 29.19 -10.73
C PHE E 4990 -46.96 28.04 -11.66
N PHE E 4991 -46.12 27.09 -11.24
CA PHE E 4991 -45.83 25.96 -12.11
C PHE E 4991 -47.07 25.12 -12.32
N LEU E 4992 -47.86 24.93 -11.27
CA LEU E 4992 -49.11 24.20 -11.41
C LEU E 4992 -50.07 24.92 -12.37
N MET E 4993 -50.16 26.24 -12.24
CA MET E 4993 -51.02 27.08 -13.11
C MET E 4993 -50.48 27.03 -14.55
N TYR E 4994 -49.17 26.89 -14.74
CA TYR E 4994 -48.56 26.78 -16.06
C TYR E 4994 -48.90 25.45 -16.70
N LEU E 4995 -48.87 24.37 -15.91
CA LEU E 4995 -49.19 23.06 -16.46
C LEU E 4995 -50.66 23.02 -16.85
N ILE E 4996 -51.51 23.63 -16.04
CA ILE E 4996 -52.94 23.63 -16.32
C ILE E 4996 -53.21 24.35 -17.64
N ASN E 4997 -52.59 25.51 -17.82
CA ASN E 4997 -52.82 26.29 -19.03
C ASN E 4997 -52.21 25.63 -20.26
N LYS E 4998 -51.03 25.03 -20.12
CA LYS E 4998 -50.34 24.48 -21.28
C LYS E 4998 -51.06 23.24 -21.81
N ASP E 4999 -51.10 23.11 -23.13
CA ASP E 4999 -51.69 21.95 -23.77
C ASP E 4999 -50.82 20.72 -23.56
N GLU E 5000 -51.49 19.56 -23.48
CA GLU E 5000 -50.81 18.30 -23.17
C GLU E 5000 -49.82 17.89 -24.25
N THR E 5001 -50.15 18.13 -25.53
CA THR E 5001 -49.24 17.77 -26.61
C THR E 5001 -47.93 18.53 -26.57
N GLU E 5002 -47.88 19.70 -25.93
CA GLU E 5002 -46.65 20.47 -25.82
C GLU E 5002 -45.88 20.17 -24.54
N HIS E 5003 -46.41 19.32 -23.66
CA HIS E 5003 -45.73 19.01 -22.43
C HIS E 5003 -44.41 18.29 -22.69
N THR E 5004 -43.39 18.66 -21.93
CA THR E 5004 -42.10 17.98 -21.97
C THR E 5004 -42.18 16.69 -21.15
N GLY E 5005 -41.06 15.99 -21.05
CA GLY E 5005 -41.04 14.76 -20.25
C GLY E 5005 -41.28 15.03 -18.78
N GLN E 5006 -40.63 16.06 -18.23
CA GLN E 5006 -40.82 16.40 -16.84
C GLN E 5006 -42.23 16.93 -16.58
N GLU E 5007 -42.73 17.75 -17.50
CA GLU E 5007 -44.06 18.29 -17.32
C GLU E 5007 -45.10 17.17 -17.39
N SER E 5008 -44.93 16.23 -18.31
CA SER E 5008 -45.85 15.10 -18.40
C SER E 5008 -45.78 14.24 -17.15
N TYR E 5009 -44.57 14.07 -16.61
CA TYR E 5009 -44.41 13.28 -15.39
C TYR E 5009 -45.16 13.91 -14.23
N VAL E 5010 -45.03 15.23 -14.09
CA VAL E 5010 -45.72 15.92 -13.00
C VAL E 5010 -47.21 15.93 -13.24
N TRP E 5011 -47.65 16.13 -14.48
CA TRP E 5011 -49.08 16.16 -14.75
C TRP E 5011 -49.70 14.81 -14.46
N LYS E 5012 -48.99 13.74 -14.81
CA LYS E 5012 -49.47 12.39 -14.52
C LYS E 5012 -49.58 12.16 -13.03
N MET E 5013 -48.60 12.64 -12.26
CA MET E 5013 -48.68 12.41 -10.81
C MET E 5013 -49.74 13.30 -10.19
N TYR E 5014 -50.02 14.45 -10.79
CA TYR E 5014 -51.14 15.27 -10.35
C TYR E 5014 -52.47 14.55 -10.57
N GLN E 5015 -52.62 13.90 -11.73
CA GLN E 5015 -53.85 13.19 -12.00
C GLN E 5015 -53.98 11.93 -11.15
N GLU E 5016 -52.86 11.34 -10.76
CA GLU E 5016 -52.88 10.17 -9.89
C GLU E 5016 -52.87 10.54 -8.41
N ARG E 5017 -52.82 11.84 -8.09
CA ARG E 5017 -52.94 12.31 -6.72
C ARG E 5017 -51.85 11.70 -5.83
N CYS E 5018 -50.65 11.55 -6.38
CA CYS E 5018 -49.49 11.08 -5.65
C CYS E 5018 -48.48 12.22 -5.58
N TRP E 5019 -48.12 12.62 -4.36
CA TRP E 5019 -47.26 13.76 -4.12
C TRP E 5019 -45.83 13.36 -3.78
N ASP E 5020 -45.35 12.25 -4.36
CA ASP E 5020 -43.99 11.80 -4.08
C ASP E 5020 -42.94 12.62 -4.81
N PHE E 5021 -43.33 13.41 -5.82
CA PHE E 5021 -42.36 14.23 -6.54
C PHE E 5021 -41.92 15.45 -5.75
N PHE E 5022 -42.69 15.86 -4.77
CA PHE E 5022 -42.28 16.98 -3.91
C PHE E 5022 -41.05 16.57 -3.10
N PRO E 5023 -40.01 17.41 -3.06
CA PRO E 5023 -38.81 17.03 -2.30
C PRO E 5023 -39.09 16.96 -0.81
N ALA E 5024 -38.72 15.83 -0.20
CA ALA E 5024 -38.93 15.59 1.22
C ALA E 5024 -37.60 15.15 1.83
N GLY E 5025 -37.01 16.02 2.66
CA GLY E 5025 -35.78 15.69 3.33
C GLY E 5025 -34.52 15.78 2.49
N ASP E 5026 -34.60 16.30 1.28
CA ASP E 5026 -33.45 16.42 0.41
C ASP E 5026 -33.56 17.69 -0.41
N CYS E 5027 -32.41 18.15 -0.91
CA CYS E 5027 -32.35 19.37 -1.71
C CYS E 5027 -31.19 19.27 -2.68
N PHE E 5028 -31.19 20.17 -3.66
CA PHE E 5028 -30.14 20.18 -4.67
C PHE E 5028 -28.78 20.46 -4.06
N ARG E 5029 -28.72 21.39 -3.11
CA ARG E 5029 -27.45 21.72 -2.48
C ARG E 5029 -26.91 20.52 -1.72
N LYS E 5030 -27.79 19.79 -1.01
CA LYS E 5030 -27.32 18.65 -0.25
C LYS E 5030 -26.93 17.52 -1.17
N GLN E 5031 -27.62 17.39 -2.30
CA GLN E 5031 -27.32 16.29 -3.22
C GLN E 5031 -25.97 16.51 -3.89
N TYR E 5032 -25.64 17.76 -4.22
CA TYR E 5032 -24.39 18.09 -4.90
C TYR E 5032 -23.50 18.98 -4.03
N GLU E 5033 -23.44 18.68 -2.73
CA GLU E 5033 -22.64 19.50 -1.83
C GLU E 5033 -21.15 19.45 -2.17
N ASP E 5034 -20.62 18.26 -2.48
CA ASP E 5034 -19.19 18.16 -2.79
C ASP E 5034 -18.86 18.90 -4.09
N GLN E 5035 -19.67 18.71 -5.13
CA GLN E 5035 -19.37 19.31 -6.41
C GLN E 5035 -19.62 20.81 -6.40
N LEU E 5036 -20.76 21.23 -5.84
CA LEU E 5036 -21.09 22.65 -5.82
C LEU E 5036 -20.13 23.44 -4.95
N SER E 5037 -19.72 22.87 -3.82
CA SER E 5037 -18.80 23.55 -2.91
C SER E 5037 -17.36 23.20 -3.24
N GLY F 5 -48.04 -35.36 -117.28
CA GLY F 5 -49.22 -34.65 -117.72
C GLY F 5 -50.42 -34.81 -116.81
N VAL F 6 -51.62 -34.68 -117.38
CA VAL F 6 -52.87 -34.77 -116.65
C VAL F 6 -53.73 -35.86 -117.29
N GLU F 7 -54.25 -36.76 -116.47
CA GLU F 7 -55.19 -37.78 -116.90
C GLU F 7 -56.59 -37.41 -116.42
N ILE F 8 -57.59 -37.64 -117.26
CA ILE F 8 -58.97 -37.33 -116.94
C ILE F 8 -59.78 -38.62 -116.96
N GLU F 9 -60.43 -38.91 -115.84
CA GLU F 9 -61.36 -40.03 -115.72
C GLU F 9 -62.75 -39.48 -115.42
N THR F 10 -63.67 -39.63 -116.36
CA THR F 10 -65.00 -39.07 -116.19
C THR F 10 -65.79 -39.90 -115.19
N ILE F 11 -66.54 -39.22 -114.33
CA ILE F 11 -67.41 -39.87 -113.35
C ILE F 11 -68.87 -39.58 -113.61
N SER F 12 -69.19 -38.38 -114.12
CA SER F 12 -70.53 -38.09 -114.59
C SER F 12 -70.46 -37.30 -115.89
N PRO F 13 -71.15 -37.75 -116.94
CA PRO F 13 -71.06 -37.05 -118.22
C PRO F 13 -71.63 -35.65 -118.14
N GLY F 14 -71.00 -34.75 -118.90
CA GLY F 14 -71.43 -33.38 -119.02
C GLY F 14 -72.30 -33.15 -120.25
N ASP F 15 -72.40 -31.88 -120.68
CA ASP F 15 -73.18 -31.56 -121.90
C ASP F 15 -72.38 -31.99 -123.12
N GLY F 16 -71.05 -31.86 -123.06
CA GLY F 16 -70.21 -32.29 -124.15
C GLY F 16 -70.27 -31.43 -125.39
N ARG F 17 -70.68 -30.16 -125.28
CA ARG F 17 -70.72 -29.27 -126.42
C ARG F 17 -70.12 -27.92 -126.06
N THR F 18 -70.33 -27.49 -124.82
CA THR F 18 -69.87 -26.20 -124.34
C THR F 18 -68.58 -26.36 -123.55
N PHE F 19 -67.46 -25.94 -124.14
CA PHE F 19 -66.16 -26.03 -123.50
C PHE F 19 -65.68 -24.65 -123.07
N PRO F 20 -64.82 -24.57 -122.06
CA PRO F 20 -64.29 -23.27 -121.64
C PRO F 20 -63.48 -22.60 -122.74
N LYS F 21 -63.81 -21.34 -123.01
CA LYS F 21 -63.09 -20.54 -124.00
C LYS F 21 -62.23 -19.49 -123.29
N LYS F 22 -61.32 -18.91 -124.06
CA LYS F 22 -60.39 -17.91 -123.52
C LYS F 22 -61.14 -16.72 -122.94
N GLY F 23 -60.79 -16.36 -121.71
CA GLY F 23 -61.37 -15.21 -121.04
C GLY F 23 -62.54 -15.51 -120.14
N GLN F 24 -63.15 -16.69 -120.26
CA GLN F 24 -64.33 -17.00 -119.48
C GLN F 24 -63.94 -17.34 -118.04
N THR F 25 -64.82 -16.97 -117.12
CA THR F 25 -64.68 -17.31 -115.71
C THR F 25 -65.38 -18.63 -115.43
N CYS F 26 -64.61 -19.62 -114.98
CA CYS F 26 -65.16 -20.91 -114.58
C CYS F 26 -65.39 -20.94 -113.08
N VAL F 27 -66.55 -21.47 -112.67
CA VAL F 27 -66.93 -21.62 -111.27
C VAL F 27 -67.16 -23.11 -111.04
N VAL F 28 -66.31 -23.71 -110.19
CA VAL F 28 -66.29 -25.15 -109.96
C VAL F 28 -66.32 -25.45 -108.47
N HIS F 29 -66.71 -26.69 -108.17
CA HIS F 29 -66.52 -27.34 -106.88
C HIS F 29 -65.48 -28.44 -107.01
N TYR F 30 -64.54 -28.49 -106.05
CA TYR F 30 -63.47 -29.48 -106.13
C TYR F 30 -63.19 -30.05 -104.75
N THR F 31 -62.63 -31.27 -104.74
CA THR F 31 -62.04 -31.87 -103.55
C THR F 31 -60.65 -32.37 -103.91
N GLY F 32 -59.64 -31.85 -103.21
CA GLY F 32 -58.25 -32.23 -103.43
C GLY F 32 -57.68 -33.13 -102.35
N MET F 33 -57.21 -34.31 -102.77
CA MET F 33 -56.74 -35.35 -101.87
C MET F 33 -55.36 -35.78 -102.33
N LEU F 34 -54.57 -36.35 -101.42
CA LEU F 34 -53.31 -36.99 -101.77
C LEU F 34 -53.51 -38.38 -102.37
N GLN F 35 -52.41 -38.92 -102.90
CA GLN F 35 -52.44 -40.25 -103.49
C GLN F 35 -52.60 -41.34 -102.44
N ASN F 36 -52.17 -41.08 -101.21
CA ASN F 36 -52.34 -42.06 -100.14
C ASN F 36 -53.76 -42.11 -99.61
N GLY F 37 -54.64 -41.22 -100.08
CA GLY F 37 -56.02 -41.21 -99.66
C GLY F 37 -56.39 -40.11 -98.71
N LYS F 38 -55.41 -39.47 -98.07
CA LYS F 38 -55.66 -38.41 -97.10
C LYS F 38 -56.17 -37.16 -97.81
N LYS F 39 -57.30 -36.64 -97.34
CA LYS F 39 -57.88 -35.41 -97.88
C LYS F 39 -57.17 -34.20 -97.31
N PHE F 40 -56.81 -33.25 -98.19
CA PHE F 40 -56.19 -32.01 -97.74
C PHE F 40 -57.00 -30.76 -98.04
N ASP F 41 -57.93 -30.79 -98.99
CA ASP F 41 -58.72 -29.58 -99.26
C ASP F 41 -60.04 -29.95 -99.88
N SER F 42 -61.05 -29.11 -99.64
CA SER F 42 -62.38 -29.31 -100.20
C SER F 42 -63.17 -28.02 -100.07
N SER F 43 -63.63 -27.48 -101.21
CA SER F 43 -64.45 -26.27 -101.21
C SER F 43 -65.84 -26.52 -100.66
N ARG F 44 -66.34 -27.76 -100.73
CA ARG F 44 -67.69 -28.04 -100.26
C ARG F 44 -67.82 -27.80 -98.76
N ASP F 45 -66.77 -28.05 -97.98
CA ASP F 45 -66.81 -27.75 -96.56
C ASP F 45 -67.02 -26.28 -96.30
N ARG F 46 -66.43 -25.40 -97.10
CA ARG F 46 -66.63 -23.97 -96.97
C ARG F 46 -67.96 -23.50 -97.57
N ASN F 47 -68.65 -24.38 -98.30
CA ASN F 47 -69.93 -24.08 -98.93
C ASN F 47 -69.83 -22.84 -99.82
N LYS F 48 -68.82 -22.83 -100.68
CA LYS F 48 -68.61 -21.71 -101.58
C LYS F 48 -67.90 -22.16 -102.84
N PRO F 49 -68.54 -22.08 -104.00
CA PRO F 49 -67.87 -22.46 -105.25
C PRO F 49 -66.63 -21.61 -105.51
N PHE F 50 -65.58 -22.26 -106.00
CA PHE F 50 -64.34 -21.59 -106.31
C PHE F 50 -64.41 -21.02 -107.71
N LYS F 51 -64.02 -19.76 -107.86
CA LYS F 51 -64.07 -19.04 -109.11
C LYS F 51 -62.69 -18.67 -109.61
N PHE F 52 -62.44 -18.88 -110.90
CA PHE F 52 -61.15 -18.50 -111.48
C PHE F 52 -61.37 -18.26 -112.97
N ARG F 53 -60.50 -17.47 -113.58
CA ARG F 53 -60.58 -17.24 -115.01
C ARG F 53 -59.44 -17.95 -115.74
N ILE F 54 -59.71 -18.40 -116.95
CA ILE F 54 -58.81 -19.29 -117.69
C ILE F 54 -57.65 -18.51 -118.27
N GLY F 55 -56.46 -19.14 -118.25
CA GLY F 55 -55.30 -18.63 -118.95
C GLY F 55 -54.54 -17.51 -118.30
N LYS F 56 -54.68 -17.29 -116.99
CA LYS F 56 -54.03 -16.19 -116.30
C LYS F 56 -53.15 -16.67 -115.13
N GLN F 57 -52.58 -17.87 -115.27
CA GLN F 57 -51.74 -18.52 -114.25
C GLN F 57 -52.20 -18.22 -112.83
N GLU F 58 -53.51 -18.37 -112.60
CA GLU F 58 -54.07 -18.14 -111.28
C GLU F 58 -54.09 -19.40 -110.42
N VAL F 59 -53.90 -20.57 -111.02
CA VAL F 59 -53.90 -21.84 -110.32
C VAL F 59 -52.76 -22.70 -110.84
N ILE F 60 -52.52 -23.82 -110.15
CA ILE F 60 -51.52 -24.77 -110.62
C ILE F 60 -51.88 -25.28 -112.00
N LYS F 61 -50.84 -25.59 -112.79
CA LYS F 61 -51.03 -25.89 -114.21
C LYS F 61 -51.96 -27.07 -114.43
N GLY F 62 -51.74 -28.18 -113.72
CA GLY F 62 -52.56 -29.36 -113.92
C GLY F 62 -54.04 -29.12 -113.72
N PHE F 63 -54.38 -28.29 -112.74
CA PHE F 63 -55.78 -28.04 -112.45
C PHE F 63 -56.48 -27.40 -113.64
N GLU F 64 -55.88 -26.33 -114.19
CA GLU F 64 -56.49 -25.68 -115.34
C GLU F 64 -56.38 -26.50 -116.61
N GLU F 65 -55.34 -27.34 -116.74
CA GLU F 65 -55.30 -28.25 -117.89
C GLU F 65 -56.45 -29.24 -117.86
N GLY F 66 -56.76 -29.75 -116.67
CA GLY F 66 -57.90 -30.66 -116.56
C GLY F 66 -59.21 -29.96 -116.79
N ALA F 67 -59.39 -28.79 -116.18
CA ALA F 67 -60.66 -28.08 -116.29
C ALA F 67 -60.92 -27.60 -117.72
N ALA F 68 -59.85 -27.33 -118.49
CA ALA F 68 -60.03 -26.89 -119.87
C ALA F 68 -60.68 -27.97 -120.74
N GLN F 69 -60.46 -29.24 -120.42
CA GLN F 69 -60.99 -30.35 -121.20
C GLN F 69 -62.38 -30.78 -120.75
N MET F 70 -62.92 -30.18 -119.71
CA MET F 70 -64.20 -30.59 -119.15
C MET F 70 -65.33 -29.74 -119.72
N SER F 71 -66.49 -30.36 -119.89
CA SER F 71 -67.68 -29.70 -120.40
C SER F 71 -68.61 -29.32 -119.25
N LEU F 72 -69.57 -28.45 -119.56
CA LEU F 72 -70.51 -27.98 -118.55
C LEU F 72 -71.27 -29.15 -117.92
N GLY F 73 -71.23 -29.21 -116.59
CA GLY F 73 -71.93 -30.24 -115.85
C GLY F 73 -71.16 -31.53 -115.65
N GLN F 74 -69.97 -31.66 -116.23
CA GLN F 74 -69.22 -32.90 -116.13
C GLN F 74 -68.54 -33.02 -114.76
N ARG F 75 -68.49 -34.25 -114.27
CA ARG F 75 -67.77 -34.61 -113.05
C ARG F 75 -66.63 -35.55 -113.41
N ALA F 76 -65.41 -35.23 -112.98
CA ALA F 76 -64.25 -35.99 -113.43
C ALA F 76 -63.17 -36.02 -112.36
N LYS F 77 -62.32 -37.04 -112.45
CA LYS F 77 -61.12 -37.15 -111.64
C LYS F 77 -59.91 -36.63 -112.41
N LEU F 78 -59.16 -35.72 -111.79
CA LEU F 78 -57.91 -35.21 -112.32
C LEU F 78 -56.74 -35.78 -111.54
N THR F 79 -55.78 -36.39 -112.22
CA THR F 79 -54.54 -36.83 -111.60
C THR F 79 -53.41 -35.89 -112.03
N CYS F 80 -52.68 -35.37 -111.05
CA CYS F 80 -51.60 -34.41 -111.31
C CYS F 80 -50.28 -34.95 -110.76
N THR F 81 -49.25 -34.92 -111.60
CA THR F 81 -47.93 -35.43 -111.27
C THR F 81 -47.12 -34.38 -110.51
N PRO F 82 -46.12 -34.82 -109.72
CA PRO F 82 -45.33 -33.86 -108.93
C PRO F 82 -44.68 -32.77 -109.77
N ASP F 83 -44.27 -33.10 -111.00
CA ASP F 83 -43.57 -32.16 -111.86
C ASP F 83 -44.40 -30.94 -112.21
N VAL F 84 -45.73 -31.02 -112.04
CA VAL F 84 -46.60 -29.89 -112.27
C VAL F 84 -47.35 -29.45 -111.01
N ALA F 85 -47.59 -30.34 -110.05
CA ALA F 85 -48.26 -29.99 -108.81
C ALA F 85 -47.22 -29.58 -107.77
N TYR F 86 -46.93 -28.28 -107.73
CA TYR F 86 -46.06 -27.66 -106.72
C TYR F 86 -44.59 -28.10 -106.81
N GLY F 87 -44.28 -29.03 -107.71
CA GLY F 87 -42.91 -29.41 -107.95
C GLY F 87 -42.24 -30.03 -106.74
N ALA F 88 -40.93 -29.80 -106.63
CA ALA F 88 -40.13 -30.41 -105.58
C ALA F 88 -40.32 -29.73 -104.23
N THR F 89 -40.60 -28.43 -104.20
CA THR F 89 -40.72 -27.73 -102.93
C THR F 89 -42.03 -28.06 -102.21
N GLY F 90 -43.08 -28.37 -102.95
CA GLY F 90 -44.37 -28.62 -102.35
C GLY F 90 -45.00 -27.36 -101.76
N HIS F 91 -45.81 -27.59 -100.74
CA HIS F 91 -46.47 -26.51 -100.01
C HIS F 91 -46.10 -26.61 -98.54
N PRO F 92 -45.45 -25.60 -97.95
CA PRO F 92 -45.03 -25.71 -96.55
C PRO F 92 -46.15 -26.01 -95.58
N GLY F 93 -46.05 -27.16 -94.90
CA GLY F 93 -47.02 -27.52 -93.88
C GLY F 93 -48.25 -28.25 -94.35
N VAL F 94 -48.50 -28.32 -95.65
CA VAL F 94 -49.75 -28.88 -96.15
C VAL F 94 -49.50 -30.05 -97.09
N ILE F 95 -48.57 -29.88 -98.01
CA ILE F 95 -48.28 -30.86 -99.05
C ILE F 95 -46.79 -31.20 -98.99
N PRO F 96 -46.42 -32.47 -98.83
CA PRO F 96 -45.01 -32.82 -98.78
C PRO F 96 -44.40 -32.82 -100.18
N PRO F 97 -43.07 -32.83 -100.28
CA PRO F 97 -42.43 -32.83 -101.60
C PRO F 97 -42.82 -34.03 -102.45
N ASN F 98 -42.89 -33.79 -103.76
CA ASN F 98 -43.10 -34.84 -104.77
C ASN F 98 -44.42 -35.58 -104.56
N ALA F 99 -45.48 -34.85 -104.24
CA ALA F 99 -46.80 -35.42 -104.00
C ALA F 99 -47.62 -35.42 -105.27
N THR F 100 -48.06 -36.60 -105.71
CA THR F 100 -49.04 -36.73 -106.77
C THR F 100 -50.43 -36.46 -106.21
N LEU F 101 -51.17 -35.56 -106.85
CA LEU F 101 -52.45 -35.12 -106.31
C LEU F 101 -53.62 -35.67 -107.12
N ILE F 102 -54.75 -35.83 -106.43
CA ILE F 102 -56.01 -36.29 -107.01
C ILE F 102 -57.07 -35.23 -106.74
N PHE F 103 -57.78 -34.81 -107.78
CA PHE F 103 -58.83 -33.81 -107.64
C PHE F 103 -60.15 -34.36 -108.17
N ASP F 104 -61.21 -34.28 -107.36
CA ASP F 104 -62.57 -34.54 -107.81
C ASP F 104 -63.16 -33.20 -108.23
N VAL F 105 -63.33 -32.97 -109.52
CA VAL F 105 -63.74 -31.66 -110.01
C VAL F 105 -65.08 -31.76 -110.73
N GLU F 106 -65.98 -30.83 -110.43
CA GLU F 106 -67.24 -30.64 -111.14
C GLU F 106 -67.30 -29.22 -111.66
N LEU F 107 -67.49 -29.08 -112.97
CA LEU F 107 -67.61 -27.78 -113.65
C LEU F 107 -69.04 -27.27 -113.52
N LEU F 108 -69.28 -26.31 -112.62
CA LEU F 108 -70.65 -25.90 -112.41
C LEU F 108 -71.10 -24.86 -113.43
N ASN F 109 -70.29 -23.84 -113.69
CA ASN F 109 -70.77 -22.77 -114.56
C ASN F 109 -69.57 -22.10 -115.24
N LEU F 110 -69.86 -21.42 -116.34
CA LEU F 110 -68.89 -20.57 -117.02
C LEU F 110 -69.50 -19.20 -117.25
N GLU F 111 -68.78 -18.15 -116.86
CA GLU F 111 -69.26 -16.77 -116.88
C GLU F 111 -70.57 -16.63 -116.10
N GLU G 10 11.18 -14.54 22.15
CA GLU G 10 10.61 -15.41 23.22
C GLU G 10 11.55 -16.58 23.51
N VAL G 11 11.76 -16.87 24.80
CA VAL G 11 12.63 -17.94 25.24
C VAL G 11 11.76 -19.04 25.84
N GLN G 12 11.95 -20.26 25.37
CA GLN G 12 11.16 -21.39 25.83
C GLN G 12 11.67 -21.91 27.17
N PHE G 13 10.74 -22.30 28.02
CA PHE G 13 11.04 -22.86 29.34
C PHE G 13 10.55 -24.29 29.41
N LEU G 14 11.40 -25.17 29.95
CA LEU G 14 11.04 -26.57 30.09
C LEU G 14 10.02 -26.74 31.22
N ARG G 15 9.01 -27.56 30.96
CA ARG G 15 7.93 -27.81 31.90
C ARG G 15 7.75 -29.31 32.09
N THR G 16 6.97 -29.67 33.10
CA THR G 16 6.68 -31.08 33.36
C THR G 16 5.80 -31.65 32.25
N ASP G 17 5.78 -32.98 32.17
CA ASP G 17 5.05 -33.74 31.16
C ASP G 17 5.60 -33.52 29.76
N ASP G 18 6.77 -32.90 29.64
CA ASP G 18 7.40 -32.67 28.35
C ASP G 18 8.40 -33.77 28.03
N GLU G 19 8.45 -34.15 26.76
CA GLU G 19 9.38 -35.15 26.26
C GLU G 19 10.71 -34.50 25.92
N VAL G 20 11.81 -35.06 26.42
CA VAL G 20 13.12 -34.49 26.17
C VAL G 20 14.08 -35.61 25.77
N VAL G 21 15.21 -35.21 25.19
CA VAL G 21 16.29 -36.13 24.87
C VAL G 21 17.57 -35.62 25.52
N LEU G 22 18.27 -36.53 26.20
CA LEU G 22 19.57 -36.25 26.81
C LEU G 22 20.65 -36.40 25.75
N GLN G 23 21.29 -35.31 25.37
CA GLN G 23 22.24 -35.30 24.26
C GLN G 23 23.58 -34.77 24.76
N CYS G 24 24.65 -35.50 24.45
CA CYS G 24 26.00 -35.06 24.78
C CYS G 24 26.86 -35.00 23.53
N SER G 25 28.07 -34.50 23.72
CA SER G 25 29.04 -34.33 22.63
C SER G 25 30.37 -34.94 23.04
N ALA G 26 31.06 -35.51 22.07
CA ALA G 26 32.37 -36.11 22.31
C ALA G 26 33.30 -35.76 21.16
N THR G 27 34.59 -35.94 21.40
CA THR G 27 35.63 -35.70 20.40
C THR G 27 36.22 -37.03 19.96
N VAL G 28 36.12 -37.32 18.68
CA VAL G 28 36.64 -38.56 18.10
C VAL G 28 37.46 -38.17 16.87
N LEU G 29 38.76 -38.44 16.92
CA LEU G 29 39.69 -38.08 15.84
C LEU G 29 39.49 -36.63 15.42
N LYS G 30 39.44 -35.74 16.41
CA LYS G 30 39.25 -34.30 16.23
C LYS G 30 37.89 -33.96 15.66
N GLU G 31 36.96 -34.91 15.61
CA GLU G 31 35.62 -34.70 15.09
C GLU G 31 34.61 -34.74 16.23
N GLN G 32 33.69 -33.79 16.23
CA GLN G 32 32.63 -33.70 17.23
C GLN G 32 31.46 -34.62 16.90
N LEU G 33 31.28 -35.66 17.71
CA LEU G 33 30.22 -36.66 17.54
C LEU G 33 29.16 -36.45 18.61
N LYS G 34 27.90 -36.29 18.16
CA LYS G 34 26.77 -36.10 19.07
C LYS G 34 26.07 -37.42 19.31
N LEU G 35 25.82 -37.71 20.59
CA LEU G 35 25.25 -38.99 21.00
C LEU G 35 24.00 -38.74 21.83
N CYS G 36 23.01 -39.62 21.69
CA CYS G 36 21.78 -39.57 22.45
C CYS G 36 21.68 -40.79 23.37
N LEU G 37 21.29 -40.55 24.62
CA LEU G 37 21.10 -41.66 25.56
C LEU G 37 19.89 -42.49 25.16
N ALA G 38 20.08 -43.81 25.07
CA ALA G 38 19.04 -44.71 24.61
C ALA G 38 19.01 -45.94 25.53
N ALA G 39 17.85 -46.61 25.55
CA ALA G 39 17.71 -47.85 26.30
C ALA G 39 16.57 -48.65 25.72
N GLU G 40 16.78 -49.96 25.59
CA GLU G 40 15.76 -50.85 25.04
C GLU G 40 14.66 -51.14 26.05
N GLY G 41 15.03 -51.31 27.32
CA GLY G 41 14.05 -51.61 28.35
C GLY G 41 13.81 -53.09 28.55
N PHE G 42 13.11 -53.71 27.60
CA PHE G 42 12.80 -55.14 27.70
C PHE G 42 13.99 -55.96 27.19
N GLY G 43 14.50 -56.84 28.05
CA GLY G 43 15.60 -57.70 27.71
C GLY G 43 16.97 -57.14 27.99
N ASN G 44 17.09 -55.83 28.22
CA ASN G 44 18.37 -55.22 28.53
C ASN G 44 18.10 -53.90 29.25
N ARG G 45 18.35 -53.88 30.55
CA ARG G 45 18.12 -52.67 31.33
C ARG G 45 19.19 -51.61 31.10
N LEU G 46 20.40 -52.02 30.75
CA LEU G 46 21.50 -51.07 30.62
C LEU G 46 21.25 -50.07 29.50
N CYS G 47 21.74 -48.85 29.70
CA CYS G 47 21.59 -47.77 28.74
C CYS G 47 22.85 -47.62 27.90
N PHE G 48 22.66 -47.31 26.61
CA PHE G 48 23.79 -47.06 25.72
C PHE G 48 23.64 -45.72 25.01
N LEU G 49 24.53 -45.45 24.05
CA LEU G 49 24.56 -44.19 23.32
C LEU G 49 24.35 -44.45 21.83
N GLU G 50 23.37 -43.75 21.24
CA GLU G 50 23.10 -43.83 19.82
C GLU G 50 23.69 -42.61 19.14
N PRO G 51 24.65 -42.74 18.23
CA PRO G 51 25.16 -41.57 17.52
C PRO G 51 24.09 -40.96 16.61
N THR G 52 24.18 -39.64 16.43
CA THR G 52 23.23 -38.92 15.59
C THR G 52 23.89 -37.98 14.60
N SER G 53 25.22 -37.85 14.61
CA SER G 53 25.88 -36.89 13.73
C SER G 53 25.82 -37.34 12.27
N ASN G 54 25.70 -38.64 12.02
CA ASN G 54 25.64 -39.18 10.67
C ASN G 54 24.23 -39.53 10.23
N ALA G 55 23.24 -38.77 10.67
CA ALA G 55 21.86 -39.06 10.33
C ALA G 55 21.60 -38.96 8.83
N GLN G 56 22.45 -38.24 8.09
CA GLN G 56 22.25 -38.13 6.65
C GLN G 56 22.44 -39.47 5.96
N ASN G 57 23.41 -40.26 6.42
CA ASN G 57 23.73 -41.54 5.79
C ASN G 57 23.15 -42.73 6.54
N VAL G 58 23.08 -42.66 7.86
CA VAL G 58 22.49 -43.74 8.66
C VAL G 58 21.53 -43.13 9.66
N PRO G 59 20.22 -43.31 9.51
CA PRO G 59 19.28 -42.71 10.46
C PRO G 59 19.40 -43.35 11.84
N PRO G 60 19.44 -42.55 12.90
CA PRO G 60 19.52 -43.11 14.25
C PRO G 60 18.18 -43.65 14.72
N ASP G 61 18.25 -44.53 15.73
CA ASP G 61 17.06 -45.11 16.34
C ASP G 61 16.66 -44.25 17.53
N LEU G 62 15.91 -43.19 17.23
CA LEU G 62 15.48 -42.22 18.22
C LEU G 62 14.17 -42.60 18.92
N ALA G 63 13.54 -43.71 18.49
CA ALA G 63 12.29 -44.14 19.10
C ALA G 63 12.45 -44.57 20.56
N ILE G 64 13.67 -44.91 20.98
CA ILE G 64 13.92 -45.38 22.34
C ILE G 64 14.76 -44.38 23.12
N CYS G 65 14.84 -43.13 22.66
CA CYS G 65 15.63 -42.09 23.32
C CYS G 65 14.77 -41.07 24.05
N CYS G 66 13.44 -41.20 24.00
CA CYS G 66 12.54 -40.20 24.56
C CYS G 66 12.23 -40.52 26.01
N PHE G 67 12.32 -39.50 26.87
CA PHE G 67 11.98 -39.63 28.28
C PHE G 67 11.00 -38.54 28.66
N THR G 68 10.04 -38.88 29.51
CA THR G 68 9.02 -37.95 29.98
C THR G 68 9.32 -37.50 31.40
N LEU G 69 9.31 -36.19 31.61
CA LEU G 69 9.49 -35.57 32.93
C LEU G 69 8.17 -35.71 33.68
N GLU G 70 8.06 -36.76 34.51
CA GLU G 70 6.80 -37.01 35.19
C GLU G 70 6.59 -36.05 36.37
N GLN G 71 7.62 -35.86 37.20
CA GLN G 71 7.48 -35.03 38.44
C GLN G 71 8.64 -34.03 38.55
N SER G 72 8.38 -32.86 39.16
CA SER G 72 9.43 -31.82 39.39
C SER G 72 9.13 -31.19 40.75
N LEU G 73 10.04 -31.35 41.72
CA LEU G 73 9.85 -30.85 43.10
C LEU G 73 11.25 -30.70 43.70
N SER G 74 11.45 -29.79 44.65
CA SER G 74 12.79 -29.56 45.23
C SER G 74 13.29 -30.83 45.90
N VAL G 75 14.56 -30.87 46.30
CA VAL G 75 15.15 -32.06 47.01
C VAL G 75 14.65 -31.99 48.45
N ARG G 76 14.12 -30.84 48.88
CA ARG G 76 13.47 -30.74 50.21
C ARG G 76 12.21 -31.60 50.09
N ALA G 77 11.41 -31.39 49.05
CA ALA G 77 10.14 -32.10 48.84
C ALA G 77 10.35 -33.55 48.43
N LEU G 78 11.55 -33.91 47.96
CA LEU G 78 11.82 -35.28 47.47
C LEU G 78 12.17 -36.20 48.64
N GLN G 79 13.10 -35.80 49.51
CA GLN G 79 13.49 -36.59 50.71
C GLN G 79 12.33 -36.55 51.70
N GLU G 80 11.42 -35.58 51.56
CA GLU G 80 10.20 -35.50 52.42
C GLU G 80 9.19 -36.51 51.90
N MET G 81 9.11 -36.72 50.58
CA MET G 81 8.20 -37.71 49.94
C MET G 81 8.65 -39.09 50.36
N LEU G 82 9.97 -39.29 50.54
CA LEU G 82 10.57 -40.55 50.92
C LEU G 82 10.20 -40.89 52.36
N ALA G 83 10.17 -39.88 53.23
CA ALA G 83 9.80 -40.11 54.62
C ALA G 83 8.36 -40.59 54.75
N ASN G 84 7.42 -39.87 54.15
CA ASN G 84 6.02 -40.30 54.23
C ASN G 84 5.70 -41.27 53.10
N HIS G 98 1.84 -29.17 35.15
CA HIS G 98 2.65 -28.35 34.26
C HIS G 98 3.55 -27.41 35.05
N ARG G 99 4.26 -27.96 36.04
CA ARG G 99 5.16 -27.16 36.84
C ARG G 99 6.40 -26.79 36.04
N THR G 100 6.90 -25.57 36.28
CA THR G 100 8.11 -25.11 35.60
C THR G 100 9.34 -25.64 36.31
N LEU G 101 10.32 -26.07 35.52
CA LEU G 101 11.55 -26.64 36.05
C LEU G 101 12.43 -25.54 36.62
N LEU G 102 12.95 -25.77 37.82
CA LEU G 102 13.87 -24.85 38.48
C LEU G 102 15.19 -25.56 38.78
N TYR G 103 16.28 -24.80 38.69
CA TYR G 103 17.59 -25.34 39.01
C TYR G 103 17.64 -25.77 40.47
N GLY G 104 18.29 -26.91 40.72
CA GLY G 104 18.38 -27.47 42.05
C GLY G 104 17.30 -28.46 42.41
N HIS G 105 16.26 -28.58 41.60
CA HIS G 105 15.20 -29.53 41.87
C HIS G 105 15.58 -30.93 41.38
N ALA G 106 14.86 -31.92 41.89
CA ALA G 106 15.03 -33.32 41.52
C ALA G 106 13.90 -33.72 40.57
N ILE G 107 14.27 -34.33 39.45
CA ILE G 107 13.34 -34.69 38.39
C ILE G 107 13.21 -36.21 38.32
N LEU G 108 12.07 -36.66 37.78
CA LEU G 108 11.79 -38.06 37.56
C LEU G 108 11.56 -38.31 36.08
N LEU G 109 12.45 -39.10 35.48
CA LEU G 109 12.41 -39.39 34.05
C LEU G 109 11.84 -40.78 33.83
N ARG G 110 10.76 -40.87 33.06
CA ARG G 110 10.14 -42.15 32.73
C ARG G 110 10.42 -42.47 31.26
N HIS G 111 10.89 -43.69 31.00
CA HIS G 111 11.14 -44.11 29.64
C HIS G 111 9.83 -44.22 28.87
N ALA G 112 9.80 -43.64 27.68
CA ALA G 112 8.54 -43.57 26.92
C ALA G 112 8.06 -44.96 26.50
N HIS G 113 8.98 -45.83 26.06
CA HIS G 113 8.57 -47.11 25.50
C HIS G 113 8.23 -48.12 26.59
N SER G 114 9.21 -48.44 27.44
CA SER G 114 9.01 -49.47 28.45
C SER G 114 8.27 -48.96 29.68
N ARG G 115 8.04 -47.65 29.78
CA ARG G 115 7.35 -47.05 30.92
C ARG G 115 8.10 -47.27 32.23
N MET G 116 9.38 -47.59 32.16
CA MET G 116 10.21 -47.73 33.35
C MET G 116 10.81 -46.37 33.72
N TYR G 117 11.55 -46.35 34.82
CA TYR G 117 12.13 -45.12 35.34
C TYR G 117 13.64 -45.22 35.33
N LEU G 118 14.30 -44.17 34.86
CA LEU G 118 15.76 -44.10 34.89
C LEU G 118 16.27 -44.14 36.32
N SER G 119 17.27 -44.99 36.56
CA SER G 119 17.76 -45.22 37.91
C SER G 119 19.25 -45.50 37.84
N CYS G 120 19.91 -45.35 38.98
CA CYS G 120 21.32 -45.69 39.15
C CYS G 120 21.42 -47.08 39.75
N LEU G 121 21.86 -48.04 38.94
CA LEU G 121 21.95 -49.41 39.42
C LEU G 121 23.05 -49.55 40.46
N THR G 122 22.86 -50.50 41.38
CA THR G 122 23.82 -50.73 42.44
C THR G 122 25.00 -51.58 42.00
N THR G 123 24.93 -52.21 40.83
CA THR G 123 26.00 -53.04 40.32
C THR G 123 27.00 -52.20 39.52
N SER G 124 28.08 -52.85 39.10
CA SER G 124 29.11 -52.16 38.32
C SER G 124 29.85 -53.21 37.50
N ARG G 125 29.71 -53.14 36.18
CA ARG G 125 30.39 -54.05 35.26
C ARG G 125 31.65 -53.44 34.68
N SER G 126 32.04 -52.25 35.09
CA SER G 126 33.22 -51.58 34.55
C SER G 126 34.46 -52.03 35.32
N MET G 127 35.55 -52.22 34.58
CA MET G 127 36.83 -52.60 35.17
C MET G 127 37.83 -51.45 35.24
N THR G 128 37.69 -50.45 34.37
CA THR G 128 38.63 -49.33 34.37
C THR G 128 38.38 -48.43 35.58
N ASP G 129 37.12 -48.11 35.86
CA ASP G 129 36.75 -47.25 36.98
C ASP G 129 36.17 -48.14 38.09
N LYS G 130 36.86 -48.17 39.22
CA LYS G 130 36.44 -49.02 40.33
C LYS G 130 35.32 -48.40 41.16
N LEU G 131 35.09 -47.09 41.03
CA LEU G 131 34.09 -46.39 41.81
C LEU G 131 32.84 -46.07 41.01
N ALA G 132 32.70 -46.62 39.81
CA ALA G 132 31.57 -46.30 38.95
C ALA G 132 30.42 -47.27 39.21
N PHE G 133 29.20 -46.82 38.91
CA PHE G 133 28.01 -47.62 39.05
C PHE G 133 27.24 -47.64 37.74
N ASP G 134 26.57 -48.76 37.48
CA ASP G 134 25.78 -48.89 36.27
C ASP G 134 24.49 -48.08 36.36
N VAL G 135 24.11 -47.48 35.24
CA VAL G 135 22.88 -46.70 35.12
C VAL G 135 21.92 -47.44 34.21
N GLY G 136 20.73 -47.75 34.72
CA GLY G 136 19.76 -48.50 33.97
C GLY G 136 18.33 -48.09 34.28
N LEU G 137 17.38 -48.96 33.95
CA LEU G 137 15.97 -48.69 34.15
C LEU G 137 15.42 -49.55 35.27
N GLN G 138 14.55 -48.97 36.08
CA GLN G 138 13.91 -49.64 37.20
C GLN G 138 12.42 -49.75 36.95
N GLU G 139 11.84 -50.90 37.31
CA GLU G 139 10.44 -51.15 37.01
C GLU G 139 9.53 -50.17 37.76
N ASP G 140 9.86 -49.86 38.99
CA ASP G 140 9.03 -49.01 39.84
C ASP G 140 9.79 -47.75 40.24
N ALA G 141 9.03 -46.74 40.66
CA ALA G 141 9.59 -45.45 41.06
C ALA G 141 9.89 -45.38 42.55
N THR G 142 9.79 -46.51 43.27
CA THR G 142 10.05 -46.50 44.70
C THR G 142 11.54 -46.28 44.96
N GLY G 143 11.83 -45.75 46.15
CA GLY G 143 13.20 -45.48 46.54
C GLY G 143 13.70 -44.16 45.98
N GLU G 144 14.93 -43.84 46.35
CA GLU G 144 15.58 -42.61 45.94
C GLU G 144 16.55 -42.80 44.79
N ALA G 145 16.66 -44.01 44.25
CA ALA G 145 17.60 -44.27 43.17
C ALA G 145 17.13 -43.78 41.81
N CYS G 146 15.88 -43.35 41.70
CA CYS G 146 15.30 -42.93 40.43
C CYS G 146 15.08 -41.42 40.36
N TRP G 147 15.75 -40.65 41.22
CA TRP G 147 15.64 -39.20 41.22
C TRP G 147 17.02 -38.59 40.98
N TRP G 148 17.06 -37.57 40.14
CA TRP G 148 18.29 -36.91 39.74
C TRP G 148 18.12 -35.41 39.90
N THR G 149 19.12 -34.76 40.49
CA THR G 149 19.06 -33.31 40.69
C THR G 149 19.79 -32.59 39.57
N MET G 150 19.12 -31.60 38.98
CA MET G 150 19.64 -30.77 37.91
C MET G 150 20.36 -29.56 38.49
N HIS G 151 21.59 -29.31 38.05
CA HIS G 151 22.38 -28.19 38.49
C HIS G 151 22.89 -27.39 37.30
N PRO G 152 23.01 -26.07 37.45
CA PRO G 152 23.51 -25.26 36.34
C PRO G 152 24.98 -25.56 36.06
N ALA G 153 25.34 -25.58 34.78
CA ALA G 153 26.69 -25.95 34.38
C ALA G 153 27.70 -24.83 34.60
N SER G 154 27.27 -23.57 34.52
CA SER G 154 28.19 -22.44 34.58
C SER G 154 27.64 -21.37 35.52
N LYS G 155 28.48 -20.36 35.76
CA LYS G 155 28.10 -19.25 36.63
C LYS G 155 27.04 -18.35 36.03
N GLN G 156 26.73 -18.52 34.74
CA GLN G 156 25.74 -17.65 34.10
C GLN G 156 24.39 -17.77 34.81
N ARG G 157 24.00 -18.99 35.18
CA ARG G 157 22.74 -19.23 35.86
C ARG G 157 23.00 -19.59 37.33
N SER G 158 22.04 -19.25 38.17
CA SER G 158 22.11 -19.51 39.60
C SER G 158 20.86 -20.28 40.03
N GLU G 159 20.93 -20.83 41.24
CA GLU G 159 19.83 -21.64 41.75
C GLU G 159 18.56 -20.80 41.84
N GLY G 160 17.43 -21.41 41.48
CA GLY G 160 16.15 -20.75 41.48
C GLY G 160 15.73 -20.21 40.13
N GLU G 161 16.66 -20.06 39.19
CA GLU G 161 16.33 -19.57 37.87
C GLU G 161 15.61 -20.65 37.06
N LYS G 162 14.80 -20.20 36.10
CA LYS G 162 14.12 -21.13 35.21
C LYS G 162 15.11 -21.74 34.24
N VAL G 163 14.94 -23.03 33.96
CA VAL G 163 15.80 -23.73 33.02
C VAL G 163 15.27 -23.49 31.61
N ARG G 164 16.13 -22.98 30.74
CA ARG G 164 15.76 -22.66 29.37
C ARG G 164 16.36 -23.66 28.40
N VAL G 165 15.73 -23.78 27.23
CA VAL G 165 16.18 -24.71 26.21
C VAL G 165 17.58 -24.34 25.75
N GLY G 166 18.44 -25.34 25.61
CA GLY G 166 19.82 -25.12 25.19
C GLY G 166 20.81 -24.96 26.32
N ASP G 167 20.35 -24.94 27.57
CA ASP G 167 21.26 -24.79 28.70
C ASP G 167 22.05 -26.07 28.93
N ASP G 168 23.26 -25.92 29.44
CA ASP G 168 24.10 -27.04 29.83
C ASP G 168 23.81 -27.41 31.28
N LEU G 169 23.54 -28.68 31.52
CA LEU G 169 23.09 -29.15 32.83
C LEU G 169 24.06 -30.16 33.41
N ILE G 170 24.04 -30.27 34.73
CA ILE G 170 24.79 -31.27 35.48
C ILE G 170 23.80 -32.11 36.29
N LEU G 171 23.72 -33.40 35.99
CA LEU G 171 22.76 -34.29 36.64
C LEU G 171 23.51 -35.08 37.70
N VAL G 172 23.02 -35.00 38.95
CA VAL G 172 23.65 -35.69 40.07
C VAL G 172 22.66 -36.67 40.69
N SER G 173 23.10 -37.90 40.88
CA SER G 173 22.27 -38.92 41.50
C SER G 173 22.06 -38.59 42.97
N VAL G 174 20.80 -38.64 43.42
CA VAL G 174 20.52 -38.41 44.83
C VAL G 174 21.10 -39.54 45.68
N SER G 175 20.88 -40.79 45.26
CA SER G 175 21.35 -41.92 46.04
C SER G 175 22.86 -42.07 45.95
N SER G 176 23.42 -41.88 44.76
CA SER G 176 24.82 -42.17 44.50
C SER G 176 25.70 -40.92 44.49
N GLU G 177 25.12 -39.72 44.57
CA GLU G 177 25.86 -38.46 44.50
C GLU G 177 27.01 -38.54 43.50
N ARG G 178 26.71 -39.09 42.32
CA ARG G 178 27.67 -39.20 41.23
C ARG G 178 27.12 -38.56 39.97
N TYR G 179 28.02 -38.05 39.15
CA TYR G 179 27.66 -37.39 37.90
C TYR G 179 27.39 -38.42 36.81
N LEU G 180 26.51 -38.05 35.87
CA LEU G 180 26.32 -38.82 34.64
C LEU G 180 27.49 -38.65 33.71
N HIS G 181 28.40 -39.63 33.71
CA HIS G 181 29.70 -39.48 33.09
C HIS G 181 29.75 -40.33 31.83
N LEU G 182 30.38 -39.80 30.79
CA LEU G 182 30.68 -40.55 29.59
C LEU G 182 32.13 -41.02 29.64
N SER G 183 32.32 -42.33 29.61
CA SER G 183 33.63 -42.95 29.74
C SER G 183 34.11 -43.41 28.38
N THR G 184 35.32 -43.02 28.02
CA THR G 184 35.96 -43.43 26.77
C THR G 184 37.22 -44.25 27.02
N ALA G 185 37.36 -44.80 28.23
CA ALA G 185 38.56 -45.56 28.56
C ALA G 185 38.72 -46.76 27.63
N SER G 186 37.62 -47.47 27.37
CA SER G 186 37.64 -48.57 26.43
C SER G 186 37.59 -48.04 25.01
N GLY G 187 37.55 -48.96 24.03
CA GLY G 187 37.48 -48.54 22.64
C GLY G 187 36.15 -47.90 22.28
N GLU G 188 35.10 -48.13 23.07
CA GLU G 188 33.78 -47.60 22.81
C GLU G 188 33.44 -46.53 23.83
N LEU G 189 32.28 -45.90 23.63
CA LEU G 189 31.78 -44.85 24.52
C LEU G 189 30.68 -45.45 25.39
N GLN G 190 30.83 -45.34 26.70
CA GLN G 190 29.90 -45.96 27.64
C GLN G 190 29.42 -44.91 28.64
N VAL G 191 28.19 -45.06 29.12
CA VAL G 191 27.62 -44.13 30.08
C VAL G 191 27.56 -44.80 31.43
N ASP G 192 28.03 -44.09 32.47
CA ASP G 192 28.02 -44.64 33.82
C ASP G 192 27.85 -43.49 34.81
N ALA G 193 27.74 -43.85 36.09
CA ALA G 193 27.61 -42.87 37.16
C ALA G 193 28.96 -42.79 37.85
N SER G 194 29.72 -41.72 37.57
CA SER G 194 31.06 -41.55 38.10
C SER G 194 31.15 -40.20 38.80
N PHE G 195 32.35 -39.90 39.31
CA PHE G 195 32.62 -38.66 40.03
C PHE G 195 33.06 -37.51 39.13
N MET G 196 33.24 -37.75 37.84
CA MET G 196 33.57 -36.68 36.89
C MET G 196 32.32 -36.25 36.14
N GLN G 197 32.11 -34.94 36.06
CA GLN G 197 30.92 -34.39 35.44
C GLN G 197 31.01 -34.43 33.92
N THR G 198 29.86 -34.26 33.28
CA THR G 198 29.76 -34.26 31.83
C THR G 198 28.63 -33.35 31.40
N LEU G 199 28.84 -32.63 30.29
CA LEU G 199 27.87 -31.67 29.80
C LEU G 199 26.73 -32.38 29.09
N TRP G 200 25.49 -31.99 29.42
CA TRP G 200 24.31 -32.59 28.81
C TRP G 200 23.36 -31.50 28.34
N ASN G 201 22.60 -31.81 27.29
CA ASN G 201 21.56 -30.94 26.76
C ASN G 201 20.23 -31.69 26.77
N MET G 202 19.20 -31.05 27.35
CA MET G 202 17.85 -31.61 27.37
C MET G 202 17.07 -30.99 26.23
N ASN G 203 17.25 -31.54 25.03
CA ASN G 203 16.54 -30.99 23.88
C ASN G 203 15.07 -31.40 23.89
N PRO G 204 14.12 -30.44 23.88
CA PRO G 204 12.70 -30.79 23.90
C PRO G 204 12.24 -31.41 22.59
N ILE G 205 11.23 -32.28 22.69
CA ILE G 205 10.55 -32.85 21.53
C ILE G 205 9.15 -32.28 21.37
N CYS G 206 8.36 -32.30 22.44
CA CYS G 206 7.01 -31.74 22.44
C CYS G 206 6.62 -31.36 23.85
N SER G 207 5.85 -30.28 23.97
CA SER G 207 5.30 -29.84 25.26
C SER G 207 3.84 -30.25 25.41
N CYS G 208 2.99 -29.80 24.49
CA CYS G 208 1.58 -30.14 24.52
C CYS G 208 1.07 -30.19 23.08
N CYS G 209 0.37 -31.27 22.74
CA CYS G 209 -0.10 -31.51 21.38
C CYS G 209 -1.62 -31.40 21.32
N GLU G 210 -2.11 -30.71 20.29
CA GLU G 210 -3.54 -30.53 20.13
C GLU G 210 -4.21 -31.84 19.74
N GLU G 211 -5.49 -31.95 20.06
CA GLU G 211 -6.25 -33.16 19.78
C GLU G 211 -6.40 -33.38 18.27
N GLY G 212 -6.27 -34.64 17.87
CA GLY G 212 -6.62 -35.05 16.52
C GLY G 212 -5.80 -34.41 15.41
N TYR G 213 -4.60 -33.92 15.72
CA TYR G 213 -3.68 -33.45 14.70
C TYR G 213 -2.41 -34.29 14.73
N VAL G 214 -1.99 -34.73 13.55
CA VAL G 214 -0.84 -35.62 13.42
C VAL G 214 0.44 -34.83 13.59
N THR G 215 1.37 -35.38 14.37
CA THR G 215 2.68 -34.80 14.60
C THR G 215 3.76 -35.80 14.21
N GLY G 216 4.98 -35.29 14.06
CA GLY G 216 6.08 -36.14 13.68
C GLY G 216 6.40 -37.18 14.73
N GLY G 217 6.97 -38.30 14.27
CA GLY G 217 7.35 -39.39 15.15
C GLY G 217 6.23 -40.35 15.50
N HIS G 218 5.03 -40.15 14.98
CA HIS G 218 3.90 -41.00 15.31
C HIS G 218 3.86 -42.25 14.42
N VAL G 219 3.24 -43.30 14.97
CA VAL G 219 2.96 -44.54 14.26
C VAL G 219 1.49 -44.57 13.90
N LEU G 220 1.19 -44.91 12.66
CA LEU G 220 -0.17 -44.81 12.14
C LEU G 220 -0.38 -45.84 11.04
N ARG G 221 -1.62 -45.90 10.54
CA ARG G 221 -1.98 -46.73 9.40
C ARG G 221 -2.43 -45.82 8.27
N LEU G 222 -2.14 -46.25 7.03
CA LEU G 222 -2.45 -45.52 5.81
C LEU G 222 -3.56 -46.16 4.99
N PHE G 223 -4.79 -45.64 5.10
CA PHE G 223 -5.92 -46.20 4.36
C PHE G 223 -6.05 -45.52 3.00
N HIS G 224 -6.34 -46.34 1.97
CA HIS G 224 -6.46 -45.82 0.61
C HIS G 224 -7.82 -45.17 0.39
N GLY G 225 -8.89 -45.93 0.56
CA GLY G 225 -10.24 -45.43 0.33
C GLY G 225 -11.03 -45.21 1.59
N HIS G 226 -12.19 -45.85 1.68
CA HIS G 226 -13.11 -45.67 2.81
C HIS G 226 -12.92 -46.79 3.82
N MET G 227 -11.78 -46.76 4.48
CA MET G 227 -11.46 -47.73 5.53
C MET G 227 -11.54 -49.16 5.01
N ASP G 228 -11.14 -49.35 3.75
CA ASP G 228 -11.20 -50.65 3.10
C ASP G 228 -9.83 -51.24 2.82
N GLU G 229 -8.95 -50.50 2.13
CA GLU G 229 -7.61 -50.97 1.81
C GLU G 229 -6.58 -50.10 2.53
N CYS G 230 -5.51 -50.73 2.98
CA CYS G 230 -4.43 -50.06 3.68
C CYS G 230 -3.09 -50.48 3.13
N LEU G 231 -2.12 -49.59 3.26
CA LEU G 231 -0.76 -49.86 2.82
C LEU G 231 -0.10 -50.84 3.77
N THR G 232 0.51 -51.88 3.23
CA THR G 232 1.10 -52.92 4.06
C THR G 232 2.13 -53.68 3.24
N ILE G 233 2.85 -54.57 3.90
CA ILE G 233 3.78 -55.47 3.25
C ILE G 233 3.23 -56.89 3.33
N SER G 234 3.93 -57.81 2.66
CA SER G 234 3.50 -59.19 2.65
C SER G 234 3.66 -59.82 4.03
N ALA G 235 2.92 -60.89 4.25
CA ALA G 235 2.97 -61.59 5.54
C ALA G 235 4.32 -62.27 5.72
N ALA G 236 4.48 -62.90 6.87
CA ALA G 236 5.73 -63.57 7.19
C ALA G 236 5.98 -64.75 6.26
N ASP G 237 7.23 -65.20 6.26
CA ASP G 237 7.68 -66.31 5.41
C ASP G 237 7.09 -66.20 4.00
N SER G 238 7.35 -65.06 3.37
CA SER G 238 6.91 -64.79 2.02
C SER G 238 8.07 -64.91 1.04
N ASP G 239 7.74 -65.19 -0.22
CA ASP G 239 8.77 -65.39 -1.23
C ASP G 239 9.49 -64.09 -1.57
N ASP G 240 8.80 -62.96 -1.45
CA ASP G 240 9.36 -61.66 -1.79
C ASP G 240 10.22 -61.07 -0.68
N GLN G 241 10.50 -61.84 0.37
CA GLN G 241 11.32 -61.38 1.49
C GLN G 241 10.71 -60.18 2.20
N ARG G 242 9.38 -59.99 2.05
CA ARG G 242 8.68 -58.89 2.70
C ARG G 242 9.30 -57.54 2.30
N ARG G 243 9.65 -57.41 1.02
CA ARG G 243 10.27 -56.20 0.50
C ARG G 243 9.40 -55.52 -0.56
N LEU G 244 8.11 -55.85 -0.61
CA LEU G 244 7.18 -55.25 -1.56
C LEU G 244 5.99 -54.67 -0.81
N VAL G 245 5.43 -53.60 -1.36
CA VAL G 245 4.35 -52.86 -0.71
C VAL G 245 3.06 -53.07 -1.51
N TYR G 246 1.98 -53.33 -0.78
CA TYR G 246 0.69 -53.62 -1.39
C TYR G 246 -0.41 -52.82 -0.69
N TYR G 247 -1.48 -52.60 -1.44
CA TYR G 247 -2.75 -52.11 -0.91
C TYR G 247 -3.61 -53.33 -0.64
N GLU G 248 -3.83 -53.64 0.64
CA GLU G 248 -4.52 -54.86 1.05
C GLU G 248 -5.63 -54.50 2.03
N GLY G 249 -6.74 -55.23 1.97
CA GLY G 249 -7.85 -55.02 2.87
C GLY G 249 -8.20 -56.29 3.64
N GLY G 250 -9.09 -56.13 4.61
CA GLY G 250 -9.55 -57.23 5.43
C GLY G 250 -9.03 -57.20 6.85
N ALA G 251 -8.57 -58.35 7.34
CA ALA G 251 -8.05 -58.45 8.71
C ALA G 251 -6.71 -57.75 8.88
N VAL G 252 -6.03 -57.42 7.78
CA VAL G 252 -4.73 -56.76 7.85
C VAL G 252 -4.87 -55.38 8.47
N CYS G 253 -6.06 -54.79 8.40
CA CYS G 253 -6.28 -53.45 8.96
C CYS G 253 -6.15 -53.41 10.47
N THR G 254 -6.15 -54.55 11.14
CA THR G 254 -5.96 -54.62 12.58
C THR G 254 -4.68 -55.33 12.97
N HIS G 255 -3.82 -55.64 12.02
CA HIS G 255 -2.56 -56.31 12.28
C HIS G 255 -1.42 -55.30 12.43
N ALA G 256 -0.28 -55.81 12.89
CA ALA G 256 0.89 -54.99 13.17
C ALA G 256 1.75 -54.71 11.95
N ARG G 257 1.56 -55.42 10.85
CA ARG G 257 2.36 -55.24 9.65
C ARG G 257 1.87 -54.09 8.76
N SER G 258 0.79 -53.42 9.14
CA SER G 258 0.30 -52.25 8.41
C SER G 258 0.62 -50.94 9.12
N LEU G 259 1.54 -50.97 10.08
CA LEU G 259 1.88 -49.79 10.87
C LEU G 259 3.16 -49.15 10.33
N TRP G 260 3.15 -47.82 10.22
CA TRP G 260 4.30 -47.07 9.75
C TRP G 260 4.60 -45.95 10.73
N ARG G 261 5.89 -45.62 10.85
CA ARG G 261 6.35 -44.55 11.72
C ARG G 261 6.92 -43.42 10.88
N LEU G 262 6.42 -42.20 11.13
CA LEU G 262 6.84 -41.01 10.39
C LEU G 262 8.01 -40.35 11.11
N GLU G 263 9.16 -40.29 10.45
CA GLU G 263 10.39 -39.77 11.07
C GLU G 263 10.86 -38.52 10.34
N PRO G 264 10.68 -37.33 10.93
CA PRO G 264 11.22 -36.12 10.30
C PRO G 264 12.74 -36.14 10.29
N LEU G 265 13.31 -35.31 9.41
CA LEU G 265 14.75 -35.31 9.24
C LEU G 265 15.47 -34.57 10.36
N ARG G 266 14.88 -33.49 10.87
CA ARG G 266 15.51 -32.77 11.97
C ARG G 266 15.33 -33.52 13.28
N ILE G 267 16.16 -33.17 14.26
CA ILE G 267 16.13 -33.81 15.57
C ILE G 267 15.36 -32.92 16.55
N SER G 268 15.80 -31.66 16.67
CA SER G 268 15.14 -30.75 17.59
C SER G 268 13.76 -30.39 17.08
N TRP G 269 12.77 -30.44 17.96
CA TRP G 269 11.38 -30.17 17.61
C TRP G 269 10.90 -31.11 16.49
N SER G 270 11.40 -32.34 16.50
CA SER G 270 10.96 -33.33 15.52
C SER G 270 9.51 -33.74 15.73
N GLY G 271 8.95 -33.47 16.90
CA GLY G 271 7.58 -33.78 17.18
C GLY G 271 6.61 -32.65 16.87
N SER G 272 7.09 -31.59 16.24
CA SER G 272 6.23 -30.43 15.88
C SER G 272 5.26 -30.84 14.77
N HIS G 273 4.18 -30.08 14.59
CA HIS G 273 3.18 -30.38 13.58
C HIS G 273 3.82 -30.49 12.21
N LEU G 274 3.40 -31.50 11.46
CA LEU G 274 3.93 -31.72 10.12
C LEU G 274 3.50 -30.59 9.19
N ARG G 275 4.36 -30.31 8.21
CA ARG G 275 4.12 -29.24 7.25
C ARG G 275 4.08 -29.81 5.84
N TRP G 276 3.27 -29.20 5.00
CA TRP G 276 3.14 -29.63 3.61
C TRP G 276 4.50 -29.49 2.91
N GLY G 277 4.90 -30.55 2.21
CA GLY G 277 6.16 -30.54 1.51
C GLY G 277 7.37 -30.80 2.39
N GLN G 278 7.16 -31.04 3.68
CA GLN G 278 8.29 -31.26 4.59
C GLN G 278 8.83 -32.67 4.39
N PRO G 279 10.12 -32.83 4.09
CA PRO G 279 10.67 -34.18 3.87
C PRO G 279 10.67 -35.01 5.14
N LEU G 280 10.50 -36.31 4.98
CA LEU G 280 10.50 -37.23 6.11
C LEU G 280 10.72 -38.65 5.61
N ARG G 281 11.27 -39.48 6.50
CA ARG G 281 11.41 -40.91 6.25
C ARG G 281 10.20 -41.67 6.76
N ILE G 282 9.92 -42.80 6.11
CA ILE G 282 8.83 -43.70 6.48
C ILE G 282 9.44 -45.04 6.88
N ARG G 283 9.24 -45.43 8.14
CA ARG G 283 9.88 -46.61 8.70
C ARG G 283 8.83 -47.67 9.01
N HIS G 284 9.09 -48.90 8.59
CA HIS G 284 8.22 -50.02 8.96
C HIS G 284 8.57 -50.47 10.37
N VAL G 285 7.57 -50.52 11.24
CA VAL G 285 7.84 -50.69 12.67
C VAL G 285 8.40 -52.07 12.96
N THR G 286 7.76 -53.12 12.42
CA THR G 286 8.13 -54.47 12.80
C THR G 286 9.48 -54.89 12.21
N THR G 287 9.76 -54.46 10.97
CA THR G 287 10.98 -54.88 10.31
C THR G 287 12.13 -53.90 10.47
N GLY G 288 11.84 -52.64 10.80
CA GLY G 288 12.89 -51.65 10.95
C GLY G 288 13.47 -51.14 9.66
N ARG G 289 12.84 -51.44 8.52
CA ARG G 289 13.33 -51.01 7.23
C ARG G 289 12.69 -49.68 6.83
N TYR G 290 13.31 -48.99 5.88
CA TYR G 290 12.87 -47.68 5.46
C TYR G 290 12.39 -47.73 4.01
N LEU G 291 11.25 -47.09 3.76
CA LEU G 291 10.75 -46.96 2.40
C LEU G 291 11.75 -46.22 1.52
N ALA G 292 12.03 -46.77 0.33
CA ALA G 292 13.09 -46.24 -0.51
C ALA G 292 12.69 -46.46 -1.96
N LEU G 293 13.33 -45.66 -2.84
CA LEU G 293 13.20 -45.81 -4.29
C LEU G 293 14.57 -46.18 -4.86
N THR G 294 14.68 -47.38 -5.40
CA THR G 294 15.91 -47.87 -5.99
C THR G 294 15.76 -47.92 -7.50
N GLU G 295 16.84 -47.62 -8.21
CA GLU G 295 16.80 -47.59 -9.66
C GLU G 295 16.57 -48.97 -10.26
N ASP G 296 16.82 -50.04 -9.50
CA ASP G 296 16.70 -51.40 -10.02
C ASP G 296 15.32 -52.00 -9.72
N GLN G 297 14.92 -52.06 -8.45
CA GLN G 297 13.64 -52.63 -8.07
C GLN G 297 12.54 -51.58 -7.93
N GLY G 298 12.86 -50.29 -8.08
CA GLY G 298 11.85 -49.26 -7.94
C GLY G 298 11.54 -48.95 -6.49
N LEU G 299 10.27 -49.07 -6.10
CA LEU G 299 9.82 -48.77 -4.75
C LEU G 299 9.93 -50.03 -3.91
N VAL G 300 10.83 -50.02 -2.93
CA VAL G 300 11.03 -51.14 -2.03
C VAL G 300 11.27 -50.60 -0.61
N VAL G 301 11.49 -51.52 0.32
CA VAL G 301 11.91 -51.18 1.67
C VAL G 301 13.32 -51.73 1.86
N VAL G 302 14.24 -50.86 2.30
CA VAL G 302 15.65 -51.22 2.39
C VAL G 302 16.10 -51.15 3.84
N ASP G 303 17.22 -51.81 4.11
CA ASP G 303 17.78 -51.80 5.45
C ASP G 303 18.34 -50.42 5.79
N ALA G 304 18.60 -50.20 7.08
CA ALA G 304 19.03 -48.90 7.54
C ALA G 304 20.42 -48.51 7.04
N CYS G 305 21.27 -49.48 6.68
CA CYS G 305 22.60 -49.12 6.19
C CYS G 305 22.59 -48.56 4.78
N LYS G 306 21.47 -48.65 4.07
CA LYS G 306 21.37 -48.16 2.70
C LYS G 306 20.29 -47.10 2.55
N ALA G 307 19.83 -46.53 3.68
CA ALA G 307 18.73 -45.57 3.67
C ALA G 307 19.29 -44.17 3.71
N HIS G 308 19.51 -43.61 2.53
CA HIS G 308 20.03 -42.26 2.37
C HIS G 308 18.92 -41.34 1.89
N THR G 309 19.02 -40.06 2.26
CA THR G 309 17.93 -39.13 2.02
C THR G 309 17.51 -39.09 0.55
N LYS G 310 18.46 -39.28 -0.36
CA LYS G 310 18.14 -39.21 -1.79
C LYS G 310 17.05 -40.22 -2.16
N ALA G 311 17.17 -41.46 -1.66
CA ALA G 311 16.18 -42.48 -1.94
C ALA G 311 15.05 -42.51 -0.92
N THR G 312 15.24 -41.93 0.26
CA THR G 312 14.28 -42.05 1.35
C THR G 312 13.59 -40.74 1.69
N SER G 313 13.59 -39.78 0.76
CA SER G 313 12.95 -38.49 0.96
C SER G 313 11.58 -38.50 0.32
N PHE G 314 10.54 -38.35 1.13
CA PHE G 314 9.17 -38.25 0.64
C PHE G 314 8.51 -37.04 1.27
N CYS G 315 7.41 -36.59 0.67
CA CYS G 315 6.69 -35.45 1.22
C CYS G 315 5.19 -35.61 0.97
N PHE G 316 4.41 -35.00 1.86
CA PHE G 316 2.95 -34.93 1.74
C PHE G 316 2.56 -33.60 1.11
N ARG G 317 1.68 -33.65 0.11
CA ARG G 317 1.21 -32.46 -0.57
C ARG G 317 -0.31 -32.44 -0.56
N VAL G 318 -0.88 -31.24 -0.39
CA VAL G 318 -2.33 -31.13 -0.38
C VAL G 318 -2.92 -31.30 -1.78
N SER G 319 -2.12 -31.06 -2.82
CA SER G 319 -2.59 -31.18 -4.19
C SER G 319 -1.39 -31.43 -5.09
N LYS G 320 -1.67 -31.87 -6.31
CA LYS G 320 -0.63 -32.14 -7.30
C LYS G 320 -0.23 -30.90 -8.09
N GLU G 321 -0.80 -29.75 -7.78
CA GLU G 321 -0.45 -28.52 -8.48
C GLU G 321 1.01 -28.17 -8.24
N LYS G 322 1.67 -27.67 -9.28
CA LYS G 322 3.09 -27.32 -9.22
C LYS G 322 3.22 -25.92 -8.60
N ASP G 330 11.96 -23.89 8.73
CA ASP G 330 11.42 -24.48 9.94
C ASP G 330 11.51 -23.51 11.11
N VAL G 331 10.56 -23.61 12.02
CA VAL G 331 10.51 -22.77 13.21
C VAL G 331 10.93 -23.60 14.42
N GLU G 332 11.36 -22.91 15.46
CA GLU G 332 11.81 -23.56 16.70
C GLU G 332 10.62 -23.63 17.66
N GLY G 333 9.73 -24.57 17.40
CA GLY G 333 8.57 -24.74 18.24
C GLY G 333 7.62 -25.75 17.63
N MET G 334 6.44 -25.87 18.26
CA MET G 334 5.44 -26.80 17.76
C MET G 334 4.90 -26.38 16.41
N GLY G 335 4.87 -25.08 16.13
CA GLY G 335 4.38 -24.58 14.87
C GLY G 335 2.86 -24.56 14.83
N PRO G 336 2.31 -24.06 13.73
CA PRO G 336 0.85 -23.98 13.60
C PRO G 336 0.26 -25.34 13.29
N PRO G 337 -0.86 -25.71 13.93
CA PRO G 337 -1.49 -27.00 13.62
C PRO G 337 -2.15 -26.96 12.25
N GLU G 338 -1.76 -27.91 11.39
CA GLU G 338 -2.24 -27.95 10.01
C GLU G 338 -3.02 -29.21 9.68
N ILE G 339 -2.46 -30.38 9.95
CA ILE G 339 -3.01 -31.64 9.46
C ILE G 339 -3.80 -32.31 10.57
N LYS G 340 -5.02 -32.73 10.24
CA LYS G 340 -5.90 -33.40 11.18
C LYS G 340 -5.91 -34.90 10.92
N TYR G 341 -6.32 -35.65 11.94
CA TYR G 341 -6.38 -37.11 11.85
C TYR G 341 -7.69 -37.53 11.19
N GLY G 342 -7.58 -38.24 10.06
CA GLY G 342 -8.73 -38.84 9.42
C GLY G 342 -9.54 -37.90 8.54
N GLU G 343 -9.14 -36.64 8.40
CA GLU G 343 -9.85 -35.69 7.56
C GLU G 343 -9.01 -35.15 6.42
N SER G 344 -7.76 -34.77 6.68
CA SER G 344 -6.91 -34.24 5.62
C SER G 344 -6.47 -35.36 4.68
N LEU G 345 -6.62 -35.12 3.38
CA LEU G 345 -6.17 -36.06 2.35
C LEU G 345 -4.83 -35.56 1.78
N CYS G 346 -3.82 -36.40 1.87
CA CYS G 346 -2.45 -36.04 1.47
C CYS G 346 -1.97 -36.95 0.35
N PHE G 347 -1.32 -36.35 -0.64
CA PHE G 347 -0.70 -37.07 -1.74
C PHE G 347 0.80 -37.21 -1.45
N VAL G 348 1.28 -38.44 -1.42
CA VAL G 348 2.69 -38.72 -1.13
C VAL G 348 3.50 -38.64 -2.43
N GLN G 349 4.52 -37.79 -2.43
CA GLN G 349 5.38 -37.59 -3.58
C GLN G 349 6.83 -37.82 -3.17
N HIS G 350 7.56 -38.53 -4.02
CA HIS G 350 9.00 -38.68 -3.80
C HIS G 350 9.71 -37.38 -4.15
N VAL G 351 10.47 -36.85 -3.19
CA VAL G 351 11.02 -35.51 -3.33
C VAL G 351 12.04 -35.46 -4.46
N ALA G 352 12.98 -36.41 -4.49
CA ALA G 352 14.08 -36.32 -5.42
C ALA G 352 13.60 -36.44 -6.87
N SER G 353 12.67 -37.36 -7.13
CA SER G 353 12.24 -37.63 -8.49
C SER G 353 10.93 -36.94 -8.86
N GLY G 354 10.11 -36.59 -7.89
CA GLY G 354 8.82 -35.99 -8.16
C GLY G 354 7.73 -36.97 -8.55
N LEU G 355 8.02 -38.26 -8.56
CA LEU G 355 7.01 -39.25 -8.92
C LEU G 355 5.95 -39.33 -7.83
N TRP G 356 4.77 -39.81 -8.22
CA TRP G 356 3.64 -39.92 -7.30
C TRP G 356 3.44 -41.37 -6.92
N LEU G 357 3.09 -41.59 -5.66
CA LEU G 357 2.83 -42.93 -5.14
C LEU G 357 1.43 -43.38 -5.54
N THR G 358 1.33 -44.52 -6.23
CA THR G 358 0.04 -45.03 -6.68
C THR G 358 0.14 -46.54 -6.83
N TYR G 359 -0.98 -47.16 -7.22
CA TYR G 359 -1.02 -48.60 -7.41
C TYR G 359 -0.75 -48.96 -8.86
N ALA G 360 -0.49 -50.24 -9.10
CA ALA G 360 -0.30 -50.78 -10.43
C ALA G 360 -1.60 -51.44 -10.88
N ALA G 361 -2.03 -51.15 -12.11
CA ALA G 361 -3.28 -51.68 -12.63
C ALA G 361 -3.28 -53.21 -12.55
N PRO G 362 -4.04 -53.81 -11.63
CA PRO G 362 -4.00 -55.26 -11.49
C PRO G 362 -4.44 -55.96 -12.76
N ASP G 363 -3.79 -57.08 -13.06
CA ASP G 363 -4.14 -57.85 -14.24
C ASP G 363 -5.55 -58.43 -14.08
N PRO G 364 -6.35 -58.49 -15.15
CA PRO G 364 -7.68 -59.10 -15.01
C PRO G 364 -7.63 -60.56 -14.60
N LYS G 365 -6.61 -61.29 -15.01
CA LYS G 365 -6.52 -62.71 -14.70
C LYS G 365 -6.16 -62.98 -13.24
N ALA G 366 -5.84 -61.95 -12.46
CA ALA G 366 -5.49 -62.12 -11.07
C ALA G 366 -6.69 -62.07 -10.13
N LEU G 367 -7.85 -61.59 -10.61
CA LEU G 367 -9.03 -61.59 -9.76
C LEU G 367 -9.52 -63.01 -9.48
N ARG G 368 -9.34 -63.92 -10.43
CA ARG G 368 -9.74 -65.30 -10.20
C ARG G 368 -8.89 -65.97 -9.13
N LEU G 369 -7.63 -65.54 -9.00
CA LEU G 369 -6.74 -66.07 -7.98
C LEU G 369 -7.08 -65.59 -6.58
N GLY G 370 -7.99 -64.63 -6.44
CA GLY G 370 -8.32 -64.08 -5.15
C GLY G 370 -7.33 -63.06 -4.62
N VAL G 371 -6.43 -62.56 -5.46
CA VAL G 371 -5.41 -61.62 -5.04
C VAL G 371 -6.01 -60.22 -5.00
N LEU G 372 -6.54 -59.82 -3.84
CA LEU G 372 -7.07 -58.47 -3.69
C LEU G 372 -5.99 -57.43 -3.44
N LYS G 373 -4.78 -57.85 -3.09
CA LYS G 373 -3.70 -56.91 -2.85
C LYS G 373 -3.22 -56.31 -4.18
N LYS G 374 -3.03 -55.00 -4.18
CA LYS G 374 -2.58 -54.27 -5.37
C LYS G 374 -1.19 -53.69 -5.14
N LYS G 375 -0.25 -54.03 -6.01
CA LYS G 375 1.13 -53.60 -5.83
C LYS G 375 1.25 -52.08 -5.94
N ALA G 376 1.99 -51.48 -5.00
CA ALA G 376 2.21 -50.05 -4.98
C ALA G 376 3.41 -49.67 -5.85
N ILE G 377 3.22 -48.66 -6.72
CA ILE G 377 4.27 -48.24 -7.64
C ILE G 377 4.40 -46.72 -7.60
N LEU G 378 5.54 -46.25 -8.10
CA LEU G 378 5.80 -44.83 -8.31
C LEU G 378 5.64 -44.47 -9.78
N HIS G 379 4.77 -43.51 -10.08
CA HIS G 379 4.45 -43.13 -11.44
C HIS G 379 4.53 -41.63 -11.58
N GLN G 380 4.86 -41.17 -12.79
CA GLN G 380 5.06 -39.74 -13.02
C GLN G 380 3.77 -38.96 -12.90
N GLU G 381 2.64 -39.55 -13.28
CA GLU G 381 1.34 -38.89 -13.23
C GLU G 381 0.49 -39.36 -12.07
N GLY G 382 0.43 -40.67 -11.83
CA GLY G 382 -0.41 -41.20 -10.76
C GLY G 382 -1.86 -41.21 -11.16
N HIS G 383 -2.73 -41.27 -10.15
CA HIS G 383 -4.17 -41.35 -10.35
C HIS G 383 -4.88 -40.30 -9.52
N MET G 384 -6.16 -40.11 -9.82
CA MET G 384 -6.96 -39.09 -9.14
C MET G 384 -7.40 -39.54 -7.76
N ASP G 385 -7.53 -40.85 -7.53
CA ASP G 385 -8.02 -41.38 -6.27
C ASP G 385 -6.89 -41.74 -5.31
N ASP G 386 -5.75 -41.07 -5.40
CA ASP G 386 -4.59 -41.35 -4.56
C ASP G 386 -4.74 -40.82 -3.14
N ALA G 387 -5.82 -40.13 -2.81
CA ALA G 387 -5.98 -39.56 -1.48
C ALA G 387 -5.92 -40.65 -0.42
N LEU G 388 -5.25 -40.35 0.70
CA LEU G 388 -5.02 -41.30 1.77
C LEU G 388 -5.52 -40.75 3.09
N PHE G 389 -6.04 -41.64 3.93
CA PHE G 389 -6.48 -41.30 5.28
C PHE G 389 -5.42 -41.79 6.28
N LEU G 390 -5.08 -40.92 7.23
CA LEU G 390 -4.13 -41.25 8.30
C LEU G 390 -4.89 -41.62 9.56
N THR G 391 -4.75 -42.86 10.02
CA THR G 391 -5.44 -43.33 11.23
C THR G 391 -4.43 -43.61 12.33
N ARG G 392 -4.72 -43.15 13.55
CA ARG G 392 -3.82 -43.36 14.67
C ARG G 392 -3.70 -44.84 15.02
N CYS G 393 -2.57 -45.18 15.64
CA CYS G 393 -2.34 -46.50 16.23
C CYS G 393 -2.15 -46.35 17.73
N GLN G 394 -2.74 -47.26 18.49
CA GLN G 394 -2.65 -47.21 19.94
C GLN G 394 -1.24 -47.49 20.44
N GLN G 395 -0.90 -46.83 21.56
CA GLN G 395 0.41 -47.02 22.18
C GLN G 395 0.64 -48.47 22.56
N GLU G 396 -0.43 -49.19 22.93
CA GLU G 396 -0.28 -50.60 23.26
C GLU G 396 0.19 -51.40 22.05
N GLU G 397 -0.38 -51.14 20.87
CA GLU G 397 0.03 -51.85 19.68
C GLU G 397 1.43 -51.45 19.26
N SER G 398 1.76 -50.16 19.36
CA SER G 398 3.11 -49.72 18.99
C SER G 398 4.15 -50.36 19.88
N GLN G 399 3.89 -50.42 21.19
CA GLN G 399 4.81 -51.05 22.12
C GLN G 399 4.93 -52.54 21.84
N ALA G 400 3.81 -53.20 21.54
CA ALA G 400 3.88 -54.63 21.26
C ALA G 400 4.70 -54.88 20.01
N ALA G 401 4.51 -54.05 18.99
CA ALA G 401 5.24 -54.23 17.74
C ALA G 401 6.74 -54.04 17.95
N ARG G 402 7.13 -53.04 18.74
CA ARG G 402 8.56 -52.87 19.01
C ARG G 402 9.13 -54.04 19.81
N MET G 403 8.38 -54.55 20.80
CA MET G 403 8.89 -55.70 21.53
C MET G 403 9.03 -56.91 20.61
N ILE G 404 8.07 -57.10 19.72
CA ILE G 404 8.15 -58.19 18.75
C ILE G 404 9.38 -58.05 17.86
N HIS G 405 9.68 -56.82 17.43
CA HIS G 405 10.85 -56.60 16.58
C HIS G 405 12.14 -56.99 17.31
N SER G 406 12.26 -56.58 18.58
CA SER G 406 13.48 -56.88 19.30
C SER G 406 13.56 -58.36 19.65
N THR G 407 12.43 -58.97 20.03
CA THR G 407 12.45 -60.38 20.38
C THR G 407 12.80 -61.22 19.17
N ALA G 408 12.24 -60.87 18.00
CA ALA G 408 12.53 -61.64 16.80
C ALA G 408 14.00 -61.53 16.44
N GLY G 409 14.58 -60.33 16.56
CA GLY G 409 15.99 -60.20 16.23
C GLY G 409 16.86 -60.99 17.18
N LEU G 410 16.49 -61.00 18.46
CA LEU G 410 17.30 -61.69 19.46
C LEU G 410 17.22 -63.20 19.24
N TYR G 411 16.02 -63.72 19.02
CA TYR G 411 15.89 -65.16 18.86
C TYR G 411 16.48 -65.65 17.55
N ASN G 412 16.39 -64.86 16.48
CA ASN G 412 17.07 -65.23 15.25
C ASN G 412 18.57 -65.28 15.42
N GLN G 413 19.13 -64.33 16.18
CA GLN G 413 20.56 -64.40 16.51
C GLN G 413 20.89 -65.63 17.34
N PHE G 414 20.03 -65.99 18.30
CA PHE G 414 20.26 -67.19 19.10
C PHE G 414 20.18 -68.45 18.23
N ILE G 415 19.25 -68.48 17.29
CA ILE G 415 19.09 -69.66 16.45
C ILE G 415 20.32 -69.83 15.57
N LYS G 416 20.78 -68.74 14.94
CA LYS G 416 21.96 -68.88 14.10
C LYS G 416 23.20 -69.20 14.93
N GLY G 417 23.22 -68.76 16.20
CA GLY G 417 24.32 -69.16 17.06
C GLY G 417 24.30 -70.64 17.36
N LEU G 418 23.12 -71.21 17.57
CA LEU G 418 23.03 -72.65 17.77
C LEU G 418 23.43 -73.41 16.51
N ASP G 419 23.01 -72.90 15.34
CA ASP G 419 23.35 -73.53 14.06
C ASP G 419 24.82 -73.37 13.71
N SER G 420 25.54 -72.49 14.40
CA SER G 420 26.96 -72.32 14.12
C SER G 420 27.76 -73.59 14.45
N PHE G 421 27.45 -74.25 15.55
CA PHE G 421 28.12 -75.49 15.94
C PHE G 421 27.18 -76.70 15.87
N SER G 422 26.39 -76.78 14.81
CA SER G 422 25.43 -77.88 14.69
C SER G 422 26.12 -79.23 14.69
N GLY G 423 27.23 -79.36 13.97
CA GLY G 423 27.93 -80.62 13.88
C GLY G 423 29.43 -80.52 14.06
N LYS G 424 29.88 -79.57 14.89
CA LYS G 424 31.30 -79.32 15.11
C LYS G 424 31.61 -79.51 16.59
N PRO G 425 32.03 -80.72 16.99
CA PRO G 425 32.43 -80.91 18.40
C PRO G 425 33.58 -80.00 18.78
N ARG G 426 33.51 -79.46 20.00
CA ARG G 426 34.52 -78.53 20.47
C ARG G 426 35.81 -79.22 20.88
N GLY G 427 35.77 -80.53 21.16
CA GLY G 427 36.97 -81.19 21.64
C GLY G 427 37.39 -80.62 22.98
N SER G 428 38.71 -80.49 23.17
CA SER G 428 39.26 -79.91 24.38
C SER G 428 39.45 -78.40 24.27
N GLY G 429 39.16 -77.81 23.12
CA GLY G 429 39.34 -76.39 22.93
C GLY G 429 38.03 -75.63 22.98
N PRO G 430 38.08 -74.33 22.73
CA PRO G 430 36.87 -73.51 22.76
C PRO G 430 35.92 -73.91 21.64
N PRO G 431 34.62 -73.59 21.78
CA PRO G 431 33.67 -73.92 20.70
C PRO G 431 33.97 -73.22 19.39
N ALA G 432 34.90 -72.26 19.36
CA ALA G 432 35.30 -71.57 18.13
C ALA G 432 34.11 -70.86 17.50
N GLY G 433 33.58 -69.87 18.22
CA GLY G 433 32.50 -69.07 17.73
C GLY G 433 32.07 -68.00 18.71
N PRO G 434 31.20 -67.10 18.27
CA PRO G 434 30.72 -66.03 19.15
C PRO G 434 29.90 -66.58 20.31
N ALA G 435 29.98 -65.90 21.44
CA ALA G 435 29.27 -66.33 22.64
C ALA G 435 27.77 -66.18 22.44
N LEU G 436 27.02 -67.15 22.95
CA LEU G 436 25.57 -67.10 22.84
C LEU G 436 25.00 -66.04 23.79
N PRO G 437 23.94 -65.33 23.38
CA PRO G 437 23.28 -64.37 24.28
C PRO G 437 22.36 -65.06 25.29
N ILE G 438 22.99 -65.86 26.18
CA ILE G 438 22.21 -66.65 27.13
C ILE G 438 21.44 -65.75 28.08
N GLU G 439 22.12 -64.74 28.65
CA GLU G 439 21.47 -63.87 29.63
C GLU G 439 20.38 -63.05 28.97
N ALA G 440 20.61 -62.61 27.73
CA ALA G 440 19.59 -61.83 27.04
C ALA G 440 18.37 -62.68 26.75
N VAL G 441 18.58 -63.93 26.34
CA VAL G 441 17.46 -64.80 26.05
C VAL G 441 16.67 -65.06 27.32
N ILE G 442 17.36 -65.32 28.41
CA ILE G 442 16.69 -65.61 29.68
C ILE G 442 15.86 -64.42 30.14
N LEU G 443 16.44 -63.22 30.08
CA LEU G 443 15.71 -62.03 30.50
C LEU G 443 14.51 -61.76 29.58
N SER G 444 14.68 -61.96 28.27
CA SER G 444 13.55 -61.75 27.36
C SER G 444 12.43 -62.74 27.64
N LEU G 445 12.79 -64.00 27.89
CA LEU G 445 11.77 -65.00 28.19
C LEU G 445 11.03 -64.66 29.47
N GLN G 446 11.76 -64.24 30.52
CA GLN G 446 11.11 -63.90 31.77
C GLN G 446 10.20 -62.69 31.60
N ASP G 447 10.65 -61.70 30.82
CA ASP G 447 9.82 -60.52 30.58
C ASP G 447 8.55 -60.89 29.83
N LEU G 448 8.65 -61.75 28.82
CA LEU G 448 7.45 -62.12 28.08
C LEU G 448 6.51 -62.97 28.93
N ILE G 449 7.07 -63.83 29.78
CA ILE G 449 6.24 -64.64 30.67
C ILE G 449 5.46 -63.76 31.63
N GLY G 450 6.12 -62.75 32.21
CA GLY G 450 5.40 -61.78 33.03
C GLY G 450 4.50 -60.85 32.24
N TYR G 451 4.75 -60.70 30.94
CA TYR G 451 3.89 -59.87 30.09
C TYR G 451 2.58 -60.57 29.76
N PHE G 452 2.60 -61.89 29.64
CA PHE G 452 1.43 -62.66 29.23
C PHE G 452 0.70 -63.31 30.40
N GLU G 453 0.91 -62.82 31.62
CA GLU G 453 0.27 -63.43 32.77
C GLU G 453 -1.24 -63.24 32.69
N PRO G 454 -2.04 -64.28 32.91
CA PRO G 454 -3.49 -64.10 32.89
C PRO G 454 -3.95 -63.28 34.08
N PRO G 455 -5.06 -62.54 33.94
CA PRO G 455 -5.55 -61.76 35.07
C PRO G 455 -6.01 -62.64 36.23
N SER G 456 -5.89 -62.12 37.43
CA SER G 456 -6.28 -62.85 38.63
C SER G 456 -7.78 -63.08 38.65
N LEU G 459 -10.75 -59.98 40.87
CA LEU G 459 -11.17 -58.71 40.26
C LEU G 459 -12.64 -58.76 39.86
N GLN G 460 -13.24 -57.58 39.71
CA GLN G 460 -14.63 -57.50 39.30
C GLN G 460 -14.80 -57.92 37.85
N HIS G 461 -16.05 -58.23 37.50
CA HIS G 461 -16.34 -58.82 36.20
C HIS G 461 -15.96 -57.87 35.06
N GLU G 462 -16.21 -56.57 35.24
CA GLU G 462 -16.02 -55.63 34.13
C GLU G 462 -14.54 -55.54 33.75
N GLU G 463 -13.67 -55.32 34.74
CA GLU G 463 -12.26 -55.18 34.42
C GLU G 463 -11.65 -56.53 34.10
N LYS G 464 -12.20 -57.61 34.65
CA LYS G 464 -11.68 -58.94 34.29
C LYS G 464 -11.93 -59.21 32.81
N GLN G 465 -13.13 -58.87 32.32
CA GLN G 465 -13.42 -59.04 30.90
C GLN G 465 -12.58 -58.10 30.05
N SER G 466 -12.32 -56.89 30.53
CA SER G 466 -11.48 -55.97 29.79
C SER G 466 -10.05 -56.51 29.67
N LYS G 467 -9.54 -57.08 30.75
CA LYS G 467 -8.19 -57.64 30.71
C LYS G 467 -8.15 -58.89 29.83
N LEU G 468 -9.22 -59.68 29.84
CA LEU G 468 -9.28 -60.83 28.96
C LEU G 468 -9.27 -60.40 27.49
N ARG G 469 -10.01 -59.36 27.17
CA ARG G 469 -10.04 -58.85 25.79
C ARG G 469 -8.67 -58.35 25.36
N SER G 470 -7.98 -57.62 26.25
CA SER G 470 -6.64 -57.16 25.91
C SER G 470 -5.68 -58.33 25.74
N LEU G 471 -5.80 -59.34 26.60
CA LEU G 471 -4.91 -60.50 26.51
C LEU G 471 -5.14 -61.23 25.19
N ARG G 472 -6.40 -61.42 24.80
CA ARG G 472 -6.67 -62.09 23.53
C ARG G 472 -6.12 -61.29 22.36
N ASN G 473 -6.26 -59.96 22.41
CA ASN G 473 -5.74 -59.14 21.33
C ASN G 473 -4.22 -59.25 21.22
N ARG G 474 -3.53 -59.23 22.36
CA ARG G 474 -2.07 -59.33 22.32
C ARG G 474 -1.62 -60.70 21.87
N GLN G 475 -2.33 -61.75 22.28
CA GLN G 475 -2.00 -63.09 21.83
C GLN G 475 -2.17 -63.22 20.31
N SER G 476 -3.24 -62.64 19.77
CA SER G 476 -3.43 -62.70 18.32
C SER G 476 -2.36 -61.90 17.61
N LEU G 477 -1.99 -60.75 18.16
CA LEU G 477 -0.96 -59.92 17.52
C LEU G 477 0.37 -60.66 17.45
N PHE G 478 0.76 -61.32 18.56
CA PHE G 478 2.01 -62.07 18.55
C PHE G 478 1.93 -63.28 17.63
N GLN G 479 0.78 -63.97 17.62
CA GLN G 479 0.64 -65.16 16.78
C GLN G 479 0.73 -64.82 15.30
N GLU G 480 0.13 -63.71 14.88
CA GLU G 480 0.13 -63.34 13.48
C GLU G 480 1.51 -63.01 12.93
N GLU G 481 2.49 -62.71 13.79
CA GLU G 481 3.84 -62.41 13.34
C GLU G 481 4.77 -63.62 13.36
N GLY G 482 4.26 -64.83 13.60
CA GLY G 482 5.09 -66.02 13.51
C GLY G 482 5.97 -66.28 14.71
N MET G 483 5.70 -65.65 15.85
CA MET G 483 6.50 -65.84 17.04
C MET G 483 6.44 -67.29 17.53
N LEU G 484 5.27 -67.92 17.41
CA LEU G 484 5.11 -69.30 17.83
C LEU G 484 5.99 -70.25 17.01
N SER G 485 6.07 -70.06 15.70
CA SER G 485 6.98 -70.91 14.94
C SER G 485 8.42 -70.65 15.29
N LEU G 486 8.78 -69.41 15.66
CA LEU G 486 10.15 -69.17 16.06
C LEU G 486 10.47 -69.90 17.36
N VAL G 487 9.52 -69.92 18.29
CA VAL G 487 9.73 -70.65 19.54
C VAL G 487 9.84 -72.14 19.26
N LEU G 488 9.01 -72.64 18.35
CA LEU G 488 9.06 -74.06 18.03
C LEU G 488 10.41 -74.42 17.43
N ASN G 489 10.95 -73.56 16.56
CA ASN G 489 12.25 -73.83 15.97
C ASN G 489 13.34 -73.83 17.03
N CYS G 490 13.26 -72.90 17.99
CA CYS G 490 14.24 -72.90 19.08
C CYS G 490 14.14 -74.18 19.91
N ILE G 491 12.91 -74.62 20.19
CA ILE G 491 12.75 -75.85 20.97
C ILE G 491 13.32 -77.04 20.21
N ASP G 492 13.00 -77.14 18.93
CA ASP G 492 13.45 -78.30 18.16
C ASP G 492 14.97 -78.35 18.13
N ARG G 493 15.62 -77.19 17.92
CA ARG G 493 17.08 -77.19 17.85
C ARG G 493 17.73 -77.43 19.20
N LEU G 494 17.10 -77.01 20.30
CA LEU G 494 17.64 -77.33 21.62
C LEU G 494 17.31 -78.75 22.07
N ASN G 495 16.34 -79.40 21.45
CA ASN G 495 15.94 -80.73 21.87
C ASN G 495 16.81 -81.84 21.28
N VAL G 496 17.70 -81.52 20.35
CA VAL G 496 18.54 -82.54 19.73
C VAL G 496 19.61 -83.08 20.66
N TYR G 497 19.76 -82.50 21.84
CA TYR G 497 20.75 -82.94 22.82
C TYR G 497 20.04 -83.67 23.95
N THR G 498 20.49 -84.91 24.23
CA THR G 498 19.80 -85.75 25.19
C THR G 498 19.96 -85.24 26.62
N THR G 499 21.07 -84.56 26.92
CA THR G 499 21.31 -84.12 28.29
C THR G 499 22.28 -82.95 28.28
N ALA G 500 22.47 -82.38 29.48
CA ALA G 500 23.33 -81.21 29.61
C ALA G 500 24.77 -81.54 29.28
N ALA G 501 25.25 -82.71 29.68
CA ALA G 501 26.62 -83.10 29.36
C ALA G 501 26.82 -83.23 27.85
N HIS G 502 25.84 -83.81 27.16
CA HIS G 502 25.90 -83.88 25.70
C HIS G 502 25.90 -82.49 25.08
N PHE G 503 25.10 -81.57 25.61
CA PHE G 503 25.16 -80.22 25.08
C PHE G 503 26.50 -79.56 25.40
N ALA G 504 27.11 -79.95 26.53
CA ALA G 504 28.41 -79.41 26.90
C ALA G 504 29.50 -79.89 25.96
N GLU G 505 29.29 -81.04 25.33
CA GLU G 505 30.32 -81.54 24.41
C GLU G 505 30.44 -80.69 23.16
N TYR G 506 29.50 -79.78 22.93
CA TYR G 506 29.51 -78.93 21.75
C TYR G 506 29.46 -77.44 22.06
N ALA G 507 28.89 -77.05 23.21
CA ALA G 507 28.75 -75.64 23.55
C ALA G 507 29.47 -75.26 24.83
N GLY G 508 30.08 -76.21 25.52
CA GLY G 508 30.82 -75.93 26.74
C GLY G 508 29.96 -75.97 27.99
N GLU G 509 30.64 -76.04 29.13
CA GLU G 509 29.94 -76.16 30.40
C GLU G 509 29.26 -74.85 30.78
N GLU G 510 29.90 -73.72 30.48
CA GLU G 510 29.35 -72.42 30.86
C GLU G 510 28.04 -72.16 30.14
N ALA G 511 27.89 -72.72 28.94
CA ALA G 511 26.65 -72.60 28.22
C ALA G 511 25.68 -73.71 28.60
N ALA G 512 26.20 -74.85 29.04
CA ALA G 512 25.35 -75.99 29.39
C ALA G 512 24.63 -75.83 30.72
N GLU G 513 25.15 -75.02 31.65
CA GLU G 513 24.45 -74.90 32.92
C GLU G 513 23.11 -74.16 32.82
N SER G 514 22.81 -73.50 31.70
CA SER G 514 21.51 -72.89 31.50
C SER G 514 20.63 -73.59 30.48
N TRP G 515 21.05 -74.74 29.94
CA TRP G 515 20.23 -75.41 28.92
C TRP G 515 18.88 -75.84 29.48
N LYS G 516 18.85 -76.41 30.67
CA LYS G 516 17.59 -76.87 31.25
C LYS G 516 16.70 -75.69 31.61
N GLU G 517 17.30 -74.60 32.08
CA GLU G 517 16.51 -73.42 32.44
C GLU G 517 15.89 -72.83 31.19
N ILE G 518 16.66 -72.78 30.10
CA ILE G 518 16.15 -72.17 28.88
C ILE G 518 15.00 -72.99 28.33
N VAL G 519 15.16 -74.32 28.30
CA VAL G 519 14.09 -75.14 27.72
C VAL G 519 12.82 -75.05 28.57
N ASN G 520 12.97 -74.99 29.89
CA ASN G 520 11.79 -74.82 30.74
C ASN G 520 11.12 -73.48 30.51
N LEU G 521 11.90 -72.41 30.35
CA LEU G 521 11.31 -71.12 30.08
C LEU G 521 10.63 -71.11 28.72
N LEU G 522 11.21 -71.80 27.74
CA LEU G 522 10.62 -71.86 26.41
C LEU G 522 9.26 -72.53 26.46
N TYR G 523 9.15 -73.64 27.19
CA TYR G 523 7.85 -74.30 27.31
C TYR G 523 6.86 -73.46 28.10
N GLU G 524 7.32 -72.76 29.13
CA GLU G 524 6.43 -71.89 29.89
C GLU G 524 5.89 -70.75 29.04
N LEU G 525 6.76 -70.15 28.21
CA LEU G 525 6.30 -69.12 27.30
C LEU G 525 5.34 -69.69 26.25
N LEU G 526 5.62 -70.88 25.75
CA LEU G 526 4.72 -71.46 24.76
C LEU G 526 3.34 -71.68 25.36
N ALA G 527 3.30 -72.14 26.62
CA ALA G 527 2.01 -72.32 27.28
C ALA G 527 1.30 -70.99 27.46
N SER G 528 2.04 -69.94 27.84
CA SER G 528 1.37 -68.66 28.02
C SER G 528 0.87 -68.12 26.69
N LEU G 529 1.60 -68.42 25.61
CA LEU G 529 1.25 -67.99 24.26
C LEU G 529 0.06 -68.74 23.69
N ILE G 530 -0.26 -69.91 24.22
CA ILE G 530 -1.31 -70.75 23.64
C ILE G 530 -2.49 -70.93 24.58
N ARG G 531 -2.40 -70.51 25.83
CA ARG G 531 -3.52 -70.67 26.75
C ARG G 531 -4.69 -69.75 26.35
N GLY G 532 -5.85 -70.35 26.09
CA GLY G 532 -7.08 -69.61 25.90
C GLY G 532 -7.37 -69.11 24.50
N ASN G 533 -6.55 -69.43 23.51
CA ASN G 533 -6.74 -68.98 22.13
C ASN G 533 -7.18 -70.17 21.29
N ARG G 534 -8.44 -70.15 20.83
CA ARG G 534 -8.95 -71.29 20.07
C ARG G 534 -8.22 -71.44 18.74
N ALA G 535 -7.92 -70.33 18.07
CA ALA G 535 -7.23 -70.39 16.79
C ALA G 535 -5.84 -71.00 16.96
N ASN G 536 -5.14 -70.58 18.01
CA ASN G 536 -3.81 -71.11 18.25
C ASN G 536 -3.88 -72.58 18.64
N CYS G 537 -4.89 -72.97 19.43
CA CYS G 537 -4.94 -74.39 19.75
C CYS G 537 -5.28 -75.20 18.52
N ALA G 538 -6.08 -74.64 17.61
CA ALA G 538 -6.40 -75.35 16.38
C ALA G 538 -5.19 -75.48 15.48
N LEU G 539 -4.17 -74.64 15.69
CA LEU G 539 -2.97 -74.76 14.88
C LEU G 539 -2.22 -76.07 15.13
N PHE G 540 -2.42 -76.68 16.29
CA PHE G 540 -1.77 -77.93 16.67
C PHE G 540 -2.48 -79.17 16.14
N SER G 541 -3.59 -79.01 15.43
CA SER G 541 -4.26 -80.17 14.83
C SER G 541 -3.44 -80.82 13.72
N THR G 542 -2.36 -80.19 13.28
CA THR G 542 -1.50 -80.76 12.24
C THR G 542 -0.26 -81.45 12.78
N ASN G 543 0.30 -80.96 13.89
CA ASN G 543 1.53 -81.52 14.43
C ASN G 543 1.37 -81.98 15.88
N LEU G 544 0.32 -82.74 16.17
CA LEU G 544 0.12 -83.25 17.52
C LEU G 544 1.20 -84.24 17.93
N ASP G 545 1.71 -85.04 16.99
CA ASP G 545 2.76 -85.98 17.33
C ASP G 545 4.01 -85.25 17.82
N TRP G 546 4.17 -83.99 17.44
CA TRP G 546 5.32 -83.21 17.91
C TRP G 546 5.28 -83.08 19.42
N VAL G 547 4.10 -82.79 19.97
CA VAL G 547 3.95 -82.67 21.41
C VAL G 547 3.96 -84.04 22.08
N VAL G 548 3.24 -85.02 21.51
CA VAL G 548 3.09 -86.29 22.20
C VAL G 548 4.42 -87.02 22.31
N SER G 549 5.23 -87.02 21.24
CA SER G 549 6.49 -87.75 21.26
C SER G 549 7.48 -87.21 22.28
N LYS G 550 7.29 -85.99 22.77
CA LYS G 550 8.19 -85.41 23.75
C LYS G 550 7.73 -85.61 25.19
N LEU G 551 6.63 -86.34 25.40
CA LEU G 551 6.12 -86.53 26.76
C LEU G 551 7.08 -87.32 27.62
N ASP G 552 7.89 -88.18 27.02
CA ASP G 552 8.79 -89.05 27.78
C ASP G 552 10.08 -88.35 28.18
N ARG G 553 10.30 -87.12 27.75
CA ARG G 553 11.50 -86.39 28.14
C ARG G 553 11.49 -86.12 29.64
N LEU G 554 12.64 -86.31 30.28
CA LEU G 554 12.73 -86.16 31.72
C LEU G 554 12.72 -84.71 32.16
N GLU G 555 13.07 -83.78 31.27
CA GLU G 555 13.10 -82.37 31.59
C GLU G 555 11.91 -81.68 30.95
N ALA G 556 11.32 -80.73 31.69
CA ALA G 556 10.15 -79.99 31.23
C ALA G 556 8.94 -80.90 31.03
N SER G 557 8.91 -82.02 31.76
CA SER G 557 7.78 -82.93 31.67
C SER G 557 6.48 -82.23 32.06
N SER G 558 6.53 -81.44 33.13
CA SER G 558 5.34 -80.76 33.60
C SER G 558 4.91 -79.67 32.63
N GLY G 559 5.88 -78.95 32.05
CA GLY G 559 5.53 -77.90 31.13
C GLY G 559 4.89 -78.46 29.87
N ILE G 560 5.43 -79.57 29.37
CA ILE G 560 4.87 -80.16 28.16
C ILE G 560 3.49 -80.72 28.44
N LEU G 561 3.30 -81.32 29.63
CA LEU G 561 1.99 -81.82 29.98
C LEU G 561 0.98 -80.67 30.08
N GLU G 562 1.42 -79.53 30.62
CA GLU G 562 0.54 -78.38 30.70
C GLU G 562 0.18 -77.86 29.32
N VAL G 563 1.15 -77.88 28.39
CA VAL G 563 0.86 -77.45 27.02
C VAL G 563 -0.18 -78.37 26.39
N LEU G 564 -0.02 -79.68 26.58
CA LEU G 564 -1.00 -80.61 26.02
C LEU G 564 -2.37 -80.39 26.64
N TYR G 565 -2.41 -80.13 27.95
CA TYR G 565 -3.70 -79.93 28.61
C TYR G 565 -4.37 -78.69 28.07
N CYS G 566 -3.61 -77.62 27.86
CA CYS G 566 -4.20 -76.39 27.34
C CYS G 566 -4.73 -76.60 25.94
N VAL G 567 -4.01 -77.36 25.10
CA VAL G 567 -4.48 -77.59 23.74
C VAL G 567 -5.77 -78.39 23.76
N LEU G 568 -5.79 -79.45 24.58
CA LEU G 568 -6.92 -80.37 24.56
C LEU G 568 -8.17 -79.75 25.15
N ILE G 569 -8.02 -78.91 26.16
CA ILE G 569 -9.18 -78.30 26.81
C ILE G 569 -9.83 -77.24 25.94
N GLU G 570 -9.23 -76.89 24.82
CA GLU G 570 -9.71 -75.81 23.97
C GLU G 570 -10.09 -76.25 22.57
N SER G 571 -9.33 -77.16 21.95
CA SER G 571 -9.54 -77.47 20.54
C SER G 571 -10.24 -78.81 20.37
N PRO G 572 -11.51 -78.85 19.96
CA PRO G 572 -12.16 -80.14 19.66
C PRO G 572 -11.57 -80.88 18.48
N GLU G 573 -10.88 -80.18 17.58
CA GLU G 573 -10.29 -80.85 16.41
C GLU G 573 -9.21 -81.83 16.84
N VAL G 574 -8.44 -81.47 17.87
CA VAL G 574 -7.38 -82.37 18.29
C VAL G 574 -7.99 -83.65 18.83
N LEU G 575 -9.15 -83.56 19.49
CA LEU G 575 -9.75 -84.79 19.98
C LEU G 575 -10.19 -85.66 18.81
N ASN G 576 -10.55 -85.05 17.68
CA ASN G 576 -10.96 -85.82 16.52
C ASN G 576 -9.77 -86.40 15.79
N ILE G 577 -8.56 -85.90 16.08
CA ILE G 577 -7.35 -86.44 15.46
C ILE G 577 -6.56 -87.34 16.41
N ILE G 578 -6.94 -87.41 17.68
CA ILE G 578 -6.21 -88.24 18.65
C ILE G 578 -6.45 -89.71 18.34
N GLN G 579 -5.36 -90.49 18.37
CA GLN G 579 -5.40 -91.90 18.01
C GLN G 579 -4.97 -92.80 19.17
N GLU G 580 -5.04 -94.11 18.87
CA GLU G 580 -4.76 -95.13 19.88
C GLU G 580 -3.32 -95.04 20.37
N ASN G 581 -2.37 -94.81 19.46
CA ASN G 581 -0.98 -94.73 19.89
C ASN G 581 -0.76 -93.54 20.80
N HIS G 582 -1.51 -92.46 20.58
CA HIS G 582 -1.45 -91.31 21.47
C HIS G 582 -1.96 -91.68 22.86
N ILE G 583 -3.07 -92.40 22.91
CA ILE G 583 -3.64 -92.74 24.21
C ILE G 583 -2.73 -93.71 24.96
N LYS G 584 -2.16 -94.68 24.23
CA LYS G 584 -1.23 -95.62 24.84
C LYS G 584 0.02 -94.89 25.35
N SER G 585 0.47 -93.87 24.63
CA SER G 585 1.61 -93.08 25.12
C SER G 585 1.27 -92.36 26.41
N ILE G 586 0.06 -91.79 26.50
CA ILE G 586 -0.32 -91.10 27.74
C ILE G 586 -0.43 -92.09 28.89
N ILE G 587 -1.00 -93.27 28.63
CA ILE G 587 -1.07 -94.24 29.71
C ILE G 587 0.33 -94.69 30.11
N SER G 588 1.24 -94.85 29.15
CA SER G 588 2.60 -95.19 29.56
C SER G 588 3.22 -94.06 30.37
N LEU G 589 2.74 -92.83 30.14
CA LEU G 589 3.25 -91.73 30.94
C LEU G 589 2.81 -91.88 32.39
N LEU G 590 1.58 -92.34 32.57
CA LEU G 590 1.10 -92.64 33.92
C LEU G 590 1.91 -93.77 34.54
N ASP G 591 2.21 -94.80 33.74
CA ASP G 591 2.92 -95.97 34.23
C ASP G 591 4.35 -95.65 34.65
N LYS G 592 4.99 -94.72 33.94
CA LYS G 592 6.40 -94.45 34.16
C LYS G 592 6.65 -93.27 35.09
N HIS G 593 5.73 -92.31 35.18
CA HIS G 593 5.92 -91.15 36.03
C HIS G 593 5.05 -91.19 37.28
N GLY G 594 4.26 -92.24 37.48
CA GLY G 594 3.56 -92.40 38.73
C GLY G 594 2.14 -91.86 38.71
N ARG G 595 1.55 -91.90 39.90
CA ARG G 595 0.14 -91.52 40.08
C ARG G 595 0.04 -90.01 40.17
N ASN G 596 -0.08 -89.36 39.01
CA ASN G 596 -0.28 -87.93 38.91
C ASN G 596 -1.70 -87.65 38.45
N HIS G 597 -2.41 -86.83 39.23
CA HIS G 597 -3.81 -86.52 38.93
C HIS G 597 -3.98 -85.68 37.67
N LYS G 598 -2.93 -84.98 37.22
CA LYS G 598 -3.07 -84.19 36.01
C LYS G 598 -3.23 -85.06 34.78
N VAL G 599 -2.58 -86.23 34.75
CA VAL G 599 -2.78 -87.15 33.64
C VAL G 599 -4.22 -87.67 33.63
N LEU G 600 -4.77 -87.90 34.82
CA LEU G 600 -6.17 -88.30 34.91
C LEU G 600 -7.09 -87.19 34.41
N ASP G 601 -6.79 -85.94 34.74
CA ASP G 601 -7.60 -84.84 34.23
C ASP G 601 -7.50 -84.74 32.71
N VAL G 602 -6.32 -85.00 32.16
CA VAL G 602 -6.15 -85.01 30.70
C VAL G 602 -7.01 -86.10 30.07
N LEU G 603 -7.02 -87.29 30.68
CA LEU G 603 -7.85 -88.37 30.14
C LEU G 603 -9.32 -88.03 30.26
N CYS G 604 -9.71 -87.36 31.35
CA CYS G 604 -11.10 -86.95 31.48
C CYS G 604 -11.47 -85.97 30.39
N SER G 605 -10.57 -85.03 30.09
CA SER G 605 -10.83 -84.03 29.07
C SER G 605 -10.87 -84.63 27.67
N LEU G 606 -10.20 -85.77 27.47
CA LEU G 606 -10.19 -86.39 26.15
C LEU G 606 -11.55 -86.96 25.75
N CYS G 607 -12.47 -87.14 26.70
CA CYS G 607 -13.71 -87.83 26.42
C CYS G 607 -14.78 -86.92 25.83
N VAL G 608 -15.10 -85.83 26.52
CA VAL G 608 -16.19 -84.94 26.15
C VAL G 608 -15.67 -83.51 26.03
N CYS G 609 -16.06 -82.83 24.97
CA CYS G 609 -15.74 -81.43 24.77
C CYS G 609 -16.97 -80.70 24.27
N ASN G 610 -17.36 -79.64 24.96
CA ASN G 610 -18.51 -78.82 24.58
C ASN G 610 -19.79 -79.67 24.54
N GLY G 611 -19.93 -80.58 25.49
CA GLY G 611 -21.15 -81.35 25.63
C GLY G 611 -21.33 -82.48 24.66
N VAL G 612 -20.31 -82.83 23.87
CA VAL G 612 -20.38 -83.94 22.93
C VAL G 612 -19.27 -84.91 23.25
N ALA G 613 -19.62 -86.20 23.36
CA ALA G 613 -18.68 -87.25 23.72
C ALA G 613 -18.16 -87.97 22.49
N VAL G 614 -16.94 -88.48 22.61
CA VAL G 614 -16.29 -89.24 21.54
C VAL G 614 -16.29 -90.71 21.94
N ARG G 615 -17.11 -91.50 21.24
CA ARG G 615 -17.25 -92.91 21.56
C ARG G 615 -15.92 -93.64 21.36
N SER G 616 -15.20 -93.30 20.30
CA SER G 616 -13.95 -94.00 20.02
C SER G 616 -12.94 -93.78 21.13
N ASN G 617 -12.83 -92.55 21.62
CA ASN G 617 -11.90 -92.26 22.71
C ASN G 617 -12.34 -92.95 23.99
N GLN G 618 -13.64 -92.96 24.28
CA GLN G 618 -14.11 -93.60 25.50
C GLN G 618 -13.82 -95.09 25.46
N ASP G 619 -14.04 -95.72 24.30
CA ASP G 619 -13.82 -97.15 24.17
C ASP G 619 -12.34 -97.48 24.26
N LEU G 620 -11.49 -96.68 23.62
CA LEU G 620 -10.06 -96.97 23.65
C LEU G 620 -9.51 -96.83 25.06
N ILE G 621 -9.94 -95.79 25.79
CA ILE G 621 -9.51 -95.63 27.17
C ILE G 621 -9.97 -96.79 28.03
N THR G 622 -11.23 -97.21 27.87
CA THR G 622 -11.73 -98.33 28.64
C THR G 622 -10.96 -99.61 28.32
N GLU G 623 -10.65 -99.83 27.05
CA GLU G 623 -9.99 -101.07 26.65
C GLU G 623 -8.55 -101.10 27.16
N ASN G 624 -7.87 -99.96 27.13
CA ASN G 624 -6.44 -99.93 27.40
C ASN G 624 -6.09 -99.51 28.82
N LEU G 625 -7.09 -99.26 29.68
CA LEU G 625 -6.76 -98.80 31.02
C LEU G 625 -7.40 -99.61 32.14
N LEU G 626 -8.65 -100.03 31.98
CA LEU G 626 -9.37 -100.68 33.05
C LEU G 626 -8.96 -102.14 33.26
N PRO G 627 -8.98 -102.98 32.22
CA PRO G 627 -8.85 -104.43 32.45
C PRO G 627 -7.52 -104.83 33.08
N GLY G 628 -6.48 -104.01 32.98
CA GLY G 628 -5.20 -104.38 33.58
C GLY G 628 -5.30 -104.56 35.08
N ARG G 629 -6.03 -103.68 35.76
CA ARG G 629 -6.20 -103.75 37.20
C ARG G 629 -4.86 -103.72 37.93
N GLU G 630 -3.92 -102.92 37.41
CA GLU G 630 -2.60 -102.78 38.01
C GLU G 630 -2.28 -101.37 38.46
N LEU G 631 -2.85 -100.35 37.81
CA LEU G 631 -2.55 -98.96 38.15
C LEU G 631 -3.56 -98.39 39.14
N LEU G 632 -4.84 -98.42 38.79
CA LEU G 632 -5.87 -97.84 39.63
C LEU G 632 -6.08 -98.67 40.88
N LEU G 633 -6.41 -97.98 41.97
CA LEU G 633 -6.66 -98.64 43.23
C LEU G 633 -7.96 -99.43 43.19
N GLN G 634 -7.96 -100.60 43.83
CA GLN G 634 -9.09 -101.51 43.84
C GLN G 634 -9.79 -101.49 45.18
N THR G 635 -11.11 -101.64 45.16
CA THR G 635 -11.93 -101.65 46.36
C THR G 635 -12.82 -102.89 46.38
N ASN G 636 -13.06 -103.40 47.59
CA ASN G 636 -13.93 -104.55 47.77
C ASN G 636 -14.28 -104.68 49.24
N LEU G 637 -15.41 -105.35 49.51
CA LEU G 637 -15.87 -105.61 50.86
C LEU G 637 -15.33 -106.93 51.40
N ILE G 638 -14.74 -106.90 52.58
CA ILE G 638 -14.16 -108.08 53.21
C ILE G 638 -14.68 -108.23 54.63
N ASN G 639 -14.67 -109.47 55.12
CA ASN G 639 -15.08 -109.78 56.48
C ASN G 639 -13.92 -109.67 57.47
N TYR G 640 -14.26 -109.40 58.73
CA TYR G 640 -13.30 -109.41 59.82
C TYR G 640 -13.01 -110.84 60.27
N VAL G 641 -11.76 -111.09 60.64
CA VAL G 641 -11.32 -112.40 61.11
C VAL G 641 -10.59 -112.24 62.43
N THR G 642 -10.89 -113.12 63.39
CA THR G 642 -10.28 -113.08 64.71
C THR G 642 -9.67 -114.43 65.06
N SER G 643 -8.57 -114.40 65.80
CA SER G 643 -7.85 -115.59 66.23
C SER G 643 -7.96 -115.79 67.74
N ILE G 644 -8.10 -117.05 68.15
CA ILE G 644 -8.21 -117.42 69.56
C ILE G 644 -7.20 -118.53 69.85
N ARG G 645 -6.50 -118.41 70.98
CA ARG G 645 -5.46 -119.39 71.35
C ARG G 645 -5.52 -119.71 72.83
N PRO G 646 -5.30 -120.97 73.25
CA PRO G 646 -5.11 -121.26 74.67
C PRO G 646 -3.78 -120.73 75.17
N ASN G 647 -3.69 -120.59 76.49
CA ASN G 647 -2.48 -120.09 77.14
C ASN G 647 -1.49 -121.19 77.48
N ILE G 648 -1.11 -121.99 76.49
CA ILE G 648 -0.11 -123.04 76.65
C ILE G 648 1.03 -122.79 75.66
N PHE G 649 2.25 -122.72 76.18
CA PHE G 649 3.42 -122.40 75.38
C PHE G 649 4.46 -123.49 75.55
N VAL G 650 4.93 -124.04 74.42
CA VAL G 650 5.95 -125.08 74.40
C VAL G 650 7.04 -124.69 73.41
N GLY G 651 8.24 -125.21 73.65
CA GLY G 651 9.36 -124.89 72.78
C GLY G 651 10.51 -125.83 73.04
N ARG G 652 11.56 -125.66 72.24
CA ARG G 652 12.76 -126.47 72.33
C ARG G 652 13.98 -125.57 72.47
N ALA G 653 14.89 -125.95 73.36
CA ALA G 653 16.13 -125.23 73.55
C ALA G 653 17.15 -126.16 74.18
N GLU G 654 18.42 -125.77 74.07
CA GLU G 654 19.50 -126.58 74.62
C GLU G 654 19.42 -126.59 76.14
N GLY G 655 19.25 -127.78 76.72
CA GLY G 655 19.11 -127.91 78.15
C GLY G 655 17.72 -127.63 78.68
N SER G 656 16.74 -127.42 77.81
CA SER G 656 15.40 -127.13 78.27
C SER G 656 14.74 -128.36 78.88
N THR G 657 13.79 -128.12 79.77
CA THR G 657 13.06 -129.17 80.46
C THR G 657 11.75 -129.53 79.79
N GLN G 658 11.44 -128.92 78.64
CA GLN G 658 10.14 -129.11 78.00
C GLN G 658 10.15 -130.35 77.11
N TYR G 659 8.98 -130.99 77.04
CA TYR G 659 8.81 -132.17 76.19
C TYR G 659 8.69 -131.75 74.72
N GLY G 660 8.89 -132.73 73.84
CA GLY G 660 9.02 -132.47 72.43
C GLY G 660 7.80 -132.72 71.55
N LYS G 661 6.89 -133.59 71.99
CA LYS G 661 5.76 -134.01 71.19
C LYS G 661 4.45 -133.68 71.89
N TRP G 662 3.55 -133.02 71.17
CA TRP G 662 2.29 -132.54 71.74
C TRP G 662 1.15 -132.84 70.77
N TYR G 663 -0.06 -132.91 71.32
CA TYR G 663 -1.25 -133.32 70.58
C TYR G 663 -2.48 -132.62 71.12
N PHE G 664 -3.37 -132.18 70.23
CA PHE G 664 -4.64 -131.61 70.66
C PHE G 664 -5.68 -131.78 69.56
N GLU G 665 -6.96 -131.59 69.91
CA GLU G 665 -8.04 -131.76 68.94
C GLU G 665 -8.98 -130.57 68.98
N VAL G 666 -9.57 -130.27 67.83
CA VAL G 666 -10.61 -129.24 67.71
C VAL G 666 -11.84 -129.85 67.03
N MET G 667 -13.00 -129.74 67.67
CA MET G 667 -14.24 -130.26 67.12
C MET G 667 -15.15 -129.13 66.66
N VAL G 668 -15.65 -129.23 65.44
CA VAL G 668 -16.50 -128.20 64.84
C VAL G 668 -17.97 -128.58 65.08
N ASP G 669 -18.76 -127.67 65.66
CA ASP G 669 -20.16 -127.96 65.95
C ASP G 669 -21.13 -127.28 64.99
N GLU G 670 -20.85 -126.05 64.55
CA GLU G 670 -21.79 -125.33 63.69
C GLU G 670 -21.04 -124.29 62.88
N VAL G 671 -21.17 -124.37 61.55
CA VAL G 671 -20.59 -123.40 60.63
C VAL G 671 -21.63 -123.06 59.58
N VAL G 672 -21.84 -121.75 59.37
CA VAL G 672 -22.74 -121.26 58.33
C VAL G 672 -21.91 -121.04 57.07
N PRO G 673 -22.15 -121.79 55.98
CA PRO G 673 -21.28 -121.64 54.80
C PRO G 673 -21.24 -120.23 54.24
N PHE G 674 -22.39 -119.54 54.18
CA PHE G 674 -22.46 -118.19 53.62
C PHE G 674 -23.37 -117.35 54.51
N LEU G 675 -22.78 -116.71 55.52
CA LEU G 675 -23.51 -115.70 56.27
C LEU G 675 -23.58 -114.39 55.51
N THR G 676 -22.55 -114.07 54.74
CA THR G 676 -22.54 -112.89 53.89
C THR G 676 -22.15 -113.28 52.47
N ALA G 677 -21.88 -112.29 51.62
CA ALA G 677 -21.48 -112.58 50.25
C ALA G 677 -20.14 -113.29 50.16
N GLN G 678 -19.32 -113.21 51.21
CA GLN G 678 -18.00 -113.82 51.22
C GLN G 678 -18.02 -115.10 52.04
N ALA G 679 -17.21 -116.06 51.62
CA ALA G 679 -17.17 -117.37 52.27
C ALA G 679 -16.65 -117.26 53.70
N THR G 680 -17.18 -118.12 54.55
CA THR G 680 -16.79 -118.13 55.96
C THR G 680 -15.35 -118.61 56.12
N HIS G 681 -14.59 -117.91 56.96
CA HIS G 681 -13.19 -118.23 57.23
C HIS G 681 -13.09 -119.09 58.48
N LEU G 682 -12.31 -120.18 58.39
CA LEU G 682 -12.12 -121.08 59.52
C LEU G 682 -10.85 -121.89 59.29
N ARG G 683 -9.82 -121.64 60.11
CA ARG G 683 -8.56 -122.37 60.03
C ARG G 683 -8.10 -122.76 61.42
N VAL G 684 -7.37 -123.87 61.49
CA VAL G 684 -6.85 -124.43 62.74
C VAL G 684 -5.38 -124.76 62.54
N GLY G 685 -4.56 -124.46 63.56
CA GLY G 685 -3.15 -124.79 63.44
C GLY G 685 -2.33 -124.25 64.61
N TRP G 686 -1.04 -124.09 64.36
CA TRP G 686 -0.09 -123.60 65.35
C TRP G 686 0.46 -122.25 64.92
N ALA G 687 0.87 -121.46 65.90
CA ALA G 687 1.47 -120.15 65.65
C ALA G 687 2.63 -119.93 66.61
N LEU G 688 3.54 -119.06 66.21
CA LEU G 688 4.72 -118.73 66.97
C LEU G 688 4.50 -117.44 67.76
N THR G 689 5.02 -117.39 68.98
CA THR G 689 4.81 -116.23 69.84
C THR G 689 5.37 -114.97 69.21
N GLU G 690 6.56 -115.05 68.63
CA GLU G 690 7.21 -113.89 68.04
C GLU G 690 6.86 -113.78 66.58
N GLY G 691 6.32 -112.63 66.18
CA GLY G 691 6.01 -112.32 64.80
C GLY G 691 4.54 -112.42 64.46
N TYR G 692 3.79 -113.30 65.14
CA TYR G 692 2.37 -113.50 64.83
C TYR G 692 1.56 -112.46 65.61
N SER G 693 1.30 -111.33 64.98
CA SER G 693 0.52 -110.25 65.56
C SER G 693 -0.48 -109.75 64.52
N PRO G 694 -1.53 -110.53 64.26
CA PRO G 694 -2.54 -110.12 63.28
C PRO G 694 -3.46 -109.04 63.84
N TYR G 695 -3.43 -107.87 63.23
CA TYR G 695 -4.32 -106.81 63.68
C TYR G 695 -5.61 -106.83 62.88
N PRO G 696 -6.74 -106.47 63.49
CA PRO G 696 -8.00 -106.42 62.74
C PRO G 696 -7.94 -105.42 61.60
N GLY G 697 -8.62 -105.77 60.51
CA GLY G 697 -8.74 -104.87 59.37
C GLY G 697 -7.83 -105.29 58.23
N GLY G 698 -6.99 -104.36 57.78
CA GLY G 698 -6.16 -104.57 56.61
C GLY G 698 -4.96 -105.43 56.90
N GLY G 699 -4.20 -105.69 55.83
CA GLY G 699 -3.00 -106.52 55.95
C GLY G 699 -2.50 -106.95 54.59
N GLU G 700 -1.84 -108.11 54.56
CA GLU G 700 -1.26 -108.61 53.33
C GLU G 700 -2.35 -109.00 52.35
N GLY G 701 -2.14 -108.68 51.08
CA GLY G 701 -3.12 -109.04 50.06
C GLY G 701 -4.43 -108.37 50.38
N TRP G 702 -5.48 -109.17 50.50
CA TRP G 702 -6.79 -108.70 50.91
C TRP G 702 -6.95 -109.03 52.39
N GLY G 703 -7.52 -108.09 53.13
CA GLY G 703 -7.63 -108.24 54.57
C GLY G 703 -8.31 -109.54 54.98
N GLY G 704 -8.30 -109.81 56.28
CA GLY G 704 -8.83 -111.06 56.80
C GLY G 704 -7.74 -112.06 57.07
N ASN G 705 -6.62 -111.58 57.62
CA ASN G 705 -5.47 -112.45 57.86
C ASN G 705 -5.72 -113.35 59.05
N GLY G 706 -5.43 -114.64 58.88
CA GLY G 706 -5.55 -115.63 59.93
C GLY G 706 -4.34 -116.53 59.96
N VAL G 707 -4.59 -117.79 60.32
CA VAL G 707 -3.52 -118.78 60.38
C VAL G 707 -3.05 -119.11 58.98
N GLY G 708 -1.73 -119.11 58.78
CA GLY G 708 -1.15 -119.43 57.49
C GLY G 708 -1.00 -118.26 56.55
N ASP G 709 -1.33 -117.04 56.98
CA ASP G 709 -1.15 -115.86 56.16
C ASP G 709 0.22 -115.22 56.34
N ASP G 710 1.09 -115.83 57.15
CA ASP G 710 2.46 -115.37 57.31
C ASP G 710 3.35 -116.59 57.45
N LEU G 711 4.62 -116.36 57.72
CA LEU G 711 5.60 -117.43 57.90
C LEU G 711 5.76 -117.85 59.36
N TYR G 712 4.95 -117.29 60.26
CA TYR G 712 4.99 -117.65 61.66
C TYR G 712 3.85 -118.58 62.07
N SER G 713 2.97 -118.94 61.15
CA SER G 713 1.82 -119.78 61.45
C SER G 713 1.67 -120.84 60.37
N TYR G 714 1.03 -121.95 60.74
CA TYR G 714 0.86 -123.10 59.86
C TYR G 714 -0.54 -123.68 60.09
N GLY G 715 -1.44 -123.46 59.13
CA GLY G 715 -2.84 -123.79 59.29
C GLY G 715 -3.31 -124.90 58.37
N PHE G 716 -4.58 -125.24 58.53
CA PHE G 716 -5.21 -126.31 57.74
C PHE G 716 -6.72 -126.09 57.76
N ASP G 717 -7.32 -125.90 56.59
CA ASP G 717 -8.73 -125.60 56.47
C ASP G 717 -9.56 -126.77 55.95
N GLY G 718 -8.98 -127.96 55.84
CA GLY G 718 -9.67 -129.14 55.37
C GLY G 718 -9.32 -129.54 53.95
N LEU G 719 -9.02 -128.57 53.10
CA LEU G 719 -8.70 -128.82 51.69
C LEU G 719 -7.32 -128.35 51.29
N HIS G 720 -6.76 -127.35 51.96
CA HIS G 720 -5.48 -126.77 51.59
C HIS G 720 -4.60 -126.64 52.82
N LEU G 721 -3.29 -126.64 52.59
CA LEU G 721 -2.30 -126.29 53.60
C LEU G 721 -1.86 -124.85 53.39
N TRP G 722 -2.08 -124.02 54.41
CA TRP G 722 -1.82 -122.58 54.31
C TRP G 722 -0.50 -122.26 54.98
N THR G 723 0.38 -121.59 54.25
CA THR G 723 1.60 -121.04 54.83
C THR G 723 2.11 -119.95 53.90
N GLY G 724 2.57 -118.84 54.49
CA GLY G 724 3.07 -117.74 53.70
C GLY G 724 2.03 -117.15 52.77
N HIS G 725 0.77 -117.14 53.18
CA HIS G 725 -0.31 -116.59 52.36
C HIS G 725 -0.46 -117.33 51.04
N VAL G 726 -0.11 -118.62 51.03
CA VAL G 726 -0.22 -119.45 49.84
C VAL G 726 -0.99 -120.72 50.20
N ALA G 727 -2.00 -121.03 49.41
CA ALA G 727 -2.83 -122.22 49.60
C ALA G 727 -2.33 -123.34 48.70
N ARG G 728 -1.96 -124.46 49.29
CA ARG G 728 -1.48 -125.62 48.53
C ARG G 728 -2.45 -126.77 48.71
N PRO G 729 -3.10 -127.25 47.66
CA PRO G 729 -4.08 -128.34 47.82
C PRO G 729 -3.44 -129.60 48.38
N VAL G 730 -4.21 -130.31 49.21
CA VAL G 730 -3.77 -131.56 49.81
C VAL G 730 -4.86 -132.60 49.60
N THR G 731 -4.46 -133.87 49.57
CA THR G 731 -5.35 -134.97 49.28
C THR G 731 -5.66 -135.73 50.56
N SER G 732 -6.94 -135.94 50.82
CA SER G 732 -7.40 -136.71 51.97
C SER G 732 -8.61 -137.54 51.56
N PRO G 733 -8.85 -138.67 52.23
CA PRO G 733 -10.05 -139.47 51.92
C PRO G 733 -11.32 -138.68 52.16
N GLY G 734 -12.06 -138.44 51.08
CA GLY G 734 -13.29 -137.67 51.16
C GLY G 734 -13.04 -136.21 51.43
N GLN G 735 -12.36 -135.54 50.49
CA GLN G 735 -12.05 -134.13 50.67
C GLN G 735 -13.33 -133.31 50.72
N HIS G 736 -13.41 -132.44 51.72
CA HIS G 736 -14.52 -131.50 51.84
C HIS G 736 -14.14 -130.43 52.85
N LEU G 737 -14.76 -129.26 52.70
CA LEU G 737 -14.54 -128.18 53.65
C LEU G 737 -15.06 -128.56 55.02
N LEU G 738 -14.46 -127.96 56.05
CA LEU G 738 -14.81 -128.28 57.42
C LEU G 738 -16.31 -128.15 57.63
N ALA G 739 -16.93 -129.24 58.07
CA ALA G 739 -18.36 -129.35 58.26
C ALA G 739 -18.65 -129.80 59.68
N PRO G 740 -19.87 -129.59 60.18
CA PRO G 740 -20.18 -129.98 61.55
C PRO G 740 -19.92 -131.45 61.81
N GLU G 741 -19.56 -131.75 63.05
CA GLU G 741 -19.20 -133.10 63.51
C GLU G 741 -17.83 -133.54 63.03
N ASP G 742 -17.00 -132.62 62.56
CA ASP G 742 -15.63 -132.93 62.15
C ASP G 742 -14.67 -132.66 63.30
N VAL G 743 -13.72 -133.59 63.49
CA VAL G 743 -12.71 -133.49 64.54
C VAL G 743 -11.34 -133.46 63.87
N VAL G 744 -10.58 -132.41 64.15
CA VAL G 744 -9.25 -132.23 63.59
C VAL G 744 -8.23 -132.45 64.70
N SER G 745 -7.31 -133.39 64.48
CA SER G 745 -6.27 -133.72 65.44
C SER G 745 -4.94 -133.16 64.92
N CYS G 746 -4.30 -132.33 65.73
CA CYS G 746 -3.03 -131.71 65.38
C CYS G 746 -1.91 -132.24 66.27
N CYS G 747 -0.83 -132.68 65.64
CA CYS G 747 0.36 -133.22 66.30
C CYS G 747 1.55 -132.33 65.98
N LEU G 748 2.32 -131.97 67.01
CA LEU G 748 3.51 -131.15 66.89
C LEU G 748 4.71 -131.91 67.46
N ASP G 749 5.66 -132.26 66.59
CA ASP G 749 6.88 -132.95 67.00
C ASP G 749 8.07 -132.02 66.78
N LEU G 750 8.89 -131.86 67.82
CA LEU G 750 10.02 -130.94 67.78
C LEU G 750 11.38 -131.64 67.64
N SER G 751 11.44 -132.96 67.83
CA SER G 751 12.73 -133.63 67.69
C SER G 751 13.23 -133.51 66.25
N VAL G 752 12.33 -133.66 65.30
CA VAL G 752 12.55 -133.24 63.92
C VAL G 752 11.37 -132.35 63.57
N PRO G 753 11.57 -131.06 63.36
CA PRO G 753 10.43 -130.14 63.28
C PRO G 753 9.37 -130.62 62.31
N SER G 754 8.18 -130.97 62.83
CA SER G 754 7.10 -131.40 61.96
C SER G 754 5.76 -131.12 62.61
N ILE G 755 4.79 -130.78 61.76
CA ILE G 755 3.41 -130.58 62.15
C ILE G 755 2.55 -131.48 61.28
N SER G 756 1.71 -132.32 61.91
CA SER G 756 0.88 -133.23 61.15
C SER G 756 -0.57 -133.10 61.60
N PHE G 757 -1.47 -133.43 60.68
CA PHE G 757 -2.90 -133.30 60.89
C PHE G 757 -3.59 -134.63 60.59
N ARG G 758 -4.72 -134.85 61.26
CA ARG G 758 -5.62 -135.95 60.95
C ARG G 758 -7.05 -135.45 61.01
N ILE G 759 -7.86 -135.82 60.02
CA ILE G 759 -9.25 -135.41 59.95
C ILE G 759 -10.11 -136.66 60.04
N ASN G 760 -10.95 -136.72 61.07
CA ASN G 760 -11.86 -137.84 61.26
C ASN G 760 -11.12 -139.17 61.29
N GLY G 761 -9.88 -139.14 61.76
CA GLY G 761 -9.06 -140.34 61.86
C GLY G 761 -8.23 -140.66 60.64
N CYS G 762 -8.50 -140.03 59.50
CA CYS G 762 -7.75 -140.32 58.29
C CYS G 762 -6.58 -139.35 58.15
N PRO G 763 -5.36 -139.84 57.96
CA PRO G 763 -4.22 -138.92 57.81
C PRO G 763 -4.32 -138.08 56.56
N VAL G 764 -3.79 -136.86 56.65
CA VAL G 764 -3.69 -135.95 55.53
C VAL G 764 -2.27 -136.01 54.98
N GLN G 765 -2.15 -136.22 53.68
CA GLN G 765 -0.86 -136.48 53.04
C GLN G 765 -0.13 -135.15 52.76
N GLY G 766 0.32 -134.53 53.83
CA GLY G 766 1.08 -133.30 53.71
C GLY G 766 1.60 -132.79 55.04
N VAL G 767 2.88 -132.41 55.09
CA VAL G 767 3.51 -132.00 56.34
C VAL G 767 4.38 -130.76 56.13
N PHE G 768 4.34 -129.87 57.12
CA PHE G 768 5.31 -128.79 57.25
C PHE G 768 6.54 -129.28 57.99
N GLU G 769 7.72 -128.82 57.56
CA GLU G 769 8.94 -129.26 58.21
C GLU G 769 10.04 -128.23 57.98
N ALA G 770 11.14 -128.39 58.71
CA ALA G 770 12.33 -127.56 58.55
C ALA G 770 12.01 -126.08 58.76
N PHE G 771 11.25 -125.79 59.80
CA PHE G 771 10.92 -124.42 60.15
C PHE G 771 11.77 -123.93 61.31
N ASN G 772 11.67 -122.63 61.60
CA ASN G 772 12.49 -122.00 62.61
C ASN G 772 12.03 -122.42 64.01
N LEU G 773 12.94 -122.26 64.97
CA LEU G 773 12.72 -122.61 66.37
C LEU G 773 13.13 -121.46 67.27
N ASP G 774 12.80 -120.24 66.88
CA ASP G 774 13.19 -119.04 67.59
C ASP G 774 12.17 -118.60 68.64
N GLY G 775 11.13 -119.39 68.87
CA GLY G 775 10.10 -119.01 69.83
C GLY G 775 9.31 -120.17 70.36
N LEU G 776 8.15 -119.88 70.95
CA LEU G 776 7.27 -120.87 71.54
C LEU G 776 6.04 -121.03 70.66
N PHE G 777 5.56 -122.27 70.54
CA PHE G 777 4.42 -122.59 69.70
C PHE G 777 3.17 -122.81 70.54
N PHE G 778 2.05 -122.26 70.09
CA PHE G 778 0.78 -122.43 70.77
C PHE G 778 -0.31 -122.79 69.77
N PRO G 779 -1.29 -123.59 70.17
CA PRO G 779 -2.47 -123.83 69.33
C PRO G 779 -3.27 -122.55 69.09
N VAL G 780 -3.87 -122.46 67.92
CA VAL G 780 -4.61 -121.27 67.52
C VAL G 780 -5.66 -121.66 66.49
N VAL G 781 -6.82 -121.02 66.58
CA VAL G 781 -7.86 -121.14 65.57
C VAL G 781 -8.25 -119.74 65.12
N SER G 782 -8.31 -119.52 63.82
CA SER G 782 -8.77 -118.28 63.24
C SER G 782 -10.14 -118.49 62.61
N PHE G 783 -11.03 -117.52 62.77
CA PHE G 783 -12.40 -117.71 62.34
C PHE G 783 -13.06 -116.37 62.07
N SER G 784 -14.10 -116.42 61.24
CA SER G 784 -14.98 -115.29 61.02
C SER G 784 -16.29 -115.51 61.76
N ALA G 785 -17.23 -114.59 61.54
CA ALA G 785 -18.53 -114.70 62.18
C ALA G 785 -19.30 -115.90 61.65
N GLY G 786 -20.04 -116.56 62.54
CA GLY G 786 -20.82 -117.72 62.18
C GLY G 786 -20.21 -119.05 62.53
N VAL G 787 -19.47 -119.14 63.63
CA VAL G 787 -18.78 -120.37 63.99
C VAL G 787 -19.09 -120.77 65.43
N LYS G 788 -18.84 -122.05 65.71
CA LYS G 788 -19.02 -122.62 67.04
C LYS G 788 -18.10 -123.84 67.11
N VAL G 789 -16.97 -123.70 67.80
CA VAL G 789 -15.98 -124.77 67.86
C VAL G 789 -15.66 -125.08 69.31
N ARG G 790 -15.11 -126.28 69.55
CA ARG G 790 -14.73 -126.69 70.89
C ARG G 790 -13.31 -127.23 70.90
N PHE G 791 -12.49 -126.73 71.83
CA PHE G 791 -11.15 -127.23 72.06
C PHE G 791 -11.21 -128.47 72.95
N LEU G 792 -10.58 -129.55 72.48
CA LEU G 792 -10.39 -130.79 73.22
C LEU G 792 -8.91 -130.92 73.56
N LEU G 793 -8.58 -130.83 74.85
CA LEU G 793 -7.21 -130.88 75.31
C LEU G 793 -6.89 -132.11 76.16
N GLY G 794 -7.85 -132.98 76.40
CA GLY G 794 -7.58 -134.21 77.12
C GLY G 794 -7.61 -134.07 78.63
N GLY G 795 -7.46 -135.21 79.30
CA GLY G 795 -7.48 -135.23 80.75
C GLY G 795 -8.82 -134.83 81.30
N ARG G 796 -8.79 -133.93 82.29
CA ARG G 796 -10.04 -133.44 82.89
C ARG G 796 -10.80 -132.53 81.93
N HIS G 797 -10.18 -132.12 80.84
CA HIS G 797 -10.80 -131.27 79.84
C HIS G 797 -11.37 -132.16 78.73
N GLY G 798 -11.71 -131.54 77.60
CA GLY G 798 -12.28 -132.27 76.48
C GLY G 798 -11.60 -133.59 76.19
N GLU G 799 -12.31 -134.69 76.41
CA GLU G 799 -11.76 -136.01 76.17
C GLU G 799 -11.46 -136.22 74.69
N PHE G 800 -10.30 -136.82 74.40
CA PHE G 800 -9.92 -137.06 73.03
C PHE G 800 -10.80 -138.14 72.41
N LYS G 801 -11.29 -137.89 71.19
CA LYS G 801 -12.10 -138.87 70.50
C LYS G 801 -11.26 -140.01 69.95
N PHE G 802 -10.00 -139.75 69.60
CA PHE G 802 -9.11 -140.77 69.08
C PHE G 802 -7.84 -140.80 69.92
N LEU G 803 -7.25 -141.98 70.00
CA LEU G 803 -6.05 -142.16 70.82
C LEU G 803 -4.88 -141.41 70.21
N PRO G 804 -4.12 -140.65 70.99
CA PRO G 804 -2.97 -139.94 70.43
C PRO G 804 -1.92 -140.93 69.94
N PRO G 805 -1.10 -140.54 68.96
CA PRO G 805 -0.04 -141.44 68.51
C PRO G 805 0.94 -141.70 69.63
N PRO G 806 1.61 -142.85 69.62
CA PRO G 806 2.51 -143.18 70.73
C PRO G 806 3.59 -142.13 70.92
N GLY G 807 3.91 -141.86 72.19
CA GLY G 807 4.94 -140.91 72.54
C GLY G 807 4.47 -139.48 72.69
N TYR G 808 3.28 -139.15 72.21
CA TYR G 808 2.77 -137.79 72.29
C TYR G 808 2.04 -137.58 73.60
N ALA G 809 2.17 -136.38 74.16
CA ALA G 809 1.57 -136.05 75.43
C ALA G 809 0.42 -135.07 75.27
N PRO G 810 -0.65 -135.20 76.05
CA PRO G 810 -1.73 -134.21 75.98
C PRO G 810 -1.25 -132.82 76.36
N CYS G 811 -1.85 -131.82 75.71
CA CYS G 811 -1.44 -130.44 75.92
C CYS G 811 -1.80 -129.91 77.30
N HIS G 812 -2.76 -130.53 77.99
CA HIS G 812 -3.13 -130.07 79.32
C HIS G 812 -2.00 -130.27 80.33
N GLU G 813 -1.04 -131.14 80.04
CA GLU G 813 0.09 -131.36 80.93
C GLU G 813 1.11 -130.22 80.88
N ALA G 814 0.99 -129.30 79.94
CA ALA G 814 1.95 -128.22 79.76
C ALA G 814 1.56 -126.95 80.50
N VAL G 815 0.49 -126.98 81.29
CA VAL G 815 0.07 -125.81 82.04
C VAL G 815 1.08 -125.53 83.14
N LEU G 816 1.48 -124.26 83.27
CA LEU G 816 2.47 -123.89 84.26
C LEU G 816 1.86 -123.95 85.67
N PRO G 817 2.68 -124.20 86.69
CA PRO G 817 2.12 -124.31 88.05
C PRO G 817 1.42 -123.05 88.53
N ARG G 818 1.89 -121.88 88.13
CA ARG G 818 1.36 -120.63 88.63
C ARG G 818 0.20 -120.08 87.79
N GLU G 819 -0.18 -120.77 86.72
CA GLU G 819 -1.21 -120.28 85.81
C GLU G 819 -2.33 -121.30 85.69
N ARG G 820 -3.53 -120.80 85.45
CA ARG G 820 -4.72 -121.62 85.23
C ARG G 820 -5.11 -121.56 83.75
N LEU G 821 -5.61 -122.68 83.25
CA LEU G 821 -5.98 -122.75 81.84
C LEU G 821 -7.12 -121.79 81.53
N ARG G 822 -6.99 -121.06 80.42
CA ARG G 822 -8.01 -120.12 79.99
C ARG G 822 -7.82 -119.84 78.51
N LEU G 823 -8.84 -119.22 77.91
CA LEU G 823 -8.82 -118.81 76.52
C LEU G 823 -8.73 -117.29 76.45
N GLU G 824 -7.77 -116.79 75.67
CA GLU G 824 -7.52 -115.36 75.59
C GLU G 824 -7.23 -114.97 74.14
N PRO G 825 -7.48 -113.71 73.79
CA PRO G 825 -7.06 -113.21 72.46
C PRO G 825 -5.55 -113.08 72.36
N ILE G 826 -5.07 -112.57 71.23
CA ILE G 826 -3.65 -112.46 70.95
C ILE G 826 -3.31 -110.99 70.76
N LYS G 827 -2.52 -110.44 71.68
CA LYS G 827 -1.99 -109.08 71.57
C LYS G 827 -3.11 -108.06 71.33
N GLU G 828 -4.15 -108.13 72.14
CA GLU G 828 -5.24 -107.18 72.04
C GLU G 828 -4.80 -105.82 72.57
N TYR G 829 -5.23 -104.76 71.88
CA TYR G 829 -4.97 -103.39 72.31
C TYR G 829 -6.21 -102.71 72.85
N ARG G 830 -7.29 -103.46 73.08
CA ARG G 830 -8.56 -102.87 73.49
C ARG G 830 -9.44 -103.97 74.06
N ARG G 831 -10.19 -103.64 75.10
CA ARG G 831 -11.10 -104.63 75.69
C ARG G 831 -12.30 -103.92 76.28
N GLU G 832 -13.35 -104.69 76.54
CA GLU G 832 -14.54 -104.17 77.18
C GLU G 832 -14.33 -104.06 78.69
N GLY G 833 -14.99 -103.08 79.29
CA GLY G 833 -14.95 -102.91 80.72
C GLY G 833 -16.33 -102.53 81.25
N PRO G 834 -16.42 -102.29 82.56
CA PRO G 834 -17.73 -101.94 83.13
C PRO G 834 -18.31 -100.65 82.55
N ARG G 835 -17.54 -99.56 82.56
CA ARG G 835 -18.02 -98.26 82.12
C ARG G 835 -17.63 -97.93 80.68
N GLY G 836 -16.92 -98.80 79.99
CA GLY G 836 -16.51 -98.52 78.63
C GLY G 836 -15.29 -99.27 78.17
N PRO G 837 -14.79 -98.93 76.99
CA PRO G 837 -13.57 -99.57 76.49
C PRO G 837 -12.36 -99.22 77.33
N HIS G 838 -11.51 -100.22 77.55
CA HIS G 838 -10.24 -100.07 78.25
C HIS G 838 -9.12 -100.26 77.25
N LEU G 839 -8.20 -99.30 77.20
CA LEU G 839 -7.00 -99.40 76.39
C LEU G 839 -5.93 -100.19 77.14
N VAL G 840 -5.28 -101.10 76.44
CA VAL G 840 -4.31 -102.03 77.01
C VAL G 840 -3.00 -101.87 76.26
N GLY G 841 -1.89 -101.80 77.01
CA GLY G 841 -0.58 -101.71 76.43
C GLY G 841 -0.01 -103.06 76.04
N PRO G 842 1.26 -103.08 75.65
CA PRO G 842 1.90 -104.33 75.26
C PRO G 842 1.92 -105.35 76.40
N SER G 843 1.87 -106.62 76.03
CA SER G 843 1.86 -107.72 76.98
C SER G 843 3.23 -108.40 77.03
N ARG G 844 3.74 -108.62 78.24
CA ARG G 844 5.00 -109.32 78.41
C ARG G 844 4.83 -110.80 78.07
N CYS G 845 5.77 -111.33 77.28
CA CYS G 845 5.71 -112.71 76.83
C CYS G 845 7.01 -113.42 77.21
N LEU G 846 6.88 -114.71 77.51
CA LEU G 846 8.02 -115.52 77.90
C LEU G 846 8.87 -115.88 76.68
N SER G 847 10.07 -116.37 76.95
CA SER G 847 11.00 -116.81 75.92
C SER G 847 11.42 -118.25 76.18
N HIS G 848 11.91 -118.89 75.12
CA HIS G 848 12.36 -120.27 75.22
C HIS G 848 13.57 -120.43 76.13
N THR G 849 14.34 -119.36 76.34
CA THR G 849 15.48 -119.41 77.24
C THR G 849 15.06 -119.37 78.71
N ASP G 850 13.84 -118.92 79.02
CA ASP G 850 13.39 -118.86 80.40
C ASP G 850 13.18 -120.23 81.02
N PHE G 851 13.14 -121.30 80.22
CA PHE G 851 12.98 -122.65 80.73
C PHE G 851 14.29 -123.41 80.85
N VAL G 852 15.47 -122.79 80.67
CA VAL G 852 16.78 -123.44 80.89
C VAL G 852 17.37 -123.04 82.24
N PRO G 853 17.74 -123.98 83.12
CA PRO G 853 18.33 -123.64 84.40
C PRO G 853 19.77 -123.14 84.23
N CYS G 854 20.13 -122.06 84.90
CA CYS G 854 21.44 -121.42 84.77
C CYS G 854 22.10 -121.19 86.15
N PRO G 855 22.64 -122.24 86.79
CA PRO G 855 23.26 -122.15 88.10
C PRO G 855 24.62 -121.44 88.02
N VAL G 856 25.05 -120.84 89.14
CA VAL G 856 26.39 -120.21 89.24
C VAL G 856 27.41 -121.35 89.33
N ASP G 857 26.98 -122.55 89.71
CA ASP G 857 27.88 -123.72 89.87
C ASP G 857 28.99 -123.69 88.81
N THR G 858 30.24 -123.42 89.21
CA THR G 858 31.41 -123.44 88.30
C THR G 858 32.38 -124.50 88.83
N VAL G 859 33.42 -124.84 88.08
CA VAL G 859 34.40 -125.87 88.49
C VAL G 859 35.18 -125.37 89.71
N GLN G 860 35.26 -124.05 89.91
CA GLN G 860 35.99 -123.44 91.06
C GLN G 860 35.62 -124.13 92.37
N ILE G 861 36.61 -124.47 93.19
CA ILE G 861 36.33 -125.07 94.53
C ILE G 861 36.92 -124.12 95.59
N VAL G 862 36.26 -123.98 96.74
CA VAL G 862 36.72 -123.09 97.85
C VAL G 862 37.52 -123.93 98.85
N LEU G 863 36.86 -124.87 99.53
CA LEU G 863 37.52 -125.73 100.56
C LEU G 863 38.23 -124.84 101.60
N PRO G 864 37.59 -123.80 102.16
CA PRO G 864 38.23 -122.92 103.14
C PRO G 864 38.57 -123.67 104.43
N PRO G 865 39.84 -123.83 104.85
CA PRO G 865 40.15 -124.60 106.04
C PRO G 865 39.50 -123.96 107.28
N HIS G 866 39.30 -122.65 107.23
CA HIS G 866 38.73 -121.89 108.36
C HIS G 866 37.22 -122.10 108.47
N LEU G 867 36.56 -122.74 107.50
CA LEU G 867 35.12 -123.01 107.58
C LEU G 867 34.79 -124.49 107.79
N GLU G 868 35.80 -125.33 107.97
CA GLU G 868 35.57 -126.76 108.15
C GLU G 868 34.87 -127.09 109.47
N ARG G 869 35.21 -126.40 110.56
CA ARG G 869 34.53 -126.67 111.85
C ARG G 869 33.06 -126.31 111.74
N ILE G 870 32.79 -125.14 111.16
CA ILE G 870 31.42 -124.71 111.14
C ILE G 870 30.63 -125.62 110.16
N ARG G 871 31.28 -126.19 109.15
CA ARG G 871 30.58 -127.14 108.28
C ARG G 871 29.98 -128.29 109.12
N GLU G 872 30.79 -128.83 110.03
CA GLU G 872 30.36 -129.92 110.93
C GLU G 872 29.21 -129.47 111.86
N LYS G 873 29.38 -128.34 112.52
CA LYS G 873 28.35 -127.86 113.44
C LYS G 873 27.05 -127.52 112.71
N LEU G 874 27.16 -126.96 111.49
CA LEU G 874 26.00 -126.69 110.68
C LEU G 874 25.25 -127.99 110.33
N ALA G 875 25.99 -129.00 109.90
CA ALA G 875 25.34 -130.26 109.55
C ALA G 875 24.62 -130.84 110.77
N GLU G 876 25.25 -130.74 111.94
CA GLU G 876 24.63 -131.29 113.17
C GLU G 876 23.31 -130.55 113.45
N ASN G 877 23.29 -129.24 113.35
CA ASN G 877 22.05 -128.57 113.68
C ASN G 877 20.97 -128.78 112.63
N ILE G 878 21.37 -128.86 111.36
CA ILE G 878 20.41 -129.17 110.31
C ILE G 878 19.73 -130.54 110.56
N HIS G 879 20.51 -131.50 111.03
CA HIS G 879 19.96 -132.82 111.39
C HIS G 879 18.97 -132.74 112.54
N GLU G 880 19.31 -132.00 113.58
CA GLU G 880 18.41 -131.83 114.70
C GLU G 880 17.10 -131.19 114.26
N LEU G 881 17.18 -130.18 113.39
CA LEU G 881 15.98 -129.53 112.91
C LEU G 881 15.14 -130.47 112.04
N TRP G 882 15.82 -131.25 111.21
CA TRP G 882 15.13 -132.21 110.34
C TRP G 882 14.40 -133.24 111.18
N ALA G 883 15.11 -133.76 112.18
CA ALA G 883 14.51 -134.78 113.04
C ALA G 883 13.28 -134.23 113.79
N LEU G 884 13.40 -133.01 114.32
CA LEU G 884 12.26 -132.37 114.95
C LEU G 884 11.05 -132.28 114.02
N THR G 885 11.28 -131.87 112.76
CA THR G 885 10.21 -131.72 111.75
C THR G 885 9.54 -133.09 111.52
N ARG G 886 10.31 -134.18 111.43
CA ARG G 886 9.79 -135.56 111.24
C ARG G 886 8.98 -135.96 112.48
N ILE G 887 9.51 -135.74 113.66
CA ILE G 887 8.88 -136.20 114.89
C ILE G 887 7.57 -135.45 115.15
N GLU G 888 7.54 -134.16 114.84
CA GLU G 888 6.26 -133.42 114.90
C GLU G 888 5.18 -134.03 114.02
N GLN G 889 5.60 -134.57 112.88
CA GLN G 889 4.66 -135.22 111.96
C GLN G 889 4.45 -136.70 112.20
N GLY G 890 4.74 -137.18 113.40
CA GLY G 890 4.37 -138.52 113.80
C GLY G 890 5.42 -139.58 113.45
N TRP G 891 6.59 -139.17 112.95
CA TRP G 891 7.64 -140.15 112.66
C TRP G 891 8.32 -140.60 113.95
N THR G 892 8.68 -141.87 113.96
CA THR G 892 9.39 -142.48 115.07
C THR G 892 10.50 -143.36 114.53
N TYR G 893 11.39 -143.81 115.42
CA TYR G 893 12.53 -144.61 114.96
C TYR G 893 12.19 -146.03 114.59
N GLY G 894 12.76 -146.47 113.47
CA GLY G 894 12.85 -147.90 113.23
C GLY G 894 14.02 -148.17 112.31
N PRO G 895 14.55 -149.41 112.34
CA PRO G 895 15.79 -149.67 111.59
C PRO G 895 15.58 -149.73 110.09
N VAL G 896 14.35 -149.96 109.64
CA VAL G 896 14.03 -149.97 108.23
C VAL G 896 12.92 -148.96 108.00
N ARG G 897 13.14 -148.08 107.04
CA ARG G 897 12.13 -147.08 106.72
C ARG G 897 10.79 -147.69 106.36
N ASP G 898 9.71 -147.10 106.88
CA ASP G 898 8.34 -147.53 106.54
C ASP G 898 7.51 -146.27 106.50
N ASP G 899 7.13 -145.85 105.28
CA ASP G 899 6.39 -144.61 105.10
C ASP G 899 4.98 -144.65 105.70
N ASN G 900 4.34 -145.81 105.68
CA ASN G 900 2.98 -145.95 106.20
C ASN G 900 2.95 -145.85 107.73
N LYS G 901 3.82 -146.58 108.39
CA LYS G 901 3.97 -146.52 109.85
C LYS G 901 4.83 -145.31 110.32
N ARG G 902 5.41 -144.57 109.37
CA ARG G 902 6.27 -143.43 109.61
C ARG G 902 7.43 -143.79 110.53
N LEU G 903 8.14 -144.82 110.13
CA LEU G 903 9.37 -145.25 110.81
C LEU G 903 10.57 -144.81 109.98
N HIS G 904 11.60 -144.27 110.63
CA HIS G 904 12.78 -143.79 109.89
C HIS G 904 14.03 -144.08 110.68
N PRO G 905 15.05 -144.65 110.03
CA PRO G 905 16.28 -144.98 110.75
C PRO G 905 17.17 -143.80 111.04
N CYS G 906 16.92 -142.64 110.48
CA CYS G 906 17.79 -141.50 110.72
C CYS G 906 17.40 -140.75 111.98
N LEU G 907 16.40 -141.21 112.71
CA LEU G 907 16.02 -140.56 113.96
C LEU G 907 16.88 -141.09 115.11
N VAL G 908 18.15 -140.71 115.03
CA VAL G 908 19.25 -141.11 115.87
C VAL G 908 20.14 -139.89 116.07
N ASN G 909 21.05 -139.95 117.04
CA ASN G 909 22.07 -138.91 117.16
C ASN G 909 22.87 -138.79 115.85
N PHE G 910 23.25 -137.56 115.49
CA PHE G 910 24.00 -137.36 114.26
C PHE G 910 25.22 -138.28 114.15
N HIS G 911 25.97 -138.40 115.23
CA HIS G 911 27.19 -139.20 115.31
C HIS G 911 26.91 -140.70 115.18
N SER G 912 25.64 -141.07 115.35
CA SER G 912 25.22 -142.47 115.22
C SER G 912 24.66 -142.84 113.84
N LEU G 913 24.53 -141.86 112.95
CA LEU G 913 24.20 -142.18 111.57
C LEU G 913 25.27 -143.01 110.93
N PRO G 914 24.90 -143.86 109.96
CA PRO G 914 25.89 -144.53 109.11
C PRO G 914 26.84 -143.53 108.47
N GLU G 915 28.09 -143.93 108.27
CA GLU G 915 29.10 -142.99 107.79
C GLU G 915 28.71 -142.35 106.47
N PRO G 916 28.14 -143.13 105.53
CA PRO G 916 27.77 -142.50 104.25
C PRO G 916 26.69 -141.42 104.38
N GLU G 917 25.80 -141.56 105.35
CA GLU G 917 24.74 -140.60 105.57
C GLU G 917 25.32 -139.37 106.25
N ARG G 918 26.20 -139.57 107.23
CA ARG G 918 26.91 -138.46 107.84
C ARG G 918 27.69 -137.68 106.77
N ASN G 919 28.37 -138.41 105.90
CA ASN G 919 29.19 -137.76 104.88
C ASN G 919 28.32 -136.97 103.90
N TYR G 920 27.18 -137.54 103.49
CA TYR G 920 26.25 -136.78 102.64
C TYR G 920 25.80 -135.47 103.33
N ASN G 921 25.47 -135.55 104.62
CA ASN G 921 25.03 -134.38 105.35
C ASN G 921 26.12 -133.32 105.43
N LEU G 922 27.35 -133.76 105.63
CA LEU G 922 28.50 -132.86 105.69
C LEU G 922 28.73 -132.25 104.31
N GLN G 923 28.58 -133.05 103.26
CA GLN G 923 28.73 -132.50 101.90
C GLN G 923 27.69 -131.42 101.62
N MET G 924 26.45 -131.64 102.06
CA MET G 924 25.37 -130.68 101.80
C MET G 924 25.60 -129.37 102.59
N SER G 925 26.01 -129.49 103.86
CA SER G 925 26.36 -128.33 104.65
C SER G 925 27.50 -127.54 104.00
N GLY G 926 28.50 -128.25 103.51
CA GLY G 926 29.63 -127.63 102.84
C GLY G 926 29.17 -126.95 101.57
N GLU G 927 28.20 -127.53 100.86
CA GLU G 927 27.78 -126.88 99.63
C GLU G 927 26.88 -125.67 99.92
N THR G 928 26.20 -125.60 101.06
CA THR G 928 25.54 -124.34 101.45
C THR G 928 26.59 -123.24 101.62
N LEU G 929 27.65 -123.60 102.33
CA LEU G 929 28.73 -122.65 102.58
C LEU G 929 29.41 -122.26 101.28
N LYS G 930 29.72 -123.22 100.41
CA LYS G 930 30.38 -122.90 99.14
C LYS G 930 29.50 -122.05 98.25
N THR G 931 28.18 -122.28 98.30
CA THR G 931 27.28 -121.49 97.45
C THR G 931 27.18 -120.04 98.01
N LEU G 932 27.17 -119.88 99.34
CA LEU G 932 27.28 -118.53 99.90
C LEU G 932 28.51 -117.83 99.40
N LEU G 933 29.66 -118.50 99.41
CA LEU G 933 30.89 -117.89 98.92
C LEU G 933 30.83 -117.57 97.41
N ALA G 934 30.17 -118.44 96.63
CA ALA G 934 30.08 -118.24 95.19
C ALA G 934 29.20 -117.03 94.91
N LEU G 935 28.23 -116.80 95.78
CA LEU G 935 27.36 -115.62 95.69
C LEU G 935 28.06 -114.36 96.18
N GLY G 936 29.33 -114.49 96.57
CA GLY G 936 30.12 -113.33 96.95
C GLY G 936 30.06 -112.93 98.41
N CYS G 937 29.39 -113.73 99.26
CA CYS G 937 29.32 -113.43 100.68
C CYS G 937 30.71 -113.50 101.33
N HIS G 938 30.92 -112.61 102.29
CA HIS G 938 32.08 -112.63 103.18
C HIS G 938 31.60 -113.35 104.44
N VAL G 939 32.23 -114.47 104.79
CA VAL G 939 31.80 -115.27 105.95
C VAL G 939 33.00 -115.44 106.86
N GLY G 940 32.88 -114.94 108.09
CA GLY G 940 34.03 -114.94 108.99
C GLY G 940 33.62 -114.79 110.45
N MET G 941 34.45 -115.30 111.35
CA MET G 941 34.13 -115.20 112.78
C MET G 941 34.13 -113.75 113.23
N ALA G 942 33.07 -113.36 113.94
CA ALA G 942 32.94 -112.01 114.49
C ALA G 942 32.77 -111.96 116.01
N ASP G 943 32.09 -112.93 116.58
CA ASP G 943 31.82 -112.95 118.02
C ASP G 943 32.26 -114.30 118.57
N GLU G 944 33.47 -114.34 119.11
CA GLU G 944 34.02 -115.60 119.61
C GLU G 944 33.29 -116.10 120.86
N LYS G 945 32.48 -115.25 121.49
CA LYS G 945 31.72 -115.65 122.69
C LYS G 945 30.38 -116.30 122.35
N ALA G 946 29.93 -116.15 121.12
CA ALA G 946 28.58 -116.56 120.80
C ALA G 946 28.33 -118.06 120.99
N GLU G 947 29.29 -118.87 120.57
CA GLU G 947 29.08 -120.31 120.63
C GLU G 947 28.84 -120.81 122.08
N ASP G 948 29.64 -120.38 123.05
CA ASP G 948 29.43 -120.93 124.40
C ASP G 948 28.25 -120.28 125.11
N ASN G 949 27.63 -119.29 124.47
CA ASN G 949 26.36 -118.76 124.98
C ASN G 949 25.13 -119.38 124.32
N LEU G 950 25.32 -120.21 123.30
CA LEU G 950 24.19 -120.90 122.68
C LEU G 950 23.54 -121.90 123.64
N LYS G 951 22.23 -122.01 123.55
CA LYS G 951 21.46 -123.00 124.27
C LYS G 951 20.68 -123.81 123.29
N LYS G 952 20.36 -125.03 123.69
CA LYS G 952 19.53 -125.89 122.86
C LYS G 952 18.07 -125.83 123.31
N THR G 953 17.17 -126.00 122.37
CA THR G 953 15.75 -126.15 122.67
C THR G 953 15.51 -127.42 123.45
N LYS G 954 14.78 -127.31 124.57
CA LYS G 954 14.48 -128.46 125.43
C LYS G 954 13.07 -128.94 125.19
N LEU G 955 12.95 -130.03 124.46
CA LEU G 955 11.65 -130.58 124.10
C LEU G 955 11.14 -131.53 125.17
N PRO G 956 9.80 -131.68 125.31
CA PRO G 956 9.30 -132.65 126.26
C PRO G 956 9.54 -134.10 125.84
N LYS G 957 9.34 -135.02 126.77
CA LYS G 957 9.70 -136.43 126.58
C LYS G 957 8.89 -137.08 125.47
N THR G 958 7.81 -136.42 125.08
CA THR G 958 6.99 -136.87 123.96
C THR G 958 7.69 -136.76 122.62
N TYR G 959 8.88 -136.14 122.60
CA TYR G 959 9.71 -136.07 121.43
C TYR G 959 10.87 -137.07 121.43
N MET G 960 10.86 -137.95 122.43
CA MET G 960 11.88 -138.97 122.63
C MET G 960 11.61 -140.22 121.80
N MET G 961 12.63 -140.70 121.08
CA MET G 961 12.50 -141.95 120.34
C MET G 961 12.83 -143.14 121.23
N SER G 962 12.51 -144.33 120.74
CA SER G 962 12.69 -145.54 121.54
C SER G 962 14.15 -145.90 121.80
N ASN G 963 15.03 -145.28 121.02
CA ASN G 963 16.47 -145.48 121.17
C ASN G 963 17.11 -144.43 122.05
N GLY G 964 16.28 -143.60 122.69
CA GLY G 964 16.78 -142.55 123.57
C GLY G 964 17.13 -141.22 122.93
N TYR G 965 17.05 -141.16 121.61
CA TYR G 965 17.35 -139.94 120.88
C TYR G 965 16.19 -138.96 121.00
N LYS G 966 16.50 -137.73 121.41
CA LYS G 966 15.55 -136.62 121.39
C LYS G 966 16.24 -135.45 120.72
N PRO G 967 15.63 -134.88 119.68
CA PRO G 967 16.32 -133.77 119.04
C PRO G 967 16.48 -132.58 119.95
N ALA G 968 17.54 -131.82 119.71
CA ALA G 968 17.83 -130.63 120.52
C ALA G 968 18.45 -129.57 119.61
N PRO G 969 17.65 -129.03 118.71
CA PRO G 969 18.20 -127.98 117.86
C PRO G 969 18.54 -126.75 118.65
N LEU G 970 19.46 -125.95 118.10
CA LEU G 970 19.81 -124.71 118.76
C LEU G 970 18.61 -123.78 118.89
N ASP G 971 18.54 -123.09 120.03
CA ASP G 971 17.59 -121.99 120.19
C ASP G 971 18.19 -120.75 119.52
N LEU G 972 17.70 -120.47 118.32
CA LEU G 972 18.16 -119.32 117.56
C LEU G 972 17.15 -118.17 117.61
N SER G 973 16.31 -118.14 118.63
CA SER G 973 15.25 -117.12 118.67
C SER G 973 15.78 -115.69 118.73
N HIS G 974 16.99 -115.49 119.19
CA HIS G 974 17.61 -114.19 119.27
C HIS G 974 18.22 -113.69 117.95
N VAL G 975 18.39 -114.59 117.00
CA VAL G 975 19.05 -114.26 115.74
C VAL G 975 18.08 -113.51 114.82
N ARG G 976 18.57 -112.44 114.24
CA ARG G 976 17.79 -111.67 113.27
C ARG G 976 18.61 -111.42 112.00
N LEU G 977 18.19 -111.99 110.87
CA LEU G 977 18.86 -111.74 109.58
C LEU G 977 18.82 -110.24 109.26
N THR G 978 19.95 -109.70 108.81
CA THR G 978 20.03 -108.34 108.26
C THR G 978 19.38 -108.37 106.87
N PRO G 979 19.11 -107.19 106.30
CA PRO G 979 18.57 -107.21 104.92
C PRO G 979 19.49 -107.91 103.91
N ALA G 980 20.79 -107.67 103.99
CA ALA G 980 21.72 -108.35 103.07
C ALA G 980 21.70 -109.85 103.28
N GLN G 981 21.52 -110.31 104.52
CA GLN G 981 21.45 -111.74 104.79
C GLN G 981 20.15 -112.38 104.30
N THR G 982 19.04 -111.68 104.45
CA THR G 982 17.79 -112.12 103.90
C THR G 982 17.92 -112.29 102.39
N THR G 983 18.59 -111.33 101.77
CA THR G 983 18.79 -111.39 100.34
C THR G 983 19.67 -112.56 99.96
N LEU G 984 20.63 -112.81 100.82
CA LEU G 984 21.56 -113.94 100.67
C LEU G 984 20.81 -115.26 100.74
N VAL G 985 19.81 -115.38 101.62
CA VAL G 985 18.98 -116.59 101.74
C VAL G 985 18.11 -116.77 100.48
N ASP G 986 17.54 -115.67 100.01
CA ASP G 986 16.69 -115.69 98.80
C ASP G 986 17.53 -116.12 97.57
N ARG G 987 18.81 -115.72 97.54
CA ARG G 987 19.74 -116.07 96.44
C ARG G 987 20.28 -117.50 96.59
N LEU G 988 20.52 -117.95 97.81
CA LEU G 988 21.15 -119.28 98.06
C LEU G 988 20.17 -120.37 97.68
N ALA G 989 18.86 -120.16 97.88
CA ALA G 989 17.86 -121.19 97.64
C ALA G 989 17.55 -121.29 96.16
N GLU G 990 17.47 -120.14 95.48
CA GLU G 990 17.19 -120.18 94.04
C GLU G 990 18.31 -120.89 93.30
N ASN G 991 19.56 -120.60 93.66
CA ASN G 991 20.66 -121.26 92.99
C ASN G 991 20.67 -122.76 93.28
N GLY G 992 20.42 -123.14 94.53
CA GLY G 992 20.40 -124.55 94.88
C GLY G 992 19.33 -125.31 94.12
N HIS G 993 18.16 -124.70 93.98
CA HIS G 993 17.10 -125.32 93.20
C HIS G 993 17.49 -125.44 91.74
N ASN G 994 18.13 -124.40 91.19
CA ASN G 994 18.50 -124.46 89.78
C ASN G 994 19.57 -125.53 89.53
N VAL G 995 20.54 -125.67 90.44
CA VAL G 995 21.55 -126.72 90.31
C VAL G 995 20.89 -128.10 90.36
N TRP G 996 19.95 -128.29 91.28
CA TRP G 996 19.25 -129.59 91.32
C TRP G 996 18.44 -129.80 90.04
N ALA G 997 17.85 -128.73 89.51
CA ALA G 997 17.04 -128.86 88.32
C ALA G 997 17.91 -129.30 87.15
N ARG G 998 19.05 -128.65 86.97
CA ARG G 998 19.92 -128.97 85.85
C ARG G 998 20.54 -130.35 86.04
N ASP G 999 20.75 -130.78 87.29
CA ASP G 999 21.22 -132.14 87.52
C ASP G 999 20.17 -133.15 87.07
N ARG G 1000 18.89 -132.88 87.37
CA ARG G 1000 17.85 -133.80 86.93
C ARG G 1000 17.71 -133.77 85.41
N VAL G 1001 17.88 -132.61 84.81
CA VAL G 1001 17.81 -132.52 83.35
C VAL G 1001 18.91 -133.35 82.73
N ALA G 1002 20.12 -133.26 83.30
CA ALA G 1002 21.23 -134.09 82.82
C ALA G 1002 20.92 -135.55 83.02
N GLN G 1003 20.16 -135.89 84.07
CA GLN G 1003 19.75 -137.27 84.30
C GLN G 1003 18.61 -137.69 83.39
N GLY G 1004 18.02 -136.75 82.65
CA GLY G 1004 17.02 -137.08 81.65
C GLY G 1004 15.57 -136.84 82.03
N TRP G 1005 15.26 -136.22 83.17
CA TRP G 1005 13.85 -135.94 83.56
C TRP G 1005 13.28 -134.72 82.81
N SER G 1006 11.95 -134.53 82.74
CA SER G 1006 11.28 -133.37 82.08
C SER G 1006 10.05 -132.92 82.88
N TYR G 1007 9.71 -131.62 82.90
CA TYR G 1007 8.58 -131.03 83.68
C TYR G 1007 7.19 -131.54 83.29
N SER G 1008 6.28 -131.89 84.23
CA SER G 1008 4.87 -132.29 83.93
C SER G 1008 3.90 -132.29 85.13
N ALA G 1009 2.74 -131.65 84.99
CA ALA G 1009 1.65 -131.62 86.04
C ALA G 1009 1.37 -133.03 86.54
N VAL G 1010 1.03 -133.95 85.65
CA VAL G 1010 0.75 -135.37 86.04
C VAL G 1010 2.09 -136.06 86.32
N GLN G 1011 2.53 -136.05 87.59
CA GLN G 1011 3.80 -136.73 87.97
C GLN G 1011 3.75 -138.17 87.45
N ASP G 1012 4.84 -138.65 86.84
CA ASP G 1012 4.90 -139.99 86.25
C ASP G 1012 6.33 -140.48 86.41
N ILE G 1013 6.57 -141.26 87.48
CA ILE G 1013 7.91 -141.75 87.74
C ILE G 1013 8.42 -142.65 86.62
N PRO G 1014 7.67 -143.66 86.17
CA PRO G 1014 8.16 -144.47 85.04
C PRO G 1014 8.40 -143.65 83.78
N ALA G 1015 7.63 -142.60 83.55
CA ALA G 1015 7.80 -141.74 82.40
C ALA G 1015 8.82 -140.63 82.64
N ARG G 1016 9.43 -140.59 83.83
CA ARG G 1016 10.44 -139.59 84.16
C ARG G 1016 9.90 -138.17 83.98
N ARG G 1017 8.66 -137.95 84.42
CA ARG G 1017 8.05 -136.63 84.38
C ARG G 1017 7.76 -136.17 85.80
N ASN G 1018 8.18 -134.94 86.12
CA ASN G 1018 8.08 -134.41 87.46
C ASN G 1018 7.39 -133.05 87.42
N PRO G 1019 6.37 -132.82 88.26
CA PRO G 1019 5.66 -131.53 88.18
C PRO G 1019 6.49 -130.32 88.55
N ARG G 1020 7.52 -130.48 89.38
CA ARG G 1020 8.32 -129.34 89.84
C ARG G 1020 9.67 -129.24 89.13
N LEU G 1021 9.87 -130.00 88.05
CA LEU G 1021 11.12 -129.95 87.31
C LEU G 1021 11.13 -128.71 86.41
N VAL G 1022 11.14 -127.55 87.06
CA VAL G 1022 11.16 -126.27 86.38
C VAL G 1022 12.10 -125.33 87.11
N PRO G 1023 12.64 -124.33 86.41
CA PRO G 1023 13.50 -123.35 87.08
C PRO G 1023 12.76 -122.66 88.23
N TYR G 1024 13.56 -122.10 89.14
CA TYR G 1024 13.03 -121.43 90.35
C TYR G 1024 12.23 -120.19 89.95
N ARG G 1025 12.60 -119.45 88.88
CA ARG G 1025 11.80 -118.24 88.60
C ARG G 1025 10.32 -118.63 88.55
N LEU G 1026 10.01 -119.72 87.84
CA LEU G 1026 8.60 -120.18 87.71
C LEU G 1026 8.37 -121.40 88.60
N LEU G 1027 8.13 -121.21 89.90
CA LEU G 1027 7.88 -122.32 90.87
C LEU G 1027 6.68 -121.95 91.73
N ASP G 1028 6.07 -122.89 92.45
CA ASP G 1028 4.99 -122.55 93.37
C ASP G 1028 5.55 -121.94 94.66
N GLU G 1029 4.76 -121.01 95.22
CA GLU G 1029 5.20 -120.31 96.40
C GLU G 1029 5.29 -121.24 97.60
N ALA G 1030 4.46 -122.28 97.64
CA ALA G 1030 4.49 -123.19 98.78
C ALA G 1030 5.84 -123.88 98.91
N THR G 1031 6.36 -124.42 97.79
CA THR G 1031 7.68 -125.03 97.87
C THR G 1031 8.80 -124.00 97.91
N LYS G 1032 8.63 -122.84 97.28
CA LYS G 1032 9.70 -121.86 97.37
C LYS G 1032 9.88 -121.44 98.83
N ARG G 1033 8.76 -121.23 99.53
CA ARG G 1033 8.83 -120.89 100.94
C ARG G 1033 9.33 -122.06 101.78
N SER G 1034 8.97 -123.29 101.43
CA SER G 1034 9.43 -124.41 102.25
C SER G 1034 10.94 -124.54 102.20
N ASN G 1035 11.49 -124.69 100.99
CA ASN G 1035 12.94 -124.93 100.80
C ASN G 1035 13.68 -123.69 101.28
N ARG G 1036 13.02 -122.53 101.16
CA ARG G 1036 13.64 -121.27 101.61
C ARG G 1036 13.85 -121.32 103.11
N ASP G 1037 13.02 -122.05 103.90
CA ASP G 1037 13.14 -121.91 105.33
C ASP G 1037 14.31 -122.73 105.87
N SER G 1038 14.61 -123.86 105.24
CA SER G 1038 15.74 -124.65 105.65
C SER G 1038 17.04 -123.86 105.46
N LEU G 1039 17.15 -123.16 104.32
CA LEU G 1039 18.31 -122.35 104.07
C LEU G 1039 18.38 -121.16 105.02
N CYS G 1040 17.24 -120.59 105.38
CA CYS G 1040 17.20 -119.52 106.39
C CYS G 1040 17.75 -120.05 107.70
N GLN G 1041 17.32 -121.25 108.12
CA GLN G 1041 17.84 -121.76 109.37
C GLN G 1041 19.32 -122.09 109.28
N ALA G 1042 19.79 -122.55 108.12
CA ALA G 1042 21.24 -122.74 107.96
C ALA G 1042 22.01 -121.44 108.17
N VAL G 1043 21.58 -120.38 107.51
CA VAL G 1043 22.25 -119.08 107.68
C VAL G 1043 22.10 -118.59 109.14
N ARG G 1044 20.95 -118.75 109.77
CA ARG G 1044 20.79 -118.33 111.16
C ARG G 1044 21.68 -119.16 112.09
N THR G 1045 21.91 -120.44 111.77
CA THR G 1045 22.84 -121.27 112.54
C THR G 1045 24.27 -120.68 112.48
N LEU G 1046 24.70 -120.26 111.28
CA LEU G 1046 26.03 -119.68 111.14
C LEU G 1046 26.15 -118.43 112.00
N LEU G 1047 25.12 -117.60 111.93
CA LEU G 1047 25.09 -116.38 112.74
C LEU G 1047 25.08 -116.69 114.24
N GLY G 1048 24.34 -117.72 114.61
CA GLY G 1048 24.28 -118.15 116.01
C GLY G 1048 25.64 -118.55 116.57
N TYR G 1049 26.46 -119.15 115.71
CA TYR G 1049 27.81 -119.53 116.12
C TYR G 1049 28.82 -118.39 116.11
N GLY G 1050 28.37 -117.18 115.76
CA GLY G 1050 29.21 -115.99 115.85
C GLY G 1050 29.78 -115.52 114.54
N TYR G 1051 29.41 -116.15 113.42
CA TYR G 1051 29.90 -115.69 112.10
C TYR G 1051 29.12 -114.44 111.67
N ASN G 1052 29.85 -113.51 111.08
CA ASN G 1052 29.22 -112.42 110.33
C ASN G 1052 29.14 -112.85 108.88
N ILE G 1053 28.07 -112.42 108.21
CA ILE G 1053 27.85 -112.70 106.80
C ILE G 1053 27.47 -111.37 106.15
N GLU G 1054 28.28 -110.89 105.20
CA GLU G 1054 28.04 -109.60 104.56
C GLU G 1054 28.23 -109.69 103.05
N SER G 1067 11.22 -106.09 72.01
CA SER G 1067 12.12 -105.22 71.27
C SER G 1067 12.07 -103.81 71.83
N ARG G 1068 12.89 -102.92 71.25
CA ARG G 1068 12.95 -101.55 71.74
C ARG G 1068 11.67 -100.77 71.43
N TRP G 1069 10.96 -101.15 70.36
CA TRP G 1069 9.81 -100.39 69.89
C TRP G 1069 8.49 -100.91 70.45
N ASP G 1070 8.37 -102.21 70.67
CA ASP G 1070 7.12 -102.79 71.18
C ASP G 1070 7.07 -102.65 72.70
N ARG G 1071 7.25 -101.43 73.20
CA ARG G 1071 7.20 -101.14 74.63
C ARG G 1071 6.17 -100.09 74.99
N VAL G 1072 6.02 -99.04 74.19
CA VAL G 1072 5.10 -97.95 74.47
C VAL G 1072 4.09 -97.87 73.32
N ARG G 1073 2.81 -97.77 73.67
CA ARG G 1073 1.74 -97.68 72.69
C ARG G 1073 1.02 -96.36 72.84
N ILE G 1074 1.03 -95.55 71.77
CA ILE G 1074 0.51 -94.19 71.77
C ILE G 1074 -0.86 -94.17 71.10
N PHE G 1075 -1.83 -93.57 71.80
CA PHE G 1075 -3.20 -93.37 71.32
C PHE G 1075 -3.47 -91.88 71.21
N ARG G 1076 -4.03 -91.44 70.08
CA ARG G 1076 -4.35 -90.03 69.89
C ARG G 1076 -5.64 -89.89 69.09
N ALA G 1077 -6.26 -88.73 69.23
CA ALA G 1077 -7.44 -88.40 68.45
C ALA G 1077 -7.08 -88.11 66.99
N GLU G 1078 -8.09 -88.12 66.13
CA GLU G 1078 -7.90 -87.79 64.73
C GLU G 1078 -7.61 -86.32 64.54
N LYS G 1079 -6.89 -86.00 63.47
CA LYS G 1079 -6.49 -84.62 63.19
C LYS G 1079 -7.67 -83.72 62.85
N SER G 1080 -8.80 -84.27 62.41
CA SER G 1080 -9.96 -83.46 62.10
C SER G 1080 -10.60 -82.82 63.32
N TYR G 1081 -10.25 -83.26 64.53
CA TYR G 1081 -10.78 -82.70 65.76
C TYR G 1081 -9.86 -81.65 66.38
N THR G 1082 -8.90 -81.14 65.61
CA THR G 1082 -7.96 -80.16 66.14
C THR G 1082 -8.70 -78.91 66.62
N VAL G 1083 -8.34 -78.45 67.81
CA VAL G 1083 -8.93 -77.28 68.44
C VAL G 1083 -7.88 -76.17 68.49
N GLN G 1084 -8.27 -74.97 68.10
CA GLN G 1084 -7.39 -73.81 68.13
C GLN G 1084 -7.87 -72.70 69.06
N SER G 1085 -8.96 -72.91 69.78
CA SER G 1085 -9.48 -71.88 70.68
C SER G 1085 -10.38 -72.54 71.72
N GLY G 1086 -10.70 -71.78 72.76
CA GLY G 1086 -11.62 -72.22 73.78
C GLY G 1086 -10.94 -72.94 74.94
N ARG G 1087 -11.80 -73.43 75.83
CA ARG G 1087 -11.38 -74.17 77.01
C ARG G 1087 -11.98 -75.56 76.98
N TRP G 1088 -11.12 -76.57 77.16
CA TRP G 1088 -11.51 -77.96 76.97
C TRP G 1088 -11.06 -78.82 78.15
N TYR G 1089 -11.77 -79.92 78.35
CA TYR G 1089 -11.60 -80.81 79.51
C TYR G 1089 -11.76 -82.26 79.09
N PHE G 1090 -10.94 -83.14 79.65
CA PHE G 1090 -11.16 -84.57 79.50
C PHE G 1090 -10.51 -85.32 80.66
N GLU G 1091 -10.93 -86.57 80.85
CA GLU G 1091 -10.48 -87.37 81.98
C GLU G 1091 -9.75 -88.62 81.51
N PHE G 1092 -8.79 -89.08 82.32
CA PHE G 1092 -8.08 -90.32 82.07
C PHE G 1092 -7.98 -91.10 83.37
N GLU G 1093 -8.55 -92.30 83.41
CA GLU G 1093 -8.52 -93.14 84.60
C GLU G 1093 -7.41 -94.17 84.46
N ALA G 1094 -6.55 -94.26 85.47
CA ALA G 1094 -5.43 -95.19 85.47
C ALA G 1094 -5.84 -96.48 86.19
N VAL G 1095 -6.21 -97.51 85.44
CA VAL G 1095 -6.55 -98.78 86.08
C VAL G 1095 -5.34 -99.35 86.79
N THR G 1096 -4.18 -99.30 86.13
CA THR G 1096 -2.92 -99.73 86.71
C THR G 1096 -2.14 -98.51 87.21
N THR G 1097 -0.97 -98.76 87.78
CA THR G 1097 -0.13 -97.71 88.35
C THR G 1097 1.24 -97.63 87.70
N GLY G 1098 1.44 -98.31 86.57
CA GLY G 1098 2.73 -98.36 85.92
C GLY G 1098 3.04 -97.12 85.10
N GLU G 1099 3.79 -97.31 84.03
CA GLU G 1099 4.28 -96.22 83.20
C GLU G 1099 3.16 -95.76 82.27
N MET G 1100 2.54 -94.62 82.60
CA MET G 1100 1.55 -94.03 81.72
C MET G 1100 1.71 -92.51 81.71
N ARG G 1101 1.54 -91.95 80.51
CA ARG G 1101 1.63 -90.51 80.29
C ARG G 1101 0.37 -90.05 79.59
N VAL G 1102 -0.10 -88.85 79.92
CA VAL G 1102 -1.32 -88.32 79.32
C VAL G 1102 -1.19 -86.81 79.18
N GLY G 1103 -1.72 -86.27 78.08
CA GLY G 1103 -1.64 -84.84 77.88
C GLY G 1103 -2.14 -84.35 76.53
N TRP G 1104 -1.47 -83.33 75.99
CA TRP G 1104 -1.85 -82.74 74.71
C TRP G 1104 -0.69 -82.78 73.75
N ALA G 1105 -0.98 -83.08 72.48
CA ALA G 1105 0.03 -83.22 71.44
C ALA G 1105 -0.40 -82.46 70.20
N ARG G 1106 0.59 -82.05 69.41
CA ARG G 1106 0.35 -81.39 68.15
C ARG G 1106 0.07 -82.42 67.06
N PRO G 1107 -0.59 -82.00 65.97
CA PRO G 1107 -0.96 -82.98 64.92
C PRO G 1107 0.22 -83.72 64.32
N GLU G 1108 1.39 -83.10 64.28
CA GLU G 1108 2.58 -83.68 63.66
C GLU G 1108 3.34 -84.61 64.59
N LEU G 1109 2.69 -85.14 65.62
CA LEU G 1109 3.37 -86.01 66.56
C LEU G 1109 3.95 -87.22 65.85
N ARG G 1110 5.18 -87.57 66.21
CA ARG G 1110 5.87 -88.70 65.60
C ARG G 1110 5.61 -89.97 66.39
N PRO G 1111 5.28 -91.09 65.73
CA PRO G 1111 4.90 -92.29 66.49
C PRO G 1111 6.06 -93.02 67.13
N ASP G 1112 7.29 -92.80 66.68
CA ASP G 1112 8.44 -93.55 67.16
C ASP G 1112 9.22 -92.82 68.25
N VAL G 1113 8.70 -91.70 68.75
CA VAL G 1113 9.35 -90.91 69.79
C VAL G 1113 8.47 -90.95 71.04
N GLU G 1114 9.09 -91.19 72.19
CA GLU G 1114 8.37 -91.18 73.45
C GLU G 1114 7.78 -89.79 73.70
N LEU G 1115 6.58 -89.76 74.27
CA LEU G 1115 5.90 -88.49 74.50
C LEU G 1115 6.71 -87.59 75.42
N GLY G 1116 6.82 -86.32 75.03
CA GLY G 1116 7.50 -85.33 75.82
C GLY G 1116 8.98 -85.20 75.58
N ALA G 1117 9.59 -86.13 74.85
CA ALA G 1117 11.01 -86.01 74.52
C ALA G 1117 11.29 -84.88 73.54
N ASP G 1118 10.26 -84.33 72.89
CA ASP G 1118 10.43 -83.24 71.96
C ASP G 1118 9.47 -82.10 72.26
N GLU G 1119 9.39 -81.12 71.37
CA GLU G 1119 8.56 -79.94 71.57
C GLU G 1119 7.13 -80.14 71.09
N LEU G 1120 6.78 -81.34 70.64
CA LEU G 1120 5.47 -81.59 70.04
C LEU G 1120 4.45 -82.12 71.04
N ALA G 1121 4.78 -82.19 72.33
CA ALA G 1121 3.85 -82.74 73.29
C ALA G 1121 4.07 -82.12 74.66
N TYR G 1122 2.97 -81.91 75.38
CA TYR G 1122 2.96 -81.45 76.77
C TYR G 1122 2.21 -82.53 77.55
N VAL G 1123 2.96 -83.42 78.22
CA VAL G 1123 2.33 -84.58 78.85
C VAL G 1123 2.70 -84.64 80.32
N PHE G 1124 1.89 -85.36 81.08
CA PHE G 1124 2.13 -85.62 82.49
C PHE G 1124 2.35 -87.12 82.67
N ASN G 1125 3.48 -87.47 83.29
CA ASN G 1125 3.87 -88.84 83.55
C ASN G 1125 3.46 -89.17 84.99
N GLY G 1126 2.50 -90.08 85.12
CA GLY G 1126 1.92 -90.39 86.42
C GLY G 1126 2.56 -91.50 87.22
N HIS G 1127 3.49 -92.27 86.65
CA HIS G 1127 4.16 -93.29 87.46
C HIS G 1127 4.96 -92.64 88.57
N ARG G 1128 5.66 -91.56 88.24
CA ARG G 1128 6.30 -90.67 89.20
C ARG G 1128 5.93 -89.27 88.75
N GLY G 1129 5.34 -88.48 89.65
CA GLY G 1129 4.79 -87.22 89.22
C GLY G 1129 5.80 -86.38 88.46
N GLN G 1130 5.64 -86.32 87.14
CA GLN G 1130 6.54 -85.51 86.32
C GLN G 1130 5.76 -84.85 85.21
N ARG G 1131 6.24 -83.69 84.76
CA ARG G 1131 5.72 -83.06 83.56
C ARG G 1131 6.79 -83.08 82.49
N TRP G 1132 6.39 -83.44 81.27
CA TRP G 1132 7.31 -83.68 80.17
C TRP G 1132 7.00 -82.72 79.03
N HIS G 1133 7.99 -81.88 78.71
CA HIS G 1133 7.99 -81.09 77.49
C HIS G 1133 9.44 -80.67 77.25
N LEU G 1134 10.07 -81.23 76.22
CA LEU G 1134 11.48 -80.98 75.95
C LEU G 1134 12.33 -81.28 77.18
N GLY G 1135 11.95 -82.33 77.90
CA GLY G 1135 12.62 -82.72 79.13
C GLY G 1135 11.62 -83.01 80.23
N SER G 1136 12.16 -83.45 81.37
CA SER G 1136 11.36 -83.84 82.52
C SER G 1136 11.67 -82.93 83.69
N GLU G 1137 10.63 -82.57 84.44
CA GLU G 1137 10.76 -81.81 85.67
C GLU G 1137 9.73 -82.29 86.68
N PRO G 1138 10.06 -82.28 87.97
CA PRO G 1138 9.12 -82.79 88.96
C PRO G 1138 7.83 -81.99 88.99
N PHE G 1139 6.72 -82.69 89.22
CA PHE G 1139 5.41 -82.04 89.25
C PHE G 1139 4.40 -82.99 89.88
N GLY G 1140 3.71 -82.51 90.90
CA GLY G 1140 2.66 -83.31 91.52
C GLY G 1140 3.21 -84.49 92.32
N ARG G 1141 2.35 -85.48 92.48
CA ARG G 1141 2.63 -86.68 93.25
C ARG G 1141 2.21 -87.91 92.47
N PRO G 1142 2.79 -89.06 92.75
CA PRO G 1142 2.39 -90.29 92.06
C PRO G 1142 0.95 -90.66 92.38
N TRP G 1143 0.30 -91.27 91.39
CA TRP G 1143 -1.13 -91.66 91.52
C TRP G 1143 -1.24 -93.07 92.07
N GLN G 1144 -2.45 -93.54 92.32
CA GLN G 1144 -2.76 -94.89 92.77
C GLN G 1144 -3.78 -95.50 91.83
N SER G 1145 -4.13 -96.76 92.08
CA SER G 1145 -5.08 -97.46 91.22
C SER G 1145 -6.44 -96.81 91.28
N GLY G 1146 -7.03 -96.56 90.11
CA GLY G 1146 -8.34 -95.96 90.01
C GLY G 1146 -8.35 -94.44 89.96
N ASP G 1147 -7.20 -93.80 90.08
CA ASP G 1147 -7.16 -92.34 90.07
C ASP G 1147 -7.48 -91.79 88.69
N VAL G 1148 -8.21 -90.68 88.67
CA VAL G 1148 -8.64 -90.02 87.44
C VAL G 1148 -7.91 -88.68 87.34
N VAL G 1149 -7.26 -88.45 86.21
CA VAL G 1149 -6.53 -87.22 85.93
C VAL G 1149 -7.36 -86.38 84.98
N GLY G 1150 -7.69 -85.16 85.40
CA GLY G 1150 -8.46 -84.24 84.59
C GLY G 1150 -7.60 -83.20 83.90
N CYS G 1151 -7.44 -83.38 82.59
CA CYS G 1151 -6.64 -82.48 81.75
C CYS G 1151 -7.49 -81.36 81.19
N MET G 1152 -7.12 -80.12 81.47
CA MET G 1152 -7.86 -78.93 81.04
C MET G 1152 -6.90 -78.02 80.29
N ILE G 1153 -7.32 -77.57 79.11
CA ILE G 1153 -6.53 -76.64 78.31
C ILE G 1153 -7.33 -75.36 78.06
N ASP G 1154 -6.66 -74.22 78.21
CA ASP G 1154 -7.24 -72.89 78.01
C ASP G 1154 -6.44 -72.19 76.93
N LEU G 1155 -7.04 -72.05 75.73
CA LEU G 1155 -6.36 -71.43 74.61
C LEU G 1155 -6.47 -69.92 74.61
N THR G 1156 -7.27 -69.32 75.50
CA THR G 1156 -7.33 -67.87 75.61
C THR G 1156 -6.26 -67.33 76.55
N GLU G 1157 -5.96 -68.08 77.61
CA GLU G 1157 -4.86 -67.75 78.51
C GLU G 1157 -3.60 -68.52 78.19
N ASN G 1158 -3.65 -69.44 77.21
CA ASN G 1158 -2.49 -70.23 76.82
C ASN G 1158 -1.91 -71.01 78.00
N THR G 1159 -2.75 -71.79 78.65
CA THR G 1159 -2.33 -72.55 79.83
C THR G 1159 -2.88 -73.96 79.80
N ILE G 1160 -2.16 -74.85 80.47
CA ILE G 1160 -2.57 -76.26 80.63
C ILE G 1160 -2.58 -76.58 82.12
N ILE G 1161 -3.69 -77.13 82.61
CA ILE G 1161 -3.89 -77.43 84.02
C ILE G 1161 -4.19 -78.91 84.15
N PHE G 1162 -3.50 -79.58 85.08
CA PHE G 1162 -3.74 -80.98 85.40
C PHE G 1162 -4.33 -81.08 86.80
N THR G 1163 -5.38 -81.86 86.94
CA THR G 1163 -6.01 -82.09 88.24
C THR G 1163 -5.99 -83.58 88.56
N LEU G 1164 -5.88 -83.90 89.86
CA LEU G 1164 -5.86 -85.27 90.34
C LEU G 1164 -6.99 -85.48 91.35
N ASN G 1165 -7.96 -86.30 90.98
CA ASN G 1165 -9.09 -86.63 91.86
C ASN G 1165 -9.82 -85.37 92.32
N GLY G 1166 -9.93 -84.40 91.42
CA GLY G 1166 -10.61 -83.15 91.72
C GLY G 1166 -9.75 -82.12 92.40
N GLU G 1167 -8.51 -82.45 92.75
CA GLU G 1167 -7.60 -81.54 93.42
C GLU G 1167 -6.57 -81.08 92.40
N VAL G 1168 -6.38 -79.76 92.28
CA VAL G 1168 -5.45 -79.22 91.32
C VAL G 1168 -4.03 -79.53 91.76
N LEU G 1169 -3.23 -80.05 90.85
CA LEU G 1169 -1.85 -80.39 91.17
C LEU G 1169 -1.03 -79.13 91.42
N MET G 1170 -0.01 -79.28 92.26
CA MET G 1170 0.79 -78.15 92.71
C MET G 1170 2.25 -78.42 92.39
N SER G 1171 2.94 -77.38 91.90
CA SER G 1171 4.36 -77.49 91.57
C SER G 1171 5.20 -77.23 92.83
N ASP G 1172 6.51 -77.10 92.65
CA ASP G 1172 7.40 -76.80 93.76
C ASP G 1172 7.47 -75.30 94.04
N SER G 1173 7.36 -74.47 93.02
CA SER G 1173 7.45 -73.03 93.15
C SER G 1173 6.10 -72.36 93.40
N GLY G 1174 5.03 -73.13 93.54
CA GLY G 1174 3.71 -72.58 93.78
C GLY G 1174 2.94 -72.21 92.55
N SER G 1175 3.48 -72.47 91.36
CA SER G 1175 2.77 -72.15 90.13
C SER G 1175 1.59 -73.10 89.94
N GLU G 1176 0.38 -72.54 89.81
CA GLU G 1176 -0.81 -73.33 89.63
C GLU G 1176 -0.95 -73.87 88.21
N THR G 1177 -0.11 -73.42 87.27
CA THR G 1177 -0.18 -73.86 85.89
C THR G 1177 1.09 -74.64 85.55
N ALA G 1178 0.92 -75.78 84.89
CA ALA G 1178 2.07 -76.60 84.51
C ALA G 1178 2.86 -75.93 83.39
N PHE G 1179 2.17 -75.39 82.39
CA PHE G 1179 2.82 -74.75 81.26
C PHE G 1179 2.12 -73.43 80.95
N ARG G 1180 2.90 -72.47 80.47
CA ARG G 1180 2.39 -71.14 80.17
C ARG G 1180 3.02 -70.63 78.89
N GLU G 1181 2.39 -69.64 78.28
CA GLU G 1181 2.87 -69.02 77.05
C GLU G 1181 3.03 -70.06 75.95
N ILE G 1182 2.04 -70.94 75.82
CA ILE G 1182 2.06 -71.96 74.77
C ILE G 1182 1.54 -71.34 73.48
N GLU G 1183 2.25 -71.57 72.39
CA GLU G 1183 1.88 -71.01 71.09
C GLU G 1183 0.70 -71.77 70.50
N ILE G 1184 -0.19 -71.04 69.84
CA ILE G 1184 -1.38 -71.66 69.26
C ILE G 1184 -0.98 -72.59 68.12
N GLY G 1185 -0.37 -72.03 67.08
CA GLY G 1185 0.08 -72.83 65.96
C GLY G 1185 -1.05 -73.58 65.30
N ASP G 1186 -0.80 -74.87 65.01
CA ASP G 1186 -1.80 -75.69 64.35
C ASP G 1186 -2.96 -76.05 65.28
N GLY G 1187 -2.67 -76.24 66.57
CA GLY G 1187 -3.65 -76.64 67.55
C GLY G 1187 -3.12 -77.77 68.41
N PHE G 1188 -4.03 -78.40 69.15
CA PHE G 1188 -3.65 -79.43 70.11
C PHE G 1188 -4.68 -80.57 70.05
N LEU G 1189 -4.21 -81.76 70.40
CA LEU G 1189 -5.05 -82.95 70.43
C LEU G 1189 -4.78 -83.74 71.71
N PRO G 1190 -5.80 -84.32 72.31
CA PRO G 1190 -5.57 -85.23 73.45
C PRO G 1190 -4.75 -86.44 73.03
N VAL G 1191 -3.85 -86.86 73.91
CA VAL G 1191 -2.90 -87.93 73.60
C VAL G 1191 -2.59 -88.68 74.88
N CYS G 1192 -2.29 -89.97 74.74
CA CYS G 1192 -1.85 -90.77 75.88
C CYS G 1192 -0.94 -91.88 75.40
N SER G 1193 -0.03 -92.29 76.29
CA SER G 1193 0.89 -93.37 76.01
C SER G 1193 0.90 -94.34 77.18
N LEU G 1194 0.93 -95.63 76.86
CA LEU G 1194 0.90 -96.70 77.85
C LEU G 1194 2.11 -97.60 77.69
N GLY G 1195 2.72 -97.98 78.81
CA GLY G 1195 3.79 -98.94 78.79
C GLY G 1195 3.27 -100.37 78.80
N PRO G 1196 4.17 -101.34 78.98
CA PRO G 1196 3.74 -102.75 78.97
C PRO G 1196 2.88 -103.09 80.19
N GLY G 1197 1.77 -103.77 79.93
CA GLY G 1197 0.91 -104.22 81.01
C GLY G 1197 0.10 -103.14 81.67
N GLN G 1198 -0.15 -102.03 80.99
CA GLN G 1198 -0.86 -100.89 81.56
C GLN G 1198 -2.26 -100.80 80.96
N VAL G 1199 -3.24 -100.45 81.79
CA VAL G 1199 -4.64 -100.35 81.39
C VAL G 1199 -5.17 -98.97 81.77
N GLY G 1200 -5.81 -98.31 80.82
CA GLY G 1200 -6.38 -97.00 81.09
C GLY G 1200 -7.68 -96.75 80.37
N HIS G 1201 -8.52 -95.91 80.96
CA HIS G 1201 -9.81 -95.53 80.41
C HIS G 1201 -9.76 -94.06 80.03
N LEU G 1202 -10.04 -93.76 78.77
CA LEU G 1202 -10.05 -92.38 78.29
C LEU G 1202 -11.49 -91.91 78.13
N ASN G 1203 -11.84 -90.80 78.77
CA ASN G 1203 -13.19 -90.24 78.73
C ASN G 1203 -13.10 -88.83 78.17
N LEU G 1204 -13.59 -88.67 76.95
CA LEU G 1204 -13.61 -87.38 76.27
C LEU G 1204 -14.86 -86.56 76.62
N GLY G 1205 -15.73 -87.09 77.46
CA GLY G 1205 -16.87 -86.32 77.94
C GLY G 1205 -18.02 -86.22 76.96
N GLN G 1206 -18.24 -87.25 76.14
CA GLN G 1206 -19.42 -87.25 75.28
C GLN G 1206 -20.70 -87.27 76.10
N ASP G 1207 -20.70 -88.04 77.20
CA ASP G 1207 -21.79 -88.07 78.15
C ASP G 1207 -21.34 -87.30 79.39
N VAL G 1208 -21.93 -86.12 79.60
CA VAL G 1208 -21.50 -85.25 80.69
C VAL G 1208 -21.75 -85.90 82.04
N SER G 1209 -22.76 -86.76 82.15
CA SER G 1209 -23.03 -87.43 83.41
C SER G 1209 -21.98 -88.47 83.77
N SER G 1210 -21.23 -88.96 82.78
CA SER G 1210 -20.20 -89.97 83.07
C SER G 1210 -18.98 -89.37 83.75
N LEU G 1211 -18.75 -88.07 83.60
CA LEU G 1211 -17.62 -87.43 84.24
C LEU G 1211 -17.79 -87.43 85.75
N ARG G 1212 -16.70 -87.71 86.46
CA ARG G 1212 -16.77 -87.91 87.91
C ARG G 1212 -16.33 -86.69 88.71
N PHE G 1213 -15.54 -85.78 88.13
CA PHE G 1213 -15.06 -84.60 88.84
C PHE G 1213 -15.21 -83.32 88.03
N PHE G 1214 -15.93 -83.36 86.92
CA PHE G 1214 -16.10 -82.16 86.11
C PHE G 1214 -16.84 -81.07 86.87
N ALA G 1215 -17.88 -81.45 87.61
CA ALA G 1215 -18.59 -80.48 88.42
C ALA G 1215 -17.74 -79.99 89.58
N ILE G 1216 -16.92 -80.87 90.15
CA ILE G 1216 -16.10 -80.49 91.30
C ILE G 1216 -15.07 -79.44 90.87
N CYS G 1217 -14.42 -79.66 89.73
CA CYS G 1217 -13.39 -78.73 89.27
C CYS G 1217 -13.41 -78.69 87.75
N GLY G 1218 -13.84 -77.55 87.20
CA GLY G 1218 -13.85 -77.37 85.75
C GLY G 1218 -15.14 -76.75 85.26
N LEU G 1219 -16.24 -77.05 85.94
CA LEU G 1219 -17.53 -76.56 85.51
C LEU G 1219 -17.65 -75.05 85.67
N GLN G 1220 -17.31 -74.53 86.85
CA GLN G 1220 -17.50 -73.11 87.13
C GLN G 1220 -16.47 -72.23 86.47
N GLU G 1221 -15.35 -72.79 86.00
CA GLU G 1221 -14.31 -72.02 85.35
C GLU G 1221 -14.57 -71.82 83.87
N GLY G 1222 -15.63 -72.39 83.33
CA GLY G 1222 -15.97 -72.21 81.93
C GLY G 1222 -15.48 -73.30 81.00
N PHE G 1223 -14.94 -74.39 81.54
CA PHE G 1223 -14.42 -75.47 80.70
C PHE G 1223 -15.55 -76.33 80.18
N GLU G 1224 -15.41 -76.83 78.96
CA GLU G 1224 -16.38 -77.69 78.33
C GLU G 1224 -15.77 -79.04 78.00
N PRO G 1225 -16.56 -80.11 77.98
CA PRO G 1225 -16.05 -81.40 77.54
C PRO G 1225 -15.56 -81.34 76.10
N PHE G 1226 -14.50 -82.10 75.82
CA PHE G 1226 -13.88 -82.05 74.50
C PHE G 1226 -14.82 -82.53 73.41
N ALA G 1227 -15.75 -83.43 73.74
CA ALA G 1227 -16.63 -84.04 72.76
C ALA G 1227 -18.09 -83.81 73.11
N ILE G 1228 -18.42 -82.58 73.52
CA ILE G 1228 -19.79 -82.23 73.84
C ILE G 1228 -20.55 -81.99 72.55
N ASN G 1229 -21.80 -82.43 72.49
CA ASN G 1229 -22.64 -82.26 71.31
C ASN G 1229 -21.98 -82.91 70.09
N MET G 1230 -21.92 -84.23 70.14
CA MET G 1230 -21.32 -85.03 69.08
C MET G 1230 -22.16 -86.28 68.89
N GLN G 1231 -22.47 -86.60 67.64
CA GLN G 1231 -23.36 -87.71 67.34
C GLN G 1231 -22.66 -89.06 67.47
N ARG G 1232 -21.38 -89.13 67.15
CA ARG G 1232 -20.66 -90.40 67.14
C ARG G 1232 -19.37 -90.29 67.94
N PRO G 1233 -18.89 -91.41 68.48
CA PRO G 1233 -17.63 -91.39 69.24
C PRO G 1233 -16.46 -90.92 68.38
N VAL G 1234 -15.51 -90.27 69.04
CA VAL G 1234 -14.33 -89.74 68.36
C VAL G 1234 -13.45 -90.89 67.87
N THR G 1235 -13.09 -90.86 66.60
CA THR G 1235 -12.18 -91.86 66.03
C THR G 1235 -10.78 -91.68 66.59
N THR G 1236 -10.12 -92.80 66.90
CA THR G 1236 -8.80 -92.79 67.49
C THR G 1236 -7.79 -93.50 66.60
N TRP G 1237 -6.56 -93.00 66.60
CA TRP G 1237 -5.44 -93.59 65.89
C TRP G 1237 -4.40 -94.06 66.89
N PHE G 1238 -3.79 -95.22 66.62
CA PHE G 1238 -2.79 -95.79 67.50
C PHE G 1238 -1.51 -96.07 66.72
N SER G 1239 -0.39 -96.06 67.43
CA SER G 1239 0.90 -96.32 66.80
C SER G 1239 1.13 -97.83 66.65
N LYS G 1240 1.01 -98.33 65.43
CA LYS G 1240 1.18 -99.74 65.13
C LYS G 1240 2.65 -100.02 64.85
N SER G 1241 3.23 -100.97 65.59
CA SER G 1241 4.63 -101.34 65.46
C SER G 1241 4.86 -102.42 64.41
N LEU G 1242 4.34 -102.19 63.21
CA LEU G 1242 4.55 -103.12 62.10
C LEU G 1242 5.48 -102.50 61.07
N PRO G 1243 6.69 -103.00 60.88
CA PRO G 1243 7.62 -102.37 59.94
C PRO G 1243 7.06 -102.32 58.52
N GLN G 1244 7.31 -101.19 57.86
CA GLN G 1244 6.87 -100.97 56.49
C GLN G 1244 7.97 -100.23 55.73
N PHE G 1245 8.03 -100.45 54.42
CA PHE G 1245 8.98 -99.76 53.56
C PHE G 1245 8.40 -98.43 53.11
N GLU G 1246 9.15 -97.35 53.35
CA GLU G 1246 8.74 -96.02 52.97
C GLU G 1246 9.86 -95.30 52.23
N PRO G 1247 9.54 -94.35 51.37
CA PRO G 1247 10.58 -93.62 50.64
C PRO G 1247 11.51 -92.87 51.58
N VAL G 1248 12.78 -92.81 51.20
CA VAL G 1248 13.77 -92.08 51.98
C VAL G 1248 13.46 -90.58 51.92
N PRO G 1249 13.30 -89.89 53.05
CA PRO G 1249 13.01 -88.46 53.00
C PRO G 1249 14.12 -87.70 52.28
N PRO G 1250 13.78 -86.69 51.47
CA PRO G 1250 14.83 -85.92 50.80
C PRO G 1250 15.73 -85.16 51.74
N GLU G 1251 15.29 -84.89 52.97
CA GLU G 1251 16.04 -84.09 53.93
C GLU G 1251 16.51 -84.92 55.12
N HIS G 1252 16.75 -86.21 54.91
CA HIS G 1252 17.17 -87.05 56.01
C HIS G 1252 18.54 -86.58 56.52
N PRO G 1253 18.70 -86.40 57.83
CA PRO G 1253 19.98 -85.85 58.33
C PRO G 1253 21.19 -86.73 58.05
N HIS G 1254 21.01 -88.03 57.88
CA HIS G 1254 22.13 -88.95 57.78
C HIS G 1254 22.32 -89.59 56.42
N TYR G 1255 21.25 -89.75 55.64
CA TYR G 1255 21.28 -90.55 54.41
C TYR G 1255 20.92 -89.70 53.21
N GLU G 1256 21.73 -89.79 52.16
CA GLU G 1256 21.49 -89.06 50.92
C GLU G 1256 21.57 -90.02 49.74
N VAL G 1257 20.64 -89.88 48.80
CA VAL G 1257 20.59 -90.70 47.60
C VAL G 1257 20.75 -89.81 46.37
N ALA G 1258 21.72 -90.12 45.53
CA ALA G 1258 22.00 -89.35 44.33
C ALA G 1258 21.71 -90.18 43.08
N ARG G 1259 20.93 -89.62 42.16
CA ARG G 1259 20.59 -90.27 40.91
C ARG G 1259 21.62 -89.92 39.83
N MET G 1260 22.45 -90.89 39.45
CA MET G 1260 23.50 -90.67 38.47
C MET G 1260 23.02 -91.09 37.09
N ASP G 1261 23.19 -90.20 36.12
CA ASP G 1261 22.81 -90.50 34.75
C ASP G 1261 23.83 -91.46 34.12
N GLY G 1262 23.35 -92.22 33.14
CA GLY G 1262 24.18 -93.18 32.45
C GLY G 1262 25.07 -92.55 31.40
N THR G 1263 26.37 -92.74 31.52
CA THR G 1263 27.34 -92.20 30.57
C THR G 1263 27.52 -93.19 29.42
N VAL G 1264 28.52 -92.94 28.58
CA VAL G 1264 28.79 -93.82 27.45
C VAL G 1264 29.24 -95.19 27.92
N ASP G 1265 30.04 -95.23 28.99
CA ASP G 1265 30.63 -96.47 29.47
C ASP G 1265 30.02 -96.97 30.77
N THR G 1266 29.08 -96.23 31.36
CA THR G 1266 28.48 -96.64 32.61
C THR G 1266 26.96 -96.59 32.49
N PRO G 1267 26.26 -97.51 33.16
CA PRO G 1267 24.81 -97.49 33.15
C PRO G 1267 24.26 -96.57 34.24
N PRO G 1268 22.96 -96.32 34.25
CA PRO G 1268 22.38 -95.53 35.33
C PRO G 1268 22.62 -96.18 36.69
N CYS G 1269 22.84 -95.33 37.69
CA CYS G 1269 23.14 -95.81 39.04
C CYS G 1269 22.38 -95.01 40.07
N LEU G 1270 22.17 -95.64 41.23
CA LEU G 1270 21.60 -95.01 42.42
C LEU G 1270 22.59 -95.18 43.57
N ARG G 1271 23.38 -94.16 43.86
CA ARG G 1271 24.47 -94.29 44.84
C ARG G 1271 23.97 -93.77 46.19
N LEU G 1272 24.26 -94.53 47.25
CA LEU G 1272 23.91 -94.12 48.60
C LEU G 1272 25.15 -93.62 49.32
N ALA G 1273 25.03 -92.45 49.96
CA ALA G 1273 26.15 -91.87 50.70
C ALA G 1273 25.75 -91.45 52.10
N HIS G 1274 26.67 -91.60 53.04
CA HIS G 1274 26.48 -91.19 54.43
C HIS G 1274 26.99 -89.77 54.58
N ARG G 1275 26.11 -88.83 54.91
CA ARG G 1275 26.48 -87.42 54.93
C ARG G 1275 27.01 -86.94 56.28
N THR G 1276 27.10 -87.83 57.28
CA THR G 1276 27.60 -87.41 58.59
C THR G 1276 28.58 -88.41 59.19
N TRP G 1277 29.23 -89.23 58.37
CA TRP G 1277 30.16 -90.23 58.88
C TRP G 1277 31.37 -89.57 59.51
N GLY G 1278 31.84 -90.15 60.61
CA GLY G 1278 33.03 -89.69 61.29
C GLY G 1278 32.80 -88.61 62.33
N SER G 1279 31.82 -87.74 62.12
CA SER G 1279 31.57 -86.65 63.04
C SER G 1279 30.83 -87.14 64.28
N GLN G 1280 30.79 -86.29 65.30
CA GLN G 1280 30.06 -86.62 66.51
C GLN G 1280 28.58 -86.76 66.21
N ASN G 1281 27.91 -87.59 67.01
CA ASN G 1281 26.48 -87.86 66.94
C ASN G 1281 26.09 -88.63 65.69
N SER G 1282 27.06 -89.14 64.93
CA SER G 1282 26.75 -89.92 63.75
C SER G 1282 25.98 -91.18 64.14
N LEU G 1283 24.98 -91.52 63.33
CA LEU G 1283 24.13 -92.69 63.56
C LEU G 1283 24.60 -93.84 62.68
N VAL G 1284 24.94 -94.96 63.32
CA VAL G 1284 25.39 -96.16 62.63
C VAL G 1284 24.47 -97.31 63.04
N GLU G 1285 23.72 -97.85 62.08
CA GLU G 1285 22.81 -98.93 62.35
C GLU G 1285 22.47 -99.65 61.05
N MET G 1286 21.88 -100.84 61.20
CA MET G 1286 21.49 -101.65 60.06
C MET G 1286 20.47 -100.93 59.19
N LEU G 1287 20.69 -100.94 57.88
CA LEU G 1287 19.85 -100.27 56.92
C LEU G 1287 19.26 -101.27 55.94
N PHE G 1288 17.94 -101.27 55.81
CA PHE G 1288 17.21 -102.19 54.93
C PHE G 1288 16.63 -101.37 53.78
N LEU G 1289 17.19 -101.54 52.59
CA LEU G 1289 16.79 -100.79 51.41
C LEU G 1289 16.19 -101.71 50.35
N ARG G 1290 15.26 -101.19 49.58
CA ARG G 1290 14.71 -101.92 48.45
C ARG G 1290 14.27 -100.96 47.37
N LEU G 1291 14.16 -101.47 46.15
CA LEU G 1291 13.63 -100.68 45.04
C LEU G 1291 12.11 -100.66 45.07
N SER G 1292 11.55 -99.60 44.51
CA SER G 1292 10.10 -99.38 44.61
C SER G 1292 9.28 -100.33 43.74
N LEU G 1293 9.90 -100.99 42.75
CA LEU G 1293 9.11 -101.79 41.82
C LEU G 1293 9.55 -103.25 41.82
N PRO G 1294 8.61 -104.19 41.75
CA PRO G 1294 8.96 -105.61 41.75
C PRO G 1294 9.06 -106.18 40.34
N VAL G 1295 9.60 -107.40 40.27
CA VAL G 1295 9.57 -108.22 39.07
C VAL G 1295 8.67 -109.42 39.34
N GLN G 1296 7.77 -109.70 38.41
CA GLN G 1296 6.77 -110.76 38.55
C GLN G 1296 7.09 -111.89 37.60
N PHE G 1297 7.19 -113.10 38.14
CA PHE G 1297 7.46 -114.27 37.31
C PHE G 1297 6.24 -114.67 36.50
N HIS G 1298 6.47 -115.38 35.41
CA HIS G 1298 5.40 -115.76 34.49
C HIS G 1298 4.45 -116.74 35.16
N GLN G 1299 3.21 -116.75 34.66
CA GLN G 1299 2.18 -117.61 35.24
C GLN G 1299 2.50 -119.08 35.04
N HIS G 1300 2.98 -119.45 33.86
CA HIS G 1300 3.25 -120.84 33.52
C HIS G 1300 4.70 -121.03 33.10
N PHE G 1301 5.33 -122.07 33.60
CA PHE G 1301 6.70 -122.42 33.26
C PHE G 1301 6.73 -123.40 32.10
N ARG G 1302 7.84 -123.39 31.37
CA ARG G 1302 8.03 -124.32 30.27
C ARG G 1302 8.18 -125.74 30.81
N CYS G 1303 8.35 -126.69 29.90
CA CYS G 1303 8.53 -128.09 30.28
C CYS G 1303 9.84 -128.28 31.04
N ASN G 1420 30.72 -108.84 22.34
CA ASN G 1420 30.25 -107.60 22.93
C ASN G 1420 29.03 -107.06 22.18
N ARG G 1421 28.63 -107.75 21.12
CA ARG G 1421 27.48 -107.37 20.32
C ARG G 1421 26.37 -108.38 20.51
N ASP G 1422 25.16 -107.89 20.81
CA ASP G 1422 24.03 -108.77 21.09
C ASP G 1422 23.47 -109.35 19.80
N ASP G 1423 23.12 -110.63 19.85
CA ASP G 1423 22.41 -111.26 18.75
C ASP G 1423 20.95 -110.80 18.77
N PRO G 1424 20.45 -110.19 17.69
CA PRO G 1424 19.09 -109.62 17.77
C PRO G 1424 17.99 -110.62 18.07
N GLU G 1425 18.08 -111.85 17.55
CA GLU G 1425 17.00 -112.81 17.81
C GLU G 1425 17.09 -113.37 19.22
N ILE G 1426 18.30 -113.56 19.74
CA ILE G 1426 18.41 -114.07 21.10
C ILE G 1426 17.96 -112.99 22.06
N ILE G 1427 18.41 -111.76 21.85
CA ILE G 1427 18.09 -110.69 22.78
C ILE G 1427 16.60 -110.40 22.73
N LEU G 1428 15.95 -110.65 21.58
CA LEU G 1428 14.51 -110.43 21.46
C LEU G 1428 13.68 -111.61 21.94
N ASN G 1429 14.29 -112.78 22.17
CA ASN G 1429 13.55 -113.93 22.67
C ASN G 1429 13.96 -114.35 24.08
N THR G 1430 14.93 -113.68 24.70
CA THR G 1430 15.40 -114.07 26.02
C THR G 1430 14.43 -113.62 27.12
N THR G 1431 14.45 -114.36 28.24
CA THR G 1431 13.65 -114.05 29.41
C THR G 1431 14.53 -113.86 30.66
N THR G 1432 15.82 -113.61 30.48
CA THR G 1432 16.76 -113.43 31.57
C THR G 1432 17.05 -111.94 31.77
N TYR G 1433 16.99 -111.49 33.02
CA TYR G 1433 17.21 -110.10 33.37
C TYR G 1433 18.32 -110.00 34.43
N TYR G 1434 19.03 -108.88 34.40
CA TYR G 1434 20.26 -108.70 35.16
C TYR G 1434 20.25 -107.35 35.88
N TYR G 1435 20.83 -107.32 37.08
CA TYR G 1435 21.13 -106.04 37.72
C TYR G 1435 22.27 -106.26 38.71
N SER G 1436 23.05 -105.22 38.98
CA SER G 1436 24.23 -105.39 39.81
C SER G 1436 24.31 -104.32 40.89
N VAL G 1437 25.00 -104.65 41.97
CA VAL G 1437 25.23 -103.72 43.08
C VAL G 1437 26.72 -103.57 43.29
N ARG G 1438 27.20 -102.33 43.26
CA ARG G 1438 28.61 -102.03 43.47
C ARG G 1438 28.83 -101.53 44.89
N VAL G 1439 29.55 -102.32 45.70
CA VAL G 1439 29.94 -101.91 47.03
C VAL G 1439 31.31 -101.23 46.90
N PHE G 1440 31.38 -99.96 47.27
CA PHE G 1440 32.60 -99.19 47.11
C PHE G 1440 33.70 -99.69 48.04
N ALA G 1441 34.94 -99.47 47.63
CA ALA G 1441 36.09 -99.79 48.46
C ALA G 1441 36.05 -98.99 49.75
N GLY G 1442 36.33 -99.66 50.87
CA GLY G 1442 36.25 -99.09 52.19
C GLY G 1442 35.09 -99.64 53.01
N GLN G 1443 33.99 -100.01 52.35
CA GLN G 1443 32.88 -100.64 53.03
C GLN G 1443 33.14 -102.14 53.14
N GLU G 1444 33.01 -102.67 54.33
CA GLU G 1444 33.35 -104.07 54.58
C GLU G 1444 32.37 -104.98 53.84
N PRO G 1445 32.85 -105.87 52.97
CA PRO G 1445 31.93 -106.83 52.31
C PRO G 1445 31.20 -107.73 53.29
N SER G 1446 31.78 -107.99 54.46
CA SER G 1446 31.15 -108.85 55.45
C SER G 1446 29.88 -108.26 56.03
N CYS G 1447 29.61 -106.97 55.81
CA CYS G 1447 28.41 -106.33 56.33
C CYS G 1447 27.39 -105.99 55.23
N VAL G 1448 27.44 -106.67 54.10
CA VAL G 1448 26.54 -106.39 52.98
C VAL G 1448 25.86 -107.69 52.55
N TRP G 1449 24.54 -107.64 52.41
CA TRP G 1449 23.75 -108.73 51.85
C TRP G 1449 22.97 -108.22 50.65
N VAL G 1450 23.07 -108.92 49.53
CA VAL G 1450 22.48 -108.51 48.27
C VAL G 1450 21.59 -109.63 47.76
N GLY G 1451 20.37 -109.27 47.32
CA GLY G 1451 19.47 -110.25 46.76
C GLY G 1451 18.07 -109.72 46.51
N TRP G 1452 17.05 -110.49 46.89
CA TRP G 1452 15.66 -110.13 46.65
C TRP G 1452 14.86 -110.40 47.92
N VAL G 1453 13.76 -109.67 48.07
CA VAL G 1453 12.83 -109.86 49.16
C VAL G 1453 11.41 -109.92 48.61
N THR G 1454 10.60 -110.79 49.20
CA THR G 1454 9.17 -110.83 48.90
C THR G 1454 8.45 -109.67 49.57
N PRO G 1455 7.27 -109.30 49.09
CA PRO G 1455 6.55 -108.15 49.67
C PRO G 1455 6.09 -108.34 51.10
N ASP G 1456 6.30 -109.51 51.70
CA ASP G 1456 5.86 -109.80 53.06
C ASP G 1456 7.03 -109.91 54.03
N TYR G 1457 8.03 -109.06 53.86
CA TYR G 1457 9.18 -109.01 54.75
C TYR G 1457 8.99 -107.88 55.76
N HIS G 1458 8.89 -108.24 57.04
CA HIS G 1458 8.72 -107.27 58.11
C HIS G 1458 9.57 -107.65 59.32
N GLN G 1459 10.82 -108.04 59.08
CA GLN G 1459 11.66 -108.54 60.17
C GLN G 1459 12.32 -107.39 60.94
N HIS G 1460 13.17 -106.62 60.26
CA HIS G 1460 13.85 -105.47 60.87
C HIS G 1460 14.64 -105.89 62.12
N ASP G 1461 15.65 -106.72 61.90
CA ASP G 1461 16.49 -107.23 62.98
C ASP G 1461 17.81 -106.45 63.01
N MET G 1462 18.16 -105.95 64.19
CA MET G 1462 19.41 -105.22 64.36
C MET G 1462 20.64 -106.11 64.40
N ASN G 1463 20.46 -107.42 64.47
CA ASN G 1463 21.56 -108.39 64.43
C ASN G 1463 21.34 -109.41 63.32
N PHE G 1464 21.03 -108.89 62.13
CA PHE G 1464 20.61 -109.74 61.03
C PHE G 1464 21.74 -110.64 60.56
N ASP G 1465 21.38 -111.89 60.26
CA ASP G 1465 22.32 -112.90 59.72
C ASP G 1465 21.48 -113.74 58.76
N LEU G 1466 22.11 -114.54 57.90
CA LEU G 1466 21.38 -115.43 57.00
C LEU G 1466 20.73 -116.60 57.73
N SER G 1467 21.13 -116.86 58.97
CA SER G 1467 20.49 -117.92 59.74
C SER G 1467 19.13 -117.52 60.30
N LYS G 1468 18.84 -116.22 60.38
CA LYS G 1468 17.56 -115.75 60.87
C LYS G 1468 16.48 -115.72 59.78
N VAL G 1469 16.83 -115.99 58.53
CA VAL G 1469 15.85 -115.93 57.45
C VAL G 1469 14.82 -117.03 57.64
N ARG G 1470 13.55 -116.66 57.54
CA ARG G 1470 12.47 -117.64 57.69
C ARG G 1470 12.47 -118.61 56.52
N ALA G 1471 12.26 -119.89 56.82
CA ALA G 1471 12.26 -120.94 55.83
C ALA G 1471 11.30 -122.04 56.27
N VAL G 1472 10.72 -122.74 55.30
CA VAL G 1472 9.83 -123.85 55.61
C VAL G 1472 9.68 -124.73 54.38
N THR G 1473 9.62 -126.04 54.59
CA THR G 1473 9.46 -127.01 53.53
C THR G 1473 8.10 -127.70 53.66
N VAL G 1474 7.32 -127.65 52.58
CA VAL G 1474 6.03 -128.33 52.49
C VAL G 1474 6.23 -129.60 51.68
N THR G 1475 5.97 -130.74 52.31
CA THR G 1475 6.20 -132.06 51.74
C THR G 1475 4.87 -132.79 51.56
N MET G 1476 4.64 -133.28 50.35
CA MET G 1476 3.45 -134.04 50.00
C MET G 1476 3.83 -135.47 49.65
N GLY G 1477 2.91 -136.39 49.92
CA GLY G 1477 3.13 -137.80 49.67
C GLY G 1477 1.82 -138.48 49.36
N ASP G 1478 1.90 -139.77 49.06
CA ASP G 1478 0.70 -140.55 48.77
C ASP G 1478 0.17 -141.16 50.07
N GLU G 1479 -0.78 -142.08 49.95
CA GLU G 1479 -1.36 -142.72 51.12
C GLU G 1479 -0.32 -143.46 51.95
N GLN G 1480 0.79 -143.87 51.34
CA GLN G 1480 1.82 -144.64 52.04
C GLN G 1480 3.22 -144.05 51.87
N GLY G 1481 3.32 -142.74 51.68
CA GLY G 1481 4.62 -142.09 51.58
C GLY G 1481 4.98 -141.66 50.19
N ASN G 1482 6.14 -142.12 49.69
CA ASN G 1482 6.55 -141.86 48.32
C ASN G 1482 6.51 -140.37 48.00
N VAL G 1483 7.38 -139.62 48.68
CA VAL G 1483 7.40 -138.17 48.54
C VAL G 1483 7.47 -137.82 47.06
N HIS G 1484 6.45 -137.14 46.56
CA HIS G 1484 6.40 -136.69 45.18
C HIS G 1484 6.48 -135.17 45.01
N SER G 1485 6.50 -134.39 46.10
CA SER G 1485 6.60 -132.95 45.96
C SER G 1485 7.13 -132.35 47.26
N SER G 1486 8.22 -131.59 47.16
CA SER G 1486 8.85 -130.98 48.35
C SER G 1486 9.23 -129.55 47.98
N LEU G 1487 8.33 -128.61 48.26
CA LEU G 1487 8.59 -127.21 47.97
C LEU G 1487 9.20 -126.49 49.16
N LYS G 1488 10.04 -125.50 48.86
CA LYS G 1488 10.74 -124.71 49.87
C LYS G 1488 10.30 -123.26 49.77
N CYS G 1489 9.90 -122.67 50.90
CA CYS G 1489 9.34 -121.33 50.95
C CYS G 1489 10.18 -120.46 51.86
N SER G 1490 10.41 -119.22 51.43
CA SER G 1490 11.14 -118.22 52.20
C SER G 1490 10.75 -116.85 51.68
N ASN G 1491 11.05 -115.82 52.48
CA ASN G 1491 10.76 -114.44 52.11
C ASN G 1491 12.00 -113.62 51.78
N CYS G 1492 13.19 -114.20 51.86
CA CYS G 1492 14.43 -113.45 51.62
C CYS G 1492 15.42 -114.38 50.94
N TYR G 1493 15.77 -114.06 49.71
CA TYR G 1493 16.74 -114.82 48.92
C TYR G 1493 17.96 -113.92 48.67
N MET G 1494 18.99 -114.08 49.50
CA MET G 1494 20.15 -113.20 49.45
C MET G 1494 21.41 -114.03 49.59
N VAL G 1495 22.54 -113.41 49.24
CA VAL G 1495 23.87 -113.97 49.43
C VAL G 1495 24.66 -113.04 50.33
N TRP G 1496 25.66 -113.60 51.01
CA TRP G 1496 26.50 -112.83 51.92
C TRP G 1496 27.73 -112.33 51.17
N GLY G 1497 28.03 -111.05 51.35
CA GLY G 1497 29.22 -110.47 50.73
C GLY G 1497 30.53 -111.00 51.29
N GLY G 1498 30.49 -111.60 52.48
CA GLY G 1498 31.68 -112.18 53.07
C GLY G 1498 32.14 -113.49 52.49
N ASP G 1499 31.34 -114.08 51.60
CA ASP G 1499 31.71 -115.31 50.92
C ASP G 1499 32.50 -115.07 49.65
N PHE G 1500 32.71 -113.82 49.26
CA PHE G 1500 33.41 -113.46 48.03
C PHE G 1500 34.69 -112.69 48.33
N VAL G 1501 35.25 -112.88 49.52
CA VAL G 1501 36.47 -112.18 49.92
C VAL G 1501 37.68 -113.05 49.62
N HIS G 1511 40.61 -103.14 48.88
CA HIS G 1511 41.05 -101.89 48.27
C HIS G 1511 40.53 -101.76 46.85
N THR G 1512 39.39 -102.42 46.59
CA THR G 1512 38.81 -102.44 45.25
C THR G 1512 37.31 -102.67 45.38
N ASP G 1513 36.55 -101.95 44.57
CA ASP G 1513 35.10 -102.08 44.58
C ASP G 1513 34.67 -103.49 44.15
N LEU G 1514 33.59 -103.96 44.75
CA LEU G 1514 33.05 -105.29 44.47
C LEU G 1514 31.68 -105.15 43.81
N VAL G 1515 31.52 -105.74 42.63
CA VAL G 1515 30.29 -105.61 41.85
C VAL G 1515 29.59 -106.94 41.75
N ILE G 1516 28.66 -107.19 42.66
CA ILE G 1516 27.89 -108.44 42.70
C ILE G 1516 26.68 -108.32 41.78
N GLY G 1517 26.59 -109.23 40.79
CA GLY G 1517 25.50 -109.25 39.84
C GLY G 1517 24.47 -110.32 40.13
N CYS G 1518 23.22 -110.03 39.81
CA CYS G 1518 22.10 -110.93 40.03
C CYS G 1518 21.37 -111.15 38.71
N LEU G 1519 21.11 -112.42 38.39
CA LEU G 1519 20.41 -112.84 37.18
C LEU G 1519 19.15 -113.61 37.56
N VAL G 1520 18.02 -113.24 36.95
CA VAL G 1520 16.75 -113.92 37.16
C VAL G 1520 16.18 -114.31 35.80
N ASP G 1521 15.73 -115.56 35.67
CA ASP G 1521 15.09 -116.04 34.46
C ASP G 1521 13.60 -116.19 34.72
N LEU G 1522 12.79 -115.30 34.14
CA LEU G 1522 11.37 -115.25 34.45
C LEU G 1522 10.60 -116.43 33.86
N ALA G 1523 11.17 -117.15 32.91
CA ALA G 1523 10.47 -118.26 32.27
C ALA G 1523 10.72 -119.59 32.96
N THR G 1524 11.62 -119.65 33.93
CA THR G 1524 11.92 -120.87 34.67
C THR G 1524 11.90 -120.71 36.17
N GLY G 1525 11.88 -119.48 36.68
CA GLY G 1525 11.92 -119.28 38.12
C GLY G 1525 13.26 -119.50 38.75
N LEU G 1526 14.34 -119.41 37.97
CA LEU G 1526 15.69 -119.66 38.45
C LEU G 1526 16.45 -118.36 38.67
N MET G 1527 17.13 -118.27 39.81
CA MET G 1527 17.88 -117.09 40.20
C MET G 1527 19.32 -117.50 40.49
N THR G 1528 20.26 -116.76 39.91
CA THR G 1528 21.69 -117.02 40.03
C THR G 1528 22.42 -115.71 40.34
N PHE G 1529 23.65 -115.84 40.81
CA PHE G 1529 24.46 -114.69 41.21
C PHE G 1529 25.86 -114.84 40.65
N THR G 1530 26.50 -113.69 40.42
CA THR G 1530 27.87 -113.61 39.95
C THR G 1530 28.69 -112.69 40.84
N ALA G 1531 29.94 -113.10 41.12
CA ALA G 1531 30.86 -112.33 41.93
C ALA G 1531 32.08 -112.01 41.06
N ASN G 1532 32.21 -110.73 40.68
CA ASN G 1532 33.34 -110.26 39.88
C ASN G 1532 33.48 -111.06 38.59
N GLY G 1533 32.36 -111.42 37.99
CA GLY G 1533 32.36 -112.19 36.77
C GLY G 1533 32.44 -113.69 36.96
N LYS G 1534 32.61 -114.16 38.19
CA LYS G 1534 32.71 -115.59 38.48
C LYS G 1534 31.38 -116.11 39.01
N GLU G 1535 30.91 -117.20 38.41
CA GLU G 1535 29.63 -117.78 38.82
C GLU G 1535 29.71 -118.31 40.24
N SER G 1536 28.70 -118.00 41.04
CA SER G 1536 28.61 -118.49 42.40
C SER G 1536 27.88 -119.83 42.44
N ASN G 1537 28.12 -120.57 43.52
CA ASN G 1537 27.49 -121.88 43.68
C ASN G 1537 26.02 -121.77 44.08
N THR G 1538 25.65 -120.70 44.78
CA THR G 1538 24.30 -120.57 45.29
C THR G 1538 23.31 -120.26 44.17
N PHE G 1539 22.11 -120.81 44.28
CA PHE G 1539 21.04 -120.53 43.34
C PHE G 1539 19.71 -120.74 44.05
N PHE G 1540 18.65 -120.17 43.46
CA PHE G 1540 17.32 -120.29 44.04
C PHE G 1540 16.30 -120.62 42.97
N GLN G 1541 15.22 -121.29 43.40
CA GLN G 1541 14.08 -121.62 42.54
C GLN G 1541 12.81 -121.11 43.20
N VAL G 1542 11.96 -120.46 42.40
CA VAL G 1542 10.75 -119.82 42.89
C VAL G 1542 9.55 -120.28 42.07
N GLU G 1543 8.37 -119.98 42.59
CA GLU G 1543 7.10 -120.36 41.97
C GLU G 1543 6.71 -119.38 40.87
N PRO G 1544 5.78 -119.77 40.00
CA PRO G 1544 5.47 -118.94 38.82
C PRO G 1544 4.95 -117.55 39.13
N ASN G 1545 4.12 -117.39 40.16
CA ASN G 1545 3.46 -116.12 40.42
C ASN G 1545 4.22 -115.25 41.42
N THR G 1546 5.50 -115.53 41.64
CA THR G 1546 6.26 -114.81 42.65
C THR G 1546 6.59 -113.38 42.22
N LYS G 1547 6.45 -112.45 43.15
CA LYS G 1547 6.92 -111.08 43.02
C LYS G 1547 8.16 -110.90 43.86
N LEU G 1548 9.22 -110.36 43.27
CA LEU G 1548 10.48 -110.15 43.98
C LEU G 1548 10.92 -108.70 43.85
N PHE G 1549 11.28 -108.09 45.01
CA PHE G 1549 11.82 -106.74 45.08
C PHE G 1549 13.33 -106.75 45.25
N PRO G 1550 14.09 -106.05 44.41
CA PRO G 1550 15.54 -105.92 44.63
C PRO G 1550 15.85 -105.21 45.94
N ALA G 1551 16.62 -105.86 46.81
CA ALA G 1551 16.82 -105.35 48.17
C ALA G 1551 18.27 -105.54 48.58
N VAL G 1552 18.75 -104.58 49.39
CA VAL G 1552 20.09 -104.62 49.98
C VAL G 1552 20.01 -104.31 51.47
N PHE G 1553 20.60 -105.19 52.28
CA PHE G 1553 20.74 -104.99 53.71
C PHE G 1553 22.20 -104.67 54.01
N VAL G 1554 22.47 -103.51 54.59
CA VAL G 1554 23.85 -103.05 54.76
C VAL G 1554 24.03 -102.36 56.11
N LEU G 1555 25.19 -102.58 56.72
CA LEU G 1555 25.62 -101.81 57.88
C LEU G 1555 26.69 -100.81 57.43
N PRO G 1556 26.40 -99.51 57.39
CA PRO G 1556 27.40 -98.57 56.85
C PRO G 1556 28.68 -98.53 57.67
N THR G 1557 29.80 -98.40 56.97
CA THR G 1557 31.10 -98.23 57.62
C THR G 1557 31.97 -97.20 56.91
N HIS G 1558 31.40 -96.41 56.01
CA HIS G 1558 32.18 -95.46 55.21
C HIS G 1558 31.23 -94.42 54.64
N GLN G 1559 31.80 -93.34 54.13
CA GLN G 1559 30.97 -92.28 53.55
C GLN G 1559 30.20 -92.79 52.34
N ASN G 1560 30.87 -93.51 51.45
CA ASN G 1560 30.24 -94.12 50.29
C ASN G 1560 29.95 -95.59 50.60
N VAL G 1561 28.68 -95.97 50.53
CA VAL G 1561 28.24 -97.27 51.00
C VAL G 1561 28.01 -98.21 49.82
N ILE G 1562 27.02 -97.90 48.97
CA ILE G 1562 26.69 -98.79 47.87
C ILE G 1562 26.24 -98.01 46.64
N GLN G 1563 25.94 -98.74 45.57
CA GLN G 1563 25.47 -98.11 44.33
C GLN G 1563 24.74 -99.17 43.50
N PHE G 1564 23.43 -99.01 43.36
CA PHE G 1564 22.65 -99.84 42.46
C PHE G 1564 22.99 -99.52 41.00
N GLU G 1565 23.50 -100.50 40.27
CA GLU G 1565 23.87 -100.37 38.86
C GLU G 1565 22.82 -101.09 38.03
N LEU G 1566 22.03 -100.30 37.29
CA LEU G 1566 20.95 -100.84 36.45
C LEU G 1566 21.45 -101.06 35.02
N GLY G 1567 22.49 -101.87 34.90
CA GLY G 1567 23.12 -102.14 33.62
C GLY G 1567 22.58 -103.40 32.96
N LYS G 1568 23.39 -103.95 32.06
CA LYS G 1568 23.01 -105.16 31.34
C LYS G 1568 24.26 -105.91 30.92
N GLN G 1569 24.07 -107.18 30.58
CA GLN G 1569 25.12 -108.03 30.07
C GLN G 1569 24.81 -108.42 28.63
N LYS G 1570 25.65 -109.29 28.08
CA LYS G 1570 25.47 -109.74 26.70
C LYS G 1570 24.23 -110.63 26.59
N ASN G 1571 23.35 -110.28 25.67
CA ASN G 1571 22.12 -111.05 25.41
C ASN G 1571 21.24 -111.15 26.65
N ILE G 1572 21.27 -110.14 27.51
CA ILE G 1572 20.44 -110.10 28.70
C ILE G 1572 19.83 -108.71 28.82
N MET G 1573 18.51 -108.67 28.99
CA MET G 1573 17.79 -107.40 29.05
C MET G 1573 17.92 -106.77 30.44
N PRO G 1574 17.76 -105.46 30.53
CA PRO G 1574 17.81 -104.77 31.82
C PRO G 1574 16.50 -104.92 32.58
N LEU G 1575 16.50 -104.37 33.80
CA LEU G 1575 15.35 -104.50 34.69
C LEU G 1575 14.15 -103.69 34.20
N SER G 1576 14.38 -102.54 33.58
CA SER G 1576 13.28 -101.71 33.09
C SER G 1576 12.43 -102.42 32.06
N ALA G 1577 13.00 -103.42 31.36
CA ALA G 1577 12.21 -104.18 30.40
C ALA G 1577 11.21 -105.08 31.09
N ALA G 1578 11.45 -105.45 32.34
CA ALA G 1578 10.54 -106.31 33.07
C ALA G 1578 9.62 -105.48 33.96
N MET G 1579 10.10 -104.31 34.39
CA MET G 1579 9.29 -103.47 35.26
C MET G 1579 8.27 -102.65 34.48
N PHE G 1580 8.53 -102.36 33.21
CA PHE G 1580 7.65 -101.50 32.42
C PHE G 1580 7.19 -102.21 31.17
N LEU G 1581 5.88 -102.18 30.93
CA LEU G 1581 5.30 -102.85 29.78
C LEU G 1581 5.75 -102.21 28.46
N SER G 1582 5.81 -100.88 28.42
CA SER G 1582 6.15 -100.20 27.18
C SER G 1582 7.60 -100.40 26.79
N GLU G 1583 8.43 -100.94 27.67
CA GLU G 1583 9.85 -101.14 27.42
C GLU G 1583 10.21 -102.62 27.34
N ARG G 1584 9.21 -103.47 27.10
CA ARG G 1584 9.46 -104.91 27.10
C ARG G 1584 10.48 -105.31 26.04
N LYS G 1585 10.44 -104.64 24.88
CA LYS G 1585 11.35 -104.94 23.78
C LYS G 1585 12.40 -103.86 23.59
N ASN G 1586 12.63 -103.02 24.61
CA ASN G 1586 13.62 -101.96 24.53
C ASN G 1586 14.86 -102.37 25.30
N PRO G 1587 15.98 -102.67 24.65
CA PRO G 1587 17.20 -103.04 25.38
C PRO G 1587 17.95 -101.86 25.98
N ALA G 1588 17.54 -100.64 25.68
CA ALA G 1588 18.24 -99.48 26.22
C ALA G 1588 17.92 -99.31 27.71
N PRO G 1589 18.91 -99.31 28.59
CA PRO G 1589 18.62 -99.13 30.02
C PRO G 1589 17.96 -97.79 30.30
N GLN G 1590 17.02 -97.79 31.23
CA GLN G 1590 16.31 -96.59 31.65
C GLN G 1590 16.14 -96.61 33.16
N CYS G 1591 16.05 -95.41 33.73
CA CYS G 1591 15.79 -95.22 35.16
C CYS G 1591 14.70 -94.17 35.33
N PRO G 1592 13.44 -94.54 35.10
CA PRO G 1592 12.36 -93.56 35.21
C PRO G 1592 12.19 -93.07 36.63
N PRO G 1593 11.59 -91.89 36.82
CA PRO G 1593 11.50 -91.33 38.18
C PRO G 1593 10.76 -92.20 39.16
N ARG G 1594 9.80 -93.00 38.70
CA ARG G 1594 9.00 -93.81 39.61
C ARG G 1594 9.85 -94.80 40.38
N LEU G 1595 10.98 -95.22 39.80
CA LEU G 1595 11.87 -96.16 40.46
C LEU G 1595 12.72 -95.42 41.48
N GLU G 1596 12.55 -95.76 42.76
CA GLU G 1596 13.26 -95.06 43.82
C GLU G 1596 13.59 -96.03 44.96
N VAL G 1597 14.49 -95.58 45.83
CA VAL G 1597 14.95 -96.38 46.96
C VAL G 1597 14.06 -96.12 48.15
N GLN G 1598 13.58 -97.20 48.77
CA GLN G 1598 12.75 -97.15 49.96
C GLN G 1598 13.50 -97.82 51.10
N MET G 1599 13.34 -97.29 52.31
CA MET G 1599 13.98 -97.82 53.49
C MET G 1599 12.93 -98.35 54.45
N LEU G 1600 13.31 -99.33 55.27
CA LEU G 1600 12.36 -99.97 56.17
C LEU G 1600 12.19 -99.15 57.44
N MET G 1601 10.98 -98.64 57.66
CA MET G 1601 10.65 -97.86 58.85
C MET G 1601 9.90 -98.71 59.86
N PRO G 1602 10.21 -98.59 61.16
CA PRO G 1602 9.65 -99.55 62.13
C PRO G 1602 8.17 -99.36 62.44
N VAL G 1603 7.68 -98.12 62.59
CA VAL G 1603 6.37 -97.85 63.17
C VAL G 1603 5.56 -96.94 62.27
N SER G 1604 4.24 -97.13 62.28
CA SER G 1604 3.35 -96.29 61.49
C SER G 1604 2.02 -96.12 62.21
N TRP G 1605 1.31 -95.05 61.86
CA TRP G 1605 -0.01 -94.77 62.43
C TRP G 1605 -1.08 -95.64 61.79
N SER G 1606 -2.00 -96.16 62.60
CA SER G 1606 -3.11 -96.96 62.12
C SER G 1606 -4.40 -96.53 62.81
N ARG G 1607 -5.51 -96.60 62.07
CA ARG G 1607 -6.82 -96.17 62.56
C ARG G 1607 -7.51 -97.32 63.29
N MET G 1608 -8.05 -97.03 64.48
CA MET G 1608 -8.78 -98.04 65.25
C MET G 1608 -10.15 -98.29 64.63
N PRO G 1609 -10.56 -99.54 64.43
CA PRO G 1609 -11.91 -99.81 63.93
C PRO G 1609 -12.98 -99.34 64.90
N ASN G 1610 -14.13 -98.97 64.34
CA ASN G 1610 -15.24 -98.49 65.17
C ASN G 1610 -15.91 -99.62 65.93
N HIS G 1611 -15.94 -100.84 65.38
CA HIS G 1611 -16.61 -101.96 66.01
C HIS G 1611 -15.73 -103.20 65.98
N PHE G 1612 -15.94 -104.09 66.94
CA PHE G 1612 -15.16 -105.30 67.08
C PHE G 1612 -16.07 -106.51 67.23
N LEU G 1613 -15.56 -107.66 66.78
CA LEU G 1613 -16.33 -108.91 66.83
C LEU G 1613 -16.59 -109.34 68.26
N GLN G 1614 -17.82 -109.78 68.52
CA GLN G 1614 -18.22 -110.31 69.81
C GLN G 1614 -17.97 -111.82 69.86
N VAL G 1615 -16.97 -112.24 70.62
CA VAL G 1615 -16.57 -113.64 70.74
C VAL G 1615 -16.91 -114.11 72.15
N GLU G 1616 -17.64 -115.21 72.23
CA GLU G 1616 -18.04 -115.81 73.51
C GLU G 1616 -17.22 -117.07 73.75
N THR G 1617 -16.45 -117.07 74.85
CA THR G 1617 -15.62 -118.19 75.25
C THR G 1617 -16.08 -118.68 76.61
N ARG G 1618 -16.28 -119.99 76.73
CA ARG G 1618 -16.75 -120.57 78.00
C ARG G 1618 -16.33 -122.02 78.06
N ARG G 1619 -16.31 -122.57 79.28
CA ARG G 1619 -15.99 -123.98 79.47
C ARG G 1619 -17.29 -124.78 79.39
N ALA G 1620 -17.48 -125.51 78.29
CA ALA G 1620 -18.74 -126.22 78.10
C ALA G 1620 -18.91 -127.39 79.06
N GLY G 1621 -17.82 -127.88 79.64
CA GLY G 1621 -17.89 -128.98 80.56
C GLY G 1621 -16.57 -129.72 80.62
N GLU G 1622 -16.53 -130.72 81.50
CA GLU G 1622 -15.33 -131.53 81.65
C GLU G 1622 -15.05 -132.35 80.40
N ARG G 1623 -16.09 -132.92 79.80
CA ARG G 1623 -15.92 -133.79 78.65
C ARG G 1623 -16.09 -133.06 77.32
N LEU G 1624 -16.84 -131.96 77.31
CA LEU G 1624 -17.08 -131.23 76.08
C LEU G 1624 -15.94 -130.28 75.72
N GLY G 1625 -15.13 -129.90 76.70
CA GLY G 1625 -14.00 -129.02 76.46
C GLY G 1625 -14.35 -127.56 76.53
N TRP G 1626 -13.59 -126.71 75.83
CA TRP G 1626 -13.80 -125.27 75.87
C TRP G 1626 -14.45 -124.78 74.59
N ALA G 1627 -15.56 -124.06 74.70
CA ALA G 1627 -16.33 -123.66 73.53
C ALA G 1627 -16.09 -122.20 73.18
N VAL G 1628 -15.93 -121.96 71.87
CA VAL G 1628 -15.82 -120.65 71.25
C VAL G 1628 -17.02 -120.47 70.33
N GLN G 1629 -17.61 -119.27 70.36
CA GLN G 1629 -18.83 -118.99 69.62
C GLN G 1629 -18.79 -117.56 69.08
N CYS G 1630 -19.18 -117.41 67.82
CA CYS G 1630 -19.26 -116.08 67.21
C CYS G 1630 -20.34 -116.07 66.15
N GLN G 1631 -21.23 -115.07 66.22
CA GLN G 1631 -22.41 -115.00 65.35
C GLN G 1631 -22.52 -113.70 64.56
N ASP G 1632 -22.19 -112.57 65.16
CA ASP G 1632 -22.49 -111.27 64.55
C ASP G 1632 -21.54 -110.97 63.39
N PRO G 1633 -22.04 -110.74 62.18
CA PRO G 1633 -21.17 -110.41 61.05
C PRO G 1633 -20.70 -108.96 61.07
N LEU G 1634 -19.53 -108.74 60.47
CA LEU G 1634 -18.99 -107.40 60.29
C LEU G 1634 -18.24 -107.34 58.97
N THR G 1635 -18.41 -106.23 58.24
CA THR G 1635 -17.77 -106.06 56.94
C THR G 1635 -17.20 -104.65 56.81
N MET G 1636 -16.01 -104.55 56.21
CA MET G 1636 -15.38 -103.27 55.91
C MET G 1636 -14.99 -103.22 54.43
N MET G 1637 -14.93 -102.00 53.90
CA MET G 1637 -14.53 -101.76 52.51
C MET G 1637 -13.01 -101.54 52.46
N ALA G 1638 -12.30 -102.49 51.85
CA ALA G 1638 -10.85 -102.48 51.83
C ALA G 1638 -10.34 -101.86 50.52
N LEU G 1639 -9.35 -100.99 50.65
CA LEU G 1639 -8.66 -100.40 49.50
C LEU G 1639 -7.33 -101.11 49.28
N HIS G 1640 -7.18 -101.72 48.11
CA HIS G 1640 -6.04 -102.57 47.80
C HIS G 1640 -5.09 -101.86 46.84
N ILE G 1641 -3.80 -101.85 47.19
CA ILE G 1641 -2.76 -101.31 46.32
C ILE G 1641 -2.17 -102.48 45.53
N PRO G 1642 -2.28 -102.49 44.20
CA PRO G 1642 -1.87 -103.69 43.45
C PRO G 1642 -0.39 -104.03 43.58
N GLU G 1643 0.49 -103.05 43.35
CA GLU G 1643 1.91 -103.37 43.25
C GLU G 1643 2.50 -103.85 44.57
N GLU G 1644 1.96 -103.39 45.70
CA GLU G 1644 2.46 -103.81 47.00
C GLU G 1644 1.70 -105.00 47.57
N ASN G 1645 0.60 -105.40 46.95
CA ASN G 1645 -0.17 -106.56 47.39
C ASN G 1645 -0.58 -106.43 48.85
N ARG G 1646 -1.01 -105.24 49.24
CA ARG G 1646 -1.50 -104.97 50.58
C ARG G 1646 -2.69 -104.03 50.49
N CYS G 1647 -3.52 -104.05 51.53
CA CYS G 1647 -4.72 -103.23 51.57
C CYS G 1647 -4.81 -102.49 52.90
N MET G 1648 -5.51 -101.35 52.87
CA MET G 1648 -5.76 -100.55 54.05
C MET G 1648 -7.24 -100.15 54.07
N ASP G 1649 -7.72 -99.79 55.24
CA ASP G 1649 -9.06 -99.27 55.36
C ASP G 1649 -9.19 -97.97 54.56
N ILE G 1650 -10.29 -97.87 53.80
CA ILE G 1650 -10.55 -96.69 52.98
C ILE G 1650 -10.76 -95.44 53.83
N LEU G 1651 -11.10 -95.61 55.10
CA LEU G 1651 -11.27 -94.47 55.99
C LEU G 1651 -9.96 -93.76 56.30
N GLU G 1652 -8.82 -94.39 56.04
CA GLU G 1652 -7.54 -93.74 56.24
C GLU G 1652 -7.29 -92.62 55.23
N LEU G 1653 -8.11 -92.53 54.18
CA LEU G 1653 -7.93 -91.48 53.20
C LEU G 1653 -8.30 -90.12 53.78
N SER G 1654 -8.93 -90.08 54.96
CA SER G 1654 -9.21 -88.81 55.61
C SER G 1654 -7.91 -88.10 56.00
N GLU G 1655 -6.85 -88.87 56.24
CA GLU G 1655 -5.54 -88.32 56.55
C GLU G 1655 -4.54 -88.49 55.42
N ARG G 1656 -4.71 -89.51 54.57
CA ARG G 1656 -3.85 -89.67 53.39
C ARG G 1656 -4.51 -88.92 52.24
N LEU G 1657 -4.21 -87.63 52.14
CA LEU G 1657 -4.92 -86.75 51.21
C LEU G 1657 -4.50 -86.96 49.76
N ASP G 1658 -3.25 -87.37 49.52
CA ASP G 1658 -2.80 -87.61 48.16
C ASP G 1658 -3.57 -88.75 47.50
N LEU G 1659 -3.80 -89.83 48.25
CA LEU G 1659 -4.57 -90.93 47.71
C LEU G 1659 -6.04 -90.58 47.63
N GLN G 1660 -6.54 -89.75 48.54
CA GLN G 1660 -7.94 -89.37 48.48
C GLN G 1660 -8.20 -88.58 47.20
N ARG G 1661 -7.30 -87.65 46.87
CA ARG G 1661 -7.41 -86.86 45.66
C ARG G 1661 -7.28 -87.74 44.42
N PHE G 1662 -6.33 -88.67 44.44
CA PHE G 1662 -6.14 -89.53 43.27
C PHE G 1662 -7.36 -90.41 43.04
N HIS G 1663 -7.94 -90.96 44.10
CA HIS G 1663 -9.11 -91.82 43.94
C HIS G 1663 -10.33 -91.01 43.53
N SER G 1664 -10.46 -89.78 44.03
CA SER G 1664 -11.56 -88.92 43.62
C SER G 1664 -11.47 -88.60 42.13
N HIS G 1665 -10.26 -88.32 41.63
CA HIS G 1665 -10.13 -88.10 40.20
C HIS G 1665 -10.30 -89.39 39.40
N THR G 1666 -10.01 -90.54 40.00
CA THR G 1666 -10.31 -91.80 39.33
C THR G 1666 -11.82 -91.98 39.16
N LEU G 1667 -12.59 -91.64 40.18
CA LEU G 1667 -14.05 -91.69 40.05
C LEU G 1667 -14.54 -90.67 39.03
N ARG G 1668 -13.89 -89.51 38.95
CA ARG G 1668 -14.24 -88.55 37.93
C ARG G 1668 -13.99 -89.10 36.54
N LEU G 1669 -12.89 -89.84 36.37
CA LEU G 1669 -12.61 -90.46 35.08
C LEU G 1669 -13.64 -91.54 34.76
N TYR G 1670 -14.09 -92.28 35.78
CA TYR G 1670 -15.13 -93.26 35.54
C TYR G 1670 -16.41 -92.61 35.04
N ARG G 1671 -16.77 -91.46 35.63
CA ARG G 1671 -17.96 -90.77 35.16
C ARG G 1671 -17.74 -90.22 33.76
N ALA G 1672 -16.52 -89.81 33.46
CA ALA G 1672 -16.26 -89.24 32.14
C ALA G 1672 -16.40 -90.33 31.08
N VAL G 1673 -15.85 -91.51 31.35
CA VAL G 1673 -15.86 -92.57 30.36
C VAL G 1673 -17.27 -93.11 30.15
N CYS G 1674 -18.10 -93.13 31.19
CA CYS G 1674 -19.47 -93.62 31.03
C CYS G 1674 -20.47 -92.49 30.80
N ALA G 1675 -20.01 -91.27 30.57
CA ALA G 1675 -20.92 -90.15 30.38
C ALA G 1675 -21.64 -90.24 29.04
N LEU G 1676 -22.87 -89.71 29.02
CA LEU G 1676 -23.64 -89.50 27.80
C LEU G 1676 -23.97 -90.81 27.08
N GLY G 1677 -24.65 -91.70 27.80
CA GLY G 1677 -25.30 -92.83 27.18
C GLY G 1677 -24.42 -93.99 26.76
N ASN G 1678 -23.20 -94.06 27.25
CA ASN G 1678 -22.31 -95.18 26.90
C ASN G 1678 -22.63 -96.35 27.82
N ASN G 1679 -23.73 -97.05 27.49
CA ASN G 1679 -24.19 -98.13 28.33
C ASN G 1679 -23.21 -99.29 28.34
N ARG G 1680 -22.48 -99.50 27.25
CA ARG G 1680 -21.52 -100.58 27.21
C ARG G 1680 -20.41 -100.35 28.24
N VAL G 1681 -19.93 -99.12 28.33
CA VAL G 1681 -18.95 -98.80 29.35
C VAL G 1681 -19.59 -98.87 30.73
N ALA G 1682 -20.85 -98.48 30.85
CA ALA G 1682 -21.50 -98.57 32.15
C ALA G 1682 -21.55 -100.01 32.65
N HIS G 1683 -21.83 -100.94 31.74
CA HIS G 1683 -21.79 -102.36 32.09
C HIS G 1683 -20.37 -102.78 32.46
N ALA G 1684 -19.37 -102.29 31.75
CA ALA G 1684 -18.01 -102.66 32.12
C ALA G 1684 -17.67 -102.15 33.50
N LEU G 1685 -18.09 -100.92 33.82
CA LEU G 1685 -17.84 -100.33 35.13
C LEU G 1685 -18.56 -101.08 36.23
N CYS G 1686 -19.65 -101.75 35.90
CA CYS G 1686 -20.37 -102.53 36.91
C CYS G 1686 -19.52 -103.69 37.43
N SER G 1687 -18.54 -104.15 36.67
CA SER G 1687 -17.63 -105.18 37.15
C SER G 1687 -16.62 -104.65 38.15
N HIS G 1688 -16.36 -103.34 38.16
CA HIS G 1688 -15.41 -102.74 39.08
C HIS G 1688 -16.06 -102.10 40.30
N VAL G 1689 -17.19 -101.42 40.13
CA VAL G 1689 -17.90 -100.78 41.23
C VAL G 1689 -19.28 -101.41 41.29
N ASP G 1690 -19.43 -102.42 42.13
CA ASP G 1690 -20.66 -103.19 42.18
C ASP G 1690 -21.70 -102.58 43.13
N GLN G 1691 -22.89 -103.19 43.10
CA GLN G 1691 -24.03 -102.67 43.82
C GLN G 1691 -23.80 -102.68 45.32
N ALA G 1692 -23.19 -103.74 45.85
CA ALA G 1692 -23.00 -103.79 47.30
C ALA G 1692 -22.08 -102.67 47.76
N GLN G 1693 -21.01 -102.41 47.01
CA GLN G 1693 -20.10 -101.33 47.37
C GLN G 1693 -20.82 -99.99 47.31
N LEU G 1694 -21.61 -99.77 46.26
CA LEU G 1694 -22.31 -98.50 46.13
C LEU G 1694 -23.28 -98.29 47.29
N LEU G 1695 -24.07 -99.31 47.61
CA LEU G 1695 -25.03 -99.19 48.69
C LEU G 1695 -24.34 -98.99 50.03
N HIS G 1696 -23.22 -99.66 50.26
CA HIS G 1696 -22.48 -99.45 51.50
C HIS G 1696 -21.96 -98.02 51.56
N ALA G 1697 -21.49 -97.50 50.43
CA ALA G 1697 -20.93 -96.15 50.41
C ALA G 1697 -22.01 -95.12 50.68
N LEU G 1698 -23.24 -95.40 50.27
CA LEU G 1698 -24.31 -94.43 50.52
C LEU G 1698 -24.53 -94.24 52.01
N GLU G 1699 -24.51 -95.33 52.78
CA GLU G 1699 -24.78 -95.27 54.21
C GLU G 1699 -23.53 -95.08 55.05
N ASP G 1700 -22.34 -95.10 54.45
CA ASP G 1700 -21.12 -94.91 55.23
C ASP G 1700 -21.05 -93.48 55.73
N ALA G 1701 -21.19 -93.29 57.04
CA ALA G 1701 -21.26 -91.97 57.64
C ALA G 1701 -19.89 -91.35 57.90
N HIS G 1702 -18.82 -92.14 57.85
CA HIS G 1702 -17.48 -91.63 58.10
C HIS G 1702 -16.71 -91.36 56.82
N LEU G 1703 -17.33 -91.56 55.65
CA LEU G 1703 -16.63 -91.33 54.40
C LEU G 1703 -16.35 -89.83 54.23
N PRO G 1704 -15.21 -89.47 53.65
CA PRO G 1704 -14.97 -88.07 53.33
C PRO G 1704 -15.96 -87.55 52.30
N GLY G 1705 -16.19 -86.24 52.36
CA GLY G 1705 -17.16 -85.57 51.52
C GLY G 1705 -16.94 -85.76 50.03
N PRO G 1706 -15.72 -85.51 49.56
CA PRO G 1706 -15.43 -85.75 48.14
C PRO G 1706 -15.69 -87.17 47.67
N LEU G 1707 -15.40 -88.15 48.50
CA LEU G 1707 -15.65 -89.55 48.11
C LEU G 1707 -17.13 -89.86 48.13
N ARG G 1708 -17.85 -89.36 49.13
CA ARG G 1708 -19.29 -89.59 49.19
C ARG G 1708 -19.99 -88.97 47.97
N ALA G 1709 -19.61 -87.74 47.63
CA ALA G 1709 -20.18 -87.11 46.44
C ALA G 1709 -19.78 -87.84 45.17
N GLY G 1710 -18.54 -88.34 45.12
CA GLY G 1710 -18.10 -89.04 43.93
C GLY G 1710 -18.88 -90.33 43.71
N TYR G 1711 -19.12 -91.08 44.78
CA TYR G 1711 -19.85 -92.32 44.64
C TYR G 1711 -21.33 -92.08 44.34
N TYR G 1712 -21.91 -91.02 44.91
CA TYR G 1712 -23.29 -90.68 44.56
C TYR G 1712 -23.42 -90.32 43.09
N ASP G 1713 -22.47 -89.52 42.58
CA ASP G 1713 -22.52 -89.16 41.18
C ASP G 1713 -22.21 -90.34 40.28
N LEU G 1714 -21.34 -91.25 40.72
CA LEU G 1714 -21.06 -92.43 39.91
C LEU G 1714 -22.30 -93.30 39.79
N LEU G 1715 -23.04 -93.46 40.89
CA LEU G 1715 -24.28 -94.24 40.83
C LEU G 1715 -25.30 -93.59 39.90
N ILE G 1716 -25.42 -92.27 39.97
CA ILE G 1716 -26.38 -91.58 39.10
C ILE G 1716 -25.96 -91.72 37.64
N SER G 1717 -24.67 -91.56 37.36
CA SER G 1717 -24.19 -91.65 35.99
C SER G 1717 -24.38 -93.04 35.42
N ILE G 1718 -24.09 -94.06 36.21
CA ILE G 1718 -24.17 -95.44 35.75
C ILE G 1718 -25.61 -95.88 35.52
N HIS G 1719 -26.52 -95.57 36.44
CA HIS G 1719 -27.82 -96.22 36.41
C HIS G 1719 -28.99 -95.34 36.00
N LEU G 1720 -28.97 -94.04 36.25
CA LEU G 1720 -30.17 -93.22 36.11
C LEU G 1720 -30.10 -92.14 35.04
N GLU G 1721 -28.90 -91.78 34.56
CA GLU G 1721 -28.76 -90.58 33.75
C GLU G 1721 -29.52 -90.68 32.42
N SER G 1722 -29.39 -91.81 31.74
CA SER G 1722 -30.03 -91.94 30.43
C SER G 1722 -31.55 -91.94 30.53
N ALA G 1723 -32.09 -92.67 31.51
CA ALA G 1723 -33.54 -92.72 31.66
C ALA G 1723 -34.07 -91.37 32.07
N CYS G 1724 -33.37 -90.69 32.97
CA CYS G 1724 -33.83 -89.39 33.42
C CYS G 1724 -33.81 -88.39 32.26
N ARG G 1725 -32.75 -88.42 31.45
CA ARG G 1725 -32.66 -87.48 30.34
C ARG G 1725 -33.75 -87.72 29.30
N SER G 1726 -34.01 -88.99 28.96
CA SER G 1726 -35.07 -89.27 27.99
C SER G 1726 -36.43 -88.87 28.52
N ARG G 1727 -36.70 -89.14 29.81
CA ARG G 1727 -37.98 -88.74 30.36
C ARG G 1727 -38.09 -87.23 30.38
N ARG G 1728 -37.00 -86.54 30.74
CA ARG G 1728 -37.05 -85.08 30.82
C ARG G 1728 -37.33 -84.50 29.44
N SER G 1729 -36.79 -85.15 28.40
CA SER G 1729 -37.07 -84.70 27.04
C SER G 1729 -38.54 -84.89 26.69
N MET G 1730 -39.13 -85.98 27.17
CA MET G 1730 -40.54 -86.27 26.89
C MET G 1730 -41.53 -85.50 27.76
N LEU G 1731 -41.07 -84.85 28.83
CA LEU G 1731 -41.98 -84.14 29.73
C LEU G 1731 -42.56 -82.85 29.17
N SER G 1732 -42.02 -82.31 28.08
CA SER G 1732 -42.55 -81.06 27.52
C SER G 1732 -43.77 -81.24 26.63
N GLU G 1733 -44.22 -82.46 26.36
CA GLU G 1733 -45.38 -82.69 25.51
C GLU G 1733 -46.51 -83.32 26.32
N TYR G 1734 -47.75 -83.03 25.89
CA TYR G 1734 -48.96 -83.50 26.59
C TYR G 1734 -49.89 -84.17 25.58
N ILE G 1735 -49.71 -85.47 25.37
CA ILE G 1735 -50.59 -86.28 24.54
C ILE G 1735 -51.59 -86.97 25.45
N VAL G 1736 -52.84 -86.52 25.41
CA VAL G 1736 -53.87 -86.93 26.36
C VAL G 1736 -54.86 -87.83 25.63
N PRO G 1737 -54.86 -89.14 25.87
CA PRO G 1737 -55.91 -90.00 25.30
C PRO G 1737 -57.26 -89.74 25.93
N LEU G 1738 -58.31 -90.01 25.15
CA LEU G 1738 -59.69 -89.83 25.60
C LEU G 1738 -60.20 -91.11 26.25
N THR G 1739 -59.66 -91.39 27.43
CA THR G 1739 -60.03 -92.56 28.20
C THR G 1739 -60.93 -92.19 29.37
N PRO G 1740 -61.70 -93.15 29.91
CA PRO G 1740 -62.57 -92.83 31.05
C PRO G 1740 -61.81 -92.29 32.26
N GLU G 1741 -60.56 -92.71 32.47
CA GLU G 1741 -59.79 -92.13 33.55
C GLU G 1741 -59.57 -90.65 33.30
N THR G 1742 -59.31 -90.28 32.04
CA THR G 1742 -59.15 -88.87 31.70
C THR G 1742 -60.46 -88.13 31.92
N ARG G 1743 -61.58 -88.76 31.55
CA ARG G 1743 -62.89 -88.17 31.78
C ARG G 1743 -63.13 -87.87 33.24
N ALA G 1744 -62.69 -88.74 34.14
CA ALA G 1744 -62.91 -88.58 35.57
C ALA G 1744 -62.10 -87.43 36.17
N ILE G 1745 -61.16 -86.85 35.43
CA ILE G 1745 -60.29 -85.83 35.99
C ILE G 1745 -61.06 -84.53 36.20
N THR G 1746 -60.85 -83.92 37.36
CA THR G 1746 -61.45 -82.62 37.70
C THR G 1746 -60.37 -81.71 38.27
N LEU G 1747 -60.61 -80.40 38.15
CA LEU G 1747 -59.64 -79.42 38.65
C LEU G 1747 -59.48 -79.50 40.15
N PHE G 1748 -60.59 -79.59 40.88
CA PHE G 1748 -60.57 -79.65 42.33
C PHE G 1748 -61.13 -80.97 42.83
N PRO G 1749 -60.68 -81.44 44.00
CA PRO G 1749 -61.25 -82.66 44.54
C PRO G 1749 -62.72 -82.48 44.88
N PRO G 1750 -63.51 -83.55 44.85
CA PRO G 1750 -64.94 -83.38 45.17
C PRO G 1750 -65.19 -82.84 46.56
N GLY G 1751 -64.37 -83.19 47.53
CA GLY G 1751 -64.55 -82.74 48.90
C GLY G 1751 -64.54 -81.23 49.02
N ASN G 1756 -67.31 -72.30 42.88
CA ASN G 1756 -66.40 -71.32 42.28
C ASN G 1756 -64.95 -71.62 42.64
N ALA G 1757 -64.73 -72.02 43.89
CA ALA G 1757 -63.39 -72.31 44.37
C ALA G 1757 -63.49 -73.14 45.64
N ARG G 1758 -62.77 -74.25 45.68
CA ARG G 1758 -62.67 -75.10 46.85
C ARG G 1758 -61.22 -75.14 47.33
N ARG G 1759 -60.94 -76.03 48.27
CA ARG G 1759 -59.59 -76.15 48.80
C ARG G 1759 -58.67 -76.76 47.74
N HIS G 1760 -57.46 -76.22 47.65
CA HIS G 1760 -56.49 -76.71 46.68
C HIS G 1760 -56.01 -78.10 47.05
N GLY G 1761 -55.88 -78.96 46.04
CA GLY G 1761 -55.35 -80.28 46.25
C GLY G 1761 -53.83 -80.30 46.39
N LEU G 1762 -53.33 -81.44 46.82
CA LEU G 1762 -51.88 -81.60 46.97
C LEU G 1762 -51.22 -81.70 45.61
N PRO G 1763 -50.16 -80.94 45.35
CA PRO G 1763 -49.47 -81.04 44.05
C PRO G 1763 -48.79 -82.39 43.88
N GLY G 1764 -48.79 -82.87 42.64
CA GLY G 1764 -48.08 -84.08 42.29
C GLY G 1764 -48.74 -85.38 42.68
N VAL G 1765 -49.94 -85.33 43.26
CA VAL G 1765 -50.67 -86.53 43.67
C VAL G 1765 -52.00 -86.56 42.91
N GLY G 1766 -52.31 -87.70 42.32
CA GLY G 1766 -53.51 -87.87 41.55
C GLY G 1766 -53.24 -88.75 40.34
N VAL G 1767 -54.17 -88.72 39.39
CA VAL G 1767 -54.12 -89.56 38.20
C VAL G 1767 -53.70 -88.71 37.02
N THR G 1768 -52.63 -89.13 36.34
CA THR G 1768 -52.14 -88.47 35.14
C THR G 1768 -52.17 -89.47 33.98
N THR G 1769 -52.77 -89.05 32.87
CA THR G 1769 -52.95 -89.91 31.71
C THR G 1769 -52.03 -89.55 30.55
N SER G 1770 -51.14 -88.58 30.73
CA SER G 1770 -50.22 -88.21 29.66
C SER G 1770 -49.30 -89.39 29.31
N LEU G 1771 -49.08 -89.59 28.03
CA LEU G 1771 -48.31 -90.72 27.55
C LEU G 1771 -46.81 -90.49 27.80
N ARG G 1772 -46.18 -91.46 28.45
CA ARG G 1772 -44.73 -91.44 28.65
C ARG G 1772 -44.18 -92.84 28.43
N PRO G 1773 -43.20 -93.00 27.53
CA PRO G 1773 -42.68 -94.35 27.25
C PRO G 1773 -42.05 -94.96 28.49
N PRO G 1774 -42.19 -96.27 28.70
CA PRO G 1774 -41.59 -96.90 29.88
C PRO G 1774 -40.08 -97.01 29.76
N HIS G 1775 -39.44 -97.11 30.92
CA HIS G 1775 -38.00 -97.35 30.99
C HIS G 1775 -37.67 -98.80 30.69
N HIS G 1776 -36.51 -99.01 30.08
CA HIS G 1776 -36.01 -100.34 29.75
C HIS G 1776 -34.65 -100.56 30.37
N PHE G 1777 -34.48 -101.67 31.08
CA PHE G 1777 -33.23 -102.03 31.73
C PHE G 1777 -32.91 -103.49 31.44
N SER G 1778 -31.62 -103.81 31.52
CA SER G 1778 -31.15 -105.18 31.34
C SER G 1778 -30.28 -105.60 32.52
N PRO G 1779 -30.40 -106.84 32.98
CA PRO G 1779 -29.56 -107.31 34.09
C PRO G 1779 -28.11 -107.45 33.64
N PRO G 1780 -27.15 -107.01 34.45
CA PRO G 1780 -25.75 -107.21 34.10
C PRO G 1780 -25.33 -108.66 34.25
N CYS G 1781 -24.35 -109.06 33.44
CA CYS G 1781 -23.84 -110.42 33.47
C CYS G 1781 -22.58 -110.48 32.63
N PHE G 1782 -21.56 -111.16 33.15
CA PHE G 1782 -20.27 -111.25 32.49
C PHE G 1782 -19.88 -112.69 32.19
N VAL G 1783 -20.84 -113.61 32.18
CA VAL G 1783 -20.60 -114.99 31.79
C VAL G 1783 -21.39 -115.42 30.58
N ALA G 1784 -22.30 -114.58 30.08
CA ALA G 1784 -23.08 -114.93 28.91
C ALA G 1784 -22.20 -114.97 27.66
N ALA G 1785 -22.58 -115.83 26.73
CA ALA G 1785 -21.83 -115.96 25.48
C ALA G 1785 -21.84 -114.64 24.73
N LEU G 1786 -20.67 -114.20 24.29
CA LEU G 1786 -20.55 -112.94 23.60
C LEU G 1786 -21.20 -113.03 22.21
N PRO G 1787 -22.07 -112.11 21.83
CA PRO G 1787 -22.69 -112.19 20.51
C PRO G 1787 -21.66 -112.03 19.40
N ALA G 1794 -25.58 -104.46 15.72
CA ALA G 1794 -26.22 -105.10 16.86
C ALA G 1794 -27.10 -104.11 17.62
N PRO G 1795 -28.13 -104.62 18.29
CA PRO G 1795 -29.03 -103.73 19.03
C PRO G 1795 -28.30 -103.01 20.15
N ALA G 1796 -28.77 -101.79 20.43
CA ALA G 1796 -28.14 -100.97 21.46
C ALA G 1796 -28.34 -101.60 22.84
N ARG G 1797 -27.28 -101.58 23.65
CA ARG G 1797 -27.36 -102.13 25.00
C ARG G 1797 -28.19 -101.23 25.90
N LEU G 1798 -28.91 -101.85 26.82
CA LEU G 1798 -29.72 -101.14 27.79
C LEU G 1798 -28.93 -100.86 29.06
N SER G 1799 -29.46 -99.92 29.86
CA SER G 1799 -28.82 -99.55 31.11
C SER G 1799 -28.96 -100.67 32.15
N PRO G 1800 -27.98 -100.81 33.04
CA PRO G 1800 -28.08 -101.83 34.10
C PRO G 1800 -29.26 -101.58 35.03
N ALA G 1801 -29.84 -102.68 35.51
CA ALA G 1801 -31.01 -102.63 36.39
C ALA G 1801 -30.59 -102.66 37.85
N ILE G 1802 -31.25 -101.83 38.66
CA ILE G 1802 -31.02 -101.79 40.10
C ILE G 1802 -32.35 -101.71 40.83
N PRO G 1803 -32.51 -102.32 42.01
CA PRO G 1803 -33.81 -102.31 42.70
C PRO G 1803 -34.25 -100.90 43.08
N LEU G 1804 -35.28 -100.42 42.37
CA LEU G 1804 -35.72 -99.03 42.54
C LEU G 1804 -36.53 -98.83 43.81
N GLU G 1805 -37.37 -99.80 44.17
CA GLU G 1805 -38.19 -99.65 45.38
C GLU G 1805 -37.31 -99.60 46.63
N ALA G 1806 -36.27 -100.43 46.67
CA ALA G 1806 -35.34 -100.39 47.78
C ALA G 1806 -34.52 -99.11 47.74
N LEU G 1807 -34.13 -98.67 46.54
CA LEU G 1807 -33.32 -97.46 46.49
C LEU G 1807 -34.12 -96.26 46.96
N ARG G 1808 -35.39 -96.16 46.57
CA ARG G 1808 -36.21 -95.03 46.98
C ARG G 1808 -36.53 -95.06 48.47
N ASP G 1809 -36.72 -96.26 49.04
CA ASP G 1809 -36.95 -96.35 50.48
C ASP G 1809 -35.70 -95.93 51.25
N LYS G 1810 -34.54 -96.36 50.77
CA LYS G 1810 -33.29 -95.97 51.41
C LYS G 1810 -33.07 -94.47 51.32
N ALA G 1811 -33.35 -93.88 50.16
CA ALA G 1811 -33.20 -92.44 50.00
C ALA G 1811 -34.12 -91.66 50.93
N LEU G 1812 -35.37 -92.10 51.06
CA LEU G 1812 -36.30 -91.43 51.97
C LEU G 1812 -35.83 -91.53 53.41
N ARG G 1813 -35.37 -92.71 53.83
CA ARG G 1813 -34.93 -92.88 55.21
C ARG G 1813 -33.69 -92.03 55.48
N MET G 1814 -32.75 -92.02 54.54
CA MET G 1814 -31.54 -91.24 54.73
C MET G 1814 -31.84 -89.74 54.78
N LEU G 1815 -32.75 -89.26 53.93
CA LEU G 1815 -33.10 -87.85 53.96
C LEU G 1815 -33.77 -87.48 55.27
N GLY G 1816 -34.67 -88.35 55.77
CA GLY G 1816 -35.30 -88.05 57.04
C GLY G 1816 -34.31 -88.01 58.18
N GLU G 1817 -33.36 -88.94 58.19
CA GLU G 1817 -32.33 -88.92 59.24
C GLU G 1817 -31.48 -87.67 59.14
N ALA G 1818 -31.15 -87.24 57.92
CA ALA G 1818 -30.34 -86.04 57.75
C ALA G 1818 -31.10 -84.82 58.27
N VAL G 1819 -32.41 -84.79 58.01
CA VAL G 1819 -33.25 -83.69 58.48
C VAL G 1819 -33.27 -83.64 60.00
N ARG G 1820 -33.44 -84.79 60.64
CA ARG G 1820 -33.40 -84.83 62.10
C ARG G 1820 -32.04 -84.41 62.66
N ASP G 1821 -30.95 -84.89 62.07
CA ASP G 1821 -29.64 -84.49 62.56
C ASP G 1821 -29.42 -82.99 62.37
N GLY G 1822 -29.84 -82.45 61.23
CA GLY G 1822 -29.74 -81.01 61.04
C GLY G 1822 -30.57 -80.24 62.05
N GLY G 1823 -31.72 -80.78 62.46
CA GLY G 1823 -32.46 -80.12 63.51
C GLY G 1823 -31.70 -80.16 64.82
N GLN G 1824 -30.97 -81.25 65.06
CA GLN G 1824 -30.22 -81.38 66.32
C GLN G 1824 -29.00 -80.47 66.33
N HIS G 1825 -28.54 -80.04 65.16
CA HIS G 1825 -27.37 -79.15 65.04
C HIS G 1825 -26.11 -79.81 65.62
N ALA G 1826 -25.85 -81.03 65.17
CA ALA G 1826 -24.66 -81.74 65.61
C ALA G 1826 -23.40 -81.02 65.16
N ARG G 1827 -22.38 -81.04 66.02
CA ARG G 1827 -21.10 -80.40 65.73
C ARG G 1827 -20.24 -81.20 64.76
N ASP G 1828 -20.63 -82.41 64.41
CA ASP G 1828 -19.88 -83.27 63.49
C ASP G 1828 -20.82 -83.74 62.40
N PRO G 1829 -21.13 -82.87 61.43
CA PRO G 1829 -22.03 -83.27 60.34
C PRO G 1829 -21.42 -84.36 59.47
N VAL G 1830 -22.29 -85.18 58.89
CA VAL G 1830 -21.85 -86.27 58.04
C VAL G 1830 -21.22 -85.70 56.77
N GLY G 1831 -20.04 -86.20 56.43
CA GLY G 1831 -19.30 -85.73 55.29
C GLY G 1831 -18.44 -84.51 55.53
N GLY G 1832 -18.46 -83.96 56.75
CA GLY G 1832 -17.66 -82.81 57.08
C GLY G 1832 -18.36 -81.48 56.92
N SER G 1833 -19.50 -81.44 56.24
CA SER G 1833 -20.23 -80.19 56.06
C SER G 1833 -21.69 -80.48 55.71
N VAL G 1834 -22.51 -79.47 55.95
CA VAL G 1834 -23.94 -79.59 55.64
C VAL G 1834 -24.14 -79.75 54.14
N GLU G 1835 -23.31 -79.09 53.34
CA GLU G 1835 -23.40 -79.24 51.90
C GLU G 1835 -23.14 -80.69 51.50
N PHE G 1836 -22.10 -81.29 52.06
CA PHE G 1836 -21.76 -82.66 51.72
C PHE G 1836 -22.75 -83.64 52.32
N GLN G 1837 -23.56 -83.19 53.27
CA GLN G 1837 -24.57 -84.06 53.88
C GLN G 1837 -25.88 -84.04 53.12
N PHE G 1838 -26.25 -82.89 52.56
CA PHE G 1838 -27.54 -82.71 51.91
C PHE G 1838 -27.53 -82.77 50.38
N VAL G 1839 -26.51 -82.21 49.72
CA VAL G 1839 -26.54 -82.12 48.26
C VAL G 1839 -26.64 -83.47 47.56
N PRO G 1840 -25.83 -84.48 47.92
CA PRO G 1840 -25.99 -85.79 47.25
C PRO G 1840 -27.37 -86.42 47.44
N VAL G 1841 -27.95 -86.26 48.63
CA VAL G 1841 -29.26 -86.86 48.87
C VAL G 1841 -30.32 -86.12 48.07
N LEU G 1842 -30.24 -84.79 48.05
CA LEU G 1842 -31.26 -84.05 47.32
C LEU G 1842 -31.15 -84.30 45.82
N LYS G 1843 -29.92 -84.49 45.32
CA LYS G 1843 -29.77 -84.85 43.91
C LYS G 1843 -30.39 -86.20 43.61
N LEU G 1844 -30.19 -87.17 44.50
CA LEU G 1844 -30.78 -88.49 44.30
C LEU G 1844 -32.32 -88.42 44.33
N VAL G 1845 -32.86 -87.68 45.28
CA VAL G 1845 -34.32 -87.56 45.39
C VAL G 1845 -34.88 -86.86 44.16
N SER G 1846 -34.23 -85.78 43.70
CA SER G 1846 -34.70 -85.09 42.52
C SER G 1846 -34.68 -85.99 41.30
N THR G 1847 -33.61 -86.78 41.14
CA THR G 1847 -33.54 -87.68 40.00
C THR G 1847 -34.65 -88.72 40.05
N LEU G 1848 -34.93 -89.28 41.23
CA LEU G 1848 -35.98 -90.28 41.31
C LEU G 1848 -37.35 -89.65 41.11
N LEU G 1849 -37.53 -88.40 41.56
CA LEU G 1849 -38.79 -87.72 41.33
C LEU G 1849 -39.02 -87.51 39.85
N VAL G 1850 -37.99 -87.08 39.13
CA VAL G 1850 -38.14 -86.87 37.70
C VAL G 1850 -38.45 -88.20 37.01
N MET G 1851 -37.76 -89.27 37.42
CA MET G 1851 -38.04 -90.57 36.83
C MET G 1851 -39.42 -91.08 37.21
N GLY G 1852 -40.05 -90.48 38.22
CA GLY G 1852 -41.40 -90.86 38.58
C GLY G 1852 -41.54 -92.14 39.36
N ILE G 1853 -40.48 -92.58 40.06
CA ILE G 1853 -40.55 -93.82 40.82
C ILE G 1853 -41.44 -93.66 42.04
N PHE G 1854 -41.39 -92.50 42.69
CA PHE G 1854 -42.10 -92.32 43.94
C PHE G 1854 -43.61 -92.42 43.75
N GLY G 1855 -44.28 -93.05 44.70
CA GLY G 1855 -45.72 -93.15 44.71
C GLY G 1855 -46.36 -92.01 45.47
N ASP G 1856 -47.69 -92.13 45.63
CA ASP G 1856 -48.46 -91.07 46.29
C ASP G 1856 -48.04 -90.90 47.74
N GLU G 1857 -47.87 -92.00 48.47
CA GLU G 1857 -47.46 -91.90 49.86
C GLU G 1857 -46.06 -91.31 49.98
N ASP G 1858 -45.14 -91.72 49.10
CA ASP G 1858 -43.79 -91.18 49.17
C ASP G 1858 -43.78 -89.69 48.88
N VAL G 1859 -44.55 -89.23 47.89
CA VAL G 1859 -44.58 -87.81 47.62
C VAL G 1859 -45.18 -87.06 48.80
N LYS G 1860 -46.20 -87.63 49.45
CA LYS G 1860 -46.77 -86.98 50.61
C LYS G 1860 -45.73 -86.85 51.73
N GLN G 1861 -44.92 -87.90 51.94
CA GLN G 1861 -43.89 -87.81 52.96
C GLN G 1861 -42.85 -86.75 52.62
N ILE G 1862 -42.45 -86.66 51.36
CA ILE G 1862 -41.49 -85.64 50.98
C ILE G 1862 -42.07 -84.25 51.22
N LEU G 1863 -43.33 -84.05 50.86
CA LEU G 1863 -43.95 -82.74 51.07
C LEU G 1863 -44.06 -82.43 52.55
N LYS G 1864 -44.32 -83.44 53.38
CA LYS G 1864 -44.36 -83.23 54.82
C LYS G 1864 -43.01 -82.79 55.36
N MET G 1865 -41.93 -83.41 54.90
CA MET G 1865 -40.61 -82.99 55.37
C MET G 1865 -40.28 -81.58 54.89
N ILE G 1866 -40.67 -81.24 53.66
CA ILE G 1866 -40.38 -79.90 53.15
C ILE G 1866 -41.17 -78.86 53.93
N GLU G 1867 -42.44 -79.10 54.18
CA GLU G 1867 -43.28 -78.14 54.92
C GLU G 1867 -44.43 -78.90 55.58
N PRO G 1868 -44.23 -79.31 56.83
CA PRO G 1868 -45.27 -80.12 57.49
C PRO G 1868 -46.56 -79.38 57.79
N GLU G 1869 -46.54 -78.04 57.82
CA GLU G 1869 -47.74 -77.28 58.17
C GLU G 1869 -48.58 -76.93 56.96
N VAL G 1870 -47.95 -76.50 55.86
CA VAL G 1870 -48.72 -76.11 54.68
C VAL G 1870 -49.34 -77.33 54.03
N PHE G 1871 -48.57 -78.41 53.90
CA PHE G 1871 -49.00 -79.60 53.18
C PHE G 1871 -49.60 -80.64 54.12
N THR G 1872 -50.49 -80.18 55.00
CA THR G 1872 -51.22 -81.05 55.91
C THR G 1872 -52.66 -81.16 55.44
N GLU G 1873 -53.13 -82.39 55.25
CA GLU G 1873 -54.50 -82.63 54.80
C GLU G 1873 -55.45 -82.76 56.00
N GLU G 1923 -41.77 -80.66 64.93
CA GLU G 1923 -40.96 -80.86 63.74
C GLU G 1923 -40.75 -79.53 63.02
N GLU G 1924 -39.71 -79.47 62.19
CA GLU G 1924 -39.38 -78.26 61.46
C GLU G 1924 -38.92 -78.61 60.05
N GLY G 1925 -39.30 -77.79 59.08
CA GLY G 1925 -39.02 -78.06 57.69
C GLY G 1925 -37.67 -77.55 57.20
N LEU G 1926 -37.34 -77.96 55.98
CA LEU G 1926 -36.14 -77.49 55.29
C LEU G 1926 -36.23 -76.03 54.91
N LEU G 1927 -37.44 -75.56 54.58
CA LEU G 1927 -37.65 -74.22 54.07
C LEU G 1927 -37.34 -73.12 55.07
N GLN G 1928 -37.29 -73.44 56.37
CA GLN G 1928 -37.04 -72.44 57.39
C GLN G 1928 -35.68 -72.58 58.04
N MET G 1929 -34.88 -73.56 57.63
CA MET G 1929 -33.53 -73.73 58.16
C MET G 1929 -32.55 -73.02 57.24
N LYS G 1930 -31.54 -72.40 57.83
CA LYS G 1930 -30.52 -71.71 57.05
C LYS G 1930 -29.63 -72.72 56.36
N LEU G 1931 -29.61 -72.68 55.04
CA LEU G 1931 -28.88 -73.63 54.21
C LEU G 1931 -28.07 -72.88 53.16
N PRO G 1932 -27.02 -73.52 52.63
CA PRO G 1932 -26.24 -72.87 51.57
C PRO G 1932 -26.93 -72.81 50.22
N GLU G 1933 -26.22 -72.18 49.26
CA GLU G 1933 -26.81 -71.87 47.97
C GLU G 1933 -27.07 -73.14 47.17
N SER G 1934 -26.21 -74.14 47.29
CA SER G 1934 -26.41 -75.39 46.56
C SER G 1934 -27.70 -76.07 47.00
N VAL G 1935 -27.97 -76.06 48.30
CA VAL G 1935 -29.21 -76.65 48.78
C VAL G 1935 -30.40 -75.81 48.34
N LYS G 1936 -30.25 -74.48 48.35
CA LYS G 1936 -31.36 -73.66 47.88
C LYS G 1936 -31.66 -73.95 46.41
N LEU G 1937 -30.61 -74.21 45.63
CA LEU G 1937 -30.77 -74.57 44.22
C LEU G 1937 -31.51 -75.89 44.05
N GLN G 1938 -31.21 -76.87 44.89
CA GLN G 1938 -31.94 -78.13 44.79
C GLN G 1938 -33.39 -77.97 45.22
N MET G 1939 -33.65 -77.09 46.21
CA MET G 1939 -35.02 -76.86 46.59
C MET G 1939 -35.79 -76.18 45.47
N CYS G 1940 -35.10 -75.29 44.74
CA CYS G 1940 -35.74 -74.66 43.59
C CYS G 1940 -36.05 -75.68 42.50
N ASN G 1941 -35.17 -76.66 42.31
CA ASN G 1941 -35.45 -77.71 41.32
C ASN G 1941 -36.68 -78.52 41.72
N LEU G 1942 -36.80 -78.84 43.01
CA LEU G 1942 -37.96 -79.58 43.49
C LEU G 1942 -39.25 -78.78 43.27
N LEU G 1943 -39.23 -77.51 43.65
CA LEU G 1943 -40.45 -76.71 43.48
C LEU G 1943 -40.77 -76.53 42.00
N GLU G 1944 -39.75 -76.49 41.14
CA GLU G 1944 -40.00 -76.42 39.70
C GLU G 1944 -40.71 -77.68 39.22
N TYR G 1945 -40.32 -78.83 39.76
CA TYR G 1945 -40.97 -80.08 39.39
C TYR G 1945 -42.44 -80.06 39.79
N PHE G 1946 -42.73 -79.58 41.00
CA PHE G 1946 -44.13 -79.58 41.44
C PHE G 1946 -44.97 -78.55 40.69
N CYS G 1947 -44.38 -77.43 40.30
CA CYS G 1947 -45.09 -76.48 39.44
C CYS G 1947 -45.41 -77.09 38.07
N ASP G 1948 -44.48 -77.89 37.54
CA ASP G 1948 -44.77 -78.57 36.26
C ASP G 1948 -45.91 -79.56 36.43
N GLN G 1949 -45.95 -80.26 37.57
CA GLN G 1949 -47.04 -81.21 37.79
C GLN G 1949 -48.39 -80.49 37.88
N GLU G 1950 -48.41 -79.32 38.53
CA GLU G 1950 -49.64 -78.54 38.58
C GLU G 1950 -50.09 -78.08 37.19
N LEU G 1951 -49.15 -77.66 36.36
CA LEU G 1951 -49.50 -77.29 34.98
C LEU G 1951 -50.06 -78.46 34.20
N GLN G 1952 -49.46 -79.65 34.35
CA GLN G 1952 -49.99 -80.81 33.64
C GLN G 1952 -51.39 -81.17 34.12
N HIS G 1953 -51.64 -81.02 35.43
CA HIS G 1953 -52.98 -81.29 35.94
C HIS G 1953 -54.01 -80.33 35.35
N ARG G 1954 -53.63 -79.06 35.21
CA ARG G 1954 -54.55 -78.09 34.62
C ARG G 1954 -54.85 -78.43 33.16
N VAL G 1955 -53.82 -78.84 32.43
CA VAL G 1955 -54.02 -79.20 31.01
C VAL G 1955 -54.94 -80.40 30.87
N GLU G 1956 -54.74 -81.43 31.70
CA GLU G 1956 -55.60 -82.61 31.60
C GLU G 1956 -57.05 -82.29 31.99
N SER G 1957 -57.25 -81.45 33.01
CA SER G 1957 -58.61 -81.07 33.38
C SER G 1957 -59.29 -80.27 32.26
N LEU G 1958 -58.54 -79.38 31.61
CA LEU G 1958 -59.08 -78.63 30.48
C LEU G 1958 -59.46 -79.53 29.32
N ALA G 1959 -58.63 -80.54 29.02
CA ALA G 1959 -59.00 -81.47 27.96
C ALA G 1959 -60.25 -82.28 28.31
N ALA G 1960 -60.39 -82.68 29.57
CA ALA G 1960 -61.60 -83.41 29.94
C ALA G 1960 -62.85 -82.55 29.77
N PHE G 1961 -62.76 -81.28 30.20
CA PHE G 1961 -63.92 -80.42 30.02
C PHE G 1961 -64.19 -80.17 28.55
N ALA G 1962 -63.14 -80.07 27.72
CA ALA G 1962 -63.35 -79.88 26.30
C ALA G 1962 -64.12 -81.04 25.70
N GLU G 1963 -63.78 -82.26 26.12
CA GLU G 1963 -64.48 -83.44 25.61
C GLU G 1963 -65.95 -83.43 26.00
N ARG G 1964 -66.25 -83.05 27.24
CA ARG G 1964 -67.65 -83.03 27.66
C ARG G 1964 -68.42 -81.92 26.95
N TYR G 1965 -67.79 -80.76 26.79
CA TYR G 1965 -68.54 -79.65 26.22
C TYR G 1965 -68.75 -79.87 24.73
N VAL G 1966 -67.77 -80.47 24.04
CA VAL G 1966 -67.95 -80.73 22.63
C VAL G 1966 -69.08 -81.74 22.44
N ASP G 1967 -69.15 -82.74 23.31
CA ASP G 1967 -70.23 -83.72 23.21
C ASP G 1967 -71.61 -83.06 23.37
N LYS G 1968 -71.72 -82.15 24.33
CA LYS G 1968 -72.97 -81.42 24.51
C LYS G 1968 -73.28 -80.51 23.33
N LEU G 1969 -72.26 -79.86 22.77
CA LEU G 1969 -72.46 -79.01 21.60
C LEU G 1969 -72.95 -79.82 20.41
N GLN G 1970 -72.36 -81.00 20.18
CA GLN G 1970 -72.79 -81.81 19.05
C GLN G 1970 -74.21 -82.30 19.22
N ALA G 1971 -74.58 -82.72 20.44
CA ALA G 1971 -75.95 -83.18 20.64
C ALA G 1971 -76.95 -82.03 20.45
N ASN G 1972 -76.60 -80.82 20.92
CA ASN G 1972 -77.50 -79.69 20.74
C ASN G 1972 -77.62 -79.30 19.28
N GLN G 1973 -76.50 -79.28 18.55
CA GLN G 1973 -76.56 -78.90 17.14
C GLN G 1973 -77.35 -79.93 16.34
N ARG G 1974 -77.22 -81.22 16.69
CA ARG G 1974 -78.01 -82.24 16.02
C ARG G 1974 -79.50 -82.03 16.27
N SER G 1975 -79.88 -81.69 17.50
CA SER G 1975 -81.30 -81.47 17.76
C SER G 1975 -81.81 -80.20 17.07
N ARG G 1976 -81.00 -79.14 17.04
CA ARG G 1976 -81.43 -77.93 16.37
C ARG G 1976 -81.58 -78.15 14.87
N TYR G 1977 -80.67 -78.91 14.26
CA TYR G 1977 -80.80 -79.20 12.84
C TYR G 1977 -82.00 -80.08 12.58
N ALA G 1978 -82.29 -81.00 13.50
CA ALA G 1978 -83.43 -81.89 13.32
C ALA G 1978 -84.72 -81.09 13.30
N LEU G 1979 -84.87 -80.15 14.24
CA LEU G 1979 -86.10 -79.37 14.21
C LEU G 1979 -86.09 -78.33 13.09
N LEU G 1980 -84.91 -77.84 12.69
CA LEU G 1980 -84.81 -76.88 11.62
C LEU G 1980 -85.17 -77.45 10.26
N MET G 1981 -85.04 -78.77 10.08
CA MET G 1981 -85.39 -79.35 8.79
C MET G 1981 -86.88 -79.31 8.49
N ARG G 1982 -87.73 -79.04 9.49
CA ARG G 1982 -89.16 -78.93 9.29
C ARG G 1982 -89.55 -77.45 9.35
N THR G 1991 -84.27 -66.78 5.43
CA THR G 1991 -83.94 -68.19 5.50
C THR G 1991 -82.42 -68.37 5.45
N ALA G 1992 -81.73 -67.41 4.82
CA ALA G 1992 -80.27 -67.47 4.80
C ALA G 1992 -79.72 -67.42 6.22
N ARG G 1993 -80.36 -66.64 7.09
CA ARG G 1993 -79.96 -66.59 8.49
C ARG G 1993 -80.14 -67.94 9.18
N ARG G 1994 -81.23 -68.63 8.90
CA ARG G 1994 -81.45 -69.93 9.52
C ARG G 1994 -80.51 -70.99 8.98
N THR G 1995 -80.14 -70.93 7.69
CA THR G 1995 -79.33 -71.97 7.07
C THR G 1995 -77.85 -71.63 6.96
N ARG G 1996 -77.41 -70.44 7.40
CA ARG G 1996 -76.00 -70.07 7.23
C ARG G 1996 -75.08 -70.93 8.08
N GLU G 1997 -75.52 -71.33 9.28
CA GLU G 1997 -74.63 -72.03 10.20
C GLU G 1997 -74.14 -73.34 9.60
N PHE G 1998 -75.04 -74.10 8.98
CA PHE G 1998 -74.70 -75.44 8.51
C PHE G 1998 -73.94 -75.44 7.18
N ARG G 1999 -73.81 -74.29 6.52
CA ARG G 1999 -73.06 -74.18 5.27
C ARG G 1999 -71.77 -73.40 5.46
N SER G 2000 -71.13 -73.57 6.62
CA SER G 2000 -69.89 -72.88 6.96
C SER G 2000 -68.88 -73.88 7.49
N PRO G 2001 -67.58 -73.58 7.38
CA PRO G 2001 -66.58 -74.52 7.85
C PRO G 2001 -66.70 -74.74 9.34
N PRO G 2002 -66.37 -75.94 9.82
CA PRO G 2002 -66.57 -76.25 11.25
C PRO G 2002 -65.84 -75.33 12.20
N GLN G 2003 -64.65 -74.86 11.82
CA GLN G 2003 -63.96 -73.89 12.68
C GLN G 2003 -64.75 -72.61 12.83
N GLU G 2004 -65.35 -72.12 11.75
CA GLU G 2004 -66.18 -70.93 11.88
C GLU G 2004 -67.46 -71.24 12.63
N GLN G 2005 -67.98 -72.46 12.49
CA GLN G 2005 -69.18 -72.82 13.24
C GLN G 2005 -68.90 -72.78 14.74
N ILE G 2006 -67.76 -73.32 15.16
CA ILE G 2006 -67.49 -73.34 16.59
C ILE G 2006 -67.04 -71.98 17.08
N ASN G 2007 -66.48 -71.15 16.19
CA ASN G 2007 -66.16 -69.78 16.60
C ASN G 2007 -67.44 -69.00 16.87
N MET G 2008 -68.46 -69.20 16.03
CA MET G 2008 -69.72 -68.51 16.28
C MET G 2008 -70.39 -69.07 17.53
N LEU G 2009 -70.28 -70.39 17.73
CA LEU G 2009 -70.93 -70.99 18.90
C LEU G 2009 -70.29 -70.52 20.19
N LEU G 2010 -68.98 -70.29 20.19
CA LEU G 2010 -68.26 -69.86 21.37
C LEU G 2010 -68.14 -68.35 21.51
N HIS G 2011 -68.63 -67.58 20.53
CA HIS G 2011 -68.56 -66.13 20.60
C HIS G 2011 -69.77 -65.57 21.35
N PHE G 2012 -69.81 -65.87 22.65
CA PHE G 2012 -70.86 -65.35 23.52
C PHE G 2012 -70.34 -64.97 24.90
N LYS G 2013 -69.07 -64.54 25.00
CA LYS G 2013 -68.50 -64.26 26.30
C LYS G 2013 -69.07 -62.97 26.89
N ASP G 2014 -69.19 -61.93 26.08
CA ASP G 2014 -69.68 -60.65 26.55
C ASP G 2014 -71.21 -60.63 26.49
N GLU G 2015 -71.80 -59.88 27.42
CA GLU G 2015 -73.26 -59.74 27.45
C GLU G 2015 -73.78 -58.76 26.42
N ALA G 2016 -72.92 -58.09 25.66
CA ALA G 2016 -73.33 -57.20 24.60
C ALA G 2016 -73.42 -57.88 23.25
N ASP G 2017 -73.07 -59.17 23.16
CA ASP G 2017 -73.17 -59.92 21.91
C ASP G 2017 -73.88 -61.25 22.12
N GLU G 2018 -74.66 -61.39 23.19
CA GLU G 2018 -75.39 -62.64 23.46
C GLU G 2018 -76.77 -62.61 22.82
N GLU G 2019 -76.82 -62.27 21.55
CA GLU G 2019 -78.07 -62.23 20.79
C GLU G 2019 -78.11 -63.22 19.63
N ASP G 2020 -77.01 -63.32 18.87
CA ASP G 2020 -76.93 -64.26 17.76
C ASP G 2020 -76.61 -65.68 18.20
N CYS G 2021 -76.12 -65.87 19.41
CA CYS G 2021 -75.72 -67.21 19.85
C CYS G 2021 -76.96 -68.07 20.07
N PRO G 2022 -77.10 -69.21 19.39
CA PRO G 2022 -78.26 -70.08 19.62
C PRO G 2022 -78.08 -71.10 20.74
N LEU G 2023 -76.99 -71.03 21.49
CA LEU G 2023 -76.75 -72.01 22.54
C LEU G 2023 -77.69 -71.76 23.72
N PRO G 2024 -78.13 -72.82 24.40
CA PRO G 2024 -78.97 -72.61 25.58
C PRO G 2024 -78.23 -71.95 26.73
N GLU G 2025 -79.01 -71.28 27.58
CA GLU G 2025 -78.43 -70.56 28.70
C GLU G 2025 -77.78 -71.51 29.68
N ASP G 2026 -78.33 -72.72 29.84
CA ASP G 2026 -77.73 -73.67 30.77
C ASP G 2026 -76.34 -74.08 30.31
N ILE G 2027 -76.16 -74.29 29.01
CA ILE G 2027 -74.83 -74.63 28.51
C ILE G 2027 -73.90 -73.44 28.63
N ARG G 2028 -74.41 -72.22 28.38
CA ARG G 2028 -73.54 -71.07 28.55
C ARG G 2028 -73.11 -70.97 30.00
N GLN G 2029 -74.03 -71.28 30.92
CA GLN G 2029 -73.70 -71.17 32.34
C GLN G 2029 -72.63 -72.20 32.69
N ASP G 2030 -72.72 -73.38 32.08
CA ASP G 2030 -71.76 -74.44 32.39
C ASP G 2030 -70.36 -74.01 31.96
N LEU G 2031 -70.27 -73.39 30.78
CA LEU G 2031 -68.97 -72.90 30.32
C LEU G 2031 -68.46 -71.76 31.19
N GLN G 2032 -69.34 -70.85 31.60
CA GLN G 2032 -68.90 -69.76 32.47
C GLN G 2032 -68.45 -70.28 33.83
N ASP G 2033 -69.12 -71.30 34.35
CA ASP G 2033 -68.71 -71.94 35.60
C ASP G 2033 -67.33 -72.56 35.47
N PHE G 2034 -67.06 -73.22 34.33
CA PHE G 2034 -65.73 -73.80 34.18
C PHE G 2034 -64.68 -72.72 34.01
N HIS G 2035 -65.01 -71.61 33.35
CA HIS G 2035 -64.03 -70.54 33.22
C HIS G 2035 -63.74 -69.90 34.56
N GLN G 2036 -64.75 -69.86 35.42
CA GLN G 2036 -64.57 -69.28 36.76
C GLN G 2036 -63.69 -70.18 37.61
N ASP G 2037 -63.94 -71.50 37.59
CA ASP G 2037 -63.13 -72.37 38.41
C ASP G 2037 -61.74 -72.58 37.81
N LEU G 2038 -61.56 -72.27 36.52
CA LEU G 2038 -60.22 -72.25 35.95
C LEU G 2038 -59.44 -71.05 36.44
N LEU G 2039 -60.07 -69.87 36.45
CA LEU G 2039 -59.41 -68.71 37.00
C LEU G 2039 -59.10 -68.89 38.48
N ALA G 2040 -60.04 -69.49 39.22
CA ALA G 2040 -59.77 -69.75 40.63
C ALA G 2040 -58.61 -70.71 40.82
N HIS G 2041 -58.54 -71.76 39.99
CA HIS G 2041 -57.42 -72.69 40.10
C HIS G 2041 -56.11 -72.01 39.74
N CYS G 2042 -56.15 -71.00 38.87
CA CYS G 2042 -54.96 -70.22 38.56
C CYS G 2042 -54.74 -69.10 39.57
N GLY G 2043 -55.61 -68.96 40.55
CA GLY G 2043 -55.43 -67.98 41.61
C GLY G 2043 -55.57 -66.54 41.19
N ILE G 2044 -56.47 -66.25 40.24
CA ILE G 2044 -56.78 -64.88 39.90
C ILE G 2044 -57.96 -64.44 40.77
N GLN G 2045 -57.73 -63.43 41.60
CA GLN G 2045 -58.78 -62.95 42.49
C GLN G 2045 -59.98 -62.48 41.67
N LEU G 2046 -61.16 -62.92 42.08
CA LEU G 2046 -62.39 -62.56 41.38
C LEU G 2046 -62.92 -61.22 41.87
N LYS G 2090 -50.38 -66.27 56.90
CA LYS G 2090 -49.66 -67.54 56.78
C LYS G 2090 -49.98 -68.21 55.45
N PRO G 2091 -48.95 -68.60 54.70
CA PRO G 2091 -49.20 -69.21 53.39
C PRO G 2091 -50.03 -70.48 53.51
N GLN G 2092 -50.91 -70.68 52.53
CA GLN G 2092 -51.74 -71.87 52.47
C GLN G 2092 -51.69 -72.54 51.09
N SER G 2093 -50.76 -72.14 50.23
CA SER G 2093 -50.68 -72.69 48.89
C SER G 2093 -49.25 -72.60 48.39
N LEU G 2094 -48.95 -73.40 47.37
CA LEU G 2094 -47.60 -73.46 46.84
C LEU G 2094 -47.16 -72.12 46.27
N GLN G 2095 -48.06 -71.40 45.60
CA GLN G 2095 -47.69 -70.13 45.01
C GLN G 2095 -47.24 -69.13 46.07
N GLU G 2096 -47.99 -69.04 47.17
CA GLU G 2096 -47.63 -68.11 48.23
C GLU G 2096 -46.40 -68.58 48.98
N LEU G 2097 -46.24 -69.89 49.11
CA LEU G 2097 -45.06 -70.42 49.79
C LEU G 2097 -43.81 -70.07 49.02
N VAL G 2098 -43.86 -70.28 47.71
CA VAL G 2098 -42.70 -70.02 46.86
C VAL G 2098 -42.39 -68.54 46.83
N SER G 2099 -43.42 -67.70 46.68
CA SER G 2099 -43.18 -66.26 46.63
C SER G 2099 -42.54 -65.77 47.94
N HIS G 2100 -43.12 -66.18 49.07
CA HIS G 2100 -42.58 -65.75 50.36
C HIS G 2100 -41.15 -66.23 50.55
N MET G 2101 -40.88 -67.50 50.24
CA MET G 2101 -39.53 -68.01 50.45
C MET G 2101 -38.52 -67.27 49.58
N VAL G 2102 -38.85 -67.04 48.31
CA VAL G 2102 -37.92 -66.39 47.41
C VAL G 2102 -37.66 -64.96 47.85
N VAL G 2103 -38.70 -64.22 48.20
CA VAL G 2103 -38.51 -62.84 48.64
C VAL G 2103 -37.68 -62.78 49.91
N ARG G 2104 -38.00 -63.68 50.87
CA ARG G 2104 -37.25 -63.72 52.15
C ARG G 2104 -35.78 -63.97 51.83
N TRP G 2105 -35.48 -64.95 50.98
CA TRP G 2105 -34.10 -65.28 50.65
C TRP G 2105 -33.39 -64.10 50.03
N ALA G 2106 -34.06 -63.40 49.11
CA ALA G 2106 -33.39 -62.32 48.41
C ALA G 2106 -33.16 -61.12 49.32
N GLN G 2107 -34.06 -60.86 50.25
CA GLN G 2107 -33.91 -59.72 51.15
C GLN G 2107 -33.15 -60.04 52.42
N GLU G 2108 -32.76 -61.30 52.64
CA GLU G 2108 -31.92 -61.64 53.78
C GLU G 2108 -30.44 -61.55 53.50
N ASP G 2109 -30.01 -61.77 52.25
CA ASP G 2109 -28.59 -61.72 51.94
C ASP G 2109 -28.40 -61.48 50.46
N TYR G 2110 -27.20 -61.03 50.11
CA TYR G 2110 -26.84 -60.78 48.72
C TYR G 2110 -26.40 -62.09 48.07
N VAL G 2111 -27.25 -62.64 47.22
CA VAL G 2111 -26.96 -63.92 46.58
C VAL G 2111 -25.81 -63.75 45.60
N GLN G 2112 -24.83 -64.66 45.68
CA GLN G 2112 -23.65 -64.60 44.85
C GLN G 2112 -23.68 -65.58 43.68
N SER G 2113 -24.58 -66.57 43.70
CA SER G 2113 -24.64 -67.57 42.64
C SER G 2113 -25.59 -67.11 41.55
N PRO G 2114 -25.10 -66.76 40.36
CA PRO G 2114 -26.03 -66.35 39.30
C PRO G 2114 -27.01 -67.44 38.89
N GLU G 2115 -26.59 -68.70 38.94
CA GLU G 2115 -27.51 -69.79 38.62
C GLU G 2115 -28.66 -69.84 39.62
N LEU G 2116 -28.35 -69.67 40.91
CA LEU G 2116 -29.40 -69.66 41.91
C LEU G 2116 -30.32 -68.46 41.72
N VAL G 2117 -29.74 -67.31 41.40
CA VAL G 2117 -30.53 -66.10 41.22
C VAL G 2117 -31.50 -66.27 40.06
N ARG G 2118 -31.00 -66.82 38.95
CA ARG G 2118 -31.85 -67.07 37.80
C ARG G 2118 -32.95 -68.07 38.14
N ALA G 2119 -32.61 -69.12 38.90
CA ALA G 2119 -33.60 -70.12 39.22
C ALA G 2119 -34.73 -69.53 40.06
N MET G 2120 -34.38 -68.71 41.06
CA MET G 2120 -35.40 -68.19 41.96
C MET G 2120 -36.25 -67.13 41.27
N PHE G 2121 -35.66 -66.32 40.39
CA PHE G 2121 -36.48 -65.33 39.71
C PHE G 2121 -37.32 -65.95 38.60
N SER G 2122 -36.84 -67.00 37.95
CA SER G 2122 -37.69 -67.75 37.02
C SER G 2122 -38.88 -68.38 37.73
N LEU G 2123 -38.63 -68.96 38.92
CA LEU G 2123 -39.74 -69.53 39.67
C LEU G 2123 -40.72 -68.46 40.11
N LEU G 2124 -40.22 -67.30 40.53
CA LEU G 2124 -41.13 -66.26 40.98
C LEU G 2124 -41.98 -65.78 39.81
N HIS G 2125 -41.36 -65.64 38.64
CA HIS G 2125 -42.12 -65.16 37.49
C HIS G 2125 -43.19 -66.18 37.13
N ARG G 2126 -42.86 -67.47 37.29
CA ARG G 2126 -43.84 -68.49 36.97
C ARG G 2126 -45.03 -68.43 37.91
N GLN G 2127 -44.77 -68.17 39.20
CA GLN G 2127 -45.88 -68.11 40.15
C GLN G 2127 -46.76 -66.91 39.87
N TYR G 2128 -46.16 -65.76 39.57
CA TYR G 2128 -46.95 -64.56 39.30
C TYR G 2128 -47.70 -64.65 37.98
N ASP G 2129 -47.15 -65.32 36.96
CA ASP G 2129 -47.79 -65.42 35.65
C ASP G 2129 -48.10 -66.88 35.37
N GLY G 2130 -49.27 -67.32 35.82
CA GLY G 2130 -49.71 -68.69 35.62
C GLY G 2130 -50.58 -68.87 34.38
N LEU G 2131 -51.45 -67.90 34.11
CA LEU G 2131 -52.29 -67.95 32.93
C LEU G 2131 -51.48 -67.88 31.64
N GLY G 2132 -50.45 -67.02 31.62
CA GLY G 2132 -49.60 -66.96 30.45
C GLY G 2132 -48.82 -68.23 30.20
N GLU G 2133 -48.37 -68.89 31.27
CA GLU G 2133 -47.68 -70.16 31.10
C GLU G 2133 -48.59 -71.22 30.48
N LEU G 2134 -49.85 -71.28 30.94
CA LEU G 2134 -50.79 -72.20 30.32
C LEU G 2134 -51.06 -71.81 28.88
N LEU G 2135 -51.13 -70.51 28.61
CA LEU G 2135 -51.39 -70.07 27.24
C LEU G 2135 -50.27 -70.50 26.32
N ARG G 2136 -49.03 -70.43 26.79
CA ARG G 2136 -47.89 -70.83 25.99
C ARG G 2136 -47.68 -72.34 25.98
N ALA G 2137 -48.36 -73.08 26.86
CA ALA G 2137 -48.25 -74.54 26.87
C ALA G 2137 -49.36 -75.23 26.10
N LEU G 2138 -50.49 -74.56 25.87
CA LEU G 2138 -51.57 -75.16 25.11
C LEU G 2138 -51.18 -75.58 23.70
N PRO G 2139 -50.36 -74.83 22.96
CA PRO G 2139 -49.97 -75.25 21.60
C PRO G 2139 -49.31 -76.62 21.53
N ARG G 2140 -48.73 -77.11 22.62
CA ARG G 2140 -48.12 -78.44 22.65
C ARG G 2140 -49.04 -79.51 23.22
N ALA G 2141 -50.33 -79.23 23.35
CA ALA G 2141 -51.30 -80.21 23.82
C ALA G 2141 -52.11 -80.76 22.66
N TYR G 2142 -52.37 -82.06 22.70
CA TYR G 2142 -53.05 -82.76 21.61
C TYR G 2142 -53.76 -83.99 22.15
N THR G 2143 -55.03 -84.16 21.77
CA THR G 2143 -55.83 -85.30 22.17
C THR G 2143 -55.90 -86.32 21.04
N ILE G 2144 -55.75 -87.60 21.39
CA ILE G 2144 -55.74 -88.68 20.41
C ILE G 2144 -56.73 -89.76 20.83
N SER G 2145 -57.12 -90.57 19.85
CA SER G 2145 -58.00 -91.70 20.11
C SER G 2145 -57.27 -92.81 20.86
N PRO G 2146 -57.98 -93.55 21.71
CA PRO G 2146 -57.33 -94.66 22.44
C PRO G 2146 -56.82 -95.79 21.57
N SER G 2147 -57.31 -95.91 20.33
CA SER G 2147 -56.87 -96.97 19.44
C SER G 2147 -55.52 -96.72 18.80
N SER G 2148 -54.98 -95.51 18.88
CA SER G 2148 -53.69 -95.17 18.30
C SER G 2148 -52.61 -95.00 19.36
N VAL G 2149 -52.84 -95.53 20.57
CA VAL G 2149 -51.89 -95.34 21.65
C VAL G 2149 -50.61 -96.12 21.40
N GLU G 2150 -50.71 -97.38 20.96
CA GLU G 2150 -49.51 -98.18 20.80
C GLU G 2150 -48.62 -97.61 19.70
N ASP G 2151 -49.22 -97.13 18.60
CA ASP G 2151 -48.43 -96.51 17.55
C ASP G 2151 -47.84 -95.18 18.01
N THR G 2152 -48.59 -94.39 18.80
CA THR G 2152 -48.03 -93.15 19.29
C THR G 2152 -46.86 -93.40 20.22
N MET G 2153 -46.97 -94.40 21.10
CA MET G 2153 -45.87 -94.74 21.99
C MET G 2153 -44.64 -95.21 21.21
N SER G 2154 -44.84 -96.02 20.18
CA SER G 2154 -43.72 -96.46 19.36
C SER G 2154 -43.05 -95.27 18.67
N LEU G 2155 -43.86 -94.33 18.17
CA LEU G 2155 -43.30 -93.15 17.53
C LEU G 2155 -42.52 -92.31 18.53
N LEU G 2156 -43.04 -92.19 19.75
CA LEU G 2156 -42.32 -91.44 20.77
C LEU G 2156 -41.00 -92.12 21.14
N GLU G 2157 -40.98 -93.46 21.17
CA GLU G 2157 -39.72 -94.16 21.43
C GLU G 2157 -38.69 -93.89 20.34
N CYS G 2158 -39.12 -93.91 19.08
CA CYS G 2158 -38.17 -93.64 18.00
C CYS G 2158 -37.70 -92.19 18.04
N LEU G 2159 -38.61 -91.27 18.34
CA LEU G 2159 -38.20 -89.87 18.44
C LEU G 2159 -37.24 -89.67 19.60
N GLY G 2160 -37.45 -90.39 20.70
CA GLY G 2160 -36.53 -90.30 21.81
C GLY G 2160 -35.14 -90.81 21.44
N GLN G 2161 -35.08 -91.87 20.63
CA GLN G 2161 -33.78 -92.35 20.18
C GLN G 2161 -33.09 -91.31 19.31
N ILE G 2162 -33.85 -90.68 18.42
CA ILE G 2162 -33.24 -89.67 17.56
C ILE G 2162 -32.75 -88.49 18.39
N ARG G 2163 -33.57 -88.05 19.35
CA ARG G 2163 -33.13 -86.95 20.19
C ARG G 2163 -31.92 -87.34 21.03
N SER G 2164 -31.81 -88.62 21.41
CA SER G 2164 -30.64 -89.05 22.16
C SER G 2164 -29.40 -89.09 21.29
N LEU G 2165 -29.59 -89.07 19.97
CA LEU G 2165 -28.47 -89.10 19.03
C LEU G 2165 -27.94 -87.71 18.71
N LEU G 2166 -28.55 -86.66 19.27
CA LEU G 2166 -28.10 -85.29 19.06
C LEU G 2166 -26.89 -84.90 19.89
N ILE G 2167 -26.49 -85.70 20.88
CA ILE G 2167 -25.40 -85.33 21.78
C ILE G 2167 -24.23 -86.30 21.66
N VAL G 2168 -24.09 -86.98 20.53
CA VAL G 2168 -23.04 -87.98 20.32
C VAL G 2168 -22.40 -87.73 18.97
N GLN G 2169 -21.08 -87.88 18.92
CA GLN G 2169 -20.37 -87.75 17.65
C GLN G 2169 -20.83 -88.83 16.68
N MET G 2170 -20.96 -88.45 15.42
CA MET G 2170 -21.56 -89.34 14.43
C MET G 2170 -20.68 -90.54 14.16
N GLY G 2171 -21.29 -91.71 14.03
CA GLY G 2171 -20.58 -92.92 13.69
C GLY G 2171 -21.43 -93.87 12.84
N PRO G 2172 -20.82 -94.94 12.35
CA PRO G 2172 -21.57 -95.91 11.53
C PRO G 2172 -22.73 -96.57 12.26
N GLN G 2173 -22.54 -96.86 13.56
CA GLN G 2173 -23.62 -97.48 14.31
C GLN G 2173 -24.76 -96.50 14.55
N GLU G 2174 -24.43 -95.25 14.92
CA GLU G 2174 -25.51 -94.31 15.12
C GLU G 2174 -26.20 -94.02 13.79
N GLU G 2175 -25.45 -94.09 12.68
CA GLU G 2175 -26.06 -93.90 11.36
C GLU G 2175 -27.08 -94.98 11.09
N ASN G 2176 -26.73 -96.23 11.40
CA ASN G 2176 -27.66 -97.34 11.18
C ASN G 2176 -28.87 -97.20 12.07
N LEU G 2177 -28.67 -96.79 13.33
CA LEU G 2177 -29.78 -96.60 14.24
C LEU G 2177 -30.71 -95.50 13.73
N MET G 2178 -30.13 -94.41 13.22
CA MET G 2178 -30.94 -93.31 12.68
C MET G 2178 -31.75 -93.78 11.48
N ILE G 2179 -31.14 -94.59 10.62
CA ILE G 2179 -31.81 -95.04 9.42
C ILE G 2179 -32.97 -95.94 9.79
N GLN G 2180 -32.76 -96.87 10.71
CA GLN G 2180 -33.84 -97.79 11.06
C GLN G 2180 -34.94 -97.05 11.83
N SER G 2181 -34.58 -96.03 12.61
CA SER G 2181 -35.59 -95.24 13.29
C SER G 2181 -36.46 -94.48 12.29
N ILE G 2182 -35.84 -93.93 11.25
CA ILE G 2182 -36.61 -93.24 10.21
C ILE G 2182 -37.53 -94.22 9.49
N GLY G 2183 -37.01 -95.41 9.17
CA GLY G 2183 -37.84 -96.40 8.51
C GLY G 2183 -39.03 -96.80 9.36
N ASN G 2184 -38.81 -96.96 10.67
CA ASN G 2184 -39.90 -97.31 11.56
C ASN G 2184 -40.92 -96.18 11.64
N ILE G 2185 -40.45 -94.93 11.65
CA ILE G 2185 -41.37 -93.80 11.68
C ILE G 2185 -42.23 -93.78 10.42
N MET G 2186 -41.61 -93.97 9.25
CA MET G 2186 -42.38 -93.97 8.02
C MET G 2186 -43.25 -95.21 7.87
N ASN G 2187 -43.04 -96.24 8.68
CA ASN G 2187 -43.89 -97.42 8.64
C ASN G 2187 -45.14 -97.27 9.51
N ASN G 2188 -45.34 -96.11 10.14
CA ASN G 2188 -46.45 -95.90 11.06
C ASN G 2188 -47.56 -95.10 10.40
N LYS G 2189 -48.81 -95.56 10.58
CA LYS G 2189 -49.96 -94.88 10.00
C LYS G 2189 -50.25 -93.55 10.67
N VAL G 2190 -49.89 -93.40 11.95
CA VAL G 2190 -50.15 -92.17 12.68
C VAL G 2190 -49.38 -91.01 12.07
N PHE G 2191 -48.18 -91.29 11.55
CA PHE G 2191 -47.37 -90.24 10.92
C PHE G 2191 -48.12 -89.56 9.79
N TYR G 2192 -49.03 -90.29 9.14
CA TYR G 2192 -49.83 -89.74 8.05
C TYR G 2192 -51.21 -89.30 8.50
N GLN G 2193 -51.77 -89.95 9.52
CA GLN G 2193 -53.10 -89.61 9.99
C GLN G 2193 -53.15 -88.32 10.80
N HIS G 2194 -52.08 -87.98 11.52
CA HIS G 2194 -52.08 -86.81 12.41
C HIS G 2194 -50.89 -85.92 12.09
N PRO G 2195 -50.93 -85.24 10.95
CA PRO G 2195 -49.81 -84.35 10.57
C PRO G 2195 -49.62 -83.15 11.48
N ASN G 2196 -50.69 -82.61 12.09
CA ASN G 2196 -50.52 -81.46 12.97
C ASN G 2196 -49.70 -81.83 14.20
N LEU G 2197 -49.94 -83.03 14.74
CA LEU G 2197 -49.17 -83.50 15.89
C LEU G 2197 -47.70 -83.65 15.54
N MET G 2198 -47.40 -84.18 14.35
CA MET G 2198 -46.01 -84.33 13.93
C MET G 2198 -45.32 -82.97 13.84
N ARG G 2199 -46.00 -81.96 13.30
CA ARG G 2199 -45.38 -80.63 13.24
C ARG G 2199 -45.15 -80.10 14.64
N ALA G 2200 -46.10 -80.33 15.55
CA ALA G 2200 -45.90 -79.87 16.92
C ALA G 2200 -44.72 -80.58 17.57
N LEU G 2201 -44.48 -81.84 17.20
CA LEU G 2201 -43.32 -82.55 17.70
C LEU G 2201 -42.02 -82.04 17.08
N GLY G 2202 -42.09 -81.44 15.89
CA GLY G 2202 -40.92 -80.79 15.32
C GLY G 2202 -39.78 -81.69 14.87
N MET G 2203 -40.10 -82.82 14.23
CA MET G 2203 -39.07 -83.73 13.74
C MET G 2203 -38.20 -83.12 12.65
N HIS G 2204 -38.79 -82.33 11.75
CA HIS G 2204 -38.02 -81.76 10.65
C HIS G 2204 -36.96 -80.77 11.13
N GLU G 2205 -37.24 -80.00 12.18
CA GLU G 2205 -36.18 -79.13 12.69
C GLU G 2205 -35.02 -79.97 13.20
N THR G 2206 -35.33 -81.04 13.91
CA THR G 2206 -34.29 -81.90 14.48
C THR G 2206 -33.47 -82.56 13.38
N VAL G 2207 -34.14 -83.04 12.33
CA VAL G 2207 -33.43 -83.67 11.22
C VAL G 2207 -32.54 -82.67 10.51
N MET G 2208 -33.03 -81.44 10.31
CA MET G 2208 -32.19 -80.44 9.65
C MET G 2208 -30.96 -80.16 10.48
N GLU G 2209 -31.14 -80.04 11.80
CA GLU G 2209 -30.02 -79.76 12.68
C GLU G 2209 -29.01 -80.90 12.66
N VAL G 2210 -29.51 -82.15 12.59
CA VAL G 2210 -28.62 -83.30 12.49
C VAL G 2210 -27.85 -83.24 11.18
N MET G 2211 -28.53 -82.87 10.10
CA MET G 2211 -27.89 -82.82 8.80
C MET G 2211 -26.78 -81.78 8.82
N VAL G 2212 -27.06 -80.60 9.38
CA VAL G 2212 -26.01 -79.57 9.32
C VAL G 2212 -24.86 -79.98 10.22
N ASN G 2213 -25.14 -80.71 11.31
CA ASN G 2213 -24.08 -81.20 12.17
C ASN G 2213 -23.17 -82.18 11.45
N VAL G 2214 -23.75 -83.09 10.65
CA VAL G 2214 -22.91 -83.99 9.87
C VAL G 2214 -22.12 -83.22 8.81
N LEU G 2215 -22.75 -82.27 8.12
CA LEU G 2215 -22.00 -81.50 7.15
C LEU G 2215 -20.98 -80.61 7.86
N ILE G 2223 -18.86 -84.88 1.94
CA ILE G 2223 -19.90 -85.76 2.44
C ILE G 2223 -19.28 -87.05 2.96
N ARG G 2224 -19.56 -87.36 4.23
CA ARG G 2224 -19.05 -88.57 4.86
C ARG G 2224 -20.09 -89.67 5.02
N PHE G 2225 -21.37 -89.32 4.99
CA PHE G 2225 -22.45 -90.27 5.27
C PHE G 2225 -23.57 -90.08 4.25
N PRO G 2226 -23.30 -90.40 2.98
CA PRO G 2226 -24.31 -90.14 1.95
C PRO G 2226 -25.61 -90.87 2.19
N LYS G 2227 -25.57 -92.06 2.77
CA LYS G 2227 -26.84 -92.75 2.98
C LYS G 2227 -27.68 -92.01 4.00
N MET G 2228 -27.03 -91.46 5.03
CA MET G 2228 -27.72 -90.65 6.03
C MET G 2228 -28.29 -89.37 5.42
N VAL G 2229 -27.49 -88.70 4.58
CA VAL G 2229 -27.97 -87.44 4.01
C VAL G 2229 -29.17 -87.70 3.11
N THR G 2230 -29.09 -88.72 2.26
CA THR G 2230 -30.21 -89.02 1.37
C THR G 2230 -31.40 -89.59 2.12
N SER G 2231 -31.20 -90.16 3.30
CA SER G 2231 -32.32 -90.61 4.11
C SER G 2231 -33.03 -89.41 4.72
N CYS G 2232 -32.27 -88.43 5.20
CA CYS G 2232 -32.88 -87.23 5.74
C CYS G 2232 -33.60 -86.46 4.64
N CYS G 2233 -32.98 -86.36 3.46
CA CYS G 2233 -33.62 -85.64 2.37
C CYS G 2233 -34.92 -86.33 1.95
N ARG G 2234 -34.92 -87.66 1.86
CA ARG G 2234 -36.15 -88.36 1.51
C ARG G 2234 -37.21 -88.17 2.58
N PHE G 2235 -36.81 -88.16 3.86
CA PHE G 2235 -37.78 -87.93 4.92
C PHE G 2235 -38.42 -86.55 4.78
N LEU G 2236 -37.61 -85.52 4.53
CA LEU G 2236 -38.18 -84.19 4.40
C LEU G 2236 -39.02 -84.06 3.13
N CYS G 2237 -38.64 -84.75 2.05
CA CYS G 2237 -39.44 -84.71 0.85
C CYS G 2237 -40.82 -85.32 1.07
N TYR G 2238 -40.84 -86.45 1.77
CA TYR G 2238 -42.10 -87.13 2.14
C TYR G 2238 -42.87 -86.16 3.04
N PHE G 2239 -42.21 -85.48 3.98
CA PHE G 2239 -42.88 -84.59 4.91
C PHE G 2239 -43.56 -83.46 4.16
N CYS G 2240 -42.87 -82.92 3.15
CA CYS G 2240 -43.46 -81.85 2.35
C CYS G 2240 -44.63 -82.38 1.55
N ARG G 2241 -44.54 -83.63 1.09
CA ARG G 2241 -45.58 -84.15 0.22
C ARG G 2241 -46.81 -84.60 1.00
N ILE G 2242 -46.75 -84.63 2.33
CA ILE G 2242 -47.94 -85.03 3.09
C ILE G 2242 -49.01 -83.94 3.01
N SER G 2243 -48.62 -82.68 3.25
CA SER G 2243 -49.59 -81.60 3.33
C SER G 2243 -48.93 -80.28 2.97
N ARG G 2244 -49.77 -79.31 2.63
CA ARG G 2244 -49.31 -77.97 2.27
C ARG G 2244 -48.73 -77.23 3.46
N GLN G 2245 -49.27 -77.45 4.66
CA GLN G 2245 -48.74 -76.81 5.85
C GLN G 2245 -47.30 -77.23 6.11
N ASN G 2246 -46.99 -78.51 5.90
CA ASN G 2246 -45.60 -78.94 5.98
C ASN G 2246 -44.76 -78.25 4.92
N GLN G 2247 -45.30 -78.12 3.70
CA GLN G 2247 -44.54 -77.44 2.65
C GLN G 2247 -44.30 -75.98 3.00
N ARG G 2248 -45.30 -75.31 3.57
CA ARG G 2248 -45.09 -73.92 3.98
C ARG G 2248 -44.05 -73.84 5.09
N SER G 2249 -44.08 -74.78 6.03
CA SER G 2249 -43.12 -74.78 7.12
C SER G 2249 -41.70 -74.94 6.61
N MET G 2250 -41.51 -75.85 5.66
CA MET G 2250 -40.21 -76.06 5.03
C MET G 2250 -39.80 -74.92 4.10
N PHE G 2251 -40.75 -74.13 3.61
CA PHE G 2251 -40.37 -73.01 2.75
C PHE G 2251 -39.63 -71.93 3.52
N ASP G 2252 -39.87 -71.82 4.82
CA ASP G 2252 -39.18 -70.81 5.61
C ASP G 2252 -37.68 -71.08 5.74
N HIS G 2253 -37.23 -72.31 5.51
CA HIS G 2253 -35.82 -72.65 5.55
C HIS G 2253 -35.21 -72.84 4.16
N LEU G 2254 -35.82 -72.27 3.13
CA LEU G 2254 -35.31 -72.45 1.76
C LEU G 2254 -33.90 -71.90 1.62
N SER G 2255 -33.67 -70.70 2.16
CA SER G 2255 -32.33 -70.11 2.12
C SER G 2255 -31.34 -70.93 2.94
N TYR G 2256 -31.79 -71.49 4.06
CA TYR G 2256 -30.90 -72.30 4.88
C TYR G 2256 -30.42 -73.53 4.13
N LEU G 2257 -31.30 -74.15 3.34
CA LEU G 2257 -30.91 -75.32 2.56
C LEU G 2257 -29.99 -74.92 1.41
N LEU G 2258 -30.25 -73.78 0.77
CA LEU G 2258 -29.48 -73.37 -0.39
C LEU G 2258 -28.03 -73.08 -0.02
N GLU G 2259 -27.80 -72.44 1.12
CA GLU G 2259 -26.44 -72.11 1.52
C GLU G 2259 -25.61 -73.35 1.84
N ASN G 2260 -26.25 -74.46 2.19
CA ASN G 2260 -25.54 -75.71 2.39
C ASN G 2260 -25.57 -76.62 1.17
N SER G 2261 -26.36 -76.28 0.15
CA SER G 2261 -26.45 -77.09 -1.07
C SER G 2261 -25.45 -76.60 -2.11
N GLY G 2262 -24.19 -76.52 -1.68
CA GLY G 2262 -23.11 -76.13 -2.56
C GLY G 2262 -22.53 -77.30 -3.31
N ILE G 2263 -21.31 -77.12 -3.83
CA ILE G 2263 -20.63 -78.18 -4.54
C ILE G 2263 -20.36 -79.33 -3.57
N GLY G 2264 -20.75 -80.54 -3.98
CA GLY G 2264 -20.70 -81.73 -3.11
C GLY G 2264 -22.12 -82.20 -2.87
N LEU G 2265 -22.97 -82.18 -3.91
CA LEU G 2265 -24.37 -82.68 -3.82
C LEU G 2265 -24.30 -84.15 -3.49
N GLY G 2266 -23.20 -84.82 -3.85
CA GLY G 2266 -23.07 -86.27 -3.72
C GLY G 2266 -23.59 -86.81 -5.04
N MET G 2267 -23.01 -87.86 -5.62
CA MET G 2267 -23.57 -88.52 -6.83
C MET G 2267 -24.35 -89.75 -6.35
N GLN G 2268 -25.04 -89.67 -5.19
CA GLN G 2268 -25.76 -90.81 -4.57
C GLN G 2268 -27.28 -90.69 -4.75
N GLY G 2269 -27.99 -89.96 -3.87
CA GLY G 2269 -29.47 -89.88 -3.91
C GLY G 2269 -30.03 -88.48 -3.69
N SER G 2270 -31.19 -88.35 -3.01
CA SER G 2270 -31.85 -87.07 -2.86
C SER G 2270 -30.96 -86.10 -2.11
N THR G 2271 -31.03 -84.83 -2.49
CA THR G 2271 -30.12 -83.80 -2.02
C THR G 2271 -30.92 -82.63 -1.44
N PRO G 2272 -30.29 -81.79 -0.63
CA PRO G 2272 -31.02 -80.63 -0.09
C PRO G 2272 -31.61 -79.76 -1.19
N LEU G 2273 -30.97 -79.69 -2.35
CA LEU G 2273 -31.57 -78.97 -3.46
C LEU G 2273 -32.86 -79.64 -3.93
N ASP G 2274 -32.89 -80.98 -3.93
CA ASP G 2274 -34.12 -81.68 -4.28
C ASP G 2274 -35.23 -81.42 -3.27
N VAL G 2275 -34.91 -81.40 -1.98
CA VAL G 2275 -35.96 -81.10 -1.00
C VAL G 2275 -36.47 -79.68 -1.19
N ALA G 2276 -35.57 -78.74 -1.44
CA ALA G 2276 -35.99 -77.37 -1.69
C ALA G 2276 -36.88 -77.27 -2.92
N ALA G 2277 -36.54 -78.00 -3.99
CA ALA G 2277 -37.39 -77.99 -5.16
C ALA G 2277 -38.75 -78.60 -4.85
N ALA G 2278 -38.77 -79.68 -4.06
CA ALA G 2278 -40.02 -80.35 -3.70
C ALA G 2278 -40.86 -79.50 -2.77
N SER G 2279 -40.28 -78.48 -2.15
CA SER G 2279 -41.00 -77.62 -1.21
C SER G 2279 -41.69 -76.44 -1.87
N VAL G 2280 -41.64 -76.31 -3.19
CA VAL G 2280 -42.26 -75.17 -3.87
C VAL G 2280 -43.16 -75.64 -5.02
N ILE G 2281 -43.35 -76.95 -5.13
CA ILE G 2281 -44.10 -77.50 -6.26
C ILE G 2281 -45.58 -77.19 -6.09
N ASP G 2282 -46.21 -76.68 -7.14
CA ASP G 2282 -47.65 -76.48 -7.19
C ASP G 2282 -48.14 -75.61 -6.04
N ASN G 2283 -47.42 -74.52 -5.80
CA ASN G 2283 -47.79 -73.56 -4.75
C ASN G 2283 -47.53 -72.15 -5.29
N ASN G 2284 -48.60 -71.50 -5.76
CA ASN G 2284 -48.45 -70.17 -6.32
C ASN G 2284 -48.05 -69.16 -5.26
N GLU G 2285 -48.58 -69.31 -4.04
CA GLU G 2285 -48.27 -68.35 -3.00
C GLU G 2285 -46.78 -68.36 -2.66
N LEU G 2286 -46.20 -69.55 -2.57
CA LEU G 2286 -44.77 -69.65 -2.28
C LEU G 2286 -43.93 -69.29 -3.49
N ALA G 2287 -44.42 -69.58 -4.71
CA ALA G 2287 -43.68 -69.19 -5.89
C ALA G 2287 -43.59 -67.67 -5.97
N LEU G 2288 -44.69 -66.98 -5.68
CA LEU G 2288 -44.70 -65.52 -5.67
C LEU G 2288 -43.95 -64.96 -4.47
N ALA G 2289 -43.83 -65.72 -3.40
CA ALA G 2289 -43.04 -65.32 -2.25
C ALA G 2289 -41.57 -65.69 -2.38
N LEU G 2290 -41.19 -66.30 -3.50
CA LEU G 2290 -39.80 -66.67 -3.72
C LEU G 2290 -38.97 -65.41 -3.91
N GLN G 2291 -37.99 -65.22 -3.03
CA GLN G 2291 -37.16 -64.02 -3.09
C GLN G 2291 -36.20 -64.06 -4.28
N GLU G 2292 -35.83 -62.86 -4.74
CA GLU G 2292 -34.88 -62.74 -5.84
C GLU G 2292 -33.47 -63.16 -5.43
N GLN G 2293 -33.14 -62.96 -4.15
CA GLN G 2293 -31.81 -63.32 -3.67
C GLN G 2293 -31.53 -64.81 -3.83
N ASP G 2294 -32.54 -65.65 -3.59
CA ASP G 2294 -32.35 -67.08 -3.78
C ASP G 2294 -32.05 -67.41 -5.23
N LEU G 2295 -32.78 -66.79 -6.16
CA LEU G 2295 -32.51 -67.03 -7.58
C LEU G 2295 -31.13 -66.53 -8.01
N GLU G 2296 -30.70 -65.35 -7.54
CA GLU G 2296 -29.35 -64.94 -7.91
C GLU G 2296 -28.31 -65.90 -7.35
N LYS G 2297 -28.54 -66.41 -6.14
CA LYS G 2297 -27.61 -67.38 -5.57
C LYS G 2297 -27.56 -68.65 -6.39
N VAL G 2298 -28.70 -69.11 -6.88
CA VAL G 2298 -28.71 -70.34 -7.67
C VAL G 2298 -28.01 -70.10 -9.00
N VAL G 2299 -28.28 -68.97 -9.64
CA VAL G 2299 -27.64 -68.70 -10.93
C VAL G 2299 -26.13 -68.54 -10.74
N SER G 2300 -25.71 -67.94 -9.63
CA SER G 2300 -24.28 -67.85 -9.34
C SER G 2300 -23.64 -69.21 -9.14
N TYR G 2301 -24.34 -70.12 -8.46
CA TYR G 2301 -23.84 -71.49 -8.36
C TYR G 2301 -23.75 -72.16 -9.72
N LEU G 2302 -24.76 -71.97 -10.56
CA LEU G 2302 -24.71 -72.57 -11.89
C LEU G 2302 -23.57 -71.99 -12.72
N ALA G 2303 -23.33 -70.69 -12.58
CA ALA G 2303 -22.22 -70.08 -13.31
C ALA G 2303 -20.90 -70.65 -12.85
N GLY G 2304 -20.76 -70.87 -11.54
CA GLY G 2304 -19.53 -71.47 -11.05
C GLY G 2304 -19.37 -72.88 -11.56
N CYS G 2305 -20.48 -73.62 -11.63
CA CYS G 2305 -20.47 -74.98 -12.14
C CYS G 2305 -20.13 -75.03 -13.62
N GLY G 2306 -20.44 -73.98 -14.36
CA GLY G 2306 -20.22 -73.93 -15.79
C GLY G 2306 -18.83 -73.54 -16.25
N LEU G 2307 -17.88 -73.38 -15.33
CA LEU G 2307 -16.54 -72.95 -15.69
C LEU G 2307 -15.43 -73.92 -15.29
N GLN G 2308 -15.73 -74.92 -14.46
CA GLN G 2308 -14.72 -75.86 -13.98
C GLN G 2308 -15.19 -77.29 -14.18
N SER G 2309 -14.24 -78.19 -14.36
CA SER G 2309 -14.55 -79.60 -14.53
C SER G 2309 -14.97 -80.20 -13.19
N CYS G 2310 -15.68 -81.32 -13.27
CA CYS G 2310 -16.18 -81.98 -12.08
C CYS G 2310 -15.05 -82.67 -11.33
N PRO G 2311 -14.76 -82.29 -10.08
CA PRO G 2311 -13.62 -82.90 -9.38
C PRO G 2311 -13.75 -84.39 -9.15
N MET G 2312 -14.96 -84.91 -8.95
CA MET G 2312 -15.09 -86.35 -8.77
C MET G 2312 -14.78 -87.08 -10.07
N LEU G 2313 -15.21 -86.53 -11.20
CA LEU G 2313 -14.92 -87.17 -12.47
C LEU G 2313 -13.43 -87.13 -12.73
N LEU G 2314 -12.78 -86.01 -12.40
CA LEU G 2314 -11.35 -85.92 -12.59
C LEU G 2314 -10.63 -86.93 -11.70
N ALA G 2315 -11.11 -87.09 -10.47
CA ALA G 2315 -10.51 -88.10 -9.59
C ALA G 2315 -10.82 -89.51 -10.06
N LYS G 2316 -11.76 -89.67 -10.99
CA LYS G 2316 -12.10 -90.96 -11.55
C LYS G 2316 -11.50 -91.15 -12.93
N GLY G 2317 -10.70 -90.19 -13.39
CA GLY G 2317 -9.92 -90.36 -14.60
C GLY G 2317 -10.63 -90.00 -15.89
N TYR G 2318 -11.79 -89.37 -15.81
CA TYR G 2318 -12.50 -88.98 -17.01
C TYR G 2318 -11.74 -87.86 -17.73
N PRO G 2319 -11.86 -87.78 -19.06
CA PRO G 2319 -11.20 -86.69 -19.77
C PRO G 2319 -11.70 -85.33 -19.30
N ASP G 2320 -10.81 -84.34 -19.37
CA ASP G 2320 -11.06 -83.03 -18.80
C ASP G 2320 -11.79 -82.14 -19.80
N ILE G 2321 -12.93 -81.60 -19.39
CA ILE G 2321 -13.63 -80.55 -20.11
C ILE G 2321 -13.97 -79.44 -19.13
N GLY G 2322 -14.00 -78.21 -19.63
CA GLY G 2322 -14.05 -77.04 -18.77
C GLY G 2322 -15.40 -76.69 -18.18
N TRP G 2323 -16.26 -77.67 -17.95
CA TRP G 2323 -17.56 -77.39 -17.35
C TRP G 2323 -18.16 -78.68 -16.80
N ASN G 2324 -19.28 -78.51 -16.07
CA ASN G 2324 -19.92 -79.59 -15.34
C ASN G 2324 -21.39 -79.66 -15.74
N PRO G 2325 -21.69 -80.36 -16.85
CA PRO G 2325 -23.07 -80.46 -17.31
C PRO G 2325 -24.00 -81.08 -16.29
N CYS G 2326 -23.53 -82.02 -15.48
CA CYS G 2326 -24.43 -82.67 -14.52
C CYS G 2326 -24.90 -81.68 -13.46
N GLY G 2327 -23.99 -80.90 -12.90
CA GLY G 2327 -24.39 -79.93 -11.91
C GLY G 2327 -25.24 -78.84 -12.53
N GLY G 2328 -24.91 -78.43 -13.76
CA GLY G 2328 -25.70 -77.39 -14.36
C GLY G 2328 -27.11 -77.88 -14.62
N GLU G 2329 -27.26 -79.15 -14.98
CA GLU G 2329 -28.58 -79.71 -15.21
C GLU G 2329 -29.37 -79.75 -13.91
N ARG G 2330 -28.67 -80.07 -12.81
CA ARG G 2330 -29.36 -80.16 -11.53
C ARG G 2330 -29.89 -78.80 -11.11
N TYR G 2331 -29.13 -77.74 -11.35
CA TYR G 2331 -29.66 -76.40 -11.04
C TYR G 2331 -30.74 -75.98 -12.04
N LEU G 2332 -30.62 -76.44 -13.29
CA LEU G 2332 -31.60 -76.07 -14.31
C LEU G 2332 -32.98 -76.62 -13.99
N ASP G 2333 -33.06 -77.86 -13.51
CA ASP G 2333 -34.38 -78.41 -13.23
C ASP G 2333 -35.00 -77.74 -12.01
N PHE G 2334 -34.17 -77.27 -11.08
CA PHE G 2334 -34.68 -76.50 -9.97
C PHE G 2334 -35.28 -75.19 -10.45
N LEU G 2335 -34.59 -74.49 -11.35
CA LEU G 2335 -35.19 -73.29 -11.88
C LEU G 2335 -36.43 -73.59 -12.71
N ARG G 2336 -36.48 -74.77 -13.33
CA ARG G 2336 -37.68 -75.16 -14.07
C ARG G 2336 -38.88 -75.27 -13.16
N PHE G 2337 -38.68 -75.85 -11.97
CA PHE G 2337 -39.78 -75.94 -11.02
C PHE G 2337 -40.06 -74.60 -10.37
N ALA G 2338 -39.06 -73.72 -10.33
CA ALA G 2338 -39.26 -72.41 -9.72
C ALA G 2338 -40.02 -71.48 -10.64
N VAL G 2339 -39.93 -71.72 -11.95
CA VAL G 2339 -40.54 -70.82 -12.94
C VAL G 2339 -41.78 -71.40 -13.59
N PHE G 2340 -42.07 -72.69 -13.44
CA PHE G 2340 -43.25 -73.29 -14.06
C PHE G 2340 -44.10 -73.95 -12.98
N VAL G 2341 -45.30 -73.40 -12.76
CA VAL G 2341 -46.21 -73.88 -11.74
C VAL G 2341 -47.59 -74.09 -12.35
N ASN G 2342 -48.16 -75.27 -12.11
CA ASN G 2342 -49.56 -75.56 -12.46
C ASN G 2342 -49.84 -75.32 -13.94
N GLY G 2343 -48.85 -75.59 -14.79
CA GLY G 2343 -49.06 -75.51 -16.22
C GLY G 2343 -49.01 -74.10 -16.80
N GLU G 2344 -48.77 -73.09 -15.99
CA GLU G 2344 -48.71 -71.72 -16.46
C GLU G 2344 -47.37 -71.09 -16.05
N SER G 2345 -46.93 -70.12 -16.83
CA SER G 2345 -45.66 -69.46 -16.59
C SER G 2345 -45.84 -68.26 -15.66
N VAL G 2346 -45.05 -68.22 -14.60
CA VAL G 2346 -45.03 -67.09 -13.67
C VAL G 2346 -44.07 -66.04 -14.24
N GLU G 2347 -44.64 -64.95 -14.74
CA GLU G 2347 -43.85 -63.99 -15.50
C GLU G 2347 -42.87 -63.21 -14.63
N GLU G 2348 -43.20 -62.95 -13.37
CA GLU G 2348 -42.27 -62.20 -12.51
C GLU G 2348 -40.95 -62.97 -12.30
N ASN G 2349 -41.05 -64.26 -11.99
CA ASN G 2349 -39.82 -65.02 -11.82
C ASN G 2349 -39.19 -65.32 -13.16
N ALA G 2350 -39.99 -65.56 -14.20
CA ALA G 2350 -39.40 -65.89 -15.48
C ALA G 2350 -38.57 -64.71 -15.97
N ASN G 2351 -39.11 -63.49 -15.82
CA ASN G 2351 -38.39 -62.30 -16.25
C ASN G 2351 -37.13 -62.10 -15.42
N VAL G 2352 -37.21 -62.31 -14.10
CA VAL G 2352 -36.01 -62.11 -13.29
C VAL G 2352 -34.94 -63.12 -13.67
N VAL G 2353 -35.32 -64.39 -13.82
CA VAL G 2353 -34.34 -65.43 -14.12
C VAL G 2353 -33.72 -65.19 -15.48
N VAL G 2354 -34.53 -64.84 -16.48
CA VAL G 2354 -34.01 -64.60 -17.82
C VAL G 2354 -33.05 -63.42 -17.82
N ARG G 2355 -33.40 -62.34 -17.11
CA ARG G 2355 -32.51 -61.18 -17.07
C ARG G 2355 -31.18 -61.55 -16.40
N LEU G 2356 -31.24 -62.34 -15.33
CA LEU G 2356 -30.00 -62.78 -14.70
C LEU G 2356 -29.19 -63.66 -15.63
N LEU G 2357 -29.86 -64.53 -16.38
CA LEU G 2357 -29.17 -65.43 -17.28
C LEU G 2357 -28.45 -64.65 -18.37
N ILE G 2358 -29.12 -63.64 -18.93
CA ILE G 2358 -28.48 -62.89 -20.01
C ILE G 2358 -27.39 -62.01 -19.44
N ARG G 2359 -27.52 -61.62 -18.16
CA ARG G 2359 -26.46 -60.85 -17.52
C ARG G 2359 -25.23 -61.70 -17.25
N LYS G 2360 -25.40 -63.02 -17.18
CA LYS G 2360 -24.28 -63.95 -17.05
C LYS G 2360 -24.34 -64.94 -18.21
N PRO G 2361 -23.82 -64.56 -19.39
CA PRO G 2361 -23.91 -65.45 -20.55
C PRO G 2361 -22.99 -66.67 -20.49
N GLU G 2362 -21.97 -66.67 -19.63
CA GLU G 2362 -21.10 -67.84 -19.52
C GLU G 2362 -21.82 -69.06 -18.97
N CYS G 2363 -23.01 -68.88 -18.38
CA CYS G 2363 -23.84 -70.00 -17.92
C CYS G 2363 -24.37 -70.87 -19.03
N PHE G 2364 -24.32 -70.44 -20.29
CA PHE G 2364 -24.84 -71.23 -21.39
C PHE G 2364 -23.85 -72.24 -21.94
N GLY G 2365 -22.64 -72.32 -21.40
CA GLY G 2365 -21.71 -73.34 -21.80
C GLY G 2365 -20.87 -72.95 -22.99
N PRO G 2366 -20.00 -73.86 -23.43
CA PRO G 2366 -19.15 -73.57 -24.59
C PRO G 2366 -19.95 -73.21 -25.82
N ALA G 2367 -21.10 -73.84 -26.04
CA ALA G 2367 -21.99 -73.41 -27.09
C ALA G 2367 -22.73 -72.15 -26.67
N LEU G 2368 -23.23 -71.42 -27.66
CA LEU G 2368 -23.89 -70.13 -27.46
C LEU G 2368 -22.99 -69.11 -26.76
N ARG G 2369 -21.68 -69.39 -26.69
CA ARG G 2369 -20.78 -68.52 -25.95
C ARG G 2369 -20.45 -67.24 -26.71
N GLY G 2370 -20.40 -67.31 -28.04
CA GLY G 2370 -20.03 -66.16 -28.84
C GLY G 2370 -18.53 -66.06 -29.01
N GLU G 2371 -18.12 -65.07 -29.80
CA GLU G 2371 -16.71 -64.81 -30.10
C GLU G 2371 -15.97 -66.12 -30.35
N GLY G 2372 -16.66 -67.04 -31.02
CA GLY G 2372 -16.09 -68.35 -31.31
C GLY G 2372 -16.88 -69.45 -30.62
N GLY G 2373 -17.58 -70.25 -31.42
CA GLY G 2373 -18.39 -71.33 -30.90
C GLY G 2373 -19.53 -71.69 -31.82
N SER G 2374 -19.69 -72.98 -32.10
CA SER G 2374 -20.71 -73.45 -33.02
C SER G 2374 -22.05 -73.57 -32.32
N GLY G 2375 -23.10 -73.74 -33.13
CA GLY G 2375 -24.46 -73.79 -32.64
C GLY G 2375 -24.82 -75.09 -31.97
N LEU G 2376 -26.10 -75.16 -31.56
CA LEU G 2376 -26.62 -76.31 -30.86
C LEU G 2376 -26.51 -77.58 -31.69
N LEU G 2377 -26.79 -77.49 -32.99
CA LEU G 2377 -26.70 -78.68 -33.83
C LEU G 2377 -25.27 -79.18 -33.89
N ALA G 2378 -24.30 -78.26 -34.02
CA ALA G 2378 -22.92 -78.70 -34.09
C ALA G 2378 -22.51 -79.34 -32.76
N ALA G 2379 -22.98 -78.77 -31.65
CA ALA G 2379 -22.65 -79.33 -30.35
C ALA G 2379 -23.22 -80.74 -30.20
N ILE G 2380 -24.46 -80.93 -30.64
CA ILE G 2380 -25.08 -82.25 -30.56
C ILE G 2380 -24.35 -83.25 -31.44
N GLU G 2381 -23.98 -82.86 -32.65
CA GLU G 2381 -23.24 -83.76 -33.52
C GLU G 2381 -21.89 -84.14 -32.91
N GLU G 2382 -21.20 -83.16 -32.30
CA GLU G 2382 -19.96 -83.48 -31.62
C GLU G 2382 -20.20 -84.44 -30.47
N ALA G 2383 -21.27 -84.24 -29.72
CA ALA G 2383 -21.57 -85.14 -28.61
C ALA G 2383 -21.85 -86.55 -29.13
N ILE G 2384 -22.52 -86.64 -30.27
CA ILE G 2384 -22.80 -87.95 -30.87
C ILE G 2384 -21.50 -88.64 -31.25
N ARG G 2385 -20.57 -87.90 -31.84
CA ARG G 2385 -19.29 -88.49 -32.19
C ARG G 2385 -18.51 -88.92 -30.94
N ILE G 2386 -18.64 -88.15 -29.86
CA ILE G 2386 -18.02 -88.55 -28.60
C ILE G 2386 -18.63 -89.85 -28.10
N SER G 2387 -19.96 -89.96 -28.18
CA SER G 2387 -20.62 -91.17 -27.71
C SER G 2387 -20.19 -92.37 -28.54
N GLU G 2388 -20.04 -92.17 -29.85
CA GLU G 2388 -19.63 -93.26 -30.73
C GLU G 2388 -18.17 -93.64 -30.54
N ASP G 2389 -17.36 -92.72 -29.99
CA ASP G 2389 -15.97 -93.05 -29.70
C ASP G 2389 -15.85 -93.34 -28.21
N PRO G 2390 -15.57 -94.59 -27.80
CA PRO G 2390 -15.47 -94.88 -26.36
C PRO G 2390 -14.34 -94.15 -25.66
N ALA G 2391 -13.22 -93.91 -26.35
CA ALA G 2391 -12.07 -93.31 -25.68
C ALA G 2391 -12.40 -91.91 -25.16
N ARG G 2392 -13.16 -91.13 -25.92
CA ARG G 2392 -13.55 -89.80 -25.50
C ARG G 2392 -14.73 -89.78 -24.54
N ASP G 2393 -15.37 -90.92 -24.29
CA ASP G 2393 -16.56 -90.97 -23.45
C ASP G 2393 -16.23 -91.36 -22.01
N GLY G 2394 -15.62 -92.52 -21.80
CA GLY G 2394 -15.33 -93.00 -20.48
C GLY G 2394 -13.86 -92.89 -20.11
N PRO G 2395 -13.51 -93.34 -18.91
CA PRO G 2395 -12.11 -93.27 -18.47
C PRO G 2395 -11.17 -94.08 -19.36
N ARG G 2415 -22.41 -95.07 -13.83
CA ARG G 2415 -21.43 -94.61 -14.81
C ARG G 2415 -22.01 -93.49 -15.66
N VAL G 2416 -21.27 -92.40 -15.75
CA VAL G 2416 -21.71 -91.20 -16.47
C VAL G 2416 -21.10 -91.21 -17.86
N HIS G 2417 -21.94 -90.96 -18.87
CA HIS G 2417 -21.52 -90.83 -20.26
C HIS G 2417 -21.58 -89.36 -20.64
N LEU G 2418 -20.45 -88.81 -21.06
CA LEU G 2418 -20.35 -87.36 -21.27
C LEU G 2418 -21.26 -86.89 -22.40
N GLY G 2419 -21.39 -87.70 -23.46
CA GLY G 2419 -22.27 -87.32 -24.55
C GLY G 2419 -23.71 -87.16 -24.10
N HIS G 2420 -24.21 -88.13 -23.31
CA HIS G 2420 -25.56 -88.02 -22.80
C HIS G 2420 -25.69 -86.89 -21.80
N ALA G 2421 -24.66 -86.66 -20.99
CA ALA G 2421 -24.77 -85.57 -20.03
C ALA G 2421 -24.87 -84.23 -20.75
N ILE G 2422 -24.09 -84.06 -21.82
CA ILE G 2422 -24.12 -82.81 -22.58
C ILE G 2422 -25.47 -82.62 -23.25
N MET G 2423 -26.01 -83.69 -23.86
CA MET G 2423 -27.31 -83.57 -24.49
C MET G 2423 -28.39 -83.26 -23.46
N SER G 2424 -28.32 -83.90 -22.29
CA SER G 2424 -29.32 -83.64 -21.25
C SER G 2424 -29.23 -82.21 -20.77
N PHE G 2425 -28.01 -81.67 -20.69
CA PHE G 2425 -27.82 -80.29 -20.27
C PHE G 2425 -28.48 -79.33 -21.24
N TYR G 2426 -28.18 -79.48 -22.53
CA TYR G 2426 -28.76 -78.56 -23.51
C TYR G 2426 -30.27 -78.72 -23.61
N ALA G 2427 -30.77 -79.96 -23.50
CA ALA G 2427 -32.21 -80.17 -23.49
C ALA G 2427 -32.88 -79.48 -22.30
N ALA G 2428 -32.27 -79.56 -21.11
CA ALA G 2428 -32.81 -78.86 -19.95
C ALA G 2428 -32.77 -77.35 -20.15
N LEU G 2429 -31.69 -76.83 -20.72
CA LEU G 2429 -31.60 -75.39 -20.94
C LEU G 2429 -32.68 -74.90 -21.91
N ILE G 2430 -32.88 -75.65 -22.99
CA ILE G 2430 -33.90 -75.26 -23.96
C ILE G 2430 -35.29 -75.39 -23.35
N ASP G 2431 -35.51 -76.42 -22.52
CA ASP G 2431 -36.79 -76.54 -21.85
C ASP G 2431 -37.06 -75.36 -20.93
N LEU G 2432 -36.03 -74.93 -20.19
CA LEU G 2432 -36.20 -73.80 -19.29
C LEU G 2432 -36.52 -72.52 -20.07
N LEU G 2433 -35.78 -72.27 -21.15
CA LEU G 2433 -36.05 -71.07 -21.92
C LEU G 2433 -37.43 -71.12 -22.55
N GLY G 2434 -37.86 -72.30 -23.01
CA GLY G 2434 -39.19 -72.44 -23.56
C GLY G 2434 -40.28 -72.18 -22.53
N ARG G 2435 -40.08 -72.66 -21.30
CA ARG G 2435 -41.05 -72.45 -20.24
C ARG G 2435 -41.04 -71.02 -19.71
N CYS G 2436 -39.97 -70.27 -19.97
CA CYS G 2436 -39.94 -68.86 -19.60
C CYS G 2436 -40.68 -67.96 -20.59
N ALA G 2437 -41.25 -68.52 -21.66
CA ALA G 2437 -41.87 -67.72 -22.69
C ALA G 2437 -43.13 -67.00 -22.18
N PRO G 2438 -43.40 -65.79 -22.66
CA PRO G 2438 -44.61 -65.07 -22.25
C PRO G 2438 -45.88 -65.74 -22.76
N GLU G 2439 -46.99 -65.46 -22.06
CA GLU G 2439 -48.28 -66.02 -22.41
C GLU G 2439 -48.90 -65.35 -23.63
N MET G 2440 -49.80 -66.11 -24.28
CA MET G 2440 -50.41 -65.64 -25.51
C MET G 2440 -51.30 -64.44 -25.25
N HIS G 2441 -52.03 -64.44 -24.13
CA HIS G 2441 -52.91 -63.31 -23.82
C HIS G 2441 -52.10 -62.04 -23.59
N LEU G 2442 -50.86 -62.20 -23.11
CA LEU G 2442 -49.95 -61.07 -22.96
C LEU G 2442 -49.44 -60.59 -24.30
N ILE G 2443 -49.13 -61.51 -25.21
CA ILE G 2443 -48.67 -61.07 -26.53
C ILE G 2443 -49.79 -60.32 -27.23
N GLN G 2444 -51.02 -60.83 -27.15
CA GLN G 2444 -52.13 -60.11 -27.77
C GLN G 2444 -52.37 -58.78 -27.08
N ALA G 2445 -52.18 -58.71 -25.75
CA ALA G 2445 -52.27 -57.43 -25.08
C ALA G 2445 -51.13 -56.50 -25.47
N GLY G 2446 -50.10 -57.02 -26.14
CA GLY G 2446 -49.04 -56.18 -26.65
C GLY G 2446 -48.11 -55.63 -25.61
N LYS G 2447 -47.96 -56.32 -24.49
CA LYS G 2447 -47.08 -55.84 -23.43
C LYS G 2447 -45.66 -55.72 -23.95
N GLY G 2448 -45.06 -54.55 -23.72
CA GLY G 2448 -43.73 -54.32 -24.24
C GLY G 2448 -42.71 -55.28 -23.65
N GLU G 2449 -42.81 -55.54 -22.35
CA GLU G 2449 -41.86 -56.45 -21.72
C GLU G 2449 -42.01 -57.86 -22.29
N ALA G 2450 -43.23 -58.30 -22.51
CA ALA G 2450 -43.44 -59.64 -23.05
C ALA G 2450 -42.86 -59.74 -24.46
N LEU G 2451 -43.09 -58.71 -25.27
CA LEU G 2451 -42.56 -58.74 -26.63
C LEU G 2451 -41.03 -58.71 -26.59
N ARG G 2452 -40.47 -57.93 -25.66
CA ARG G 2452 -39.02 -57.85 -25.53
C ARG G 2452 -38.43 -59.19 -25.14
N ILE G 2453 -39.09 -59.89 -24.21
CA ILE G 2453 -38.60 -61.18 -23.76
C ILE G 2453 -38.65 -62.19 -24.91
N ARG G 2454 -39.76 -62.21 -25.65
CA ARG G 2454 -39.87 -63.15 -26.75
C ARG G 2454 -38.83 -62.85 -27.83
N ALA G 2455 -38.57 -61.57 -28.09
CA ALA G 2455 -37.54 -61.22 -29.06
C ALA G 2455 -36.16 -61.68 -28.61
N ILE G 2456 -35.87 -61.54 -27.32
CA ILE G 2456 -34.58 -62.01 -26.81
C ILE G 2456 -34.46 -63.52 -26.95
N LEU G 2457 -35.52 -64.24 -26.59
CA LEU G 2457 -35.46 -65.71 -26.69
C LEU G 2457 -35.30 -66.14 -28.14
N ARG G 2458 -36.01 -65.47 -29.05
CA ARG G 2458 -35.88 -65.81 -30.46
C ARG G 2458 -34.47 -65.53 -30.96
N SER G 2459 -33.85 -64.43 -30.49
CA SER G 2459 -32.49 -64.14 -30.90
C SER G 2459 -31.53 -65.20 -30.38
N LEU G 2460 -31.76 -65.68 -29.15
CA LEU G 2460 -30.88 -66.69 -28.59
C LEU G 2460 -30.99 -68.01 -29.32
N VAL G 2461 -32.22 -68.43 -29.64
CA VAL G 2461 -32.43 -69.75 -30.23
C VAL G 2461 -32.96 -69.62 -31.66
N PRO G 2462 -32.13 -69.83 -32.68
CA PRO G 2462 -32.63 -69.80 -34.05
C PRO G 2462 -33.53 -70.99 -34.35
N LEU G 2463 -34.46 -70.77 -35.28
CA LEU G 2463 -35.42 -71.81 -35.63
C LEU G 2463 -34.76 -72.91 -36.46
N ASP G 2464 -33.80 -72.55 -37.31
CA ASP G 2464 -33.17 -73.55 -38.16
C ASP G 2464 -32.39 -74.57 -37.34
N ASP G 2465 -31.77 -74.13 -36.25
CA ASP G 2465 -31.06 -75.08 -35.40
C ASP G 2465 -32.04 -76.05 -34.75
N LEU G 2466 -33.21 -75.56 -34.38
CA LEU G 2466 -34.25 -76.42 -33.82
C LEU G 2466 -34.69 -77.47 -34.84
N VAL G 2467 -34.90 -77.05 -36.08
CA VAL G 2467 -35.33 -78.00 -37.10
C VAL G 2467 -34.23 -79.02 -37.38
N GLY G 2468 -32.97 -78.56 -37.37
CA GLY G 2468 -31.87 -79.48 -37.62
C GLY G 2468 -31.79 -80.53 -36.54
N ILE G 2469 -31.97 -80.13 -35.28
CA ILE G 2469 -31.93 -81.09 -34.19
C ILE G 2469 -33.11 -82.05 -34.26
N ILE G 2470 -34.31 -81.54 -34.57
CA ILE G 2470 -35.47 -82.41 -34.69
C ILE G 2470 -35.30 -83.40 -35.84
N SER G 2471 -34.58 -83.01 -36.88
CA SER G 2471 -34.41 -83.91 -38.02
C SER G 2471 -33.39 -85.01 -37.77
N LEU G 2472 -32.71 -85.00 -36.62
CA LEU G 2472 -31.68 -85.99 -36.36
C LEU G 2472 -32.30 -87.39 -36.25
N PRO G 2473 -31.66 -88.40 -36.84
CA PRO G 2473 -32.19 -89.77 -36.73
C PRO G 2473 -32.04 -90.35 -35.33
N LEU G 2474 -32.93 -91.28 -35.00
CA LEU G 2474 -32.88 -92.02 -33.75
C LEU G 2474 -32.58 -93.48 -34.03
N GLN G 2475 -31.68 -94.06 -33.25
CA GLN G 2475 -31.38 -95.49 -33.37
C GLN G 2475 -32.57 -96.31 -32.88
N ILE G 2476 -32.98 -97.29 -33.68
CA ILE G 2476 -34.16 -98.10 -33.39
C ILE G 2476 -33.72 -99.53 -33.07
N PRO G 2477 -34.39 -100.23 -32.16
CA PRO G 2477 -34.01 -101.62 -31.89
C PRO G 2477 -34.09 -102.47 -33.14
N THR G 2478 -33.11 -103.35 -33.30
CA THR G 2478 -33.04 -104.21 -34.47
C THR G 2478 -32.67 -105.62 -34.03
N LEU G 2479 -32.53 -106.52 -35.01
CA LEU G 2479 -32.24 -107.91 -34.76
C LEU G 2479 -31.02 -108.35 -35.55
N GLY G 2480 -30.23 -109.24 -34.94
CA GLY G 2480 -29.05 -109.81 -35.56
C GLY G 2480 -29.22 -111.29 -35.76
N LYS G 2481 -28.21 -111.89 -36.37
CA LYS G 2481 -28.24 -113.34 -36.60
C LYS G 2481 -28.24 -114.06 -35.26
N ASP G 2482 -29.06 -115.12 -35.14
CA ASP G 2482 -29.24 -115.85 -33.86
C ASP G 2482 -30.15 -114.98 -32.98
N GLY G 2483 -30.97 -114.10 -33.59
CA GLY G 2483 -31.91 -113.23 -32.87
C GLY G 2483 -31.22 -112.39 -31.82
N ALA G 2484 -30.01 -111.89 -32.10
CA ALA G 2484 -29.23 -111.04 -31.17
C ALA G 2484 -29.90 -109.66 -31.09
N LEU G 2485 -30.83 -109.45 -30.15
CA LEU G 2485 -31.60 -108.17 -30.12
C LEU G 2485 -30.65 -107.00 -29.86
N VAL G 2486 -30.48 -106.09 -30.84
CA VAL G 2486 -29.64 -104.91 -30.68
C VAL G 2486 -30.53 -103.78 -30.19
N GLN G 2487 -30.47 -103.50 -28.89
CA GLN G 2487 -31.16 -102.39 -28.28
C GLN G 2487 -30.16 -101.30 -27.89
N PRO G 2488 -30.48 -100.03 -28.08
CA PRO G 2488 -29.57 -98.98 -27.63
C PRO G 2488 -29.55 -98.88 -26.10
N LYS G 2489 -28.43 -98.37 -25.59
CA LYS G 2489 -28.27 -98.10 -24.16
C LYS G 2489 -28.79 -96.69 -23.88
N MET G 2490 -29.87 -96.60 -23.13
CA MET G 2490 -30.53 -95.32 -22.90
C MET G 2490 -29.65 -94.31 -22.18
N SER G 2491 -28.62 -94.77 -21.47
CA SER G 2491 -27.75 -93.88 -20.74
C SER G 2491 -26.62 -93.31 -21.59
N ALA G 2492 -26.51 -93.71 -22.85
CA ALA G 2492 -25.43 -93.27 -23.71
C ALA G 2492 -25.89 -92.98 -25.14
N SER G 2493 -27.14 -92.55 -25.31
CA SER G 2493 -27.66 -92.36 -26.66
C SER G 2493 -28.67 -91.23 -26.68
N PHE G 2494 -28.94 -90.76 -27.90
CA PHE G 2494 -29.94 -89.72 -28.14
C PHE G 2494 -31.34 -90.24 -27.86
N VAL G 2495 -32.13 -89.45 -27.15
CA VAL G 2495 -33.44 -89.90 -26.69
C VAL G 2495 -34.54 -88.95 -27.14
N PRO G 2496 -35.79 -89.44 -27.26
CA PRO G 2496 -36.89 -88.58 -27.71
C PRO G 2496 -37.21 -87.41 -26.78
N ASP G 2497 -36.87 -87.50 -25.49
CA ASP G 2497 -37.13 -86.37 -24.59
C ASP G 2497 -36.39 -85.11 -25.00
N HIS G 2498 -35.20 -85.23 -25.60
CA HIS G 2498 -34.53 -84.04 -26.10
C HIS G 2498 -35.34 -83.39 -27.21
N LYS G 2499 -35.91 -84.19 -28.10
CA LYS G 2499 -36.73 -83.58 -29.13
C LYS G 2499 -38.00 -83.02 -28.52
N ALA G 2500 -38.50 -83.63 -27.46
CA ALA G 2500 -39.73 -83.12 -26.86
C ALA G 2500 -39.48 -81.73 -26.32
N SER G 2501 -38.29 -81.51 -25.73
CA SER G 2501 -37.96 -80.19 -25.23
C SER G 2501 -37.84 -79.20 -26.37
N MET G 2502 -37.24 -79.63 -27.50
CA MET G 2502 -37.13 -78.71 -28.62
C MET G 2502 -38.51 -78.36 -29.17
N VAL G 2503 -39.41 -79.33 -29.22
CA VAL G 2503 -40.76 -79.08 -29.71
C VAL G 2503 -41.48 -78.12 -28.79
N LEU G 2504 -41.29 -78.27 -27.47
CA LEU G 2504 -41.93 -77.36 -26.54
C LEU G 2504 -41.44 -75.93 -26.75
N PHE G 2505 -40.13 -75.77 -26.96
CA PHE G 2505 -39.61 -74.43 -27.23
C PHE G 2505 -40.15 -73.87 -28.53
N LEU G 2506 -40.22 -74.71 -29.56
CA LEU G 2506 -40.72 -74.27 -30.87
C LEU G 2506 -42.17 -73.83 -30.77
N ASP G 2507 -42.98 -74.58 -30.03
CA ASP G 2507 -44.40 -74.26 -29.89
C ASP G 2507 -44.58 -72.96 -29.11
N ARG G 2508 -43.92 -72.84 -27.96
CA ARG G 2508 -44.21 -71.69 -27.11
C ARG G 2508 -43.58 -70.41 -27.63
N VAL G 2509 -42.41 -70.49 -28.27
CA VAL G 2509 -41.71 -69.29 -28.71
C VAL G 2509 -42.12 -68.89 -30.13
N TYR G 2510 -42.00 -69.81 -31.09
CA TYR G 2510 -42.24 -69.48 -32.49
C TYR G 2510 -43.69 -69.73 -32.90
N GLY G 2511 -44.18 -70.94 -32.69
CA GLY G 2511 -45.50 -71.31 -33.14
C GLY G 2511 -45.53 -71.70 -34.61
N ILE G 2512 -46.67 -72.20 -35.04
CA ILE G 2512 -46.89 -72.64 -36.41
C ILE G 2512 -47.98 -71.77 -37.01
N GLU G 2513 -47.60 -70.89 -37.94
CA GLU G 2513 -48.52 -69.95 -38.54
C GLU G 2513 -48.73 -70.15 -40.05
N ASN G 2514 -47.83 -70.84 -40.74
CA ASN G 2514 -47.92 -70.97 -42.18
C ASN G 2514 -47.90 -72.43 -42.61
N GLN G 2515 -48.69 -72.73 -43.64
CA GLN G 2515 -48.86 -74.10 -44.09
C GLN G 2515 -47.57 -74.67 -44.64
N ASP G 2516 -46.83 -73.87 -45.42
CA ASP G 2516 -45.63 -74.42 -46.05
C ASP G 2516 -44.60 -74.82 -44.98
N PHE G 2517 -44.45 -73.99 -43.95
CA PHE G 2517 -43.55 -74.36 -42.86
C PHE G 2517 -44.07 -75.58 -42.12
N LEU G 2518 -45.39 -75.67 -41.93
CA LEU G 2518 -45.92 -76.85 -41.25
C LEU G 2518 -45.60 -78.12 -42.02
N LEU G 2519 -45.78 -78.08 -43.34
CA LEU G 2519 -45.46 -79.26 -44.14
C LEU G 2519 -43.97 -79.56 -44.12
N HIS G 2520 -43.13 -78.53 -44.12
CA HIS G 2520 -41.69 -78.78 -44.08
C HIS G 2520 -41.29 -79.46 -42.77
N VAL G 2521 -41.90 -79.03 -41.67
CA VAL G 2521 -41.59 -79.64 -40.38
C VAL G 2521 -42.11 -81.06 -40.37
N LEU G 2522 -43.28 -81.28 -40.95
CA LEU G 2522 -43.87 -82.61 -40.92
C LEU G 2522 -42.96 -83.56 -41.67
N ASP G 2523 -42.62 -83.19 -42.90
CA ASP G 2523 -41.94 -84.05 -43.85
C ASP G 2523 -40.47 -84.22 -43.56
N VAL G 2524 -39.90 -83.42 -42.64
CA VAL G 2524 -38.49 -83.55 -42.29
C VAL G 2524 -38.30 -84.07 -40.88
N GLY G 2525 -39.15 -83.70 -39.93
CA GLY G 2525 -38.91 -84.07 -38.55
C GLY G 2525 -39.81 -85.12 -37.93
N PHE G 2526 -41.11 -85.10 -38.25
CA PHE G 2526 -42.08 -85.91 -37.53
C PHE G 2526 -42.37 -87.24 -38.22
N LEU G 2527 -42.61 -87.20 -39.53
CA LEU G 2527 -43.05 -88.41 -40.24
C LEU G 2527 -42.09 -89.58 -40.10
N PRO G 2528 -40.78 -89.42 -40.22
CA PRO G 2528 -39.90 -90.57 -39.98
C PRO G 2528 -40.02 -91.18 -38.59
N ASP G 2529 -40.26 -90.36 -37.56
CA ASP G 2529 -40.44 -90.91 -36.24
C ASP G 2529 -41.79 -91.62 -36.10
N MET G 2530 -42.83 -91.06 -36.71
CA MET G 2530 -44.13 -91.73 -36.65
C MET G 2530 -44.09 -93.06 -37.37
N ARG G 2531 -43.41 -93.13 -38.52
CA ARG G 2531 -43.28 -94.40 -39.22
C ARG G 2531 -42.45 -95.37 -38.40
N ALA G 2532 -41.38 -94.89 -37.75
CA ALA G 2532 -40.56 -95.79 -36.94
C ALA G 2532 -41.37 -96.38 -35.79
N ALA G 2533 -42.18 -95.55 -35.14
CA ALA G 2533 -43.02 -96.05 -34.06
C ALA G 2533 -44.06 -97.03 -34.58
N ALA G 2534 -44.63 -96.77 -35.76
CA ALA G 2534 -45.60 -97.70 -36.31
C ALA G 2534 -44.95 -99.03 -36.63
N SER G 2535 -43.73 -99.00 -37.16
CA SER G 2535 -43.01 -100.23 -37.48
C SER G 2535 -42.63 -100.99 -36.23
N LEU G 2536 -42.37 -100.28 -35.13
CA LEU G 2536 -42.01 -100.92 -33.87
C LEU G 2536 -43.20 -101.52 -33.13
N ASP G 2537 -44.37 -101.61 -33.77
CA ASP G 2537 -45.56 -102.15 -33.13
C ASP G 2537 -45.56 -103.67 -33.08
N THR G 2538 -44.58 -104.33 -33.69
CA THR G 2538 -44.50 -105.78 -33.65
C THR G 2538 -44.48 -106.27 -32.20
N ALA G 2539 -44.84 -107.53 -32.01
CA ALA G 2539 -44.92 -108.10 -30.67
C ALA G 2539 -43.54 -108.11 -30.01
N THR G 2540 -42.49 -108.44 -30.77
CA THR G 2540 -41.17 -108.54 -30.17
C THR G 2540 -40.69 -107.18 -29.66
N PHE G 2541 -40.93 -106.12 -30.43
CA PHE G 2541 -40.43 -104.79 -30.12
C PHE G 2541 -41.44 -103.94 -29.37
N SER G 2542 -42.61 -104.49 -29.03
CA SER G 2542 -43.66 -103.67 -28.43
C SER G 2542 -43.25 -103.13 -27.07
N THR G 2543 -42.57 -103.93 -26.27
CA THR G 2543 -42.25 -103.55 -24.90
C THR G 2543 -40.87 -102.91 -24.78
N THR G 2544 -40.20 -102.64 -25.89
CA THR G 2544 -38.85 -102.09 -25.83
C THR G 2544 -38.85 -100.66 -25.31
N GLU G 2545 -37.81 -100.34 -24.54
CA GLU G 2545 -37.71 -99.02 -23.93
C GLU G 2545 -37.81 -97.92 -24.98
N MET G 2546 -37.18 -98.14 -26.13
CA MET G 2546 -37.24 -97.14 -27.19
C MET G 2546 -38.67 -96.97 -27.69
N ALA G 2547 -39.41 -98.07 -27.84
CA ALA G 2547 -40.79 -97.96 -28.30
C ALA G 2547 -41.65 -97.20 -27.30
N LEU G 2548 -41.50 -97.47 -26.01
CA LEU G 2548 -42.27 -96.71 -25.03
C LEU G 2548 -41.88 -95.24 -25.01
N ALA G 2549 -40.58 -94.94 -25.15
CA ALA G 2549 -40.17 -93.55 -25.19
C ALA G 2549 -40.73 -92.84 -26.41
N LEU G 2550 -40.74 -93.53 -27.56
CA LEU G 2550 -41.32 -92.94 -28.75
C LEU G 2550 -42.80 -92.67 -28.57
N ASN G 2551 -43.50 -93.61 -27.95
CA ASN G 2551 -44.93 -93.43 -27.73
C ASN G 2551 -45.20 -92.23 -26.83
N ARG G 2552 -44.42 -92.09 -25.75
CA ARG G 2552 -44.58 -90.92 -24.89
C ARG G 2552 -44.25 -89.62 -25.63
N TYR G 2553 -43.21 -89.64 -26.45
CA TYR G 2553 -42.83 -88.44 -27.19
C TYR G 2553 -43.94 -88.03 -28.16
N LEU G 2554 -44.56 -89.00 -28.84
CA LEU G 2554 -45.59 -88.67 -29.80
C LEU G 2554 -46.87 -88.24 -29.10
N CYS G 2555 -47.22 -88.91 -28.01
CA CYS G 2555 -48.48 -88.65 -27.33
C CYS G 2555 -48.39 -87.45 -26.40
N LEU G 2556 -47.21 -86.85 -26.22
CA LEU G 2556 -47.07 -85.68 -25.38
C LEU G 2556 -46.58 -84.43 -26.10
N ALA G 2557 -45.88 -84.54 -27.23
CA ALA G 2557 -45.36 -83.36 -27.91
C ALA G 2557 -45.89 -83.21 -29.33
N VAL G 2558 -45.84 -84.27 -30.13
CA VAL G 2558 -46.08 -84.17 -31.56
C VAL G 2558 -47.56 -84.07 -31.88
N LEU G 2559 -48.32 -85.08 -31.50
CA LEU G 2559 -49.74 -85.14 -31.88
C LEU G 2559 -50.57 -83.96 -31.39
N PRO G 2560 -50.45 -83.48 -30.16
CA PRO G 2560 -51.18 -82.26 -29.79
C PRO G 2560 -50.87 -81.06 -30.68
N LEU G 2561 -49.62 -80.92 -31.10
CA LEU G 2561 -49.29 -79.83 -32.01
C LEU G 2561 -49.99 -79.98 -33.35
N ILE G 2562 -50.02 -81.20 -33.88
CA ILE G 2562 -50.69 -81.42 -35.16
C ILE G 2562 -52.18 -81.18 -35.01
N THR G 2563 -52.74 -81.55 -33.86
CA THR G 2563 -54.16 -81.32 -33.63
C THR G 2563 -54.46 -79.83 -33.62
N LYS G 2564 -53.58 -79.04 -33.00
CA LYS G 2564 -53.76 -77.60 -33.04
C LYS G 2564 -53.65 -77.06 -34.46
N CYS G 2565 -52.69 -77.57 -35.24
CA CYS G 2565 -52.47 -77.11 -36.60
C CYS G 2565 -53.34 -77.83 -37.62
N ALA G 2566 -54.37 -78.55 -37.18
CA ALA G 2566 -55.27 -79.23 -38.12
C ALA G 2566 -55.92 -78.28 -39.13
N PRO G 2567 -56.42 -77.11 -38.76
CA PRO G 2567 -57.06 -76.23 -39.75
C PRO G 2567 -56.15 -75.81 -40.89
N LEU G 2568 -54.84 -75.91 -40.73
CA LEU G 2568 -53.90 -75.50 -41.77
C LEU G 2568 -53.80 -76.51 -42.91
N PHE G 2569 -54.51 -77.63 -42.82
CA PHE G 2569 -54.47 -78.65 -43.86
C PHE G 2569 -55.58 -78.48 -44.90
N ALA G 2570 -56.24 -77.32 -44.93
CA ALA G 2570 -57.38 -77.15 -45.83
C ALA G 2570 -56.96 -77.22 -47.29
N GLY G 2571 -55.83 -76.61 -47.65
CA GLY G 2571 -55.44 -76.50 -49.04
C GLY G 2571 -54.16 -77.23 -49.39
N THR G 2572 -53.98 -78.44 -48.87
CA THR G 2572 -52.80 -79.25 -49.12
C THR G 2572 -53.03 -80.28 -50.22
N GLU G 2573 -53.77 -79.90 -51.26
CA GLU G 2573 -54.00 -80.82 -52.37
C GLU G 2573 -52.71 -81.18 -53.10
N HIS G 2574 -51.78 -80.24 -53.19
CA HIS G 2574 -50.56 -80.48 -53.98
C HIS G 2574 -49.67 -81.56 -53.37
N ARG G 2575 -49.81 -81.86 -52.09
CA ARG G 2575 -49.05 -82.91 -51.42
C ARG G 2575 -49.98 -83.98 -50.87
N ALA G 2576 -50.95 -84.38 -51.69
CA ALA G 2576 -51.93 -85.37 -51.26
C ALA G 2576 -51.26 -86.70 -50.94
N ILE G 2577 -50.16 -87.02 -51.63
CA ILE G 2577 -49.49 -88.30 -51.37
C ILE G 2577 -48.93 -88.31 -49.96
N MET G 2578 -48.29 -87.22 -49.55
CA MET G 2578 -47.73 -87.15 -48.21
C MET G 2578 -48.85 -87.12 -47.17
N VAL G 2579 -49.92 -86.36 -47.45
CA VAL G 2579 -51.01 -86.29 -46.49
C VAL G 2579 -51.63 -87.67 -46.29
N ASP G 2580 -51.84 -88.40 -47.39
CA ASP G 2580 -52.39 -89.75 -47.30
C ASP G 2580 -51.47 -90.69 -46.53
N SER G 2581 -50.16 -90.58 -46.76
CA SER G 2581 -49.23 -91.41 -46.00
C SER G 2581 -49.30 -91.07 -44.51
N MET G 2582 -49.43 -89.79 -44.18
CA MET G 2582 -49.54 -89.40 -42.78
C MET G 2582 -50.80 -89.99 -42.16
N LEU G 2583 -51.91 -89.94 -42.89
CA LEU G 2583 -53.17 -90.46 -42.37
C LEU G 2583 -53.08 -91.97 -42.15
N HIS G 2584 -52.49 -92.68 -43.11
CA HIS G 2584 -52.32 -94.13 -42.97
C HIS G 2584 -51.44 -94.46 -41.77
N THR G 2585 -50.35 -93.69 -41.60
CA THR G 2585 -49.46 -93.92 -40.46
C THR G 2585 -50.17 -93.71 -39.14
N VAL G 2586 -50.95 -92.63 -39.03
CA VAL G 2586 -51.67 -92.35 -37.79
C VAL G 2586 -52.74 -93.40 -37.53
N TYR G 2587 -53.40 -93.89 -38.58
CA TYR G 2587 -54.36 -94.97 -38.37
C TYR G 2587 -53.67 -96.24 -37.89
N ARG G 2588 -52.51 -96.58 -38.46
CA ARG G 2588 -51.82 -97.77 -38.01
C ARG G 2588 -51.30 -97.60 -36.58
N LEU G 2589 -50.96 -96.37 -36.21
CA LEU G 2589 -50.57 -96.06 -34.84
C LEU G 2589 -51.73 -96.22 -33.87
N SER G 2590 -52.94 -95.87 -34.31
CA SER G 2590 -54.09 -95.97 -33.43
C SER G 2590 -54.37 -97.40 -32.98
N ARG G 2591 -54.22 -98.38 -33.88
CA ARG G 2591 -54.48 -99.77 -33.53
C ARG G 2591 -53.24 -100.46 -32.95
N GLY G 2592 -52.35 -99.71 -32.32
CA GLY G 2592 -51.13 -100.27 -31.76
C GLY G 2592 -51.37 -100.84 -30.37
N ARG G 2593 -50.83 -102.04 -30.14
CA ARG G 2593 -50.93 -102.66 -28.83
C ARG G 2593 -50.00 -101.97 -27.84
N SER G 2594 -50.18 -102.32 -26.57
CA SER G 2594 -49.37 -101.78 -25.49
C SER G 2594 -49.48 -100.25 -25.41
N LEU G 2595 -50.68 -99.75 -25.70
CA LEU G 2595 -50.97 -98.32 -25.62
C LEU G 2595 -51.99 -98.06 -24.52
N THR G 2596 -51.70 -97.07 -23.68
CA THR G 2596 -52.61 -96.70 -22.61
C THR G 2596 -53.87 -96.04 -23.17
N LYS G 2597 -54.91 -96.01 -22.34
CA LYS G 2597 -56.18 -95.43 -22.76
C LYS G 2597 -56.06 -93.95 -23.09
N ALA G 2598 -55.28 -93.21 -22.28
CA ALA G 2598 -55.10 -91.79 -22.55
C ALA G 2598 -54.41 -91.57 -23.90
N GLN G 2599 -53.39 -92.38 -24.19
CA GLN G 2599 -52.71 -92.23 -25.46
C GLN G 2599 -53.65 -92.60 -26.60
N ARG G 2600 -54.46 -93.65 -26.41
CA ARG G 2600 -55.30 -94.10 -27.50
C ARG G 2600 -56.33 -93.03 -27.84
N ASP G 2601 -56.92 -92.41 -26.82
CA ASP G 2601 -57.92 -91.39 -27.10
C ASP G 2601 -57.27 -90.14 -27.69
N VAL G 2602 -56.02 -89.84 -27.30
CA VAL G 2602 -55.33 -88.71 -27.92
C VAL G 2602 -55.13 -88.95 -29.41
N ILE G 2603 -54.72 -90.16 -29.78
CA ILE G 2603 -54.56 -90.49 -31.19
C ILE G 2603 -55.90 -90.42 -31.92
N GLU G 2604 -56.96 -90.95 -31.32
CA GLU G 2604 -58.26 -90.89 -31.98
C GLU G 2604 -58.73 -89.45 -32.17
N ASP G 2605 -58.55 -88.60 -31.16
CA ASP G 2605 -58.96 -87.21 -31.29
C ASP G 2605 -58.16 -86.50 -32.38
N CYS G 2606 -56.86 -86.80 -32.48
CA CYS G 2606 -56.06 -86.21 -33.53
C CYS G 2606 -56.54 -86.64 -34.92
N LEU G 2607 -56.85 -87.93 -35.07
CA LEU G 2607 -57.33 -88.42 -36.36
C LEU G 2607 -58.67 -87.80 -36.73
N MET G 2608 -59.57 -87.68 -35.76
CA MET G 2608 -60.86 -87.04 -36.04
C MET G 2608 -60.66 -85.58 -36.45
N ALA G 2609 -59.76 -84.86 -35.76
CA ALA G 2609 -59.58 -83.46 -36.10
C ALA G 2609 -59.00 -83.33 -37.50
N LEU G 2610 -58.04 -84.19 -37.85
CA LEU G 2610 -57.43 -84.11 -39.18
C LEU G 2610 -58.47 -84.38 -40.25
N CYS G 2611 -59.27 -85.44 -40.06
CA CYS G 2611 -60.24 -85.82 -41.08
C CYS G 2611 -61.36 -84.80 -41.21
N ARG G 2612 -61.71 -84.09 -40.13
CA ARG G 2612 -62.81 -83.14 -40.25
C ARG G 2612 -62.46 -81.94 -41.13
N TYR G 2613 -61.18 -81.76 -41.48
CA TYR G 2613 -60.78 -80.71 -42.42
C TYR G 2613 -60.21 -81.24 -43.72
N ILE G 2614 -59.69 -82.47 -43.76
CA ILE G 2614 -59.11 -82.97 -45.00
C ILE G 2614 -60.20 -83.12 -46.06
N ARG G 2615 -59.86 -82.79 -47.30
CA ARG G 2615 -60.83 -82.85 -48.39
C ARG G 2615 -61.27 -84.29 -48.64
N PRO G 2616 -62.50 -84.49 -49.10
CA PRO G 2616 -63.01 -85.85 -49.29
C PRO G 2616 -62.26 -86.67 -50.32
N SER G 2617 -61.70 -86.03 -51.35
CA SER G 2617 -60.99 -86.78 -52.39
C SER G 2617 -59.73 -87.44 -51.87
N MET G 2618 -59.10 -86.86 -50.85
CA MET G 2618 -57.86 -87.40 -50.29
C MET G 2618 -58.11 -88.47 -49.24
N LEU G 2619 -59.36 -88.75 -48.89
CA LEU G 2619 -59.71 -89.78 -47.93
C LEU G 2619 -60.06 -91.12 -48.57
N GLN G 2620 -59.87 -91.26 -49.89
CA GLN G 2620 -60.32 -92.48 -50.57
C GLN G 2620 -59.58 -93.72 -50.06
N HIS G 2621 -58.25 -93.62 -49.90
CA HIS G 2621 -57.49 -94.79 -49.46
C HIS G 2621 -57.85 -95.15 -48.02
N LEU G 2622 -58.04 -94.13 -47.18
CA LEU G 2622 -58.45 -94.40 -45.81
C LEU G 2622 -59.81 -95.08 -45.79
N LEU G 2623 -60.73 -94.63 -46.64
CA LEU G 2623 -62.03 -95.29 -46.70
C LEU G 2623 -61.88 -96.73 -47.15
N ARG G 2624 -60.93 -97.00 -48.05
CA ARG G 2624 -60.71 -98.37 -48.49
C ARG G 2624 -60.26 -99.24 -47.32
N ARG G 2625 -59.37 -98.71 -46.48
CA ARG G 2625 -58.96 -99.48 -45.31
C ARG G 2625 -60.14 -99.69 -44.37
N LEU G 2626 -60.98 -98.67 -44.17
CA LEU G 2626 -62.10 -98.90 -43.27
C LEU G 2626 -63.08 -99.89 -43.89
N VAL G 2627 -63.18 -99.94 -45.22
CA VAL G 2627 -64.07 -100.93 -45.82
C VAL G 2627 -63.55 -102.31 -45.49
N PHE G 2628 -62.22 -102.47 -45.41
CA PHE G 2628 -61.69 -103.80 -45.08
C PHE G 2628 -61.80 -104.10 -43.58
N ASP G 2629 -61.80 -103.09 -42.72
CA ASP G 2629 -61.69 -103.29 -41.27
C ASP G 2629 -63.02 -103.20 -40.52
N VAL G 2630 -63.84 -102.20 -40.85
CA VAL G 2630 -65.05 -101.96 -40.09
C VAL G 2630 -66.02 -103.13 -40.08
N PRO G 2631 -66.28 -103.83 -41.19
CA PRO G 2631 -67.27 -104.91 -41.16
C PRO G 2631 -66.98 -106.03 -40.16
N ILE G 2632 -65.74 -106.16 -39.66
CA ILE G 2632 -65.52 -107.14 -38.60
C ILE G 2632 -66.31 -106.76 -37.37
N LEU G 2633 -66.49 -105.45 -37.12
CA LEU G 2633 -67.30 -104.96 -36.01
C LEU G 2633 -66.79 -105.46 -34.67
N ASN G 2634 -65.47 -105.35 -34.48
CA ASN G 2634 -64.86 -105.69 -33.20
C ASN G 2634 -64.86 -104.45 -32.30
N GLU G 2635 -64.14 -104.54 -31.18
CA GLU G 2635 -64.06 -103.42 -30.24
C GLU G 2635 -63.27 -102.25 -30.81
N PHE G 2636 -62.44 -102.48 -31.83
CA PHE G 2636 -61.67 -101.41 -32.46
C PHE G 2636 -62.46 -100.59 -33.46
N ALA G 2637 -63.70 -100.97 -33.75
CA ALA G 2637 -64.52 -100.30 -34.77
C ALA G 2637 -65.27 -99.08 -34.27
N LYS G 2638 -65.19 -98.74 -32.97
CA LYS G 2638 -65.96 -97.62 -32.46
C LYS G 2638 -65.50 -96.30 -33.07
N MET G 2639 -64.19 -96.06 -33.06
CA MET G 2639 -63.68 -94.81 -33.63
C MET G 2639 -63.94 -94.74 -35.11
N PRO G 2640 -63.67 -95.78 -35.92
CA PRO G 2640 -63.99 -95.66 -37.35
C PRO G 2640 -65.47 -95.44 -37.60
N LEU G 2641 -66.34 -96.03 -36.77
CA LEU G 2641 -67.77 -95.79 -36.95
C LEU G 2641 -68.13 -94.34 -36.75
N LYS G 2642 -67.58 -93.71 -35.70
CA LYS G 2642 -67.83 -92.29 -35.49
C LYS G 2642 -67.21 -91.43 -36.57
N LEU G 2643 -66.01 -91.82 -37.04
CA LEU G 2643 -65.36 -91.07 -38.11
C LEU G 2643 -66.18 -91.12 -39.39
N LEU G 2644 -66.71 -92.28 -39.75
CA LEU G 2644 -67.51 -92.38 -40.96
C LEU G 2644 -68.81 -91.61 -40.81
N THR G 2645 -69.40 -91.64 -39.62
CA THR G 2645 -70.66 -90.91 -39.43
C THR G 2645 -70.44 -89.41 -39.64
N ASN G 2646 -69.36 -88.87 -39.05
CA ASN G 2646 -69.09 -87.45 -39.20
C ASN G 2646 -68.70 -87.11 -40.64
N HIS G 2647 -67.96 -88.03 -41.29
CA HIS G 2647 -67.49 -87.77 -42.64
C HIS G 2647 -68.67 -87.65 -43.59
N TYR G 2648 -69.59 -88.61 -43.52
CA TYR G 2648 -70.69 -88.62 -44.48
C TYR G 2648 -71.71 -87.55 -44.15
N GLU G 2649 -71.91 -87.22 -42.86
CA GLU G 2649 -72.80 -86.12 -42.53
C GLU G 2649 -72.26 -84.80 -43.06
N ARG G 2650 -70.94 -84.60 -42.97
CA ARG G 2650 -70.37 -83.35 -43.46
C ARG G 2650 -70.33 -83.29 -44.98
N CYS G 2651 -70.02 -84.41 -45.64
CA CYS G 2651 -69.79 -84.43 -47.08
C CYS G 2651 -70.85 -85.23 -47.84
N TRP G 2652 -72.11 -85.16 -47.39
CA TRP G 2652 -73.17 -85.89 -48.10
C TRP G 2652 -73.46 -85.29 -49.47
N LYS G 2653 -73.32 -83.97 -49.63
CA LYS G 2653 -73.54 -83.36 -50.94
C LYS G 2653 -72.51 -83.80 -51.98
N TYR G 2654 -71.31 -84.15 -51.53
CA TYR G 2654 -70.26 -84.57 -52.46
C TYR G 2654 -70.62 -85.85 -53.18
N TYR G 2655 -71.42 -86.72 -52.56
CA TYR G 2655 -71.77 -88.01 -53.13
C TYR G 2655 -73.14 -88.07 -53.75
N CYS G 2656 -74.10 -87.27 -53.27
CA CYS G 2656 -75.48 -87.42 -53.71
C CYS G 2656 -75.82 -86.51 -54.89
N LEU G 2657 -75.53 -85.22 -54.78
CA LEU G 2657 -75.90 -84.29 -55.84
C LEU G 2657 -75.10 -84.60 -57.10
N PRO G 2658 -75.73 -84.68 -58.27
CA PRO G 2658 -74.94 -84.93 -59.50
C PRO G 2658 -73.91 -83.86 -59.79
N THR G 2659 -74.22 -82.60 -59.49
CA THR G 2659 -73.27 -81.51 -59.71
C THR G 2659 -72.17 -81.46 -58.67
N GLY G 2660 -72.32 -82.18 -57.56
CA GLY G 2660 -71.30 -82.21 -56.54
C GLY G 2660 -71.31 -80.97 -55.65
N TRP G 2661 -70.45 -81.02 -54.65
CA TRP G 2661 -70.30 -79.90 -53.74
C TRP G 2661 -69.58 -78.74 -54.43
N ALA G 2662 -69.93 -77.52 -54.02
CA ALA G 2662 -69.35 -76.33 -54.62
C ALA G 2662 -67.84 -76.29 -54.44
N ASN G 2663 -67.13 -75.98 -55.53
CA ASN G 2663 -65.68 -75.79 -55.53
C ASN G 2663 -64.93 -76.97 -54.93
N PHE G 2664 -65.57 -78.13 -54.85
CA PHE G 2664 -64.92 -79.35 -54.36
C PHE G 2664 -64.90 -80.49 -55.36
N GLY G 2665 -65.62 -80.37 -56.48
CA GLY G 2665 -65.67 -81.43 -57.45
C GLY G 2665 -66.83 -82.37 -57.21
N VAL G 2666 -66.80 -83.49 -57.94
CA VAL G 2666 -67.83 -84.51 -57.85
C VAL G 2666 -67.18 -85.85 -57.55
N THR G 2667 -67.96 -86.74 -56.96
CA THR G 2667 -67.49 -88.09 -56.66
C THR G 2667 -67.31 -88.89 -57.94
N SER G 2668 -66.51 -89.95 -57.84
CA SER G 2668 -66.24 -90.83 -58.95
C SER G 2668 -67.09 -92.10 -58.81
N GLU G 2669 -66.82 -93.08 -59.66
CA GLU G 2669 -67.59 -94.33 -59.67
C GLU G 2669 -67.02 -95.39 -58.73
N GLU G 2670 -65.90 -95.13 -58.07
CA GLU G 2670 -65.29 -96.11 -57.18
C GLU G 2670 -65.60 -95.84 -55.71
N GLU G 2671 -65.66 -94.57 -55.30
CA GLU G 2671 -66.02 -94.27 -53.92
C GLU G 2671 -67.44 -94.71 -53.62
N LEU G 2672 -68.34 -94.56 -54.59
CA LEU G 2672 -69.72 -95.04 -54.40
C LEU G 2672 -69.75 -96.54 -54.22
N HIS G 2673 -68.95 -97.27 -55.01
CA HIS G 2673 -68.86 -98.72 -54.86
C HIS G 2673 -68.32 -99.11 -53.48
N LEU G 2674 -67.30 -98.41 -53.02
CA LEU G 2674 -66.77 -98.66 -51.68
C LEU G 2674 -67.80 -98.36 -50.61
N THR G 2675 -68.55 -97.28 -50.75
CA THR G 2675 -69.58 -96.95 -49.76
C THR G 2675 -70.67 -98.01 -49.75
N ARG G 2676 -71.08 -98.48 -50.92
CA ARG G 2676 -72.11 -99.51 -50.99
C ARG G 2676 -71.64 -100.82 -50.35
N LYS G 2677 -70.40 -101.22 -50.62
CA LYS G 2677 -69.89 -102.42 -49.97
C LYS G 2677 -69.77 -102.24 -48.47
N LEU G 2678 -69.38 -101.05 -48.01
CA LEU G 2678 -69.28 -100.81 -46.58
C LEU G 2678 -70.66 -100.90 -45.93
N PHE G 2679 -71.67 -100.37 -46.61
CA PHE G 2679 -73.03 -100.40 -46.11
C PHE G 2679 -73.52 -101.83 -45.98
N TRP G 2680 -73.39 -102.63 -47.03
CA TRP G 2680 -73.93 -103.97 -46.95
C TRP G 2680 -73.11 -104.85 -46.02
N GLY G 2681 -71.80 -104.59 -45.90
CA GLY G 2681 -70.99 -105.31 -44.93
C GLY G 2681 -71.43 -105.08 -43.51
N ILE G 2682 -71.69 -103.81 -43.17
CA ILE G 2682 -72.18 -103.50 -41.83
C ILE G 2682 -73.58 -104.07 -41.63
N PHE G 2683 -74.45 -103.93 -42.62
CA PHE G 2683 -75.83 -104.38 -42.44
C PHE G 2683 -75.86 -105.88 -42.20
N ASP G 2684 -75.10 -106.65 -42.99
CA ASP G 2684 -75.07 -108.09 -42.84
C ASP G 2684 -74.43 -108.51 -41.52
N SER G 2685 -73.33 -107.86 -41.13
CA SER G 2685 -72.71 -108.23 -39.86
C SER G 2685 -73.62 -107.92 -38.68
N LEU G 2686 -74.28 -106.75 -38.71
CA LEU G 2686 -75.17 -106.37 -37.62
C LEU G 2686 -76.41 -107.26 -37.58
N ALA G 2687 -76.83 -107.80 -38.72
CA ALA G 2687 -78.00 -108.67 -38.73
C ALA G 2687 -77.74 -109.99 -38.01
N HIS G 2688 -76.47 -110.37 -37.81
CA HIS G 2688 -76.13 -111.58 -37.10
C HIS G 2688 -75.49 -111.34 -35.73
N LYS G 2689 -74.95 -110.16 -35.49
CA LYS G 2689 -74.34 -109.87 -34.20
C LYS G 2689 -75.38 -109.85 -33.09
N LYS G 2690 -75.01 -110.36 -31.92
CA LYS G 2690 -75.88 -110.36 -30.77
C LYS G 2690 -76.16 -108.94 -30.29
N TYR G 2691 -77.30 -108.77 -29.63
CA TYR G 2691 -77.76 -107.45 -29.21
C TYR G 2691 -76.84 -106.82 -28.18
N ASP G 2692 -76.19 -105.72 -28.57
CA ASP G 2692 -75.40 -104.89 -27.66
C ASP G 2692 -75.90 -103.46 -27.78
N GLN G 2693 -76.28 -102.87 -26.65
CA GLN G 2693 -76.90 -101.55 -26.69
C GLN G 2693 -75.95 -100.50 -27.24
N GLU G 2694 -74.69 -100.54 -26.82
CA GLU G 2694 -73.69 -99.57 -27.30
C GLU G 2694 -73.44 -99.76 -28.79
N LEU G 2695 -73.35 -101.02 -29.22
CA LEU G 2695 -73.11 -101.30 -30.63
C LEU G 2695 -74.27 -100.78 -31.46
N TYR G 2696 -75.50 -101.04 -31.04
CA TYR G 2696 -76.62 -100.55 -31.85
C TYR G 2696 -76.66 -99.03 -31.81
N ARG G 2697 -76.21 -98.46 -30.67
CA ARG G 2697 -76.27 -97.02 -30.45
C ARG G 2697 -75.39 -96.28 -31.42
N MET G 2698 -74.27 -96.88 -31.81
CA MET G 2698 -73.35 -96.18 -32.69
C MET G 2698 -73.33 -96.78 -34.09
N ALA G 2699 -73.88 -97.97 -34.29
CA ALA G 2699 -74.01 -98.54 -35.61
C ALA G 2699 -75.17 -97.89 -36.37
N MET G 2700 -76.27 -97.57 -35.68
CA MET G 2700 -77.40 -96.96 -36.36
C MET G 2700 -77.11 -95.62 -37.01
N PRO G 2701 -76.47 -94.64 -36.35
CA PRO G 2701 -76.16 -93.40 -37.07
C PRO G 2701 -75.28 -93.57 -38.28
N CYS G 2702 -74.35 -94.53 -38.27
CA CYS G 2702 -73.53 -94.76 -39.46
C CYS G 2702 -74.39 -95.22 -40.63
N LEU G 2703 -75.31 -96.15 -40.38
CA LEU G 2703 -76.18 -96.63 -41.43
C LEU G 2703 -77.09 -95.52 -41.95
N CYS G 2704 -77.63 -94.71 -41.05
CA CYS G 2704 -78.49 -93.61 -41.49
C CYS G 2704 -77.73 -92.61 -42.34
N ALA G 2705 -76.51 -92.26 -41.93
CA ALA G 2705 -75.71 -91.31 -42.71
C ALA G 2705 -75.34 -91.89 -44.08
N ILE G 2706 -74.95 -93.16 -44.12
CA ILE G 2706 -74.57 -93.76 -45.38
C ILE G 2706 -75.76 -93.83 -46.32
N ALA G 2707 -76.92 -94.26 -45.81
CA ALA G 2707 -78.09 -94.33 -46.69
C ALA G 2707 -78.50 -92.94 -47.15
N GLY G 2708 -78.38 -91.93 -46.28
CA GLY G 2708 -78.72 -90.58 -46.70
C GLY G 2708 -77.71 -89.94 -47.61
N ALA G 2709 -76.53 -90.55 -47.75
CA ALA G 2709 -75.50 -90.03 -48.65
C ALA G 2709 -75.49 -90.72 -49.99
N LEU G 2710 -75.71 -92.03 -50.02
CA LEU G 2710 -75.63 -92.78 -51.27
C LEU G 2710 -76.79 -92.40 -52.19
N PRO G 2711 -76.54 -92.12 -53.46
CA PRO G 2711 -77.66 -91.86 -54.40
C PRO G 2711 -78.58 -93.06 -54.51
N PRO G 2712 -79.89 -92.84 -54.57
CA PRO G 2712 -80.80 -94.00 -54.68
C PRO G 2712 -80.62 -94.82 -55.95
N ASP G 2713 -80.25 -94.18 -57.06
CA ASP G 2713 -80.21 -94.84 -58.35
C ASP G 2713 -78.81 -95.31 -58.75
N TYR G 2714 -77.85 -95.29 -57.83
CA TYR G 2714 -76.51 -95.74 -58.16
C TYR G 2714 -76.53 -97.22 -58.53
N VAL G 2715 -75.86 -97.55 -59.62
CA VAL G 2715 -75.77 -98.93 -60.12
C VAL G 2715 -74.30 -99.29 -60.26
N ASP G 2716 -73.89 -100.35 -59.58
CA ASP G 2716 -72.51 -100.82 -59.67
C ASP G 2716 -72.29 -101.55 -60.98
N ALA G 2717 -71.23 -101.18 -61.70
CA ALA G 2717 -70.94 -101.80 -62.99
C ALA G 2717 -70.59 -103.27 -62.83
N SER G 2718 -69.79 -103.61 -61.82
CA SER G 2718 -69.34 -104.99 -61.65
C SER G 2718 -70.51 -105.90 -61.28
N TYR G 2719 -71.12 -105.66 -60.13
CA TYR G 2719 -72.21 -106.49 -59.62
C TYR G 2719 -71.79 -107.96 -59.57
N PRO G 2737 -56.07 -113.49 -48.89
CA PRO G 2737 -56.14 -114.09 -50.24
C PRO G 2737 -56.09 -115.62 -50.27
N ARG G 2738 -56.97 -116.24 -51.01
CA ARG G 2738 -57.01 -117.69 -51.12
C ARG G 2738 -57.10 -118.06 -52.59
N PRO G 2739 -55.97 -117.98 -53.30
CA PRO G 2739 -55.96 -118.36 -54.73
C PRO G 2739 -56.40 -119.82 -54.90
N VAL G 2740 -57.07 -120.14 -55.99
CA VAL G 2740 -57.57 -121.51 -56.19
C VAL G 2740 -56.40 -122.54 -56.23
N GLU G 2741 -56.63 -123.68 -55.59
CA GLU G 2741 -55.62 -124.70 -55.41
C GLU G 2741 -55.48 -125.49 -56.72
N THR G 2742 -54.30 -125.44 -57.36
CA THR G 2742 -54.08 -125.99 -58.73
C THR G 2742 -53.18 -127.21 -58.71
N LEU G 2743 -52.70 -127.60 -57.53
CA LEU G 2743 -51.59 -128.55 -57.49
C LEU G 2743 -51.98 -129.90 -58.10
N ASN G 2744 -53.15 -130.41 -57.78
CA ASN G 2744 -53.63 -131.68 -58.31
C ASN G 2744 -54.56 -131.54 -59.52
N VAL G 2745 -54.62 -130.36 -60.13
CA VAL G 2745 -55.48 -130.16 -61.29
C VAL G 2745 -54.68 -130.59 -62.54
N ILE G 2746 -55.28 -131.47 -63.35
CA ILE G 2746 -54.63 -132.01 -64.55
C ILE G 2746 -55.16 -131.31 -65.81
N ILE G 2747 -54.28 -130.73 -66.61
CA ILE G 2747 -54.70 -130.19 -67.91
C ILE G 2747 -54.80 -131.36 -68.90
N PRO G 2748 -55.91 -131.46 -69.64
CA PRO G 2748 -55.97 -132.49 -70.68
C PRO G 2748 -54.88 -132.34 -71.75
N GLU G 2749 -54.36 -133.49 -72.16
CA GLU G 2749 -53.32 -133.57 -73.18
C GLU G 2749 -53.58 -132.69 -74.38
N LYS G 2750 -54.83 -132.59 -74.85
CA LYS G 2750 -55.07 -131.88 -76.10
C LYS G 2750 -54.93 -130.35 -76.00
N LEU G 2751 -54.66 -129.83 -74.79
CA LEU G 2751 -54.32 -128.44 -74.65
C LEU G 2751 -52.87 -128.18 -74.75
N ASP G 2752 -52.04 -129.24 -74.80
CA ASP G 2752 -50.60 -128.97 -74.85
C ASP G 2752 -50.16 -128.08 -76.04
N SER G 2753 -50.83 -128.28 -77.16
CA SER G 2753 -50.50 -127.54 -78.36
C SER G 2753 -50.83 -126.03 -78.17
N PHE G 2754 -52.00 -125.73 -77.58
CA PHE G 2754 -52.38 -124.34 -77.26
C PHE G 2754 -51.39 -123.70 -76.27
N ILE G 2755 -50.97 -124.48 -75.27
CA ILE G 2755 -50.02 -124.01 -74.30
C ILE G 2755 -48.70 -123.58 -74.96
N ASN G 2756 -48.13 -124.42 -75.81
CA ASN G 2756 -46.93 -123.98 -76.51
C ASN G 2756 -47.10 -122.82 -77.44
N LYS G 2757 -48.22 -122.76 -78.16
CA LYS G 2757 -48.47 -121.62 -79.08
C LYS G 2757 -48.59 -120.31 -78.32
N PHE G 2758 -49.33 -120.37 -77.21
CA PHE G 2758 -49.53 -119.17 -76.42
C PHE G 2758 -48.24 -118.82 -75.71
N ALA G 2759 -47.46 -119.82 -75.28
CA ALA G 2759 -46.15 -119.52 -74.67
C ALA G 2759 -45.25 -118.82 -75.71
N GLU G 2760 -45.23 -119.36 -76.92
CA GLU G 2760 -44.46 -118.75 -77.99
C GLU G 2760 -44.93 -117.31 -78.25
N TYR G 2761 -46.25 -117.12 -78.29
CA TYR G 2761 -46.80 -115.76 -78.42
C TYR G 2761 -46.31 -114.80 -77.33
N THR G 2762 -46.41 -115.20 -76.05
CA THR G 2762 -46.01 -114.36 -74.95
C THR G 2762 -44.51 -114.00 -75.05
N HIS G 2763 -43.69 -114.98 -75.39
CA HIS G 2763 -42.27 -114.70 -75.61
C HIS G 2763 -42.02 -113.66 -76.77
N GLU G 2764 -42.69 -113.87 -77.90
CA GLU G 2764 -42.56 -112.99 -79.09
C GLU G 2764 -42.99 -111.56 -78.78
N LYS G 2765 -44.06 -111.43 -78.00
CA LYS G 2765 -44.53 -110.12 -77.60
C LYS G 2765 -43.47 -109.38 -76.78
N TRP G 2766 -42.91 -110.07 -75.79
CA TRP G 2766 -41.84 -109.57 -74.93
C TRP G 2766 -40.60 -109.20 -75.74
N ALA G 2767 -40.23 -110.09 -76.67
CA ALA G 2767 -39.06 -109.90 -77.51
C ALA G 2767 -39.25 -108.70 -78.42
N PHE G 2768 -40.42 -108.62 -79.06
CA PHE G 2768 -40.84 -107.48 -79.87
C PHE G 2768 -40.67 -106.17 -79.10
N ASP G 2769 -41.18 -106.11 -77.86
CA ASP G 2769 -41.07 -104.87 -77.10
C ASP G 2769 -39.56 -104.55 -76.78
N LYS G 2770 -38.78 -105.58 -76.42
CA LYS G 2770 -37.32 -105.42 -76.23
C LYS G 2770 -36.56 -104.88 -77.44
N ILE G 2771 -36.81 -105.49 -78.60
CA ILE G 2771 -36.18 -105.12 -79.86
C ILE G 2771 -36.55 -103.69 -80.31
N GLN G 2772 -37.78 -103.25 -80.04
CA GLN G 2772 -38.20 -101.86 -80.32
C GLN G 2772 -37.47 -100.84 -79.44
N ASN G 2773 -36.96 -101.30 -78.29
CA ASN G 2773 -36.09 -100.47 -77.47
C ASN G 2773 -34.63 -100.85 -77.66
N ASN G 2774 -34.32 -101.37 -78.85
CA ASN G 2774 -32.95 -101.64 -79.26
C ASN G 2774 -32.13 -102.63 -78.42
N TRP G 2775 -32.80 -103.55 -77.71
CA TRP G 2775 -32.14 -104.72 -77.11
C TRP G 2775 -31.73 -105.68 -78.21
N SER G 2776 -30.72 -106.50 -77.97
CA SER G 2776 -30.30 -107.49 -78.96
C SER G 2776 -29.89 -108.74 -78.22
N TYR G 2777 -29.75 -109.85 -78.94
CA TYR G 2777 -29.21 -111.05 -78.32
C TYR G 2777 -27.84 -110.72 -77.73
N GLY G 2778 -27.54 -111.34 -76.60
CA GLY G 2778 -26.20 -111.33 -76.02
C GLY G 2778 -26.15 -112.55 -75.11
N GLU G 2779 -24.95 -113.03 -74.80
CA GLU G 2779 -24.82 -114.27 -74.03
C GLU G 2779 -25.26 -114.08 -72.59
N ASN G 2780 -25.08 -112.86 -72.09
CA ASN G 2780 -25.47 -112.46 -70.73
C ASN G 2780 -26.52 -111.38 -70.74
N VAL G 2781 -27.37 -111.32 -69.71
CA VAL G 2781 -28.23 -110.15 -69.44
C VAL G 2781 -27.36 -108.97 -68.99
N ASP G 2782 -27.54 -107.83 -69.66
CA ASP G 2782 -26.68 -106.67 -69.42
C ASP G 2782 -27.53 -105.46 -69.70
N GLU G 2783 -27.92 -104.76 -68.64
CA GLU G 2783 -28.78 -103.56 -68.72
C GLU G 2783 -28.10 -102.35 -69.38
N GLU G 2784 -26.78 -102.25 -69.25
CA GLU G 2784 -26.05 -101.15 -69.91
C GLU G 2784 -26.02 -101.36 -71.43
N LEU G 2785 -25.61 -102.57 -71.84
CA LEU G 2785 -25.54 -102.94 -73.26
C LEU G 2785 -26.91 -103.36 -73.87
N LYS G 2786 -27.95 -103.52 -73.06
CA LYS G 2786 -29.26 -103.98 -73.53
C LYS G 2786 -29.14 -105.27 -74.33
N THR G 2787 -28.47 -106.27 -73.75
CA THR G 2787 -28.43 -107.62 -74.30
C THR G 2787 -29.26 -108.55 -73.42
N HIS G 2788 -29.86 -109.55 -74.04
CA HIS G 2788 -30.54 -110.60 -73.30
C HIS G 2788 -30.44 -111.92 -74.08
N PRO G 2789 -30.02 -113.02 -73.41
CA PRO G 2789 -29.85 -114.31 -74.09
C PRO G 2789 -31.18 -114.95 -74.51
N MET G 2790 -32.30 -114.42 -74.00
CA MET G 2790 -33.59 -114.93 -74.49
C MET G 2790 -34.11 -114.22 -75.73
N LEU G 2791 -33.34 -113.24 -76.22
CA LEU G 2791 -33.69 -112.58 -77.47
C LEU G 2791 -33.31 -113.41 -78.67
N ARG G 2792 -34.06 -114.48 -78.86
CA ARG G 2792 -33.92 -115.42 -79.96
C ARG G 2792 -35.23 -116.22 -80.04
N PRO G 2793 -35.42 -117.01 -81.12
CA PRO G 2793 -36.68 -117.74 -81.31
C PRO G 2793 -37.01 -118.71 -80.19
N TYR G 2794 -38.28 -118.69 -79.77
CA TYR G 2794 -38.79 -119.64 -78.77
C TYR G 2794 -38.45 -121.06 -79.20
N LYS G 2795 -38.49 -121.32 -80.50
CA LYS G 2795 -38.22 -122.66 -80.99
C LYS G 2795 -36.81 -123.16 -80.63
N THR G 2796 -35.89 -122.23 -80.40
CA THR G 2796 -34.49 -122.58 -80.10
C THR G 2796 -34.23 -122.79 -78.60
N PHE G 2797 -35.26 -122.63 -77.76
CA PHE G 2797 -35.11 -122.82 -76.32
C PHE G 2797 -35.02 -124.28 -75.89
N SER G 2798 -34.32 -124.53 -74.79
CA SER G 2798 -34.44 -125.80 -74.03
C SER G 2798 -35.86 -125.90 -73.44
N GLU G 2799 -36.24 -127.08 -72.96
CA GLU G 2799 -37.51 -127.24 -72.23
C GLU G 2799 -37.57 -126.34 -70.98
N LYS G 2800 -36.47 -126.25 -70.22
CA LYS G 2800 -36.42 -125.36 -69.06
C LYS G 2800 -36.79 -123.89 -69.43
N ASP G 2801 -36.24 -123.39 -70.53
CA ASP G 2801 -36.51 -122.02 -70.93
C ASP G 2801 -37.92 -121.81 -71.53
N LYS G 2802 -38.45 -122.82 -72.21
CA LYS G 2802 -39.84 -122.74 -72.67
C LYS G 2802 -40.77 -122.71 -71.45
N GLU G 2803 -40.41 -123.48 -70.44
CA GLU G 2803 -41.20 -123.56 -69.20
C GLU G 2803 -41.38 -122.20 -68.49
N ILE G 2804 -40.41 -121.30 -68.69
CA ILE G 2804 -40.54 -119.94 -68.17
C ILE G 2804 -41.87 -119.30 -68.65
N TYR G 2805 -42.22 -119.57 -69.90
CA TYR G 2805 -43.42 -119.02 -70.50
C TYR G 2805 -44.62 -119.96 -70.30
N ARG G 2806 -44.39 -121.28 -70.38
CA ARG G 2806 -45.52 -122.26 -70.24
C ARG G 2806 -46.11 -122.36 -68.79
N TRP G 2807 -45.26 -122.26 -67.75
CA TRP G 2807 -45.71 -122.39 -66.34
C TRP G 2807 -46.90 -121.50 -66.00
N PRO G 2808 -46.77 -120.16 -66.26
CA PRO G 2808 -47.87 -119.27 -65.85
C PRO G 2808 -49.17 -119.52 -66.65
N ILE G 2809 -49.01 -119.97 -67.90
CA ILE G 2809 -50.17 -120.29 -68.72
C ILE G 2809 -50.83 -121.53 -68.17
N LYS G 2810 -50.03 -122.56 -67.84
CA LYS G 2810 -50.57 -123.74 -67.15
C LYS G 2810 -51.29 -123.39 -65.86
N GLU G 2811 -50.75 -122.47 -65.08
CA GLU G 2811 -51.42 -122.07 -63.84
C GLU G 2811 -52.80 -121.39 -64.10
N SER G 2812 -52.87 -120.54 -65.11
CA SER G 2812 -54.17 -119.96 -65.54
C SER G 2812 -55.16 -121.05 -65.96
N LEU G 2813 -54.73 -121.94 -66.85
CA LEU G 2813 -55.67 -123.02 -67.29
C LEU G 2813 -56.13 -123.94 -66.15
N LYS G 2814 -55.23 -124.28 -65.25
CA LYS G 2814 -55.59 -125.08 -64.09
C LYS G 2814 -56.62 -124.37 -63.20
N ALA G 2815 -56.53 -123.06 -63.00
CA ALA G 2815 -57.60 -122.34 -62.28
C ALA G 2815 -58.96 -122.46 -63.02
N MET G 2816 -58.96 -122.22 -64.34
CA MET G 2816 -60.21 -122.38 -65.09
C MET G 2816 -60.80 -123.79 -64.96
N ILE G 2817 -59.94 -124.83 -65.03
CA ILE G 2817 -60.40 -126.24 -64.91
C ILE G 2817 -60.90 -126.49 -63.49
N ALA G 2818 -60.16 -126.00 -62.50
CA ALA G 2818 -60.60 -126.05 -61.09
C ALA G 2818 -62.01 -125.48 -60.86
N TRP G 2819 -62.35 -124.42 -61.59
CA TRP G 2819 -63.66 -123.73 -61.47
C TRP G 2819 -64.76 -124.42 -62.31
N GLU G 2820 -64.39 -125.52 -62.97
CA GLU G 2820 -65.24 -126.33 -63.86
C GLU G 2820 -65.73 -125.60 -65.10
N TRP G 2821 -64.85 -124.77 -65.67
CA TRP G 2821 -65.15 -124.10 -66.91
C TRP G 2821 -64.82 -125.10 -68.00
N THR G 2822 -65.50 -125.04 -69.12
CA THR G 2822 -65.15 -125.94 -70.24
C THR G 2822 -64.34 -125.18 -71.27
N ILE G 2823 -63.37 -125.85 -71.83
CA ILE G 2823 -62.50 -125.26 -72.85
C ILE G 2823 -62.51 -126.24 -74.02
N GLU G 2824 -63.18 -125.88 -75.12
CA GLU G 2824 -63.34 -126.82 -76.24
C GLU G 2824 -63.01 -126.15 -77.58
N LYS G 2825 -62.27 -126.86 -78.45
CA LYS G 2825 -61.92 -126.34 -79.77
C LYS G 2825 -63.17 -126.44 -80.66
N ALA G 2826 -63.93 -125.36 -80.74
CA ALA G 2826 -65.22 -125.37 -81.44
C ALA G 2826 -65.09 -125.02 -82.92
N ARG G 2827 -64.03 -124.28 -83.26
CA ARG G 2827 -63.80 -123.79 -84.61
C ARG G 2827 -62.35 -123.95 -85.03
N GLU G 2828 -62.11 -123.79 -86.33
CA GLU G 2828 -60.74 -123.64 -86.81
C GLU G 2828 -60.21 -122.29 -86.27
N GLY G 2829 -58.90 -122.16 -86.03
CA GLY G 2829 -58.28 -120.88 -85.60
C GLY G 2829 -58.21 -119.87 -86.74
N GLU G 2830 -57.95 -118.59 -86.43
CA GLU G 2830 -58.03 -117.47 -87.42
C GLU G 2830 -56.97 -117.48 -88.54
N TYR G 2855 -32.78 -111.91 -85.56
CA TYR G 2855 -34.09 -112.36 -85.08
C TYR G 2855 -35.11 -111.22 -85.11
N ASN G 2856 -36.25 -111.49 -85.73
CA ASN G 2856 -37.23 -110.44 -86.02
C ASN G 2856 -38.69 -110.86 -85.70
N PRO G 2857 -39.06 -110.86 -84.40
CA PRO G 2857 -40.38 -111.33 -83.99
C PRO G 2857 -41.47 -110.37 -84.44
N GLN G 2858 -42.49 -110.90 -85.09
CA GLN G 2858 -43.68 -110.10 -85.40
C GLN G 2858 -44.89 -110.89 -84.88
N PRO G 2859 -45.23 -110.73 -83.58
CA PRO G 2859 -46.33 -111.50 -83.01
C PRO G 2859 -47.67 -110.99 -83.52
N PRO G 2860 -48.71 -111.86 -83.53
CA PRO G 2860 -50.03 -111.38 -83.95
C PRO G 2860 -50.50 -110.22 -83.08
N ASP G 2861 -51.33 -109.37 -83.66
CA ASP G 2861 -51.93 -108.26 -82.90
C ASP G 2861 -53.28 -108.75 -82.31
N LEU G 2862 -53.49 -108.54 -81.03
CA LEU G 2862 -54.73 -108.99 -80.36
C LEU G 2862 -55.67 -107.81 -80.06
N SER G 2863 -55.39 -106.70 -80.72
CA SER G 2863 -56.12 -105.44 -80.52
C SER G 2863 -57.54 -105.54 -81.00
N GLY G 2864 -57.71 -106.31 -82.07
CA GLY G 2864 -58.96 -106.45 -82.78
C GLY G 2864 -59.81 -107.60 -82.31
N VAL G 2865 -59.38 -108.27 -81.23
CA VAL G 2865 -60.18 -109.38 -80.71
C VAL G 2865 -61.13 -108.83 -79.65
N THR G 2866 -62.43 -109.02 -79.90
CA THR G 2866 -63.48 -108.58 -78.98
C THR G 2866 -63.98 -109.76 -78.16
N LEU G 2867 -64.01 -109.59 -76.84
CA LEU G 2867 -64.53 -110.64 -75.99
C LEU G 2867 -65.98 -110.29 -75.64
N SER G 2868 -66.84 -111.30 -75.64
CA SER G 2868 -68.23 -111.12 -75.20
C SER G 2868 -68.24 -110.52 -73.80
N ARG G 2869 -69.36 -109.93 -73.41
CA ARG G 2869 -69.52 -109.54 -71.99
C ARG G 2869 -69.26 -110.70 -71.03
N GLU G 2870 -69.78 -111.88 -71.38
CA GLU G 2870 -69.61 -113.11 -70.63
C GLU G 2870 -68.12 -113.50 -70.39
N LEU G 2871 -67.34 -113.46 -71.47
CA LEU G 2871 -65.89 -113.70 -71.38
C LEU G 2871 -65.14 -112.60 -70.60
N GLN G 2872 -65.56 -111.35 -70.77
CA GLN G 2872 -65.00 -110.25 -69.98
C GLN G 2872 -65.30 -110.50 -68.48
N ALA G 2873 -66.50 -111.00 -68.16
CA ALA G 2873 -66.83 -111.37 -66.76
C ALA G 2873 -65.93 -112.48 -66.23
N MET G 2874 -65.74 -113.52 -67.04
CA MET G 2874 -64.78 -114.58 -66.72
C MET G 2874 -63.36 -114.04 -66.49
N ALA G 2875 -62.93 -113.10 -67.33
CA ALA G 2875 -61.62 -112.43 -67.15
C ALA G 2875 -61.51 -111.81 -65.76
N GLU G 2876 -62.63 -111.31 -65.17
CA GLU G 2876 -62.62 -110.73 -63.80
C GLU G 2876 -62.30 -111.75 -62.74
N GLN G 2877 -62.82 -112.98 -62.88
CA GLN G 2877 -62.50 -114.03 -61.94
C GLN G 2877 -61.02 -114.47 -62.08
N LEU G 2878 -60.56 -114.58 -63.32
CA LEU G 2878 -59.13 -114.85 -63.52
C LEU G 2878 -58.23 -113.75 -62.90
N ALA G 2879 -58.57 -112.48 -63.17
CA ALA G 2879 -57.78 -111.35 -62.65
C ALA G 2879 -57.75 -111.37 -61.14
N GLU G 2880 -58.91 -111.59 -60.52
CA GLU G 2880 -58.95 -111.65 -59.08
C GLU G 2880 -58.09 -112.78 -58.56
N ASN G 2881 -58.10 -113.93 -59.23
CA ASN G 2881 -57.22 -115.02 -58.84
C ASN G 2881 -55.72 -114.64 -59.00
N TYR G 2882 -55.34 -114.01 -60.09
CA TYR G 2882 -53.94 -113.53 -60.19
C TYR G 2882 -53.59 -112.61 -59.01
N HIS G 2883 -54.50 -111.68 -58.70
CA HIS G 2883 -54.27 -110.79 -57.52
C HIS G 2883 -54.12 -111.59 -56.20
N ASN G 2884 -54.93 -112.63 -56.01
CA ASN G 2884 -54.87 -113.41 -54.79
C ASN G 2884 -53.62 -114.23 -54.74
N THR G 2885 -53.17 -114.72 -55.90
CA THR G 2885 -51.89 -115.46 -55.96
C THR G 2885 -50.71 -114.53 -55.58
N TRP G 2886 -50.67 -113.36 -56.23
CA TRP G 2886 -49.67 -112.33 -55.89
C TRP G 2886 -49.73 -111.97 -54.40
N GLY G 2887 -50.95 -111.77 -53.86
CA GLY G 2887 -51.10 -111.24 -52.49
C GLY G 2887 -50.66 -112.32 -51.50
N ARG G 2888 -50.97 -113.59 -51.77
CA ARG G 2888 -50.58 -114.68 -50.86
C ARG G 2888 -49.06 -114.86 -50.85
N LYS G 2889 -48.46 -114.86 -52.04
CA LYS G 2889 -47.02 -114.93 -52.16
C LYS G 2889 -46.36 -113.72 -51.49
N LYS G 2890 -46.97 -112.56 -51.67
CA LYS G 2890 -46.41 -111.32 -51.11
C LYS G 2890 -46.43 -111.33 -49.58
N LYS G 2891 -47.51 -111.84 -48.99
CA LYS G 2891 -47.53 -111.96 -47.54
C LYS G 2891 -46.44 -112.90 -47.06
N GLN G 2892 -46.19 -113.98 -47.80
CA GLN G 2892 -45.11 -114.87 -47.38
C GLN G 2892 -43.75 -114.20 -47.50
N GLU G 2893 -43.57 -113.46 -48.56
CA GLU G 2893 -42.31 -112.78 -48.82
C GLU G 2893 -42.04 -111.76 -47.69
N LEU G 2894 -43.05 -110.96 -47.36
CA LEU G 2894 -42.91 -109.98 -46.29
C LEU G 2894 -42.53 -110.61 -44.95
N GLU G 2895 -43.21 -111.69 -44.59
CA GLU G 2895 -42.93 -112.39 -43.32
C GLU G 2895 -41.52 -112.96 -43.35
N ALA G 2896 -41.11 -113.53 -44.48
CA ALA G 2896 -39.76 -114.09 -44.60
C ALA G 2896 -38.66 -113.04 -44.41
N LYS G 2897 -38.98 -111.77 -44.68
CA LYS G 2897 -38.03 -110.66 -44.66
C LYS G 2897 -38.17 -109.76 -43.42
N GLY G 2898 -39.00 -110.15 -42.46
CA GLY G 2898 -39.04 -109.40 -41.23
C GLY G 2898 -40.34 -108.70 -40.93
N GLY G 2899 -41.31 -108.81 -41.85
CA GLY G 2899 -42.62 -108.22 -41.64
C GLY G 2899 -42.76 -106.97 -42.47
N GLY G 2900 -43.86 -106.27 -42.28
CA GLY G 2900 -44.08 -105.08 -43.09
C GLY G 2900 -45.36 -105.21 -43.89
N THR G 2901 -45.59 -104.26 -44.78
CA THR G 2901 -46.90 -104.16 -45.42
C THR G 2901 -46.74 -103.75 -46.87
N HIS G 2902 -47.86 -103.75 -47.59
CA HIS G 2902 -47.86 -103.39 -49.00
C HIS G 2902 -49.24 -102.78 -49.29
N PRO G 2903 -49.26 -101.62 -49.97
CA PRO G 2903 -50.57 -100.96 -50.13
C PRO G 2903 -51.54 -101.76 -51.02
N LEU G 2904 -51.05 -102.67 -51.88
CA LEU G 2904 -51.97 -103.49 -52.68
C LEU G 2904 -52.49 -104.75 -52.00
N LEU G 2905 -52.09 -105.02 -50.74
CA LEU G 2905 -52.68 -106.15 -50.00
C LEU G 2905 -54.11 -105.83 -49.53
N VAL G 2906 -54.99 -105.60 -50.50
CA VAL G 2906 -56.43 -105.45 -50.24
C VAL G 2906 -57.18 -106.34 -51.26
N PRO G 2907 -58.49 -106.62 -50.99
CA PRO G 2907 -59.28 -107.40 -51.92
C PRO G 2907 -59.30 -106.75 -53.28
N TYR G 2908 -59.20 -107.60 -54.31
CA TYR G 2908 -59.22 -107.18 -55.71
C TYR G 2908 -60.35 -106.14 -55.99
N ASP G 2909 -61.53 -106.39 -55.46
CA ASP G 2909 -62.69 -105.51 -55.74
C ASP G 2909 -62.55 -104.10 -55.19
N THR G 2910 -61.66 -103.92 -54.22
CA THR G 2910 -61.44 -102.62 -53.60
C THR G 2910 -60.33 -101.87 -54.38
N LEU G 2911 -59.62 -102.56 -55.29
CA LEU G 2911 -58.57 -101.92 -56.07
C LEU G 2911 -59.19 -100.86 -57.02
N THR G 2912 -58.38 -99.88 -57.41
CA THR G 2912 -58.80 -98.89 -58.39
C THR G 2912 -58.76 -99.53 -59.78
N ALA G 2913 -59.47 -98.92 -60.73
CA ALA G 2913 -59.31 -99.36 -62.12
C ALA G 2913 -57.85 -99.40 -62.52
N LYS G 2914 -57.06 -98.38 -62.14
CA LYS G 2914 -55.65 -98.40 -62.52
C LYS G 2914 -54.91 -99.64 -61.96
N GLU G 2915 -55.18 -99.93 -60.70
CA GLU G 2915 -54.58 -101.05 -59.94
C GLU G 2915 -55.00 -102.43 -60.49
N LYS G 2916 -56.21 -102.50 -61.03
CA LYS G 2916 -56.71 -103.76 -61.64
C LYS G 2916 -56.19 -104.05 -63.04
N ALA G 2917 -55.66 -103.03 -63.71
CA ALA G 2917 -55.36 -103.15 -65.15
C ALA G 2917 -54.45 -104.32 -65.55
N ARG G 2918 -53.37 -104.52 -64.79
CA ARG G 2918 -52.35 -105.48 -65.15
C ARG G 2918 -52.97 -106.90 -65.04
N ASP G 2919 -53.84 -107.14 -64.06
CA ASP G 2919 -54.42 -108.49 -63.90
C ASP G 2919 -55.50 -108.69 -64.97
N ARG G 2920 -56.22 -107.62 -65.29
CA ARG G 2920 -57.24 -107.66 -66.37
C ARG G 2920 -56.57 -107.91 -67.71
N GLU G 2921 -55.44 -107.27 -67.93
CA GLU G 2921 -54.79 -107.43 -69.22
C GLU G 2921 -54.29 -108.85 -69.44
N LYS G 2922 -53.72 -109.43 -68.39
CA LYS G 2922 -53.25 -110.83 -68.44
C LYS G 2922 -54.41 -111.82 -68.72
N ALA G 2923 -55.50 -111.66 -67.95
CA ALA G 2923 -56.74 -112.48 -68.15
C ALA G 2923 -57.35 -112.28 -69.56
N GLN G 2924 -57.45 -111.02 -70.04
CA GLN G 2924 -57.93 -110.80 -71.40
C GLN G 2924 -57.02 -111.43 -72.47
N GLU G 2925 -55.68 -111.33 -72.31
CA GLU G 2925 -54.79 -111.84 -73.35
C GLU G 2925 -55.02 -113.36 -73.52
N LEU G 2926 -55.16 -114.07 -72.41
CA LEU G 2926 -55.38 -115.52 -72.46
C LEU G 2926 -56.70 -115.87 -73.16
N LEU G 2927 -57.75 -115.17 -72.75
CA LEU G 2927 -59.07 -115.47 -73.33
C LEU G 2927 -59.13 -115.05 -74.80
N LYS G 2928 -58.48 -113.94 -75.15
CA LYS G 2928 -58.37 -113.53 -76.57
C LYS G 2928 -57.60 -114.55 -77.43
N PHE G 2929 -56.53 -115.09 -76.87
CA PHE G 2929 -55.72 -116.04 -77.69
C PHE G 2929 -56.45 -117.40 -77.88
N LEU G 2930 -57.14 -117.82 -76.81
CA LEU G 2930 -58.03 -118.96 -76.89
C LEU G 2930 -59.07 -118.74 -77.98
N GLN G 2931 -59.75 -117.60 -77.95
CA GLN G 2931 -60.80 -117.31 -78.94
C GLN G 2931 -60.22 -117.34 -80.34
N MET G 2932 -59.07 -116.68 -80.52
CA MET G 2932 -58.40 -116.61 -81.81
C MET G 2932 -58.03 -117.99 -82.35
N ASN G 2933 -57.69 -118.90 -81.46
CA ASN G 2933 -57.37 -120.28 -81.85
C ASN G 2933 -58.60 -121.20 -81.96
N GLY G 2934 -59.81 -120.59 -81.89
CA GLY G 2934 -61.11 -121.29 -82.05
C GLY G 2934 -61.67 -122.02 -80.83
N TYR G 2935 -61.20 -121.66 -79.63
CA TYR G 2935 -61.67 -122.33 -78.42
C TYR G 2935 -62.86 -121.56 -77.90
N ALA G 2936 -63.90 -122.29 -77.55
CA ALA G 2936 -65.01 -121.74 -76.78
C ALA G 2936 -64.74 -122.05 -75.29
N VAL G 2937 -64.85 -121.02 -74.46
CA VAL G 2937 -64.70 -121.10 -73.01
C VAL G 2937 -66.06 -120.76 -72.38
N THR G 2938 -66.62 -121.70 -71.62
CA THR G 2938 -67.96 -121.54 -71.03
C THR G 2938 -67.96 -122.03 -69.58
N ARG G 2939 -68.96 -121.66 -68.79
CA ARG G 2939 -68.93 -122.19 -67.44
C ARG G 2939 -70.15 -122.93 -66.99
N ASP G 2947 -78.48 -112.35 -66.45
CA ASP G 2947 -79.34 -111.59 -67.36
C ASP G 2947 -80.22 -110.60 -66.59
N THR G 2948 -79.62 -109.94 -65.60
CA THR G 2948 -80.33 -108.99 -64.75
C THR G 2948 -80.30 -107.61 -65.40
N SER G 2949 -81.47 -106.98 -65.45
CA SER G 2949 -81.56 -105.65 -66.04
C SER G 2949 -80.95 -104.61 -65.11
N SER G 2950 -80.66 -103.43 -65.69
CA SER G 2950 -80.04 -102.37 -64.92
C SER G 2950 -80.95 -101.85 -63.82
N ILE G 2951 -82.26 -101.83 -64.06
CA ILE G 2951 -83.20 -101.30 -63.07
C ILE G 2951 -83.19 -102.15 -61.81
N GLU G 2952 -83.15 -103.48 -61.97
CA GLU G 2952 -83.17 -104.37 -60.82
C GLU G 2952 -81.90 -104.32 -60.00
N LYS G 2953 -80.84 -103.70 -60.51
CA LYS G 2953 -79.57 -103.60 -59.82
C LYS G 2953 -79.49 -102.40 -58.88
N ARG G 2954 -80.54 -101.59 -58.82
CA ARG G 2954 -80.48 -100.36 -58.04
C ARG G 2954 -80.42 -100.63 -56.54
N PHE G 2955 -79.73 -99.73 -55.85
CA PHE G 2955 -79.60 -99.84 -54.40
C PHE G 2955 -80.95 -99.74 -53.73
N ALA G 2956 -81.81 -98.84 -54.20
CA ALA G 2956 -83.13 -98.72 -53.60
C ALA G 2956 -83.94 -99.99 -53.83
N PHE G 2957 -83.80 -100.61 -55.00
CA PHE G 2957 -84.52 -101.85 -55.28
C PHE G 2957 -84.10 -102.96 -54.33
N GLY G 2958 -82.79 -103.11 -54.13
CA GLY G 2958 -82.32 -104.13 -53.19
C GLY G 2958 -82.68 -103.82 -51.75
N PHE G 2959 -82.60 -102.55 -51.37
CA PHE G 2959 -82.94 -102.15 -50.01
C PHE G 2959 -84.41 -102.41 -49.72
N LEU G 2960 -85.29 -102.06 -50.66
CA LEU G 2960 -86.72 -102.32 -50.46
C LEU G 2960 -86.99 -103.82 -50.42
N GLN G 2961 -86.29 -104.61 -51.24
CA GLN G 2961 -86.53 -106.04 -51.23
C GLN G 2961 -86.14 -106.64 -49.87
N GLN G 2962 -85.03 -106.16 -49.30
CA GLN G 2962 -84.62 -106.61 -47.98
C GLN G 2962 -85.62 -106.15 -46.91
N LEU G 2963 -86.13 -104.93 -47.05
CA LEU G 2963 -87.12 -104.44 -46.10
C LEU G 2963 -88.38 -105.29 -46.12
N LEU G 2964 -88.80 -105.75 -47.31
CA LEU G 2964 -90.04 -106.58 -47.45
C LEU G 2964 -89.77 -108.00 -46.94
N ARG G 2965 -88.49 -108.42 -46.89
CA ARG G 2965 -88.07 -109.76 -46.39
C ARG G 2965 -88.11 -109.71 -44.85
N TRP G 2966 -87.87 -108.54 -44.25
CA TRP G 2966 -87.93 -108.38 -42.78
C TRP G 2966 -89.38 -108.20 -42.35
N MET G 2967 -90.24 -107.67 -43.22
CA MET G 2967 -91.68 -107.54 -42.90
C MET G 2967 -92.18 -108.95 -42.58
N ASP G 2968 -91.76 -109.94 -43.37
CA ASP G 2968 -92.18 -111.35 -43.15
C ASP G 2968 -91.70 -111.80 -41.77
N ILE G 2969 -90.48 -111.43 -41.38
CA ILE G 2969 -89.90 -111.77 -40.05
C ILE G 2969 -90.69 -111.03 -38.97
N SER G 2970 -91.13 -109.79 -39.25
CA SER G 2970 -91.89 -108.95 -38.29
C SER G 2970 -93.25 -109.60 -38.03
N GLN G 2971 -93.89 -110.12 -39.08
CA GLN G 2971 -95.19 -110.84 -38.93
C GLN G 2971 -94.95 -112.01 -37.98
N GLU G 2972 -93.79 -112.66 -38.07
CA GLU G 2972 -93.42 -113.80 -37.20
C GLU G 2972 -93.23 -113.33 -35.76
N PHE G 2973 -92.45 -112.25 -35.57
CA PHE G 2973 -92.18 -111.75 -34.20
C PHE G 2973 -93.51 -111.42 -33.53
N ILE G 2974 -94.38 -110.66 -34.22
CA ILE G 2974 -95.65 -110.18 -33.61
C ILE G 2974 -96.65 -111.34 -33.57
N ALA G 2975 -96.52 -112.36 -34.41
CA ALA G 2975 -97.39 -113.55 -34.34
C ALA G 2975 -97.15 -114.20 -32.97
N HIS G 2976 -95.89 -114.32 -32.56
CA HIS G 2976 -95.52 -114.95 -31.26
C HIS G 2976 -95.99 -114.07 -30.09
N LEU G 2977 -95.81 -112.76 -30.17
CA LEU G 2977 -96.23 -111.82 -29.10
C LEU G 2977 -97.75 -111.78 -28.97
N PRO G 2990 -87.76 -116.50 -27.96
CA PRO G 2990 -86.97 -117.28 -28.92
C PRO G 2990 -86.55 -116.43 -30.12
N HIS G 2991 -87.06 -115.20 -30.23
CA HIS G 2991 -86.75 -114.27 -31.36
C HIS G 2991 -86.34 -112.92 -30.80
N GLU G 2992 -85.65 -112.86 -29.66
CA GLU G 2992 -85.31 -111.62 -28.97
C GLU G 2992 -84.37 -110.74 -29.78
N GLN G 2993 -83.39 -111.36 -30.45
CA GLN G 2993 -82.49 -110.61 -31.32
C GLN G 2993 -83.26 -109.97 -32.47
N GLU G 2994 -84.19 -110.71 -33.07
CA GLU G 2994 -84.96 -110.15 -34.18
C GLU G 2994 -85.81 -108.98 -33.70
N ILE G 2995 -86.41 -109.11 -32.52
CA ILE G 2995 -87.25 -108.04 -31.99
C ILE G 2995 -86.42 -106.80 -31.75
N LYS G 2996 -85.25 -106.96 -31.14
CA LYS G 2996 -84.41 -105.80 -30.85
C LYS G 2996 -83.91 -105.15 -32.13
N PHE G 2997 -83.52 -105.96 -33.11
CA PHE G 2997 -83.03 -105.38 -34.36
C PHE G 2997 -84.13 -104.63 -35.10
N PHE G 2998 -85.34 -105.20 -35.12
CA PHE G 2998 -86.47 -104.56 -35.78
C PHE G 2998 -86.82 -103.25 -35.11
N ALA G 2999 -86.85 -103.24 -33.78
CA ALA G 2999 -87.31 -102.05 -33.07
C ALA G 2999 -86.25 -100.95 -33.07
N LYS G 3000 -84.97 -101.32 -32.91
CA LYS G 3000 -83.93 -100.33 -32.70
C LYS G 3000 -83.20 -99.89 -33.97
N ILE G 3001 -83.31 -100.61 -35.09
CA ILE G 3001 -82.55 -100.29 -36.29
C ILE G 3001 -83.47 -99.97 -37.47
N LEU G 3002 -84.41 -100.87 -37.77
CA LEU G 3002 -85.14 -100.78 -39.03
C LEU G 3002 -86.03 -99.54 -39.09
N LEU G 3003 -86.81 -99.28 -38.05
CA LEU G 3003 -87.73 -98.15 -38.05
C LEU G 3003 -87.04 -96.80 -38.21
N PRO G 3004 -85.99 -96.46 -37.46
CA PRO G 3004 -85.28 -95.20 -37.74
C PRO G 3004 -84.67 -95.15 -39.13
N LEU G 3005 -84.23 -96.29 -39.66
CA LEU G 3005 -83.63 -96.28 -40.98
C LEU G 3005 -84.66 -95.99 -42.06
N ILE G 3006 -85.83 -96.63 -41.99
CA ILE G 3006 -86.89 -96.34 -42.95
C ILE G 3006 -87.34 -94.89 -42.79
N ASN G 3007 -87.39 -94.41 -41.54
CA ASN G 3007 -87.84 -93.05 -41.28
C ASN G 3007 -86.94 -92.05 -41.96
N GLN G 3008 -85.63 -92.26 -41.88
CA GLN G 3008 -84.74 -91.23 -42.38
C GLN G 3008 -84.50 -91.43 -43.86
N TYR G 3009 -84.49 -92.67 -44.34
CA TYR G 3009 -84.23 -92.87 -45.75
C TYR G 3009 -85.35 -92.25 -46.56
N PHE G 3010 -86.61 -92.54 -46.20
CA PHE G 3010 -87.70 -91.98 -46.98
C PHE G 3010 -87.99 -90.52 -46.62
N THR G 3011 -87.49 -90.02 -45.48
CA THR G 3011 -87.57 -88.60 -45.24
C THR G 3011 -86.63 -87.84 -46.18
N ASN G 3012 -85.43 -88.37 -46.39
CA ASN G 3012 -84.48 -87.70 -47.26
C ASN G 3012 -84.87 -87.87 -48.73
N HIS G 3013 -85.35 -89.05 -49.10
CA HIS G 3013 -85.66 -89.37 -50.50
C HIS G 3013 -87.16 -89.42 -50.78
N CYS G 3014 -87.96 -88.60 -50.10
CA CYS G 3014 -89.38 -88.53 -50.42
C CYS G 3014 -89.62 -88.07 -51.85
N LEU G 3015 -88.86 -87.06 -52.31
CA LEU G 3015 -89.09 -86.51 -53.65
C LEU G 3015 -88.69 -87.48 -54.75
N TYR G 3016 -87.73 -88.37 -54.49
CA TYR G 3016 -87.32 -89.32 -55.53
C TYR G 3016 -88.47 -90.24 -55.92
N PHE G 3017 -89.22 -90.73 -54.94
CA PHE G 3017 -90.31 -91.65 -55.23
C PHE G 3017 -91.54 -90.93 -55.77
N LEU G 3018 -91.74 -89.68 -55.39
CA LEU G 3018 -92.88 -88.91 -55.89
C LEU G 3018 -92.64 -88.35 -57.29
N SER G 3019 -91.41 -88.38 -57.78
CA SER G 3019 -91.12 -87.82 -59.09
C SER G 3019 -91.64 -88.74 -60.19
N THR G 3020 -91.92 -88.15 -61.34
CA THR G 3020 -92.38 -88.87 -62.52
C THR G 3020 -91.69 -88.29 -63.74
N PRO G 3021 -91.54 -89.07 -64.82
CA PRO G 3021 -90.89 -88.52 -66.02
C PRO G 3021 -91.56 -87.27 -66.55
N ALA G 3022 -92.89 -87.18 -66.42
CA ALA G 3022 -93.58 -85.97 -66.85
C ALA G 3022 -93.17 -84.77 -66.01
N LYS G 3023 -93.00 -84.97 -64.70
CA LYS G 3023 -92.70 -83.90 -63.76
C LYS G 3023 -91.58 -84.36 -62.84
N VAL G 3024 -90.40 -83.76 -62.99
CA VAL G 3024 -89.23 -84.09 -62.18
C VAL G 3024 -89.18 -83.07 -61.06
N LEU G 3025 -89.70 -83.45 -59.90
CA LEU G 3025 -89.73 -82.53 -58.75
C LEU G 3025 -88.36 -82.45 -58.09
N GLY G 3026 -87.63 -83.55 -58.04
CA GLY G 3026 -86.34 -83.59 -57.38
C GLY G 3026 -85.23 -83.09 -58.27
N SER G 3027 -84.00 -83.21 -57.76
CA SER G 3027 -82.84 -82.75 -58.51
C SER G 3027 -82.67 -83.56 -59.79
N GLY G 3028 -82.81 -84.88 -59.70
CA GLY G 3028 -82.66 -85.72 -60.87
C GLY G 3028 -83.10 -87.14 -60.56
N GLY G 3029 -83.47 -87.85 -61.62
CA GLY G 3029 -83.89 -89.23 -61.50
C GLY G 3029 -85.31 -89.35 -60.95
N HIS G 3030 -85.95 -90.46 -61.30
CA HIS G 3030 -87.30 -90.75 -60.85
C HIS G 3030 -87.41 -92.23 -60.51
N ALA G 3031 -88.24 -92.52 -59.51
CA ALA G 3031 -88.45 -93.90 -59.09
C ALA G 3031 -89.24 -94.66 -60.15
N SER G 3032 -88.91 -95.94 -60.30
CA SER G 3032 -89.59 -96.78 -61.26
C SER G 3032 -90.93 -97.30 -60.70
N ASN G 3033 -91.71 -97.88 -61.60
CA ASN G 3033 -93.00 -98.45 -61.24
C ASN G 3033 -92.83 -99.55 -60.19
N LYS G 3034 -91.81 -100.40 -60.38
CA LYS G 3034 -91.59 -101.48 -59.43
C LYS G 3034 -91.25 -100.94 -58.05
N GLU G 3035 -90.45 -99.86 -57.99
CA GLU G 3035 -90.14 -99.25 -56.70
C GLU G 3035 -91.39 -98.67 -56.04
N LYS G 3036 -92.27 -98.05 -56.83
CA LYS G 3036 -93.52 -97.55 -56.28
C LYS G 3036 -94.40 -98.69 -55.79
N GLU G 3037 -94.39 -99.81 -56.49
CA GLU G 3037 -95.15 -100.98 -56.05
C GLU G 3037 -94.59 -101.50 -54.74
N MET G 3038 -93.26 -101.56 -54.63
CA MET G 3038 -92.67 -102.12 -53.42
C MET G 3038 -92.96 -101.23 -52.22
N ILE G 3039 -92.87 -99.91 -52.39
CA ILE G 3039 -93.16 -99.02 -51.26
C ILE G 3039 -94.64 -99.06 -50.89
N THR G 3040 -95.51 -99.32 -51.88
CA THR G 3040 -96.93 -99.46 -51.56
C THR G 3040 -97.19 -100.75 -50.78
N SER G 3041 -96.58 -101.85 -51.21
CA SER G 3041 -96.77 -103.10 -50.47
C SER G 3041 -96.15 -103.01 -49.09
N LEU G 3042 -95.05 -102.26 -48.95
CA LEU G 3042 -94.47 -102.05 -47.63
C LEU G 3042 -95.43 -101.29 -46.72
N PHE G 3043 -96.09 -100.27 -47.26
CA PHE G 3043 -97.05 -99.52 -46.45
C PHE G 3043 -98.23 -100.41 -46.05
N CYS G 3044 -98.74 -101.19 -46.99
CA CYS G 3044 -99.90 -102.03 -46.69
C CYS G 3044 -99.55 -103.11 -45.68
N LYS G 3045 -98.40 -103.74 -45.82
CA LYS G 3045 -97.97 -104.77 -44.88
C LYS G 3045 -97.74 -104.18 -43.50
N LEU G 3046 -97.13 -103.00 -43.41
CA LEU G 3046 -96.91 -102.39 -42.11
C LEU G 3046 -98.24 -102.02 -41.46
N ALA G 3047 -99.19 -101.50 -42.23
CA ALA G 3047 -100.48 -101.15 -41.67
C ALA G 3047 -101.20 -102.39 -41.15
N ALA G 3048 -101.17 -103.49 -41.90
CA ALA G 3048 -101.79 -104.70 -41.39
C ALA G 3048 -101.03 -105.24 -40.18
N LEU G 3049 -99.72 -104.97 -40.12
CA LEU G 3049 -98.93 -105.40 -38.97
C LEU G 3049 -99.40 -104.70 -37.71
N VAL G 3050 -99.66 -103.39 -37.81
CA VAL G 3050 -100.04 -102.60 -36.64
C VAL G 3050 -101.54 -102.61 -36.39
N ARG G 3051 -102.34 -103.20 -37.26
CA ARG G 3051 -103.78 -103.19 -37.04
C ARG G 3051 -104.13 -103.96 -35.77
N HIS G 3052 -104.67 -103.25 -34.78
CA HIS G 3052 -105.18 -103.82 -33.54
C HIS G 3052 -104.09 -104.46 -32.67
N ARG G 3053 -102.85 -104.04 -32.82
CA ARG G 3053 -101.76 -104.58 -31.99
C ARG G 3053 -100.85 -103.46 -31.49
N VAL G 3054 -101.43 -102.29 -31.21
CA VAL G 3054 -100.64 -101.15 -30.78
C VAL G 3054 -100.01 -101.41 -29.42
N SER G 3055 -100.73 -102.10 -28.53
CA SER G 3055 -100.23 -102.28 -27.16
C SER G 3055 -99.00 -103.18 -27.13
N LEU G 3056 -98.92 -104.17 -28.01
CA LEU G 3056 -97.81 -105.11 -27.97
C LEU G 3056 -96.47 -104.47 -28.34
N PHE G 3057 -96.50 -103.32 -29.01
CA PHE G 3057 -95.26 -102.62 -29.35
C PHE G 3057 -94.73 -101.74 -28.23
N GLY G 3058 -95.51 -101.52 -27.17
CA GLY G 3058 -95.00 -100.71 -26.07
C GLY G 3058 -94.66 -99.30 -26.50
N THR G 3059 -93.45 -98.87 -26.17
CA THR G 3059 -92.94 -97.55 -26.50
C THR G 3059 -92.54 -97.38 -27.97
N ASP G 3060 -92.53 -98.44 -28.76
CA ASP G 3060 -92.18 -98.34 -30.18
C ASP G 3060 -93.36 -97.91 -31.05
N ALA G 3061 -94.57 -97.85 -30.50
CA ALA G 3061 -95.72 -97.43 -31.29
C ALA G 3061 -95.57 -96.03 -31.88
N PRO G 3062 -95.10 -95.02 -31.15
CA PRO G 3062 -94.88 -93.72 -31.79
C PRO G 3062 -93.90 -93.78 -32.96
N ALA G 3063 -92.88 -94.65 -32.89
CA ALA G 3063 -91.97 -94.80 -34.02
C ALA G 3063 -92.69 -95.42 -35.19
N VAL G 3064 -93.55 -96.40 -34.92
CA VAL G 3064 -94.26 -97.09 -35.99
C VAL G 3064 -95.20 -96.12 -36.70
N VAL G 3065 -95.94 -95.33 -35.91
CA VAL G 3065 -96.89 -94.40 -36.52
C VAL G 3065 -96.15 -93.31 -37.28
N ASN G 3066 -95.00 -92.87 -36.79
CA ASN G 3066 -94.24 -91.87 -37.54
C ASN G 3066 -93.77 -92.44 -38.87
N CYS G 3067 -93.36 -93.71 -38.88
CA CYS G 3067 -93.01 -94.35 -40.14
C CYS G 3067 -94.22 -94.43 -41.07
N LEU G 3068 -95.38 -94.73 -40.50
CA LEU G 3068 -96.59 -94.79 -41.31
C LEU G 3068 -96.91 -93.42 -41.92
N HIS G 3069 -96.68 -92.37 -41.13
CA HIS G 3069 -96.92 -90.98 -41.58
C HIS G 3069 -95.98 -90.70 -42.75
N ILE G 3070 -94.70 -91.10 -42.71
CA ILE G 3070 -93.76 -90.78 -43.78
C ILE G 3070 -94.05 -91.62 -45.02
N LEU G 3071 -94.41 -92.89 -44.84
CA LEU G 3071 -94.77 -93.69 -46.00
C LEU G 3071 -96.02 -93.12 -46.69
N ALA G 3072 -96.98 -92.64 -45.90
CA ALA G 3072 -98.16 -92.04 -46.51
C ALA G 3072 -97.78 -90.80 -47.30
N ARG G 3073 -96.86 -90.00 -46.76
CA ARG G 3073 -96.43 -88.82 -47.49
C ARG G 3073 -95.57 -89.16 -48.69
N SER G 3074 -95.15 -90.43 -48.80
CA SER G 3074 -94.30 -90.87 -49.90
C SER G 3074 -94.99 -91.94 -50.76
N LEU G 3075 -96.32 -92.00 -50.72
CA LEU G 3075 -97.09 -92.93 -51.54
C LEU G 3075 -97.56 -92.24 -52.82
N ASP G 3076 -97.06 -92.69 -53.97
CA ASP G 3076 -97.52 -92.22 -55.28
C ASP G 3076 -98.57 -93.18 -55.84
N ALA G 3077 -99.78 -93.07 -55.29
CA ALA G 3077 -100.85 -94.03 -55.56
C ALA G 3077 -101.51 -93.87 -56.93
N ARG G 3078 -101.35 -92.73 -57.61
CA ARG G 3078 -101.95 -92.58 -58.93
C ARG G 3078 -101.41 -93.59 -59.93
N THR G 3079 -100.09 -93.72 -60.02
CA THR G 3079 -99.51 -94.66 -60.98
C THR G 3079 -99.82 -96.09 -60.58
N VAL G 3080 -99.79 -96.37 -59.28
CA VAL G 3080 -100.03 -97.73 -58.81
C VAL G 3080 -101.45 -98.16 -59.14
N MET G 3081 -102.42 -97.27 -58.90
CA MET G 3081 -103.82 -97.62 -59.15
C MET G 3081 -104.13 -97.66 -60.64
N LYS G 3082 -103.44 -96.85 -61.46
CA LYS G 3082 -103.73 -96.88 -62.88
C LYS G 3082 -103.09 -98.10 -63.53
N SER G 3083 -101.77 -98.23 -63.44
CA SER G 3083 -101.03 -99.35 -64.00
C SER G 3083 -100.22 -99.98 -62.87
N GLY G 3084 -100.83 -100.94 -62.18
CA GLY G 3084 -100.18 -101.59 -61.07
C GLY G 3084 -100.73 -102.99 -60.82
N PRO G 3085 -100.00 -103.78 -60.02
CA PRO G 3085 -100.45 -105.16 -59.78
C PRO G 3085 -101.76 -105.26 -59.02
N GLU G 3086 -102.49 -106.33 -59.35
CA GLU G 3086 -103.77 -106.58 -58.71
C GLU G 3086 -103.62 -106.83 -57.23
N ILE G 3087 -102.55 -107.53 -56.82
CA ILE G 3087 -102.36 -107.84 -55.41
C ILE G 3087 -102.19 -106.56 -54.60
N VAL G 3088 -101.37 -105.64 -55.09
CA VAL G 3088 -101.15 -104.39 -54.36
C VAL G 3088 -102.42 -103.56 -54.34
N LYS G 3089 -103.13 -103.48 -55.47
CA LYS G 3089 -104.36 -102.68 -55.45
C LYS G 3089 -105.39 -103.30 -54.50
N ALA G 3090 -105.51 -104.63 -54.50
CA ALA G 3090 -106.45 -105.27 -53.59
C ALA G 3090 -106.04 -105.04 -52.14
N GLY G 3091 -104.74 -104.96 -51.88
CA GLY G 3091 -104.28 -104.67 -50.53
C GLY G 3091 -104.68 -103.28 -50.09
N LEU G 3092 -104.54 -102.31 -50.98
CA LEU G 3092 -104.94 -100.95 -50.62
C LEU G 3092 -106.45 -100.84 -50.43
N ARG G 3093 -107.21 -101.54 -51.28
CA ARG G 3093 -108.66 -101.54 -51.11
C ARG G 3093 -109.03 -102.18 -49.78
N SER G 3094 -108.35 -103.27 -49.41
CA SER G 3094 -108.65 -103.92 -48.14
C SER G 3094 -108.28 -102.99 -46.99
N PHE G 3095 -107.25 -102.16 -47.17
CA PHE G 3095 -106.86 -101.22 -46.13
C PHE G 3095 -107.98 -100.21 -45.89
N PHE G 3096 -108.52 -99.65 -46.97
CA PHE G 3096 -109.61 -98.69 -46.82
C PHE G 3096 -110.86 -99.36 -46.25
N GLU G 3097 -111.17 -100.57 -46.69
CA GLU G 3097 -112.33 -101.27 -46.17
C GLU G 3097 -112.18 -101.56 -44.68
N SER G 3098 -110.99 -101.98 -44.24
CA SER G 3098 -110.78 -102.23 -42.83
C SER G 3098 -110.89 -100.93 -42.03
N ALA G 3099 -110.37 -99.82 -42.58
CA ALA G 3099 -110.49 -98.56 -41.86
C ALA G 3099 -111.95 -98.16 -41.70
N SER G 3100 -112.74 -98.36 -42.76
CA SER G 3100 -114.16 -98.03 -42.68
C SER G 3100 -114.86 -98.89 -41.64
N GLU G 3101 -114.56 -100.19 -41.62
CA GLU G 3101 -115.18 -101.08 -40.66
C GLU G 3101 -114.80 -100.70 -39.23
N ASP G 3102 -113.54 -100.35 -39.01
CA ASP G 3102 -113.10 -99.96 -37.68
C ASP G 3102 -113.78 -98.68 -37.22
N ILE G 3103 -113.94 -97.71 -38.13
CA ILE G 3103 -114.61 -96.47 -37.74
C ILE G 3103 -116.08 -96.74 -37.45
N GLU G 3104 -116.72 -97.60 -38.24
CA GLU G 3104 -118.11 -97.94 -37.98
C GLU G 3104 -118.27 -98.62 -36.62
N LYS G 3105 -117.33 -99.51 -36.28
CA LYS G 3105 -117.36 -100.14 -34.96
C LYS G 3105 -117.11 -99.14 -33.85
N MET G 3106 -116.26 -98.13 -34.10
CA MET G 3106 -116.02 -97.13 -33.07
C MET G 3106 -117.27 -96.33 -32.80
N VAL G 3107 -117.93 -95.88 -33.87
CA VAL G 3107 -119.09 -95.01 -33.65
C VAL G 3107 -120.24 -95.81 -33.06
N GLU G 3108 -120.41 -97.06 -33.49
CA GLU G 3108 -121.48 -97.88 -32.94
C GLU G 3108 -121.22 -98.28 -31.48
N ASN G 3109 -119.95 -98.37 -31.07
CA ASN G 3109 -119.63 -98.58 -29.67
C ASN G 3109 -119.76 -97.32 -28.81
N LEU G 3110 -119.39 -96.16 -29.37
CA LEU G 3110 -119.61 -94.90 -28.67
C LEU G 3110 -121.09 -94.56 -28.50
N ARG G 3111 -121.95 -94.90 -29.45
CA ARG G 3111 -123.38 -94.64 -29.27
C ARG G 3111 -123.95 -95.66 -28.27
N LEU G 3112 -123.53 -95.49 -27.02
CA LEU G 3112 -123.93 -96.38 -25.95
C LEU G 3112 -125.44 -96.40 -25.78
N VAL G 3125 -112.73 -103.60 -26.24
CA VAL G 3125 -113.23 -102.26 -26.52
C VAL G 3125 -112.09 -101.26 -26.37
N GLY G 3126 -111.34 -101.41 -25.29
CA GLY G 3126 -110.21 -100.53 -25.04
C GLY G 3126 -109.11 -100.66 -26.09
N GLN G 3127 -108.80 -101.89 -26.50
CA GLN G 3127 -107.77 -102.07 -27.51
C GLN G 3127 -108.16 -101.42 -28.83
N ASN G 3128 -109.43 -101.64 -29.21
CA ASN G 3128 -109.95 -101.08 -30.47
C ASN G 3128 -109.81 -99.57 -30.32
N LEU G 3129 -110.30 -98.96 -29.24
CA LEU G 3129 -110.38 -97.51 -29.10
C LEU G 3129 -108.99 -96.89 -29.12
N THR G 3130 -108.03 -97.49 -28.41
CA THR G 3130 -106.71 -96.91 -28.37
C THR G 3130 -105.98 -97.11 -29.68
N TYR G 3131 -106.31 -98.18 -30.40
CA TYR G 3131 -105.68 -98.40 -31.69
C TYR G 3131 -106.17 -97.37 -32.69
N THR G 3132 -107.48 -97.10 -32.67
CA THR G 3132 -108.01 -96.19 -33.67
C THR G 3132 -107.57 -94.78 -33.38
N THR G 3133 -107.62 -94.37 -32.11
CA THR G 3133 -107.32 -93.01 -31.71
C THR G 3133 -105.83 -92.71 -31.71
N VAL G 3134 -104.97 -93.72 -31.71
CA VAL G 3134 -103.53 -93.46 -31.65
C VAL G 3134 -102.90 -93.69 -33.01
N ALA G 3135 -103.47 -94.57 -33.83
CA ALA G 3135 -102.89 -94.87 -35.13
C ALA G 3135 -103.77 -94.45 -36.29
N LEU G 3136 -105.03 -94.90 -36.31
CA LEU G 3136 -105.79 -94.87 -37.55
C LEU G 3136 -106.12 -93.45 -37.99
N LEU G 3137 -106.67 -92.65 -37.08
CA LEU G 3137 -107.10 -91.31 -37.45
C LEU G 3137 -105.97 -90.43 -37.93
N PRO G 3138 -104.84 -90.30 -37.23
CA PRO G 3138 -103.76 -89.45 -37.77
C PRO G 3138 -103.21 -89.90 -39.11
N VAL G 3139 -103.08 -91.22 -39.33
CA VAL G 3139 -102.54 -91.69 -40.60
C VAL G 3139 -103.54 -91.45 -41.72
N LEU G 3140 -104.82 -91.75 -41.47
CA LEU G 3140 -105.84 -91.54 -42.49
C LEU G 3140 -105.95 -90.06 -42.82
N THR G 3141 -105.84 -89.20 -41.81
CA THR G 3141 -105.85 -87.76 -42.04
C THR G 3141 -104.67 -87.33 -42.90
N THR G 3142 -103.48 -87.86 -42.61
CA THR G 3142 -102.32 -87.49 -43.40
C THR G 3142 -102.46 -87.97 -44.84
N LEU G 3143 -102.98 -89.18 -45.02
CA LEU G 3143 -103.12 -89.72 -46.36
C LEU G 3143 -104.13 -88.91 -47.17
N PHE G 3144 -105.25 -88.53 -46.55
CA PHE G 3144 -106.23 -87.72 -47.25
C PHE G 3144 -105.67 -86.35 -47.59
N GLN G 3145 -104.92 -85.75 -46.66
CA GLN G 3145 -104.30 -84.46 -46.97
C GLN G 3145 -103.31 -84.57 -48.12
N HIS G 3146 -102.53 -85.65 -48.15
CA HIS G 3146 -101.60 -85.86 -49.25
C HIS G 3146 -102.33 -86.02 -50.57
N ILE G 3147 -103.43 -86.77 -50.57
CA ILE G 3147 -104.20 -86.95 -51.79
C ILE G 3147 -104.76 -85.62 -52.26
N ALA G 3148 -105.29 -84.83 -51.33
CA ALA G 3148 -105.89 -83.56 -51.71
C ALA G 3148 -104.83 -82.64 -52.28
N GLN G 3149 -103.65 -82.61 -51.65
CA GLN G 3149 -102.58 -81.72 -52.08
C GLN G 3149 -102.09 -82.10 -53.47
N HIS G 3150 -101.98 -83.40 -53.75
CA HIS G 3150 -101.44 -83.84 -55.04
C HIS G 3150 -102.52 -84.14 -56.07
N GLN G 3151 -103.79 -83.85 -55.76
CA GLN G 3151 -104.88 -83.95 -56.73
C GLN G 3151 -104.98 -85.36 -57.32
N PHE G 3152 -104.77 -86.37 -56.49
CA PHE G 3152 -104.92 -87.75 -56.90
C PHE G 3152 -106.34 -88.28 -56.70
N GLY G 3153 -107.25 -87.43 -56.22
CA GLY G 3153 -108.59 -87.92 -55.88
C GLY G 3153 -109.35 -88.46 -57.07
N ASP G 3154 -109.23 -87.81 -58.23
CA ASP G 3154 -109.97 -88.25 -59.41
C ASP G 3154 -109.43 -89.54 -60.01
N ASP G 3155 -108.29 -90.03 -59.54
CA ASP G 3155 -107.69 -91.24 -60.08
C ASP G 3155 -107.65 -92.40 -59.11
N VAL G 3156 -107.67 -92.13 -57.81
CA VAL G 3156 -107.54 -93.17 -56.78
C VAL G 3156 -108.88 -93.56 -56.20
N ILE G 3157 -109.70 -92.59 -55.83
CA ILE G 3157 -110.93 -92.86 -55.08
C ILE G 3157 -112.01 -93.17 -56.12
N LEU G 3158 -112.09 -94.43 -56.60
CA LEU G 3158 -112.99 -94.78 -57.75
C LEU G 3158 -114.09 -95.80 -57.43
N ASP G 3159 -113.78 -97.07 -57.15
CA ASP G 3159 -114.82 -98.12 -57.02
C ASP G 3159 -115.04 -98.54 -55.56
N ASP G 3160 -114.25 -99.47 -55.03
CA ASP G 3160 -114.45 -100.02 -53.67
C ASP G 3160 -114.09 -98.96 -52.63
N VAL G 3161 -113.26 -97.97 -53.00
CA VAL G 3161 -112.76 -96.95 -52.05
C VAL G 3161 -113.69 -95.73 -52.03
N GLN G 3162 -114.60 -95.61 -52.99
CA GLN G 3162 -115.60 -94.50 -53.00
C GLN G 3162 -116.78 -94.93 -52.11
N VAL G 3163 -117.16 -96.21 -52.08
CA VAL G 3163 -118.17 -96.73 -51.17
C VAL G 3163 -117.68 -96.73 -49.72
N SER G 3164 -116.43 -97.11 -49.50
CA SER G 3164 -115.87 -97.08 -48.15
C SER G 3164 -115.79 -95.65 -47.62
N CYS G 3165 -115.38 -94.70 -48.45
CA CYS G 3165 -115.31 -93.33 -47.97
C CYS G 3165 -116.71 -92.77 -47.72
N TYR G 3166 -117.69 -93.17 -48.52
CA TYR G 3166 -119.06 -92.74 -48.28
C TYR G 3166 -119.55 -93.25 -46.93
N ARG G 3167 -119.29 -94.53 -46.64
CA ARG G 3167 -119.70 -95.11 -45.37
C ARG G 3167 -118.99 -94.46 -44.18
N THR G 3168 -117.70 -94.16 -44.34
CA THR G 3168 -116.96 -93.44 -43.31
C THR G 3168 -117.51 -92.04 -43.06
N LEU G 3169 -117.83 -91.30 -44.13
CA LEU G 3169 -118.43 -89.98 -43.96
C LEU G 3169 -119.81 -90.09 -43.30
N CYS G 3170 -120.59 -91.10 -43.69
CA CYS G 3170 -121.88 -91.34 -43.07
C CYS G 3170 -121.70 -91.53 -41.57
N SER G 3171 -120.74 -92.36 -41.18
CA SER G 3171 -120.66 -92.76 -39.80
C SER G 3171 -120.13 -91.59 -39.00
N ILE G 3172 -119.15 -90.87 -39.55
CA ILE G 3172 -118.55 -89.77 -38.79
C ILE G 3172 -119.62 -88.72 -38.55
N TYR G 3173 -120.41 -88.40 -39.58
CA TYR G 3173 -121.46 -87.40 -39.39
C TYR G 3173 -122.59 -87.90 -38.50
N SER G 3174 -122.73 -89.22 -38.34
CA SER G 3174 -123.81 -89.74 -37.50
C SER G 3174 -123.58 -89.49 -36.02
N LEU G 3175 -122.51 -88.79 -35.66
CA LEU G 3175 -122.20 -88.46 -34.27
C LEU G 3175 -122.89 -87.20 -33.79
N GLY G 3176 -123.66 -86.53 -34.63
CA GLY G 3176 -124.27 -85.27 -34.22
C GLY G 3176 -125.24 -85.41 -33.06
N THR G 3177 -125.96 -86.53 -32.99
CA THR G 3177 -126.96 -86.76 -31.96
C THR G 3177 -126.41 -87.49 -30.74
N THR G 3178 -125.10 -87.38 -30.48
CA THR G 3178 -124.46 -88.05 -29.36
C THR G 3178 -123.73 -87.03 -28.49
N LYS G 3179 -123.91 -87.15 -27.18
CA LYS G 3179 -123.33 -86.21 -26.21
C LYS G 3179 -122.63 -87.00 -25.11
N ASN G 3180 -121.30 -86.98 -25.12
CA ASN G 3180 -120.52 -87.64 -24.07
C ASN G 3180 -119.23 -86.86 -23.86
N THR G 3181 -118.52 -87.20 -22.79
CA THR G 3181 -117.25 -86.53 -22.50
C THR G 3181 -116.18 -86.95 -23.49
N TYR G 3182 -116.16 -88.23 -23.85
CA TYR G 3182 -115.19 -88.67 -24.85
C TYR G 3182 -115.47 -87.99 -26.17
N VAL G 3183 -116.75 -87.85 -26.53
CA VAL G 3183 -117.07 -87.18 -27.79
C VAL G 3183 -116.65 -85.73 -27.70
N GLU G 3184 -116.79 -85.13 -26.51
CA GLU G 3184 -116.46 -83.72 -26.36
C GLU G 3184 -114.98 -83.52 -26.63
N LYS G 3185 -114.13 -84.41 -26.11
CA LYS G 3185 -112.71 -84.25 -26.32
C LYS G 3185 -112.25 -84.79 -27.68
N LEU G 3186 -113.08 -85.60 -28.35
CA LEU G 3186 -112.74 -86.19 -29.63
C LEU G 3186 -113.27 -85.44 -30.84
N ARG G 3187 -114.08 -84.40 -30.64
CA ARG G 3187 -114.60 -83.66 -31.80
C ARG G 3187 -113.53 -83.02 -32.68
N PRO G 3188 -112.51 -82.35 -32.16
CA PRO G 3188 -111.49 -81.76 -33.07
C PRO G 3188 -110.80 -82.73 -34.00
N ALA G 3189 -110.51 -83.96 -33.54
CA ALA G 3189 -109.85 -84.92 -34.41
C ALA G 3189 -110.80 -85.44 -35.48
N LEU G 3190 -112.05 -85.74 -35.10
CA LEU G 3190 -113.01 -86.21 -36.08
C LEU G 3190 -113.29 -85.12 -37.10
N GLY G 3191 -113.40 -83.88 -36.64
CA GLY G 3191 -113.67 -82.78 -37.57
C GLY G 3191 -112.53 -82.58 -38.55
N GLU G 3192 -111.28 -82.66 -38.07
CA GLU G 3192 -110.15 -82.49 -38.97
C GLU G 3192 -110.10 -83.63 -39.99
N CYS G 3193 -110.40 -84.86 -39.55
CA CYS G 3193 -110.41 -85.98 -40.48
C CYS G 3193 -111.49 -85.80 -41.52
N LEU G 3194 -112.67 -85.33 -41.10
CA LEU G 3194 -113.76 -85.14 -42.05
C LEU G 3194 -113.43 -84.03 -43.03
N ALA G 3195 -112.77 -82.97 -42.56
CA ALA G 3195 -112.39 -81.89 -43.45
C ALA G 3195 -111.42 -82.37 -44.52
N ARG G 3196 -110.43 -83.18 -44.12
CA ARG G 3196 -109.50 -83.70 -45.12
C ARG G 3196 -110.20 -84.67 -46.07
N LEU G 3197 -111.15 -85.45 -45.56
CA LEU G 3197 -111.89 -86.34 -46.45
C LEU G 3197 -112.68 -85.52 -47.46
N ALA G 3198 -113.29 -84.43 -47.02
CA ALA G 3198 -114.05 -83.58 -47.93
C ALA G 3198 -113.13 -82.98 -48.99
N ALA G 3199 -111.92 -82.62 -48.58
CA ALA G 3199 -110.96 -82.06 -49.53
C ALA G 3199 -110.52 -83.09 -50.55
N ALA G 3200 -110.45 -84.36 -50.17
CA ALA G 3200 -109.99 -85.39 -51.10
C ALA G 3200 -111.11 -86.11 -51.84
N MET G 3201 -112.37 -85.89 -51.46
CA MET G 3201 -113.46 -86.60 -52.10
C MET G 3201 -113.73 -86.02 -53.49
N PRO G 3202 -113.73 -86.84 -54.55
CA PRO G 3202 -113.92 -86.30 -55.91
C PRO G 3202 -115.36 -86.11 -56.34
N VAL G 3203 -116.34 -86.47 -55.52
CA VAL G 3203 -117.75 -86.34 -55.87
C VAL G 3203 -118.41 -85.34 -54.95
N ALA G 3204 -119.34 -84.56 -55.51
CA ALA G 3204 -120.09 -83.55 -54.76
C ALA G 3204 -121.28 -84.21 -54.08
N PHE G 3205 -121.01 -84.85 -52.93
CA PHE G 3205 -122.05 -85.57 -52.21
C PHE G 3205 -123.12 -84.64 -51.67
N LEU G 3206 -122.85 -83.33 -51.58
CA LEU G 3206 -123.84 -82.38 -51.09
C LEU G 3206 -124.80 -81.90 -52.16
N GLU G 3207 -124.58 -82.25 -53.42
CA GLU G 3207 -125.44 -81.84 -54.53
C GLU G 3207 -125.77 -83.06 -55.37
N PRO G 3208 -126.56 -83.99 -54.83
CA PRO G 3208 -126.89 -85.20 -55.59
C PRO G 3208 -127.72 -84.95 -56.83
N GLN G 3209 -128.40 -83.79 -56.91
CA GLN G 3209 -129.25 -83.53 -58.07
C GLN G 3209 -128.45 -83.34 -59.35
N LEU G 3210 -127.16 -83.02 -59.25
CA LEU G 3210 -126.31 -82.83 -60.42
C LEU G 3210 -125.28 -83.94 -60.58
N ASN G 3211 -125.49 -85.09 -59.91
CA ASN G 3211 -124.51 -86.17 -59.99
C ASN G 3211 -124.46 -86.80 -61.38
N GLU G 3212 -125.52 -86.68 -62.18
CA GLU G 3212 -125.55 -87.28 -63.50
C GLU G 3212 -124.52 -86.66 -64.44
N TYR G 3213 -123.96 -85.50 -64.11
CA TYR G 3213 -122.97 -84.83 -64.94
C TYR G 3213 -121.56 -85.06 -64.44
N ASN G 3214 -121.36 -85.96 -63.48
CA ASN G 3214 -120.05 -86.28 -62.93
C ASN G 3214 -119.56 -87.58 -63.53
N ALA G 3215 -118.42 -87.52 -64.22
CA ALA G 3215 -117.90 -88.71 -64.88
C ALA G 3215 -117.30 -89.70 -63.89
N CYS G 3216 -116.85 -89.22 -62.74
CA CYS G 3216 -116.18 -90.07 -61.76
C CYS G 3216 -117.15 -90.74 -60.79
N SER G 3217 -118.44 -90.42 -60.85
CA SER G 3217 -119.40 -91.04 -59.96
C SER G 3217 -119.54 -92.52 -60.29
N VAL G 3218 -119.74 -93.34 -59.26
CA VAL G 3218 -119.87 -94.78 -59.47
C VAL G 3218 -121.14 -95.10 -60.23
N TYR G 3219 -122.19 -94.28 -60.09
CA TYR G 3219 -123.45 -94.52 -60.75
C TYR G 3219 -123.40 -94.18 -62.23
N THR G 3220 -122.34 -93.54 -62.70
CA THR G 3220 -122.12 -93.28 -64.10
C THR G 3220 -121.01 -94.15 -64.68
N THR G 3221 -119.95 -94.39 -63.90
CA THR G 3221 -118.87 -95.24 -64.39
C THR G 3221 -119.31 -96.68 -64.49
N LYS G 3222 -120.14 -97.14 -63.56
CA LYS G 3222 -120.60 -98.52 -63.51
C LYS G 3222 -122.01 -98.62 -64.08
N SER G 3223 -122.29 -99.73 -64.76
CA SER G 3223 -123.61 -99.93 -65.32
C SER G 3223 -124.60 -100.26 -64.22
N PRO G 3224 -125.90 -100.02 -64.45
CA PRO G 3224 -126.89 -100.36 -63.42
C PRO G 3224 -126.90 -101.83 -63.06
N ARG G 3225 -126.50 -102.71 -63.98
CA ARG G 3225 -126.43 -104.14 -63.68
C ARG G 3225 -125.35 -104.42 -62.64
N GLU G 3226 -124.14 -103.89 -62.85
CA GLU G 3226 -123.02 -104.33 -62.03
C GLU G 3226 -123.07 -103.79 -60.61
N ARG G 3227 -124.02 -102.91 -60.31
CA ARG G 3227 -124.14 -102.30 -58.98
C ARG G 3227 -125.04 -103.09 -58.04
N ALA G 3228 -125.53 -104.25 -58.47
CA ALA G 3228 -126.47 -105.03 -57.67
C ALA G 3228 -125.84 -106.24 -56.98
N ILE G 3229 -124.70 -106.72 -57.48
CA ILE G 3229 -124.04 -107.86 -56.83
C ILE G 3229 -123.71 -107.53 -55.39
N LEU G 3230 -123.26 -106.31 -55.13
CA LEU G 3230 -122.94 -105.86 -53.78
C LEU G 3230 -124.01 -104.89 -53.29
N GLY G 3231 -123.80 -104.41 -52.06
CA GLY G 3231 -124.79 -103.63 -51.34
C GLY G 3231 -124.86 -102.14 -51.63
N LEU G 3232 -125.48 -101.74 -52.73
CA LEU G 3232 -125.75 -100.34 -52.98
C LEU G 3232 -127.23 -100.15 -53.26
N PRO G 3233 -127.80 -99.01 -52.88
CA PRO G 3233 -129.23 -98.78 -53.16
C PRO G 3233 -129.44 -98.49 -54.64
N ASN G 3234 -130.67 -98.73 -55.09
CA ASN G 3234 -131.03 -98.41 -56.47
C ASN G 3234 -131.16 -96.92 -56.70
N SER G 3235 -131.00 -96.09 -55.66
CA SER G 3235 -131.10 -94.66 -55.78
C SER G 3235 -129.93 -93.98 -55.10
N VAL G 3236 -129.19 -93.19 -55.86
CA VAL G 3236 -128.12 -92.37 -55.31
C VAL G 3236 -128.67 -91.28 -54.40
N GLU G 3237 -129.87 -90.77 -54.71
CA GLU G 3237 -130.46 -89.70 -53.90
C GLU G 3237 -130.76 -90.13 -52.48
N GLU G 3238 -130.88 -91.43 -52.21
CA GLU G 3238 -131.24 -91.88 -50.86
C GLU G 3238 -130.03 -92.27 -50.05
N MET G 3239 -128.85 -92.29 -50.66
CA MET G 3239 -127.61 -92.48 -49.91
C MET G 3239 -127.34 -91.25 -49.06
N CYS G 3240 -126.66 -91.46 -47.94
CA CYS G 3240 -126.29 -90.38 -47.03
C CYS G 3240 -127.54 -89.62 -46.58
N PRO G 3241 -128.58 -90.32 -46.11
CA PRO G 3241 -129.86 -89.65 -45.83
C PRO G 3241 -129.81 -88.68 -44.66
N ASP G 3242 -128.80 -88.77 -43.80
CA ASP G 3242 -128.71 -87.91 -42.63
C ASP G 3242 -127.98 -86.60 -42.90
N ILE G 3243 -127.49 -86.39 -44.11
CA ILE G 3243 -126.77 -85.16 -44.46
C ILE G 3243 -127.75 -84.23 -45.18
N PRO G 3244 -128.07 -83.06 -44.62
CA PRO G 3244 -128.88 -82.10 -45.36
C PRO G 3244 -128.11 -81.57 -46.56
N VAL G 3245 -128.86 -81.15 -47.58
CA VAL G 3245 -128.26 -80.61 -48.79
C VAL G 3245 -127.60 -79.27 -48.46
N LEU G 3246 -126.78 -78.77 -49.39
CA LEU G 3246 -126.00 -77.56 -49.12
C LEU G 3246 -126.89 -76.37 -48.84
N ASP G 3247 -127.97 -76.21 -49.62
CA ASP G 3247 -128.86 -75.08 -49.43
C ASP G 3247 -129.53 -75.12 -48.06
N ARG G 3248 -130.00 -76.30 -47.64
CA ARG G 3248 -130.61 -76.43 -46.33
C ARG G 3248 -129.59 -76.15 -45.23
N LEU G 3249 -128.38 -76.68 -45.38
CA LEU G 3249 -127.37 -76.52 -44.34
C LEU G 3249 -126.98 -75.05 -44.20
N MET G 3250 -126.82 -74.36 -45.34
CA MET G 3250 -126.49 -72.93 -45.30
C MET G 3250 -127.63 -72.13 -44.68
N ALA G 3251 -128.88 -72.49 -44.99
CA ALA G 3251 -129.99 -71.75 -44.40
C ALA G 3251 -130.01 -71.95 -42.89
N ASP G 3252 -129.76 -73.18 -42.44
CA ASP G 3252 -129.76 -73.45 -41.01
C ASP G 3252 -128.66 -72.69 -40.30
N ILE G 3253 -127.46 -72.67 -40.88
CA ILE G 3253 -126.37 -71.94 -40.25
C ILE G 3253 -126.63 -70.44 -40.23
N GLY G 3254 -127.14 -69.90 -41.33
CA GLY G 3254 -127.47 -68.48 -41.34
C GLY G 3254 -128.53 -68.11 -40.32
N GLY G 3255 -129.57 -68.94 -40.20
CA GLY G 3255 -130.61 -68.67 -39.22
C GLY G 3255 -130.10 -68.74 -37.80
N LEU G 3256 -129.26 -69.73 -37.50
CA LEU G 3256 -128.71 -69.83 -36.16
C LEU G 3256 -127.79 -68.65 -35.87
N ALA G 3257 -126.99 -68.26 -36.86
CA ALA G 3257 -126.05 -67.16 -36.66
C ALA G 3257 -126.80 -65.86 -36.40
N GLU G 3258 -127.87 -65.61 -37.16
CA GLU G 3258 -128.67 -64.37 -37.02
C GLU G 3258 -129.44 -64.44 -35.70
N SER G 3259 -129.85 -65.63 -35.26
CA SER G 3259 -130.63 -65.78 -34.04
C SER G 3259 -129.76 -65.63 -32.80
N GLY G 3260 -128.46 -65.86 -32.93
CA GLY G 3260 -127.56 -65.79 -31.80
C GLY G 3260 -127.58 -67.06 -30.98
N ALA G 3261 -126.40 -67.60 -30.68
CA ALA G 3261 -126.28 -68.83 -29.92
C ALA G 3261 -124.84 -69.02 -29.51
N ARG G 3262 -124.63 -69.49 -28.28
CA ARG G 3262 -123.29 -69.65 -27.74
C ARG G 3262 -122.69 -71.01 -28.11
N TYR G 3263 -121.43 -71.18 -27.73
CA TYR G 3263 -120.73 -72.42 -28.05
C TYR G 3263 -121.37 -73.61 -27.38
N THR G 3264 -121.97 -73.42 -26.20
CA THR G 3264 -122.50 -74.58 -25.49
C THR G 3264 -123.67 -75.17 -26.25
N GLU G 3265 -124.44 -74.33 -26.93
CA GLU G 3265 -125.59 -74.76 -27.70
C GLU G 3265 -125.24 -75.00 -29.16
N MET G 3266 -124.02 -74.69 -29.57
CA MET G 3266 -123.56 -74.93 -30.95
C MET G 3266 -122.17 -75.53 -30.97
N PRO G 3267 -121.95 -76.68 -30.32
CA PRO G 3267 -120.60 -77.27 -30.39
C PRO G 3267 -120.40 -78.19 -31.58
N HIS G 3268 -121.46 -78.87 -32.02
CA HIS G 3268 -121.33 -79.78 -33.16
C HIS G 3268 -121.07 -79.01 -34.46
N VAL G 3269 -121.80 -77.91 -34.65
CA VAL G 3269 -121.69 -77.15 -35.88
C VAL G 3269 -120.31 -76.53 -36.02
N ILE G 3270 -119.80 -75.95 -34.94
CA ILE G 3270 -118.53 -75.24 -35.01
C ILE G 3270 -117.39 -76.23 -35.21
N GLU G 3271 -117.42 -77.34 -34.49
CA GLU G 3271 -116.30 -78.28 -34.54
C GLU G 3271 -116.32 -79.18 -35.76
N ILE G 3272 -117.48 -79.34 -36.42
CA ILE G 3272 -117.56 -80.29 -37.52
C ILE G 3272 -118.03 -79.63 -38.82
N THR G 3273 -119.19 -78.98 -38.79
CA THR G 3273 -119.87 -78.56 -40.01
C THR G 3273 -119.12 -77.45 -40.72
N LEU G 3274 -118.67 -76.44 -39.98
CA LEU G 3274 -117.97 -75.32 -40.61
C LEU G 3274 -116.70 -75.73 -41.33
N PRO G 3275 -115.80 -76.52 -40.75
CA PRO G 3275 -114.62 -76.95 -41.53
C PRO G 3275 -114.98 -77.75 -42.76
N MET G 3276 -116.08 -78.50 -42.71
CA MET G 3276 -116.50 -79.26 -43.88
C MET G 3276 -116.85 -78.33 -45.02
N LEU G 3277 -117.63 -77.29 -44.76
CA LEU G 3277 -117.99 -76.39 -45.84
C LEU G 3277 -116.79 -75.54 -46.27
N CYS G 3278 -115.95 -75.18 -45.30
CA CYS G 3278 -114.74 -74.40 -45.56
C CYS G 3278 -113.76 -75.14 -46.43
N SER G 3279 -113.91 -76.45 -46.56
CA SER G 3279 -113.06 -77.23 -47.45
C SER G 3279 -113.80 -77.72 -48.68
N TYR G 3280 -115.10 -77.93 -48.59
CA TYR G 3280 -115.89 -78.38 -49.72
C TYR G 3280 -116.05 -77.28 -50.77
N LEU G 3281 -116.39 -76.07 -50.33
CA LEU G 3281 -116.64 -74.99 -51.29
C LEU G 3281 -115.44 -74.62 -52.13
N PRO G 3282 -114.24 -74.42 -51.58
CA PRO G 3282 -113.09 -74.06 -52.43
C PRO G 3282 -112.77 -75.09 -53.48
N ARG G 3283 -112.97 -76.38 -53.19
CA ARG G 3283 -112.65 -77.41 -54.19
C ARG G 3283 -113.57 -77.33 -55.39
N TRP G 3284 -114.87 -77.14 -55.17
CA TRP G 3284 -115.83 -77.15 -56.25
C TRP G 3284 -116.09 -75.78 -56.86
N TRP G 3285 -115.53 -74.71 -56.29
CA TRP G 3285 -115.61 -73.42 -56.97
C TRP G 3285 -114.77 -73.40 -58.23
N GLU G 3286 -113.67 -74.16 -58.26
CA GLU G 3286 -112.84 -74.20 -59.46
C GLU G 3286 -113.44 -75.06 -60.57
N ARG G 3287 -114.48 -75.84 -60.26
CA ARG G 3287 -115.18 -76.62 -61.26
C ARG G 3287 -116.62 -76.18 -61.44
N GLY G 3288 -117.06 -75.13 -60.77
CA GLY G 3288 -118.40 -74.63 -60.95
C GLY G 3288 -118.51 -73.79 -62.20
N PRO G 3289 -119.64 -73.07 -62.36
CA PRO G 3289 -119.80 -72.22 -63.55
C PRO G 3289 -118.83 -71.06 -63.60
N GLU G 3290 -118.44 -70.52 -62.45
CA GLU G 3290 -117.57 -69.35 -62.42
C GLU G 3290 -116.12 -69.67 -62.75
N ALA G 3291 -115.80 -70.95 -62.98
CA ALA G 3291 -114.44 -71.30 -63.36
C ALA G 3291 -114.11 -70.74 -64.75
N PRO G 3292 -112.83 -70.56 -65.05
CA PRO G 3292 -112.45 -70.07 -66.38
C PRO G 3292 -112.61 -71.16 -67.42
N PRO G 3293 -113.46 -70.96 -68.44
CA PRO G 3293 -113.66 -71.99 -69.46
C PRO G 3293 -112.36 -72.33 -70.15
N PRO G 3294 -112.12 -73.61 -70.48
CA PRO G 3294 -110.95 -73.97 -71.27
C PRO G 3294 -111.18 -73.84 -72.77
N PRO G 3301 -120.78 -80.82 -71.39
CA PRO G 3301 -120.60 -81.19 -69.99
C PRO G 3301 -120.98 -80.06 -69.03
N PRO G 3302 -122.26 -80.00 -68.64
CA PRO G 3302 -122.67 -78.96 -67.70
C PRO G 3302 -121.98 -79.15 -66.37
N PRO G 3303 -121.71 -78.06 -65.65
CA PRO G 3303 -121.08 -78.19 -64.33
C PRO G 3303 -121.95 -78.99 -63.38
N CYS G 3304 -121.30 -79.79 -62.54
CA CYS G 3304 -122.00 -80.62 -61.56
C CYS G 3304 -122.21 -79.89 -60.24
N THR G 3305 -121.81 -78.62 -60.13
CA THR G 3305 -121.98 -77.85 -58.91
C THR G 3305 -122.46 -76.45 -59.25
N ALA G 3306 -123.06 -75.79 -58.26
CA ALA G 3306 -123.59 -74.44 -58.42
C ALA G 3306 -123.00 -73.48 -57.37
N VAL G 3307 -121.81 -73.78 -56.88
CA VAL G 3307 -121.20 -72.95 -55.84
C VAL G 3307 -120.55 -71.73 -56.48
N THR G 3308 -120.92 -70.55 -56.01
CA THR G 3308 -120.36 -69.28 -56.46
C THR G 3308 -119.74 -68.53 -55.30
N SER G 3309 -119.24 -67.34 -55.59
CA SER G 3309 -118.62 -66.50 -54.56
C SER G 3309 -119.63 -66.00 -53.54
N ASP G 3310 -120.93 -66.02 -53.87
CA ASP G 3310 -121.94 -65.63 -52.90
C ASP G 3310 -121.94 -66.57 -51.71
N HIS G 3311 -121.80 -67.86 -51.97
CA HIS G 3311 -121.81 -68.84 -50.88
C HIS G 3311 -120.63 -68.62 -49.95
N LEU G 3312 -119.45 -68.39 -50.51
CA LEU G 3312 -118.27 -68.15 -49.69
C LEU G 3312 -118.37 -66.85 -48.90
N ASN G 3313 -118.90 -65.79 -49.53
CA ASN G 3313 -119.05 -64.54 -48.80
C ASN G 3313 -120.05 -64.69 -47.66
N SER G 3314 -121.15 -65.38 -47.90
CA SER G 3314 -122.14 -65.59 -46.85
C SER G 3314 -121.56 -66.43 -45.73
N LEU G 3315 -120.81 -67.47 -46.06
CA LEU G 3315 -120.23 -68.30 -45.04
C LEU G 3315 -119.23 -67.51 -44.20
N LEU G 3316 -118.41 -66.68 -44.85
CA LEU G 3316 -117.44 -65.89 -44.10
C LEU G 3316 -118.13 -64.92 -43.17
N GLY G 3317 -119.21 -64.27 -43.64
CA GLY G 3317 -119.95 -63.38 -42.78
C GLY G 3317 -120.58 -64.10 -41.59
N ASN G 3318 -121.12 -65.29 -41.83
CA ASN G 3318 -121.69 -66.06 -40.73
C ASN G 3318 -120.60 -66.46 -39.73
N ILE G 3319 -119.42 -66.84 -40.22
CA ILE G 3319 -118.33 -67.20 -39.32
C ILE G 3319 -117.93 -66.02 -38.46
N LEU G 3320 -117.85 -64.83 -39.08
CA LEU G 3320 -117.50 -63.64 -38.31
C LEU G 3320 -118.56 -63.33 -37.26
N ARG G 3321 -119.83 -63.48 -37.60
CA ARG G 3321 -120.84 -63.23 -36.57
C ARG G 3321 -120.81 -64.28 -35.48
N ILE G 3322 -120.50 -65.53 -35.81
CA ILE G 3322 -120.39 -66.55 -34.77
C ILE G 3322 -119.25 -66.22 -33.83
N ILE G 3323 -118.11 -65.82 -34.38
CA ILE G 3323 -116.96 -65.51 -33.54
C ILE G 3323 -117.27 -64.31 -32.65
N VAL G 3324 -117.87 -63.27 -33.22
CA VAL G 3324 -118.14 -62.05 -32.48
C VAL G 3324 -119.24 -62.23 -31.43
N ASN G 3325 -120.10 -63.24 -31.59
CA ASN G 3325 -121.09 -63.53 -30.56
C ASN G 3325 -120.47 -64.02 -29.26
N ASN G 3326 -119.31 -64.68 -29.30
CA ASN G 3326 -118.63 -65.17 -28.10
C ASN G 3326 -117.38 -64.37 -27.73
N LEU G 3327 -117.45 -63.04 -27.79
CA LEU G 3327 -116.33 -62.23 -27.32
C LEU G 3327 -116.08 -62.43 -25.82
N GLY G 3328 -117.13 -62.47 -25.02
CA GLY G 3328 -117.01 -62.38 -23.59
C GLY G 3328 -116.87 -63.70 -22.84
N ILE G 3329 -116.69 -64.83 -23.55
CA ILE G 3329 -116.54 -66.09 -22.85
C ILE G 3329 -115.17 -66.16 -22.20
N ASP G 3330 -115.10 -66.84 -21.06
CA ASP G 3330 -113.84 -66.89 -20.32
C ASP G 3330 -112.81 -67.79 -21.01
N GLU G 3331 -113.24 -68.97 -21.46
CA GLU G 3331 -112.35 -69.95 -22.06
C GLU G 3331 -112.95 -70.45 -23.37
N ALA G 3332 -112.16 -70.37 -24.44
CA ALA G 3332 -112.58 -70.91 -25.73
C ALA G 3332 -111.32 -71.20 -26.54
N THR G 3333 -110.94 -72.48 -26.59
CA THR G 3333 -109.76 -72.92 -27.34
C THR G 3333 -110.07 -73.25 -28.79
N TRP G 3334 -111.34 -73.25 -29.19
CA TRP G 3334 -111.76 -73.57 -30.55
C TRP G 3334 -111.61 -72.39 -31.51
N MET G 3335 -111.39 -71.19 -30.99
CA MET G 3335 -111.32 -70.01 -31.85
C MET G 3335 -110.14 -70.08 -32.81
N LYS G 3336 -108.99 -70.51 -32.31
CA LYS G 3336 -107.81 -70.62 -33.16
C LYS G 3336 -108.00 -71.69 -34.24
N ARG G 3337 -108.64 -72.80 -33.91
CA ARG G 3337 -108.89 -73.82 -34.91
C ARG G 3337 -109.87 -73.32 -35.95
N LEU G 3338 -110.89 -72.56 -35.54
CA LEU G 3338 -111.81 -72.06 -36.55
C LEU G 3338 -111.12 -71.04 -37.43
N ALA G 3339 -110.22 -70.24 -36.87
CA ALA G 3339 -109.54 -69.24 -37.67
C ALA G 3339 -108.66 -69.90 -38.71
N VAL G 3340 -107.92 -70.95 -38.31
CA VAL G 3340 -107.03 -71.60 -39.26
C VAL G 3340 -107.83 -72.36 -40.31
N PHE G 3341 -109.02 -72.85 -39.96
CA PHE G 3341 -109.80 -73.56 -40.96
C PHE G 3341 -110.45 -72.57 -41.93
N ALA G 3342 -110.80 -71.38 -41.45
CA ALA G 3342 -111.48 -70.39 -42.27
C ALA G 3342 -110.52 -69.55 -43.11
N GLN G 3343 -109.22 -69.61 -42.84
CA GLN G 3343 -108.29 -68.79 -43.61
C GLN G 3343 -108.38 -69.02 -45.11
N PRO G 3344 -108.44 -70.25 -45.63
CA PRO G 3344 -108.42 -70.43 -47.08
C PRO G 3344 -109.54 -69.74 -47.83
N ILE G 3345 -110.71 -69.59 -47.23
CA ILE G 3345 -111.87 -69.03 -47.93
C ILE G 3345 -111.90 -67.51 -47.94
N VAL G 3346 -111.04 -66.85 -47.17
CA VAL G 3346 -111.08 -65.40 -47.12
C VAL G 3346 -110.51 -64.76 -48.37
N SER G 3347 -109.76 -65.51 -49.19
CA SER G 3347 -109.17 -64.89 -50.37
C SER G 3347 -110.23 -64.40 -51.33
N ARG G 3348 -111.43 -64.98 -51.28
CA ARG G 3348 -112.55 -64.59 -52.12
C ARG G 3348 -113.51 -63.77 -51.28
N ALA G 3349 -113.69 -62.50 -51.65
CA ALA G 3349 -114.58 -61.64 -50.88
C ALA G 3349 -114.77 -60.33 -51.61
N ARG G 3350 -115.98 -59.79 -51.52
CA ARG G 3350 -116.31 -58.51 -52.14
C ARG G 3350 -116.05 -57.36 -51.19
N PRO G 3351 -115.81 -56.16 -51.71
CA PRO G 3351 -115.46 -55.03 -50.85
C PRO G 3351 -116.54 -54.63 -49.85
N GLU G 3352 -117.81 -55.01 -50.08
CA GLU G 3352 -118.87 -54.60 -49.18
C GLU G 3352 -118.72 -55.22 -47.79
N LEU G 3353 -117.97 -56.32 -47.67
CA LEU G 3353 -117.80 -56.96 -46.39
C LEU G 3353 -116.94 -56.13 -45.45
N LEU G 3354 -116.14 -55.22 -46.02
CA LEU G 3354 -115.28 -54.33 -45.24
C LEU G 3354 -116.11 -53.44 -44.35
N HIS G 3355 -117.21 -52.91 -44.89
CA HIS G 3355 -118.08 -52.00 -44.17
C HIS G 3355 -119.13 -52.77 -43.40
N SER G 3356 -119.64 -53.88 -43.94
CA SER G 3356 -120.71 -54.58 -43.25
C SER G 3356 -120.24 -55.29 -41.99
N HIS G 3357 -119.06 -55.93 -42.01
CA HIS G 3357 -118.65 -56.77 -40.90
C HIS G 3357 -117.41 -56.28 -40.17
N PHE G 3358 -116.33 -56.01 -40.90
CA PHE G 3358 -115.04 -55.79 -40.26
C PHE G 3358 -115.02 -54.55 -39.36
N ILE G 3359 -115.58 -53.45 -39.82
CA ILE G 3359 -115.53 -52.20 -39.05
C ILE G 3359 -116.24 -52.30 -37.70
N PRO G 3360 -117.46 -52.81 -37.60
CA PRO G 3360 -118.09 -52.94 -36.27
C PRO G 3360 -117.32 -53.83 -35.32
N THR G 3361 -116.69 -54.90 -35.82
CA THR G 3361 -115.99 -55.82 -34.92
C THR G 3361 -114.75 -55.15 -34.36
N ILE G 3362 -113.97 -54.51 -35.23
CA ILE G 3362 -112.77 -53.85 -34.75
C ILE G 3362 -113.13 -52.70 -33.82
N GLY G 3363 -114.24 -52.01 -34.11
CA GLY G 3363 -114.68 -50.94 -33.21
C GLY G 3363 -115.02 -51.46 -31.82
N ARG G 3364 -115.67 -52.62 -31.75
CA ARG G 3364 -115.95 -53.25 -30.47
C ARG G 3364 -114.67 -53.63 -29.74
N LEU G 3365 -113.69 -54.16 -30.47
CA LEU G 3365 -112.41 -54.49 -29.84
C LEU G 3365 -111.71 -53.23 -29.36
N ARG G 3366 -111.82 -52.15 -30.13
CA ARG G 3366 -111.17 -50.90 -29.76
C ARG G 3366 -111.75 -50.34 -28.48
N LYS G 3367 -113.08 -50.36 -28.36
CA LYS G 3367 -113.68 -49.85 -27.14
C LYS G 3367 -113.41 -50.76 -25.95
N ARG G 3368 -113.32 -52.08 -26.16
CA ARG G 3368 -112.92 -52.95 -25.07
C ARG G 3368 -111.50 -52.63 -24.61
N ALA G 3369 -110.59 -52.39 -25.55
CA ALA G 3369 -109.21 -52.03 -25.20
C ALA G 3369 -109.16 -50.71 -24.45
N GLY G 3370 -109.94 -49.73 -24.88
CA GLY G 3370 -109.96 -48.45 -24.17
C GLY G 3370 -110.51 -48.61 -22.77
N LYS G 3371 -111.51 -49.48 -22.60
CA LYS G 3371 -112.07 -49.69 -21.27
C LYS G 3371 -111.03 -50.34 -20.37
N VAL G 3372 -110.28 -51.29 -20.91
CA VAL G 3372 -109.32 -52.00 -20.10
C VAL G 3372 -108.17 -51.07 -19.70
N VAL G 3373 -107.65 -50.30 -20.65
CA VAL G 3373 -106.55 -49.40 -20.29
C VAL G 3373 -107.03 -48.28 -19.35
N ALA G 3374 -108.31 -47.88 -19.46
CA ALA G 3374 -108.86 -46.93 -18.49
C ALA G 3374 -108.91 -47.53 -17.09
N GLU G 3375 -109.29 -48.80 -17.00
CA GLU G 3375 -109.28 -49.47 -15.70
C GLU G 3375 -107.86 -49.62 -15.18
N GLU G 3376 -106.91 -49.92 -16.06
CA GLU G 3376 -105.54 -50.10 -15.59
C GLU G 3376 -104.98 -48.81 -15.04
N GLU G 3377 -105.22 -47.69 -15.72
CA GLU G 3377 -104.70 -46.43 -15.18
C GLU G 3377 -105.47 -45.99 -13.96
N GLN G 3378 -106.76 -46.36 -13.85
CA GLN G 3378 -107.48 -46.06 -12.62
C GLN G 3378 -106.88 -46.82 -11.46
N LEU G 3379 -106.48 -48.07 -11.70
CA LEU G 3379 -105.86 -48.89 -10.66
C LEU G 3379 -104.52 -48.29 -10.26
N ARG G 3380 -103.74 -47.85 -11.24
CA ARG G 3380 -102.38 -47.41 -10.99
C ARG G 3380 -102.35 -46.04 -10.33
N LEU G 3381 -103.37 -45.22 -10.55
CA LEU G 3381 -103.36 -43.88 -9.98
C LEU G 3381 -103.52 -43.92 -8.47
N GLU G 3382 -104.18 -44.95 -7.93
CA GLU G 3382 -104.35 -45.13 -6.49
C GLU G 3382 -103.69 -46.45 -6.09
N ALA G 3383 -102.38 -46.40 -5.83
CA ALA G 3383 -101.65 -47.58 -5.41
C ALA G 3383 -102.00 -47.95 -3.98
N LYS G 3384 -102.27 -49.23 -3.74
CA LYS G 3384 -102.60 -49.72 -2.40
C LYS G 3384 -102.37 -51.23 -2.37
N ALA G 3385 -102.70 -51.83 -1.23
CA ALA G 3385 -102.52 -53.28 -1.06
C ALA G 3385 -103.43 -54.09 -1.97
N GLU G 3386 -104.51 -53.52 -2.48
CA GLU G 3386 -105.38 -54.21 -3.41
C GLU G 3386 -104.81 -54.25 -4.82
N ALA G 3387 -103.72 -53.53 -5.07
CA ALA G 3387 -103.14 -53.49 -6.40
C ALA G 3387 -102.74 -54.88 -6.89
N GLU G 3388 -102.35 -55.78 -5.98
CA GLU G 3388 -101.91 -57.10 -6.40
C GLU G 3388 -103.06 -57.93 -6.99
N GLU G 3389 -104.24 -57.87 -6.38
CA GLU G 3389 -105.34 -58.59 -7.00
C GLU G 3389 -105.88 -57.82 -8.19
N GLY G 3390 -105.82 -56.50 -8.19
CA GLY G 3390 -106.45 -55.77 -9.26
C GLY G 3390 -105.60 -55.90 -10.50
N GLU G 3391 -104.27 -56.01 -10.31
CA GLU G 3391 -103.36 -56.38 -11.38
C GLU G 3391 -103.61 -57.78 -11.89
N LEU G 3392 -103.94 -58.75 -11.01
CA LEU G 3392 -104.30 -60.04 -11.59
C LEU G 3392 -105.60 -59.96 -12.38
N LEU G 3393 -106.52 -59.12 -11.94
CA LEU G 3393 -107.79 -58.96 -12.65
C LEU G 3393 -107.53 -58.39 -14.04
N VAL G 3394 -106.68 -57.37 -14.11
CA VAL G 3394 -106.36 -56.76 -15.39
C VAL G 3394 -105.52 -57.70 -16.24
N ARG G 3395 -104.72 -58.57 -15.63
CA ARG G 3395 -104.00 -59.58 -16.39
C ARG G 3395 -104.95 -60.56 -17.07
N ASP G 3396 -106.00 -60.99 -16.37
CA ASP G 3396 -107.00 -61.85 -17.01
C ASP G 3396 -107.72 -61.10 -18.13
N GLU G 3397 -108.05 -59.84 -17.90
CA GLU G 3397 -108.72 -59.06 -18.96
C GLU G 3397 -107.82 -58.88 -20.18
N PHE G 3398 -106.52 -58.69 -19.96
CA PHE G 3398 -105.60 -58.61 -21.10
C PHE G 3398 -105.47 -59.94 -21.81
N SER G 3399 -105.49 -61.04 -21.05
CA SER G 3399 -105.35 -62.35 -21.69
C SER G 3399 -106.54 -62.62 -22.61
N VAL G 3400 -107.76 -62.32 -22.14
CA VAL G 3400 -108.93 -62.52 -22.99
C VAL G 3400 -108.91 -61.56 -24.16
N LEU G 3401 -108.42 -60.33 -23.95
CA LEU G 3401 -108.33 -59.39 -25.06
C LEU G 3401 -107.37 -59.90 -26.13
N CYS G 3402 -106.20 -60.39 -25.71
CA CYS G 3402 -105.23 -60.93 -26.65
C CYS G 3402 -105.78 -62.16 -27.37
N ARG G 3403 -106.61 -62.95 -26.69
CA ARG G 3403 -107.24 -64.09 -27.36
C ARG G 3403 -108.16 -63.61 -28.47
N ASP G 3404 -108.94 -62.57 -28.22
CA ASP G 3404 -109.82 -62.07 -29.27
C ASP G 3404 -109.02 -61.47 -30.43
N LEU G 3405 -107.95 -60.75 -30.09
CA LEU G 3405 -107.11 -60.17 -31.13
C LEU G 3405 -106.50 -61.24 -32.01
N TYR G 3406 -105.99 -62.32 -31.40
CA TYR G 3406 -105.41 -63.38 -32.19
C TYR G 3406 -106.46 -64.26 -32.85
N ALA G 3407 -107.73 -64.06 -32.50
CA ALA G 3407 -108.83 -64.73 -33.18
C ALA G 3407 -109.39 -63.91 -34.34
N LEU G 3408 -108.99 -62.65 -34.49
CA LEU G 3408 -109.51 -61.81 -35.56
C LEU G 3408 -108.46 -61.25 -36.52
N TYR G 3409 -107.28 -60.89 -36.02
CA TYR G 3409 -106.24 -60.32 -36.89
C TYR G 3409 -105.79 -61.18 -38.06
N PRO G 3410 -105.55 -62.48 -37.93
CA PRO G 3410 -105.13 -63.27 -39.11
C PRO G 3410 -106.06 -63.24 -40.31
N LEU G 3411 -107.37 -63.18 -40.14
CA LEU G 3411 -108.25 -63.00 -41.30
C LEU G 3411 -108.15 -61.60 -41.89
N LEU G 3412 -108.02 -60.59 -41.04
CA LEU G 3412 -107.95 -59.21 -41.52
C LEU G 3412 -106.66 -58.98 -42.30
N ILE G 3413 -105.54 -59.52 -41.84
CA ILE G 3413 -104.28 -59.28 -42.53
C ILE G 3413 -104.35 -59.80 -43.97
N ARG G 3414 -104.88 -61.02 -44.14
CA ARG G 3414 -105.01 -61.56 -45.48
C ARG G 3414 -105.99 -60.76 -46.33
N TYR G 3415 -107.09 -60.28 -45.73
CA TYR G 3415 -108.02 -59.47 -46.52
C TYR G 3415 -107.38 -58.16 -46.96
N VAL G 3416 -106.60 -57.53 -46.07
CA VAL G 3416 -105.96 -56.29 -46.46
C VAL G 3416 -104.95 -56.57 -47.57
N ASP G 3417 -104.23 -57.67 -47.46
CA ASP G 3417 -103.22 -57.97 -48.47
C ASP G 3417 -103.89 -58.14 -49.84
N ASN G 3418 -105.05 -58.81 -49.86
CA ASN G 3418 -105.75 -59.04 -51.11
C ASN G 3418 -106.59 -57.86 -51.61
N ASN G 3419 -106.72 -56.79 -50.83
CA ASN G 3419 -107.54 -55.65 -51.24
C ASN G 3419 -106.87 -54.29 -51.13
N ARG G 3420 -105.62 -54.22 -50.70
CA ARG G 3420 -104.92 -52.96 -50.53
C ARG G 3420 -104.65 -52.24 -51.85
N ALA G 3421 -104.39 -52.97 -52.94
CA ALA G 3421 -104.12 -52.30 -54.20
C ALA G 3421 -105.30 -51.47 -54.66
N HIS G 3422 -106.52 -51.99 -54.50
CA HIS G 3422 -107.70 -51.20 -54.86
C HIS G 3422 -107.80 -49.95 -54.01
N TRP G 3423 -107.49 -50.06 -52.72
CA TRP G 3423 -107.57 -48.91 -51.82
C TRP G 3423 -106.57 -47.83 -52.20
N LEU G 3424 -105.38 -48.22 -52.63
CA LEU G 3424 -104.39 -47.23 -53.06
C LEU G 3424 -104.78 -46.62 -54.40
N THR G 3425 -105.33 -47.44 -55.30
CA THR G 3425 -105.76 -46.90 -56.59
C THR G 3425 -106.89 -45.89 -56.42
N GLU G 3426 -107.84 -46.18 -55.53
CA GLU G 3426 -108.95 -45.28 -55.26
C GLU G 3426 -109.05 -45.10 -53.74
N PRO G 3427 -108.89 -43.89 -53.22
CA PRO G 3427 -108.94 -43.69 -51.76
C PRO G 3427 -110.28 -44.13 -51.18
N ASN G 3428 -110.23 -44.69 -49.97
CA ASN G 3428 -111.42 -45.23 -49.31
C ASN G 3428 -111.54 -44.68 -47.90
N ALA G 3429 -112.67 -44.02 -47.63
CA ALA G 3429 -112.92 -43.45 -46.31
C ALA G 3429 -113.00 -44.55 -45.25
N ASN G 3430 -113.63 -45.68 -45.59
CA ASN G 3430 -113.73 -46.77 -44.63
C ASN G 3430 -112.36 -47.33 -44.32
N ALA G 3431 -111.50 -47.44 -45.33
CA ALA G 3431 -110.15 -47.93 -45.10
C ALA G 3431 -109.38 -46.97 -44.20
N GLU G 3432 -109.57 -45.66 -44.39
CA GLU G 3432 -108.91 -44.71 -43.51
C GLU G 3432 -109.43 -44.84 -42.08
N GLU G 3433 -110.72 -45.07 -41.92
CA GLU G 3433 -111.26 -45.27 -40.57
C GLU G 3433 -110.66 -46.51 -39.92
N LEU G 3434 -110.51 -47.58 -40.71
CA LEU G 3434 -109.88 -48.78 -40.16
C LEU G 3434 -108.45 -48.48 -39.78
N PHE G 3435 -107.78 -47.61 -40.54
CA PHE G 3435 -106.42 -47.22 -40.20
C PHE G 3435 -106.39 -46.50 -38.86
N ARG G 3436 -107.37 -45.63 -38.61
CA ARG G 3436 -107.41 -44.92 -37.34
C ARG G 3436 -107.63 -45.90 -36.19
N MET G 3437 -108.47 -46.90 -36.41
CA MET G 3437 -108.76 -47.89 -35.37
C MET G 3437 -107.51 -48.71 -35.05
N VAL G 3438 -106.83 -49.22 -36.08
CA VAL G 3438 -105.63 -50.01 -35.81
C VAL G 3438 -104.51 -49.14 -35.25
N GLY G 3439 -104.46 -47.86 -35.62
CA GLY G 3439 -103.45 -46.99 -35.05
C GLY G 3439 -103.68 -46.78 -33.56
N GLU G 3440 -104.94 -46.57 -33.18
CA GLU G 3440 -105.24 -46.37 -31.77
C GLU G 3440 -105.01 -47.64 -30.98
N ILE G 3441 -105.30 -48.79 -31.58
CA ILE G 3441 -105.01 -50.06 -30.92
C ILE G 3441 -103.50 -50.22 -30.70
N PHE G 3442 -102.70 -49.85 -31.70
CA PHE G 3442 -101.25 -49.92 -31.54
C PHE G 3442 -100.76 -48.98 -30.45
N ILE G 3443 -101.30 -47.77 -30.39
CA ILE G 3443 -100.91 -46.82 -29.36
C ILE G 3443 -101.26 -47.35 -27.97
N TYR G 3444 -102.46 -47.91 -27.82
CA TYR G 3444 -102.85 -48.52 -26.55
C TYR G 3444 -101.92 -49.67 -26.18
N TRP G 3445 -101.57 -50.50 -27.16
CA TRP G 3445 -100.69 -51.62 -26.87
C TRP G 3445 -99.31 -51.14 -26.44
N SER G 3446 -98.79 -50.10 -27.10
CA SER G 3446 -97.45 -49.54 -26.78
C SER G 3446 -97.51 -48.81 -25.44
N LYS G 3447 -98.71 -48.43 -24.99
CA LYS G 3447 -98.90 -47.69 -23.70
C LYS G 3447 -98.83 -48.64 -22.50
N SER G 3448 -99.19 -49.92 -22.64
CA SER G 3448 -99.29 -50.87 -21.50
C SER G 3448 -98.14 -51.87 -21.42
N HIS G 3449 -97.39 -51.91 -20.30
CA HIS G 3449 -96.33 -52.92 -20.04
C HIS G 3449 -96.97 -54.29 -19.87
N ASN G 3450 -98.07 -54.41 -19.11
CA ASN G 3450 -98.80 -55.66 -18.96
C ASN G 3450 -99.26 -56.23 -20.31
N PHE G 3451 -99.59 -55.36 -21.28
CA PHE G 3451 -100.06 -55.79 -22.63
C PHE G 3451 -98.99 -56.64 -23.30
N LYS G 3452 -97.72 -56.23 -23.20
CA LYS G 3452 -96.61 -57.00 -23.76
C LYS G 3452 -96.40 -58.32 -23.01
N ARG G 3453 -96.51 -58.30 -21.68
CA ARG G 3453 -96.30 -59.51 -20.90
C ARG G 3453 -97.38 -60.54 -21.22
N GLU G 3454 -98.63 -60.11 -21.27
CA GLU G 3454 -99.71 -61.03 -21.56
C GLU G 3454 -99.60 -61.57 -22.98
N GLU G 3455 -99.20 -60.73 -23.94
CA GLU G 3455 -99.02 -61.22 -25.30
C GLU G 3455 -97.92 -62.26 -25.35
N GLN G 3456 -96.81 -62.02 -24.65
CA GLN G 3456 -95.74 -63.01 -24.60
C GLN G 3456 -96.20 -64.30 -23.96
N ASN G 3457 -96.98 -64.20 -22.87
CA ASN G 3457 -97.48 -65.40 -22.24
C ASN G 3457 -98.39 -66.16 -23.18
N PHE G 3458 -99.26 -65.45 -23.91
CA PHE G 3458 -100.20 -66.13 -24.81
C PHE G 3458 -99.43 -66.85 -25.91
N VAL G 3459 -98.41 -66.20 -26.47
CA VAL G 3459 -97.67 -66.79 -27.57
C VAL G 3459 -96.90 -68.02 -27.08
N VAL G 3460 -96.21 -67.90 -25.95
CA VAL G 3460 -95.37 -69.01 -25.50
C VAL G 3460 -96.23 -70.18 -25.04
N GLN G 3461 -97.35 -69.89 -24.35
CA GLN G 3461 -98.18 -70.97 -23.84
C GLN G 3461 -98.96 -71.66 -24.94
N ASN G 3462 -99.35 -70.93 -25.98
CA ASN G 3462 -100.08 -71.51 -27.10
C ASN G 3462 -99.10 -71.86 -28.21
N GLU G 3463 -99.27 -73.07 -28.76
CA GLU G 3463 -98.42 -73.55 -29.86
C GLU G 3463 -98.85 -72.87 -31.15
N ILE G 3464 -98.59 -71.56 -31.22
CA ILE G 3464 -98.93 -70.72 -32.36
C ILE G 3464 -97.64 -70.20 -32.97
N ASN G 3465 -97.49 -70.39 -34.28
CA ASN G 3465 -96.31 -69.96 -35.02
C ASN G 3465 -96.77 -69.08 -36.18
N ASN G 3466 -96.17 -67.90 -36.29
CA ASN G 3466 -96.54 -66.98 -37.36
C ASN G 3466 -96.09 -67.54 -38.71
N MET G 3467 -97.01 -67.55 -39.67
CA MET G 3467 -96.73 -68.01 -41.02
C MET G 3467 -96.88 -66.92 -42.07
N SER G 3468 -97.85 -66.02 -41.91
CA SER G 3468 -98.02 -64.90 -42.82
C SER G 3468 -96.85 -63.93 -42.68
N GLN G 3506 -90.35 -62.23 -30.94
CA GLN G 3506 -90.85 -62.26 -32.32
C GLN G 3506 -91.64 -60.98 -32.62
N THR G 3507 -92.11 -60.87 -33.86
CA THR G 3507 -92.86 -59.71 -34.31
C THR G 3507 -94.35 -59.97 -34.13
N SER G 3508 -94.99 -59.16 -33.29
CA SER G 3508 -96.41 -59.31 -33.02
C SER G 3508 -97.26 -59.03 -34.25
N LEU G 3509 -98.43 -59.66 -34.29
CA LEU G 3509 -99.34 -59.45 -35.40
C LEU G 3509 -99.85 -58.00 -35.42
N ILE G 3510 -99.89 -57.35 -34.26
CA ILE G 3510 -100.36 -55.98 -34.19
C ILE G 3510 -99.42 -55.06 -34.96
N VAL G 3511 -98.12 -55.30 -34.87
CA VAL G 3511 -97.20 -54.45 -35.60
C VAL G 3511 -96.97 -54.95 -37.01
N ALA G 3512 -97.14 -56.25 -37.27
CA ALA G 3512 -96.97 -56.66 -38.66
C ALA G 3512 -98.13 -56.11 -39.48
N THR G 3513 -99.34 -56.15 -38.92
CA THR G 3513 -100.50 -55.58 -39.62
C THR G 3513 -100.35 -54.08 -39.75
N LEU G 3514 -99.88 -53.40 -38.70
CA LEU G 3514 -99.72 -51.95 -38.82
C LEU G 3514 -98.70 -51.60 -39.89
N LYS G 3515 -97.56 -52.30 -39.91
CA LYS G 3515 -96.54 -52.00 -40.91
C LYS G 3515 -97.01 -52.30 -42.32
N LYS G 3516 -97.88 -53.30 -42.48
CA LYS G 3516 -98.48 -53.58 -43.78
C LYS G 3516 -99.58 -52.60 -44.19
N MET G 3517 -100.27 -51.99 -43.22
CA MET G 3517 -101.28 -50.97 -43.48
C MET G 3517 -100.77 -49.54 -43.46
N LEU G 3518 -99.50 -49.33 -43.11
CA LEU G 3518 -98.96 -47.98 -43.04
C LEU G 3518 -99.00 -47.19 -44.36
N PRO G 3519 -98.67 -47.75 -45.52
CA PRO G 3519 -98.74 -46.96 -46.75
C PRO G 3519 -100.08 -46.32 -47.05
N ILE G 3520 -101.22 -46.93 -46.69
CA ILE G 3520 -102.49 -46.25 -46.93
C ILE G 3520 -102.57 -44.96 -46.12
N GLY G 3521 -102.13 -45.01 -44.86
CA GLY G 3521 -102.15 -43.80 -44.07
C GLY G 3521 -101.20 -42.73 -44.59
N LEU G 3522 -99.98 -43.11 -44.98
CA LEU G 3522 -99.13 -42.07 -45.53
C LEU G 3522 -99.70 -41.55 -46.85
N ASN G 3523 -100.43 -42.39 -47.59
CA ASN G 3523 -101.04 -41.95 -48.84
C ASN G 3523 -102.13 -40.92 -48.56
N MET G 3524 -102.75 -41.02 -47.38
CA MET G 3524 -103.76 -40.04 -47.02
C MET G 3524 -103.16 -38.64 -46.89
N CYS G 3525 -101.97 -38.53 -46.30
CA CYS G 3525 -101.35 -37.23 -46.08
C CYS G 3525 -100.80 -36.67 -47.40
N ALA G 3526 -100.94 -35.36 -47.57
CA ALA G 3526 -100.42 -34.69 -48.76
C ALA G 3526 -98.91 -34.51 -48.69
N PRO G 3527 -98.24 -34.39 -49.84
CA PRO G 3527 -96.78 -34.22 -49.84
C PRO G 3527 -96.29 -32.98 -49.13
N THR G 3528 -97.09 -31.91 -49.10
CA THR G 3528 -96.68 -30.70 -48.37
C THR G 3528 -96.63 -30.88 -46.87
N ASP G 3529 -97.21 -31.94 -46.32
CA ASP G 3529 -97.27 -32.14 -44.88
C ASP G 3529 -96.07 -32.87 -44.25
N GLN G 3530 -95.04 -33.26 -45.00
CA GLN G 3530 -93.92 -33.97 -44.38
C GLN G 3530 -93.19 -33.11 -43.34
N ASP G 3531 -92.99 -31.83 -43.63
CA ASP G 3531 -92.35 -30.97 -42.64
C ASP G 3531 -93.19 -30.87 -41.38
N LEU G 3532 -94.51 -30.75 -41.56
CA LEU G 3532 -95.40 -30.68 -40.41
C LEU G 3532 -95.37 -31.98 -39.63
N ILE G 3533 -95.27 -33.11 -40.33
CA ILE G 3533 -95.22 -34.40 -39.66
C ILE G 3533 -93.98 -34.50 -38.79
N MET G 3534 -92.84 -34.09 -39.34
CA MET G 3534 -91.61 -34.15 -38.56
C MET G 3534 -91.68 -33.22 -37.35
N LEU G 3535 -92.25 -32.03 -37.53
CA LEU G 3535 -92.40 -31.08 -36.42
C LEU G 3535 -93.32 -31.66 -35.35
N ALA G 3536 -94.43 -32.27 -35.77
CA ALA G 3536 -95.36 -32.84 -34.80
C ALA G 3536 -94.70 -34.02 -34.10
N LYS G 3537 -93.90 -34.79 -34.85
CA LYS G 3537 -93.19 -35.91 -34.25
C LYS G 3537 -92.22 -35.43 -33.19
N THR G 3538 -91.60 -34.26 -33.40
CA THR G 3538 -90.75 -33.69 -32.36
C THR G 3538 -91.59 -33.34 -31.14
N ARG G 3539 -92.80 -32.83 -31.37
CA ARG G 3539 -93.67 -32.52 -30.22
C ARG G 3539 -94.02 -33.78 -29.45
N TYR G 3540 -94.28 -34.88 -30.16
CA TYR G 3540 -94.49 -36.18 -29.49
C TYR G 3540 -93.23 -36.71 -28.82
N ALA G 3541 -92.06 -36.45 -29.40
CA ALA G 3541 -90.81 -36.86 -28.76
C ALA G 3541 -90.59 -36.15 -27.45
N LEU G 3542 -91.15 -34.95 -27.31
CA LEU G 3542 -91.34 -34.40 -25.99
C LEU G 3542 -92.74 -34.75 -25.51
N LYS G 3543 -92.93 -34.79 -24.19
CA LYS G 3543 -94.21 -35.22 -23.57
C LYS G 3543 -95.28 -34.16 -23.79
N ASP G 3544 -96.37 -34.51 -24.48
CA ASP G 3544 -97.50 -33.62 -24.71
C ASP G 3544 -98.65 -34.43 -25.26
N THR G 3545 -99.87 -34.08 -24.83
CA THR G 3545 -101.05 -34.81 -25.24
C THR G 3545 -101.60 -34.31 -26.58
N ASP G 3546 -102.61 -35.03 -27.06
CA ASP G 3546 -103.13 -34.76 -28.40
C ASP G 3546 -103.86 -33.43 -28.48
N GLU G 3547 -104.42 -32.93 -27.37
CA GLU G 3547 -105.06 -31.62 -27.45
C GLU G 3547 -104.03 -30.52 -27.52
N GLU G 3548 -102.94 -30.67 -26.76
CA GLU G 3548 -101.91 -29.64 -26.78
C GLU G 3548 -101.26 -29.60 -28.15
N VAL G 3549 -101.03 -30.76 -28.74
CA VAL G 3549 -100.42 -30.80 -30.06
C VAL G 3549 -101.40 -30.27 -31.11
N ARG G 3550 -102.68 -30.56 -30.96
CA ARG G 3550 -103.65 -30.08 -31.93
C ARG G 3550 -103.70 -28.56 -31.94
N GLU G 3551 -103.75 -27.96 -30.75
CA GLU G 3551 -103.78 -26.50 -30.69
C GLU G 3551 -102.45 -25.89 -31.10
N PHE G 3552 -101.33 -26.58 -30.84
CA PHE G 3552 -100.04 -26.09 -31.32
C PHE G 3552 -99.99 -26.05 -32.84
N LEU G 3553 -100.49 -27.09 -33.51
CA LEU G 3553 -100.49 -27.03 -34.97
C LEU G 3553 -101.52 -26.02 -35.47
N GLN G 3554 -102.62 -25.85 -34.73
CA GLN G 3554 -103.61 -24.86 -35.16
C GLN G 3554 -103.00 -23.47 -35.16
N ASN G 3555 -102.18 -23.17 -34.15
CA ASN G 3555 -101.45 -21.91 -34.12
C ASN G 3555 -100.21 -21.91 -35.01
N ASN G 3556 -99.79 -23.08 -35.50
CA ASN G 3556 -98.57 -23.23 -36.35
C ASN G 3556 -99.00 -23.70 -37.75
N LEU G 3557 -100.19 -23.31 -38.23
CA LEU G 3557 -100.67 -23.74 -39.54
C LEU G 3557 -99.93 -23.09 -40.71
N HIS G 3558 -99.20 -22.00 -40.50
CA HIS G 3558 -98.50 -21.30 -41.57
C HIS G 3558 -97.12 -21.87 -41.90
N LEU G 3559 -96.70 -22.92 -41.19
CA LEU G 3559 -95.36 -23.55 -41.38
C LEU G 3559 -95.39 -24.52 -42.57
N GLN G 3560 -96.56 -24.86 -43.11
CA GLN G 3560 -96.63 -25.88 -44.14
C GLN G 3560 -95.72 -25.51 -45.30
N GLY G 3561 -95.19 -26.54 -45.97
CA GLY G 3561 -94.23 -26.30 -47.03
C GLY G 3561 -94.82 -25.54 -48.19
N LYS G 3562 -93.93 -24.89 -48.94
CA LYS G 3562 -94.31 -24.08 -50.09
C LYS G 3562 -94.06 -24.85 -51.38
N VAL G 3563 -94.91 -24.57 -52.38
CA VAL G 3563 -94.82 -25.29 -53.65
C VAL G 3563 -93.47 -25.05 -54.30
N GLU G 3564 -93.03 -23.80 -54.33
CA GLU G 3564 -91.75 -23.42 -54.98
C GLU G 3564 -90.61 -23.89 -54.09
N GLY G 3565 -89.65 -24.62 -54.66
CA GLY G 3565 -88.49 -25.13 -53.92
C GLY G 3565 -87.87 -26.31 -54.64
N SER G 3566 -87.45 -27.35 -53.92
CA SER G 3566 -86.88 -28.53 -54.54
C SER G 3566 -87.89 -29.17 -55.48
N PRO G 3567 -87.48 -29.60 -56.68
CA PRO G 3567 -88.44 -30.22 -57.60
C PRO G 3567 -89.01 -31.54 -57.10
N SER G 3568 -88.53 -32.05 -55.96
CA SER G 3568 -89.11 -33.30 -55.49
C SER G 3568 -90.58 -33.10 -55.19
N LEU G 3569 -90.93 -31.99 -54.53
CA LEU G 3569 -92.33 -31.80 -54.27
C LEU G 3569 -93.05 -31.44 -55.55
N ARG G 3570 -92.29 -30.99 -56.56
CA ARG G 3570 -92.88 -30.64 -57.84
C ARG G 3570 -93.49 -31.86 -58.50
N TRP G 3571 -92.71 -32.93 -58.59
CA TRP G 3571 -93.22 -34.13 -59.23
C TRP G 3571 -94.12 -34.89 -58.29
N GLN G 3572 -93.88 -34.81 -56.98
CA GLN G 3572 -94.78 -35.49 -56.06
C GLN G 3572 -96.17 -34.88 -56.16
N MET G 3573 -96.26 -33.56 -56.21
CA MET G 3573 -97.53 -32.87 -56.34
C MET G 3573 -98.19 -33.19 -57.69
N ALA G 3574 -97.39 -33.24 -58.75
CA ALA G 3574 -97.93 -33.58 -60.06
C ALA G 3574 -98.51 -34.98 -60.05
N LEU G 3575 -97.84 -35.92 -59.41
CA LEU G 3575 -98.38 -37.27 -59.29
C LEU G 3575 -99.61 -37.32 -58.39
N TYR G 3576 -99.64 -36.52 -57.33
CA TYR G 3576 -100.81 -36.53 -56.45
C TYR G 3576 -102.06 -36.08 -57.18
N ARG G 3577 -101.96 -35.01 -57.96
CA ARG G 3577 -103.16 -34.53 -58.64
C ARG G 3577 -103.49 -35.45 -59.81
N GLY G 3578 -104.79 -35.57 -60.08
CA GLY G 3578 -105.30 -36.46 -61.11
C GLY G 3578 -106.05 -37.65 -60.58
N LEU G 3579 -106.03 -37.88 -59.27
CA LEU G 3579 -106.78 -38.98 -58.69
C LEU G 3579 -108.27 -38.69 -58.76
N PRO G 3580 -109.11 -39.73 -58.82
CA PRO G 3580 -110.56 -39.49 -58.94
C PRO G 3580 -111.11 -38.62 -57.81
N GLY G 3581 -110.60 -38.77 -56.60
CA GLY G 3581 -111.14 -38.06 -55.46
C GLY G 3581 -110.65 -36.64 -55.40
N PRO G 3589 -108.42 -26.81 -42.62
CA PRO G 3589 -107.48 -26.65 -41.51
C PRO G 3589 -107.70 -27.72 -40.43
N GLU G 3590 -108.97 -28.05 -40.21
CA GLU G 3590 -109.27 -29.10 -39.23
C GLU G 3590 -108.88 -30.46 -39.78
N LYS G 3591 -109.15 -30.70 -41.05
CA LYS G 3591 -108.79 -31.99 -41.62
C LYS G 3591 -107.28 -32.13 -41.66
N ILE G 3592 -106.58 -31.01 -41.85
CA ILE G 3592 -105.13 -31.03 -41.89
C ILE G 3592 -104.59 -31.39 -40.51
N VAL G 3593 -105.12 -30.74 -39.46
CA VAL G 3593 -104.56 -30.99 -38.14
C VAL G 3593 -104.90 -32.42 -37.72
N ARG G 3594 -106.05 -32.94 -38.18
CA ARG G 3594 -106.45 -34.30 -37.85
C ARG G 3594 -105.48 -35.30 -38.47
N ARG G 3595 -105.20 -35.14 -39.76
CA ARG G 3595 -104.36 -36.11 -40.44
C ARG G 3595 -102.91 -36.02 -39.96
N VAL G 3596 -102.42 -34.80 -39.72
CA VAL G 3596 -101.06 -34.66 -39.22
C VAL G 3596 -100.91 -35.26 -37.84
N GLN G 3597 -101.86 -35.01 -36.94
CA GLN G 3597 -101.76 -35.57 -35.60
C GLN G 3597 -101.80 -37.09 -35.63
N GLU G 3598 -102.73 -37.67 -36.40
CA GLU G 3598 -102.84 -39.11 -36.44
C GLU G 3598 -101.60 -39.77 -37.03
N VAL G 3599 -101.10 -39.22 -38.14
CA VAL G 3599 -99.94 -39.84 -38.78
C VAL G 3599 -98.70 -39.65 -37.92
N SER G 3600 -98.53 -38.46 -37.33
CA SER G 3600 -97.36 -38.21 -36.52
C SER G 3600 -97.34 -39.12 -35.30
N ALA G 3601 -98.51 -39.32 -34.66
CA ALA G 3601 -98.58 -40.22 -33.52
C ALA G 3601 -98.23 -41.66 -33.89
N VAL G 3602 -98.75 -42.13 -35.04
CA VAL G 3602 -98.41 -43.48 -35.48
C VAL G 3602 -96.94 -43.61 -35.78
N LEU G 3603 -96.36 -42.64 -36.49
CA LEU G 3603 -94.95 -42.70 -36.85
C LEU G 3603 -94.08 -42.64 -35.61
N TYR G 3604 -94.44 -41.78 -34.65
CA TYR G 3604 -93.63 -41.64 -33.45
C TYR G 3604 -93.61 -42.94 -32.67
N HIS G 3605 -94.78 -43.52 -32.39
CA HIS G 3605 -94.75 -44.77 -31.63
C HIS G 3605 -94.15 -45.89 -32.43
N LEU G 3606 -94.19 -45.81 -33.77
CA LEU G 3606 -93.61 -46.87 -34.56
C LEU G 3606 -92.10 -46.84 -34.40
N GLU G 3607 -91.49 -45.65 -34.43
CA GLU G 3607 -90.05 -45.63 -34.23
C GLU G 3607 -89.66 -45.82 -32.77
N GLN G 3608 -90.57 -45.55 -31.83
CA GLN G 3608 -90.32 -45.92 -30.44
C GLN G 3608 -90.31 -47.42 -30.21
N THR G 3609 -90.99 -48.20 -31.06
CA THR G 3609 -91.04 -49.65 -30.84
C THR G 3609 -89.89 -50.41 -31.47
N GLU G 3610 -88.75 -49.76 -31.68
CA GLU G 3610 -87.59 -50.41 -32.28
C GLU G 3610 -86.37 -49.49 -32.25
N MET G 3638 -70.52 -77.98 3.39
CA MET G 3638 -69.86 -77.88 4.72
C MET G 3638 -70.43 -78.96 5.64
N THR G 3639 -69.87 -80.17 5.63
CA THR G 3639 -70.32 -81.29 6.50
C THR G 3639 -70.52 -80.76 7.91
N PRO G 3640 -71.62 -81.10 8.63
CA PRO G 3640 -71.86 -80.51 9.95
C PRO G 3640 -70.84 -80.95 10.98
N LEU G 3641 -70.74 -80.13 12.03
CA LEU G 3641 -69.74 -80.37 13.07
C LEU G 3641 -69.98 -81.68 13.81
N TYR G 3642 -71.25 -82.07 13.97
CA TYR G 3642 -71.55 -83.28 14.75
C TYR G 3642 -71.17 -84.56 14.02
N ASN G 3643 -70.83 -84.49 12.73
CA ASN G 3643 -70.38 -85.67 12.01
C ASN G 3643 -68.87 -85.85 12.06
N LEU G 3644 -68.14 -84.90 12.65
CA LEU G 3644 -66.70 -85.02 12.76
C LEU G 3644 -66.31 -85.95 13.90
N PRO G 3645 -65.13 -86.58 13.81
CA PRO G 3645 -64.65 -87.38 14.94
C PRO G 3645 -64.41 -86.55 16.18
N THR G 3646 -64.54 -87.20 17.34
CA THR G 3646 -64.57 -86.50 18.61
C THR G 3646 -63.24 -85.84 18.95
N HIS G 3647 -62.12 -86.55 18.75
CA HIS G 3647 -60.82 -85.98 19.14
C HIS G 3647 -60.45 -84.75 18.31
N ARG G 3648 -60.74 -84.78 17.01
CA ARG G 3648 -60.48 -83.63 16.16
C ARG G 3648 -61.36 -82.45 16.56
N ALA G 3649 -62.63 -82.72 16.89
CA ALA G 3649 -63.50 -81.63 17.30
C ALA G 3649 -63.03 -81.06 18.63
N CYS G 3650 -62.51 -81.91 19.51
CA CYS G 3650 -61.99 -81.43 20.78
C CYS G 3650 -60.78 -80.53 20.55
N ASN G 3651 -59.90 -80.91 19.62
CA ASN G 3651 -58.74 -80.08 19.32
C ASN G 3651 -59.16 -78.73 18.76
N MET G 3652 -60.17 -78.72 17.89
CA MET G 3652 -60.66 -77.44 17.39
C MET G 3652 -61.30 -76.63 18.50
N PHE G 3653 -61.99 -77.31 19.43
CA PHE G 3653 -62.57 -76.58 20.55
C PHE G 3653 -61.49 -75.94 21.39
N LEU G 3654 -60.39 -76.66 21.64
CA LEU G 3654 -59.32 -76.11 22.46
C LEU G 3654 -58.70 -74.88 21.80
N GLU G 3655 -58.46 -74.95 20.49
CA GLU G 3655 -57.90 -73.79 19.80
C GLU G 3655 -58.86 -72.60 19.84
N SER G 3656 -60.15 -72.86 19.62
CA SER G 3656 -61.12 -71.76 19.65
C SER G 3656 -61.22 -71.18 21.05
N TYR G 3657 -61.21 -72.02 22.07
CA TYR G 3657 -61.37 -71.54 23.44
C TYR G 3657 -60.18 -70.69 23.81
N LYS G 3658 -58.98 -71.14 23.43
CA LYS G 3658 -57.78 -70.40 23.78
C LYS G 3658 -57.74 -69.08 23.04
N ALA G 3659 -58.24 -69.05 21.81
CA ALA G 3659 -58.20 -67.83 21.01
C ALA G 3659 -59.24 -66.82 21.47
N ALA G 3660 -60.41 -67.27 21.93
CA ALA G 3660 -61.51 -66.37 22.24
C ALA G 3660 -61.67 -66.03 23.72
N TRP G 3661 -61.15 -66.84 24.66
CA TRP G 3661 -61.45 -66.63 26.06
C TRP G 3661 -60.24 -66.42 26.96
N ILE G 3662 -59.10 -67.04 26.66
CA ILE G 3662 -57.96 -66.98 27.57
C ILE G 3662 -57.12 -65.73 27.35
N LEU G 3663 -56.75 -65.45 26.09
CA LEU G 3663 -55.94 -64.28 25.81
C LEU G 3663 -56.70 -62.99 26.14
N THR G 3664 -58.00 -62.96 25.88
CA THR G 3664 -58.78 -61.74 26.08
C THR G 3664 -58.85 -61.33 27.54
N GLU G 3665 -58.55 -62.24 28.47
CA GLU G 3665 -58.59 -61.91 29.88
C GLU G 3665 -57.49 -60.92 30.24
N ASP G 3666 -57.83 -59.95 31.10
CA ASP G 3666 -56.92 -58.90 31.53
C ASP G 3666 -56.54 -59.14 32.98
N HIS G 3667 -55.24 -59.24 33.25
CA HIS G 3667 -54.73 -59.44 34.61
C HIS G 3667 -53.51 -58.55 34.81
N SER G 3668 -53.68 -57.50 35.61
CA SER G 3668 -52.62 -56.54 35.89
C SER G 3668 -51.93 -56.91 37.20
N PHE G 3669 -50.70 -57.38 37.12
CA PHE G 3669 -49.91 -57.74 38.29
C PHE G 3669 -48.55 -57.07 38.35
N GLU G 3670 -48.18 -56.28 37.33
CA GLU G 3670 -46.84 -55.73 37.27
C GLU G 3670 -46.56 -54.76 38.41
N ASP G 3671 -47.53 -53.89 38.72
CA ASP G 3671 -47.34 -52.93 39.81
C ASP G 3671 -47.19 -53.65 41.15
N ARG G 3672 -48.01 -54.68 41.39
CA ARG G 3672 -47.92 -55.39 42.65
C ARG G 3672 -46.60 -56.13 42.75
N MET G 3673 -46.14 -56.70 41.64
CA MET G 3673 -44.89 -57.46 41.67
C MET G 3673 -43.71 -56.53 41.92
N ILE G 3674 -43.69 -55.37 41.24
CA ILE G 3674 -42.59 -54.44 41.45
C ILE G 3674 -42.61 -53.90 42.87
N ASP G 3675 -43.81 -53.64 43.41
CA ASP G 3675 -43.90 -53.16 44.78
C ASP G 3675 -43.38 -54.20 45.75
N ASP G 3676 -43.72 -55.47 45.53
CA ASP G 3676 -43.25 -56.52 46.42
C ASP G 3676 -41.73 -56.66 46.35
N LEU G 3677 -41.17 -56.56 45.15
CA LEU G 3677 -39.73 -56.73 44.98
C LEU G 3677 -38.93 -55.51 45.43
N SER G 3678 -39.57 -54.34 45.57
CA SER G 3678 -38.84 -53.13 45.93
C SER G 3678 -38.75 -52.88 47.43
N LYS G 3679 -39.27 -53.78 48.26
CA LYS G 3679 -39.29 -53.58 49.71
C LYS G 3679 -38.24 -54.46 50.38
N ALA G 3680 -37.44 -53.85 51.25
CA ALA G 3680 -36.56 -54.58 52.14
C ALA G 3680 -37.33 -54.95 53.40
N GLY G 3681 -36.64 -55.49 54.41
CA GLY G 3681 -37.34 -55.93 55.59
C GLY G 3681 -36.45 -56.30 56.77
N GLU G 3682 -36.77 -55.74 57.94
CA GLU G 3682 -36.19 -56.13 59.22
C GLU G 3682 -34.70 -56.42 59.11
N GLU G 3692 -22.93 -50.37 54.71
CA GLU G 3692 -23.22 -50.51 53.29
C GLU G 3692 -24.50 -51.33 53.13
N LYS G 3693 -25.50 -50.73 52.50
CA LYS G 3693 -26.81 -51.37 52.37
C LYS G 3693 -26.78 -52.37 51.23
N LYS G 3694 -26.94 -53.65 51.57
CA LYS G 3694 -26.94 -54.68 50.54
C LYS G 3694 -28.11 -54.46 49.59
N PRO G 3695 -27.93 -54.69 48.29
CA PRO G 3695 -29.00 -54.36 47.33
C PRO G 3695 -30.26 -55.17 47.57
N ASP G 3696 -31.40 -54.53 47.30
CA ASP G 3696 -32.69 -55.21 47.36
C ASP G 3696 -32.86 -56.11 46.14
N PRO G 3697 -33.84 -57.01 46.19
CA PRO G 3697 -33.98 -58.02 45.12
C PRO G 3697 -34.08 -57.46 43.71
N LEU G 3698 -34.78 -56.34 43.53
CA LEU G 3698 -34.85 -55.74 42.21
C LEU G 3698 -33.47 -55.25 41.77
N HIS G 3699 -32.71 -54.67 42.68
CA HIS G 3699 -31.38 -54.21 42.33
C HIS G 3699 -30.49 -55.39 41.96
N GLN G 3700 -30.61 -56.51 42.70
CA GLN G 3700 -29.81 -57.67 42.36
C GLN G 3700 -30.20 -58.23 40.99
N LEU G 3701 -31.49 -58.14 40.65
CA LEU G 3701 -31.93 -58.59 39.33
C LEU G 3701 -31.31 -57.74 38.23
N VAL G 3702 -31.29 -56.42 38.44
CA VAL G 3702 -30.71 -55.54 37.44
C VAL G 3702 -29.21 -55.77 37.33
N LEU G 3703 -28.54 -55.98 38.47
CA LEU G 3703 -27.10 -56.24 38.43
C LEU G 3703 -26.81 -57.54 37.68
N HIS G 3704 -27.68 -58.54 37.86
CA HIS G 3704 -27.50 -59.81 37.16
C HIS G 3704 -27.62 -59.63 35.65
N PHE G 3705 -28.62 -58.87 35.22
CA PHE G 3705 -28.76 -58.63 33.78
C PHE G 3705 -27.64 -57.76 33.24
N SER G 3706 -27.15 -56.80 34.02
CA SER G 3706 -25.98 -56.05 33.58
C SER G 3706 -24.75 -56.94 33.49
N ARG G 3707 -24.65 -57.95 34.35
CA ARG G 3707 -23.51 -58.85 34.31
C ARG G 3707 -23.54 -59.67 33.03
N THR G 3708 -24.72 -60.21 32.69
CA THR G 3708 -24.78 -61.02 31.48
C THR G 3708 -24.72 -60.15 30.24
N ALA G 3709 -25.03 -58.86 30.36
CA ALA G 3709 -24.86 -57.97 29.22
C ALA G 3709 -23.39 -57.61 29.01
N LEU G 3710 -22.63 -57.51 30.10
CA LEU G 3710 -21.21 -57.20 30.01
C LEU G 3710 -20.36 -58.43 29.74
N THR G 3711 -20.94 -59.62 29.82
CA THR G 3711 -20.15 -60.82 29.53
C THR G 3711 -19.65 -60.77 28.10
N GLU G 3712 -18.35 -61.01 27.92
CA GLU G 3712 -17.71 -60.92 26.62
C GLU G 3712 -18.02 -62.17 25.81
N LYS G 3713 -18.95 -62.04 24.85
CA LYS G 3713 -19.36 -63.18 24.00
C LYS G 3713 -19.69 -62.62 22.61
N SER G 3714 -19.41 -63.36 21.54
CA SER G 3714 -19.58 -62.87 20.18
C SER G 3714 -21.02 -62.43 19.92
N LYS G 3715 -21.99 -63.20 20.38
CA LYS G 3715 -23.40 -62.89 20.16
C LYS G 3715 -24.20 -63.20 21.42
N LEU G 3716 -25.14 -62.32 21.75
CA LEU G 3716 -25.97 -62.49 22.93
C LEU G 3716 -27.11 -63.45 22.64
N ASP G 3717 -27.21 -64.52 23.43
CA ASP G 3717 -28.26 -65.50 23.25
C ASP G 3717 -29.60 -64.96 23.73
N GLU G 3718 -30.67 -65.45 23.10
CA GLU G 3718 -32.03 -65.02 23.43
C GLU G 3718 -32.46 -65.61 24.77
N ASP G 3719 -33.02 -64.77 25.64
CA ASP G 3719 -33.49 -65.22 26.95
C ASP G 3719 -34.89 -64.68 27.24
N TYR G 3720 -35.86 -65.60 27.27
CA TYR G 3720 -37.25 -65.24 27.53
C TYR G 3720 -37.41 -64.62 28.91
N LEU G 3721 -36.57 -65.01 29.87
CA LEU G 3721 -36.69 -64.44 31.20
C LEU G 3721 -36.41 -62.95 31.17
N TYR G 3722 -35.35 -62.54 30.46
CA TYR G 3722 -35.06 -61.13 30.33
C TYR G 3722 -36.17 -60.42 29.57
N MET G 3723 -36.69 -61.04 28.50
CA MET G 3723 -37.77 -60.37 27.78
C MET G 3723 -38.99 -60.17 28.66
N ALA G 3724 -39.33 -61.18 29.46
CA ALA G 3724 -40.49 -61.09 30.35
C ALA G 3724 -40.31 -60.02 31.40
N TYR G 3725 -39.13 -59.95 32.01
CA TYR G 3725 -38.96 -58.95 33.05
C TYR G 3725 -38.81 -57.56 32.47
N ALA G 3726 -38.23 -57.43 31.28
CA ALA G 3726 -38.17 -56.13 30.63
C ALA G 3726 -39.56 -55.62 30.30
N ASP G 3727 -40.45 -56.51 29.83
CA ASP G 3727 -41.82 -56.09 29.57
C ASP G 3727 -42.54 -55.72 30.86
N ILE G 3728 -42.31 -56.48 31.94
CA ILE G 3728 -42.94 -56.16 33.22
C ILE G 3728 -42.48 -54.80 33.72
N MET G 3729 -41.17 -54.56 33.65
CA MET G 3729 -40.63 -53.29 34.10
C MET G 3729 -41.16 -52.13 33.26
N ALA G 3730 -41.24 -52.33 31.94
CA ALA G 3730 -41.76 -51.25 31.10
C ALA G 3730 -43.23 -50.98 31.38
N LYS G 3731 -44.03 -52.04 31.55
CA LYS G 3731 -45.45 -51.87 31.77
C LYS G 3731 -45.77 -51.33 33.16
N SER G 3732 -44.82 -51.41 34.09
CA SER G 3732 -45.08 -50.94 35.46
C SER G 3732 -44.73 -49.48 35.66
N CYS G 3733 -44.21 -48.78 34.65
CA CYS G 3733 -43.75 -47.41 34.83
C CYS G 3733 -44.69 -46.36 34.25
N HIS G 3734 -45.51 -46.70 33.25
CA HIS G 3734 -46.37 -45.70 32.63
C HIS G 3734 -47.76 -45.66 33.26
N LEU G 3735 -48.49 -46.77 33.22
CA LEU G 3735 -49.86 -46.83 33.73
C LEU G 3735 -50.69 -45.67 33.16
N VAL G 3751 -59.17 -31.82 32.21
CA VAL G 3751 -58.36 -32.36 33.30
C VAL G 3751 -57.81 -31.18 34.09
N SER G 3752 -58.01 -31.20 35.40
CA SER G 3752 -57.65 -30.05 36.21
C SER G 3752 -56.15 -30.02 36.49
N PHE G 3753 -55.70 -28.83 36.88
CA PHE G 3753 -54.28 -28.61 37.13
C PHE G 3753 -53.77 -29.53 38.23
N GLU G 3754 -54.60 -29.73 39.25
CA GLU G 3754 -54.15 -30.48 40.41
C GLU G 3754 -53.84 -31.92 40.03
N GLU G 3755 -54.78 -32.61 39.36
CA GLU G 3755 -54.47 -33.99 39.07
C GLU G 3755 -53.51 -34.15 37.89
N LYS G 3756 -53.38 -33.15 37.00
CA LYS G 3756 -52.32 -33.27 36.00
C LYS G 3756 -50.96 -33.31 36.69
N GLU G 3757 -50.78 -32.43 37.68
CA GLU G 3757 -49.53 -32.46 38.45
C GLU G 3757 -49.42 -33.71 39.30
N MET G 3758 -50.53 -34.21 39.81
CA MET G 3758 -50.47 -35.44 40.60
C MET G 3758 -50.01 -36.60 39.72
N GLU G 3759 -50.50 -36.65 38.47
CA GLU G 3759 -50.06 -37.65 37.51
C GLU G 3759 -48.58 -37.51 37.18
N LYS G 3760 -48.10 -36.28 37.00
CA LYS G 3760 -46.67 -36.12 36.70
C LYS G 3760 -45.83 -36.61 37.87
N GLN G 3761 -46.20 -36.25 39.10
CA GLN G 3761 -45.41 -36.70 40.25
C GLN G 3761 -45.45 -38.22 40.43
N ARG G 3762 -46.62 -38.85 40.21
CA ARG G 3762 -46.67 -40.30 40.29
C ARG G 3762 -45.82 -40.95 39.21
N LEU G 3763 -45.82 -40.38 38.01
CA LEU G 3763 -44.94 -40.89 36.95
C LEU G 3763 -43.49 -40.75 37.34
N LEU G 3764 -43.11 -39.61 37.94
CA LEU G 3764 -41.73 -39.42 38.33
C LEU G 3764 -41.32 -40.44 39.39
N TYR G 3765 -42.20 -40.71 40.35
CA TYR G 3765 -41.87 -41.69 41.39
C TYR G 3765 -41.68 -43.07 40.79
N GLN G 3766 -42.57 -43.47 39.87
CA GLN G 3766 -42.46 -44.78 39.25
C GLN G 3766 -41.19 -44.88 38.42
N GLN G 3767 -40.81 -43.83 37.71
CA GLN G 3767 -39.54 -43.85 37.01
C GLN G 3767 -38.35 -43.85 37.96
N SER G 3768 -38.48 -43.21 39.12
CA SER G 3768 -37.38 -43.18 40.07
C SER G 3768 -37.11 -44.56 40.64
N ARG G 3769 -38.16 -45.38 40.75
CA ARG G 3769 -37.96 -46.73 41.28
C ARG G 3769 -37.07 -47.56 40.38
N LEU G 3770 -36.98 -47.20 39.11
CA LEU G 3770 -36.18 -47.93 38.13
C LEU G 3770 -34.83 -47.27 37.93
N HIS G 3771 -34.83 -45.98 37.57
CA HIS G 3771 -33.57 -45.32 37.24
C HIS G 3771 -32.68 -45.14 38.45
N THR G 3772 -33.20 -45.30 39.67
CA THR G 3772 -32.32 -45.32 40.83
C THR G 3772 -31.66 -46.67 41.06
N ARG G 3773 -31.99 -47.68 40.25
CA ARG G 3773 -31.39 -49.00 40.38
C ARG G 3773 -30.65 -49.42 39.10
N GLY G 3774 -30.17 -48.47 38.31
CA GLY G 3774 -29.30 -48.79 37.19
C GLY G 3774 -29.96 -49.21 35.91
N ALA G 3775 -31.26 -48.99 35.75
CA ALA G 3775 -31.94 -49.44 34.55
C ALA G 3775 -31.42 -48.72 33.31
N ALA G 3776 -31.07 -47.45 33.44
CA ALA G 3776 -30.57 -46.70 32.28
C ALA G 3776 -29.26 -47.31 31.78
N GLU G 3777 -28.36 -47.64 32.70
CA GLU G 3777 -27.11 -48.26 32.28
C GLU G 3777 -27.37 -49.64 31.72
N MET G 3778 -28.35 -50.37 32.28
CA MET G 3778 -28.61 -51.69 31.76
C MET G 3778 -29.09 -51.59 30.31
N VAL G 3779 -29.92 -50.58 30.03
CA VAL G 3779 -30.43 -50.37 28.68
C VAL G 3779 -29.29 -50.06 27.72
N LEU G 3780 -28.38 -49.18 28.12
CA LEU G 3780 -27.26 -48.86 27.24
C LEU G 3780 -26.37 -50.06 27.00
N GLN G 3781 -26.09 -50.83 28.05
CA GLN G 3781 -25.23 -52.00 27.90
C GLN G 3781 -25.88 -53.05 27.00
N MET G 3782 -27.18 -53.28 27.15
CA MET G 3782 -27.86 -54.26 26.30
C MET G 3782 -27.88 -53.82 24.84
N ILE G 3783 -28.09 -52.52 24.61
CA ILE G 3783 -28.06 -52.01 23.24
C ILE G 3783 -26.67 -52.17 22.63
N SER G 3784 -25.62 -51.87 23.40
CA SER G 3784 -24.28 -52.07 22.87
C SER G 3784 -23.98 -53.54 22.66
N ALA G 3785 -24.59 -54.41 23.46
CA ALA G 3785 -24.33 -55.84 23.35
C ALA G 3785 -24.99 -56.44 22.12
N CYS G 3786 -26.15 -55.91 21.73
CA CYS G 3786 -26.84 -56.48 20.57
C CYS G 3786 -26.09 -56.26 19.26
N LYS G 3787 -25.18 -55.30 19.20
CA LYS G 3787 -24.33 -55.08 18.03
C LYS G 3787 -25.13 -54.84 16.76
N GLY G 3788 -26.29 -54.21 16.87
CA GLY G 3788 -27.04 -53.84 15.69
C GLY G 3788 -27.83 -54.95 15.05
N GLU G 3789 -28.11 -56.03 15.78
CA GLU G 3789 -28.90 -57.14 15.26
C GLU G 3789 -30.34 -56.97 15.75
N THR G 3790 -31.26 -56.71 14.82
CA THR G 3790 -32.70 -56.49 15.14
C THR G 3790 -33.29 -57.77 15.72
N GLY G 3791 -34.31 -57.67 16.56
CA GLY G 3791 -34.93 -58.84 17.21
C GLY G 3791 -35.80 -58.44 18.38
N ALA G 3792 -36.26 -59.40 19.18
CA ALA G 3792 -37.10 -59.14 20.35
C ALA G 3792 -36.28 -58.57 21.49
N MET G 3793 -34.99 -58.92 21.56
CA MET G 3793 -34.15 -58.42 22.65
C MET G 3793 -34.00 -56.91 22.54
N VAL G 3794 -33.65 -56.44 21.36
CA VAL G 3794 -33.45 -55.00 21.16
C VAL G 3794 -34.78 -54.28 21.24
N SER G 3795 -35.86 -54.89 20.73
CA SER G 3795 -37.15 -54.21 20.81
C SER G 3795 -37.60 -54.05 22.25
N SER G 3796 -37.40 -55.07 23.08
CA SER G 3796 -37.75 -54.96 24.50
C SER G 3796 -36.87 -53.92 25.19
N THR G 3797 -35.59 -53.88 24.84
CA THR G 3797 -34.72 -52.88 25.45
C THR G 3797 -35.16 -51.47 25.09
N LEU G 3798 -35.51 -51.25 23.82
CA LEU G 3798 -35.95 -49.94 23.38
C LEU G 3798 -37.26 -49.54 24.07
N LYS G 3799 -38.18 -50.49 24.20
CA LYS G 3799 -39.44 -50.20 24.88
C LYS G 3799 -39.20 -49.83 26.34
N LEU G 3800 -38.30 -50.54 27.01
CA LEU G 3800 -37.97 -50.20 28.39
C LEU G 3800 -37.34 -48.82 28.49
N GLY G 3801 -36.42 -48.51 27.57
CA GLY G 3801 -35.81 -47.20 27.58
C GLY G 3801 -36.81 -46.08 27.36
N ILE G 3802 -37.77 -46.29 26.47
CA ILE G 3802 -38.82 -45.28 26.29
C ILE G 3802 -39.65 -45.17 27.55
N SER G 3803 -39.94 -46.30 28.19
CA SER G 3803 -40.80 -46.28 29.37
C SER G 3803 -40.14 -45.49 30.49
N ILE G 3804 -38.82 -45.64 30.64
CA ILE G 3804 -38.09 -44.93 31.68
C ILE G 3804 -37.64 -43.54 31.26
N LEU G 3805 -37.79 -43.18 30.00
CA LEU G 3805 -37.40 -41.86 29.52
C LEU G 3805 -38.59 -40.97 29.18
N ASN G 3806 -39.81 -41.47 29.29
CA ASN G 3806 -40.97 -40.66 28.95
C ASN G 3806 -41.06 -39.44 29.86
N GLY G 3807 -41.33 -38.27 29.27
CA GLY G 3807 -41.32 -37.00 30.03
C GLY G 3807 -39.92 -36.40 30.06
N GLY G 3808 -38.99 -36.94 29.27
CA GLY G 3808 -37.60 -36.43 29.18
C GLY G 3808 -36.97 -36.21 30.53
N ASN G 3809 -37.04 -37.19 31.44
CA ASN G 3809 -36.43 -37.10 32.80
C ASN G 3809 -35.00 -36.57 32.68
N ALA G 3810 -34.68 -35.41 33.27
CA ALA G 3810 -33.34 -34.82 33.22
C ALA G 3810 -32.33 -35.69 33.96
N GLU G 3811 -32.76 -36.31 35.06
CA GLU G 3811 -31.84 -37.14 35.83
C GLU G 3811 -31.39 -38.35 35.03
N VAL G 3812 -32.32 -38.97 34.29
CA VAL G 3812 -31.96 -40.10 33.46
C VAL G 3812 -31.07 -39.65 32.30
N GLN G 3813 -31.35 -38.47 31.73
CA GLN G 3813 -30.51 -37.99 30.65
C GLN G 3813 -29.09 -37.74 31.15
N GLN G 3814 -28.96 -37.18 32.35
CA GLN G 3814 -27.65 -36.94 32.93
C GLN G 3814 -26.91 -38.25 33.20
N LYS G 3815 -27.61 -39.24 33.72
CA LYS G 3815 -26.97 -40.52 34.01
C LYS G 3815 -26.49 -41.20 32.73
N MET G 3816 -27.32 -41.18 31.69
CA MET G 3816 -26.91 -41.77 30.42
C MET G 3816 -25.71 -41.04 29.82
N LEU G 3817 -25.73 -39.71 29.86
CA LEU G 3817 -24.61 -38.97 29.28
C LEU G 3817 -23.33 -39.20 30.07
N ASP G 3818 -23.42 -39.22 31.40
CA ASP G 3818 -22.23 -39.47 32.19
C ASP G 3818 -21.68 -40.86 31.91
N TYR G 3819 -22.56 -41.87 31.85
CA TYR G 3819 -22.09 -43.23 31.62
C TYR G 3819 -21.41 -43.34 30.26
N LEU G 3820 -22.00 -42.72 29.23
CA LEU G 3820 -21.41 -42.78 27.90
C LEU G 3820 -20.06 -42.08 27.88
N LYS G 3821 -19.95 -40.95 28.58
CA LYS G 3821 -18.71 -40.19 28.50
C LYS G 3821 -17.60 -40.88 29.28
N ASP G 3822 -17.94 -41.54 30.38
CA ASP G 3822 -16.89 -42.21 31.14
C ASP G 3822 -16.47 -43.53 30.47
N LYS G 3823 -17.41 -44.25 29.88
CA LYS G 3823 -17.03 -45.51 29.22
C LYS G 3823 -16.32 -45.25 27.90
N LYS G 3824 -16.73 -44.24 27.15
CA LYS G 3824 -16.10 -43.91 25.87
C LYS G 3824 -16.18 -45.08 24.89
N GLU G 3825 -17.31 -45.79 24.91
CA GLU G 3825 -17.52 -46.92 24.01
C GLU G 3825 -18.22 -46.47 22.73
N VAL G 3826 -17.82 -47.07 21.61
CA VAL G 3826 -18.42 -46.77 20.32
C VAL G 3826 -19.47 -47.79 19.89
N GLY G 3827 -19.62 -48.90 20.61
CA GLY G 3827 -20.55 -49.93 20.21
C GLY G 3827 -21.97 -49.44 20.17
N PHE G 3828 -22.32 -48.49 21.05
CA PHE G 3828 -23.69 -48.00 21.13
C PHE G 3828 -24.09 -47.32 19.83
N PHE G 3829 -23.26 -46.41 19.35
CA PHE G 3829 -23.57 -45.69 18.13
C PHE G 3829 -23.35 -46.54 16.90
N GLN G 3830 -22.42 -47.49 16.93
CA GLN G 3830 -22.31 -48.43 15.82
C GLN G 3830 -23.57 -49.27 15.67
N SER G 3831 -24.13 -49.71 16.80
CA SER G 3831 -25.38 -50.45 16.77
C SER G 3831 -26.53 -49.58 16.27
N ILE G 3832 -26.58 -48.33 16.72
CA ILE G 3832 -27.66 -47.45 16.28
C ILE G 3832 -27.57 -47.23 14.77
N GLN G 3833 -26.36 -46.99 14.27
CA GLN G 3833 -26.19 -46.78 12.84
C GLN G 3833 -26.59 -48.01 12.05
N ALA G 3834 -26.20 -49.21 12.52
CA ALA G 3834 -26.57 -50.41 11.81
C ALA G 3834 -28.08 -50.61 11.80
N LEU G 3835 -28.74 -50.34 12.92
CA LEU G 3835 -30.19 -50.48 12.96
C LEU G 3835 -30.86 -49.52 11.99
N MET G 3836 -30.36 -48.28 11.93
CA MET G 3836 -30.94 -47.30 11.02
C MET G 3836 -30.70 -47.71 9.57
N GLN G 3837 -29.58 -48.38 9.30
CA GLN G 3837 -29.32 -48.84 7.95
C GLN G 3837 -30.17 -50.04 7.60
N THR G 3838 -30.61 -50.80 8.60
CA THR G 3838 -31.45 -51.97 8.37
C THR G 3838 -32.93 -51.66 8.42
N CYS G 3839 -33.33 -50.44 8.77
CA CYS G 3839 -34.75 -50.09 8.74
C CYS G 3839 -35.28 -50.15 7.32
N SER G 3840 -36.45 -50.75 7.15
CA SER G 3840 -37.05 -51.03 5.85
C SER G 3840 -38.02 -49.94 5.42
N VAL G 3841 -38.26 -49.89 4.11
CA VAL G 3841 -39.21 -48.97 3.49
C VAL G 3841 -40.16 -49.77 2.61
N LEU G 3842 -41.03 -49.06 1.89
CA LEU G 3842 -42.01 -49.67 1.01
C LEU G 3842 -41.32 -50.45 -0.12
N ASP G 3843 -42.07 -51.36 -0.73
CA ASP G 3843 -41.57 -52.17 -1.84
C ASP G 3843 -42.73 -52.47 -2.79
N LEU G 3844 -42.66 -51.92 -4.00
CA LEU G 3844 -43.74 -52.12 -4.96
C LEU G 3844 -43.74 -53.54 -5.51
N ASN G 3845 -42.57 -54.14 -5.69
CA ASN G 3845 -42.52 -55.53 -6.14
C ASN G 3845 -43.19 -56.46 -5.14
N ALA G 3846 -42.91 -56.25 -3.85
CA ALA G 3846 -43.57 -57.02 -2.81
C ALA G 3846 -45.07 -56.74 -2.78
N PHE G 3847 -45.46 -55.49 -2.99
CA PHE G 3847 -46.89 -55.19 -2.98
C PHE G 3847 -47.61 -55.89 -4.12
N GLU G 3848 -46.99 -55.89 -5.31
CA GLU G 3848 -47.58 -56.57 -6.46
C GLU G 3848 -47.65 -58.07 -6.22
N ARG G 3849 -46.61 -58.63 -5.61
CA ARG G 3849 -46.62 -60.06 -5.33
C ARG G 3849 -47.74 -60.39 -4.36
N GLN G 3850 -47.94 -59.54 -3.35
CA GLN G 3850 -48.99 -59.77 -2.38
C GLN G 3850 -50.36 -59.69 -3.05
N ASN G 3851 -50.50 -58.73 -3.97
CA ASN G 3851 -51.77 -58.57 -4.66
C ASN G 3851 -52.12 -59.81 -5.46
N LYS G 3852 -51.12 -60.39 -6.14
CA LYS G 3852 -51.36 -61.64 -6.85
C LYS G 3852 -51.65 -62.78 -5.87
N ALA G 3853 -50.94 -62.81 -4.74
CA ALA G 3853 -51.18 -63.90 -3.80
C ALA G 3853 -52.61 -63.86 -3.28
N GLU G 3854 -53.10 -62.66 -2.94
CA GLU G 3854 -54.47 -62.57 -2.46
C GLU G 3854 -55.45 -62.75 -3.61
N GLY G 3855 -55.01 -62.57 -4.86
CA GLY G 3855 -55.90 -62.82 -5.97
C GLY G 3855 -55.99 -64.28 -6.34
N LEU G 3856 -55.07 -65.09 -5.83
CA LEU G 3856 -55.13 -66.52 -6.12
C LEU G 3856 -56.25 -67.19 -5.33
N GLY G 3857 -56.39 -66.84 -4.05
CA GLY G 3857 -57.48 -67.35 -3.23
C GLY G 3857 -57.35 -68.81 -2.83
N LYS G 3873 -43.80 -59.06 3.58
CA LYS G 3873 -44.80 -58.00 3.69
C LYS G 3873 -44.18 -56.64 3.39
N VAL G 3874 -44.96 -55.59 3.61
CA VAL G 3874 -44.53 -54.21 3.34
C VAL G 3874 -44.42 -53.47 4.67
N MET G 3875 -43.20 -53.05 5.00
CA MET G 3875 -42.92 -52.27 6.21
C MET G 3875 -43.41 -53.00 7.46
N ALA G 3876 -42.86 -54.19 7.66
CA ALA G 3876 -43.24 -54.99 8.83
C ALA G 3876 -42.72 -54.36 10.13
N ASP G 3877 -41.52 -53.77 10.10
CA ASP G 3877 -40.87 -53.24 11.29
C ASP G 3877 -41.15 -51.76 11.51
N ASP G 3878 -42.33 -51.29 11.11
CA ASP G 3878 -42.66 -49.89 11.28
C ASP G 3878 -42.71 -49.50 12.75
N GLU G 3879 -43.23 -50.39 13.60
CA GLU G 3879 -43.25 -50.12 15.03
C GLU G 3879 -41.85 -50.02 15.61
N PHE G 3880 -40.93 -50.86 15.13
CA PHE G 3880 -39.56 -50.76 15.60
C PHE G 3880 -38.91 -49.46 15.16
N THR G 3881 -39.18 -49.04 13.92
CA THR G 3881 -38.62 -47.76 13.46
C THR G 3881 -39.16 -46.61 14.29
N GLN G 3882 -40.46 -46.67 14.59
CA GLN G 3882 -41.08 -45.59 15.36
C GLN G 3882 -40.51 -45.52 16.75
N ASP G 3883 -40.32 -46.67 17.41
CA ASP G 3883 -39.79 -46.60 18.77
C ASP G 3883 -38.31 -46.24 18.77
N LEU G 3884 -37.58 -46.59 17.72
CA LEU G 3884 -36.18 -46.18 17.63
C LEU G 3884 -36.05 -44.66 17.54
N PHE G 3885 -36.90 -44.04 16.73
CA PHE G 3885 -36.82 -42.59 16.64
C PHE G 3885 -37.49 -41.89 17.80
N ARG G 3886 -38.49 -42.52 18.44
CA ARG G 3886 -39.03 -41.95 19.66
C ARG G 3886 -37.95 -41.92 20.74
N PHE G 3887 -37.17 -42.99 20.84
CA PHE G 3887 -36.08 -43.04 21.81
C PHE G 3887 -35.04 -41.96 21.52
N LEU G 3888 -34.69 -41.79 20.23
CA LEU G 3888 -33.71 -40.75 19.90
C LEU G 3888 -34.27 -39.35 20.19
N GLN G 3889 -35.56 -39.15 19.93
CA GLN G 3889 -36.18 -37.86 20.24
C GLN G 3889 -36.16 -37.60 21.75
N LEU G 3890 -36.47 -38.62 22.55
CA LEU G 3890 -36.48 -38.45 23.99
C LEU G 3890 -35.10 -38.22 24.56
N LEU G 3891 -34.05 -38.66 23.86
CA LEU G 3891 -32.71 -38.34 24.31
C LEU G 3891 -32.40 -36.85 24.22
N CYS G 3892 -33.06 -36.13 23.31
CA CYS G 3892 -32.85 -34.70 23.16
C CYS G 3892 -34.01 -33.85 23.63
N GLU G 3893 -35.07 -34.45 24.15
CA GLU G 3893 -36.20 -33.66 24.63
C GLU G 3893 -35.77 -32.76 25.79
N GLY G 3894 -36.40 -31.60 25.87
CA GLY G 3894 -36.06 -30.61 26.87
C GLY G 3894 -34.91 -29.69 26.53
N HIS G 3895 -34.51 -29.63 25.26
CA HIS G 3895 -33.43 -28.75 24.82
C HIS G 3895 -32.13 -29.05 25.54
N ASN G 3896 -31.78 -30.34 25.57
CA ASN G 3896 -30.51 -30.78 26.16
C ASN G 3896 -29.40 -30.52 25.17
N ASN G 3897 -28.77 -29.34 25.28
CA ASN G 3897 -27.73 -28.96 24.34
C ASN G 3897 -26.52 -29.88 24.44
N ASP G 3898 -26.21 -30.35 25.65
CA ASP G 3898 -25.07 -31.23 25.82
C ASP G 3898 -25.27 -32.54 25.07
N PHE G 3899 -26.48 -33.10 25.18
CA PHE G 3899 -26.82 -34.37 24.50
C PHE G 3899 -26.95 -34.14 23.00
N GLN G 3900 -27.37 -32.96 22.53
CA GLN G 3900 -27.44 -32.67 21.09
C GLN G 3900 -26.05 -32.60 20.50
N ASN G 3901 -25.12 -31.94 21.20
CA ASN G 3901 -23.76 -31.89 20.71
C ASN G 3901 -23.11 -33.26 20.78
N TYR G 3902 -23.43 -34.06 21.81
CA TYR G 3902 -22.77 -35.35 21.90
C TYR G 3902 -23.22 -36.24 20.76
N LEU G 3903 -24.49 -36.12 20.37
CA LEU G 3903 -25.00 -36.88 19.23
C LEU G 3903 -24.32 -36.43 17.95
N ARG G 3904 -24.11 -35.13 17.79
CA ARG G 3904 -23.44 -34.67 16.58
C ARG G 3904 -21.99 -35.14 16.52
N THR G 3905 -21.28 -35.08 17.65
CA THR G 3905 -19.88 -35.47 17.68
C THR G 3905 -19.53 -36.00 19.07
N GLN G 3906 -18.67 -37.02 19.09
CA GLN G 3906 -18.15 -37.60 20.33
C GLN G 3906 -16.66 -37.25 20.39
N THR G 3907 -16.32 -36.26 21.21
CA THR G 3907 -14.94 -35.76 21.23
C THR G 3907 -13.98 -36.79 21.80
N GLY G 3908 -14.33 -37.40 22.93
CA GLY G 3908 -13.42 -38.31 23.60
C GLY G 3908 -13.27 -39.64 22.90
N ASN G 3909 -14.26 -40.04 22.11
CA ASN G 3909 -14.21 -41.34 21.45
C ASN G 3909 -13.21 -41.32 20.29
N THR G 3910 -12.71 -42.50 19.97
CA THR G 3910 -11.76 -42.63 18.87
C THR G 3910 -12.42 -42.36 17.52
N THR G 3911 -13.71 -42.71 17.38
CA THR G 3911 -14.45 -42.49 16.14
C THR G 3911 -15.75 -41.77 16.44
N THR G 3912 -16.20 -41.00 15.45
CA THR G 3912 -17.39 -40.17 15.57
C THR G 3912 -18.42 -40.58 14.52
N ILE G 3913 -19.68 -40.69 14.94
CA ILE G 3913 -20.79 -41.06 14.06
C ILE G 3913 -21.84 -39.96 14.12
N ASN G 3914 -22.23 -39.46 12.94
CA ASN G 3914 -23.23 -38.41 12.83
C ASN G 3914 -24.60 -39.04 12.59
N ILE G 3915 -25.40 -39.10 13.66
CA ILE G 3915 -26.74 -39.67 13.60
C ILE G 3915 -27.68 -38.84 12.72
N ILE G 3916 -27.46 -37.52 12.72
CA ILE G 3916 -28.31 -36.62 11.94
C ILE G 3916 -28.26 -36.94 10.45
N ILE G 3917 -27.07 -37.20 9.92
CA ILE G 3917 -26.99 -37.53 8.50
C ILE G 3917 -27.65 -38.87 8.22
N CYS G 3918 -27.50 -39.85 9.10
CA CYS G 3918 -28.15 -41.12 8.87
C CYS G 3918 -29.67 -40.96 8.85
N THR G 3919 -30.18 -40.07 9.70
CA THR G 3919 -31.60 -39.78 9.72
C THR G 3919 -32.05 -39.15 8.42
N VAL G 3920 -31.24 -38.22 7.88
CA VAL G 3920 -31.62 -37.60 6.62
C VAL G 3920 -31.59 -38.64 5.50
N ASP G 3921 -30.64 -39.56 5.55
CA ASP G 3921 -30.55 -40.59 4.52
C ASP G 3921 -31.80 -41.46 4.51
N TYR G 3922 -32.26 -41.85 5.70
CA TYR G 3922 -33.49 -42.63 5.76
C TYR G 3922 -34.69 -41.81 5.31
N LEU G 3923 -34.71 -40.52 5.65
CA LEU G 3923 -35.82 -39.67 5.22
C LEU G 3923 -35.88 -39.58 3.71
N LEU G 3924 -34.72 -39.49 3.06
CA LEU G 3924 -34.65 -39.46 1.60
C LEU G 3924 -35.18 -40.76 0.99
N ARG G 3925 -34.77 -41.91 1.55
CA ARG G 3925 -35.26 -43.18 1.01
C ARG G 3925 -36.77 -43.31 1.16
N LEU G 3926 -37.30 -42.87 2.31
CA LEU G 3926 -38.74 -42.90 2.52
C LEU G 3926 -39.46 -41.96 1.56
N GLN G 3927 -38.89 -40.77 1.32
CA GLN G 3927 -39.53 -39.84 0.40
C GLN G 3927 -39.59 -40.40 -1.01
N GLU G 3928 -38.50 -41.02 -1.47
CA GLU G 3928 -38.52 -41.59 -2.81
C GLU G 3928 -39.55 -42.71 -2.92
N SER G 3929 -39.67 -43.53 -1.87
CA SER G 3929 -40.68 -44.58 -1.89
C SER G 3929 -42.09 -44.01 -1.94
N ILE G 3930 -42.34 -42.94 -1.19
CA ILE G 3930 -43.66 -42.32 -1.20
C ILE G 3930 -43.97 -41.74 -2.58
N SER G 3931 -42.97 -41.12 -3.21
CA SER G 3931 -43.17 -40.58 -4.54
C SER G 3931 -43.49 -41.67 -5.55
N ASP G 3932 -42.78 -42.79 -5.49
CA ASP G 3932 -43.09 -43.89 -6.40
C ASP G 3932 -44.49 -44.44 -6.17
N PHE G 3933 -44.90 -44.52 -4.90
CA PHE G 3933 -46.24 -45.05 -4.54
C PHE G 3933 -47.32 -44.08 -5.04
N TYR G 3934 -47.07 -42.76 -5.04
CA TYR G 3934 -48.03 -41.81 -5.57
C TYR G 3934 -48.13 -41.95 -7.08
N TRP G 3935 -47.01 -42.05 -7.77
CA TRP G 3935 -47.13 -42.20 -9.21
C TRP G 3935 -47.82 -43.51 -9.59
N TYR G 3936 -47.60 -44.57 -8.83
CA TYR G 3936 -48.25 -45.83 -9.14
C TYR G 3936 -49.77 -45.69 -9.07
N TYR G 3937 -50.29 -44.98 -8.06
CA TYR G 3937 -51.74 -44.80 -7.96
C TYR G 3937 -52.27 -43.52 -8.59
N SER G 3938 -51.42 -42.68 -9.19
CA SER G 3938 -51.90 -41.44 -9.77
C SER G 3938 -52.87 -41.68 -10.91
N GLY G 3939 -52.56 -42.62 -11.80
CA GLY G 3939 -53.42 -42.83 -12.95
C GLY G 3939 -54.79 -43.35 -12.57
N LYS G 3940 -54.85 -44.29 -11.63
CA LYS G 3940 -56.11 -44.86 -11.20
C LYS G 3940 -56.88 -43.87 -10.33
N ASP G 3941 -58.20 -43.84 -10.53
CA ASP G 3941 -59.05 -42.93 -9.76
C ASP G 3941 -59.26 -43.42 -8.34
N VAL G 3942 -59.41 -44.74 -8.16
CA VAL G 3942 -59.75 -45.33 -6.88
C VAL G 3942 -58.49 -45.95 -6.26
N ILE G 3943 -58.34 -45.75 -4.95
CA ILE G 3943 -57.24 -46.29 -4.18
C ILE G 3943 -57.79 -47.29 -3.18
N GLU G 3944 -57.23 -48.49 -3.17
CA GLU G 3944 -57.76 -49.57 -2.34
C GLU G 3944 -57.29 -49.46 -0.89
N GLU G 3945 -57.85 -50.35 -0.06
CA GLU G 3945 -57.63 -50.30 1.37
C GLU G 3945 -56.16 -50.55 1.71
N GLN G 3946 -55.52 -51.52 1.06
CA GLN G 3946 -54.13 -51.81 1.39
C GLN G 3946 -53.24 -50.63 1.04
N GLY G 3947 -53.51 -49.97 -0.08
CA GLY G 3947 -52.73 -48.79 -0.42
C GLY G 3947 -52.94 -47.68 0.57
N LYS G 3948 -54.18 -47.50 1.03
CA LYS G 3948 -54.43 -46.46 2.01
C LYS G 3948 -53.72 -46.75 3.33
N ARG G 3949 -53.71 -48.02 3.75
CA ARG G 3949 -53.04 -48.39 4.99
C ARG G 3949 -51.53 -48.20 4.90
N ASN G 3950 -50.94 -48.56 3.76
CA ASN G 3950 -49.51 -48.36 3.60
C ASN G 3950 -49.15 -46.88 3.53
N PHE G 3951 -50.02 -46.08 2.92
CA PHE G 3951 -49.80 -44.64 2.94
C PHE G 3951 -49.86 -44.11 4.36
N SER G 3952 -50.83 -44.59 5.15
CA SER G 3952 -51.00 -44.07 6.49
C SER G 3952 -49.78 -44.39 7.36
N LYS G 3953 -49.27 -45.62 7.28
CA LYS G 3953 -48.12 -45.95 8.10
C LYS G 3953 -46.86 -45.26 7.62
N ALA G 3954 -46.72 -45.05 6.32
CA ALA G 3954 -45.57 -44.30 5.82
C ALA G 3954 -45.61 -42.85 6.29
N MET G 3955 -46.80 -42.24 6.28
CA MET G 3955 -46.92 -40.88 6.79
C MET G 3955 -46.65 -40.81 8.27
N SER G 3956 -47.07 -41.82 9.03
CA SER G 3956 -46.80 -41.81 10.46
C SER G 3956 -45.30 -41.87 10.74
N VAL G 3957 -44.58 -42.71 10.00
CA VAL G 3957 -43.13 -42.76 10.16
C VAL G 3957 -42.48 -41.44 9.76
N ALA G 3958 -42.93 -40.84 8.66
CA ALA G 3958 -42.35 -39.57 8.25
C ALA G 3958 -42.61 -38.49 9.29
N LYS G 3959 -43.78 -38.53 9.92
CA LYS G 3959 -44.10 -37.60 10.99
C LYS G 3959 -43.14 -37.77 12.16
N GLN G 3960 -42.85 -39.03 12.52
CA GLN G 3960 -41.96 -39.25 13.65
C GLN G 3960 -40.55 -38.76 13.33
N VAL G 3961 -40.10 -38.98 12.10
CA VAL G 3961 -38.76 -38.53 11.69
C VAL G 3961 -38.68 -37.01 11.71
N PHE G 3962 -39.72 -36.34 11.22
CA PHE G 3962 -39.74 -34.87 11.25
C PHE G 3962 -39.73 -34.35 12.69
N ASN G 3963 -40.48 -34.99 13.58
CA ASN G 3963 -40.46 -34.56 14.99
C ASN G 3963 -39.07 -34.77 15.59
N SER G 3964 -38.42 -35.88 15.26
CA SER G 3964 -37.06 -36.11 15.78
C SER G 3964 -36.09 -35.05 15.28
N LEU G 3965 -36.17 -34.69 14.00
CA LEU G 3965 -35.29 -33.65 13.49
C LEU G 3965 -35.59 -32.30 14.16
N THR G 3966 -36.87 -32.02 14.41
CA THR G 3966 -37.19 -30.77 15.10
C THR G 3966 -36.57 -30.76 16.49
N GLU G 3967 -36.63 -31.89 17.19
CA GLU G 3967 -36.05 -31.90 18.53
C GLU G 3967 -34.54 -31.81 18.45
N TYR G 3968 -33.96 -32.28 17.35
CA TYR G 3968 -32.51 -32.18 17.16
C TYR G 3968 -32.10 -30.73 17.05
N ILE G 3969 -32.89 -29.92 16.34
CA ILE G 3969 -32.42 -28.58 15.98
C ILE G 3969 -32.99 -27.49 16.87
N GLN G 3970 -34.00 -27.78 17.69
CA GLN G 3970 -34.49 -26.76 18.60
C GLN G 3970 -33.47 -26.51 19.71
N GLY G 3971 -33.59 -25.34 20.34
CA GLY G 3971 -32.73 -24.96 21.43
C GLY G 3971 -32.18 -23.54 21.33
N PRO G 3972 -31.71 -23.11 20.15
CA PRO G 3972 -31.35 -23.85 18.94
C PRO G 3972 -29.92 -24.37 18.98
N CYS G 3973 -29.57 -25.40 18.22
CA CYS G 3973 -28.21 -25.90 18.12
C CYS G 3973 -27.62 -25.46 16.77
N THR G 3974 -26.69 -24.50 16.83
CA THR G 3974 -26.13 -23.93 15.60
C THR G 3974 -25.36 -24.98 14.80
N GLY G 3975 -24.62 -25.86 15.50
CA GLY G 3975 -23.88 -26.88 14.80
C GLY G 3975 -24.79 -27.81 14.03
N ASN G 3976 -25.90 -28.20 14.64
CA ASN G 3976 -26.85 -29.07 13.97
C ASN G 3976 -27.54 -28.33 12.83
N GLN G 3977 -27.80 -27.03 13.00
CA GLN G 3977 -28.40 -26.27 11.92
C GLN G 3977 -27.49 -26.23 10.70
N GLN G 3978 -26.19 -26.00 10.92
CA GLN G 3978 -25.24 -26.00 9.81
C GLN G 3978 -25.12 -27.39 9.18
N SER G 3979 -25.15 -28.44 10.01
CA SER G 3979 -25.07 -29.79 9.47
C SER G 3979 -26.27 -30.10 8.59
N LEU G 3980 -27.46 -29.69 9.02
CA LEU G 3980 -28.64 -29.91 8.19
C LEU G 3980 -28.61 -29.05 6.94
N ALA G 3981 -28.08 -27.83 7.05
CA ALA G 3981 -28.04 -26.94 5.91
C ALA G 3981 -27.16 -27.51 4.81
N HIS G 3982 -26.08 -28.19 5.18
CA HIS G 3982 -25.19 -28.79 4.18
C HIS G 3982 -25.62 -30.19 3.76
N SER G 3983 -26.77 -30.68 4.22
CA SER G 3983 -27.22 -32.03 3.88
C SER G 3983 -28.14 -32.02 2.66
N ARG G 3984 -28.69 -33.21 2.35
CA ARG G 3984 -29.61 -33.41 1.24
C ARG G 3984 -31.07 -33.26 1.64
N LEU G 3985 -31.35 -32.56 2.74
CA LEU G 3985 -32.71 -32.41 3.24
C LEU G 3985 -33.61 -31.67 2.25
N TRP G 3986 -33.05 -30.70 1.53
CA TRP G 3986 -33.85 -29.91 0.60
C TRP G 3986 -34.45 -30.76 -0.53
N ASP G 3987 -33.71 -31.75 -1.02
CA ASP G 3987 -34.27 -32.63 -2.04
C ASP G 3987 -35.48 -33.39 -1.52
N ALA G 3988 -35.39 -33.88 -0.28
CA ALA G 3988 -36.51 -34.59 0.31
C ALA G 3988 -37.71 -33.67 0.49
N VAL G 3989 -37.47 -32.43 0.92
CA VAL G 3989 -38.57 -31.50 1.12
C VAL G 3989 -39.23 -31.18 -0.21
N VAL G 3990 -38.45 -31.01 -1.28
CA VAL G 3990 -39.01 -30.75 -2.59
C VAL G 3990 -39.89 -31.92 -3.04
N GLY G 3991 -39.42 -33.14 -2.85
CA GLY G 3991 -40.22 -34.29 -3.23
C GLY G 3991 -41.51 -34.38 -2.43
N PHE G 3992 -41.42 -34.09 -1.12
CA PHE G 3992 -42.62 -34.13 -0.31
C PHE G 3992 -43.61 -33.06 -0.73
N LEU G 3993 -43.12 -31.87 -1.07
CA LEU G 3993 -44.01 -30.82 -1.54
C LEU G 3993 -44.73 -31.20 -2.82
N HIS G 3994 -44.01 -31.87 -3.74
CA HIS G 3994 -44.63 -32.33 -4.97
C HIS G 3994 -45.72 -33.36 -4.70
N VAL G 3995 -45.44 -34.31 -3.81
CA VAL G 3995 -46.44 -35.34 -3.49
C VAL G 3995 -47.62 -34.72 -2.77
N PHE G 3996 -47.36 -33.81 -1.84
CA PHE G 3996 -48.46 -33.17 -1.10
C PHE G 3996 -49.36 -32.41 -2.06
N ALA G 3997 -48.76 -31.67 -2.99
CA ALA G 3997 -49.55 -30.84 -3.90
C ALA G 3997 -50.43 -31.71 -4.79
N HIS G 3998 -49.88 -32.79 -5.34
CA HIS G 3998 -50.70 -33.58 -6.26
C HIS G 3998 -51.73 -34.44 -5.51
N MET G 3999 -51.35 -34.97 -4.36
CA MET G 3999 -52.28 -35.79 -3.57
C MET G 3999 -53.44 -34.95 -3.03
N MET G 4000 -53.20 -33.71 -2.63
CA MET G 4000 -54.32 -32.90 -2.14
C MET G 4000 -55.38 -32.74 -3.22
N MET G 4001 -54.96 -32.44 -4.45
CA MET G 4001 -55.92 -32.31 -5.54
C MET G 4001 -56.60 -33.63 -5.86
N LYS G 4002 -55.87 -34.74 -5.84
CA LYS G 4002 -56.51 -36.00 -6.20
C LYS G 4002 -57.46 -36.47 -5.12
N LEU G 4003 -57.03 -36.41 -3.86
CA LEU G 4003 -57.81 -36.90 -2.72
C LEU G 4003 -59.02 -36.03 -2.44
N ALA G 4004 -58.96 -34.72 -2.77
CA ALA G 4004 -60.09 -33.87 -2.44
C ALA G 4004 -61.32 -34.12 -3.30
N GLN G 4005 -61.22 -34.92 -4.36
CA GLN G 4005 -62.35 -35.15 -5.25
C GLN G 4005 -63.28 -36.26 -4.76
N ASP G 4006 -62.97 -36.89 -3.63
CA ASP G 4006 -63.81 -37.94 -3.08
C ASP G 4006 -63.72 -37.94 -1.56
N SER G 4007 -64.87 -38.07 -0.91
CA SER G 4007 -64.96 -38.00 0.55
C SER G 4007 -64.53 -39.29 1.23
N SER G 4008 -64.37 -40.40 0.50
CA SER G 4008 -63.92 -41.64 1.11
C SER G 4008 -62.47 -41.59 1.57
N GLN G 4009 -61.70 -40.61 1.11
CA GLN G 4009 -60.28 -40.47 1.44
C GLN G 4009 -60.01 -39.25 2.32
N ILE G 4010 -61.03 -38.81 3.05
CA ILE G 4010 -60.88 -37.61 3.88
C ILE G 4010 -59.91 -37.86 5.03
N GLU G 4011 -59.94 -39.05 5.62
CA GLU G 4011 -59.02 -39.35 6.71
C GLU G 4011 -57.58 -39.34 6.24
N LEU G 4012 -57.33 -39.91 5.05
CA LEU G 4012 -56.00 -39.87 4.48
C LEU G 4012 -55.58 -38.44 4.16
N LEU G 4013 -56.52 -37.63 3.70
CA LEU G 4013 -56.19 -36.24 3.42
C LEU G 4013 -55.82 -35.51 4.70
N LYS G 4014 -56.53 -35.78 5.80
CA LYS G 4014 -56.19 -35.18 7.08
C LYS G 4014 -54.80 -35.58 7.54
N GLU G 4015 -54.44 -36.86 7.38
CA GLU G 4015 -53.10 -37.29 7.77
C GLU G 4015 -52.04 -36.63 6.90
N LEU G 4016 -52.32 -36.47 5.61
CA LEU G 4016 -51.35 -35.78 4.75
C LEU G 4016 -51.18 -34.34 5.21
N LEU G 4017 -52.29 -33.69 5.56
CA LEU G 4017 -52.23 -32.28 5.93
C LEU G 4017 -51.43 -32.09 7.20
N ASP G 4018 -51.64 -32.94 8.21
CA ASP G 4018 -50.87 -32.74 9.44
C ASP G 4018 -49.40 -33.12 9.24
N LEU G 4019 -49.10 -34.05 8.33
CA LEU G 4019 -47.70 -34.31 8.02
C LEU G 4019 -47.04 -33.08 7.38
N GLN G 4020 -47.77 -32.41 6.49
CA GLN G 4020 -47.24 -31.18 5.91
C GLN G 4020 -47.06 -30.11 6.97
N LYS G 4021 -48.00 -30.04 7.92
CA LYS G 4021 -47.88 -29.07 9.00
C LYS G 4021 -46.62 -29.32 9.81
N ASP G 4022 -46.34 -30.58 10.13
CA ASP G 4022 -45.14 -30.91 10.89
C ASP G 4022 -43.87 -30.55 10.12
N MET G 4023 -43.88 -30.75 8.80
CA MET G 4023 -42.72 -30.36 8.00
C MET G 4023 -42.52 -28.85 8.01
N VAL G 4024 -43.59 -28.08 7.89
CA VAL G 4024 -43.44 -26.62 7.92
C VAL G 4024 -42.98 -26.16 9.29
N VAL G 4025 -43.48 -26.78 10.36
CA VAL G 4025 -43.02 -26.44 11.70
C VAL G 4025 -41.52 -26.69 11.84
N MET G 4026 -41.03 -27.80 11.27
CA MET G 4026 -39.58 -28.02 11.27
C MET G 4026 -38.84 -26.94 10.50
N LEU G 4027 -39.39 -26.51 9.36
CA LEU G 4027 -38.74 -25.45 8.62
C LEU G 4027 -38.70 -24.15 9.42
N LEU G 4028 -39.78 -23.84 10.12
CA LEU G 4028 -39.78 -22.64 10.97
C LEU G 4028 -38.78 -22.78 12.09
N SER G 4029 -38.57 -24.01 12.58
CA SER G 4029 -37.59 -24.25 13.63
C SER G 4029 -36.17 -24.03 13.10
N LEU G 4030 -35.95 -24.32 11.82
CA LEU G 4030 -34.65 -24.06 11.21
C LEU G 4030 -34.31 -22.58 11.10
N LEU G 4031 -35.28 -21.68 11.21
CA LEU G 4031 -35.01 -20.26 11.11
C LEU G 4031 -34.80 -19.59 12.46
N GLU G 4032 -34.73 -20.35 13.55
CA GLU G 4032 -34.45 -19.76 14.84
C GLU G 4032 -33.04 -19.19 14.85
N GLY G 4033 -32.89 -17.98 15.39
CA GLY G 4033 -31.60 -17.34 15.43
C GLY G 4033 -31.04 -16.98 14.06
N ASN G 4034 -31.88 -16.50 13.17
CA ASN G 4034 -31.47 -16.18 11.81
C ASN G 4034 -31.09 -14.71 11.67
N VAL G 4035 -30.03 -14.45 10.91
CA VAL G 4035 -29.53 -13.11 10.68
C VAL G 4035 -29.82 -12.73 9.23
N VAL G 4036 -29.63 -11.43 8.95
CA VAL G 4036 -29.87 -10.92 7.60
C VAL G 4036 -28.92 -11.57 6.61
N ASN G 4037 -29.44 -11.93 5.44
CA ASN G 4037 -28.66 -12.54 4.37
C ASN G 4037 -27.99 -13.83 4.85
N GLY G 4038 -28.71 -14.59 5.68
CA GLY G 4038 -28.17 -15.85 6.15
C GLY G 4038 -28.12 -16.90 5.06
N MET G 4039 -27.13 -17.80 5.20
CA MET G 4039 -26.95 -18.85 4.20
C MET G 4039 -28.12 -19.82 4.21
N ILE G 4040 -28.67 -20.10 5.40
CA ILE G 4040 -29.83 -20.98 5.48
C ILE G 4040 -31.02 -20.33 4.80
N ALA G 4041 -31.24 -19.04 5.05
CA ALA G 4041 -32.37 -18.35 4.43
C ALA G 4041 -32.24 -18.33 2.92
N ARG G 4042 -31.04 -18.05 2.40
CA ARG G 4042 -30.89 -18.02 0.95
C ARG G 4042 -31.02 -19.41 0.34
N GLN G 4043 -30.56 -20.45 1.04
CA GLN G 4043 -30.76 -21.80 0.54
C GLN G 4043 -32.25 -22.13 0.51
N MET G 4044 -32.99 -21.71 1.53
CA MET G 4044 -34.42 -21.97 1.57
C MET G 4044 -35.15 -21.24 0.45
N VAL G 4045 -34.70 -20.02 0.15
CA VAL G 4045 -35.27 -19.27 -0.97
C VAL G 4045 -35.02 -19.99 -2.29
N ASP G 4046 -33.81 -20.52 -2.48
CA ASP G 4046 -33.54 -21.28 -3.69
C ASP G 4046 -34.43 -22.50 -3.78
N MET G 4047 -34.67 -23.15 -2.64
CA MET G 4047 -35.56 -24.31 -2.58
C MET G 4047 -36.99 -23.95 -2.95
N LEU G 4048 -37.47 -22.80 -2.45
CA LEU G 4048 -38.82 -22.36 -2.78
C LEU G 4048 -38.94 -22.04 -4.26
N VAL G 4049 -37.90 -21.41 -4.84
CA VAL G 4049 -37.95 -21.12 -6.26
C VAL G 4049 -37.98 -22.42 -7.05
N GLU G 4050 -37.18 -23.41 -6.64
CA GLU G 4050 -37.18 -24.68 -7.34
C GLU G 4050 -38.56 -25.34 -7.29
N SER G 4051 -39.29 -25.17 -6.17
CA SER G 4051 -40.60 -25.79 -5.97
C SER G 4051 -41.74 -24.78 -5.91
N SER G 4052 -41.70 -23.76 -6.77
CA SER G 4052 -42.69 -22.69 -6.74
C SER G 4052 -44.08 -23.13 -7.21
N SER G 4053 -44.14 -23.94 -8.27
CA SER G 4053 -45.44 -24.35 -8.81
C SER G 4053 -46.29 -25.15 -7.81
N ASN G 4054 -45.67 -26.06 -7.07
CA ASN G 4054 -46.44 -26.84 -6.10
C ASN G 4054 -46.93 -25.99 -4.94
N VAL G 4055 -46.10 -25.06 -4.47
CA VAL G 4055 -46.53 -24.19 -3.38
C VAL G 4055 -47.70 -23.32 -3.83
N GLU G 4056 -47.63 -22.79 -5.06
CA GLU G 4056 -48.74 -22.00 -5.57
C GLU G 4056 -50.03 -22.82 -5.65
N MET G 4057 -49.94 -24.08 -6.10
CA MET G 4057 -51.14 -24.91 -6.15
C MET G 4057 -51.70 -25.15 -4.76
N ILE G 4058 -50.82 -25.38 -3.78
CA ILE G 4058 -51.25 -25.59 -2.41
C ILE G 4058 -51.92 -24.34 -1.86
N LEU G 4059 -51.34 -23.17 -2.11
CA LEU G 4059 -51.96 -21.94 -1.65
C LEU G 4059 -53.32 -21.73 -2.31
N LYS G 4060 -53.46 -22.08 -3.60
CA LYS G 4060 -54.78 -21.94 -4.19
C LYS G 4060 -55.77 -22.95 -3.61
N PHE G 4061 -55.24 -24.02 -3.02
CA PHE G 4061 -56.10 -24.99 -2.36
C PHE G 4061 -56.61 -24.39 -1.06
N PHE G 4062 -55.72 -23.69 -0.35
CA PHE G 4062 -56.09 -23.16 0.96
C PHE G 4062 -57.05 -21.99 0.78
N ASP G 4063 -56.74 -21.09 -0.16
CA ASP G 4063 -57.56 -19.88 -0.30
C ASP G 4063 -58.93 -20.21 -0.85
N MET G 4064 -59.07 -21.24 -1.69
CA MET G 4064 -60.41 -21.53 -2.22
C MET G 4064 -61.38 -21.88 -1.10
N PHE G 4065 -60.95 -22.70 -0.15
CA PHE G 4065 -61.81 -23.08 0.97
C PHE G 4065 -61.89 -22.02 2.06
N LEU G 4066 -60.83 -21.21 2.21
CA LEU G 4066 -60.94 -20.06 3.10
C LEU G 4066 -61.97 -19.06 2.58
N LYS G 4067 -61.98 -18.83 1.27
CA LYS G 4067 -63.01 -17.97 0.67
C LYS G 4067 -64.38 -18.61 0.78
N LEU G 4068 -64.48 -19.92 0.61
CA LEU G 4068 -65.78 -20.57 0.74
C LEU G 4068 -66.35 -20.44 2.15
N LYS G 4069 -65.49 -20.47 3.18
CA LYS G 4069 -65.99 -20.39 4.55
C LYS G 4069 -66.68 -19.05 4.81
N ASP G 4070 -66.09 -17.95 4.34
CA ASP G 4070 -66.63 -16.60 4.52
C ASP G 4070 -67.70 -16.25 3.49
N ILE G 4071 -67.78 -16.95 2.36
CA ILE G 4071 -68.74 -16.58 1.26
C ILE G 4071 -70.16 -17.00 1.62
N VAL G 4072 -70.36 -18.09 2.38
CA VAL G 4072 -71.74 -18.60 2.65
C VAL G 4072 -72.64 -17.59 3.40
N GLY G 4073 -72.14 -16.67 4.23
CA GLY G 4073 -73.03 -15.68 4.88
C GLY G 4073 -73.67 -14.72 3.88
N SER G 4074 -74.96 -14.34 4.02
CA SER G 4074 -75.69 -13.47 3.06
C SER G 4074 -76.16 -14.27 1.83
N GLU G 4075 -75.23 -14.76 0.99
CA GLU G 4075 -75.57 -15.50 -0.25
C GLU G 4075 -76.32 -16.78 0.11
N ALA G 4076 -76.08 -17.37 1.26
CA ALA G 4076 -76.69 -18.66 1.67
C ALA G 4076 -78.16 -18.69 1.25
N PHE G 4077 -78.90 -17.60 1.51
CA PHE G 4077 -80.33 -17.49 1.15
C PHE G 4077 -80.46 -16.90 -0.26
N GLN G 4078 -79.63 -15.89 -0.58
CA GLN G 4078 -79.66 -15.21 -1.90
C GLN G 4078 -79.80 -16.26 -3.01
N ASP G 4079 -78.86 -17.20 -3.11
CA ASP G 4079 -78.90 -18.30 -4.12
C ASP G 4079 -78.22 -19.54 -3.52
N LEU G 4087 -80.75 -27.38 2.34
CA LEU G 4087 -80.28 -28.02 1.11
C LEU G 4087 -80.29 -27.03 -0.05
N ILE G 4088 -79.52 -27.31 -1.09
CA ILE G 4088 -79.43 -26.44 -2.25
C ILE G 4088 -78.99 -27.26 -3.45
N SER G 4089 -79.54 -26.94 -4.61
CA SER G 4089 -79.21 -27.62 -5.84
C SER G 4089 -77.88 -27.14 -6.41
N LYS G 4090 -77.30 -27.98 -7.28
CA LYS G 4090 -76.05 -27.62 -7.94
C LYS G 4090 -76.23 -26.39 -8.82
N LYS G 4091 -77.35 -26.30 -9.53
CA LYS G 4091 -77.64 -25.12 -10.34
C LYS G 4091 -77.76 -23.87 -9.49
N ASP G 4092 -78.42 -23.98 -8.33
CA ASP G 4092 -78.50 -22.85 -7.43
C ASP G 4092 -77.12 -22.45 -6.89
N PHE G 4093 -76.26 -23.42 -6.58
CA PHE G 4093 -74.90 -23.07 -6.16
C PHE G 4093 -74.16 -22.36 -7.28
N GLN G 4094 -74.36 -22.82 -8.51
CA GLN G 4094 -73.71 -22.21 -9.67
C GLN G 4094 -74.15 -20.77 -9.80
N LYS G 4095 -75.45 -20.51 -9.64
CA LYS G 4095 -75.94 -19.15 -9.78
C LYS G 4095 -75.63 -18.31 -8.55
N ALA G 4096 -75.31 -18.93 -7.42
CA ALA G 4096 -74.93 -18.13 -6.26
C ALA G 4096 -73.52 -17.60 -6.50
N MET G 4097 -72.65 -18.46 -7.02
CA MET G 4097 -71.26 -18.06 -7.19
C MET G 4097 -71.17 -17.07 -8.34
N ASP G 4098 -71.86 -17.37 -9.45
CA ASP G 4098 -71.80 -16.46 -10.59
C ASP G 4098 -72.53 -15.15 -10.31
N SER G 4099 -73.40 -15.09 -9.30
CA SER G 4099 -73.98 -13.83 -8.90
C SER G 4099 -72.97 -12.93 -8.19
N GLN G 4100 -71.91 -13.50 -7.63
CA GLN G 4100 -70.83 -12.74 -7.00
C GLN G 4100 -69.50 -13.24 -7.54
N LYS G 4101 -68.84 -12.43 -8.35
CA LYS G 4101 -67.61 -12.83 -9.04
C LYS G 4101 -66.44 -12.86 -8.06
N GLN G 4102 -66.29 -13.97 -7.36
CA GLN G 4102 -65.11 -14.23 -6.54
C GLN G 4102 -64.34 -15.46 -6.97
N PHE G 4103 -65.00 -16.46 -7.54
CA PHE G 4103 -64.36 -17.64 -8.11
C PHE G 4103 -64.53 -17.64 -9.62
N THR G 4104 -63.65 -18.35 -10.30
CA THR G 4104 -63.73 -18.47 -11.75
C THR G 4104 -64.37 -19.79 -12.15
N GLY G 4105 -64.41 -20.03 -13.46
CA GLY G 4105 -65.05 -21.18 -14.04
C GLY G 4105 -64.53 -22.50 -13.52
N PRO G 4106 -63.25 -22.79 -13.75
CA PRO G 4106 -62.70 -24.06 -13.26
C PRO G 4106 -62.81 -24.21 -11.76
N GLU G 4107 -62.67 -23.12 -11.00
CA GLU G 4107 -62.77 -23.24 -9.56
C GLU G 4107 -64.17 -23.66 -9.16
N ILE G 4108 -65.19 -23.09 -9.81
CA ILE G 4108 -66.56 -23.47 -9.51
C ILE G 4108 -66.81 -24.92 -9.91
N GLN G 4109 -66.29 -25.36 -11.06
CA GLN G 4109 -66.49 -26.75 -11.43
C GLN G 4109 -65.83 -27.68 -10.41
N PHE G 4110 -64.63 -27.33 -9.94
CA PHE G 4110 -63.98 -28.17 -8.92
C PHE G 4110 -64.79 -28.22 -7.64
N LEU G 4111 -65.34 -27.09 -7.20
CA LEU G 4111 -66.19 -27.11 -6.00
C LEU G 4111 -67.44 -27.95 -6.24
N LEU G 4112 -68.00 -27.88 -7.44
CA LEU G 4112 -69.15 -28.71 -7.75
C LEU G 4112 -68.80 -30.18 -7.65
N SER G 4113 -67.62 -30.56 -8.15
CA SER G 4113 -67.20 -31.96 -8.04
C SER G 4113 -67.02 -32.34 -6.58
N CYS G 4114 -66.42 -31.45 -5.79
CA CYS G 4114 -66.19 -31.68 -4.36
C CYS G 4114 -67.49 -31.68 -3.55
N SER G 4115 -68.59 -31.20 -4.13
CA SER G 4115 -69.82 -31.07 -3.36
C SER G 4115 -70.29 -32.39 -2.78
N GLU G 4116 -70.19 -33.48 -3.57
CA GLU G 4116 -70.71 -34.78 -3.17
C GLU G 4116 -72.22 -34.72 -2.92
N ALA G 4117 -72.98 -34.14 -3.86
CA ALA G 4117 -74.44 -33.94 -3.70
C ALA G 4117 -75.19 -35.21 -4.08
N ASP G 4118 -75.97 -35.78 -3.15
CA ASP G 4118 -76.78 -37.00 -3.41
C ASP G 4118 -78.10 -36.59 -4.06
N GLU G 4119 -78.40 -37.11 -5.26
CA GLU G 4119 -79.61 -36.66 -6.01
C GLU G 4119 -79.46 -35.15 -6.28
N ASN G 4120 -80.58 -34.41 -6.41
CA ASN G 4120 -80.56 -32.94 -6.65
C ASN G 4120 -80.73 -32.20 -5.33
N GLU G 4121 -80.51 -30.88 -5.33
CA GLU G 4121 -80.68 -30.05 -4.10
C GLU G 4121 -80.19 -30.80 -2.87
N MET G 4122 -78.91 -31.21 -2.86
CA MET G 4122 -78.40 -32.04 -1.73
C MET G 4122 -77.02 -31.54 -1.31
N ILE G 4123 -76.71 -30.26 -1.49
CA ILE G 4123 -75.42 -29.68 -1.00
C ILE G 4123 -75.66 -29.20 0.44
N ASN G 4124 -74.90 -29.70 1.41
CA ASN G 4124 -75.01 -29.33 2.82
C ASN G 4124 -73.88 -28.37 3.16
N PHE G 4125 -74.18 -27.06 3.13
CA PHE G 4125 -73.11 -26.07 3.22
C PHE G 4125 -72.44 -26.02 4.60
N GLU G 4126 -73.08 -26.53 5.66
CA GLU G 4126 -72.41 -26.51 6.96
C GLU G 4126 -71.18 -27.41 6.95
N GLU G 4127 -71.36 -28.67 6.50
CA GLU G 4127 -70.23 -29.55 6.45
C GLU G 4127 -69.33 -29.23 5.26
N PHE G 4128 -69.89 -28.66 4.19
CA PHE G 4128 -69.03 -28.31 3.07
C PHE G 4128 -68.03 -27.25 3.51
N ALA G 4129 -68.51 -26.25 4.25
CA ALA G 4129 -67.66 -25.17 4.74
C ALA G 4129 -66.69 -25.65 5.81
N ASN G 4130 -67.14 -26.57 6.68
CA ASN G 4130 -66.31 -27.00 7.81
C ASN G 4130 -65.44 -28.21 7.51
N ARG G 4131 -65.44 -28.74 6.30
CA ARG G 4131 -64.63 -29.93 6.03
C ARG G 4131 -63.13 -29.63 6.17
N PHE G 4132 -62.66 -28.53 5.59
CA PHE G 4132 -61.24 -28.23 5.51
C PHE G 4132 -60.82 -26.97 6.26
N GLN G 4133 -61.73 -26.33 6.99
CA GLN G 4133 -61.45 -25.00 7.52
C GLN G 4133 -60.27 -25.00 8.49
N GLU G 4134 -60.19 -26.00 9.38
CA GLU G 4134 -59.21 -25.93 10.47
C GLU G 4134 -57.79 -26.21 10.00
N PRO G 4135 -57.48 -27.39 9.44
CA PRO G 4135 -56.11 -27.64 9.03
C PRO G 4135 -55.63 -26.66 7.98
N ALA G 4136 -56.53 -26.27 7.08
CA ALA G 4136 -56.16 -25.29 6.06
C ALA G 4136 -55.74 -23.98 6.71
N ARG G 4137 -56.48 -23.55 7.74
CA ARG G 4137 -56.15 -22.31 8.41
C ARG G 4137 -54.80 -22.42 9.11
N ASP G 4138 -54.55 -23.53 9.80
CA ASP G 4138 -53.30 -23.67 10.53
C ASP G 4138 -52.10 -23.68 9.59
N ILE G 4139 -52.20 -24.43 8.49
CA ILE G 4139 -51.10 -24.50 7.55
C ILE G 4139 -50.93 -23.15 6.84
N GLY G 4140 -52.03 -22.49 6.51
CA GLY G 4140 -51.92 -21.21 5.84
C GLY G 4140 -51.22 -20.19 6.72
N PHE G 4141 -51.54 -20.20 8.02
CA PHE G 4141 -50.88 -19.28 8.93
C PHE G 4141 -49.40 -19.58 9.04
N ASN G 4142 -49.03 -20.86 9.14
CA ASN G 4142 -47.60 -21.17 9.26
C ASN G 4142 -46.84 -20.81 8.00
N VAL G 4143 -47.46 -21.03 6.83
CA VAL G 4143 -46.85 -20.61 5.56
C VAL G 4143 -46.70 -19.10 5.49
N ALA G 4144 -47.71 -18.37 5.96
CA ALA G 4144 -47.61 -16.91 5.98
C ALA G 4144 -46.49 -16.44 6.89
N VAL G 4145 -46.31 -17.09 8.04
CA VAL G 4145 -45.21 -16.72 8.92
C VAL G 4145 -43.88 -17.00 8.24
N LEU G 4146 -43.76 -18.15 7.58
CA LEU G 4146 -42.51 -18.50 6.92
C LEU G 4146 -42.15 -17.50 5.83
N LEU G 4147 -43.14 -17.12 5.01
CA LEU G 4147 -42.91 -16.16 3.95
C LEU G 4147 -42.59 -14.78 4.50
N THR G 4148 -43.27 -14.36 5.57
CA THR G 4148 -42.96 -13.07 6.16
C THR G 4148 -41.54 -13.04 6.70
N ASN G 4149 -41.11 -14.12 7.36
CA ASN G 4149 -39.76 -14.18 7.89
C ASN G 4149 -38.73 -14.11 6.78
N LEU G 4150 -38.96 -14.85 5.70
CA LEU G 4150 -37.99 -14.83 4.61
C LEU G 4150 -37.98 -13.47 3.94
N SER G 4151 -39.14 -12.85 3.77
CA SER G 4151 -39.19 -11.55 3.11
C SER G 4151 -38.46 -10.50 3.93
N GLU G 4152 -38.61 -10.57 5.25
CA GLU G 4152 -38.05 -9.53 6.17
C GLU G 4152 -36.59 -9.86 6.52
N HIS G 4153 -36.04 -11.02 6.11
CA HIS G 4153 -34.62 -11.30 6.30
C HIS G 4153 -33.82 -11.37 5.00
N VAL G 4154 -34.48 -11.45 3.85
CA VAL G 4154 -33.80 -11.36 2.56
C VAL G 4154 -34.55 -10.35 1.70
N PRO G 4155 -34.42 -9.04 1.98
CA PRO G 4155 -35.27 -8.05 1.32
C PRO G 4155 -34.85 -7.66 -0.08
N HIS G 4156 -33.68 -8.08 -0.55
CA HIS G 4156 -33.14 -7.66 -1.84
C HIS G 4156 -33.03 -8.81 -2.81
N ASP G 4157 -33.99 -9.75 -2.75
CA ASP G 4157 -34.01 -10.87 -3.67
C ASP G 4157 -35.16 -10.70 -4.67
N PRO G 4158 -34.90 -10.39 -5.93
CA PRO G 4158 -35.99 -10.23 -6.89
C PRO G 4158 -36.82 -11.49 -7.11
N ARG G 4159 -36.25 -12.66 -6.88
CA ARG G 4159 -36.97 -13.91 -7.12
C ARG G 4159 -38.06 -14.14 -6.11
N LEU G 4160 -38.03 -13.45 -4.98
CA LEU G 4160 -38.98 -13.66 -3.88
C LEU G 4160 -40.25 -12.83 -4.03
N ARG G 4161 -40.17 -11.72 -4.76
CA ARG G 4161 -41.35 -10.87 -4.91
C ARG G 4161 -42.45 -11.61 -5.66
N ASN G 4162 -42.08 -12.53 -6.55
CA ASN G 4162 -43.09 -13.30 -7.24
C ASN G 4162 -43.91 -14.12 -6.24
N PHE G 4163 -43.23 -14.74 -5.26
CA PHE G 4163 -43.97 -15.49 -4.24
C PHE G 4163 -44.83 -14.57 -3.39
N LEU G 4164 -44.33 -13.38 -3.03
CA LEU G 4164 -45.19 -12.49 -2.24
C LEU G 4164 -46.43 -12.10 -3.03
N GLU G 4165 -46.26 -11.78 -4.32
CA GLU G 4165 -47.39 -11.42 -5.15
C GLU G 4165 -48.38 -12.59 -5.29
N LEU G 4166 -47.86 -13.80 -5.46
CA LEU G 4166 -48.74 -14.96 -5.57
C LEU G 4166 -49.44 -15.29 -4.25
N ALA G 4167 -48.85 -14.90 -3.12
CA ALA G 4167 -49.42 -15.20 -1.81
C ALA G 4167 -49.98 -13.94 -1.12
N GLU G 4168 -50.30 -12.92 -1.91
CA GLU G 4168 -50.79 -11.67 -1.33
C GLU G 4168 -52.11 -11.86 -0.57
N SER G 4169 -53.04 -12.65 -1.11
CA SER G 4169 -54.31 -12.88 -0.44
C SER G 4169 -54.14 -13.61 0.89
N ILE G 4170 -53.28 -14.62 0.94
CA ILE G 4170 -53.06 -15.34 2.19
C ILE G 4170 -52.46 -14.40 3.24
N LEU G 4171 -51.46 -13.61 2.85
CA LEU G 4171 -50.86 -12.66 3.76
C LEU G 4171 -51.87 -11.62 4.22
N GLU G 4172 -52.72 -11.14 3.31
CA GLU G 4172 -53.72 -10.16 3.70
C GLU G 4172 -54.71 -10.76 4.67
N TYR G 4173 -55.11 -12.02 4.44
CA TYR G 4173 -56.08 -12.67 5.31
C TYR G 4173 -55.52 -12.85 6.71
N PHE G 4174 -54.26 -13.26 6.81
CA PHE G 4174 -53.66 -13.55 8.12
C PHE G 4174 -52.91 -12.35 8.71
N ARG G 4175 -52.99 -11.20 8.06
CA ARG G 4175 -52.33 -10.00 8.58
C ARG G 4175 -52.81 -9.58 9.97
N PRO G 4176 -54.12 -9.54 10.27
CA PRO G 4176 -54.55 -9.16 11.62
C PRO G 4176 -54.12 -10.12 12.72
N TYR G 4177 -53.75 -11.35 12.40
CA TYR G 4177 -53.39 -12.33 13.41
C TYR G 4177 -51.89 -12.57 13.54
N LEU G 4178 -51.08 -12.02 12.63
CA LEU G 4178 -49.62 -12.22 12.67
C LEU G 4178 -48.99 -11.14 13.53
N GLY G 4179 -48.76 -11.46 14.80
CA GLY G 4179 -48.11 -10.53 15.73
C GLY G 4179 -46.61 -10.71 15.70
N ARG G 4180 -45.89 -9.58 15.72
CA ARG G 4180 -44.43 -9.59 15.71
C ARG G 4180 -43.90 -8.66 16.79
N ILE G 4181 -42.89 -9.14 17.52
CA ILE G 4181 -42.23 -8.36 18.55
C ILE G 4181 -40.72 -8.50 18.39
N GLU G 4182 -39.99 -7.58 19.03
CA GLU G 4182 -38.53 -7.61 19.06
C GLU G 4182 -38.05 -7.78 20.49
N ILE G 4183 -37.10 -8.70 20.69
CA ILE G 4183 -36.54 -8.99 22.00
C ILE G 4183 -35.01 -8.96 21.90
N MET G 4184 -34.38 -8.81 23.06
CA MET G 4184 -32.92 -8.95 23.16
C MET G 4184 -32.62 -10.40 23.48
N GLY G 4185 -32.17 -11.15 22.47
CA GLY G 4185 -31.98 -12.58 22.61
C GLY G 4185 -30.74 -12.96 23.38
N ALA G 4186 -30.61 -14.27 23.60
CA ALA G 4186 -29.46 -14.80 24.32
C ALA G 4186 -28.17 -14.67 23.54
N SER G 4187 -28.24 -14.53 22.22
CA SER G 4187 -27.06 -14.37 21.37
C SER G 4187 -26.53 -12.95 21.38
N ARG G 4188 -26.94 -12.12 22.34
CA ARG G 4188 -26.51 -10.74 22.44
C ARG G 4188 -26.91 -9.94 21.21
N ARG G 4189 -28.01 -10.34 20.56
CA ARG G 4189 -28.51 -9.66 19.38
C ARG G 4189 -30.01 -9.55 19.45
N ILE G 4190 -30.55 -8.54 18.76
CA ILE G 4190 -31.98 -8.32 18.70
C ILE G 4190 -32.61 -9.33 17.75
N GLU G 4191 -33.60 -10.07 18.24
CA GLU G 4191 -34.30 -11.08 17.46
C GLU G 4191 -35.78 -10.74 17.37
N ARG G 4192 -36.37 -11.08 16.23
CA ARG G 4192 -37.78 -10.83 15.98
C ARG G 4192 -38.59 -12.12 16.09
N ILE G 4193 -39.65 -12.08 16.89
CA ILE G 4193 -40.48 -13.24 17.20
C ILE G 4193 -41.84 -13.03 16.58
N TYR G 4194 -42.32 -14.04 15.84
CA TYR G 4194 -43.63 -14.05 15.22
C TYR G 4194 -44.54 -15.04 15.94
N PHE G 4195 -45.75 -14.59 16.29
CA PHE G 4195 -46.72 -15.41 17.00
C PHE G 4195 -48.11 -15.09 16.48
N GLU G 4196 -49.10 -15.78 17.04
CA GLU G 4196 -50.49 -15.66 16.63
C GLU G 4196 -51.29 -14.90 17.68
N ILE G 4197 -52.08 -13.93 17.22
CA ILE G 4197 -52.95 -13.14 18.08
C ILE G 4197 -54.38 -13.61 17.85
N SER G 4198 -55.04 -14.03 18.93
CA SER G 4198 -56.38 -14.57 18.82
C SER G 4198 -57.41 -13.49 18.51
N GLU G 4199 -58.46 -13.91 17.78
CA GLU G 4199 -59.53 -12.99 17.43
C GLU G 4199 -60.24 -12.49 18.69
N THR G 4200 -60.48 -13.38 19.66
CA THR G 4200 -61.19 -12.97 20.85
C THR G 4200 -60.36 -11.94 21.62
N ASN G 4201 -59.06 -12.16 21.71
CA ASN G 4201 -58.18 -11.25 22.43
C ASN G 4201 -58.17 -9.89 21.76
N ARG G 4202 -58.12 -9.87 20.43
CA ARG G 4202 -58.13 -8.60 19.73
C ARG G 4202 -59.47 -7.89 19.89
N ALA G 4203 -60.57 -8.65 19.86
CA ALA G 4203 -61.90 -8.07 20.05
C ALA G 4203 -62.04 -7.45 21.44
N GLN G 4204 -61.53 -8.16 22.45
CA GLN G 4204 -61.57 -7.67 23.83
C GLN G 4204 -60.68 -6.44 24.03
N TRP G 4205 -59.58 -6.33 23.31
CA TRP G 4205 -58.69 -5.19 23.50
C TRP G 4205 -59.26 -3.83 23.09
N GLU G 4206 -60.25 -3.73 22.21
CA GLU G 4206 -60.68 -2.40 21.77
C GLU G 4206 -61.79 -1.80 22.62
N MET G 4207 -62.15 -2.40 23.76
CA MET G 4207 -63.20 -1.81 24.58
C MET G 4207 -62.75 -0.44 25.11
N PRO G 4208 -63.66 0.52 25.22
CA PRO G 4208 -63.26 1.87 25.63
C PRO G 4208 -62.64 1.96 27.01
N GLN G 4209 -63.11 1.12 27.95
CA GLN G 4209 -62.56 1.15 29.31
C GLN G 4209 -61.10 0.70 29.35
N VAL G 4210 -60.73 -0.31 28.55
CA VAL G 4210 -59.33 -0.71 28.53
C VAL G 4210 -58.46 0.39 27.95
N LYS G 4211 -58.92 1.06 26.88
CA LYS G 4211 -58.12 2.15 26.34
C LYS G 4211 -57.98 3.28 27.34
N GLU G 4212 -59.05 3.58 28.08
CA GLU G 4212 -58.94 4.61 29.10
C GLU G 4212 -57.97 4.21 30.20
N SER G 4213 -57.98 2.93 30.60
CA SER G 4213 -57.01 2.47 31.59
C SER G 4213 -55.59 2.60 31.06
N LYS G 4214 -55.40 2.30 29.77
CA LYS G 4214 -54.08 2.44 29.16
C LYS G 4214 -53.63 3.89 29.18
N ARG G 4215 -54.54 4.81 28.85
CA ARG G 4215 -54.20 6.23 28.85
C ARG G 4215 -53.84 6.70 30.25
N GLN G 4216 -54.59 6.24 31.26
CA GLN G 4216 -54.27 6.61 32.63
C GLN G 4216 -52.91 6.06 33.04
N PHE G 4217 -52.61 4.82 32.66
CA PHE G 4217 -51.32 4.24 33.00
C PHE G 4217 -50.19 5.02 32.34
N ILE G 4218 -50.36 5.37 31.07
CA ILE G 4218 -49.32 6.12 30.37
C ILE G 4218 -49.11 7.47 31.02
N PHE G 4219 -50.22 8.14 31.40
CA PHE G 4219 -50.09 9.43 32.04
C PHE G 4219 -49.35 9.31 33.36
N ASP G 4220 -49.66 8.25 34.12
CA ASP G 4220 -49.06 8.09 35.43
C ASP G 4220 -47.57 7.85 35.29
N VAL G 4221 -47.19 6.94 34.40
CA VAL G 4221 -45.79 6.57 34.26
C VAL G 4221 -44.98 7.72 33.69
N VAL G 4222 -45.57 8.49 32.76
CA VAL G 4222 -44.86 9.60 32.17
C VAL G 4222 -44.68 10.73 33.18
N ASN G 4223 -45.70 10.99 34.01
CA ASN G 4223 -45.65 12.11 34.92
C ASN G 4223 -44.82 11.80 36.15
N GLU G 4224 -45.21 10.78 36.92
CA GLU G 4224 -44.55 10.45 38.17
C GLU G 4224 -43.87 9.09 38.17
N GLY G 4225 -43.88 8.38 37.05
CA GLY G 4225 -43.21 7.10 36.99
C GLY G 4225 -41.70 7.24 36.96
N GLY G 4226 -41.02 6.15 37.32
CA GLY G 4226 -39.57 6.12 37.30
C GLY G 4226 -39.05 5.28 36.15
N GLU G 4227 -37.77 5.47 35.80
CA GLU G 4227 -37.21 4.74 34.68
C GLU G 4227 -36.86 3.30 35.03
N ALA G 4228 -36.43 3.04 36.27
CA ALA G 4228 -36.04 1.69 36.65
C ALA G 4228 -37.24 0.79 36.90
N GLU G 4229 -38.35 1.35 37.35
CA GLU G 4229 -39.57 0.59 37.62
C GLU G 4229 -40.58 0.68 36.49
N LYS G 4230 -40.23 1.35 35.40
CA LYS G 4230 -41.18 1.55 34.30
C LYS G 4230 -41.63 0.22 33.70
N MET G 4231 -40.70 -0.70 33.48
CA MET G 4231 -41.05 -1.96 32.85
C MET G 4231 -41.80 -2.86 33.82
N GLU G 4232 -41.43 -2.84 35.10
CA GLU G 4232 -42.17 -3.64 36.08
C GLU G 4232 -43.60 -3.14 36.21
N LEU G 4233 -43.80 -1.82 36.19
CA LEU G 4233 -45.15 -1.27 36.21
C LEU G 4233 -45.91 -1.67 34.95
N PHE G 4234 -45.24 -1.67 33.80
CA PHE G 4234 -45.91 -2.06 32.57
C PHE G 4234 -46.38 -3.50 32.64
N VAL G 4235 -45.53 -4.38 33.16
CA VAL G 4235 -45.91 -5.79 33.29
C VAL G 4235 -47.08 -5.95 34.26
N SER G 4236 -47.06 -5.23 35.37
CA SER G 4236 -48.18 -5.30 36.30
C SER G 4236 -49.47 -4.81 35.66
N PHE G 4237 -49.38 -3.77 34.83
CA PHE G 4237 -50.55 -3.32 34.07
C PHE G 4237 -51.04 -4.40 33.11
N CYS G 4238 -50.12 -5.11 32.46
CA CYS G 4238 -50.51 -6.19 31.57
C CYS G 4238 -51.23 -7.30 32.33
N GLU G 4239 -50.72 -7.66 33.50
CA GLU G 4239 -51.35 -8.70 34.30
C GLU G 4239 -52.75 -8.30 34.76
N ASP G 4240 -52.91 -7.04 35.17
CA ASP G 4240 -54.25 -6.58 35.56
C ASP G 4240 -55.19 -6.60 34.37
N THR G 4241 -54.71 -6.17 33.19
CA THR G 4241 -55.56 -6.16 32.01
C THR G 4241 -55.97 -7.57 31.63
N ILE G 4242 -55.05 -8.52 31.73
CA ILE G 4242 -55.35 -9.91 31.43
C ILE G 4242 -56.43 -10.42 32.37
N PHE G 4243 -56.31 -10.11 33.66
CA PHE G 4243 -57.32 -10.56 34.61
C PHE G 4243 -58.68 -9.95 34.29
N GLU G 4244 -58.70 -8.67 33.91
CA GLU G 4244 -59.99 -8.07 33.57
C GLU G 4244 -60.59 -8.69 32.31
N MET G 4245 -59.75 -9.06 31.35
CA MET G 4245 -60.28 -9.76 30.17
C MET G 4245 -60.88 -11.10 30.56
N GLN G 4246 -60.25 -11.81 31.49
CA GLN G 4246 -60.81 -13.07 31.95
C GLN G 4246 -62.15 -12.84 32.64
N ILE G 4247 -62.25 -11.80 33.46
CA ILE G 4247 -63.52 -11.51 34.14
C ILE G 4247 -64.61 -11.18 33.12
N ALA G 4248 -64.28 -10.36 32.12
CA ALA G 4248 -65.26 -10.01 31.10
C ALA G 4248 -65.70 -11.24 30.32
N ALA G 4249 -64.76 -12.15 30.03
CA ALA G 4249 -65.13 -13.38 29.33
C ALA G 4249 -66.04 -14.23 30.19
N GLN G 4250 -65.77 -14.29 31.49
CA GLN G 4250 -66.58 -15.09 32.39
C GLN G 4250 -68.00 -14.55 32.46
N ILE G 4251 -68.14 -13.23 32.58
CA ILE G 4251 -69.48 -12.66 32.71
C ILE G 4251 -70.20 -12.59 31.36
N SER G 4252 -69.48 -12.75 30.26
CA SER G 4252 -70.11 -12.70 28.95
C SER G 4252 -71.02 -13.90 28.75
N GLU G 4253 -72.05 -13.72 27.94
CA GLU G 4253 -73.03 -14.77 27.68
C GLU G 4253 -72.98 -15.19 26.21
N GLY G 4542 -80.50 -26.63 41.19
CA GLY G 4542 -80.05 -26.22 39.87
C GLY G 4542 -80.95 -25.18 39.24
N GLU G 4543 -82.26 -25.32 39.46
CA GLU G 4543 -83.20 -24.36 38.88
C GLU G 4543 -82.98 -22.99 39.47
N LEU G 4544 -82.72 -22.90 40.78
CA LEU G 4544 -82.51 -21.62 41.41
C LEU G 4544 -81.11 -21.09 41.08
N GLU G 4545 -80.14 -22.00 40.99
CA GLU G 4545 -78.76 -21.62 40.72
C GLU G 4545 -78.59 -20.98 39.34
N VAL G 4546 -79.23 -21.55 38.32
CA VAL G 4546 -79.10 -20.98 36.98
C VAL G 4546 -79.72 -19.60 36.89
N GLN G 4547 -80.82 -19.37 37.61
CA GLN G 4547 -81.42 -18.05 37.61
C GLN G 4547 -80.59 -17.08 38.46
N ARG G 4548 -79.97 -17.59 39.53
CA ARG G 4548 -79.14 -16.74 40.36
C ARG G 4548 -77.94 -16.24 39.58
N VAL G 4549 -77.28 -17.13 38.85
CA VAL G 4549 -76.11 -16.72 38.06
C VAL G 4549 -76.52 -15.83 36.90
N LYS G 4550 -77.66 -16.08 36.27
CA LYS G 4550 -78.11 -15.19 35.20
C LYS G 4550 -78.40 -13.78 35.74
N PHE G 4551 -79.04 -13.70 36.90
CA PHE G 4551 -79.32 -12.41 37.52
C PHE G 4551 -78.04 -11.69 37.92
N LEU G 4552 -77.09 -12.42 38.49
CA LEU G 4552 -75.83 -11.78 38.88
C LEU G 4552 -75.07 -11.27 37.67
N ASN G 4553 -75.05 -12.05 36.58
CA ASN G 4553 -74.38 -11.57 35.37
C ASN G 4553 -75.08 -10.35 34.80
N TYR G 4554 -76.42 -10.32 34.86
CA TYR G 4554 -77.16 -9.16 34.39
C TYR G 4554 -76.81 -7.91 35.19
N LEU G 4555 -76.72 -8.04 36.51
CA LEU G 4555 -76.34 -6.89 37.34
C LEU G 4555 -74.91 -6.45 37.05
N SER G 4556 -74.00 -7.40 36.86
CA SER G 4556 -72.62 -7.03 36.57
C SER G 4556 -72.52 -6.31 35.23
N ARG G 4557 -73.25 -6.78 34.24
CA ARG G 4557 -73.24 -6.14 32.93
C ARG G 4557 -73.84 -4.74 33.00
N ASN G 4558 -74.91 -4.55 33.78
CA ASN G 4558 -75.64 -3.29 33.82
C ASN G 4558 -75.34 -2.47 35.08
N PHE G 4559 -74.13 -2.58 35.63
CA PHE G 4559 -73.78 -1.82 36.83
C PHE G 4559 -73.79 -0.30 36.60
N TYR G 4560 -73.23 0.17 35.47
CA TYR G 4560 -73.12 1.61 35.21
C TYR G 4560 -74.45 2.25 34.85
N THR G 4561 -75.33 1.51 34.17
CA THR G 4561 -76.66 2.03 33.86
C THR G 4561 -77.46 2.26 35.12
N LEU G 4562 -77.34 1.36 36.09
CA LEU G 4562 -78.01 1.57 37.37
C LEU G 4562 -77.49 2.82 38.09
N ARG G 4563 -76.18 3.07 38.00
CA ARG G 4563 -75.62 4.30 38.60
C ARG G 4563 -76.19 5.56 37.94
N PHE G 4564 -76.30 5.56 36.62
CA PHE G 4564 -76.92 6.71 35.94
C PHE G 4564 -78.38 6.83 36.31
N LEU G 4565 -79.08 5.70 36.41
CA LEU G 4565 -80.50 5.75 36.77
C LEU G 4565 -80.69 6.32 38.16
N ALA G 4566 -79.81 5.94 39.10
CA ALA G 4566 -79.88 6.47 40.45
C ALA G 4566 -79.65 7.97 40.47
N LEU G 4567 -78.68 8.46 39.68
CA LEU G 4567 -78.48 9.91 39.61
C LEU G 4567 -79.70 10.63 39.05
N PHE G 4568 -80.31 10.06 38.00
CA PHE G 4568 -81.51 10.65 37.44
C PHE G 4568 -82.64 10.69 38.44
N LEU G 4569 -82.80 9.59 39.19
CA LEU G 4569 -83.87 9.55 40.19
C LEU G 4569 -83.61 10.56 41.29
N ALA G 4570 -82.33 10.78 41.63
CA ALA G 4570 -82.01 11.77 42.64
C ALA G 4570 -82.42 13.16 42.20
N PHE G 4571 -82.14 13.49 40.93
CA PHE G 4571 -82.56 14.79 40.42
C PHE G 4571 -84.08 14.92 40.38
N ALA G 4572 -84.78 13.85 40.00
CA ALA G 4572 -86.24 13.91 39.97
C ALA G 4572 -86.82 14.13 41.37
N ILE G 4573 -86.26 13.45 42.36
CA ILE G 4573 -86.73 13.62 43.73
C ILE G 4573 -86.48 15.05 44.22
N ASN G 4574 -85.28 15.58 43.95
CA ASN G 4574 -85.02 16.91 44.45
C ASN G 4574 -85.85 17.95 43.72
N PHE G 4575 -86.19 17.71 42.45
CA PHE G 4575 -87.11 18.59 41.74
C PHE G 4575 -88.48 18.59 42.37
N ILE G 4576 -88.95 17.41 42.79
CA ILE G 4576 -90.25 17.31 43.47
C ILE G 4576 -90.20 18.00 44.83
N LEU G 4577 -89.07 17.91 45.52
CA LEU G 4577 -88.94 18.48 46.86
C LEU G 4577 -89.05 20.00 46.89
N LEU G 4578 -88.91 20.68 45.76
CA LEU G 4578 -89.06 22.13 45.69
C LEU G 4578 -90.47 22.63 45.99
N PHE G 4579 -91.48 21.77 45.96
CA PHE G 4579 -92.86 22.18 46.20
C PHE G 4579 -93.30 22.03 47.65
N TYR G 4580 -92.39 21.68 48.55
CA TYR G 4580 -92.72 21.56 49.97
C TYR G 4580 -93.08 22.92 50.58
N LYS G 4581 -94.01 22.88 51.55
CA LYS G 4581 -94.54 24.06 52.21
C LYS G 4581 -94.80 23.75 53.68
N VAL G 4582 -94.35 24.65 54.55
CA VAL G 4582 -94.51 24.55 55.99
C VAL G 4582 -95.69 25.40 56.44
N SER G 4583 -96.55 24.83 57.29
CA SER G 4583 -97.72 25.55 57.78
C SER G 4583 -98.03 25.12 59.20
N ASP G 4584 -98.54 26.06 60.00
CA ASP G 4584 -98.88 25.74 61.38
C ASP G 4584 -100.00 24.70 61.46
N SER G 4585 -101.01 24.80 60.60
CA SER G 4585 -102.12 23.87 60.58
C SER G 4585 -101.96 22.86 59.45
N PRO G 4586 -102.51 21.64 59.61
CA PRO G 4586 -102.41 20.63 58.54
C PRO G 4586 -103.02 21.10 57.22
N MET G 4627 -95.97 23.53 66.98
CA MET G 4627 -96.00 22.42 66.04
C MET G 4627 -96.21 22.93 64.62
N VAL G 4628 -95.65 22.21 63.64
CA VAL G 4628 -95.75 22.58 62.24
C VAL G 4628 -95.97 21.32 61.41
N TYR G 4629 -96.46 21.53 60.19
CA TYR G 4629 -96.71 20.43 59.27
C TYR G 4629 -96.09 20.77 57.92
N TYR G 4630 -95.44 19.78 57.32
CA TYR G 4630 -94.79 19.92 56.02
C TYR G 4630 -95.62 19.19 54.99
N PHE G 4631 -96.06 19.89 53.94
CA PHE G 4631 -96.92 19.27 52.95
C PHE G 4631 -96.65 19.87 51.58
N LEU G 4632 -96.91 19.07 50.56
CA LEU G 4632 -96.84 19.56 49.19
C LEU G 4632 -98.00 20.51 48.89
N GLU G 4633 -97.75 21.47 48.01
CA GLU G 4633 -98.75 22.42 47.56
C GLU G 4633 -98.92 22.25 46.05
N GLU G 4634 -99.94 21.50 45.66
CA GLU G 4634 -100.16 21.22 44.25
C GLU G 4634 -101.63 20.95 43.99
N SER G 4635 -102.02 21.11 42.73
CA SER G 4635 -103.39 20.87 42.30
C SER G 4635 -103.58 19.52 41.62
N THR G 4636 -102.53 18.97 41.00
CA THR G 4636 -102.67 17.70 40.31
C THR G 4636 -102.85 16.54 41.29
N GLY G 4637 -102.05 16.51 42.34
CA GLY G 4637 -102.12 15.46 43.34
C GLY G 4637 -101.32 14.21 43.01
N TYR G 4638 -100.59 14.20 41.90
CA TYR G 4638 -99.84 13.01 41.48
C TYR G 4638 -98.41 12.99 42.00
N MET G 4639 -97.89 14.11 42.51
CA MET G 4639 -96.48 14.16 42.89
C MET G 4639 -96.19 13.34 44.14
N GLU G 4640 -97.08 13.33 45.13
CA GLU G 4640 -96.83 12.55 46.34
C GLU G 4640 -96.70 11.05 46.07
N PRO G 4641 -97.61 10.40 45.33
CA PRO G 4641 -97.36 8.99 44.98
C PRO G 4641 -96.12 8.83 44.14
N ALA G 4642 -95.83 9.80 43.27
CA ALA G 4642 -94.64 9.66 42.43
C ALA G 4642 -93.40 9.68 43.30
N LEU G 4643 -93.41 10.54 44.33
CA LEU G 4643 -92.28 10.63 45.25
C LEU G 4643 -92.09 9.31 45.99
N TRP G 4644 -93.19 8.69 46.42
CA TRP G 4644 -93.07 7.39 47.10
C TRP G 4644 -92.51 6.33 46.17
N CYS G 4645 -92.98 6.30 44.93
CA CYS G 4645 -92.49 5.33 43.96
C CYS G 4645 -91.02 5.56 43.63
N LEU G 4646 -90.64 6.82 43.44
CA LEU G 4646 -89.26 7.13 43.11
C LEU G 4646 -88.33 6.81 44.27
N SER G 4647 -88.78 7.06 45.50
CA SER G 4647 -87.95 6.75 46.66
C SER G 4647 -87.69 5.25 46.77
N LEU G 4648 -88.73 4.44 46.55
CA LEU G 4648 -88.53 2.99 46.57
C LEU G 4648 -87.64 2.54 45.42
N LEU G 4649 -87.83 3.10 44.23
CA LEU G 4649 -87.00 2.70 43.10
C LEU G 4649 -85.55 3.07 43.34
N HIS G 4650 -85.29 4.25 43.90
CA HIS G 4650 -83.91 4.66 44.19
C HIS G 4650 -83.26 3.73 45.21
N THR G 4651 -84.01 3.33 46.24
CA THR G 4651 -83.44 2.39 47.20
C THR G 4651 -83.10 1.06 46.56
N LEU G 4652 -84.00 0.58 45.69
CA LEU G 4652 -83.75 -0.68 45.00
C LEU G 4652 -82.53 -0.58 44.09
N VAL G 4653 -82.42 0.53 43.36
CA VAL G 4653 -81.30 0.69 42.43
C VAL G 4653 -79.99 0.75 43.20
N ALA G 4654 -79.97 1.46 44.34
CA ALA G 4654 -78.74 1.51 45.12
C ALA G 4654 -78.34 0.14 45.62
N PHE G 4655 -79.32 -0.67 46.03
CA PHE G 4655 -78.98 -2.03 46.46
C PHE G 4655 -78.43 -2.86 45.31
N LEU G 4656 -79.02 -2.71 44.11
CA LEU G 4656 -78.49 -3.47 42.99
C LEU G 4656 -77.11 -2.98 42.60
N CYS G 4657 -76.82 -1.69 42.80
CA CYS G 4657 -75.50 -1.17 42.51
C CYS G 4657 -74.46 -1.78 43.44
N ILE G 4658 -74.82 -1.93 44.72
CA ILE G 4658 -73.91 -2.53 45.68
C ILE G 4658 -73.62 -3.99 45.30
N ILE G 4659 -74.66 -4.73 44.92
CA ILE G 4659 -74.43 -6.11 44.50
C ILE G 4659 -73.58 -6.18 43.24
N GLY G 4660 -73.83 -5.30 42.27
CA GLY G 4660 -73.00 -5.29 41.07
C GLY G 4660 -71.55 -4.96 41.36
N TYR G 4661 -71.31 -4.06 42.33
CA TYR G 4661 -69.95 -3.71 42.64
C TYR G 4661 -69.24 -4.87 43.33
N ASN G 4662 -69.91 -5.47 44.31
CA ASN G 4662 -69.27 -6.52 45.08
C ASN G 4662 -69.13 -7.81 44.28
N CYS G 4663 -69.84 -7.94 43.16
CA CYS G 4663 -69.68 -9.07 42.27
C CYS G 4663 -68.84 -8.76 41.03
N LEU G 4664 -68.43 -7.50 40.84
CA LEU G 4664 -67.63 -7.13 39.68
C LEU G 4664 -66.21 -6.70 40.00
N LYS G 4665 -66.01 -5.85 41.01
CA LYS G 4665 -64.70 -5.24 41.22
C LYS G 4665 -63.88 -5.90 42.34
N VAL G 4666 -64.52 -6.48 43.34
CA VAL G 4666 -63.78 -7.05 44.46
C VAL G 4666 -62.76 -8.10 44.01
N PRO G 4667 -63.08 -8.99 43.07
CA PRO G 4667 -62.07 -9.99 42.65
C PRO G 4667 -60.77 -9.39 42.15
N LEU G 4668 -60.80 -8.25 41.48
CA LEU G 4668 -59.55 -7.62 41.08
C LEU G 4668 -58.74 -7.16 42.30
N VAL G 4669 -59.42 -6.62 43.31
CA VAL G 4669 -58.73 -6.15 44.51
C VAL G 4669 -58.06 -7.33 45.22
N ILE G 4670 -58.79 -8.44 45.34
CA ILE G 4670 -58.22 -9.62 45.98
C ILE G 4670 -57.08 -10.18 45.15
N PHE G 4671 -57.21 -10.18 43.83
CA PHE G 4671 -56.15 -10.68 42.98
C PHE G 4671 -54.87 -9.87 43.15
N LYS G 4672 -55.00 -8.55 43.16
CA LYS G 4672 -53.83 -7.69 43.29
C LYS G 4672 -53.18 -7.88 44.66
N ARG G 4673 -53.99 -7.96 45.72
CA ARG G 4673 -53.41 -8.08 47.04
C ARG G 4673 -52.72 -9.44 47.23
N GLU G 4674 -53.32 -10.52 46.74
CA GLU G 4674 -52.65 -11.82 46.82
C GLU G 4674 -51.39 -11.85 45.99
N LYS G 4675 -51.40 -11.19 44.82
CA LYS G 4675 -50.23 -11.19 43.97
C LYS G 4675 -49.06 -10.49 44.66
N GLU G 4676 -49.32 -9.29 45.18
CA GLU G 4676 -48.24 -8.54 45.80
C GLU G 4676 -47.78 -9.22 47.08
N LEU G 4677 -48.70 -9.84 47.83
CA LEU G 4677 -48.28 -10.54 49.03
C LEU G 4677 -47.39 -11.72 48.69
N ALA G 4678 -47.74 -12.48 47.65
CA ALA G 4678 -46.93 -13.63 47.29
C ALA G 4678 -45.54 -13.19 46.85
N ARG G 4679 -45.45 -12.12 46.06
CA ARG G 4679 -44.14 -11.70 45.59
C ARG G 4679 -43.30 -11.15 46.73
N LYS G 4680 -43.91 -10.43 47.67
CA LYS G 4680 -43.13 -9.95 48.81
C LYS G 4680 -42.71 -11.10 49.72
N LEU G 4681 -43.55 -12.13 49.80
CA LEU G 4681 -43.23 -13.34 50.56
C LEU G 4681 -42.03 -14.05 49.97
N GLU G 4682 -41.93 -14.11 48.66
CA GLU G 4682 -40.87 -14.89 48.04
C GLU G 4682 -39.60 -14.05 47.88
N PHE G 4683 -39.69 -12.93 47.20
CA PHE G 4683 -38.51 -12.14 46.89
C PHE G 4683 -38.07 -11.20 48.02
N ASP G 4684 -38.78 -11.16 49.16
CA ASP G 4684 -38.34 -10.29 50.25
C ASP G 4684 -38.29 -10.95 51.62
N GLY G 4685 -39.00 -12.05 51.85
CA GLY G 4685 -39.00 -12.67 53.16
C GLY G 4685 -39.57 -11.75 54.23
N LEU G 4686 -40.74 -11.18 53.94
CA LEU G 4686 -41.34 -10.21 54.84
C LEU G 4686 -41.65 -10.83 56.20
N TYR G 4687 -42.26 -12.01 56.21
CA TYR G 4687 -42.64 -12.70 57.44
C TYR G 4687 -41.64 -13.77 57.84
N ILE G 4688 -40.53 -13.89 57.12
CA ILE G 4688 -39.46 -14.81 57.47
C ILE G 4688 -38.27 -14.07 58.06
N THR G 4689 -37.91 -12.94 57.46
CA THR G 4689 -36.76 -12.15 57.86
C THR G 4689 -37.13 -10.77 58.35
N GLU G 4690 -37.96 -10.04 57.60
CA GLU G 4690 -38.15 -8.63 57.88
C GLU G 4690 -39.02 -8.41 59.11
N GLN G 4691 -40.07 -9.21 59.30
CA GLN G 4691 -41.04 -9.04 60.43
C GLN G 4691 -41.53 -7.59 60.45
N PRO G 4692 -42.52 -7.20 59.61
CA PRO G 4692 -42.98 -5.80 59.53
C PRO G 4692 -43.33 -5.19 60.90
N GLY G 4693 -43.18 -3.86 61.07
CA GLY G 4693 -43.41 -3.23 62.35
C GLY G 4693 -44.87 -3.23 62.74
N ASP G 4694 -45.13 -2.72 63.94
CA ASP G 4694 -46.50 -2.57 64.43
C ASP G 4694 -47.24 -1.41 63.79
N ASP G 4695 -46.58 -0.63 62.94
CA ASP G 4695 -47.22 0.49 62.26
C ASP G 4695 -47.75 0.12 60.88
N ASP G 4696 -47.59 -1.14 60.45
CA ASP G 4696 -48.08 -1.59 59.15
C ASP G 4696 -49.32 -2.44 59.39
N VAL G 4697 -50.48 -1.78 59.38
CA VAL G 4697 -51.74 -2.48 59.60
C VAL G 4697 -52.02 -3.44 58.46
N LYS G 4698 -51.62 -3.10 57.23
CA LYS G 4698 -51.83 -4.02 56.12
C LYS G 4698 -51.04 -5.31 56.32
N GLY G 4699 -49.78 -5.20 56.75
CA GLY G 4699 -49.00 -6.40 56.98
C GLY G 4699 -49.51 -7.19 58.16
N GLN G 4700 -49.91 -6.50 59.23
CA GLN G 4700 -50.38 -7.26 60.37
C GLN G 4700 -51.69 -7.95 60.06
N TRP G 4701 -52.54 -7.35 59.21
CA TRP G 4701 -53.77 -8.05 58.90
C TRP G 4701 -53.49 -9.18 57.93
N ASP G 4702 -52.46 -9.03 57.09
CA ASP G 4702 -52.15 -10.08 56.12
C ASP G 4702 -51.47 -11.26 56.78
N ARG G 4703 -51.05 -11.09 58.03
CA ARG G 4703 -50.43 -12.19 58.75
C ARG G 4703 -51.42 -13.33 58.99
N LEU G 4704 -52.71 -13.02 59.00
CA LEU G 4704 -53.76 -14.00 59.27
C LEU G 4704 -53.96 -15.00 58.14
N VAL G 4705 -53.56 -14.68 56.91
CA VAL G 4705 -53.84 -15.52 55.77
C VAL G 4705 -52.67 -16.42 55.38
N LEU G 4706 -51.54 -16.32 56.08
CA LEU G 4706 -50.37 -17.08 55.68
C LEU G 4706 -50.62 -18.58 55.71
N ASN G 4707 -51.29 -19.06 56.75
CA ASN G 4707 -51.50 -20.50 56.95
C ASN G 4707 -52.83 -20.99 56.40
N THR G 4708 -53.59 -20.13 55.72
CA THR G 4708 -54.87 -20.55 55.21
C THR G 4708 -54.68 -21.60 54.10
N PRO G 4709 -55.47 -22.67 54.09
CA PRO G 4709 -55.33 -23.67 53.03
C PRO G 4709 -55.63 -23.14 51.64
N SER G 4710 -56.41 -22.07 51.52
CA SER G 4710 -56.80 -21.54 50.22
C SER G 4710 -56.31 -20.11 50.05
N PHE G 4711 -55.06 -19.85 50.42
CA PHE G 4711 -54.52 -18.51 50.30
C PHE G 4711 -54.51 -18.02 48.86
N PRO G 4712 -54.00 -18.78 47.88
CA PRO G 4712 -54.02 -18.33 46.48
C PRO G 4712 -55.32 -18.70 45.77
N SER G 4713 -56.44 -18.08 46.17
CA SER G 4713 -57.75 -18.33 45.54
C SER G 4713 -57.89 -17.53 44.24
N ASN G 4714 -57.37 -16.29 44.20
CA ASN G 4714 -57.45 -15.40 43.01
C ASN G 4714 -56.16 -15.53 42.18
N TYR G 4715 -55.00 -15.23 42.77
CA TYR G 4715 -53.69 -15.26 42.08
C TYR G 4715 -53.47 -16.61 41.38
N TRP G 4716 -53.09 -16.60 40.09
CA TRP G 4716 -52.85 -17.85 39.31
C TRP G 4716 -51.72 -18.75 39.89
N ASP G 4717 -50.82 -18.24 40.73
CA ASP G 4717 -49.65 -19.02 41.23
C ASP G 4717 -50.04 -20.12 42.23
N LYS G 4718 -49.87 -21.40 41.87
CA LYS G 4718 -50.15 -22.55 42.78
C LYS G 4718 -48.86 -23.04 43.46
N PHE G 4719 -47.71 -22.46 43.13
CA PHE G 4719 -46.41 -22.93 43.68
C PHE G 4719 -45.81 -21.93 44.65
N VAL G 4720 -46.59 -21.02 45.22
CA VAL G 4720 -45.95 -19.99 46.07
C VAL G 4720 -45.36 -20.62 47.32
N LYS G 4721 -46.02 -21.60 47.96
CA LYS G 4721 -45.55 -22.21 49.19
C LYS G 4721 -44.35 -23.13 48.93
N ARG G 4722 -44.42 -23.91 47.84
CA ARG G 4722 -43.32 -24.79 47.48
C ARG G 4722 -42.05 -24.01 47.17
N LYS G 4723 -42.16 -22.91 46.44
CA LYS G 4723 -40.99 -22.13 46.09
C LYS G 4723 -40.39 -21.46 47.33
N VAL G 4724 -41.23 -20.94 48.21
CA VAL G 4724 -40.69 -20.32 49.42
C VAL G 4724 -40.01 -21.37 50.27
N LEU G 4725 -40.61 -22.55 50.37
CA LEU G 4725 -40.02 -23.63 51.16
C LEU G 4725 -38.68 -24.04 50.58
N ASP G 4726 -38.59 -24.14 49.25
CA ASP G 4726 -37.35 -24.56 48.62
C ASP G 4726 -36.28 -23.47 48.71
N LYS G 4727 -36.70 -22.22 48.84
CA LYS G 4727 -35.73 -21.13 48.88
C LYS G 4727 -35.21 -20.84 50.28
N HIS G 4728 -36.07 -20.89 51.30
CA HIS G 4728 -35.66 -20.55 52.66
C HIS G 4728 -35.68 -21.71 53.64
N GLY G 4729 -36.02 -22.92 53.21
CA GLY G 4729 -36.09 -24.03 54.15
C GLY G 4729 -34.74 -24.41 54.73
N ASP G 4730 -33.69 -24.39 53.90
CA ASP G 4730 -32.38 -24.84 54.37
C ASP G 4730 -31.77 -23.85 55.35
N ILE G 4731 -31.99 -22.55 55.17
CA ILE G 4731 -31.35 -21.56 56.02
C ILE G 4731 -32.20 -21.17 57.23
N PHE G 4732 -33.51 -21.37 57.18
CA PHE G 4732 -34.40 -20.99 58.27
C PHE G 4732 -35.13 -22.15 58.94
N GLY G 4733 -35.08 -23.34 58.38
CA GLY G 4733 -35.77 -24.48 58.97
C GLY G 4733 -36.99 -24.90 58.20
N ARG G 4734 -36.93 -26.08 57.60
CA ARG G 4734 -38.02 -26.59 56.78
C ARG G 4734 -39.27 -26.80 57.61
N GLU G 4735 -39.13 -27.39 58.80
CA GLU G 4735 -40.29 -27.62 59.65
C GLU G 4735 -40.91 -26.33 60.14
N ARG G 4736 -40.10 -25.31 60.40
CA ARG G 4736 -40.66 -24.03 60.85
C ARG G 4736 -41.36 -23.31 59.71
N ILE G 4737 -40.80 -23.39 58.50
CA ILE G 4737 -41.48 -22.80 57.35
C ILE G 4737 -42.80 -23.50 57.09
N ALA G 4738 -42.79 -24.84 57.16
CA ALA G 4738 -44.02 -25.60 56.94
C ALA G 4738 -45.07 -25.28 58.00
N GLU G 4739 -44.66 -25.13 59.26
CA GLU G 4739 -45.59 -24.74 60.30
C GLU G 4739 -46.16 -23.35 60.06
N LEU G 4740 -45.29 -22.41 59.65
CA LEU G 4740 -45.75 -21.04 59.39
C LEU G 4740 -46.75 -21.00 58.24
N LEU G 4741 -46.50 -21.77 57.18
CA LEU G 4741 -47.36 -21.77 56.00
C LEU G 4741 -48.45 -22.83 56.04
N GLY G 4742 -48.57 -23.58 57.12
CA GLY G 4742 -49.61 -24.58 57.21
C GLY G 4742 -49.50 -25.68 56.16
N MET G 4743 -48.29 -26.17 55.92
CA MET G 4743 -48.05 -27.22 54.94
C MET G 4743 -47.81 -28.54 55.64
N ASP G 4744 -48.32 -29.62 55.04
CA ASP G 4744 -48.13 -30.97 55.56
C ASP G 4744 -46.87 -31.55 54.95
N LEU G 4745 -45.84 -31.70 55.78
CA LEU G 4745 -44.52 -32.21 55.37
C LEU G 4745 -44.54 -33.69 54.99
N ALA G 4746 -45.69 -34.37 54.93
CA ALA G 4746 -45.69 -35.77 54.55
C ALA G 4746 -45.30 -35.96 53.08
N SER G 4747 -45.42 -34.93 52.26
CA SER G 4747 -45.07 -35.04 50.85
C SER G 4747 -44.59 -33.69 50.31
N SER G 4770 -66.86 -27.05 55.65
CA SER G 4770 -66.01 -27.12 54.47
C SER G 4770 -65.61 -25.73 53.98
N ILE G 4771 -66.17 -24.71 54.63
CA ILE G 4771 -65.90 -23.32 54.27
C ILE G 4771 -64.68 -22.84 55.06
N ASP G 4772 -63.72 -22.24 54.37
CA ASP G 4772 -62.52 -21.71 55.01
C ASP G 4772 -62.91 -20.41 55.71
N VAL G 4773 -63.32 -20.54 56.97
CA VAL G 4773 -63.84 -19.41 57.71
C VAL G 4773 -62.75 -18.35 57.88
N LYS G 4774 -61.52 -18.78 58.18
CA LYS G 4774 -60.45 -17.82 58.39
C LYS G 4774 -60.16 -17.04 57.11
N TYR G 4775 -60.20 -17.72 55.96
CA TYR G 4775 -60.01 -17.02 54.70
C TYR G 4775 -61.13 -16.03 54.45
N GLN G 4776 -62.37 -16.41 54.74
CA GLN G 4776 -63.49 -15.50 54.53
C GLN G 4776 -63.37 -14.28 55.43
N ILE G 4777 -62.92 -14.48 56.67
CA ILE G 4777 -62.68 -13.37 57.59
C ILE G 4777 -61.61 -12.45 57.06
N TRP G 4778 -60.52 -13.01 56.53
CA TRP G 4778 -59.47 -12.16 55.97
C TRP G 4778 -60.00 -11.38 54.77
N LYS G 4779 -60.77 -12.03 53.90
CA LYS G 4779 -61.27 -11.34 52.72
C LYS G 4779 -62.20 -10.20 53.14
N PHE G 4780 -63.06 -10.46 54.12
CA PHE G 4780 -63.98 -9.42 54.57
C PHE G 4780 -63.20 -8.29 55.23
N GLY G 4781 -62.11 -8.62 55.92
CA GLY G 4781 -61.26 -7.59 56.49
C GLY G 4781 -60.65 -6.71 55.42
N VAL G 4782 -60.27 -7.31 54.29
CA VAL G 4782 -59.69 -6.57 53.13
C VAL G 4782 -60.82 -5.73 52.54
N ILE G 4783 -62.07 -6.21 52.60
CA ILE G 4783 -63.27 -5.48 52.11
C ILE G 4783 -63.68 -4.47 53.19
N PHE G 4784 -64.51 -3.46 52.89
CA PHE G 4784 -64.96 -2.42 53.86
C PHE G 4784 -63.85 -1.39 54.05
N THR G 4785 -62.68 -1.59 53.45
CA THR G 4785 -61.53 -0.64 53.51
C THR G 4785 -61.43 0.06 52.15
N ASP G 4786 -62.22 -0.39 51.16
CA ASP G 4786 -62.20 0.17 49.82
C ASP G 4786 -63.06 1.42 49.78
N ASN G 4787 -62.50 2.49 49.23
CA ASN G 4787 -63.21 3.78 49.22
C ASN G 4787 -64.51 3.70 48.45
N SER G 4788 -64.51 3.02 47.29
CA SER G 4788 -65.73 2.95 46.49
C SER G 4788 -66.81 2.16 47.22
N PHE G 4789 -66.44 1.12 47.95
CA PHE G 4789 -67.46 0.32 48.62
C PHE G 4789 -68.04 1.11 49.78
N LEU G 4790 -67.18 1.80 50.52
CA LEU G 4790 -67.64 2.60 51.65
C LEU G 4790 -68.56 3.71 51.16
N TYR G 4791 -68.22 4.28 50.01
CA TYR G 4791 -69.08 5.30 49.40
C TYR G 4791 -70.44 4.72 49.06
N LEU G 4792 -70.48 3.52 48.48
CA LEU G 4792 -71.76 2.92 48.12
C LEU G 4792 -72.58 2.62 49.37
N GLY G 4793 -71.92 2.18 50.44
CA GLY G 4793 -72.62 1.94 51.68
C GLY G 4793 -73.20 3.22 52.27
N TRP G 4794 -72.43 4.30 52.18
CA TRP G 4794 -72.95 5.60 52.63
C TRP G 4794 -74.15 5.99 51.80
N TYR G 4795 -74.07 5.75 50.48
CA TYR G 4795 -75.17 6.12 49.59
C TYR G 4795 -76.43 5.39 50.00
N MET G 4796 -76.30 4.09 50.31
CA MET G 4796 -77.46 3.31 50.73
C MET G 4796 -78.00 3.81 52.05
N VAL G 4797 -77.11 4.12 53.00
CA VAL G 4797 -77.59 4.56 54.30
C VAL G 4797 -78.37 5.86 54.14
N MET G 4798 -77.85 6.78 53.33
CA MET G 4798 -78.55 8.04 53.15
C MET G 4798 -79.89 7.81 52.47
N SER G 4799 -79.93 6.87 51.53
CA SER G 4799 -81.18 6.54 50.85
C SER G 4799 -82.22 6.00 51.82
N LEU G 4800 -81.79 5.16 52.74
CA LEU G 4800 -82.71 4.64 53.75
C LEU G 4800 -83.18 5.74 54.69
N LEU G 4801 -82.27 6.63 55.08
CA LEU G 4801 -82.65 7.74 55.95
C LEU G 4801 -83.62 8.67 55.24
N GLY G 4802 -83.57 8.70 53.91
CA GLY G 4802 -84.49 9.53 53.17
C GLY G 4802 -85.95 9.17 53.39
N HIS G 4803 -86.23 7.89 53.60
CA HIS G 4803 -87.60 7.49 53.93
C HIS G 4803 -88.04 8.07 55.27
N TYR G 4804 -87.12 8.14 56.22
CA TYR G 4804 -87.44 8.80 57.50
C TYR G 4804 -87.69 10.28 57.29
N ASN G 4805 -86.73 10.98 56.68
CA ASN G 4805 -86.92 12.38 56.28
C ASN G 4805 -86.47 12.52 54.84
N ASN G 4806 -87.37 13.01 53.98
CA ASN G 4806 -87.08 13.07 52.55
C ASN G 4806 -85.93 14.01 52.22
N PHE G 4807 -85.65 14.98 53.08
CA PHE G 4807 -84.64 15.98 52.77
C PHE G 4807 -83.25 15.37 52.68
N PHE G 4808 -83.05 14.18 53.23
CA PHE G 4808 -81.75 13.53 53.14
C PHE G 4808 -81.39 13.17 51.71
N PHE G 4809 -82.38 13.05 50.84
CA PHE G 4809 -82.13 12.75 49.43
C PHE G 4809 -81.34 13.85 48.73
N ALA G 4810 -81.13 15.00 49.39
CA ALA G 4810 -80.33 16.06 48.81
C ALA G 4810 -78.87 15.65 48.68
N ALA G 4811 -78.37 14.85 49.63
CA ALA G 4811 -76.96 14.49 49.64
C ALA G 4811 -76.56 13.80 48.35
N HIS G 4812 -77.46 13.05 47.73
CA HIS G 4812 -77.12 12.28 46.54
C HIS G 4812 -76.72 13.19 45.38
N LEU G 4813 -77.11 14.46 45.40
CA LEU G 4813 -76.82 15.38 44.32
C LEU G 4813 -75.33 15.72 44.27
N LEU G 4814 -74.58 15.31 45.31
CA LEU G 4814 -73.12 15.49 45.36
C LEU G 4814 -72.46 14.32 44.61
N ASP G 4815 -73.23 13.56 43.81
CA ASP G 4815 -72.73 12.43 42.99
C ASP G 4815 -72.13 13.00 41.69
N ILE G 4816 -72.35 14.26 41.34
CA ILE G 4816 -71.87 14.78 40.02
C ILE G 4816 -70.42 15.28 40.18
N ALA G 4817 -69.99 15.60 41.41
CA ALA G 4817 -68.61 16.06 41.67
C ALA G 4817 -67.64 15.04 41.08
N MET G 4818 -67.97 13.76 41.21
CA MET G 4818 -67.12 12.68 40.63
C MET G 4818 -67.92 12.00 39.52
N GLY G 4819 -69.24 12.17 39.49
CA GLY G 4819 -70.11 11.54 38.46
C GLY G 4819 -69.57 11.78 37.07
N VAL G 4820 -69.48 13.03 36.64
CA VAL G 4820 -69.03 13.40 35.26
C VAL G 4820 -67.54 13.78 35.29
N LYS G 4821 -66.89 13.85 34.13
CA LYS G 4821 -65.43 14.17 34.06
C LYS G 4821 -65.05 15.62 34.34
N THR G 4822 -65.55 16.60 33.60
CA THR G 4822 -65.07 18.00 33.70
C THR G 4822 -65.18 18.67 35.07
N LEU G 4823 -66.07 18.23 35.95
CA LEU G 4823 -66.18 18.72 37.32
C LEU G 4823 -65.04 18.19 38.16
N ARG G 4824 -64.62 16.94 37.93
CA ARG G 4824 -63.52 16.40 38.71
C ARG G 4824 -62.23 17.16 38.43
N THR G 4825 -61.99 17.55 37.18
CA THR G 4825 -60.83 18.37 36.87
C THR G 4825 -60.91 19.75 37.52
N ILE G 4826 -62.09 20.36 37.53
CA ILE G 4826 -62.22 21.67 38.18
C ILE G 4826 -61.98 21.55 39.68
N LEU G 4827 -62.56 20.53 40.30
CA LEU G 4827 -62.32 20.40 41.72
C LEU G 4827 -60.87 20.02 42.01
N SER G 4828 -60.20 19.33 41.09
CA SER G 4828 -58.78 19.10 41.34
C SER G 4828 -58.02 20.42 41.25
N SER G 4829 -58.51 21.34 40.41
CA SER G 4829 -57.93 22.67 40.31
C SER G 4829 -58.21 23.53 41.52
N VAL G 4830 -59.15 23.12 42.38
CA VAL G 4830 -59.40 23.83 43.62
C VAL G 4830 -58.67 23.16 44.79
N THR G 4831 -58.66 21.83 44.82
CA THR G 4831 -58.01 21.06 45.88
C THR G 4831 -56.51 20.95 45.73
N HIS G 4832 -55.93 21.41 44.62
CA HIS G 4832 -54.48 21.30 44.46
C HIS G 4832 -53.74 22.00 45.58
N ASN G 4833 -54.17 23.20 45.97
CA ASN G 4833 -53.52 23.99 47.01
C ASN G 4833 -54.42 24.18 48.23
N GLY G 4834 -55.18 23.15 48.59
CA GLY G 4834 -56.09 23.26 49.71
C GLY G 4834 -55.38 23.48 51.03
N LYS G 4835 -54.27 22.78 51.23
CA LYS G 4835 -53.50 22.95 52.46
C LYS G 4835 -52.98 24.37 52.60
N GLN G 4836 -52.49 24.95 51.49
CA GLN G 4836 -52.05 26.33 51.54
C GLN G 4836 -53.21 27.28 51.81
N LEU G 4837 -54.39 26.99 51.27
CA LEU G 4837 -55.54 27.83 51.53
C LEU G 4837 -55.93 27.80 53.01
N VAL G 4838 -55.87 26.63 53.62
CA VAL G 4838 -56.20 26.51 55.03
C VAL G 4838 -55.17 27.27 55.88
N MET G 4839 -53.90 27.13 55.51
CA MET G 4839 -52.84 27.78 56.27
C MET G 4839 -52.96 29.29 56.16
N THR G 4840 -53.27 29.79 54.97
CA THR G 4840 -53.39 31.24 54.79
C THR G 4840 -54.62 31.78 55.52
N VAL G 4841 -55.65 30.95 55.68
CA VAL G 4841 -56.79 31.34 56.51
C VAL G 4841 -56.39 31.41 57.98
N GLY G 4842 -55.57 30.47 58.44
CA GLY G 4842 -55.07 30.57 59.80
C GLY G 4842 -54.21 31.79 60.03
N LEU G 4843 -53.40 32.16 59.04
CA LEU G 4843 -52.64 33.40 59.14
C LEU G 4843 -53.57 34.61 59.20
N LEU G 4844 -54.68 34.56 58.45
CA LEU G 4844 -55.66 35.64 58.52
C LEU G 4844 -56.24 35.74 59.92
N ALA G 4845 -56.50 34.59 60.54
CA ALA G 4845 -57.05 34.58 61.89
C ALA G 4845 -56.05 35.18 62.88
N VAL G 4846 -54.77 34.91 62.68
CA VAL G 4846 -53.78 35.44 63.61
C VAL G 4846 -53.69 36.96 63.48
N VAL G 4847 -53.66 37.45 62.24
CA VAL G 4847 -53.55 38.89 62.04
C VAL G 4847 -54.78 39.59 62.61
N VAL G 4848 -55.95 38.98 62.44
CA VAL G 4848 -57.17 39.56 62.99
C VAL G 4848 -57.11 39.56 64.51
N TYR G 4849 -56.52 38.52 65.11
CA TYR G 4849 -56.39 38.51 66.56
C TYR G 4849 -55.51 39.66 67.04
N LEU G 4850 -54.42 39.93 66.32
CA LEU G 4850 -53.55 41.04 66.72
C LEU G 4850 -54.29 42.38 66.63
N TYR G 4851 -55.08 42.54 65.57
CA TYR G 4851 -55.88 43.76 65.45
C TYR G 4851 -56.90 43.85 66.57
N THR G 4852 -57.50 42.72 66.94
CA THR G 4852 -58.46 42.71 68.03
C THR G 4852 -57.80 43.14 69.33
N VAL G 4853 -56.58 42.67 69.57
CA VAL G 4853 -55.90 43.02 70.81
C VAL G 4853 -55.66 44.51 70.86
N VAL G 4854 -55.24 45.09 69.73
CA VAL G 4854 -54.98 46.53 69.70
C VAL G 4854 -56.28 47.30 69.96
N ALA G 4855 -57.38 46.85 69.34
CA ALA G 4855 -58.65 47.55 69.50
C ALA G 4855 -59.10 47.49 70.94
N PHE G 4856 -58.99 46.30 71.55
CA PHE G 4856 -59.45 46.11 72.92
C PHE G 4856 -58.66 47.00 73.86
N ASN G 4857 -57.36 47.09 73.66
CA ASN G 4857 -56.51 47.89 74.54
C ASN G 4857 -56.79 49.39 74.39
N PHE G 4858 -56.95 49.89 73.16
CA PHE G 4858 -57.01 51.34 72.96
C PHE G 4858 -58.30 51.89 72.36
N PHE G 4859 -59.07 51.12 71.58
CA PHE G 4859 -60.18 51.67 70.80
C PHE G 4859 -61.55 51.15 71.25
N ARG G 4860 -61.74 50.95 72.55
CA ARG G 4860 -62.99 50.36 73.03
C ARG G 4860 -64.18 51.29 72.86
N LYS G 4861 -63.98 52.60 73.02
CA LYS G 4861 -65.10 53.54 73.02
C LYS G 4861 -65.87 53.55 71.72
N PHE G 4862 -65.24 53.20 70.60
CA PHE G 4862 -65.85 53.32 69.29
C PHE G 4862 -66.72 52.14 68.88
N TYR G 4863 -66.95 51.17 69.77
CA TYR G 4863 -67.68 49.97 69.42
C TYR G 4863 -69.07 49.93 70.04
N ASN G 4864 -69.73 51.09 70.15
CA ASN G 4864 -71.09 51.17 70.65
C ASN G 4864 -72.05 51.06 69.48
N LYS G 4865 -72.76 49.94 69.38
CA LYS G 4865 -73.66 49.65 68.27
C LYS G 4865 -75.13 49.73 68.70
N SER G 4866 -75.46 50.72 69.54
CA SER G 4866 -76.82 50.91 70.02
C SER G 4866 -77.30 52.30 69.60
N GLU G 4867 -78.41 52.34 68.87
CA GLU G 4867 -78.98 53.62 68.44
C GLU G 4867 -79.58 54.40 69.61
N ASP G 4868 -79.90 53.74 70.71
CA ASP G 4868 -80.48 54.39 71.87
C ASP G 4868 -79.41 54.69 72.91
N GLU G 4869 -79.73 55.63 73.80
CA GLU G 4869 -78.79 56.12 74.80
C GLU G 4869 -78.93 55.39 76.14
N ASP G 4870 -80.06 54.70 76.36
CA ASP G 4870 -80.30 54.05 77.64
C ASP G 4870 -79.89 52.58 77.65
N GLU G 4871 -79.73 51.95 76.48
CA GLU G 4871 -79.25 50.58 76.39
C GLU G 4871 -78.02 50.53 75.50
N PRO G 4872 -76.82 50.58 76.07
CA PRO G 4872 -75.61 50.51 75.23
C PRO G 4872 -75.22 49.08 74.93
N ASP G 4873 -74.85 48.84 73.67
CA ASP G 4873 -74.39 47.53 73.21
C ASP G 4873 -72.91 47.65 72.86
N MET G 4874 -72.07 47.55 73.88
CA MET G 4874 -70.63 47.64 73.69
C MET G 4874 -70.09 46.30 73.19
N LYS G 4875 -69.46 46.32 72.03
CA LYS G 4875 -68.93 45.11 71.40
C LYS G 4875 -67.47 44.83 71.76
N CYS G 4876 -66.83 45.71 72.52
CA CYS G 4876 -65.40 45.61 72.80
C CYS G 4876 -65.12 45.59 74.30
N ASP G 4877 -66.08 45.14 75.10
CA ASP G 4877 -65.85 44.93 76.51
C ASP G 4877 -65.32 43.54 76.82
N ASP G 4878 -65.29 42.64 75.85
CA ASP G 4878 -64.75 41.30 76.04
C ASP G 4878 -63.90 40.93 74.84
N MET G 4879 -62.80 40.22 75.10
CA MET G 4879 -61.89 39.82 74.03
C MET G 4879 -62.56 38.87 73.06
N MET G 4880 -63.32 37.90 73.57
CA MET G 4880 -63.99 36.94 72.68
C MET G 4880 -65.03 37.62 71.81
N THR G 4881 -65.80 38.54 72.40
CA THR G 4881 -66.78 39.26 71.61
C THR G 4881 -66.12 40.14 70.56
N CYS G 4882 -65.06 40.86 70.92
CA CYS G 4882 -64.42 41.72 69.94
C CYS G 4882 -63.77 40.92 68.82
N TYR G 4883 -63.14 39.79 69.16
CA TYR G 4883 -62.54 38.94 68.14
C TYR G 4883 -63.59 38.36 67.22
N LEU G 4884 -64.73 37.93 67.77
CA LEU G 4884 -65.81 37.44 66.92
C LEU G 4884 -66.34 38.55 66.03
N PHE G 4885 -66.44 39.76 66.56
CA PHE G 4885 -66.94 40.89 65.78
C PHE G 4885 -66.03 41.16 64.59
N HIS G 4886 -64.71 41.17 64.83
CA HIS G 4886 -63.78 41.42 63.75
C HIS G 4886 -63.81 40.29 62.73
N MET G 4887 -63.87 39.04 63.19
CA MET G 4887 -63.84 37.91 62.26
C MET G 4887 -65.13 37.81 61.47
N TYR G 4888 -66.23 38.33 62.00
CA TYR G 4888 -67.53 38.17 61.38
C TYR G 4888 -67.81 39.33 60.42
N VAL G 4889 -67.73 40.57 60.89
CA VAL G 4889 -68.10 41.70 60.05
C VAL G 4889 -66.92 42.40 59.39
N GLY G 4890 -65.73 42.35 59.99
CA GLY G 4890 -64.61 43.08 59.41
C GLY G 4890 -64.14 42.46 58.11
N VAL G 4891 -64.02 41.15 58.06
CA VAL G 4891 -63.54 40.50 56.84
C VAL G 4891 -64.58 40.60 55.74
N ARG G 4892 -65.85 40.40 56.09
CA ARG G 4892 -66.90 40.42 55.08
C ARG G 4892 -67.23 41.84 54.62
N ALA G 4893 -66.86 42.85 55.39
CA ALA G 4893 -67.12 44.22 54.98
C ALA G 4893 -66.19 44.63 53.84
N GLY G 4894 -66.72 45.45 52.93
CA GLY G 4894 -65.93 45.89 51.81
C GLY G 4894 -64.78 46.80 52.21
N GLY G 4895 -65.04 47.75 53.11
CA GLY G 4895 -64.03 48.69 53.54
C GLY G 4895 -63.41 48.32 54.87
N GLY G 4896 -63.62 47.09 55.31
CA GLY G 4896 -63.05 46.62 56.55
C GLY G 4896 -63.87 47.01 57.77
N ILE G 4897 -63.19 46.98 58.92
CA ILE G 4897 -63.82 47.31 60.19
C ILE G 4897 -64.25 48.77 60.23
N GLY G 4898 -63.52 49.63 59.51
CA GLY G 4898 -63.77 51.06 59.60
C GLY G 4898 -65.20 51.43 59.22
N ASP G 4899 -65.76 50.72 58.24
CA ASP G 4899 -67.11 51.05 57.81
C ASP G 4899 -68.10 50.88 58.95
N GLU G 4900 -67.99 49.77 59.68
CA GLU G 4900 -68.90 49.51 60.79
C GLU G 4900 -68.62 50.42 61.97
N ILE G 4901 -67.35 50.73 62.24
CA ILE G 4901 -67.00 51.45 63.45
C ILE G 4901 -67.44 52.92 63.33
N GLU G 4902 -67.56 53.56 64.48
CA GLU G 4902 -67.99 54.95 64.57
C GLU G 4902 -66.96 55.89 63.95
N ASP G 4903 -67.44 57.06 63.55
CA ASP G 4903 -66.58 58.05 62.92
C ASP G 4903 -65.53 58.52 63.92
N PRO G 4904 -64.25 58.55 63.55
CA PRO G 4904 -63.22 59.01 64.48
C PRO G 4904 -62.95 60.50 64.40
N ALA G 4905 -63.85 61.24 63.76
CA ALA G 4905 -63.61 62.65 63.51
C ALA G 4905 -63.79 63.46 64.80
N GLY G 4906 -63.11 64.61 64.83
CA GLY G 4906 -63.13 65.45 66.01
C GLY G 4906 -62.71 64.73 67.27
N ASP G 4907 -61.66 63.91 67.20
CA ASP G 4907 -61.15 63.19 68.36
C ASP G 4907 -59.63 63.26 68.35
N GLU G 4908 -59.05 63.11 69.53
CA GLU G 4908 -57.60 63.16 69.66
C GLU G 4908 -56.91 62.01 68.94
N TYR G 4909 -57.56 60.85 68.85
CA TYR G 4909 -56.98 59.66 68.25
C TYR G 4909 -57.40 59.47 66.80
N GLU G 4910 -57.80 60.56 66.13
CA GLU G 4910 -58.27 60.45 64.76
C GLU G 4910 -57.22 59.84 63.86
N LEU G 4911 -55.98 60.32 63.97
CA LEU G 4911 -54.93 59.82 63.07
C LEU G 4911 -54.64 58.36 63.35
N TYR G 4912 -54.64 57.98 64.63
CA TYR G 4912 -54.35 56.60 64.96
C TYR G 4912 -55.43 55.69 64.38
N ARG G 4913 -56.69 56.13 64.44
CA ARG G 4913 -57.77 55.29 63.95
C ARG G 4913 -57.77 55.21 62.43
N VAL G 4914 -57.44 56.30 61.74
CA VAL G 4914 -57.33 56.24 60.29
C VAL G 4914 -56.22 55.27 59.88
N VAL G 4915 -55.09 55.30 60.61
CA VAL G 4915 -54.02 54.37 60.31
C VAL G 4915 -54.48 52.94 60.56
N PHE G 4916 -55.20 52.71 61.64
CA PHE G 4916 -55.69 51.37 61.96
C PHE G 4916 -56.60 50.85 60.86
N ASP G 4917 -57.52 51.69 60.40
CA ASP G 4917 -58.49 51.27 59.38
C ASP G 4917 -57.82 51.05 58.04
N ILE G 4918 -56.82 51.87 57.70
CA ILE G 4918 -56.23 51.77 56.37
C ILE G 4918 -55.29 50.59 56.32
N THR G 4919 -54.53 50.36 57.40
CA THR G 4919 -53.63 49.23 57.42
C THR G 4919 -54.44 47.94 57.42
N PHE G 4920 -55.63 47.95 58.03
CA PHE G 4920 -56.41 46.72 58.09
C PHE G 4920 -57.07 46.47 56.75
N PHE G 4921 -57.46 47.53 56.04
CA PHE G 4921 -58.02 47.37 54.71
C PHE G 4921 -56.98 46.84 53.75
N PHE G 4922 -55.76 47.38 53.80
CA PHE G 4922 -54.71 46.93 52.90
C PHE G 4922 -54.30 45.49 53.19
N PHE G 4923 -53.87 45.21 54.42
CA PHE G 4923 -53.35 43.89 54.73
C PHE G 4923 -54.42 42.81 54.63
N VAL G 4924 -55.64 43.07 55.08
CA VAL G 4924 -56.62 41.98 55.18
C VAL G 4924 -57.43 41.83 53.90
N ILE G 4925 -58.07 42.91 53.47
CA ILE G 4925 -59.05 42.82 52.39
C ILE G 4925 -58.37 42.52 51.06
N VAL G 4926 -57.26 43.18 50.77
CA VAL G 4926 -56.68 43.17 49.43
C VAL G 4926 -55.69 42.02 49.24
N ILE G 4927 -54.69 41.96 50.11
CA ILE G 4927 -53.54 41.10 49.87
C ILE G 4927 -53.89 39.63 50.10
N LEU G 4928 -54.45 39.32 51.27
CA LEU G 4928 -54.70 37.93 51.63
C LEU G 4928 -55.75 37.27 50.73
N LEU G 4929 -56.74 38.03 50.26
CA LEU G 4929 -57.71 37.47 49.32
C LEU G 4929 -57.13 37.29 47.92
N ALA G 4930 -56.11 38.10 47.58
CA ALA G 4930 -55.39 37.94 46.32
C ALA G 4930 -54.55 36.66 46.27
N ILE G 4931 -54.02 36.23 47.40
CA ILE G 4931 -53.24 35.00 47.45
C ILE G 4931 -54.08 33.79 47.05
N ILE G 4932 -55.31 33.71 47.54
CA ILE G 4932 -56.19 32.59 47.21
C ILE G 4932 -56.46 32.52 45.71
N GLN G 4933 -56.74 33.66 45.08
CA GLN G 4933 -56.96 33.65 43.64
C GLN G 4933 -55.67 33.34 42.88
N GLY G 4934 -54.54 33.81 43.38
CA GLY G 4934 -53.29 33.50 42.70
C GLY G 4934 -52.99 32.02 42.77
N LEU G 4935 -53.31 31.39 43.90
CA LEU G 4935 -53.12 29.96 44.04
C LEU G 4935 -53.99 29.17 43.07
N ILE G 4936 -55.24 29.60 42.91
CA ILE G 4936 -56.12 28.89 41.98
C ILE G 4936 -55.63 29.04 40.54
N ILE G 4937 -55.22 30.25 40.16
CA ILE G 4937 -54.75 30.45 38.79
C ILE G 4937 -53.48 29.66 38.56
N ASP G 4938 -52.55 29.66 39.53
CA ASP G 4938 -51.35 28.89 39.35
C ASP G 4938 -51.65 27.41 39.25
N ALA G 4939 -52.67 26.92 39.95
CA ALA G 4939 -53.01 25.50 39.84
C ALA G 4939 -53.51 25.19 38.44
N PHE G 4940 -54.28 26.11 37.85
CA PHE G 4940 -54.74 25.91 36.47
C PHE G 4940 -53.56 25.83 35.51
N GLY G 4941 -52.60 26.72 35.68
CA GLY G 4941 -51.42 26.69 34.83
C GLY G 4941 -50.58 25.45 35.02
N GLU G 4942 -50.41 25.01 36.27
CA GLU G 4942 -49.60 23.84 36.54
C GLU G 4942 -50.21 22.59 35.92
N LEU G 4943 -51.53 22.42 36.05
CA LEU G 4943 -52.14 21.25 35.44
C LEU G 4943 -52.06 21.31 33.91
N ARG G 4944 -52.20 22.51 33.34
CA ARG G 4944 -52.15 22.60 31.90
C ARG G 4944 -50.76 22.23 31.40
N ASP G 4945 -49.73 22.73 32.07
CA ASP G 4945 -48.38 22.42 31.62
C ASP G 4945 -48.02 20.97 31.86
N GLN G 4946 -48.60 20.35 32.90
CA GLN G 4946 -48.35 18.93 33.10
C GLN G 4946 -48.89 18.10 31.93
N GLN G 4947 -50.11 18.44 31.48
CA GLN G 4947 -50.67 17.76 30.31
C GLN G 4947 -49.84 18.02 29.06
N GLU G 4948 -49.39 19.26 28.86
CA GLU G 4948 -48.58 19.55 27.69
C GLU G 4948 -47.24 18.79 27.75
N GLN G 4949 -46.64 18.72 28.92
CA GLN G 4949 -45.36 18.03 29.06
C GLN G 4949 -45.50 16.55 28.76
N VAL G 4950 -46.57 15.94 29.27
CA VAL G 4950 -46.79 14.52 29.03
C VAL G 4950 -47.01 14.26 27.54
N LYS G 4951 -47.82 15.09 26.89
CA LYS G 4951 -48.06 14.87 25.46
C LYS G 4951 -46.79 15.06 24.66
N GLU G 4952 -45.97 16.06 25.00
CA GLU G 4952 -44.74 16.27 24.25
C GLU G 4952 -43.80 15.09 24.43
N ASP G 4953 -43.67 14.57 25.65
CA ASP G 4953 -42.75 13.45 25.85
C ASP G 4953 -43.22 12.23 25.08
N MET G 4954 -44.53 11.97 25.09
CA MET G 4954 -45.05 10.79 24.39
C MET G 4954 -44.87 10.92 22.88
N GLU G 4955 -44.97 12.15 22.36
CA GLU G 4955 -44.85 12.37 20.92
C GLU G 4955 -43.42 12.64 20.49
N THR G 4956 -42.46 12.65 21.42
CA THR G 4956 -41.07 12.90 21.08
C THR G 4956 -40.13 11.76 21.44
N LYS G 4957 -40.55 10.78 22.24
CA LYS G 4957 -39.70 9.62 22.49
C LYS G 4957 -40.50 8.34 22.43
N CYS G 4958 -39.81 7.26 22.08
CA CYS G 4958 -40.41 5.93 22.07
C CYS G 4958 -40.44 5.37 23.49
N PHE G 4959 -41.55 4.71 23.83
CA PHE G 4959 -41.75 4.27 25.21
C PHE G 4959 -40.82 3.13 25.60
N ILE G 4960 -40.40 2.30 24.65
CA ILE G 4960 -39.65 1.09 24.98
C ILE G 4960 -38.15 1.35 24.85
N CYS G 4961 -37.69 1.64 23.64
CA CYS G 4961 -36.26 1.75 23.41
C CYS G 4961 -35.71 3.13 23.75
N GLY G 4962 -36.55 4.17 23.76
CA GLY G 4962 -36.11 5.49 24.12
C GLY G 4962 -35.41 6.26 23.02
N ILE G 4963 -35.28 5.68 21.83
CA ILE G 4963 -34.61 6.36 20.73
C ILE G 4963 -35.50 7.49 20.23
N GLY G 4964 -34.88 8.63 19.92
CA GLY G 4964 -35.63 9.78 19.50
C GLY G 4964 -36.23 9.63 18.11
N SER G 4965 -37.25 10.45 17.85
CA SER G 4965 -37.92 10.43 16.57
C SER G 4965 -37.05 10.96 15.44
N ASP G 4966 -36.04 11.77 15.76
CA ASP G 4966 -35.19 12.34 14.72
C ASP G 4966 -34.44 11.26 13.94
N TYR G 4967 -33.95 10.24 14.64
CA TYR G 4967 -33.25 9.15 13.96
C TYR G 4967 -34.19 8.39 13.04
N PHE G 4968 -35.39 8.07 13.51
CA PHE G 4968 -36.32 7.29 12.71
C PHE G 4968 -36.88 8.09 11.55
N ASP G 4969 -36.96 9.41 11.68
CA ASP G 4969 -37.53 10.23 10.62
C ASP G 4969 -36.63 10.38 9.41
N THR G 4970 -35.48 9.71 9.36
CA THR G 4970 -34.69 9.69 8.14
C THR G 4970 -35.49 9.05 7.01
N THR G 4971 -36.12 7.93 7.29
CA THR G 4971 -37.07 7.29 6.39
C THR G 4971 -38.46 7.88 6.62
N PRO G 4972 -39.20 8.24 5.56
CA PRO G 4972 -40.53 8.84 5.76
C PRO G 4972 -41.42 7.93 6.59
N HIS G 4973 -42.12 8.53 7.56
CA HIS G 4973 -43.00 7.80 8.47
C HIS G 4973 -42.26 6.73 9.26
N GLY G 4974 -40.96 6.95 9.47
CA GLY G 4974 -40.17 5.94 10.17
C GLY G 4974 -40.61 5.77 11.61
N PHE G 4975 -40.85 6.87 12.31
CA PHE G 4975 -41.24 6.77 13.71
C PHE G 4975 -42.64 6.18 13.83
N GLU G 4976 -43.52 6.51 12.89
CA GLU G 4976 -44.87 5.97 12.90
C GLU G 4976 -44.83 4.46 12.69
N THR G 4977 -44.00 3.99 11.76
CA THR G 4977 -43.90 2.55 11.56
C THR G 4977 -43.24 1.87 12.75
N HIS G 4978 -42.27 2.54 13.38
CA HIS G 4978 -41.61 1.95 14.53
C HIS G 4978 -42.59 1.77 15.67
N THR G 4979 -43.44 2.77 15.89
CA THR G 4979 -44.40 2.76 16.97
C THR G 4979 -45.67 1.98 16.66
N LEU G 4980 -45.88 1.57 15.41
CA LEU G 4980 -47.07 0.81 15.07
C LEU G 4980 -46.81 -0.65 14.73
N GLU G 4981 -45.60 -1.01 14.32
CA GLU G 4981 -45.30 -2.39 13.95
C GLU G 4981 -44.19 -3.01 14.79
N GLU G 4982 -43.10 -2.27 15.03
CA GLU G 4982 -41.93 -2.85 15.67
C GLU G 4982 -42.10 -2.99 17.19
N HIS G 4983 -42.46 -1.90 17.86
CA HIS G 4983 -42.50 -1.83 19.31
C HIS G 4983 -43.92 -1.64 19.84
N ASN G 4984 -44.88 -2.40 19.31
CA ASN G 4984 -46.25 -2.29 19.78
C ASN G 4984 -46.43 -2.93 21.15
N LEU G 4985 -46.81 -2.12 22.13
CA LEU G 4985 -46.98 -2.65 23.47
C LEU G 4985 -48.16 -3.61 23.52
N ALA G 4986 -49.13 -3.43 22.63
CA ALA G 4986 -50.22 -4.39 22.58
C ALA G 4986 -49.70 -5.73 22.09
N ASN G 4987 -48.75 -5.71 21.17
CA ASN G 4987 -48.17 -6.96 20.70
C ASN G 4987 -47.38 -7.65 21.80
N TYR G 4988 -46.67 -6.87 22.63
CA TYR G 4988 -45.99 -7.50 23.78
C TYR G 4988 -46.98 -8.10 24.77
N MET G 4989 -48.11 -7.42 24.99
CA MET G 4989 -49.18 -7.98 25.81
C MET G 4989 -49.72 -9.28 25.23
N PHE G 4990 -49.96 -9.30 23.91
CA PHE G 4990 -50.48 -10.51 23.30
C PHE G 4990 -49.46 -11.64 23.36
N PHE G 4991 -48.17 -11.32 23.20
CA PHE G 4991 -47.18 -12.38 23.28
C PHE G 4991 -47.13 -12.98 24.67
N LEU G 4992 -47.25 -12.12 25.69
CA LEU G 4992 -47.30 -12.62 27.06
C LEU G 4992 -48.51 -13.51 27.29
N MET G 4993 -49.67 -13.09 26.76
CA MET G 4993 -50.93 -13.86 26.88
C MET G 4993 -50.79 -15.18 26.10
N TYR G 4994 -50.02 -15.20 25.00
CA TYR G 4994 -49.79 -16.40 24.21
C TYR G 4994 -48.91 -17.38 24.98
N LEU G 4995 -47.88 -16.86 25.66
CA LEU G 4995 -47.01 -17.74 26.41
C LEU G 4995 -47.78 -18.36 27.57
N ILE G 4996 -48.64 -17.56 28.21
CA ILE G 4996 -49.40 -18.06 29.34
C ILE G 4996 -50.33 -19.18 28.90
N ASN G 4997 -51.01 -18.99 27.78
CA ASN G 4997 -51.95 -20.00 27.30
C ASN G 4997 -51.23 -21.25 26.79
N LYS G 4998 -50.09 -21.09 26.12
CA LYS G 4998 -49.41 -22.22 25.51
C LYS G 4998 -48.80 -23.12 26.57
N ASP G 4999 -48.88 -24.42 26.33
CA ASP G 4999 -48.28 -25.40 27.23
C ASP G 4999 -46.76 -25.37 27.15
N GLU G 5000 -46.12 -25.66 28.28
CA GLU G 5000 -44.67 -25.55 28.38
C GLU G 5000 -43.95 -26.55 27.48
N THR G 5001 -44.48 -27.76 27.33
CA THR G 5001 -43.84 -28.74 26.46
C THR G 5001 -43.80 -28.33 24.99
N GLU G 5002 -44.69 -27.44 24.55
CA GLU G 5002 -44.69 -26.97 23.18
C GLU G 5002 -43.88 -25.70 22.99
N HIS G 5003 -43.33 -25.14 24.06
CA HIS G 5003 -42.55 -23.91 23.94
C HIS G 5003 -41.29 -24.14 23.11
N THR G 5004 -40.98 -23.17 22.25
CA THR G 5004 -39.75 -23.18 21.48
C THR G 5004 -38.59 -22.70 22.37
N GLY G 5005 -37.40 -22.60 21.78
CA GLY G 5005 -36.26 -22.12 22.55
C GLY G 5005 -36.41 -20.68 22.99
N GLN G 5006 -36.89 -19.83 22.08
CA GLN G 5006 -37.09 -18.42 22.43
C GLN G 5006 -38.24 -18.27 23.42
N GLU G 5007 -39.30 -19.03 23.23
CA GLU G 5007 -40.43 -18.94 24.16
C GLU G 5007 -40.03 -19.42 25.53
N SER G 5008 -39.25 -20.50 25.61
CA SER G 5008 -38.79 -20.98 26.90
C SER G 5008 -37.87 -19.97 27.56
N TYR G 5009 -37.03 -19.32 26.77
CA TYR G 5009 -36.12 -18.31 27.31
C TYR G 5009 -36.89 -17.16 27.93
N VAL G 5010 -37.92 -16.69 27.23
CA VAL G 5010 -38.73 -15.59 27.74
C VAL G 5010 -39.53 -16.04 28.95
N TRP G 5011 -40.09 -17.25 28.90
CA TRP G 5011 -40.89 -17.72 30.03
C TRP G 5011 -40.03 -17.85 31.27
N LYS G 5012 -38.80 -18.33 31.10
CA LYS G 5012 -37.86 -18.45 32.21
C LYS G 5012 -37.53 -17.08 32.79
N MET G 5013 -37.34 -16.08 31.92
CA MET G 5013 -37.00 -14.77 32.46
C MET G 5013 -38.22 -14.10 33.08
N TYR G 5014 -39.42 -14.46 32.63
CA TYR G 5014 -40.63 -14.01 33.29
C TYR G 5014 -40.74 -14.59 34.69
N GLN G 5015 -40.40 -15.87 34.85
CA GLN G 5015 -40.49 -16.49 36.16
C GLN G 5015 -39.38 -15.99 37.07
N GLU G 5016 -38.25 -15.58 36.51
CA GLU G 5016 -37.15 -15.02 37.30
C GLU G 5016 -37.28 -13.53 37.48
N ARG G 5017 -38.31 -12.90 36.90
CA ARG G 5017 -38.59 -11.48 37.11
C ARG G 5017 -37.41 -10.61 36.71
N CYS G 5018 -36.72 -11.01 35.64
CA CYS G 5018 -35.64 -10.23 35.06
C CYS G 5018 -36.07 -9.74 33.69
N TRP G 5019 -36.06 -8.43 33.50
CA TRP G 5019 -36.56 -7.81 32.27
C TRP G 5019 -35.44 -7.36 31.35
N ASP G 5020 -34.33 -8.09 31.33
CA ASP G 5020 -33.21 -7.74 30.47
C ASP G 5020 -33.46 -8.08 29.01
N PHE G 5021 -34.45 -8.92 28.72
CA PHE G 5021 -34.74 -9.29 27.34
C PHE G 5021 -35.44 -8.17 26.57
N PHE G 5022 -36.07 -7.24 27.26
CA PHE G 5022 -36.69 -6.10 26.60
C PHE G 5022 -35.61 -5.23 25.96
N PRO G 5023 -35.78 -4.83 24.70
CA PRO G 5023 -34.74 -4.01 24.05
C PRO G 5023 -34.64 -2.64 24.69
N ALA G 5024 -33.41 -2.27 25.08
CA ALA G 5024 -33.13 -1.00 25.71
C ALA G 5024 -32.00 -0.31 24.96
N GLY G 5025 -32.33 0.77 24.24
CA GLY G 5025 -31.32 1.53 23.54
C GLY G 5025 -30.86 0.94 22.23
N ASP G 5026 -31.50 -0.12 21.74
CA ASP G 5026 -31.11 -0.76 20.49
C ASP G 5026 -32.35 -1.26 19.77
N CYS G 5027 -32.21 -1.45 18.46
CA CYS G 5027 -33.31 -1.93 17.64
C CYS G 5027 -32.75 -2.72 16.46
N PHE G 5028 -33.65 -3.45 15.79
CA PHE G 5028 -33.24 -4.26 14.65
C PHE G 5028 -32.70 -3.39 13.52
N ARG G 5029 -33.33 -2.26 13.27
CA ARG G 5029 -32.88 -1.38 12.20
C ARG G 5029 -31.48 -0.85 12.50
N LYS G 5030 -31.24 -0.47 13.76
CA LYS G 5030 -29.93 0.07 14.10
C LYS G 5030 -28.88 -1.03 14.07
N GLN G 5031 -29.27 -2.26 14.44
CA GLN G 5031 -28.31 -3.34 14.49
C GLN G 5031 -27.88 -3.73 13.08
N TYR G 5032 -28.81 -3.70 12.13
CA TYR G 5032 -28.54 -4.11 10.75
C TYR G 5032 -28.71 -2.92 9.78
N GLU G 5033 -28.26 -1.74 10.20
CA GLU G 5033 -28.43 -0.57 9.35
C GLU G 5033 -27.66 -0.68 8.04
N ASP G 5034 -26.41 -1.17 8.08
CA ASP G 5034 -25.64 -1.28 6.84
C ASP G 5034 -26.26 -2.30 5.89
N GLN G 5035 -26.65 -3.46 6.41
CA GLN G 5035 -27.17 -4.51 5.54
C GLN G 5035 -28.57 -4.17 5.04
N LEU G 5036 -29.44 -3.71 5.95
CA LEU G 5036 -30.81 -3.41 5.56
C LEU G 5036 -30.88 -2.24 4.58
N SER G 5037 -30.04 -1.24 4.79
CA SER G 5037 -30.02 -0.07 3.92
C SER G 5037 -29.02 -0.25 2.79
N GLY H 5 -9.75 -128.15 28.21
CA GLY H 5 -11.03 -128.59 28.76
C GLY H 5 -11.38 -127.92 30.07
N VAL H 6 -12.19 -128.61 30.87
CA VAL H 6 -12.65 -128.13 32.16
C VAL H 6 -12.26 -129.13 33.24
N GLU H 7 -11.67 -128.62 34.32
CA GLU H 7 -11.35 -129.42 35.49
C GLU H 7 -12.32 -129.08 36.61
N ILE H 8 -12.74 -130.10 37.35
CA ILE H 8 -13.68 -129.93 38.45
C ILE H 8 -13.01 -130.37 39.74
N GLU H 9 -12.96 -129.46 40.71
CA GLU H 9 -12.47 -129.74 42.05
C GLU H 9 -13.62 -129.54 43.03
N THR H 10 -14.08 -130.62 43.65
CA THR H 10 -15.22 -130.51 44.55
C THR H 10 -14.80 -129.87 45.87
N ILE H 11 -15.65 -128.99 46.39
CA ILE H 11 -15.42 -128.33 47.66
C ILE H 11 -16.46 -128.75 48.70
N SER H 12 -17.70 -129.00 48.27
CA SER H 12 -18.70 -129.58 49.15
C SER H 12 -19.51 -130.63 48.39
N PRO H 13 -19.61 -131.84 48.92
CA PRO H 13 -20.31 -132.91 48.20
C PRO H 13 -21.79 -132.59 48.02
N GLY H 14 -22.32 -133.00 46.88
CA GLY H 14 -23.72 -132.87 46.57
C GLY H 14 -24.51 -134.12 46.88
N ASP H 15 -25.70 -134.24 46.25
CA ASP H 15 -26.53 -135.45 46.45
C ASP H 15 -25.91 -136.61 45.67
N GLY H 16 -25.32 -136.32 44.52
CA GLY H 16 -24.66 -137.35 43.74
C GLY H 16 -25.58 -138.34 43.06
N ARG H 17 -26.85 -138.00 42.84
CA ARG H 17 -27.78 -138.90 42.16
C ARG H 17 -28.56 -138.13 41.10
N THR H 18 -28.87 -136.87 41.38
CA THR H 18 -29.68 -136.04 40.50
C THR H 18 -28.77 -135.14 39.68
N PHE H 19 -28.63 -135.43 38.39
CA PHE H 19 -27.80 -134.63 37.51
C PHE H 19 -28.67 -133.83 36.55
N PRO H 20 -28.16 -132.72 36.03
CA PRO H 20 -28.93 -131.92 35.07
C PRO H 20 -29.22 -132.70 33.79
N LYS H 21 -30.49 -132.72 33.40
CA LYS H 21 -30.93 -133.36 32.18
C LYS H 21 -31.29 -132.32 31.12
N LYS H 22 -31.40 -132.77 29.88
CA LYS H 22 -31.70 -131.88 28.77
C LYS H 22 -33.02 -131.16 28.97
N GLY H 23 -33.00 -129.83 28.82
CA GLY H 23 -34.18 -129.01 28.92
C GLY H 23 -34.42 -128.40 30.28
N GLN H 24 -33.75 -128.89 31.32
CA GLN H 24 -33.99 -128.37 32.66
C GLN H 24 -33.33 -127.02 32.85
N THR H 25 -33.97 -126.17 33.65
CA THR H 25 -33.44 -124.87 34.04
C THR H 25 -32.64 -125.02 35.33
N CYS H 26 -31.34 -124.72 35.26
CA CYS H 26 -30.49 -124.71 36.44
C CYS H 26 -30.39 -123.31 37.02
N VAL H 27 -30.47 -123.23 38.34
CA VAL H 27 -30.37 -121.98 39.08
C VAL H 27 -29.20 -122.15 40.05
N VAL H 28 -28.14 -121.33 39.82
CA VAL H 28 -26.89 -121.45 40.55
C VAL H 28 -26.45 -120.10 41.10
N HIS H 29 -25.57 -120.16 42.09
CA HIS H 29 -24.76 -119.04 42.56
C HIS H 29 -23.31 -119.27 42.17
N TYR H 30 -22.66 -118.24 41.64
CA TYR H 30 -21.28 -118.37 41.19
C TYR H 30 -20.47 -117.13 41.56
N THR H 31 -19.16 -117.34 41.68
CA THR H 31 -18.19 -116.25 41.76
C THR H 31 -17.09 -116.49 40.74
N GLY H 32 -16.92 -115.56 39.82
CA GLY H 32 -15.91 -115.65 38.76
C GLY H 32 -14.72 -114.73 38.99
N MET H 33 -13.53 -115.34 39.04
CA MET H 33 -12.29 -114.64 39.37
C MET H 33 -11.27 -114.99 38.30
N LEU H 34 -10.27 -114.12 38.13
CA LEU H 34 -9.12 -114.43 37.29
C LEU H 34 -8.12 -115.36 37.97
N GLN H 35 -7.16 -115.83 37.16
CA GLN H 35 -6.12 -116.72 37.67
C GLN H 35 -5.15 -116.00 38.58
N ASN H 36 -5.00 -114.68 38.41
CA ASN H 36 -4.12 -113.91 39.28
C ASN H 36 -4.73 -113.63 40.63
N GLY H 37 -5.99 -114.00 40.84
CA GLY H 37 -6.67 -113.80 42.11
C GLY H 37 -7.68 -112.68 42.13
N LYS H 38 -7.64 -111.78 41.16
CA LYS H 38 -8.53 -110.63 41.11
C LYS H 38 -9.95 -111.09 40.76
N LYS H 39 -10.91 -110.68 41.59
CA LYS H 39 -12.31 -111.01 41.35
C LYS H 39 -12.91 -110.07 40.31
N PHE H 40 -13.63 -110.64 39.34
CA PHE H 40 -14.31 -109.82 38.34
C PHE H 40 -15.82 -109.93 38.36
N ASP H 41 -16.40 -111.00 38.91
CA ASP H 41 -17.86 -111.08 38.94
C ASP H 41 -18.32 -111.97 40.08
N SER H 42 -19.52 -111.68 40.59
CA SER H 42 -20.10 -112.47 41.66
C SER H 42 -21.58 -112.17 41.74
N SER H 43 -22.42 -113.20 41.60
CA SER H 43 -23.86 -113.03 41.71
C SER H 43 -24.31 -112.78 43.14
N ARG H 44 -23.53 -113.21 44.14
CA ARG H 44 -23.93 -113.02 45.52
C ARG H 44 -24.00 -111.55 45.90
N ASP H 45 -23.15 -110.71 45.32
CA ASP H 45 -23.24 -109.27 45.56
C ASP H 45 -24.58 -108.71 45.11
N ARG H 46 -25.11 -109.19 43.99
CA ARG H 46 -26.42 -108.75 43.51
C ARG H 46 -27.57 -109.43 44.26
N ASN H 47 -27.27 -110.42 45.08
CA ASN H 47 -28.27 -111.15 45.86
C ASN H 47 -29.38 -111.70 44.96
N LYS H 48 -28.98 -112.38 43.89
CA LYS H 48 -29.94 -112.94 42.96
C LYS H 48 -29.34 -114.15 42.25
N PRO H 49 -29.89 -115.35 42.48
CA PRO H 49 -29.37 -116.53 41.78
C PRO H 49 -29.49 -116.39 40.27
N PHE H 50 -28.47 -116.86 39.57
CA PHE H 50 -28.42 -116.81 38.12
C PHE H 50 -29.13 -118.04 37.56
N LYS H 51 -30.01 -117.82 36.60
CA LYS H 51 -30.80 -118.87 35.99
C LYS H 51 -30.46 -119.05 34.52
N PHE H 52 -30.33 -120.31 34.09
CA PHE H 52 -30.06 -120.58 32.68
C PHE H 52 -30.57 -121.98 32.39
N ARG H 53 -30.87 -122.25 31.12
CA ARG H 53 -31.28 -123.58 30.73
C ARG H 53 -30.18 -124.27 29.91
N ILE H 54 -30.10 -125.59 30.06
CA ILE H 54 -28.98 -126.38 29.55
C ILE H 54 -29.11 -126.57 28.04
N GLY H 55 -27.97 -126.53 27.34
CA GLY H 55 -27.88 -126.90 25.95
C GLY H 55 -28.37 -125.89 24.93
N LYS H 56 -28.45 -124.61 25.28
CA LYS H 56 -28.96 -123.59 24.37
C LYS H 56 -27.95 -122.46 24.15
N GLN H 57 -26.65 -122.78 24.20
CA GLN H 57 -25.54 -121.83 24.06
C GLN H 57 -25.86 -120.46 24.66
N GLU H 58 -26.37 -120.47 25.89
CA GLU H 58 -26.68 -119.23 26.59
C GLU H 58 -25.53 -118.71 27.42
N VAL H 59 -24.51 -119.54 27.66
CA VAL H 59 -23.34 -119.16 28.45
C VAL H 59 -22.09 -119.69 27.76
N ILE H 60 -20.94 -119.26 28.26
CA ILE H 60 -19.67 -119.76 27.75
C ILE H 60 -19.60 -121.28 27.96
N LYS H 61 -18.91 -121.95 27.03
CA LYS H 61 -18.92 -123.41 26.97
C LYS H 61 -18.44 -124.04 28.28
N GLY H 62 -17.28 -123.59 28.79
CA GLY H 62 -16.73 -124.19 30.00
C GLY H 62 -17.68 -124.15 31.17
N PHE H 63 -18.44 -123.07 31.32
CA PHE H 63 -19.34 -122.94 32.45
C PHE H 63 -20.39 -124.04 32.43
N GLU H 64 -21.05 -124.24 31.29
CA GLU H 64 -22.07 -125.27 31.21
C GLU H 64 -21.47 -126.68 31.19
N GLU H 65 -20.25 -126.84 30.68
CA GLU H 65 -19.61 -128.15 30.78
C GLU H 65 -19.34 -128.52 32.24
N GLY H 66 -18.92 -127.55 33.05
CA GLY H 66 -18.72 -127.82 34.46
C GLY H 66 -20.03 -128.08 35.18
N ALA H 67 -21.04 -127.24 34.92
CA ALA H 67 -22.31 -127.38 35.63
C ALA H 67 -23.02 -128.68 35.27
N ALA H 68 -22.80 -129.19 34.05
CA ALA H 68 -23.44 -130.43 33.65
C ALA H 68 -22.98 -131.62 34.49
N GLN H 69 -21.74 -131.59 34.99
CA GLN H 69 -21.18 -132.68 35.77
C GLN H 69 -21.47 -132.56 37.26
N MET H 70 -22.13 -131.49 37.69
CA MET H 70 -22.38 -131.24 39.10
C MET H 70 -23.75 -131.76 39.50
N SER H 71 -23.84 -132.25 40.74
CA SER H 71 -25.08 -132.76 41.30
C SER H 71 -25.73 -131.70 42.19
N LEU H 72 -27.00 -131.93 42.51
CA LEU H 72 -27.76 -131.00 43.33
C LEU H 72 -27.08 -130.78 44.68
N GLY H 73 -26.83 -129.51 45.01
CA GLY H 73 -26.23 -129.15 46.27
C GLY H 73 -24.72 -129.14 46.29
N GLN H 74 -24.07 -129.56 45.21
CA GLN H 74 -22.61 -129.64 45.18
C GLN H 74 -22.00 -128.25 45.01
N ARG H 75 -20.85 -128.06 45.67
CA ARG H 75 -20.03 -126.86 45.53
C ARG H 75 -18.70 -127.26 44.94
N ALA H 76 -18.28 -126.59 43.86
CA ALA H 76 -17.10 -127.03 43.14
C ALA H 76 -16.38 -125.85 42.50
N LYS H 77 -15.09 -126.04 42.25
CA LYS H 77 -14.26 -125.11 41.49
C LYS H 77 -14.18 -125.55 40.04
N LEU H 78 -14.48 -124.63 39.13
CA LEU H 78 -14.34 -124.83 37.69
C LEU H 78 -13.15 -124.03 37.17
N THR H 79 -12.23 -124.69 36.49
CA THR H 79 -11.13 -124.01 35.80
C THR H 79 -11.40 -124.03 34.30
N CYS H 80 -11.35 -122.86 33.66
CA CYS H 80 -11.63 -122.73 32.24
C CYS H 80 -10.43 -122.13 31.53
N THR H 81 -10.03 -122.77 30.43
CA THR H 81 -8.88 -122.37 29.63
C THR H 81 -9.25 -121.27 28.65
N PRO H 82 -8.27 -120.48 28.21
CA PRO H 82 -8.57 -119.37 27.28
C PRO H 82 -9.25 -119.82 26.00
N ASP H 83 -8.93 -121.02 25.51
CA ASP H 83 -9.46 -121.51 24.26
C ASP H 83 -10.98 -121.69 24.30
N VAL H 84 -11.56 -121.75 25.49
CA VAL H 84 -13.01 -121.83 25.64
C VAL H 84 -13.60 -120.63 26.37
N ALA H 85 -12.86 -119.96 27.24
CA ALA H 85 -13.34 -118.78 27.95
C ALA H 85 -13.02 -117.53 27.13
N TYR H 86 -13.97 -117.14 26.27
CA TYR H 86 -13.90 -115.90 25.50
C TYR H 86 -12.79 -115.87 24.45
N GLY H 87 -11.96 -116.91 24.40
CA GLY H 87 -10.96 -117.02 23.36
C GLY H 87 -9.94 -115.90 23.40
N ALA H 88 -9.44 -115.55 22.21
CA ALA H 88 -8.38 -114.56 22.09
C ALA H 88 -8.87 -113.13 22.26
N THR H 89 -10.13 -112.84 21.89
CA THR H 89 -10.62 -111.47 21.96
C THR H 89 -10.93 -111.05 23.40
N GLY H 90 -11.29 -112.00 24.26
CA GLY H 90 -11.67 -111.68 25.61
C GLY H 90 -12.98 -110.90 25.69
N HIS H 91 -13.08 -110.10 26.73
CA HIS H 91 -14.24 -109.24 26.95
C HIS H 91 -13.78 -107.80 27.07
N PRO H 92 -14.22 -106.90 26.19
CA PRO H 92 -13.74 -105.51 26.22
C PRO H 92 -13.94 -104.82 27.56
N GLY H 93 -12.83 -104.44 28.19
CA GLY H 93 -12.89 -103.67 29.42
C GLY H 93 -12.97 -104.48 30.70
N VAL H 94 -13.19 -105.79 30.61
CA VAL H 94 -13.44 -106.59 31.81
C VAL H 94 -12.45 -107.73 31.93
N ILE H 95 -12.22 -108.44 30.83
CA ILE H 95 -11.37 -109.61 30.81
C ILE H 95 -10.31 -109.43 29.72
N PRO H 96 -9.03 -109.52 30.05
CA PRO H 96 -7.98 -109.34 29.04
C PRO H 96 -7.85 -110.58 28.18
N PRO H 97 -7.18 -110.48 27.04
CA PRO H 97 -7.01 -111.65 26.17
C PRO H 97 -6.30 -112.81 26.86
N ASN H 98 -6.71 -114.03 26.47
CA ASN H 98 -6.06 -115.27 26.91
C ASN H 98 -6.08 -115.44 28.43
N ALA H 99 -7.21 -115.12 29.04
CA ALA H 99 -7.37 -115.22 30.49
C ALA H 99 -7.96 -116.57 30.86
N THR H 100 -7.23 -117.32 31.69
CA THR H 100 -7.77 -118.54 32.32
C THR H 100 -8.64 -118.14 33.50
N LEU H 101 -9.87 -118.65 33.54
CA LEU H 101 -10.84 -118.22 34.54
C LEU H 101 -11.08 -119.30 35.59
N ILE H 102 -11.43 -118.85 36.80
CA ILE H 102 -11.77 -119.70 37.92
C ILE H 102 -13.18 -119.35 38.37
N PHE H 103 -14.03 -120.36 38.53
CA PHE H 103 -15.41 -120.14 38.97
C PHE H 103 -15.70 -120.98 40.21
N ASP H 104 -16.19 -120.34 41.27
CA ASP H 104 -16.73 -121.04 42.42
C ASP H 104 -18.23 -121.21 42.18
N VAL H 105 -18.68 -122.43 41.88
CA VAL H 105 -20.07 -122.66 41.49
C VAL H 105 -20.75 -123.57 42.49
N GLU H 106 -21.97 -123.19 42.88
CA GLU H 106 -22.87 -124.02 43.67
C GLU H 106 -24.18 -124.20 42.92
N LEU H 107 -24.55 -125.45 42.69
CA LEU H 107 -25.80 -125.81 42.01
C LEU H 107 -26.96 -125.78 43.00
N LEU H 108 -27.78 -124.73 42.97
CA LEU H 108 -28.82 -124.63 43.99
C LEU H 108 -30.05 -125.44 43.61
N ASN H 109 -30.54 -125.32 42.38
CA ASN H 109 -31.79 -125.98 42.06
C ASN H 109 -31.84 -126.29 40.56
N LEU H 110 -32.71 -127.24 40.21
CA LEU H 110 -33.01 -127.54 38.81
C LEU H 110 -34.51 -127.53 38.62
N GLU H 111 -34.98 -126.80 37.60
CA GLU H 111 -36.39 -126.57 37.36
C GLU H 111 -37.09 -125.99 38.58
#